data_6M6H
#
_entry.id   6M6H
#
loop_
_entity.id
_entity.type
_entity.pdbx_description
1 polymer 'Major capsid protein'
2 polymer 'Capsid vertex component 1'
3 polymer 'Capsid vertex component 2'
4 polymer 'Small capsomere-interacting protein'
5 polymer 'Large tegument protein deneddylase'
6 polymer 'Triplex capsid protein 2'
7 polymer 'Triplex capsid protein 1'
#
loop_
_entity_poly.entity_id
_entity_poly.type
_entity_poly.pdbx_seq_one_letter_code
_entity_poly.pdbx_strand_id
1 'polypeptide(L)'
;MAAPARDPPGYRYAAAILPTGSILSTIEVASHRRLFDFFAAVRSDENSLYDVEFDALLGSYCNTLSLVRFLELGLSVACV
CTKFPELAYMNEGRVQFEVHQPLIARDGPHPVEQPVHNYMTKVIDRRALNAAFSLATEAIALLTGEALDGTGISLHRQLR
AIQQLARNVQAVLGAFERGTADQMLHVLLEKAPPLALLLPMQRYLDNGRLATRVARATLVAELKRSFCDTSFFLGKAGHR
REAIEAWLVDLTTATQPSVAVPRLTHADTRGRPVDGVLVTTAAIKQRLLQSFLKVEDTEADVPVTYGEMVLNGANLVTAL
VMGKAVRSLDDVGRHLLDMQEEQLEANRETLDELESAPQTTRVRADLVAIGDRLVFLEALERRIYAATNVPYPLVGAMDL
TFVLPLGLFNPAMERFAAHAGDLVPAPGHPEPRAFPPRQLFFWGKDHQVLRLSMENAVGTVCHPSLMNIDAAVGGVNHDP
VEAANPYGAYVAAPAGPGADMQQRFLNAWRQRLAHGRVRWVAECQMTAEQFMQPDNANLALELHPAFDFFAGVADVELPG
GEVPPAGPGAIQATWRVVNGNLPLALCPVAFRDARGLELGVGRHAMAPATIAAVRGAFEDRSYPAVFYLLQAAIHGNEHV
FCALARLVTQCITSYWNNTRCAAFVNDYSLVSYIVTYLGGDLPEECMAVYRDLVAHVEALAQLVDDFTLPGPELGGQAQA
ELNHLMRDPALLPPLVWDCDGLMRHAALDRHRDCRIDAGGHEPVYAAACNVATADFNRNDGRLLHNTQARAADAADDRPH
RPADWTVHHKIYYYVLVPAFSRGRCCTAGVRFDRVYATLQNMVVPEIAPGEECPSDPVTDPAHPLHPANLVANTVKRMFH
NGRVVVDGPAMLTLQVLAHNMAERTTALLCSAAPDAGANTASTANMRIFDGALHAGVLLMAPQHLDHTIQNGEYFYVLPV
HALFAGADHVANAPNFPPALRDLARDVPLVPPALGANYFSSIRQPVVQHARESAAGENALTYALMAGYFKMSPVALYHQL
KTGLHPGFGFTVVRQDRFVTENVLFSERASEAYFLGQLQVARHETGGGVNFTLTQPRGNVDLGVGYTAVAATGTVRNPVT
DMGNLPQNFYLGRGAPPLLDNAAAVYLRNAVVAGNRLGPAQPLPVFGCAQVPRRAGMDHGQDAVCEFIATPVATDINYFR
RPCNPRGRAAGGVYAGDKEGDVIALMYDHGQSDPARPFAATANPWASQRFSYGDLLYNGAYHLNGASPVLSPCFKFFTAA
DITAKHRCLERLIVETGSAVSTATAASDVQFKRPPGCRELVEDPCGLFQEAYPITCASDPALLRSARDGEAHARETHFTQ
YLIYDASPLKGLSL
;
A,B,C,D,E,F
2 'polypeptide(L)'
;MNAHFANEVQYDLTRDPSSPASLIHVIISSECLAAAGVPLSALMRGRPDGGAAANFRVETQTRAHATGDCTPWRSAFAAY
VPADAVGALIAPVVPAHPDLLPRVPSAGGLFVSLPVACDAQGVYDPYTVAALRLAWGPWATCARVLLFSYDELVPPNTRY
AADGARLMRLCRHFCRYVARLGAAAPAAATEAAAHLSMGLGESGTPTPQASSVSGGAGPAVVGTPDPPISPEEQLTAPGG
DTATAEDVSITQENEEILALVQRAVQDVTRRHPVRARPKHAASGVASGLRQGALVHQAVSGGALGASDAEAVLAGLEPPG
GGRFASRGGPRAAGEDVLNDVLTLVPGTAKPRSLVEWLDRGWEALAGGDRPDWLWSRRSISVVLRHHYGTKQRFVVVSYE
NSVAWGGRRARPPRLSSELATALTEACAAERVVRPHQLSPAAQTALLRRFPALEGPLRHPRPVLQPFDIAAEVAFVARIQ
IACLRALGHSIRAALQGGPRIFQRLRYDFGPHQSEWLGEVTRRFPVLLENLMRALEGTAPDAFFHTAYALAVLAHLGGQG
GRGRRRRLVPLSDDIPARFADSDAHYAFDYYSTSGDTLRLTNRPIAVVIDGDVNGREQSKCRFMEGSPSTAPHRVCEQYL
PGESYAYLCLGFNRRLCGLVVFPGGFAFTINTAAYLSLADPVARAVGLRFCRGAATGPGLVR
;
G
3 'polypeptide(L)'
;MDPYYPFDALDVWEHRRFIVADSRSFITPEFPRDFYMSPVFNIPRETAAERAAVLQAQRTAAAAALENAALQAAELPVDI
ERRIRPIEQQVHHIADALEALETAATAAEEADAARDAEARGEGAADGAAPSPTAGPAAAEMEVQIVRNDPPLRYDTNLPV
DLLHMVYAGRGAAGSSGVVFGTWYRTIQERTIADFPLTTRSADFRDGRMSKTFMTALVLSLQSCGRLYVGQRHYSAFECA
VLCLYLLYRTTHESSPDRDRAPVAFGDLLARLPRYLARLAAVIGDESGRPQYRYRDDKLPKAQFAAAGGRYEHGALATHV
VIATLVRHGVLPAAPGDVPRDTSTRVNPDDVAHRDDVNRAAAAFLARGHNLFLWEDQTLLRATANTITALAVLRRLLANG
NVYADRLDNRLQLGMLIPGAVPAEAIARGASGLDSGAIKSGDNNLEALCVNYVLPLYQADPTVELTQLFPGLAALCLDAQ
AGRPLASTRRVVDMSSGARQAALVRLTALELINRTRTNTTPVGEIINAHDALGIQYEQGLGLLAQQARIGLASNAKRFAT
FNVGSDYDLLYFLCLGFIPQYLSVA
;
H,I
4 'polypeptide(L)'
;MAAPQFHRPSTITADNVRALGMRGLVLATNNAQFIMDNSYPHPHGTQGAVREFLRGQAAALTDLGVTHANNTFAPQPMFA
GDAAAEWLRPSFGLKRTYSPFVVRDPKTPSTP
;
J,K,L,M,N,O
5 'polypeptide(L)'
;MIPAALPHPTMKRQGDRDIVVTGVRNQFATDLEPGGSVSCMRSSLSFLSLLFDVGPRDVLSAEAIEGCLVEGGEWTRAAA
GSGPPRMCSIIELPNFLEYPAARGGLRCVFSRVYGEVGFFGEPTAGLLETQCPAHTFFAGPWAMRPLSYTLLTIGPLGMG
LYRDGDTAYLFDPHGLPAGTPAFIAKVRAGDVYPYLTYYAHDRPKVRWAGAMVFFVPSGPGAVAPADLTAAALHLYGASE
TYLQDEPFVERRVAITHPLRGEIGGLGALFVGVVPRGDGEGSGPVVPALPAPTHVQTPGADRPPEAPRGASGPPDTPQAG
HPNRPPDDVWAAALEGTPPAKPSAPDAAASGPPHAAPPPQTPAGDAAEEAEDLRVLEVGAVPVGRHRARYSTGLPKRRRP
TWTPPSSVEDLTSGERPAPKAPPAKAKKKSAPKKKAPVAAEVPASSPTPIAATVPPAPDTPPQSGQGGGDDGPASPSSPS
VLETLGARRPPEPPGADLAQLFEVHPNVAATAVRLAARDAALAREVAACSQLTINALRSPYPAHPGLLELCVIFFFERVL
AFLIENGARTHTQAGVAGPAAALLDFTLRMLPRKTAVGDFLASTRMSLADVAAHRPLIQHVLDENSQIGRLALAKLVLVA
RDVIRETDAFYGDLADLDLQLRAAPPANLYARLGEWLLERSRAHPNTLFAPATPTHPEPLLHRIQALAQFARGEEMRVEA
EAREMREALDALARGVDSVSQRAGPLTVMPVPAAPGAGGRAPCPPALGPEAIQARLEDVRIQARRAIESAVKEYFHRGAV
YSAKALQASDSHDCRFHVASAAVVPMVQLLESLPAFDQHTRDVAQRAALPPPPPLATSPQAILLRDLLQRGQPLDAPEDL
AAWLSVLTDAATQGLIERKPLEELARSIHGINDQQARRSSGLAELQRFDALDAALAQQLDSDAAFVPATGPAPYVDGGGL
SPEATRMAEDALRQARAMEAAKMTAELAPEARSRLRERAHALEAMLNDARERAKVAHDAREKFLHKLQGVLRPLPDFVGL
KACPAVLATLRASLPAGWTDLADAVRGPPPEVTAALRADLWGLLGQYREALEHPTPDTATALAGLHPAFVVVLKTLFADA
PETPVLVQFFSDHAPTIAKAVSNAINAGSAAVATASPAATVDAAVRAHGALADAVSALGAAARDPASPLSFLAVLADSAA
GYVKATRLALEARGAIDELTTLGSAAADLVVQARRACAQPEGDHAALIDAAARATTAARESLAGHEAGFGGLLHAEGTAG
DHSPSGRALQELGKVIGATRRRADELEAAVADLTAKMAAQRARGSSERWAAGVEAALDRVENRAEFDVVELRRLQALAGT
HGYNPRDFRKRAEQALAANAEAVTLALDTAFAFNPYTPENQRHPMLPPLAAIHRLGWSAAFHAAAETYADMFRVDAEPLA
RLLRIAEGLLEMAQAGDGFIDYHEAVGRLADDMTSVPGLRRYVPFFQHGYADYVELRDRLDAIRADVHRALGGVPLDLAA
AAEQISAARNDPEATAELVRTGVTLPCPSEDALVACAAALERVDQSPVKNTAYAEYVAFVTRQDTAETKDAVVRAKQQRA
EATERVMAGLREALAARERRAQIEAEGLANLKTMLKVVAVPATVAKTLDQARSVAEIADQVEVLLDQTEKTRELDVPAVI
WLEHAQRTFETHPLSAARGDGPGPLARHAGRLGALFDTRRRVDALRRSLEEAEAEWDEVWGRFGRVRGGAWKSPEGFRAM
HEQLRALQDTTNTVSGLRAQPAYERLSARYQGVLGAKGAERAEAVEELGARVTKHTALCARLRDEVVRRVPWEMNFDALG
GLLAEFDAAAADLAPWAVEEFRGARELIQYRMGLYSAYARAGGQTGAGAESAPAPLLVDLRALDARARASSSPEGHEVDP
QLLRRRGEAYLRAGGDPGPLVLREAVSALDLPFATSFLAPDGTPLQYALCFPAVTDKLGALLMRPEAACVRPPLPTDVLE
SAPTVTAMYVLTVVNRLQLALSDAQAANFQLFGRFVRHRQATWGASMDAAAELYVALVATTLTREFGCRWAQLGWASGAA
APRPPPGPRGSQRHCVAFNENDVLVALVAGVPEHIYNFWRLDLVRQHEYMHLTLERAFEDAAESMLFVQRLTPHPDARIR
VLPTFLDGGPPTRGLLFGTRLADWRRGKLSETDPLAPWRSALELGTQRRDVPALGKLSPAQALAAVSVLGRMCLPSAALA
ALWTCMFPDDYTEYDSFDALLAARLESGQTLGPAGGREASLPEAPHALYRPTGQHVAVLAAATHRTPAARVTAMDLVLAA
VLLGAPVVVALRNTTAFSRESELELCLTLFDSRPGGPDAALRDVVSSDIETWAVGLLHTDLNPIENACLAAQLPRLSALI
AERPLADGPPCLVLVDISMTPVAVLWEAPEPPGPPDVRFVGSEATEELPFVATAGDVLAASAADADPFFARAILGRPFDA
SLLTGELFPGHPVYQRPLADEAGPSAPTAARDPRDLAGGDGGSGPEDPAAPPARQADPGVLAPTLLTDATTGEPVPPRMW
AWIHGLEELASDDAGGPTPNPAPALLPPPATDQSVPTSQYAPRPIGPAATARETRPSVPPQQNTGRVPVAPRDDPRPSPP
TPSPPADAALPPPAFSGSAAAFSAAVPRVRRSRRTRAKSRAPRASAPPEGWRPPALPAPVAPVAASARPPDQPPTPESAP
PAWVSALPLPPGPASARGAFPAPTLAPIPPPPAEGAVVPGGDRRRGRRQTTAGPSPTPPRGPAAGPPRRLTRPAVASLSA
SLNSLPSPRDPADHAAAVSAAAAAVPPSPGLAPPTSAVQTSPPPLAPGPVAPSEPLCGWVVPGGPVARRPPPQSPATKPA
ARTRIRARSVPQPPLPQPPLPQPPLPQPPLPQPPLPQPPLPQPPLPQPPLPQPPLPQPPLPQPPLPPVTRTLTPQSRDSV
PTPESPTHTNTHLPVSAVTSWASSLALHVDSAPPPASLLQTLHISSDDEHSDADSLRFSDSDDTEALDPLPPEPHLPPAD
EPPGPLAADHLQSPHSQFGPLPVQANAVLSRRYVRRTGRSALAVLIRACRRIQQQLQRTRRALFQRSNAVLTSLHHVRML
LG
;
P,Q
6 'polypeptide(L)'
;MITDCFEADIAIPSGISRPDAAALQRCEGRVVFLPTIRRQLALADVAHESFVSGGVSPDTLGLLLAYRRRFPAVITRVLP
TRIVACPVDLGLTHAGTVNLRNTSPVDLCNGDPVSLVPPVFEGQATDVRLESLDLTLRFPVPLPTPLAREIVARLVARGI
RDLNPDPRTPGELPDLNVLYYNGARLSLVADVQQLASVNTELRSLVLNMVYSITEGTTLILTLIPRLLALSAQDGYVNAL
LQMQSVTREAAQLIHPEAPMLMQDGERRLPLYEALVAWLAHAGQLGDILALAPAVRVCTFDGAAVVQSGDMAPVIRYP
;
R,S
7 'polypeptide(L)'
;MKTKPLPTAPMAWAESAVETTTSPRELAGHAPLRRVLRPPIARRDGPVLLGDRAPRRTASTMWLLGIDPAESSPGTRATR
DDTEQAVDKILRGARRAGGLTVPGAPRYHLTRQVTLTDLCQPNAERAGALLLALRHPTDLPHLARHRAPPGRQTERLAEA
WGQLLEASALGSGRAESGCARAGLVSFNFLVAACAAAYDARDAAEAVRAHITTNYGGTRAGARLDRFSECLRAMVHTHVF
PHEVMRFFGGLVSWVTQDELASVTAVCSGPQEATHTGHPGRPCSAVTIPACAFVDLDAELCLGGPGAAFLYLVFTYRQCR
DQELCCVYVVKSQLPPRGLEAALERLFGRLRITNTIHGAEDMTPPPPNRNVDFPLAVLAASSQSPRCSASQVTNPQFVDR
LYRWQPDLRGRPTARTCTYAAFAELGVMPDDSPRCLHRTERFGAVGVPVVILEGVVWRPGGWRACA
;
T
#
# COMPACT_ATOMS: atom_id res chain seq x y z
N GLU A 28 -31.07 -43.45 58.91
CA GLU A 28 -30.55 -42.13 58.57
C GLU A 28 -29.32 -42.27 57.71
N VAL A 29 -28.19 -42.52 58.35
CA VAL A 29 -26.94 -42.78 57.64
C VAL A 29 -26.44 -44.19 57.93
N ALA A 30 -26.25 -44.51 59.21
CA ALA A 30 -25.80 -45.83 59.59
C ALA A 30 -26.94 -46.83 59.51
N SER A 31 -28.18 -46.38 59.74
CA SER A 31 -29.32 -47.24 59.51
C SER A 31 -29.60 -47.40 58.03
N HIS A 32 -29.09 -46.46 57.21
CA HIS A 32 -29.39 -46.45 55.79
C HIS A 32 -28.70 -47.60 55.06
N ARG A 33 -27.37 -47.64 55.11
CA ARG A 33 -26.65 -48.63 54.31
C ARG A 33 -26.63 -50.00 54.98
N ARG A 34 -27.14 -50.08 56.21
CA ARG A 34 -27.15 -51.35 56.92
C ARG A 34 -28.12 -52.34 56.27
N LEU A 35 -29.11 -51.84 55.54
CA LEU A 35 -29.95 -52.71 54.73
C LEU A 35 -29.44 -52.83 53.31
N PHE A 36 -28.56 -51.91 52.90
CA PHE A 36 -27.93 -52.02 51.59
C PHE A 36 -26.92 -53.17 51.57
N ASP A 37 -26.21 -53.36 52.67
CA ASP A 37 -25.32 -54.51 52.78
C ASP A 37 -26.13 -55.79 52.91
N PHE A 38 -27.29 -55.70 53.56
CA PHE A 38 -28.10 -56.90 53.77
C PHE A 38 -28.82 -57.32 52.50
N PHE A 39 -29.11 -56.36 51.62
CA PHE A 39 -29.88 -56.67 50.41
C PHE A 39 -29.08 -57.55 49.47
N ALA A 40 -27.78 -57.27 49.31
CA ALA A 40 -26.93 -58.15 48.53
C ALA A 40 -26.60 -59.39 49.33
N ALA A 41 -26.74 -59.33 50.65
CA ALA A 41 -26.43 -60.48 51.48
C ALA A 41 -27.51 -61.54 51.35
N VAL A 42 -28.78 -61.14 51.21
CA VAL A 42 -29.81 -62.12 50.88
C VAL A 42 -29.86 -62.35 49.39
N ARG A 43 -29.20 -61.50 48.61
CA ARG A 43 -28.98 -61.81 47.22
C ARG A 43 -27.73 -62.64 47.02
N SER A 44 -26.95 -62.83 48.08
CA SER A 44 -25.76 -63.65 47.98
C SER A 44 -26.11 -65.12 47.83
N ASP A 45 -27.22 -65.56 48.45
CA ASP A 45 -27.68 -66.91 48.22
C ASP A 45 -28.23 -67.07 46.80
N GLU A 46 -28.73 -65.98 46.24
CA GLU A 46 -29.26 -65.96 44.88
C GLU A 46 -28.15 -66.12 43.84
N CYS A 62 5.30 -62.52 40.47
CA CYS A 62 5.25 -63.20 41.75
C CYS A 62 5.34 -62.20 42.91
N ASN A 63 4.69 -61.05 42.76
CA ASN A 63 4.90 -59.99 43.73
C ASN A 63 3.60 -59.32 44.15
N THR A 64 3.64 -58.66 45.30
CA THR A 64 2.56 -57.88 45.89
C THR A 64 2.60 -56.45 45.38
N LEU A 65 2.02 -55.52 46.16
CA LEU A 65 1.75 -54.10 45.89
C LEU A 65 0.63 -54.00 44.89
N SER A 66 -0.33 -54.90 45.01
CA SER A 66 -1.52 -54.84 44.20
C SER A 66 -2.64 -54.13 44.96
N LEU A 67 -2.31 -53.00 45.58
CA LEU A 67 -3.23 -52.36 46.52
C LEU A 67 -3.19 -50.85 46.39
N VAL A 68 -4.36 -50.22 46.25
CA VAL A 68 -4.51 -48.77 46.35
C VAL A 68 -5.73 -48.50 47.23
N ARG A 69 -5.72 -47.35 47.90
CA ARG A 69 -6.80 -47.00 48.81
C ARG A 69 -7.29 -45.58 48.55
N PHE A 70 -8.47 -45.27 49.07
CA PHE A 70 -9.32 -44.20 48.56
C PHE A 70 -10.52 -44.01 49.49
N LEU A 71 -10.94 -42.74 49.60
CA LEU A 71 -12.20 -42.30 50.22
C LEU A 71 -12.34 -40.81 49.97
N GLU A 72 -13.58 -40.30 50.14
CA GLU A 72 -13.87 -38.91 49.81
C GLU A 72 -15.06 -38.39 50.61
N LEU A 73 -14.76 -37.68 51.69
CA LEU A 73 -15.80 -37.04 52.49
C LEU A 73 -15.32 -35.66 52.94
N GLY A 74 -16.02 -35.06 53.90
CA GLY A 74 -15.57 -33.79 54.47
C GLY A 74 -16.04 -32.58 53.71
N LEU A 75 -15.42 -32.31 52.56
CA LEU A 75 -15.97 -31.32 51.65
C LEU A 75 -17.21 -31.87 50.96
N SER A 76 -17.42 -33.19 51.04
CA SER A 76 -18.57 -33.84 50.41
C SER A 76 -19.89 -33.51 51.13
N VAL A 77 -19.84 -32.70 52.19
CA VAL A 77 -21.05 -32.22 52.82
C VAL A 77 -21.13 -30.70 52.76
N ALA A 78 -20.01 -30.03 52.52
CA ALA A 78 -19.92 -28.58 52.69
C ALA A 78 -20.55 -27.82 51.53
N CYS A 79 -20.16 -28.18 50.32
CA CYS A 79 -20.73 -27.56 49.13
C CYS A 79 -22.20 -27.96 48.95
N VAL A 80 -22.59 -29.11 49.52
CA VAL A 80 -23.93 -29.66 49.36
C VAL A 80 -24.97 -28.74 49.99
N CYS A 81 -24.67 -28.24 51.18
CA CYS A 81 -25.20 -27.00 51.74
C CYS A 81 -26.69 -27.08 52.09
N THR A 82 -27.24 -28.31 52.04
CA THR A 82 -28.31 -28.88 52.87
C THR A 82 -28.60 -30.32 52.45
N LYS A 83 -29.40 -31.01 53.26
CA LYS A 83 -29.70 -32.41 53.02
C LYS A 83 -30.98 -32.79 53.74
N PHE A 84 -31.91 -33.39 53.00
CA PHE A 84 -32.94 -34.22 53.61
C PHE A 84 -32.61 -35.66 53.24
N PRO A 85 -32.40 -36.55 54.17
CA PRO A 85 -32.29 -37.96 53.79
C PRO A 85 -33.64 -38.63 53.88
N GLU A 86 -33.72 -39.90 53.47
CA GLU A 86 -34.94 -40.72 53.46
C GLU A 86 -36.06 -40.10 52.63
N LEU A 87 -35.94 -40.15 51.31
CA LEU A 87 -37.13 -39.95 50.50
C LEU A 87 -37.85 -41.26 50.35
N ALA A 88 -39.10 -41.31 50.78
CA ALA A 88 -39.92 -42.50 50.66
C ALA A 88 -40.57 -42.58 49.29
N TYR A 89 -41.59 -43.41 49.17
CA TYR A 89 -42.40 -43.48 47.97
C TYR A 89 -43.12 -42.14 47.83
N MET A 90 -42.66 -41.29 46.93
CA MET A 90 -43.15 -39.92 46.96
C MET A 90 -43.60 -39.54 45.57
N ASN A 91 -44.50 -38.55 45.49
CA ASN A 91 -45.07 -38.15 44.21
C ASN A 91 -44.82 -36.67 43.92
N GLU A 92 -45.04 -35.81 44.91
CA GLU A 92 -44.89 -34.37 44.70
C GLU A 92 -44.28 -33.71 45.92
N GLY A 93 -43.34 -32.80 45.71
CA GLY A 93 -42.72 -32.06 46.79
C GLY A 93 -42.93 -30.58 46.57
N ARG A 94 -43.67 -29.97 47.49
CA ARG A 94 -43.98 -28.56 47.41
C ARG A 94 -43.24 -27.80 48.50
N VAL A 95 -42.67 -26.66 48.12
CA VAL A 95 -42.17 -25.65 49.03
C VAL A 95 -42.72 -24.31 48.55
N GLN A 96 -43.43 -23.60 49.41
CA GLN A 96 -43.99 -22.31 49.02
C GLN A 96 -43.25 -21.18 49.72
N PHE A 97 -43.21 -20.04 49.07
CA PHE A 97 -42.43 -18.88 49.52
C PHE A 97 -43.38 -17.73 49.81
N GLU A 98 -43.16 -17.07 50.95
CA GLU A 98 -43.96 -15.93 51.36
C GLU A 98 -43.05 -14.75 51.66
N VAL A 99 -42.99 -13.78 50.75
CA VAL A 99 -42.19 -12.58 50.98
C VAL A 99 -43.08 -11.36 50.87
N HIS A 100 -42.68 -10.29 51.54
CA HIS A 100 -43.44 -9.06 51.63
C HIS A 100 -42.56 -7.90 51.25
N GLN A 101 -42.74 -7.41 50.10
CA GLN A 101 -42.12 -6.17 49.67
C GLN A 101 -42.69 -5.02 50.50
N PRO A 102 -41.87 -4.34 51.26
CA PRO A 102 -42.38 -3.19 52.01
C PRO A 102 -42.60 -2.02 51.09
N LEU A 103 -43.32 -0.99 51.54
CA LEU A 103 -43.57 0.16 50.68
C LEU A 103 -42.90 1.37 51.30
N ILE A 104 -42.93 2.47 50.56
CA ILE A 104 -42.42 3.76 51.02
C ILE A 104 -43.55 4.77 50.84
N ALA A 105 -43.85 5.51 51.90
CA ALA A 105 -44.87 6.54 51.79
C ALA A 105 -44.38 7.68 50.91
N ARG A 106 -44.83 7.68 49.66
CA ARG A 106 -44.44 8.71 48.70
C ARG A 106 -45.40 9.88 48.86
N ASP A 107 -44.86 11.09 48.79
CA ASP A 107 -45.60 12.29 49.14
C ASP A 107 -46.11 13.00 47.89
N GLY A 108 -47.32 13.53 47.97
CA GLY A 108 -47.82 14.43 46.96
C GLY A 108 -48.88 13.81 46.05
N PRO A 109 -48.93 14.28 44.80
CA PRO A 109 -49.91 13.80 43.82
C PRO A 109 -49.47 12.52 43.10
N HIS A 110 -49.30 11.46 43.87
CA HIS A 110 -48.79 10.18 43.41
C HIS A 110 -49.78 9.07 43.75
N PRO A 111 -49.78 7.95 43.03
CA PRO A 111 -50.68 6.85 43.38
C PRO A 111 -50.30 6.21 44.71
N VAL A 112 -51.31 5.76 45.43
CA VAL A 112 -51.11 5.27 46.78
C VAL A 112 -50.58 3.85 46.74
N GLU A 113 -49.37 3.65 47.26
CA GLU A 113 -48.77 2.33 47.26
C GLU A 113 -49.40 1.44 48.33
N GLN A 114 -50.03 0.37 47.90
CA GLN A 114 -50.72 -0.57 48.77
C GLN A 114 -49.69 -1.44 49.47
N PRO A 115 -49.95 -1.95 50.67
CA PRO A 115 -49.10 -3.01 51.20
C PRO A 115 -49.26 -4.26 50.35
N VAL A 116 -48.18 -4.65 49.71
CA VAL A 116 -48.24 -5.69 48.70
C VAL A 116 -47.89 -7.02 49.35
N HIS A 117 -48.20 -8.10 48.64
CA HIS A 117 -47.95 -9.44 49.12
C HIS A 117 -47.49 -10.32 47.97
N ASN A 118 -46.67 -11.31 48.30
CA ASN A 118 -46.11 -12.23 47.32
C ASN A 118 -46.16 -13.65 47.88
N TYR A 119 -46.83 -14.53 47.16
CA TYR A 119 -46.96 -15.94 47.51
C TYR A 119 -46.73 -16.77 46.26
N MET A 120 -45.66 -17.55 46.26
CA MET A 120 -45.46 -18.47 45.15
C MET A 120 -45.09 -19.83 45.71
N THR A 121 -45.02 -20.80 44.80
CA THR A 121 -44.74 -22.19 45.13
C THR A 121 -43.66 -22.70 44.21
N LYS A 122 -42.90 -23.67 44.68
CA LYS A 122 -42.01 -24.39 43.79
C LYS A 122 -42.22 -25.88 43.94
N VAL A 123 -41.75 -26.60 42.95
CA VAL A 123 -41.88 -28.05 42.88
C VAL A 123 -40.48 -28.64 42.79
N ILE A 124 -40.35 -29.88 43.23
CA ILE A 124 -39.08 -30.57 43.16
C ILE A 124 -38.87 -31.15 41.75
N ASP A 125 -37.67 -31.61 41.47
CA ASP A 125 -37.37 -32.49 40.36
C ASP A 125 -36.92 -33.83 40.95
N ARG A 126 -36.61 -34.81 40.10
CA ARG A 126 -36.10 -36.05 40.69
C ARG A 126 -34.66 -36.36 40.30
N ARG A 127 -34.42 -36.61 39.02
CA ARG A 127 -33.12 -36.88 38.44
C ARG A 127 -32.34 -37.94 39.22
N ALA A 128 -32.80 -39.19 39.19
CA ALA A 128 -32.22 -40.23 40.01
C ALA A 128 -30.86 -40.66 39.48
N LEU A 129 -30.03 -41.22 40.36
CA LEU A 129 -28.66 -41.59 40.01
C LEU A 129 -28.65 -43.08 39.65
N ASN A 130 -27.49 -43.65 39.30
CA ASN A 130 -27.45 -45.03 38.82
C ASN A 130 -26.25 -45.71 39.45
N ALA A 131 -26.25 -47.04 39.50
CA ALA A 131 -25.21 -47.75 40.23
C ALA A 131 -24.75 -48.97 39.45
N ALA A 132 -23.51 -49.39 39.70
CA ALA A 132 -22.85 -50.40 38.89
C ALA A 132 -23.29 -51.81 39.29
N PHE A 133 -23.06 -52.76 38.40
CA PHE A 133 -23.27 -54.17 38.62
C PHE A 133 -21.93 -54.88 38.76
N SER A 134 -21.75 -55.61 39.86
CA SER A 134 -20.48 -56.30 40.05
C SER A 134 -20.61 -57.63 40.80
N LEU A 135 -20.75 -58.74 40.05
CA LEU A 135 -20.86 -60.08 40.63
C LEU A 135 -20.63 -61.12 39.54
N ALA A 136 -19.66 -62.02 39.77
CA ALA A 136 -19.37 -63.16 38.92
C ALA A 136 -20.07 -64.41 39.45
N THR A 137 -19.61 -65.59 39.02
CA THR A 137 -20.26 -66.82 39.43
C THR A 137 -19.37 -67.53 40.46
N GLU A 138 -19.98 -68.39 41.29
CA GLU A 138 -19.37 -69.36 42.21
C GLU A 138 -18.74 -68.74 43.45
N ALA A 139 -18.63 -67.42 43.50
CA ALA A 139 -18.34 -66.77 44.77
C ALA A 139 -19.55 -66.87 45.68
N ILE A 140 -20.73 -66.92 45.06
CA ILE A 140 -22.02 -67.04 45.82
C ILE A 140 -22.33 -68.52 46.01
N ALA A 141 -22.03 -69.35 45.00
CA ALA A 141 -22.30 -70.80 45.05
C ALA A 141 -21.46 -71.44 46.18
N LEU A 142 -20.21 -70.99 46.32
CA LEU A 142 -19.30 -71.54 47.37
C LEU A 142 -19.87 -71.26 48.76
N LEU A 143 -20.43 -70.06 48.95
CA LEU A 143 -20.98 -69.65 50.28
C LEU A 143 -21.85 -68.40 50.09
N ILE A 153 -12.99 -74.58 54.72
CA ILE A 153 -12.81 -74.86 53.30
C ILE A 153 -12.30 -73.59 52.62
N SER A 154 -10.99 -73.34 52.78
CA SER A 154 -10.26 -72.25 52.13
C SER A 154 -10.86 -70.88 52.40
N LEU A 155 -11.47 -70.71 53.58
CA LEU A 155 -12.34 -69.57 53.84
C LEU A 155 -11.54 -68.28 53.95
N HIS A 156 -10.29 -68.36 54.41
CA HIS A 156 -9.46 -67.16 54.55
C HIS A 156 -9.02 -66.65 53.19
N ARG A 157 -9.13 -67.49 52.15
CA ARG A 157 -8.95 -67.09 50.77
C ARG A 157 -10.28 -66.95 50.02
N GLN A 158 -11.25 -67.83 50.29
CA GLN A 158 -12.51 -67.77 49.55
C GLN A 158 -13.34 -66.58 50.00
N LEU A 159 -13.30 -66.24 51.28
CA LEU A 159 -14.01 -65.05 51.74
C LEU A 159 -13.15 -63.80 51.57
N ARG A 160 -11.83 -63.97 51.34
CA ARG A 160 -11.05 -62.76 51.07
C ARG A 160 -11.29 -62.27 49.65
N ALA A 161 -11.75 -63.17 48.76
CA ALA A 161 -12.29 -62.73 47.48
C ALA A 161 -13.54 -61.90 47.70
N ILE A 162 -14.36 -62.31 48.66
CA ILE A 162 -15.62 -61.64 48.94
C ILE A 162 -15.37 -60.35 49.72
N GLN A 163 -14.35 -60.34 50.59
CA GLN A 163 -13.99 -59.12 51.28
C GLN A 163 -13.46 -58.07 50.30
N GLN A 164 -12.68 -58.50 49.31
CA GLN A 164 -12.33 -57.60 48.23
C GLN A 164 -13.55 -57.23 47.40
N LEU A 165 -14.49 -58.17 47.27
CA LEU A 165 -15.74 -57.86 46.58
C LEU A 165 -16.59 -56.90 47.41
N ALA A 166 -16.49 -56.96 48.73
CA ALA A 166 -17.19 -56.00 49.58
C ALA A 166 -16.58 -54.61 49.44
N ARG A 167 -15.27 -54.54 49.22
CA ARG A 167 -14.64 -53.24 48.99
C ARG A 167 -14.97 -52.71 47.60
N ASN A 168 -15.32 -53.61 46.67
CA ASN A 168 -15.87 -53.15 45.40
C ASN A 168 -17.22 -52.50 45.61
N VAL A 169 -18.00 -53.01 46.56
CA VAL A 169 -19.22 -52.34 46.96
C VAL A 169 -18.88 -51.04 47.67
N GLN A 170 -17.79 -51.05 48.44
CA GLN A 170 -17.32 -49.81 49.06
C GLN A 170 -16.80 -48.84 48.00
N ALA A 171 -16.31 -49.38 46.89
CA ALA A 171 -15.91 -48.51 45.78
C ALA A 171 -17.12 -47.84 45.14
N VAL A 172 -18.22 -48.58 44.93
CA VAL A 172 -19.43 -47.97 44.40
C VAL A 172 -20.27 -47.32 45.48
N LEU A 173 -19.85 -47.39 46.74
CA LEU A 173 -20.33 -46.43 47.72
C LEU A 173 -19.69 -45.07 47.50
N GLY A 174 -18.46 -45.07 46.96
CA GLY A 174 -17.80 -43.83 46.61
C GLY A 174 -18.46 -43.20 45.40
N ALA A 175 -19.19 -44.02 44.65
CA ALA A 175 -19.96 -43.56 43.51
C ALA A 175 -21.19 -42.75 43.90
N PHE A 176 -21.46 -42.59 45.18
CA PHE A 176 -22.50 -41.69 45.61
C PHE A 176 -21.93 -40.39 46.15
N GLU A 177 -20.81 -40.48 46.85
CA GLU A 177 -20.19 -39.26 47.39
C GLU A 177 -19.57 -38.43 46.27
N ARG A 178 -19.03 -39.09 45.25
CA ARG A 178 -18.35 -38.34 44.20
C ARG A 178 -19.33 -37.72 43.23
N GLY A 179 -20.32 -38.47 42.77
CA GLY A 179 -21.31 -37.91 41.85
C GLY A 179 -22.26 -36.94 42.50
N THR A 180 -22.21 -36.85 43.84
CA THR A 180 -22.97 -35.86 44.59
C THR A 180 -22.66 -34.44 44.12
N ALA A 181 -21.38 -34.09 44.09
CA ALA A 181 -21.00 -32.77 43.62
C ALA A 181 -21.26 -32.63 42.13
N ASP A 182 -21.24 -33.76 41.42
CA ASP A 182 -21.54 -33.72 39.99
C ASP A 182 -23.00 -33.35 39.77
N GLN A 183 -23.89 -33.83 40.64
CA GLN A 183 -25.30 -33.45 40.55
C GLN A 183 -25.49 -31.97 40.83
N MET A 184 -24.66 -31.41 41.70
CA MET A 184 -24.74 -29.99 41.97
C MET A 184 -24.26 -29.20 40.77
N LEU A 185 -23.07 -29.55 40.26
CA LEU A 185 -22.43 -28.74 39.23
C LEU A 185 -23.10 -28.94 37.87
N HIS A 186 -23.96 -29.94 37.76
CA HIS A 186 -24.95 -29.88 36.69
C HIS A 186 -25.92 -28.73 36.90
N VAL A 187 -26.61 -28.71 38.03
CA VAL A 187 -27.64 -27.71 38.21
C VAL A 187 -27.05 -26.37 38.64
N LEU A 188 -25.79 -26.35 39.08
CA LEU A 188 -25.19 -25.07 39.42
C LEU A 188 -24.84 -24.28 38.17
N LEU A 189 -24.48 -24.94 37.09
CA LEU A 189 -24.37 -24.23 35.83
C LEU A 189 -25.73 -23.98 35.20
N GLU A 190 -26.76 -24.67 35.65
CA GLU A 190 -28.08 -24.44 35.09
C GLU A 190 -28.64 -23.10 35.52
N LYS A 191 -28.42 -22.74 36.79
CA LYS A 191 -29.01 -21.51 37.32
C LYS A 191 -28.10 -20.31 37.11
N ALA A 192 -27.22 -20.37 36.14
CA ALA A 192 -26.20 -19.34 36.03
C ALA A 192 -26.23 -18.64 34.68
N PRO A 193 -26.48 -17.35 34.62
CA PRO A 193 -26.19 -16.59 33.41
C PRO A 193 -24.69 -16.36 33.28
N PRO A 194 -24.23 -15.93 32.11
CA PRO A 194 -22.84 -15.50 32.01
C PRO A 194 -22.61 -14.20 32.75
N LEU A 195 -21.36 -13.99 33.17
CA LEU A 195 -21.06 -12.89 34.06
C LEU A 195 -21.17 -11.55 33.36
N ALA A 196 -20.79 -11.51 32.09
CA ALA A 196 -20.88 -10.27 31.32
C ALA A 196 -22.31 -9.97 30.92
N LEU A 197 -23.21 -10.92 31.11
CA LEU A 197 -24.62 -10.59 30.99
C LEU A 197 -25.21 -10.15 32.32
N LEU A 198 -24.69 -10.68 33.44
CA LEU A 198 -25.38 -10.53 34.70
C LEU A 198 -25.23 -9.12 35.25
N LEU A 199 -24.00 -8.68 35.48
CA LEU A 199 -23.68 -7.34 35.98
C LEU A 199 -24.32 -6.17 35.24
N PRO A 200 -24.53 -6.21 33.91
CA PRO A 200 -25.35 -5.13 33.33
C PRO A 200 -26.81 -5.21 33.74
N MET A 201 -27.31 -6.41 34.01
CA MET A 201 -28.73 -6.53 34.32
C MET A 201 -29.01 -6.07 35.74
N GLN A 202 -28.06 -6.32 36.65
CA GLN A 202 -28.31 -6.12 38.08
C GLN A 202 -28.50 -4.66 38.45
N ARG A 203 -27.98 -3.76 37.63
CA ARG A 203 -28.31 -2.36 37.88
C ARG A 203 -29.70 -1.99 37.41
N TYR A 204 -30.38 -2.85 36.65
CA TYR A 204 -31.68 -2.50 36.11
C TYR A 204 -32.83 -3.31 36.66
N LEU A 205 -32.54 -4.14 37.67
CA LEU A 205 -33.55 -5.00 38.33
C LEU A 205 -34.68 -4.15 38.92
N ASP A 206 -34.63 -2.83 38.69
CA ASP A 206 -35.65 -1.85 39.16
C ASP A 206 -36.88 -1.88 38.24
N ASN A 207 -38.00 -1.28 38.65
CA ASN A 207 -39.20 -1.30 37.79
C ASN A 207 -38.84 -0.67 36.44
N GLY A 208 -39.19 -1.33 35.34
CA GLY A 208 -38.85 -0.87 33.98
C GLY A 208 -39.73 -1.50 32.92
N ARG A 209 -39.61 -1.00 31.68
CA ARG A 209 -40.37 -1.49 30.50
C ARG A 209 -41.88 -1.31 30.74
N LEU A 210 -42.27 -0.10 31.15
CA LEU A 210 -43.71 0.22 31.39
C LEU A 210 -44.21 1.01 30.17
N ALA A 211 -43.33 1.86 29.62
CA ALA A 211 -43.58 2.71 28.43
C ALA A 211 -42.23 3.31 28.05
N THR A 212 -41.25 3.08 28.93
CA THR A 212 -39.86 3.52 28.84
C THR A 212 -38.98 2.47 28.17
N ARG A 213 -39.58 1.61 27.32
CA ARG A 213 -39.02 0.53 26.50
C ARG A 213 -37.67 0.85 25.84
N VAL A 214 -37.42 2.15 25.62
CA VAL A 214 -36.07 2.70 25.51
C VAL A 214 -35.12 2.07 26.53
N ALA A 215 -35.52 2.04 27.81
CA ALA A 215 -34.65 1.48 28.84
C ALA A 215 -34.48 -0.02 28.69
N ARG A 216 -35.45 -0.68 28.05
CA ARG A 216 -35.21 -2.06 27.63
C ARG A 216 -34.21 -2.10 26.50
N ALA A 217 -34.25 -1.13 25.59
CA ALA A 217 -33.32 -1.15 24.47
C ALA A 217 -31.92 -0.75 24.89
N THR A 218 -31.80 0.23 25.79
CA THR A 218 -30.49 0.60 26.28
C THR A 218 -29.89 -0.48 27.17
N LEU A 219 -30.75 -1.29 27.79
CA LEU A 219 -30.31 -2.52 28.43
C LEU A 219 -29.61 -3.43 27.43
N VAL A 220 -30.13 -3.48 26.20
CA VAL A 220 -29.57 -4.38 25.20
C VAL A 220 -28.26 -3.85 24.67
N ALA A 221 -28.24 -2.57 24.28
CA ALA A 221 -27.05 -2.00 23.63
C ALA A 221 -25.89 -1.92 24.60
N GLU A 222 -26.19 -1.79 25.88
CA GLU A 222 -25.13 -1.87 26.87
C GLU A 222 -24.79 -3.32 27.19
N LEU A 223 -25.66 -4.26 26.83
CA LEU A 223 -25.37 -5.65 27.18
C LEU A 223 -24.34 -6.25 26.24
N LYS A 224 -24.63 -6.23 24.95
CA LYS A 224 -23.80 -6.87 23.94
C LYS A 224 -22.41 -6.24 23.83
N ARG A 225 -22.26 -4.97 24.20
CA ARG A 225 -20.93 -4.35 24.23
C ARG A 225 -20.09 -4.95 25.34
N SER A 226 -20.74 -5.32 26.44
CA SER A 226 -20.03 -5.88 27.59
C SER A 226 -19.53 -7.27 27.31
N PHE A 227 -20.32 -8.08 26.59
CA PHE A 227 -19.92 -9.46 26.39
C PHE A 227 -18.82 -9.57 25.36
N CYS A 228 -18.77 -8.60 24.44
CA CYS A 228 -17.59 -8.43 23.61
C CYS A 228 -16.39 -8.01 24.46
N ASP A 229 -16.67 -7.31 25.56
CA ASP A 229 -15.62 -6.72 26.38
C ASP A 229 -15.16 -7.60 27.53
N THR A 230 -16.01 -7.85 28.53
CA THR A 230 -15.59 -8.51 29.76
C THR A 230 -15.90 -9.99 29.68
N SER A 231 -15.25 -10.69 28.76
CA SER A 231 -15.21 -12.13 28.85
C SER A 231 -13.79 -12.55 28.56
N PHE A 232 -13.33 -13.61 29.25
CA PHE A 232 -11.94 -13.99 29.37
C PHE A 232 -11.09 -12.85 29.88
N PHE A 233 -11.62 -12.09 30.84
CA PHE A 233 -10.96 -10.88 31.30
C PHE A 233 -9.66 -11.24 32.01
N LEU A 234 -9.73 -12.21 32.90
CA LEU A 234 -8.57 -13.00 33.21
C LEU A 234 -8.22 -13.75 31.93
N GLY A 235 -7.13 -13.34 31.30
CA GLY A 235 -6.83 -13.75 29.95
C GLY A 235 -6.78 -12.61 28.96
N LYS A 236 -7.71 -11.67 29.02
CA LYS A 236 -7.54 -10.38 28.36
C LYS A 236 -6.57 -9.50 29.15
N ALA A 237 -6.63 -9.59 30.47
CA ALA A 237 -5.65 -8.95 31.34
C ALA A 237 -4.99 -10.05 32.13
N GLY A 238 -3.69 -10.19 31.95
CA GLY A 238 -2.93 -11.20 32.67
C GLY A 238 -1.86 -10.55 33.51
N HIS A 239 -1.75 -9.23 33.38
CA HIS A 239 -0.74 -8.45 34.05
C HIS A 239 -1.34 -7.29 34.84
N ARG A 240 -2.52 -6.80 34.45
CA ARG A 240 -3.17 -5.70 35.15
C ARG A 240 -3.65 -6.23 36.49
N ARG A 241 -2.77 -6.18 37.49
CA ARG A 241 -3.04 -6.71 38.82
C ARG A 241 -4.25 -6.04 39.46
N GLU A 242 -4.42 -4.75 39.21
CA GLU A 242 -5.55 -3.99 39.73
C GLU A 242 -6.88 -4.50 39.21
N ALA A 243 -7.00 -4.60 37.88
CA ALA A 243 -8.27 -4.83 37.21
C ALA A 243 -8.88 -6.20 37.53
N ILE A 244 -8.04 -7.20 37.74
CA ILE A 244 -8.54 -8.51 38.16
C ILE A 244 -9.15 -8.41 39.55
N GLU A 245 -8.49 -7.70 40.46
CA GLU A 245 -9.05 -7.52 41.79
C GLU A 245 -10.27 -6.62 41.76
N ALA A 246 -10.37 -5.75 40.76
CA ALA A 246 -11.63 -5.09 40.48
C ALA A 246 -12.65 -6.10 39.97
N TRP A 247 -12.20 -7.04 39.14
CA TRP A 247 -13.12 -8.00 38.55
C TRP A 247 -13.49 -9.09 39.54
N LEU A 248 -12.52 -9.53 40.36
CA LEU A 248 -12.74 -10.74 41.14
C LEU A 248 -13.62 -10.46 42.35
N VAL A 249 -13.77 -9.19 42.70
CA VAL A 249 -14.79 -8.88 43.70
C VAL A 249 -16.17 -8.97 43.06
N ASP A 250 -16.24 -8.80 41.74
CA ASP A 250 -17.54 -8.73 41.09
C ASP A 250 -18.07 -10.11 40.75
N LEU A 251 -17.22 -11.14 40.83
CA LEU A 251 -17.72 -12.50 40.85
C LEU A 251 -18.57 -12.72 42.08
N THR A 252 -18.17 -12.12 43.19
CA THR A 252 -19.01 -12.02 44.36
C THR A 252 -19.88 -10.79 44.25
N THR A 253 -20.71 -10.56 45.28
CA THR A 253 -21.38 -9.30 45.58
C THR A 253 -22.27 -8.72 44.49
N ALA A 254 -22.50 -9.46 43.41
CA ALA A 254 -23.57 -9.16 42.49
C ALA A 254 -24.72 -10.12 42.65
N THR A 255 -24.64 -10.99 43.66
CA THR A 255 -25.60 -12.04 43.88
C THR A 255 -26.25 -11.87 45.25
N GLN A 256 -27.56 -12.08 45.31
CA GLN A 256 -28.28 -11.89 46.55
C GLN A 256 -28.26 -13.18 47.36
N PRO A 257 -28.11 -13.08 48.67
CA PRO A 257 -28.23 -14.27 49.52
C PRO A 257 -29.67 -14.76 49.58
N SER A 258 -29.89 -15.98 50.06
CA SER A 258 -31.23 -16.53 49.95
C SER A 258 -31.94 -16.60 51.29
N VAL A 259 -31.36 -17.37 52.22
CA VAL A 259 -31.91 -17.54 53.55
C VAL A 259 -30.77 -18.12 54.39
N ALA A 260 -30.83 -17.91 55.69
CA ALA A 260 -29.82 -18.41 56.60
C ALA A 260 -30.33 -19.70 57.21
N VAL A 261 -29.42 -20.44 57.83
CA VAL A 261 -29.81 -21.48 58.78
C VAL A 261 -28.73 -21.53 59.86
N PRO A 262 -29.12 -21.58 61.13
CA PRO A 262 -28.10 -21.74 62.18
C PRO A 262 -27.48 -23.12 62.23
N ARG A 263 -28.02 -24.09 61.49
CA ARG A 263 -27.37 -25.39 61.39
C ARG A 263 -26.06 -25.32 60.65
N LEU A 264 -26.04 -24.70 59.49
CA LEU A 264 -24.90 -24.80 58.58
C LEU A 264 -23.75 -23.93 59.05
N THR A 265 -22.99 -24.48 59.99
CA THR A 265 -21.88 -23.76 60.59
C THR A 265 -20.62 -23.99 59.77
N HIS A 266 -20.44 -23.14 58.77
CA HIS A 266 -19.18 -23.01 58.07
C HIS A 266 -18.48 -21.76 58.57
N ALA A 267 -17.57 -21.92 59.52
CA ALA A 267 -16.89 -20.77 60.07
C ALA A 267 -15.39 -20.99 60.01
N ASP A 268 -14.66 -19.89 59.99
CA ASP A 268 -13.21 -19.95 60.06
C ASP A 268 -12.78 -20.42 61.45
N THR A 269 -11.53 -20.87 61.54
CA THR A 269 -10.99 -21.29 62.82
C THR A 269 -10.93 -20.12 63.79
N ARG A 270 -11.71 -20.24 64.86
CA ARG A 270 -11.96 -19.20 65.86
C ARG A 270 -12.48 -17.91 65.22
N GLY A 271 -13.65 -17.96 64.63
CA GLY A 271 -14.30 -16.71 64.28
C GLY A 271 -15.22 -16.85 63.06
N ARG A 272 -15.03 -15.91 62.14
CA ARG A 272 -15.80 -15.49 60.98
C ARG A 272 -16.48 -16.61 60.19
N PRO A 273 -17.73 -16.44 59.79
CA PRO A 273 -18.40 -17.45 58.96
C PRO A 273 -18.04 -17.33 57.50
N VAL A 274 -18.50 -18.30 56.71
CA VAL A 274 -18.17 -18.39 55.29
C VAL A 274 -19.47 -18.23 54.49
N ASP A 275 -19.42 -17.52 53.37
CA ASP A 275 -20.60 -17.33 52.53
C ASP A 275 -20.35 -17.53 51.04
N GLY A 276 -19.21 -18.08 50.63
CA GLY A 276 -18.89 -18.30 49.24
C GLY A 276 -18.43 -19.73 48.99
N VAL A 277 -18.34 -20.08 47.70
CA VAL A 277 -17.87 -21.42 47.34
C VAL A 277 -16.72 -21.42 46.33
N LEU A 278 -16.94 -20.84 45.14
CA LEU A 278 -15.96 -20.72 44.06
C LEU A 278 -15.20 -21.99 43.67
N VAL A 279 -15.85 -22.94 43.03
CA VAL A 279 -15.17 -24.11 42.50
C VAL A 279 -14.59 -23.79 41.13
N THR A 280 -13.28 -23.91 40.99
CA THR A 280 -12.62 -23.71 39.71
C THR A 280 -11.83 -24.95 39.35
N THR A 281 -11.03 -24.86 38.30
CA THR A 281 -10.07 -25.92 38.00
C THR A 281 -8.75 -25.64 38.70
N ALA A 282 -7.87 -26.65 38.70
CA ALA A 282 -6.63 -26.60 39.45
C ALA A 282 -5.65 -25.59 38.85
N ALA A 283 -5.71 -25.41 37.53
CA ALA A 283 -4.84 -24.44 36.89
C ALA A 283 -5.23 -23.02 37.25
N ILE A 284 -6.54 -22.74 37.23
CA ILE A 284 -7.02 -21.40 37.53
C ILE A 284 -6.89 -21.14 39.03
N LYS A 285 -7.00 -22.19 39.84
CA LYS A 285 -6.75 -22.05 41.26
C LYS A 285 -5.31 -21.68 41.51
N GLN A 286 -4.42 -22.23 40.70
CA GLN A 286 -2.98 -22.06 40.89
C GLN A 286 -2.54 -20.62 40.70
N ARG A 287 -2.79 -20.04 39.52
CA ARG A 287 -2.22 -18.73 39.23
C ARG A 287 -2.99 -17.64 39.93
N LEU A 288 -4.17 -17.96 40.44
CA LEU A 288 -4.94 -16.93 41.13
C LEU A 288 -4.37 -16.69 42.52
N LEU A 289 -4.35 -17.73 43.36
CA LEU A 289 -3.96 -17.54 44.76
C LEU A 289 -2.46 -17.29 44.89
N GLN A 290 -1.71 -17.63 43.85
CA GLN A 290 -0.28 -17.38 43.80
C GLN A 290 0.02 -15.89 43.84
N SER A 291 -0.72 -15.09 43.08
CA SER A 291 -0.32 -13.70 42.91
C SER A 291 -1.51 -12.77 42.87
N PHE A 292 -2.62 -13.14 43.51
CA PHE A 292 -3.71 -12.17 43.56
C PHE A 292 -4.38 -12.08 44.92
N LEU A 293 -4.33 -13.14 45.72
CA LEU A 293 -5.26 -13.25 46.83
C LEU A 293 -4.49 -13.59 48.10
N LYS A 294 -5.23 -13.88 49.16
CA LYS A 294 -4.65 -14.12 50.47
C LYS A 294 -5.22 -15.42 51.03
N VAL A 295 -4.65 -15.85 52.14
CA VAL A 295 -4.92 -17.16 52.74
C VAL A 295 -5.36 -16.95 54.18
N GLU A 296 -6.41 -17.66 54.59
CA GLU A 296 -6.67 -17.94 56.01
C GLU A 296 -7.33 -19.31 56.08
N ASP A 297 -6.52 -20.36 56.25
CA ASP A 297 -6.94 -21.70 55.85
C ASP A 297 -7.32 -22.58 57.06
N THR A 298 -7.73 -23.81 56.75
CA THR A 298 -7.99 -24.91 57.69
C THR A 298 -9.08 -24.51 58.70
N GLU A 299 -10.28 -24.41 58.16
CA GLU A 299 -11.42 -23.97 58.96
C GLU A 299 -12.17 -25.16 59.54
N ALA A 300 -13.29 -24.85 60.20
CA ALA A 300 -14.06 -25.82 60.97
C ALA A 300 -15.48 -25.88 60.42
N ASP A 301 -15.85 -27.03 59.88
CA ASP A 301 -17.21 -27.28 59.41
C ASP A 301 -17.71 -28.59 59.97
N VAL A 302 -18.97 -28.88 59.71
CA VAL A 302 -19.63 -30.10 60.19
C VAL A 302 -19.12 -31.28 59.38
N PRO A 303 -18.72 -32.38 60.01
CA PRO A 303 -18.52 -33.63 59.28
C PRO A 303 -19.79 -34.44 59.18
N VAL A 304 -20.69 -34.26 60.16
CA VAL A 304 -21.93 -35.00 60.19
C VAL A 304 -22.84 -34.53 59.08
N THR A 305 -23.35 -35.49 58.31
CA THR A 305 -24.13 -35.16 57.14
C THR A 305 -25.50 -34.70 57.61
N TYR A 306 -26.08 -33.75 56.88
CA TYR A 306 -26.92 -32.72 57.48
C TYR A 306 -28.26 -33.23 57.92
N GLY A 307 -28.30 -33.72 59.17
CA GLY A 307 -29.55 -33.97 59.85
C GLY A 307 -30.34 -35.18 59.38
N GLU A 308 -31.64 -35.17 59.61
CA GLU A 308 -32.48 -36.31 59.26
C GLU A 308 -33.93 -35.85 59.18
N MET A 309 -34.60 -36.29 58.11
CA MET A 309 -36.06 -36.33 58.01
C MET A 309 -36.48 -37.78 57.97
N VAL A 310 -37.26 -38.21 58.93
CA VAL A 310 -37.86 -39.54 58.90
C VAL A 310 -39.37 -39.39 58.95
N LEU A 311 -40.07 -40.29 58.26
CA LEU A 311 -41.51 -40.31 58.30
C LEU A 311 -41.96 -41.08 59.53
N ASN A 312 -41.89 -40.43 60.69
CA ASN A 312 -42.26 -41.02 61.95
C ASN A 312 -43.76 -40.79 62.14
N GLY A 313 -44.29 -41.16 63.31
CA GLY A 313 -45.71 -41.16 63.62
C GLY A 313 -46.50 -39.90 63.33
N ALA A 314 -45.84 -38.75 63.34
CA ALA A 314 -46.48 -37.54 62.87
C ALA A 314 -46.75 -37.62 61.37
N ASN A 315 -45.71 -37.96 60.61
CA ASN A 315 -45.84 -38.06 59.16
C ASN A 315 -46.62 -39.30 58.76
N LEU A 316 -46.18 -40.45 59.29
CA LEU A 316 -46.57 -41.79 58.87
C LEU A 316 -48.08 -42.02 58.94
N VAL A 317 -48.72 -41.43 59.95
CA VAL A 317 -50.16 -41.49 60.07
C VAL A 317 -50.79 -40.70 58.93
N THR A 318 -50.32 -39.48 58.72
CA THR A 318 -50.83 -38.66 57.63
C THR A 318 -50.39 -39.18 56.27
N ALA A 319 -49.32 -39.96 56.26
CA ALA A 319 -48.73 -40.43 55.01
C ALA A 319 -49.67 -41.37 54.26
N LEU A 320 -50.08 -42.48 54.88
CA LEU A 320 -50.83 -43.47 54.14
C LEU A 320 -52.33 -43.23 54.24
N VAL A 321 -52.78 -42.61 55.33
CA VAL A 321 -54.22 -42.52 55.58
C VAL A 321 -54.84 -41.43 54.72
N MET A 322 -54.18 -40.27 54.61
CA MET A 322 -54.75 -39.25 53.75
C MET A 322 -53.90 -39.03 52.50
N GLY A 323 -52.62 -39.40 52.54
CA GLY A 323 -51.75 -39.00 51.48
C GLY A 323 -51.10 -37.66 51.70
N LYS A 324 -51.19 -37.12 52.90
CA LYS A 324 -50.64 -35.82 53.23
C LYS A 324 -49.28 -35.95 53.88
N ALA A 325 -48.39 -35.01 53.58
CA ALA A 325 -47.07 -35.02 54.15
C ALA A 325 -46.65 -33.60 54.49
N VAL A 326 -46.19 -33.41 55.72
CA VAL A 326 -45.70 -32.13 56.18
C VAL A 326 -44.33 -32.34 56.79
N ARG A 327 -43.35 -31.59 56.29
CA ARG A 327 -42.03 -31.54 56.90
C ARG A 327 -42.14 -31.02 58.32
N SER A 328 -41.73 -31.85 59.28
CA SER A 328 -41.74 -31.56 60.71
C SER A 328 -43.14 -31.17 61.18
N LEU A 329 -44.06 -32.14 61.12
CA LEU A 329 -45.43 -31.90 61.55
C LEU A 329 -45.55 -31.78 63.06
N ASP A 330 -44.51 -32.17 63.80
CA ASP A 330 -44.46 -32.10 65.26
C ASP A 330 -44.69 -30.69 65.77
N ASP A 331 -43.77 -29.77 65.47
CA ASP A 331 -43.88 -28.43 66.02
C ASP A 331 -44.98 -27.64 65.36
N VAL A 332 -45.13 -27.79 64.04
CA VAL A 332 -46.09 -26.99 63.30
C VAL A 332 -47.49 -27.53 63.52
N GLY A 333 -47.58 -28.75 64.05
CA GLY A 333 -48.84 -29.18 64.60
C GLY A 333 -49.05 -28.66 66.00
N ARG A 334 -47.99 -28.70 66.81
CA ARG A 334 -48.01 -28.22 68.19
C ARG A 334 -48.27 -26.72 68.23
N HIS A 335 -47.42 -25.95 67.55
CA HIS A 335 -47.54 -24.49 67.56
C HIS A 335 -48.87 -24.01 67.01
N LEU A 336 -49.39 -24.69 66.00
CA LEU A 336 -50.65 -24.25 65.43
C LEU A 336 -51.82 -24.79 66.22
N LEU A 337 -51.55 -25.69 67.18
CA LEU A 337 -52.56 -26.04 68.17
C LEU A 337 -52.56 -25.03 69.29
N ASP A 338 -51.41 -24.44 69.58
CA ASP A 338 -51.32 -23.53 70.72
C ASP A 338 -51.74 -22.13 70.32
N MET A 339 -51.47 -21.73 69.07
CA MET A 339 -51.94 -20.43 68.63
C MET A 339 -53.44 -20.47 68.40
N GLN A 340 -53.98 -21.66 68.17
CA GLN A 340 -55.41 -21.92 68.28
C GLN A 340 -55.96 -21.55 69.64
N GLU A 341 -55.24 -21.87 70.71
CA GLU A 341 -55.62 -21.29 71.99
C GLU A 341 -54.79 -20.04 72.31
N GLU A 342 -54.36 -19.29 71.29
CA GLU A 342 -53.52 -18.10 71.38
C GLU A 342 -52.20 -18.36 72.10
N ASN A 347 -45.28 -17.49 57.24
CA ASN A 347 -45.61 -16.89 58.53
C ASN A 347 -44.39 -16.75 59.45
N ARG A 348 -44.66 -16.49 60.73
CA ARG A 348 -43.64 -16.18 61.72
C ARG A 348 -43.00 -17.42 62.33
N GLU A 349 -43.01 -18.55 61.61
CA GLU A 349 -42.51 -19.80 62.16
C GLU A 349 -40.98 -19.81 62.13
N THR A 350 -40.38 -19.22 63.17
CA THR A 350 -38.93 -19.10 63.28
C THR A 350 -38.26 -20.35 63.82
N LEU A 351 -38.98 -21.47 63.88
CA LEU A 351 -38.37 -22.74 64.23
C LEU A 351 -38.12 -23.59 62.99
N ASP A 352 -37.65 -22.95 61.92
CA ASP A 352 -37.36 -23.61 60.63
C ASP A 352 -36.26 -24.63 60.88
N GLU A 353 -35.02 -24.22 61.19
CA GLU A 353 -34.00 -25.16 61.64
C GLU A 353 -33.00 -24.44 62.55
N LEU A 354 -33.22 -24.53 63.86
CA LEU A 354 -32.26 -24.11 64.85
C LEU A 354 -32.48 -24.92 66.11
N GLU A 355 -31.77 -26.04 66.22
CA GLU A 355 -32.04 -26.97 67.31
C GLU A 355 -30.83 -27.23 68.20
N SER A 356 -29.74 -27.71 67.61
CA SER A 356 -28.67 -28.30 68.39
C SER A 356 -27.29 -27.80 68.03
N ALA A 357 -27.08 -27.33 66.78
CA ALA A 357 -25.78 -26.98 66.21
C ALA A 357 -24.81 -28.14 66.37
N PRO A 358 -24.93 -29.19 65.55
CA PRO A 358 -24.21 -30.44 65.79
C PRO A 358 -22.70 -30.30 65.63
N GLN A 359 -22.01 -31.41 65.84
CA GLN A 359 -20.57 -31.45 66.08
C GLN A 359 -19.81 -31.07 64.82
N THR A 360 -18.85 -30.17 64.97
CA THR A 360 -17.97 -29.79 63.86
C THR A 360 -16.58 -30.39 64.09
N THR A 361 -15.84 -30.55 63.00
CA THR A 361 -14.44 -30.92 63.07
C THR A 361 -13.66 -29.98 62.17
N ARG A 362 -12.41 -30.33 61.92
CA ARG A 362 -11.47 -29.45 61.26
C ARG A 362 -10.99 -30.12 59.98
N VAL A 363 -11.10 -29.41 58.85
CA VAL A 363 -10.76 -29.95 57.55
C VAL A 363 -9.76 -28.99 56.90
N ARG A 364 -9.01 -29.51 55.94
CA ARG A 364 -8.20 -28.69 55.05
C ARG A 364 -9.14 -27.90 54.14
N ALA A 365 -9.31 -26.62 54.44
CA ALA A 365 -10.16 -25.74 53.66
C ALA A 365 -9.39 -24.46 53.35
N ASP A 366 -9.62 -23.94 52.15
CA ASP A 366 -8.91 -22.75 51.70
C ASP A 366 -9.89 -21.59 51.63
N LEU A 367 -9.75 -20.63 52.51
CA LEU A 367 -10.59 -19.44 52.51
C LEU A 367 -9.80 -18.28 51.96
N VAL A 368 -10.49 -17.38 51.27
CA VAL A 368 -9.87 -16.16 50.77
C VAL A 368 -10.67 -14.98 51.27
N ALA A 369 -10.05 -13.81 51.21
CA ALA A 369 -10.69 -12.58 51.61
C ALA A 369 -10.93 -11.74 50.37
N ILE A 370 -12.05 -11.97 49.70
CA ILE A 370 -12.43 -11.16 48.56
C ILE A 370 -13.09 -9.92 49.11
N GLY A 371 -12.27 -8.89 49.37
CA GLY A 371 -12.77 -7.63 49.87
C GLY A 371 -13.43 -7.79 51.22
N ASP A 372 -14.76 -7.76 51.20
CA ASP A 372 -15.51 -7.97 52.43
C ASP A 372 -15.60 -9.45 52.77
N ARG A 373 -16.08 -10.25 51.82
CA ARG A 373 -16.61 -11.56 52.18
C ARG A 373 -15.51 -12.58 52.46
N LEU A 374 -15.80 -13.50 53.36
CA LEU A 374 -14.96 -14.66 53.56
C LEU A 374 -15.46 -15.74 52.63
N VAL A 375 -14.73 -15.98 51.56
CA VAL A 375 -15.17 -16.86 50.52
C VAL A 375 -14.30 -18.11 50.52
N PHE A 376 -14.95 -19.26 50.53
CA PHE A 376 -14.31 -20.57 50.38
C PHE A 376 -13.83 -20.69 48.94
N LEU A 377 -12.83 -21.54 48.70
CA LEU A 377 -12.32 -21.78 47.35
C LEU A 377 -11.57 -23.10 47.30
N GLU A 378 -12.07 -24.01 46.48
CA GLU A 378 -11.44 -25.31 46.28
C GLU A 378 -11.54 -25.69 44.82
N ALA A 379 -10.48 -26.29 44.30
CA ALA A 379 -10.47 -26.84 42.95
C ALA A 379 -10.45 -28.36 43.10
N LEU A 380 -11.21 -29.06 42.27
CA LEU A 380 -11.39 -30.48 42.49
C LEU A 380 -11.40 -31.27 41.18
N GLU A 381 -10.22 -31.62 40.71
CA GLU A 381 -10.11 -32.68 39.72
C GLU A 381 -9.46 -33.89 40.36
N ARG A 382 -8.30 -33.68 40.99
CA ARG A 382 -7.60 -34.77 41.64
C ARG A 382 -8.38 -35.31 42.83
N ARG A 383 -9.24 -34.50 43.43
CA ARG A 383 -10.05 -34.95 44.54
C ARG A 383 -11.04 -36.05 44.17
N ILE A 384 -12.03 -35.75 43.33
CA ILE A 384 -13.12 -36.66 43.07
C ILE A 384 -13.42 -36.84 41.58
N TYR A 385 -12.89 -35.98 40.72
CA TYR A 385 -13.05 -36.22 39.30
C TYR A 385 -11.87 -36.98 38.70
N ALA A 386 -10.94 -37.44 39.53
CA ALA A 386 -9.72 -38.02 39.00
C ALA A 386 -9.97 -39.40 38.41
N ALA A 387 -9.30 -39.67 37.29
CA ALA A 387 -9.06 -40.98 36.70
C ALA A 387 -10.32 -41.76 36.31
N THR A 388 -11.45 -41.12 36.08
CA THR A 388 -12.59 -41.85 35.56
C THR A 388 -12.83 -41.47 34.12
N ASN A 389 -13.93 -41.98 33.57
CA ASN A 389 -14.39 -41.56 32.26
C ASN A 389 -15.53 -40.54 32.34
N VAL A 390 -15.64 -39.83 33.47
CA VAL A 390 -16.62 -38.76 33.59
C VAL A 390 -15.89 -37.45 33.32
N PRO A 391 -16.41 -36.59 32.46
CA PRO A 391 -15.77 -35.29 32.22
C PRO A 391 -15.87 -34.38 33.43
N TYR A 392 -15.05 -33.34 33.45
CA TYR A 392 -15.13 -32.33 34.50
C TYR A 392 -16.16 -31.30 34.08
N PRO A 393 -16.94 -30.71 34.99
CA PRO A 393 -18.01 -29.81 34.54
C PRO A 393 -17.52 -28.45 34.10
N LEU A 394 -16.70 -27.77 34.90
CA LEU A 394 -16.47 -26.35 34.67
C LEU A 394 -15.55 -26.11 33.50
N VAL A 395 -14.91 -27.16 33.00
CA VAL A 395 -14.36 -27.05 31.66
C VAL A 395 -15.53 -27.09 30.69
N GLY A 396 -15.85 -25.93 30.14
CA GLY A 396 -17.02 -25.78 29.32
C GLY A 396 -16.67 -25.54 27.86
N ALA A 397 -17.67 -25.16 27.09
CA ALA A 397 -17.47 -24.92 25.67
C ALA A 397 -18.46 -23.88 25.17
N MET A 398 -17.93 -22.88 24.49
CA MET A 398 -18.74 -21.92 23.79
C MET A 398 -18.31 -21.92 22.33
N ASP A 399 -19.23 -21.51 21.46
CA ASP A 399 -18.97 -21.38 20.05
C ASP A 399 -19.63 -20.12 19.51
N LEU A 400 -19.22 -19.71 18.31
CA LEU A 400 -19.66 -18.44 17.78
C LEU A 400 -20.02 -18.59 16.31
N THR A 401 -20.51 -17.50 15.73
CA THR A 401 -20.66 -17.37 14.29
C THR A 401 -19.81 -16.21 13.80
N PHE A 402 -19.30 -16.32 12.60
CA PHE A 402 -18.30 -15.38 12.12
C PHE A 402 -18.67 -14.88 10.73
N VAL A 403 -18.03 -13.79 10.35
CA VAL A 403 -18.32 -13.11 9.09
C VAL A 403 -17.04 -12.96 8.30
N LEU A 404 -17.03 -13.44 7.06
CA LEU A 404 -15.94 -13.07 6.22
C LEU A 404 -16.47 -12.47 4.93
N PRO A 405 -16.18 -11.22 4.66
CA PRO A 405 -16.70 -10.58 3.45
C PRO A 405 -15.92 -10.90 2.17
N LEU A 406 -16.32 -11.95 1.46
CA LEU A 406 -15.76 -12.19 0.14
C LEU A 406 -16.21 -11.14 -0.85
N GLY A 407 -15.26 -10.64 -1.63
CA GLY A 407 -15.53 -10.03 -2.90
C GLY A 407 -16.17 -8.66 -2.87
N LEU A 408 -16.27 -8.00 -1.72
CA LEU A 408 -16.90 -6.69 -1.70
C LEU A 408 -15.96 -5.65 -2.28
N PHE A 409 -16.43 -4.41 -2.33
CA PHE A 409 -15.65 -3.36 -2.96
C PHE A 409 -15.88 -2.04 -2.22
N ASN A 410 -14.82 -1.26 -2.11
CA ASN A 410 -14.85 -0.10 -1.26
C ASN A 410 -15.59 1.05 -1.93
N PRO A 411 -16.26 1.92 -1.18
CA PRO A 411 -16.97 3.04 -1.78
C PRO A 411 -16.04 4.10 -2.34
N ALA A 412 -16.65 5.19 -2.81
CA ALA A 412 -15.88 6.23 -3.51
C ALA A 412 -15.15 7.16 -2.56
N MET A 413 -15.26 6.90 -1.28
CA MET A 413 -14.50 7.67 -0.31
C MET A 413 -13.22 6.96 0.11
N GLU A 414 -13.20 5.63 0.06
CA GLU A 414 -12.21 4.83 0.77
C GLU A 414 -11.24 4.12 -0.16
N ARG A 415 -10.74 4.77 -1.20
CA ARG A 415 -9.92 4.13 -2.21
C ARG A 415 -8.49 4.68 -2.25
N PHE A 416 -8.03 5.31 -1.17
CA PHE A 416 -6.72 5.93 -1.12
C PHE A 416 -5.65 4.92 -0.70
N ALA A 417 -4.47 5.44 -0.37
CA ALA A 417 -3.32 4.63 0.00
C ALA A 417 -2.60 5.14 1.24
N ALA A 418 -2.88 6.38 1.65
CA ALA A 418 -2.35 7.08 2.83
C ALA A 418 -0.86 7.36 2.77
N HIS A 419 -0.24 7.16 1.60
CA HIS A 419 1.15 7.52 1.33
C HIS A 419 1.39 7.36 -0.17
N ALA A 420 2.39 8.06 -0.69
CA ALA A 420 2.84 7.74 -2.03
C ALA A 420 3.55 6.41 -2.00
N GLY A 421 4.69 6.38 -1.34
CA GLY A 421 5.52 5.21 -1.39
C GLY A 421 5.17 4.19 -0.34
N ASP A 422 4.39 3.19 -0.75
CA ASP A 422 4.03 1.99 -0.01
C ASP A 422 3.31 1.05 -0.95
N LEU A 423 3.61 -0.25 -0.79
CA LEU A 423 3.01 -1.35 -1.55
C LEU A 423 3.25 -1.20 -3.05
N VAL A 424 4.40 -0.62 -3.39
CA VAL A 424 4.71 -0.20 -4.75
C VAL A 424 5.34 -1.35 -5.49
N PRO A 425 4.85 -1.71 -6.68
CA PRO A 425 5.44 -2.83 -7.42
C PRO A 425 6.70 -2.42 -8.14
N ALA A 426 7.31 -3.40 -8.81
CA ALA A 426 8.46 -3.23 -9.69
C ALA A 426 8.01 -2.37 -10.86
N PRO A 427 8.91 -1.56 -11.48
CA PRO A 427 8.44 -0.47 -12.35
C PRO A 427 7.66 -0.87 -13.59
N GLY A 428 8.16 -1.80 -14.38
CA GLY A 428 7.39 -2.24 -15.52
C GLY A 428 6.47 -3.39 -15.18
N HIS A 429 5.48 -3.17 -14.34
CA HIS A 429 4.60 -4.23 -13.88
C HIS A 429 3.23 -3.65 -13.61
N PRO A 430 2.19 -4.47 -13.73
CA PRO A 430 0.84 -3.96 -13.47
C PRO A 430 0.55 -3.82 -11.99
N GLU A 431 -0.67 -3.37 -11.69
CA GLU A 431 -1.06 -3.21 -10.30
C GLU A 431 -2.00 -4.32 -9.88
N PRO A 432 -1.54 -5.28 -9.07
CA PRO A 432 -2.47 -6.29 -8.56
C PRO A 432 -3.37 -5.78 -7.46
N ARG A 433 -3.15 -4.56 -6.97
CA ARG A 433 -3.88 -4.14 -5.79
C ARG A 433 -4.99 -3.18 -6.13
N ALA A 434 -5.11 -2.82 -7.40
CA ALA A 434 -6.31 -2.17 -7.88
C ALA A 434 -7.36 -3.17 -8.31
N PHE A 435 -7.04 -4.48 -8.28
CA PHE A 435 -7.95 -5.54 -8.64
C PHE A 435 -9.14 -5.59 -7.68
N PRO A 436 -10.34 -5.87 -8.17
CA PRO A 436 -11.42 -6.25 -7.29
C PRO A 436 -11.07 -7.52 -6.55
N PRO A 437 -11.04 -7.48 -5.22
CA PRO A 437 -10.37 -8.54 -4.46
C PRO A 437 -11.16 -9.83 -4.46
N ARG A 438 -10.57 -10.87 -5.06
CA ARG A 438 -11.21 -12.16 -5.20
C ARG A 438 -10.61 -13.20 -4.28
N GLN A 439 -9.61 -12.84 -3.52
CA GLN A 439 -8.98 -13.72 -2.55
C GLN A 439 -9.22 -13.15 -1.16
N LEU A 440 -9.07 -13.98 -0.13
CA LEU A 440 -9.32 -13.51 1.22
C LEU A 440 -8.47 -14.33 2.17
N PHE A 441 -7.98 -13.67 3.22
CA PHE A 441 -6.89 -14.22 4.03
C PHE A 441 -7.16 -14.01 5.51
N PHE A 442 -6.90 -15.06 6.29
CA PHE A 442 -6.90 -14.93 7.73
C PHE A 442 -5.98 -16.00 8.30
N TRP A 443 -5.95 -16.10 9.62
CA TRP A 443 -5.02 -16.98 10.30
C TRP A 443 -5.73 -18.19 10.85
N GLY A 444 -5.11 -19.36 10.68
CA GLY A 444 -5.70 -20.61 11.12
C GLY A 444 -5.66 -20.77 12.63
N LYS A 445 -5.56 -22.02 13.07
CA LYS A 445 -5.33 -22.24 14.49
C LYS A 445 -3.84 -22.47 14.75
N ASP A 446 -3.02 -21.58 14.20
CA ASP A 446 -1.58 -21.50 14.43
C ASP A 446 -1.08 -20.11 14.09
N HIS A 447 0.24 -19.99 13.93
CA HIS A 447 0.84 -18.90 13.16
C HIS A 447 0.84 -19.27 11.68
N GLN A 448 -0.34 -19.55 11.14
CA GLN A 448 -0.51 -20.16 9.83
C GLN A 448 -1.46 -19.31 9.02
N VAL A 449 -1.18 -19.14 7.73
CA VAL A 449 -2.05 -18.36 6.87
C VAL A 449 -3.04 -19.30 6.20
N LEU A 450 -4.17 -18.75 5.76
CA LEU A 450 -5.16 -19.47 4.98
C LEU A 450 -5.67 -18.57 3.86
N ARG A 451 -6.30 -19.17 2.87
CA ARG A 451 -6.77 -18.44 1.70
C ARG A 451 -8.17 -18.87 1.32
N LEU A 452 -9.05 -17.90 1.09
CA LEU A 452 -10.39 -18.16 0.57
C LEU A 452 -10.55 -17.40 -0.74
N SER A 453 -10.64 -18.16 -1.84
CA SER A 453 -10.78 -17.58 -3.15
C SER A 453 -12.24 -17.23 -3.43
N MET A 454 -12.54 -16.98 -4.69
CA MET A 454 -13.91 -17.11 -5.16
C MET A 454 -14.10 -18.37 -5.96
N GLU A 455 -13.01 -19.05 -6.33
CA GLU A 455 -13.09 -20.44 -6.71
C GLU A 455 -13.47 -21.32 -5.54
N ASN A 456 -13.22 -20.83 -4.32
CA ASN A 456 -13.88 -21.29 -3.12
C ASN A 456 -15.39 -21.42 -3.28
N ALA A 457 -16.02 -20.50 -4.02
CA ALA A 457 -17.48 -20.48 -4.10
C ALA A 457 -18.05 -21.47 -5.09
N VAL A 458 -17.30 -22.51 -5.47
CA VAL A 458 -17.75 -23.44 -6.50
C VAL A 458 -18.91 -24.30 -6.00
N GLY A 459 -18.91 -24.64 -4.73
CA GLY A 459 -19.86 -25.65 -4.28
C GLY A 459 -21.18 -25.08 -3.81
N THR A 460 -21.41 -23.80 -4.05
CA THR A 460 -22.57 -23.17 -3.46
C THR A 460 -23.39 -22.43 -4.50
N VAL A 461 -22.72 -21.78 -5.43
CA VAL A 461 -23.41 -20.92 -6.38
C VAL A 461 -23.79 -21.75 -7.59
N CYS A 462 -23.22 -22.95 -7.70
CA CYS A 462 -23.35 -23.77 -8.90
C CYS A 462 -24.39 -24.86 -8.80
N HIS A 463 -25.11 -24.95 -7.69
CA HIS A 463 -26.17 -25.92 -7.56
C HIS A 463 -27.36 -25.52 -8.43
N PRO A 464 -28.15 -26.48 -8.91
CA PRO A 464 -29.37 -26.11 -9.62
C PRO A 464 -30.52 -25.68 -8.72
N SER A 465 -30.24 -24.77 -7.80
CA SER A 465 -31.27 -24.08 -7.05
C SER A 465 -31.23 -22.59 -7.31
N LEU A 466 -30.20 -22.10 -7.99
CA LEU A 466 -30.17 -20.72 -8.44
C LEU A 466 -31.30 -20.45 -9.41
N MET A 467 -31.69 -21.45 -10.18
CA MET A 467 -32.84 -21.35 -11.06
C MET A 467 -34.10 -21.92 -10.45
N ASN A 468 -34.30 -21.79 -9.15
CA ASN A 468 -35.47 -22.36 -8.50
C ASN A 468 -36.29 -21.25 -7.87
N ILE A 469 -37.11 -20.58 -8.68
CA ILE A 469 -37.90 -19.45 -8.20
C ILE A 469 -39.40 -19.70 -8.29
N ASP A 470 -39.84 -20.94 -8.08
CA ASP A 470 -41.26 -21.25 -8.15
C ASP A 470 -42.06 -20.59 -7.03
N ALA A 471 -41.59 -20.69 -5.79
CA ALA A 471 -42.38 -20.18 -4.67
C ALA A 471 -42.31 -18.66 -4.61
N ALA A 472 -41.30 -18.08 -5.25
CA ALA A 472 -41.10 -16.64 -5.21
C ALA A 472 -42.21 -15.91 -5.94
N VAL A 473 -42.49 -16.31 -7.18
CA VAL A 473 -43.52 -15.65 -7.97
C VAL A 473 -44.90 -15.90 -7.38
N GLY A 474 -45.09 -17.04 -6.72
CA GLY A 474 -46.37 -17.34 -6.13
C GLY A 474 -46.63 -16.54 -4.87
N GLY A 475 -45.61 -16.43 -4.02
CA GLY A 475 -45.77 -15.75 -2.75
C GLY A 475 -45.88 -14.25 -2.87
N VAL A 476 -45.37 -13.68 -3.95
CA VAL A 476 -45.50 -12.25 -4.17
C VAL A 476 -46.78 -11.91 -4.92
N ASN A 477 -47.46 -12.93 -5.48
CA ASN A 477 -48.51 -12.68 -6.47
C ASN A 477 -49.77 -12.13 -5.81
N HIS A 478 -50.15 -12.67 -4.65
CA HIS A 478 -51.32 -12.18 -3.93
C HIS A 478 -51.05 -10.77 -3.41
N ASP A 479 -52.16 -10.09 -3.03
CA ASP A 479 -52.21 -8.66 -2.76
C ASP A 479 -51.64 -7.91 -3.96
N PRO A 480 -52.42 -7.79 -5.03
CA PRO A 480 -51.85 -7.41 -6.33
C PRO A 480 -51.42 -5.96 -6.41
N VAL A 481 -50.77 -5.64 -7.53
CA VAL A 481 -50.28 -4.30 -7.82
C VAL A 481 -51.17 -3.72 -8.93
N GLU A 482 -51.31 -2.40 -8.92
CA GLU A 482 -52.16 -1.73 -9.89
C GLU A 482 -51.44 -1.60 -11.24
N ALA A 483 -52.08 -0.89 -12.16
CA ALA A 483 -51.56 -0.70 -13.50
C ALA A 483 -50.32 0.18 -13.46
N ALA A 484 -49.19 -0.40 -13.81
CA ALA A 484 -47.93 0.32 -13.81
C ALA A 484 -47.50 0.74 -15.20
N ASN A 485 -48.46 1.23 -16.02
CA ASN A 485 -48.43 1.80 -17.38
C ASN A 485 -47.36 1.17 -18.26
N PRO A 486 -47.51 -0.14 -18.54
CA PRO A 486 -46.35 -0.99 -18.85
C PRO A 486 -45.68 -0.70 -20.16
N TYR A 487 -44.85 0.35 -20.18
CA TYR A 487 -44.03 0.63 -21.36
C TYR A 487 -43.02 -0.48 -21.60
N GLY A 488 -42.08 -0.64 -20.69
CA GLY A 488 -41.06 -1.65 -20.84
C GLY A 488 -41.45 -3.00 -20.31
N ALA A 489 -42.68 -3.14 -19.83
CA ALA A 489 -43.14 -4.40 -19.27
C ALA A 489 -44.12 -5.12 -20.18
N TYR A 490 -44.01 -4.93 -21.49
CA TYR A 490 -44.92 -5.55 -22.45
C TYR A 490 -44.27 -5.62 -23.82
N VAL A 491 -44.43 -6.77 -24.47
CA VAL A 491 -43.96 -6.97 -25.83
C VAL A 491 -45.15 -6.84 -26.76
N ALA A 492 -44.99 -6.08 -27.82
CA ALA A 492 -45.99 -6.02 -28.87
C ALA A 492 -45.55 -6.88 -30.03
N ALA A 493 -46.49 -7.60 -30.62
CA ALA A 493 -46.21 -8.22 -31.91
C ALA A 493 -46.21 -7.13 -32.98
N PRO A 494 -45.42 -7.26 -34.03
CA PRO A 494 -45.41 -6.24 -35.08
C PRO A 494 -46.72 -6.24 -35.86
N ALA A 495 -47.07 -5.08 -36.39
CA ALA A 495 -48.28 -4.90 -37.18
C ALA A 495 -48.00 -3.91 -38.30
N GLY A 496 -48.39 -4.27 -39.52
CA GLY A 496 -48.17 -3.44 -40.67
C GLY A 496 -46.71 -3.38 -41.08
N PRO A 497 -46.38 -2.48 -42.00
CA PRO A 497 -44.97 -2.30 -42.37
C PRO A 497 -44.22 -1.59 -41.25
N GLY A 498 -42.89 -1.63 -41.37
CA GLY A 498 -42.08 -0.85 -40.46
C GLY A 498 -42.08 0.63 -40.75
N ALA A 499 -42.62 1.03 -41.91
CA ALA A 499 -42.51 2.41 -42.36
C ALA A 499 -43.30 3.37 -41.48
N ASP A 500 -44.43 2.91 -40.95
CA ASP A 500 -45.28 3.77 -40.12
C ASP A 500 -45.33 3.35 -38.66
N MET A 501 -44.47 2.41 -38.26
CA MET A 501 -44.65 1.71 -36.98
C MET A 501 -44.45 2.62 -35.78
N GLN A 502 -43.70 3.71 -35.96
CA GLN A 502 -43.56 4.72 -34.92
C GLN A 502 -44.90 5.39 -34.65
N GLN A 503 -45.54 5.86 -35.73
CA GLN A 503 -46.75 6.66 -35.62
C GLN A 503 -47.92 5.82 -35.12
N ARG A 504 -47.82 4.50 -35.23
CA ARG A 504 -48.61 3.64 -34.37
C ARG A 504 -48.28 3.91 -32.90
N PHE A 505 -47.02 3.68 -32.52
CA PHE A 505 -46.67 3.53 -31.11
C PHE A 505 -46.54 4.87 -30.43
N LEU A 506 -46.29 5.91 -31.22
CA LEU A 506 -46.34 7.29 -30.75
C LEU A 506 -47.73 7.62 -30.25
N ASN A 507 -48.75 7.27 -31.03
CA ASN A 507 -50.11 7.60 -30.65
C ASN A 507 -50.70 6.57 -29.71
N ALA A 508 -50.20 5.33 -29.76
CA ALA A 508 -50.74 4.29 -28.88
C ALA A 508 -50.28 4.50 -27.44
N TRP A 509 -49.01 4.82 -27.27
CA TRP A 509 -48.53 5.20 -25.94
C TRP A 509 -48.47 6.70 -25.77
N ARG A 510 -49.45 7.42 -26.30
CA ARG A 510 -49.55 8.83 -26.02
C ARG A 510 -50.15 9.05 -24.63
N GLN A 511 -50.78 8.01 -24.07
CA GLN A 511 -51.56 8.20 -22.85
C GLN A 511 -50.83 7.72 -21.61
N ARG A 512 -50.40 6.47 -21.58
CA ARG A 512 -49.86 5.83 -20.37
C ARG A 512 -48.33 5.94 -20.40
N LEU A 513 -47.85 7.07 -20.88
CA LEU A 513 -46.43 7.34 -20.92
C LEU A 513 -46.14 8.55 -20.07
N ALA A 514 -47.00 9.56 -20.15
CA ALA A 514 -46.90 10.71 -19.26
C ALA A 514 -47.66 10.48 -17.96
N HIS A 515 -48.16 9.25 -17.76
CA HIS A 515 -48.91 8.89 -16.56
C HIS A 515 -48.03 8.90 -15.32
N GLY A 516 -47.04 8.02 -15.30
CA GLY A 516 -46.11 7.93 -14.19
C GLY A 516 -44.68 7.80 -14.67
N ARG A 517 -43.90 7.04 -13.93
CA ARG A 517 -42.52 6.75 -14.27
C ARG A 517 -42.35 5.25 -14.53
N VAL A 518 -41.26 4.90 -15.20
CA VAL A 518 -40.90 3.51 -15.39
C VAL A 518 -40.30 2.97 -14.11
N ARG A 519 -40.11 1.64 -14.05
CA ARG A 519 -39.63 1.00 -12.83
C ARG A 519 -38.23 1.47 -12.48
N TRP A 520 -37.38 1.67 -13.48
CA TRP A 520 -36.06 2.21 -13.21
C TRP A 520 -36.15 3.73 -13.04
N VAL A 521 -35.68 4.19 -11.90
CA VAL A 521 -35.26 5.57 -11.68
C VAL A 521 -33.87 5.60 -11.05
N ALA A 522 -33.29 4.40 -10.86
CA ALA A 522 -32.14 4.24 -9.97
C ALA A 522 -30.85 4.74 -10.60
N GLU A 523 -30.92 5.20 -11.85
CA GLU A 523 -29.76 5.83 -12.45
C GLU A 523 -29.49 7.18 -11.81
N CYS A 524 -30.54 7.82 -11.33
CA CYS A 524 -30.36 8.99 -10.49
C CYS A 524 -30.05 8.61 -9.05
N GLN A 525 -30.50 7.46 -8.58
CA GLN A 525 -30.28 7.04 -7.21
C GLN A 525 -28.83 6.65 -6.98
N MET A 526 -28.25 7.17 -5.90
CA MET A 526 -26.95 6.70 -5.46
C MET A 526 -27.11 5.37 -4.73
N THR A 527 -25.99 4.73 -4.45
CA THR A 527 -26.02 3.50 -3.68
C THR A 527 -26.39 3.80 -2.24
N ALA A 528 -27.01 2.81 -1.60
CA ALA A 528 -27.61 2.78 -0.26
C ALA A 528 -28.83 3.70 -0.13
N GLU A 529 -29.14 4.51 -1.15
CA GLU A 529 -30.45 5.09 -1.31
C GLU A 529 -31.45 4.05 -1.76
N GLN A 530 -30.97 2.98 -2.38
CA GLN A 530 -31.78 1.80 -2.58
C GLN A 530 -31.97 1.00 -1.30
N PHE A 531 -30.94 0.92 -0.48
CA PHE A 531 -31.02 0.20 0.79
C PHE A 531 -31.92 0.87 1.82
N MET A 532 -32.23 2.14 1.65
CA MET A 532 -33.04 2.84 2.64
C MET A 532 -34.52 2.64 2.33
N GLN A 533 -35.31 2.64 3.39
CA GLN A 533 -36.75 2.38 3.25
C GLN A 533 -37.49 3.40 2.40
N PRO A 534 -37.27 4.74 2.50
CA PRO A 534 -37.91 5.62 1.51
C PRO A 534 -37.30 5.50 0.13
N ASP A 535 -37.93 6.19 -0.82
CA ASP A 535 -37.47 6.50 -2.17
C ASP A 535 -37.30 5.27 -3.05
N ASN A 536 -37.61 4.08 -2.56
CA ASN A 536 -37.55 2.86 -3.37
C ASN A 536 -38.75 2.03 -2.96
N ALA A 537 -39.85 2.23 -3.69
CA ALA A 537 -40.96 1.30 -3.54
C ALA A 537 -40.65 -0.03 -4.22
N ASN A 538 -39.70 -0.04 -5.14
CA ASN A 538 -39.28 -1.25 -5.83
C ASN A 538 -38.23 -2.03 -5.04
N LEU A 539 -37.96 -1.63 -3.80
CA LEU A 539 -37.03 -2.38 -2.96
C LEU A 539 -37.56 -3.77 -2.65
N ALA A 540 -38.86 -3.87 -2.39
CA ALA A 540 -39.45 -5.18 -2.11
C ALA A 540 -39.66 -6.01 -3.37
N LEU A 541 -39.19 -5.53 -4.51
CA LEU A 541 -39.29 -6.21 -5.78
C LEU A 541 -37.94 -6.72 -6.28
N GLU A 542 -36.85 -6.37 -5.60
CA GLU A 542 -35.52 -6.88 -5.94
C GLU A 542 -35.20 -8.05 -5.02
N LEU A 543 -35.29 -9.26 -5.56
CA LEU A 543 -35.17 -10.45 -4.74
C LEU A 543 -34.06 -11.35 -5.21
N HIS A 544 -33.88 -11.52 -6.50
CA HIS A 544 -32.92 -12.52 -6.83
C HIS A 544 -31.74 -11.90 -7.56
N PRO A 545 -30.53 -12.42 -7.38
CA PRO A 545 -29.41 -11.95 -8.18
C PRO A 545 -29.55 -12.36 -9.65
N ALA A 546 -30.26 -13.44 -9.93
CA ALA A 546 -30.38 -13.94 -11.28
C ALA A 546 -31.71 -13.59 -11.96
N PHE A 547 -32.51 -12.72 -11.36
CA PHE A 547 -33.86 -12.50 -11.85
C PHE A 547 -34.33 -11.09 -11.58
N ASP A 548 -35.61 -10.88 -11.89
CA ASP A 548 -36.28 -9.59 -11.73
C ASP A 548 -37.73 -9.83 -11.40
N PHE A 549 -38.24 -9.09 -10.44
CA PHE A 549 -39.67 -9.05 -10.21
C PHE A 549 -40.15 -7.62 -10.47
N PHE A 550 -41.00 -7.48 -11.47
CA PHE A 550 -41.48 -6.19 -11.94
C PHE A 550 -42.94 -6.31 -12.29
N ALA A 551 -43.64 -5.18 -12.24
CA ALA A 551 -45.08 -5.13 -12.48
C ALA A 551 -45.31 -5.10 -13.98
N GLY A 552 -45.75 -6.23 -14.53
CA GLY A 552 -46.05 -6.34 -15.94
C GLY A 552 -47.54 -6.50 -16.21
N VAL A 553 -47.84 -6.89 -17.44
CA VAL A 553 -49.22 -7.10 -17.83
C VAL A 553 -49.75 -8.37 -17.19
N ALA A 554 -51.08 -8.48 -17.15
CA ALA A 554 -51.71 -9.53 -16.35
C ALA A 554 -51.68 -10.87 -17.08
N ASP A 555 -52.45 -10.99 -18.16
CA ASP A 555 -52.80 -12.30 -18.69
C ASP A 555 -52.69 -12.41 -20.20
N VAL A 556 -52.56 -11.28 -20.91
CA VAL A 556 -52.46 -11.30 -22.36
C VAL A 556 -51.12 -11.91 -22.76
N GLU A 557 -51.17 -12.91 -23.64
CA GLU A 557 -49.96 -13.55 -24.12
C GLU A 557 -49.16 -12.56 -24.94
N LEU A 558 -47.84 -12.60 -24.78
CA LEU A 558 -47.01 -11.45 -25.10
C LEU A 558 -46.86 -11.18 -26.60
N PRO A 559 -46.47 -12.15 -27.47
CA PRO A 559 -46.34 -11.77 -28.90
C PRO A 559 -47.67 -11.54 -29.60
N GLY A 560 -48.38 -10.50 -29.19
CA GLY A 560 -49.69 -10.24 -29.71
C GLY A 560 -50.21 -8.93 -29.18
N GLY A 561 -51.06 -8.30 -29.99
CA GLY A 561 -51.72 -7.07 -29.60
C GLY A 561 -50.81 -5.87 -29.68
N GLU A 562 -51.44 -4.70 -29.56
CA GLU A 562 -50.69 -3.46 -29.49
C GLU A 562 -50.89 -2.80 -28.14
N VAL A 563 -52.13 -2.50 -27.78
CA VAL A 563 -52.45 -1.75 -26.56
C VAL A 563 -52.93 -2.74 -25.50
N PRO A 564 -52.15 -3.02 -24.47
CA PRO A 564 -52.59 -3.97 -23.46
C PRO A 564 -53.66 -3.37 -22.56
N PRO A 565 -54.53 -4.19 -22.01
CA PRO A 565 -55.63 -3.70 -21.18
C PRO A 565 -55.20 -3.25 -19.80
N ALA A 566 -54.81 -1.98 -19.68
CA ALA A 566 -54.45 -1.36 -18.40
C ALA A 566 -55.54 -1.54 -17.36
N GLY A 567 -55.16 -2.08 -16.21
CA GLY A 567 -56.09 -2.55 -15.23
C GLY A 567 -55.35 -3.19 -14.06
N PRO A 568 -55.72 -4.43 -13.73
CA PRO A 568 -54.94 -5.16 -12.72
C PRO A 568 -53.56 -5.52 -13.25
N GLY A 569 -52.61 -5.75 -12.36
CA GLY A 569 -51.25 -6.01 -12.79
C GLY A 569 -50.71 -7.33 -12.31
N ALA A 570 -49.59 -7.77 -12.88
CA ALA A 570 -48.99 -9.04 -12.52
C ALA A 570 -47.50 -8.86 -12.28
N ILE A 571 -46.96 -9.79 -11.49
CA ILE A 571 -45.61 -9.69 -10.95
C ILE A 571 -44.92 -11.03 -11.16
N GLN A 572 -44.17 -11.15 -12.26
CA GLN A 572 -43.82 -12.53 -12.62
C GLN A 572 -42.35 -12.94 -12.60
N ALA A 573 -41.55 -12.46 -13.53
CA ALA A 573 -40.16 -12.84 -13.77
C ALA A 573 -39.72 -12.10 -15.02
N THR A 574 -38.43 -11.97 -15.27
CA THR A 574 -38.08 -12.25 -16.65
C THR A 574 -37.01 -13.32 -16.80
N TRP A 575 -35.73 -12.92 -16.70
CA TRP A 575 -34.52 -13.65 -16.34
C TRP A 575 -33.39 -12.66 -16.53
N ARG A 576 -32.47 -12.57 -15.59
CA ARG A 576 -31.29 -11.75 -15.79
C ARG A 576 -30.29 -12.54 -16.61
N VAL A 577 -29.86 -11.97 -17.73
CA VAL A 577 -29.10 -12.75 -18.69
C VAL A 577 -27.62 -12.72 -18.37
N VAL A 578 -27.03 -11.54 -18.44
CA VAL A 578 -25.63 -11.38 -18.15
C VAL A 578 -25.49 -10.54 -16.88
N ASN A 579 -24.27 -10.48 -16.34
CA ASN A 579 -24.05 -9.84 -15.06
C ASN A 579 -24.25 -8.33 -15.08
N GLY A 580 -24.13 -7.70 -16.24
CA GLY A 580 -24.31 -6.27 -16.32
C GLY A 580 -25.72 -5.76 -16.11
N ASN A 581 -26.71 -6.65 -16.11
CA ASN A 581 -28.10 -6.26 -15.89
C ASN A 581 -28.39 -5.91 -14.44
N LEU A 582 -27.44 -6.05 -13.53
CA LEU A 582 -27.67 -5.64 -12.17
C LEU A 582 -27.68 -4.11 -12.08
N PRO A 583 -28.53 -3.51 -11.26
CA PRO A 583 -28.71 -2.06 -11.31
C PRO A 583 -27.53 -1.33 -10.69
N LEU A 584 -27.34 -0.09 -11.13
CA LEU A 584 -26.08 0.58 -10.90
C LEU A 584 -25.94 1.18 -9.51
N ALA A 585 -26.84 0.87 -8.58
CA ALA A 585 -26.54 1.12 -7.17
C ALA A 585 -25.98 -0.13 -6.50
N LEU A 586 -25.94 -1.25 -7.22
CA LEU A 586 -25.41 -2.49 -6.66
C LEU A 586 -24.08 -2.84 -7.31
N CYS A 587 -23.95 -2.53 -8.60
CA CYS A 587 -22.68 -2.55 -9.31
C CYS A 587 -22.31 -1.10 -9.57
N PRO A 588 -21.29 -0.58 -8.90
CA PRO A 588 -20.87 0.80 -9.16
C PRO A 588 -20.31 0.95 -10.56
N VAL A 589 -20.40 2.18 -11.06
CA VAL A 589 -19.90 2.47 -12.41
C VAL A 589 -18.39 2.35 -12.42
N ALA A 590 -17.74 2.86 -11.38
CA ALA A 590 -16.27 2.80 -11.29
C ALA A 590 -15.80 1.36 -11.12
N PHE A 591 -16.66 0.50 -10.57
CA PHE A 591 -16.33 -0.92 -10.48
C PHE A 591 -16.27 -1.56 -11.85
N ARG A 592 -17.09 -1.10 -12.79
CA ARG A 592 -17.07 -1.68 -14.12
C ARG A 592 -15.77 -1.33 -14.84
N ASP A 593 -15.29 -0.11 -14.64
CA ASP A 593 -14.01 0.26 -15.22
C ASP A 593 -12.88 -0.36 -14.43
N ALA A 594 -13.11 -0.67 -13.15
CA ALA A 594 -12.10 -1.33 -12.34
C ALA A 594 -11.78 -2.71 -12.91
N ARG A 595 -12.80 -3.46 -13.27
CA ARG A 595 -12.59 -4.77 -13.88
C ARG A 595 -11.96 -4.63 -15.26
N GLY A 596 -12.40 -3.63 -16.01
CA GLY A 596 -12.03 -3.50 -17.41
C GLY A 596 -10.58 -3.21 -17.70
N LEU A 597 -10.00 -2.22 -17.00
CA LEU A 597 -8.61 -1.84 -17.19
C LEU A 597 -7.67 -2.99 -16.87
N GLU A 598 -8.01 -3.78 -15.86
CA GLU A 598 -7.11 -4.82 -15.40
C GLU A 598 -7.24 -6.08 -16.21
N LEU A 599 -8.22 -6.15 -17.09
CA LEU A 599 -8.18 -7.14 -18.13
C LEU A 599 -7.46 -6.56 -19.33
N GLY A 600 -7.31 -5.23 -19.35
CA GLY A 600 -6.69 -4.53 -20.45
C GLY A 600 -5.22 -4.84 -20.63
N VAL A 601 -4.57 -5.21 -19.53
CA VAL A 601 -3.16 -5.56 -19.58
C VAL A 601 -3.00 -6.90 -20.31
N GLY A 602 -1.84 -7.09 -20.94
CA GLY A 602 -1.52 -8.33 -21.58
C GLY A 602 -2.13 -8.55 -22.94
N ARG A 603 -3.06 -7.70 -23.36
CA ARG A 603 -3.84 -7.97 -24.56
C ARG A 603 -3.74 -6.78 -25.51
N HIS A 604 -4.08 -7.02 -26.78
CA HIS A 604 -4.00 -6.00 -27.80
C HIS A 604 -5.05 -4.93 -27.59
N ALA A 605 -4.66 -3.67 -27.81
CA ALA A 605 -5.54 -2.54 -27.62
C ALA A 605 -5.45 -1.65 -28.85
N MET A 606 -6.43 -0.77 -29.01
CA MET A 606 -6.35 0.24 -30.05
C MET A 606 -5.26 1.24 -29.73
N ALA A 607 -4.69 1.81 -30.78
CA ALA A 607 -3.76 2.92 -30.62
C ALA A 607 -4.53 4.13 -30.09
N PRO A 608 -3.89 4.95 -29.25
CA PRO A 608 -4.63 6.08 -28.66
C PRO A 608 -4.87 7.19 -29.67
N ALA A 609 -4.06 7.26 -30.71
CA ALA A 609 -4.23 8.31 -31.70
C ALA A 609 -5.38 7.99 -32.64
N THR A 610 -5.52 6.72 -33.01
CA THR A 610 -6.39 6.35 -34.11
C THR A 610 -7.88 6.44 -33.76
N ILE A 611 -8.20 6.38 -32.47
CA ILE A 611 -9.60 6.44 -32.06
C ILE A 611 -10.14 7.84 -32.23
N ALA A 612 -9.26 8.84 -32.18
CA ALA A 612 -9.61 10.24 -32.36
C ALA A 612 -10.11 10.46 -33.78
N ALA A 613 -9.56 9.71 -34.73
CA ALA A 613 -10.09 9.72 -36.07
C ALA A 613 -11.48 9.13 -36.12
N VAL A 614 -11.70 8.03 -35.40
CA VAL A 614 -12.97 7.31 -35.42
C VAL A 614 -14.03 8.11 -34.70
N ARG A 615 -13.68 8.65 -33.54
CA ARG A 615 -14.63 9.39 -32.72
C ARG A 615 -15.02 10.70 -33.39
N GLY A 616 -14.11 11.29 -34.15
CA GLY A 616 -14.44 12.44 -34.95
C GLY A 616 -15.36 12.07 -36.09
N ALA A 617 -15.11 10.91 -36.68
CA ALA A 617 -15.90 10.39 -37.79
C ALA A 617 -17.30 10.02 -37.33
N PHE A 618 -17.39 9.36 -36.18
CA PHE A 618 -18.66 8.90 -35.63
C PHE A 618 -19.54 10.08 -35.25
N GLU A 619 -18.92 11.18 -34.83
CA GLU A 619 -19.66 12.30 -34.27
C GLU A 619 -19.64 13.52 -35.18
N ASP A 620 -19.25 13.34 -36.43
CA ASP A 620 -19.25 14.42 -37.39
C ASP A 620 -20.66 14.80 -37.81
N ARG A 621 -21.03 16.06 -37.59
CA ARG A 621 -22.36 16.51 -37.99
C ARG A 621 -22.45 16.66 -39.51
N SER A 622 -21.63 17.53 -40.10
CA SER A 622 -21.64 17.75 -41.55
C SER A 622 -20.94 16.57 -42.21
N TYR A 623 -21.67 15.51 -42.35
CA TYR A 623 -21.22 14.23 -42.83
C TYR A 623 -21.84 13.96 -44.19
N PRO A 624 -21.03 13.67 -45.21
CA PRO A 624 -21.57 13.56 -46.58
C PRO A 624 -22.51 12.38 -46.75
N ALA A 625 -23.75 12.70 -47.11
CA ALA A 625 -24.85 11.75 -47.05
C ALA A 625 -24.79 10.68 -48.14
N VAL A 626 -23.82 10.77 -49.05
CA VAL A 626 -23.51 9.65 -49.92
C VAL A 626 -23.08 8.46 -49.07
N PHE A 627 -22.38 8.73 -47.97
CA PHE A 627 -21.83 7.67 -47.14
C PHE A 627 -22.93 6.86 -46.45
N TYR A 628 -24.09 7.47 -46.19
CA TYR A 628 -25.22 6.64 -45.81
C TYR A 628 -25.84 5.97 -47.02
N LEU A 629 -25.82 6.63 -48.18
CA LEU A 629 -26.47 6.06 -49.36
C LEU A 629 -25.62 4.98 -50.01
N LEU A 630 -24.30 5.17 -50.06
CA LEU A 630 -23.47 4.20 -50.76
C LEU A 630 -23.30 2.92 -49.95
N GLN A 631 -23.54 2.99 -48.65
CA GLN A 631 -23.54 1.79 -47.82
C GLN A 631 -24.73 0.90 -48.17
N ALA A 632 -25.91 1.49 -48.31
CA ALA A 632 -27.08 0.72 -48.68
C ALA A 632 -27.01 0.26 -50.13
N ALA A 633 -26.20 0.94 -50.93
CA ALA A 633 -25.93 0.50 -52.30
C ALA A 633 -25.22 -0.84 -52.30
N ILE A 634 -24.13 -0.94 -51.55
CA ILE A 634 -23.41 -2.20 -51.47
C ILE A 634 -24.21 -3.22 -50.67
N HIS A 635 -24.92 -2.75 -49.64
CA HIS A 635 -25.83 -3.52 -48.76
C HIS A 635 -25.18 -4.81 -48.22
N GLY A 636 -23.87 -4.79 -48.08
CA GLY A 636 -23.15 -5.98 -47.72
C GLY A 636 -22.87 -6.95 -48.85
N ASN A 637 -23.27 -6.63 -50.08
CA ASN A 637 -22.94 -7.51 -51.20
C ASN A 637 -21.48 -7.34 -51.57
N GLU A 638 -20.73 -8.44 -51.43
CA GLU A 638 -19.31 -8.42 -51.75
C GLU A 638 -19.08 -8.24 -53.24
N HIS A 639 -20.01 -8.74 -54.06
CA HIS A 639 -19.85 -8.64 -55.50
C HIS A 639 -20.09 -7.22 -55.98
N VAL A 640 -20.99 -6.50 -55.30
CA VAL A 640 -21.20 -5.10 -55.64
C VAL A 640 -20.03 -4.27 -55.10
N PHE A 641 -19.35 -4.78 -54.07
CA PHE A 641 -18.20 -4.06 -53.53
C PHE A 641 -17.04 -4.04 -54.52
N CYS A 642 -16.59 -5.21 -54.97
CA CYS A 642 -15.45 -5.24 -55.89
C CYS A 642 -15.82 -4.75 -57.27
N ALA A 643 -17.11 -4.59 -57.53
CA ALA A 643 -17.51 -3.75 -58.66
C ALA A 643 -17.06 -2.31 -58.42
N LEU A 644 -17.47 -1.76 -57.28
CA LEU A 644 -17.40 -0.33 -57.07
C LEU A 644 -16.15 0.13 -56.34
N ALA A 645 -15.01 -0.52 -56.56
CA ALA A 645 -13.86 -0.31 -55.69
C ALA A 645 -13.21 1.06 -55.90
N ARG A 646 -13.44 1.72 -57.04
CA ARG A 646 -12.85 3.03 -57.24
C ARG A 646 -13.60 4.10 -56.45
N LEU A 647 -14.92 3.98 -56.38
CA LEU A 647 -15.72 4.79 -55.46
C LEU A 647 -15.27 4.63 -54.02
N VAL A 648 -15.09 3.38 -53.58
CA VAL A 648 -14.62 3.09 -52.23
C VAL A 648 -13.20 3.61 -52.02
N THR A 649 -12.38 3.60 -53.07
CA THR A 649 -11.03 4.15 -52.99
C THR A 649 -11.05 5.65 -52.75
N GLN A 650 -11.79 6.39 -53.57
CA GLN A 650 -11.68 7.84 -53.55
C GLN A 650 -12.46 8.49 -52.42
N CYS A 651 -13.59 7.92 -52.03
CA CYS A 651 -14.42 8.50 -50.98
C CYS A 651 -13.68 8.57 -49.64
N ILE A 652 -13.00 7.49 -49.27
CA ILE A 652 -12.17 7.51 -48.08
C ILE A 652 -10.98 8.44 -48.30
N THR A 653 -10.47 8.47 -49.54
CA THR A 653 -9.32 9.31 -49.85
C THR A 653 -9.68 10.79 -49.81
N SER A 654 -10.89 11.13 -50.26
CA SER A 654 -11.29 12.53 -50.28
C SER A 654 -11.65 13.01 -48.88
N TYR A 655 -12.39 12.21 -48.13
CA TYR A 655 -12.92 12.66 -46.86
C TYR A 655 -11.85 12.75 -45.79
N TRP A 656 -10.73 12.04 -46.00
CA TRP A 656 -9.60 12.14 -45.08
C TRP A 656 -8.99 13.54 -45.09
N ASN A 657 -9.05 14.22 -46.22
CA ASN A 657 -8.46 15.55 -46.30
C ASN A 657 -9.35 16.59 -45.66
N ASN A 658 -10.66 16.37 -45.66
CA ASN A 658 -11.56 17.25 -44.96
C ASN A 658 -11.38 17.10 -43.46
N THR A 659 -11.63 15.90 -42.97
CA THR A 659 -11.49 15.57 -41.56
C THR A 659 -10.52 14.41 -41.47
N ARG A 660 -9.58 14.46 -40.52
CA ARG A 660 -8.71 13.31 -40.30
C ARG A 660 -9.53 12.22 -39.65
N CYS A 661 -10.28 11.47 -40.45
CA CYS A 661 -11.33 10.60 -39.94
C CYS A 661 -11.62 9.50 -40.94
N ALA A 662 -12.11 8.36 -40.45
CA ALA A 662 -12.59 7.30 -41.33
C ALA A 662 -13.89 7.73 -41.99
N ALA A 663 -14.34 6.99 -42.99
CA ALA A 663 -15.40 7.51 -43.84
C ALA A 663 -16.72 6.79 -43.67
N PHE A 664 -16.71 5.47 -43.84
CA PHE A 664 -17.93 4.68 -43.99
C PHE A 664 -18.29 3.91 -42.74
N VAL A 665 -17.75 4.31 -41.60
CA VAL A 665 -17.66 3.34 -40.52
C VAL A 665 -18.91 3.29 -39.67
N ASN A 666 -19.98 2.72 -40.23
CA ASN A 666 -20.94 2.00 -39.42
C ASN A 666 -21.43 0.77 -40.16
N ASP A 667 -20.55 -0.24 -40.27
CA ASP A 667 -20.82 -1.58 -40.77
C ASP A 667 -19.56 -2.39 -40.56
N TYR A 668 -19.66 -3.57 -39.96
CA TYR A 668 -18.43 -4.34 -39.78
C TYR A 668 -18.04 -5.00 -41.08
N SER A 669 -19.04 -5.51 -41.81
CA SER A 669 -18.83 -6.13 -43.11
C SER A 669 -18.12 -5.20 -44.07
N LEU A 670 -18.59 -3.96 -44.12
CA LEU A 670 -18.04 -2.96 -45.04
C LEU A 670 -16.61 -2.62 -44.66
N VAL A 671 -16.33 -2.51 -43.36
CA VAL A 671 -14.97 -2.24 -42.91
C VAL A 671 -14.12 -3.47 -43.17
N SER A 672 -14.71 -4.66 -43.02
CA SER A 672 -13.99 -5.91 -43.29
C SER A 672 -13.59 -6.02 -44.74
N TYR A 673 -14.43 -5.49 -45.64
CA TYR A 673 -14.15 -5.59 -47.07
C TYR A 673 -13.08 -4.58 -47.47
N ILE A 674 -13.01 -3.47 -46.75
CA ILE A 674 -12.02 -2.42 -46.99
C ILE A 674 -10.64 -2.92 -46.61
N VAL A 675 -10.58 -3.78 -45.59
CA VAL A 675 -9.33 -4.38 -45.13
C VAL A 675 -8.68 -5.21 -46.23
N THR A 676 -9.44 -6.13 -46.79
CA THR A 676 -8.83 -7.06 -47.71
C THR A 676 -8.74 -6.45 -49.10
N TYR A 677 -9.88 -6.05 -49.64
CA TYR A 677 -10.00 -5.79 -51.07
C TYR A 677 -9.62 -4.37 -51.44
N LEU A 678 -9.06 -3.61 -50.51
CA LEU A 678 -8.76 -2.22 -50.78
C LEU A 678 -7.44 -1.77 -50.20
N GLY A 679 -6.76 -2.60 -49.41
CA GLY A 679 -5.68 -2.15 -48.55
C GLY A 679 -4.36 -1.82 -49.21
N GLY A 680 -4.37 -1.57 -50.51
CA GLY A 680 -3.13 -1.29 -51.19
C GLY A 680 -2.91 0.17 -51.53
N ASP A 681 -3.95 0.86 -51.96
CA ASP A 681 -3.80 2.19 -52.57
C ASP A 681 -4.23 3.28 -51.59
N LEU A 682 -3.47 3.43 -50.51
CA LEU A 682 -3.70 4.36 -49.41
C LEU A 682 -2.38 4.69 -48.73
N PRO A 683 -2.23 5.87 -48.15
CA PRO A 683 -1.16 6.06 -47.17
C PRO A 683 -1.48 5.25 -45.93
N GLU A 684 -0.42 4.81 -45.24
CA GLU A 684 -0.57 3.91 -44.09
C GLU A 684 -1.30 4.57 -42.93
N GLU A 685 -1.15 5.89 -42.78
CA GLU A 685 -1.79 6.67 -41.73
C GLU A 685 -3.30 6.52 -41.76
N CYS A 686 -3.90 6.56 -42.96
CA CYS A 686 -5.31 6.27 -43.11
C CYS A 686 -5.56 4.78 -42.89
N MET A 687 -4.71 3.94 -43.51
CA MET A 687 -4.93 2.51 -43.52
C MET A 687 -4.70 1.90 -42.15
N ALA A 688 -3.93 2.57 -41.30
CA ALA A 688 -3.70 2.08 -39.94
C ALA A 688 -4.99 2.04 -39.14
N VAL A 689 -5.94 2.92 -39.45
CA VAL A 689 -7.14 3.06 -38.63
C VAL A 689 -8.01 1.83 -38.75
N TYR A 690 -8.14 1.31 -39.96
CA TYR A 690 -9.01 0.15 -40.17
C TYR A 690 -8.35 -1.12 -39.70
N ARG A 691 -7.05 -1.26 -39.93
CA ARG A 691 -6.37 -2.49 -39.56
C ARG A 691 -6.18 -2.58 -38.05
N ASP A 692 -6.11 -1.43 -37.37
CA ASP A 692 -6.12 -1.45 -35.91
C ASP A 692 -7.51 -1.80 -35.39
N LEU A 693 -8.54 -1.39 -36.11
CA LEU A 693 -9.91 -1.62 -35.68
C LEU A 693 -10.25 -3.10 -35.70
N VAL A 694 -9.84 -3.78 -36.77
CA VAL A 694 -10.10 -5.20 -36.87
C VAL A 694 -9.26 -5.98 -35.88
N ALA A 695 -7.99 -5.57 -35.72
CA ALA A 695 -7.09 -6.26 -34.79
C ALA A 695 -7.56 -6.13 -33.35
N HIS A 696 -8.27 -5.04 -33.04
CA HIS A 696 -8.86 -4.91 -31.72
C HIS A 696 -10.12 -5.75 -31.60
N VAL A 697 -10.86 -5.87 -32.69
CA VAL A 697 -11.95 -6.84 -32.74
C VAL A 697 -11.40 -8.25 -32.75
N GLU A 698 -10.22 -8.44 -33.36
CA GLU A 698 -9.48 -9.68 -33.18
C GLU A 698 -9.10 -9.88 -31.73
N ALA A 699 -8.72 -8.80 -31.05
CA ALA A 699 -8.32 -8.90 -29.64
C ALA A 699 -9.51 -9.20 -28.76
N LEU A 700 -10.62 -8.48 -28.94
CA LEU A 700 -11.76 -8.64 -28.06
C LEU A 700 -12.49 -9.95 -28.33
N ALA A 701 -12.25 -10.56 -29.47
CA ALA A 701 -12.82 -11.87 -29.74
C ALA A 701 -12.22 -12.97 -28.88
N GLN A 702 -10.90 -13.10 -28.85
CA GLN A 702 -10.27 -14.20 -28.12
C GLN A 702 -9.94 -13.81 -26.68
N LEU A 703 -10.92 -13.26 -25.98
CA LEU A 703 -10.80 -13.03 -24.56
C LEU A 703 -11.78 -13.96 -23.87
N VAL A 704 -12.79 -14.38 -24.62
CA VAL A 704 -13.70 -15.43 -24.14
C VAL A 704 -12.92 -16.71 -23.89
N ASP A 705 -12.24 -17.20 -24.90
CA ASP A 705 -11.77 -18.58 -24.87
C ASP A 705 -10.47 -18.75 -24.10
N ASP A 706 -9.84 -17.66 -23.67
CA ASP A 706 -8.79 -17.81 -22.68
C ASP A 706 -9.38 -18.12 -21.31
N PHE A 707 -10.64 -17.74 -21.09
CA PHE A 707 -11.38 -18.05 -19.89
C PHE A 707 -12.31 -19.25 -20.05
N THR A 708 -11.93 -20.24 -20.85
CA THR A 708 -12.78 -21.40 -21.04
C THR A 708 -12.05 -22.70 -20.73
N LEU A 709 -12.84 -23.71 -20.45
CA LEU A 709 -12.38 -25.06 -20.18
C LEU A 709 -12.88 -26.01 -21.25
N PRO A 710 -12.07 -26.98 -21.65
CA PRO A 710 -12.55 -27.98 -22.60
C PRO A 710 -13.53 -28.96 -21.97
N GLY A 711 -14.77 -28.87 -22.41
CA GLY A 711 -15.82 -29.77 -21.99
C GLY A 711 -16.67 -30.16 -23.18
N PRO A 712 -17.58 -31.11 -23.00
CA PRO A 712 -18.33 -31.65 -24.14
C PRO A 712 -19.32 -30.68 -24.73
N GLU A 713 -19.74 -30.96 -25.97
CA GLU A 713 -20.84 -30.23 -26.58
C GLU A 713 -22.12 -30.53 -25.81
N LEU A 714 -23.07 -29.62 -25.86
CA LEU A 714 -24.09 -29.67 -24.83
C LEU A 714 -25.38 -28.99 -25.26
N GLY A 715 -26.45 -29.76 -25.41
CA GLY A 715 -27.77 -29.28 -25.77
C GLY A 715 -27.82 -28.56 -27.10
N GLY A 716 -26.95 -28.95 -28.02
CA GLY A 716 -26.82 -28.24 -29.28
C GLY A 716 -25.80 -27.13 -29.19
N GLN A 717 -25.76 -26.44 -28.06
CA GLN A 717 -24.82 -25.34 -27.91
C GLN A 717 -23.42 -25.87 -27.63
N ALA A 718 -22.43 -25.01 -27.81
CA ALA A 718 -21.06 -25.33 -27.46
C ALA A 718 -20.74 -24.80 -26.06
N GLN A 719 -19.50 -25.01 -25.65
CA GLN A 719 -19.03 -24.51 -24.36
C GLN A 719 -19.04 -22.99 -24.33
N ALA A 720 -18.52 -22.38 -25.39
CA ALA A 720 -18.40 -20.94 -25.48
C ALA A 720 -19.75 -20.26 -25.54
N GLU A 721 -20.73 -20.92 -26.16
CA GLU A 721 -22.06 -20.34 -26.27
C GLU A 721 -22.73 -20.28 -24.91
N LEU A 722 -22.48 -21.27 -24.07
CA LEU A 722 -23.04 -21.23 -22.73
C LEU A 722 -22.28 -20.26 -21.83
N ASN A 723 -21.03 -19.96 -22.15
CA ASN A 723 -20.23 -19.10 -21.28
C ASN A 723 -20.59 -17.63 -21.50
N HIS A 724 -20.47 -17.16 -22.72
CA HIS A 724 -20.56 -15.75 -23.02
C HIS A 724 -21.74 -15.51 -23.94
N LEU A 725 -22.20 -14.25 -24.01
CA LEU A 725 -23.39 -13.97 -24.80
C LEU A 725 -23.05 -13.80 -26.28
N MET A 726 -21.80 -13.50 -26.60
CA MET A 726 -21.46 -13.22 -27.99
C MET A 726 -21.29 -14.50 -28.81
N ARG A 727 -21.28 -15.66 -28.15
CA ARG A 727 -21.10 -16.89 -28.90
C ARG A 727 -22.41 -17.58 -29.23
N ASP A 728 -23.46 -17.34 -28.45
CA ASP A 728 -24.77 -17.92 -28.71
C ASP A 728 -25.39 -17.37 -29.98
N PRO A 729 -25.70 -18.21 -30.97
CA PRO A 729 -26.21 -17.69 -32.24
C PRO A 729 -27.68 -17.36 -32.21
N ALA A 730 -28.38 -17.62 -31.11
CA ALA A 730 -29.78 -17.21 -31.05
C ALA A 730 -29.90 -15.70 -30.92
N LEU A 731 -28.86 -15.04 -30.44
CA LEU A 731 -28.81 -13.59 -30.51
C LEU A 731 -28.03 -13.18 -31.74
N LEU A 732 -28.56 -12.19 -32.45
CA LEU A 732 -28.14 -11.80 -33.77
C LEU A 732 -28.08 -10.28 -33.87
N PRO A 733 -27.14 -9.74 -34.64
CA PRO A 733 -26.87 -8.28 -34.61
C PRO A 733 -28.02 -7.49 -35.18
N PRO A 734 -28.07 -6.18 -34.94
CA PRO A 734 -29.22 -5.40 -35.42
C PRO A 734 -29.25 -5.18 -36.91
N LEU A 735 -28.15 -5.40 -37.63
CA LEU A 735 -28.14 -5.26 -39.08
C LEU A 735 -27.71 -6.59 -39.67
N VAL A 736 -28.64 -7.29 -40.32
CA VAL A 736 -28.38 -8.61 -40.88
C VAL A 736 -28.68 -8.55 -42.37
N TRP A 737 -27.63 -8.45 -43.19
CA TRP A 737 -27.85 -8.31 -44.62
C TRP A 737 -28.07 -9.63 -45.31
N ASP A 738 -27.39 -10.68 -44.86
CA ASP A 738 -27.53 -12.03 -45.38
C ASP A 738 -28.59 -12.78 -44.58
N CYS A 739 -28.60 -14.09 -44.74
CA CYS A 739 -29.44 -14.93 -43.92
C CYS A 739 -28.65 -15.99 -43.18
N ASP A 740 -27.43 -15.70 -42.75
CA ASP A 740 -26.68 -16.69 -41.98
C ASP A 740 -27.21 -16.81 -40.57
N GLY A 741 -27.78 -15.71 -40.05
CA GLY A 741 -28.11 -15.64 -38.64
C GLY A 741 -29.28 -16.52 -38.27
N LEU A 742 -30.42 -16.31 -38.92
CA LEU A 742 -31.61 -17.09 -38.60
C LEU A 742 -31.45 -18.55 -39.01
N MET A 743 -30.66 -18.82 -40.04
CA MET A 743 -30.32 -20.20 -40.36
C MET A 743 -29.52 -20.84 -39.23
N ARG A 744 -28.74 -20.04 -38.51
CA ARG A 744 -28.18 -20.52 -37.25
C ARG A 744 -29.20 -20.37 -36.12
N HIS A 745 -29.88 -19.23 -36.06
CA HIS A 745 -30.71 -18.92 -34.90
C HIS A 745 -31.97 -19.77 -34.84
N ALA A 746 -32.77 -19.78 -35.89
CA ALA A 746 -34.00 -20.56 -35.85
C ALA A 746 -33.77 -22.05 -35.85
N ALA A 747 -32.61 -22.52 -36.30
CA ALA A 747 -32.26 -23.93 -36.25
C ALA A 747 -31.53 -24.17 -34.93
N LEU A 748 -32.26 -24.01 -33.83
CA LEU A 748 -31.73 -24.31 -32.51
C LEU A 748 -32.80 -24.98 -31.69
N ASP A 749 -32.36 -25.73 -30.68
CA ASP A 749 -33.29 -26.35 -29.74
C ASP A 749 -33.90 -25.30 -28.81
N ARG A 750 -33.22 -24.18 -28.63
CA ARG A 750 -33.74 -23.10 -27.81
C ARG A 750 -34.85 -22.34 -28.50
N HIS A 751 -34.96 -22.46 -29.81
CA HIS A 751 -35.66 -21.45 -30.59
C HIS A 751 -37.15 -21.69 -30.63
N ARG A 752 -37.91 -20.63 -30.40
CA ARG A 752 -39.36 -20.66 -30.45
C ARG A 752 -39.86 -19.48 -31.27
N ASP A 753 -40.32 -19.77 -32.48
CA ASP A 753 -41.21 -18.89 -33.25
C ASP A 753 -40.60 -17.51 -33.54
N CYS A 754 -39.61 -17.48 -34.42
CA CYS A 754 -39.14 -16.19 -34.89
C CYS A 754 -40.22 -15.55 -35.75
N ARG A 755 -40.97 -14.63 -35.14
CA ARG A 755 -42.23 -14.15 -35.70
C ARG A 755 -41.98 -12.84 -36.42
N ILE A 756 -41.87 -12.92 -37.74
CA ILE A 756 -41.82 -11.72 -38.58
C ILE A 756 -43.25 -11.35 -38.97
N ASP A 757 -43.71 -10.20 -38.50
CA ASP A 757 -45.14 -9.89 -38.56
C ASP A 757 -45.37 -8.64 -39.38
N ALA A 758 -45.43 -8.82 -40.70
CA ALA A 758 -46.14 -7.92 -41.59
C ALA A 758 -47.21 -8.69 -42.35
N GLY A 759 -46.83 -9.85 -42.88
CA GLY A 759 -47.76 -10.88 -43.32
C GLY A 759 -47.56 -12.18 -42.57
N GLY A 760 -46.97 -13.15 -43.28
CA GLY A 760 -46.72 -14.45 -42.68
C GLY A 760 -45.62 -14.44 -41.64
N HIS A 761 -45.91 -15.10 -40.52
CA HIS A 761 -45.09 -15.03 -39.31
C HIS A 761 -43.79 -15.82 -39.41
N GLU A 762 -43.76 -16.87 -40.23
CA GLU A 762 -42.64 -17.79 -40.22
C GLU A 762 -41.78 -17.60 -41.47
N PRO A 763 -40.46 -17.75 -41.34
CA PRO A 763 -39.56 -17.36 -42.43
C PRO A 763 -39.48 -18.39 -43.55
N VAL A 764 -39.38 -17.86 -44.77
CA VAL A 764 -38.92 -18.62 -45.92
C VAL A 764 -38.16 -17.61 -46.79
N TYR A 765 -37.03 -18.04 -47.34
CA TYR A 765 -35.99 -17.07 -47.69
C TYR A 765 -35.71 -17.05 -49.20
N ALA A 766 -34.84 -16.11 -49.57
CA ALA A 766 -34.47 -15.84 -50.95
C ALA A 766 -33.02 -16.23 -51.15
N ALA A 767 -32.74 -16.85 -52.30
CA ALA A 767 -31.36 -17.20 -52.63
C ALA A 767 -30.59 -15.99 -53.14
N ALA A 768 -31.03 -15.41 -54.25
CA ALA A 768 -30.42 -14.20 -54.80
C ALA A 768 -31.49 -13.14 -54.91
N CYS A 769 -31.10 -11.94 -55.32
CA CYS A 769 -32.04 -10.85 -55.47
C CYS A 769 -31.51 -9.84 -56.48
N ASN A 770 -32.43 -9.32 -57.30
CA ASN A 770 -32.11 -8.46 -58.43
C ASN A 770 -33.17 -7.36 -58.50
N VAL A 771 -33.29 -6.72 -59.67
CA VAL A 771 -34.29 -5.68 -59.88
C VAL A 771 -35.71 -6.20 -59.72
N ALA A 772 -36.02 -7.37 -60.28
CA ALA A 772 -37.40 -7.87 -60.24
C ALA A 772 -37.67 -8.67 -58.98
N THR A 773 -36.63 -8.90 -58.17
CA THR A 773 -36.79 -9.66 -56.93
C THR A 773 -36.91 -8.73 -55.72
N ALA A 774 -36.27 -7.57 -55.76
CA ALA A 774 -36.41 -6.58 -54.69
C ALA A 774 -37.70 -5.79 -54.89
N ASP A 775 -38.82 -6.39 -54.52
CA ASP A 775 -40.15 -5.78 -54.61
C ASP A 775 -40.23 -4.74 -53.51
N PHE A 776 -39.85 -3.49 -53.84
CA PHE A 776 -39.41 -2.46 -52.90
C PHE A 776 -40.37 -2.13 -51.76
N ASN A 777 -41.64 -2.51 -51.84
CA ASN A 777 -42.58 -2.35 -50.72
C ASN A 777 -43.46 -3.59 -50.65
N ARG A 778 -43.05 -4.56 -49.83
CA ARG A 778 -43.82 -5.78 -49.65
C ARG A 778 -43.96 -6.04 -48.15
N ASN A 779 -44.67 -7.10 -47.80
CA ASN A 779 -44.95 -7.41 -46.40
C ASN A 779 -44.95 -8.90 -46.10
N ASP A 780 -43.99 -9.65 -46.64
CA ASP A 780 -44.06 -11.10 -46.41
C ASP A 780 -43.14 -11.60 -45.31
N GLY A 781 -41.94 -11.04 -45.18
CA GLY A 781 -40.98 -11.53 -44.21
C GLY A 781 -39.82 -12.31 -44.78
N ARG A 782 -39.65 -12.29 -46.09
CA ARG A 782 -38.52 -12.97 -46.71
C ARG A 782 -37.26 -12.12 -46.61
N LEU A 783 -36.21 -12.73 -46.07
CA LEU A 783 -34.93 -12.05 -45.90
C LEU A 783 -34.01 -12.46 -47.03
N LEU A 784 -33.16 -11.54 -47.43
CA LEU A 784 -32.32 -11.70 -48.61
C LEU A 784 -30.96 -12.27 -48.24
N HIS A 785 -30.45 -13.14 -49.11
CA HIS A 785 -29.13 -13.73 -48.93
C HIS A 785 -28.13 -13.14 -49.92
N ASN A 786 -28.37 -11.93 -50.41
CA ASN A 786 -27.65 -11.38 -51.56
C ASN A 786 -26.40 -10.61 -51.13
N THR A 787 -25.51 -11.29 -50.41
CA THR A 787 -24.35 -10.63 -49.85
C THR A 787 -23.02 -11.17 -50.32
N GLN A 788 -22.97 -12.38 -50.86
CA GLN A 788 -21.67 -13.00 -51.06
C GLN A 788 -21.01 -12.53 -52.34
N ALA A 789 -19.75 -12.93 -52.50
CA ALA A 789 -18.98 -12.56 -53.68
C ALA A 789 -19.51 -13.27 -54.91
N ARG A 790 -19.95 -14.52 -54.75
CA ARG A 790 -20.40 -15.33 -55.86
C ARG A 790 -21.92 -15.36 -55.90
N ALA A 791 -22.51 -14.38 -56.58
CA ALA A 791 -23.94 -14.45 -56.85
C ALA A 791 -24.27 -15.50 -57.90
N ALA A 792 -23.27 -15.95 -58.68
CA ALA A 792 -23.49 -17.06 -59.60
C ALA A 792 -23.59 -18.38 -58.86
N ASP A 793 -22.73 -18.60 -57.86
CA ASP A 793 -22.82 -19.73 -56.96
C ASP A 793 -23.66 -19.29 -55.78
N ALA A 794 -24.96 -19.13 -56.01
CA ALA A 794 -25.90 -18.50 -55.09
C ALA A 794 -26.15 -19.37 -53.87
N ALA A 795 -26.94 -18.85 -52.93
CA ALA A 795 -27.07 -19.49 -51.64
C ALA A 795 -28.40 -19.11 -50.99
N ASP A 796 -29.14 -20.14 -50.58
CA ASP A 796 -30.31 -19.99 -49.73
C ASP A 796 -30.16 -20.76 -48.43
N ASP A 797 -29.52 -21.93 -48.48
CA ASP A 797 -29.36 -22.80 -47.31
C ASP A 797 -27.91 -22.89 -46.83
N ARG A 798 -26.96 -22.92 -47.76
CA ARG A 798 -25.56 -23.09 -47.40
C ARG A 798 -24.83 -21.76 -47.46
N PRO A 799 -24.36 -21.23 -46.34
CA PRO A 799 -23.69 -19.93 -46.34
C PRO A 799 -22.27 -19.97 -46.87
N HIS A 800 -21.62 -18.81 -46.80
CA HIS A 800 -20.25 -18.59 -47.28
C HIS A 800 -19.31 -18.15 -46.15
N ARG A 801 -19.89 -17.69 -45.04
CA ARG A 801 -19.13 -17.00 -44.02
C ARG A 801 -18.66 -17.94 -42.91
N PRO A 802 -17.59 -17.57 -42.16
CA PRO A 802 -17.19 -18.36 -40.99
C PRO A 802 -18.19 -18.27 -39.83
N ALA A 803 -17.96 -19.04 -38.78
CA ALA A 803 -18.89 -19.03 -37.66
C ALA A 803 -18.75 -17.78 -36.81
N ASP A 804 -17.56 -17.19 -36.79
CA ASP A 804 -17.34 -15.99 -36.00
C ASP A 804 -17.71 -14.72 -36.74
N TRP A 805 -18.25 -14.84 -37.96
CA TRP A 805 -18.53 -13.67 -38.80
C TRP A 805 -19.62 -12.81 -38.19
N THR A 806 -20.76 -13.40 -37.87
CA THR A 806 -21.80 -12.69 -37.15
C THR A 806 -21.38 -12.36 -35.72
N VAL A 807 -20.56 -13.21 -35.11
CA VAL A 807 -20.01 -12.90 -33.79
C VAL A 807 -19.15 -11.65 -33.86
N HIS A 808 -18.37 -11.51 -34.93
CA HIS A 808 -17.62 -10.29 -35.16
C HIS A 808 -18.51 -9.08 -35.33
N HIS A 809 -19.65 -9.24 -36.02
CA HIS A 809 -20.61 -8.16 -36.08
C HIS A 809 -21.24 -7.89 -34.72
N LYS A 810 -21.48 -8.96 -33.95
CA LYS A 810 -22.00 -8.79 -32.60
C LYS A 810 -20.96 -8.13 -31.71
N ILE A 811 -19.67 -8.33 -32.00
CA ILE A 811 -18.63 -7.55 -31.36
C ILE A 811 -18.70 -6.10 -31.82
N TYR A 812 -18.84 -5.88 -33.12
CA TYR A 812 -18.69 -4.53 -33.65
C TYR A 812 -19.92 -3.68 -33.37
N TYR A 813 -21.10 -4.28 -33.39
CA TYR A 813 -22.30 -3.48 -33.19
C TYR A 813 -22.62 -3.30 -31.71
N TYR A 814 -22.70 -4.39 -30.97
CA TYR A 814 -23.14 -4.31 -29.57
C TYR A 814 -22.12 -3.67 -28.65
N VAL A 815 -20.85 -3.61 -29.04
CA VAL A 815 -19.84 -3.20 -28.08
C VAL A 815 -19.16 -1.91 -28.51
N LEU A 816 -18.57 -1.90 -29.71
CA LEU A 816 -17.66 -0.82 -30.07
C LEU A 816 -18.41 0.47 -30.36
N VAL A 817 -19.53 0.38 -31.05
CA VAL A 817 -20.35 1.56 -31.34
C VAL A 817 -20.91 2.16 -30.05
N PRO A 818 -21.40 1.40 -29.06
CA PRO A 818 -21.68 2.07 -27.77
C PRO A 818 -20.45 2.64 -27.08
N ALA A 819 -19.26 2.12 -27.38
CA ALA A 819 -18.06 2.72 -26.80
C ALA A 819 -17.75 4.07 -27.44
N PHE A 820 -18.33 4.33 -28.61
CA PHE A 820 -18.25 5.67 -29.17
C PHE A 820 -19.57 6.41 -29.12
N SER A 821 -20.66 5.74 -28.74
CA SER A 821 -21.97 6.38 -28.79
C SER A 821 -22.11 7.43 -27.70
N ARG A 822 -21.87 7.03 -26.45
CA ARG A 822 -22.31 7.73 -25.25
C ARG A 822 -23.79 8.07 -25.32
N GLY A 823 -24.58 7.14 -25.87
CA GLY A 823 -26.00 7.31 -26.06
C GLY A 823 -26.44 7.86 -27.40
N ARG A 824 -25.55 8.43 -28.20
CA ARG A 824 -25.94 9.17 -29.39
C ARG A 824 -25.64 8.37 -30.65
N CYS A 825 -26.57 7.47 -31.00
CA CYS A 825 -26.66 6.78 -32.28
C CYS A 825 -27.98 6.04 -32.32
N CYS A 826 -28.57 5.88 -33.50
CA CYS A 826 -29.80 5.12 -33.62
C CYS A 826 -29.95 4.60 -35.03
N THR A 827 -30.83 3.60 -35.19
CA THR A 827 -30.93 2.88 -36.44
C THR A 827 -31.77 3.66 -37.45
N ALA A 828 -32.08 2.97 -38.54
CA ALA A 828 -32.88 3.55 -39.61
C ALA A 828 -33.50 2.43 -40.43
N GLY A 829 -34.77 2.59 -40.74
CA GLY A 829 -35.43 1.74 -41.69
C GLY A 829 -35.45 2.39 -43.06
N VAL A 830 -35.13 1.60 -44.08
CA VAL A 830 -34.69 2.12 -45.36
C VAL A 830 -35.83 2.08 -46.36
N ARG A 831 -36.12 3.23 -46.96
CA ARG A 831 -36.96 3.33 -48.15
C ARG A 831 -36.04 3.11 -49.34
N PHE A 832 -35.75 1.85 -49.66
CA PHE A 832 -34.88 1.53 -50.79
C PHE A 832 -35.45 1.97 -52.12
N ASP A 833 -36.77 2.10 -52.22
CA ASP A 833 -37.36 2.74 -53.38
C ASP A 833 -36.95 4.20 -53.46
N ARG A 834 -36.93 4.88 -52.33
CA ARG A 834 -36.44 6.26 -52.33
C ARG A 834 -34.93 6.28 -52.49
N VAL A 835 -34.25 5.28 -51.94
CA VAL A 835 -32.79 5.22 -52.00
C VAL A 835 -32.33 4.91 -53.41
N TYR A 836 -32.88 3.84 -54.00
CA TYR A 836 -32.47 3.47 -55.36
C TYR A 836 -33.02 4.41 -56.41
N ALA A 837 -33.81 5.40 -56.04
CA ALA A 837 -34.05 6.50 -56.97
C ALA A 837 -32.78 7.31 -57.14
N THR A 838 -32.22 7.73 -56.01
CA THR A 838 -31.19 8.75 -56.01
C THR A 838 -29.77 8.18 -55.98
N LEU A 839 -29.61 6.87 -55.83
CA LEU A 839 -28.29 6.28 -55.99
C LEU A 839 -27.82 6.41 -57.43
N GLN A 840 -28.70 6.04 -58.36
CA GLN A 840 -28.42 6.02 -59.78
C GLN A 840 -28.83 7.36 -60.39
N ASN A 841 -28.42 8.44 -59.74
CA ASN A 841 -28.90 9.76 -60.13
C ASN A 841 -27.71 10.71 -60.12
N MET A 842 -26.94 10.69 -61.21
CA MET A 842 -25.67 11.39 -61.23
C MET A 842 -25.59 12.21 -62.50
N VAL A 843 -24.86 13.31 -62.45
CA VAL A 843 -24.60 14.11 -63.64
C VAL A 843 -23.13 13.88 -63.98
N VAL A 844 -22.87 12.87 -64.80
CA VAL A 844 -21.51 12.57 -65.25
C VAL A 844 -21.52 12.72 -66.77
N PRO A 845 -20.99 13.82 -67.29
CA PRO A 845 -21.12 14.09 -68.73
C PRO A 845 -20.27 13.16 -69.59
N GLU A 846 -20.60 13.16 -70.88
CA GLU A 846 -19.80 12.46 -71.87
C GLU A 846 -18.46 13.19 -72.05
N ILE A 847 -17.39 12.41 -72.18
CA ILE A 847 -16.08 13.01 -72.39
C ILE A 847 -15.86 13.20 -73.89
N ALA A 848 -15.04 14.20 -74.24
CA ALA A 848 -14.81 14.51 -75.65
C ALA A 848 -13.85 13.49 -76.26
N PRO A 849 -13.90 13.27 -77.57
CA PRO A 849 -12.90 12.41 -78.21
C PRO A 849 -11.52 13.05 -78.21
N GLY A 850 -10.65 12.53 -77.33
CA GLY A 850 -9.33 13.08 -77.11
C GLY A 850 -9.17 13.82 -75.79
N GLU A 851 -10.19 13.85 -74.95
CA GLU A 851 -10.13 14.63 -73.71
C GLU A 851 -9.60 13.78 -72.56
N GLU A 852 -9.28 14.47 -71.47
CA GLU A 852 -8.63 13.86 -70.32
C GLU A 852 -9.65 13.27 -69.34
N CYS A 853 -9.12 12.73 -68.25
CA CYS A 853 -9.98 12.17 -67.21
C CYS A 853 -10.46 13.27 -66.27
N PRO A 854 -11.71 13.21 -65.81
CA PRO A 854 -12.15 14.13 -64.76
C PRO A 854 -11.40 13.87 -63.46
N SER A 855 -10.80 14.93 -62.91
CA SER A 855 -10.05 14.79 -61.67
C SER A 855 -10.61 15.69 -60.57
N ASP A 856 -10.68 16.99 -60.82
CA ASP A 856 -10.99 17.97 -59.79
C ASP A 856 -12.33 18.63 -60.06
N PRO A 857 -13.11 19.00 -59.03
CA PRO A 857 -14.46 19.53 -59.27
C PRO A 857 -14.49 20.99 -59.72
N VAL A 858 -13.66 21.87 -59.15
CA VAL A 858 -13.89 23.30 -59.28
C VAL A 858 -13.29 23.81 -60.60
N THR A 859 -12.27 23.13 -61.11
CA THR A 859 -11.56 23.59 -62.29
C THR A 859 -12.06 22.92 -63.57
N ASP A 860 -12.10 21.60 -63.58
CA ASP A 860 -12.44 20.84 -64.78
C ASP A 860 -13.95 20.91 -65.04
N PRO A 861 -14.39 21.39 -66.21
CA PRO A 861 -15.84 21.44 -66.48
C PRO A 861 -16.45 20.10 -66.79
N ALA A 862 -15.66 19.11 -67.20
CA ALA A 862 -16.17 17.78 -67.48
C ALA A 862 -16.35 16.93 -66.24
N HIS A 863 -15.96 17.43 -65.08
CA HIS A 863 -16.02 16.65 -63.85
C HIS A 863 -17.47 16.60 -63.37
N PRO A 864 -17.91 15.47 -62.79
CA PRO A 864 -19.29 15.38 -62.33
C PRO A 864 -19.63 16.30 -61.16
N LEU A 865 -18.66 16.64 -60.31
CA LEU A 865 -18.90 17.54 -59.20
C LEU A 865 -18.70 19.01 -59.54
N HIS A 866 -18.70 19.37 -60.82
CA HIS A 866 -18.46 20.75 -61.18
C HIS A 866 -19.75 21.56 -61.01
N PRO A 867 -19.67 22.85 -60.62
CA PRO A 867 -20.88 23.69 -60.49
C PRO A 867 -21.72 23.86 -61.74
N ALA A 868 -21.15 23.59 -62.92
CA ALA A 868 -21.97 23.45 -64.11
C ALA A 868 -22.78 22.17 -64.10
N ASN A 869 -22.26 21.10 -63.51
CA ASN A 869 -22.96 19.85 -63.38
C ASN A 869 -23.74 19.73 -62.07
N LEU A 870 -23.84 20.82 -61.31
CA LEU A 870 -24.58 20.77 -60.06
C LEU A 870 -25.99 21.29 -60.26
N VAL A 871 -26.93 20.36 -60.36
CA VAL A 871 -28.34 20.66 -60.15
C VAL A 871 -28.69 20.00 -58.83
N ALA A 872 -29.75 20.48 -58.18
CA ALA A 872 -30.20 19.82 -56.96
C ALA A 872 -30.83 18.47 -57.29
N ASN A 873 -30.95 17.63 -56.26
CA ASN A 873 -31.60 16.32 -56.31
C ASN A 873 -30.89 15.35 -57.27
N THR A 874 -29.56 15.43 -57.32
CA THR A 874 -28.75 14.40 -57.95
C THR A 874 -27.57 14.04 -57.05
N VAL A 875 -26.95 12.89 -57.33
CA VAL A 875 -26.04 12.35 -56.31
C VAL A 875 -24.64 12.95 -56.43
N LYS A 876 -24.28 13.57 -57.55
CA LYS A 876 -23.01 14.28 -57.53
C LYS A 876 -23.17 15.68 -56.97
N ARG A 877 -24.40 16.16 -56.82
CA ARG A 877 -24.65 17.22 -55.86
C ARG A 877 -24.53 16.70 -54.44
N MET A 878 -24.83 15.41 -54.24
CA MET A 878 -24.65 14.81 -52.92
C MET A 878 -23.22 14.31 -52.73
N PHE A 879 -22.47 14.10 -53.83
CA PHE A 879 -21.01 14.12 -53.74
C PHE A 879 -20.47 15.51 -53.44
N HIS A 880 -21.29 16.55 -53.59
CA HIS A 880 -20.83 17.92 -53.44
C HIS A 880 -21.32 18.56 -52.14
N ASN A 881 -22.42 18.04 -51.57
CA ASN A 881 -22.92 18.57 -50.29
C ASN A 881 -21.94 18.27 -49.16
N GLY A 882 -21.27 17.12 -49.22
CA GLY A 882 -20.06 16.89 -48.46
C GLY A 882 -18.96 16.56 -49.46
N ARG A 883 -17.83 17.26 -49.40
CA ARG A 883 -16.85 17.28 -50.48
C ARG A 883 -16.17 15.93 -50.67
N VAL A 884 -16.62 15.17 -51.66
CA VAL A 884 -16.12 13.82 -51.92
C VAL A 884 -15.76 13.70 -53.40
N VAL A 885 -14.46 13.73 -53.70
CA VAL A 885 -13.99 13.77 -55.07
C VAL A 885 -14.17 12.41 -55.73
N VAL A 886 -15.22 12.27 -56.54
CA VAL A 886 -15.53 11.03 -57.22
C VAL A 886 -15.78 11.31 -58.70
N ASP A 887 -15.03 10.63 -59.56
CA ASP A 887 -14.82 11.09 -60.93
C ASP A 887 -15.63 10.41 -62.03
N GLY A 888 -15.40 10.86 -63.27
CA GLY A 888 -15.95 10.32 -64.49
C GLY A 888 -16.04 8.81 -64.72
N PRO A 889 -15.05 8.01 -64.24
CA PRO A 889 -15.23 6.54 -64.27
C PRO A 889 -16.26 5.95 -63.32
N ALA A 890 -17.14 6.76 -62.72
CA ALA A 890 -18.26 6.26 -61.93
C ALA A 890 -19.35 5.58 -62.77
N MET A 891 -19.11 5.40 -64.08
CA MET A 891 -20.03 4.61 -64.90
C MET A 891 -19.98 3.13 -64.54
N LEU A 892 -18.88 2.68 -63.93
CA LEU A 892 -18.73 1.27 -63.59
C LEU A 892 -19.66 0.86 -62.44
N THR A 893 -20.19 1.84 -61.71
CA THR A 893 -21.11 1.59 -60.62
C THR A 893 -22.45 1.07 -61.10
N LEU A 894 -23.14 1.91 -61.89
CA LEU A 894 -24.54 1.74 -62.27
C LEU A 894 -24.88 0.45 -63.01
N GLN A 895 -23.93 -0.13 -63.74
CA GLN A 895 -24.19 -1.42 -64.38
C GLN A 895 -24.34 -2.54 -63.35
N VAL A 896 -23.77 -2.33 -62.15
CA VAL A 896 -23.91 -3.30 -61.07
C VAL A 896 -24.89 -2.77 -60.02
N LEU A 897 -25.22 -1.48 -60.08
CA LEU A 897 -26.32 -0.94 -59.27
C LEU A 897 -27.61 -1.53 -59.81
N ALA A 898 -27.66 -1.74 -61.12
CA ALA A 898 -28.79 -2.41 -61.75
C ALA A 898 -28.76 -3.91 -61.51
N HIS A 899 -27.65 -4.44 -61.01
CA HIS A 899 -27.54 -5.87 -60.81
C HIS A 899 -28.29 -6.28 -59.55
N ASN A 900 -27.88 -5.79 -58.39
CA ASN A 900 -28.37 -6.29 -57.11
C ASN A 900 -29.02 -5.16 -56.33
N MET A 901 -30.20 -5.43 -55.77
CA MET A 901 -30.91 -4.47 -54.94
C MET A 901 -31.79 -5.21 -53.93
N ALA A 902 -32.29 -4.47 -52.95
CA ALA A 902 -32.95 -5.02 -51.78
C ALA A 902 -34.25 -4.26 -51.53
N GLU A 903 -35.32 -4.98 -51.15
CA GLU A 903 -36.67 -4.42 -51.23
C GLU A 903 -36.88 -3.27 -50.23
N ARG A 904 -36.81 -3.55 -48.94
CA ARG A 904 -37.05 -2.64 -47.82
C ARG A 904 -36.77 -3.44 -46.56
N THR A 905 -36.55 -2.78 -45.44
CA THR A 905 -36.23 -3.50 -44.21
C THR A 905 -37.44 -4.13 -43.57
N THR A 906 -37.23 -5.05 -42.62
CA THR A 906 -38.37 -5.66 -41.95
C THR A 906 -38.00 -5.93 -40.48
N ALA A 907 -38.99 -5.91 -39.60
CA ALA A 907 -38.72 -6.02 -38.16
C ALA A 907 -38.80 -7.47 -37.69
N LEU A 908 -37.69 -8.19 -37.77
CA LEU A 908 -37.64 -9.61 -37.46
C LEU A 908 -37.61 -9.77 -35.95
N LEU A 909 -38.53 -10.56 -35.41
CA LEU A 909 -38.63 -10.82 -33.98
C LEU A 909 -38.41 -12.31 -33.72
N CYS A 910 -37.20 -12.66 -33.28
CA CYS A 910 -36.90 -14.03 -32.88
C CYS A 910 -36.95 -14.12 -31.37
N SER A 911 -37.67 -15.13 -30.88
CA SER A 911 -37.70 -15.41 -29.46
C SER A 911 -37.00 -16.74 -29.21
N ALA A 912 -36.66 -17.00 -27.95
CA ALA A 912 -35.91 -18.20 -27.61
C ALA A 912 -36.14 -18.54 -26.15
N ALA A 913 -35.83 -19.77 -25.81
CA ALA A 913 -35.95 -20.27 -24.45
C ALA A 913 -34.61 -20.13 -23.74
N PRO A 914 -34.59 -20.20 -22.40
CA PRO A 914 -33.30 -20.28 -21.69
C PRO A 914 -32.53 -21.53 -22.05
N ASP A 915 -31.21 -21.37 -22.08
CA ASP A 915 -30.34 -22.36 -22.68
C ASP A 915 -30.19 -23.60 -21.82
N ALA A 916 -29.59 -24.62 -22.43
CA ALA A 916 -29.15 -25.80 -21.70
C ALA A 916 -28.10 -25.41 -20.67
N GLY A 917 -28.49 -25.50 -19.41
CA GLY A 917 -27.68 -25.01 -18.32
C GLY A 917 -28.38 -23.96 -17.48
N ALA A 918 -29.54 -23.50 -17.91
CA ALA A 918 -30.38 -22.66 -17.08
C ALA A 918 -31.84 -23.01 -17.21
N ASN A 919 -32.17 -24.24 -17.62
CA ASN A 919 -33.46 -24.49 -18.23
C ASN A 919 -34.32 -25.38 -17.35
N THR A 920 -34.31 -25.16 -16.04
CA THR A 920 -35.04 -26.00 -15.10
C THR A 920 -36.56 -25.91 -15.22
N ALA A 921 -37.25 -26.68 -14.39
CA ALA A 921 -38.70 -26.82 -14.48
C ALA A 921 -39.48 -25.63 -13.96
N SER A 922 -38.83 -24.54 -13.58
CA SER A 922 -39.51 -23.28 -13.32
C SER A 922 -39.04 -22.17 -14.22
N THR A 923 -38.00 -22.40 -15.00
CA THR A 923 -37.54 -21.42 -15.98
C THR A 923 -37.80 -21.88 -17.41
N ALA A 924 -38.59 -22.93 -17.61
CA ALA A 924 -38.82 -23.46 -18.94
C ALA A 924 -39.68 -22.52 -19.78
N ASN A 925 -40.65 -21.87 -19.15
CA ASN A 925 -41.59 -21.03 -19.88
C ASN A 925 -41.09 -19.62 -20.14
N MET A 926 -39.82 -19.34 -19.86
CA MET A 926 -39.35 -17.97 -19.92
C MET A 926 -38.97 -17.56 -21.33
N ARG A 927 -38.91 -16.25 -21.56
CA ARG A 927 -38.79 -15.69 -22.89
C ARG A 927 -37.63 -14.71 -22.95
N ILE A 928 -37.00 -14.65 -24.12
CA ILE A 928 -36.01 -13.62 -24.45
C ILE A 928 -36.35 -13.13 -25.85
N PHE A 929 -36.83 -11.90 -25.95
CA PHE A 929 -37.20 -11.30 -27.23
C PHE A 929 -36.01 -10.52 -27.77
N ASP A 930 -35.70 -10.74 -29.05
CA ASP A 930 -34.49 -10.22 -29.67
C ASP A 930 -34.84 -9.61 -31.01
N GLY A 931 -35.16 -8.32 -31.03
CA GLY A 931 -35.60 -7.66 -32.23
C GLY A 931 -34.44 -7.11 -33.04
N ALA A 932 -34.57 -7.20 -34.36
CA ALA A 932 -33.55 -6.70 -35.28
C ALA A 932 -34.14 -6.54 -36.68
N LEU A 933 -33.53 -5.62 -37.43
CA LEU A 933 -33.93 -5.32 -38.80
C LEU A 933 -33.01 -6.03 -39.78
N HIS A 934 -33.57 -6.45 -40.92
CA HIS A 934 -32.76 -7.08 -41.95
C HIS A 934 -32.06 -6.07 -42.86
N ALA A 935 -32.82 -5.28 -43.59
CA ALA A 935 -32.24 -4.40 -44.59
C ALA A 935 -32.14 -2.98 -44.03
N GLY A 936 -31.43 -2.82 -42.92
CA GLY A 936 -31.34 -1.56 -42.23
C GLY A 936 -29.91 -1.05 -42.10
N VAL A 937 -29.81 0.26 -41.84
CA VAL A 937 -28.55 0.97 -41.73
C VAL A 937 -28.54 1.72 -40.41
N LEU A 938 -27.39 1.75 -39.73
CA LEU A 938 -27.19 2.58 -38.55
C LEU A 938 -26.99 4.04 -38.94
N LEU A 939 -27.62 4.94 -38.19
CA LEU A 939 -27.34 6.37 -38.30
C LEU A 939 -26.56 6.83 -37.08
N MET A 940 -25.26 7.07 -37.29
CA MET A 940 -24.37 7.54 -36.24
C MET A 940 -24.78 8.92 -35.75
N ALA A 941 -24.68 9.92 -36.64
CA ALA A 941 -24.86 11.30 -36.28
C ALA A 941 -26.27 11.74 -36.65
N PRO A 942 -27.14 11.99 -35.68
CA PRO A 942 -28.48 12.50 -36.00
C PRO A 942 -28.41 13.95 -36.47
N GLN A 943 -28.52 14.14 -37.77
CA GLN A 943 -28.57 15.49 -38.31
C GLN A 943 -30.00 15.78 -38.76
N HIS A 944 -30.66 16.61 -37.96
CA HIS A 944 -32.02 17.06 -38.19
C HIS A 944 -32.16 18.57 -38.12
N LEU A 945 -31.12 19.29 -37.68
CA LEU A 945 -31.10 20.76 -37.74
C LEU A 945 -30.54 21.17 -39.11
N ASP A 946 -31.08 20.58 -40.15
CA ASP A 946 -30.65 20.78 -41.53
C ASP A 946 -31.68 20.17 -42.45
N HIS A 947 -32.15 20.92 -43.40
CA HIS A 947 -33.06 20.38 -44.40
C HIS A 947 -32.25 20.11 -45.65
N THR A 948 -31.46 19.04 -45.62
CA THR A 948 -30.80 18.56 -46.83
C THR A 948 -31.37 17.20 -47.16
N ILE A 949 -31.28 16.27 -46.23
CA ILE A 949 -32.24 15.19 -46.14
C ILE A 949 -33.34 15.67 -45.21
N GLN A 950 -34.56 15.81 -45.74
CA GLN A 950 -35.69 16.19 -44.91
C GLN A 950 -35.96 15.06 -43.92
N ASN A 951 -36.53 15.45 -42.78
CA ASN A 951 -36.36 14.70 -41.54
C ASN A 951 -37.10 13.37 -41.61
N GLY A 952 -36.39 12.34 -42.04
CA GLY A 952 -36.99 11.04 -42.25
C GLY A 952 -37.56 10.79 -43.63
N GLU A 953 -36.83 11.15 -44.69
CA GLU A 953 -37.29 10.81 -46.04
C GLU A 953 -36.87 9.40 -46.43
N TYR A 954 -35.56 9.19 -46.60
CA TYR A 954 -35.08 7.86 -46.90
C TYR A 954 -35.27 6.94 -45.72
N PHE A 955 -35.13 7.49 -44.52
CA PHE A 955 -34.91 6.67 -43.34
C PHE A 955 -35.84 7.08 -42.20
N TYR A 956 -36.83 6.24 -41.96
CA TYR A 956 -37.60 6.25 -40.73
C TYR A 956 -36.79 5.53 -39.65
N VAL A 957 -36.82 6.09 -38.45
CA VAL A 957 -35.77 5.85 -37.47
C VAL A 957 -35.79 4.44 -36.88
N LEU A 958 -36.93 3.99 -36.30
CA LEU A 958 -37.10 2.65 -35.71
C LEU A 958 -36.02 2.24 -34.72
N PRO A 959 -36.05 2.74 -33.49
CA PRO A 959 -35.09 2.28 -32.47
C PRO A 959 -35.24 0.79 -32.20
N VAL A 960 -34.25 0.02 -32.63
CA VAL A 960 -34.38 -1.43 -32.59
C VAL A 960 -34.08 -1.95 -31.20
N HIS A 961 -33.42 -1.12 -30.38
CA HIS A 961 -32.97 -1.52 -29.07
C HIS A 961 -32.64 -0.27 -28.25
N ALA A 962 -32.48 -0.47 -26.95
CA ALA A 962 -32.05 0.61 -26.09
C ALA A 962 -30.60 1.01 -26.36
N LEU A 963 -29.80 0.15 -26.99
CA LEU A 963 -28.45 0.53 -27.37
C LEU A 963 -28.47 1.59 -28.47
N PHE A 964 -29.47 1.55 -29.32
CA PHE A 964 -29.57 2.46 -30.44
C PHE A 964 -30.92 3.13 -30.27
N ALA A 965 -30.96 4.17 -29.46
CA ALA A 965 -32.20 4.86 -29.17
C ALA A 965 -31.93 6.35 -29.25
N GLY A 966 -32.47 6.98 -30.27
CA GLY A 966 -32.09 8.33 -30.61
C GLY A 966 -32.61 9.38 -29.65
N ALA A 967 -31.67 9.96 -28.91
CA ALA A 967 -32.00 11.16 -28.14
C ALA A 967 -32.23 12.34 -29.06
N ASP A 968 -31.63 12.32 -30.25
CA ASP A 968 -31.83 13.40 -31.20
C ASP A 968 -32.46 12.88 -32.50
N HIS A 969 -32.35 11.59 -32.76
CA HIS A 969 -33.09 10.99 -33.87
C HIS A 969 -34.59 11.01 -33.58
N VAL A 970 -34.98 10.36 -32.48
CA VAL A 970 -36.37 10.01 -32.25
C VAL A 970 -37.13 11.20 -31.71
N ALA A 971 -36.48 12.03 -30.90
CA ALA A 971 -37.11 13.24 -30.38
C ALA A 971 -37.31 14.30 -31.45
N ASN A 972 -36.78 14.08 -32.65
CA ASN A 972 -36.90 14.99 -33.77
C ASN A 972 -37.43 14.29 -34.99
N ALA A 973 -38.54 13.57 -34.84
CA ALA A 973 -39.03 12.65 -35.83
C ALA A 973 -39.93 13.39 -36.83
N PRO A 974 -40.47 12.68 -37.85
CA PRO A 974 -41.68 13.20 -38.50
C PRO A 974 -42.85 13.33 -37.54
N ASN A 975 -43.91 14.03 -38.00
CA ASN A 975 -44.89 14.82 -37.23
C ASN A 975 -45.26 14.26 -35.87
N PHE A 976 -45.20 15.10 -34.84
CA PHE A 976 -44.60 14.67 -33.59
C PHE A 976 -45.26 15.32 -32.39
N PRO A 977 -45.49 14.58 -31.31
CA PRO A 977 -46.05 15.17 -30.10
C PRO A 977 -44.98 15.93 -29.32
N PRO A 978 -45.31 17.09 -28.76
CA PRO A 978 -44.34 17.79 -27.92
C PRO A 978 -44.37 17.32 -26.48
N ALA A 979 -45.43 16.60 -26.09
CA ALA A 979 -45.60 16.19 -24.69
C ALA A 979 -44.55 15.19 -24.24
N LEU A 980 -43.97 14.45 -25.17
CA LEU A 980 -43.03 13.39 -24.81
C LEU A 980 -41.62 13.92 -24.64
N ARG A 981 -41.42 15.23 -24.80
CA ARG A 981 -40.11 15.87 -24.75
C ARG A 981 -39.38 15.62 -23.43
N ASP A 982 -40.14 15.52 -22.34
CA ASP A 982 -39.63 15.06 -21.06
C ASP A 982 -39.12 13.63 -21.21
N LEU A 983 -39.94 12.76 -21.78
CA LEU A 983 -39.61 11.35 -21.79
C LEU A 983 -38.65 10.98 -22.90
N ALA A 984 -38.14 11.96 -23.64
CA ALA A 984 -37.24 11.68 -24.74
C ALA A 984 -35.80 11.97 -24.34
N ARG A 985 -35.62 13.00 -23.51
CA ARG A 985 -34.30 13.41 -23.05
C ARG A 985 -33.64 12.33 -22.20
N ASP A 986 -34.45 11.54 -21.51
CA ASP A 986 -34.05 10.28 -20.91
C ASP A 986 -34.97 9.23 -21.49
N VAL A 987 -35.03 8.06 -20.87
CA VAL A 987 -36.06 7.04 -21.05
C VAL A 987 -36.07 6.58 -22.50
N PRO A 988 -35.12 5.72 -22.90
CA PRO A 988 -34.95 5.37 -24.32
C PRO A 988 -36.17 4.78 -24.97
N LEU A 989 -36.70 5.48 -25.98
CA LEU A 989 -37.94 5.08 -26.61
C LEU A 989 -37.72 3.85 -27.47
N VAL A 990 -38.07 2.69 -26.96
CA VAL A 990 -38.04 1.46 -27.73
C VAL A 990 -39.47 1.16 -28.16
N PRO A 991 -39.77 1.28 -29.45
CA PRO A 991 -41.09 0.87 -29.94
C PRO A 991 -41.31 -0.61 -29.72
N PRO A 992 -42.37 -0.99 -29.02
CA PRO A 992 -42.44 -2.33 -28.40
C PRO A 992 -42.66 -3.49 -29.36
N ALA A 993 -42.65 -3.27 -30.67
CA ALA A 993 -42.57 -4.40 -31.57
C ALA A 993 -41.16 -4.98 -31.57
N LEU A 994 -40.16 -4.16 -31.27
CA LEU A 994 -38.77 -4.54 -31.41
C LEU A 994 -38.16 -5.09 -30.13
N GLY A 995 -38.97 -5.44 -29.15
CA GLY A 995 -38.47 -5.89 -27.86
C GLY A 995 -38.76 -4.88 -26.77
N ALA A 996 -38.75 -5.38 -25.54
CA ALA A 996 -39.09 -4.59 -24.39
C ALA A 996 -37.85 -4.35 -23.53
N ASN A 997 -38.06 -3.68 -22.41
CA ASN A 997 -36.98 -3.28 -21.52
C ASN A 997 -36.52 -4.48 -20.73
N TYR A 998 -37.44 -5.38 -20.42
CA TYR A 998 -37.12 -6.48 -19.54
C TYR A 998 -37.04 -7.81 -20.26
N PHE A 999 -37.53 -7.89 -21.49
CA PHE A 999 -37.61 -9.18 -22.16
C PHE A 999 -36.51 -9.35 -23.20
N SER A 1000 -35.37 -8.70 -23.02
CA SER A 1000 -34.24 -8.87 -23.92
C SER A 1000 -33.03 -9.39 -23.16
N SER A 1001 -31.90 -9.46 -23.86
CA SER A 1001 -30.64 -9.82 -23.23
C SER A 1001 -29.96 -8.62 -22.59
N ILE A 1002 -30.17 -7.43 -23.13
CA ILE A 1002 -29.46 -6.24 -22.70
C ILE A 1002 -30.50 -5.24 -22.22
N ARG A 1003 -30.43 -4.86 -20.96
CA ARG A 1003 -31.41 -4.00 -20.32
C ARG A 1003 -30.84 -2.61 -20.10
N GLN A 1004 -31.64 -1.75 -19.49
CA GLN A 1004 -31.24 -0.41 -19.11
C GLN A 1004 -29.98 -0.19 -18.26
N PRO A 1005 -29.57 -1.09 -17.30
CA PRO A 1005 -28.37 -0.78 -16.51
C PRO A 1005 -27.09 -0.59 -17.30
N VAL A 1006 -26.87 -1.40 -18.32
CA VAL A 1006 -25.64 -1.26 -19.07
C VAL A 1006 -25.71 -0.10 -20.06
N VAL A 1007 -26.91 0.28 -20.48
CA VAL A 1007 -26.96 1.26 -21.55
C VAL A 1007 -26.79 2.66 -20.97
N GLN A 1008 -27.04 2.82 -19.68
CA GLN A 1008 -26.66 4.07 -19.04
C GLN A 1008 -25.17 4.11 -18.82
N HIS A 1009 -24.60 2.98 -18.42
CA HIS A 1009 -23.16 2.77 -18.30
C HIS A 1009 -22.40 3.09 -19.58
N ALA A 1010 -23.02 2.90 -20.72
CA ALA A 1010 -22.46 3.36 -21.98
C ALA A 1010 -22.44 4.88 -22.06
N ARG A 1011 -23.53 5.53 -21.63
CA ARG A 1011 -23.63 6.98 -21.73
C ARG A 1011 -23.17 7.62 -20.42
N GLU A 1012 -22.18 7.00 -19.81
CA GLU A 1012 -21.54 7.35 -18.56
C GLU A 1012 -20.07 7.01 -18.72
N SER A 1013 -19.40 6.68 -17.60
CA SER A 1013 -18.03 7.02 -17.23
C SER A 1013 -17.03 7.27 -18.34
N ALA A 1014 -16.31 8.38 -18.19
CA ALA A 1014 -15.40 8.93 -19.20
C ALA A 1014 -14.09 8.16 -19.34
N ALA A 1015 -14.02 6.92 -18.87
CA ALA A 1015 -12.86 6.07 -19.06
C ALA A 1015 -12.61 5.82 -20.55
N GLY A 1016 -11.41 5.35 -20.85
CA GLY A 1016 -10.94 5.24 -22.21
C GLY A 1016 -11.71 4.22 -23.04
N GLU A 1017 -11.44 4.28 -24.34
CA GLU A 1017 -12.07 3.39 -25.30
C GLU A 1017 -11.63 1.96 -25.07
N ASN A 1018 -10.37 1.78 -24.67
CA ASN A 1018 -9.81 0.48 -24.37
C ASN A 1018 -10.52 -0.13 -23.18
N ALA A 1019 -10.91 0.70 -22.21
CA ALA A 1019 -11.65 0.26 -21.04
C ALA A 1019 -13.02 -0.28 -21.40
N LEU A 1020 -13.86 0.58 -21.95
CA LEU A 1020 -15.29 0.34 -22.14
C LEU A 1020 -15.55 -0.83 -23.06
N THR A 1021 -14.64 -1.02 -24.02
CA THR A 1021 -14.62 -2.23 -24.83
C THR A 1021 -14.51 -3.48 -23.98
N TYR A 1022 -13.55 -3.49 -23.05
CA TYR A 1022 -13.39 -4.67 -22.22
C TYR A 1022 -14.46 -4.69 -21.14
N ALA A 1023 -14.89 -3.50 -20.72
CA ALA A 1023 -15.83 -3.37 -19.61
C ALA A 1023 -17.20 -3.93 -19.96
N LEU A 1024 -17.76 -3.45 -21.07
CA LEU A 1024 -19.05 -3.92 -21.55
C LEU A 1024 -18.98 -5.39 -21.93
N MET A 1025 -17.81 -5.83 -22.38
CA MET A 1025 -17.59 -7.24 -22.66
C MET A 1025 -17.67 -8.04 -21.36
N ALA A 1026 -17.03 -7.49 -20.33
CA ALA A 1026 -17.11 -8.10 -19.02
C ALA A 1026 -18.51 -7.99 -18.44
N GLY A 1027 -19.29 -7.02 -18.91
CA GLY A 1027 -20.70 -6.94 -18.61
C GLY A 1027 -21.54 -7.94 -19.35
N TYR A 1028 -20.94 -8.71 -20.26
CA TYR A 1028 -21.68 -9.68 -21.06
C TYR A 1028 -21.40 -11.12 -20.69
N PHE A 1029 -21.03 -11.39 -19.44
CA PHE A 1029 -20.85 -12.75 -19.00
C PHE A 1029 -22.14 -13.32 -18.45
N LYS A 1030 -22.54 -14.47 -19.00
CA LYS A 1030 -23.83 -15.08 -18.75
C LYS A 1030 -23.95 -15.54 -17.31
N MET A 1031 -25.19 -15.84 -16.92
CA MET A 1031 -25.53 -16.09 -15.54
C MET A 1031 -26.29 -17.40 -15.32
N SER A 1032 -25.80 -18.49 -15.89
CA SER A 1032 -26.33 -19.79 -15.56
C SER A 1032 -25.49 -20.36 -14.42
N PRO A 1033 -25.98 -21.38 -13.70
CA PRO A 1033 -25.10 -22.09 -12.78
C PRO A 1033 -23.99 -22.80 -13.51
N VAL A 1034 -24.25 -23.20 -14.75
CA VAL A 1034 -23.22 -23.82 -15.57
C VAL A 1034 -22.16 -22.81 -15.96
N ALA A 1035 -22.57 -21.62 -16.35
CA ALA A 1035 -21.60 -20.57 -16.71
C ALA A 1035 -20.83 -20.11 -15.49
N LEU A 1036 -21.48 -20.04 -14.34
CA LEU A 1036 -20.80 -19.58 -13.14
C LEU A 1036 -19.87 -20.64 -12.58
N TYR A 1037 -20.04 -21.90 -12.98
CA TYR A 1037 -19.03 -22.90 -12.69
C TYR A 1037 -17.81 -22.63 -13.55
N HIS A 1038 -18.07 -22.01 -14.69
CA HIS A 1038 -17.09 -21.98 -15.76
C HIS A 1038 -16.33 -20.66 -15.75
N GLN A 1039 -16.72 -19.75 -14.87
CA GLN A 1039 -16.04 -18.45 -14.78
C GLN A 1039 -15.06 -18.41 -13.61
N LEU A 1040 -15.35 -19.17 -12.56
CA LEU A 1040 -14.63 -19.00 -11.31
C LEU A 1040 -13.32 -19.78 -11.32
N LYS A 1041 -13.34 -21.00 -11.86
CA LYS A 1041 -12.13 -21.82 -11.95
C LYS A 1041 -11.07 -21.16 -12.81
N THR A 1042 -11.50 -20.45 -13.83
CA THR A 1042 -10.63 -19.56 -14.58
C THR A 1042 -10.20 -18.43 -13.67
N GLY A 1043 -11.16 -17.79 -13.02
CA GLY A 1043 -10.88 -16.69 -12.14
C GLY A 1043 -11.26 -15.37 -12.76
N LEU A 1044 -12.46 -14.90 -12.45
CA LEU A 1044 -12.97 -13.63 -12.94
C LEU A 1044 -14.15 -13.27 -12.06
N HIS A 1045 -14.27 -11.99 -11.73
CA HIS A 1045 -15.24 -11.56 -10.74
C HIS A 1045 -16.62 -11.50 -11.41
N PRO A 1046 -17.56 -12.27 -10.98
CA PRO A 1046 -18.80 -12.46 -11.75
C PRO A 1046 -19.91 -11.48 -11.41
N GLY A 1047 -19.60 -10.20 -11.46
CA GLY A 1047 -20.62 -9.18 -11.29
C GLY A 1047 -20.98 -8.83 -9.86
N PHE A 1048 -20.77 -9.73 -8.91
CA PHE A 1048 -21.17 -9.50 -7.54
C PHE A 1048 -20.24 -10.24 -6.59
N GLY A 1049 -20.60 -10.22 -5.31
CA GLY A 1049 -19.77 -10.82 -4.29
C GLY A 1049 -20.57 -11.69 -3.36
N PHE A 1050 -20.00 -11.97 -2.19
CA PHE A 1050 -20.55 -12.93 -1.27
C PHE A 1050 -20.39 -12.48 0.18
N THR A 1051 -20.64 -13.44 1.07
CA THR A 1051 -20.38 -13.30 2.50
C THR A 1051 -20.24 -14.70 3.07
N VAL A 1052 -19.48 -14.83 4.14
CA VAL A 1052 -19.15 -16.14 4.69
C VAL A 1052 -19.61 -16.23 6.13
N VAL A 1053 -20.35 -17.28 6.44
CA VAL A 1053 -20.81 -17.53 7.80
C VAL A 1053 -20.38 -18.92 8.21
N ARG A 1054 -19.63 -19.00 9.30
CA ARG A 1054 -19.02 -20.24 9.74
C ARG A 1054 -19.01 -20.29 11.26
N GLN A 1055 -18.57 -21.41 11.79
CA GLN A 1055 -18.70 -21.69 13.21
C GLN A 1055 -17.44 -22.36 13.75
N ASP A 1056 -16.64 -21.58 14.46
CA ASP A 1056 -15.59 -22.13 15.31
C ASP A 1056 -16.20 -22.53 16.65
N ARG A 1057 -15.43 -23.23 17.45
CA ARG A 1057 -15.89 -23.76 18.73
C ARG A 1057 -14.72 -23.82 19.71
N PHE A 1058 -14.95 -23.39 20.94
CA PHE A 1058 -13.86 -23.14 21.87
C PHE A 1058 -14.15 -23.76 23.22
N VAL A 1059 -13.31 -24.68 23.65
CA VAL A 1059 -13.40 -25.25 24.98
C VAL A 1059 -12.74 -24.31 25.98
N THR A 1060 -13.48 -23.93 27.01
CA THR A 1060 -13.04 -22.97 28.01
C THR A 1060 -13.19 -23.57 29.41
N GLU A 1061 -12.43 -23.02 30.35
CA GLU A 1061 -12.46 -23.41 31.75
C GLU A 1061 -13.21 -22.34 32.52
N ASN A 1062 -14.44 -22.62 32.92
CA ASN A 1062 -15.28 -21.62 33.56
C ASN A 1062 -15.09 -21.67 35.07
N VAL A 1063 -15.61 -20.66 35.74
CA VAL A 1063 -15.44 -20.46 37.16
C VAL A 1063 -16.81 -20.20 37.78
N LEU A 1064 -17.16 -20.96 38.81
CA LEU A 1064 -18.49 -20.89 39.41
C LEU A 1064 -18.40 -20.52 40.88
N PHE A 1065 -18.66 -19.25 41.17
CA PHE A 1065 -18.94 -18.76 42.51
C PHE A 1065 -20.34 -19.17 42.95
N SER A 1066 -20.48 -19.43 44.25
CA SER A 1066 -21.79 -19.72 44.80
C SER A 1066 -22.01 -19.00 46.11
N GLU A 1067 -23.27 -18.81 46.44
CA GLU A 1067 -23.68 -18.39 47.77
C GLU A 1067 -23.83 -19.63 48.62
N ARG A 1068 -23.64 -19.45 49.94
CA ARG A 1068 -23.75 -20.48 50.97
C ARG A 1068 -24.96 -21.38 50.86
N ALA A 1069 -26.15 -20.82 50.97
CA ALA A 1069 -27.37 -21.63 51.08
C ALA A 1069 -28.23 -21.36 49.87
N SER A 1070 -28.05 -22.15 48.81
CA SER A 1070 -28.79 -21.88 47.60
C SER A 1070 -29.66 -23.06 47.18
N GLU A 1071 -29.09 -24.26 47.22
CA GLU A 1071 -29.77 -25.40 46.64
C GLU A 1071 -30.45 -26.23 47.71
N ALA A 1072 -31.11 -27.31 47.30
CA ALA A 1072 -31.87 -28.16 48.21
C ALA A 1072 -31.32 -29.57 48.30
N TYR A 1073 -31.26 -30.31 47.18
CA TYR A 1073 -30.54 -31.57 47.00
C TYR A 1073 -30.77 -32.61 48.09
N PHE A 1074 -31.95 -33.22 48.12
CA PHE A 1074 -32.22 -34.14 49.21
C PHE A 1074 -31.73 -35.53 48.83
N LEU A 1075 -31.98 -36.51 49.68
CA LEU A 1075 -31.49 -37.87 49.43
C LEU A 1075 -32.51 -38.92 49.82
N GLY A 1076 -32.34 -40.11 49.25
CA GLY A 1076 -33.28 -41.20 49.36
C GLY A 1076 -32.63 -42.52 49.74
N GLN A 1077 -33.00 -43.58 49.02
CA GLN A 1077 -32.80 -44.95 49.48
C GLN A 1077 -32.22 -45.80 48.35
N LEU A 1078 -31.42 -46.80 48.68
CA LEU A 1078 -30.56 -47.46 47.70
C LEU A 1078 -30.79 -48.97 47.66
N GLN A 1079 -31.49 -49.44 46.60
CA GLN A 1079 -31.67 -50.87 46.32
C GLN A 1079 -32.08 -51.10 44.87
N VAL A 1080 -31.45 -52.08 44.20
CA VAL A 1080 -31.89 -52.63 42.90
C VAL A 1080 -31.62 -54.13 42.91
N ALA A 1081 -32.67 -54.94 42.80
CA ALA A 1081 -32.53 -56.33 42.41
C ALA A 1081 -33.20 -56.50 41.05
N ARG A 1082 -32.44 -56.26 39.99
CA ARG A 1082 -33.01 -56.22 38.65
C ARG A 1082 -33.03 -57.60 38.00
N HIS A 1083 -33.17 -57.59 36.68
CA HIS A 1083 -33.35 -58.80 35.92
C HIS A 1083 -32.07 -59.63 35.88
N GLU A 1084 -32.18 -60.89 36.28
CA GLU A 1084 -31.02 -61.79 36.32
C GLU A 1084 -30.57 -62.09 34.90
N THR A 1085 -29.34 -61.70 34.59
CA THR A 1085 -28.84 -61.73 33.22
C THR A 1085 -27.88 -62.90 32.98
N GLY A 1086 -27.75 -63.79 33.93
CA GLY A 1086 -26.83 -64.90 33.76
C GLY A 1086 -25.69 -64.80 34.76
N GLY A 1087 -25.65 -65.78 35.66
CA GLY A 1087 -24.71 -65.72 36.77
C GLY A 1087 -25.01 -64.56 37.69
N GLY A 1088 -26.29 -64.32 37.97
CA GLY A 1088 -26.70 -63.21 38.80
C GLY A 1088 -26.95 -61.95 37.99
N VAL A 1089 -27.85 -61.12 38.52
CA VAL A 1089 -28.09 -59.79 37.99
C VAL A 1089 -26.93 -58.85 38.29
N ASN A 1090 -26.25 -59.05 39.43
CA ASN A 1090 -25.08 -58.41 40.03
C ASN A 1090 -25.35 -57.12 40.81
N PHE A 1091 -26.62 -56.78 41.09
CA PHE A 1091 -26.98 -55.97 42.25
C PHE A 1091 -26.46 -54.53 42.23
N THR A 1092 -27.04 -53.72 41.33
CA THR A 1092 -27.04 -52.26 41.41
C THR A 1092 -27.82 -51.79 42.64
N LEU A 1093 -27.61 -50.55 43.07
CA LEU A 1093 -28.50 -49.89 44.01
C LEU A 1093 -28.61 -48.39 43.71
N THR A 1094 -29.67 -47.99 43.02
CA THR A 1094 -29.87 -46.60 42.64
C THR A 1094 -30.52 -45.82 43.79
N GLN A 1095 -30.40 -44.50 43.74
CA GLN A 1095 -30.92 -43.67 44.82
C GLN A 1095 -31.66 -42.47 44.26
N PRO A 1096 -32.84 -42.17 44.79
CA PRO A 1096 -33.54 -40.97 44.33
C PRO A 1096 -33.13 -39.73 45.09
N ARG A 1097 -33.12 -38.61 44.40
CA ARG A 1097 -32.83 -37.30 44.96
C ARG A 1097 -33.73 -36.26 44.32
N GLY A 1098 -33.35 -35.00 44.47
CA GLY A 1098 -34.14 -33.94 43.89
C GLY A 1098 -33.80 -32.63 44.55
N ASN A 1099 -33.97 -31.55 43.80
CA ASN A 1099 -33.41 -30.28 44.22
C ASN A 1099 -34.19 -29.13 43.62
N VAL A 1100 -34.41 -28.09 44.42
CA VAL A 1100 -35.14 -26.90 43.99
C VAL A 1100 -34.21 -25.71 44.09
N ASP A 1101 -34.67 -24.59 43.53
CA ASP A 1101 -33.92 -23.35 43.61
C ASP A 1101 -34.33 -22.56 44.84
N LEU A 1102 -33.76 -22.92 45.99
CA LEU A 1102 -34.07 -22.27 47.26
C LEU A 1102 -33.42 -20.89 47.25
N GLY A 1103 -34.04 -19.96 46.56
CA GLY A 1103 -33.54 -18.60 46.46
C GLY A 1103 -34.28 -17.86 45.37
N VAL A 1104 -34.73 -16.66 45.73
CA VAL A 1104 -35.66 -15.92 44.90
C VAL A 1104 -34.93 -15.10 43.85
N GLY A 1105 -33.61 -15.01 43.94
CA GLY A 1105 -32.86 -14.22 43.00
C GLY A 1105 -31.80 -15.04 42.32
N TYR A 1106 -30.91 -14.34 41.63
CA TYR A 1106 -29.88 -14.98 40.83
C TYR A 1106 -28.74 -15.35 41.76
N THR A 1107 -28.92 -16.47 42.46
CA THR A 1107 -27.88 -16.97 43.36
C THR A 1107 -26.84 -17.71 42.53
N ALA A 1108 -25.60 -17.65 43.02
CA ALA A 1108 -24.57 -18.64 42.71
C ALA A 1108 -24.20 -18.78 41.24
N VAL A 1109 -23.51 -17.81 40.64
CA VAL A 1109 -23.65 -17.78 39.19
C VAL A 1109 -22.51 -18.45 38.40
N ALA A 1110 -21.45 -17.73 38.00
CA ALA A 1110 -20.68 -18.18 36.84
C ALA A 1110 -19.60 -17.21 36.42
N ALA A 1111 -18.65 -17.70 35.62
CA ALA A 1111 -17.68 -16.85 34.96
C ALA A 1111 -17.16 -17.53 33.70
N THR A 1112 -16.20 -16.88 33.06
CA THR A 1112 -15.58 -17.39 31.84
C THR A 1112 -14.19 -16.78 31.66
N GLY A 1113 -13.17 -17.55 32.00
CA GLY A 1113 -11.80 -17.08 31.81
C GLY A 1113 -10.83 -18.24 31.60
N THR A 1114 -10.65 -18.63 30.32
CA THR A 1114 -9.44 -19.05 29.60
C THR A 1114 -9.84 -19.53 28.21
N VAL A 1115 -8.87 -19.66 27.32
CA VAL A 1115 -9.10 -20.21 25.98
C VAL A 1115 -8.11 -21.34 25.77
N ARG A 1116 -8.57 -22.58 25.90
CA ARG A 1116 -7.67 -23.71 25.86
C ARG A 1116 -7.18 -23.97 24.45
N ASN A 1117 -8.06 -24.35 23.55
CA ASN A 1117 -7.68 -24.66 22.17
C ASN A 1117 -8.91 -24.60 21.29
N PRO A 1118 -8.78 -24.08 20.08
CA PRO A 1118 -9.94 -23.92 19.20
C PRO A 1118 -10.34 -25.20 18.48
N VAL A 1119 -11.20 -25.99 19.13
CA VAL A 1119 -11.52 -27.38 18.83
C VAL A 1119 -11.79 -27.67 17.36
N THR A 1120 -12.70 -26.95 16.74
CA THR A 1120 -12.78 -27.03 15.30
C THR A 1120 -11.90 -25.93 14.70
N ASP A 1121 -11.26 -26.25 13.59
CA ASP A 1121 -10.19 -25.38 13.13
C ASP A 1121 -10.74 -24.12 12.49
N MET A 1122 -9.92 -23.10 12.46
CA MET A 1122 -10.12 -22.08 11.45
C MET A 1122 -9.75 -22.71 10.11
N GLY A 1123 -10.74 -22.81 9.22
CA GLY A 1123 -10.56 -23.70 8.08
C GLY A 1123 -11.06 -23.11 6.78
N ASN A 1124 -10.61 -23.71 5.69
CA ASN A 1124 -10.96 -23.21 4.37
C ASN A 1124 -12.07 -24.02 3.73
N LEU A 1125 -12.73 -24.90 4.47
CA LEU A 1125 -13.50 -25.96 3.83
C LEU A 1125 -14.85 -25.43 3.33
N PRO A 1126 -15.14 -25.53 2.04
CA PRO A 1126 -16.35 -24.90 1.51
C PRO A 1126 -17.61 -25.69 1.79
N GLN A 1127 -18.72 -25.21 1.27
CA GLN A 1127 -20.03 -25.84 1.34
C GLN A 1127 -20.36 -26.51 0.02
N ASN A 1128 -20.97 -27.69 0.11
CA ASN A 1128 -21.45 -28.40 -1.07
C ASN A 1128 -22.96 -28.52 -0.99
N PHE A 1129 -23.66 -27.93 -1.96
CA PHE A 1129 -25.11 -28.08 -2.04
C PHE A 1129 -25.54 -29.35 -2.74
N TYR A 1130 -24.64 -30.02 -3.45
CA TYR A 1130 -24.98 -31.30 -4.06
C TYR A 1130 -24.98 -32.43 -3.04
N LEU A 1131 -24.68 -32.14 -1.77
CA LEU A 1131 -24.78 -33.12 -0.70
C LEU A 1131 -26.22 -33.58 -0.49
N GLY A 1132 -27.19 -32.68 -0.63
CA GLY A 1132 -28.57 -33.04 -0.43
C GLY A 1132 -29.43 -32.79 -1.65
N ARG A 1133 -30.57 -33.46 -1.69
CA ARG A 1133 -31.58 -33.27 -2.71
C ARG A 1133 -32.47 -32.12 -2.24
N GLY A 1134 -32.57 -31.06 -3.03
CA GLY A 1134 -33.48 -30.00 -2.62
C GLY A 1134 -34.20 -29.31 -3.75
N ALA A 1135 -33.86 -29.63 -4.97
CA ALA A 1135 -34.24 -28.73 -6.03
C ALA A 1135 -34.63 -29.49 -7.28
N PRO A 1136 -35.50 -28.93 -8.11
CA PRO A 1136 -35.66 -29.45 -9.45
C PRO A 1136 -34.37 -29.29 -10.24
N PRO A 1137 -33.88 -30.36 -10.86
CA PRO A 1137 -32.66 -30.25 -11.65
C PRO A 1137 -32.88 -29.53 -12.97
N LEU A 1138 -31.82 -29.45 -13.77
CA LEU A 1138 -31.97 -28.96 -15.13
C LEU A 1138 -32.82 -29.92 -15.93
N LEU A 1139 -33.60 -29.37 -16.85
CA LEU A 1139 -34.33 -30.24 -17.76
C LEU A 1139 -33.42 -30.74 -18.87
N ASP A 1140 -32.43 -29.94 -19.26
CA ASP A 1140 -31.38 -30.42 -20.13
C ASP A 1140 -30.49 -31.37 -19.33
N ASN A 1141 -30.84 -32.65 -19.35
CA ASN A 1141 -30.21 -33.61 -18.44
C ASN A 1141 -28.79 -33.94 -18.84
N ALA A 1142 -28.41 -33.64 -20.09
CA ALA A 1142 -27.04 -33.79 -20.50
C ALA A 1142 -26.16 -32.77 -19.79
N ALA A 1143 -26.71 -31.60 -19.51
CA ALA A 1143 -25.93 -30.54 -18.89
C ALA A 1143 -25.65 -30.82 -17.42
N ALA A 1144 -26.68 -31.23 -16.68
CA ALA A 1144 -26.58 -31.31 -15.23
C ALA A 1144 -25.69 -32.46 -14.80
N VAL A 1145 -25.66 -33.54 -15.58
CA VAL A 1145 -24.80 -34.67 -15.21
C VAL A 1145 -23.36 -34.36 -15.55
N TYR A 1146 -23.14 -33.42 -16.47
CA TYR A 1146 -21.80 -32.88 -16.67
C TYR A 1146 -21.41 -32.08 -15.45
N LEU A 1147 -22.35 -31.32 -14.91
CA LEU A 1147 -22.02 -30.41 -13.82
C LEU A 1147 -22.09 -31.14 -12.49
N ARG A 1148 -22.71 -32.32 -12.48
CA ARG A 1148 -22.78 -33.22 -11.35
C ARG A 1148 -21.41 -33.49 -10.77
N ASN A 1149 -20.55 -34.15 -11.55
CA ASN A 1149 -19.23 -34.51 -11.07
C ASN A 1149 -18.24 -33.37 -11.24
N ALA A 1150 -18.61 -32.35 -12.00
CA ALA A 1150 -17.75 -31.19 -12.18
C ALA A 1150 -17.58 -30.43 -10.88
N VAL A 1151 -18.63 -30.41 -10.07
CA VAL A 1151 -18.56 -29.75 -8.78
C VAL A 1151 -17.97 -30.71 -7.75
N VAL A 1152 -18.38 -31.97 -7.81
CA VAL A 1152 -18.18 -32.93 -6.72
C VAL A 1152 -17.07 -33.87 -7.18
N ALA A 1153 -16.11 -33.33 -7.91
CA ALA A 1153 -14.91 -34.07 -8.28
C ALA A 1153 -14.18 -34.62 -7.06
N GLY A 1154 -13.63 -33.73 -6.24
CA GLY A 1154 -12.87 -34.19 -5.10
C GLY A 1154 -13.02 -33.39 -3.84
N ASN A 1155 -14.21 -32.84 -3.56
CA ASN A 1155 -14.44 -32.12 -2.32
C ASN A 1155 -14.19 -33.04 -1.13
N ARG A 1156 -13.58 -32.47 -0.09
CA ARG A 1156 -13.53 -33.14 1.20
C ARG A 1156 -14.94 -33.40 1.72
N LEU A 1157 -15.86 -32.50 1.40
CA LEU A 1157 -17.27 -32.76 1.63
C LEU A 1157 -17.99 -33.24 0.38
N GLY A 1158 -17.33 -34.04 -0.45
CA GLY A 1158 -17.96 -34.60 -1.63
C GLY A 1158 -18.10 -36.09 -1.55
N PRO A 1159 -19.33 -36.59 -1.67
CA PRO A 1159 -19.55 -38.03 -1.48
C PRO A 1159 -19.05 -38.83 -2.66
N ALA A 1160 -18.80 -40.10 -2.42
CA ALA A 1160 -18.77 -41.09 -3.48
C ALA A 1160 -20.11 -41.82 -3.46
N GLN A 1161 -20.44 -42.53 -4.57
CA GLN A 1161 -21.66 -43.31 -4.83
C GLN A 1161 -22.93 -42.57 -4.38
N PRO A 1162 -23.35 -41.56 -5.15
CA PRO A 1162 -24.26 -40.53 -4.62
C PRO A 1162 -25.67 -41.01 -4.33
N LEU A 1163 -26.51 -40.03 -3.95
CA LEU A 1163 -27.67 -40.18 -3.07
C LEU A 1163 -28.63 -41.32 -3.42
N PRO A 1164 -28.88 -42.23 -2.50
CA PRO A 1164 -30.05 -43.11 -2.61
C PRO A 1164 -31.33 -42.35 -2.27
N VAL A 1165 -32.43 -43.10 -2.18
CA VAL A 1165 -33.74 -42.48 -1.97
C VAL A 1165 -33.85 -41.91 -0.57
N PHE A 1166 -33.63 -42.73 0.46
CA PHE A 1166 -33.61 -42.29 1.84
C PHE A 1166 -32.22 -42.52 2.40
N GLY A 1167 -31.71 -41.55 3.15
CA GLY A 1167 -30.47 -41.74 3.86
C GLY A 1167 -29.54 -40.56 3.64
N CYS A 1168 -28.44 -40.57 4.39
CA CYS A 1168 -27.47 -39.50 4.35
C CYS A 1168 -26.50 -39.69 3.20
N ALA A 1169 -25.75 -38.63 2.91
CA ALA A 1169 -24.85 -38.65 1.77
C ALA A 1169 -23.57 -39.42 2.04
N GLN A 1170 -23.26 -39.68 3.33
CA GLN A 1170 -22.07 -40.40 3.78
C GLN A 1170 -20.79 -39.71 3.29
N VAL A 1171 -20.55 -38.54 3.86
CA VAL A 1171 -19.33 -37.75 3.65
C VAL A 1171 -18.12 -38.62 3.94
N PRO A 1172 -17.16 -38.70 3.04
CA PRO A 1172 -16.06 -39.65 3.20
C PRO A 1172 -15.13 -39.24 4.33
N ARG A 1173 -14.20 -40.14 4.63
CA ARG A 1173 -13.22 -39.90 5.68
C ARG A 1173 -11.83 -39.81 5.07
N ARG A 1174 -11.18 -38.67 5.29
CA ARG A 1174 -9.79 -38.58 4.86
C ARG A 1174 -8.91 -39.35 5.84
N ALA A 1175 -7.72 -39.71 5.37
CA ALA A 1175 -6.87 -40.63 6.12
C ALA A 1175 -6.35 -40.02 7.40
N GLY A 1176 -6.24 -38.69 7.47
CA GLY A 1176 -5.72 -38.09 8.68
C GLY A 1176 -6.29 -36.71 8.88
N MET A 1177 -6.37 -36.34 10.15
CA MET A 1177 -6.81 -35.01 10.53
C MET A 1177 -5.87 -34.48 11.59
N ASP A 1178 -5.52 -33.20 11.44
CA ASP A 1178 -4.39 -32.66 12.19
C ASP A 1178 -4.78 -31.59 13.18
N HIS A 1179 -5.43 -30.55 12.69
CA HIS A 1179 -5.65 -29.35 13.49
C HIS A 1179 -6.91 -29.47 14.34
N GLY A 1180 -7.96 -30.05 13.80
CA GLY A 1180 -9.17 -30.27 14.56
C GLY A 1180 -10.32 -30.61 13.64
N GLN A 1181 -11.51 -30.46 14.18
CA GLN A 1181 -12.74 -30.67 13.43
C GLN A 1181 -12.85 -29.62 12.33
N ASP A 1182 -13.54 -29.96 11.25
CA ASP A 1182 -13.49 -29.11 10.06
C ASP A 1182 -14.61 -28.07 10.08
N ALA A 1183 -14.37 -26.94 9.43
CA ALA A 1183 -15.37 -25.89 9.35
C ALA A 1183 -16.27 -26.09 8.15
N VAL A 1184 -17.32 -25.29 8.08
CA VAL A 1184 -18.23 -25.26 6.94
C VAL A 1184 -18.35 -23.82 6.49
N CYS A 1185 -17.85 -23.51 5.30
CA CYS A 1185 -17.89 -22.15 4.82
C CYS A 1185 -19.03 -21.97 3.83
N GLU A 1186 -20.21 -21.59 4.36
CA GLU A 1186 -21.39 -21.35 3.55
C GLU A 1186 -21.40 -19.93 3.04
N PHE A 1187 -21.94 -19.74 1.84
CA PHE A 1187 -21.81 -18.51 1.09
C PHE A 1187 -23.21 -17.98 0.79
N ILE A 1188 -23.38 -16.66 0.84
CA ILE A 1188 -24.64 -16.01 0.51
C ILE A 1188 -24.30 -14.85 -0.42
N ALA A 1189 -25.01 -14.76 -1.54
CA ALA A 1189 -24.73 -13.75 -2.54
C ALA A 1189 -25.01 -12.34 -2.03
N THR A 1190 -24.05 -11.45 -2.22
CA THR A 1190 -24.14 -10.06 -1.84
C THR A 1190 -23.82 -9.17 -3.03
N PRO A 1191 -24.47 -8.03 -3.15
CA PRO A 1191 -24.00 -7.02 -4.10
C PRO A 1191 -22.68 -6.46 -3.59
N VAL A 1192 -21.87 -5.95 -4.50
CA VAL A 1192 -20.56 -5.49 -4.10
C VAL A 1192 -20.62 -4.11 -3.44
N ALA A 1193 -21.70 -3.38 -3.66
CA ALA A 1193 -21.73 -1.95 -3.33
C ALA A 1193 -22.42 -1.68 -2.00
N THR A 1194 -21.92 -2.29 -0.95
CA THR A 1194 -22.34 -1.94 0.39
C THR A 1194 -21.18 -1.23 1.06
N ASP A 1195 -21.34 -0.93 2.34
CA ASP A 1195 -20.20 -0.45 3.09
C ASP A 1195 -19.37 -1.60 3.65
N ILE A 1196 -18.08 -1.32 3.82
CA ILE A 1196 -17.25 -2.23 4.60
C ILE A 1196 -17.35 -1.83 6.07
N ASN A 1197 -18.01 -0.70 6.34
CA ASN A 1197 -18.27 -0.25 7.71
C ASN A 1197 -19.20 -1.21 8.43
N TYR A 1198 -20.34 -1.54 7.84
CA TYR A 1198 -21.04 -2.77 8.18
C TYR A 1198 -20.05 -3.88 7.86
N PHE A 1199 -19.92 -4.84 8.77
CA PHE A 1199 -18.95 -5.92 8.94
C PHE A 1199 -17.67 -5.46 9.61
N ARG A 1200 -17.62 -4.23 10.09
CA ARG A 1200 -16.62 -3.84 11.09
C ARG A 1200 -17.27 -3.76 12.46
N ARG A 1201 -18.34 -4.53 12.61
CA ARG A 1201 -19.22 -4.55 13.76
C ARG A 1201 -19.71 -5.98 13.95
N PRO A 1202 -20.25 -6.36 15.13
CA PRO A 1202 -20.70 -7.74 15.32
C PRO A 1202 -21.99 -8.13 14.60
N CYS A 1203 -22.40 -7.36 13.61
CA CYS A 1203 -23.72 -7.30 13.00
C CYS A 1203 -24.35 -8.61 12.51
N ASN A 1204 -25.66 -8.55 12.30
CA ASN A 1204 -26.42 -9.65 11.74
C ASN A 1204 -25.97 -9.90 10.30
N PRO A 1205 -25.51 -11.11 9.97
CA PRO A 1205 -25.01 -11.36 8.60
C PRO A 1205 -26.08 -11.35 7.54
N ARG A 1206 -27.36 -11.41 7.90
CA ARG A 1206 -28.38 -11.35 6.87
C ARG A 1206 -28.60 -9.94 6.36
N GLY A 1207 -28.13 -8.94 7.08
CA GLY A 1207 -28.22 -7.55 6.64
C GLY A 1207 -29.28 -6.74 7.33
N ARG A 1208 -29.99 -7.33 8.29
CA ARG A 1208 -31.04 -6.66 9.03
C ARG A 1208 -31.20 -7.39 10.35
N ALA A 1209 -31.45 -6.64 11.41
CA ALA A 1209 -31.68 -7.21 12.74
C ALA A 1209 -32.90 -8.14 12.71
N ALA A 1210 -32.76 -9.30 13.34
CA ALA A 1210 -33.73 -10.36 13.15
C ALA A 1210 -34.17 -11.05 14.43
N GLY A 1211 -33.39 -10.93 15.51
CA GLY A 1211 -33.66 -11.70 16.71
C GLY A 1211 -34.87 -11.18 17.48
N GLY A 1212 -35.37 -12.04 18.35
CA GLY A 1212 -36.55 -11.74 19.14
C GLY A 1212 -36.29 -10.93 20.38
N VAL A 1213 -35.22 -10.13 20.36
CA VAL A 1213 -34.95 -9.27 21.50
C VAL A 1213 -35.60 -7.91 21.32
N TYR A 1214 -35.50 -7.36 20.12
CA TYR A 1214 -35.79 -5.96 19.89
C TYR A 1214 -37.27 -5.65 19.82
N ALA A 1215 -38.12 -6.66 19.66
CA ALA A 1215 -39.54 -6.44 19.49
C ALA A 1215 -40.16 -5.94 20.79
N GLY A 1216 -41.24 -5.16 20.66
CA GLY A 1216 -41.85 -4.50 21.79
C GLY A 1216 -43.12 -5.08 22.35
N ASP A 1217 -43.38 -6.38 22.11
CA ASP A 1217 -44.56 -7.10 22.61
C ASP A 1217 -45.86 -6.45 22.15
N LYS A 1218 -45.98 -6.26 20.84
CA LYS A 1218 -47.24 -5.87 20.23
C LYS A 1218 -47.80 -6.95 19.34
N GLU A 1219 -47.31 -8.19 19.49
CA GLU A 1219 -47.83 -9.43 18.91
C GLU A 1219 -47.67 -9.52 17.39
N GLY A 1220 -47.12 -8.51 16.74
CA GLY A 1220 -46.98 -8.56 15.29
C GLY A 1220 -45.68 -7.98 14.80
N ASP A 1221 -44.88 -7.47 15.73
CA ASP A 1221 -43.69 -6.72 15.35
C ASP A 1221 -42.52 -7.64 15.00
N VAL A 1222 -42.59 -8.90 15.42
CA VAL A 1222 -41.52 -9.88 15.27
C VAL A 1222 -41.25 -10.16 13.79
N ILE A 1223 -42.30 -10.55 13.08
CA ILE A 1223 -42.16 -10.81 11.66
C ILE A 1223 -42.07 -9.50 10.89
N ALA A 1224 -42.56 -8.42 11.50
CA ALA A 1224 -42.54 -7.11 10.88
C ALA A 1224 -41.12 -6.58 10.70
N LEU A 1225 -40.28 -6.73 11.72
CA LEU A 1225 -38.88 -6.35 11.52
C LEU A 1225 -38.16 -7.37 10.66
N MET A 1226 -38.70 -8.59 10.58
CA MET A 1226 -38.05 -9.65 9.82
C MET A 1226 -38.17 -9.42 8.33
N TYR A 1227 -39.40 -9.23 7.83
CA TYR A 1227 -39.62 -9.22 6.39
C TYR A 1227 -40.16 -7.90 5.87
N ASP A 1228 -41.01 -7.21 6.66
CA ASP A 1228 -41.62 -5.97 6.22
C ASP A 1228 -40.57 -4.88 6.13
N HIS A 1229 -40.11 -4.64 4.92
CA HIS A 1229 -39.07 -3.63 4.78
C HIS A 1229 -39.63 -2.26 4.46
N GLY A 1230 -40.89 -2.01 4.79
CA GLY A 1230 -41.38 -0.67 4.83
C GLY A 1230 -40.69 0.16 5.90
N GLN A 1231 -40.42 -0.45 7.05
CA GLN A 1231 -39.72 0.25 8.11
C GLN A 1231 -38.23 0.20 7.84
N SER A 1232 -37.44 0.70 8.77
CA SER A 1232 -35.99 0.64 8.65
C SER A 1232 -35.47 -0.51 9.50
N ASP A 1233 -34.14 -0.66 9.50
CA ASP A 1233 -33.48 -1.65 10.32
C ASP A 1233 -33.56 -1.20 11.77
N PRO A 1234 -33.89 -2.08 12.71
CA PRO A 1234 -33.58 -1.77 14.11
C PRO A 1234 -32.10 -1.58 14.33
N ALA A 1235 -31.27 -2.36 13.63
CA ALA A 1235 -29.83 -2.28 13.85
C ALA A 1235 -29.23 -1.04 13.20
N ARG A 1236 -29.48 -0.85 11.91
CA ARG A 1236 -28.78 0.17 11.13
C ARG A 1236 -29.85 1.08 10.52
N PRO A 1237 -30.42 2.00 11.31
CA PRO A 1237 -31.74 2.53 10.96
C PRO A 1237 -31.75 3.58 9.88
N PHE A 1238 -30.60 4.05 9.42
CA PHE A 1238 -30.64 4.94 8.28
C PHE A 1238 -30.94 4.20 6.99
N ALA A 1239 -30.78 2.89 6.97
CA ALA A 1239 -31.17 2.05 5.85
C ALA A 1239 -32.17 1.01 6.34
N ALA A 1240 -32.59 0.15 5.42
CA ALA A 1240 -33.49 -0.94 5.78
C ALA A 1240 -32.76 -2.27 5.89
N THR A 1241 -32.08 -2.68 4.83
CA THR A 1241 -31.31 -3.92 4.85
C THR A 1241 -29.86 -3.63 4.51
N ALA A 1242 -29.10 -4.70 4.31
CA ALA A 1242 -27.77 -4.59 3.72
C ALA A 1242 -27.63 -5.50 2.50
N ASN A 1243 -28.36 -6.62 2.50
CA ASN A 1243 -28.43 -7.47 1.33
C ASN A 1243 -29.89 -7.82 1.09
N PRO A 1244 -30.56 -7.16 0.13
CA PRO A 1244 -31.95 -7.50 -0.15
C PRO A 1244 -32.13 -8.89 -0.74
N TRP A 1245 -31.09 -9.45 -1.36
CA TRP A 1245 -31.05 -10.84 -1.79
C TRP A 1245 -30.98 -11.80 -0.62
N ALA A 1246 -30.63 -11.32 0.56
CA ALA A 1246 -30.53 -12.15 1.74
C ALA A 1246 -31.65 -11.81 2.71
N SER A 1247 -32.23 -10.63 2.59
CA SER A 1247 -33.16 -10.18 3.60
C SER A 1247 -34.60 -10.62 3.35
N GLN A 1248 -35.17 -10.26 2.21
CA GLN A 1248 -36.62 -10.25 2.00
C GLN A 1248 -37.18 -11.66 1.93
N ARG A 1249 -38.50 -11.75 2.02
CA ARG A 1249 -39.15 -13.05 1.86
C ARG A 1249 -39.02 -13.48 0.41
N PHE A 1250 -38.78 -14.78 0.21
CA PHE A 1250 -38.51 -15.43 -1.08
C PHE A 1250 -37.29 -14.88 -1.78
N SER A 1251 -36.35 -14.30 -1.05
CA SER A 1251 -35.11 -13.88 -1.68
C SER A 1251 -34.15 -15.08 -1.73
N TYR A 1252 -33.02 -14.86 -2.40
CA TYR A 1252 -32.09 -15.96 -2.63
C TYR A 1252 -31.43 -16.40 -1.34
N GLY A 1253 -31.22 -15.47 -0.42
CA GLY A 1253 -30.85 -15.87 0.92
C GLY A 1253 -31.95 -16.65 1.59
N ASP A 1254 -33.20 -16.21 1.41
CA ASP A 1254 -34.30 -16.84 2.11
C ASP A 1254 -34.67 -18.16 1.46
N LEU A 1255 -34.35 -18.32 0.17
CA LEU A 1255 -34.68 -19.56 -0.50
C LEU A 1255 -33.71 -20.66 -0.14
N LEU A 1256 -32.49 -20.31 0.26
CA LEU A 1256 -31.53 -21.37 0.56
C LEU A 1256 -31.76 -21.98 1.92
N TYR A 1257 -31.67 -21.19 2.98
CA TYR A 1257 -31.52 -21.79 4.29
C TYR A 1257 -32.76 -21.71 5.17
N ASN A 1258 -33.94 -21.47 4.58
CA ASN A 1258 -35.16 -21.50 5.36
C ASN A 1258 -35.45 -22.91 5.85
N GLY A 1259 -35.87 -23.01 7.11
CA GLY A 1259 -36.19 -24.30 7.69
C GLY A 1259 -37.47 -24.88 7.14
N ALA A 1260 -38.36 -24.02 6.63
CA ALA A 1260 -39.59 -24.52 6.05
C ALA A 1260 -39.35 -25.14 4.70
N TYR A 1261 -38.42 -24.60 3.93
CA TYR A 1261 -38.16 -25.11 2.60
C TYR A 1261 -37.37 -26.40 2.68
N HIS A 1262 -36.46 -26.47 3.66
CA HIS A 1262 -35.54 -27.57 3.96
C HIS A 1262 -34.89 -28.18 2.72
N LEU A 1263 -34.06 -27.38 2.03
CA LEU A 1263 -33.27 -27.89 0.92
C LEU A 1263 -32.33 -28.98 1.38
N ASN A 1264 -31.45 -28.66 2.31
CA ASN A 1264 -30.76 -29.71 3.05
C ASN A 1264 -31.71 -30.29 4.09
N GLY A 1265 -31.27 -31.37 4.71
CA GLY A 1265 -32.13 -32.10 5.61
C GLY A 1265 -31.86 -33.57 5.41
N ALA A 1266 -31.41 -33.90 4.21
CA ALA A 1266 -30.79 -35.20 4.00
C ALA A 1266 -29.32 -35.16 4.37
N SER A 1267 -28.63 -34.11 3.95
CA SER A 1267 -27.21 -33.96 4.25
C SER A 1267 -27.02 -33.62 5.72
N PRO A 1268 -26.17 -34.37 6.42
CA PRO A 1268 -25.98 -34.12 7.85
C PRO A 1268 -25.00 -33.01 8.17
N VAL A 1269 -24.48 -32.31 7.16
CA VAL A 1269 -23.60 -31.18 7.38
C VAL A 1269 -24.38 -30.03 7.99
N LEU A 1270 -23.91 -29.55 9.14
CA LEU A 1270 -24.58 -28.47 9.83
C LEU A 1270 -24.42 -27.14 9.11
N SER A 1271 -25.55 -26.53 8.79
CA SER A 1271 -25.55 -25.15 8.33
C SER A 1271 -25.26 -24.22 9.50
N PRO A 1272 -24.28 -23.34 9.38
CA PRO A 1272 -24.24 -22.20 10.29
C PRO A 1272 -25.42 -21.30 10.11
N CYS A 1273 -25.90 -21.17 8.88
CA CYS A 1273 -26.93 -20.21 8.57
C CYS A 1273 -28.33 -20.72 8.88
N PHE A 1274 -28.45 -21.97 9.33
CA PHE A 1274 -29.74 -22.50 9.74
C PHE A 1274 -30.27 -21.76 10.95
N LYS A 1275 -29.37 -21.34 11.82
CA LYS A 1275 -29.71 -20.65 13.05
C LYS A 1275 -30.30 -19.29 12.75
N PHE A 1276 -29.77 -18.62 11.74
CA PHE A 1276 -30.23 -17.27 11.42
C PHE A 1276 -31.53 -17.31 10.63
N PHE A 1277 -31.60 -18.21 9.67
CA PHE A 1277 -32.70 -18.25 8.71
C PHE A 1277 -33.70 -19.30 9.16
N THR A 1278 -34.52 -18.94 10.11
CA THR A 1278 -35.67 -19.75 10.48
C THR A 1278 -36.79 -18.85 10.95
N ALA A 1279 -37.90 -18.88 10.22
CA ALA A 1279 -39.00 -17.97 10.53
C ALA A 1279 -39.70 -18.37 11.81
N ALA A 1280 -39.69 -19.67 12.13
CA ALA A 1280 -40.41 -20.12 13.30
C ALA A 1280 -39.59 -19.92 14.57
N ASP A 1281 -38.31 -20.28 14.54
CA ASP A 1281 -37.57 -20.55 15.77
C ASP A 1281 -37.24 -19.29 16.56
N ILE A 1282 -36.82 -18.22 15.89
CA ILE A 1282 -36.67 -16.93 16.56
C ILE A 1282 -38.02 -16.43 17.04
N THR A 1283 -39.06 -16.63 16.21
CA THR A 1283 -40.40 -16.26 16.62
C THR A 1283 -40.91 -17.18 17.72
N ALA A 1284 -40.38 -18.42 17.78
CA ALA A 1284 -40.80 -19.35 18.82
C ALA A 1284 -40.30 -18.96 20.20
N LYS A 1285 -39.29 -18.12 20.30
CA LYS A 1285 -38.76 -17.80 21.62
C LYS A 1285 -39.67 -16.81 22.34
N HIS A 1286 -39.60 -16.86 23.66
CA HIS A 1286 -40.22 -15.89 24.54
C HIS A 1286 -39.35 -14.65 24.64
N ARG A 1287 -39.74 -13.74 25.53
CA ARG A 1287 -38.98 -12.52 25.70
C ARG A 1287 -38.89 -12.04 27.14
N CYS A 1288 -39.39 -12.81 28.10
CA CYS A 1288 -39.17 -12.50 29.51
C CYS A 1288 -37.71 -12.75 29.85
N LEU A 1289 -37.02 -11.69 30.28
CA LEU A 1289 -35.56 -11.65 30.37
C LEU A 1289 -34.98 -12.61 31.40
N GLU A 1290 -35.78 -13.00 32.39
CA GLU A 1290 -35.33 -13.87 33.47
C GLU A 1290 -34.96 -15.24 32.93
N ARG A 1291 -35.68 -15.69 31.90
CA ARG A 1291 -35.42 -17.01 31.37
C ARG A 1291 -34.46 -16.94 30.19
N LEU A 1292 -34.23 -15.72 29.68
CA LEU A 1292 -33.36 -15.56 28.52
C LEU A 1292 -31.90 -15.81 28.85
N ILE A 1293 -31.41 -15.21 29.94
CA ILE A 1293 -29.98 -15.25 30.21
C ILE A 1293 -29.55 -16.59 30.75
N VAL A 1294 -30.47 -17.31 31.40
CA VAL A 1294 -30.10 -18.57 32.02
C VAL A 1294 -30.07 -19.68 30.99
N GLU A 1295 -30.77 -19.49 29.88
CA GLU A 1295 -30.63 -20.44 28.79
C GLU A 1295 -29.29 -20.29 28.11
N THR A 1296 -28.68 -19.11 28.23
CA THR A 1296 -27.38 -18.90 27.61
C THR A 1296 -26.30 -19.63 28.39
N GLY A 1297 -26.54 -19.83 29.69
CA GLY A 1297 -25.60 -20.59 30.49
C GLY A 1297 -25.57 -22.06 30.13
N SER A 1298 -26.71 -22.61 29.71
CA SER A 1298 -26.78 -23.98 29.23
C SER A 1298 -27.81 -24.04 28.10
N ALA A 1299 -27.35 -23.84 26.88
CA ALA A 1299 -28.16 -24.08 25.69
C ALA A 1299 -27.66 -25.34 25.01
N VAL A 1300 -28.46 -25.86 24.10
CA VAL A 1300 -28.08 -27.01 23.28
C VAL A 1300 -27.73 -26.50 21.90
N SER A 1301 -26.52 -26.78 21.44
CA SER A 1301 -26.13 -26.32 20.12
C SER A 1301 -26.75 -27.19 19.05
N THR A 1302 -26.50 -26.80 17.81
CA THR A 1302 -26.80 -27.69 16.70
C THR A 1302 -25.57 -28.41 16.20
N ALA A 1303 -24.43 -28.23 16.86
CA ALA A 1303 -23.17 -28.81 16.43
C ALA A 1303 -22.83 -30.02 17.29
N THR A 1304 -21.77 -30.72 16.89
CA THR A 1304 -21.37 -31.94 17.57
C THR A 1304 -19.87 -31.99 17.67
N ALA A 1305 -19.37 -32.15 18.88
CA ALA A 1305 -17.94 -32.30 19.14
C ALA A 1305 -17.51 -33.75 19.12
N ALA A 1306 -18.28 -34.60 18.42
CA ALA A 1306 -17.93 -36.01 18.30
C ALA A 1306 -18.04 -36.45 16.84
N SER A 1307 -17.49 -35.69 15.91
CA SER A 1307 -17.65 -35.95 14.49
C SER A 1307 -16.58 -35.17 13.75
N ASP A 1308 -16.21 -35.64 12.55
CA ASP A 1308 -15.09 -35.00 11.86
C ASP A 1308 -15.45 -33.67 11.25
N VAL A 1309 -16.70 -33.48 10.84
CA VAL A 1309 -17.17 -32.21 10.30
C VAL A 1309 -18.20 -31.72 11.31
N GLN A 1310 -18.75 -30.52 11.10
CA GLN A 1310 -19.94 -30.17 11.85
C GLN A 1310 -21.10 -31.01 11.34
N PHE A 1311 -21.20 -32.23 11.82
CA PHE A 1311 -22.41 -32.99 11.58
C PHE A 1311 -23.50 -32.41 12.47
N LYS A 1312 -24.63 -32.08 11.85
CA LYS A 1312 -25.81 -31.56 12.53
C LYS A 1312 -26.22 -32.54 13.62
N ARG A 1313 -26.66 -32.01 14.76
CA ARG A 1313 -26.71 -32.71 16.04
C ARG A 1313 -27.55 -33.98 15.97
N PRO A 1314 -27.02 -35.12 16.35
CA PRO A 1314 -27.80 -36.35 16.33
C PRO A 1314 -28.91 -36.28 17.36
N PRO A 1315 -30.09 -36.79 17.03
CA PRO A 1315 -31.27 -36.55 17.87
C PRO A 1315 -31.19 -37.21 19.24
N GLY A 1316 -30.42 -38.28 19.41
CA GLY A 1316 -30.04 -38.73 20.73
C GLY A 1316 -28.60 -38.40 21.05
N CYS A 1317 -28.41 -37.23 21.70
CA CYS A 1317 -27.22 -36.78 22.43
C CYS A 1317 -27.49 -35.39 22.99
N ARG A 1318 -26.72 -34.98 24.01
CA ARG A 1318 -26.74 -33.62 24.52
C ARG A 1318 -25.37 -32.98 24.34
N GLU A 1319 -25.36 -31.65 24.35
CA GLU A 1319 -24.14 -30.91 24.08
C GLU A 1319 -23.80 -29.87 25.15
N LEU A 1320 -24.81 -29.15 25.66
CA LEU A 1320 -24.69 -28.16 26.75
C LEU A 1320 -23.72 -27.03 26.39
N VAL A 1321 -24.05 -26.33 25.31
CA VAL A 1321 -23.20 -25.28 24.78
C VAL A 1321 -23.50 -23.98 25.52
N GLU A 1322 -22.71 -22.93 25.29
CA GLU A 1322 -23.02 -21.59 25.77
C GLU A 1322 -23.76 -20.74 24.73
N ASP A 1323 -23.13 -20.46 23.57
CA ASP A 1323 -23.78 -19.92 22.36
C ASP A 1323 -24.46 -18.56 22.51
N PRO A 1324 -23.72 -17.45 22.49
CA PRO A 1324 -24.38 -16.14 22.55
C PRO A 1324 -24.96 -15.71 21.22
N CYS A 1325 -24.61 -16.38 20.12
CA CYS A 1325 -25.05 -15.96 18.80
C CYS A 1325 -26.54 -16.14 18.58
N GLY A 1326 -27.13 -17.20 19.11
CA GLY A 1326 -28.56 -17.41 18.94
C GLY A 1326 -29.41 -16.38 19.65
N LEU A 1327 -29.02 -15.96 20.85
CA LEU A 1327 -29.81 -15.01 21.62
C LEU A 1327 -29.67 -13.62 21.01
N PHE A 1328 -28.45 -13.25 20.65
CA PHE A 1328 -28.21 -11.90 20.15
C PHE A 1328 -28.45 -11.73 18.66
N GLN A 1329 -28.44 -12.83 17.88
CA GLN A 1329 -28.59 -12.84 16.42
C GLN A 1329 -27.45 -12.02 15.78
N GLU A 1330 -26.24 -12.31 16.23
CA GLU A 1330 -25.07 -11.52 15.85
C GLU A 1330 -23.96 -12.46 15.39
N ALA A 1331 -22.89 -11.87 14.85
CA ALA A 1331 -21.76 -12.64 14.36
C ALA A 1331 -20.50 -11.79 14.36
N TYR A 1332 -19.44 -12.29 14.97
CA TYR A 1332 -18.31 -11.39 15.13
C TYR A 1332 -17.32 -11.55 13.98
N PRO A 1333 -16.84 -10.48 13.38
CA PRO A 1333 -15.73 -10.60 12.43
C PRO A 1333 -14.41 -10.77 13.18
N ILE A 1334 -13.41 -11.23 12.45
CA ILE A 1334 -12.09 -11.45 13.01
C ILE A 1334 -11.03 -10.81 12.12
N THR A 1335 -9.77 -11.08 12.47
CA THR A 1335 -8.64 -10.53 11.74
C THR A 1335 -8.59 -11.10 10.33
N CYS A 1336 -8.90 -10.26 9.35
CA CYS A 1336 -8.92 -10.71 7.97
C CYS A 1336 -8.71 -9.52 7.04
N ALA A 1337 -8.12 -9.82 5.89
CA ALA A 1337 -7.94 -8.82 4.84
C ALA A 1337 -7.79 -9.55 3.51
N SER A 1338 -7.39 -8.81 2.49
CA SER A 1338 -7.36 -9.34 1.14
C SER A 1338 -5.95 -9.60 0.63
N ASP A 1339 -4.92 -9.07 1.26
CA ASP A 1339 -3.57 -9.38 0.85
C ASP A 1339 -2.78 -9.97 2.00
N PRO A 1340 -1.96 -10.99 1.74
CA PRO A 1340 -0.96 -11.36 2.74
C PRO A 1340 0.05 -10.26 2.98
N ALA A 1341 0.27 -9.43 1.96
CA ALA A 1341 0.94 -8.15 2.12
C ALA A 1341 0.30 -7.29 3.19
N LEU A 1342 -1.00 -7.10 3.12
CA LEU A 1342 -1.66 -6.20 4.04
C LEU A 1342 -2.15 -6.92 5.27
N LEU A 1343 -1.94 -8.24 5.34
CA LEU A 1343 -2.15 -8.96 6.59
C LEU A 1343 -0.95 -8.79 7.52
N ARG A 1344 0.17 -8.27 7.00
CA ARG A 1344 1.38 -8.12 7.81
C ARG A 1344 1.19 -7.14 8.94
N SER A 1345 0.34 -6.13 8.74
CA SER A 1345 0.13 -5.14 9.78
C SER A 1345 -0.97 -5.54 10.76
N ALA A 1346 -1.15 -6.84 10.97
CA ALA A 1346 -2.03 -7.29 12.03
C ALA A 1346 -1.22 -7.64 13.28
N ARG A 1347 0.06 -7.97 13.11
CA ARG A 1347 0.89 -8.31 14.26
C ARG A 1347 1.51 -7.08 14.89
N ASP A 1348 0.73 -6.02 15.07
CA ASP A 1348 1.13 -4.85 15.84
C ASP A 1348 -0.07 -4.17 16.47
N GLY A 1349 -1.23 -4.83 16.44
CA GLY A 1349 -2.46 -4.23 16.90
C GLY A 1349 -3.08 -3.28 15.89
N GLU A 1350 -4.27 -2.76 16.20
CA GLU A 1350 -4.98 -1.87 15.28
C GLU A 1350 -4.56 -0.42 15.39
N ALA A 1351 -3.43 -0.12 16.00
CA ALA A 1351 -2.96 1.25 16.13
C ALA A 1351 -2.67 1.84 14.75
N HIS A 1352 -1.78 1.19 14.02
CA HIS A 1352 -1.45 1.57 12.66
C HIS A 1352 -1.78 0.47 11.67
N ALA A 1353 -2.89 -0.23 11.87
CA ALA A 1353 -3.31 -1.26 10.93
C ALA A 1353 -3.82 -0.63 9.65
N ARG A 1354 -3.27 -1.07 8.53
CA ARG A 1354 -3.65 -0.56 7.22
C ARG A 1354 -5.06 -1.00 6.91
N GLU A 1355 -6.01 -0.07 6.98
CA GLU A 1355 -7.39 -0.40 6.67
C GLU A 1355 -7.59 -0.57 5.17
N THR A 1356 -6.98 0.29 4.38
CA THR A 1356 -7.43 0.47 3.01
C THR A 1356 -6.32 0.95 2.09
N HIS A 1357 -5.95 0.07 1.17
CA HIS A 1357 -5.24 0.47 -0.03
C HIS A 1357 -6.27 0.26 -1.13
N PHE A 1358 -5.92 0.68 -2.37
CA PHE A 1358 -6.79 1.08 -3.51
C PHE A 1358 -8.07 0.25 -3.56
N THR A 1359 -7.98 -1.07 -3.53
CA THR A 1359 -9.13 -1.90 -3.27
C THR A 1359 -8.92 -2.79 -2.07
N GLN A 1360 -7.68 -2.94 -1.64
CA GLN A 1360 -7.35 -3.98 -0.69
C GLN A 1360 -7.72 -3.54 0.71
N TYR A 1361 -8.65 -4.27 1.29
CA TYR A 1361 -9.40 -3.83 2.45
C TYR A 1361 -9.10 -4.75 3.62
N LEU A 1362 -9.12 -4.19 4.82
CA LEU A 1362 -8.91 -4.95 6.04
C LEU A 1362 -10.04 -4.67 7.01
N ILE A 1363 -10.40 -5.70 7.76
CA ILE A 1363 -11.26 -5.55 8.93
C ILE A 1363 -10.53 -6.19 10.09
N TYR A 1364 -10.20 -5.39 11.10
CA TYR A 1364 -9.55 -5.86 12.31
C TYR A 1364 -10.52 -6.71 13.11
N ASP A 1365 -9.98 -7.46 14.06
CA ASP A 1365 -10.79 -8.32 14.90
C ASP A 1365 -11.62 -7.49 15.87
N ALA A 1366 -12.94 -7.65 15.81
CA ALA A 1366 -13.85 -7.14 16.81
C ALA A 1366 -14.70 -8.31 17.27
N SER A 1367 -14.47 -8.76 18.48
CA SER A 1367 -15.02 -10.00 19.00
C SER A 1367 -14.75 -10.04 20.50
N PRO A 1368 -15.37 -10.95 21.24
CA PRO A 1368 -14.79 -11.33 22.53
C PRO A 1368 -13.42 -11.95 22.41
N LEU A 1369 -13.08 -12.49 21.24
CA LEU A 1369 -11.77 -13.11 21.04
C LEU A 1369 -10.68 -12.13 20.69
N LYS A 1370 -10.93 -10.81 20.78
CA LYS A 1370 -9.88 -9.88 20.38
C LYS A 1370 -8.82 -9.78 21.46
N GLY A 1371 -7.57 -9.58 21.03
CA GLY A 1371 -6.43 -9.44 21.90
C GLY A 1371 -5.96 -10.69 22.61
N LEU A 1372 -6.67 -11.80 22.46
CA LEU A 1372 -6.42 -12.98 23.27
C LEU A 1372 -5.27 -13.81 22.72
N SER A 1373 -5.18 -15.03 23.22
CA SER A 1373 -4.03 -15.92 22.95
C SER A 1373 -3.97 -16.36 21.50
N LEU A 1374 -5.12 -16.39 20.82
CA LEU A 1374 -5.18 -16.91 19.47
C LEU A 1374 -6.21 -16.17 18.60
N ARG B 6 -61.23 -42.32 40.95
CA ARG B 6 -60.60 -43.63 41.15
C ARG B 6 -60.00 -43.75 42.55
N ASP B 7 -58.92 -43.01 42.81
CA ASP B 7 -58.25 -43.07 44.11
C ASP B 7 -58.95 -42.28 45.23
N PRO B 8 -59.59 -41.13 45.01
CA PRO B 8 -60.45 -40.56 46.08
C PRO B 8 -61.66 -41.43 46.42
N PRO B 9 -62.11 -42.34 45.54
CA PRO B 9 -62.80 -43.52 46.09
C PRO B 9 -61.86 -44.61 46.58
N GLY B 10 -60.69 -44.75 45.98
CA GLY B 10 -59.81 -45.87 46.31
C GLY B 10 -59.10 -45.70 47.64
N TYR B 11 -58.83 -44.45 48.03
CA TYR B 11 -58.23 -44.19 49.35
C TYR B 11 -59.16 -44.62 50.46
N ARG B 12 -60.48 -44.59 50.20
CA ARG B 12 -61.44 -45.13 51.15
C ARG B 12 -61.29 -46.64 51.29
N TYR B 13 -60.84 -47.32 50.24
CA TYR B 13 -60.54 -48.75 50.40
C TYR B 13 -59.15 -48.93 51.01
N ALA B 14 -58.28 -47.92 50.85
CA ALA B 14 -57.06 -47.88 51.65
C ALA B 14 -57.39 -47.45 53.08
N ALA B 15 -58.45 -46.66 53.24
CA ALA B 15 -58.93 -46.37 54.59
C ALA B 15 -59.74 -47.54 55.14
N ALA B 16 -60.35 -48.33 54.26
CA ALA B 16 -60.96 -49.57 54.72
C ALA B 16 -59.90 -50.58 55.16
N ILE B 17 -58.66 -50.42 54.63
CA ILE B 17 -57.51 -51.17 55.14
C ILE B 17 -57.12 -50.69 56.53
N LEU B 18 -57.67 -49.56 56.98
CA LEU B 18 -57.50 -49.04 58.33
C LEU B 18 -58.85 -49.16 59.01
N PRO B 19 -59.24 -50.34 59.48
CA PRO B 19 -60.67 -50.59 59.71
C PRO B 19 -61.15 -50.31 61.13
N THR B 20 -62.40 -49.84 61.23
CA THR B 20 -63.12 -49.71 62.49
C THR B 20 -64.55 -50.18 62.35
N GLY B 21 -64.99 -50.40 61.11
CA GLY B 21 -66.42 -50.44 60.84
C GLY B 21 -66.94 -51.83 60.60
N SER B 22 -67.90 -52.21 61.44
CA SER B 22 -68.49 -53.54 61.46
C SER B 22 -69.69 -53.58 60.53
N ILE B 23 -69.68 -54.56 59.64
CA ILE B 23 -70.76 -54.77 58.69
C ILE B 23 -71.60 -55.93 59.21
N LEU B 24 -72.90 -55.69 59.38
CA LEU B 24 -73.69 -56.57 60.22
C LEU B 24 -74.20 -57.79 59.45
N SER B 25 -74.99 -57.57 58.41
CA SER B 25 -75.56 -58.68 57.65
C SER B 25 -74.90 -58.79 56.28
N THR B 26 -74.79 -60.03 55.77
CA THR B 26 -74.01 -60.33 54.57
C THR B 26 -74.90 -60.94 53.49
N ILE B 27 -74.94 -60.30 52.32
CA ILE B 27 -75.44 -60.92 51.11
C ILE B 27 -74.43 -60.64 50.00
N GLU B 28 -74.77 -61.09 48.80
CA GLU B 28 -73.92 -60.86 47.64
C GLU B 28 -73.86 -59.38 47.30
N VAL B 29 -72.65 -58.86 47.11
CA VAL B 29 -72.49 -57.44 46.86
C VAL B 29 -72.92 -57.06 45.45
N ALA B 30 -72.69 -57.94 44.47
CA ALA B 30 -72.86 -57.56 43.07
C ALA B 30 -74.32 -57.42 42.68
N SER B 31 -75.23 -57.97 43.49
CA SER B 31 -76.65 -57.70 43.27
C SER B 31 -76.99 -56.24 43.55
N HIS B 32 -76.22 -55.60 44.42
CA HIS B 32 -76.39 -54.18 44.66
C HIS B 32 -75.28 -53.36 44.02
N ARG B 33 -74.84 -53.75 42.83
CA ARG B 33 -73.81 -53.02 42.10
C ARG B 33 -74.33 -51.65 41.68
N ARG B 34 -75.62 -51.56 41.37
CA ARG B 34 -76.23 -50.31 40.96
C ARG B 34 -76.70 -49.48 42.15
N LEU B 35 -76.11 -49.69 43.32
CA LEU B 35 -76.41 -48.96 44.53
C LEU B 35 -75.25 -48.11 45.03
N PHE B 36 -74.02 -48.63 45.01
CA PHE B 36 -72.88 -47.94 45.60
C PHE B 36 -72.43 -46.76 44.75
N ASP B 37 -71.51 -45.99 45.33
CA ASP B 37 -70.82 -44.96 44.57
C ASP B 37 -69.53 -45.52 43.98
N PHE B 38 -68.88 -46.42 44.70
CA PHE B 38 -67.66 -47.05 44.22
C PHE B 38 -67.61 -48.51 44.61
N PHE B 39 -67.29 -49.36 43.65
CA PHE B 39 -67.12 -50.78 43.86
C PHE B 39 -65.70 -51.19 43.56
N ALA B 40 -65.11 -51.97 44.46
CA ALA B 40 -63.88 -52.70 44.22
C ALA B 40 -64.19 -54.17 44.35
N ALA B 41 -63.40 -55.02 43.70
CA ALA B 41 -63.63 -56.46 43.79
C ALA B 41 -62.42 -57.19 44.35
N VAL B 42 -62.62 -57.84 45.49
CA VAL B 42 -61.69 -58.82 46.02
C VAL B 42 -61.53 -59.95 45.03
N ARG B 43 -60.32 -60.08 44.43
CA ARG B 43 -59.96 -61.28 43.71
C ARG B 43 -58.59 -61.71 44.24
N SER B 44 -58.59 -62.20 45.47
CA SER B 44 -57.50 -62.96 46.10
C SER B 44 -56.20 -62.17 46.30
N ASP B 45 -56.11 -60.98 45.71
CA ASP B 45 -54.88 -60.22 45.55
C ASP B 45 -55.20 -58.91 44.84
N GLU B 46 -54.33 -57.90 45.02
CA GLU B 46 -54.31 -56.73 44.17
C GLU B 46 -52.91 -56.14 44.21
N ASN B 47 -52.34 -55.85 43.05
CA ASN B 47 -50.97 -55.35 43.02
C ASN B 47 -50.93 -53.87 43.40
N SER B 48 -52.10 -53.24 43.46
CA SER B 48 -52.16 -51.83 43.81
C SER B 48 -52.17 -51.61 45.32
N LEU B 49 -52.78 -52.53 46.08
CA LEU B 49 -53.02 -52.25 47.50
C LEU B 49 -51.74 -52.30 48.32
N TYR B 50 -50.70 -52.92 47.81
CA TYR B 50 -49.43 -52.95 48.53
C TYR B 50 -48.67 -51.63 48.41
N ASP B 51 -49.16 -50.67 47.64
CA ASP B 51 -48.46 -49.42 47.40
C ASP B 51 -49.13 -48.27 48.14
N VAL B 52 -48.33 -47.25 48.48
CA VAL B 52 -48.81 -46.00 49.05
C VAL B 52 -48.38 -44.87 48.12
N GLU B 53 -49.06 -43.74 48.22
CA GLU B 53 -48.75 -42.62 47.35
C GLU B 53 -49.17 -41.32 48.00
N PHE B 54 -48.23 -40.63 48.62
CA PHE B 54 -48.53 -39.33 49.20
C PHE B 54 -47.88 -38.24 48.37
N ASP B 55 -48.34 -37.02 48.59
CA ASP B 55 -47.67 -35.82 48.10
C ASP B 55 -47.31 -34.95 49.30
N ALA B 56 -46.35 -34.05 49.11
CA ALA B 56 -45.64 -33.45 50.22
C ALA B 56 -45.57 -31.93 50.13
N LEU B 57 -45.77 -31.29 51.27
CA LEU B 57 -45.39 -29.91 51.49
C LEU B 57 -44.14 -29.92 52.37
N LEU B 58 -42.98 -29.64 51.77
CA LEU B 58 -41.71 -29.87 52.43
C LEU B 58 -41.12 -28.65 53.11
N GLY B 59 -41.84 -28.04 54.03
CA GLY B 59 -41.28 -26.86 54.66
C GLY B 59 -41.47 -25.62 53.80
N SER B 60 -41.71 -24.50 54.46
CA SER B 60 -41.88 -23.22 53.78
C SER B 60 -41.21 -22.13 54.60
N TYR B 61 -40.73 -21.11 53.90
CA TYR B 61 -39.81 -20.15 54.50
C TYR B 61 -40.27 -18.74 54.17
N CYS B 62 -40.38 -17.90 55.19
CA CYS B 62 -40.90 -16.56 55.05
C CYS B 62 -39.78 -15.58 55.34
N ASN B 63 -39.80 -14.43 54.70
CA ASN B 63 -38.85 -13.41 55.07
C ASN B 63 -39.26 -12.74 56.38
N THR B 64 -38.31 -12.06 56.99
CA THR B 64 -38.57 -11.21 58.15
C THR B 64 -38.22 -9.79 57.78
N LEU B 65 -39.22 -9.01 57.39
CA LEU B 65 -39.01 -7.65 56.92
C LEU B 65 -38.54 -6.76 58.05
N SER B 66 -37.56 -5.91 57.77
CA SER B 66 -36.91 -5.14 58.81
C SER B 66 -37.55 -3.78 58.96
N LEU B 67 -37.51 -3.24 60.16
CA LEU B 67 -37.94 -1.88 60.45
C LEU B 67 -36.71 -0.99 60.42
N VAL B 68 -36.92 0.30 60.15
CA VAL B 68 -35.84 1.28 60.20
C VAL B 68 -36.28 2.48 61.02
N ARG B 69 -35.64 2.67 62.16
CA ARG B 69 -35.70 4.00 62.75
C ARG B 69 -34.78 4.92 61.96
N PHE B 70 -35.32 6.07 61.59
CA PHE B 70 -34.51 7.00 60.81
C PHE B 70 -33.38 7.61 61.62
N LEU B 71 -33.58 7.76 62.93
CA LEU B 71 -32.48 8.15 63.80
C LEU B 71 -31.45 7.05 63.92
N GLU B 72 -31.82 5.80 63.63
CA GLU B 72 -30.89 4.69 63.56
C GLU B 72 -30.39 4.60 62.12
N LEU B 73 -29.90 5.72 61.59
CA LEU B 73 -29.37 5.83 60.25
C LEU B 73 -28.54 7.09 60.21
N GLY B 74 -27.44 7.08 59.44
CA GLY B 74 -26.46 8.14 59.54
C GLY B 74 -26.89 9.47 58.98
N LEU B 75 -28.00 9.51 58.27
CA LEU B 75 -28.48 10.74 57.65
C LEU B 75 -29.00 11.76 58.66
N SER B 76 -29.52 11.30 59.78
CA SER B 76 -30.28 12.16 60.69
C SER B 76 -29.42 13.17 61.45
N VAL B 77 -28.11 13.21 61.22
CA VAL B 77 -27.33 14.34 61.67
C VAL B 77 -27.60 15.56 60.80
N ALA B 78 -28.09 15.36 59.59
CA ALA B 78 -28.46 16.48 58.74
C ALA B 78 -29.88 16.96 59.01
N CYS B 79 -30.63 16.27 59.87
CA CYS B 79 -32.00 16.68 60.18
C CYS B 79 -32.07 17.01 61.65
N VAL B 80 -33.15 17.68 62.04
CA VAL B 80 -33.46 17.89 63.45
C VAL B 80 -34.83 17.30 63.69
N CYS B 81 -34.87 16.04 64.15
CA CYS B 81 -36.14 15.37 64.39
C CYS B 81 -36.82 15.95 65.62
N THR B 82 -37.66 16.94 65.40
CA THR B 82 -38.44 17.57 66.45
C THR B 82 -39.92 17.50 66.11
N LYS B 83 -40.71 17.11 67.10
CA LYS B 83 -42.11 16.83 66.90
C LYS B 83 -42.96 18.06 67.18
N PHE B 84 -44.18 18.05 66.66
CA PHE B 84 -45.13 19.14 66.84
C PHE B 84 -46.53 18.58 66.65
N PRO B 85 -47.24 18.29 67.75
CA PRO B 85 -48.50 17.53 67.62
C PRO B 85 -49.67 18.34 67.13
N GLU B 86 -49.52 19.63 66.92
CA GLU B 86 -50.64 20.44 66.46
C GLU B 86 -50.35 21.18 65.16
N LEU B 87 -49.80 20.48 64.16
CA LEU B 87 -49.45 21.09 62.89
C LEU B 87 -50.65 21.68 62.18
N ALA B 88 -51.73 20.90 62.07
CA ALA B 88 -52.75 21.16 61.04
C ALA B 88 -53.54 22.44 61.29
N TYR B 89 -53.26 23.13 62.39
CA TYR B 89 -53.82 24.44 62.64
C TYR B 89 -52.77 25.55 62.58
N MET B 90 -51.51 25.24 62.25
CA MET B 90 -50.46 26.24 62.41
C MET B 90 -50.45 27.21 61.25
N ASN B 91 -50.75 26.72 60.04
CA ASN B 91 -51.13 27.48 58.85
C ASN B 91 -50.02 28.37 58.27
N GLU B 92 -48.93 28.60 59.00
CA GLU B 92 -47.85 29.52 58.64
C GLU B 92 -46.65 29.28 59.53
N GLY B 93 -45.53 29.88 59.17
CA GLY B 93 -44.37 29.92 60.03
C GLY B 93 -43.30 30.81 59.42
N ARG B 94 -42.35 31.21 60.26
CA ARG B 94 -41.29 32.11 59.83
C ARG B 94 -40.16 32.13 60.85
N VAL B 95 -39.01 32.65 60.40
CA VAL B 95 -37.82 32.92 61.21
C VAL B 95 -37.23 34.24 60.73
N GLN B 96 -36.97 35.18 61.66
CA GLN B 96 -36.67 36.53 61.19
C GLN B 96 -35.17 36.82 61.13
N PHE B 97 -34.32 35.91 61.66
CA PHE B 97 -32.90 35.73 61.27
C PHE B 97 -32.06 37.02 61.35
N GLU B 98 -31.81 37.47 62.57
CA GLU B 98 -30.92 38.59 62.79
C GLU B 98 -29.47 38.13 62.71
N VAL B 99 -28.70 38.72 61.79
CA VAL B 99 -27.27 38.45 61.65
C VAL B 99 -26.52 39.76 61.46
N HIS B 100 -25.26 39.77 61.90
CA HIS B 100 -24.48 40.98 62.05
C HIS B 100 -23.09 40.75 61.49
N GLN B 101 -22.36 41.83 61.23
CA GLN B 101 -21.08 41.72 60.55
C GLN B 101 -19.96 42.44 61.28
N PRO B 102 -18.72 41.96 61.14
CA PRO B 102 -17.57 42.69 61.69
C PRO B 102 -16.95 43.67 60.70
N LEU B 103 -16.18 44.63 61.20
CA LEU B 103 -15.61 45.66 60.35
C LEU B 103 -14.10 45.68 60.47
N ILE B 104 -13.47 46.36 59.53
CA ILE B 104 -12.05 46.65 59.60
C ILE B 104 -11.98 48.18 59.75
N ALA B 105 -10.79 48.72 59.88
CA ALA B 105 -10.55 50.13 60.16
C ALA B 105 -9.64 50.70 59.09
N ARG B 106 -10.13 50.65 57.84
CA ARG B 106 -9.46 51.15 56.65
C ARG B 106 -8.81 52.52 56.84
N ASP B 107 -7.72 52.76 56.13
CA ASP B 107 -6.94 53.98 56.28
C ASP B 107 -6.79 54.64 54.93
N GLY B 108 -6.98 55.95 54.88
CA GLY B 108 -6.61 56.73 53.73
C GLY B 108 -7.71 56.99 52.74
N PRO B 109 -7.38 56.94 51.44
CA PRO B 109 -8.17 57.57 50.38
C PRO B 109 -9.42 56.80 50.01
N HIS B 110 -10.27 56.53 50.99
CA HIS B 110 -11.40 55.65 50.82
C HIS B 110 -12.55 56.12 51.69
N PRO B 111 -13.80 55.75 51.39
CA PRO B 111 -14.89 56.01 52.32
C PRO B 111 -14.70 55.27 53.64
N VAL B 112 -15.23 55.87 54.71
CA VAL B 112 -15.12 55.25 56.02
C VAL B 112 -16.11 54.10 56.12
N GLU B 113 -15.60 52.91 56.47
CA GLU B 113 -16.44 51.73 56.63
C GLU B 113 -17.38 51.92 57.82
N GLN B 114 -18.66 51.65 57.59
CA GLN B 114 -19.67 51.84 58.60
C GLN B 114 -20.34 50.51 58.91
N PRO B 115 -20.79 50.30 60.15
CA PRO B 115 -21.38 49.01 60.50
C PRO B 115 -22.74 48.81 59.86
N VAL B 116 -22.96 47.60 59.39
CA VAL B 116 -24.21 47.25 58.75
C VAL B 116 -24.78 46.01 59.41
N HIS B 117 -26.11 45.92 59.40
CA HIS B 117 -26.80 44.75 59.89
C HIS B 117 -27.87 44.38 58.89
N ASN B 118 -28.13 43.09 58.75
CA ASN B 118 -29.00 42.59 57.70
C ASN B 118 -30.02 41.62 58.27
N TYR B 119 -31.30 41.97 58.11
CA TYR B 119 -32.42 41.18 58.59
C TYR B 119 -33.11 40.57 57.40
N MET B 120 -33.34 39.26 57.44
CA MET B 120 -33.98 38.58 56.33
C MET B 120 -35.09 37.68 56.85
N THR B 121 -36.09 37.46 55.99
CA THR B 121 -37.27 36.71 56.41
C THR B 121 -37.56 35.62 55.37
N LYS B 122 -37.58 34.38 55.84
CA LYS B 122 -37.74 33.21 54.98
C LYS B 122 -38.79 32.28 55.54
N VAL B 123 -39.64 31.76 54.65
CA VAL B 123 -40.96 31.24 55.00
C VAL B 123 -40.93 29.72 54.93
N ILE B 124 -41.69 29.07 55.80
CA ILE B 124 -41.67 27.62 55.91
C ILE B 124 -42.54 27.00 54.81
N ASP B 125 -42.48 25.67 54.69
CA ASP B 125 -43.17 24.94 53.63
C ASP B 125 -43.99 23.79 54.22
N ARG B 126 -45.19 23.61 53.68
CA ARG B 126 -46.09 22.53 54.07
C ARG B 126 -46.18 21.45 53.02
N ARG B 127 -45.90 20.21 53.39
CA ARG B 127 -46.16 19.08 52.53
C ARG B 127 -46.84 17.97 53.31
N ALA B 128 -47.25 16.93 52.60
CA ALA B 128 -48.05 15.86 53.20
C ALA B 128 -47.70 14.52 52.57
N LEU B 129 -47.81 13.47 53.37
CA LEU B 129 -47.53 12.11 52.93
C LEU B 129 -48.78 11.28 53.16
N ASN B 130 -48.78 10.05 52.64
CA ASN B 130 -49.95 9.19 52.68
C ASN B 130 -49.58 7.74 52.40
N ALA B 131 -50.42 6.84 52.91
CA ALA B 131 -50.38 5.41 52.65
C ALA B 131 -51.72 4.82 53.09
N ALA B 132 -52.08 3.67 52.52
CA ALA B 132 -53.41 3.11 52.71
C ALA B 132 -53.37 1.60 52.63
N PHE B 133 -53.78 0.95 53.71
CA PHE B 133 -53.95 -0.50 53.74
C PHE B 133 -55.41 -0.93 53.67
N SER B 134 -55.93 -1.06 52.46
CA SER B 134 -57.29 -1.56 52.26
C SER B 134 -57.43 -2.96 52.80
N LEU B 135 -58.38 -3.14 53.72
CA LEU B 135 -58.50 -4.39 54.44
C LEU B 135 -59.56 -5.28 53.78
N ALA B 136 -59.30 -6.59 53.81
CA ALA B 136 -60.05 -7.57 53.04
C ALA B 136 -61.43 -7.81 53.63
N THR B 137 -62.44 -7.79 52.76
CA THR B 137 -63.85 -7.65 53.10
C THR B 137 -64.41 -8.68 54.06
N GLU B 138 -64.30 -9.96 53.71
CA GLU B 138 -64.86 -11.01 54.54
C GLU B 138 -64.08 -11.17 55.83
N ALA B 139 -62.79 -10.81 55.78
CA ALA B 139 -61.94 -10.94 56.96
C ALA B 139 -62.32 -9.90 58.01
N ILE B 140 -62.87 -8.77 57.57
CA ILE B 140 -63.41 -7.78 58.49
C ILE B 140 -64.56 -8.37 59.29
N ALA B 141 -65.45 -9.08 58.60
CA ALA B 141 -66.56 -9.77 59.26
C ALA B 141 -66.05 -10.88 60.14
N LEU B 142 -64.93 -11.49 59.75
CA LEU B 142 -64.35 -12.58 60.52
C LEU B 142 -63.70 -12.07 61.80
N LEU B 143 -63.26 -10.82 61.81
CA LEU B 143 -62.62 -10.30 63.01
C LEU B 143 -63.62 -9.57 63.90
N THR B 144 -64.64 -8.96 63.30
CA THR B 144 -65.52 -8.08 64.06
C THR B 144 -66.54 -8.84 64.89
N GLY B 145 -66.56 -10.16 64.77
CA GLY B 145 -67.62 -10.93 65.36
C GLY B 145 -68.69 -11.22 64.33
N GLU B 146 -69.70 -11.97 64.78
CA GLU B 146 -70.87 -12.37 64.02
C GLU B 146 -70.55 -13.20 62.78
N ALA B 147 -69.36 -13.81 62.74
CA ALA B 147 -69.16 -14.99 61.92
C ALA B 147 -68.29 -15.93 62.75
N LEU B 148 -68.93 -16.71 63.61
CA LEU B 148 -68.25 -17.62 64.50
C LEU B 148 -69.22 -18.75 64.82
N ASP B 149 -68.70 -19.96 64.94
CA ASP B 149 -69.53 -21.12 65.24
C ASP B 149 -69.05 -21.89 66.46
N GLY B 150 -68.13 -21.31 67.23
CA GLY B 150 -67.55 -22.00 68.36
C GLY B 150 -66.66 -23.16 68.03
N THR B 151 -66.17 -23.23 66.80
CA THR B 151 -65.33 -24.35 66.40
C THR B 151 -63.90 -23.90 66.19
N GLY B 152 -62.99 -24.87 66.20
CA GLY B 152 -61.58 -24.57 65.99
C GLY B 152 -61.27 -24.10 64.59
N ILE B 153 -62.17 -24.38 63.64
CA ILE B 153 -62.02 -23.81 62.31
C ILE B 153 -62.18 -22.29 62.38
N SER B 154 -63.06 -21.82 63.26
CA SER B 154 -63.36 -20.40 63.31
C SER B 154 -62.22 -19.61 63.93
N LEU B 155 -61.62 -20.12 65.01
CA LEU B 155 -60.59 -19.36 65.70
C LEU B 155 -59.30 -19.31 64.90
N HIS B 156 -58.99 -20.36 64.15
CA HIS B 156 -57.92 -20.27 63.18
C HIS B 156 -58.21 -19.22 62.13
N ARG B 157 -59.45 -19.16 61.65
CA ARG B 157 -59.82 -18.17 60.66
C ARG B 157 -59.78 -16.77 61.26
N GLN B 158 -60.21 -16.65 62.51
CA GLN B 158 -60.18 -15.35 63.17
C GLN B 158 -58.76 -14.87 63.38
N LEU B 159 -57.87 -15.80 63.70
CA LEU B 159 -56.51 -15.38 64.04
C LEU B 159 -55.73 -15.07 62.78
N ARG B 160 -56.11 -15.68 61.65
CA ARG B 160 -55.39 -15.44 60.39
C ARG B 160 -55.57 -14.01 59.91
N ALA B 161 -56.77 -13.46 60.09
CA ALA B 161 -57.01 -12.09 59.63
C ALA B 161 -56.20 -11.09 60.44
N ILE B 162 -56.05 -11.37 61.73
CA ILE B 162 -55.24 -10.51 62.59
C ILE B 162 -53.75 -10.69 62.28
N GLN B 163 -53.34 -11.93 61.96
CA GLN B 163 -51.95 -12.16 61.53
C GLN B 163 -51.69 -11.62 60.13
N GLN B 164 -52.74 -11.19 59.42
CA GLN B 164 -52.52 -10.34 58.26
C GLN B 164 -52.55 -8.88 58.66
N LEU B 165 -53.52 -8.49 59.48
CA LEU B 165 -53.73 -7.09 59.84
C LEU B 165 -52.53 -6.50 60.59
N ALA B 166 -52.00 -7.27 61.54
CA ALA B 166 -50.78 -6.85 62.23
C ALA B 166 -49.62 -6.79 61.26
N ARG B 167 -49.58 -7.75 60.33
CA ARG B 167 -48.55 -7.75 59.30
C ARG B 167 -48.82 -6.62 58.30
N ASN B 168 -50.10 -6.26 58.12
CA ASN B 168 -50.41 -5.10 57.30
C ASN B 168 -50.06 -3.79 58.00
N VAL B 169 -50.40 -3.66 59.28
CA VAL B 169 -50.25 -2.37 59.93
C VAL B 169 -48.78 -2.08 60.22
N GLN B 170 -47.97 -3.14 60.32
CA GLN B 170 -46.56 -2.94 60.55
C GLN B 170 -45.89 -2.43 59.29
N ALA B 171 -46.51 -2.66 58.13
CA ALA B 171 -45.96 -2.17 56.88
C ALA B 171 -46.11 -0.66 56.78
N VAL B 172 -47.30 -0.13 57.06
CA VAL B 172 -47.50 1.31 56.92
C VAL B 172 -46.84 2.06 58.06
N LEU B 173 -46.64 1.40 59.19
CA LEU B 173 -45.87 2.01 60.27
C LEU B 173 -44.42 2.17 59.88
N GLY B 174 -43.88 1.19 59.17
CA GLY B 174 -42.54 1.34 58.65
C GLY B 174 -42.48 2.25 57.45
N ALA B 175 -43.63 2.54 56.86
CA ALA B 175 -43.67 3.27 55.61
C ALA B 175 -43.32 4.74 55.82
N PHE B 176 -43.95 5.37 56.80
CA PHE B 176 -43.61 6.76 57.09
C PHE B 176 -42.24 6.86 57.72
N GLU B 177 -41.78 5.78 58.35
CA GLU B 177 -40.38 5.72 58.79
C GLU B 177 -39.46 5.68 57.59
N ARG B 178 -39.82 4.91 56.56
CA ARG B 178 -39.06 4.94 55.32
C ARG B 178 -39.30 6.23 54.56
N GLY B 179 -40.56 6.63 54.42
CA GLY B 179 -40.94 7.73 53.55
C GLY B 179 -40.42 9.10 53.97
N THR B 180 -40.26 9.29 55.28
CA THR B 180 -39.59 10.48 55.78
C THR B 180 -38.17 10.54 55.25
N ALA B 181 -37.43 9.44 55.40
CA ALA B 181 -36.06 9.31 54.92
C ALA B 181 -35.98 9.48 53.41
N ASP B 182 -37.02 9.01 52.72
CA ASP B 182 -37.13 9.26 51.28
C ASP B 182 -37.25 10.75 51.03
N GLN B 183 -38.03 11.44 51.86
CA GLN B 183 -38.29 12.85 51.62
C GLN B 183 -37.11 13.68 52.07
N MET B 184 -36.27 13.10 52.92
CA MET B 184 -35.08 13.76 53.44
C MET B 184 -34.12 14.19 52.33
N LEU B 185 -34.08 13.42 51.25
CA LEU B 185 -33.09 13.71 50.21
C LEU B 185 -33.61 14.69 49.18
N HIS B 186 -34.94 14.78 49.03
CA HIS B 186 -35.51 15.54 47.93
C HIS B 186 -35.31 17.03 48.10
N VAL B 187 -35.48 17.55 49.31
CA VAL B 187 -35.30 18.98 49.46
C VAL B 187 -33.83 19.32 49.54
N LEU B 188 -32.99 18.33 49.81
CA LEU B 188 -31.57 18.58 49.81
C LEU B 188 -31.03 18.65 48.39
N LEU B 189 -31.78 18.09 47.43
CA LEU B 189 -31.38 18.18 46.04
C LEU B 189 -32.12 19.26 45.28
N GLU B 190 -33.19 19.81 45.86
CA GLU B 190 -33.79 21.01 45.29
C GLU B 190 -32.81 22.17 45.40
N LYS B 191 -32.01 22.18 46.44
CA LYS B 191 -30.82 23.00 46.60
C LYS B 191 -29.60 22.26 46.09
N ALA B 192 -28.43 22.73 46.54
CA ALA B 192 -27.12 22.11 46.37
C ALA B 192 -26.69 21.98 44.92
N PRO B 193 -26.28 23.07 44.28
CA PRO B 193 -25.74 22.99 42.92
C PRO B 193 -24.45 22.18 42.91
N PRO B 194 -24.13 21.53 41.79
CA PRO B 194 -23.01 20.58 41.77
C PRO B 194 -21.65 21.20 42.00
N LEU B 195 -20.69 20.33 42.32
CA LEU B 195 -19.39 20.69 42.86
C LEU B 195 -18.56 21.53 41.88
N ALA B 196 -18.72 21.24 40.59
CA ALA B 196 -17.86 21.82 39.58
C ALA B 196 -18.07 23.31 39.45
N LEU B 197 -19.32 23.75 39.43
CA LEU B 197 -19.54 25.19 39.26
C LEU B 197 -19.61 25.88 40.61
N LEU B 198 -19.73 25.09 41.68
CA LEU B 198 -19.74 25.68 43.02
C LEU B 198 -18.35 26.15 43.39
N LEU B 199 -17.34 25.48 42.86
CA LEU B 199 -15.99 25.69 43.33
C LEU B 199 -15.38 27.03 42.92
N PRO B 200 -15.59 27.59 41.71
CA PRO B 200 -15.14 28.97 41.50
C PRO B 200 -16.05 29.98 42.14
N MET B 201 -17.26 29.56 42.49
CA MET B 201 -18.25 30.48 43.03
C MET B 201 -17.84 30.92 44.43
N GLN B 202 -17.54 29.94 45.29
CA GLN B 202 -16.99 30.24 46.60
C GLN B 202 -15.68 31.00 46.52
N ARG B 203 -14.84 30.66 45.53
CA ARG B 203 -13.60 31.36 45.24
C ARG B 203 -13.84 32.84 44.98
N TYR B 204 -14.87 33.17 44.20
CA TYR B 204 -15.16 34.57 43.96
C TYR B 204 -15.85 35.22 45.14
N LEU B 205 -16.69 34.46 45.85
CA LEU B 205 -17.68 35.05 46.75
C LEU B 205 -17.07 35.75 47.96
N ASP B 206 -16.02 35.20 48.53
CA ASP B 206 -15.49 35.70 49.80
C ASP B 206 -14.37 36.71 49.54
N ASN B 207 -14.60 37.69 48.69
CA ASN B 207 -13.64 38.78 48.60
C ASN B 207 -14.32 40.15 48.70
N GLY B 208 -15.48 40.27 48.09
CA GLY B 208 -16.12 41.55 47.93
C GLY B 208 -15.71 42.22 46.64
N THR B 212 -19.36 44.00 40.34
CA THR B 212 -18.08 44.25 39.68
C THR B 212 -18.17 43.75 38.24
N ARG B 213 -17.93 44.65 37.29
CA ARG B 213 -18.18 44.36 35.87
C ARG B 213 -17.26 43.31 35.28
N VAL B 214 -15.95 43.52 35.37
CA VAL B 214 -15.01 42.64 34.68
C VAL B 214 -14.95 41.29 35.38
N ALA B 215 -15.09 41.31 36.70
CA ALA B 215 -15.11 40.09 37.49
C ALA B 215 -16.34 39.26 37.18
N ARG B 216 -17.43 39.93 36.81
CA ARG B 216 -18.62 39.22 36.34
C ARG B 216 -18.30 38.43 35.07
N ALA B 217 -17.47 39.00 34.20
CA ALA B 217 -17.08 38.31 32.99
C ALA B 217 -16.12 37.17 33.31
N THR B 218 -15.08 37.46 34.10
CA THR B 218 -14.03 36.49 34.31
C THR B 218 -14.47 35.35 35.21
N LEU B 219 -15.58 35.53 35.92
CA LEU B 219 -16.14 34.43 36.67
C LEU B 219 -16.67 33.38 35.70
N VAL B 220 -17.51 33.83 34.76
CA VAL B 220 -18.32 32.96 33.92
C VAL B 220 -17.44 32.15 32.98
N ALA B 221 -16.43 32.79 32.40
CA ALA B 221 -15.51 32.10 31.50
C ALA B 221 -14.70 31.07 32.27
N GLU B 222 -14.37 31.38 33.52
CA GLU B 222 -13.68 30.41 34.36
C GLU B 222 -14.67 29.37 34.85
N LEU B 223 -15.94 29.74 34.91
CA LEU B 223 -16.97 28.83 35.40
C LEU B 223 -17.24 27.73 34.39
N LYS B 224 -17.74 28.12 33.21
CA LYS B 224 -18.30 27.13 32.28
C LYS B 224 -17.22 26.25 31.68
N ARG B 225 -16.02 26.79 31.51
CA ARG B 225 -14.95 26.01 30.93
C ARG B 225 -14.39 25.04 31.94
N SER B 226 -14.59 25.32 33.23
CA SER B 226 -14.28 24.33 34.24
C SER B 226 -15.30 23.20 34.23
N PHE B 227 -16.56 23.51 33.88
CA PHE B 227 -17.58 22.48 33.89
C PHE B 227 -17.40 21.53 32.70
N CYS B 228 -16.80 22.02 31.63
CA CYS B 228 -16.41 21.18 30.50
C CYS B 228 -15.20 20.32 30.87
N ASP B 229 -14.54 20.69 31.95
CA ASP B 229 -13.22 20.17 32.25
C ASP B 229 -13.15 19.38 33.54
N THR B 230 -14.09 19.57 34.47
CA THR B 230 -13.95 18.98 35.79
C THR B 230 -15.15 18.12 36.18
N SER B 231 -16.28 18.31 35.50
CA SER B 231 -17.46 17.49 35.75
C SER B 231 -17.18 16.05 35.36
N PHE B 232 -17.89 15.12 36.01
CA PHE B 232 -17.65 13.67 35.92
C PHE B 232 -16.20 13.33 36.23
N PHE B 233 -15.77 13.63 37.45
CA PHE B 233 -14.34 13.63 37.72
C PHE B 233 -13.78 12.23 37.85
N LEU B 234 -14.49 11.36 38.57
CA LEU B 234 -13.88 10.07 38.87
C LEU B 234 -13.94 9.15 37.68
N GLY B 235 -14.82 9.44 36.72
CA GLY B 235 -14.86 8.67 35.50
C GLY B 235 -13.67 8.92 34.60
N LYS B 236 -13.23 10.18 34.51
CA LYS B 236 -12.23 10.50 33.51
C LYS B 236 -10.81 10.29 34.01
N ALA B 237 -10.61 10.30 35.32
CA ALA B 237 -9.28 10.08 35.89
C ALA B 237 -9.39 9.15 37.08
N GLY B 238 -9.33 7.86 36.82
CA GLY B 238 -9.39 6.88 37.88
C GLY B 238 -8.01 6.38 38.26
N HIS B 239 -6.98 7.05 37.72
CA HIS B 239 -5.61 6.61 37.95
C HIS B 239 -5.02 7.26 39.19
N ARG B 240 -4.94 8.58 39.19
CA ARG B 240 -4.18 9.35 40.15
C ARG B 240 -4.88 9.31 41.49
N ARG B 241 -4.27 8.65 42.48
CA ARG B 241 -4.84 8.60 43.82
C ARG B 241 -4.83 9.99 44.45
N GLU B 242 -3.83 10.79 44.10
CA GLU B 242 -3.73 12.14 44.63
C GLU B 242 -4.81 13.04 44.07
N ALA B 243 -5.23 12.79 42.84
CA ALA B 243 -6.25 13.64 42.22
C ALA B 243 -7.61 13.38 42.86
N ILE B 244 -7.89 12.12 43.20
CA ILE B 244 -9.12 11.82 43.91
C ILE B 244 -9.03 12.34 45.34
N GLU B 245 -7.80 12.37 45.87
CA GLU B 245 -7.56 12.89 47.20
C GLU B 245 -7.87 14.38 47.27
N ALA B 246 -7.38 15.13 46.29
CA ALA B 246 -7.58 16.58 46.28
C ALA B 246 -9.03 16.93 45.99
N TRP B 247 -9.68 16.10 45.19
CA TRP B 247 -11.10 16.27 44.87
C TRP B 247 -11.95 16.17 46.12
N LEU B 248 -11.60 15.23 47.00
CA LEU B 248 -12.50 14.87 48.08
C LEU B 248 -12.35 15.78 49.27
N VAL B 249 -11.13 16.25 49.54
CA VAL B 249 -10.96 17.26 50.59
C VAL B 249 -11.53 18.59 50.14
N ASP B 250 -11.60 18.79 48.81
CA ASP B 250 -12.26 19.98 48.31
C ASP B 250 -13.77 19.83 48.38
N LEU B 251 -14.26 18.58 48.34
CA LEU B 251 -15.69 18.33 48.42
C LEU B 251 -16.26 18.77 49.76
N THR B 252 -15.63 18.37 50.85
CA THR B 252 -16.13 18.66 52.19
C THR B 252 -15.99 20.14 52.52
N THR B 253 -14.92 20.76 52.05
CA THR B 253 -14.49 22.04 52.60
C THR B 253 -15.12 23.17 51.81
N ALA B 254 -15.83 22.83 50.75
CA ALA B 254 -16.42 23.85 49.90
C ALA B 254 -17.62 24.51 50.55
N THR B 255 -18.51 23.73 51.15
CA THR B 255 -19.69 24.29 51.78
C THR B 255 -19.38 24.94 53.11
N GLN B 256 -20.34 25.68 53.64
CA GLN B 256 -20.24 26.31 54.93
C GLN B 256 -21.32 25.77 55.84
N PRO B 257 -21.05 25.50 57.12
CA PRO B 257 -22.10 25.01 58.02
C PRO B 257 -23.16 26.04 58.34
N SER B 258 -24.19 25.62 59.07
CA SER B 258 -25.20 26.55 59.55
C SER B 258 -24.98 26.67 61.05
N VAL B 259 -25.85 27.43 61.71
CA VAL B 259 -25.68 27.68 63.14
C VAL B 259 -25.96 26.37 63.88
N ALA B 260 -25.06 26.03 64.79
CA ALA B 260 -25.08 24.71 65.38
C ALA B 260 -26.21 24.58 66.38
N VAL B 261 -26.68 23.35 66.57
CA VAL B 261 -27.65 23.06 67.61
C VAL B 261 -27.01 22.03 68.53
N PRO B 262 -26.72 22.39 69.77
CA PRO B 262 -25.89 21.54 70.62
C PRO B 262 -26.64 20.36 71.19
N ARG B 263 -27.96 20.39 71.06
CA ARG B 263 -28.78 19.25 71.41
C ARG B 263 -28.52 18.09 70.45
N LEU B 264 -28.12 18.41 69.23
CA LEU B 264 -27.86 17.42 68.19
C LEU B 264 -26.49 16.79 68.44
N THR B 265 -26.44 15.91 69.43
CA THR B 265 -25.24 15.12 69.64
C THR B 265 -25.39 13.80 68.91
N HIS B 266 -25.77 13.88 67.63
CA HIS B 266 -26.07 12.70 66.84
C HIS B 266 -24.80 12.02 66.40
N ALA B 267 -23.68 12.68 66.60
CA ALA B 267 -22.48 12.40 65.85
C ALA B 267 -21.27 12.54 66.76
N ASP B 268 -20.79 11.41 67.27
CA ASP B 268 -19.57 11.35 68.07
C ASP B 268 -19.18 9.89 68.17
N THR B 269 -17.89 9.62 68.02
CA THR B 269 -17.38 8.26 68.11
C THR B 269 -16.09 8.27 68.89
N ARG B 270 -16.12 7.73 70.11
CA ARG B 270 -15.02 7.82 71.08
C ARG B 270 -14.67 9.30 71.30
N GLY B 271 -15.71 10.11 71.48
CA GLY B 271 -15.56 11.55 71.38
C GLY B 271 -15.60 11.98 69.92
N ARG B 272 -14.90 13.09 69.64
CA ARG B 272 -14.57 13.59 68.31
C ARG B 272 -15.81 13.77 67.43
N PRO B 273 -16.59 14.82 67.64
CA PRO B 273 -17.90 14.92 66.96
C PRO B 273 -17.77 15.09 65.45
N VAL B 274 -18.83 14.71 64.75
CA VAL B 274 -18.79 14.45 63.32
C VAL B 274 -19.71 15.45 62.64
N ASP B 275 -19.27 15.95 61.49
CA ASP B 275 -20.02 16.97 60.77
C ASP B 275 -20.16 16.73 59.29
N GLY B 276 -20.28 15.48 58.85
CA GLY B 276 -20.38 15.28 57.42
C GLY B 276 -21.30 14.13 57.06
N VAL B 277 -21.99 14.31 55.93
CA VAL B 277 -22.88 13.31 55.37
C VAL B 277 -22.47 13.06 53.94
N LEU B 278 -22.19 11.81 53.60
CA LEU B 278 -22.02 11.37 52.23
C LEU B 278 -23.08 10.34 51.88
N VAL B 279 -23.92 10.67 50.92
CA VAL B 279 -24.95 9.76 50.42
C VAL B 279 -24.61 9.42 48.97
N THR B 280 -24.36 8.14 48.71
CA THR B 280 -23.87 7.68 47.43
C THR B 280 -24.80 6.58 46.93
N THR B 281 -24.35 5.85 45.92
CA THR B 281 -24.95 4.58 45.59
C THR B 281 -24.06 3.47 46.13
N ALA B 282 -24.56 2.24 46.07
CA ALA B 282 -23.81 1.10 46.58
C ALA B 282 -22.56 0.85 45.76
N ALA B 283 -22.63 1.13 44.46
CA ALA B 283 -21.48 0.90 43.59
C ALA B 283 -20.37 1.90 43.86
N ILE B 284 -20.74 3.13 44.23
CA ILE B 284 -19.79 4.18 44.55
C ILE B 284 -19.03 3.77 45.80
N LYS B 285 -19.77 3.19 46.76
CA LYS B 285 -19.21 2.82 48.06
C LYS B 285 -18.15 1.72 47.92
N GLN B 286 -18.30 0.87 46.93
CA GLN B 286 -17.35 -0.20 46.66
C GLN B 286 -16.02 0.37 46.21
N ARG B 287 -16.05 1.26 45.22
CA ARG B 287 -14.81 1.79 44.67
C ARG B 287 -14.16 2.77 45.63
N LEU B 288 -14.97 3.46 46.42
CA LEU B 288 -14.43 4.46 47.34
C LEU B 288 -13.69 3.79 48.48
N LEU B 289 -14.15 2.62 48.90
CA LEU B 289 -13.44 1.91 49.94
C LEU B 289 -12.52 0.86 49.35
N GLN B 290 -12.37 0.85 48.03
CA GLN B 290 -11.46 -0.13 47.44
C GLN B 290 -10.01 0.21 47.69
N SER B 291 -9.55 1.34 47.14
CA SER B 291 -8.14 1.79 47.30
C SER B 291 -7.74 1.85 48.78
N PHE B 292 -8.62 2.41 49.63
CA PHE B 292 -8.34 2.54 51.07
C PHE B 292 -8.25 1.14 51.71
N LEU B 293 -7.34 0.97 52.68
CA LEU B 293 -7.15 -0.35 53.34
C LEU B 293 -8.45 -0.77 54.02
N LYS B 294 -8.79 -2.07 53.89
CA LYS B 294 -9.98 -2.81 54.40
C LYS B 294 -11.06 -1.88 54.97
N VAL B 295 -10.96 -1.56 56.27
CA VAL B 295 -12.00 -0.71 56.94
C VAL B 295 -11.30 0.22 57.94
N GLU B 296 -11.93 1.37 58.23
CA GLU B 296 -11.40 2.37 59.21
C GLU B 296 -11.37 1.75 60.60
N ASP B 297 -12.41 0.93 60.91
CA ASP B 297 -12.65 0.18 62.18
C ASP B 297 -13.31 1.08 63.23
N THR B 298 -13.61 2.33 62.88
CA THR B 298 -14.30 3.28 63.80
C THR B 298 -15.70 2.74 64.10
N GLU B 299 -16.34 2.20 63.05
CA GLU B 299 -17.71 1.59 62.97
C GLU B 299 -18.42 1.49 64.33
N ALA B 300 -18.82 2.63 64.88
CA ALA B 300 -19.55 2.66 66.14
C ALA B 300 -20.31 3.98 66.36
N ASP B 301 -21.08 4.41 65.38
CA ASP B 301 -21.77 5.71 65.45
C ASP B 301 -22.74 5.79 66.62
N VAL B 302 -22.80 6.97 67.23
CA VAL B 302 -23.60 7.20 68.44
C VAL B 302 -24.65 8.27 68.16
N PRO B 303 -25.83 7.91 67.68
CA PRO B 303 -26.90 8.90 67.49
C PRO B 303 -27.72 9.11 68.75
N VAL B 304 -28.81 9.83 68.59
CA VAL B 304 -29.67 10.25 69.69
C VAL B 304 -31.06 9.66 69.56
N THR B 305 -31.96 10.06 70.45
CA THR B 305 -33.36 9.67 70.42
C THR B 305 -34.14 10.93 70.04
N TYR B 306 -35.47 10.85 70.05
CA TYR B 306 -36.32 11.86 69.44
C TYR B 306 -36.24 13.21 70.15
N GLY B 307 -36.58 14.27 69.41
CA GLY B 307 -36.77 15.58 70.02
C GLY B 307 -38.23 15.90 70.22
N GLU B 308 -38.51 16.93 71.00
CA GLU B 308 -39.86 17.16 71.51
C GLU B 308 -40.17 18.65 71.51
N MET B 309 -41.43 18.97 71.22
CA MET B 309 -41.99 20.32 71.33
C MET B 309 -43.50 20.22 71.29
N VAL B 310 -44.17 20.82 72.28
CA VAL B 310 -45.62 20.85 72.32
C VAL B 310 -46.08 22.28 72.60
N LEU B 311 -47.38 22.42 72.78
CA LEU B 311 -48.01 23.68 73.16
C LEU B 311 -48.48 23.56 74.61
N ASN B 312 -47.98 24.45 75.47
CA ASN B 312 -48.44 24.54 76.85
C ASN B 312 -48.28 25.96 77.33
N GLY B 313 -48.88 26.24 78.48
CA GLY B 313 -48.77 27.55 79.06
C GLY B 313 -49.61 28.55 78.28
N ALA B 314 -49.09 29.76 78.16
CA ALA B 314 -49.79 30.82 77.46
C ALA B 314 -49.75 30.67 75.95
N ASN B 315 -49.04 29.66 75.43
CA ASN B 315 -49.12 29.35 74.01
C ASN B 315 -50.54 29.03 73.59
N LEU B 316 -51.24 28.21 74.38
CA LEU B 316 -52.66 27.97 74.14
C LEU B 316 -53.46 29.24 74.29
N VAL B 317 -53.08 30.08 75.24
CA VAL B 317 -53.72 31.37 75.41
C VAL B 317 -53.45 32.24 74.20
N THR B 318 -52.23 32.19 73.68
CA THR B 318 -51.93 32.99 72.52
C THR B 318 -52.47 32.38 71.24
N ALA B 319 -52.68 31.06 71.22
CA ALA B 319 -53.26 30.43 70.04
C ALA B 319 -54.76 30.69 69.97
N LEU B 320 -55.47 30.45 71.07
CA LEU B 320 -56.91 30.69 71.08
C LEU B 320 -57.21 32.18 71.04
N VAL B 321 -56.61 32.95 71.93
CA VAL B 321 -56.84 34.38 72.02
C VAL B 321 -55.70 35.12 71.32
N MET B 322 -56.07 36.02 70.41
CA MET B 322 -55.20 36.80 69.51
C MET B 322 -54.40 35.97 68.52
N GLY B 323 -54.59 34.65 68.48
CA GLY B 323 -54.16 33.80 67.38
C GLY B 323 -52.71 33.86 66.95
N LYS B 324 -51.78 33.80 67.89
CA LYS B 324 -50.36 33.76 67.56
C LYS B 324 -49.73 32.56 68.23
N ALA B 325 -48.44 32.36 67.98
CA ALA B 325 -47.66 31.38 68.69
C ALA B 325 -46.19 31.78 68.61
N VAL B 326 -45.50 31.60 69.73
CA VAL B 326 -44.09 31.94 69.85
C VAL B 326 -43.38 30.71 70.39
N ARG B 327 -42.27 30.35 69.76
CA ARG B 327 -41.50 29.19 70.18
C ARG B 327 -40.87 29.43 71.54
N SER B 328 -41.26 28.60 72.51
CA SER B 328 -40.91 28.73 73.93
C SER B 328 -41.26 30.12 74.46
N LEU B 329 -42.56 30.43 74.43
CA LEU B 329 -43.07 31.71 74.91
C LEU B 329 -42.83 31.92 76.39
N ASP B 330 -42.82 30.83 77.17
CA ASP B 330 -42.68 30.92 78.62
C ASP B 330 -41.28 31.43 79.00
N ASP B 331 -40.31 31.22 78.12
CA ASP B 331 -39.01 31.87 78.31
C ASP B 331 -39.08 33.33 77.91
N VAL B 332 -39.48 33.60 76.66
CA VAL B 332 -39.32 34.92 76.06
C VAL B 332 -40.24 35.92 76.75
N GLY B 333 -41.40 35.46 77.19
CA GLY B 333 -42.25 36.31 78.01
C GLY B 333 -41.65 36.59 79.38
N ARG B 334 -40.86 35.65 79.90
CA ARG B 334 -40.24 35.86 81.21
C ARG B 334 -38.89 36.56 81.06
N HIS B 335 -38.18 36.29 79.97
CA HIS B 335 -36.91 36.99 79.73
C HIS B 335 -37.15 38.48 79.52
N LEU B 336 -38.12 38.84 78.67
CA LEU B 336 -38.42 40.26 78.45
C LEU B 336 -39.08 40.90 79.66
N LEU B 337 -39.67 40.09 80.54
CA LEU B 337 -40.16 40.65 81.78
C LEU B 337 -39.01 41.04 82.70
N ASP B 338 -37.91 40.26 82.66
CA ASP B 338 -36.73 40.61 83.44
C ASP B 338 -36.03 41.85 82.90
N MET B 339 -35.86 41.92 81.58
CA MET B 339 -35.05 42.95 80.94
C MET B 339 -35.61 44.35 81.15
N GLN B 340 -36.91 44.46 81.43
CA GLN B 340 -37.49 45.75 81.77
C GLN B 340 -37.02 46.28 83.12
N GLU B 341 -36.43 45.44 83.97
CA GLU B 341 -35.79 45.94 85.18
C GLU B 341 -34.32 45.57 85.21
N GLU B 342 -34.02 44.30 84.92
CA GLU B 342 -32.67 43.71 84.96
C GLU B 342 -31.96 43.93 86.29
N ASN B 347 -25.42 41.40 72.44
CA ASN B 347 -24.64 41.41 73.67
C ASN B 347 -24.81 40.08 74.40
N ARG B 348 -24.13 39.05 73.90
CA ARG B 348 -23.94 37.76 74.58
C ARG B 348 -25.26 37.01 74.77
N GLU B 349 -26.01 36.85 73.68
CA GLU B 349 -27.22 36.02 73.69
C GLU B 349 -26.90 34.65 73.08
N THR B 350 -26.57 33.69 73.94
CA THR B 350 -26.27 32.34 73.51
C THR B 350 -26.77 31.27 74.46
N LEU B 351 -27.70 31.61 75.37
CA LEU B 351 -28.25 30.62 76.28
C LEU B 351 -29.56 30.05 75.75
N ASP B 352 -29.94 30.45 74.53
CA ASP B 352 -31.23 30.15 73.93
C ASP B 352 -31.47 28.65 73.71
N GLU B 353 -30.40 27.86 73.63
CA GLU B 353 -30.58 26.42 73.48
C GLU B 353 -29.49 25.62 74.16
N LEU B 354 -29.78 25.13 75.37
CA LEU B 354 -28.94 24.17 76.07
C LEU B 354 -29.81 23.48 77.10
N GLU B 355 -30.19 22.23 76.83
CA GLU B 355 -31.17 21.58 77.70
C GLU B 355 -31.07 20.06 77.58
N SER B 356 -30.95 19.43 78.74
CA SER B 356 -31.35 18.06 79.07
C SER B 356 -30.49 16.93 78.50
N ALA B 357 -29.53 17.24 77.60
CA ALA B 357 -28.47 16.34 77.10
C ALA B 357 -28.95 14.94 76.68
N PRO B 358 -29.55 14.78 75.48
CA PRO B 358 -30.40 13.62 75.19
C PRO B 358 -29.76 12.23 75.29
N GLN B 359 -30.60 11.22 75.36
CA GLN B 359 -30.20 9.82 75.37
C GLN B 359 -29.48 9.44 74.08
N THR B 360 -28.51 8.56 74.20
CA THR B 360 -27.70 8.17 73.05
C THR B 360 -27.93 6.71 72.72
N THR B 361 -27.61 6.36 71.48
CA THR B 361 -27.78 5.01 70.98
C THR B 361 -26.44 4.52 70.46
N ARG B 362 -26.41 3.32 69.92
CA ARG B 362 -25.18 2.74 69.39
C ARG B 362 -25.54 1.87 68.19
N VAL B 363 -25.27 2.37 67.00
CA VAL B 363 -25.56 1.65 65.76
C VAL B 363 -24.31 1.72 64.89
N ARG B 364 -24.09 0.70 64.07
CA ARG B 364 -22.92 0.68 63.20
C ARG B 364 -23.14 1.69 62.07
N ALA B 365 -22.04 2.26 61.61
CA ALA B 365 -21.97 3.09 60.42
C ALA B 365 -20.53 3.14 59.97
N ASP B 366 -20.30 3.72 58.80
CA ASP B 366 -18.98 3.73 58.20
C ASP B 366 -18.52 5.19 58.11
N LEU B 367 -17.78 5.64 59.12
CA LEU B 367 -17.40 7.04 59.23
C LEU B 367 -15.96 7.21 58.79
N VAL B 368 -15.71 8.24 57.99
CA VAL B 368 -14.41 8.48 57.39
C VAL B 368 -13.79 9.73 57.99
N ALA B 369 -12.48 9.83 57.81
CA ALA B 369 -11.72 11.03 58.15
C ALA B 369 -11.20 11.63 56.85
N ILE B 370 -11.77 12.76 56.45
CA ILE B 370 -11.35 13.47 55.25
C ILE B 370 -10.67 14.74 55.67
N GLY B 371 -9.44 14.94 55.19
CA GLY B 371 -8.66 16.14 55.52
C GLY B 371 -8.39 16.18 57.00
N ASP B 372 -9.00 17.15 57.68
CA ASP B 372 -9.26 17.04 59.11
C ASP B 372 -10.73 17.37 59.29
N ARG B 373 -11.59 16.39 59.02
CA ARG B 373 -13.02 16.44 59.22
C ARG B 373 -13.47 15.00 59.42
N LEU B 374 -14.70 14.84 59.90
CA LEU B 374 -15.32 13.53 59.97
C LEU B 374 -16.66 13.53 59.27
N VAL B 375 -16.97 12.43 58.58
CA VAL B 375 -18.11 12.37 57.69
C VAL B 375 -18.79 11.02 57.87
N PHE B 376 -20.12 11.02 57.95
CA PHE B 376 -20.89 9.80 57.76
C PHE B 376 -21.04 9.43 56.29
N LEU B 377 -20.83 8.16 55.98
CA LEU B 377 -21.12 7.63 54.66
C LEU B 377 -22.49 6.99 54.63
N GLU B 378 -23.09 6.93 53.44
CA GLU B 378 -24.35 6.22 53.25
C GLU B 378 -24.48 5.83 51.80
N ALA B 379 -25.06 4.65 51.58
CA ALA B 379 -25.37 4.21 50.23
C ALA B 379 -26.88 4.15 50.02
N LEU B 380 -27.58 3.52 50.95
CA LEU B 380 -29.03 3.59 51.11
C LEU B 380 -29.87 3.02 49.96
N GLU B 381 -29.22 2.52 48.91
CA GLU B 381 -29.99 1.96 47.80
C GLU B 381 -30.54 0.60 48.17
N ARG B 382 -29.67 -0.30 48.61
CA ARG B 382 -30.14 -1.59 49.07
C ARG B 382 -30.75 -1.49 50.46
N ARG B 383 -30.61 -0.35 51.12
CA ARG B 383 -31.13 -0.25 52.48
C ARG B 383 -32.60 0.16 52.50
N ILE B 384 -32.94 1.28 51.86
CA ILE B 384 -34.34 1.70 51.97
C ILE B 384 -35.08 1.60 50.65
N TYR B 385 -34.35 1.50 49.54
CA TYR B 385 -35.06 1.27 48.28
C TYR B 385 -34.91 -0.14 47.78
N ALA B 386 -34.97 -1.14 48.66
CA ALA B 386 -34.64 -2.54 48.35
C ALA B 386 -35.50 -3.12 47.25
N ALA B 387 -36.79 -3.26 47.50
CA ALA B 387 -37.71 -3.75 46.50
C ALA B 387 -38.98 -2.90 46.45
N THR B 388 -38.91 -1.68 46.92
CA THR B 388 -40.08 -0.83 47.08
C THR B 388 -40.60 -0.29 45.76
N ASN B 389 -39.87 -0.49 44.67
CA ASN B 389 -40.16 -0.05 43.30
C ASN B 389 -40.33 1.47 43.23
N VAL B 390 -39.57 2.22 44.01
CA VAL B 390 -39.52 3.68 43.91
C VAL B 390 -38.16 4.00 43.31
N PRO B 391 -38.06 4.91 42.35
CA PRO B 391 -36.76 5.20 41.75
C PRO B 391 -35.82 5.88 42.74
N TYR B 392 -34.58 5.39 42.73
CA TYR B 392 -33.53 5.90 43.60
C TYR B 392 -33.22 7.32 43.21
N PRO B 393 -33.31 8.27 44.13
CA PRO B 393 -33.27 9.68 43.73
C PRO B 393 -31.88 10.20 43.41
N LEU B 394 -30.84 9.40 43.57
CA LEU B 394 -29.51 9.90 43.23
C LEU B 394 -28.89 9.22 42.03
N VAL B 395 -29.69 8.68 41.12
CA VAL B 395 -29.26 8.49 39.75
C VAL B 395 -29.59 9.79 39.02
N GLY B 396 -28.80 10.13 38.03
CA GLY B 396 -28.88 11.45 37.44
C GLY B 396 -29.43 11.46 36.04
N ALA B 397 -29.68 12.67 35.56
CA ALA B 397 -30.09 12.90 34.20
C ALA B 397 -29.37 14.14 33.72
N MET B 398 -28.86 14.09 32.50
CA MET B 398 -28.14 15.26 32.02
C MET B 398 -28.35 15.41 30.52
N ASP B 399 -28.78 16.59 30.14
CA ASP B 399 -28.96 16.95 28.74
C ASP B 399 -27.80 17.81 28.30
N LEU B 400 -27.35 17.63 27.07
CA LEU B 400 -26.32 18.44 26.45
C LEU B 400 -26.69 18.63 24.99
N THR B 401 -26.04 19.60 24.34
CA THR B 401 -26.31 19.88 22.94
C THR B 401 -25.06 19.74 22.11
N PHE B 402 -25.18 19.04 20.98
CA PHE B 402 -24.07 18.80 20.08
C PHE B 402 -24.36 19.39 18.71
N VAL B 403 -23.35 20.02 18.14
CA VAL B 403 -23.50 20.83 16.93
C VAL B 403 -22.40 20.47 15.94
N LEU B 404 -22.81 20.09 14.72
CA LEU B 404 -21.96 19.47 13.71
C LEU B 404 -22.16 20.14 12.35
N PRO B 405 -21.11 20.23 11.54
CA PRO B 405 -21.20 20.99 10.30
C PRO B 405 -21.54 20.15 9.08
N LEU B 406 -22.20 20.78 8.10
CA LEU B 406 -22.43 20.14 6.81
C LEU B 406 -22.17 21.11 5.68
N GLY B 407 -21.45 20.62 4.67
CA GLY B 407 -21.18 21.38 3.48
C GLY B 407 -20.26 22.56 3.66
N LEU B 408 -19.58 22.66 4.80
CA LEU B 408 -18.78 23.83 5.06
C LEU B 408 -17.38 23.63 4.51
N PHE B 409 -16.61 24.71 4.47
CA PHE B 409 -15.47 24.79 3.57
C PHE B 409 -14.31 25.45 4.28
N ASN B 410 -13.09 24.95 4.03
CA ASN B 410 -11.92 25.48 4.70
C ASN B 410 -11.62 26.89 4.23
N PRO B 411 -11.09 27.75 5.10
CA PRO B 411 -10.64 29.07 4.66
C PRO B 411 -9.39 29.00 3.79
N ALA B 412 -8.87 30.19 3.47
CA ALA B 412 -7.84 30.31 2.44
C ALA B 412 -6.51 29.70 2.87
N MET B 413 -6.14 29.88 4.13
CA MET B 413 -4.79 29.51 4.54
C MET B 413 -4.62 28.01 4.76
N GLU B 414 -5.69 27.30 5.08
CA GLU B 414 -5.58 25.95 5.64
C GLU B 414 -5.79 24.84 4.63
N ARG B 415 -5.32 24.98 3.40
CA ARG B 415 -5.66 23.98 2.40
C ARG B 415 -4.50 23.05 2.07
N PHE B 416 -3.56 22.87 2.99
CA PHE B 416 -2.42 22.00 2.78
C PHE B 416 -2.78 20.55 3.10
N ALA B 417 -1.78 19.66 3.05
CA ALA B 417 -1.94 18.30 3.53
C ALA B 417 -0.76 17.75 4.30
N ALA B 418 0.29 18.53 4.52
CA ALA B 418 1.46 18.29 5.37
C ALA B 418 2.44 17.26 4.80
N HIS B 419 2.15 16.64 3.67
CA HIS B 419 3.10 15.82 2.93
C HIS B 419 2.57 15.72 1.50
N ALA B 420 3.46 15.40 0.57
CA ALA B 420 3.03 15.27 -0.81
C ALA B 420 2.24 14.00 -1.02
N GLY B 421 2.85 12.86 -0.72
CA GLY B 421 2.18 11.59 -0.92
C GLY B 421 1.48 11.17 0.34
N ASP B 422 0.17 11.38 0.40
CA ASP B 422 -0.68 11.05 1.54
C ASP B 422 -2.12 11.15 1.09
N LEU B 423 -2.87 10.10 1.39
CA LEU B 423 -4.22 9.85 0.87
C LEU B 423 -4.20 9.89 -0.65
N VAL B 424 -3.32 9.07 -1.22
CA VAL B 424 -3.02 9.07 -2.65
C VAL B 424 -4.09 8.24 -3.36
N PRO B 425 -4.72 8.76 -4.41
CA PRO B 425 -5.70 7.96 -5.14
C PRO B 425 -5.00 6.95 -6.03
N ALA B 426 -5.79 6.11 -6.66
CA ALA B 426 -5.23 5.19 -7.65
C ALA B 426 -4.84 6.02 -8.88
N PRO B 427 -3.82 5.61 -9.64
CA PRO B 427 -3.27 6.50 -10.69
C PRO B 427 -4.23 6.83 -11.81
N GLY B 428 -5.24 6.02 -12.07
CA GLY B 428 -6.24 6.37 -13.03
C GLY B 428 -7.47 6.98 -12.39
N HIS B 429 -7.32 7.37 -11.13
CA HIS B 429 -8.48 7.78 -10.34
C HIS B 429 -8.30 9.21 -9.85
N PRO B 430 -9.38 10.00 -9.76
CA PRO B 430 -9.22 11.46 -9.82
C PRO B 430 -9.09 12.19 -8.49
N GLU B 431 -8.83 11.51 -7.35
CA GLU B 431 -8.68 12.12 -6.03
C GLU B 431 -9.90 12.97 -5.63
N PRO B 432 -10.98 12.34 -5.14
CA PRO B 432 -12.20 13.09 -4.83
C PRO B 432 -12.09 14.01 -3.62
N ARG B 433 -10.97 14.03 -2.90
CA ARG B 433 -10.86 14.87 -1.71
C ARG B 433 -10.72 16.35 -2.04
N ALA B 434 -10.52 16.70 -3.30
CA ALA B 434 -10.51 18.09 -3.71
C ALA B 434 -11.90 18.67 -3.88
N PHE B 435 -12.93 17.89 -3.62
CA PHE B 435 -14.31 18.30 -3.81
C PHE B 435 -14.77 18.93 -2.49
N PRO B 436 -15.82 19.74 -2.49
CA PRO B 436 -16.43 20.12 -1.22
C PRO B 436 -17.09 18.93 -0.56
N PRO B 437 -16.79 18.68 0.70
CA PRO B 437 -17.31 17.47 1.36
C PRO B 437 -18.78 17.64 1.71
N ARG B 438 -19.62 16.83 1.07
CA ARG B 438 -21.05 16.88 1.27
C ARG B 438 -21.53 15.84 2.24
N GLN B 439 -20.62 15.17 2.92
CA GLN B 439 -20.92 14.09 3.83
C GLN B 439 -20.38 14.47 5.20
N LEU B 440 -20.66 13.63 6.19
CA LEU B 440 -20.06 13.84 7.50
C LEU B 440 -19.95 12.50 8.21
N PHE B 441 -18.85 12.32 8.93
CA PHE B 441 -18.56 11.05 9.58
C PHE B 441 -18.13 11.27 11.02
N PHE B 442 -18.54 10.35 11.87
CA PHE B 442 -18.31 10.41 13.30
C PHE B 442 -18.68 9.06 13.89
N TRP B 443 -18.32 8.86 15.14
CA TRP B 443 -18.87 7.76 15.92
C TRP B 443 -20.14 8.25 16.56
N GLY B 444 -21.24 7.56 16.32
CA GLY B 444 -22.41 7.73 17.14
C GLY B 444 -22.23 6.98 18.44
N LYS B 445 -23.30 6.31 18.84
CA LYS B 445 -23.18 5.41 19.97
C LYS B 445 -22.50 4.12 19.51
N ASP B 446 -21.79 3.48 20.44
CA ASP B 446 -21.32 2.10 20.36
C ASP B 446 -20.28 1.88 19.28
N HIS B 447 -19.43 2.88 19.00
CA HIS B 447 -18.23 2.76 18.16
C HIS B 447 -18.56 2.34 16.74
N GLN B 448 -19.74 2.71 16.27
CA GLN B 448 -20.18 2.40 14.92
C GLN B 448 -20.36 3.70 14.16
N VAL B 449 -19.78 3.77 12.96
CA VAL B 449 -19.73 5.00 12.20
C VAL B 449 -21.11 5.26 11.60
N LEU B 450 -21.42 6.52 11.35
CA LEU B 450 -22.73 6.90 10.83
C LEU B 450 -22.57 7.76 9.59
N ARG B 451 -23.68 8.33 9.15
CA ARG B 451 -23.67 9.26 8.03
C ARG B 451 -24.80 10.26 8.20
N LEU B 452 -24.46 11.54 8.12
CA LEU B 452 -25.43 12.61 8.06
C LEU B 452 -25.23 13.48 6.82
N SER B 453 -24.88 12.85 5.69
CA SER B 453 -24.65 13.54 4.42
C SER B 453 -25.88 14.30 3.94
N MET B 454 -25.66 15.28 3.06
CA MET B 454 -26.67 16.27 2.65
C MET B 454 -27.93 15.67 2.02
N GLU B 455 -27.92 14.40 1.63
CA GLU B 455 -29.17 13.73 1.32
C GLU B 455 -30.08 13.65 2.53
N ASN B 456 -29.53 13.52 3.73
CA ASN B 456 -30.35 13.55 4.93
C ASN B 456 -30.76 14.97 5.28
N ALA B 457 -30.20 15.97 4.60
CA ALA B 457 -30.63 17.35 4.79
C ALA B 457 -31.88 17.70 4.02
N VAL B 458 -32.60 16.71 3.49
CA VAL B 458 -33.84 16.95 2.77
C VAL B 458 -34.96 17.35 3.73
N GLY B 459 -34.78 17.10 5.03
CA GLY B 459 -35.82 17.26 6.01
C GLY B 459 -36.34 18.67 6.17
N THR B 460 -35.45 19.64 6.39
CA THR B 460 -35.93 20.96 6.73
C THR B 460 -36.04 21.88 5.52
N VAL B 461 -34.97 22.04 4.77
CA VAL B 461 -34.88 23.09 3.77
C VAL B 461 -35.78 22.86 2.56
N CYS B 462 -36.22 21.62 2.33
CA CYS B 462 -37.09 21.31 1.19
C CYS B 462 -38.56 21.64 1.45
N HIS B 463 -38.90 22.09 2.63
CA HIS B 463 -40.27 22.36 2.97
C HIS B 463 -40.68 23.76 2.51
N PRO B 464 -41.96 24.01 2.20
CA PRO B 464 -42.42 25.38 1.92
C PRO B 464 -42.61 26.23 3.17
N SER B 465 -41.64 26.15 4.07
CA SER B 465 -41.41 27.15 5.09
C SER B 465 -40.29 28.08 4.68
N LEU B 466 -39.43 27.61 3.77
CA LEU B 466 -38.35 28.43 3.23
C LEU B 466 -38.89 29.60 2.42
N MET B 467 -40.07 29.42 1.82
CA MET B 467 -40.69 30.49 1.07
C MET B 467 -41.75 31.22 1.86
N ASN B 468 -41.49 31.44 3.16
CA ASN B 468 -42.43 32.10 4.05
C ASN B 468 -41.75 33.33 4.64
N ILE B 469 -41.91 34.48 4.00
CA ILE B 469 -41.28 35.71 4.47
C ILE B 469 -42.26 36.86 4.62
N ASP B 470 -43.56 36.57 4.74
CA ASP B 470 -44.55 37.64 4.79
C ASP B 470 -44.54 38.37 6.14
N ALA B 471 -44.32 37.63 7.23
CA ALA B 471 -44.19 38.28 8.52
C ALA B 471 -42.85 38.98 8.64
N ALA B 472 -41.86 38.51 7.89
CA ALA B 472 -40.55 39.12 7.91
C ALA B 472 -40.55 40.43 7.11
N VAL B 473 -41.24 40.45 5.98
CA VAL B 473 -41.16 41.60 5.09
C VAL B 473 -41.92 42.79 5.71
N GLY B 474 -42.92 42.52 6.54
CA GLY B 474 -43.61 43.59 7.22
C GLY B 474 -43.03 43.86 8.58
N GLY B 475 -42.52 42.80 9.23
CA GLY B 475 -41.98 42.93 10.57
C GLY B 475 -40.74 43.77 10.66
N VAL B 476 -39.94 43.81 9.60
CA VAL B 476 -38.79 44.70 9.56
C VAL B 476 -39.14 46.03 8.93
N ASN B 477 -40.36 46.19 8.41
CA ASN B 477 -40.65 47.31 7.53
C ASN B 477 -40.87 48.60 8.31
N HIS B 478 -41.02 48.50 9.64
CA HIS B 478 -40.98 49.71 10.44
C HIS B 478 -39.55 50.21 10.58
N ASP B 479 -39.39 51.33 11.29
CA ASP B 479 -38.17 52.14 11.35
C ASP B 479 -37.76 52.48 9.92
N PRO B 480 -38.42 53.44 9.28
CA PRO B 480 -38.24 53.65 7.84
C PRO B 480 -36.89 54.22 7.48
N VAL B 481 -36.48 53.94 6.24
CA VAL B 481 -35.16 54.24 5.72
C VAL B 481 -35.30 55.39 4.72
N GLU B 482 -34.19 56.08 4.46
CA GLU B 482 -34.17 57.08 3.40
C GLU B 482 -33.90 56.39 2.07
N ALA B 483 -33.71 57.20 1.03
CA ALA B 483 -33.33 56.65 -0.27
C ALA B 483 -31.86 56.23 -0.22
N ALA B 484 -31.54 55.15 -0.92
CA ALA B 484 -30.22 54.56 -0.90
C ALA B 484 -29.70 54.25 -2.30
N ASN B 485 -29.72 55.23 -3.21
CA ASN B 485 -29.23 55.17 -4.59
C ASN B 485 -29.98 54.08 -5.36
N PRO B 486 -31.25 54.31 -5.69
CA PRO B 486 -32.16 53.18 -5.98
C PRO B 486 -32.04 52.60 -7.38
N TYR B 487 -30.90 52.80 -8.04
CA TYR B 487 -30.65 52.30 -9.40
C TYR B 487 -30.89 50.80 -9.52
N GLY B 488 -30.21 50.00 -8.70
CA GLY B 488 -30.44 48.57 -8.73
C GLY B 488 -31.79 48.19 -8.15
N ALA B 489 -32.36 49.07 -7.35
CA ALA B 489 -33.63 48.77 -6.70
C ALA B 489 -34.80 48.99 -7.65
N TYR B 490 -34.60 49.79 -8.70
CA TYR B 490 -35.74 50.24 -9.48
C TYR B 490 -35.61 49.82 -10.93
N VAL B 491 -36.65 49.20 -11.43
CA VAL B 491 -36.82 48.97 -12.84
C VAL B 491 -37.69 50.09 -13.39
N ALA B 492 -37.28 50.68 -14.49
CA ALA B 492 -38.06 51.71 -15.14
C ALA B 492 -39.11 51.07 -16.04
N ALA B 493 -40.05 51.90 -16.48
CA ALA B 493 -40.87 51.53 -17.62
C ALA B 493 -39.97 51.40 -18.84
N PRO B 494 -40.28 50.50 -19.77
CA PRO B 494 -39.47 50.43 -20.99
C PRO B 494 -39.72 51.69 -21.81
N ALA B 495 -38.77 52.60 -21.73
CA ALA B 495 -38.97 53.97 -22.16
C ALA B 495 -38.39 54.16 -23.54
N GLY B 496 -39.26 54.48 -24.49
CA GLY B 496 -38.88 54.73 -25.86
C GLY B 496 -38.28 53.53 -26.56
N PRO B 497 -37.59 53.77 -27.67
CA PRO B 497 -36.80 52.71 -28.28
C PRO B 497 -35.50 52.47 -27.52
N GLY B 498 -34.70 51.56 -28.04
CA GLY B 498 -33.41 51.29 -27.43
C GLY B 498 -32.30 52.21 -27.88
N ALA B 499 -32.57 53.04 -28.89
CA ALA B 499 -31.50 53.69 -29.66
C ALA B 499 -30.75 54.73 -28.84
N ASP B 500 -31.43 55.76 -28.36
CA ASP B 500 -30.86 56.69 -27.41
C ASP B 500 -31.27 56.37 -25.98
N MET B 501 -31.44 55.08 -25.66
CA MET B 501 -32.02 54.71 -24.38
C MET B 501 -30.96 54.67 -23.28
N GLN B 502 -29.75 54.23 -23.62
CA GLN B 502 -28.65 54.40 -22.69
C GLN B 502 -28.27 55.87 -22.55
N GLN B 503 -28.39 56.63 -23.64
CA GLN B 503 -28.16 58.08 -23.60
C GLN B 503 -29.14 58.77 -22.65
N ARG B 504 -30.34 58.20 -22.49
CA ARG B 504 -31.26 58.69 -21.46
C ARG B 504 -31.24 57.83 -20.21
N PHE B 505 -30.46 56.75 -20.20
CA PHE B 505 -30.12 56.10 -18.94
C PHE B 505 -29.03 56.88 -18.20
N LEU B 506 -28.00 57.34 -18.92
CA LEU B 506 -26.86 58.01 -18.28
C LEU B 506 -27.28 59.28 -17.56
N ASN B 507 -28.09 60.12 -18.21
CA ASN B 507 -28.66 61.30 -17.57
C ASN B 507 -29.65 60.95 -16.46
N ALA B 508 -30.24 59.75 -16.50
CA ALA B 508 -31.31 59.43 -15.55
C ALA B 508 -30.75 59.24 -14.16
N TRP B 509 -29.47 58.91 -14.06
CA TRP B 509 -28.85 58.60 -12.79
C TRP B 509 -27.46 59.24 -12.68
N ARG B 510 -27.20 60.28 -13.46
CA ARG B 510 -25.93 60.98 -13.32
C ARG B 510 -25.84 61.74 -12.00
N GLN B 511 -26.97 62.09 -11.41
CA GLN B 511 -26.98 62.95 -10.22
C GLN B 511 -26.79 62.14 -8.96
N ARG B 512 -27.50 61.02 -8.84
CA ARG B 512 -27.60 60.32 -7.57
C ARG B 512 -26.85 59.01 -7.51
N LEU B 513 -26.58 58.35 -8.66
CA LEU B 513 -25.81 57.11 -8.66
C LEU B 513 -24.33 57.37 -8.40
N ALA B 514 -23.80 58.46 -8.96
CA ALA B 514 -22.38 58.78 -8.73
C ALA B 514 -22.15 59.35 -7.34
N HIS B 515 -23.03 60.25 -6.89
CA HIS B 515 -22.85 61.00 -5.66
C HIS B 515 -22.94 60.09 -4.44
N GLY B 516 -24.08 59.42 -4.27
CA GLY B 516 -24.18 58.39 -3.27
C GLY B 516 -23.40 57.16 -3.68
N ARG B 517 -22.73 56.58 -2.70
CA ARG B 517 -22.03 55.30 -2.89
C ARG B 517 -23.08 54.23 -3.11
N VAL B 518 -23.06 53.61 -4.29
CA VAL B 518 -24.05 52.61 -4.64
C VAL B 518 -23.88 51.38 -3.77
N ARG B 519 -24.98 50.72 -3.44
CA ARG B 519 -24.96 49.70 -2.39
C ARG B 519 -24.25 48.44 -2.84
N TRP B 520 -24.57 47.95 -4.02
CA TRP B 520 -24.25 46.56 -4.32
C TRP B 520 -22.95 46.38 -5.09
N VAL B 521 -22.64 47.26 -6.03
CA VAL B 521 -21.50 46.98 -6.90
C VAL B 521 -20.25 47.65 -6.36
N ALA B 522 -20.41 48.67 -5.50
CA ALA B 522 -19.26 49.22 -4.81
C ALA B 522 -18.76 48.26 -3.73
N GLU B 523 -19.62 47.33 -3.32
CA GLU B 523 -19.23 46.29 -2.40
C GLU B 523 -18.20 45.35 -3.02
N CYS B 524 -16.96 45.47 -2.58
CA CYS B 524 -15.91 44.53 -2.93
C CYS B 524 -15.25 44.10 -1.63
N GLN B 525 -15.84 43.10 -0.97
CA GLN B 525 -15.38 42.66 0.33
C GLN B 525 -14.98 41.19 0.27
N MET B 526 -14.53 40.69 1.41
CA MET B 526 -14.23 39.27 1.57
C MET B 526 -14.96 38.70 2.78
N THR B 527 -14.67 37.43 3.07
CA THR B 527 -15.25 36.76 4.22
C THR B 527 -14.60 37.31 5.48
N ALA B 528 -15.42 37.45 6.53
CA ALA B 528 -15.15 38.02 7.85
C ALA B 528 -14.99 39.53 7.79
N GLU B 529 -14.96 40.09 6.60
CA GLU B 529 -15.15 41.50 6.39
C GLU B 529 -16.62 41.86 6.34
N GLN B 530 -17.45 40.98 5.78
CA GLN B 530 -18.89 41.17 5.86
C GLN B 530 -19.47 40.61 7.15
N PHE B 531 -18.85 39.58 7.72
CA PHE B 531 -19.31 39.04 8.99
C PHE B 531 -19.14 40.00 10.16
N MET B 532 -18.29 41.01 10.02
CA MET B 532 -17.81 41.76 11.16
C MET B 532 -18.72 42.95 11.43
N GLN B 533 -18.92 43.24 12.71
CA GLN B 533 -19.64 44.41 13.21
C GLN B 533 -19.10 45.76 12.73
N PRO B 534 -17.82 45.91 12.34
CA PRO B 534 -17.45 47.07 11.52
C PRO B 534 -18.29 47.19 10.27
N ASP B 535 -18.46 48.44 9.84
CA ASP B 535 -19.74 49.11 9.57
C ASP B 535 -20.70 48.12 8.89
N ASN B 536 -20.43 47.73 7.64
CA ASN B 536 -21.23 46.79 6.87
C ASN B 536 -22.72 47.13 6.94
N ALA B 537 -23.09 48.23 6.28
CA ALA B 537 -24.44 48.76 6.34
C ALA B 537 -25.50 47.82 5.78
N ASN B 538 -25.12 46.73 5.12
CA ASN B 538 -26.05 45.74 4.63
C ASN B 538 -26.06 44.47 5.47
N LEU B 539 -25.34 44.46 6.61
CA LEU B 539 -25.30 43.27 7.44
C LEU B 539 -26.65 43.02 8.10
N ALA B 540 -27.37 44.08 8.45
CA ALA B 540 -28.74 43.92 8.92
C ALA B 540 -29.72 43.91 7.76
N LEU B 541 -29.22 43.75 6.53
CA LEU B 541 -30.04 43.62 5.34
C LEU B 541 -29.85 42.27 4.66
N GLU B 542 -29.01 41.42 5.23
CA GLU B 542 -28.74 40.08 4.71
C GLU B 542 -29.36 39.08 5.66
N LEU B 543 -30.56 38.64 5.35
CA LEU B 543 -31.34 37.84 6.30
C LEU B 543 -31.73 36.49 5.71
N HIS B 544 -31.96 36.41 4.44
CA HIS B 544 -32.45 35.15 3.96
C HIS B 544 -31.40 34.50 3.05
N PRO B 545 -31.41 33.18 2.91
CA PRO B 545 -30.57 32.57 1.86
C PRO B 545 -31.07 32.90 0.46
N ALA B 546 -32.37 32.75 0.20
CA ALA B 546 -32.91 32.80 -1.15
C ALA B 546 -33.65 34.09 -1.47
N PHE B 547 -33.42 35.16 -0.73
CA PHE B 547 -34.09 36.42 -1.01
C PHE B 547 -33.16 37.59 -0.76
N ASP B 548 -33.59 38.77 -1.20
CA ASP B 548 -32.84 39.99 -1.03
C ASP B 548 -33.69 41.03 -0.33
N PHE B 549 -33.13 41.62 0.73
CA PHE B 549 -33.76 42.74 1.42
C PHE B 549 -32.91 43.97 1.15
N PHE B 550 -33.55 45.03 0.68
CA PHE B 550 -32.84 46.22 0.21
C PHE B 550 -33.74 47.44 0.35
N ALA B 551 -33.10 48.60 0.31
CA ALA B 551 -33.82 49.87 0.43
C ALA B 551 -34.15 50.37 -0.96
N GLY B 552 -35.41 50.22 -1.36
CA GLY B 552 -35.89 50.73 -2.61
C GLY B 552 -36.97 51.78 -2.42
N VAL B 553 -37.63 52.12 -3.53
CA VAL B 553 -38.73 53.05 -3.44
C VAL B 553 -39.92 52.36 -2.79
N ALA B 554 -40.68 53.15 -2.04
CA ALA B 554 -41.70 52.59 -1.14
C ALA B 554 -42.92 52.08 -1.91
N ASP B 555 -43.49 52.95 -2.74
CA ASP B 555 -44.80 52.71 -3.31
C ASP B 555 -44.79 52.72 -4.83
N VAL B 556 -43.70 53.17 -5.44
CA VAL B 556 -43.64 53.35 -6.89
C VAL B 556 -43.57 51.99 -7.56
N GLU B 557 -44.52 51.73 -8.46
CA GLU B 557 -44.54 50.46 -9.16
C GLU B 557 -43.40 50.42 -10.18
N LEU B 558 -42.95 49.21 -10.49
CA LEU B 558 -41.82 49.04 -11.41
C LEU B 558 -42.20 49.23 -12.88
N PRO B 559 -43.36 48.72 -13.40
CA PRO B 559 -43.75 49.15 -14.74
C PRO B 559 -44.31 50.57 -14.77
N GLY B 560 -43.45 51.57 -14.64
CA GLY B 560 -43.87 52.95 -14.74
C GLY B 560 -42.68 53.87 -14.61
N GLY B 561 -42.76 54.99 -15.32
CA GLY B 561 -41.76 56.06 -15.24
C GLY B 561 -40.34 55.68 -15.64
N GLU B 562 -39.40 56.63 -15.50
CA GLU B 562 -37.99 56.27 -15.60
C GLU B 562 -37.22 56.60 -14.34
N VAL B 563 -37.28 57.82 -13.84
CA VAL B 563 -36.61 58.11 -12.57
C VAL B 563 -37.70 58.20 -11.51
N PRO B 564 -37.58 57.45 -10.42
CA PRO B 564 -38.64 57.44 -9.42
C PRO B 564 -38.65 58.74 -8.62
N PRO B 565 -39.82 59.13 -8.11
CA PRO B 565 -39.87 60.30 -7.22
C PRO B 565 -39.27 59.98 -5.86
N ALA B 566 -37.96 60.19 -5.75
CA ALA B 566 -37.20 59.78 -4.58
C ALA B 566 -37.66 60.55 -3.34
N GLY B 567 -38.44 59.87 -2.51
CA GLY B 567 -38.84 60.40 -1.23
C GLY B 567 -38.49 59.40 -0.14
N PRO B 568 -39.50 58.99 0.63
CA PRO B 568 -39.26 57.96 1.65
C PRO B 568 -39.00 56.60 1.01
N GLY B 569 -37.84 56.03 1.33
CA GLY B 569 -37.55 54.69 0.89
C GLY B 569 -38.09 53.66 1.85
N ALA B 570 -38.37 52.47 1.32
CA ALA B 570 -38.82 51.37 2.15
C ALA B 570 -38.06 50.12 1.76
N ILE B 571 -38.22 49.09 2.59
CA ILE B 571 -37.60 47.80 2.36
C ILE B 571 -38.58 46.94 1.56
N GLN B 572 -38.05 46.17 0.63
CA GLN B 572 -38.87 45.32 -0.22
C GLN B 572 -38.06 44.12 -0.66
N ALA B 573 -38.77 43.02 -0.92
CA ALA B 573 -38.13 41.74 -1.17
C ALA B 573 -38.13 41.41 -2.65
N THR B 574 -37.16 40.59 -3.05
CA THR B 574 -37.14 40.01 -4.38
C THR B 574 -36.45 38.66 -4.30
N TRP B 575 -36.74 37.81 -5.27
CA TRP B 575 -36.34 36.42 -5.18
C TRP B 575 -34.96 36.23 -5.79
N ARG B 576 -34.07 35.64 -5.01
CA ARG B 576 -32.83 35.12 -5.56
C ARG B 576 -33.14 33.85 -6.35
N VAL B 577 -32.93 33.90 -7.66
CA VAL B 577 -33.41 32.86 -8.55
C VAL B 577 -32.57 31.60 -8.40
N VAL B 578 -31.28 31.72 -8.65
CA VAL B 578 -30.39 30.58 -8.54
C VAL B 578 -29.37 30.87 -7.45
N ASN B 579 -28.54 29.87 -7.15
CA ASN B 579 -27.53 30.05 -6.12
C ASN B 579 -26.32 30.83 -6.59
N GLY B 580 -26.28 31.25 -7.85
CA GLY B 580 -25.29 32.21 -8.27
C GLY B 580 -25.55 33.63 -7.79
N ASN B 581 -26.72 33.90 -7.24
CA ASN B 581 -27.06 35.22 -6.71
C ASN B 581 -26.52 35.45 -5.30
N LEU B 582 -25.89 34.45 -4.70
CA LEU B 582 -25.30 34.60 -3.38
C LEU B 582 -24.09 35.53 -3.45
N PRO B 583 -24.05 36.56 -2.59
CA PRO B 583 -22.96 37.53 -2.65
C PRO B 583 -21.63 36.91 -2.26
N LEU B 584 -20.59 37.27 -3.01
CA LEU B 584 -19.40 36.44 -3.09
C LEU B 584 -18.49 36.56 -1.87
N ALA B 585 -18.87 37.36 -0.88
CA ALA B 585 -18.21 37.25 0.42
C ALA B 585 -18.92 36.24 1.33
N LEU B 586 -19.87 35.50 0.77
CA LEU B 586 -20.46 34.38 1.51
C LEU B 586 -20.17 33.06 0.82
N CYS B 587 -20.32 33.02 -0.50
CA CYS B 587 -19.89 31.90 -1.32
C CYS B 587 -18.66 32.38 -2.07
N PRO B 588 -17.46 32.02 -1.61
CA PRO B 588 -16.23 32.57 -2.20
C PRO B 588 -15.98 32.03 -3.59
N VAL B 589 -15.07 32.73 -4.28
CA VAL B 589 -14.73 32.38 -5.65
C VAL B 589 -14.01 31.04 -5.69
N ALA B 590 -13.06 30.84 -4.78
CA ALA B 590 -12.27 29.62 -4.75
C ALA B 590 -13.14 28.41 -4.40
N PHE B 591 -14.15 28.62 -3.56
CA PHE B 591 -15.15 27.57 -3.37
C PHE B 591 -15.97 27.36 -4.62
N ARG B 592 -16.38 28.46 -5.26
CA ARG B 592 -17.24 28.34 -6.43
C ARG B 592 -16.44 27.84 -7.63
N ASP B 593 -15.12 27.91 -7.56
CA ASP B 593 -14.29 27.25 -8.55
C ASP B 593 -14.02 25.80 -8.17
N ALA B 594 -14.18 25.46 -6.89
CA ALA B 594 -13.85 24.11 -6.44
C ALA B 594 -14.90 23.11 -6.91
N ARG B 595 -16.17 23.45 -6.76
CA ARG B 595 -17.24 22.57 -7.23
C ARG B 595 -17.35 22.58 -8.75
N GLY B 596 -16.68 23.53 -9.40
CA GLY B 596 -16.57 23.48 -10.84
C GLY B 596 -15.81 22.25 -11.32
N LEU B 597 -14.75 21.87 -10.61
CA LEU B 597 -13.96 20.72 -11.01
C LEU B 597 -14.69 19.42 -10.72
N GLU B 598 -15.54 19.41 -9.69
CA GLU B 598 -16.29 18.20 -9.38
C GLU B 598 -17.31 17.91 -10.46
N LEU B 599 -17.90 18.95 -11.03
CA LEU B 599 -18.71 18.75 -12.22
C LEU B 599 -17.85 18.78 -13.47
N GLY B 600 -16.57 19.14 -13.31
CA GLY B 600 -15.69 19.17 -14.47
C GLY B 600 -15.29 17.79 -14.92
N VAL B 601 -15.12 16.86 -13.96
CA VAL B 601 -14.67 15.52 -14.29
C VAL B 601 -15.79 14.71 -14.91
N GLY B 602 -15.44 13.71 -15.71
CA GLY B 602 -16.38 12.77 -16.25
C GLY B 602 -17.02 13.15 -17.56
N ARG B 603 -16.86 14.38 -18.02
CA ARG B 603 -17.58 14.89 -19.16
C ARG B 603 -16.61 15.52 -20.16
N HIS B 604 -17.17 16.01 -21.25
CA HIS B 604 -16.36 16.52 -22.35
C HIS B 604 -15.79 17.89 -22.02
N ALA B 605 -14.49 18.05 -22.23
CA ALA B 605 -13.81 19.33 -22.09
C ALA B 605 -13.44 19.79 -23.49
N MET B 606 -13.29 21.10 -23.66
CA MET B 606 -12.78 21.62 -24.92
C MET B 606 -11.32 21.23 -25.08
N ALA B 607 -10.85 21.21 -26.32
CA ALA B 607 -9.42 21.09 -26.55
C ALA B 607 -8.76 22.41 -26.19
N PRO B 608 -7.49 22.39 -25.76
CA PRO B 608 -6.82 23.68 -25.47
C PRO B 608 -6.48 24.46 -26.72
N ALA B 609 -6.37 23.77 -27.86
CA ALA B 609 -6.10 24.46 -29.12
C ALA B 609 -7.29 25.29 -29.57
N THR B 610 -8.50 24.73 -29.43
CA THR B 610 -9.67 25.49 -29.81
C THR B 610 -10.01 26.55 -28.76
N ILE B 611 -9.46 26.40 -27.55
CA ILE B 611 -9.53 27.52 -26.62
C ILE B 611 -8.70 28.68 -27.14
N ALA B 612 -7.46 28.42 -27.55
CA ALA B 612 -6.57 29.48 -28.00
C ALA B 612 -7.01 30.05 -29.35
N ALA B 613 -7.84 29.31 -30.08
CA ALA B 613 -8.37 29.85 -31.33
C ALA B 613 -9.59 30.73 -31.08
N VAL B 614 -10.45 30.33 -30.15
CA VAL B 614 -11.71 31.03 -29.96
C VAL B 614 -11.49 32.36 -29.24
N ARG B 615 -10.74 32.34 -28.15
CA ARG B 615 -10.65 33.54 -27.32
C ARG B 615 -9.68 34.56 -27.93
N GLY B 616 -8.94 34.15 -28.97
CA GLY B 616 -8.13 35.11 -29.70
C GLY B 616 -8.97 36.12 -30.45
N ALA B 617 -10.17 35.71 -30.88
CA ALA B 617 -11.05 36.61 -31.61
C ALA B 617 -11.76 37.58 -30.66
N PHE B 618 -12.08 37.10 -29.46
CA PHE B 618 -12.63 37.99 -28.43
C PHE B 618 -11.61 39.03 -28.00
N GLU B 619 -10.33 38.65 -27.98
CA GLU B 619 -9.28 39.62 -27.70
C GLU B 619 -9.06 40.53 -28.88
N ASP B 620 -9.49 40.09 -30.06
CA ASP B 620 -9.08 40.76 -31.28
C ASP B 620 -9.89 42.04 -31.47
N ARG B 621 -9.32 43.15 -31.00
CA ARG B 621 -9.84 44.47 -31.34
C ARG B 621 -9.44 44.90 -32.74
N SER B 622 -8.63 44.10 -33.42
CA SER B 622 -8.32 44.33 -34.82
C SER B 622 -9.25 43.56 -35.73
N TYR B 623 -10.49 43.34 -35.28
CA TYR B 623 -11.38 42.40 -35.93
C TYR B 623 -11.98 43.03 -37.19
N PRO B 624 -12.17 42.24 -38.24
CA PRO B 624 -12.81 42.77 -39.44
C PRO B 624 -14.26 43.11 -39.21
N ALA B 625 -14.62 44.36 -39.51
CA ALA B 625 -15.96 44.85 -39.18
C ALA B 625 -17.02 44.29 -40.10
N VAL B 626 -16.61 43.61 -41.18
CA VAL B 626 -17.57 42.99 -42.09
C VAL B 626 -18.34 41.88 -41.41
N PHE B 627 -17.71 41.20 -40.45
CA PHE B 627 -18.27 39.94 -39.94
C PHE B 627 -19.49 40.19 -39.08
N TYR B 628 -19.51 41.30 -38.35
CA TYR B 628 -20.72 41.70 -37.67
C TYR B 628 -21.79 42.16 -38.66
N LEU B 629 -21.38 42.79 -39.76
CA LEU B 629 -22.35 43.11 -40.80
C LEU B 629 -22.78 41.84 -41.53
N LEU B 630 -21.86 40.91 -41.73
CA LEU B 630 -22.25 39.58 -42.19
C LEU B 630 -23.13 38.88 -41.19
N GLN B 631 -22.88 39.10 -39.90
CA GLN B 631 -23.81 38.65 -38.88
C GLN B 631 -25.13 39.38 -39.00
N ALA B 632 -25.12 40.63 -39.42
CA ALA B 632 -26.36 41.33 -39.71
C ALA B 632 -26.90 40.94 -41.07
N ALA B 633 -26.04 40.43 -41.97
CA ALA B 633 -26.52 39.99 -43.27
C ALA B 633 -27.31 38.70 -43.14
N ILE B 634 -26.67 37.65 -42.64
CA ILE B 634 -27.34 36.35 -42.51
C ILE B 634 -28.40 36.40 -41.43
N HIS B 635 -28.20 37.25 -40.42
CA HIS B 635 -29.21 37.74 -39.45
C HIS B 635 -30.03 36.63 -38.80
N GLY B 636 -29.40 35.47 -38.62
CA GLY B 636 -30.10 34.31 -38.14
C GLY B 636 -30.85 33.52 -39.18
N ASN B 637 -31.01 34.03 -40.40
CA ASN B 637 -31.72 33.31 -41.44
C ASN B 637 -30.90 32.16 -41.96
N GLU B 638 -31.40 30.95 -41.76
CA GLU B 638 -30.71 29.76 -42.21
C GLU B 638 -30.77 29.64 -43.72
N HIS B 639 -31.83 30.17 -44.33
CA HIS B 639 -31.98 30.17 -45.78
C HIS B 639 -30.94 31.06 -46.43
N VAL B 640 -30.77 32.27 -45.89
CA VAL B 640 -29.82 33.23 -46.44
C VAL B 640 -28.39 32.80 -46.15
N PHE B 641 -28.19 31.90 -45.19
CA PHE B 641 -26.88 31.34 -44.93
C PHE B 641 -26.36 30.56 -46.12
N CYS B 642 -27.13 29.58 -46.58
CA CYS B 642 -26.69 28.81 -47.75
C CYS B 642 -26.80 29.62 -49.03
N ALA B 643 -27.51 30.75 -48.99
CA ALA B 643 -27.47 31.68 -50.11
C ALA B 643 -26.09 32.29 -50.29
N LEU B 644 -25.44 32.64 -49.19
CA LEU B 644 -24.13 33.26 -49.24
C LEU B 644 -23.05 32.38 -48.64
N ALA B 645 -23.21 31.06 -48.72
CA ALA B 645 -22.34 30.15 -47.97
C ALA B 645 -20.93 30.14 -48.52
N ARG B 646 -20.75 30.45 -49.80
CA ARG B 646 -19.39 30.63 -50.32
C ARG B 646 -18.74 31.85 -49.72
N LEU B 647 -19.51 32.93 -49.50
CA LEU B 647 -18.96 34.11 -48.86
C LEU B 647 -18.54 33.82 -47.42
N VAL B 648 -19.30 32.97 -46.74
CA VAL B 648 -18.94 32.59 -45.37
C VAL B 648 -17.65 31.78 -45.38
N THR B 649 -17.47 30.93 -46.40
CA THR B 649 -16.29 30.07 -46.47
C THR B 649 -15.03 30.86 -46.69
N GLN B 650 -15.03 31.77 -47.66
CA GLN B 650 -13.83 32.54 -47.96
C GLN B 650 -13.48 33.52 -46.86
N CYS B 651 -14.49 34.04 -46.17
CA CYS B 651 -14.24 34.98 -45.09
C CYS B 651 -13.52 34.32 -43.93
N ILE B 652 -13.85 33.06 -43.65
CA ILE B 652 -13.23 32.37 -42.52
C ILE B 652 -11.78 32.04 -42.81
N THR B 653 -11.53 31.41 -43.96
CA THR B 653 -10.20 30.88 -44.23
C THR B 653 -9.21 31.99 -44.53
N SER B 654 -9.66 33.07 -45.17
CA SER B 654 -8.80 34.25 -45.34
C SER B 654 -8.47 34.87 -43.99
N TYR B 655 -9.44 34.93 -43.09
CA TYR B 655 -9.16 35.30 -41.72
C TYR B 655 -8.32 34.25 -41.01
N TRP B 656 -8.46 32.99 -41.41
CA TRP B 656 -7.63 31.95 -40.82
C TRP B 656 -6.19 32.03 -41.33
N ASN B 657 -5.99 32.66 -42.48
CA ASN B 657 -4.64 32.84 -42.99
C ASN B 657 -3.90 33.88 -42.16
N ASN B 658 -4.59 34.97 -41.80
CA ASN B 658 -3.95 36.02 -41.02
C ASN B 658 -3.78 35.59 -39.58
N THR B 659 -4.86 35.20 -38.94
CA THR B 659 -4.87 34.87 -37.52
C THR B 659 -5.16 33.40 -37.32
N ARG B 660 -4.71 32.86 -36.19
CA ARG B 660 -5.20 31.57 -35.74
C ARG B 660 -6.44 31.79 -34.89
N CYS B 661 -7.49 32.35 -35.50
CA CYS B 661 -8.66 32.72 -34.73
C CYS B 661 -9.90 32.37 -35.53
N ALA B 662 -10.98 32.08 -34.82
CA ALA B 662 -12.25 31.77 -35.46
C ALA B 662 -12.99 33.05 -35.79
N ALA B 663 -13.81 33.01 -36.84
CA ALA B 663 -14.45 34.23 -37.34
C ALA B 663 -15.74 34.56 -36.60
N PHE B 664 -16.76 33.72 -36.74
CA PHE B 664 -18.12 34.13 -36.42
C PHE B 664 -18.64 33.59 -35.10
N VAL B 665 -17.81 33.51 -34.06
CA VAL B 665 -18.24 32.98 -32.78
C VAL B 665 -19.17 33.92 -32.02
N ASN B 666 -19.39 35.13 -32.53
CA ASN B 666 -20.28 36.10 -31.93
C ASN B 666 -21.75 35.70 -31.94
N ASP B 667 -22.15 34.68 -32.71
CA ASP B 667 -23.54 34.27 -32.82
C ASP B 667 -23.58 32.75 -32.97
N TYR B 668 -24.19 32.08 -31.98
CA TYR B 668 -24.25 30.62 -31.98
C TYR B 668 -25.08 30.08 -33.13
N SER B 669 -26.13 30.82 -33.52
CA SER B 669 -26.95 30.41 -34.65
C SER B 669 -26.15 30.39 -35.94
N LEU B 670 -25.15 31.26 -36.05
CA LEU B 670 -24.23 31.15 -37.16
C LEU B 670 -23.32 29.95 -36.98
N VAL B 671 -22.80 29.76 -35.77
CA VAL B 671 -21.84 28.69 -35.52
C VAL B 671 -22.51 27.32 -35.62
N SER B 672 -23.82 27.28 -35.36
CA SER B 672 -24.59 26.08 -35.66
C SER B 672 -24.59 25.75 -37.14
N TYR B 673 -24.52 26.78 -37.99
CA TYR B 673 -24.65 26.56 -39.42
C TYR B 673 -23.36 26.08 -40.06
N ILE B 674 -22.23 26.71 -39.71
CA ILE B 674 -20.93 26.34 -40.27
C ILE B 674 -20.56 24.91 -39.91
N VAL B 675 -20.88 24.49 -38.68
CA VAL B 675 -20.70 23.10 -38.29
C VAL B 675 -21.65 22.21 -39.08
N THR B 676 -22.83 22.72 -39.43
CA THR B 676 -23.80 21.90 -40.13
C THR B 676 -23.57 21.92 -41.63
N TYR B 677 -23.28 23.10 -42.19
CA TYR B 677 -23.37 23.18 -43.64
C TYR B 677 -22.01 23.23 -44.33
N LEU B 678 -21.04 23.96 -43.82
CA LEU B 678 -19.78 24.12 -44.52
C LEU B 678 -18.72 23.14 -44.08
N GLY B 679 -19.10 21.92 -43.72
CA GLY B 679 -18.14 20.98 -43.15
C GLY B 679 -17.16 20.38 -44.14
N GLY B 680 -17.35 20.64 -45.44
CA GLY B 680 -16.42 20.09 -46.42
C GLY B 680 -15.33 21.08 -46.79
N ASP B 681 -15.71 22.32 -47.06
CA ASP B 681 -14.82 23.30 -47.68
C ASP B 681 -14.07 24.12 -46.62
N LEU B 682 -13.54 23.44 -45.62
CA LEU B 682 -12.69 24.09 -44.64
C LEU B 682 -11.47 23.22 -44.35
N PRO B 683 -10.33 23.82 -44.03
CA PRO B 683 -9.25 23.02 -43.45
C PRO B 683 -9.63 22.58 -42.05
N GLU B 684 -9.13 21.40 -41.67
CA GLU B 684 -9.55 20.78 -40.41
C GLU B 684 -9.03 21.55 -39.21
N GLU B 685 -7.96 22.33 -39.39
CA GLU B 685 -7.34 23.04 -38.28
C GLU B 685 -8.27 24.14 -37.73
N CYS B 686 -9.11 24.71 -38.58
CA CYS B 686 -10.12 25.66 -38.09
C CYS B 686 -11.54 25.11 -38.15
N MET B 687 -11.76 23.99 -38.84
CA MET B 687 -13.08 23.39 -38.80
C MET B 687 -13.39 22.76 -37.45
N ALA B 688 -12.42 22.07 -36.85
CA ALA B 688 -12.63 21.47 -35.55
C ALA B 688 -12.71 22.50 -34.44
N VAL B 689 -12.31 23.75 -34.73
CA VAL B 689 -12.52 24.84 -33.78
C VAL B 689 -14.00 25.07 -33.54
N TYR B 690 -14.78 25.22 -34.62
CA TYR B 690 -16.20 25.43 -34.46
C TYR B 690 -16.91 24.16 -34.00
N ARG B 691 -16.35 23.00 -34.35
CA ARG B 691 -16.94 21.72 -34.00
C ARG B 691 -16.94 21.52 -32.49
N ASP B 692 -15.77 21.64 -31.86
CA ASP B 692 -15.62 21.41 -30.43
C ASP B 692 -16.43 22.42 -29.62
N LEU B 693 -16.62 23.63 -30.15
CA LEU B 693 -17.36 24.67 -29.45
C LEU B 693 -18.82 24.27 -29.25
N VAL B 694 -19.48 23.83 -30.30
CA VAL B 694 -20.89 23.45 -30.20
C VAL B 694 -21.03 22.13 -29.48
N ALA B 695 -20.10 21.22 -29.72
CA ALA B 695 -20.10 19.93 -29.04
C ALA B 695 -19.96 20.08 -27.54
N HIS B 696 -19.18 21.03 -27.09
CA HIS B 696 -19.03 21.27 -25.67
C HIS B 696 -20.26 21.92 -25.06
N VAL B 697 -21.06 22.63 -25.86
CA VAL B 697 -22.33 23.15 -25.37
C VAL B 697 -23.29 22.01 -25.08
N GLU B 698 -23.40 21.05 -26.00
CA GLU B 698 -24.25 19.89 -25.74
C GLU B 698 -23.65 18.95 -24.71
N ALA B 699 -22.35 19.07 -24.42
CA ALA B 699 -21.81 18.42 -23.24
C ALA B 699 -22.40 19.01 -21.98
N LEU B 700 -22.64 20.33 -21.98
CA LEU B 700 -23.28 20.97 -20.83
C LEU B 700 -24.78 20.81 -20.85
N ALA B 701 -25.35 20.23 -21.91
CA ALA B 701 -26.80 20.11 -22.00
C ALA B 701 -27.34 19.13 -20.98
N GLN B 702 -26.76 17.93 -20.93
CA GLN B 702 -27.28 16.91 -20.03
C GLN B 702 -26.73 17.04 -18.62
N LEU B 703 -25.98 18.10 -18.33
CA LEU B 703 -25.55 18.41 -16.98
C LEU B 703 -26.73 18.59 -16.03
N VAL B 704 -27.79 19.24 -16.48
CA VAL B 704 -29.02 19.28 -15.70
C VAL B 704 -29.62 17.89 -15.61
N ASP B 705 -29.56 17.15 -16.71
CA ASP B 705 -30.26 15.88 -16.82
C ASP B 705 -29.64 14.79 -15.99
N ASP B 706 -28.36 14.92 -15.63
CA ASP B 706 -27.77 13.97 -14.70
C ASP B 706 -28.32 14.20 -13.29
N PHE B 707 -28.73 15.42 -12.99
CA PHE B 707 -29.15 15.77 -11.65
C PHE B 707 -30.63 16.08 -11.54
N THR B 708 -31.47 15.30 -12.19
CA THR B 708 -32.91 15.54 -12.18
C THR B 708 -33.66 14.22 -12.01
N LEU B 709 -34.41 14.09 -10.94
CA LEU B 709 -35.34 12.99 -10.80
C LEU B 709 -36.49 13.15 -11.79
N PRO B 710 -36.79 12.13 -12.56
CA PRO B 710 -38.01 12.18 -13.37
C PRO B 710 -39.28 12.15 -12.54
N GLY B 711 -40.04 13.23 -12.59
CA GLY B 711 -41.35 13.28 -12.00
C GLY B 711 -42.36 13.79 -13.00
N PRO B 712 -43.65 13.78 -12.63
CA PRO B 712 -44.68 14.32 -13.53
C PRO B 712 -44.57 15.83 -13.65
N GLU B 713 -45.25 16.39 -14.63
CA GLU B 713 -45.18 17.84 -14.81
C GLU B 713 -46.00 18.57 -13.79
N LEU B 714 -45.65 19.83 -13.58
CA LEU B 714 -46.28 20.69 -12.59
C LEU B 714 -46.60 22.03 -13.23
N GLY B 715 -47.89 22.27 -13.46
CA GLY B 715 -48.33 23.55 -14.00
C GLY B 715 -47.95 23.76 -15.44
N GLY B 716 -48.04 22.71 -16.26
CA GLY B 716 -47.63 22.81 -17.65
C GLY B 716 -46.14 23.02 -17.80
N GLN B 717 -45.37 22.57 -16.82
CA GLN B 717 -43.93 22.77 -16.78
C GLN B 717 -43.26 21.48 -16.36
N ALA B 718 -42.16 21.16 -17.02
CA ALA B 718 -41.45 19.92 -16.72
C ALA B 718 -40.70 20.04 -15.40
N GLN B 719 -40.18 18.90 -14.94
CA GLN B 719 -39.29 18.90 -13.78
C GLN B 719 -38.05 19.74 -14.03
N ALA B 720 -37.49 19.63 -15.23
CA ALA B 720 -36.24 20.32 -15.54
C ALA B 720 -36.46 21.82 -15.67
N GLU B 721 -37.65 22.23 -16.09
CA GLU B 721 -37.97 23.65 -16.06
C GLU B 721 -38.02 24.14 -14.62
N LEU B 722 -38.56 23.34 -13.73
CA LEU B 722 -38.52 23.68 -12.32
C LEU B 722 -37.12 23.57 -11.73
N ASN B 723 -36.29 22.70 -12.28
CA ASN B 723 -34.98 22.41 -11.71
C ASN B 723 -33.97 23.50 -12.00
N HIS B 724 -33.72 23.78 -13.28
CA HIS B 724 -32.65 24.65 -13.68
C HIS B 724 -33.21 25.78 -14.53
N LEU B 725 -32.45 26.86 -14.64
CA LEU B 725 -32.95 28.02 -15.38
C LEU B 725 -32.87 27.81 -16.88
N MET B 726 -31.99 26.94 -17.34
CA MET B 726 -31.75 26.83 -18.78
C MET B 726 -32.83 26.02 -19.47
N ARG B 727 -33.36 24.99 -18.81
CA ARG B 727 -34.52 24.31 -19.37
C ARG B 727 -35.78 25.13 -19.21
N ASP B 728 -35.77 26.08 -18.29
CA ASP B 728 -36.96 26.84 -18.00
C ASP B 728 -37.16 27.97 -19.02
N PRO B 729 -38.33 28.09 -19.62
CA PRO B 729 -38.51 29.04 -20.72
C PRO B 729 -38.57 30.49 -20.31
N ALA B 730 -38.65 30.78 -19.00
CA ALA B 730 -38.88 32.15 -18.58
C ALA B 730 -37.67 33.03 -18.86
N LEU B 731 -36.47 32.48 -18.78
CA LEU B 731 -35.34 33.21 -19.30
C LEU B 731 -35.25 32.96 -20.80
N LEU B 732 -34.98 34.00 -21.54
CA LEU B 732 -34.83 33.98 -22.97
C LEU B 732 -33.46 34.55 -23.34
N PRO B 733 -32.85 34.13 -24.44
CA PRO B 733 -31.50 34.62 -24.78
C PRO B 733 -31.53 36.09 -25.14
N PRO B 734 -30.42 36.81 -24.97
CA PRO B 734 -30.45 38.27 -25.19
C PRO B 734 -30.59 38.67 -26.65
N LEU B 735 -30.42 37.75 -27.60
CA LEU B 735 -30.52 38.06 -29.02
C LEU B 735 -31.49 37.06 -29.64
N VAL B 736 -32.71 37.50 -29.93
CA VAL B 736 -33.77 36.62 -30.42
C VAL B 736 -34.19 37.12 -31.79
N TRP B 737 -33.69 36.46 -32.85
CA TRP B 737 -34.01 36.90 -34.20
C TRP B 737 -35.44 36.54 -34.59
N ASP B 738 -35.94 35.41 -34.11
CA ASP B 738 -37.24 34.88 -34.48
C ASP B 738 -38.32 35.24 -33.47
N CYS B 739 -39.47 34.60 -33.62
CA CYS B 739 -40.59 34.79 -32.70
C CYS B 739 -40.84 33.59 -31.81
N ASP B 740 -40.00 32.56 -31.90
CA ASP B 740 -40.38 31.22 -31.42
C ASP B 740 -40.35 31.12 -29.91
N GLY B 741 -39.47 31.89 -29.26
CA GLY B 741 -39.32 31.76 -27.82
C GLY B 741 -40.49 32.35 -27.05
N LEU B 742 -41.04 33.45 -27.55
CA LEU B 742 -42.09 34.14 -26.81
C LEU B 742 -43.41 33.38 -26.92
N MET B 743 -43.52 32.50 -27.92
CA MET B 743 -44.62 31.56 -28.00
C MET B 743 -44.69 30.68 -26.76
N ARG B 744 -43.54 30.26 -26.26
CA ARG B 744 -43.51 29.56 -25.00
C ARG B 744 -43.70 30.49 -23.81
N HIS B 745 -43.32 31.77 -23.94
CA HIS B 745 -43.55 32.72 -22.87
C HIS B 745 -45.02 32.91 -22.55
N ALA B 746 -45.81 33.38 -23.52
CA ALA B 746 -47.20 33.75 -23.25
C ALA B 746 -48.07 32.54 -22.93
N ALA B 747 -47.58 31.34 -23.19
CA ALA B 747 -48.26 30.11 -22.81
C ALA B 747 -47.72 29.65 -21.46
N LEU B 748 -47.78 30.55 -20.46
CA LEU B 748 -47.40 30.20 -19.10
C LEU B 748 -48.34 30.89 -18.14
N ASP B 749 -48.57 30.23 -16.99
CA ASP B 749 -49.31 30.87 -15.91
C ASP B 749 -48.43 31.85 -15.16
N ARG B 750 -47.11 31.67 -15.22
CA ARG B 750 -46.20 32.61 -14.60
C ARG B 750 -46.08 33.89 -15.43
N HIS B 751 -46.53 33.83 -16.68
CA HIS B 751 -46.27 34.88 -17.63
C HIS B 751 -47.05 36.15 -17.33
N ARG B 752 -46.32 37.26 -17.25
CA ARG B 752 -46.89 38.55 -16.92
C ARG B 752 -46.47 39.55 -17.98
N ASP B 753 -47.45 40.34 -18.46
CA ASP B 753 -47.34 41.67 -19.08
C ASP B 753 -46.08 41.88 -19.94
N CYS B 754 -45.97 41.02 -20.96
CA CYS B 754 -44.74 40.87 -21.74
C CYS B 754 -44.54 42.10 -22.61
N ARG B 755 -43.86 43.10 -22.07
CA ARG B 755 -43.85 44.43 -22.65
C ARG B 755 -42.60 44.62 -23.49
N ILE B 756 -42.73 44.39 -24.80
CA ILE B 756 -41.73 44.83 -25.77
C ILE B 756 -41.73 46.36 -25.73
N ASP B 757 -40.55 46.97 -25.92
CA ASP B 757 -40.44 48.42 -25.79
C ASP B 757 -40.59 49.02 -27.18
N ALA B 758 -41.75 48.82 -27.77
CA ALA B 758 -42.06 49.47 -29.03
C ALA B 758 -43.30 50.32 -28.90
N GLY B 759 -44.41 49.70 -28.51
CA GLY B 759 -45.61 50.41 -28.14
C GLY B 759 -46.08 50.09 -26.75
N GLY B 760 -47.20 49.38 -26.66
CA GLY B 760 -47.72 48.94 -25.38
C GLY B 760 -47.04 47.67 -24.92
N HIS B 761 -47.81 46.84 -24.23
CA HIS B 761 -47.22 45.61 -23.69
C HIS B 761 -47.06 44.54 -24.76
N GLU B 762 -48.18 44.00 -25.26
CA GLU B 762 -47.96 42.64 -25.75
C GLU B 762 -47.56 42.62 -27.23
N PRO B 763 -46.78 41.61 -27.63
CA PRO B 763 -46.38 41.51 -29.03
C PRO B 763 -47.30 40.58 -29.83
N VAL B 764 -47.58 41.03 -31.07
CA VAL B 764 -48.17 40.22 -32.13
C VAL B 764 -47.21 40.42 -33.30
N TYR B 765 -47.26 39.57 -34.32
CA TYR B 765 -46.01 39.20 -35.00
C TYR B 765 -46.03 39.40 -36.50
N ALA B 766 -44.85 39.19 -37.08
CA ALA B 766 -44.54 39.26 -38.50
C ALA B 766 -43.79 38.00 -38.89
N ALA B 767 -44.29 37.31 -39.92
CA ALA B 767 -43.86 35.94 -40.23
C ALA B 767 -42.59 35.88 -41.08
N ALA B 768 -42.33 36.88 -41.92
CA ALA B 768 -41.12 36.94 -42.73
C ALA B 768 -40.88 38.40 -43.08
N CYS B 769 -39.95 38.63 -43.99
CA CYS B 769 -39.58 40.00 -44.33
C CYS B 769 -39.46 40.15 -45.83
N ASN B 770 -39.50 41.41 -46.28
CA ASN B 770 -39.42 41.77 -47.70
C ASN B 770 -38.74 43.13 -47.82
N VAL B 771 -38.87 43.75 -49.00
CA VAL B 771 -38.41 45.12 -49.20
C VAL B 771 -39.45 46.13 -48.69
N ALA B 772 -40.73 45.78 -48.78
CA ALA B 772 -41.77 46.67 -48.27
C ALA B 772 -42.11 46.33 -46.83
N THR B 773 -41.86 45.10 -46.42
CA THR B 773 -42.19 44.67 -45.06
C THR B 773 -41.18 45.22 -44.05
N ALA B 774 -39.94 45.41 -44.48
CA ALA B 774 -38.88 45.93 -43.62
C ALA B 774 -39.12 47.40 -43.33
N ASP B 775 -39.61 47.70 -42.14
CA ASP B 775 -39.79 49.07 -41.68
C ASP B 775 -39.04 49.19 -40.37
N PHE B 776 -37.95 49.97 -40.38
CA PHE B 776 -36.99 49.89 -39.29
C PHE B 776 -37.39 50.76 -38.11
N ASN B 777 -37.73 52.02 -38.35
CA ASN B 777 -38.01 53.01 -37.30
C ASN B 777 -39.50 53.02 -37.01
N ARG B 778 -39.98 51.96 -36.35
CA ARG B 778 -41.40 51.86 -36.03
C ARG B 778 -41.55 51.51 -34.56
N ASN B 779 -42.74 51.83 -34.02
CA ASN B 779 -42.98 51.76 -32.58
C ASN B 779 -44.33 51.09 -32.30
N ASP B 780 -44.56 49.92 -32.92
CA ASP B 780 -45.81 49.21 -32.70
C ASP B 780 -45.66 47.81 -32.09
N GLY B 781 -44.55 47.11 -32.35
CA GLY B 781 -44.31 45.83 -31.70
C GLY B 781 -44.35 44.59 -32.57
N ARG B 782 -43.79 44.62 -33.78
CA ARG B 782 -43.65 43.39 -34.52
C ARG B 782 -42.27 42.79 -34.33
N LEU B 783 -42.22 41.47 -34.40
CA LEU B 783 -40.98 40.72 -34.35
C LEU B 783 -40.86 39.94 -35.65
N LEU B 784 -39.67 39.86 -36.22
CA LEU B 784 -39.47 39.01 -37.38
C LEU B 784 -39.31 37.55 -36.98
N HIS B 785 -39.46 36.68 -37.96
CA HIS B 785 -39.51 35.24 -37.81
C HIS B 785 -38.60 34.53 -38.82
N ASN B 786 -38.01 35.28 -39.76
CA ASN B 786 -37.33 34.73 -40.93
C ASN B 786 -35.94 34.17 -40.58
N THR B 787 -35.94 33.15 -39.70
CA THR B 787 -34.71 32.53 -39.23
C THR B 787 -34.61 31.05 -39.53
N GLN B 788 -35.70 30.44 -39.96
CA GLN B 788 -35.76 28.99 -40.07
C GLN B 788 -35.06 28.49 -41.33
N ALA B 789 -35.13 27.18 -41.54
CA ALA B 789 -34.49 26.59 -42.72
C ALA B 789 -35.21 26.96 -44.01
N ARG B 790 -36.49 27.31 -43.95
CA ARG B 790 -37.30 27.54 -45.14
C ARG B 790 -37.82 28.97 -45.18
N ALA B 791 -37.31 29.76 -46.12
CA ALA B 791 -37.93 31.05 -46.41
C ALA B 791 -39.24 30.91 -47.16
N ALA B 792 -39.57 29.70 -47.61
CA ALA B 792 -40.90 29.43 -48.13
C ALA B 792 -41.89 29.15 -47.01
N ASP B 793 -41.56 28.24 -46.10
CA ASP B 793 -42.44 27.85 -45.01
C ASP B 793 -42.35 28.90 -43.91
N ALA B 794 -43.30 29.83 -43.91
CA ALA B 794 -43.38 30.88 -42.91
C ALA B 794 -44.48 30.54 -41.91
N ALA B 795 -44.48 31.27 -40.78
CA ALA B 795 -45.45 31.05 -39.72
C ALA B 795 -45.52 32.27 -38.81
N ASP B 796 -46.72 32.52 -38.28
CA ASP B 796 -46.94 33.55 -37.28
C ASP B 796 -47.02 32.96 -35.88
N ASP B 797 -47.25 31.65 -35.75
CA ASP B 797 -47.32 31.01 -34.45
C ASP B 797 -46.36 29.82 -34.36
N ARG B 798 -46.20 29.10 -35.46
CA ARG B 798 -45.52 27.81 -35.43
C ARG B 798 -44.00 27.99 -35.41
N PRO B 799 -43.29 27.36 -34.48
CA PRO B 799 -41.82 27.39 -34.53
C PRO B 799 -41.30 26.26 -35.41
N HIS B 800 -40.47 26.61 -36.39
CA HIS B 800 -39.91 25.58 -37.27
C HIS B 800 -38.72 24.90 -36.62
N ARG B 801 -38.24 25.45 -35.52
CA ARG B 801 -37.13 24.86 -34.79
C ARG B 801 -37.64 23.78 -33.86
N PRO B 802 -36.84 22.73 -33.63
CA PRO B 802 -37.30 21.64 -32.75
C PRO B 802 -37.17 21.94 -31.26
N ALA B 803 -36.91 23.21 -30.91
CA ALA B 803 -36.93 23.80 -29.56
C ALA B 803 -35.76 23.35 -28.68
N ASP B 804 -35.00 22.35 -29.13
CA ASP B 804 -33.69 22.10 -28.55
C ASP B 804 -32.75 23.22 -28.94
N TRP B 805 -32.97 23.79 -30.11
CA TRP B 805 -32.39 25.01 -30.63
C TRP B 805 -32.37 26.17 -29.64
N THR B 806 -33.54 26.57 -29.17
CA THR B 806 -33.64 27.82 -28.42
C THR B 806 -33.14 27.65 -26.99
N VAL B 807 -32.99 26.42 -26.53
CA VAL B 807 -32.42 26.20 -25.20
C VAL B 807 -30.93 26.48 -25.23
N HIS B 808 -30.27 26.07 -26.31
CA HIS B 808 -28.82 26.21 -26.42
C HIS B 808 -28.35 27.66 -26.51
N HIS B 809 -29.16 28.57 -27.01
CA HIS B 809 -28.73 29.96 -27.06
C HIS B 809 -28.68 30.59 -25.67
N LYS B 810 -29.60 30.17 -24.80
CA LYS B 810 -29.48 30.50 -23.38
C LYS B 810 -28.20 29.90 -22.79
N ILE B 811 -27.86 28.70 -23.22
CA ILE B 811 -26.62 28.06 -22.77
C ILE B 811 -25.44 28.81 -23.35
N TYR B 812 -25.61 29.38 -24.54
CA TYR B 812 -24.48 30.00 -25.23
C TYR B 812 -24.15 31.35 -24.61
N TYR B 813 -25.10 32.28 -24.66
CA TYR B 813 -24.80 33.67 -24.30
C TYR B 813 -24.55 33.82 -22.81
N TYR B 814 -25.41 33.21 -21.99
CA TYR B 814 -25.32 33.42 -20.55
C TYR B 814 -24.11 32.72 -19.94
N VAL B 815 -23.50 31.78 -20.67
CA VAL B 815 -22.34 31.08 -20.13
C VAL B 815 -21.09 31.40 -20.91
N LEU B 816 -21.09 31.13 -22.21
CA LEU B 816 -19.82 30.98 -22.93
C LEU B 816 -19.14 32.30 -23.26
N VAL B 817 -19.92 33.32 -23.60
CA VAL B 817 -19.34 34.63 -23.89
C VAL B 817 -18.69 35.21 -22.64
N PRO B 818 -19.23 35.10 -21.42
CA PRO B 818 -18.37 35.37 -20.25
C PRO B 818 -17.26 34.37 -20.08
N ALA B 819 -17.45 33.11 -20.46
CA ALA B 819 -16.42 32.09 -20.26
C ALA B 819 -15.21 32.29 -21.15
N PHE B 820 -15.33 33.06 -22.22
CA PHE B 820 -14.16 33.39 -23.03
C PHE B 820 -13.69 34.82 -22.84
N SER B 821 -14.59 35.80 -22.82
CA SER B 821 -14.20 37.20 -22.75
C SER B 821 -13.86 37.65 -21.35
N ARG B 822 -14.09 36.80 -20.35
CA ARG B 822 -14.10 37.16 -18.93
C ARG B 822 -15.06 38.32 -18.66
N GLY B 823 -16.19 38.33 -19.38
CA GLY B 823 -17.20 39.34 -19.23
C GLY B 823 -16.93 40.63 -19.97
N ARG B 824 -15.69 40.90 -20.38
CA ARG B 824 -15.33 42.17 -21.03
C ARG B 824 -15.89 42.14 -22.43
N CYS B 825 -17.17 42.47 -22.54
CA CYS B 825 -17.94 42.39 -23.78
C CYS B 825 -19.24 43.13 -23.60
N CYS B 826 -19.92 43.47 -24.69
CA CYS B 826 -21.18 44.18 -24.57
C CYS B 826 -22.03 43.90 -25.80
N THR B 827 -23.31 43.66 -25.55
CA THR B 827 -24.30 43.61 -26.61
C THR B 827 -24.44 44.96 -27.28
N ALA B 828 -24.87 44.93 -28.53
CA ALA B 828 -25.03 46.16 -29.27
C ALA B 828 -26.29 46.10 -30.10
N GLY B 829 -27.16 47.08 -29.88
CA GLY B 829 -28.31 47.27 -30.74
C GLY B 829 -27.86 47.73 -32.11
N VAL B 830 -28.68 47.40 -33.10
CA VAL B 830 -28.26 47.52 -34.49
C VAL B 830 -29.09 48.57 -35.21
N ARG B 831 -28.41 49.58 -35.76
CA ARG B 831 -29.02 50.60 -36.62
C ARG B 831 -29.07 50.05 -38.04
N PHE B 832 -30.12 49.25 -38.33
CA PHE B 832 -30.24 48.56 -39.61
C PHE B 832 -30.41 49.52 -40.77
N ASP B 833 -30.84 50.75 -40.50
CA ASP B 833 -30.85 51.78 -41.54
C ASP B 833 -29.44 52.16 -41.98
N ARG B 834 -28.46 51.99 -41.08
CA ARG B 834 -27.08 52.33 -41.46
C ARG B 834 -26.24 51.09 -41.75
N VAL B 835 -26.70 49.90 -41.36
CA VAL B 835 -25.93 48.69 -41.60
C VAL B 835 -26.10 48.20 -43.03
N TYR B 836 -27.35 48.04 -43.47
CA TYR B 836 -27.63 47.59 -44.83
C TYR B 836 -27.46 48.71 -45.87
N ALA B 837 -27.04 49.90 -45.45
CA ALA B 837 -26.73 50.98 -46.38
C ALA B 837 -25.42 50.71 -47.10
N THR B 838 -24.39 50.31 -46.36
CA THR B 838 -23.07 50.10 -46.95
C THR B 838 -22.73 48.64 -47.13
N LEU B 839 -23.62 47.71 -46.80
CA LEU B 839 -23.47 46.33 -47.26
C LEU B 839 -23.61 46.25 -48.78
N GLN B 840 -24.76 46.67 -49.28
CA GLN B 840 -25.06 46.64 -50.72
C GLN B 840 -24.48 47.89 -51.38
N ASN B 841 -23.17 48.03 -51.31
CA ASN B 841 -22.45 49.12 -51.97
C ASN B 841 -21.09 48.57 -52.35
N MET B 842 -20.99 48.03 -53.56
CA MET B 842 -19.80 47.28 -53.97
C MET B 842 -19.29 47.81 -55.30
N VAL B 843 -18.03 47.53 -55.57
CA VAL B 843 -17.40 47.83 -56.86
C VAL B 843 -16.89 46.51 -57.43
N VAL B 844 -17.63 45.93 -58.36
CA VAL B 844 -17.25 44.70 -59.03
C VAL B 844 -17.09 45.01 -60.52
N PRO B 845 -15.89 44.82 -61.09
CA PRO B 845 -15.72 45.10 -62.52
C PRO B 845 -16.41 44.04 -63.39
N GLU B 846 -16.80 44.47 -64.58
CA GLU B 846 -17.34 43.54 -65.57
C GLU B 846 -16.21 42.67 -66.11
N ILE B 847 -16.35 41.35 -65.96
CA ILE B 847 -15.29 40.44 -66.36
C ILE B 847 -15.24 40.33 -67.88
N ALA B 848 -14.03 40.20 -68.41
CA ALA B 848 -13.86 40.01 -69.84
C ALA B 848 -14.29 38.60 -70.22
N PRO B 849 -14.99 38.42 -71.34
CA PRO B 849 -15.43 37.07 -71.73
C PRO B 849 -14.24 36.20 -72.14
N GLY B 850 -14.20 34.99 -71.61
CA GLY B 850 -13.12 34.07 -71.87
C GLY B 850 -11.96 34.13 -70.89
N GLU B 851 -12.03 35.03 -69.91
CA GLU B 851 -10.98 35.18 -68.92
C GLU B 851 -11.33 34.40 -67.65
N GLU B 852 -10.32 34.08 -66.86
CA GLU B 852 -10.52 33.31 -65.64
C GLU B 852 -11.00 34.21 -64.51
N CYS B 853 -11.21 33.60 -63.33
CA CYS B 853 -11.72 34.32 -62.17
C CYS B 853 -10.59 35.00 -61.41
N PRO B 854 -10.80 36.21 -60.92
CA PRO B 854 -9.80 36.84 -60.04
C PRO B 854 -9.74 36.14 -58.69
N SER B 855 -8.55 35.65 -58.36
CA SER B 855 -8.33 35.00 -57.07
C SER B 855 -7.47 35.85 -56.13
N ASP B 856 -6.47 36.55 -56.68
CA ASP B 856 -5.56 37.36 -55.90
C ASP B 856 -5.87 38.84 -56.10
N PRO B 857 -5.82 39.65 -55.05
CA PRO B 857 -6.12 41.09 -55.21
C PRO B 857 -4.93 41.92 -55.66
N VAL B 858 -3.71 41.40 -55.54
CA VAL B 858 -2.53 42.20 -55.82
C VAL B 858 -2.26 42.29 -57.33
N THR B 859 -2.32 41.15 -58.02
CA THR B 859 -1.91 41.08 -59.41
C THR B 859 -3.02 41.49 -60.37
N ASP B 860 -4.20 40.87 -60.25
CA ASP B 860 -5.27 41.04 -61.22
C ASP B 860 -5.99 42.37 -60.97
N PRO B 861 -6.00 43.29 -61.94
CA PRO B 861 -6.73 44.56 -61.73
C PRO B 861 -8.24 44.42 -61.83
N ALA B 862 -8.75 43.31 -62.34
CA ALA B 862 -10.19 43.07 -62.38
C ALA B 862 -10.73 42.54 -61.06
N HIS B 863 -9.88 42.33 -60.07
CA HIS B 863 -10.30 41.84 -58.76
C HIS B 863 -10.98 42.97 -58.00
N PRO B 864 -12.07 42.69 -57.26
CA PRO B 864 -12.79 43.78 -56.56
C PRO B 864 -12.00 44.42 -55.43
N LEU B 865 -11.02 43.72 -54.85
CA LEU B 865 -10.17 44.29 -53.81
C LEU B 865 -8.84 44.80 -54.35
N HIS B 866 -8.73 44.99 -55.67
CA HIS B 866 -7.56 45.65 -56.23
C HIS B 866 -7.62 47.14 -55.88
N PRO B 867 -6.48 47.78 -55.63
CA PRO B 867 -6.49 49.22 -55.25
C PRO B 867 -7.01 50.17 -56.31
N ALA B 868 -7.10 49.75 -57.58
CA ALA B 868 -7.83 50.55 -58.56
C ALA B 868 -9.34 50.41 -58.38
N ASN B 869 -9.80 49.31 -57.79
CA ASN B 869 -11.21 49.08 -57.50
C ASN B 869 -11.59 49.46 -56.07
N LEU B 870 -10.61 49.84 -55.25
CA LEU B 870 -10.88 50.28 -53.89
C LEU B 870 -11.19 51.77 -53.91
N VAL B 871 -12.49 52.09 -53.93
CA VAL B 871 -12.96 53.47 -53.87
C VAL B 871 -13.34 53.69 -52.41
N ALA B 872 -13.41 54.95 -51.96
CA ALA B 872 -13.90 55.23 -50.63
C ALA B 872 -15.39 54.89 -50.51
N ASN B 873 -15.77 54.43 -49.31
CA ASN B 873 -17.13 54.19 -48.86
C ASN B 873 -17.84 53.05 -49.58
N THR B 874 -17.15 51.95 -49.88
CA THR B 874 -17.73 50.74 -50.44
C THR B 874 -17.64 49.59 -49.43
N VAL B 875 -18.01 48.38 -49.87
CA VAL B 875 -18.06 47.26 -48.92
C VAL B 875 -16.81 46.38 -49.02
N LYS B 876 -16.19 46.25 -50.20
CA LYS B 876 -14.99 45.41 -50.30
C LYS B 876 -13.74 46.11 -49.79
N ARG B 877 -13.83 47.43 -49.54
CA ARG B 877 -12.77 48.11 -48.81
C ARG B 877 -12.89 47.89 -47.32
N MET B 878 -14.06 47.44 -46.85
CA MET B 878 -14.23 47.08 -45.45
C MET B 878 -13.74 45.65 -45.20
N PHE B 879 -13.71 44.82 -46.25
CA PHE B 879 -12.90 43.60 -46.23
C PHE B 879 -11.42 43.91 -46.41
N HIS B 880 -11.08 45.17 -46.69
CA HIS B 880 -9.68 45.58 -46.81
C HIS B 880 -9.23 46.32 -45.56
N ASN B 881 -10.16 46.85 -44.76
CA ASN B 881 -9.81 47.33 -43.43
C ASN B 881 -9.45 46.17 -42.53
N GLY B 882 -10.44 45.34 -42.20
CA GLY B 882 -10.13 44.04 -41.66
C GLY B 882 -9.90 43.09 -42.83
N ARG B 883 -8.63 42.73 -43.04
CA ARG B 883 -8.16 42.11 -44.27
C ARG B 883 -8.79 40.74 -44.50
N VAL B 884 -9.73 40.67 -45.44
CA VAL B 884 -10.40 39.42 -45.78
C VAL B 884 -10.45 39.31 -47.30
N VAL B 885 -9.81 38.27 -47.82
CA VAL B 885 -9.82 37.95 -49.24
C VAL B 885 -11.19 37.38 -49.57
N VAL B 886 -11.91 38.07 -50.46
CA VAL B 886 -13.22 37.66 -50.94
C VAL B 886 -13.24 37.86 -52.45
N ASP B 887 -13.53 36.80 -53.21
CA ASP B 887 -13.48 36.93 -54.66
C ASP B 887 -14.84 37.34 -55.22
N GLY B 888 -14.98 37.20 -56.54
CA GLY B 888 -16.23 37.41 -57.26
C GLY B 888 -17.41 36.57 -56.81
N PRO B 889 -17.33 35.23 -56.95
CA PRO B 889 -18.49 34.39 -56.58
C PRO B 889 -18.79 34.30 -55.08
N ALA B 890 -18.04 34.96 -54.22
CA ALA B 890 -18.42 35.05 -52.81
C ALA B 890 -19.35 36.23 -52.57
N MET B 891 -18.93 37.44 -52.98
CA MET B 891 -19.72 38.64 -52.73
C MET B 891 -20.83 38.86 -53.76
N LEU B 892 -20.94 38.03 -54.79
CA LEU B 892 -22.02 38.21 -55.75
C LEU B 892 -23.34 37.72 -55.20
N THR B 893 -23.31 36.83 -54.20
CA THR B 893 -24.50 36.26 -53.59
C THR B 893 -25.21 37.20 -52.61
N LEU B 894 -24.80 38.47 -52.52
CA LEU B 894 -25.32 39.42 -51.53
C LEU B 894 -26.71 39.96 -51.91
N GLN B 895 -27.29 39.51 -53.02
CA GLN B 895 -28.60 39.98 -53.44
C GLN B 895 -29.75 39.30 -52.68
N VAL B 896 -29.44 38.37 -51.77
CA VAL B 896 -30.48 37.71 -50.99
C VAL B 896 -30.76 38.51 -49.69
N LEU B 897 -30.22 39.73 -49.60
CA LEU B 897 -30.55 40.61 -48.49
C LEU B 897 -31.87 41.35 -48.71
N ALA B 898 -32.33 41.44 -49.95
CA ALA B 898 -33.60 42.12 -50.21
C ALA B 898 -34.79 41.24 -49.90
N HIS B 899 -34.57 39.95 -49.65
CA HIS B 899 -35.69 39.03 -49.50
C HIS B 899 -35.85 38.53 -48.07
N ASN B 900 -34.79 38.58 -47.25
CA ASN B 900 -34.88 38.41 -45.80
C ASN B 900 -33.80 39.24 -45.15
N MET B 901 -34.15 39.96 -44.09
CA MET B 901 -33.20 40.72 -43.28
C MET B 901 -33.69 40.67 -41.85
N ALA B 902 -33.09 41.47 -40.97
CA ALA B 902 -33.52 41.56 -39.58
C ALA B 902 -33.97 42.98 -39.30
N GLU B 903 -35.10 43.13 -38.60
CA GLU B 903 -35.81 44.39 -38.73
C GLU B 903 -35.29 45.44 -37.74
N ARG B 904 -35.09 45.09 -36.47
CA ARG B 904 -34.93 46.18 -35.51
C ARG B 904 -34.28 45.69 -34.23
N THR B 905 -33.62 46.60 -33.55
CA THR B 905 -33.31 46.47 -32.14
C THR B 905 -34.40 47.13 -31.30
N THR B 906 -34.91 46.38 -30.33
CA THR B 906 -35.98 46.84 -29.46
C THR B 906 -35.93 45.99 -28.20
N ALA B 907 -36.05 46.63 -27.03
CA ALA B 907 -35.96 45.91 -25.77
C ALA B 907 -37.21 45.07 -25.52
N LEU B 908 -37.00 43.81 -25.19
CA LEU B 908 -38.07 42.88 -24.87
C LEU B 908 -38.06 42.64 -23.37
N LEU B 909 -38.94 43.32 -22.64
CA LEU B 909 -39.01 43.22 -21.19
C LEU B 909 -40.28 42.49 -20.81
N CYS B 910 -40.15 41.21 -20.50
CA CYS B 910 -41.30 40.39 -20.17
C CYS B 910 -41.13 39.82 -18.78
N SER B 911 -41.91 40.32 -17.84
CA SER B 911 -41.81 39.92 -16.46
C SER B 911 -42.48 38.57 -16.28
N ALA B 912 -42.33 38.02 -15.07
CA ALA B 912 -42.88 36.70 -14.81
C ALA B 912 -43.28 36.62 -13.35
N ALA B 913 -44.14 35.65 -13.06
CA ALA B 913 -44.41 35.24 -11.69
C ALA B 913 -43.41 34.17 -11.29
N PRO B 914 -43.19 33.98 -9.99
CA PRO B 914 -42.32 32.88 -9.56
C PRO B 914 -42.92 31.52 -9.86
N ASP B 915 -42.05 30.52 -9.86
CA ASP B 915 -42.47 29.17 -10.19
C ASP B 915 -43.26 28.54 -9.05
N ALA B 916 -44.26 27.75 -9.45
CA ALA B 916 -44.89 26.82 -8.53
C ALA B 916 -43.82 25.88 -7.99
N GLY B 917 -43.90 25.59 -6.70
CA GLY B 917 -42.63 25.23 -6.10
C GLY B 917 -41.85 26.51 -5.93
N ALA B 918 -42.15 27.21 -4.82
CA ALA B 918 -41.82 28.57 -4.38
C ALA B 918 -42.77 29.63 -4.93
N ASN B 919 -43.97 29.22 -5.33
CA ASN B 919 -45.06 30.16 -5.48
C ASN B 919 -45.95 30.04 -4.26
N THR B 920 -45.76 30.94 -3.30
CA THR B 920 -46.54 30.98 -2.08
C THR B 920 -47.27 32.30 -2.02
N ALA B 921 -48.00 32.50 -0.92
CA ALA B 921 -48.75 33.73 -0.72
C ALA B 921 -47.81 34.92 -0.54
N SER B 922 -46.62 34.68 0.00
CA SER B 922 -45.61 35.72 0.09
C SER B 922 -45.07 36.09 -1.28
N THR B 923 -45.08 35.15 -2.21
CA THR B 923 -44.36 35.30 -3.47
C THR B 923 -45.26 35.60 -4.65
N ALA B 924 -46.56 35.79 -4.43
CA ALA B 924 -47.49 35.87 -5.56
C ALA B 924 -47.41 37.21 -6.26
N ASN B 925 -46.80 38.21 -5.64
CA ASN B 925 -46.65 39.53 -6.23
C ASN B 925 -45.24 39.81 -6.73
N MET B 926 -44.34 38.83 -6.66
CA MET B 926 -42.94 39.08 -6.94
C MET B 926 -42.71 39.08 -8.45
N ARG B 927 -42.01 40.10 -8.92
CA ARG B 927 -41.75 40.27 -10.34
C ARG B 927 -40.27 40.05 -10.63
N ILE B 928 -39.98 39.37 -11.73
CA ILE B 928 -38.63 39.18 -12.21
C ILE B 928 -38.60 39.66 -13.66
N PHE B 929 -37.91 40.76 -13.90
CA PHE B 929 -37.87 41.38 -15.21
C PHE B 929 -36.66 40.87 -15.99
N ASP B 930 -36.85 40.51 -17.25
CA ASP B 930 -35.78 40.11 -18.16
C ASP B 930 -35.84 40.96 -19.41
N GLY B 931 -34.78 41.74 -19.66
CA GLY B 931 -34.71 42.54 -20.85
C GLY B 931 -33.75 41.98 -21.88
N ALA B 932 -34.13 42.11 -23.14
CA ALA B 932 -33.35 41.57 -24.25
C ALA B 932 -33.75 42.27 -25.54
N LEU B 933 -32.82 42.26 -26.50
CA LEU B 933 -33.04 42.89 -27.80
C LEU B 933 -33.47 41.84 -28.80
N HIS B 934 -34.28 42.26 -29.78
CA HIS B 934 -34.71 41.30 -30.78
C HIS B 934 -33.56 41.04 -31.75
N ALA B 935 -33.20 42.01 -32.56
CA ALA B 935 -32.10 41.83 -33.49
C ALA B 935 -30.97 42.73 -32.99
N GLY B 936 -30.08 42.14 -32.20
CA GLY B 936 -28.88 42.82 -31.78
C GLY B 936 -27.67 42.01 -32.19
N VAL B 937 -26.57 42.73 -32.42
CA VAL B 937 -25.29 42.11 -32.75
C VAL B 937 -24.38 42.23 -31.54
N LEU B 938 -23.92 41.08 -31.07
CA LEU B 938 -23.00 41.00 -29.96
C LEU B 938 -21.62 41.39 -30.44
N LEU B 939 -21.14 42.54 -30.02
CA LEU B 939 -19.77 42.96 -30.29
C LEU B 939 -18.83 42.35 -29.27
N MET B 940 -17.89 41.54 -29.74
CA MET B 940 -16.93 40.91 -28.86
C MET B 940 -15.92 41.92 -28.34
N ALA B 941 -15.11 42.47 -29.24
CA ALA B 941 -14.07 43.40 -28.88
C ALA B 941 -14.33 44.74 -29.54
N PRO B 942 -14.56 45.80 -28.79
CA PRO B 942 -14.78 47.11 -29.42
C PRO B 942 -13.45 47.71 -29.82
N GLN B 943 -13.43 48.34 -30.99
CA GLN B 943 -12.26 49.09 -31.43
C GLN B 943 -12.65 50.57 -31.42
N HIS B 944 -12.34 51.25 -30.33
CA HIS B 944 -12.52 52.68 -30.25
C HIS B 944 -11.21 53.42 -30.34
N LEU B 945 -10.08 52.74 -30.18
CA LEU B 945 -8.78 53.38 -30.19
C LEU B 945 -8.23 53.57 -31.59
N ASP B 946 -8.85 52.97 -32.59
CA ASP B 946 -8.76 53.45 -33.95
C ASP B 946 -9.88 54.43 -34.18
N HIS B 947 -9.77 55.23 -35.22
CA HIS B 947 -10.89 56.02 -35.70
C HIS B 947 -11.12 55.62 -37.15
N THR B 948 -11.86 54.52 -37.32
CA THR B 948 -12.46 54.12 -38.58
C THR B 948 -13.94 53.85 -38.37
N ILE B 949 -14.33 53.52 -37.14
CA ILE B 949 -15.72 53.49 -36.72
C ILE B 949 -16.01 54.80 -36.00
N GLN B 950 -16.87 55.64 -36.60
CA GLN B 950 -17.44 56.75 -35.84
C GLN B 950 -18.30 56.17 -34.73
N ASN B 951 -18.21 56.77 -33.55
CA ASN B 951 -18.77 56.15 -32.36
C ASN B 951 -20.29 56.21 -32.42
N GLY B 952 -20.91 55.04 -32.59
CA GLY B 952 -22.35 54.95 -32.71
C GLY B 952 -22.88 55.01 -34.13
N GLU B 953 -22.33 54.22 -35.05
CA GLU B 953 -22.78 54.24 -36.44
C GLU B 953 -23.54 52.96 -36.81
N TYR B 954 -22.90 51.79 -36.62
CA TYR B 954 -23.50 50.54 -37.08
C TYR B 954 -24.18 49.79 -35.95
N PHE B 955 -23.46 49.58 -34.85
CA PHE B 955 -23.98 48.80 -33.75
C PHE B 955 -23.74 49.57 -32.47
N TYR B 956 -24.75 50.34 -32.07
CA TYR B 956 -24.59 51.32 -31.00
C TYR B 956 -24.45 50.61 -29.68
N VAL B 957 -23.83 51.30 -28.72
CA VAL B 957 -23.58 50.73 -27.42
C VAL B 957 -24.90 50.53 -26.68
N LEU B 958 -25.23 49.27 -26.38
CA LEU B 958 -26.43 49.02 -25.61
C LEU B 958 -26.25 47.78 -24.74
N PRO B 959 -25.83 47.95 -23.51
CA PRO B 959 -25.77 46.81 -22.59
C PRO B 959 -27.15 46.34 -22.18
N VAL B 960 -27.41 45.05 -22.35
CA VAL B 960 -28.72 44.53 -21.96
C VAL B 960 -28.67 44.00 -20.54
N HIS B 961 -27.47 43.72 -20.05
CA HIS B 961 -27.28 43.02 -18.79
C HIS B 961 -25.87 43.31 -18.31
N ALA B 962 -25.63 43.05 -17.02
CA ALA B 962 -24.31 43.24 -16.47
C ALA B 962 -23.30 42.23 -17.00
N LEU B 963 -23.77 41.13 -17.59
CA LEU B 963 -22.87 40.22 -18.28
C LEU B 963 -22.27 40.87 -19.52
N PHE B 964 -23.04 41.70 -20.20
CA PHE B 964 -22.61 42.27 -21.46
C PHE B 964 -22.61 43.78 -21.30
N ALA B 965 -21.56 44.30 -20.68
CA ALA B 965 -21.35 45.75 -20.61
C ALA B 965 -19.84 45.99 -20.52
N GLY B 966 -19.21 46.21 -21.65
CA GLY B 966 -17.84 46.69 -21.64
C GLY B 966 -17.82 48.18 -21.41
N ALA B 967 -17.01 48.63 -20.45
CA ALA B 967 -16.77 50.06 -20.31
C ALA B 967 -16.08 50.61 -21.55
N ASP B 968 -15.27 49.78 -22.20
CA ASP B 968 -14.71 50.07 -23.52
C ASP B 968 -15.79 50.32 -24.56
N HIS B 969 -16.95 49.70 -24.44
CA HIS B 969 -18.11 50.19 -25.16
C HIS B 969 -18.70 51.41 -24.46
N VAL B 970 -18.88 51.34 -23.15
CA VAL B 970 -19.81 52.26 -22.48
C VAL B 970 -19.14 53.60 -22.19
N ALA B 971 -17.94 53.58 -21.60
CA ALA B 971 -17.25 54.85 -21.34
C ALA B 971 -16.80 55.52 -22.63
N ASN B 972 -16.60 54.72 -23.68
CA ASN B 972 -16.35 55.22 -25.02
C ASN B 972 -17.54 55.03 -25.93
N ALA B 973 -18.74 54.96 -25.36
CA ALA B 973 -19.92 55.47 -26.04
C ALA B 973 -19.82 57.00 -26.01
N PRO B 974 -20.37 57.70 -27.04
CA PRO B 974 -19.93 59.09 -27.31
C PRO B 974 -20.16 60.13 -26.22
N ASN B 975 -21.41 60.31 -25.77
CA ASN B 975 -21.75 61.29 -24.75
C ASN B 975 -21.81 60.56 -23.41
N PHE B 976 -20.74 60.67 -22.63
CA PHE B 976 -20.60 59.90 -21.40
C PHE B 976 -20.21 60.81 -20.25
N PRO B 977 -20.63 60.55 -19.01
CA PRO B 977 -20.25 61.41 -17.89
C PRO B 977 -18.80 61.21 -17.49
N PRO B 978 -18.01 62.30 -17.45
CA PRO B 978 -16.58 62.17 -17.14
C PRO B 978 -16.30 61.81 -15.70
N ALA B 979 -17.19 62.15 -14.78
CA ALA B 979 -17.07 61.66 -13.41
C ALA B 979 -17.24 60.15 -13.34
N LEU B 980 -17.96 59.57 -14.29
CA LEU B 980 -18.17 58.14 -14.33
C LEU B 980 -17.05 57.42 -15.06
N ARG B 981 -16.04 58.14 -15.55
CA ARG B 981 -14.88 57.48 -16.15
C ARG B 981 -14.14 56.63 -15.13
N ASP B 982 -14.14 57.07 -13.87
CA ASP B 982 -13.84 56.16 -12.78
C ASP B 982 -14.91 55.08 -12.68
N LEU B 983 -16.17 55.48 -12.65
CA LEU B 983 -17.22 54.58 -12.20
C LEU B 983 -17.61 53.58 -13.28
N ALA B 984 -17.30 53.88 -14.55
CA ALA B 984 -17.62 52.94 -15.62
C ALA B 984 -16.82 51.65 -15.51
N ARG B 985 -15.66 51.72 -14.88
CA ARG B 985 -14.77 50.56 -14.82
C ARG B 985 -15.33 49.49 -13.90
N ASP B 986 -15.69 49.85 -12.68
CA ASP B 986 -16.12 48.86 -11.71
C ASP B 986 -17.63 48.73 -11.61
N VAL B 987 -18.41 49.50 -12.35
CA VAL B 987 -19.87 49.40 -12.34
C VAL B 987 -20.34 49.10 -13.76
N PRO B 988 -21.17 48.07 -13.96
CA PRO B 988 -21.75 47.80 -15.28
C PRO B 988 -22.98 48.65 -15.57
N LEU B 989 -22.83 49.82 -16.18
CA LEU B 989 -23.94 50.76 -16.31
C LEU B 989 -24.98 50.25 -17.31
N VAL B 990 -26.05 49.64 -16.79
CA VAL B 990 -27.09 49.02 -17.60
C VAL B 990 -28.31 49.92 -17.60
N PRO B 991 -28.89 50.22 -18.77
CA PRO B 991 -30.13 51.00 -18.83
C PRO B 991 -31.30 50.30 -18.15
N PRO B 992 -32.20 51.06 -17.52
CA PRO B 992 -33.18 50.44 -16.62
C PRO B 992 -34.34 49.77 -17.33
N ALA B 993 -34.42 49.85 -18.66
CA ALA B 993 -35.52 49.20 -19.36
C ALA B 993 -35.24 47.73 -19.59
N LEU B 994 -33.97 47.38 -19.74
CA LEU B 994 -33.52 46.01 -19.97
C LEU B 994 -33.43 45.21 -18.68
N GLY B 995 -34.04 45.68 -17.61
CA GLY B 995 -33.97 45.06 -16.31
C GLY B 995 -32.91 45.71 -15.44
N ALA B 996 -33.28 45.97 -14.20
CA ALA B 996 -32.33 46.44 -13.21
C ALA B 996 -31.62 45.25 -12.62
N ASN B 997 -30.88 45.50 -11.54
CA ASN B 997 -30.13 44.44 -10.91
C ASN B 997 -31.04 43.44 -10.22
N TYR B 998 -31.77 43.92 -9.22
CA TYR B 998 -32.35 43.06 -8.21
C TYR B 998 -33.49 42.23 -8.76
N PHE B 999 -34.20 42.74 -9.75
CA PHE B 999 -35.36 42.07 -10.29
C PHE B 999 -35.06 41.39 -11.62
N SER B 1000 -33.80 41.07 -11.85
CA SER B 1000 -33.41 40.20 -12.95
C SER B 1000 -33.02 38.84 -12.41
N SER B 1001 -33.01 37.84 -13.28
CA SER B 1001 -32.71 36.48 -12.87
C SER B 1001 -31.23 36.27 -12.63
N ILE B 1002 -30.36 37.10 -13.20
CA ILE B 1002 -28.93 37.01 -13.00
C ILE B 1002 -28.45 38.37 -12.53
N ARG B 1003 -27.83 38.42 -11.36
CA ARG B 1003 -27.42 39.66 -10.74
C ARG B 1003 -25.91 39.79 -10.76
N GLN B 1004 -25.43 40.78 -10.03
CA GLN B 1004 -23.98 41.03 -9.94
C GLN B 1004 -23.11 39.86 -9.45
N PRO B 1005 -23.50 39.02 -8.45
CA PRO B 1005 -22.56 37.97 -8.01
C PRO B 1005 -22.21 36.90 -9.03
N VAL B 1006 -22.98 36.76 -10.10
CA VAL B 1006 -22.52 35.92 -11.20
C VAL B 1006 -21.50 36.69 -12.03
N VAL B 1007 -21.72 37.99 -12.19
CA VAL B 1007 -20.85 38.81 -13.04
C VAL B 1007 -19.50 39.00 -12.37
N GLN B 1008 -19.53 39.29 -11.06
CA GLN B 1008 -18.30 39.45 -10.30
C GLN B 1008 -17.51 38.15 -10.25
N HIS B 1009 -18.21 37.01 -10.22
CA HIS B 1009 -17.57 35.73 -10.48
C HIS B 1009 -17.00 35.68 -11.88
N ALA B 1010 -17.76 36.17 -12.87
CA ALA B 1010 -17.35 36.00 -14.26
C ALA B 1010 -16.16 36.88 -14.61
N ARG B 1011 -15.95 37.96 -13.85
CA ARG B 1011 -14.82 38.82 -14.15
C ARG B 1011 -13.58 38.39 -13.37
N GLU B 1012 -13.76 38.03 -12.10
CA GLU B 1012 -12.61 37.91 -11.21
C GLU B 1012 -12.09 36.48 -11.13
N SER B 1013 -12.66 35.57 -11.92
CA SER B 1013 -12.30 34.16 -11.82
C SER B 1013 -10.90 33.92 -12.36
N ALA B 1014 -10.15 33.07 -11.67
CA ALA B 1014 -8.77 32.77 -12.02
C ALA B 1014 -8.57 31.33 -12.45
N ALA B 1015 -9.61 30.52 -12.44
CA ALA B 1015 -9.48 29.10 -12.72
C ALA B 1015 -9.40 28.85 -14.22
N GLY B 1016 -9.55 27.59 -14.60
CA GLY B 1016 -9.49 27.20 -15.98
C GLY B 1016 -10.72 27.65 -16.76
N GLU B 1017 -10.50 27.87 -18.05
CA GLU B 1017 -11.60 28.22 -18.94
C GLU B 1017 -12.51 27.03 -19.17
N ASN B 1018 -11.94 25.82 -19.18
CA ASN B 1018 -12.76 24.62 -19.11
C ASN B 1018 -13.43 24.51 -17.76
N ALA B 1019 -12.73 24.96 -16.72
CA ALA B 1019 -13.25 24.84 -15.35
C ALA B 1019 -14.36 25.85 -15.10
N LEU B 1020 -14.15 27.11 -15.50
CA LEU B 1020 -15.18 28.14 -15.33
C LEU B 1020 -16.42 27.83 -16.14
N THR B 1021 -16.25 27.13 -17.27
CA THR B 1021 -17.36 26.76 -18.12
C THR B 1021 -18.30 25.79 -17.42
N TYR B 1022 -17.76 24.77 -16.75
CA TYR B 1022 -18.62 23.96 -15.89
C TYR B 1022 -19.11 24.75 -14.68
N ALA B 1023 -18.26 25.62 -14.15
CA ALA B 1023 -18.57 26.28 -12.88
C ALA B 1023 -19.65 27.32 -13.04
N LEU B 1024 -19.61 28.10 -14.12
CA LEU B 1024 -20.67 29.08 -14.30
C LEU B 1024 -21.97 28.41 -14.68
N MET B 1025 -21.89 27.31 -15.43
CA MET B 1025 -23.05 26.46 -15.66
C MET B 1025 -23.53 25.82 -14.37
N ALA B 1026 -22.60 25.52 -13.45
CA ALA B 1026 -23.00 25.14 -12.10
C ALA B 1026 -23.51 26.31 -11.29
N GLY B 1027 -23.35 27.53 -11.78
CA GLY B 1027 -23.85 28.68 -11.07
C GLY B 1027 -25.32 28.99 -11.25
N TYR B 1028 -26.06 28.17 -11.99
CA TYR B 1028 -27.44 28.48 -12.32
C TYR B 1028 -28.44 27.47 -11.80
N PHE B 1029 -28.12 26.74 -10.74
CA PHE B 1029 -29.10 25.86 -10.13
C PHE B 1029 -30.09 26.67 -9.31
N LYS B 1030 -31.37 26.56 -9.68
CA LYS B 1030 -32.42 27.27 -8.97
C LYS B 1030 -32.58 26.71 -7.56
N MET B 1031 -33.17 27.52 -6.68
CA MET B 1031 -33.43 27.12 -5.31
C MET B 1031 -34.88 27.45 -4.95
N SER B 1032 -35.70 26.42 -4.91
CA SER B 1032 -37.09 26.46 -4.52
C SER B 1032 -37.24 25.24 -3.62
N PRO B 1033 -38.41 25.00 -2.99
CA PRO B 1033 -38.59 23.70 -2.32
C PRO B 1033 -38.54 22.50 -3.26
N VAL B 1034 -38.72 22.70 -4.56
CA VAL B 1034 -38.63 21.60 -5.50
C VAL B 1034 -37.32 21.67 -6.27
N ALA B 1035 -36.89 22.90 -6.61
CA ALA B 1035 -35.66 23.06 -7.39
C ALA B 1035 -34.43 22.60 -6.62
N LEU B 1036 -34.41 22.80 -5.31
CA LEU B 1036 -33.36 22.25 -4.48
C LEU B 1036 -33.52 20.75 -4.31
N TYR B 1037 -34.75 20.24 -4.37
CA TYR B 1037 -35.02 18.85 -4.10
C TYR B 1037 -34.38 17.88 -5.08
N HIS B 1038 -34.15 18.29 -6.32
CA HIS B 1038 -33.33 17.47 -7.21
C HIS B 1038 -31.89 17.43 -6.71
N GLN B 1039 -31.44 18.51 -6.11
CA GLN B 1039 -30.00 18.73 -6.00
C GLN B 1039 -29.43 18.00 -4.79
N LEU B 1040 -30.23 17.82 -3.74
CA LEU B 1040 -29.77 17.03 -2.61
C LEU B 1040 -29.94 15.55 -2.86
N LYS B 1041 -31.06 15.16 -3.47
CA LYS B 1041 -31.36 13.74 -3.66
C LYS B 1041 -30.41 13.11 -4.66
N THR B 1042 -29.89 13.90 -5.61
CA THR B 1042 -28.92 13.40 -6.55
C THR B 1042 -27.50 13.62 -6.05
N GLY B 1043 -27.30 14.51 -5.09
CA GLY B 1043 -25.98 14.72 -4.55
C GLY B 1043 -25.21 15.86 -5.17
N LEU B 1044 -25.80 17.05 -5.22
CA LEU B 1044 -25.08 18.20 -5.72
C LEU B 1044 -25.17 19.34 -4.71
N HIS B 1045 -24.04 20.01 -4.50
CA HIS B 1045 -23.93 21.01 -3.46
C HIS B 1045 -24.50 22.34 -3.96
N PRO B 1046 -25.52 22.86 -3.35
CA PRO B 1046 -26.18 24.08 -3.85
C PRO B 1046 -25.56 25.38 -3.35
N GLY B 1047 -24.23 25.43 -3.29
CA GLY B 1047 -23.53 26.64 -2.94
C GLY B 1047 -23.68 27.15 -1.51
N PHE B 1048 -24.52 26.55 -0.68
CA PHE B 1048 -24.63 26.98 0.71
C PHE B 1048 -24.56 25.75 1.60
N GLY B 1049 -24.38 25.97 2.90
CA GLY B 1049 -24.09 24.89 3.82
C GLY B 1049 -25.10 24.82 4.95
N PHE B 1050 -24.70 24.11 6.00
CA PHE B 1050 -25.60 23.81 7.11
C PHE B 1050 -24.86 23.78 8.44
N THR B 1051 -25.64 23.79 9.51
CA THR B 1051 -25.18 23.33 10.82
C THR B 1051 -26.23 22.43 11.45
N VAL B 1052 -25.80 21.23 11.81
CA VAL B 1052 -26.64 20.28 12.50
C VAL B 1052 -26.64 20.66 13.96
N VAL B 1053 -27.78 20.51 14.62
CA VAL B 1053 -27.86 20.63 16.08
C VAL B 1053 -28.63 19.43 16.57
N ARG B 1054 -28.11 18.76 17.60
CA ARG B 1054 -28.86 17.66 18.21
C ARG B 1054 -28.96 17.85 19.71
N GLN B 1055 -29.79 17.02 20.32
CA GLN B 1055 -30.00 16.98 21.77
C GLN B 1055 -29.59 15.60 22.25
N ASP B 1056 -29.13 15.50 23.48
CA ASP B 1056 -28.75 14.22 24.06
C ASP B 1056 -29.33 14.13 25.46
N ARG B 1057 -29.34 12.93 26.03
CA ARG B 1057 -29.70 12.72 27.42
C ARG B 1057 -28.83 11.62 27.98
N PHE B 1058 -28.48 11.71 29.27
CA PHE B 1058 -27.64 10.71 29.91
C PHE B 1058 -28.27 10.24 31.20
N VAL B 1059 -27.65 9.21 31.79
CA VAL B 1059 -27.94 8.76 33.15
C VAL B 1059 -26.64 8.78 33.93
N THR B 1060 -26.59 9.60 34.99
CA THR B 1060 -25.37 9.79 35.76
C THR B 1060 -25.60 9.31 37.20
N GLU B 1061 -24.53 9.32 37.97
CA GLU B 1061 -24.59 9.03 39.39
C GLU B 1061 -24.01 10.19 40.18
N ASN B 1062 -24.41 10.31 41.43
CA ASN B 1062 -24.03 11.46 42.22
C ASN B 1062 -23.65 11.03 43.62
N VAL B 1063 -22.81 11.85 44.23
CA VAL B 1063 -22.62 11.85 45.66
C VAL B 1063 -23.36 13.06 46.19
N LEU B 1064 -23.46 13.14 47.51
CA LEU B 1064 -24.22 14.21 48.12
C LEU B 1064 -23.55 14.58 49.43
N PHE B 1065 -23.18 15.84 49.58
CA PHE B 1065 -22.61 16.31 50.82
C PHE B 1065 -23.36 17.50 51.38
N SER B 1066 -23.61 17.46 52.68
CA SER B 1066 -24.08 18.61 53.43
C SER B 1066 -23.44 18.59 54.80
N GLU B 1067 -23.42 19.76 55.43
CA GLU B 1067 -22.97 19.88 56.80
C GLU B 1067 -24.09 19.43 57.73
N ARG B 1068 -23.77 19.34 59.02
CA ARG B 1068 -24.77 18.94 59.97
C ARG B 1068 -25.69 20.12 60.30
N ALA B 1069 -26.94 19.79 60.59
CA ALA B 1069 -28.00 20.74 60.96
C ALA B 1069 -28.22 21.79 59.87
N SER B 1070 -28.33 21.32 58.63
CA SER B 1070 -28.57 22.21 57.50
C SER B 1070 -30.05 22.38 57.19
N GLU B 1071 -30.93 21.81 58.00
CA GLU B 1071 -32.35 21.79 57.69
C GLU B 1071 -33.10 21.51 58.98
N ALA B 1072 -34.37 21.91 59.02
CA ALA B 1072 -35.18 21.73 60.21
C ALA B 1072 -35.78 20.33 60.29
N TYR B 1073 -36.62 19.95 59.33
CA TYR B 1073 -37.33 18.66 59.29
C TYR B 1073 -38.12 18.35 60.55
N PHE B 1074 -39.21 19.08 60.79
CA PHE B 1074 -40.18 18.72 61.81
C PHE B 1074 -40.81 17.37 61.48
N LEU B 1075 -41.41 16.74 62.47
CA LEU B 1075 -42.10 15.46 62.28
C LEU B 1075 -43.49 15.58 62.90
N GLY B 1076 -44.44 14.76 62.42
CA GLY B 1076 -45.82 15.07 62.74
C GLY B 1076 -46.86 14.03 63.11
N GLN B 1077 -48.14 14.42 62.96
CA GLN B 1077 -49.30 13.62 63.36
C GLN B 1077 -49.86 12.85 62.19
N LEU B 1078 -50.44 11.69 62.48
CA LEU B 1078 -51.05 10.81 61.50
C LEU B 1078 -52.55 11.06 61.49
N GLN B 1079 -53.16 10.88 60.33
CA GLN B 1079 -54.60 11.10 60.17
C GLN B 1079 -55.24 9.88 59.57
N VAL B 1080 -56.25 9.34 60.24
CA VAL B 1080 -57.07 8.28 59.67
C VAL B 1080 -58.11 8.93 58.78
N ALA B 1081 -58.58 8.19 57.77
CA ALA B 1081 -59.64 8.65 56.89
C ALA B 1081 -60.31 7.46 56.23
N ARG B 1082 -61.51 7.12 56.70
CA ARG B 1082 -62.25 5.97 56.19
C ARG B 1082 -63.27 6.41 55.15
N HIS B 1083 -62.91 6.28 53.86
CA HIS B 1083 -63.82 6.67 52.76
C HIS B 1083 -63.67 5.70 51.58
N GLU B 1084 -63.57 6.26 50.36
CA GLU B 1084 -63.42 5.46 49.10
C GLU B 1084 -64.58 4.47 48.96
N THR B 1085 -64.27 3.20 48.68
CA THR B 1085 -65.25 2.22 48.14
C THR B 1085 -66.35 1.97 49.19
N GLY B 1086 -67.60 1.80 48.73
CA GLY B 1086 -68.75 1.54 49.61
C GLY B 1086 -68.47 0.40 50.59
N GLY B 1087 -68.32 -0.82 50.07
CA GLY B 1087 -68.03 -1.98 50.92
C GLY B 1087 -66.57 -2.05 51.32
N GLY B 1088 -66.30 -2.60 52.52
CA GLY B 1088 -64.93 -2.72 53.04
C GLY B 1088 -64.48 -1.45 53.74
N VAL B 1089 -63.24 -1.42 54.23
CA VAL B 1089 -62.69 -0.24 54.96
C VAL B 1089 -61.47 0.29 54.20
N ASN B 1090 -61.68 0.85 53.01
CA ASN B 1090 -60.59 1.40 52.23
C ASN B 1090 -60.17 2.70 52.90
N PHE B 1091 -59.25 2.61 53.85
CA PHE B 1091 -58.93 3.76 54.66
C PHE B 1091 -57.43 4.03 54.64
N THR B 1092 -57.08 5.31 54.55
CA THR B 1092 -55.71 5.75 54.36
C THR B 1092 -55.18 6.37 55.64
N LEU B 1093 -53.87 6.49 55.70
CA LEU B 1093 -53.20 7.20 56.78
C LEU B 1093 -52.39 8.32 56.15
N THR B 1094 -52.71 9.56 56.48
CA THR B 1094 -52.04 10.70 55.87
C THR B 1094 -51.27 11.49 56.93
N GLN B 1095 -49.98 11.61 56.73
CA GLN B 1095 -49.06 12.35 57.56
C GLN B 1095 -48.71 13.67 56.91
N PRO B 1096 -49.22 14.79 57.39
CA PRO B 1096 -48.70 16.07 56.92
C PRO B 1096 -47.58 16.60 57.79
N ARG B 1097 -46.40 16.88 57.25
CA ARG B 1097 -45.60 17.88 57.94
C ARG B 1097 -44.99 18.95 57.04
N GLY B 1098 -44.17 18.56 56.08
CA GLY B 1098 -43.37 19.56 55.42
C GLY B 1098 -42.18 19.93 56.27
N ASN B 1099 -41.46 20.99 55.86
CA ASN B 1099 -40.17 21.28 56.45
C ASN B 1099 -39.73 22.70 56.14
N VAL B 1100 -38.70 23.16 56.85
CA VAL B 1100 -38.25 24.53 56.80
C VAL B 1100 -36.84 24.54 56.27
N ASP B 1101 -36.53 25.47 55.36
CA ASP B 1101 -35.24 25.50 54.70
C ASP B 1101 -34.42 26.66 55.23
N LEU B 1102 -33.52 26.36 56.15
CA LEU B 1102 -32.70 27.40 56.76
C LEU B 1102 -31.24 27.06 56.67
N GLY B 1103 -30.47 27.98 56.10
CA GLY B 1103 -29.06 28.01 56.32
C GLY B 1103 -28.57 29.42 56.11
N VAL B 1104 -27.44 29.53 55.43
CA VAL B 1104 -26.97 30.73 54.77
C VAL B 1104 -26.62 30.21 53.39
N GLY B 1105 -25.92 31.02 52.59
CA GLY B 1105 -25.49 30.61 51.26
C GLY B 1105 -24.82 29.27 51.12
N TYR B 1106 -25.48 28.38 50.36
CA TYR B 1106 -24.94 27.15 49.81
C TYR B 1106 -24.50 26.16 50.88
N THR B 1107 -25.45 25.62 51.65
CA THR B 1107 -25.14 24.70 52.74
C THR B 1107 -24.71 23.33 52.24
N ALA B 1108 -25.20 22.92 51.06
CA ALA B 1108 -24.99 21.55 50.62
C ALA B 1108 -24.47 21.51 49.18
N VAL B 1109 -24.01 20.34 48.76
CA VAL B 1109 -23.42 20.18 47.44
C VAL B 1109 -23.57 18.73 47.01
N ALA B 1110 -23.53 18.49 45.69
CA ALA B 1110 -23.73 17.16 45.12
C ALA B 1110 -22.94 17.03 43.83
N ALA B 1111 -21.80 16.35 43.89
CA ALA B 1111 -20.94 16.17 42.73
C ALA B 1111 -21.45 15.07 41.82
N THR B 1112 -20.90 15.01 40.61
CA THR B 1112 -21.26 13.99 39.64
C THR B 1112 -20.11 13.04 39.41
N GLY B 1113 -20.37 11.76 39.66
CA GLY B 1113 -19.38 10.70 39.49
C GLY B 1113 -19.46 10.20 38.06
N THR B 1114 -18.91 9.00 37.83
CA THR B 1114 -18.95 8.28 36.57
C THR B 1114 -20.32 8.22 35.90
N VAL B 1115 -20.34 8.18 34.57
CA VAL B 1115 -21.56 8.07 33.79
C VAL B 1115 -21.99 6.63 33.81
N ARG B 1116 -23.28 6.39 34.06
CA ARG B 1116 -23.82 5.05 33.93
C ARG B 1116 -23.84 4.66 32.46
N ASN B 1117 -24.61 5.37 31.64
CA ASN B 1117 -24.79 5.02 30.24
C ASN B 1117 -25.46 6.18 29.51
N PRO B 1118 -25.28 6.28 28.20
CA PRO B 1118 -26.07 7.24 27.42
C PRO B 1118 -27.49 6.81 27.21
N VAL B 1119 -28.46 7.71 27.29
CA VAL B 1119 -29.84 7.33 27.04
C VAL B 1119 -30.06 7.18 25.54
N THR B 1120 -29.92 8.27 24.82
CA THR B 1120 -30.39 8.30 23.45
C THR B 1120 -29.32 7.75 22.53
N ASP B 1121 -29.75 7.15 21.42
CA ASP B 1121 -28.86 6.98 20.30
C ASP B 1121 -28.61 8.35 19.68
N MET B 1122 -27.35 8.61 19.36
CA MET B 1122 -26.93 9.95 18.99
C MET B 1122 -27.11 10.15 17.49
N GLY B 1123 -27.65 11.30 17.12
CA GLY B 1123 -27.71 11.72 15.73
C GLY B 1123 -28.72 10.93 14.91
N ASN B 1124 -28.60 11.10 13.59
CA ASN B 1124 -29.34 10.38 12.56
C ASN B 1124 -30.85 10.57 12.64
N LEU B 1125 -31.33 11.79 12.35
CA LEU B 1125 -32.76 12.02 12.14
C LEU B 1125 -32.99 13.30 11.34
N PRO B 1126 -33.77 13.30 10.23
CA PRO B 1126 -34.14 14.55 9.56
C PRO B 1126 -35.52 15.01 10.09
N GLN B 1127 -35.83 16.30 10.00
CA GLN B 1127 -37.12 16.77 10.59
C GLN B 1127 -38.05 17.22 9.47
N ASN B 1128 -39.11 16.45 9.19
CA ASN B 1128 -40.10 16.85 8.15
C ASN B 1128 -41.51 16.72 8.72
N PHE B 1129 -42.28 17.81 8.75
CA PHE B 1129 -43.69 17.76 9.21
C PHE B 1129 -44.55 18.68 8.34
N TYR B 1130 -45.87 18.64 8.52
CA TYR B 1130 -46.78 19.42 7.65
C TYR B 1130 -48.02 19.87 8.45
N LEU B 1131 -48.84 20.76 7.87
CA LEU B 1131 -50.09 21.24 8.52
C LEU B 1131 -49.74 22.25 9.64
N GLY B 1132 -48.51 22.77 9.64
CA GLY B 1132 -48.15 23.81 10.63
C GLY B 1132 -48.97 25.07 10.42
N ARG B 1133 -49.47 25.68 11.49
CA ARG B 1133 -50.34 26.88 11.37
C ARG B 1133 -49.55 28.01 10.70
N GLY B 1134 -48.30 28.23 11.14
CA GLY B 1134 -47.50 29.34 10.61
C GLY B 1134 -47.17 29.20 9.14
N ALA B 1135 -46.84 27.99 8.69
CA ALA B 1135 -46.40 27.80 7.28
C ALA B 1135 -47.61 27.72 6.33
N PRO B 1136 -47.65 28.54 5.25
CA PRO B 1136 -48.71 28.44 4.26
C PRO B 1136 -48.35 27.45 3.14
N PRO B 1137 -49.29 26.80 2.41
CA PRO B 1137 -48.89 25.92 1.31
C PRO B 1137 -48.53 26.72 0.07
N LEU B 1138 -48.08 25.99 -0.95
CA LEU B 1138 -47.77 26.59 -2.24
C LEU B 1138 -49.05 27.00 -2.96
N LEU B 1139 -48.89 27.73 -4.07
CA LEU B 1139 -50.06 27.99 -4.91
C LEU B 1139 -50.57 26.72 -5.56
N ASP B 1140 -49.73 26.04 -6.33
CA ASP B 1140 -50.15 24.89 -7.12
C ASP B 1140 -50.46 23.73 -6.18
N ASN B 1141 -51.73 23.31 -6.19
CA ASN B 1141 -52.16 22.22 -5.32
C ASN B 1141 -51.52 20.91 -5.75
N ALA B 1142 -51.23 20.77 -7.04
CA ALA B 1142 -50.56 19.57 -7.52
C ALA B 1142 -49.13 19.53 -7.01
N ALA B 1143 -48.50 20.70 -6.87
CA ALA B 1143 -47.10 20.76 -6.45
C ALA B 1143 -46.94 20.29 -5.01
N ALA B 1144 -47.89 20.67 -4.14
CA ALA B 1144 -47.75 20.39 -2.72
C ALA B 1144 -47.90 18.90 -2.43
N VAL B 1145 -48.93 18.26 -2.99
CA VAL B 1145 -49.14 16.84 -2.74
C VAL B 1145 -48.11 16.02 -3.50
N TYR B 1146 -47.48 16.61 -4.51
CA TYR B 1146 -46.29 16.01 -5.07
C TYR B 1146 -45.17 15.97 -4.05
N LEU B 1147 -44.77 17.14 -3.55
CA LEU B 1147 -43.53 17.25 -2.81
C LEU B 1147 -43.66 16.71 -1.40
N ARG B 1148 -44.83 16.90 -0.78
CA ARG B 1148 -45.09 16.37 0.56
C ARG B 1148 -45.02 14.86 0.56
N ASN B 1149 -45.60 14.22 -0.45
CA ASN B 1149 -45.48 12.78 -0.57
C ASN B 1149 -44.08 12.41 -1.03
N ALA B 1150 -43.45 13.27 -1.82
CA ALA B 1150 -42.08 13.00 -2.24
C ALA B 1150 -41.12 13.10 -1.07
N VAL B 1151 -41.37 14.04 -0.16
CA VAL B 1151 -40.58 14.07 1.06
C VAL B 1151 -40.95 12.91 1.96
N VAL B 1152 -42.23 12.80 2.31
CA VAL B 1152 -42.66 11.75 3.20
C VAL B 1152 -42.88 10.44 2.44
N ALA B 1153 -41.80 9.69 2.21
CA ALA B 1153 -41.95 8.34 1.69
C ALA B 1153 -41.83 7.29 2.79
N GLY B 1154 -40.69 7.25 3.45
CA GLY B 1154 -40.38 6.21 4.41
C GLY B 1154 -39.56 6.74 5.57
N ASN B 1155 -39.75 8.01 5.89
CA ASN B 1155 -39.06 8.61 7.03
C ASN B 1155 -39.51 7.97 8.33
N ARG B 1156 -38.62 7.96 9.32
CA ARG B 1156 -38.99 7.46 10.64
C ARG B 1156 -39.88 8.46 11.36
N LEU B 1157 -39.85 9.72 10.94
CA LEU B 1157 -40.83 10.68 11.44
C LEU B 1157 -41.93 11.01 10.45
N GLY B 1158 -41.95 10.37 9.28
CA GLY B 1158 -43.07 10.50 8.41
C GLY B 1158 -44.30 9.88 9.03
N PRO B 1159 -45.37 10.66 9.19
CA PRO B 1159 -46.59 10.13 9.82
C PRO B 1159 -47.27 9.10 8.93
N ALA B 1160 -47.93 8.14 9.57
CA ALA B 1160 -48.49 7.01 8.81
C ALA B 1160 -49.73 7.40 8.03
N GLN B 1161 -50.82 7.73 8.72
CA GLN B 1161 -52.06 8.10 8.08
C GLN B 1161 -51.99 9.58 7.76
N PRO B 1162 -52.88 10.08 6.90
CA PRO B 1162 -53.06 11.54 6.83
C PRO B 1162 -53.54 12.11 8.15
N LEU B 1163 -53.02 13.28 8.50
CA LEU B 1163 -53.10 13.81 9.86
C LEU B 1163 -54.50 14.25 10.25
N PRO B 1164 -54.96 13.88 11.44
CA PRO B 1164 -56.23 14.42 11.95
C PRO B 1164 -56.11 15.89 12.34
N VAL B 1165 -57.27 16.55 12.43
CA VAL B 1165 -57.32 17.91 12.95
C VAL B 1165 -56.99 17.92 14.44
N PHE B 1166 -57.66 17.05 15.20
CA PHE B 1166 -57.43 16.92 16.63
C PHE B 1166 -56.69 15.62 16.88
N GLY B 1167 -55.64 15.69 17.70
CA GLY B 1167 -54.78 14.56 17.93
C GLY B 1167 -53.34 14.89 17.58
N CYS B 1168 -52.41 14.04 18.00
CA CYS B 1168 -51.00 14.26 17.71
C CYS B 1168 -50.69 13.93 16.26
N ALA B 1169 -49.41 14.13 15.89
CA ALA B 1169 -48.97 13.81 14.54
C ALA B 1169 -48.77 12.31 14.32
N GLN B 1170 -48.87 11.50 15.37
CA GLN B 1170 -48.89 10.04 15.33
C GLN B 1170 -47.64 9.45 14.68
N VAL B 1171 -46.51 9.59 15.34
CA VAL B 1171 -45.25 9.00 14.86
C VAL B 1171 -45.37 7.49 14.85
N PRO B 1172 -45.15 6.84 13.71
CA PRO B 1172 -45.43 5.41 13.59
C PRO B 1172 -44.45 4.59 14.39
N ARG B 1173 -44.99 3.69 15.20
CA ARG B 1173 -44.19 2.85 16.08
C ARG B 1173 -43.39 1.88 15.22
N ARG B 1174 -42.09 1.84 15.45
CA ARG B 1174 -41.26 0.89 14.74
C ARG B 1174 -41.40 -0.47 15.40
N ALA B 1175 -41.03 -1.52 14.66
CA ALA B 1175 -41.14 -2.86 15.21
C ALA B 1175 -40.09 -3.10 16.28
N GLY B 1176 -38.83 -2.89 15.94
CA GLY B 1176 -37.75 -3.11 16.89
C GLY B 1176 -36.78 -1.94 16.88
N MET B 1177 -36.01 -1.85 17.95
CA MET B 1177 -35.04 -0.78 18.11
C MET B 1177 -33.85 -1.30 18.89
N ASP B 1178 -32.72 -0.64 18.74
CA ASP B 1178 -31.50 -1.19 19.30
C ASP B 1178 -30.87 -0.36 20.40
N HIS B 1179 -30.47 0.86 20.08
CA HIS B 1179 -29.61 1.60 21.00
C HIS B 1179 -30.41 2.33 22.06
N GLY B 1180 -31.68 2.56 21.83
CA GLY B 1180 -32.52 3.22 22.81
C GLY B 1180 -33.34 4.31 22.16
N GLN B 1181 -33.40 5.44 22.85
CA GLN B 1181 -34.20 6.57 22.37
C GLN B 1181 -33.48 7.20 21.18
N ASP B 1182 -34.26 7.76 20.27
CA ASP B 1182 -33.64 8.43 19.15
C ASP B 1182 -33.55 9.91 19.42
N ALA B 1183 -32.59 10.56 18.77
CA ALA B 1183 -32.38 11.99 18.91
C ALA B 1183 -32.97 12.69 17.70
N VAL B 1184 -33.01 14.01 17.75
CA VAL B 1184 -33.58 14.84 16.70
C VAL B 1184 -32.51 15.81 16.23
N CYS B 1185 -32.31 15.88 14.92
CA CYS B 1185 -31.32 16.78 14.34
C CYS B 1185 -32.00 17.80 13.44
N GLU B 1186 -32.07 19.04 13.90
CA GLU B 1186 -32.57 20.15 13.09
C GLU B 1186 -31.40 20.80 12.38
N PHE B 1187 -31.70 21.58 11.35
CA PHE B 1187 -30.70 22.16 10.46
C PHE B 1187 -30.90 23.67 10.41
N ILE B 1188 -29.81 24.39 10.12
CA ILE B 1188 -29.85 25.84 9.96
C ILE B 1188 -28.99 26.18 8.76
N ALA B 1189 -29.52 27.01 7.86
CA ALA B 1189 -28.76 27.47 6.72
C ALA B 1189 -27.62 28.40 7.18
N THR B 1190 -26.40 28.01 6.87
CA THR B 1190 -25.20 28.81 7.07
C THR B 1190 -24.41 28.89 5.78
N PRO B 1191 -23.70 29.99 5.55
CA PRO B 1191 -22.85 30.09 4.37
C PRO B 1191 -21.66 29.13 4.46
N VAL B 1192 -21.11 28.83 3.28
CA VAL B 1192 -20.08 27.80 3.15
C VAL B 1192 -18.78 28.21 3.84
N ALA B 1193 -18.54 29.50 3.99
CA ALA B 1193 -17.28 29.98 4.55
C ALA B 1193 -17.59 30.72 5.85
N THR B 1194 -17.63 29.98 6.95
CA THR B 1194 -17.41 30.55 8.26
C THR B 1194 -16.22 29.81 8.83
N ASP B 1195 -15.66 30.31 9.92
CA ASP B 1195 -14.47 29.69 10.49
C ASP B 1195 -14.85 28.36 11.13
N ILE B 1196 -14.19 27.29 10.69
CA ILE B 1196 -14.36 26.01 11.34
C ILE B 1196 -13.67 26.03 12.70
N ASN B 1197 -12.69 26.92 12.87
CA ASN B 1197 -12.11 27.12 14.18
C ASN B 1197 -13.10 27.78 15.12
N TYR B 1198 -13.97 28.65 14.58
CA TYR B 1198 -15.15 29.08 15.31
C TYR B 1198 -16.11 27.93 15.55
N PHE B 1199 -16.10 26.92 14.69
CA PHE B 1199 -17.00 25.81 14.92
C PHE B 1199 -16.44 24.89 15.99
N ARG B 1200 -15.13 24.99 16.24
CA ARG B 1200 -14.52 24.51 17.48
C ARG B 1200 -14.82 25.50 18.60
N ARG B 1201 -14.37 25.19 19.84
CA ARG B 1201 -14.61 26.02 21.04
C ARG B 1201 -16.11 26.25 21.27
N PRO B 1202 -16.71 25.46 22.15
CA PRO B 1202 -18.13 25.06 22.08
C PRO B 1202 -19.25 26.09 21.94
N CYS B 1203 -18.98 27.29 21.40
CA CYS B 1203 -19.86 28.45 21.26
C CYS B 1203 -21.32 28.21 20.86
N ASN B 1204 -22.16 29.17 21.26
CA ASN B 1204 -23.56 29.27 20.87
C ASN B 1204 -23.75 29.06 19.37
N PRO B 1205 -24.53 28.06 18.96
CA PRO B 1205 -24.67 27.75 17.54
C PRO B 1205 -25.47 28.77 16.75
N ARG B 1206 -26.16 29.70 17.40
CA ARG B 1206 -26.94 30.65 16.61
C ARG B 1206 -26.08 31.75 16.00
N GLY B 1207 -24.79 31.79 16.30
CA GLY B 1207 -23.88 32.77 15.76
C GLY B 1207 -23.52 33.86 16.74
N ARG B 1208 -24.40 34.15 17.68
CA ARG B 1208 -24.17 35.20 18.66
C ARG B 1208 -24.40 34.60 20.04
N ALA B 1209 -23.37 34.74 20.88
CA ALA B 1209 -23.47 34.32 22.27
C ALA B 1209 -24.54 35.16 22.96
N ALA B 1210 -25.63 34.53 23.36
CA ALA B 1210 -26.86 35.24 23.66
C ALA B 1210 -27.51 34.80 24.96
N GLY B 1211 -26.73 34.32 25.92
CA GLY B 1211 -27.30 34.04 27.23
C GLY B 1211 -27.57 35.32 28.01
N GLY B 1212 -28.58 35.25 28.87
CA GLY B 1212 -28.86 36.35 29.78
C GLY B 1212 -27.81 36.56 30.84
N VAL B 1213 -27.00 35.54 31.10
CA VAL B 1213 -25.86 35.64 32.00
C VAL B 1213 -24.85 36.68 31.49
N TYR B 1214 -24.70 36.75 30.18
CA TYR B 1214 -23.67 37.56 29.53
C TYR B 1214 -23.90 39.06 29.62
N ALA B 1215 -25.07 39.51 30.07
CA ALA B 1215 -25.38 40.93 30.07
C ALA B 1215 -24.69 41.66 31.23
N GLY B 1216 -24.96 42.95 31.34
CA GLY B 1216 -24.30 43.80 32.32
C GLY B 1216 -25.14 44.78 33.13
N ASP B 1217 -26.38 44.43 33.46
CA ASP B 1217 -27.23 45.15 34.42
C ASP B 1217 -27.53 46.60 34.04
N LYS B 1218 -28.25 46.84 32.94
CA LYS B 1218 -28.78 48.16 32.66
C LYS B 1218 -30.20 48.13 32.10
N GLU B 1219 -30.92 47.02 32.31
CA GLU B 1219 -32.36 46.83 32.06
C GLU B 1219 -32.74 46.83 30.59
N GLY B 1220 -31.78 47.09 29.71
CA GLY B 1220 -31.91 46.94 28.28
C GLY B 1220 -30.69 46.29 27.67
N ASP B 1221 -29.81 45.74 28.50
CA ASP B 1221 -28.66 44.99 28.00
C ASP B 1221 -29.12 43.74 27.29
N VAL B 1222 -30.23 43.16 27.76
CA VAL B 1222 -30.95 42.07 27.12
C VAL B 1222 -31.59 42.60 25.82
N ILE B 1223 -32.49 41.83 25.23
CA ILE B 1223 -32.65 41.44 23.83
C ILE B 1223 -31.78 42.16 22.79
N ALA B 1224 -31.49 43.45 22.96
CA ALA B 1224 -30.40 44.12 22.25
C ALA B 1224 -29.04 43.42 22.35
N LEU B 1225 -28.83 42.53 23.32
CA LEU B 1225 -27.66 41.65 23.27
C LEU B 1225 -27.78 40.64 22.14
N MET B 1226 -29.00 40.31 21.75
CA MET B 1226 -29.23 39.08 20.99
C MET B 1226 -29.39 39.37 19.50
N TYR B 1227 -29.78 40.60 19.15
CA TYR B 1227 -30.12 40.89 17.77
C TYR B 1227 -29.46 42.14 17.23
N ASP B 1228 -28.95 43.03 18.09
CA ASP B 1228 -28.24 44.22 17.63
C ASP B 1228 -26.90 43.75 17.09
N HIS B 1229 -26.77 43.84 15.77
CA HIS B 1229 -25.48 43.55 15.15
C HIS B 1229 -24.78 44.84 14.76
N GLY B 1230 -25.36 45.98 15.16
CA GLY B 1230 -24.65 47.23 15.10
C GLY B 1230 -23.56 47.23 16.15
N GLN B 1231 -23.83 46.62 17.30
CA GLN B 1231 -22.79 46.39 18.28
C GLN B 1231 -22.16 45.02 18.03
N SER B 1232 -21.24 44.64 18.90
CA SER B 1232 -20.33 43.55 18.60
C SER B 1232 -20.84 42.23 19.16
N ASP B 1233 -20.00 41.20 19.06
CA ASP B 1233 -20.11 39.89 19.66
C ASP B 1233 -19.64 39.96 21.11
N PRO B 1234 -20.37 39.39 22.05
CA PRO B 1234 -19.80 39.20 23.38
C PRO B 1234 -18.63 38.23 23.40
N ALA B 1235 -18.66 37.20 22.55
CA ALA B 1235 -17.59 36.22 22.58
C ALA B 1235 -16.37 36.70 21.81
N ARG B 1236 -16.55 37.00 20.53
CA ARG B 1236 -15.45 37.22 19.59
C ARG B 1236 -15.66 38.58 18.96
N PRO B 1237 -15.34 39.66 19.69
CA PRO B 1237 -15.94 40.96 19.40
C PRO B 1237 -15.43 41.65 18.16
N PHE B 1238 -14.46 41.06 17.45
CA PHE B 1238 -14.07 41.62 16.16
C PHE B 1238 -15.16 41.44 15.13
N ALA B 1239 -15.93 40.36 15.22
CA ALA B 1239 -16.96 40.06 14.27
C ALA B 1239 -18.32 40.31 14.92
N ALA B 1240 -19.34 40.48 14.10
CA ALA B 1240 -20.68 40.55 14.67
C ALA B 1240 -21.11 39.14 15.04
N THR B 1241 -21.28 38.31 14.02
CA THR B 1241 -21.51 36.87 14.18
C THR B 1241 -20.76 36.15 13.08
N ALA B 1242 -20.89 34.83 13.08
CA ALA B 1242 -20.59 34.08 11.88
C ALA B 1242 -21.75 34.15 10.92
N ASN B 1243 -22.90 33.62 11.32
CA ASN B 1243 -24.04 33.56 10.43
C ASN B 1243 -24.93 34.78 10.67
N PRO B 1244 -25.22 35.57 9.64
CA PRO B 1244 -26.33 36.52 9.75
C PRO B 1244 -27.68 35.87 9.65
N TRP B 1245 -27.81 34.78 8.90
CA TRP B 1245 -29.09 34.18 8.60
C TRP B 1245 -29.77 33.52 9.79
N ALA B 1246 -29.05 33.33 10.89
CA ALA B 1246 -29.62 32.66 12.05
C ALA B 1246 -29.72 33.59 13.25
N SER B 1247 -28.85 34.59 13.31
CA SER B 1247 -28.77 35.40 14.52
C SER B 1247 -29.77 36.55 14.49
N GLN B 1248 -29.88 37.24 13.37
CA GLN B 1248 -30.66 38.46 13.30
C GLN B 1248 -32.15 38.17 13.41
N ARG B 1249 -32.89 39.17 13.86
CA ARG B 1249 -34.33 39.03 13.95
C ARG B 1249 -34.91 39.03 12.54
N PHE B 1250 -35.98 38.26 12.35
CA PHE B 1250 -36.71 38.08 11.08
C PHE B 1250 -35.87 37.35 10.01
N SER B 1251 -34.66 36.92 10.34
CA SER B 1251 -33.85 36.14 9.43
C SER B 1251 -34.38 34.72 9.41
N TYR B 1252 -33.93 33.93 8.44
CA TYR B 1252 -34.45 32.59 8.20
C TYR B 1252 -34.24 31.68 9.41
N GLY B 1253 -33.13 31.86 10.11
CA GLY B 1253 -32.92 31.13 11.34
C GLY B 1253 -33.91 31.53 12.41
N ASP B 1254 -34.25 32.81 12.47
CA ASP B 1254 -35.22 33.25 13.47
C ASP B 1254 -36.62 32.80 13.09
N LEU B 1255 -36.91 32.76 11.79
CA LEU B 1255 -38.27 32.49 11.36
C LEU B 1255 -38.64 31.03 11.58
N LEU B 1256 -37.65 30.15 11.60
CA LEU B 1256 -37.95 28.73 11.73
C LEU B 1256 -38.35 28.37 13.15
N TYR B 1257 -37.41 28.51 14.08
CA TYR B 1257 -37.45 27.72 15.30
C TYR B 1257 -38.09 28.48 16.45
N ASN B 1258 -38.25 29.79 16.29
CA ASN B 1258 -38.67 30.64 17.39
C ASN B 1258 -40.13 30.42 17.72
N GLY B 1259 -40.45 30.38 19.02
CA GLY B 1259 -41.82 30.10 19.43
C GLY B 1259 -42.75 31.28 19.26
N ALA B 1260 -42.21 32.43 18.87
CA ALA B 1260 -43.05 33.59 18.63
C ALA B 1260 -43.89 33.42 17.36
N TYR B 1261 -43.51 32.47 16.51
CA TYR B 1261 -44.31 32.18 15.34
C TYR B 1261 -44.93 30.81 15.43
N HIS B 1262 -44.31 29.92 16.22
CA HIS B 1262 -44.65 28.49 16.41
C HIS B 1262 -45.02 27.78 15.11
N LEU B 1263 -44.02 27.67 14.22
CA LEU B 1263 -44.13 26.76 13.08
C LEU B 1263 -44.24 25.32 13.57
N ASN B 1264 -43.55 25.01 14.66
CA ASN B 1264 -43.76 23.76 15.35
C ASN B 1264 -44.78 23.98 16.46
N GLY B 1265 -45.04 22.95 17.25
CA GLY B 1265 -46.03 23.03 18.30
C GLY B 1265 -47.18 22.05 18.15
N ALA B 1266 -47.48 21.64 16.93
CA ALA B 1266 -48.45 20.58 16.72
C ALA B 1266 -47.81 19.20 16.64
N SER B 1267 -46.49 19.14 16.67
CA SER B 1267 -45.78 17.88 16.73
C SER B 1267 -45.84 17.35 18.15
N PRO B 1268 -45.56 16.08 18.34
CA PRO B 1268 -45.07 15.66 19.64
C PRO B 1268 -43.59 15.98 19.74
N VAL B 1269 -42.93 16.02 18.58
CA VAL B 1269 -41.48 15.97 18.45
C VAL B 1269 -40.80 17.16 19.13
N LEU B 1270 -39.78 16.85 19.92
CA LEU B 1270 -38.90 17.83 20.52
C LEU B 1270 -38.19 18.67 19.46
N SER B 1271 -38.16 19.97 19.69
CA SER B 1271 -37.31 20.84 18.89
C SER B 1271 -36.09 21.19 19.73
N PRO B 1272 -34.91 20.66 19.40
CA PRO B 1272 -33.72 20.96 20.22
C PRO B 1272 -33.28 22.41 20.14
N CYS B 1273 -33.63 23.10 19.06
CA CYS B 1273 -33.22 24.49 18.94
C CYS B 1273 -34.19 25.46 19.59
N PHE B 1274 -35.26 24.94 20.20
CA PHE B 1274 -36.34 25.80 20.68
C PHE B 1274 -35.90 26.68 21.84
N LYS B 1275 -35.00 26.18 22.67
CA LYS B 1275 -34.45 27.01 23.73
C LYS B 1275 -33.51 28.06 23.16
N PHE B 1276 -32.93 27.77 22.00
CA PHE B 1276 -31.85 28.60 21.51
C PHE B 1276 -32.38 29.80 20.76
N PHE B 1277 -33.57 29.67 20.17
CA PHE B 1277 -34.28 30.79 19.56
C PHE B 1277 -35.59 30.94 20.30
N THR B 1278 -35.59 31.65 21.42
CA THR B 1278 -36.86 31.97 22.04
C THR B 1278 -37.03 33.45 22.28
N ALA B 1279 -36.03 34.10 22.91
CA ALA B 1279 -36.03 35.52 23.29
C ALA B 1279 -37.22 35.89 24.18
N ALA B 1280 -37.83 34.89 24.82
CA ALA B 1280 -38.90 35.10 25.77
C ALA B 1280 -38.59 34.32 27.03
N ASP B 1281 -37.99 33.13 26.85
CA ASP B 1281 -37.52 32.34 27.96
C ASP B 1281 -36.13 32.77 28.39
N ILE B 1282 -35.35 33.31 27.47
CA ILE B 1282 -34.05 33.85 27.83
C ILE B 1282 -34.22 35.15 28.60
N THR B 1283 -35.12 36.01 28.12
CA THR B 1283 -35.28 37.34 28.70
C THR B 1283 -35.95 37.26 30.08
N ALA B 1284 -36.69 36.19 30.33
CA ALA B 1284 -37.45 36.08 31.57
C ALA B 1284 -36.59 35.72 32.77
N LYS B 1285 -35.33 35.34 32.56
CA LYS B 1285 -34.51 34.95 33.68
C LYS B 1285 -33.97 36.17 34.43
N HIS B 1286 -33.94 36.06 35.75
CA HIS B 1286 -33.20 36.98 36.58
C HIS B 1286 -31.72 36.73 36.39
N ARG B 1287 -30.92 37.73 36.73
CA ARG B 1287 -29.51 37.68 36.37
C ARG B 1287 -28.57 37.62 37.57
N CYS B 1288 -29.07 37.28 38.75
CA CYS B 1288 -28.22 37.22 39.92
C CYS B 1288 -27.74 35.79 40.16
N LEU B 1289 -26.41 35.61 40.11
CA LEU B 1289 -25.78 34.29 40.14
C LEU B 1289 -25.94 33.56 41.46
N GLU B 1290 -26.45 34.22 42.50
CA GLU B 1290 -26.71 33.56 43.77
C GLU B 1290 -27.72 32.43 43.62
N ARG B 1291 -28.95 32.78 43.29
CA ARG B 1291 -29.99 31.76 43.24
C ARG B 1291 -30.10 31.13 41.87
N LEU B 1292 -29.41 31.66 40.86
CA LEU B 1292 -29.51 31.10 39.51
C LEU B 1292 -28.87 29.73 39.37
N ILE B 1293 -27.88 29.41 40.19
CA ILE B 1293 -27.14 28.20 39.88
C ILE B 1293 -27.77 26.98 40.52
N VAL B 1294 -28.78 27.15 41.37
CA VAL B 1294 -29.38 25.97 41.96
C VAL B 1294 -30.40 25.35 41.02
N GLU B 1295 -30.87 26.07 40.01
CA GLU B 1295 -31.74 25.43 39.04
C GLU B 1295 -30.97 24.58 38.06
N THR B 1296 -29.67 24.80 37.92
CA THR B 1296 -28.85 23.89 37.14
C THR B 1296 -28.62 22.58 37.88
N GLY B 1297 -28.82 22.57 39.20
CA GLY B 1297 -28.82 21.31 39.92
C GLY B 1297 -30.01 20.46 39.58
N SER B 1298 -31.17 21.08 39.35
CA SER B 1298 -32.41 20.37 39.04
C SER B 1298 -33.37 21.33 38.35
N ALA B 1299 -33.63 21.08 37.07
CA ALA B 1299 -34.67 21.78 36.32
C ALA B 1299 -35.42 20.79 35.44
N VAL B 1300 -36.64 21.13 35.05
CA VAL B 1300 -37.41 20.27 34.18
C VAL B 1300 -36.83 20.34 32.78
N SER B 1301 -36.51 19.18 32.22
CA SER B 1301 -36.03 19.12 30.85
C SER B 1301 -37.14 19.49 29.87
N THR B 1302 -36.72 19.89 28.67
CA THR B 1302 -37.66 20.03 27.59
C THR B 1302 -37.96 18.71 26.92
N ALA B 1303 -37.22 17.67 27.26
CA ALA B 1303 -37.28 16.41 26.57
C ALA B 1303 -38.02 15.39 27.41
N THR B 1304 -38.26 14.23 26.82
CA THR B 1304 -38.95 13.12 27.45
C THR B 1304 -38.02 11.91 27.46
N ALA B 1305 -38.00 11.19 28.57
CA ALA B 1305 -37.33 9.90 28.59
C ALA B 1305 -38.30 8.75 28.39
N ALA B 1306 -39.53 9.05 27.97
CA ALA B 1306 -40.60 8.06 27.95
C ALA B 1306 -40.92 7.55 26.56
N SER B 1307 -40.54 8.26 25.50
CA SER B 1307 -40.96 7.91 24.16
C SER B 1307 -39.78 7.50 23.31
N ASP B 1308 -40.09 6.86 22.19
CA ASP B 1308 -39.06 6.31 21.32
C ASP B 1308 -38.32 7.41 20.57
N VAL B 1309 -39.05 8.24 19.86
CA VAL B 1309 -38.50 9.49 19.36
C VAL B 1309 -38.80 10.53 20.42
N GLN B 1310 -37.80 11.34 20.74
CA GLN B 1310 -37.92 12.29 21.85
C GLN B 1310 -38.91 13.39 21.51
N PHE B 1311 -39.61 13.87 22.53
CA PHE B 1311 -40.78 14.70 22.37
C PHE B 1311 -40.67 16.02 23.12
N LYS B 1312 -41.59 16.93 22.80
CA LYS B 1312 -41.90 18.02 23.69
C LYS B 1312 -42.40 17.49 25.02
N ARG B 1313 -42.07 18.19 26.08
CA ARG B 1313 -42.26 17.69 27.43
C ARG B 1313 -43.73 17.65 27.77
N PRO B 1314 -44.27 16.51 28.21
CA PRO B 1314 -45.69 16.43 28.44
C PRO B 1314 -46.04 17.13 29.75
N PRO B 1315 -47.22 17.75 29.82
CA PRO B 1315 -47.54 18.55 31.03
C PRO B 1315 -47.81 17.71 32.27
N GLY B 1316 -47.83 16.38 32.17
CA GLY B 1316 -48.05 15.57 33.36
C GLY B 1316 -46.78 15.36 34.18
N CYS B 1317 -45.74 14.82 33.57
CA CYS B 1317 -44.59 14.29 34.29
C CYS B 1317 -43.45 15.32 34.34
N ARG B 1318 -42.36 14.95 35.01
CA ARG B 1318 -41.21 15.80 35.24
C ARG B 1318 -39.96 14.97 35.03
N GLU B 1319 -38.81 15.63 35.02
CA GLU B 1319 -37.57 14.88 34.84
C GLU B 1319 -36.51 15.24 35.87
N LEU B 1320 -36.44 16.52 36.26
CA LEU B 1320 -35.35 17.08 37.07
C LEU B 1320 -33.98 16.82 36.44
N VAL B 1321 -33.76 17.44 35.29
CA VAL B 1321 -32.53 17.25 34.54
C VAL B 1321 -31.47 18.21 35.08
N GLU B 1322 -30.22 18.06 34.65
CA GLU B 1322 -29.15 18.96 35.03
C GLU B 1322 -29.05 20.16 34.10
N ASP B 1323 -28.80 19.93 32.79
CA ASP B 1323 -28.94 20.92 31.71
C ASP B 1323 -28.10 22.18 31.85
N PRO B 1324 -26.81 22.15 31.55
CA PRO B 1324 -26.04 23.40 31.58
C PRO B 1324 -26.39 24.34 30.45
N CYS B 1325 -26.97 23.83 29.38
CA CYS B 1325 -27.22 24.58 28.16
C CYS B 1325 -28.23 25.68 28.36
N GLY B 1326 -29.14 25.54 29.33
CA GLY B 1326 -30.02 26.62 29.68
C GLY B 1326 -29.33 27.80 30.30
N LEU B 1327 -28.19 27.59 30.95
CA LEU B 1327 -27.45 28.67 31.58
C LEU B 1327 -26.39 29.19 30.62
N PHE B 1328 -25.60 28.30 30.03
CA PHE B 1328 -24.41 28.73 29.31
C PHE B 1328 -24.73 29.21 27.91
N GLN B 1329 -25.84 28.74 27.33
CA GLN B 1329 -26.20 28.94 25.92
C GLN B 1329 -25.05 28.48 25.02
N GLU B 1330 -24.59 27.25 25.27
CA GLU B 1330 -23.40 26.69 24.66
C GLU B 1330 -23.71 25.33 24.08
N ALA B 1331 -22.77 24.77 23.32
CA ALA B 1331 -23.01 23.52 22.61
C ALA B 1331 -21.71 22.81 22.27
N TYR B 1332 -21.48 21.67 22.89
CA TYR B 1332 -20.20 21.02 22.78
C TYR B 1332 -20.06 20.26 21.48
N PRO B 1333 -18.95 20.42 20.76
CA PRO B 1333 -18.74 19.60 19.56
C PRO B 1333 -18.10 18.27 19.93
N ILE B 1334 -18.50 17.22 19.21
CA ILE B 1334 -17.96 15.89 19.37
C ILE B 1334 -16.94 15.62 18.28
N THR B 1335 -16.25 14.49 18.41
CA THR B 1335 -15.40 14.00 17.34
C THR B 1335 -16.21 13.75 16.08
N CYS B 1336 -15.95 14.54 15.05
CA CYS B 1336 -16.60 14.36 13.76
C CYS B 1336 -15.64 14.81 12.67
N ALA B 1337 -15.79 14.22 11.49
CA ALA B 1337 -14.86 14.49 10.40
C ALA B 1337 -15.58 14.36 9.07
N SER B 1338 -14.86 14.73 8.02
CA SER B 1338 -15.36 14.64 6.66
C SER B 1338 -14.98 13.34 5.97
N ASP B 1339 -13.85 12.74 6.34
CA ASP B 1339 -13.44 11.50 5.73
C ASP B 1339 -13.33 10.42 6.80
N PRO B 1340 -13.81 9.21 6.51
CA PRO B 1340 -13.45 8.06 7.35
C PRO B 1340 -11.97 7.76 7.30
N ALA B 1341 -11.30 8.19 6.23
CA ALA B 1341 -9.85 8.36 6.26
C ALA B 1341 -9.43 9.18 7.48
N LEU B 1342 -10.03 10.33 7.68
CA LEU B 1342 -9.57 11.21 8.74
C LEU B 1342 -10.03 10.71 10.10
N LEU B 1343 -11.18 10.02 10.13
CA LEU B 1343 -11.76 9.60 11.42
C LEU B 1343 -10.89 8.55 12.08
N ARG B 1344 -10.20 7.74 11.28
CA ARG B 1344 -9.35 6.68 11.80
C ARG B 1344 -8.17 7.25 12.57
N SER B 1345 -7.71 8.44 12.20
CA SER B 1345 -6.57 9.03 12.88
C SER B 1345 -6.98 9.72 14.17
N ALA B 1346 -8.28 9.89 14.40
CA ALA B 1346 -8.72 10.56 15.61
C ALA B 1346 -8.89 9.58 16.76
N ARG B 1347 -8.70 8.30 16.48
CA ARG B 1347 -9.05 7.25 17.43
C ARG B 1347 -8.05 7.16 18.57
N ASP B 1348 -6.79 7.47 18.28
CA ASP B 1348 -5.71 7.25 19.21
C ASP B 1348 -5.16 8.53 19.82
N GLY B 1349 -5.92 9.61 19.82
CA GLY B 1349 -5.51 10.84 20.46
C GLY B 1349 -5.14 11.92 19.45
N GLU B 1350 -5.26 13.16 19.91
CA GLU B 1350 -5.09 14.32 19.07
C GLU B 1350 -3.64 14.71 18.85
N ALA B 1351 -2.69 13.91 19.33
CA ALA B 1351 -1.27 14.21 19.18
C ALA B 1351 -0.87 14.15 17.72
N HIS B 1352 -1.22 13.08 17.05
CA HIS B 1352 -0.93 12.88 15.64
C HIS B 1352 -2.17 12.74 14.79
N ALA B 1353 -3.31 13.23 15.26
CA ALA B 1353 -4.53 13.20 14.47
C ALA B 1353 -4.49 14.28 13.40
N ARG B 1354 -5.05 13.95 12.24
CA ARG B 1354 -5.10 14.90 11.13
C ARG B 1354 -6.17 15.93 11.42
N GLU B 1355 -5.76 17.19 11.58
CA GLU B 1355 -6.72 18.27 11.74
C GLU B 1355 -7.52 18.54 10.47
N THR B 1356 -6.87 18.50 9.32
CA THR B 1356 -7.50 18.86 8.06
C THR B 1356 -6.74 18.28 6.88
N HIS B 1357 -7.20 18.64 5.68
CA HIS B 1357 -6.57 18.23 4.42
C HIS B 1357 -6.83 19.39 3.46
N PHE B 1358 -6.77 19.12 2.15
CA PHE B 1358 -6.92 20.09 1.05
C PHE B 1358 -8.22 20.87 1.25
N THR B 1359 -9.38 20.21 1.17
CA THR B 1359 -10.61 20.86 1.61
C THR B 1359 -11.31 20.06 2.67
N GLN B 1360 -10.77 18.92 3.03
CA GLN B 1360 -11.37 18.10 4.05
C GLN B 1360 -11.04 18.68 5.41
N TYR B 1361 -11.79 18.26 6.41
CA TYR B 1361 -11.69 18.87 7.73
C TYR B 1361 -12.15 17.89 8.78
N LEU B 1362 -11.63 18.08 9.99
CA LEU B 1362 -11.92 17.23 11.12
C LEU B 1362 -12.10 18.08 12.36
N ILE B 1363 -13.07 17.73 13.18
CA ILE B 1363 -13.32 18.40 14.45
C ILE B 1363 -13.03 17.42 15.56
N TYR B 1364 -12.04 17.73 16.38
CA TYR B 1364 -11.76 16.91 17.54
C TYR B 1364 -12.79 17.22 18.62
N ASP B 1365 -12.90 16.34 19.59
CA ASP B 1365 -13.93 16.42 20.61
C ASP B 1365 -13.59 17.53 21.60
N ALA B 1366 -14.57 18.39 21.88
CA ALA B 1366 -14.48 19.43 22.89
C ALA B 1366 -15.76 19.38 23.71
N SER B 1367 -15.69 18.78 24.89
CA SER B 1367 -16.90 18.34 25.57
C SER B 1367 -16.61 17.97 27.02
N PRO B 1368 -17.60 17.99 27.90
CA PRO B 1368 -17.44 17.31 29.19
C PRO B 1368 -17.30 15.82 29.07
N LEU B 1369 -17.71 15.24 27.95
CA LEU B 1369 -17.62 13.81 27.78
C LEU B 1369 -16.23 13.33 27.41
N LYS B 1370 -15.27 14.23 27.21
CA LYS B 1370 -14.00 13.83 26.61
C LYS B 1370 -13.18 13.03 27.61
N GLY B 1371 -12.36 12.13 27.09
CA GLY B 1371 -11.57 11.22 27.89
C GLY B 1371 -12.33 10.02 28.41
N LEU B 1372 -13.65 10.05 28.36
CA LEU B 1372 -14.43 9.01 29.02
C LEU B 1372 -14.47 7.75 28.16
N SER B 1373 -15.03 6.68 28.73
CA SER B 1373 -15.18 5.42 28.03
C SER B 1373 -16.17 5.54 26.88
N LEU B 1374 -17.28 6.24 27.12
CA LEU B 1374 -18.32 6.43 26.12
C LEU B 1374 -18.25 7.82 25.50
N ARG C 6 -63.45 46.51 53.09
CA ARG C 6 -62.16 45.95 53.47
C ARG C 6 -62.29 44.47 53.83
N ASP C 7 -61.16 43.82 54.05
CA ASP C 7 -61.17 42.39 54.39
C ASP C 7 -61.31 42.23 55.90
N PRO C 8 -62.34 41.53 56.37
CA PRO C 8 -62.54 41.42 57.81
C PRO C 8 -61.65 40.35 58.40
N PRO C 9 -61.27 40.49 59.67
CA PRO C 9 -60.54 39.41 60.34
C PRO C 9 -61.44 38.36 60.98
N GLY C 10 -62.66 38.71 61.37
CA GLY C 10 -63.53 37.80 62.07
C GLY C 10 -63.73 38.19 63.52
N TYR C 11 -64.37 37.28 64.24
CA TYR C 11 -64.63 37.45 65.66
C TYR C 11 -63.94 36.37 66.48
N ARG C 12 -63.38 36.77 67.62
CA ARG C 12 -62.72 35.84 68.53
C ARG C 12 -63.79 35.04 69.26
N TYR C 13 -64.00 33.81 68.83
CA TYR C 13 -64.90 32.92 69.56
C TYR C 13 -64.25 32.47 70.86
N ALA C 14 -62.92 32.48 70.92
CA ALA C 14 -62.22 32.35 72.18
C ALA C 14 -62.43 33.62 72.99
N ALA C 15 -62.25 33.49 74.31
CA ALA C 15 -62.41 34.55 75.32
C ALA C 15 -63.81 35.13 75.35
N ALA C 16 -64.80 34.39 74.88
CA ALA C 16 -66.18 34.71 75.15
C ALA C 16 -66.80 33.76 76.16
N ILE C 17 -66.09 32.72 76.57
CA ILE C 17 -66.55 31.85 77.65
C ILE C 17 -66.66 32.58 78.97
N LEU C 18 -65.80 33.55 79.22
CA LEU C 18 -65.86 34.40 80.40
C LEU C 18 -66.19 35.79 79.91
N PRO C 19 -67.47 36.19 79.93
CA PRO C 19 -67.89 37.38 79.18
C PRO C 19 -67.43 38.68 79.81
N THR C 20 -67.39 39.72 78.98
CA THR C 20 -66.92 41.04 79.39
C THR C 20 -67.93 42.14 79.08
N GLY C 21 -68.67 42.04 77.98
CA GLY C 21 -69.70 43.02 77.69
C GLY C 21 -71.03 42.47 78.13
N SER C 22 -71.64 43.17 79.08
CA SER C 22 -72.85 42.71 79.76
C SER C 22 -74.08 43.03 78.90
N ILE C 23 -74.75 41.97 78.45
CA ILE C 23 -75.75 42.07 77.40
C ILE C 23 -77.12 42.16 78.04
N LEU C 24 -77.78 43.32 77.88
CA LEU C 24 -79.02 43.55 78.63
C LEU C 24 -80.21 43.97 77.79
N SER C 25 -80.32 43.52 76.54
CA SER C 25 -81.55 43.62 75.77
C SER C 25 -81.56 42.54 74.69
N THR C 26 -82.75 42.16 74.25
CA THR C 26 -82.91 41.13 73.23
C THR C 26 -83.85 41.65 72.15
N ILE C 27 -83.28 42.05 71.00
CA ILE C 27 -84.04 42.57 69.88
C ILE C 27 -83.63 41.85 68.61
N GLU C 28 -84.32 42.17 67.53
CA GLU C 28 -83.98 41.64 66.21
C GLU C 28 -82.66 42.25 65.79
N VAL C 29 -81.58 41.45 65.88
CA VAL C 29 -80.24 41.97 65.65
C VAL C 29 -80.02 42.31 64.18
N ALA C 30 -80.69 41.61 63.27
CA ALA C 30 -80.53 41.88 61.85
C ALA C 30 -81.29 43.13 61.40
N SER C 31 -82.12 43.70 62.27
CA SER C 31 -82.74 44.98 61.92
C SER C 31 -81.74 46.11 62.03
N HIS C 32 -80.74 45.94 62.90
CA HIS C 32 -79.61 46.86 62.97
C HIS C 32 -78.38 46.29 62.28
N ARG C 33 -78.56 45.61 61.16
CA ARG C 33 -77.50 44.94 60.42
C ARG C 33 -76.47 45.93 59.90
N ARG C 34 -76.94 47.13 59.52
CA ARG C 34 -76.08 48.16 58.98
C ARG C 34 -75.35 48.94 60.07
N LEU C 35 -75.33 48.43 61.31
CA LEU C 35 -74.70 49.08 62.44
C LEU C 35 -73.42 48.37 62.88
N PHE C 36 -73.39 47.04 62.80
CA PHE C 36 -72.19 46.29 63.14
C PHE C 36 -71.20 46.41 62.01
N ASP C 37 -69.97 45.98 62.27
CA ASP C 37 -69.05 45.71 61.18
C ASP C 37 -69.00 44.23 60.84
N PHE C 38 -68.63 43.39 61.80
CA PHE C 38 -68.62 41.96 61.59
C PHE C 38 -69.92 41.40 62.14
N PHE C 39 -70.41 40.32 61.56
CA PHE C 39 -71.72 39.83 61.93
C PHE C 39 -71.89 38.39 61.49
N ALA C 40 -72.68 37.63 62.25
CA ALA C 40 -73.03 36.26 61.89
C ALA C 40 -74.27 35.84 62.66
N ALA C 41 -75.25 35.28 61.94
CA ALA C 41 -76.39 34.61 62.54
C ALA C 41 -76.27 33.11 62.28
N VAL C 42 -76.15 32.34 63.35
CA VAL C 42 -75.96 30.90 63.27
C VAL C 42 -77.11 30.23 64.01
N ARG C 43 -77.94 29.50 63.27
CA ARG C 43 -78.93 28.64 63.89
C ARG C 43 -78.18 27.50 64.57
N SER C 44 -78.78 26.95 65.63
CA SER C 44 -78.17 26.48 66.89
C SER C 44 -76.76 25.92 66.70
N ASP C 45 -76.48 25.11 65.70
CA ASP C 45 -75.12 24.63 65.48
C ASP C 45 -74.68 24.89 64.04
N GLU C 46 -73.39 25.22 63.90
CA GLU C 46 -72.72 25.19 62.61
C GLU C 46 -71.29 24.72 62.82
N ASN C 47 -70.71 24.16 61.77
CA ASN C 47 -69.36 23.63 61.88
C ASN C 47 -68.29 24.70 61.70
N SER C 48 -68.69 25.98 61.61
CA SER C 48 -67.72 27.06 61.65
C SER C 48 -67.27 27.42 63.06
N LEU C 49 -67.93 26.88 64.09
CA LEU C 49 -67.66 27.33 65.46
C LEU C 49 -66.52 26.57 66.11
N TYR C 50 -65.75 25.83 65.33
CA TYR C 50 -64.77 24.92 65.91
C TYR C 50 -63.40 25.07 65.28
N ASP C 51 -63.24 25.93 64.28
CA ASP C 51 -61.95 26.09 63.63
C ASP C 51 -61.10 27.08 64.40
N VAL C 52 -59.82 26.76 64.53
CA VAL C 52 -58.84 27.66 65.12
C VAL C 52 -57.71 27.82 64.11
N GLU C 53 -57.08 28.99 64.11
CA GLU C 53 -56.07 29.29 63.11
C GLU C 53 -55.12 30.34 63.68
N PHE C 54 -53.83 30.10 63.48
CA PHE C 54 -52.83 30.99 64.03
C PHE C 54 -51.61 31.01 63.12
N ASP C 55 -50.52 31.48 63.68
CA ASP C 55 -49.21 31.41 63.06
C ASP C 55 -48.15 31.30 64.14
N ALA C 56 -47.04 30.69 63.80
CA ALA C 56 -46.03 30.36 64.79
C ALA C 56 -44.66 30.81 64.32
N LEU C 57 -44.10 31.77 65.04
CA LEU C 57 -42.74 32.19 64.84
C LEU C 57 -41.87 31.10 65.43
N LEU C 58 -41.34 30.23 64.57
CA LEU C 58 -40.68 29.02 65.01
C LEU C 58 -39.19 29.21 65.24
N GLY C 59 -38.74 30.41 65.53
CA GLY C 59 -37.34 30.60 65.85
C GLY C 59 -36.78 31.88 65.28
N SER C 60 -35.65 32.33 65.84
CA SER C 60 -34.81 33.38 65.27
C SER C 60 -33.49 33.27 66.00
N TYR C 61 -32.39 33.31 65.28
CA TYR C 61 -31.09 33.03 65.88
C TYR C 61 -30.10 34.10 65.48
N CYS C 62 -29.24 34.46 66.42
CA CYS C 62 -28.36 35.60 66.25
C CYS C 62 -27.02 35.13 65.73
N ASN C 63 -26.19 36.11 65.38
CA ASN C 63 -24.85 35.92 64.88
C ASN C 63 -23.89 36.25 66.02
N THR C 64 -23.22 35.23 66.54
CA THR C 64 -22.21 35.45 67.55
C THR C 64 -20.99 36.06 66.87
N LEU C 65 -20.56 37.21 67.35
CA LEU C 65 -19.36 37.85 66.83
C LEU C 65 -18.14 37.41 67.61
N SER C 66 -17.12 36.94 66.91
CA SER C 66 -15.83 36.69 67.51
C SER C 66 -14.97 37.95 67.38
N LEU C 67 -14.17 38.23 68.39
CA LEU C 67 -13.31 39.40 68.40
C LEU C 67 -11.87 38.97 68.66
N VAL C 68 -10.98 39.40 67.78
CA VAL C 68 -9.57 39.03 67.81
C VAL C 68 -8.86 39.88 68.85
N ARG C 69 -7.63 39.50 69.18
CA ARG C 69 -6.86 40.19 70.20
C ARG C 69 -5.49 40.66 69.73
N PHE C 70 -4.99 40.10 68.61
CA PHE C 70 -3.79 40.51 67.86
C PHE C 70 -2.50 40.19 68.59
N LEU C 71 -2.57 39.83 69.87
CA LEU C 71 -1.37 39.35 70.54
C LEU C 71 -1.28 37.84 70.43
N GLU C 72 -2.41 37.20 70.15
CA GLU C 72 -2.48 35.76 69.97
C GLU C 72 -2.41 35.48 68.47
N LEU C 73 -1.35 35.97 67.83
CA LEU C 73 -1.12 35.73 66.41
C LEU C 73 0.37 35.53 66.20
N GLY C 74 0.71 34.97 65.05
CA GLY C 74 2.09 34.90 64.65
C GLY C 74 2.53 36.23 64.05
N LEU C 75 1.57 37.12 63.80
CA LEU C 75 1.91 38.45 63.35
C LEU C 75 2.63 39.26 64.39
N SER C 76 2.37 39.00 65.67
CA SER C 76 2.95 39.78 66.75
C SER C 76 4.44 39.56 66.89
N VAL C 77 4.99 38.49 66.31
CA VAL C 77 6.42 38.28 66.39
C VAL C 77 7.18 39.25 65.49
N ALA C 78 6.50 39.92 64.57
CA ALA C 78 7.17 40.76 63.59
C ALA C 78 7.27 42.22 64.02
N CYS C 79 6.47 42.63 64.99
CA CYS C 79 6.42 44.04 65.35
C CYS C 79 6.57 44.16 66.85
N VAL C 80 6.89 45.37 67.30
CA VAL C 80 7.04 45.67 68.70
C VAL C 80 5.90 46.60 69.08
N CYS C 81 4.84 46.04 69.66
CA CYS C 81 3.65 46.79 70.02
C CYS C 81 3.96 47.65 71.23
N THR C 82 4.07 48.95 71.02
CA THR C 82 4.34 49.91 72.07
C THR C 82 3.30 51.03 72.01
N LYS C 83 2.73 51.38 73.16
CA LYS C 83 1.71 52.42 73.21
C LYS C 83 2.31 53.73 73.70
N PHE C 84 1.82 54.84 73.14
CA PHE C 84 2.43 56.15 73.27
C PHE C 84 1.35 57.21 73.04
N PRO C 85 0.76 57.74 74.11
CA PRO C 85 -0.44 58.59 73.94
C PRO C 85 -0.19 59.97 73.37
N GLU C 86 1.04 60.34 73.03
CA GLU C 86 1.31 61.72 72.65
C GLU C 86 1.77 61.87 71.21
N LEU C 87 1.45 60.91 70.35
CA LEU C 87 2.05 60.88 69.02
C LEU C 87 1.43 61.92 68.11
N ALA C 88 0.24 62.42 68.44
CA ALA C 88 -0.29 63.58 67.72
C ALA C 88 0.49 64.84 68.08
N TYR C 89 1.05 64.88 69.28
CA TYR C 89 1.87 66.00 69.70
C TYR C 89 3.31 65.85 69.22
N MET C 90 3.64 64.70 68.65
CA MET C 90 4.94 64.43 68.05
C MET C 90 5.01 65.08 66.68
N ASN C 91 6.21 65.52 66.32
CA ASN C 91 6.39 66.21 65.04
C ASN C 91 7.16 65.37 64.04
N GLU C 92 8.37 64.94 64.38
CA GLU C 92 9.08 63.92 63.61
C GLU C 92 9.67 62.91 64.56
N GLY C 93 10.04 61.75 64.02
CA GLY C 93 10.69 60.76 64.82
C GLY C 93 11.93 60.22 64.14
N ARG C 94 13.03 60.15 64.86
CA ARG C 94 14.27 59.72 64.27
C ARG C 94 14.91 58.67 65.16
N VAL C 95 15.46 57.65 64.55
CA VAL C 95 16.34 56.71 65.21
C VAL C 95 17.63 56.64 64.41
N GLN C 96 18.77 56.90 65.07
CA GLN C 96 20.08 56.74 64.46
C GLN C 96 20.63 55.39 64.89
N PHE C 97 21.46 54.79 64.04
CA PHE C 97 21.97 53.45 64.30
C PHE C 97 23.49 53.46 64.36
N GLU C 98 24.04 52.42 64.97
CA GLU C 98 25.49 52.26 65.11
C GLU C 98 25.89 50.87 64.65
N VAL C 99 26.85 50.80 63.74
CA VAL C 99 27.41 49.55 63.25
C VAL C 99 28.90 49.72 63.05
N HIS C 100 29.68 48.77 63.54
CA HIS C 100 31.12 48.88 63.59
C HIS C 100 31.74 47.68 62.90
N GLN C 101 32.41 47.91 61.78
CA GLN C 101 32.79 46.85 60.87
C GLN C 101 34.15 46.28 61.26
N PRO C 102 34.39 44.99 61.04
CA PRO C 102 35.75 44.47 61.22
C PRO C 102 36.49 44.58 59.91
N LEU C 103 37.76 44.15 59.91
CA LEU C 103 38.49 43.98 58.67
C LEU C 103 39.61 42.96 58.88
N ILE C 104 40.32 42.68 57.80
CA ILE C 104 41.36 41.66 57.78
C ILE C 104 42.63 42.27 57.22
N ALA C 105 43.74 42.01 57.92
CA ALA C 105 45.05 42.47 57.47
C ALA C 105 45.42 41.82 56.14
N ARG C 106 46.00 42.61 55.27
CA ARG C 106 46.19 42.22 53.88
C ARG C 106 47.64 42.51 53.48
N ASP C 107 48.27 41.53 52.84
CA ASP C 107 49.72 41.53 52.63
C ASP C 107 50.05 42.15 51.29
N GLY C 108 51.31 42.58 51.14
CA GLY C 108 51.91 42.77 49.85
C GLY C 108 51.44 43.99 49.11
N PRO C 109 51.22 43.84 47.81
CA PRO C 109 50.99 45.00 46.95
C PRO C 109 49.64 45.64 47.11
N HIS C 110 48.74 45.03 47.88
CA HIS C 110 47.45 45.63 48.11
C HIS C 110 47.61 46.88 48.96
N PRO C 111 46.77 47.90 48.78
CA PRO C 111 46.84 49.05 49.68
C PRO C 111 46.26 48.69 51.03
N VAL C 112 46.70 49.41 52.05
CA VAL C 112 46.32 49.10 53.42
C VAL C 112 44.94 49.68 53.68
N GLU C 113 44.09 48.91 54.36
CA GLU C 113 42.74 49.34 54.71
C GLU C 113 42.73 49.94 56.11
N GLN C 114 41.69 50.70 56.43
CA GLN C 114 41.56 51.32 57.74
C GLN C 114 40.09 51.33 58.17
N PRO C 115 39.80 51.19 59.45
CA PRO C 115 38.39 51.11 59.86
C PRO C 115 37.70 52.46 59.84
N VAL C 116 36.49 52.50 59.29
CA VAL C 116 35.55 53.58 59.54
C VAL C 116 34.23 52.93 59.93
N HIS C 117 33.22 53.76 60.15
CA HIS C 117 31.99 53.29 60.75
C HIS C 117 30.82 53.87 59.99
N ASN C 118 29.63 53.40 60.31
CA ASN C 118 28.42 53.92 59.70
C ASN C 118 27.38 54.24 60.75
N TYR C 119 26.84 55.45 60.67
CA TYR C 119 25.76 55.92 61.52
C TYR C 119 24.66 56.44 60.61
N MET C 120 23.61 55.64 60.40
CA MET C 120 22.55 56.06 59.52
C MET C 120 21.33 56.43 60.36
N THR C 121 20.52 57.32 59.79
CA THR C 121 19.36 57.91 60.43
C THR C 121 18.15 57.71 59.52
N LYS C 122 17.01 57.37 60.11
CA LYS C 122 15.79 57.18 59.33
C LYS C 122 14.59 57.76 60.05
N VAL C 123 13.67 58.32 59.26
CA VAL C 123 12.49 58.99 59.81
C VAL C 123 11.38 57.98 60.07
N ILE C 124 10.34 58.45 60.77
CA ILE C 124 9.18 57.62 61.08
C ILE C 124 7.99 58.09 60.26
N ASP C 125 7.30 57.16 59.61
CA ASP C 125 6.13 57.47 58.80
C ASP C 125 4.89 57.61 59.68
N ARG C 126 3.90 58.33 59.16
CA ARG C 126 2.68 58.65 59.90
C ARG C 126 1.48 58.06 59.20
N ARG C 127 0.78 57.16 59.88
CA ARG C 127 -0.37 56.49 59.28
C ARG C 127 -1.54 56.54 60.26
N ALA C 128 -2.70 56.88 59.72
CA ALA C 128 -3.89 57.04 60.54
C ALA C 128 -5.08 56.41 59.84
N LEU C 129 -5.99 55.87 60.66
CA LEU C 129 -7.14 55.14 60.18
C LEU C 129 -8.38 55.59 60.92
N ASN C 130 -9.56 55.27 60.39
CA ASN C 130 -10.82 55.73 60.96
C ASN C 130 -11.98 54.84 60.53
N ALA C 131 -12.89 54.57 61.48
CA ALA C 131 -13.98 53.63 61.21
C ALA C 131 -15.15 53.65 62.18
N ALA C 132 -16.22 52.96 61.76
CA ALA C 132 -17.09 52.09 62.58
C ALA C 132 -18.20 52.67 63.46
N PHE C 133 -18.78 53.83 63.18
CA PHE C 133 -19.90 54.26 64.02
C PHE C 133 -20.94 55.05 63.24
N SER C 134 -22.21 54.87 63.61
CA SER C 134 -23.35 55.61 63.08
C SER C 134 -24.58 55.41 63.97
N LEU C 135 -25.51 56.36 63.92
CA LEU C 135 -26.78 56.27 64.61
C LEU C 135 -27.88 56.91 63.79
N ALA C 136 -29.12 56.76 64.26
CA ALA C 136 -30.29 57.26 63.55
C ALA C 136 -31.18 58.05 64.51
N THR C 137 -31.97 58.96 63.93
CA THR C 137 -32.69 59.99 64.70
C THR C 137 -33.73 59.38 65.63
N GLU C 138 -34.43 58.36 65.17
CA GLU C 138 -35.46 57.69 65.97
C GLU C 138 -34.91 57.05 67.23
N ALA C 139 -33.63 56.69 67.24
CA ALA C 139 -33.01 56.23 68.48
C ALA C 139 -32.62 57.39 69.37
N ILE C 140 -32.13 58.47 68.78
CA ILE C 140 -31.57 59.59 69.56
C ILE C 140 -32.67 60.33 70.30
N ALA C 141 -33.86 60.40 69.71
CA ALA C 141 -35.04 60.81 70.44
C ALA C 141 -35.37 59.83 71.57
N LEU C 142 -35.11 58.55 71.35
CA LEU C 142 -35.63 57.53 72.24
C LEU C 142 -34.65 57.15 73.33
N LEU C 143 -33.34 57.29 73.06
CA LEU C 143 -32.35 56.94 74.06
C LEU C 143 -32.22 57.98 75.16
N THR C 144 -32.76 59.17 74.97
CA THR C 144 -32.58 60.24 75.95
C THR C 144 -33.74 61.23 75.90
N GLY C 145 -34.34 61.47 77.06
CA GLY C 145 -35.15 62.66 77.29
C GLY C 145 -36.50 62.63 76.62
N GLU C 146 -36.49 62.65 75.29
CA GLU C 146 -37.66 62.95 74.48
C GLU C 146 -38.76 61.89 74.52
N ALA C 147 -38.48 60.69 74.04
CA ALA C 147 -39.57 59.80 73.70
C ALA C 147 -39.99 58.89 74.85
N LEU C 148 -39.44 59.10 76.04
CA LEU C 148 -39.90 58.36 77.19
C LEU C 148 -41.26 58.87 77.62
N ASP C 149 -42.22 57.95 77.72
CA ASP C 149 -43.61 58.35 77.86
C ASP C 149 -44.16 58.04 79.25
N GLY C 150 -44.06 56.79 79.67
CA GLY C 150 -44.55 56.37 80.96
C GLY C 150 -45.13 54.97 81.01
N THR C 151 -45.69 54.46 79.91
CA THR C 151 -46.15 53.08 79.90
C THR C 151 -44.98 52.14 79.65
N GLY C 152 -45.27 50.85 79.68
CA GLY C 152 -44.22 49.85 79.53
C GLY C 152 -43.68 49.74 78.12
N ILE C 153 -44.37 50.35 77.15
CA ILE C 153 -43.88 50.34 75.77
C ILE C 153 -42.60 51.15 75.64
N SER C 154 -42.61 52.37 76.15
CA SER C 154 -41.48 53.27 75.95
C SER C 154 -40.26 52.82 76.74
N LEU C 155 -40.49 52.12 77.85
CA LEU C 155 -39.39 51.42 78.51
C LEU C 155 -38.82 50.34 77.61
N HIS C 156 -39.70 49.58 76.96
CA HIS C 156 -39.23 48.45 76.17
C HIS C 156 -38.76 48.90 74.81
N ARG C 157 -39.29 50.01 74.30
CA ARG C 157 -38.88 50.43 72.97
C ARG C 157 -37.50 51.07 73.00
N GLN C 158 -37.15 51.73 74.10
CA GLN C 158 -35.80 52.26 74.18
C GLN C 158 -34.79 51.18 74.54
N LEU C 159 -35.25 50.14 75.24
CA LEU C 159 -34.34 49.07 75.66
C LEU C 159 -33.81 48.30 74.47
N ARG C 160 -34.64 48.12 73.44
CA ARG C 160 -34.17 47.55 72.18
C ARG C 160 -33.16 48.49 71.52
N ALA C 161 -33.28 49.80 71.75
CA ALA C 161 -32.37 50.73 71.11
C ALA C 161 -31.02 50.78 71.80
N ILE C 162 -30.95 50.47 73.09
CA ILE C 162 -29.66 50.39 73.78
C ILE C 162 -28.82 49.26 73.20
N GLN C 163 -29.43 48.09 73.00
CA GLN C 163 -28.68 46.97 72.44
C GLN C 163 -28.32 47.20 70.99
N GLN C 164 -29.05 48.07 70.31
CA GLN C 164 -28.62 48.53 69.00
C GLN C 164 -27.33 49.33 69.10
N LEU C 165 -27.22 50.18 70.12
CA LEU C 165 -25.97 50.89 70.34
C LEU C 165 -24.91 49.96 70.94
N ALA C 166 -25.35 49.03 71.80
CA ALA C 166 -24.40 48.22 72.55
C ALA C 166 -23.61 47.27 71.66
N ARG C 167 -24.16 46.93 70.50
CA ARG C 167 -23.39 46.12 69.57
C ARG C 167 -22.49 46.99 68.70
N ASN C 168 -22.89 48.25 68.48
CA ASN C 168 -22.04 49.18 67.75
C ASN C 168 -20.77 49.49 68.53
N VAL C 169 -20.87 49.52 69.86
CA VAL C 169 -19.68 49.78 70.66
C VAL C 169 -18.75 48.58 70.62
N GLN C 170 -19.32 47.37 70.59
CA GLN C 170 -18.50 46.19 70.44
C GLN C 170 -17.96 46.07 69.02
N ALA C 171 -18.59 46.77 68.07
CA ALA C 171 -18.18 46.66 66.69
C ALA C 171 -16.87 47.39 66.42
N VAL C 172 -16.62 48.47 67.17
CA VAL C 172 -15.49 49.34 66.84
C VAL C 172 -14.19 48.70 67.28
N LEU C 173 -14.24 47.82 68.27
CA LEU C 173 -13.02 47.33 68.88
C LEU C 173 -12.42 46.21 68.05
N GLY C 174 -13.25 45.52 67.28
CA GLY C 174 -12.72 44.63 66.27
C GLY C 174 -11.96 45.38 65.20
N ALA C 175 -12.45 46.56 64.83
CA ALA C 175 -11.88 47.31 63.73
C ALA C 175 -10.47 47.79 64.04
N PHE C 176 -10.25 48.35 65.22
CA PHE C 176 -8.91 48.74 65.60
C PHE C 176 -8.04 47.52 65.90
N GLU C 177 -8.65 46.36 66.10
CA GLU C 177 -7.88 45.13 66.20
C GLU C 177 -7.60 44.53 64.83
N ARG C 178 -8.65 44.36 64.01
CA ARG C 178 -8.45 43.74 62.69
C ARG C 178 -7.64 44.64 61.78
N GLY C 179 -7.90 45.94 61.82
CA GLY C 179 -7.17 46.85 60.95
C GLY C 179 -5.72 46.99 61.33
N THR C 180 -5.38 46.69 62.57
CA THR C 180 -4.00 46.66 62.99
C THR C 180 -3.24 45.55 62.27
N ALA C 181 -3.86 44.38 62.13
CA ALA C 181 -3.26 43.31 61.35
C ALA C 181 -3.21 43.67 59.88
N ASP C 182 -4.22 44.39 59.40
CA ASP C 182 -4.26 44.81 58.00
C ASP C 182 -3.14 45.78 57.67
N GLN C 183 -2.92 46.76 58.55
CA GLN C 183 -1.91 47.78 58.32
C GLN C 183 -0.51 47.20 58.39
N MET C 184 -0.35 46.09 59.11
CA MET C 184 0.92 45.37 59.12
C MET C 184 1.26 44.85 57.73
N LEU C 185 0.27 44.34 57.01
CA LEU C 185 0.58 43.68 55.75
C LEU C 185 0.89 44.70 54.65
N HIS C 186 0.39 45.91 54.77
CA HIS C 186 0.70 46.93 53.77
C HIS C 186 2.16 47.35 53.87
N VAL C 187 2.67 47.58 55.07
CA VAL C 187 4.07 47.94 55.21
C VAL C 187 4.94 46.71 55.03
N LEU C 188 4.40 45.51 55.28
CA LEU C 188 5.20 44.30 55.05
C LEU C 188 5.11 43.84 53.60
N LEU C 189 4.47 44.63 52.74
CA LEU C 189 4.71 44.47 51.30
C LEU C 189 5.33 45.73 50.73
N GLU C 190 5.27 46.84 51.47
CA GLU C 190 5.90 48.06 51.01
C GLU C 190 7.42 47.94 51.07
N LYS C 191 7.93 47.33 52.13
CA LYS C 191 9.36 47.07 52.23
C LYS C 191 9.71 45.63 51.89
N ALA C 192 8.85 44.95 51.15
CA ALA C 192 9.17 43.60 50.75
C ALA C 192 9.55 43.57 49.28
N PRO C 193 10.80 43.27 48.94
CA PRO C 193 11.16 43.04 47.56
C PRO C 193 10.68 41.67 47.11
N PRO C 194 10.59 41.41 45.81
CA PRO C 194 10.23 40.06 45.36
C PRO C 194 11.38 39.09 45.58
N LEU C 195 11.04 37.80 45.55
CA LEU C 195 12.01 36.76 45.86
C LEU C 195 13.05 36.62 44.75
N ALA C 196 12.61 36.64 43.49
CA ALA C 196 13.51 36.33 42.38
C ALA C 196 14.48 37.45 42.12
N LEU C 197 14.24 38.63 42.69
CA LEU C 197 15.17 39.73 42.55
C LEU C 197 16.20 39.73 43.67
N LEU C 198 15.92 38.98 44.75
CA LEU C 198 16.78 39.07 45.92
C LEU C 198 17.78 37.92 45.96
N LEU C 199 17.39 36.75 45.49
CA LEU C 199 18.28 35.59 45.54
C LEU C 199 19.50 35.74 44.64
N PRO C 200 19.45 36.38 43.47
CA PRO C 200 20.72 36.77 42.85
C PRO C 200 21.37 37.95 43.56
N MET C 201 20.58 38.78 44.24
CA MET C 201 21.12 40.01 44.82
C MET C 201 22.03 39.69 45.99
N GLN C 202 21.55 38.87 46.93
CA GLN C 202 22.34 38.57 48.13
C GLN C 202 23.49 37.63 47.80
N ARG C 203 23.35 36.81 46.77
CA ARG C 203 24.48 36.01 46.30
C ARG C 203 25.55 36.92 45.70
N TYR C 204 25.14 38.00 45.08
CA TYR C 204 26.05 39.01 44.56
C TYR C 204 26.62 39.92 45.63
N LEU C 205 25.86 40.19 46.69
CA LEU C 205 26.14 41.35 47.53
C LEU C 205 27.36 41.11 48.41
N ASP C 206 27.66 39.86 48.73
CA ASP C 206 28.75 39.53 49.64
C ASP C 206 30.04 39.29 48.85
N ASN C 207 30.41 40.25 48.02
CA ASN C 207 31.74 40.24 47.43
C ASN C 207 32.56 41.38 48.00
N GLY C 208 31.91 42.53 48.20
CA GLY C 208 32.57 43.70 48.74
C GLY C 208 32.04 45.00 48.16
N THR C 212 32.89 49.47 39.82
CA THR C 212 32.54 48.07 39.60
C THR C 212 31.47 47.95 38.52
N ARG C 213 31.71 48.58 37.37
CA ARG C 213 30.73 48.58 36.29
C ARG C 213 30.59 47.20 35.64
N VAL C 214 31.68 46.45 35.56
CA VAL C 214 31.61 45.16 34.90
C VAL C 214 30.83 44.16 35.73
N ALA C 215 30.98 44.20 37.05
CA ALA C 215 30.21 43.31 37.90
C ALA C 215 28.76 43.75 37.99
N ARG C 216 28.47 45.00 37.63
CA ARG C 216 27.10 45.47 37.58
C ARG C 216 26.30 44.75 36.51
N ALA C 217 26.79 44.76 35.27
CA ALA C 217 26.03 44.20 34.17
C ALA C 217 25.93 42.68 34.26
N THR C 218 27.01 42.04 34.73
CA THR C 218 26.98 40.59 34.90
C THR C 218 26.04 40.17 36.02
N LEU C 219 25.68 41.10 36.90
CA LEU C 219 24.53 40.82 37.75
C LEU C 219 23.24 40.93 36.97
N VAL C 220 23.15 41.92 36.09
CA VAL C 220 21.86 42.32 35.51
C VAL C 220 21.32 41.25 34.59
N ALA C 221 22.16 40.75 33.68
CA ALA C 221 21.74 39.70 32.78
C ALA C 221 21.48 38.40 33.55
N GLU C 222 22.28 38.15 34.57
CA GLU C 222 22.02 37.02 35.45
C GLU C 222 20.77 37.24 36.28
N LEU C 223 20.39 38.49 36.50
CA LEU C 223 19.16 38.74 37.23
C LEU C 223 17.94 38.48 36.35
N LYS C 224 17.96 38.96 35.12
CA LYS C 224 16.78 38.91 34.26
C LYS C 224 16.47 37.50 33.78
N ARG C 225 17.49 36.66 33.64
CA ARG C 225 17.25 35.25 33.35
C ARG C 225 16.67 34.56 34.56
N SER C 226 17.11 34.95 35.75
CA SER C 226 16.67 34.33 36.99
C SER C 226 15.23 34.69 37.33
N PHE C 227 14.83 35.92 36.98
CA PHE C 227 13.47 36.36 37.22
C PHE C 227 12.47 35.55 36.41
N CYS C 228 12.89 35.09 35.23
CA CYS C 228 11.96 34.43 34.32
C CYS C 228 11.59 33.04 34.84
N ASP C 229 12.50 32.39 35.56
CA ASP C 229 12.29 31.00 35.91
C ASP C 229 11.86 30.81 37.36
N THR C 230 12.61 31.37 38.29
CA THR C 230 12.39 31.13 39.71
C THR C 230 11.11 31.77 40.23
N SER C 231 10.64 32.83 39.61
CA SER C 231 9.34 33.40 39.98
C SER C 231 8.22 32.46 39.55
N PHE C 232 7.10 32.54 40.28
CA PHE C 232 5.95 31.64 40.13
C PHE C 232 6.35 30.19 40.26
N PHE C 233 7.08 29.87 41.32
CA PHE C 233 7.78 28.58 41.38
C PHE C 233 6.82 27.46 41.76
N LEU C 234 5.72 27.79 42.43
CA LEU C 234 4.85 26.76 42.97
C LEU C 234 4.11 26.02 41.87
N GLY C 235 3.35 26.73 41.06
CA GLY C 235 2.66 26.07 39.99
C GLY C 235 3.53 25.57 38.87
N LYS C 236 4.78 26.03 38.81
CA LYS C 236 5.70 25.63 37.76
C LYS C 236 6.31 24.26 38.03
N ALA C 237 6.97 24.09 39.17
CA ALA C 237 7.59 22.82 39.51
C ALA C 237 6.79 22.03 40.53
N GLY C 238 5.46 22.09 40.48
CA GLY C 238 4.63 21.50 41.51
C GLY C 238 4.67 19.99 41.56
N HIS C 239 4.87 19.32 40.43
CA HIS C 239 4.77 17.87 40.39
C HIS C 239 5.98 17.16 41.01
N ARG C 240 7.07 17.86 41.25
CA ARG C 240 8.21 17.31 42.00
C ARG C 240 8.32 18.07 43.31
N ARG C 241 8.88 17.42 44.32
CA ARG C 241 8.79 17.94 45.68
C ARG C 241 10.11 18.44 46.24
N GLU C 242 11.25 17.94 45.77
CA GLU C 242 12.51 18.44 46.25
C GLU C 242 12.84 19.82 45.70
N ALA C 243 12.20 20.21 44.60
CA ALA C 243 12.37 21.56 44.09
C ALA C 243 11.75 22.58 45.04
N ILE C 244 10.57 22.26 45.58
CA ILE C 244 9.91 23.15 46.54
C ILE C 244 10.68 23.21 47.84
N GLU C 245 11.36 22.11 48.18
CA GLU C 245 12.00 21.98 49.49
C GLU C 245 13.14 22.98 49.67
N ALA C 246 14.08 23.01 48.72
CA ALA C 246 15.16 23.97 48.79
C ALA C 246 14.66 25.37 48.50
N TRP C 247 13.62 25.49 47.67
CA TRP C 247 12.99 26.78 47.40
C TRP C 247 12.34 27.34 48.65
N LEU C 248 11.91 26.46 49.55
CA LEU C 248 11.26 26.93 50.75
C LEU C 248 12.30 27.41 51.75
N VAL C 249 13.41 26.69 51.87
CA VAL C 249 14.39 26.99 52.91
C VAL C 249 15.30 28.13 52.47
N ASP C 250 15.39 28.38 51.17
CA ASP C 250 16.18 29.52 50.72
C ASP C 250 15.39 30.80 50.84
N LEU C 251 14.07 30.69 50.80
CA LEU C 251 13.24 31.79 51.24
C LEU C 251 13.33 31.96 52.75
N THR C 252 13.61 30.88 53.47
CA THR C 252 13.70 30.95 54.92
C THR C 252 14.98 31.68 55.37
N THR C 253 16.12 31.32 54.78
CA THR C 253 17.36 32.04 55.04
C THR C 253 17.63 33.11 54.02
N ALA C 254 16.60 33.76 53.50
CA ALA C 254 16.78 34.78 52.50
C ALA C 254 17.35 36.05 53.13
N THR C 255 16.84 36.41 54.31
CA THR C 255 17.11 37.72 54.89
C THR C 255 17.96 37.56 56.15
N GLN C 256 18.72 38.61 56.46
CA GLN C 256 19.53 38.68 57.65
C GLN C 256 18.68 39.29 58.75
N PRO C 257 18.65 38.69 59.93
CA PRO C 257 17.81 39.23 61.01
C PRO C 257 18.37 40.52 61.57
N SER C 258 17.46 41.39 62.02
CA SER C 258 17.86 42.67 62.57
C SER C 258 18.23 42.48 64.03
N VAL C 259 18.62 43.57 64.70
CA VAL C 259 19.04 43.53 66.10
C VAL C 259 17.85 43.15 66.95
N ALA C 260 17.99 42.02 67.64
CA ALA C 260 16.88 41.41 68.36
C ALA C 260 16.69 42.05 69.72
N VAL C 261 15.48 41.94 70.25
CA VAL C 261 15.18 42.42 71.59
C VAL C 261 14.74 41.24 72.44
N PRO C 262 15.48 40.87 73.48
CA PRO C 262 15.03 39.77 74.34
C PRO C 262 14.06 40.23 75.41
N ARG C 263 13.09 41.05 75.05
CA ARG C 263 12.01 41.39 75.95
C ARG C 263 10.82 40.46 75.78
N LEU C 264 10.28 40.40 74.58
CA LEU C 264 9.25 39.44 74.23
C LEU C 264 9.89 38.07 74.21
N THR C 265 9.23 37.11 74.85
CA THR C 265 9.60 35.71 74.72
C THR C 265 8.69 34.99 73.75
N HIS C 266 8.33 35.67 72.67
CA HIS C 266 7.30 35.21 71.75
C HIS C 266 7.85 34.00 71.01
N ALA C 267 7.60 32.82 71.57
CA ALA C 267 8.24 31.59 71.14
C ALA C 267 7.34 30.42 71.48
N ASP C 268 7.76 29.25 71.03
CA ASP C 268 6.95 28.05 71.15
C ASP C 268 7.00 27.50 72.57
N THR C 269 6.30 26.39 72.75
CA THR C 269 6.41 25.60 73.98
C THR C 269 7.81 24.97 74.00
N ARG C 270 8.17 24.48 75.19
CA ARG C 270 9.48 23.97 75.60
C ARG C 270 10.65 24.85 75.16
N GLY C 271 10.42 26.17 75.06
CA GLY C 271 11.47 27.16 75.12
C GLY C 271 12.08 27.58 73.80
N ARG C 272 11.77 26.89 72.70
CA ARG C 272 12.56 27.04 71.50
C ARG C 272 12.17 28.34 70.81
N PRO C 273 13.13 29.19 70.43
CA PRO C 273 12.78 30.56 69.98
C PRO C 273 12.23 30.57 68.56
N VAL C 274 11.04 31.16 68.41
CA VAL C 274 10.43 31.23 67.10
C VAL C 274 10.91 32.48 66.38
N ASP C 275 11.30 32.31 65.12
CA ASP C 275 11.62 33.45 64.25
C ASP C 275 10.91 33.25 62.91
N GLY C 276 10.36 34.33 62.37
CA GLY C 276 9.63 34.27 61.13
C GLY C 276 8.12 34.29 61.33
N VAL C 277 7.42 34.50 60.23
CA VAL C 277 5.97 34.66 60.29
C VAL C 277 5.27 33.62 59.41
N LEU C 278 5.51 33.70 58.10
CA LEU C 278 4.93 32.81 57.08
C LEU C 278 3.39 32.84 57.08
N VAL C 279 2.86 33.97 56.64
CA VAL C 279 1.43 34.07 56.33
C VAL C 279 1.23 33.97 54.83
N THR C 280 0.40 33.02 54.40
CA THR C 280 -0.01 32.88 53.01
C THR C 280 -1.53 32.96 52.94
N THR C 281 -2.07 32.64 51.78
CA THR C 281 -3.49 32.33 51.68
C THR C 281 -3.78 30.94 52.22
N ALA C 282 -5.06 30.56 52.18
CA ALA C 282 -5.47 29.33 52.85
C ALA C 282 -5.09 28.09 52.07
N ALA C 283 -5.45 28.03 50.79
CA ALA C 283 -5.31 26.80 50.01
C ALA C 283 -3.85 26.42 49.80
N ILE C 284 -2.99 27.41 49.61
CA ILE C 284 -1.57 27.15 49.55
C ILE C 284 -1.06 26.66 50.90
N LYS C 285 -1.56 27.26 51.99
CA LYS C 285 -1.22 26.78 53.32
C LYS C 285 -1.81 25.40 53.55
N GLN C 286 -2.99 25.15 52.99
CA GLN C 286 -3.54 23.80 53.00
C GLN C 286 -2.67 22.84 52.21
N ARG C 287 -2.06 23.33 51.15
CA ARG C 287 -1.24 22.48 50.28
C ARG C 287 0.18 22.33 50.80
N LEU C 288 0.74 23.42 51.34
CA LEU C 288 2.10 23.38 51.85
C LEU C 288 2.20 22.52 53.09
N LEU C 289 1.16 22.54 53.91
CA LEU C 289 1.14 21.70 55.09
C LEU C 289 0.78 20.27 54.73
N GLN C 290 0.22 20.08 53.55
CA GLN C 290 -0.11 18.74 53.09
C GLN C 290 1.14 17.98 52.65
N SER C 291 1.81 18.48 51.61
CA SER C 291 2.68 17.62 50.82
C SER C 291 4.16 17.97 50.94
N PHE C 292 4.53 19.21 50.60
CA PHE C 292 5.94 19.51 50.42
C PHE C 292 6.63 19.61 51.77
N LEU C 293 5.87 19.94 52.79
CA LEU C 293 6.21 19.60 54.16
C LEU C 293 4.96 18.92 54.73
N LYS C 294 5.12 17.67 55.12
CA LYS C 294 4.18 17.04 56.05
C LYS C 294 4.79 17.16 57.43
N VAL C 295 5.22 18.37 57.77
CA VAL C 295 6.05 18.63 58.94
C VAL C 295 5.25 19.53 59.86
N GLU C 296 5.27 19.24 61.15
CA GLU C 296 4.52 20.02 62.11
C GLU C 296 5.23 19.91 63.45
N ASP C 297 5.59 21.05 64.04
CA ASP C 297 6.20 20.99 65.35
C ASP C 297 5.15 20.84 66.43
N THR C 298 4.34 21.89 66.63
CA THR C 298 3.41 21.97 67.76
C THR C 298 2.24 22.88 67.44
N GLU C 299 1.06 22.54 67.94
CA GLU C 299 -0.07 23.46 67.95
C GLU C 299 -0.13 24.12 69.32
N ALA C 300 0.99 24.68 69.79
CA ALA C 300 1.05 25.30 71.10
C ALA C 300 2.18 26.32 71.18
N ASP C 301 1.84 27.59 71.33
CA ASP C 301 2.82 28.66 71.26
C ASP C 301 2.60 29.57 72.47
N VAL C 302 3.65 30.26 72.87
CA VAL C 302 3.66 31.06 74.09
C VAL C 302 3.90 32.51 73.70
N PRO C 303 2.86 33.33 73.52
CA PRO C 303 3.08 34.75 73.24
C PRO C 303 3.15 35.59 74.50
N VAL C 304 3.24 36.92 74.36
CA VAL C 304 3.42 37.83 75.48
C VAL C 304 2.39 38.95 75.41
N THR C 305 2.31 39.72 76.50
CA THR C 305 1.51 40.95 76.51
C THR C 305 2.43 42.17 76.40
N TYR C 306 2.03 43.13 75.55
CA TYR C 306 2.90 44.18 75.05
C TYR C 306 3.32 45.17 76.14
N GLY C 307 4.16 46.11 75.76
CA GLY C 307 4.63 47.16 76.65
C GLY C 307 4.31 48.53 76.09
N GLU C 308 4.74 49.57 76.81
CA GLU C 308 4.44 50.95 76.44
C GLU C 308 5.39 51.90 77.16
N MET C 309 5.45 53.13 76.63
CA MET C 309 6.24 54.21 77.21
C MET C 309 5.34 55.38 77.56
N VAL C 310 5.91 56.38 78.22
CA VAL C 310 5.21 57.61 78.58
C VAL C 310 6.16 58.81 78.42
N LEU C 311 5.64 59.98 78.73
CA LEU C 311 6.42 61.22 78.74
C LEU C 311 6.18 61.95 80.05
N ASN C 312 6.90 61.55 81.11
CA ASN C 312 6.53 62.06 82.43
C ASN C 312 7.64 62.85 83.14
N GLY C 313 8.85 62.29 83.21
CA GLY C 313 9.86 62.88 84.07
C GLY C 313 10.55 64.12 83.52
N ALA C 314 11.35 63.96 82.47
CA ALA C 314 11.98 65.11 81.82
C ALA C 314 11.58 65.21 80.36
N ASN C 315 10.99 64.15 79.81
CA ASN C 315 10.27 64.26 78.55
C ASN C 315 9.17 65.30 78.65
N LEU C 316 8.47 65.34 79.79
CA LEU C 316 7.51 66.39 80.04
C LEU C 316 8.19 67.75 80.16
N VAL C 317 9.45 67.76 80.58
CA VAL C 317 10.18 69.01 80.72
C VAL C 317 10.68 69.49 79.37
N THR C 318 11.44 68.65 78.67
CA THR C 318 12.25 69.12 77.55
C THR C 318 11.42 69.34 76.30
N ALA C 319 10.28 68.67 76.18
CA ALA C 319 9.56 68.71 74.92
C ALA C 319 8.84 70.03 74.72
N LEU C 320 8.35 70.63 75.80
CA LEU C 320 7.66 71.90 75.70
C LEU C 320 8.55 73.08 76.06
N VAL C 321 9.83 72.85 76.31
CA VAL C 321 10.80 73.91 76.58
C VAL C 321 11.89 73.95 75.53
N MET C 322 12.60 72.84 75.32
CA MET C 322 13.58 72.78 74.25
C MET C 322 12.97 72.37 72.91
N GLY C 323 11.81 71.73 72.93
CA GLY C 323 11.22 71.23 71.71
C GLY C 323 11.63 69.82 71.33
N LYS C 324 12.24 69.07 72.24
CA LYS C 324 12.78 67.75 71.95
C LYS C 324 12.37 66.77 73.04
N ALA C 325 12.03 65.55 72.65
CA ALA C 325 11.75 64.47 73.58
C ALA C 325 12.72 63.34 73.31
N VAL C 326 13.25 62.77 74.38
CA VAL C 326 14.18 61.65 74.29
C VAL C 326 13.58 60.48 75.06
N ARG C 327 13.36 59.36 74.36
CA ARG C 327 12.95 58.11 74.97
C ARG C 327 13.98 57.70 76.00
N SER C 328 13.52 57.52 77.24
CA SER C 328 14.34 57.22 78.43
C SER C 328 15.45 58.24 78.65
N LEU C 329 15.14 59.53 78.55
CA LEU C 329 16.09 60.62 78.74
C LEU C 329 16.73 60.59 80.13
N ASP C 330 15.94 60.25 81.14
CA ASP C 330 16.42 60.28 82.52
C ASP C 330 17.45 59.19 82.77
N ASP C 331 17.38 58.10 82.00
CA ASP C 331 18.39 57.06 82.12
C ASP C 331 19.71 57.50 81.51
N VAL C 332 19.63 58.35 80.50
CA VAL C 332 20.82 58.83 79.80
C VAL C 332 21.64 59.75 80.70
N GLY C 333 20.95 60.55 81.52
CA GLY C 333 21.63 61.55 82.34
C GLY C 333 22.51 60.94 83.40
N ARG C 334 22.16 59.74 83.86
CA ARG C 334 23.09 58.95 84.67
C ARG C 334 24.31 58.57 83.85
N HIS C 335 24.10 58.10 82.61
CA HIS C 335 25.23 57.66 81.80
C HIS C 335 25.93 58.83 81.12
N LEU C 336 25.58 60.05 81.47
CA LEU C 336 26.43 61.18 81.11
C LEU C 336 27.15 61.71 82.34
N LEU C 337 26.47 61.76 83.48
CA LEU C 337 27.11 62.27 84.69
C LEU C 337 28.10 61.25 85.26
N ASP C 338 27.67 60.00 85.39
CA ASP C 338 28.55 58.98 85.95
C ASP C 338 29.68 58.65 85.01
N MET C 339 29.45 58.81 83.70
CA MET C 339 30.50 58.51 82.74
C MET C 339 31.61 59.55 82.79
N GLN C 340 31.24 60.83 82.89
CA GLN C 340 32.24 61.89 82.90
C GLN C 340 32.92 62.06 84.24
N GLU C 341 32.47 61.34 85.27
CA GLU C 341 33.19 61.23 86.53
C GLU C 341 33.83 59.86 86.71
N GLU C 342 33.59 58.94 85.77
CA GLU C 342 34.04 57.54 85.79
C GLU C 342 33.68 56.81 87.07
N ASN C 347 32.82 51.57 73.70
CA ASN C 347 33.47 50.79 74.72
C ASN C 347 32.81 49.44 74.90
N ARG C 348 32.22 48.93 73.81
CA ARG C 348 31.39 47.73 73.78
C ARG C 348 30.24 47.84 74.78
N GLU C 349 29.43 48.87 74.55
CA GLU C 349 28.23 49.12 75.35
C GLU C 349 27.12 48.21 74.84
N THR C 350 26.62 47.34 75.71
CA THR C 350 25.49 46.47 75.40
C THR C 350 24.45 46.46 76.50
N LEU C 351 24.57 47.34 77.50
CA LEU C 351 23.66 47.36 78.64
C LEU C 351 22.54 48.35 78.42
N ASP C 352 22.03 48.43 77.18
CA ASP C 352 21.04 49.43 76.73
C ASP C 352 19.75 49.24 77.54
N GLU C 353 19.22 48.02 77.66
CA GLU C 353 18.01 47.77 78.44
C GLU C 353 17.94 46.30 78.82
N LEU C 354 17.39 46.03 79.99
CA LEU C 354 16.99 44.69 80.40
C LEU C 354 15.82 44.83 81.36
N GLU C 355 14.59 44.72 80.85
CA GLU C 355 13.49 45.33 81.60
C GLU C 355 12.45 44.39 82.18
N SER C 356 11.71 43.64 81.36
CA SER C 356 10.45 43.13 81.87
C SER C 356 10.32 41.62 81.89
N ALA C 357 10.47 40.94 80.73
CA ALA C 357 10.05 39.55 80.48
C ALA C 357 8.60 39.36 80.91
N PRO C 358 7.64 39.88 80.14
CA PRO C 358 6.28 40.07 80.66
C PRO C 358 5.46 38.80 80.73
N GLN C 359 4.18 38.99 81.05
CA GLN C 359 3.24 37.90 81.25
C GLN C 359 2.98 37.15 79.93
N THR C 360 2.88 35.83 80.03
CA THR C 360 2.75 34.96 78.87
C THR C 360 1.53 34.06 79.00
N THR C 361 0.97 33.66 77.84
CA THR C 361 -0.17 32.76 77.78
C THR C 361 0.14 31.61 76.83
N ARG C 362 -0.89 30.83 76.50
CA ARG C 362 -0.74 29.67 75.63
C ARG C 362 -1.80 29.71 74.54
N VAL C 363 -1.37 29.69 73.28
CA VAL C 363 -2.24 29.93 72.13
C VAL C 363 -2.06 28.81 71.11
N ARG C 364 -3.17 28.26 70.64
CA ARG C 364 -3.14 27.35 69.49
C ARG C 364 -2.69 28.12 68.26
N ALA C 365 -1.47 27.86 67.82
CA ALA C 365 -1.00 28.46 66.58
C ALA C 365 -0.44 27.34 65.71
N ASP C 366 0.16 27.69 64.59
CA ASP C 366 0.57 26.67 63.63
C ASP C 366 2.07 26.80 63.45
N LEU C 367 2.82 25.90 64.07
CA LEU C 367 4.27 25.97 64.15
C LEU C 367 4.89 24.81 63.41
N VAL C 368 5.81 25.12 62.50
CA VAL C 368 6.58 24.10 61.80
C VAL C 368 8.04 24.37 62.01
N ALA C 369 8.86 23.48 61.46
CA ALA C 369 10.30 23.55 61.57
C ALA C 369 10.90 23.52 60.17
N ILE C 370 11.50 24.62 59.76
CA ILE C 370 12.17 24.74 58.47
C ILE C 370 13.60 25.16 58.73
N GLY C 371 14.54 24.27 58.41
CA GLY C 371 15.93 24.56 58.69
C GLY C 371 16.16 24.46 60.18
N ASP C 372 16.90 25.41 60.72
CA ASP C 372 17.03 25.57 62.16
C ASP C 372 16.08 26.63 62.71
N ARG C 373 15.28 27.26 61.86
CA ARG C 373 14.44 28.36 62.25
C ARG C 373 13.01 27.86 62.41
N LEU C 374 12.48 27.95 63.62
CA LEU C 374 11.14 27.49 63.89
C LEU C 374 10.20 28.65 63.58
N VAL C 375 9.23 28.42 62.70
CA VAL C 375 8.44 29.52 62.13
C VAL C 375 6.96 29.24 62.36
N PHE C 376 6.19 30.31 62.56
CA PHE C 376 4.73 30.25 62.52
C PHE C 376 4.20 29.90 61.14
N LEU C 377 2.89 29.67 61.08
CA LEU C 377 2.09 29.65 59.85
C LEU C 377 0.72 30.17 60.20
N GLU C 378 0.15 30.98 59.31
CA GLU C 378 -1.19 31.52 59.52
C GLU C 378 -1.82 31.83 58.17
N ALA C 379 -3.07 31.42 57.99
CA ALA C 379 -3.88 31.81 56.85
C ALA C 379 -4.84 32.89 57.31
N LEU C 380 -4.86 34.01 56.61
CA LEU C 380 -5.75 35.09 57.00
C LEU C 380 -6.82 35.22 55.92
N GLU C 381 -7.80 34.32 55.99
CA GLU C 381 -9.03 34.50 55.24
C GLU C 381 -10.17 34.43 56.23
N ARG C 382 -10.19 33.33 56.99
CA ARG C 382 -11.32 33.05 57.87
C ARG C 382 -11.16 33.76 59.21
N ARG C 383 -9.93 34.13 59.57
CA ARG C 383 -9.73 34.74 60.88
C ARG C 383 -10.17 36.19 60.89
N ILE C 384 -9.60 37.00 60.01
CA ILE C 384 -9.77 38.45 60.15
C ILE C 384 -10.55 39.03 58.98
N TYR C 385 -10.61 38.29 57.88
CA TYR C 385 -11.28 38.83 56.70
C TYR C 385 -12.50 38.01 56.32
N ALA C 386 -13.28 37.58 57.32
CA ALA C 386 -14.32 36.57 57.15
C ALA C 386 -15.41 36.95 56.14
N ALA C 387 -16.18 37.97 56.45
CA ALA C 387 -17.19 38.47 55.53
C ALA C 387 -17.13 39.98 55.40
N THR C 388 -15.93 40.53 55.23
CA THR C 388 -15.67 41.92 55.54
C THR C 388 -15.76 42.85 54.35
N ASN C 389 -15.83 42.31 53.13
CA ASN C 389 -15.85 43.03 51.86
C ASN C 389 -14.66 43.97 51.69
N VAL C 390 -13.50 43.63 52.22
CA VAL C 390 -12.27 44.37 51.97
C VAL C 390 -11.32 43.41 51.28
N PRO C 391 -10.60 43.82 50.24
CA PRO C 391 -9.74 42.90 49.51
C PRO C 391 -8.55 42.44 50.34
N TYR C 392 -8.31 41.14 50.26
CA TYR C 392 -7.18 40.54 50.94
C TYR C 392 -5.90 40.87 50.17
N PRO C 393 -4.85 41.36 50.84
CA PRO C 393 -3.70 41.86 50.10
C PRO C 393 -2.77 40.81 49.54
N LEU C 394 -2.63 39.65 50.19
CA LEU C 394 -1.65 38.67 49.74
C LEU C 394 -2.08 37.91 48.49
N VAL C 395 -3.26 38.18 47.95
CA VAL C 395 -3.55 37.91 46.55
C VAL C 395 -3.35 39.23 45.80
N GLY C 396 -2.26 39.30 45.05
CA GLY C 396 -1.80 40.54 44.46
C GLY C 396 -1.93 40.56 42.95
N ALA C 397 -1.32 41.58 42.36
CA ALA C 397 -1.50 41.86 40.94
C ALA C 397 -0.17 42.06 40.25
N MET C 398 -0.06 41.48 39.06
CA MET C 398 1.12 41.64 38.21
C MET C 398 0.67 42.08 36.83
N ASP C 399 1.38 43.04 36.25
CA ASP C 399 1.21 43.45 34.87
C ASP C 399 2.41 43.01 34.05
N LEU C 400 2.17 42.76 32.76
CA LEU C 400 3.24 42.45 31.83
C LEU C 400 2.93 43.10 30.50
N THR C 401 3.97 43.41 29.74
CA THR C 401 3.79 43.89 28.39
C THR C 401 4.33 42.87 27.40
N PHE C 402 3.76 42.87 26.20
CA PHE C 402 4.10 41.84 25.22
C PHE C 402 4.46 42.45 23.87
N VAL C 403 5.17 41.66 23.08
CA VAL C 403 5.72 42.11 21.80
C VAL C 403 5.43 41.06 20.74
N LEU C 404 4.76 41.48 19.65
CA LEU C 404 4.48 40.63 18.51
C LEU C 404 4.79 41.39 17.22
N PRO C 405 5.44 40.75 16.25
CA PRO C 405 5.73 41.41 14.98
C PRO C 405 4.77 41.04 13.86
N LEU C 406 4.61 41.98 12.92
CA LEU C 406 3.80 41.78 11.73
C LEU C 406 4.63 41.94 10.47
N GLY C 407 4.38 41.07 9.49
CA GLY C 407 4.82 41.27 8.13
C GLY C 407 6.32 41.28 7.91
N LEU C 408 7.08 40.54 8.70
CA LEU C 408 8.52 40.56 8.50
C LEU C 408 8.93 39.50 7.50
N PHE C 409 10.15 39.62 7.01
CA PHE C 409 10.61 38.76 5.94
C PHE C 409 11.72 37.91 6.52
N ASN C 410 11.74 36.64 6.16
CA ASN C 410 12.75 35.74 6.68
C ASN C 410 14.12 36.13 6.13
N PRO C 411 15.14 36.22 6.98
CA PRO C 411 16.49 36.51 6.50
C PRO C 411 17.07 35.36 5.70
N ALA C 412 18.27 35.61 5.17
CA ALA C 412 18.72 35.01 3.91
C ALA C 412 18.84 33.49 3.98
N MET C 413 19.12 32.94 5.15
CA MET C 413 19.38 31.51 5.19
C MET C 413 18.10 30.74 5.45
N GLU C 414 17.13 31.35 6.14
CA GLU C 414 16.05 30.62 6.78
C GLU C 414 14.80 30.47 5.92
N ARG C 415 14.93 30.50 4.60
CA ARG C 415 13.75 30.35 3.75
C ARG C 415 13.45 28.91 3.36
N PHE C 416 14.06 27.94 4.03
CA PHE C 416 13.94 26.53 3.67
C PHE C 416 12.59 25.92 4.05
N ALA C 417 12.45 24.60 3.88
CA ALA C 417 11.27 23.86 4.31
C ALA C 417 11.59 22.67 5.20
N ALA C 418 12.87 22.32 5.32
CA ALA C 418 13.44 21.30 6.24
C ALA C 418 13.11 19.85 5.82
N HIS C 419 12.25 19.72 4.80
CA HIS C 419 11.95 18.46 4.12
C HIS C 419 11.19 18.81 2.84
N ALA C 420 11.13 17.90 1.88
CA ALA C 420 10.44 18.18 0.63
C ALA C 420 8.93 18.18 0.78
N GLY C 421 8.36 17.04 1.13
CA GLY C 421 6.91 16.90 1.15
C GLY C 421 6.37 17.29 2.49
N ASP C 422 5.92 18.55 2.62
CA ASP C 422 5.37 19.12 3.85
C ASP C 422 4.74 20.46 3.53
N LEU C 423 3.54 20.72 4.07
CA LEU C 423 2.68 21.84 3.73
C LEU C 423 2.43 21.90 2.23
N VAL C 424 2.14 20.76 1.63
CA VAL C 424 2.02 20.65 0.19
C VAL C 424 0.67 21.22 -0.25
N PRO C 425 0.62 22.07 -1.27
CA PRO C 425 -0.65 22.63 -1.72
C PRO C 425 -1.49 21.59 -2.43
N ALA C 426 -2.76 21.94 -2.64
CA ALA C 426 -3.53 21.19 -3.62
C ALA C 426 -2.96 21.47 -5.00
N PRO C 427 -2.88 20.46 -5.88
CA PRO C 427 -2.11 20.60 -7.12
C PRO C 427 -2.67 21.61 -8.10
N GLY C 428 -3.96 21.90 -8.03
CA GLY C 428 -4.53 22.93 -8.88
C GLY C 428 -4.46 24.30 -8.26
N HIS C 429 -3.71 24.43 -7.17
CA HIS C 429 -3.75 25.66 -6.39
C HIS C 429 -2.34 26.18 -6.10
N PRO C 430 -2.14 27.50 -6.11
CA PRO C 430 -0.79 28.03 -6.33
C PRO C 430 0.08 28.21 -5.10
N GLU C 431 -0.22 27.53 -3.95
CA GLU C 431 0.66 27.50 -2.76
C GLU C 431 0.88 28.89 -2.18
N PRO C 432 -0.09 29.42 -1.42
CA PRO C 432 0.00 30.81 -0.94
C PRO C 432 1.06 31.05 0.13
N ARG C 433 1.82 30.04 0.53
CA ARG C 433 2.80 30.24 1.60
C ARG C 433 4.01 31.02 1.11
N ALA C 434 4.17 31.15 -0.19
CA ALA C 434 5.25 31.96 -0.74
C ALA C 434 4.98 33.45 -0.66
N PHE C 435 3.84 33.86 -0.11
CA PHE C 435 3.46 35.25 -0.06
C PHE C 435 4.05 35.92 1.18
N PRO C 436 4.18 37.24 1.18
CA PRO C 436 4.44 37.96 2.43
C PRO C 436 3.31 37.77 3.42
N PRO C 437 3.60 37.33 4.64
CA PRO C 437 2.55 37.08 5.61
C PRO C 437 1.96 38.39 6.12
N ARG C 438 0.64 38.42 6.29
CA ARG C 438 -0.03 39.59 6.83
C ARG C 438 -0.86 39.25 8.06
N GLN C 439 -1.20 37.99 8.25
CA GLN C 439 -2.02 37.56 9.37
C GLN C 439 -1.11 37.18 10.51
N LEU C 440 -1.60 37.38 11.74
CA LEU C 440 -0.86 36.96 12.92
C LEU C 440 -1.81 36.27 13.89
N PHE C 441 -1.40 35.10 14.36
CA PHE C 441 -2.26 34.20 15.11
C PHE C 441 -1.63 33.88 16.45
N PHE C 442 -2.44 33.90 17.50
CA PHE C 442 -1.98 33.64 18.84
C PHE C 442 -3.14 33.05 19.61
N TRP C 443 -2.83 32.30 20.66
CA TRP C 443 -3.89 31.70 21.44
C TRP C 443 -4.48 32.71 22.40
N GLY C 444 -5.83 32.83 22.39
CA GLY C 444 -6.54 33.74 23.26
C GLY C 444 -6.60 33.24 24.70
N LYS C 445 -7.55 33.80 25.46
CA LYS C 445 -7.62 33.48 26.88
C LYS C 445 -8.49 32.23 27.09
N ASP C 446 -8.24 31.21 26.28
CA ASP C 446 -8.87 29.89 26.23
C ASP C 446 -8.05 29.02 25.30
N HIS C 447 -8.61 27.89 24.88
CA HIS C 447 -8.19 27.25 23.64
C HIS C 447 -8.62 28.05 22.42
N GLN C 448 -9.43 29.08 22.60
CA GLN C 448 -9.84 30.01 21.55
C GLN C 448 -8.66 30.65 20.84
N VAL C 449 -8.74 30.70 19.52
CA VAL C 449 -7.75 31.33 18.67
C VAL C 449 -8.29 32.70 18.25
N LEU C 450 -7.40 33.63 17.89
CA LEU C 450 -7.80 34.93 17.40
C LEU C 450 -7.07 35.26 16.11
N ARG C 451 -7.18 36.51 15.69
CA ARG C 451 -6.66 36.94 14.39
C ARG C 451 -6.16 38.38 14.51
N LEU C 452 -5.06 38.67 13.81
CA LEU C 452 -4.46 39.99 13.81
C LEU C 452 -4.04 40.45 12.43
N SER C 453 -4.81 40.13 11.38
CA SER C 453 -4.46 40.48 10.01
C SER C 453 -4.31 41.99 9.80
N MET C 454 -3.54 42.40 8.79
CA MET C 454 -3.12 43.77 8.62
C MET C 454 -4.21 44.75 8.22
N GLU C 455 -5.46 44.32 8.11
CA GLU C 455 -6.56 45.28 8.06
C GLU C 455 -6.88 45.84 9.44
N ASN C 456 -6.22 45.34 10.48
CA ASN C 456 -6.50 45.80 11.82
C ASN C 456 -5.85 47.15 12.10
N ALA C 457 -4.87 47.54 11.29
CA ALA C 457 -4.08 48.74 11.55
C ALA C 457 -4.66 49.99 10.93
N VAL C 458 -5.96 50.01 10.59
CA VAL C 458 -6.59 51.23 10.10
C VAL C 458 -6.66 52.27 11.20
N GLY C 459 -6.71 51.82 12.45
CA GLY C 459 -6.84 52.75 13.57
C GLY C 459 -5.56 53.51 13.83
N THR C 460 -4.42 52.94 13.49
CA THR C 460 -3.16 53.59 13.78
C THR C 460 -2.75 54.52 12.64
N VAL C 461 -2.63 53.99 11.44
CA VAL C 461 -1.92 54.70 10.40
C VAL C 461 -2.84 55.70 9.71
N CYS C 462 -4.10 55.35 9.50
CA CYS C 462 -4.99 56.12 8.63
C CYS C 462 -5.41 57.45 9.22
N HIS C 463 -5.20 57.66 10.52
CA HIS C 463 -5.38 58.93 11.22
C HIS C 463 -4.46 59.99 10.64
N PRO C 464 -4.88 61.25 10.47
CA PRO C 464 -4.01 62.24 9.81
C PRO C 464 -2.94 62.82 10.71
N SER C 465 -2.28 61.98 11.49
CA SER C 465 -1.09 62.38 12.23
C SER C 465 0.16 62.00 11.50
N LEU C 466 0.02 61.18 10.46
CA LEU C 466 1.17 60.73 9.68
C LEU C 466 1.78 61.87 8.89
N MET C 467 0.97 62.85 8.52
CA MET C 467 1.42 64.04 7.82
C MET C 467 1.69 65.20 8.76
N ASN C 468 2.15 64.92 9.98
CA ASN C 468 2.47 65.93 10.98
C ASN C 468 3.93 65.76 11.38
N ILE C 469 4.81 66.57 10.80
CA ILE C 469 6.24 66.47 11.04
C ILE C 469 6.92 67.80 11.28
N ASP C 470 6.16 68.89 11.38
CA ASP C 470 6.76 70.23 11.44
C ASP C 470 7.54 70.47 12.74
N ALA C 471 7.20 69.75 13.81
CA ALA C 471 7.98 69.85 15.03
C ALA C 471 9.29 69.08 14.92
N ALA C 472 9.32 68.03 14.11
CA ALA C 472 10.51 67.19 14.01
C ALA C 472 11.54 67.77 13.05
N VAL C 473 11.07 68.53 12.05
CA VAL C 473 11.99 69.07 11.05
C VAL C 473 12.80 70.22 11.64
N GLY C 474 12.19 70.99 12.55
CA GLY C 474 12.99 71.87 13.38
C GLY C 474 13.72 71.12 14.49
N GLY C 475 13.23 69.93 14.83
CA GLY C 475 13.86 69.14 15.87
C GLY C 475 15.15 68.47 15.45
N VAL C 476 15.50 68.57 14.17
CA VAL C 476 16.78 68.08 13.72
C VAL C 476 17.63 69.20 13.10
N ASN C 477 17.01 70.30 12.68
CA ASN C 477 17.73 71.31 11.93
C ASN C 477 18.59 72.17 12.84
N HIS C 478 18.25 72.21 14.13
CA HIS C 478 19.07 72.89 15.12
C HIS C 478 20.45 72.25 15.21
N ASP C 479 21.47 73.10 15.36
CA ASP C 479 22.89 72.77 15.28
C ASP C 479 23.15 71.99 14.00
N PRO C 480 23.09 72.64 12.84
CA PRO C 480 23.02 71.90 11.58
C PRO C 480 24.36 71.30 11.19
N VAL C 481 24.31 70.42 10.20
CA VAL C 481 25.45 69.63 9.77
C VAL C 481 26.04 70.31 8.54
N GLU C 482 27.29 70.00 8.24
CA GLU C 482 27.92 70.47 7.03
C GLU C 482 27.21 69.88 5.81
N ALA C 483 27.26 70.62 4.71
CA ALA C 483 26.53 70.25 3.51
C ALA C 483 27.13 69.02 2.87
N ALA C 484 26.28 68.20 2.28
CA ALA C 484 26.68 66.95 1.65
C ALA C 484 27.10 67.24 0.21
N ASN C 485 27.20 66.19 -0.58
CA ASN C 485 27.26 66.28 -2.04
C ASN C 485 25.82 66.18 -2.52
N PRO C 486 25.14 67.29 -2.69
CA PRO C 486 23.67 67.28 -2.64
C PRO C 486 23.03 67.12 -4.02
N TYR C 487 23.39 66.03 -4.69
CA TYR C 487 23.08 65.82 -6.10
C TYR C 487 21.60 65.82 -6.41
N GLY C 488 20.86 64.89 -5.86
CA GLY C 488 19.43 64.97 -6.01
C GLY C 488 18.74 65.78 -4.96
N ALA C 489 19.50 66.48 -4.13
CA ALA C 489 18.92 67.26 -3.04
C ALA C 489 18.51 68.65 -3.47
N TYR C 490 18.94 69.09 -4.65
CA TYR C 490 18.69 70.45 -5.12
C TYR C 490 18.17 70.39 -6.55
N VAL C 491 17.21 71.26 -6.86
CA VAL C 491 16.56 71.28 -8.16
C VAL C 491 17.08 72.50 -8.92
N ALA C 492 17.34 72.33 -10.21
CA ALA C 492 17.79 73.43 -11.06
C ALA C 492 16.69 73.87 -12.02
N ALA C 493 16.87 75.05 -12.57
CA ALA C 493 15.91 75.61 -13.52
C ALA C 493 16.31 75.24 -14.94
N PRO C 494 15.36 74.97 -15.83
CA PRO C 494 15.69 74.80 -17.24
C PRO C 494 16.17 76.11 -17.85
N ALA C 495 17.47 76.15 -18.17
CA ALA C 495 18.15 77.37 -18.58
C ALA C 495 18.36 77.36 -20.09
N GLY C 496 17.65 78.25 -20.78
CA GLY C 496 17.78 78.38 -22.22
C GLY C 496 17.21 77.20 -22.96
N PRO C 497 17.83 76.86 -24.09
CA PRO C 497 17.40 75.66 -24.83
C PRO C 497 17.89 74.40 -24.16
N GLY C 498 17.16 73.30 -24.38
CA GLY C 498 17.50 72.03 -23.78
C GLY C 498 18.48 71.20 -24.59
N ALA C 499 19.08 71.78 -25.62
CA ALA C 499 20.04 71.04 -26.44
C ALA C 499 21.36 70.85 -25.70
N ASP C 500 21.91 71.93 -25.16
CA ASP C 500 23.14 71.88 -24.38
C ASP C 500 22.90 72.00 -22.88
N MET C 501 21.80 71.43 -22.37
CA MET C 501 21.42 71.66 -20.99
C MET C 501 22.24 70.78 -20.04
N GLN C 502 22.54 69.55 -20.45
CA GLN C 502 23.38 68.68 -19.62
C GLN C 502 24.86 68.90 -19.90
N GLN C 503 25.19 69.34 -21.12
CA GLN C 503 26.58 69.69 -21.42
C GLN C 503 27.04 70.89 -20.60
N ARG C 504 26.15 71.85 -20.38
CA ARG C 504 26.41 72.93 -19.44
C ARG C 504 26.41 72.43 -17.99
N PHE C 505 25.61 71.40 -17.69
CA PHE C 505 25.54 70.83 -16.35
C PHE C 505 26.83 70.12 -15.96
N LEU C 506 27.43 69.38 -16.89
CA LEU C 506 28.59 68.56 -16.55
C LEU C 506 29.85 69.39 -16.37
N ASN C 507 29.96 70.51 -17.07
CA ASN C 507 31.12 71.37 -16.90
C ASN C 507 30.96 72.33 -15.73
N ALA C 508 29.76 72.38 -15.14
CA ALA C 508 29.56 73.21 -13.95
C ALA C 508 29.64 72.37 -12.68
N TRP C 509 29.08 71.16 -12.70
CA TRP C 509 29.08 70.23 -11.56
C TRP C 509 30.14 69.17 -11.85
N ARG C 510 31.39 69.48 -11.52
CA ARG C 510 32.48 68.53 -11.73
C ARG C 510 33.44 68.53 -10.56
N GLN C 511 33.33 69.54 -9.69
CA GLN C 511 34.30 69.70 -8.62
C GLN C 511 33.93 68.85 -7.40
N ARG C 512 32.66 68.49 -7.27
CA ARG C 512 32.16 67.86 -6.05
C ARG C 512 31.48 66.51 -6.27
N LEU C 513 31.12 66.16 -7.51
CA LEU C 513 30.41 64.89 -7.73
C LEU C 513 31.37 63.71 -7.62
N ALA C 514 32.54 63.82 -8.27
CA ALA C 514 33.52 62.75 -8.18
C ALA C 514 34.18 62.74 -6.81
N HIS C 515 34.62 63.90 -6.33
CA HIS C 515 35.34 64.00 -5.06
C HIS C 515 34.43 63.67 -3.89
N GLY C 516 33.31 64.36 -3.78
CA GLY C 516 32.33 64.05 -2.77
C GLY C 516 31.57 62.78 -3.11
N ARG C 517 30.80 62.31 -2.14
CA ARG C 517 29.95 61.13 -2.32
C ARG C 517 28.50 61.53 -2.04
N VAL C 518 27.59 61.06 -2.89
CA VAL C 518 26.17 61.29 -2.66
C VAL C 518 25.70 60.41 -1.52
N ARG C 519 24.49 60.68 -1.03
CA ARG C 519 23.93 59.83 0.03
C ARG C 519 23.57 58.46 -0.50
N TRP C 520 23.24 58.38 -1.78
CA TRP C 520 22.58 57.22 -2.37
C TRP C 520 23.59 56.34 -3.12
N VAL C 521 24.33 55.58 -2.34
CA VAL C 521 25.07 54.46 -2.88
C VAL C 521 24.86 53.30 -1.92
N ALA C 522 23.88 53.47 -1.02
CA ALA C 522 23.46 52.43 -0.08
C ALA C 522 22.76 51.27 -0.76
N GLU C 523 22.57 51.32 -2.08
CA GLU C 523 22.11 50.16 -2.83
C GLU C 523 23.13 49.04 -2.79
N CYS C 524 24.42 49.38 -2.76
CA CYS C 524 25.44 48.39 -2.54
C CYS C 524 25.40 47.84 -1.12
N GLN C 525 24.93 48.62 -0.16
CA GLN C 525 24.80 48.16 1.22
C GLN C 525 23.65 47.19 1.36
N MET C 526 23.53 46.62 2.56
CA MET C 526 22.44 45.69 2.82
C MET C 526 21.82 45.93 4.21
N THR C 527 20.91 45.03 4.57
CA THR C 527 20.32 45.03 5.89
C THR C 527 21.34 44.58 6.93
N ALA C 528 21.29 45.23 8.10
CA ALA C 528 22.21 45.03 9.23
C ALA C 528 23.63 45.41 8.83
N GLU C 529 23.70 46.30 7.85
CA GLU C 529 24.91 46.93 7.39
C GLU C 529 24.66 48.42 7.52
N GLN C 530 23.41 48.80 7.33
CA GLN C 530 22.97 50.15 7.67
C GLN C 530 22.63 50.24 9.16
N PHE C 531 22.04 49.17 9.71
CA PHE C 531 21.55 49.20 11.08
C PHE C 531 22.66 49.29 12.12
N MET C 532 23.87 48.89 11.78
CA MET C 532 25.00 49.08 12.68
C MET C 532 25.37 50.56 12.74
N GLN C 533 26.07 50.94 13.81
CA GLN C 533 26.35 52.36 14.01
C GLN C 533 27.35 52.96 13.03
N PRO C 534 28.43 52.27 12.59
CA PRO C 534 29.10 52.75 11.37
C PRO C 534 28.39 52.28 10.13
N ASP C 535 29.00 52.51 8.96
CA ASP C 535 28.60 52.07 7.62
C ASP C 535 27.30 52.72 7.17
N ASN C 536 26.67 53.56 7.98
CA ASN C 536 25.77 54.59 7.53
C ASN C 536 25.92 55.75 8.51
N ALA C 537 26.55 56.83 8.04
CA ALA C 537 26.52 58.07 8.81
C ALA C 537 25.19 58.77 8.62
N ASN C 538 24.39 58.32 7.66
CA ASN C 538 23.07 58.90 7.47
C ASN C 538 22.00 58.06 8.14
N LEU C 539 22.43 57.10 8.97
CA LEU C 539 21.55 56.27 9.78
C LEU C 539 20.75 57.14 10.73
N ALA C 540 21.40 58.17 11.28
CA ALA C 540 20.71 59.13 12.12
C ALA C 540 19.97 60.18 11.30
N LEU C 541 19.91 60.03 9.98
CA LEU C 541 19.23 60.98 9.13
C LEU C 541 17.94 60.43 8.53
N GLU C 542 17.65 59.15 8.73
CA GLU C 542 16.39 58.56 8.34
C GLU C 542 15.53 58.40 9.59
N LEU C 543 14.34 59.00 9.57
CA LEU C 543 13.49 59.04 10.74
C LEU C 543 12.07 58.57 10.43
N HIS C 544 11.57 58.86 9.25
CA HIS C 544 10.14 58.67 9.07
C HIS C 544 9.85 57.85 7.83
N PRO C 545 8.88 56.94 7.88
CA PRO C 545 8.68 56.02 6.74
C PRO C 545 8.08 56.69 5.51
N ALA C 546 7.45 57.85 5.68
CA ALA C 546 6.86 58.59 4.58
C ALA C 546 7.65 59.81 4.14
N PHE C 547 8.70 60.19 4.87
CA PHE C 547 9.49 61.34 4.46
C PHE C 547 10.97 61.03 4.55
N ASP C 548 11.73 61.63 3.64
CA ASP C 548 13.19 61.49 3.65
C ASP C 548 13.80 62.80 4.09
N PHE C 549 14.47 62.77 5.24
CA PHE C 549 15.22 63.92 5.73
C PHE C 549 16.64 63.84 5.20
N PHE C 550 17.09 64.89 4.53
CA PHE C 550 18.37 64.85 3.84
C PHE C 550 19.01 66.22 3.88
N ALA C 551 20.33 66.22 3.73
CA ALA C 551 21.13 67.43 3.80
C ALA C 551 20.89 68.26 2.53
N GLY C 552 19.95 69.19 2.61
CA GLY C 552 19.62 70.05 1.49
C GLY C 552 20.33 71.39 1.58
N VAL C 553 19.75 72.37 0.89
CA VAL C 553 20.23 73.74 0.95
C VAL C 553 19.45 74.52 2.00
N ALA C 554 20.11 75.53 2.58
CA ALA C 554 19.56 76.20 3.76
C ALA C 554 18.52 77.25 3.37
N ASP C 555 18.93 78.27 2.62
CA ASP C 555 18.07 79.42 2.34
C ASP C 555 17.73 79.58 0.86
N VAL C 556 18.25 78.72 -0.02
CA VAL C 556 18.00 78.86 -1.45
C VAL C 556 16.69 78.18 -1.79
N GLU C 557 15.81 78.90 -2.48
CA GLU C 557 14.57 78.30 -2.98
C GLU C 557 14.89 77.34 -4.12
N LEU C 558 14.05 76.31 -4.27
CA LEU C 558 14.38 75.22 -5.18
C LEU C 558 14.18 75.55 -6.66
N PRO C 559 12.99 76.10 -7.14
CA PRO C 559 12.89 76.34 -8.59
C PRO C 559 13.72 77.51 -9.10
N GLY C 560 15.04 77.31 -9.21
CA GLY C 560 15.90 78.35 -9.71
C GLY C 560 17.36 78.01 -9.47
N GLY C 561 18.22 78.64 -10.27
CA GLY C 561 19.65 78.51 -10.14
C GLY C 561 20.19 77.23 -10.74
N GLU C 562 21.44 77.29 -11.17
CA GLU C 562 22.15 76.13 -11.70
C GLU C 562 23.17 75.59 -10.71
N VAL C 563 23.78 76.47 -9.93
CA VAL C 563 24.65 76.12 -8.81
C VAL C 563 24.23 77.00 -7.63
N PRO C 564 23.78 76.42 -6.53
CA PRO C 564 23.33 77.24 -5.40
C PRO C 564 24.53 77.78 -4.62
N PRO C 565 24.38 78.92 -3.94
CA PRO C 565 25.45 79.38 -3.06
C PRO C 565 25.54 78.54 -1.79
N ALA C 566 26.17 77.38 -1.90
CA ALA C 566 26.23 76.44 -0.79
C ALA C 566 27.16 76.93 0.30
N GLY C 567 26.59 77.30 1.43
CA GLY C 567 27.35 77.72 2.59
C GLY C 567 27.12 76.79 3.76
N PRO C 568 26.36 77.23 4.75
CA PRO C 568 25.99 76.33 5.85
C PRO C 568 25.01 75.28 5.40
N GLY C 569 25.36 74.02 5.64
CA GLY C 569 24.49 72.92 5.27
C GLY C 569 23.30 72.80 6.20
N ALA C 570 22.19 72.35 5.66
CA ALA C 570 20.97 72.21 6.44
C ALA C 570 20.15 71.07 5.90
N ILE C 571 19.17 70.67 6.70
CA ILE C 571 18.37 69.49 6.41
C ILE C 571 16.97 69.93 6.01
N GLN C 572 16.41 69.23 5.03
CA GLN C 572 15.04 69.45 4.62
C GLN C 572 14.41 68.10 4.35
N ALA C 573 13.12 68.11 4.08
CA ALA C 573 12.36 66.87 3.95
C ALA C 573 11.59 66.86 2.63
N THR C 574 11.42 65.66 2.08
CA THR C 574 10.60 65.42 0.92
C THR C 574 9.48 64.46 1.28
N TRP C 575 8.47 64.38 0.43
CA TRP C 575 7.40 63.41 0.61
C TRP C 575 7.71 62.17 -0.23
N ARG C 576 7.83 61.02 0.43
CA ARG C 576 7.82 59.77 -0.30
C ARG C 576 6.45 59.56 -0.92
N VAL C 577 6.41 59.49 -2.24
CA VAL C 577 5.14 59.31 -2.93
C VAL C 577 4.61 57.91 -2.69
N VAL C 578 5.40 56.91 -3.05
CA VAL C 578 4.97 55.52 -3.04
C VAL C 578 5.87 54.71 -2.12
N ASN C 579 5.48 53.48 -1.83
CA ASN C 579 6.28 52.62 -0.97
C ASN C 579 7.57 52.15 -1.63
N GLY C 580 7.73 52.36 -2.93
CA GLY C 580 8.93 51.95 -3.61
C GLY C 580 10.13 52.80 -3.25
N ASN C 581 9.87 53.97 -2.68
CA ASN C 581 10.95 54.86 -2.31
C ASN C 581 11.56 54.53 -0.96
N LEU C 582 11.15 53.42 -0.35
CA LEU C 582 11.89 52.88 0.78
C LEU C 582 13.22 52.31 0.30
N PRO C 583 14.30 52.49 1.05
CA PRO C 583 15.59 51.99 0.61
C PRO C 583 15.68 50.48 0.72
N LEU C 584 16.45 49.88 -0.18
CA LEU C 584 16.48 48.43 -0.27
C LEU C 584 17.27 47.80 0.86
N ALA C 585 18.02 48.59 1.62
CA ALA C 585 18.67 48.04 2.80
C ALA C 585 17.67 47.87 3.95
N LEU C 586 16.49 48.48 3.83
CA LEU C 586 15.43 48.24 4.81
C LEU C 586 14.25 47.48 4.19
N CYS C 587 14.17 47.45 2.87
CA CYS C 587 13.10 46.74 2.18
C CYS C 587 13.69 46.07 0.95
N PRO C 588 14.21 44.85 1.10
CA PRO C 588 15.08 44.28 0.06
C PRO C 588 14.32 43.81 -1.17
N VAL C 589 15.10 43.39 -2.16
CA VAL C 589 14.55 42.90 -3.43
C VAL C 589 13.80 41.59 -3.22
N ALA C 590 14.28 40.73 -2.31
CA ALA C 590 13.69 39.41 -2.12
C ALA C 590 12.32 39.52 -1.49
N PHE C 591 12.08 40.56 -0.72
CA PHE C 591 10.72 40.89 -0.32
C PHE C 591 10.00 41.60 -1.46
N ARG C 592 10.73 42.41 -2.23
CA ARG C 592 10.06 43.27 -3.20
C ARG C 592 9.55 42.47 -4.40
N ASP C 593 10.27 41.45 -4.82
CA ASP C 593 9.76 40.64 -5.91
C ASP C 593 8.96 39.45 -5.43
N ALA C 594 8.88 39.22 -4.11
CA ALA C 594 8.01 38.18 -3.60
C ALA C 594 6.55 38.55 -3.73
N ARG C 595 6.22 39.83 -3.57
CA ARG C 595 4.85 40.29 -3.69
C ARG C 595 4.43 40.48 -5.13
N GLY C 596 5.35 40.40 -6.07
CA GLY C 596 4.99 40.40 -7.48
C GLY C 596 4.30 39.11 -7.89
N LEU C 597 4.78 37.99 -7.35
CA LEU C 597 4.12 36.71 -7.60
C LEU C 597 2.75 36.66 -6.96
N GLU C 598 2.54 37.43 -5.89
CA GLU C 598 1.24 37.48 -5.26
C GLU C 598 0.26 38.26 -6.14
N LEU C 599 0.78 39.12 -7.02
CA LEU C 599 -0.05 39.66 -8.07
C LEU C 599 0.21 39.01 -9.42
N GLY C 600 1.15 38.08 -9.50
CA GLY C 600 1.38 37.37 -10.74
C GLY C 600 0.27 36.41 -11.12
N VAL C 601 -0.22 35.64 -10.16
CA VAL C 601 -1.27 34.66 -10.44
C VAL C 601 -2.59 35.38 -10.60
N GLY C 602 -3.57 34.69 -11.18
CA GLY C 602 -4.89 35.24 -11.39
C GLY C 602 -5.05 36.15 -12.59
N ARG C 603 -3.96 36.66 -13.15
CA ARG C 603 -4.03 37.71 -14.14
C ARG C 603 -3.28 37.31 -15.41
N HIS C 604 -3.27 38.24 -16.37
CA HIS C 604 -2.62 37.96 -17.63
C HIS C 604 -1.10 38.08 -17.53
N ALA C 605 -0.42 37.07 -18.07
CA ALA C 605 1.02 37.10 -18.19
C ALA C 605 1.36 37.03 -19.66
N MET C 606 2.47 37.64 -20.05
CA MET C 606 2.93 37.54 -21.42
C MET C 606 3.46 36.14 -21.70
N ALA C 607 3.30 35.70 -22.94
CA ALA C 607 4.00 34.52 -23.40
C ALA C 607 5.50 34.83 -23.45
N PRO C 608 6.34 33.88 -23.06
CA PRO C 608 7.78 34.18 -22.99
C PRO C 608 8.43 34.30 -24.35
N ALA C 609 7.80 33.78 -25.40
CA ALA C 609 8.38 33.82 -26.73
C ALA C 609 8.47 35.24 -27.26
N THR C 610 7.40 36.03 -27.12
CA THR C 610 7.47 37.42 -27.52
C THR C 610 8.32 38.25 -26.58
N ILE C 611 8.53 37.79 -25.35
CA ILE C 611 9.48 38.44 -24.47
C ILE C 611 10.90 38.24 -25.00
N ALA C 612 11.18 37.07 -25.57
CA ALA C 612 12.50 36.82 -26.16
C ALA C 612 12.69 37.62 -27.44
N ALA C 613 11.61 38.03 -28.09
CA ALA C 613 11.72 38.89 -29.25
C ALA C 613 11.82 40.36 -28.87
N VAL C 614 11.07 40.79 -27.86
CA VAL C 614 11.07 42.19 -27.47
C VAL C 614 12.40 42.55 -26.79
N ARG C 615 12.88 41.69 -25.91
CA ARG C 615 14.16 41.97 -25.25
C ARG C 615 15.32 41.86 -26.22
N GLY C 616 15.17 41.02 -27.26
CA GLY C 616 16.11 41.02 -28.36
C GLY C 616 16.16 42.32 -29.12
N ALA C 617 15.04 43.05 -29.19
CA ALA C 617 15.06 44.38 -29.79
C ALA C 617 15.74 45.37 -28.87
N PHE C 618 15.51 45.25 -27.56
CA PHE C 618 16.20 46.10 -26.60
C PHE C 618 17.69 45.81 -26.53
N GLU C 619 18.10 44.59 -26.81
CA GLU C 619 19.51 44.22 -26.78
C GLU C 619 20.11 44.14 -28.17
N ASP C 620 19.64 45.00 -29.08
CA ASP C 620 20.06 44.94 -30.47
C ASP C 620 21.07 46.04 -30.74
N ARG C 621 22.35 45.66 -30.90
CA ARG C 621 23.35 46.60 -31.38
C ARG C 621 23.14 46.96 -32.84
N SER C 622 22.85 46.00 -33.71
CA SER C 622 22.59 46.30 -35.11
C SER C 622 21.14 46.68 -35.38
N TYR C 623 20.47 47.26 -34.39
CA TYR C 623 19.13 47.80 -34.56
C TYR C 623 19.17 48.91 -35.60
N PRO C 624 18.24 48.92 -36.55
CA PRO C 624 18.30 49.90 -37.63
C PRO C 624 18.00 51.31 -37.14
N ALA C 625 18.74 52.27 -37.72
CA ALA C 625 18.60 53.66 -37.33
C ALA C 625 17.43 54.35 -38.01
N VAL C 626 16.81 53.70 -39.01
CA VAL C 626 15.64 54.28 -39.64
C VAL C 626 14.44 54.25 -38.70
N PHE C 627 14.42 53.29 -37.77
CA PHE C 627 13.25 53.08 -36.91
C PHE C 627 13.05 54.23 -35.94
N TYR C 628 14.12 54.76 -35.36
CA TYR C 628 13.98 55.92 -34.48
C TYR C 628 13.61 57.16 -35.27
N LEU C 629 14.05 57.22 -36.53
CA LEU C 629 13.60 58.29 -37.41
C LEU C 629 12.17 58.04 -37.90
N LEU C 630 11.75 56.77 -37.93
CA LEU C 630 10.33 56.47 -38.15
C LEU C 630 9.51 56.83 -36.92
N GLN C 631 10.12 56.75 -35.74
CA GLN C 631 9.43 57.17 -34.53
C GLN C 631 9.32 58.70 -34.47
N ALA C 632 10.37 59.39 -34.92
CA ALA C 632 10.33 60.85 -34.94
C ALA C 632 9.42 61.40 -36.03
N ALA C 633 9.28 60.68 -37.15
CA ALA C 633 8.40 61.13 -38.22
C ALA C 633 6.93 60.96 -37.84
N ILE C 634 6.59 59.80 -37.29
CA ILE C 634 5.22 59.54 -36.84
C ILE C 634 4.88 60.40 -35.63
N HIS C 635 5.88 60.64 -34.76
CA HIS C 635 5.81 61.41 -33.49
C HIS C 635 4.61 61.03 -32.63
N GLY C 636 4.32 59.73 -32.59
CA GLY C 636 3.21 59.23 -31.79
C GLY C 636 1.83 59.63 -32.25
N ASN C 637 1.70 60.14 -33.47
CA ASN C 637 0.44 60.61 -34.02
C ASN C 637 -0.24 59.49 -34.79
N GLU C 638 -1.54 59.65 -35.01
CA GLU C 638 -2.31 58.59 -35.67
C GLU C 638 -2.48 58.87 -37.16
N HIS C 639 -2.44 60.14 -37.57
CA HIS C 639 -2.55 60.49 -38.98
C HIS C 639 -1.29 60.10 -39.74
N VAL C 640 -0.12 60.33 -39.14
CA VAL C 640 1.13 60.06 -39.84
C VAL C 640 1.39 58.55 -39.87
N PHE C 641 0.87 57.81 -38.90
CA PHE C 641 1.15 56.38 -38.81
C PHE C 641 0.47 55.60 -39.94
N CYS C 642 -0.80 55.89 -40.19
CA CYS C 642 -1.53 55.17 -41.23
C CYS C 642 -1.11 55.62 -42.63
N ALA C 643 -0.48 56.80 -42.73
CA ALA C 643 0.19 57.17 -43.96
C ALA C 643 1.37 56.26 -44.22
N LEU C 644 2.10 55.90 -43.16
CA LEU C 644 3.26 55.04 -43.22
C LEU C 644 2.94 53.59 -42.83
N ALA C 645 1.70 53.15 -43.03
CA ALA C 645 1.25 51.89 -42.46
C ALA C 645 1.85 50.69 -43.18
N ARG C 646 2.02 50.78 -44.50
CA ARG C 646 2.76 49.75 -45.22
C ARG C 646 4.25 49.83 -44.90
N LEU C 647 4.70 51.00 -44.47
CA LEU C 647 6.11 51.17 -44.09
C LEU C 647 6.37 50.65 -42.67
N VAL C 648 5.34 50.15 -41.99
CA VAL C 648 5.55 49.59 -40.66
C VAL C 648 5.55 48.06 -40.70
N THR C 649 4.56 47.46 -41.37
CA THR C 649 4.43 46.00 -41.39
C THR C 649 5.56 45.33 -42.14
N GLN C 650 6.05 45.96 -43.21
CA GLN C 650 7.28 45.52 -43.85
C GLN C 650 8.49 45.71 -42.94
N CYS C 651 8.58 46.88 -42.28
CA CYS C 651 9.62 47.10 -41.28
C CYS C 651 9.44 46.18 -40.09
N ILE C 652 8.23 45.69 -39.86
CA ILE C 652 8.13 44.45 -39.10
C ILE C 652 8.67 43.30 -39.91
N THR C 653 8.13 43.10 -41.13
CA THR C 653 8.34 41.85 -41.89
C THR C 653 9.80 41.66 -42.28
N SER C 654 10.44 42.72 -42.78
CA SER C 654 11.85 42.63 -43.13
C SER C 654 12.70 42.40 -41.89
N TYR C 655 12.45 43.18 -40.84
CA TYR C 655 13.25 43.07 -39.63
C TYR C 655 12.95 41.77 -38.89
N TRP C 656 11.69 41.31 -38.93
CA TRP C 656 11.37 40.00 -38.37
C TRP C 656 12.07 38.89 -39.13
N ASN C 657 12.13 39.00 -40.46
CA ASN C 657 12.82 37.98 -41.23
C ASN C 657 14.32 38.11 -41.10
N ASN C 658 14.81 39.31 -40.77
CA ASN C 658 16.21 39.41 -40.36
C ASN C 658 16.40 38.84 -38.97
N THR C 659 15.77 39.45 -37.97
CA THR C 659 15.97 39.07 -36.57
C THR C 659 14.63 38.69 -35.97
N ARG C 660 14.61 37.62 -35.18
CA ARG C 660 13.37 37.25 -34.51
C ARG C 660 13.11 38.20 -33.35
N CYS C 661 12.68 39.42 -33.69
CA CYS C 661 12.53 40.52 -32.74
C CYS C 661 11.40 41.41 -33.22
N ALA C 662 10.73 42.06 -32.26
CA ALA C 662 9.75 43.08 -32.59
C ALA C 662 10.45 44.32 -33.09
N ALA C 663 9.72 45.13 -33.87
CA ALA C 663 10.37 46.21 -34.60
C ALA C 663 10.21 47.57 -33.92
N PHE C 664 9.07 47.83 -33.30
CA PHE C 664 8.78 49.18 -32.85
C PHE C 664 8.28 49.26 -31.42
N VAL C 665 8.95 48.61 -30.48
CA VAL C 665 8.57 48.69 -29.07
C VAL C 665 9.20 49.92 -28.42
N ASN C 666 9.87 50.75 -29.23
CA ASN C 666 10.46 52.00 -28.79
C ASN C 666 9.45 53.12 -28.59
N ASP C 667 8.16 52.87 -28.80
CA ASP C 667 7.09 53.77 -28.41
C ASP C 667 5.82 52.94 -28.24
N TYR C 668 5.06 53.25 -27.19
CA TYR C 668 3.82 52.51 -26.94
C TYR C 668 2.76 52.84 -27.97
N SER C 669 2.74 54.09 -28.44
CA SER C 669 1.74 54.51 -29.41
C SER C 669 1.86 53.74 -30.70
N LEU C 670 3.09 53.35 -31.07
CA LEU C 670 3.32 52.50 -32.22
C LEU C 670 2.64 51.16 -32.07
N VAL C 671 2.99 50.44 -31.00
CA VAL C 671 2.46 49.09 -30.76
C VAL C 671 0.96 49.14 -30.51
N SER C 672 0.48 50.23 -29.90
CA SER C 672 -0.95 50.39 -29.72
C SER C 672 -1.63 50.87 -31.01
N TYR C 673 -0.87 51.11 -32.07
CA TYR C 673 -1.47 51.31 -33.37
C TYR C 673 -1.20 50.13 -34.30
N ILE C 674 -0.10 49.41 -34.07
CA ILE C 674 0.26 48.27 -34.91
C ILE C 674 -0.78 47.16 -34.78
N VAL C 675 -1.23 46.88 -33.56
CA VAL C 675 -2.35 45.97 -33.39
C VAL C 675 -3.61 46.58 -33.97
N THR C 676 -3.77 47.89 -33.79
CA THR C 676 -5.07 48.54 -33.93
C THR C 676 -5.50 48.61 -35.39
N TYR C 677 -4.56 48.77 -36.31
CA TYR C 677 -4.90 48.79 -37.71
C TYR C 677 -4.36 47.58 -38.47
N LEU C 678 -3.10 47.21 -38.24
CA LEU C 678 -2.30 46.44 -39.19
C LEU C 678 -2.51 44.94 -39.07
N GLY C 679 -3.66 44.49 -38.55
CA GLY C 679 -3.80 43.10 -38.15
C GLY C 679 -3.76 42.11 -39.29
N GLY C 680 -4.00 42.56 -40.51
CA GLY C 680 -4.01 41.65 -41.65
C GLY C 680 -2.64 41.22 -42.13
N ASP C 681 -1.83 42.18 -42.56
CA ASP C 681 -0.61 41.90 -43.33
C ASP C 681 0.58 41.60 -42.43
N LEU C 682 0.38 40.70 -41.46
CA LEU C 682 1.47 40.13 -40.69
C LEU C 682 1.26 38.64 -40.57
N PRO C 683 2.32 37.85 -40.64
CA PRO C 683 2.22 36.46 -40.19
C PRO C 683 1.91 36.40 -38.71
N GLU C 684 1.18 35.37 -38.30
CA GLU C 684 0.62 35.31 -36.96
C GLU C 684 1.68 35.12 -35.89
N GLU C 685 2.87 34.64 -36.26
CA GLU C 685 3.95 34.52 -35.28
C GLU C 685 4.43 35.89 -34.82
N CYS C 686 4.57 36.85 -35.75
CA CYS C 686 5.02 38.17 -35.33
C CYS C 686 3.86 39.12 -35.09
N MET C 687 2.63 38.73 -35.44
CA MET C 687 1.49 39.60 -35.15
C MET C 687 1.12 39.60 -33.67
N ALA C 688 1.04 38.42 -33.07
CA ALA C 688 0.65 38.34 -31.66
C ALA C 688 1.75 38.84 -30.73
N VAL C 689 2.96 39.02 -31.27
CA VAL C 689 4.03 39.73 -30.58
C VAL C 689 3.56 41.10 -30.14
N TYR C 690 2.94 41.84 -31.06
CA TYR C 690 2.41 43.15 -30.69
C TYR C 690 1.12 43.00 -29.89
N ARG C 691 0.40 41.91 -30.11
CA ARG C 691 -0.90 41.76 -29.46
C ARG C 691 -0.74 41.35 -28.00
N ASP C 692 0.21 40.47 -27.71
CA ASP C 692 0.46 40.05 -26.33
C ASP C 692 1.01 41.19 -25.50
N LEU C 693 1.74 42.10 -26.14
CA LEU C 693 2.37 43.18 -25.40
C LEU C 693 1.36 44.22 -24.96
N VAL C 694 0.35 44.49 -25.78
CA VAL C 694 -0.68 45.46 -25.41
C VAL C 694 -1.60 44.89 -24.35
N ALA C 695 -1.94 43.60 -24.49
CA ALA C 695 -2.88 42.94 -23.58
C ALA C 695 -2.33 42.83 -22.16
N HIS C 696 -1.03 42.95 -22.00
CA HIS C 696 -0.44 42.96 -20.67
C HIS C 696 -0.41 44.36 -20.09
N VAL C 697 -0.46 45.38 -20.95
CA VAL C 697 -0.57 46.76 -20.46
C VAL C 697 -1.94 47.00 -19.88
N GLU C 698 -2.98 46.52 -20.56
CA GLU C 698 -4.33 46.59 -20.01
C GLU C 698 -4.51 45.68 -18.81
N ALA C 699 -3.71 44.63 -18.70
CA ALA C 699 -3.78 43.74 -17.55
C ALA C 699 -3.36 44.44 -16.28
N LEU C 700 -2.34 45.30 -16.36
CA LEU C 700 -1.97 46.10 -15.20
C LEU C 700 -2.95 47.23 -14.97
N ALA C 701 -3.66 47.64 -16.02
CA ALA C 701 -4.60 48.75 -15.91
C ALA C 701 -5.79 48.37 -15.04
N GLN C 702 -6.23 47.11 -15.09
CA GLN C 702 -7.32 46.70 -14.22
C GLN C 702 -6.87 46.41 -12.81
N LEU C 703 -5.55 46.32 -12.57
CA LEU C 703 -5.05 45.89 -11.27
C LEU C 703 -5.25 46.97 -10.22
N VAL C 704 -5.42 48.22 -10.65
CA VAL C 704 -5.64 49.31 -9.70
C VAL C 704 -7.01 49.18 -9.04
N ASP C 705 -8.05 48.94 -9.86
CA ASP C 705 -9.41 48.96 -9.37
C ASP C 705 -9.73 47.82 -8.42
N ASP C 706 -9.00 46.71 -8.49
CA ASP C 706 -9.25 45.64 -7.53
C ASP C 706 -8.62 45.96 -6.18
N PHE C 707 -7.77 46.97 -6.13
CA PHE C 707 -7.30 47.54 -4.87
C PHE C 707 -7.94 48.88 -4.56
N THR C 708 -9.11 49.15 -5.14
CA THR C 708 -9.76 50.45 -5.00
C THR C 708 -11.12 50.26 -4.37
N LEU C 709 -11.26 50.66 -3.12
CA LEU C 709 -12.62 50.70 -2.59
C LEU C 709 -13.34 51.92 -3.14
N PRO C 710 -14.54 51.74 -3.69
CA PRO C 710 -15.26 52.86 -4.28
C PRO C 710 -15.78 53.82 -3.22
N GLY C 711 -16.14 55.02 -3.67
CA GLY C 711 -16.63 56.04 -2.79
C GLY C 711 -16.75 57.38 -3.48
N PRO C 712 -16.93 58.44 -2.71
CA PRO C 712 -17.06 59.78 -3.30
C PRO C 712 -15.74 60.31 -3.82
N GLU C 713 -15.76 61.39 -4.58
CA GLU C 713 -14.54 62.07 -4.99
C GLU C 713 -14.04 62.90 -3.83
N LEU C 714 -12.74 62.87 -3.60
CA LEU C 714 -12.10 63.65 -2.56
C LEU C 714 -11.03 64.52 -3.19
N GLY C 715 -11.22 65.83 -3.13
CA GLY C 715 -10.36 66.73 -3.88
C GLY C 715 -10.57 66.59 -5.36
N GLY C 716 -11.75 66.15 -5.78
CA GLY C 716 -12.08 65.99 -7.17
C GLY C 716 -11.53 64.75 -7.83
N GLN C 717 -10.40 64.23 -7.36
CA GLN C 717 -9.79 63.09 -7.99
C GLN C 717 -10.49 61.81 -7.57
N ALA C 718 -10.19 60.73 -8.27
CA ALA C 718 -10.87 59.46 -8.06
C ALA C 718 -10.39 58.81 -6.78
N GLN C 719 -11.11 57.77 -6.36
CA GLN C 719 -10.63 56.92 -5.27
C GLN C 719 -9.35 56.20 -5.67
N ALA C 720 -9.21 55.86 -6.96
CA ALA C 720 -7.96 55.32 -7.44
C ALA C 720 -6.86 56.39 -7.50
N GLU C 721 -7.21 57.61 -7.90
CA GLU C 721 -6.19 58.63 -8.11
C GLU C 721 -5.59 59.12 -6.81
N LEU C 722 -6.30 58.92 -5.71
CA LEU C 722 -5.67 59.10 -4.41
C LEU C 722 -4.92 57.86 -3.99
N ASN C 723 -5.26 56.70 -4.56
CA ASN C 723 -4.71 55.45 -4.07
C ASN C 723 -3.38 55.14 -4.72
N HIS C 724 -3.30 55.30 -6.04
CA HIS C 724 -2.18 54.80 -6.81
C HIS C 724 -1.61 55.92 -7.66
N LEU C 725 -0.33 55.77 -8.00
CA LEU C 725 0.40 56.78 -8.75
C LEU C 725 -0.11 56.94 -10.17
N MET C 726 -0.46 55.84 -10.83
CA MET C 726 -0.66 55.87 -12.27
C MET C 726 -1.98 56.49 -12.67
N ARG C 727 -3.04 56.24 -11.89
CA ARG C 727 -4.30 56.91 -12.18
C ARG C 727 -4.22 58.40 -11.86
N ASP C 728 -3.39 58.78 -10.89
CA ASP C 728 -3.24 60.17 -10.51
C ASP C 728 -2.63 60.98 -11.64
N PRO C 729 -3.23 62.11 -12.01
CA PRO C 729 -2.78 62.82 -13.22
C PRO C 729 -1.53 63.63 -13.00
N ALA C 730 -1.12 63.87 -11.75
CA ALA C 730 0.02 64.73 -11.47
C ALA C 730 1.32 64.10 -11.94
N LEU C 731 1.35 62.79 -12.08
CA LEU C 731 2.39 62.16 -12.87
C LEU C 731 1.93 62.05 -14.32
N LEU C 732 2.79 62.49 -15.23
CA LEU C 732 2.68 62.29 -16.65
C LEU C 732 3.77 61.30 -17.09
N PRO C 733 3.60 60.61 -18.23
CA PRO C 733 4.63 59.65 -18.66
C PRO C 733 5.89 60.37 -19.11
N PRO C 734 7.00 59.66 -19.32
CA PRO C 734 8.21 60.36 -19.74
C PRO C 734 8.21 60.72 -21.21
N LEU C 735 7.37 60.08 -22.02
CA LEU C 735 7.26 60.42 -23.43
C LEU C 735 5.82 60.80 -23.74
N VAL C 736 5.56 62.11 -23.83
CA VAL C 736 4.20 62.65 -23.99
C VAL C 736 4.16 63.33 -25.35
N TRP C 737 3.77 62.60 -26.39
CA TRP C 737 3.72 63.18 -27.72
C TRP C 737 2.57 64.17 -27.87
N ASP C 738 1.50 63.97 -27.13
CA ASP C 738 0.35 64.85 -27.10
C ASP C 738 0.50 65.86 -25.96
N CYS C 739 -0.60 66.55 -25.66
CA CYS C 739 -0.68 67.39 -24.48
C CYS C 739 -1.87 67.03 -23.59
N ASP C 740 -2.31 65.77 -23.61
CA ASP C 740 -3.43 65.32 -22.78
C ASP C 740 -3.06 65.27 -21.30
N GLY C 741 -1.76 65.20 -21.01
CA GLY C 741 -1.33 65.09 -19.62
C GLY C 741 -1.45 66.40 -18.87
N LEU C 742 -1.27 67.53 -19.57
CA LEU C 742 -1.22 68.82 -18.88
C LEU C 742 -2.59 69.49 -18.84
N MET C 743 -3.58 68.93 -19.54
CA MET C 743 -4.94 69.48 -19.52
C MET C 743 -5.57 69.35 -18.14
N ARG C 744 -5.71 68.11 -17.67
CA ARG C 744 -6.26 67.86 -16.34
C ARG C 744 -5.27 68.22 -15.23
N HIS C 745 -3.97 68.33 -15.55
CA HIS C 745 -2.98 68.67 -14.54
C HIS C 745 -3.10 70.12 -14.08
N ALA C 746 -3.27 71.05 -15.04
CA ALA C 746 -3.30 72.47 -14.69
C ALA C 746 -4.66 72.90 -14.16
N ALA C 747 -5.69 72.09 -14.37
CA ALA C 747 -7.04 72.37 -13.86
C ALA C 747 -7.19 71.66 -12.52
N LEU C 748 -6.40 72.08 -11.54
CA LEU C 748 -6.40 71.47 -10.21
C LEU C 748 -6.13 72.53 -9.16
N ASP C 749 -6.72 72.32 -7.98
CA ASP C 749 -6.30 73.09 -6.81
C ASP C 749 -4.96 72.61 -6.27
N ARG C 750 -4.58 71.36 -6.56
CA ARG C 750 -3.30 70.82 -6.12
C ARG C 750 -2.12 71.40 -6.88
N HIS C 751 -2.35 71.91 -8.09
CA HIS C 751 -1.26 72.12 -9.04
C HIS C 751 -0.34 73.24 -8.61
N ARG C 752 0.80 72.85 -8.04
CA ARG C 752 1.92 73.75 -7.78
C ARG C 752 2.55 74.01 -9.16
N ASP C 753 3.29 75.13 -9.26
CA ASP C 753 3.70 75.69 -10.54
C ASP C 753 4.62 74.79 -11.35
N CYS C 754 4.32 74.63 -12.63
CA CYS C 754 5.17 73.90 -13.57
C CYS C 754 5.96 74.92 -14.36
N ARG C 755 7.14 74.50 -14.82
CA ARG C 755 8.02 75.40 -15.56
C ARG C 755 8.44 74.71 -16.85
N ILE C 756 8.31 75.43 -17.97
CA ILE C 756 8.65 74.91 -19.29
C ILE C 756 10.02 75.47 -19.66
N ASP C 757 10.74 74.74 -20.50
CA ASP C 757 12.10 75.13 -20.87
C ASP C 757 12.08 76.23 -21.93
N ALA C 758 11.83 77.46 -21.47
CA ALA C 758 11.72 78.61 -22.36
C ALA C 758 11.95 79.90 -21.60
N GLY C 759 11.76 81.04 -22.27
CA GLY C 759 11.83 82.31 -21.59
C GLY C 759 10.63 82.58 -20.71
N GLY C 760 9.44 82.27 -21.22
CA GLY C 760 8.24 82.35 -20.42
C GLY C 760 7.84 80.99 -19.89
N HIS C 761 7.77 80.86 -18.56
CA HIS C 761 7.52 79.55 -17.95
C HIS C 761 6.08 79.11 -18.14
N GLU C 762 5.17 80.06 -18.36
CA GLU C 762 3.76 79.73 -18.60
C GLU C 762 3.62 79.14 -19.99
N PRO C 763 2.96 78.00 -20.15
CA PRO C 763 2.89 77.35 -21.45
C PRO C 763 1.83 77.96 -22.35
N VAL C 764 2.01 77.74 -23.65
CA VAL C 764 1.03 78.16 -24.66
C VAL C 764 1.01 77.08 -25.72
N TYR C 765 -0.15 76.88 -26.34
CA TYR C 765 -0.37 75.76 -27.25
C TYR C 765 -0.66 76.26 -28.67
N ALA C 766 -0.66 75.30 -29.60
CA ALA C 766 -0.91 75.58 -31.00
C ALA C 766 -1.94 74.57 -31.52
N ALA C 767 -2.76 75.01 -32.47
CA ALA C 767 -3.81 74.14 -33.00
C ALA C 767 -3.22 73.06 -33.91
N ALA C 768 -2.44 73.47 -34.90
CA ALA C 768 -1.85 72.54 -35.85
C ALA C 768 -0.41 72.94 -36.13
N CYS C 769 0.28 72.13 -36.93
CA CYS C 769 1.65 72.41 -37.33
C CYS C 769 1.79 72.08 -38.81
N ASN C 770 2.46 72.97 -39.55
CA ASN C 770 2.58 72.85 -41.00
C ASN C 770 4.00 73.21 -41.40
N VAL C 771 4.20 73.45 -42.70
CA VAL C 771 5.53 73.76 -43.21
C VAL C 771 5.90 75.21 -42.88
N ALA C 772 4.89 76.05 -42.62
CA ALA C 772 5.15 77.45 -42.27
C ALA C 772 4.90 77.72 -40.80
N THR C 773 4.09 76.87 -40.15
CA THR C 773 3.80 77.03 -38.73
C THR C 773 4.99 76.58 -37.89
N ALA C 774 5.76 75.61 -38.38
CA ALA C 774 6.85 75.02 -37.61
C ALA C 774 8.03 75.98 -37.52
N ASP C 775 8.28 76.46 -36.30
CA ASP C 775 9.50 77.22 -35.98
C ASP C 775 10.40 76.26 -35.20
N PHE C 776 11.46 75.79 -35.85
CA PHE C 776 12.23 74.65 -35.33
C PHE C 776 13.03 74.98 -34.08
N ASN C 777 13.32 76.25 -33.82
CA ASN C 777 14.03 76.66 -32.62
C ASN C 777 13.33 77.88 -32.03
N ARG C 778 12.63 77.68 -30.92
CA ARG C 778 11.86 78.75 -30.30
C ARG C 778 11.92 78.58 -28.79
N ASN C 779 11.73 79.69 -28.08
CA ASN C 779 11.81 79.70 -26.63
C ASN C 779 10.70 80.53 -26.02
N ASP C 780 9.49 80.41 -26.55
CA ASP C 780 8.34 81.08 -25.96
C ASP C 780 7.41 80.14 -25.20
N GLY C 781 7.68 78.84 -25.22
CA GLY C 781 6.88 77.87 -24.49
C GLY C 781 5.79 77.21 -25.29
N ARG C 782 6.08 76.81 -26.52
CA ARG C 782 5.09 76.20 -27.39
C ARG C 782 5.23 74.67 -27.36
N LEU C 783 4.09 74.00 -27.28
CA LEU C 783 4.06 72.54 -27.23
C LEU C 783 3.10 72.01 -28.31
N LEU C 784 3.19 70.71 -28.57
CA LEU C 784 2.44 70.08 -29.65
C LEU C 784 1.34 69.17 -29.06
N HIS C 785 0.09 69.57 -29.26
CA HIS C 785 -1.03 68.70 -28.92
C HIS C 785 -1.44 67.80 -30.08
N ASN C 786 -1.01 68.13 -31.31
CA ASN C 786 -1.53 67.51 -32.52
C ASN C 786 -0.97 66.10 -32.71
N THR C 787 -1.55 65.14 -31.98
CA THR C 787 -1.34 63.72 -32.29
C THR C 787 -2.68 63.00 -32.48
N GLN C 788 -3.78 63.74 -32.61
CA GLN C 788 -5.10 63.12 -32.68
C GLN C 788 -5.36 62.59 -34.09
N ALA C 789 -6.56 62.04 -34.28
CA ALA C 789 -6.94 61.53 -35.59
C ALA C 789 -7.24 62.67 -36.56
N ARG C 790 -8.22 63.50 -36.24
CA ARG C 790 -8.78 64.46 -37.18
C ARG C 790 -7.84 65.64 -37.40
N ALA C 791 -7.62 65.96 -38.67
CA ALA C 791 -6.88 67.17 -39.02
C ALA C 791 -7.80 68.37 -39.15
N ALA C 792 -9.06 68.14 -39.58
CA ALA C 792 -10.02 69.22 -39.70
C ALA C 792 -10.70 69.53 -38.37
N ASP C 793 -10.82 68.55 -37.48
CA ASP C 793 -11.42 68.73 -36.16
C ASP C 793 -10.33 68.57 -35.11
N ALA C 794 -9.58 69.65 -34.88
CA ALA C 794 -8.53 69.66 -33.87
C ALA C 794 -9.08 70.25 -32.57
N ALA C 795 -8.20 70.39 -31.59
CA ALA C 795 -8.57 71.02 -30.33
C ALA C 795 -7.32 71.62 -29.69
N ASP C 796 -7.54 72.65 -28.88
CA ASP C 796 -6.47 73.32 -28.16
C ASP C 796 -6.56 73.06 -26.67
N ASP C 797 -7.76 72.82 -26.15
CA ASP C 797 -7.98 72.52 -24.74
C ASP C 797 -8.65 71.17 -24.53
N ARG C 798 -9.50 70.76 -25.46
CA ARG C 798 -10.30 69.56 -25.30
C ARG C 798 -9.47 68.31 -25.57
N PRO C 799 -9.51 67.31 -24.69
CA PRO C 799 -8.85 66.04 -24.99
C PRO C 799 -9.68 65.20 -25.95
N HIS C 800 -8.99 64.32 -26.69
CA HIS C 800 -9.63 63.40 -27.62
C HIS C 800 -9.56 61.97 -27.11
N ARG C 801 -8.40 61.58 -26.58
CA ARG C 801 -8.10 60.22 -26.24
C ARG C 801 -8.84 59.81 -24.96
N PRO C 802 -8.97 58.47 -24.68
CA PRO C 802 -9.49 58.06 -23.37
C PRO C 802 -8.58 58.47 -22.22
N ALA C 803 -9.14 58.53 -21.01
CA ALA C 803 -8.33 58.71 -19.82
C ALA C 803 -7.37 57.54 -19.66
N ASP C 804 -7.79 56.35 -20.12
CA ASP C 804 -6.97 55.16 -20.26
C ASP C 804 -5.72 55.37 -21.09
N TRP C 805 -5.74 56.28 -22.07
CA TRP C 805 -4.70 56.32 -23.08
C TRP C 805 -3.40 56.87 -22.52
N THR C 806 -3.50 57.94 -21.73
CA THR C 806 -2.35 58.43 -21.00
C THR C 806 -1.88 57.43 -19.97
N VAL C 807 -2.82 56.70 -19.35
CA VAL C 807 -2.49 55.77 -18.27
C VAL C 807 -1.69 54.60 -18.80
N HIS C 808 -2.09 54.05 -19.96
CA HIS C 808 -1.34 52.98 -20.59
C HIS C 808 0.10 53.38 -20.93
N HIS C 809 0.32 54.62 -21.38
CA HIS C 809 1.67 55.10 -21.59
C HIS C 809 2.43 55.26 -20.29
N LYS C 810 1.73 55.71 -19.24
CA LYS C 810 2.32 55.69 -17.90
C LYS C 810 2.60 54.27 -17.46
N ILE C 811 1.69 53.34 -17.80
CA ILE C 811 1.94 51.93 -17.52
C ILE C 811 3.09 51.41 -18.37
N TYR C 812 3.21 51.91 -19.60
CA TYR C 812 4.22 51.37 -20.50
C TYR C 812 5.62 51.79 -20.09
N TYR C 813 5.87 53.09 -20.00
CA TYR C 813 7.25 53.53 -19.88
C TYR C 813 7.80 53.32 -18.48
N TYR C 814 6.96 53.46 -17.46
CA TYR C 814 7.50 53.25 -16.13
C TYR C 814 7.59 51.77 -15.78
N VAL C 815 6.59 50.99 -16.17
CA VAL C 815 6.44 49.68 -15.57
C VAL C 815 6.91 48.58 -16.53
N LEU C 816 6.66 48.74 -17.82
CA LEU C 816 7.15 47.72 -18.74
C LEU C 816 8.62 47.91 -19.06
N VAL C 817 9.03 49.17 -19.27
CA VAL C 817 10.28 49.43 -19.99
C VAL C 817 11.53 49.04 -19.23
N PRO C 818 11.76 49.47 -17.96
CA PRO C 818 12.97 48.98 -17.28
C PRO C 818 12.93 47.49 -16.96
N ALA C 819 11.73 46.91 -16.92
CA ALA C 819 11.61 45.46 -16.77
C ALA C 819 12.05 44.74 -18.04
N PHE C 820 12.01 45.44 -19.19
CA PHE C 820 12.60 44.88 -20.39
C PHE C 820 13.98 45.46 -20.66
N SER C 821 14.11 46.79 -20.60
CA SER C 821 15.33 47.44 -21.08
C SER C 821 16.50 47.18 -20.15
N ARG C 822 16.22 46.90 -18.87
CA ARG C 822 17.19 46.50 -17.86
C ARG C 822 18.27 47.57 -17.69
N GLY C 823 17.84 48.77 -17.30
CA GLY C 823 18.74 49.85 -16.96
C GLY C 823 19.42 50.54 -18.12
N ARG C 824 19.98 49.79 -19.05
CA ARG C 824 20.75 50.35 -20.16
C ARG C 824 19.79 50.90 -21.20
N CYS C 825 19.20 52.05 -20.89
CA CYS C 825 18.27 52.71 -21.79
C CYS C 825 18.17 54.17 -21.40
N CYS C 826 17.83 55.03 -22.36
CA CYS C 826 17.73 56.44 -22.08
C CYS C 826 16.87 57.09 -23.14
N THR C 827 15.85 57.81 -22.71
CA THR C 827 15.12 58.67 -23.63
C THR C 827 15.99 59.87 -24.01
N ALA C 828 15.63 60.54 -25.09
CA ALA C 828 16.54 61.51 -25.67
C ALA C 828 15.78 62.69 -26.21
N GLY C 829 16.44 63.85 -26.23
CA GLY C 829 15.90 65.01 -26.89
C GLY C 829 16.23 65.03 -28.38
N VAL C 830 15.20 65.25 -29.19
CA VAL C 830 15.26 65.02 -30.63
C VAL C 830 15.42 66.36 -31.35
N ARG C 831 16.45 66.43 -32.19
CA ARG C 831 16.68 67.57 -33.08
C ARG C 831 15.81 67.37 -34.32
N PHE C 832 14.58 67.87 -34.28
CA PHE C 832 13.67 67.67 -35.41
C PHE C 832 14.06 68.49 -36.62
N ASP C 833 14.91 69.50 -36.45
CA ASP C 833 15.48 70.18 -37.61
C ASP C 833 16.47 69.28 -38.34
N ARG C 834 17.08 68.34 -37.62
CA ARG C 834 18.01 67.41 -38.25
C ARG C 834 17.29 66.15 -38.73
N VAL C 835 16.14 65.82 -38.15
CA VAL C 835 15.39 64.63 -38.55
C VAL C 835 14.75 64.85 -39.92
N TYR C 836 14.00 65.94 -40.05
CA TYR C 836 13.23 66.17 -41.29
C TYR C 836 14.09 66.76 -42.39
N ALA C 837 15.37 67.05 -42.10
CA ALA C 837 16.30 67.43 -43.15
C ALA C 837 16.76 66.21 -43.95
N THR C 838 16.83 65.06 -43.29
CA THR C 838 17.45 63.87 -43.85
C THR C 838 16.45 62.81 -44.31
N LEU C 839 15.20 62.88 -43.85
CA LEU C 839 14.20 61.91 -44.29
C LEU C 839 13.80 62.13 -45.74
N GLN C 840 13.64 63.40 -46.12
CA GLN C 840 13.22 63.77 -47.48
C GLN C 840 14.45 63.98 -48.35
N ASN C 841 15.26 62.93 -48.45
CA ASN C 841 16.48 62.97 -49.26
C ASN C 841 16.61 61.61 -49.95
N MET C 842 15.99 61.46 -51.11
CA MET C 842 15.87 60.14 -51.73
C MET C 842 16.03 60.26 -53.24
N VAL C 843 16.35 59.14 -53.87
CA VAL C 843 16.49 59.05 -55.33
C VAL C 843 15.50 58.00 -55.81
N VAL C 844 14.41 58.46 -56.40
CA VAL C 844 13.38 57.55 -56.92
C VAL C 844 13.40 57.60 -58.44
N PRO C 845 13.89 56.55 -59.10
CA PRO C 845 13.89 56.55 -60.57
C PRO C 845 12.49 56.36 -61.13
N GLU C 846 12.23 57.01 -62.25
CA GLU C 846 10.94 56.88 -62.92
C GLU C 846 10.84 55.52 -63.59
N ILE C 847 9.73 54.82 -63.32
CA ILE C 847 9.50 53.49 -63.87
C ILE C 847 9.11 53.63 -65.34
N ALA C 848 9.45 52.62 -66.14
CA ALA C 848 9.11 52.65 -67.55
C ALA C 848 7.62 52.39 -67.74
N PRO C 849 7.00 52.96 -68.78
CA PRO C 849 5.60 52.62 -69.06
C PRO C 849 5.45 51.18 -69.51
N GLY C 850 4.67 50.42 -68.75
CA GLY C 850 4.51 49.00 -68.97
C GLY C 850 5.30 48.12 -68.03
N GLU C 851 6.23 48.68 -67.25
CA GLU C 851 7.02 47.91 -66.31
C GLU C 851 6.32 47.88 -64.95
N GLU C 852 6.50 46.78 -64.23
CA GLU C 852 5.85 46.59 -62.95
C GLU C 852 6.67 47.21 -61.82
N CYS C 853 6.20 47.00 -60.59
CA CYS C 853 6.88 47.53 -59.42
C CYS C 853 8.15 46.73 -59.15
N PRO C 854 9.24 47.38 -58.74
CA PRO C 854 10.47 46.65 -58.39
C PRO C 854 10.26 45.80 -57.15
N SER C 855 10.52 44.49 -57.29
CA SER C 855 10.29 43.55 -56.20
C SER C 855 11.55 43.31 -55.39
N ASP C 856 12.69 43.07 -56.06
CA ASP C 856 13.93 42.72 -55.39
C ASP C 856 14.94 43.86 -55.54
N PRO C 857 15.59 44.29 -54.46
CA PRO C 857 16.58 45.37 -54.58
C PRO C 857 17.94 44.90 -55.09
N VAL C 858 18.13 43.60 -55.29
CA VAL C 858 19.43 43.09 -55.73
C VAL C 858 19.53 43.08 -57.26
N THR C 859 18.47 42.63 -57.94
CA THR C 859 18.49 42.44 -59.39
C THR C 859 18.02 43.68 -60.14
N ASP C 860 16.85 44.19 -59.79
CA ASP C 860 16.22 45.26 -60.55
C ASP C 860 16.90 46.60 -60.26
N PRO C 861 17.46 47.28 -61.27
CA PRO C 861 18.10 48.59 -61.00
C PRO C 861 17.12 49.72 -60.78
N ALA C 862 15.83 49.53 -61.09
CA ALA C 862 14.83 50.56 -60.84
C ALA C 862 14.41 50.65 -59.38
N HIS C 863 14.86 49.72 -58.54
CA HIS C 863 14.54 49.77 -57.12
C HIS C 863 15.37 50.87 -56.46
N PRO C 864 14.80 51.65 -55.54
CA PRO C 864 15.55 52.76 -54.94
C PRO C 864 16.66 52.33 -54.00
N LEU C 865 16.64 51.08 -53.52
CA LEU C 865 17.73 50.55 -52.71
C LEU C 865 18.72 49.72 -53.51
N HIS C 866 18.69 49.80 -54.84
CA HIS C 866 19.70 49.15 -55.65
C HIS C 866 21.01 49.93 -55.52
N PRO C 867 22.17 49.27 -55.57
CA PRO C 867 23.44 49.99 -55.43
C PRO C 867 23.76 50.98 -56.54
N ALA C 868 23.06 50.94 -57.67
CA ALA C 868 23.14 52.05 -58.62
C ALA C 868 22.41 53.28 -58.10
N ASN C 869 21.44 53.09 -57.20
CA ASN C 869 20.66 54.18 -56.62
C ASN C 869 21.09 54.51 -55.19
N LEU C 870 22.06 53.81 -54.63
CA LEU C 870 22.56 54.10 -53.29
C LEU C 870 23.60 55.21 -53.39
N VAL C 871 23.25 56.40 -52.92
CA VAL C 871 24.08 57.57 -53.07
C VAL C 871 24.62 57.92 -51.68
N ALA C 872 25.64 58.77 -51.64
CA ALA C 872 26.07 59.34 -50.37
C ALA C 872 25.02 60.30 -49.82
N ASN C 873 24.79 60.22 -48.51
CA ASN C 873 23.98 61.15 -47.72
C ASN C 873 22.52 61.20 -48.17
N THR C 874 21.96 60.04 -48.56
CA THR C 874 20.55 59.94 -48.88
C THR C 874 19.84 59.02 -47.87
N VAL C 875 18.52 58.88 -48.04
CA VAL C 875 17.76 58.17 -47.01
C VAL C 875 17.58 56.69 -47.35
N LYS C 876 17.54 56.32 -48.63
CA LYS C 876 17.35 54.90 -48.94
C LYS C 876 18.64 54.09 -48.81
N ARG C 877 19.80 54.75 -48.73
CA ARG C 877 21.00 54.07 -48.27
C ARG C 877 20.95 53.82 -46.76
N MET C 878 20.22 54.67 -46.03
CA MET C 878 20.01 54.43 -44.60
C MET C 878 19.01 53.29 -44.40
N PHE C 879 18.15 53.05 -45.39
CA PHE C 879 17.31 51.84 -45.37
C PHE C 879 18.09 50.59 -45.76
N HIS C 880 19.38 50.72 -46.11
CA HIS C 880 20.24 49.56 -46.22
C HIS C 880 21.29 49.54 -45.10
N ASN C 881 21.49 50.69 -44.45
CA ASN C 881 22.34 50.72 -43.25
C ASN C 881 21.69 49.93 -42.13
N GLY C 882 20.38 50.01 -42.03
CA GLY C 882 19.61 49.00 -41.33
C GLY C 882 18.82 48.22 -42.37
N ARG C 883 19.06 46.92 -42.47
CA ARG C 883 18.61 46.16 -43.63
C ARG C 883 17.09 45.99 -43.65
N VAL C 884 16.44 46.86 -44.43
CA VAL C 884 14.99 46.89 -44.59
C VAL C 884 14.69 47.09 -46.07
N VAL C 885 13.99 46.13 -46.67
CA VAL C 885 13.66 46.18 -48.09
C VAL C 885 12.29 46.85 -48.25
N VAL C 886 12.31 48.10 -48.70
CA VAL C 886 11.10 48.85 -48.98
C VAL C 886 11.19 49.38 -50.40
N ASP C 887 10.17 49.06 -51.21
CA ASP C 887 10.14 49.45 -52.61
C ASP C 887 9.74 50.91 -52.78
N GLY C 888 9.47 51.26 -54.03
CA GLY C 888 9.18 52.62 -54.45
C GLY C 888 7.99 53.31 -53.81
N PRO C 889 6.76 52.86 -54.12
CA PRO C 889 5.59 53.60 -53.65
C PRO C 889 5.27 53.45 -52.17
N ALA C 890 5.97 52.57 -51.45
CA ALA C 890 5.71 52.43 -50.01
C ALA C 890 6.33 53.59 -49.23
N MET C 891 7.54 54.00 -49.61
CA MET C 891 8.16 55.17 -49.01
C MET C 891 7.71 56.47 -49.67
N LEU C 892 6.86 56.41 -50.69
CA LEU C 892 6.41 57.60 -51.39
C LEU C 892 5.39 58.39 -50.58
N THR C 893 4.80 57.78 -49.55
CA THR C 893 3.85 58.47 -48.67
C THR C 893 4.54 59.25 -47.56
N LEU C 894 5.82 59.60 -47.72
CA LEU C 894 6.51 60.41 -46.72
C LEU C 894 6.18 61.89 -46.87
N GLN C 895 5.41 62.25 -47.90
CA GLN C 895 4.95 63.63 -48.12
C GLN C 895 3.90 64.09 -47.11
N VAL C 896 3.39 63.19 -46.26
CA VAL C 896 2.39 63.56 -45.26
C VAL C 896 3.06 64.26 -44.09
N LEU C 897 4.39 64.23 -44.02
CA LEU C 897 5.13 64.97 -43.00
C LEU C 897 5.00 66.48 -43.20
N ALA C 898 4.70 66.91 -44.43
CA ALA C 898 4.38 68.32 -44.67
C ALA C 898 3.07 68.71 -44.02
N HIS C 899 2.17 67.75 -43.79
CA HIS C 899 0.91 68.05 -43.13
C HIS C 899 1.06 68.06 -41.62
N ASN C 900 1.92 67.19 -41.07
CA ASN C 900 2.11 67.07 -39.63
C ASN C 900 3.57 66.77 -39.36
N MET C 901 4.21 67.57 -38.50
CA MET C 901 5.60 67.36 -38.14
C MET C 901 5.81 67.80 -36.70
N ALA C 902 7.09 67.84 -36.28
CA ALA C 902 7.50 68.34 -34.98
C ALA C 902 8.63 69.33 -35.19
N GLU C 903 8.78 70.28 -34.25
CA GLU C 903 9.79 71.32 -34.42
C GLU C 903 11.03 71.07 -33.57
N ARG C 904 10.84 70.61 -32.32
CA ARG C 904 11.93 70.48 -31.37
C ARG C 904 11.44 69.65 -30.19
N THR C 905 12.30 69.53 -29.18
CA THR C 905 11.96 68.97 -27.89
C THR C 905 12.01 70.06 -26.84
N THR C 906 11.38 69.81 -25.69
CA THR C 906 11.32 70.79 -24.62
C THR C 906 11.35 70.05 -23.28
N ALA C 907 12.19 70.53 -22.35
CA ALA C 907 12.24 69.96 -21.02
C ALA C 907 10.98 70.34 -20.24
N LEU C 908 10.36 69.35 -19.60
CA LEU C 908 9.11 69.53 -18.87
C LEU C 908 9.33 69.13 -17.42
N LEU C 909 9.43 70.13 -16.54
CA LEU C 909 9.61 69.92 -15.12
C LEU C 909 8.41 70.50 -14.39
N CYS C 910 7.45 69.65 -14.05
CA CYS C 910 6.26 70.05 -13.31
C CYS C 910 6.38 69.59 -11.87
N SER C 911 5.91 70.41 -10.94
CA SER C 911 5.90 70.09 -9.53
C SER C 911 4.55 69.45 -9.16
N ALA C 912 4.58 68.65 -8.10
CA ALA C 912 3.37 67.95 -7.65
C ALA C 912 3.29 68.02 -6.14
N ALA C 913 2.07 68.18 -5.64
CA ALA C 913 1.78 68.51 -4.26
C ALA C 913 1.15 67.32 -3.56
N PRO C 914 1.09 67.31 -2.23
CA PRO C 914 0.27 66.32 -1.54
C PRO C 914 -1.20 66.45 -1.88
N ASP C 915 -1.80 65.30 -2.20
CA ASP C 915 -3.23 65.23 -2.49
C ASP C 915 -4.02 65.06 -1.21
N ALA C 916 -5.29 64.68 -1.39
CA ALA C 916 -6.20 64.48 -0.26
C ALA C 916 -5.70 63.37 0.64
N GLY C 917 -5.69 63.64 1.94
CA GLY C 917 -5.09 62.74 2.89
C GLY C 917 -3.64 63.10 3.16
N ALA C 918 -2.84 63.18 2.10
CA ALA C 918 -1.44 63.53 2.22
C ALA C 918 -1.24 65.01 2.57
N ASN C 919 -2.25 65.84 2.40
CA ASN C 919 -2.12 67.28 2.57
C ASN C 919 -2.68 67.70 3.91
N THR C 920 -1.79 67.93 4.87
CA THR C 920 -2.10 68.65 6.09
C THR C 920 -1.27 69.92 6.10
N ALA C 921 -1.26 70.57 7.25
CA ALA C 921 -0.55 71.84 7.39
C ALA C 921 0.95 71.70 7.17
N SER C 922 1.57 70.67 7.75
CA SER C 922 3.01 70.50 7.62
C SER C 922 3.44 70.13 6.21
N THR C 923 2.69 69.29 5.52
CA THR C 923 3.06 68.85 4.17
C THR C 923 2.74 69.87 3.10
N ALA C 924 2.32 71.08 3.48
CA ALA C 924 2.16 72.12 2.48
C ALA C 924 3.50 72.65 1.98
N ASN C 925 4.61 72.23 2.57
CA ASN C 925 5.95 72.61 2.13
C ASN C 925 6.70 71.49 1.43
N MET C 926 6.01 70.63 0.68
CA MET C 926 6.71 69.59 -0.07
C MET C 926 6.24 69.58 -1.52
N ARG C 927 7.19 69.52 -2.44
CA ARG C 927 6.95 69.45 -3.87
C ARG C 927 7.40 68.09 -4.38
N ILE C 928 6.90 67.70 -5.55
CA ILE C 928 7.38 66.52 -6.26
C ILE C 928 7.66 66.94 -7.69
N PHE C 929 8.92 67.12 -8.04
CA PHE C 929 9.28 67.57 -9.38
C PHE C 929 9.42 66.36 -10.30
N ASP C 930 8.40 66.14 -11.14
CA ASP C 930 8.41 65.09 -12.16
C ASP C 930 9.11 65.62 -13.39
N GLY C 931 10.17 64.96 -13.81
CA GLY C 931 10.93 65.40 -14.97
C GLY C 931 10.70 64.53 -16.20
N ALA C 932 10.52 65.20 -17.34
CA ALA C 932 10.28 64.53 -18.61
C ALA C 932 10.56 65.47 -19.76
N LEU C 933 10.68 64.89 -20.96
CA LEU C 933 10.74 65.65 -22.19
C LEU C 933 9.41 65.55 -22.93
N HIS C 934 9.15 66.55 -23.78
CA HIS C 934 7.88 66.55 -24.51
C HIS C 934 7.93 65.60 -25.71
N ALA C 935 8.77 65.91 -26.69
CA ALA C 935 8.88 65.10 -27.89
C ALA C 935 10.21 64.34 -27.84
N GLY C 936 10.22 63.22 -27.13
CA GLY C 936 11.42 62.45 -26.92
C GLY C 936 11.29 61.01 -27.39
N VAL C 937 12.45 60.41 -27.69
CA VAL C 937 12.53 59.05 -28.25
C VAL C 937 13.42 58.21 -27.35
N LEU C 938 12.91 57.03 -26.97
CA LEU C 938 13.64 56.07 -26.16
C LEU C 938 14.54 55.21 -27.04
N LEU C 939 15.85 55.28 -26.80
CA LEU C 939 16.82 54.44 -27.51
C LEU C 939 17.01 53.16 -26.73
N MET C 940 16.82 52.03 -27.40
CA MET C 940 16.89 50.76 -26.69
C MET C 940 18.33 50.40 -26.37
N ALA C 941 19.16 50.20 -27.38
CA ALA C 941 20.56 49.93 -27.16
C ALA C 941 21.39 51.04 -27.79
N PRO C 942 22.14 51.83 -27.02
CA PRO C 942 23.05 52.79 -27.67
C PRO C 942 24.29 52.05 -28.18
N GLN C 943 24.27 51.79 -29.48
CA GLN C 943 25.42 51.23 -30.17
C GLN C 943 26.51 52.29 -30.15
N HIS C 944 27.53 52.07 -29.35
CA HIS C 944 28.60 53.05 -29.21
C HIS C 944 29.93 52.53 -29.72
N LEU C 945 29.98 51.29 -30.20
CA LEU C 945 31.17 50.82 -30.90
C LEU C 945 30.97 50.83 -32.39
N ASP C 946 30.17 51.77 -32.89
CA ASP C 946 30.14 52.17 -34.28
C ASP C 946 30.16 53.68 -34.41
N HIS C 947 30.83 54.17 -35.43
CA HIS C 947 30.70 55.56 -35.85
C HIS C 947 30.07 55.53 -37.24
N THR C 948 28.75 55.39 -37.31
CA THR C 948 28.07 55.35 -38.59
C THR C 948 27.57 56.75 -38.92
N ILE C 949 26.98 57.41 -37.94
CA ILE C 949 26.62 58.82 -38.00
C ILE C 949 27.41 59.50 -36.90
N GLN C 950 27.38 60.84 -36.85
CA GLN C 950 28.03 61.60 -35.79
C GLN C 950 27.42 61.26 -34.44
N ASN C 951 28.26 61.21 -33.41
CA ASN C 951 27.81 60.86 -32.06
C ASN C 951 26.94 61.98 -31.50
N GLY C 952 25.77 61.61 -31.00
CA GLY C 952 24.81 62.58 -30.48
C GLY C 952 24.26 63.53 -31.52
N GLU C 953 23.67 63.01 -32.59
CA GLU C 953 23.31 63.85 -33.73
C GLU C 953 21.79 64.12 -33.69
N TYR C 954 20.98 63.07 -33.50
CA TYR C 954 19.56 63.27 -33.29
C TYR C 954 19.22 63.11 -31.83
N PHE C 955 20.05 62.36 -31.11
CA PHE C 955 19.72 61.89 -29.77
C PHE C 955 20.90 62.15 -28.84
N TYR C 956 20.96 63.35 -28.28
CA TYR C 956 21.84 63.64 -27.16
C TYR C 956 21.20 63.08 -25.89
N VAL C 957 21.93 63.12 -24.78
CA VAL C 957 21.76 62.13 -23.73
C VAL C 957 20.51 62.37 -22.88
N LEU C 958 20.43 63.48 -22.08
CA LEU C 958 19.31 63.92 -21.23
C LEU C 958 18.44 62.84 -20.58
N PRO C 959 18.94 62.12 -19.58
CA PRO C 959 18.08 61.16 -18.86
C PRO C 959 16.97 61.86 -18.09
N VAL C 960 15.71 61.59 -18.48
CA VAL C 960 14.56 62.25 -17.86
C VAL C 960 14.34 61.72 -16.46
N HIS C 961 14.86 60.53 -16.19
CA HIS C 961 14.73 59.89 -14.91
C HIS C 961 15.86 58.89 -14.78
N ALA C 962 16.18 58.52 -13.54
CA ALA C 962 17.24 57.56 -13.28
C ALA C 962 16.92 56.18 -13.82
N LEU C 963 15.64 55.88 -14.02
CA LEU C 963 15.24 54.72 -14.80
C LEU C 963 15.70 54.83 -16.24
N PHE C 964 15.52 56.00 -16.85
CA PHE C 964 15.89 56.22 -18.24
C PHE C 964 17.26 56.89 -18.30
N ALA C 965 18.24 56.29 -17.64
CA ALA C 965 19.61 56.79 -17.66
C ALA C 965 20.52 55.67 -18.11
N GLY C 966 20.75 55.58 -19.42
CA GLY C 966 21.62 54.56 -19.96
C GLY C 966 23.06 54.82 -19.56
N ALA C 967 23.63 53.88 -18.82
CA ALA C 967 25.05 53.96 -18.48
C ALA C 967 25.90 53.83 -19.74
N ASP C 968 25.40 53.09 -20.74
CA ASP C 968 26.08 53.09 -22.03
C ASP C 968 25.69 54.29 -22.88
N HIS C 969 24.59 54.97 -22.54
CA HIS C 969 24.38 56.29 -23.12
C HIS C 969 25.34 57.30 -22.53
N VAL C 970 25.36 57.39 -21.19
CA VAL C 970 26.04 58.50 -20.52
C VAL C 970 27.55 58.39 -20.66
N ALA C 971 28.11 57.18 -20.55
CA ALA C 971 29.56 57.05 -20.62
C ALA C 971 30.08 57.04 -22.05
N ASN C 972 29.26 57.44 -23.02
CA ASN C 972 29.62 57.46 -24.42
C ASN C 972 29.22 58.75 -25.13
N ALA C 973 29.25 59.88 -24.42
CA ALA C 973 28.83 61.19 -24.93
C ALA C 973 29.88 61.75 -25.89
N PRO C 974 29.52 62.72 -26.75
CA PRO C 974 30.57 63.41 -27.53
C PRO C 974 31.53 64.21 -26.67
N ASN C 975 31.07 64.71 -25.52
CA ASN C 975 31.92 65.42 -24.57
C ASN C 975 31.62 64.85 -23.19
N PHE C 976 32.61 64.19 -22.59
CA PHE C 976 32.46 63.53 -21.30
C PHE C 976 33.73 63.76 -20.49
N PRO C 977 33.63 64.13 -19.22
CA PRO C 977 34.83 64.44 -18.42
C PRO C 977 35.68 63.21 -18.18
N PRO C 978 36.99 63.37 -17.95
CA PRO C 978 37.87 62.18 -17.84
C PRO C 978 37.76 61.45 -16.51
N ALA C 979 37.23 62.08 -15.46
CA ALA C 979 37.21 61.43 -14.15
C ALA C 979 36.02 60.49 -13.99
N LEU C 980 34.89 60.79 -14.59
CA LEU C 980 33.69 59.98 -14.39
C LEU C 980 33.59 58.84 -15.38
N ARG C 981 34.71 58.36 -15.90
CA ARG C 981 34.69 57.17 -16.75
C ARG C 981 34.30 55.94 -15.94
N ASP C 982 34.65 55.92 -14.67
CA ASP C 982 34.32 54.78 -13.84
C ASP C 982 33.03 55.02 -13.06
N LEU C 983 32.88 56.21 -12.48
CA LEU C 983 31.85 56.41 -11.47
C LEU C 983 30.48 56.66 -12.09
N ALA C 984 30.43 56.95 -13.40
CA ALA C 984 29.14 57.17 -14.05
C ALA C 984 28.35 55.87 -14.23
N ARG C 985 28.97 54.71 -14.00
CA ARG C 985 28.23 53.47 -14.08
C ARG C 985 27.48 53.20 -12.78
N ASP C 986 28.02 53.67 -11.66
CA ASP C 986 27.31 53.64 -10.40
C ASP C 986 26.13 54.60 -10.39
N VAL C 987 26.30 55.76 -11.00
CA VAL C 987 25.40 56.89 -10.83
C VAL C 987 24.55 57.03 -12.08
N PRO C 988 23.24 56.94 -11.97
CA PRO C 988 22.38 57.38 -13.07
C PRO C 988 22.33 58.90 -13.14
N LEU C 989 23.25 59.50 -13.90
CA LEU C 989 23.40 60.95 -13.98
C LEU C 989 22.15 61.57 -14.58
N VAL C 990 21.34 62.22 -13.75
CA VAL C 990 20.11 62.86 -14.18
C VAL C 990 20.16 64.32 -13.73
N PRO C 991 20.08 65.29 -14.66
CA PRO C 991 20.17 66.70 -14.28
C PRO C 991 18.92 67.17 -13.58
N PRO C 992 19.04 68.05 -12.59
CA PRO C 992 17.85 68.47 -11.81
C PRO C 992 16.92 69.40 -12.57
N ALA C 993 17.31 69.89 -13.76
CA ALA C 993 16.35 70.55 -14.63
C ALA C 993 15.33 69.56 -15.17
N LEU C 994 15.73 68.30 -15.35
CA LEU C 994 14.83 67.20 -15.67
C LEU C 994 14.46 66.38 -14.44
N GLY C 995 14.47 66.96 -13.27
CA GLY C 995 14.12 66.26 -12.04
C GLY C 995 15.34 65.76 -11.30
N ALA C 996 15.29 65.93 -9.99
CA ALA C 996 16.35 65.48 -9.10
C ALA C 996 16.04 64.08 -8.61
N ASN C 997 17.03 63.50 -7.92
CA ASN C 997 16.86 62.15 -7.40
C ASN C 997 15.81 62.14 -6.31
N TYR C 998 15.80 63.16 -5.47
CA TYR C 998 14.96 63.10 -4.28
C TYR C 998 13.66 63.86 -4.46
N PHE C 999 13.32 64.23 -5.69
CA PHE C 999 12.16 65.07 -5.94
C PHE C 999 11.33 64.58 -7.11
N SER C 1000 11.79 63.54 -7.81
CA SER C 1000 10.93 62.86 -8.74
C SER C 1000 9.91 62.01 -7.96
N SER C 1001 8.85 61.60 -8.65
CA SER C 1001 7.88 60.71 -8.02
C SER C 1001 8.50 59.34 -7.75
N ILE C 1002 9.46 58.95 -8.58
CA ILE C 1002 10.16 57.69 -8.46
C ILE C 1002 11.61 58.01 -8.16
N ARG C 1003 12.18 57.33 -7.17
CA ARG C 1003 13.54 57.59 -6.74
C ARG C 1003 14.43 56.41 -7.09
N GLN C 1004 15.72 56.56 -6.77
CA GLN C 1004 16.71 55.51 -6.99
C GLN C 1004 16.39 54.12 -6.42
N PRO C 1005 15.77 53.95 -5.23
CA PRO C 1005 15.50 52.57 -4.79
C PRO C 1005 14.50 51.79 -5.61
N VAL C 1006 13.84 52.41 -6.60
CA VAL C 1006 13.11 51.61 -7.59
C VAL C 1006 14.01 51.37 -8.80
N VAL C 1007 15.00 52.23 -9.01
CA VAL C 1007 15.89 52.10 -10.16
C VAL C 1007 16.82 50.90 -9.98
N GLN C 1008 17.36 50.74 -8.77
CA GLN C 1008 18.23 49.61 -8.52
C GLN C 1008 17.43 48.31 -8.44
N HIS C 1009 16.12 48.41 -8.19
CA HIS C 1009 15.24 47.25 -8.34
C HIS C 1009 15.23 46.74 -9.78
N ALA C 1010 15.33 47.63 -10.75
CA ALA C 1010 15.31 47.21 -12.15
C ALA C 1010 16.57 46.43 -12.51
N ARG C 1011 17.73 47.05 -12.33
CA ARG C 1011 18.97 46.47 -12.82
C ARG C 1011 19.61 45.47 -11.86
N GLU C 1012 18.85 44.88 -10.95
CA GLU C 1012 19.42 43.89 -10.07
C GLU C 1012 18.46 42.72 -9.83
N SER C 1013 17.20 42.84 -10.23
CA SER C 1013 16.23 41.79 -10.03
C SER C 1013 16.51 40.60 -10.94
N ALA C 1014 16.45 39.42 -10.35
CA ALA C 1014 16.65 38.18 -11.09
C ALA C 1014 15.35 37.44 -11.37
N ALA C 1015 14.23 37.97 -10.91
CA ALA C 1015 12.95 37.30 -11.11
C ALA C 1015 12.51 37.45 -12.55
N GLY C 1016 11.51 36.65 -12.93
CA GLY C 1016 10.96 36.69 -14.26
C GLY C 1016 10.24 38.00 -14.54
N GLU C 1017 10.31 38.42 -15.81
CA GLU C 1017 9.86 39.74 -16.23
C GLU C 1017 8.35 39.91 -16.11
N ASN C 1018 7.61 38.80 -16.10
CA ASN C 1018 6.21 38.86 -15.72
C ASN C 1018 6.08 39.30 -14.27
N ALA C 1019 6.68 38.54 -13.35
CA ALA C 1019 6.57 38.85 -11.92
C ALA C 1019 7.33 40.12 -11.59
N LEU C 1020 8.37 40.43 -12.35
CA LEU C 1020 9.05 41.70 -12.24
C LEU C 1020 8.14 42.88 -12.55
N THR C 1021 7.20 42.70 -13.48
CA THR C 1021 6.38 43.81 -13.92
C THR C 1021 5.33 44.17 -12.88
N TYR C 1022 4.75 43.15 -12.23
CA TYR C 1022 3.67 43.40 -11.27
C TYR C 1022 4.12 44.13 -10.03
N ALA C 1023 5.25 43.72 -9.44
CA ALA C 1023 5.71 44.39 -8.24
C ALA C 1023 6.21 45.79 -8.53
N LEU C 1024 6.70 46.02 -9.75
CA LEU C 1024 7.10 47.35 -10.14
C LEU C 1024 5.88 48.25 -10.28
N MET C 1025 4.75 47.67 -10.71
CA MET C 1025 3.48 48.36 -10.62
C MET C 1025 3.04 48.52 -9.19
N ALA C 1026 3.09 47.44 -8.41
CA ALA C 1026 2.66 47.45 -7.02
C ALA C 1026 3.55 48.29 -6.12
N GLY C 1027 4.80 48.53 -6.53
CA GLY C 1027 5.62 49.49 -5.83
C GLY C 1027 5.22 50.92 -6.03
N TYR C 1028 4.23 51.19 -6.88
CA TYR C 1028 3.77 52.54 -7.13
C TYR C 1028 2.42 52.84 -6.51
N PHE C 1029 2.06 52.14 -5.44
CA PHE C 1029 0.92 52.56 -4.64
C PHE C 1029 1.33 53.65 -3.66
N LYS C 1030 0.51 54.69 -3.59
CA LYS C 1030 0.85 55.90 -2.84
C LYS C 1030 0.90 55.64 -1.34
N MET C 1031 1.50 56.60 -0.62
CA MET C 1031 1.53 56.53 0.83
C MET C 1031 0.79 57.71 1.46
N SER C 1032 -0.40 58.04 0.95
CA SER C 1032 -1.31 58.89 1.68
C SER C 1032 -2.05 58.04 2.70
N PRO C 1033 -2.64 58.65 3.73
CA PRO C 1033 -3.56 57.88 4.58
C PRO C 1033 -4.82 57.46 3.85
N VAL C 1034 -5.17 58.14 2.77
CA VAL C 1034 -6.26 57.68 1.93
C VAL C 1034 -5.88 56.39 1.22
N ALA C 1035 -4.66 56.33 0.67
CA ALA C 1035 -4.24 55.18 -0.11
C ALA C 1035 -4.11 53.94 0.76
N LEU C 1036 -3.51 54.09 1.95
CA LEU C 1036 -3.38 52.95 2.84
C LEU C 1036 -4.71 52.49 3.39
N TYR C 1037 -5.71 53.38 3.42
CA TYR C 1037 -7.04 52.98 3.83
C TYR C 1037 -7.65 51.95 2.89
N HIS C 1038 -7.35 52.05 1.59
CA HIS C 1038 -7.82 51.04 0.67
C HIS C 1038 -7.00 49.75 0.80
N GLN C 1039 -5.68 49.87 0.77
CA GLN C 1039 -4.81 48.72 0.53
C GLN C 1039 -4.78 47.81 1.74
N LEU C 1040 -4.89 48.37 2.94
CA LEU C 1040 -4.97 47.55 4.13
C LEU C 1040 -6.32 46.86 4.23
N LYS C 1041 -7.39 47.58 3.89
CA LYS C 1041 -8.71 46.97 3.88
C LYS C 1041 -8.87 46.03 2.69
N THR C 1042 -8.04 46.20 1.66
CA THR C 1042 -8.07 45.24 0.57
C THR C 1042 -7.17 44.04 0.86
N GLY C 1043 -6.03 44.25 1.50
CA GLY C 1043 -5.13 43.17 1.80
C GLY C 1043 -3.79 43.25 1.13
N LEU C 1044 -3.41 44.42 0.64
CA LEU C 1044 -2.10 44.64 0.06
C LEU C 1044 -1.11 45.00 1.15
N HIS C 1045 0.10 44.47 1.05
CA HIS C 1045 1.14 44.85 1.99
C HIS C 1045 1.89 46.04 1.43
N PRO C 1046 1.78 47.21 2.00
CA PRO C 1046 2.37 48.41 1.39
C PRO C 1046 3.84 48.64 1.76
N GLY C 1047 4.63 47.57 1.76
CA GLY C 1047 6.07 47.69 1.81
C GLY C 1047 6.72 47.84 3.17
N PHE C 1048 5.96 48.00 4.25
CA PHE C 1048 6.55 48.04 5.58
C PHE C 1048 5.63 47.35 6.57
N GLY C 1049 6.17 47.04 7.74
CA GLY C 1049 5.47 46.24 8.72
C GLY C 1049 5.28 46.99 10.02
N PHE C 1050 5.00 46.23 11.07
CA PHE C 1050 4.56 46.80 12.34
C PHE C 1050 5.25 46.10 13.50
N THR C 1051 4.85 46.51 14.71
CA THR C 1051 5.14 45.75 15.91
C THR C 1051 3.96 45.90 16.85
N VAL C 1052 3.59 44.82 17.54
CA VAL C 1052 2.35 44.77 18.30
C VAL C 1052 2.71 44.76 19.77
N VAL C 1053 2.17 45.72 20.52
CA VAL C 1053 2.37 45.79 21.96
C VAL C 1053 1.02 45.84 22.66
N ARG C 1054 0.82 44.92 23.60
CA ARG C 1054 -0.36 44.93 24.45
C ARG C 1054 0.07 45.15 25.90
N GLN C 1055 -0.92 45.44 26.73
CA GLN C 1055 -0.74 45.42 28.18
C GLN C 1055 -1.53 44.25 28.74
N ASP C 1056 -1.03 43.65 29.82
CA ASP C 1056 -1.76 42.53 30.38
C ASP C 1056 -1.79 42.66 31.89
N ARG C 1057 -2.65 41.88 32.55
CA ARG C 1057 -2.80 41.96 33.99
C ARG C 1057 -3.08 40.58 34.57
N PHE C 1058 -2.31 40.23 35.60
CA PHE C 1058 -2.34 38.89 36.16
C PHE C 1058 -2.67 38.96 37.63
N VAL C 1059 -3.43 37.97 38.09
CA VAL C 1059 -3.73 37.79 39.51
C VAL C 1059 -2.69 36.83 40.06
N THR C 1060 -1.94 37.27 41.06
CA THR C 1060 -0.93 36.43 41.67
C THR C 1060 -1.43 35.90 43.01
N GLU C 1061 -0.79 34.83 43.47
CA GLU C 1061 -0.94 34.36 44.84
C GLU C 1061 0.42 34.42 45.50
N ASN C 1062 0.50 35.11 46.64
CA ASN C 1062 1.78 35.48 47.22
C ASN C 1062 1.96 34.85 48.59
N VAL C 1063 3.22 34.68 48.99
CA VAL C 1063 3.57 34.26 50.33
C VAL C 1063 4.28 35.43 51.00
N LEU C 1064 4.41 35.38 52.31
CA LEU C 1064 5.01 36.48 53.05
C LEU C 1064 5.70 35.98 54.29
N PHE C 1065 7.01 36.18 54.35
CA PHE C 1065 7.88 35.72 55.41
C PHE C 1065 8.72 36.87 55.94
N SER C 1066 8.99 36.86 57.25
CA SER C 1066 9.67 37.99 57.86
C SER C 1066 10.74 37.54 58.84
N GLU C 1067 11.37 38.53 59.47
CA GLU C 1067 12.25 38.32 60.61
C GLU C 1067 11.50 38.75 61.88
N ARG C 1068 12.19 38.78 63.01
CA ARG C 1068 11.55 39.09 64.28
C ARG C 1068 11.41 40.58 64.52
N ALA C 1069 12.52 41.27 64.70
CA ALA C 1069 12.53 42.67 65.08
C ALA C 1069 12.49 43.49 63.80
N SER C 1070 11.38 43.37 63.08
CA SER C 1070 11.20 44.05 61.82
C SER C 1070 10.54 45.41 61.97
N GLU C 1071 9.98 45.71 63.14
CA GLU C 1071 9.09 46.86 63.23
C GLU C 1071 8.89 47.34 64.66
N ALA C 1072 9.04 48.64 64.86
CA ALA C 1072 8.63 49.32 66.09
C ALA C 1072 7.26 49.96 65.93
N TYR C 1073 6.20 49.20 66.16
CA TYR C 1073 4.86 49.63 65.82
C TYR C 1073 4.21 50.38 66.99
N PHE C 1074 3.86 51.64 66.76
CA PHE C 1074 3.38 52.52 67.82
C PHE C 1074 1.86 52.68 67.75
N LEU C 1075 1.30 53.14 68.86
CA LEU C 1075 -0.14 53.31 68.98
C LEU C 1075 -0.45 54.67 69.60
N GLY C 1076 -1.63 55.17 69.32
CA GLY C 1076 -2.04 56.51 69.70
C GLY C 1076 -3.25 56.53 70.60
N GLN C 1077 -4.27 57.27 70.18
CA GLN C 1077 -5.38 57.63 71.04
C GLN C 1077 -6.61 57.84 70.16
N LEU C 1078 -7.74 58.24 70.77
CA LEU C 1078 -9.04 57.99 70.15
C LEU C 1078 -9.57 59.19 69.37
N GLN C 1079 -9.72 60.35 70.03
CA GLN C 1079 -10.15 61.65 69.48
C GLN C 1079 -11.40 61.54 68.59
N VAL C 1080 -12.51 61.26 69.28
CA VAL C 1080 -13.84 61.19 68.67
C VAL C 1080 -14.22 62.55 68.04
N ALA C 1081 -14.96 62.51 66.94
CA ALA C 1081 -15.45 63.72 66.27
C ALA C 1081 -16.83 63.43 65.68
N ARG C 1082 -17.68 64.45 65.61
CA ARG C 1082 -19.10 64.19 65.38
C ARG C 1082 -19.54 64.54 63.95
N HIS C 1083 -19.47 65.84 63.58
CA HIS C 1083 -19.87 66.41 62.26
C HIS C 1083 -21.18 65.84 61.72
N GLU C 1084 -22.28 66.21 62.39
CA GLU C 1084 -23.37 65.34 62.89
C GLU C 1084 -23.74 64.27 61.86
N THR C 1085 -24.57 64.58 60.86
CA THR C 1085 -24.78 63.98 59.54
C THR C 1085 -25.98 64.69 58.94
N GLY C 1086 -26.32 64.37 57.69
CA GLY C 1086 -27.67 64.61 57.19
C GLY C 1086 -28.63 63.59 57.81
N GLY C 1087 -29.44 64.07 58.75
CA GLY C 1087 -30.45 63.24 59.37
C GLY C 1087 -29.95 62.23 60.38
N GLY C 1088 -29.46 62.69 61.52
CA GLY C 1088 -29.05 61.81 62.60
C GLY C 1088 -27.80 62.34 63.26
N VAL C 1089 -27.09 61.46 63.96
CA VAL C 1089 -25.83 61.80 64.61
C VAL C 1089 -24.83 60.69 64.30
N ASN C 1090 -23.67 61.05 63.75
CA ASN C 1090 -22.58 60.11 63.64
C ASN C 1090 -21.47 60.45 64.61
N PHE C 1091 -20.52 59.53 64.72
CA PHE C 1091 -19.23 59.77 65.35
C PHE C 1091 -18.19 58.99 64.57
N THR C 1092 -16.96 59.50 64.57
CA THR C 1092 -15.85 58.77 63.99
C THR C 1092 -14.87 58.39 65.08
N LEU C 1093 -14.18 57.28 64.89
CA LEU C 1093 -13.14 56.83 65.81
C LEU C 1093 -11.86 56.61 65.04
N THR C 1094 -10.80 57.28 65.48
CA THR C 1094 -9.57 57.31 64.71
C THR C 1094 -8.38 57.08 65.63
N GLN C 1095 -7.19 56.99 65.03
CA GLN C 1095 -5.96 56.73 65.76
C GLN C 1095 -4.75 57.06 64.90
N PRO C 1096 -3.79 57.83 65.41
CA PRO C 1096 -2.51 57.95 64.72
C PRO C 1096 -1.60 56.79 65.08
N ARG C 1097 -0.82 56.33 64.11
CA ARG C 1097 0.04 55.17 64.29
C ARG C 1097 1.35 55.38 63.56
N GLY C 1098 2.44 55.15 64.27
CA GLY C 1098 3.77 55.36 63.71
C GLY C 1098 4.53 54.06 63.62
N ASN C 1099 5.57 54.06 62.79
CA ASN C 1099 6.18 52.80 62.40
C ASN C 1099 7.64 53.01 61.97
N VAL C 1100 8.50 52.06 62.31
CA VAL C 1100 9.93 52.16 62.12
C VAL C 1100 10.47 50.91 61.45
N ASP C 1101 11.13 51.10 60.32
CA ASP C 1101 11.81 50.00 59.64
C ASP C 1101 13.13 49.69 60.34
N LEU C 1102 13.11 48.74 61.27
CA LEU C 1102 14.29 48.34 62.03
C LEU C 1102 15.31 47.55 61.22
N GLY C 1103 14.99 47.17 59.99
CA GLY C 1103 15.91 46.37 59.21
C GLY C 1103 17.10 47.19 58.79
N VAL C 1104 18.29 46.70 59.13
CA VAL C 1104 19.53 47.32 58.65
C VAL C 1104 19.59 47.25 57.14
N GLY C 1105 19.29 46.09 56.58
CA GLY C 1105 19.08 45.96 55.16
C GLY C 1105 18.29 44.72 54.87
N TYR C 1106 17.23 44.87 54.07
CA TYR C 1106 16.50 43.77 53.44
C TYR C 1106 15.91 42.77 54.41
N THR C 1107 14.87 43.25 55.10
CA THR C 1107 13.98 42.49 55.95
C THR C 1107 12.98 41.73 55.06
N ALA C 1108 11.81 41.43 55.61
CA ALA C 1108 10.74 40.56 55.09
C ALA C 1108 10.52 40.54 53.59
N VAL C 1109 10.34 39.36 53.02
CA VAL C 1109 10.34 39.17 51.58
C VAL C 1109 9.01 38.54 51.18
N ALA C 1110 8.64 38.67 49.90
CA ALA C 1110 7.43 38.07 49.37
C ALA C 1110 7.75 37.40 48.04
N ALA C 1111 7.02 36.35 47.73
CA ALA C 1111 7.18 35.62 46.48
C ALA C 1111 5.82 35.55 45.78
N THR C 1112 5.78 34.82 44.66
CA THR C 1112 4.56 34.53 43.94
C THR C 1112 4.45 33.02 43.80
N GLY C 1113 3.23 32.49 43.91
CA GLY C 1113 3.10 31.05 43.90
C GLY C 1113 2.36 30.51 42.67
N THR C 1114 1.11 30.92 42.48
CA THR C 1114 0.32 30.44 41.35
C THR C 1114 -0.48 31.61 40.79
N VAL C 1115 -1.18 31.33 39.70
CA VAL C 1115 -2.00 32.32 39.00
C VAL C 1115 -3.43 31.85 39.02
N ARG C 1116 -4.32 32.71 39.51
CA ARG C 1116 -5.73 32.40 39.50
C ARG C 1116 -6.29 32.64 38.10
N ASN C 1117 -6.20 33.87 37.61
CA ASN C 1117 -6.66 34.20 36.27
C ASN C 1117 -5.98 35.47 35.77
N PRO C 1118 -5.61 35.49 34.49
CA PRO C 1118 -5.17 36.74 33.85
C PRO C 1118 -6.30 37.62 33.39
N VAL C 1119 -6.77 38.55 34.22
CA VAL C 1119 -8.01 39.33 34.09
C VAL C 1119 -8.32 39.85 32.70
N THR C 1120 -7.36 40.48 32.04
CA THR C 1120 -7.66 41.04 30.73
C THR C 1120 -7.63 39.97 29.65
N ASP C 1121 -8.24 40.27 28.50
CA ASP C 1121 -8.61 39.25 27.54
C ASP C 1121 -7.46 38.77 26.66
N MET C 1122 -6.25 39.32 26.83
CA MET C 1122 -5.09 39.07 25.96
C MET C 1122 -5.37 39.43 24.50
N GLY C 1123 -5.56 40.72 24.23
CA GLY C 1123 -5.34 41.21 22.88
C GLY C 1123 -6.56 41.49 22.02
N ASN C 1124 -6.32 41.56 20.71
CA ASN C 1124 -7.31 41.74 19.66
C ASN C 1124 -8.08 43.04 19.81
N LEU C 1125 -7.41 44.18 19.64
CA LEU C 1125 -8.07 45.47 19.67
C LEU C 1125 -7.25 46.53 18.93
N PRO C 1126 -7.87 47.28 18.02
CA PRO C 1126 -7.20 48.42 17.40
C PRO C 1126 -6.88 49.53 18.38
N GLN C 1127 -5.92 50.37 18.01
CA GLN C 1127 -5.65 51.63 18.71
C GLN C 1127 -6.19 52.76 17.86
N ASN C 1128 -7.33 53.30 18.24
CA ASN C 1128 -7.99 54.33 17.46
C ASN C 1128 -7.48 55.71 17.88
N PHE C 1129 -6.75 56.35 16.97
CA PHE C 1129 -6.20 57.68 17.25
C PHE C 1129 -7.21 58.80 17.10
N TYR C 1130 -8.41 58.52 16.61
CA TYR C 1130 -9.45 59.54 16.55
C TYR C 1130 -10.12 59.78 17.89
N LEU C 1131 -9.74 59.03 18.92
CA LEU C 1131 -10.27 59.29 20.25
C LEU C 1131 -9.71 60.58 20.82
N GLY C 1132 -8.40 60.70 20.88
CA GLY C 1132 -7.75 61.93 21.26
C GLY C 1132 -7.71 62.89 20.08
N ARG C 1133 -7.11 64.06 20.29
CA ARG C 1133 -7.00 65.08 19.26
C ARG C 1133 -5.78 65.98 19.56
N GLY C 1134 -4.73 65.79 18.77
CA GLY C 1134 -3.57 66.64 18.84
C GLY C 1134 -3.01 67.05 17.50
N ALA C 1135 -3.49 66.50 16.40
CA ALA C 1135 -2.92 66.76 15.10
C ALA C 1135 -3.78 67.77 14.35
N PRO C 1136 -3.20 68.53 13.42
CA PRO C 1136 -4.03 69.31 12.50
C PRO C 1136 -4.84 68.40 11.62
N PRO C 1137 -6.04 68.81 11.24
CA PRO C 1137 -6.87 67.98 10.35
C PRO C 1137 -6.34 68.04 8.92
N LEU C 1138 -7.08 67.40 8.02
CA LEU C 1138 -6.73 67.52 6.62
C LEU C 1138 -7.06 68.91 6.10
N LEU C 1139 -6.28 69.35 5.13
CA LEU C 1139 -6.53 70.61 4.46
C LEU C 1139 -7.71 70.53 3.51
N ASP C 1140 -7.95 69.37 2.93
CA ASP C 1140 -9.16 69.12 2.16
C ASP C 1140 -10.24 68.68 3.15
N ASN C 1141 -11.16 69.59 3.46
CA ASN C 1141 -12.10 69.35 4.54
C ASN C 1141 -13.13 68.31 4.15
N ALA C 1142 -13.42 68.20 2.85
CA ALA C 1142 -14.24 67.10 2.37
C ALA C 1142 -13.53 65.77 2.57
N ALA C 1143 -12.22 65.74 2.38
CA ALA C 1143 -11.45 64.54 2.67
C ALA C 1143 -11.34 64.32 4.18
N ALA C 1144 -11.32 65.41 4.95
CA ALA C 1144 -11.17 65.31 6.39
C ALA C 1144 -12.37 64.63 7.03
N VAL C 1145 -13.57 65.02 6.60
CA VAL C 1145 -14.76 64.38 7.13
C VAL C 1145 -14.93 62.98 6.54
N TYR C 1146 -14.35 62.70 5.38
CA TYR C 1146 -14.46 61.35 4.83
C TYR C 1146 -13.50 60.40 5.54
N LEU C 1147 -12.24 60.81 5.68
CA LEU C 1147 -11.22 59.92 6.20
C LEU C 1147 -11.43 59.64 7.67
N ARG C 1148 -12.08 60.58 8.37
CA ARG C 1148 -12.45 60.39 9.75
C ARG C 1148 -13.43 59.22 9.90
N ASN C 1149 -14.63 59.38 9.35
CA ASN C 1149 -15.62 58.32 9.50
C ASN C 1149 -15.37 57.15 8.56
N ALA C 1150 -14.32 57.21 7.73
CA ALA C 1150 -13.76 55.99 7.17
C ALA C 1150 -13.35 55.04 8.28
N VAL C 1151 -12.75 55.58 9.33
CA VAL C 1151 -12.34 54.76 10.47
C VAL C 1151 -13.45 54.70 11.51
N VAL C 1152 -13.95 55.87 11.90
CA VAL C 1152 -14.78 56.09 13.07
C VAL C 1152 -16.07 55.28 13.09
N ALA C 1153 -16.66 55.04 11.91
CA ALA C 1153 -18.00 54.51 11.68
C ALA C 1153 -18.42 53.30 12.51
N GLY C 1154 -17.58 52.28 12.61
CA GLY C 1154 -18.02 51.06 13.26
C GLY C 1154 -17.02 50.29 14.11
N ASN C 1155 -16.12 50.97 14.81
CA ASN C 1155 -15.10 50.25 15.58
C ASN C 1155 -15.70 49.63 16.84
N ARG C 1156 -14.92 48.75 17.46
CA ARG C 1156 -15.21 48.32 18.83
C ARG C 1156 -15.11 49.49 19.78
N LEU C 1157 -14.13 50.37 19.59
CA LEU C 1157 -14.04 51.63 20.28
C LEU C 1157 -13.88 52.75 19.25
N GLY C 1158 -14.95 53.53 19.09
CA GLY C 1158 -14.95 54.63 18.17
C GLY C 1158 -15.59 55.84 18.81
N PRO C 1159 -15.23 57.03 18.33
CA PRO C 1159 -15.88 58.24 18.85
C PRO C 1159 -17.29 58.36 18.31
N ALA C 1160 -18.25 57.95 19.12
CA ALA C 1160 -19.64 58.07 18.75
C ALA C 1160 -20.19 59.34 19.39
N GLN C 1161 -21.29 59.88 18.82
CA GLN C 1161 -22.03 61.10 19.19
C GLN C 1161 -21.07 62.25 19.48
N PRO C 1162 -20.60 62.91 18.41
CA PRO C 1162 -19.20 63.36 18.31
C PRO C 1162 -18.75 64.39 19.33
N LEU C 1163 -17.44 64.64 19.29
CA LEU C 1163 -16.58 64.96 20.43
C LEU C 1163 -17.09 66.11 21.30
N PRO C 1164 -17.57 65.83 22.50
CA PRO C 1164 -17.78 66.91 23.46
C PRO C 1164 -16.45 67.40 23.98
N VAL C 1165 -16.41 68.70 24.28
CA VAL C 1165 -15.21 69.33 24.84
C VAL C 1165 -15.04 68.79 26.26
N PHE C 1166 -16.02 69.04 27.11
CA PHE C 1166 -16.08 68.45 28.45
C PHE C 1166 -16.48 66.99 28.31
N GLY C 1167 -15.73 66.13 28.97
CA GLY C 1167 -15.91 64.70 28.81
C GLY C 1167 -14.87 64.15 27.83
N CYS C 1168 -14.99 62.88 27.55
CA CYS C 1168 -14.02 62.19 26.71
C CYS C 1168 -14.69 61.59 25.49
N ALA C 1169 -13.86 61.12 24.56
CA ALA C 1169 -14.36 60.28 23.49
C ALA C 1169 -14.73 58.89 23.99
N GLN C 1170 -15.91 58.75 24.61
CA GLN C 1170 -16.34 57.54 25.28
C GLN C 1170 -16.37 56.34 24.35
N VAL C 1171 -15.73 55.26 24.77
CA VAL C 1171 -15.92 53.95 24.17
C VAL C 1171 -17.41 53.62 24.30
N PRO C 1172 -18.07 53.23 23.22
CA PRO C 1172 -19.48 52.84 23.33
C PRO C 1172 -19.62 51.59 24.18
N ARG C 1173 -20.52 51.66 25.16
CA ARG C 1173 -20.68 50.58 26.10
C ARG C 1173 -21.27 49.35 25.42
N ARG C 1174 -20.76 48.20 25.82
CA ARG C 1174 -21.15 46.93 25.22
C ARG C 1174 -22.19 46.28 26.10
N ALA C 1175 -23.16 45.64 25.47
CA ALA C 1175 -24.23 45.01 26.24
C ALA C 1175 -23.74 43.73 26.90
N GLY C 1176 -22.72 43.10 26.34
CA GLY C 1176 -22.24 41.84 26.86
C GLY C 1176 -20.74 41.67 26.64
N MET C 1177 -20.08 41.19 27.70
CA MET C 1177 -18.66 40.90 27.64
C MET C 1177 -18.40 39.62 28.40
N ASP C 1178 -17.49 38.80 27.87
CA ASP C 1178 -17.34 37.42 28.33
C ASP C 1178 -15.97 37.15 28.94
N HIS C 1179 -14.88 37.42 28.23
CA HIS C 1179 -13.59 36.92 28.67
C HIS C 1179 -13.03 37.74 29.83
N GLY C 1180 -12.86 39.02 29.64
CA GLY C 1180 -12.31 39.87 30.66
C GLY C 1180 -12.08 41.26 30.13
N GLN C 1181 -11.10 41.93 30.73
CA GLN C 1181 -10.84 43.32 30.38
C GLN C 1181 -10.19 43.37 29.01
N ASP C 1182 -10.37 44.48 28.31
CA ASP C 1182 -9.90 44.55 26.93
C ASP C 1182 -8.48 45.08 26.90
N ALA C 1183 -7.54 44.23 26.47
CA ALA C 1183 -6.18 44.69 26.25
C ALA C 1183 -6.12 45.51 24.96
N VAL C 1184 -5.36 46.59 24.98
CA VAL C 1184 -5.33 47.52 23.86
C VAL C 1184 -4.03 47.34 23.11
N CYS C 1185 -4.09 46.66 21.97
CA CYS C 1185 -2.91 46.46 21.14
C CYS C 1185 -2.59 47.75 20.40
N GLU C 1186 -1.31 48.06 20.29
CA GLU C 1186 -0.85 49.28 19.67
C GLU C 1186 0.29 48.99 18.72
N PHE C 1187 0.47 49.87 17.74
CA PHE C 1187 1.29 49.60 16.56
C PHE C 1187 2.37 50.67 16.42
N ILE C 1188 3.53 50.26 15.94
CA ILE C 1188 4.59 51.17 15.48
C ILE C 1188 5.13 50.61 14.18
N ALA C 1189 5.24 51.46 13.16
CA ALA C 1189 5.69 51.04 11.84
C ALA C 1189 7.15 50.61 11.86
N THR C 1190 7.42 49.41 11.36
CA THR C 1190 8.73 48.80 11.31
C THR C 1190 9.08 48.39 9.88
N PRO C 1191 10.35 48.41 9.52
CA PRO C 1191 10.76 47.87 8.21
C PRO C 1191 10.66 46.36 8.21
N VAL C 1192 10.42 45.81 7.01
CA VAL C 1192 10.13 44.39 6.90
C VAL C 1192 11.35 43.52 7.09
N ALA C 1193 12.56 44.05 6.89
CA ALA C 1193 13.77 43.25 7.04
C ALA C 1193 14.36 43.55 8.41
N THR C 1194 13.59 43.29 9.45
CA THR C 1194 14.12 43.23 10.79
C THR C 1194 13.95 41.80 11.25
N ASP C 1195 15.00 41.23 11.84
CA ASP C 1195 15.08 39.79 11.98
C ASP C 1195 14.10 39.26 13.02
N ILE C 1196 13.81 37.97 12.91
CA ILE C 1196 13.04 37.29 13.94
C ILE C 1196 13.94 36.98 15.14
N ASN C 1197 15.26 37.01 14.93
CA ASN C 1197 16.19 36.68 16.00
C ASN C 1197 16.29 37.79 17.04
N TYR C 1198 15.77 38.98 16.74
CA TYR C 1198 15.54 39.98 17.77
C TYR C 1198 14.10 39.83 18.25
N PHE C 1199 13.71 38.59 18.51
CA PHE C 1199 12.56 38.16 19.27
C PHE C 1199 13.02 36.86 19.91
N ARG C 1200 12.07 36.07 20.41
CA ARG C 1200 12.31 34.85 21.20
C ARG C 1200 13.19 35.13 22.40
N ARG C 1201 13.06 36.32 22.97
CA ARG C 1201 13.86 36.87 24.04
C ARG C 1201 13.13 38.14 24.48
N PRO C 1202 13.17 38.49 25.77
CA PRO C 1202 12.47 39.69 26.24
C PRO C 1202 12.82 41.06 25.66
N CYS C 1203 13.56 41.13 24.57
CA CYS C 1203 14.12 42.37 24.02
C CYS C 1203 13.06 43.42 23.67
N ASN C 1204 13.56 44.61 23.37
CA ASN C 1204 12.80 45.85 23.45
C ASN C 1204 11.76 45.95 22.35
N PRO C 1205 10.73 46.78 22.53
CA PRO C 1205 9.81 47.07 21.43
C PRO C 1205 10.24 48.27 20.61
N ARG C 1206 11.45 48.78 20.78
CA ARG C 1206 11.83 50.04 20.18
C ARG C 1206 13.17 50.01 19.45
N GLY C 1207 13.88 48.88 19.48
CA GLY C 1207 15.09 48.72 18.72
C GLY C 1207 16.37 49.02 19.46
N ARG C 1208 16.31 49.76 20.56
CA ARG C 1208 17.52 50.09 21.30
C ARG C 1208 17.20 50.01 22.78
N ALA C 1209 18.19 49.61 23.57
CA ALA C 1209 18.08 49.64 25.03
C ALA C 1209 17.85 51.07 25.49
N ALA C 1210 16.93 51.25 26.43
CA ALA C 1210 16.48 52.58 26.82
C ALA C 1210 16.42 52.77 28.32
N GLY C 1211 16.58 51.70 29.09
CA GLY C 1211 16.35 51.80 30.52
C GLY C 1211 17.48 52.52 31.24
N GLY C 1212 17.15 53.02 32.43
CA GLY C 1212 18.16 53.63 33.27
C GLY C 1212 19.00 52.65 34.04
N VAL C 1213 18.73 51.35 33.87
CA VAL C 1213 19.52 50.31 34.54
C VAL C 1213 20.93 50.29 34.01
N TYR C 1214 21.10 50.33 32.69
CA TYR C 1214 22.39 50.09 32.06
C TYR C 1214 23.30 51.30 32.08
N ALA C 1215 22.82 52.44 32.58
CA ALA C 1215 23.67 53.60 32.74
C ALA C 1215 24.77 53.32 33.77
N GLY C 1216 25.96 53.84 33.47
CA GLY C 1216 27.12 53.62 34.31
C GLY C 1216 27.56 54.80 35.14
N ASP C 1217 26.65 55.72 35.48
CA ASP C 1217 26.88 56.92 36.28
C ASP C 1217 27.97 57.83 35.72
N LYS C 1218 27.82 58.33 34.50
CA LYS C 1218 28.68 59.39 34.01
C LYS C 1218 27.95 60.72 33.96
N GLU C 1219 26.70 60.72 34.46
CA GLU C 1219 25.74 61.83 34.44
C GLU C 1219 25.34 62.25 33.02
N GLY C 1220 25.68 61.44 32.04
CA GLY C 1220 25.22 61.60 30.67
C GLY C 1220 25.02 60.24 30.05
N ASP C 1221 25.12 59.19 30.88
CA ASP C 1221 24.81 57.84 30.44
C ASP C 1221 23.32 57.67 30.20
N VAL C 1222 22.52 58.41 30.97
CA VAL C 1222 21.10 58.60 30.68
C VAL C 1222 20.98 59.48 29.43
N ILE C 1223 19.76 59.85 29.02
CA ILE C 1223 19.19 59.83 27.68
C ILE C 1223 20.14 59.58 26.51
N ALA C 1224 21.35 60.14 26.54
CA ALA C 1224 22.35 59.90 25.49
C ALA C 1224 22.78 58.44 25.28
N LEU C 1225 22.28 57.48 26.06
CA LEU C 1225 22.28 56.09 25.61
C LEU C 1225 21.06 55.78 24.76
N MET C 1226 19.91 56.32 25.13
CA MET C 1226 18.64 55.94 24.52
C MET C 1226 18.55 56.44 23.07
N TYR C 1227 19.06 57.64 22.81
CA TYR C 1227 18.80 58.30 21.54
C TYR C 1227 20.01 58.40 20.64
N ASP C 1228 21.22 58.46 21.19
CA ASP C 1228 22.41 58.61 20.35
C ASP C 1228 22.73 57.27 19.70
N HIS C 1229 23.07 57.33 18.41
CA HIS C 1229 23.54 56.13 17.75
C HIS C 1229 24.98 56.24 17.27
N GLY C 1230 25.75 57.17 17.84
CA GLY C 1230 27.19 57.02 17.75
C GLY C 1230 27.65 55.80 18.51
N GLN C 1231 27.19 55.64 19.73
CA GLN C 1231 27.43 54.43 20.49
C GLN C 1231 26.45 53.37 20.02
N SER C 1232 26.64 52.15 20.49
CA SER C 1232 25.87 51.02 20.02
C SER C 1232 24.76 50.66 21.00
N ASP C 1233 23.90 49.74 20.61
CA ASP C 1233 22.90 49.18 21.51
C ASP C 1233 23.62 48.33 22.54
N PRO C 1234 23.42 48.56 23.85
CA PRO C 1234 23.96 47.63 24.83
C PRO C 1234 23.27 46.28 24.80
N ALA C 1235 22.00 46.27 24.39
CA ALA C 1235 21.28 45.01 24.27
C ALA C 1235 21.81 44.16 23.12
N ARG C 1236 22.12 44.77 21.98
CA ARG C 1236 22.66 44.04 20.84
C ARG C 1236 23.91 44.80 20.40
N PRO C 1237 25.09 44.28 20.76
CA PRO C 1237 26.29 45.13 20.78
C PRO C 1237 26.79 45.55 19.42
N PHE C 1238 26.59 44.72 18.40
CA PHE C 1238 27.16 45.04 17.10
C PHE C 1238 26.33 46.02 16.30
N ALA C 1239 25.12 46.33 16.75
CA ALA C 1239 24.21 47.14 15.98
C ALA C 1239 23.77 48.37 16.76
N ALA C 1240 23.42 49.42 16.03
CA ALA C 1240 22.93 50.64 16.64
C ALA C 1240 21.48 50.48 17.07
N THR C 1241 20.62 50.09 16.13
CA THR C 1241 19.21 49.87 16.43
C THR C 1241 18.83 48.46 16.08
N ALA C 1242 17.53 48.19 16.16
CA ALA C 1242 16.89 47.22 15.31
C ALA C 1242 15.80 47.88 14.47
N ASN C 1243 15.32 49.02 14.90
CA ASN C 1243 14.34 49.84 14.20
C ASN C 1243 14.76 51.29 14.34
N PRO C 1244 15.18 51.93 13.27
CA PRO C 1244 15.57 53.33 13.37
C PRO C 1244 14.38 54.25 13.57
N TRP C 1245 13.20 53.77 13.21
CA TRP C 1245 11.97 54.53 13.34
C TRP C 1245 11.46 54.59 14.76
N ALA C 1246 11.95 53.70 15.63
CA ALA C 1246 11.48 53.65 17.00
C ALA C 1246 12.62 53.96 17.95
N SER C 1247 13.77 54.29 17.38
CA SER C 1247 14.95 54.51 18.20
C SER C 1247 15.26 55.97 18.38
N GLN C 1248 15.43 56.70 17.29
CA GLN C 1248 15.98 58.04 17.32
C GLN C 1248 14.96 59.02 17.90
N ARG C 1249 15.46 60.15 18.39
CA ARG C 1249 14.56 61.21 18.80
C ARG C 1249 13.91 61.81 17.56
N PHE C 1250 12.69 62.33 17.72
CA PHE C 1250 11.86 62.93 16.67
C PHE C 1250 11.50 61.92 15.57
N SER C 1251 11.60 60.63 15.87
CA SER C 1251 11.26 59.63 14.88
C SER C 1251 9.82 59.16 15.08
N TYR C 1252 9.37 58.29 14.19
CA TYR C 1252 7.95 57.95 14.13
C TYR C 1252 7.53 57.08 15.30
N GLY C 1253 8.47 56.35 15.88
CA GLY C 1253 8.19 55.70 17.15
C GLY C 1253 8.08 56.71 18.29
N ASP C 1254 8.86 57.78 18.21
CA ASP C 1254 8.80 58.80 19.24
C ASP C 1254 7.68 59.80 18.97
N LEU C 1255 7.36 60.07 17.71
CA LEU C 1255 6.37 61.09 17.40
C LEU C 1255 4.95 60.67 17.77
N LEU C 1256 4.72 59.40 18.06
CA LEU C 1256 3.38 58.97 18.44
C LEU C 1256 3.19 58.97 19.94
N TYR C 1257 3.95 58.15 20.65
CA TYR C 1257 3.59 57.82 22.01
C TYR C 1257 4.45 58.52 23.06
N ASN C 1258 5.03 59.68 22.73
CA ASN C 1258 5.98 60.30 23.64
C ASN C 1258 5.27 60.92 24.82
N GLY C 1259 5.99 61.07 25.93
CA GLY C 1259 5.46 61.79 27.07
C GLY C 1259 5.32 63.29 26.83
N ALA C 1260 6.05 63.83 25.85
CA ALA C 1260 5.92 65.25 25.55
C ALA C 1260 4.78 65.52 24.58
N TYR C 1261 4.62 64.67 23.58
CA TYR C 1261 3.84 65.03 22.40
C TYR C 1261 2.34 64.87 22.60
N HIS C 1262 1.93 63.99 23.52
CA HIS C 1262 0.56 63.73 23.96
C HIS C 1262 -0.50 63.69 22.87
N LEU C 1263 -0.22 63.06 21.72
CA LEU C 1263 -1.24 62.86 20.70
C LEU C 1263 -2.34 61.96 21.22
N ASN C 1264 -1.98 60.76 21.63
CA ASN C 1264 -2.77 60.07 22.64
C ASN C 1264 -2.51 60.75 23.97
N GLY C 1265 -3.57 61.00 24.71
CA GLY C 1265 -3.44 61.80 25.91
C GLY C 1265 -4.68 62.64 26.15
N ALA C 1266 -5.50 62.78 25.12
CA ALA C 1266 -6.85 63.30 25.26
C ALA C 1266 -7.88 62.17 25.29
N SER C 1267 -7.43 60.94 25.42
CA SER C 1267 -8.29 59.78 25.40
C SER C 1267 -8.28 59.12 26.77
N PRO C 1268 -9.37 58.44 27.14
CA PRO C 1268 -9.32 57.60 28.34
C PRO C 1268 -8.54 56.32 28.14
N VAL C 1269 -8.21 55.98 26.91
CA VAL C 1269 -7.62 54.70 26.57
C VAL C 1269 -6.20 54.58 27.12
N LEU C 1270 -5.97 53.49 27.84
CA LEU C 1270 -4.63 53.14 28.29
C LEU C 1270 -3.71 52.85 27.12
N SER C 1271 -2.51 53.42 27.17
CA SER C 1271 -1.52 53.17 26.13
C SER C 1271 -0.40 52.30 26.67
N PRO C 1272 -0.26 51.07 26.20
CA PRO C 1272 0.88 50.24 26.64
C PRO C 1272 2.20 50.76 26.14
N CYS C 1273 2.25 51.39 24.97
CA CYS C 1273 3.49 51.89 24.43
C CYS C 1273 3.94 53.18 25.09
N PHE C 1274 3.11 53.76 25.96
CA PHE C 1274 3.48 54.99 26.64
C PHE C 1274 4.57 54.75 27.67
N LYS C 1275 4.68 53.51 28.17
CA LYS C 1275 5.70 53.19 29.15
C LYS C 1275 7.10 53.23 28.53
N PHE C 1276 7.28 52.60 27.37
CA PHE C 1276 8.59 52.55 26.75
C PHE C 1276 8.96 53.90 26.15
N PHE C 1277 8.00 54.59 25.57
CA PHE C 1277 8.24 55.80 24.81
C PHE C 1277 8.06 57.01 25.69
N THR C 1278 9.00 57.21 26.61
CA THR C 1278 9.02 58.42 27.44
C THR C 1278 10.43 58.88 27.69
N ALA C 1279 10.67 60.18 27.54
CA ALA C 1279 11.98 60.76 27.73
C ALA C 1279 12.18 61.31 29.13
N ALA C 1280 11.13 61.45 29.92
CA ALA C 1280 11.28 62.04 31.23
C ALA C 1280 11.31 60.99 32.33
N ASP C 1281 10.45 59.98 32.22
CA ASP C 1281 10.22 59.04 33.32
C ASP C 1281 11.41 58.12 33.51
N ILE C 1282 12.07 57.74 32.42
CA ILE C 1282 13.28 56.94 32.50
C ILE C 1282 14.39 57.72 33.18
N THR C 1283 14.54 58.99 32.84
CA THR C 1283 15.54 59.83 33.50
C THR C 1283 15.17 60.10 34.95
N ALA C 1284 13.87 60.03 35.27
CA ALA C 1284 13.38 60.40 36.59
C ALA C 1284 13.83 59.44 37.69
N LYS C 1285 13.92 58.15 37.41
CA LYS C 1285 14.26 57.21 38.46
C LYS C 1285 15.75 57.28 38.77
N HIS C 1286 16.05 57.08 40.05
CA HIS C 1286 17.39 56.97 40.57
C HIS C 1286 18.00 55.67 40.04
N ARG C 1287 19.32 55.68 39.86
CA ARG C 1287 19.97 54.57 39.19
C ARG C 1287 20.49 53.51 40.16
N CYS C 1288 20.52 53.79 41.46
CA CYS C 1288 21.09 52.85 42.42
C CYS C 1288 20.16 51.67 42.61
N LEU C 1289 20.69 50.47 42.39
CA LEU C 1289 19.89 49.25 42.36
C LEU C 1289 19.42 48.80 43.73
N GLU C 1290 19.90 49.42 44.81
CA GLU C 1290 19.47 49.03 46.15
C GLU C 1290 18.00 49.35 46.36
N ARG C 1291 17.60 50.59 46.11
CA ARG C 1291 16.23 50.97 46.40
C ARG C 1291 15.30 50.66 45.23
N LEU C 1292 15.86 50.30 44.06
CA LEU C 1292 15.01 50.11 42.89
C LEU C 1292 14.19 48.83 42.96
N ILE C 1293 14.70 47.80 43.61
CA ILE C 1293 14.05 46.49 43.52
C ILE C 1293 12.79 46.41 44.38
N VAL C 1294 12.50 47.43 45.18
CA VAL C 1294 11.34 47.29 46.06
C VAL C 1294 10.15 48.05 45.51
N GLU C 1295 10.36 49.08 44.67
CA GLU C 1295 9.23 49.64 43.95
C GLU C 1295 8.65 48.65 42.96
N THR C 1296 9.48 47.79 42.41
CA THR C 1296 8.99 46.69 41.59
C THR C 1296 8.20 45.70 42.45
N GLY C 1297 8.52 45.63 43.74
CA GLY C 1297 7.75 44.81 44.64
C GLY C 1297 6.31 45.28 44.80
N SER C 1298 6.08 46.58 44.82
CA SER C 1298 4.73 47.14 44.85
C SER C 1298 4.75 48.52 44.20
N ALA C 1299 4.41 48.57 42.93
CA ALA C 1299 4.25 49.85 42.25
C ALA C 1299 2.78 50.14 42.03
N VAL C 1300 2.51 51.30 41.43
CA VAL C 1300 1.18 51.69 41.01
C VAL C 1300 1.13 51.62 39.50
N SER C 1301 0.21 50.83 38.97
CA SER C 1301 0.12 50.63 37.53
C SER C 1301 -0.48 51.85 36.86
N THR C 1302 -0.45 51.84 35.53
CA THR C 1302 -1.26 52.77 34.77
C THR C 1302 -2.61 52.19 34.43
N ALA C 1303 -2.92 51.01 34.93
CA ALA C 1303 -4.06 50.22 34.47
C ALA C 1303 -5.15 50.18 35.54
N THR C 1304 -6.30 49.67 35.14
CA THR C 1304 -7.46 49.50 36.02
C THR C 1304 -7.96 48.07 35.89
N ALA C 1305 -8.91 47.70 36.73
CA ALA C 1305 -9.55 46.41 36.66
C ALA C 1305 -11.07 46.49 36.68
N ALA C 1306 -11.64 47.65 36.40
CA ALA C 1306 -13.09 47.85 36.51
C ALA C 1306 -13.74 48.24 35.19
N SER C 1307 -13.11 49.11 34.40
CA SER C 1307 -13.63 49.52 33.12
C SER C 1307 -13.56 48.36 32.13
N ASP C 1308 -14.37 48.44 31.08
CA ASP C 1308 -14.39 47.39 30.07
C ASP C 1308 -13.09 47.38 29.28
N VAL C 1309 -12.83 48.47 28.58
CA VAL C 1309 -11.53 48.73 27.99
C VAL C 1309 -10.65 49.27 29.09
N GLN C 1310 -9.42 48.76 29.16
CA GLN C 1310 -8.51 49.18 30.22
C GLN C 1310 -8.14 50.64 30.03
N PHE C 1311 -8.19 51.40 31.11
CA PHE C 1311 -8.06 52.83 30.99
C PHE C 1311 -6.80 53.36 31.69
N LYS C 1312 -6.35 54.49 31.18
CA LYS C 1312 -5.38 55.32 31.85
C LYS C 1312 -5.94 55.72 33.21
N ARG C 1313 -5.10 55.58 34.24
CA ARG C 1313 -5.54 55.41 35.61
C ARG C 1313 -6.19 56.67 36.18
N PRO C 1314 -7.36 56.58 36.78
CA PRO C 1314 -7.97 57.73 37.45
C PRO C 1314 -7.17 58.12 38.67
N PRO C 1315 -7.34 59.36 39.18
CA PRO C 1315 -6.55 59.77 40.35
C PRO C 1315 -6.92 59.06 41.65
N GLY C 1316 -8.21 58.85 41.90
CA GLY C 1316 -8.64 58.43 43.22
C GLY C 1316 -8.69 56.93 43.39
N CYS C 1317 -7.81 56.21 42.69
CA CYS C 1317 -7.66 54.77 42.89
C CYS C 1317 -6.20 54.39 42.78
N ARG C 1318 -5.79 53.36 43.52
CA ARG C 1318 -4.41 52.90 43.47
C ARG C 1318 -4.40 51.38 43.48
N GLU C 1319 -3.46 50.82 42.72
CA GLU C 1319 -3.29 49.38 42.60
C GLU C 1319 -1.85 49.04 42.97
N LEU C 1320 -1.66 48.05 43.83
CA LEU C 1320 -0.33 47.68 44.31
C LEU C 1320 0.27 46.66 43.34
N VAL C 1321 0.59 47.13 42.14
CA VAL C 1321 1.04 46.23 41.10
C VAL C 1321 2.50 45.88 41.30
N GLU C 1322 2.91 44.76 40.72
CA GLU C 1322 4.24 44.20 40.89
C GLU C 1322 4.76 43.80 39.50
N ASP C 1323 5.38 44.77 38.79
CA ASP C 1323 5.66 44.48 37.38
C ASP C 1323 7.12 44.76 37.01
N PRO C 1324 7.73 43.93 36.18
CA PRO C 1324 9.13 44.13 35.78
C PRO C 1324 9.32 45.02 34.57
N CYS C 1325 8.24 45.44 33.92
CA CYS C 1325 8.36 46.19 32.69
C CYS C 1325 8.88 47.60 32.92
N GLY C 1326 8.82 48.08 34.16
CA GLY C 1326 9.53 49.29 34.47
C GLY C 1326 10.99 49.09 34.75
N LEU C 1327 11.35 48.06 35.50
CA LEU C 1327 12.73 47.81 35.88
C LEU C 1327 13.53 47.40 34.65
N PHE C 1328 13.17 46.28 34.02
CA PHE C 1328 13.90 45.78 32.86
C PHE C 1328 13.72 46.66 31.64
N GLN C 1329 12.64 47.46 31.61
CA GLN C 1329 12.22 48.27 30.47
C GLN C 1329 11.97 47.36 29.26
N GLU C 1330 11.34 46.22 29.53
CA GLU C 1330 11.22 45.19 28.52
C GLU C 1330 9.80 44.70 28.37
N ALA C 1331 9.62 43.73 27.47
CA ALA C 1331 8.36 43.09 27.20
C ALA C 1331 8.60 41.68 26.67
N TYR C 1332 7.62 40.82 26.79
CA TYR C 1332 7.87 39.40 26.53
C TYR C 1332 7.24 38.96 25.20
N PRO C 1333 7.86 38.06 24.47
CA PRO C 1333 7.20 37.49 23.29
C PRO C 1333 6.54 36.16 23.63
N ILE C 1334 5.43 35.89 22.95
CA ILE C 1334 4.60 34.73 23.25
C ILE C 1334 4.53 33.80 22.05
N THR C 1335 3.75 32.75 22.21
CA THR C 1335 3.49 31.82 21.11
C THR C 1335 2.65 32.52 20.05
N CYS C 1336 3.30 32.92 18.98
CA CYS C 1336 2.60 33.53 17.86
C CYS C 1336 3.22 33.02 16.57
N ALA C 1337 2.41 32.99 15.53
CA ALA C 1337 2.84 32.46 14.25
C ALA C 1337 2.07 33.14 13.13
N SER C 1338 2.64 33.07 11.95
CA SER C 1338 2.04 33.68 10.78
C SER C 1338 1.13 32.73 10.01
N ASP C 1339 1.02 31.48 10.43
CA ASP C 1339 0.09 30.50 9.88
C ASP C 1339 -0.59 29.74 11.00
N PRO C 1340 -1.79 29.21 10.75
CA PRO C 1340 -2.31 28.18 11.63
C PRO C 1340 -1.48 26.93 11.59
N ALA C 1341 -0.90 26.63 10.44
CA ALA C 1341 -0.17 25.39 10.25
C ALA C 1341 1.11 25.39 11.06
N LEU C 1342 1.76 26.55 11.19
CA LEU C 1342 2.86 26.66 12.12
C LEU C 1342 2.37 26.52 13.55
N LEU C 1343 1.19 27.08 13.84
CA LEU C 1343 0.62 26.98 15.18
C LEU C 1343 0.15 25.56 15.50
N ARG C 1344 -0.07 24.75 14.46
CA ARG C 1344 -0.56 23.38 14.65
C ARG C 1344 0.42 22.53 15.45
N SER C 1345 1.72 22.74 15.27
CA SER C 1345 2.68 21.98 16.04
C SER C 1345 3.13 22.76 17.27
N ALA C 1346 2.56 23.94 17.49
CA ALA C 1346 3.05 24.78 18.57
C ALA C 1346 2.60 24.27 19.92
N ARG C 1347 1.55 23.46 19.93
CA ARG C 1347 1.21 22.72 21.13
C ARG C 1347 2.18 21.57 21.32
N ASP C 1348 2.14 20.97 22.52
CA ASP C 1348 2.84 19.75 22.91
C ASP C 1348 4.36 19.92 22.93
N GLY C 1349 4.84 21.07 23.36
CA GLY C 1349 6.27 21.29 23.54
C GLY C 1349 6.98 21.59 22.24
N GLU C 1350 7.96 22.50 22.33
CA GLU C 1350 8.59 23.06 21.14
C GLU C 1350 9.65 22.17 20.51
N ALA C 1351 9.91 20.99 21.07
CA ALA C 1351 10.96 20.10 20.59
C ALA C 1351 10.69 19.61 19.17
N HIS C 1352 9.42 19.59 18.78
CA HIS C 1352 9.02 19.31 17.40
C HIS C 1352 8.20 20.44 16.80
N ALA C 1353 8.30 21.66 17.31
CA ALA C 1353 7.49 22.74 16.78
C ALA C 1353 8.03 23.22 15.44
N ARG C 1354 7.13 23.52 14.52
CA ARG C 1354 7.50 24.08 13.24
C ARG C 1354 7.94 25.52 13.46
N GLU C 1355 9.21 25.81 13.21
CA GLU C 1355 9.77 27.11 13.52
C GLU C 1355 9.75 28.09 12.36
N THR C 1356 10.27 27.71 11.19
CA THR C 1356 10.29 28.62 10.06
C THR C 1356 10.06 27.85 8.77
N HIS C 1357 9.74 28.58 7.70
CA HIS C 1357 9.34 27.98 6.43
C HIS C 1357 9.77 28.95 5.34
N PHE C 1358 9.13 28.88 4.16
CA PHE C 1358 9.42 29.66 2.96
C PHE C 1358 9.36 31.16 3.32
N THR C 1359 8.19 31.70 3.63
CA THR C 1359 8.12 33.10 4.02
C THR C 1359 7.44 33.27 5.35
N GLN C 1360 6.89 32.21 5.91
CA GLN C 1360 6.10 32.28 7.12
C GLN C 1360 6.99 32.12 8.34
N TYR C 1361 6.49 32.55 9.49
CA TYR C 1361 7.32 32.59 10.69
C TYR C 1361 6.49 32.26 11.91
N LEU C 1362 7.13 31.57 12.85
CA LEU C 1362 6.57 31.31 14.17
C LEU C 1362 7.53 31.83 15.22
N ILE C 1363 6.99 32.46 16.25
CA ILE C 1363 7.75 32.81 17.44
C ILE C 1363 7.19 32.03 18.60
N TYR C 1364 8.02 31.19 19.20
CA TYR C 1364 7.60 30.45 20.37
C TYR C 1364 7.63 31.39 21.58
N ASP C 1365 6.93 31.01 22.63
CA ASP C 1365 6.85 31.81 23.84
C ASP C 1365 8.19 31.85 24.55
N ALA C 1366 8.45 32.95 25.23
CA ALA C 1366 9.57 33.11 26.15
C ALA C 1366 9.14 34.15 27.19
N SER C 1367 8.73 33.66 28.37
CA SER C 1367 8.13 34.46 29.43
C SER C 1367 8.10 33.59 30.68
N PRO C 1368 7.88 34.15 31.87
CA PRO C 1368 7.61 33.29 33.03
C PRO C 1368 6.33 32.48 32.93
N LEU C 1369 5.43 32.79 32.01
CA LEU C 1369 4.21 32.00 31.89
C LEU C 1369 4.42 30.69 31.13
N LYS C 1370 5.61 30.43 30.60
CA LYS C 1370 5.83 29.20 29.86
C LYS C 1370 5.85 28.01 30.81
N GLY C 1371 5.40 26.87 30.32
CA GLY C 1371 5.25 25.68 31.14
C GLY C 1371 4.05 25.66 32.05
N LEU C 1372 3.39 26.80 32.25
CA LEU C 1372 2.29 26.87 33.19
C LEU C 1372 0.99 26.41 32.54
N SER C 1373 -0.10 26.54 33.30
CA SER C 1373 -1.37 25.97 32.89
C SER C 1373 -2.00 26.75 31.75
N LEU C 1374 -2.17 28.05 31.93
CA LEU C 1374 -2.84 28.89 30.96
C LEU C 1374 -1.93 29.18 29.76
N ARG D 6 14.79 82.89 53.75
CA ARG D 6 15.14 82.03 54.88
C ARG D 6 14.00 81.97 55.89
N ASP D 7 14.10 81.02 56.82
CA ASP D 7 13.08 80.82 57.84
C ASP D 7 13.70 80.91 59.23
N PRO D 8 13.22 81.82 60.07
CA PRO D 8 13.75 81.92 61.44
C PRO D 8 12.94 81.06 62.39
N PRO D 9 13.49 80.72 63.56
CA PRO D 9 12.70 79.96 64.54
C PRO D 9 11.64 80.82 65.20
N GLY D 10 10.80 80.19 66.02
CA GLY D 10 9.62 80.85 66.52
C GLY D 10 9.76 81.32 67.96
N TYR D 11 8.65 81.82 68.50
CA TYR D 11 8.57 82.21 69.89
C TYR D 11 8.67 80.97 70.76
N ARG D 12 9.06 81.16 72.00
CA ARG D 12 9.11 80.04 72.92
C ARG D 12 7.98 80.22 73.92
N TYR D 13 6.83 79.62 73.60
CA TYR D 13 5.73 79.54 74.53
C TYR D 13 6.05 78.54 75.64
N ALA D 14 5.30 78.66 76.74
CA ALA D 14 5.46 78.00 78.04
C ALA D 14 6.73 78.42 78.76
N ALA D 15 7.53 79.32 78.20
CA ALA D 15 8.61 79.97 78.90
C ALA D 15 8.19 81.31 79.50
N ALA D 16 6.95 81.74 79.25
CA ALA D 16 6.42 82.97 79.79
C ALA D 16 5.62 82.77 81.07
N ILE D 17 5.34 81.53 81.45
CA ILE D 17 4.80 81.24 82.76
C ILE D 17 5.78 81.57 83.87
N LEU D 18 7.08 81.47 83.60
CA LEU D 18 8.13 82.03 84.44
C LEU D 18 9.00 82.87 83.50
N PRO D 19 8.74 84.17 83.36
CA PRO D 19 9.50 84.98 82.41
C PRO D 19 10.94 85.18 82.86
N THR D 20 11.82 85.42 81.88
CA THR D 20 13.21 85.76 82.12
C THR D 20 13.35 86.98 83.00
N GLY D 21 12.58 88.02 82.72
CA GLY D 21 12.55 89.21 83.54
C GLY D 21 11.21 89.87 83.40
N SER D 22 11.24 91.20 83.24
CA SER D 22 10.04 91.97 82.95
C SER D 22 10.35 92.94 81.82
N ILE D 23 9.48 92.96 80.80
CA ILE D 23 9.61 93.94 79.74
C ILE D 23 9.10 95.29 80.24
N LEU D 24 9.98 96.29 80.25
CA LEU D 24 9.72 97.55 80.93
C LEU D 24 8.87 98.52 80.10
N SER D 25 9.18 98.69 78.82
CA SER D 25 8.50 99.69 77.99
C SER D 25 7.25 99.09 77.36
N THR D 26 6.24 99.95 77.21
CA THR D 26 4.94 99.54 76.63
C THR D 26 4.67 100.42 75.42
N ILE D 27 5.19 100.03 74.25
CA ILE D 27 4.96 100.75 73.01
C ILE D 27 4.46 99.75 71.98
N GLU D 28 4.00 100.26 70.83
CA GLU D 28 3.54 99.39 69.77
C GLU D 28 4.72 98.74 69.06
N VAL D 29 4.55 97.48 68.68
CA VAL D 29 5.65 96.67 68.14
C VAL D 29 5.52 96.42 66.65
N ALA D 30 4.30 96.50 66.09
CA ALA D 30 4.05 96.08 64.71
C ALA D 30 4.64 97.05 63.69
N SER D 31 4.96 98.27 64.13
CA SER D 31 5.66 99.20 63.25
C SER D 31 7.10 98.77 63.01
N HIS D 32 7.67 98.02 63.94
CA HIS D 32 9.04 97.50 63.96
C HIS D 32 9.13 96.02 63.53
N ARG D 33 8.35 95.66 62.50
CA ARG D 33 8.21 94.31 61.97
C ARG D 33 9.51 93.55 61.73
N ARG D 34 10.45 94.16 60.99
CA ARG D 34 11.67 93.46 60.60
C ARG D 34 12.83 93.70 61.56
N LEU D 35 12.57 94.12 62.79
CA LEU D 35 13.64 94.37 63.74
C LEU D 35 14.03 93.13 64.52
N PHE D 36 13.16 92.13 64.63
CA PHE D 36 13.40 90.96 65.45
C PHE D 36 13.77 89.75 64.59
N ASP D 37 14.10 88.65 65.29
CA ASP D 37 14.21 87.35 64.64
C ASP D 37 12.83 86.76 64.37
N PHE D 38 12.04 86.60 65.43
CA PHE D 38 10.68 86.15 65.28
C PHE D 38 9.69 87.28 65.61
N PHE D 39 8.56 87.27 64.91
CA PHE D 39 7.48 88.20 65.20
C PHE D 39 6.15 87.47 65.07
N ALA D 40 5.20 87.80 65.94
CA ALA D 40 3.84 87.30 65.87
C ALA D 40 2.90 88.24 66.62
N ALA D 41 1.64 88.25 66.19
CA ALA D 41 0.59 88.99 66.85
C ALA D 41 -0.57 88.06 67.19
N VAL D 42 -1.10 88.21 68.40
CA VAL D 42 -2.23 87.42 68.88
C VAL D 42 -3.29 88.38 69.42
N ARG D 43 -4.50 88.33 68.85
CA ARG D 43 -5.59 89.18 69.31
C ARG D 43 -6.53 88.49 70.29
N SER D 44 -6.71 87.17 70.18
CA SER D 44 -7.72 86.43 70.93
C SER D 44 -7.29 84.97 70.95
N ASP D 45 -8.26 84.09 71.20
CA ASP D 45 -8.06 82.66 71.04
C ASP D 45 -7.65 82.34 69.61
N GLU D 46 -6.37 81.98 69.46
CA GLU D 46 -5.81 81.52 68.21
C GLU D 46 -5.34 80.08 68.42
N ASN D 47 -5.21 79.36 67.29
CA ASN D 47 -4.75 77.98 67.37
C ASN D 47 -3.26 77.93 67.67
N SER D 48 -2.55 79.03 67.40
CA SER D 48 -1.13 79.14 67.58
C SER D 48 -0.67 78.99 69.02
N LEU D 49 -1.51 79.37 69.98
CA LEU D 49 -1.03 79.52 71.35
C LEU D 49 -0.84 78.20 72.07
N TYR D 50 -1.60 77.17 71.72
CA TYR D 50 -1.60 75.94 72.49
C TYR D 50 -1.09 74.74 71.70
N ASP D 51 -0.62 74.95 70.49
CA ASP D 51 -0.03 73.85 69.73
C ASP D 51 1.43 73.66 70.14
N VAL D 52 1.78 72.42 70.50
CA VAL D 52 3.11 72.05 70.92
C VAL D 52 3.61 70.96 69.99
N GLU D 53 4.91 70.93 69.74
CA GLU D 53 5.49 69.94 68.84
C GLU D 53 6.88 69.56 69.32
N PHE D 54 7.19 68.29 69.27
CA PHE D 54 8.51 67.80 69.66
C PHE D 54 8.96 66.71 68.70
N ASP D 55 10.25 66.73 68.38
CA ASP D 55 10.87 65.67 67.59
C ASP D 55 11.45 64.65 68.55
N ALA D 56 11.06 63.39 68.38
CA ALA D 56 11.41 62.34 69.30
C ALA D 56 12.59 61.53 68.77
N LEU D 57 13.58 61.33 69.63
CA LEU D 57 14.68 60.43 69.36
C LEU D 57 14.41 59.18 70.17
N LEU D 58 14.09 58.08 69.50
CA LEU D 58 13.45 56.96 70.17
C LEU D 58 14.33 55.74 70.37
N GLY D 59 15.58 55.77 69.94
CA GLY D 59 16.46 54.66 70.26
C GLY D 59 17.71 54.65 69.39
N SER D 60 18.54 53.64 69.64
CA SER D 60 19.74 53.34 68.86
C SER D 60 20.21 51.95 69.25
N TYR D 61 20.91 51.28 68.34
CA TYR D 61 21.48 49.97 68.65
C TYR D 61 22.87 49.85 68.07
N CYS D 62 23.85 49.76 68.96
CA CYS D 62 25.21 49.39 68.59
C CYS D 62 25.25 47.88 68.42
N ASN D 63 26.26 47.40 67.70
CA ASN D 63 26.50 45.97 67.59
C ASN D 63 27.75 45.65 68.39
N THR D 64 27.78 44.45 68.93
CA THR D 64 28.99 43.91 69.51
C THR D 64 29.86 43.45 68.34
N LEU D 65 30.99 44.13 68.13
CA LEU D 65 31.94 43.65 67.15
C LEU D 65 32.61 42.40 67.71
N SER D 66 32.08 41.24 67.33
CA SER D 66 32.58 39.98 67.84
C SER D 66 33.95 39.69 67.25
N LEU D 67 34.79 39.03 68.04
CA LEU D 67 36.15 38.69 67.60
C LEU D 67 36.39 37.21 67.82
N VAL D 68 36.93 36.56 66.82
CA VAL D 68 37.25 35.15 66.84
C VAL D 68 38.72 34.99 67.18
N ARG D 69 39.11 33.77 67.54
CA ARG D 69 40.42 33.52 68.11
C ARG D 69 41.47 33.07 67.10
N PHE D 70 41.04 32.47 65.98
CA PHE D 70 41.80 31.73 64.96
C PHE D 70 42.25 30.35 65.46
N LEU D 71 42.21 30.12 66.77
CA LEU D 71 42.39 28.77 67.26
C LEU D 71 41.07 28.24 67.77
N GLU D 72 40.05 29.08 67.78
CA GLU D 72 38.68 28.65 67.99
C GLU D 72 38.06 28.46 66.62
N LEU D 73 38.74 27.72 65.75
CA LEU D 73 38.35 27.62 64.35
C LEU D 73 39.02 26.42 63.69
N GLY D 74 38.25 25.65 62.92
CA GLY D 74 38.68 24.38 62.39
C GLY D 74 39.80 24.43 61.37
N LEU D 75 40.06 25.62 60.82
CA LEU D 75 41.15 25.81 59.87
C LEU D 75 42.51 25.54 60.50
N SER D 76 42.65 25.78 61.80
CA SER D 76 43.97 25.82 62.40
C SER D 76 44.55 24.46 62.74
N VAL D 77 44.09 23.39 62.10
CA VAL D 77 44.82 22.13 62.21
C VAL D 77 45.98 22.11 61.23
N ALA D 78 45.91 22.87 60.14
CA ALA D 78 46.92 22.82 59.09
C ALA D 78 48.16 23.64 59.40
N CYS D 79 48.08 24.56 60.36
CA CYS D 79 49.19 25.44 60.68
C CYS D 79 49.78 25.04 62.02
N VAL D 80 51.11 25.06 62.08
CA VAL D 80 51.81 24.98 63.34
C VAL D 80 52.27 26.39 63.62
N CYS D 81 51.47 27.17 64.32
CA CYS D 81 51.78 28.54 64.64
C CYS D 81 52.59 28.60 65.92
N THR D 82 53.87 28.96 65.80
CA THR D 82 54.72 29.16 66.95
C THR D 82 55.37 30.52 66.84
N LYS D 83 55.30 31.29 67.93
CA LYS D 83 55.91 32.61 67.93
C LYS D 83 57.42 32.49 68.01
N PHE D 84 58.09 33.05 67.03
CA PHE D 84 59.55 33.16 67.02
C PHE D 84 59.84 34.65 67.08
N PRO D 85 59.84 35.27 68.25
CA PRO D 85 59.81 36.74 68.35
C PRO D 85 61.13 37.43 68.04
N GLU D 86 62.10 36.74 67.45
CA GLU D 86 63.32 37.33 66.97
C GLU D 86 63.42 37.27 65.46
N LEU D 87 62.26 37.14 64.80
CA LEU D 87 62.16 36.70 63.42
C LEU D 87 62.80 37.66 62.45
N ALA D 88 62.90 38.94 62.82
CA ALA D 88 63.58 39.91 61.94
C ALA D 88 65.07 39.63 61.89
N TYR D 89 65.64 39.16 63.00
CA TYR D 89 67.09 38.95 63.09
C TYR D 89 67.55 37.68 62.39
N MET D 90 66.61 36.88 61.90
CA MET D 90 66.95 35.66 61.18
C MET D 90 67.29 35.99 59.73
N ASN D 91 68.22 35.23 59.17
CA ASN D 91 68.64 35.45 57.78
C ASN D 91 68.12 34.34 56.88
N GLU D 92 68.47 33.10 57.18
CA GLU D 92 68.07 31.98 56.35
C GLU D 92 67.93 30.75 57.22
N GLY D 93 66.85 30.01 57.05
CA GLY D 93 66.68 28.82 57.85
C GLY D 93 66.35 27.60 57.02
N ARG D 94 66.74 26.45 57.53
CA ARG D 94 66.55 25.20 56.83
C ARG D 94 65.94 24.19 57.78
N VAL D 95 65.29 23.20 57.21
CA VAL D 95 64.78 22.05 57.94
C VAL D 95 65.46 20.83 57.35
N GLN D 96 65.88 19.89 58.20
CA GLN D 96 66.50 18.65 57.74
C GLN D 96 65.43 17.60 57.49
N PHE D 97 65.71 16.68 56.58
CA PHE D 97 64.83 15.56 56.28
C PHE D 97 65.64 14.31 55.96
N GLU D 98 65.75 13.41 56.93
CA GLU D 98 66.31 12.10 56.69
C GLU D 98 65.19 11.13 56.32
N VAL D 99 65.08 10.86 55.03
CA VAL D 99 64.00 10.03 54.51
C VAL D 99 64.63 8.92 53.66
N HIS D 100 64.19 7.70 53.90
CA HIS D 100 64.92 6.53 53.43
C HIS D 100 64.01 5.66 52.59
N GLN D 101 64.54 5.18 51.48
CA GLN D 101 63.71 4.38 50.61
C GLN D 101 64.10 2.91 50.70
N PRO D 102 63.22 2.05 51.19
CA PRO D 102 63.52 0.62 51.23
C PRO D 102 63.56 0.01 49.84
N LEU D 103 64.31 -1.08 49.72
CA LEU D 103 64.50 -1.73 48.43
C LEU D 103 63.98 -3.15 48.51
N ILE D 104 63.90 -3.81 47.35
CA ILE D 104 63.39 -5.16 47.23
C ILE D 104 64.47 -6.04 46.62
N ALA D 105 64.76 -7.16 47.26
CA ALA D 105 65.74 -8.09 46.74
C ALA D 105 65.21 -8.79 45.50
N ARG D 106 66.03 -8.83 44.46
CA ARG D 106 65.61 -9.35 43.16
C ARG D 106 66.54 -10.45 42.69
N ASP D 107 65.95 -11.52 42.17
CA ASP D 107 66.68 -12.64 41.56
C ASP D 107 66.93 -12.34 40.10
N GLY D 108 67.95 -12.97 39.53
CA GLY D 108 68.17 -12.89 38.11
C GLY D 108 69.24 -11.88 37.75
N PRO D 109 69.66 -11.88 36.48
CA PRO D 109 70.68 -10.93 36.05
C PRO D 109 70.10 -9.52 35.97
N HIS D 110 70.45 -8.70 36.96
CA HIS D 110 69.90 -7.36 37.10
C HIS D 110 70.94 -6.43 37.73
N PRO D 111 70.82 -5.12 37.54
CA PRO D 111 71.69 -4.20 38.26
C PRO D 111 71.31 -4.10 39.73
N VAL D 112 71.89 -5.00 40.55
CA VAL D 112 71.46 -5.25 41.92
C VAL D 112 71.51 -3.98 42.77
N GLU D 113 70.43 -3.71 43.49
CA GLU D 113 70.19 -2.43 44.12
C GLU D 113 70.82 -2.35 45.51
N GLN D 114 71.40 -1.20 45.81
CA GLN D 114 71.93 -0.82 47.11
C GLN D 114 70.96 0.15 47.79
N PRO D 115 71.00 0.30 49.11
CA PRO D 115 70.13 1.29 49.75
C PRO D 115 70.54 2.71 49.42
N VAL D 116 69.63 3.63 49.69
CA VAL D 116 69.77 5.02 49.29
C VAL D 116 69.54 5.91 50.50
N HIS D 117 69.96 7.18 50.36
CA HIS D 117 69.74 8.20 51.38
C HIS D 117 69.48 9.52 50.67
N ASN D 118 68.57 10.33 51.22
CA ASN D 118 68.06 11.46 50.46
C ASN D 118 68.62 12.81 50.92
N TYR D 119 68.31 13.20 52.15
CA TYR D 119 68.89 14.36 52.86
C TYR D 119 68.68 15.67 52.10
N MET D 120 67.43 16.08 51.97
CA MET D 120 67.16 17.35 51.33
C MET D 120 66.81 18.40 52.38
N THR D 121 66.97 19.67 52.00
CA THR D 121 66.67 20.79 52.88
C THR D 121 65.81 21.82 52.15
N LYS D 122 65.19 22.70 52.92
CA LYS D 122 64.25 23.69 52.38
C LYS D 122 64.69 25.09 52.77
N VAL D 123 63.91 26.08 52.34
CA VAL D 123 64.21 27.50 52.51
C VAL D 123 62.98 28.19 53.10
N ILE D 124 63.20 29.08 54.07
CA ILE D 124 62.11 29.85 54.68
C ILE D 124 61.64 30.91 53.70
N ASP D 125 60.33 31.07 53.56
CA ASP D 125 59.75 32.23 52.89
C ASP D 125 59.42 33.30 53.92
N ARG D 126 59.49 34.57 53.50
CA ARG D 126 59.11 35.69 54.35
C ARG D 126 57.89 36.40 53.78
N ARG D 127 56.88 36.56 54.60
CA ARG D 127 55.75 37.41 54.25
C ARG D 127 55.44 38.29 55.45
N ALA D 128 54.50 39.22 55.25
CA ALA D 128 54.17 40.21 56.26
C ALA D 128 52.79 40.77 55.99
N LEU D 129 51.93 40.77 57.01
CA LEU D 129 50.62 41.39 56.89
C LEU D 129 50.69 42.86 57.28
N ASN D 130 49.63 43.59 56.96
CA ASN D 130 49.60 45.03 57.20
C ASN D 130 48.20 45.46 57.62
N ALA D 131 48.15 46.40 58.57
CA ALA D 131 46.90 47.05 58.96
C ALA D 131 47.22 48.43 59.52
N ALA D 132 46.18 49.26 59.62
CA ALA D 132 46.35 50.65 60.05
C ALA D 132 45.04 51.17 60.62
N PHE D 133 45.10 52.38 61.17
CA PHE D 133 43.93 53.02 61.78
C PHE D 133 44.15 54.52 61.75
N SER D 134 43.16 55.26 62.25
CA SER D 134 43.12 56.70 62.07
C SER D 134 42.56 57.38 63.32
N LEU D 135 43.07 58.58 63.58
CA LEU D 135 42.51 59.47 64.60
C LEU D 135 42.38 60.87 64.02
N ALA D 136 41.22 61.49 64.23
CA ALA D 136 40.96 62.82 63.72
C ALA D 136 41.75 63.86 64.51
N THR D 137 42.10 64.95 63.81
CA THR D 137 43.17 65.84 64.25
C THR D 137 42.79 66.63 65.49
N GLU D 138 41.55 67.13 65.54
CA GLU D 138 41.10 67.81 66.74
C GLU D 138 40.90 66.80 67.87
N ALA D 139 40.56 65.57 67.54
CA ALA D 139 40.43 64.52 68.55
C ALA D 139 41.79 64.10 69.07
N ILE D 140 42.84 64.28 68.25
CA ILE D 140 44.21 64.13 68.75
C ILE D 140 44.51 65.23 69.76
N ALA D 141 44.05 66.45 69.47
CA ALA D 141 44.17 67.54 70.43
C ALA D 141 43.28 67.35 71.65
N LEU D 142 42.17 66.61 71.51
CA LEU D 142 41.40 66.21 72.69
C LEU D 142 42.19 65.28 73.58
N LEU D 143 43.05 64.47 72.99
CA LEU D 143 44.02 63.74 73.78
C LEU D 143 45.17 64.66 74.16
N THR D 144 45.96 64.21 75.14
CA THR D 144 47.16 64.88 75.66
C THR D 144 46.85 66.30 76.14
N GLY D 145 45.76 66.42 76.90
CA GLY D 145 45.36 67.72 77.41
C GLY D 145 44.87 68.60 76.29
N GLU D 146 45.49 69.77 76.16
CA GLU D 146 45.58 70.58 74.94
C GLU D 146 44.26 71.27 74.55
N ALA D 147 43.14 70.85 75.14
CA ALA D 147 41.86 71.53 74.98
C ALA D 147 41.00 71.22 76.19
N LEU D 148 41.06 72.09 77.20
CA LEU D 148 40.20 71.97 78.36
C LEU D 148 39.72 73.35 78.77
N ASP D 149 38.45 73.62 78.52
CA ASP D 149 37.80 74.81 79.06
C ASP D 149 37.34 74.62 80.49
N GLY D 150 37.46 73.41 81.03
CA GLY D 150 36.91 73.08 82.32
C GLY D 150 35.43 72.76 82.33
N THR D 151 34.70 73.09 81.28
CA THR D 151 33.27 72.82 81.22
C THR D 151 33.02 71.34 80.96
N GLY D 152 31.75 70.97 80.98
CA GLY D 152 31.36 69.60 80.68
C GLY D 152 31.61 69.20 79.25
N ILE D 153 31.71 70.17 78.33
CA ILE D 153 32.00 69.87 76.95
C ILE D 153 33.41 69.32 76.79
N SER D 154 34.40 70.06 77.29
CA SER D 154 35.79 69.74 77.01
C SER D 154 36.22 68.44 77.68
N LEU D 155 35.54 68.05 78.74
CA LEU D 155 35.82 66.76 79.35
C LEU D 155 35.13 65.63 78.59
N HIS D 156 33.88 65.85 78.20
CA HIS D 156 33.14 64.79 77.51
C HIS D 156 33.66 64.56 76.11
N ARG D 157 34.20 65.61 75.47
CA ARG D 157 34.82 65.44 74.16
C ARG D 157 36.08 64.60 74.27
N GLN D 158 36.79 64.71 75.39
CA GLN D 158 37.96 63.86 75.58
C GLN D 158 37.52 62.42 75.82
N LEU D 159 36.39 62.24 76.50
CA LEU D 159 35.82 60.91 76.62
C LEU D 159 35.34 60.38 75.29
N ARG D 160 34.92 61.27 74.38
CA ARG D 160 34.51 60.85 73.05
C ARG D 160 35.65 60.23 72.27
N ALA D 161 36.84 60.83 72.33
CA ALA D 161 37.96 60.34 71.55
C ALA D 161 38.53 59.05 72.12
N ILE D 162 38.48 58.88 73.44
CA ILE D 162 39.05 57.69 74.06
C ILE D 162 38.23 56.45 73.74
N GLN D 163 36.91 56.57 73.83
CA GLN D 163 36.06 55.46 73.46
C GLN D 163 36.00 55.26 71.94
N GLN D 164 36.29 56.32 71.18
CA GLN D 164 36.61 56.15 69.78
C GLN D 164 37.91 55.37 69.59
N LEU D 165 38.95 55.73 70.34
CA LEU D 165 40.23 55.02 70.28
C LEU D 165 40.07 53.57 70.74
N ALA D 166 39.15 53.34 71.68
CA ALA D 166 38.92 52.01 72.22
C ALA D 166 38.39 51.05 71.16
N ARG D 167 37.70 51.59 70.14
CA ARG D 167 37.19 50.72 69.08
C ARG D 167 38.27 50.37 68.08
N ASN D 168 39.20 51.29 67.82
CA ASN D 168 40.20 51.05 66.78
C ASN D 168 41.24 50.04 67.22
N VAL D 169 41.56 50.01 68.51
CA VAL D 169 42.50 49.01 69.02
C VAL D 169 41.86 47.63 68.96
N GLN D 170 40.57 47.55 69.29
CA GLN D 170 39.86 46.28 69.17
C GLN D 170 39.66 45.91 67.71
N ALA D 171 39.68 46.89 66.82
CA ALA D 171 39.57 46.58 65.40
C ALA D 171 40.84 45.94 64.87
N VAL D 172 41.97 46.63 64.98
CA VAL D 172 43.18 46.13 64.33
C VAL D 172 43.79 44.93 65.04
N LEU D 173 43.48 44.71 66.32
CA LEU D 173 43.84 43.43 66.91
C LEU D 173 43.02 42.30 66.34
N GLY D 174 41.77 42.59 65.98
CA GLY D 174 40.99 41.60 65.25
C GLY D 174 41.44 41.44 63.82
N ALA D 175 42.13 42.44 63.27
CA ALA D 175 42.59 42.37 61.88
C ALA D 175 43.64 41.27 61.71
N PHE D 176 44.69 41.31 62.52
CA PHE D 176 45.70 40.26 62.43
C PHE D 176 45.22 38.94 62.99
N GLU D 177 44.23 38.95 63.88
CA GLU D 177 43.68 37.71 64.40
C GLU D 177 42.91 36.96 63.34
N ARG D 178 42.31 37.67 62.39
CA ARG D 178 41.67 37.03 61.26
C ARG D 178 42.57 37.03 60.03
N GLY D 179 43.54 37.94 59.98
CA GLY D 179 44.39 38.04 58.81
C GLY D 179 45.30 36.85 58.65
N THR D 180 45.57 36.15 59.75
CA THR D 180 46.34 34.91 59.68
C THR D 180 45.58 33.84 58.92
N ALA D 181 44.26 33.77 59.13
CA ALA D 181 43.42 32.81 58.42
C ALA D 181 43.37 33.11 56.93
N ASP D 182 43.51 34.39 56.58
CA ASP D 182 43.51 34.76 55.17
C ASP D 182 44.75 34.27 54.45
N GLN D 183 45.91 34.49 55.05
CA GLN D 183 47.18 34.10 54.45
C GLN D 183 47.30 32.59 54.29
N MET D 184 46.62 31.80 55.13
CA MET D 184 46.71 30.35 55.03
C MET D 184 46.03 29.84 53.76
N LEU D 185 45.02 30.57 53.28
CA LEU D 185 44.43 30.19 52.00
C LEU D 185 45.35 30.57 50.86
N HIS D 186 46.13 31.64 51.04
CA HIS D 186 47.03 32.03 49.96
C HIS D 186 48.29 31.18 49.91
N VAL D 187 48.62 30.50 51.00
CA VAL D 187 49.74 29.56 50.91
C VAL D 187 49.23 28.18 50.52
N LEU D 188 47.94 27.93 50.66
CA LEU D 188 47.42 26.65 50.17
C LEU D 188 46.97 26.75 48.73
N LEU D 189 46.78 27.96 48.22
CA LEU D 189 46.49 28.09 46.81
C LEU D 189 47.70 28.53 46.00
N GLU D 190 48.82 28.82 46.67
CA GLU D 190 50.08 28.89 45.95
C GLU D 190 50.48 27.50 45.48
N LYS D 191 50.34 26.51 46.36
CA LYS D 191 50.35 25.10 45.98
C LYS D 191 48.92 24.66 45.70
N ALA D 192 48.64 23.35 45.76
CA ALA D 192 47.40 22.66 45.38
C ALA D 192 47.05 22.78 43.91
N PRO D 193 47.71 22.02 43.03
CA PRO D 193 47.27 21.92 41.64
C PRO D 193 45.89 21.27 41.55
N PRO D 194 45.16 21.53 40.46
CA PRO D 194 43.79 21.01 40.35
C PRO D 194 43.71 19.51 40.27
N LEU D 195 42.55 18.98 40.65
CA LEU D 195 42.41 17.54 40.89
C LEU D 195 42.47 16.74 39.61
N ALA D 196 41.94 17.30 38.52
CA ALA D 196 42.00 16.61 37.24
C ALA D 196 43.41 16.59 36.68
N LEU D 197 44.25 17.49 37.17
CA LEU D 197 45.65 17.45 36.76
C LEU D 197 46.50 16.72 37.77
N LEU D 198 45.90 16.23 38.85
CA LEU D 198 46.69 15.67 39.94
C LEU D 198 46.58 14.15 39.98
N LEU D 199 45.37 13.62 40.12
CA LEU D 199 45.23 12.17 40.22
C LEU D 199 45.62 11.40 38.95
N PRO D 200 45.58 11.94 37.73
CA PRO D 200 46.37 11.29 36.66
C PRO D 200 47.85 11.35 36.91
N MET D 201 48.37 12.48 37.39
CA MET D 201 49.79 12.61 37.71
C MET D 201 50.21 11.64 38.80
N GLN D 202 49.29 11.36 39.74
CA GLN D 202 49.63 10.52 40.88
C GLN D 202 49.88 9.08 40.49
N ARG D 203 49.07 8.53 39.58
CA ARG D 203 49.27 7.12 39.29
C ARG D 203 50.45 6.85 38.37
N TYR D 204 51.05 7.86 37.76
CA TYR D 204 52.20 7.65 36.88
C TYR D 204 53.52 8.03 37.50
N LEU D 205 53.57 8.24 38.82
CA LEU D 205 54.85 8.53 39.45
C LEU D 205 55.53 7.27 39.98
N ASP D 206 54.90 6.59 40.92
CA ASP D 206 55.53 5.52 41.68
C ASP D 206 55.48 4.22 40.90
N ASN D 207 56.14 4.19 39.75
CA ASN D 207 56.40 2.94 39.05
C ASN D 207 57.85 2.83 38.60
N GLY D 208 58.42 3.95 38.15
CA GLY D 208 59.73 3.95 37.54
C GLY D 208 59.67 4.06 36.02
N THR D 212 62.27 7.08 29.33
CA THR D 212 60.87 6.85 29.65
C THR D 212 60.00 7.86 28.93
N ARG D 213 60.33 8.14 27.67
CA ARG D 213 59.62 9.21 26.97
C ARG D 213 58.22 8.80 26.55
N VAL D 214 58.00 7.51 26.31
CA VAL D 214 56.70 7.04 25.86
C VAL D 214 55.68 7.16 26.99
N ALA D 215 56.07 6.78 28.19
CA ALA D 215 55.18 6.90 29.34
C ALA D 215 54.98 8.36 29.71
N ARG D 216 55.91 9.23 29.31
CA ARG D 216 55.71 10.66 29.52
C ARG D 216 54.55 11.17 28.69
N ALA D 217 54.45 10.72 27.44
CA ALA D 217 53.39 11.21 26.56
C ALA D 217 52.04 10.66 26.98
N THR D 218 52.00 9.38 27.39
CA THR D 218 50.73 8.77 27.77
C THR D 218 50.22 9.28 29.10
N LEU D 219 51.04 10.03 29.82
CA LEU D 219 50.52 10.92 30.83
C LEU D 219 49.77 12.06 30.15
N VAL D 220 50.43 12.70 29.19
CA VAL D 220 50.01 14.02 28.73
C VAL D 220 48.72 13.95 27.94
N ALA D 221 48.64 12.99 27.02
CA ALA D 221 47.43 12.82 26.23
C ALA D 221 46.28 12.31 27.09
N GLU D 222 46.61 11.57 28.15
CA GLU D 222 45.61 11.21 29.12
C GLU D 222 45.34 12.33 30.11
N LEU D 223 46.29 13.25 30.27
CA LEU D 223 46.03 14.40 31.11
C LEU D 223 45.01 15.33 30.46
N LYS D 224 45.26 15.70 29.21
CA LYS D 224 44.45 16.67 28.47
C LYS D 224 43.04 16.19 28.17
N ARG D 225 42.79 14.88 28.23
CA ARG D 225 41.42 14.40 28.11
C ARG D 225 40.72 14.43 29.45
N SER D 226 41.48 14.21 30.53
CA SER D 226 40.91 14.18 31.87
C SER D 226 40.46 15.57 32.31
N PHE D 227 41.19 16.60 31.93
CA PHE D 227 40.80 17.96 32.29
C PHE D 227 39.55 18.38 31.53
N CYS D 228 39.36 17.83 30.33
CA CYS D 228 38.22 18.21 29.50
C CYS D 228 36.93 17.57 30.01
N ASP D 229 37.04 16.64 30.93
CA ASP D 229 35.87 15.86 31.31
C ASP D 229 35.55 15.91 32.79
N THR D 230 36.55 15.81 33.65
CA THR D 230 36.27 15.68 35.08
C THR D 230 36.49 16.96 35.85
N SER D 231 37.04 17.99 35.23
CA SER D 231 37.01 19.31 35.83
C SER D 231 35.57 19.81 35.85
N PHE D 232 35.21 20.50 36.95
CA PHE D 232 33.83 20.84 37.31
C PHE D 232 32.95 19.61 37.34
N PHE D 233 33.40 18.57 38.04
CA PHE D 233 32.71 17.30 38.07
C PHE D 233 31.34 17.44 38.71
N LEU D 234 31.29 18.07 39.87
CA LEU D 234 30.01 18.41 40.45
C LEU D 234 29.38 19.49 39.59
N GLY D 235 28.09 19.37 39.35
CA GLY D 235 27.42 20.19 38.38
C GLY D 235 27.40 19.60 36.99
N LYS D 236 28.47 18.92 36.57
CA LYS D 236 28.42 18.19 35.30
C LYS D 236 27.68 16.88 35.47
N ALA D 237 27.99 16.15 36.53
CA ALA D 237 27.35 14.86 36.81
C ALA D 237 26.79 14.78 38.22
N GLY D 238 26.62 15.92 38.89
CA GLY D 238 26.18 15.94 40.28
C GLY D 238 24.73 15.55 40.49
N HIS D 239 23.98 15.30 39.42
CA HIS D 239 22.61 14.84 39.52
C HIS D 239 22.48 13.47 40.17
N ARG D 240 23.45 12.59 40.00
CA ARG D 240 23.47 11.29 40.66
C ARG D 240 24.44 11.37 41.82
N ARG D 241 24.20 10.59 42.86
CA ARG D 241 24.93 10.76 44.11
C ARG D 241 26.10 9.82 44.27
N GLU D 242 26.14 8.72 43.53
CA GLU D 242 27.20 7.74 43.76
C GLU D 242 28.51 8.21 43.14
N ALA D 243 28.42 8.87 41.99
CA ALA D 243 29.62 9.39 41.35
C ALA D 243 30.21 10.54 42.15
N ILE D 244 29.39 11.23 42.93
CA ILE D 244 29.90 12.21 43.89
C ILE D 244 30.78 11.53 44.92
N GLU D 245 30.35 10.37 45.42
CA GLU D 245 30.98 9.77 46.58
C GLU D 245 32.35 9.21 46.25
N ALA D 246 32.50 8.62 45.06
CA ALA D 246 33.81 8.19 44.63
C ALA D 246 34.72 9.37 44.33
N TRP D 247 34.16 10.42 43.74
CA TRP D 247 34.89 11.67 43.58
C TRP D 247 35.21 12.30 44.93
N LEU D 248 34.32 12.12 45.90
CA LEU D 248 34.59 12.61 47.24
C LEU D 248 35.72 11.86 47.91
N VAL D 249 35.69 10.52 47.87
CA VAL D 249 36.70 9.75 48.59
C VAL D 249 38.05 9.81 47.89
N ASP D 250 38.08 10.11 46.58
CA ASP D 250 39.36 10.27 45.91
C ASP D 250 39.81 11.72 45.95
N LEU D 251 38.93 12.62 46.37
CA LEU D 251 39.38 13.93 46.79
C LEU D 251 40.09 13.83 48.13
N THR D 252 39.76 12.80 48.90
CA THR D 252 40.33 12.65 50.22
C THR D 252 41.72 12.04 50.16
N THR D 253 41.84 10.86 49.57
CA THR D 253 43.08 10.11 49.62
C THR D 253 44.01 10.45 48.46
N ALA D 254 43.87 11.63 47.89
CA ALA D 254 44.74 12.04 46.81
C ALA D 254 46.10 12.49 47.28
N THR D 255 46.23 12.90 48.54
CA THR D 255 47.47 13.49 49.02
C THR D 255 48.05 12.66 50.14
N GLN D 256 49.21 13.06 50.62
CA GLN D 256 49.92 12.22 51.56
C GLN D 256 50.15 12.94 52.88
N PRO D 257 49.83 12.28 53.99
CA PRO D 257 50.07 12.89 55.31
C PRO D 257 51.56 12.97 55.59
N SER D 258 52.08 14.19 55.49
CA SER D 258 53.52 14.35 55.63
C SER D 258 53.79 15.44 56.64
N VAL D 259 53.62 15.11 57.92
CA VAL D 259 54.46 15.41 59.09
C VAL D 259 53.79 14.64 60.24
N ALA D 260 54.57 14.05 61.13
CA ALA D 260 54.03 13.53 62.38
C ALA D 260 54.60 14.34 63.53
N VAL D 261 53.79 15.22 64.10
CA VAL D 261 54.12 15.94 65.32
C VAL D 261 53.05 15.62 66.36
N PRO D 262 53.42 15.09 67.52
CA PRO D 262 52.40 14.74 68.53
C PRO D 262 51.84 15.94 69.28
N ARG D 263 52.37 17.15 69.06
CA ARG D 263 51.99 18.27 69.89
C ARG D 263 50.60 18.80 69.58
N LEU D 264 50.30 19.10 68.32
CA LEU D 264 48.98 19.63 67.98
C LEU D 264 47.90 18.57 68.00
N THR D 265 47.31 18.33 69.17
CA THR D 265 46.10 17.51 69.25
C THR D 265 44.91 18.39 68.94
N HIS D 266 44.77 18.72 67.67
CA HIS D 266 43.86 19.76 67.21
C HIS D 266 42.55 19.11 66.79
N ALA D 267 42.11 18.15 67.57
CA ALA D 267 41.34 17.06 67.03
C ALA D 267 40.62 16.29 68.13
N ASP D 268 39.96 15.22 67.73
CA ASP D 268 39.53 14.13 68.59
C ASP D 268 38.55 14.50 69.69
N THR D 269 37.34 14.88 69.32
CA THR D 269 36.22 14.70 70.24
C THR D 269 36.08 13.21 70.48
N ARG D 270 35.98 12.85 71.78
CA ARG D 270 35.96 11.47 72.33
C ARG D 270 37.05 10.54 71.77
N GLY D 271 38.14 11.11 71.26
CA GLY D 271 39.33 10.34 70.99
C GLY D 271 39.65 10.01 69.55
N ARG D 272 38.99 10.63 68.56
CA ARG D 272 39.40 10.18 67.23
C ARG D 272 40.10 11.30 66.48
N PRO D 273 41.42 11.21 66.29
CA PRO D 273 42.18 12.33 65.73
C PRO D 273 41.87 12.64 64.28
N VAL D 274 41.71 13.94 64.04
CA VAL D 274 41.15 14.46 62.80
C VAL D 274 42.25 14.72 61.80
N ASP D 275 42.02 14.32 60.56
CA ASP D 275 42.88 14.69 59.44
C ASP D 275 42.02 15.34 58.36
N GLY D 276 42.42 16.52 57.92
CA GLY D 276 41.73 17.19 56.85
C GLY D 276 40.93 18.38 57.33
N VAL D 277 40.73 19.32 56.40
CA VAL D 277 40.15 20.62 56.70
C VAL D 277 38.88 20.84 55.90
N LEU D 278 39.00 20.75 54.57
CA LEU D 278 37.95 21.01 53.58
C LEU D 278 37.38 22.43 53.72
N VAL D 279 38.23 23.38 53.42
CA VAL D 279 37.79 24.74 53.16
C VAL D 279 36.99 24.73 51.87
N THR D 280 35.75 25.20 51.94
CA THR D 280 34.87 25.26 50.77
C THR D 280 34.24 26.63 50.74
N THR D 281 33.27 26.79 49.86
CA THR D 281 32.33 27.88 50.01
C THR D 281 31.11 27.39 50.76
N ALA D 282 30.29 28.34 51.22
CA ALA D 282 29.24 28.01 52.17
C ALA D 282 28.09 27.25 51.52
N ALA D 283 27.73 27.60 50.29
CA ALA D 283 26.59 26.97 49.64
C ALA D 283 26.91 25.52 49.28
N ILE D 284 28.13 25.28 48.81
CA ILE D 284 28.52 23.92 48.47
C ILE D 284 28.68 23.08 49.73
N LYS D 285 29.18 23.69 50.81
CA LYS D 285 29.22 23.02 52.11
C LYS D 285 27.81 22.66 52.59
N GLN D 286 26.84 23.50 52.27
CA GLN D 286 25.45 23.18 52.60
C GLN D 286 24.92 22.02 51.78
N ARG D 287 25.11 22.06 50.46
CA ARG D 287 24.54 21.04 49.58
C ARG D 287 25.20 19.69 49.80
N LEU D 288 26.50 19.69 50.08
CA LEU D 288 27.20 18.43 50.27
C LEU D 288 26.82 17.78 51.59
N LEU D 289 26.64 18.60 52.64
CA LEU D 289 26.26 18.10 53.95
C LEU D 289 24.86 17.52 53.97
N GLN D 290 23.96 18.09 53.18
CA GLN D 290 22.53 17.89 53.38
C GLN D 290 22.10 16.50 52.92
N SER D 291 22.64 16.03 51.81
CA SER D 291 22.31 14.71 51.30
C SER D 291 23.55 13.83 51.12
N PHE D 292 24.64 14.40 50.60
CA PHE D 292 25.78 13.58 50.22
C PHE D 292 26.63 13.22 51.42
N LEU D 293 27.09 14.23 52.15
CA LEU D 293 27.75 14.03 53.43
C LEU D 293 26.75 14.02 54.58
N LYS D 294 25.75 13.15 54.54
CA LYS D 294 24.76 13.06 55.60
C LYS D 294 25.40 12.46 56.86
N VAL D 295 26.48 11.73 56.68
CA VAL D 295 27.29 11.25 57.79
C VAL D 295 27.95 12.47 58.44
N GLU D 296 27.82 12.58 59.74
CA GLU D 296 28.29 13.69 60.55
C GLU D 296 28.59 13.15 61.94
N ASP D 297 29.70 13.58 62.52
CA ASP D 297 30.16 12.98 63.77
C ASP D 297 29.73 13.76 65.01
N THR D 298 30.18 15.01 65.17
CA THR D 298 30.01 15.76 66.40
C THR D 298 30.28 17.22 66.12
N GLU D 299 29.36 18.08 66.53
CA GLU D 299 29.51 19.52 66.32
C GLU D 299 30.16 20.14 67.55
N ALA D 300 31.26 19.55 68.01
CA ALA D 300 32.09 20.12 69.06
C ALA D 300 33.48 19.52 68.94
N ASP D 301 34.49 20.35 68.84
CA ASP D 301 35.82 19.86 68.49
C ASP D 301 36.80 20.33 69.55
N VAL D 302 37.97 19.69 69.58
CA VAL D 302 38.98 19.95 70.60
C VAL D 302 40.25 20.41 69.89
N PRO D 303 40.43 21.70 69.64
CA PRO D 303 41.75 22.21 69.31
C PRO D 303 42.52 22.52 70.59
N VAL D 304 43.68 23.15 70.41
CA VAL D 304 44.64 23.28 71.50
C VAL D 304 44.75 24.73 71.95
N THR D 305 45.56 24.93 72.99
CA THR D 305 46.04 26.24 73.37
C THR D 305 47.46 26.42 72.79
N TYR D 306 47.92 27.67 72.73
CA TYR D 306 49.01 28.06 71.85
C TYR D 306 50.36 27.53 72.31
N GLY D 307 51.23 27.26 71.33
CA GLY D 307 52.59 26.83 71.61
C GLY D 307 53.58 27.63 70.80
N GLU D 308 54.79 27.77 71.37
CA GLU D 308 55.74 28.73 70.83
C GLU D 308 57.17 28.28 71.13
N MET D 309 58.12 29.15 70.80
CA MET D 309 59.53 28.92 71.10
C MET D 309 60.25 30.24 71.36
N VAL D 310 61.44 30.14 71.94
CA VAL D 310 62.25 31.32 72.23
C VAL D 310 63.69 30.99 71.87
N LEU D 311 64.50 32.05 71.74
CA LEU D 311 65.95 31.93 71.62
C LEU D 311 66.57 32.67 72.79
N ASN D 312 66.74 31.99 73.92
CA ASN D 312 67.14 32.66 75.15
C ASN D 312 68.27 31.99 75.92
N GLY D 313 68.61 30.75 75.61
CA GLY D 313 69.57 30.00 76.41
C GLY D 313 71.00 30.38 76.11
N ALA D 314 71.88 29.37 76.06
CA ALA D 314 73.25 29.61 75.65
C ALA D 314 73.39 29.69 74.14
N ASN D 315 72.26 29.72 73.43
CA ASN D 315 72.25 29.62 71.99
C ASN D 315 72.45 31.00 71.37
N LEU D 316 72.00 32.04 72.07
CA LEU D 316 72.19 33.39 71.58
C LEU D 316 73.65 33.78 71.64
N VAL D 317 74.40 33.16 72.55
CA VAL D 317 75.86 33.21 72.48
C VAL D 317 76.33 32.63 71.16
N THR D 318 75.83 31.44 70.80
CA THR D 318 76.26 30.77 69.58
C THR D 318 75.80 31.51 68.35
N ALA D 319 74.67 32.20 68.46
CA ALA D 319 74.13 32.94 67.32
C ALA D 319 74.98 34.17 67.03
N LEU D 320 75.71 34.68 68.02
CA LEU D 320 76.60 35.80 67.75
C LEU D 320 78.03 35.31 67.58
N VAL D 321 78.41 34.22 68.25
CA VAL D 321 79.79 33.76 68.14
C VAL D 321 80.03 33.07 66.81
N MET D 322 79.27 32.04 66.48
CA MET D 322 79.47 31.37 65.21
C MET D 322 78.35 31.65 64.21
N GLY D 323 77.39 32.50 64.55
CA GLY D 323 76.35 32.85 63.62
C GLY D 323 75.34 31.77 63.34
N LYS D 324 75.28 30.73 64.16
CA LYS D 324 74.34 29.65 63.96
C LYS D 324 73.44 29.54 65.17
N ALA D 325 72.18 29.17 64.95
CA ALA D 325 71.23 28.95 66.02
C ALA D 325 70.48 27.65 65.77
N VAL D 326 70.29 26.88 66.83
CA VAL D 326 69.54 25.64 66.77
C VAL D 326 68.52 25.66 67.89
N ARG D 327 67.25 25.53 67.53
CA ARG D 327 66.20 25.38 68.52
C ARG D 327 66.39 24.08 69.29
N SER D 328 66.15 24.17 70.61
CA SER D 328 66.40 23.08 71.57
C SER D 328 67.81 22.52 71.42
N LEU D 329 68.80 23.40 71.51
CA LEU D 329 70.18 22.97 71.41
C LEU D 329 70.64 22.34 72.71
N ASP D 330 69.96 22.67 73.81
CA ASP D 330 70.41 22.30 75.14
C ASP D 330 70.27 20.80 75.39
N ASP D 331 69.09 20.25 75.09
CA ASP D 331 68.93 18.81 75.26
C ASP D 331 69.64 18.04 74.16
N VAL D 332 69.81 18.67 73.00
CA VAL D 332 70.76 18.15 72.01
C VAL D 332 72.16 18.17 72.59
N GLY D 333 72.51 19.27 73.26
CA GLY D 333 73.76 19.32 74.00
C GLY D 333 73.79 18.33 75.14
N ARG D 334 72.63 18.01 75.70
CA ARG D 334 72.55 16.87 76.61
C ARG D 334 72.71 15.57 75.85
N HIS D 335 71.95 15.38 74.77
CA HIS D 335 71.87 14.06 74.15
C HIS D 335 73.10 13.74 73.34
N LEU D 336 73.69 14.74 72.67
CA LEU D 336 74.87 14.45 71.88
C LEU D 336 76.08 14.21 72.77
N LEU D 337 76.06 14.76 73.99
CA LEU D 337 77.02 14.30 74.98
C LEU D 337 76.62 12.96 75.54
N ASP D 338 75.31 12.66 75.55
CA ASP D 338 74.86 11.36 76.03
C ASP D 338 75.11 10.29 74.99
N MET D 339 75.05 10.67 73.71
CA MET D 339 75.03 9.65 72.65
C MET D 339 76.40 9.02 72.44
N GLN D 340 77.49 9.78 72.55
CA GLN D 340 78.81 9.20 72.36
C GLN D 340 79.40 8.67 73.65
N GLU D 341 78.61 8.59 74.71
CA GLU D 341 78.89 7.71 75.82
C GLU D 341 78.10 6.42 75.74
N GLU D 342 77.85 5.91 74.53
CA GLU D 342 77.09 4.70 74.23
C GLU D 342 75.69 4.69 74.81
N ASN D 347 67.67 4.16 63.73
CA ASN D 347 68.54 4.06 64.89
C ASN D 347 67.74 3.91 66.16
N ARG D 348 66.42 3.83 66.00
CA ARG D 348 65.44 3.88 67.09
C ARG D 348 65.65 5.12 67.97
N GLU D 349 65.55 6.27 67.31
CA GLU D 349 65.88 7.59 67.88
C GLU D 349 64.63 8.21 68.47
N THR D 350 64.79 8.94 69.57
CA THR D 350 63.76 9.81 70.11
C THR D 350 63.98 11.29 69.77
N LEU D 351 64.38 11.59 68.53
CA LEU D 351 64.92 12.89 68.13
C LEU D 351 63.90 14.01 67.91
N ASP D 352 62.83 13.76 67.15
CA ASP D 352 61.90 14.78 66.67
C ASP D 352 61.25 15.65 67.75
N GLU D 353 60.31 15.08 68.55
CA GLU D 353 59.58 15.84 69.55
C GLU D 353 58.82 14.91 70.49
N LEU D 354 58.94 15.16 71.81
CA LEU D 354 57.95 14.74 72.80
C LEU D 354 58.10 15.62 74.04
N GLU D 355 57.25 16.65 74.16
CA GLU D 355 57.59 17.67 75.15
C GLU D 355 56.65 17.87 76.33
N SER D 356 55.40 18.30 76.10
CA SER D 356 54.67 18.94 77.19
C SER D 356 53.18 18.65 77.32
N ALA D 357 52.52 18.09 76.29
CA ALA D 357 51.07 17.81 76.26
C ALA D 357 50.21 19.03 76.56
N PRO D 358 50.00 19.93 75.59
CA PRO D 358 49.33 21.21 75.87
C PRO D 358 47.86 21.12 76.25
N GLN D 359 47.25 22.28 76.45
CA GLN D 359 45.92 22.36 77.04
C GLN D 359 44.85 22.27 75.96
N THR D 360 43.73 21.63 76.30
CA THR D 360 42.65 21.34 75.37
C THR D 360 41.43 22.17 75.71
N THR D 361 40.70 22.62 74.68
CA THR D 361 39.54 23.48 74.87
C THR D 361 38.49 23.13 73.82
N ARG D 362 37.23 23.13 74.24
CA ARG D 362 36.10 22.81 73.37
C ARG D 362 35.66 24.05 72.62
N VAL D 363 35.10 23.85 71.42
CA VAL D 363 34.66 24.92 70.55
C VAL D 363 33.69 24.33 69.52
N ARG D 364 32.88 25.20 68.90
CA ARG D 364 31.94 24.74 67.91
C ARG D 364 32.59 24.55 66.55
N ALA D 365 32.28 23.43 65.91
CA ALA D 365 32.87 23.03 64.65
C ALA D 365 31.99 21.95 64.02
N ASP D 366 32.57 21.21 63.08
CA ASP D 366 31.85 20.18 62.33
C ASP D 366 32.84 19.09 61.94
N LEU D 367 32.43 17.83 62.03
CA LEU D 367 33.27 16.70 61.65
C LEU D 367 32.50 15.68 60.83
N VAL D 368 33.06 15.32 59.67
CA VAL D 368 32.48 14.30 58.80
C VAL D 368 33.44 13.14 58.66
N ALA D 369 32.90 12.00 58.24
CA ALA D 369 33.66 10.77 58.11
C ALA D 369 33.64 10.32 56.66
N ILE D 370 34.58 10.84 55.87
CA ILE D 370 34.77 10.42 54.48
C ILE D 370 35.82 9.32 54.50
N GLY D 371 35.37 8.07 54.46
CA GLY D 371 36.30 6.98 54.66
C GLY D 371 36.70 6.93 56.11
N ASP D 372 37.83 6.29 56.39
CA ASP D 372 38.32 6.29 57.76
C ASP D 372 39.18 7.51 58.06
N ARG D 373 39.33 8.42 57.12
CA ARG D 373 39.93 9.72 57.39
C ARG D 373 38.82 10.68 57.77
N LEU D 374 38.84 11.14 59.02
CA LEU D 374 37.76 11.95 59.55
C LEU D 374 38.16 13.42 59.50
N VAL D 375 37.30 14.24 58.88
CA VAL D 375 37.70 15.53 58.33
C VAL D 375 36.82 16.63 58.91
N PHE D 376 37.43 17.79 59.17
CA PHE D 376 36.69 19.02 59.50
C PHE D 376 35.83 19.47 58.32
N LEU D 377 34.94 20.42 58.60
CA LEU D 377 34.33 21.24 57.56
C LEU D 377 34.37 22.69 58.04
N GLU D 378 34.66 23.60 57.13
CA GLU D 378 34.70 25.02 57.44
C GLU D 378 34.19 25.82 56.27
N ALA D 379 33.16 26.62 56.50
CA ALA D 379 32.78 27.69 55.59
C ALA D 379 33.50 28.92 56.10
N LEU D 380 34.11 29.68 55.20
CA LEU D 380 34.89 30.84 55.60
C LEU D 380 34.32 32.08 54.92
N GLU D 381 33.01 32.20 54.90
CA GLU D 381 32.42 33.40 54.34
C GLU D 381 31.59 34.13 55.38
N ARG D 382 30.65 33.42 56.00
CA ARG D 382 29.84 34.03 57.05
C ARG D 382 30.62 34.18 58.33
N ARG D 383 31.75 33.47 58.47
CA ARG D 383 32.52 33.58 59.69
C ARG D 383 33.28 34.89 59.76
N ILE D 384 34.23 35.08 58.87
CA ILE D 384 35.21 36.15 59.08
C ILE D 384 35.15 37.19 57.97
N TYR D 385 34.85 36.77 56.74
CA TYR D 385 34.78 37.76 55.67
C TYR D 385 33.39 38.33 55.48
N ALA D 386 32.62 38.51 56.56
CA ALA D 386 31.21 38.90 56.49
C ALA D 386 30.96 40.21 55.76
N ALA D 387 31.47 41.31 56.27
CA ALA D 387 31.27 42.62 55.66
C ALA D 387 32.57 43.37 55.44
N THR D 388 33.57 42.71 54.85
CA THR D 388 34.95 43.14 55.02
C THR D 388 35.58 43.75 53.78
N ASN D 389 34.88 43.73 52.64
CA ASN D 389 35.29 44.21 51.32
C ASN D 389 36.43 43.43 50.68
N VAL D 390 37.01 42.46 51.37
CA VAL D 390 37.94 41.53 50.72
C VAL D 390 37.13 40.35 50.18
N PRO D 391 37.25 40.03 48.89
CA PRO D 391 36.53 38.88 48.34
C PRO D 391 37.07 37.58 48.90
N TYR D 392 36.17 36.64 49.07
CA TYR D 392 36.53 35.31 49.54
C TYR D 392 37.47 34.63 48.55
N PRO D 393 38.46 33.88 49.00
CA PRO D 393 39.42 33.31 48.05
C PRO D 393 38.87 32.23 47.13
N LEU D 394 38.24 31.17 47.64
CA LEU D 394 38.00 30.00 46.79
C LEU D 394 36.93 30.21 45.73
N VAL D 395 36.11 31.25 45.84
CA VAL D 395 35.31 31.67 44.70
C VAL D 395 36.27 32.33 43.72
N GLY D 396 36.66 31.58 42.71
CA GLY D 396 37.76 32.00 41.86
C GLY D 396 37.37 32.17 40.42
N ALA D 397 38.25 31.77 39.51
CA ALA D 397 38.05 32.05 38.11
C ALA D 397 38.83 31.05 37.27
N MET D 398 38.41 30.95 36.01
CA MET D 398 39.09 30.13 35.01
C MET D 398 39.04 30.87 33.67
N ASP D 399 40.12 30.81 32.90
CA ASP D 399 40.19 31.46 31.60
C ASP D 399 40.46 30.43 30.52
N LEU D 400 39.94 30.68 29.31
CA LEU D 400 40.04 29.73 28.22
C LEU D 400 40.15 30.42 26.87
N THR D 401 40.88 29.80 25.95
CA THR D 401 40.88 30.21 24.56
C THR D 401 39.86 29.39 23.79
N PHE D 402 39.02 30.07 23.01
CA PHE D 402 38.08 29.37 22.15
C PHE D 402 38.38 29.65 20.69
N VAL D 403 38.16 28.64 19.87
CA VAL D 403 38.52 28.68 18.47
C VAL D 403 37.28 28.43 17.63
N LEU D 404 37.04 29.33 16.68
CA LEU D 404 35.97 29.19 15.70
C LEU D 404 36.55 29.42 14.31
N PRO D 405 36.22 28.59 13.34
CA PRO D 405 36.70 28.82 11.97
C PRO D 405 35.70 29.58 11.12
N LEU D 406 36.25 30.36 10.20
CA LEU D 406 35.42 31.11 9.26
C LEU D 406 35.66 30.68 7.82
N GLY D 407 34.57 30.64 7.06
CA GLY D 407 34.61 30.62 5.61
C GLY D 407 35.32 29.46 4.96
N LEU D 408 35.53 28.37 5.69
CA LEU D 408 36.27 27.26 5.14
C LEU D 408 35.34 26.42 4.28
N PHE D 409 35.87 25.31 3.75
CA PHE D 409 35.14 24.58 2.74
C PHE D 409 35.28 23.10 2.98
N ASN D 410 34.24 22.35 2.66
CA ASN D 410 34.21 20.92 2.93
C ASN D 410 35.21 20.19 2.04
N PRO D 411 35.69 19.02 2.46
CA PRO D 411 36.36 18.13 1.52
C PRO D 411 35.37 17.46 0.58
N ALA D 412 35.93 16.64 -0.32
CA ALA D 412 35.13 16.07 -1.40
C ALA D 412 34.15 15.04 -0.90
N MET D 413 34.50 14.35 0.18
CA MET D 413 33.62 13.32 0.70
C MET D 413 32.51 13.89 1.56
N GLU D 414 32.69 15.10 2.08
CA GLU D 414 31.77 15.64 3.07
C GLU D 414 30.84 16.72 2.54
N ARG D 415 30.81 16.94 1.24
CA ARG D 415 29.87 17.92 0.68
C ARG D 415 28.65 17.22 0.07
N PHE D 416 27.72 16.87 0.94
CA PHE D 416 26.52 16.13 0.56
C PHE D 416 25.34 16.58 1.43
N ALA D 417 24.29 15.76 1.44
CA ALA D 417 23.05 16.17 2.11
C ALA D 417 22.53 15.14 3.09
N ALA D 418 22.80 13.86 2.83
CA ALA D 418 22.37 12.66 3.57
C ALA D 418 20.86 12.40 3.48
N HIS D 419 20.08 13.27 2.85
CA HIS D 419 18.71 12.99 2.45
C HIS D 419 18.41 13.89 1.27
N ALA D 420 17.44 13.49 0.45
CA ALA D 420 17.11 14.26 -0.75
C ALA D 420 16.24 15.45 -0.41
N GLY D 421 15.09 15.19 0.20
CA GLY D 421 14.17 16.26 0.51
C GLY D 421 14.42 16.78 1.91
N ASP D 422 15.19 17.86 2.02
CA ASP D 422 15.61 18.46 3.27
C ASP D 422 16.22 19.83 3.01
N LEU D 423 15.74 20.83 3.74
CA LEU D 423 16.12 22.24 3.59
C LEU D 423 15.83 22.73 2.17
N VAL D 424 14.71 22.29 1.62
CA VAL D 424 14.31 22.60 0.25
C VAL D 424 13.82 24.04 0.18
N PRO D 425 14.22 24.82 -0.82
CA PRO D 425 13.70 26.19 -0.93
C PRO D 425 12.40 26.24 -1.70
N ALA D 426 11.83 27.44 -1.78
CA ALA D 426 10.78 27.70 -2.76
C ALA D 426 11.37 27.56 -4.15
N PRO D 427 10.59 27.03 -5.11
CA PRO D 427 11.19 26.51 -6.35
C PRO D 427 11.81 27.54 -7.28
N GLY D 428 11.73 28.83 -6.97
CA GLY D 428 12.37 29.83 -7.80
C GLY D 428 13.62 30.41 -7.19
N HIS D 429 14.16 29.74 -6.18
CA HIS D 429 15.21 30.31 -5.36
C HIS D 429 16.54 29.59 -5.60
N PRO D 430 17.67 30.26 -5.35
CA PRO D 430 18.96 29.64 -5.67
C PRO D 430 19.39 28.55 -4.71
N GLU D 431 18.91 28.56 -3.45
CA GLU D 431 19.35 27.69 -2.37
C GLU D 431 20.86 27.86 -2.18
N PRO D 432 21.27 28.94 -1.52
CA PRO D 432 22.70 29.30 -1.49
C PRO D 432 23.59 28.39 -0.63
N ARG D 433 23.10 27.23 -0.19
CA ARG D 433 23.92 26.38 0.66
C ARG D 433 25.03 25.71 -0.14
N ALA D 434 24.88 25.66 -1.46
CA ALA D 434 25.97 25.17 -2.30
C ALA D 434 26.98 26.28 -2.58
N PHE D 435 26.68 27.49 -2.15
CA PHE D 435 27.63 28.57 -2.36
C PHE D 435 28.69 28.49 -1.27
N PRO D 436 29.84 29.13 -1.44
CA PRO D 436 30.84 29.18 -0.37
C PRO D 436 30.32 29.91 0.85
N PRO D 437 30.36 29.27 2.01
CA PRO D 437 29.86 29.90 3.23
C PRO D 437 30.79 31.02 3.68
N ARG D 438 30.21 32.11 4.14
CA ARG D 438 30.97 33.29 4.58
C ARG D 438 30.61 33.74 5.99
N GLN D 439 29.56 33.17 6.57
CA GLN D 439 29.03 33.66 7.83
C GLN D 439 29.24 32.60 8.90
N LEU D 440 28.95 32.97 10.14
CA LEU D 440 28.98 32.02 11.24
C LEU D 440 28.04 32.45 12.34
N PHE D 441 27.23 31.51 12.80
CA PHE D 441 26.28 31.72 13.88
C PHE D 441 26.61 30.78 15.03
N PHE D 442 26.34 31.21 16.26
CA PHE D 442 26.68 30.45 17.45
C PHE D 442 25.90 31.00 18.63
N TRP D 443 25.93 30.27 19.74
CA TRP D 443 25.18 30.66 20.93
C TRP D 443 26.11 31.35 21.93
N GLY D 444 25.99 32.67 22.02
CA GLY D 444 26.67 33.40 23.07
C GLY D 444 25.96 33.25 24.39
N LYS D 445 26.48 33.95 25.40
CA LYS D 445 25.93 33.83 26.75
C LYS D 445 24.60 34.59 26.85
N ASP D 446 23.58 33.99 26.22
CA ASP D 446 22.16 34.29 26.31
C ASP D 446 21.40 33.30 25.46
N HIS D 447 20.09 33.48 25.39
CA HIS D 447 19.30 32.81 24.38
C HIS D 447 19.45 33.45 23.00
N GLN D 448 20.27 34.48 22.86
CA GLN D 448 20.54 35.03 21.53
C GLN D 448 21.46 34.14 20.72
N VAL D 449 21.36 34.28 19.41
CA VAL D 449 22.31 33.73 18.47
C VAL D 449 22.92 34.88 17.67
N LEU D 450 24.23 34.89 17.55
CA LEU D 450 24.95 36.05 17.04
C LEU D 450 25.60 35.71 15.71
N ARG D 451 26.25 36.72 15.11
CA ARG D 451 26.66 36.65 13.72
C ARG D 451 28.14 37.01 13.57
N LEU D 452 28.84 36.26 12.72
CA LEU D 452 30.24 36.52 12.43
C LEU D 452 30.51 36.60 10.93
N SER D 453 29.65 37.27 10.16
CA SER D 453 29.88 37.46 8.72
C SER D 453 31.15 38.27 8.48
N MET D 454 31.97 37.85 7.51
CA MET D 454 33.36 38.27 7.38
C MET D 454 33.58 39.76 7.12
N GLU D 455 32.52 40.56 6.97
CA GLU D 455 32.68 42.01 7.04
C GLU D 455 33.09 42.46 8.44
N ASN D 456 32.87 41.60 9.43
CA ASN D 456 33.51 41.67 10.73
C ASN D 456 35.02 41.83 10.64
N ALA D 457 35.68 41.13 9.71
CA ALA D 457 37.12 40.97 9.71
C ALA D 457 37.88 42.15 9.14
N VAL D 458 37.20 43.25 8.79
CA VAL D 458 37.85 44.32 8.05
C VAL D 458 38.85 45.06 8.93
N GLY D 459 38.68 45.00 10.25
CA GLY D 459 39.60 45.69 11.13
C GLY D 459 40.91 44.96 11.32
N THR D 460 41.02 43.73 10.82
CA THR D 460 42.22 42.93 10.95
C THR D 460 42.98 42.85 9.64
N VAL D 461 42.28 42.49 8.56
CA VAL D 461 42.96 42.16 7.33
C VAL D 461 43.16 43.37 6.43
N CYS D 462 42.30 44.38 6.51
CA CYS D 462 42.42 45.54 5.64
C CYS D 462 43.33 46.61 6.21
N HIS D 463 43.95 46.34 7.34
CA HIS D 463 44.99 47.20 7.85
C HIS D 463 46.25 47.06 6.99
N PRO D 464 46.99 48.14 6.78
CA PRO D 464 48.21 48.02 5.96
C PRO D 464 49.41 47.40 6.67
N SER D 465 49.19 46.31 7.39
CA SER D 465 50.28 45.51 7.91
C SER D 465 50.48 44.25 7.07
N LEU D 466 49.50 43.92 6.24
CA LEU D 466 49.62 42.77 5.34
C LEU D 466 50.73 42.98 4.32
N MET D 467 50.98 44.23 3.93
CA MET D 467 52.04 44.57 2.98
C MET D 467 53.40 44.76 3.63
N ASN D 468 53.56 44.35 4.89
CA ASN D 468 54.81 44.58 5.61
C ASN D 468 55.55 43.26 5.79
N ILE D 469 56.35 42.89 4.78
CA ILE D 469 57.12 41.65 4.85
C ILE D 469 58.60 41.86 4.57
N ASP D 470 59.11 43.08 4.76
CA ASP D 470 60.53 43.32 4.57
C ASP D 470 61.37 42.71 5.67
N ALA D 471 60.78 42.48 6.84
CA ALA D 471 61.48 41.73 7.87
C ALA D 471 61.49 40.24 7.55
N ALA D 472 60.54 39.79 6.75
CA ALA D 472 60.45 38.37 6.43
C ALA D 472 61.54 37.94 5.46
N VAL D 473 61.83 38.78 4.48
CA VAL D 473 62.78 38.42 3.43
C VAL D 473 64.20 38.42 3.96
N GLY D 474 64.55 39.37 4.83
CA GLY D 474 65.90 39.42 5.35
C GLY D 474 66.18 38.34 6.38
N GLY D 475 65.16 37.89 7.08
CA GLY D 475 65.34 36.87 8.09
C GLY D 475 65.26 35.47 7.53
N VAL D 476 65.01 35.35 6.23
CA VAL D 476 65.04 34.05 5.58
C VAL D 476 66.19 33.94 4.59
N ASN D 477 66.81 35.07 4.21
CA ASN D 477 67.79 35.05 3.14
C ASN D 477 69.12 34.49 3.61
N HIS D 478 69.33 34.44 4.93
CA HIS D 478 70.45 33.70 5.47
C HIS D 478 70.24 32.21 5.27
N ASP D 479 71.31 31.43 5.48
CA ASP D 479 71.48 30.05 5.06
C ASP D 479 71.17 29.97 3.58
N PRO D 480 72.05 30.51 2.71
CA PRO D 480 71.68 30.78 1.32
C PRO D 480 71.44 29.51 0.52
N VAL D 481 70.61 29.65 -0.50
CA VAL D 481 69.96 28.52 -1.14
C VAL D 481 70.69 28.18 -2.43
N GLU D 482 70.75 26.89 -2.73
CA GLU D 482 71.19 26.42 -4.04
C GLU D 482 70.17 26.87 -5.07
N ALA D 483 70.65 27.56 -6.11
CA ALA D 483 69.77 28.12 -7.12
C ALA D 483 69.13 27.01 -7.94
N ALA D 484 67.81 27.08 -8.08
CA ALA D 484 67.08 26.12 -8.89
C ALA D 484 67.13 26.55 -10.36
N ASN D 485 66.47 25.76 -11.20
CA ASN D 485 66.38 26.09 -12.62
C ASN D 485 65.54 27.35 -12.82
N PRO D 486 66.12 28.43 -13.28
CA PRO D 486 65.41 29.71 -13.27
C PRO D 486 64.59 29.92 -14.55
N TYR D 487 63.63 29.02 -14.80
CA TYR D 487 62.74 29.23 -15.94
C TYR D 487 61.57 30.15 -15.59
N GLY D 488 60.73 29.73 -14.67
CA GLY D 488 59.56 30.52 -14.35
C GLY D 488 59.83 31.75 -13.52
N ALA D 489 61.08 31.98 -13.12
CA ALA D 489 61.44 33.04 -12.21
C ALA D 489 62.42 34.04 -12.79
N TYR D 490 62.72 33.97 -14.08
CA TYR D 490 63.70 34.86 -14.66
C TYR D 490 63.10 35.65 -15.81
N VAL D 491 62.90 36.94 -15.57
CA VAL D 491 62.64 37.91 -16.62
C VAL D 491 63.97 38.12 -17.33
N ALA D 492 63.92 38.28 -18.63
CA ALA D 492 65.10 38.65 -19.41
C ALA D 492 64.85 39.97 -20.10
N ALA D 493 65.92 40.61 -20.52
CA ALA D 493 65.70 41.64 -21.51
C ALA D 493 65.41 40.97 -22.85
N PRO D 494 64.31 41.33 -23.51
CA PRO D 494 64.05 40.79 -24.85
C PRO D 494 65.04 41.37 -25.85
N ALA D 495 65.44 40.55 -26.81
CA ALA D 495 66.45 40.95 -27.80
C ALA D 495 66.16 40.27 -29.12
N GLY D 496 66.69 40.87 -30.20
CA GLY D 496 66.51 40.32 -31.52
C GLY D 496 65.13 40.60 -32.07
N PRO D 497 64.82 40.06 -33.24
CA PRO D 497 63.51 40.30 -33.84
C PRO D 497 62.44 39.46 -33.20
N GLY D 498 61.22 39.58 -33.73
CA GLY D 498 60.17 38.67 -33.34
C GLY D 498 60.31 37.29 -33.96
N ALA D 499 61.10 37.19 -35.04
CA ALA D 499 61.09 35.99 -35.86
C ALA D 499 61.67 34.78 -35.13
N ASP D 500 62.91 34.88 -34.67
CA ASP D 500 63.59 33.77 -34.03
C ASP D 500 63.63 33.89 -32.52
N MET D 501 62.77 34.73 -31.95
CA MET D 501 62.90 35.10 -30.55
C MET D 501 62.56 33.93 -29.63
N GLN D 502 61.62 33.09 -30.05
CA GLN D 502 61.44 31.82 -29.36
C GLN D 502 62.41 30.79 -29.88
N GLN D 503 62.84 30.92 -31.13
CA GLN D 503 63.80 29.98 -31.70
C GLN D 503 65.16 30.12 -31.03
N ARG D 504 65.55 31.35 -30.68
CA ARG D 504 66.75 31.54 -29.87
C ARG D 504 66.56 30.93 -28.49
N PHE D 505 65.38 31.16 -27.90
CA PHE D 505 65.04 30.70 -26.56
C PHE D 505 65.12 29.18 -26.43
N LEU D 506 64.80 28.48 -27.51
CA LEU D 506 64.87 27.02 -27.46
C LEU D 506 66.31 26.53 -27.49
N ASN D 507 67.22 27.34 -28.02
CA ASN D 507 68.61 26.91 -28.07
C ASN D 507 69.39 27.36 -26.85
N ALA D 508 69.07 28.54 -26.32
CA ALA D 508 69.82 29.08 -25.19
C ALA D 508 69.52 28.31 -23.91
N TRP D 509 68.27 27.89 -23.73
CA TRP D 509 67.80 27.31 -22.48
C TRP D 509 67.71 25.80 -22.53
N ARG D 510 68.22 25.21 -23.61
CA ARG D 510 68.07 23.79 -23.88
C ARG D 510 68.74 22.91 -22.84
N GLN D 511 69.78 23.41 -22.18
CA GLN D 511 70.46 22.64 -21.16
C GLN D 511 69.67 22.60 -19.86
N ARG D 512 69.49 23.76 -19.23
CA ARG D 512 69.01 23.81 -17.85
C ARG D 512 67.52 23.59 -17.73
N LEU D 513 66.75 23.83 -18.79
CA LEU D 513 65.33 23.51 -18.74
C LEU D 513 65.14 22.01 -18.84
N ALA D 514 66.12 21.30 -19.39
CA ALA D 514 66.12 19.85 -19.40
C ALA D 514 66.84 19.26 -18.20
N HIS D 515 67.59 20.07 -17.46
CA HIS D 515 68.38 19.58 -16.34
C HIS D 515 67.49 19.20 -15.15
N GLY D 516 66.80 20.19 -14.59
CA GLY D 516 65.86 19.95 -13.52
C GLY D 516 64.42 20.18 -13.95
N ARG D 517 63.51 19.88 -13.02
CA ARG D 517 62.09 20.13 -13.20
C ARG D 517 61.72 21.33 -12.35
N VAL D 518 61.00 22.29 -12.94
CA VAL D 518 60.79 23.58 -12.28
C VAL D 518 59.82 23.40 -11.13
N ARG D 519 59.75 24.43 -10.28
CA ARG D 519 59.07 24.30 -9.01
C ARG D 519 57.56 24.43 -9.19
N TRP D 520 57.13 25.27 -10.12
CA TRP D 520 55.74 25.70 -10.11
C TRP D 520 54.81 24.83 -10.92
N VAL D 521 55.29 23.76 -11.55
CA VAL D 521 54.35 22.81 -12.10
C VAL D 521 54.02 21.84 -10.97
N ALA D 522 53.08 22.25 -10.14
CA ALA D 522 52.70 21.51 -8.95
C ALA D 522 51.25 21.08 -9.01
N GLU D 523 50.71 20.93 -10.21
CA GLU D 523 49.26 20.83 -10.37
C GLU D 523 48.77 19.44 -10.10
N CYS D 524 49.68 18.47 -10.01
CA CYS D 524 49.28 17.11 -9.67
C CYS D 524 49.15 16.93 -8.17
N GLN D 525 49.53 17.95 -7.41
CA GLN D 525 49.64 17.79 -5.97
C GLN D 525 48.31 18.03 -5.27
N MET D 526 47.99 17.17 -4.30
CA MET D 526 46.74 17.29 -3.59
C MET D 526 46.96 17.95 -2.22
N THR D 527 45.86 18.40 -1.62
CA THR D 527 45.82 19.11 -0.35
C THR D 527 46.43 18.34 0.80
N ALA D 528 45.99 17.11 1.03
CA ALA D 528 46.60 16.27 2.06
C ALA D 528 48.04 15.93 1.76
N GLU D 529 48.42 15.95 0.48
CA GLU D 529 49.83 15.79 0.12
C GLU D 529 50.55 17.12 0.16
N GLN D 530 49.82 18.22 0.00
CA GLN D 530 50.44 19.54 0.07
C GLN D 530 50.91 19.85 1.48
N PHE D 531 50.16 19.43 2.47
CA PHE D 531 50.41 19.91 3.81
C PHE D 531 51.29 18.97 4.62
N MET D 532 52.02 18.08 3.97
CA MET D 532 52.84 17.09 4.67
C MET D 532 54.30 17.25 4.26
N GLN D 533 55.17 17.15 5.27
CA GLN D 533 56.62 17.18 5.05
C GLN D 533 57.16 16.12 4.09
N PRO D 534 56.59 14.91 3.95
CA PRO D 534 56.98 14.09 2.79
C PRO D 534 56.55 14.74 1.49
N ASP D 535 57.49 14.74 0.53
CA ASP D 535 57.27 15.08 -0.87
C ASP D 535 56.81 16.52 -1.10
N ASN D 536 56.87 17.38 -0.08
CA ASN D 536 56.55 18.79 -0.26
C ASN D 536 57.56 19.63 0.51
N ALA D 537 58.83 19.51 0.13
CA ALA D 537 59.83 20.45 0.61
C ALA D 537 59.51 21.91 0.29
N ASN D 538 58.71 22.19 -0.74
CA ASN D 538 58.27 23.55 -1.04
C ASN D 538 57.22 24.08 -0.07
N LEU D 539 56.65 23.22 0.78
CA LEU D 539 55.75 23.71 1.82
C LEU D 539 56.50 24.58 2.82
N ALA D 540 57.79 24.34 2.99
CA ALA D 540 58.62 25.17 3.85
C ALA D 540 58.82 26.56 3.28
N LEU D 541 58.52 26.79 2.01
CA LEU D 541 58.55 28.14 1.45
C LEU D 541 57.18 28.62 1.03
N GLU D 542 56.13 28.18 1.71
CA GLU D 542 54.77 28.68 1.48
C GLU D 542 54.33 29.33 2.78
N LEU D 543 54.41 30.65 2.83
CA LEU D 543 54.25 31.35 4.11
C LEU D 543 53.07 32.31 4.08
N HIS D 544 52.73 32.86 2.95
CA HIS D 544 51.98 34.09 3.04
C HIS D 544 50.89 34.12 1.98
N PRO D 545 49.72 34.70 2.29
CA PRO D 545 48.67 34.80 1.27
C PRO D 545 48.99 35.79 0.16
N ALA D 546 49.40 37.01 0.51
CA ALA D 546 49.56 38.07 -0.45
C ALA D 546 50.81 37.93 -1.33
N PHE D 547 51.75 37.08 -0.94
CA PHE D 547 53.03 37.06 -1.62
C PHE D 547 53.47 35.62 -1.86
N ASP D 548 54.53 35.46 -2.65
CA ASP D 548 55.10 34.16 -2.95
C ASP D 548 56.56 34.13 -2.55
N PHE D 549 57.04 32.95 -2.21
CA PHE D 549 58.43 32.76 -1.80
C PHE D 549 59.08 31.74 -2.72
N PHE D 550 60.19 32.12 -3.32
CA PHE D 550 60.88 31.25 -4.27
C PHE D 550 62.37 31.57 -4.29
N ALA D 551 63.15 30.53 -4.55
CA ALA D 551 64.60 30.64 -4.59
C ALA D 551 65.01 31.23 -5.94
N GLY D 552 65.02 32.56 -6.03
CA GLY D 552 65.43 33.25 -7.22
C GLY D 552 66.94 33.25 -7.39
N VAL D 553 67.37 33.98 -8.42
CA VAL D 553 68.79 34.14 -8.69
C VAL D 553 69.42 35.09 -7.67
N ALA D 554 70.74 35.23 -7.74
CA ALA D 554 71.44 36.02 -6.73
C ALA D 554 71.18 37.51 -6.84
N ASP D 555 71.71 38.13 -7.89
CA ASP D 555 71.79 39.58 -7.96
C ASP D 555 71.56 40.16 -9.35
N VAL D 556 71.04 39.38 -10.28
CA VAL D 556 70.86 39.84 -11.64
C VAL D 556 69.67 40.79 -11.66
N GLU D 557 69.87 41.99 -12.21
CA GLU D 557 68.74 42.84 -12.52
C GLU D 557 67.94 42.23 -13.65
N LEU D 558 66.66 41.97 -13.40
CA LEU D 558 65.87 41.08 -14.25
C LEU D 558 65.56 41.64 -15.64
N PRO D 559 65.28 42.95 -15.83
CA PRO D 559 65.34 43.45 -17.21
C PRO D 559 66.77 43.53 -17.72
N GLY D 560 67.33 42.39 -18.09
CA GLY D 560 68.71 42.33 -18.51
C GLY D 560 69.10 40.91 -18.85
N GLY D 561 69.97 40.79 -19.84
CA GLY D 561 70.58 39.53 -20.20
C GLY D 561 69.61 38.54 -20.82
N GLU D 562 70.16 37.37 -21.17
CA GLU D 562 69.35 36.25 -21.62
C GLU D 562 69.56 35.01 -20.77
N VAL D 563 70.79 34.62 -20.50
CA VAL D 563 71.08 33.44 -19.69
C VAL D 563 71.54 33.90 -18.31
N PRO D 564 70.80 33.59 -17.26
CA PRO D 564 71.17 34.06 -15.92
C PRO D 564 72.35 33.27 -15.36
N PRO D 565 73.32 33.95 -14.75
CA PRO D 565 74.45 33.25 -14.14
C PRO D 565 74.06 32.57 -12.83
N ALA D 566 73.44 31.39 -12.95
CA ALA D 566 72.97 30.67 -11.78
C ALA D 566 74.14 30.09 -10.99
N GLY D 567 74.49 30.74 -9.90
CA GLY D 567 75.47 30.24 -8.97
C GLY D 567 74.86 30.05 -7.60
N PRO D 568 75.27 30.86 -6.63
CA PRO D 568 74.51 30.94 -5.38
C PRO D 568 73.15 31.56 -5.63
N GLY D 569 72.12 30.98 -5.04
CA GLY D 569 70.79 31.52 -5.21
C GLY D 569 70.38 32.37 -4.03
N ALA D 570 69.55 33.38 -4.32
CA ALA D 570 69.02 34.24 -3.28
C ALA D 570 67.50 34.18 -3.35
N ILE D 571 66.88 33.84 -2.22
CA ILE D 571 65.42 33.81 -2.17
C ILE D 571 64.86 35.23 -2.27
N GLN D 572 63.76 35.36 -3.00
CA GLN D 572 63.14 36.66 -3.20
C GLN D 572 61.64 36.45 -3.35
N ALA D 573 60.91 37.56 -3.30
CA ALA D 573 59.47 37.51 -3.20
C ALA D 573 58.82 38.57 -4.09
N THR D 574 57.56 38.34 -4.44
CA THR D 574 56.81 39.29 -5.22
C THR D 574 55.34 39.23 -4.86
N TRP D 575 54.58 40.17 -5.41
CA TRP D 575 53.17 40.32 -5.10
C TRP D 575 52.34 39.37 -5.94
N ARG D 576 51.56 38.52 -5.29
CA ARG D 576 50.45 37.89 -5.97
C ARG D 576 49.42 38.95 -6.30
N VAL D 577 49.05 39.05 -7.57
CA VAL D 577 48.14 40.11 -7.99
C VAL D 577 46.74 39.78 -7.52
N VAL D 578 46.26 38.60 -7.88
CA VAL D 578 44.88 38.25 -7.61
C VAL D 578 44.80 37.03 -6.71
N ASN D 579 43.57 36.73 -6.28
CA ASN D 579 43.27 35.55 -5.50
C ASN D 579 43.42 34.26 -6.28
N GLY D 580 43.50 34.32 -7.61
CA GLY D 580 43.79 33.16 -8.40
C GLY D 580 45.21 32.63 -8.31
N ASN D 581 46.11 33.37 -7.68
CA ASN D 581 47.49 32.91 -7.59
C ASN D 581 47.71 31.89 -6.47
N LEU D 582 46.67 31.49 -5.76
CA LEU D 582 46.79 30.38 -4.84
C LEU D 582 46.89 29.09 -5.64
N PRO D 583 47.90 28.26 -5.35
CA PRO D 583 47.98 26.95 -5.98
C PRO D 583 46.83 26.07 -5.53
N LEU D 584 46.38 25.21 -6.43
CA LEU D 584 45.05 24.63 -6.35
C LEU D 584 44.89 23.66 -5.19
N ALA D 585 45.97 23.09 -4.66
CA ALA D 585 45.84 22.25 -3.50
C ALA D 585 45.53 23.08 -2.26
N LEU D 586 45.95 24.34 -2.23
CA LEU D 586 45.51 25.23 -1.16
C LEU D 586 44.10 25.75 -1.41
N CYS D 587 43.76 26.06 -2.66
CA CYS D 587 42.45 26.63 -2.98
C CYS D 587 41.83 25.78 -4.09
N PRO D 588 40.91 24.89 -3.74
CA PRO D 588 40.46 23.86 -4.68
C PRO D 588 39.59 24.42 -5.80
N VAL D 589 39.63 23.68 -6.91
CA VAL D 589 38.83 24.02 -8.08
C VAL D 589 37.35 23.88 -7.79
N ALA D 590 36.98 22.89 -6.99
CA ALA D 590 35.58 22.70 -6.63
C ALA D 590 35.05 23.86 -5.80
N PHE D 591 35.89 24.37 -4.89
CA PHE D 591 35.59 25.65 -4.24
C PHE D 591 35.56 26.77 -5.26
N ARG D 592 36.43 26.70 -6.26
CA ARG D 592 36.58 27.81 -7.19
C ARG D 592 35.43 27.87 -8.17
N ASP D 593 34.69 26.78 -8.32
CA ASP D 593 33.48 26.79 -9.14
C ASP D 593 32.23 27.13 -8.33
N ALA D 594 32.22 26.86 -7.03
CA ALA D 594 31.03 27.11 -6.23
C ALA D 594 30.72 28.59 -6.12
N ARG D 595 31.71 29.44 -5.93
CA ARG D 595 31.50 30.87 -5.99
C ARG D 595 31.22 31.34 -7.41
N GLY D 596 31.61 30.57 -8.42
CA GLY D 596 31.18 30.83 -9.77
C GLY D 596 29.69 30.64 -9.84
N LEU D 597 29.19 29.57 -9.22
CA LEU D 597 27.74 29.40 -9.14
C LEU D 597 27.09 30.46 -8.26
N GLU D 598 27.83 30.98 -7.27
CA GLU D 598 27.32 32.12 -6.52
C GLU D 598 27.23 33.34 -7.41
N LEU D 599 28.17 33.49 -8.33
CA LEU D 599 28.01 34.50 -9.35
C LEU D 599 27.09 34.01 -10.47
N GLY D 600 26.88 32.69 -10.54
CA GLY D 600 26.07 32.08 -11.59
C GLY D 600 24.59 32.30 -11.49
N VAL D 601 24.10 32.84 -10.39
CA VAL D 601 22.69 33.21 -10.29
C VAL D 601 22.55 34.68 -10.65
N GLY D 602 21.37 35.05 -11.13
CA GLY D 602 21.02 36.44 -11.28
C GLY D 602 21.67 37.19 -12.42
N ARG D 603 22.75 36.69 -12.98
CA ARG D 603 23.48 37.43 -13.99
C ARG D 603 23.41 36.69 -15.32
N HIS D 604 23.77 37.41 -16.38
CA HIS D 604 23.47 36.99 -17.74
C HIS D 604 24.30 35.80 -18.17
N ALA D 605 23.63 34.77 -18.68
CA ALA D 605 24.27 33.55 -19.16
C ALA D 605 23.96 33.39 -20.64
N MET D 606 24.88 32.78 -21.36
CA MET D 606 24.66 32.52 -22.78
C MET D 606 23.67 31.40 -22.97
N ALA D 607 23.01 31.39 -24.13
CA ALA D 607 22.25 30.23 -24.55
C ALA D 607 23.21 29.09 -24.89
N PRO D 608 22.82 27.83 -24.72
CA PRO D 608 23.75 26.73 -25.01
C PRO D 608 24.00 26.52 -26.48
N ALA D 609 23.18 27.11 -27.36
CA ALA D 609 23.36 26.92 -28.78
C ALA D 609 24.59 27.65 -29.29
N THR D 610 24.79 28.89 -28.83
CA THR D 610 25.98 29.63 -29.24
C THR D 610 27.24 29.09 -28.59
N ILE D 611 27.10 28.42 -27.45
CA ILE D 611 28.26 27.91 -26.72
C ILE D 611 28.93 26.78 -27.48
N ALA D 612 28.14 25.78 -27.88
CA ALA D 612 28.66 24.73 -28.74
C ALA D 612 29.03 25.28 -30.11
N ALA D 613 28.38 26.35 -30.56
CA ALA D 613 28.73 26.97 -31.82
C ALA D 613 30.11 27.64 -31.74
N VAL D 614 30.38 28.31 -30.62
CA VAL D 614 31.70 28.92 -30.44
C VAL D 614 32.76 27.84 -30.27
N ARG D 615 32.47 26.83 -29.45
CA ARG D 615 33.48 25.83 -29.13
C ARG D 615 33.74 24.92 -30.32
N GLY D 616 32.86 24.91 -31.31
CA GLY D 616 33.18 24.26 -32.56
C GLY D 616 34.27 24.95 -33.34
N ALA D 617 34.41 26.27 -33.18
CA ALA D 617 35.36 27.03 -33.97
C ALA D 617 36.78 26.86 -33.48
N PHE D 618 36.96 26.75 -32.16
CA PHE D 618 38.26 26.45 -31.59
C PHE D 618 38.74 25.05 -31.94
N GLU D 619 37.82 24.12 -32.14
CA GLU D 619 38.14 22.71 -32.31
C GLU D 619 38.15 22.27 -33.76
N ASP D 620 37.68 23.11 -34.67
CA ASP D 620 37.68 22.81 -36.09
C ASP D 620 39.13 22.79 -36.58
N ARG D 621 39.66 21.59 -36.82
CA ARG D 621 40.94 21.48 -37.49
C ARG D 621 40.87 22.01 -38.92
N SER D 622 39.72 21.86 -39.57
CA SER D 622 39.49 22.44 -40.88
C SER D 622 38.92 23.84 -40.81
N TYR D 623 39.23 24.57 -39.75
CA TYR D 623 39.08 26.01 -39.76
C TYR D 623 39.93 26.53 -40.91
N PRO D 624 39.30 27.09 -41.95
CA PRO D 624 40.05 27.35 -43.18
C PRO D 624 41.04 28.49 -43.02
N ALA D 625 42.28 28.22 -43.44
CA ALA D 625 43.41 29.10 -43.16
C ALA D 625 43.35 30.43 -43.91
N VAL D 626 42.37 30.62 -44.79
CA VAL D 626 42.08 31.97 -45.26
C VAL D 626 41.64 32.85 -44.11
N PHE D 627 40.89 32.29 -43.15
CA PHE D 627 40.35 33.07 -42.04
C PHE D 627 41.43 33.59 -41.12
N TYR D 628 42.58 32.91 -41.05
CA TYR D 628 43.71 33.48 -40.33
C TYR D 628 44.31 34.65 -41.11
N LEU D 629 44.29 34.58 -42.44
CA LEU D 629 44.87 35.67 -43.23
C LEU D 629 43.86 36.78 -43.46
N LEU D 630 42.57 36.48 -43.45
CA LEU D 630 41.58 37.54 -43.50
C LEU D 630 41.53 38.31 -42.20
N GLN D 631 41.75 37.63 -41.08
CA GLN D 631 41.75 38.29 -39.77
C GLN D 631 42.91 39.26 -39.66
N ALA D 632 44.11 38.81 -39.99
CA ALA D 632 45.27 39.69 -40.03
C ALA D 632 45.15 40.72 -41.13
N ALA D 633 44.33 40.45 -42.14
CA ALA D 633 43.92 41.51 -43.05
C ALA D 633 42.96 42.48 -42.36
N ILE D 634 42.07 41.96 -41.51
CA ILE D 634 41.17 42.87 -40.81
C ILE D 634 41.92 43.54 -39.66
N HIS D 635 42.79 42.79 -38.98
CA HIS D 635 43.80 43.25 -38.00
C HIS D 635 43.24 44.24 -36.97
N GLY D 636 42.04 43.94 -36.49
CA GLY D 636 41.38 44.75 -35.48
C GLY D 636 41.00 46.15 -35.92
N ASN D 637 41.08 46.47 -37.20
CA ASN D 637 40.93 47.84 -37.65
C ASN D 637 39.46 48.17 -37.83
N GLU D 638 39.13 49.47 -37.71
CA GLU D 638 37.76 49.89 -37.89
C GLU D 638 37.48 50.23 -39.35
N HIS D 639 38.46 50.83 -40.03
CA HIS D 639 38.25 51.29 -41.41
C HIS D 639 38.26 50.12 -42.39
N VAL D 640 39.13 49.13 -42.14
CA VAL D 640 39.40 48.12 -43.16
C VAL D 640 38.25 47.10 -43.22
N PHE D 641 37.57 46.87 -42.09
CA PHE D 641 36.57 45.82 -42.02
C PHE D 641 35.32 46.14 -42.85
N CYS D 642 35.03 47.44 -43.02
CA CYS D 642 33.76 47.83 -43.62
C CYS D 642 33.69 47.50 -45.11
N ALA D 643 34.74 47.81 -45.86
CA ALA D 643 34.75 47.49 -47.29
C ALA D 643 34.89 45.99 -47.53
N LEU D 644 35.63 45.31 -46.65
CA LEU D 644 35.85 43.88 -46.75
C LEU D 644 34.69 43.05 -46.19
N ALA D 645 33.58 43.68 -45.78
CA ALA D 645 32.54 42.98 -45.04
C ALA D 645 31.73 42.03 -45.94
N ARG D 646 31.72 42.27 -47.25
CA ARG D 646 30.95 41.42 -48.16
C ARG D 646 31.57 40.03 -48.29
N LEU D 647 32.91 39.98 -48.43
CA LEU D 647 33.68 38.78 -48.15
C LEU D 647 33.28 38.19 -46.81
N VAL D 648 33.28 39.02 -45.78
CA VAL D 648 32.98 38.56 -44.43
C VAL D 648 31.52 38.14 -44.33
N THR D 649 30.60 38.87 -45.00
CA THR D 649 29.21 38.43 -44.92
C THR D 649 28.94 37.20 -45.78
N GLN D 650 29.89 36.82 -46.64
CA GLN D 650 29.82 35.49 -47.22
C GLN D 650 30.72 34.49 -46.50
N CYS D 651 31.92 34.90 -46.08
CA CYS D 651 32.82 33.97 -45.39
C CYS D 651 32.25 33.51 -44.05
N ILE D 652 31.40 34.33 -43.44
CA ILE D 652 30.53 33.78 -42.41
C ILE D 652 29.55 32.81 -43.04
N THR D 653 28.79 33.29 -44.04
CA THR D 653 27.64 32.57 -44.54
C THR D 653 28.04 31.26 -45.23
N SER D 654 29.18 31.28 -45.91
CA SER D 654 29.66 30.05 -46.52
C SER D 654 30.17 29.07 -45.46
N TYR D 655 30.91 29.57 -44.48
CA TYR D 655 31.38 28.69 -43.42
C TYR D 655 30.22 28.24 -42.55
N TRP D 656 29.17 29.05 -42.45
CA TRP D 656 28.04 28.70 -41.60
C TRP D 656 27.15 27.64 -42.25
N ASN D 657 27.02 27.69 -43.57
CA ASN D 657 26.12 26.74 -44.23
C ASN D 657 26.74 25.36 -44.31
N ASN D 658 28.05 25.29 -44.50
CA ASN D 658 28.73 24.00 -44.44
C ASN D 658 28.80 23.50 -43.01
N THR D 659 29.27 24.35 -42.10
CA THR D 659 29.50 23.96 -40.72
C THR D 659 28.68 24.84 -39.80
N ARG D 660 27.91 24.22 -38.92
CA ARG D 660 27.19 25.00 -37.91
C ARG D 660 28.18 25.37 -36.80
N CYS D 661 29.10 26.27 -37.13
CA CYS D 661 30.09 26.82 -36.23
C CYS D 661 30.31 28.26 -36.66
N ALA D 662 30.41 29.16 -35.68
CA ALA D 662 30.60 30.58 -35.94
C ALA D 662 32.00 30.80 -36.50
N ALA D 663 32.15 31.77 -37.40
CA ALA D 663 33.36 31.85 -38.21
C ALA D 663 34.49 32.61 -37.52
N PHE D 664 34.29 33.89 -37.24
CA PHE D 664 35.40 34.77 -36.91
C PHE D 664 35.51 35.09 -35.43
N VAL D 665 35.31 34.10 -34.56
CA VAL D 665 35.29 34.35 -33.13
C VAL D 665 36.67 34.47 -32.51
N ASN D 666 37.74 34.41 -33.30
CA ASN D 666 39.05 34.47 -32.68
C ASN D 666 39.55 35.89 -32.39
N ASP D 667 38.69 36.89 -32.49
CA ASP D 667 39.03 38.25 -32.08
C ASP D 667 37.77 38.91 -31.56
N TYR D 668 37.90 39.66 -30.46
CA TYR D 668 36.75 40.42 -29.95
C TYR D 668 36.38 41.54 -30.90
N SER D 669 37.38 42.16 -31.53
CA SER D 669 37.13 43.30 -32.41
C SER D 669 36.39 42.86 -33.67
N LEU D 670 36.65 41.63 -34.13
CA LEU D 670 35.86 41.05 -35.21
C LEU D 670 34.40 40.92 -34.80
N VAL D 671 34.14 40.24 -33.69
CA VAL D 671 32.78 39.97 -33.24
C VAL D 671 32.08 41.27 -32.84
N SER D 672 32.84 42.26 -32.35
CA SER D 672 32.24 43.55 -32.05
C SER D 672 31.87 44.31 -33.31
N TYR D 673 32.31 43.85 -34.47
CA TYR D 673 31.90 44.50 -35.71
C TYR D 673 30.84 43.68 -36.43
N ILE D 674 30.88 42.36 -36.24
CA ILE D 674 29.86 41.48 -36.80
C ILE D 674 28.52 41.76 -36.14
N VAL D 675 28.54 41.97 -34.82
CA VAL D 675 27.32 42.41 -34.13
C VAL D 675 26.99 43.84 -34.53
N THR D 676 28.03 44.64 -34.82
CA THR D 676 27.79 46.01 -35.27
C THR D 676 27.18 46.03 -36.66
N TYR D 677 27.91 45.50 -37.65
CA TYR D 677 27.62 45.79 -39.04
C TYR D 677 26.68 44.79 -39.68
N LEU D 678 26.86 43.50 -39.39
CA LEU D 678 26.33 42.44 -40.21
C LEU D 678 24.99 41.91 -39.72
N GLY D 679 24.10 42.77 -39.26
CA GLY D 679 22.85 42.30 -38.71
C GLY D 679 21.90 41.73 -39.75
N GLY D 680 21.83 42.35 -40.93
CA GLY D 680 20.81 41.97 -41.88
C GLY D 680 21.05 40.71 -42.69
N ASP D 681 22.10 40.71 -43.51
CA ASP D 681 22.33 39.68 -44.52
C ASP D 681 23.04 38.46 -43.94
N LEU D 682 22.54 37.96 -42.82
CA LEU D 682 22.94 36.68 -42.27
C LEU D 682 21.67 35.96 -41.85
N PRO D 683 21.65 34.64 -41.91
CA PRO D 683 20.56 33.90 -41.26
C PRO D 683 20.63 34.10 -39.76
N GLU D 684 19.46 34.18 -39.13
CA GLU D 684 19.40 34.60 -37.73
C GLU D 684 19.93 33.53 -36.79
N GLU D 685 20.04 32.28 -37.26
CA GLU D 685 20.68 31.24 -36.47
C GLU D 685 22.16 31.55 -36.23
N CYS D 686 22.84 32.18 -37.19
CA CYS D 686 24.20 32.62 -36.94
C CYS D 686 24.29 34.08 -36.57
N MET D 687 23.18 34.76 -36.27
CA MET D 687 23.29 36.14 -35.83
C MET D 687 23.38 36.26 -34.32
N ALA D 688 22.48 35.58 -33.61
CA ALA D 688 22.47 35.68 -32.16
C ALA D 688 23.66 34.98 -31.52
N VAL D 689 24.30 34.07 -32.25
CA VAL D 689 25.53 33.44 -31.79
C VAL D 689 26.62 34.47 -31.56
N TYR D 690 26.75 35.43 -32.47
CA TYR D 690 27.64 36.55 -32.19
C TYR D 690 27.01 37.51 -31.19
N ARG D 691 25.68 37.62 -31.19
CA ARG D 691 25.04 38.64 -30.36
C ARG D 691 25.04 38.26 -28.88
N ASP D 692 24.73 37.00 -28.55
CA ASP D 692 24.70 36.59 -27.16
C ASP D 692 26.09 36.45 -26.58
N LEU D 693 27.12 36.50 -27.43
CA LEU D 693 28.48 36.51 -26.91
C LEU D 693 28.83 37.85 -26.27
N VAL D 694 28.43 38.94 -26.90
CA VAL D 694 28.96 40.25 -26.55
C VAL D 694 28.35 40.79 -25.26
N ALA D 695 27.03 40.66 -25.09
CA ALA D 695 26.40 41.10 -23.85
C ALA D 695 26.80 40.22 -22.68
N HIS D 696 27.21 38.99 -22.95
CA HIS D 696 27.76 38.15 -21.90
C HIS D 696 29.15 38.61 -21.51
N VAL D 697 29.88 39.19 -22.46
CA VAL D 697 31.12 39.88 -22.13
C VAL D 697 30.80 41.16 -21.36
N GLU D 698 29.71 41.83 -21.76
CA GLU D 698 29.22 42.97 -20.99
C GLU D 698 28.68 42.57 -19.63
N ALA D 699 28.26 41.31 -19.49
CA ALA D 699 27.79 40.83 -18.19
C ALA D 699 28.92 40.77 -17.18
N LEU D 700 30.16 40.60 -17.66
CA LEU D 700 31.28 40.62 -16.73
C LEU D 700 31.78 42.04 -16.50
N ALA D 701 31.50 42.97 -17.42
CA ALA D 701 31.93 44.33 -17.21
C ALA D 701 31.07 45.02 -16.16
N GLN D 702 29.77 44.78 -16.19
CA GLN D 702 28.87 45.32 -15.18
C GLN D 702 29.02 44.63 -13.84
N LEU D 703 29.72 43.50 -13.78
CA LEU D 703 29.85 42.75 -12.55
C LEU D 703 30.80 43.44 -11.56
N VAL D 704 31.72 44.25 -12.07
CA VAL D 704 32.76 44.82 -11.20
C VAL D 704 32.16 45.86 -10.28
N ASP D 705 31.39 46.80 -10.83
CA ASP D 705 30.85 47.88 -10.03
C ASP D 705 29.69 47.46 -9.14
N ASP D 706 29.26 46.20 -9.21
CA ASP D 706 28.40 45.66 -8.17
C ASP D 706 29.19 45.33 -6.92
N PHE D 707 30.52 45.26 -7.04
CA PHE D 707 31.39 44.95 -5.92
C PHE D 707 32.36 46.07 -5.60
N THR D 708 31.93 47.32 -5.65
CA THR D 708 32.80 48.45 -5.40
C THR D 708 32.04 49.56 -4.69
N LEU D 709 32.51 49.92 -3.50
CA LEU D 709 32.01 51.13 -2.87
C LEU D 709 32.72 52.35 -3.45
N PRO D 710 32.05 53.49 -3.55
CA PRO D 710 32.67 54.63 -4.20
C PRO D 710 33.64 55.34 -3.27
N GLY D 711 34.40 56.24 -3.86
CA GLY D 711 35.39 56.99 -3.13
C GLY D 711 36.25 57.81 -4.08
N PRO D 712 37.25 58.49 -3.55
CA PRO D 712 38.08 59.35 -4.39
C PRO D 712 39.01 58.57 -5.30
N GLU D 713 39.75 59.29 -6.14
CA GLU D 713 40.74 58.71 -7.01
C GLU D 713 42.07 58.66 -6.25
N LEU D 714 42.42 57.46 -5.78
CA LEU D 714 43.59 57.25 -4.93
C LEU D 714 44.77 56.85 -5.80
N GLY D 715 45.52 57.84 -6.28
CA GLY D 715 46.63 57.56 -7.14
C GLY D 715 46.28 57.53 -8.61
N GLY D 716 45.43 58.44 -9.06
CA GLY D 716 45.04 58.52 -10.45
C GLY D 716 43.98 57.54 -10.87
N GLN D 717 44.12 56.27 -10.52
CA GLN D 717 43.10 55.28 -10.78
C GLN D 717 41.89 55.51 -9.89
N ALA D 718 40.75 55.00 -10.31
CA ALA D 718 39.55 55.11 -9.49
C ALA D 718 39.51 53.96 -8.49
N GLN D 719 38.37 53.83 -7.80
CA GLN D 719 38.22 52.80 -6.78
C GLN D 719 38.21 51.41 -7.38
N ALA D 720 37.44 51.20 -8.45
CA ALA D 720 37.34 49.87 -9.04
C ALA D 720 38.65 49.44 -9.69
N GLU D 721 39.40 50.40 -10.23
CA GLU D 721 40.68 50.06 -10.84
C GLU D 721 41.70 49.64 -9.79
N LEU D 722 41.59 50.18 -8.58
CA LEU D 722 42.37 49.64 -7.47
C LEU D 722 41.73 48.37 -6.94
N ASN D 723 40.46 48.15 -7.23
CA ASN D 723 39.76 47.00 -6.67
C ASN D 723 40.00 45.76 -7.49
N HIS D 724 39.72 45.83 -8.78
CA HIS D 724 39.65 44.66 -9.63
C HIS D 724 40.64 44.78 -10.77
N LEU D 725 41.07 43.62 -11.30
CA LEU D 725 42.08 43.60 -12.35
C LEU D 725 41.55 44.06 -13.69
N MET D 726 40.30 43.74 -14.01
CA MET D 726 39.80 44.00 -15.35
C MET D 726 39.56 45.49 -15.57
N ARG D 727 39.26 46.23 -14.51
CA ARG D 727 39.25 47.68 -14.63
C ARG D 727 40.65 48.24 -14.69
N ASP D 728 41.62 47.52 -14.13
CA ASP D 728 42.95 48.07 -13.91
C ASP D 728 43.66 48.25 -15.22
N PRO D 729 44.06 49.49 -15.58
CA PRO D 729 44.58 49.72 -16.93
C PRO D 729 46.00 49.29 -17.11
N ALA D 730 46.75 49.02 -16.03
CA ALA D 730 48.14 48.63 -16.12
C ALA D 730 48.31 47.32 -16.87
N LEU D 731 47.59 46.29 -16.45
CA LEU D 731 47.54 45.06 -17.23
C LEU D 731 46.63 45.27 -18.43
N LEU D 732 47.15 44.96 -19.61
CA LEU D 732 46.48 45.20 -20.87
C LEU D 732 46.24 43.85 -21.56
N PRO D 733 45.41 43.78 -22.60
CA PRO D 733 45.12 42.48 -23.22
C PRO D 733 46.34 41.91 -23.93
N PRO D 734 46.28 40.65 -24.37
CA PRO D 734 47.45 40.09 -25.05
C PRO D 734 47.57 40.45 -26.52
N LEU D 735 46.46 40.51 -27.26
CA LEU D 735 46.52 40.66 -28.71
C LEU D 735 45.81 41.94 -29.08
N VAL D 736 46.55 43.05 -29.08
CA VAL D 736 45.96 44.37 -28.96
C VAL D 736 46.25 45.09 -30.26
N TRP D 737 45.26 45.15 -31.16
CA TRP D 737 45.48 45.84 -32.41
C TRP D 737 45.54 47.34 -32.24
N ASP D 738 45.01 47.86 -31.15
CA ASP D 738 45.27 49.23 -30.71
C ASP D 738 46.29 49.19 -29.58
N CYS D 739 46.47 50.32 -28.92
CA CYS D 739 47.35 50.39 -27.76
C CYS D 739 46.75 51.22 -26.63
N ASP D 740 45.41 51.31 -26.56
CA ASP D 740 44.75 51.97 -25.45
C ASP D 740 45.08 51.27 -24.14
N GLY D 741 45.19 49.94 -24.22
CA GLY D 741 45.70 49.11 -23.14
C GLY D 741 47.09 49.53 -22.71
N LEU D 742 47.95 49.93 -23.64
CA LEU D 742 49.23 50.51 -23.23
C LEU D 742 49.04 51.93 -22.70
N MET D 743 48.08 52.67 -23.26
CA MET D 743 47.95 54.11 -23.05
C MET D 743 47.79 54.46 -21.59
N ARG D 744 46.70 54.02 -20.97
CA ARG D 744 46.51 54.32 -19.57
C ARG D 744 47.44 53.50 -18.70
N HIS D 745 47.95 52.37 -19.22
CA HIS D 745 49.01 51.65 -18.52
C HIS D 745 50.28 52.47 -18.48
N ALA D 746 50.57 53.17 -19.57
CA ALA D 746 51.64 54.16 -19.53
C ALA D 746 51.29 55.28 -18.56
N ALA D 747 50.00 55.62 -18.44
CA ALA D 747 49.55 56.74 -17.64
C ALA D 747 49.41 56.31 -16.19
N LEU D 748 50.53 56.04 -15.54
CA LEU D 748 50.55 55.77 -14.11
C LEU D 748 51.82 56.34 -13.53
N ASP D 749 51.72 56.78 -12.28
CA ASP D 749 52.93 56.90 -11.48
C ASP D 749 53.53 55.54 -11.22
N ARG D 750 52.71 54.48 -11.25
CA ARG D 750 53.16 53.11 -11.16
C ARG D 750 53.96 52.70 -12.39
N HIS D 751 53.79 53.40 -13.50
CA HIS D 751 54.37 52.95 -14.76
C HIS D 751 55.85 53.24 -14.83
N ARG D 752 56.60 52.20 -15.13
CA ARG D 752 57.99 52.28 -15.52
C ARG D 752 57.98 51.60 -16.88
N ASP D 753 59.18 51.35 -17.44
CA ASP D 753 59.44 51.08 -18.85
C ASP D 753 58.50 50.11 -19.53
N CYS D 754 57.67 50.59 -20.46
CA CYS D 754 56.91 49.65 -21.27
C CYS D 754 57.80 49.29 -22.44
N ARG D 755 58.80 48.47 -22.17
CA ARG D 755 59.88 48.21 -23.11
C ARG D 755 59.50 47.04 -23.99
N ILE D 756 58.83 47.34 -25.10
CA ILE D 756 59.01 46.58 -26.33
C ILE D 756 60.52 46.56 -26.57
N ASP D 757 61.12 45.39 -26.53
CA ASP D 757 62.57 45.31 -26.64
C ASP D 757 62.91 44.37 -27.79
N ALA D 758 62.86 44.89 -29.00
CA ALA D 758 63.49 44.24 -30.14
C ALA D 758 64.66 45.07 -30.65
N GLY D 759 64.46 46.37 -30.82
CA GLY D 759 65.51 47.31 -31.10
C GLY D 759 65.66 48.39 -30.03
N GLY D 760 65.23 49.61 -30.35
CA GLY D 760 65.33 50.77 -29.47
C GLY D 760 64.59 50.67 -28.15
N HIS D 761 64.93 51.55 -27.21
CA HIS D 761 64.47 51.38 -25.84
C HIS D 761 63.04 51.89 -25.65
N GLU D 762 62.85 53.21 -25.74
CA GLU D 762 61.57 53.78 -25.35
C GLU D 762 60.64 53.88 -26.56
N PRO D 763 59.33 53.72 -26.37
CA PRO D 763 58.42 53.58 -27.52
C PRO D 763 58.14 54.90 -28.22
N VAL D 764 57.67 54.77 -29.46
CA VAL D 764 57.24 55.91 -30.27
C VAL D 764 56.13 55.39 -31.19
N TYR D 765 55.17 56.25 -31.48
CA TYR D 765 53.91 55.84 -32.07
C TYR D 765 53.82 56.21 -33.54
N ALA D 766 52.73 55.76 -34.16
CA ALA D 766 52.42 56.07 -35.55
C ALA D 766 50.92 56.07 -35.69
N ALA D 767 50.40 56.97 -36.54
CA ALA D 767 48.96 57.14 -36.66
C ALA D 767 48.33 55.98 -37.43
N ALA D 768 48.86 55.68 -38.62
CA ALA D 768 48.35 54.62 -39.46
C ALA D 768 49.54 53.91 -40.10
N CYS D 769 49.27 53.18 -41.18
CA CYS D 769 50.33 52.45 -41.86
C CYS D 769 50.03 52.43 -43.35
N ASN D 770 50.98 52.89 -44.16
CA ASN D 770 50.80 53.06 -45.60
C ASN D 770 51.81 52.19 -46.36
N VAL D 771 51.84 52.37 -47.68
CA VAL D 771 52.68 51.53 -48.54
C VAL D 771 54.16 51.92 -48.40
N ALA D 772 54.43 53.19 -48.10
CA ALA D 772 55.80 53.61 -47.89
C ALA D 772 56.14 53.69 -46.42
N THR D 773 55.12 53.87 -45.57
CA THR D 773 55.33 53.99 -44.14
C THR D 773 55.71 52.64 -43.53
N ALA D 774 55.24 51.54 -44.12
CA ALA D 774 55.49 50.22 -43.56
C ALA D 774 56.93 49.79 -43.82
N ASP D 775 57.73 49.78 -42.77
CA ASP D 775 59.08 49.21 -42.82
C ASP D 775 58.94 47.78 -42.30
N PHE D 776 59.18 46.81 -43.19
CA PHE D 776 58.65 45.46 -42.98
C PHE D 776 59.35 44.70 -41.87
N ASN D 777 60.60 45.05 -41.54
CA ASN D 777 61.31 44.52 -40.38
C ASN D 777 62.10 45.67 -39.77
N ARG D 778 61.60 46.20 -38.66
CA ARG D 778 62.21 47.40 -38.09
C ARG D 778 62.60 47.13 -36.64
N ASN D 779 63.59 47.88 -36.17
CA ASN D 779 64.23 47.63 -34.87
C ASN D 779 64.33 48.95 -34.09
N ASP D 780 63.21 49.66 -33.99
CA ASP D 780 63.14 50.85 -33.15
C ASP D 780 62.06 50.79 -32.09
N GLY D 781 61.14 49.83 -32.18
CA GLY D 781 60.04 49.75 -31.24
C GLY D 781 58.82 50.56 -31.64
N ARG D 782 58.48 50.58 -32.92
CA ARG D 782 57.38 51.39 -33.43
C ARG D 782 56.08 50.61 -33.35
N LEU D 783 55.09 51.19 -32.68
CA LEU D 783 53.81 50.53 -32.49
C LEU D 783 52.74 51.22 -33.33
N LEU D 784 51.82 50.42 -33.87
CA LEU D 784 50.75 50.96 -34.68
C LEU D 784 49.66 51.56 -33.80
N HIS D 785 48.74 52.27 -34.43
CA HIS D 785 47.50 52.69 -33.79
C HIS D 785 46.31 52.48 -34.72
N ASN D 786 46.46 51.66 -35.75
CA ASN D 786 45.53 51.64 -36.89
C ASN D 786 44.20 50.95 -36.57
N THR D 787 43.49 51.52 -35.61
CA THR D 787 42.12 51.15 -35.29
C THR D 787 41.16 52.33 -35.34
N GLN D 788 41.63 53.51 -35.76
CA GLN D 788 40.78 54.69 -35.77
C GLN D 788 39.77 54.60 -36.91
N ALA D 789 38.74 55.43 -36.82
CA ALA D 789 37.68 55.42 -37.82
C ALA D 789 38.10 56.14 -39.10
N ARG D 790 38.35 57.44 -38.99
CA ARG D 790 38.68 58.24 -40.16
C ARG D 790 40.16 58.13 -40.49
N ALA D 791 40.47 57.93 -41.76
CA ALA D 791 41.85 58.03 -42.22
C ALA D 791 42.33 59.47 -42.29
N ALA D 792 41.42 60.43 -42.39
CA ALA D 792 41.81 61.84 -42.42
C ALA D 792 42.00 62.38 -41.01
N ASP D 793 41.11 62.03 -40.09
CA ASP D 793 41.20 62.46 -38.70
C ASP D 793 42.03 61.44 -37.93
N ALA D 794 43.33 61.72 -37.79
CA ALA D 794 44.26 60.84 -37.12
C ALA D 794 44.59 61.38 -35.73
N ALA D 795 45.15 60.51 -34.90
CA ALA D 795 45.54 60.88 -33.53
C ALA D 795 46.73 60.03 -33.12
N ASP D 796 47.67 60.66 -32.42
CA ASP D 796 48.88 59.99 -31.98
C ASP D 796 48.87 59.73 -30.49
N ASP D 797 48.41 60.69 -29.70
CA ASP D 797 48.36 60.55 -28.24
C ASP D 797 46.95 60.30 -27.73
N ARG D 798 45.94 60.85 -28.41
CA ARG D 798 44.57 60.74 -27.94
C ARG D 798 43.98 59.38 -28.30
N PRO D 799 43.45 58.63 -27.34
CA PRO D 799 42.76 57.38 -27.68
C PRO D 799 41.35 57.63 -28.18
N HIS D 800 40.90 56.74 -29.05
CA HIS D 800 39.59 56.86 -29.69
C HIS D 800 38.51 56.07 -28.96
N ARG D 801 38.84 54.83 -28.59
CA ARG D 801 37.92 53.85 -28.04
C ARG D 801 37.47 54.17 -26.63
N PRO D 802 36.36 53.58 -26.14
CA PRO D 802 36.05 53.69 -24.72
C PRO D 802 37.03 52.89 -23.88
N ALA D 803 36.95 53.07 -22.56
CA ALA D 803 37.66 52.18 -21.67
C ALA D 803 37.13 50.76 -21.79
N ASP D 804 35.82 50.64 -21.99
CA ASP D 804 35.14 49.34 -22.08
C ASP D 804 35.61 48.52 -23.26
N TRP D 805 36.18 49.17 -24.28
CA TRP D 805 36.78 48.48 -25.41
C TRP D 805 37.90 47.54 -24.98
N THR D 806 38.94 48.09 -24.36
CA THR D 806 40.00 47.23 -23.87
C THR D 806 39.56 46.43 -22.66
N VAL D 807 38.60 46.96 -21.89
CA VAL D 807 38.07 46.22 -20.76
C VAL D 807 37.37 44.95 -21.24
N HIS D 808 36.45 45.07 -22.18
CA HIS D 808 35.85 43.87 -22.76
C HIS D 808 36.87 43.03 -23.52
N HIS D 809 37.88 43.67 -24.14
CA HIS D 809 38.98 42.91 -24.72
C HIS D 809 39.76 42.16 -23.66
N LYS D 810 39.97 42.78 -22.50
CA LYS D 810 40.53 42.05 -21.37
C LYS D 810 39.59 40.96 -20.90
N ILE D 811 38.28 41.24 -20.97
CA ILE D 811 37.31 40.23 -20.58
C ILE D 811 37.27 39.11 -21.62
N TYR D 812 37.31 39.47 -22.90
CA TYR D 812 37.19 38.45 -23.95
C TYR D 812 38.42 37.56 -23.98
N TYR D 813 39.60 38.16 -23.94
CA TYR D 813 40.83 37.40 -24.13
C TYR D 813 41.17 36.60 -22.89
N TYR D 814 41.03 37.20 -21.71
CA TYR D 814 41.45 36.47 -20.52
C TYR D 814 40.40 35.54 -19.96
N VAL D 815 39.11 35.82 -20.16
CA VAL D 815 38.10 34.97 -19.54
C VAL D 815 37.54 33.95 -20.52
N LEU D 816 36.96 34.44 -21.60
CA LEU D 816 36.12 33.58 -22.45
C LEU D 816 36.98 32.69 -23.33
N VAL D 817 37.98 33.28 -23.98
CA VAL D 817 38.94 32.57 -24.82
C VAL D 817 39.57 31.36 -24.11
N PRO D 818 40.01 31.42 -22.85
CA PRO D 818 40.41 30.16 -22.22
C PRO D 818 39.25 29.24 -21.92
N ALA D 819 38.03 29.78 -21.78
CA ALA D 819 36.90 28.94 -21.43
C ALA D 819 36.42 28.13 -22.63
N PHE D 820 36.82 28.52 -23.83
CA PHE D 820 36.48 27.72 -24.99
C PHE D 820 37.69 26.96 -25.53
N SER D 821 38.89 27.55 -25.43
CA SER D 821 40.06 26.93 -26.03
C SER D 821 40.52 25.71 -25.25
N ARG D 822 40.31 25.74 -23.93
CA ARG D 822 40.81 24.74 -22.99
C ARG D 822 42.33 24.56 -23.14
N GLY D 823 43.01 25.70 -23.26
CA GLY D 823 44.46 25.72 -23.33
C GLY D 823 45.05 25.32 -24.67
N ARG D 824 44.25 24.87 -25.62
CA ARG D 824 44.75 24.44 -26.91
C ARG D 824 44.62 25.59 -27.90
N CYS D 825 45.40 26.64 -27.67
CA CYS D 825 45.44 27.76 -28.59
C CYS D 825 46.75 28.50 -28.39
N CYS D 826 47.22 29.20 -29.43
CA CYS D 826 48.46 29.94 -29.29
C CYS D 826 48.43 31.15 -30.21
N THR D 827 49.21 32.16 -29.85
CA THR D 827 49.20 33.42 -30.58
C THR D 827 49.88 33.28 -31.93
N ALA D 828 49.92 34.41 -32.65
CA ALA D 828 50.58 34.46 -33.93
C ALA D 828 51.61 35.58 -33.92
N GLY D 829 52.87 35.19 -33.83
CA GLY D 829 53.94 36.01 -34.32
C GLY D 829 54.01 35.83 -35.82
N VAL D 830 53.71 36.91 -36.53
CA VAL D 830 53.28 36.82 -37.91
C VAL D 830 54.39 37.27 -38.84
N ARG D 831 54.68 36.44 -39.84
CA ARG D 831 55.31 36.92 -41.07
C ARG D 831 54.22 37.55 -41.90
N PHE D 832 53.87 38.80 -41.58
CA PHE D 832 52.87 39.54 -42.34
C PHE D 832 53.29 39.78 -43.78
N ASP D 833 54.57 40.04 -44.04
CA ASP D 833 55.04 40.23 -45.41
C ASP D 833 55.07 38.90 -46.18
N ARG D 834 54.94 37.78 -45.46
CA ARG D 834 54.58 36.52 -46.11
C ARG D 834 53.06 36.38 -46.21
N VAL D 835 52.34 36.87 -45.19
CA VAL D 835 50.87 36.85 -45.21
C VAL D 835 50.34 37.78 -46.29
N TYR D 836 50.89 39.00 -46.40
CA TYR D 836 50.40 39.95 -47.40
C TYR D 836 50.78 39.56 -48.82
N ALA D 837 51.80 38.72 -48.99
CA ALA D 837 52.24 38.35 -50.34
C ALA D 837 51.25 37.40 -51.01
N THR D 838 50.46 36.68 -50.21
CA THR D 838 49.41 35.83 -50.73
C THR D 838 48.01 36.29 -50.35
N LEU D 839 47.80 37.58 -50.09
CA LEU D 839 46.45 38.12 -50.04
C LEU D 839 46.13 38.90 -51.31
N GLN D 840 47.12 39.61 -51.83
CA GLN D 840 47.04 40.27 -53.13
C GLN D 840 47.61 39.32 -54.19
N ASN D 841 47.12 38.09 -54.19
CA ASN D 841 47.55 37.06 -55.13
C ASN D 841 46.35 36.19 -55.45
N MET D 842 45.69 36.46 -56.58
CA MET D 842 44.43 35.80 -56.93
C MET D 842 44.26 35.85 -58.43
N VAL D 843 43.24 35.13 -58.92
CA VAL D 843 42.95 35.04 -60.34
C VAL D 843 41.55 35.63 -60.56
N VAL D 844 41.49 36.82 -61.15
CA VAL D 844 40.23 37.51 -61.39
C VAL D 844 39.94 37.56 -62.89
N PRO D 845 39.00 36.75 -63.40
CA PRO D 845 38.64 36.86 -64.82
C PRO D 845 37.79 38.10 -65.08
N GLU D 846 37.93 38.64 -66.28
CA GLU D 846 37.13 39.80 -66.67
C GLU D 846 35.72 39.35 -67.04
N ILE D 847 34.72 40.12 -66.58
CA ILE D 847 33.34 39.77 -66.83
C ILE D 847 32.99 40.08 -68.30
N ALA D 848 32.11 39.26 -68.86
CA ALA D 848 31.65 39.45 -70.23
C ALA D 848 30.75 40.68 -70.31
N PRO D 849 30.75 41.42 -71.41
CA PRO D 849 29.85 42.58 -71.53
C PRO D 849 28.39 42.16 -71.63
N GLY D 850 27.60 42.56 -70.64
CA GLY D 850 26.20 42.23 -70.60
C GLY D 850 25.84 40.96 -69.85
N GLU D 851 26.76 40.41 -69.05
CA GLU D 851 26.53 39.19 -68.31
C GLU D 851 26.40 39.51 -66.81
N GLU D 852 25.72 38.62 -66.09
CA GLU D 852 25.51 38.81 -64.68
C GLU D 852 26.74 38.36 -63.87
N CYS D 853 26.62 38.48 -62.56
CA CYS D 853 27.73 38.17 -61.67
C CYS D 853 27.86 36.66 -61.50
N PRO D 854 29.08 36.11 -61.51
CA PRO D 854 29.25 34.68 -61.21
C PRO D 854 28.97 34.38 -59.74
N SER D 855 28.13 33.37 -59.50
CA SER D 855 27.72 33.01 -58.15
C SER D 855 28.19 31.62 -57.74
N ASP D 856 28.36 30.72 -58.71
CA ASP D 856 28.72 29.33 -58.43
C ASP D 856 30.14 29.03 -58.89
N PRO D 857 31.04 28.61 -58.00
CA PRO D 857 32.37 28.18 -58.47
C PRO D 857 32.38 26.86 -59.22
N VAL D 858 31.31 26.07 -59.14
CA VAL D 858 31.35 24.73 -59.72
C VAL D 858 31.08 24.78 -61.22
N THR D 859 30.09 25.57 -61.64
CA THR D 859 29.65 25.57 -63.04
C THR D 859 30.27 26.72 -63.84
N ASP D 860 30.11 27.95 -63.36
CA ASP D 860 30.47 29.13 -64.12
C ASP D 860 31.99 29.30 -64.14
N PRO D 861 32.65 29.27 -65.30
CA PRO D 861 34.12 29.38 -65.32
C PRO D 861 34.62 30.79 -65.06
N ALA D 862 33.77 31.81 -65.13
CA ALA D 862 34.19 33.16 -64.80
C ALA D 862 34.29 33.40 -63.29
N HIS D 863 33.80 32.46 -62.48
CA HIS D 863 33.95 32.55 -61.04
C HIS D 863 35.41 32.33 -60.66
N PRO D 864 35.96 33.13 -59.73
CA PRO D 864 37.40 33.00 -59.42
C PRO D 864 37.76 31.76 -58.62
N LEU D 865 36.81 31.09 -57.98
CA LEU D 865 37.07 29.84 -57.28
C LEU D 865 36.80 28.60 -58.12
N HIS D 866 36.67 28.76 -59.44
CA HIS D 866 36.40 27.64 -60.32
C HIS D 866 37.69 26.81 -60.50
N PRO D 867 37.57 25.47 -60.69
CA PRO D 867 38.78 24.64 -60.90
C PRO D 867 39.64 24.96 -62.11
N ALA D 868 39.15 25.79 -63.03
CA ALA D 868 40.04 26.34 -64.07
C ALA D 868 40.93 27.44 -63.52
N ASN D 869 40.55 28.05 -62.41
CA ASN D 869 41.31 29.14 -61.81
C ASN D 869 42.09 28.71 -60.56
N LEU D 870 41.91 27.49 -60.07
CA LEU D 870 42.57 27.07 -58.83
C LEU D 870 44.01 26.70 -59.13
N VAL D 871 44.90 27.66 -59.06
CA VAL D 871 46.31 27.44 -59.34
C VAL D 871 46.97 27.04 -58.01
N ALA D 872 48.10 26.36 -58.10
CA ALA D 872 48.94 26.15 -56.94
C ALA D 872 49.41 27.48 -56.36
N ASN D 873 49.62 27.49 -55.05
CA ASN D 873 50.20 28.59 -54.28
C ASN D 873 49.38 29.88 -54.35
N THR D 874 48.05 29.78 -54.37
CA THR D 874 47.24 31.00 -54.33
C THR D 874 46.06 30.85 -53.36
N VAL D 875 45.37 31.95 -53.11
CA VAL D 875 44.50 32.04 -51.95
C VAL D 875 43.03 31.83 -52.34
N LYS D 876 42.65 32.08 -53.59
CA LYS D 876 41.29 31.71 -53.99
C LYS D 876 41.18 30.22 -54.26
N ARG D 877 42.32 29.58 -54.52
CA ARG D 877 42.36 28.11 -54.43
C ARG D 877 42.46 27.68 -52.99
N MET D 878 43.02 28.55 -52.13
CA MET D 878 42.98 28.28 -50.71
C MET D 878 41.63 28.70 -50.13
N PHE D 879 40.88 29.52 -50.88
CA PHE D 879 39.42 29.60 -50.66
C PHE D 879 38.73 28.29 -51.07
N HIS D 880 39.39 27.44 -51.86
CA HIS D 880 38.77 26.19 -52.27
C HIS D 880 39.39 24.98 -51.58
N ASN D 881 40.65 25.09 -51.15
CA ASN D 881 41.24 24.03 -50.34
C ASN D 881 40.52 24.00 -48.99
N GLY D 882 40.58 25.11 -48.27
CA GLY D 882 39.62 25.35 -47.21
C GLY D 882 38.37 26.01 -47.76
N ARG D 883 37.30 25.22 -47.88
CA ARG D 883 36.16 25.55 -48.72
C ARG D 883 35.33 26.66 -48.10
N VAL D 884 35.47 27.86 -48.66
CA VAL D 884 34.60 28.99 -48.37
C VAL D 884 34.14 29.57 -49.69
N VAL D 885 32.84 29.55 -49.93
CA VAL D 885 32.24 30.09 -51.15
C VAL D 885 32.37 31.62 -51.09
N VAL D 886 33.12 32.17 -52.05
CA VAL D 886 33.34 33.61 -52.16
C VAL D 886 33.20 34.00 -53.61
N ASP D 887 32.29 34.93 -53.89
CA ASP D 887 31.99 35.36 -55.26
C ASP D 887 33.02 36.37 -55.75
N GLY D 888 32.70 37.00 -56.89
CA GLY D 888 33.61 37.86 -57.60
C GLY D 888 34.01 39.15 -56.91
N PRO D 889 33.07 40.09 -56.75
CA PRO D 889 33.47 41.42 -56.24
C PRO D 889 33.70 41.49 -54.73
N ALA D 890 33.67 40.36 -54.03
CA ALA D 890 34.00 40.37 -52.61
C ALA D 890 35.50 40.55 -52.41
N MET D 891 36.31 39.81 -53.17
CA MET D 891 37.76 39.94 -53.13
C MET D 891 38.28 41.16 -53.88
N LEU D 892 37.42 41.85 -54.63
CA LEU D 892 37.83 43.06 -55.32
C LEU D 892 37.98 44.23 -54.35
N THR D 893 37.31 44.15 -53.19
CA THR D 893 37.45 45.17 -52.15
C THR D 893 38.62 44.90 -51.23
N LEU D 894 39.50 43.94 -51.56
CA LEU D 894 40.68 43.66 -50.74
C LEU D 894 41.83 44.61 -51.07
N GLN D 895 41.62 45.56 -51.97
CA GLN D 895 42.61 46.59 -52.29
C GLN D 895 42.70 47.69 -51.23
N VAL D 896 41.84 47.65 -50.19
CA VAL D 896 41.88 48.64 -49.12
C VAL D 896 43.10 48.40 -48.23
N LEU D 897 43.69 47.21 -48.28
CA LEU D 897 44.90 46.90 -47.53
C LEU D 897 46.11 47.73 -47.98
N ALA D 898 46.07 48.29 -49.19
CA ALA D 898 47.08 49.27 -49.57
C ALA D 898 46.96 50.56 -48.77
N HIS D 899 45.75 50.91 -48.32
CA HIS D 899 45.58 52.14 -47.55
C HIS D 899 46.01 51.94 -46.10
N ASN D 900 45.67 50.79 -45.51
CA ASN D 900 46.03 50.48 -44.14
C ASN D 900 46.51 49.04 -44.05
N MET D 901 47.65 48.84 -43.40
CA MET D 901 48.26 47.51 -43.30
C MET D 901 49.02 47.41 -41.98
N ALA D 902 49.86 46.38 -41.89
CA ALA D 902 50.77 46.18 -40.77
C ALA D 902 52.17 45.93 -41.30
N GLU D 903 53.18 46.37 -40.54
CA GLU D 903 54.56 46.28 -41.01
C GLU D 903 55.19 44.94 -40.63
N ARG D 904 54.91 44.46 -39.41
CA ARG D 904 55.50 43.25 -38.86
C ARG D 904 54.70 42.87 -37.61
N THR D 905 55.24 41.98 -36.79
CA THR D 905 54.64 41.67 -35.50
C THR D 905 55.43 42.34 -34.39
N THR D 906 54.73 42.73 -33.31
CA THR D 906 55.30 43.54 -32.24
C THR D 906 55.32 42.73 -30.94
N ALA D 907 56.51 42.49 -30.39
CA ALA D 907 56.64 41.67 -29.19
C ALA D 907 56.76 42.56 -27.96
N LEU D 908 55.65 43.18 -27.57
CA LEU D 908 55.62 44.25 -26.59
C LEU D 908 55.76 43.71 -25.16
N LEU D 909 56.15 44.60 -24.25
CA LEU D 909 56.35 44.26 -22.84
C LEU D 909 56.27 45.50 -21.97
N CYS D 910 55.25 45.57 -21.10
CA CYS D 910 55.10 46.67 -20.16
C CYS D 910 55.47 46.25 -18.75
N SER D 911 55.99 47.20 -17.98
CA SER D 911 56.36 47.01 -16.58
C SER D 911 55.61 48.02 -15.72
N ALA D 912 55.50 47.71 -14.43
CA ALA D 912 54.68 48.55 -13.55
C ALA D 912 55.16 48.37 -12.12
N ALA D 913 54.81 49.35 -11.29
CA ALA D 913 55.01 49.28 -9.85
C ALA D 913 53.66 48.90 -9.25
N PRO D 914 53.61 48.32 -8.05
CA PRO D 914 52.31 48.07 -7.40
C PRO D 914 51.63 49.36 -6.98
N ASP D 915 50.41 49.21 -6.48
CA ASP D 915 49.50 50.34 -6.42
C ASP D 915 49.48 51.01 -5.04
N ALA D 916 48.77 52.13 -5.00
CA ALA D 916 48.29 52.69 -3.76
C ALA D 916 47.50 51.65 -2.99
N GLY D 917 47.87 51.45 -1.74
CA GLY D 917 47.32 50.37 -0.96
C GLY D 917 48.18 49.13 -0.95
N ALA D 918 49.27 49.12 -1.69
CA ALA D 918 50.23 48.05 -1.53
C ALA D 918 51.68 48.52 -1.58
N ASN D 919 51.94 49.82 -1.44
CA ASN D 919 53.27 50.33 -1.75
C ASN D 919 54.04 50.68 -0.48
N THR D 920 53.67 50.06 0.65
CA THR D 920 54.18 50.38 2.00
C THR D 920 55.69 50.28 2.07
N ALA D 921 56.27 49.08 2.14
CA ALA D 921 57.72 49.05 2.31
C ALA D 921 58.44 48.03 1.45
N SER D 922 57.86 46.86 1.23
CA SER D 922 58.62 45.79 0.59
C SER D 922 58.24 45.68 -0.88
N THR D 923 57.29 46.47 -1.31
CA THR D 923 56.86 46.48 -2.70
C THR D 923 57.26 47.76 -3.40
N ALA D 924 58.18 48.53 -2.83
CA ALA D 924 58.60 49.77 -3.46
C ALA D 924 59.46 49.52 -4.68
N ASN D 925 59.94 48.30 -4.86
CA ASN D 925 60.80 47.96 -5.99
C ASN D 925 60.29 46.80 -6.81
N MET D 926 59.09 46.31 -6.55
CA MET D 926 58.58 45.16 -7.29
C MET D 926 58.15 45.57 -8.68
N ARG D 927 58.54 44.79 -9.67
CA ARG D 927 58.14 44.97 -11.05
C ARG D 927 57.39 43.74 -11.53
N ILE D 928 56.15 43.92 -11.94
CA ILE D 928 55.35 42.84 -12.51
C ILE D 928 55.23 43.11 -14.00
N PHE D 929 55.99 42.37 -14.79
CA PHE D 929 56.09 42.62 -16.22
C PHE D 929 54.88 42.05 -16.93
N ASP D 930 54.27 42.84 -17.80
CA ASP D 930 53.10 42.43 -18.55
C ASP D 930 53.36 42.66 -20.03
N GLY D 931 53.48 41.58 -20.79
CA GLY D 931 53.78 41.69 -22.20
C GLY D 931 52.57 41.46 -23.08
N ALA D 932 52.76 41.69 -24.38
CA ALA D 932 51.69 41.53 -25.36
C ALA D 932 52.28 41.38 -26.74
N LEU D 933 51.56 40.67 -27.60
CA LEU D 933 51.74 40.82 -29.04
C LEU D 933 50.74 41.85 -29.53
N HIS D 934 51.26 43.01 -29.90
CA HIS D 934 50.40 44.04 -30.46
C HIS D 934 49.90 43.68 -31.85
N ALA D 935 50.81 43.32 -32.73
CA ALA D 935 50.46 43.07 -34.13
C ALA D 935 50.44 41.58 -34.40
N GLY D 936 49.33 40.93 -34.09
CA GLY D 936 49.14 39.51 -34.31
C GLY D 936 47.79 39.03 -33.81
N VAL D 937 47.53 37.74 -34.06
CA VAL D 937 46.25 37.13 -33.73
C VAL D 937 46.46 35.85 -32.93
N LEU D 938 45.35 35.22 -32.59
CA LEU D 938 45.32 33.90 -31.95
C LEU D 938 45.00 32.87 -33.02
N LEU D 939 45.71 31.75 -33.00
CA LEU D 939 45.29 30.57 -33.74
C LEU D 939 44.41 29.78 -32.80
N MET D 940 43.18 29.52 -33.22
CA MET D 940 42.34 28.68 -32.39
C MET D 940 42.67 27.21 -32.62
N ALA D 941 43.09 26.88 -33.84
CA ALA D 941 43.34 25.50 -34.15
C ALA D 941 44.84 25.23 -34.21
N PRO D 942 45.27 24.03 -33.84
CA PRO D 942 46.61 23.57 -34.23
C PRO D 942 46.55 22.76 -35.52
N GLN D 943 47.49 23.04 -36.42
CA GLN D 943 47.61 22.31 -37.69
C GLN D 943 49.06 22.36 -38.18
N HIS D 944 49.68 21.18 -38.21
CA HIS D 944 51.08 21.05 -38.59
C HIS D 944 51.35 19.81 -39.42
N LEU D 945 50.50 18.79 -39.35
CA LEU D 945 50.61 17.64 -40.24
C LEU D 945 50.29 18.02 -41.67
N ASP D 946 49.39 18.98 -41.86
CA ASP D 946 49.05 19.48 -43.17
C ASP D 946 50.16 20.39 -43.69
N HIS D 947 50.49 20.24 -44.96
CA HIS D 947 51.42 21.16 -45.60
C HIS D 947 50.65 21.94 -46.65
N THR D 948 49.92 22.95 -46.19
CA THR D 948 49.39 24.01 -47.05
C THR D 948 49.96 25.31 -46.52
N ILE D 949 49.88 25.49 -45.21
CA ILE D 949 50.83 26.34 -44.48
C ILE D 949 51.92 25.44 -43.93
N GLN D 950 53.10 25.50 -44.55
CA GLN D 950 54.27 24.84 -44.02
C GLN D 950 54.60 25.45 -42.67
N ASN D 951 55.02 24.59 -41.74
CA ASN D 951 55.26 24.98 -40.35
C ASN D 951 56.40 25.99 -40.29
N GLY D 952 56.06 27.23 -39.94
CA GLY D 952 57.02 28.31 -39.98
C GLY D 952 56.89 29.22 -41.18
N GLU D 953 55.81 29.11 -41.94
CA GLU D 953 55.60 30.11 -42.98
C GLU D 953 54.98 31.37 -42.42
N TYR D 954 53.72 31.27 -42.01
CA TYR D 954 52.90 32.43 -41.82
C TYR D 954 52.87 32.92 -40.39
N PHE D 955 52.62 32.03 -39.45
CA PHE D 955 52.43 32.45 -38.09
C PHE D 955 53.27 31.56 -37.20
N TYR D 956 54.35 32.11 -36.66
CA TYR D 956 55.10 31.44 -35.62
C TYR D 956 54.50 31.84 -34.29
N VAL D 957 54.78 31.02 -33.28
CA VAL D 957 53.86 30.90 -32.15
C VAL D 957 53.95 32.10 -31.22
N LEU D 958 55.11 32.31 -30.57
CA LEU D 958 55.38 33.33 -29.56
C LEU D 958 54.30 33.47 -28.50
N PRO D 959 54.18 32.54 -27.55
CA PRO D 959 53.16 32.70 -26.50
C PRO D 959 53.52 33.82 -25.54
N VAL D 960 52.71 34.88 -25.53
CA VAL D 960 52.91 35.96 -24.58
C VAL D 960 52.49 35.53 -23.19
N HIS D 961 51.59 34.56 -23.11
CA HIS D 961 51.08 34.11 -21.82
C HIS D 961 50.80 32.63 -21.86
N ALA D 962 50.90 32.00 -20.69
CA ALA D 962 50.77 30.54 -20.59
C ALA D 962 49.36 30.07 -20.89
N LEU D 963 48.37 30.95 -20.77
CA LEU D 963 47.03 30.66 -21.31
C LEU D 963 47.08 30.52 -22.82
N PHE D 964 47.84 31.38 -23.47
CA PHE D 964 47.87 31.47 -24.93
C PHE D 964 49.10 30.70 -25.41
N ALA D 965 49.19 29.43 -24.98
CA ALA D 965 50.32 28.59 -25.36
C ALA D 965 49.77 27.21 -25.63
N GLY D 966 49.38 26.95 -26.87
CA GLY D 966 48.96 25.62 -27.24
C GLY D 966 50.19 24.72 -27.28
N ALA D 967 50.16 23.66 -26.47
CA ALA D 967 51.23 22.68 -26.53
C ALA D 967 51.25 21.98 -27.88
N ASP D 968 50.10 21.89 -28.53
CA ASP D 968 50.04 21.37 -29.88
C ASP D 968 50.61 22.36 -30.89
N HIS D 969 50.76 23.63 -30.52
CA HIS D 969 51.42 24.58 -31.41
C HIS D 969 52.92 24.62 -31.17
N VAL D 970 53.34 24.58 -29.91
CA VAL D 970 54.73 24.91 -29.59
C VAL D 970 55.62 23.68 -29.72
N ALA D 971 55.10 22.50 -29.36
CA ALA D 971 55.84 21.27 -29.59
C ALA D 971 55.95 20.94 -31.07
N ASN D 972 55.07 21.54 -31.88
CA ASN D 972 55.07 21.37 -33.32
C ASN D 972 55.70 22.57 -34.02
N ALA D 973 56.80 23.08 -33.48
CA ALA D 973 57.62 24.15 -34.02
C ALA D 973 58.39 23.64 -35.24
N PRO D 974 58.88 24.53 -36.12
CA PRO D 974 59.72 24.04 -37.23
C PRO D 974 61.00 23.37 -36.78
N ASN D 975 61.87 24.10 -36.09
CA ASN D 975 63.08 23.53 -35.53
C ASN D 975 62.80 23.26 -34.07
N PHE D 976 62.12 22.16 -33.80
CA PHE D 976 61.78 21.83 -32.42
C PHE D 976 62.89 20.95 -31.85
N PRO D 977 63.43 21.29 -30.68
CA PRO D 977 64.49 20.49 -30.08
C PRO D 977 63.98 19.13 -29.67
N PRO D 978 64.62 18.06 -30.14
CA PRO D 978 64.12 16.71 -29.84
C PRO D 978 64.37 16.25 -28.43
N ALA D 979 65.09 17.03 -27.62
CA ALA D 979 65.25 16.68 -26.22
C ALA D 979 64.03 17.09 -25.41
N LEU D 980 63.12 17.84 -26.01
CA LEU D 980 61.99 18.41 -25.30
C LEU D 980 60.67 17.74 -25.63
N ARG D 981 60.65 16.42 -25.83
CA ARG D 981 59.43 15.77 -26.28
C ARG D 981 58.42 15.65 -25.15
N ASP D 982 58.84 15.07 -24.03
CA ASP D 982 57.91 14.87 -22.91
C ASP D 982 57.65 16.19 -22.19
N LEU D 983 58.68 17.01 -22.01
CA LEU D 983 58.60 18.13 -21.08
C LEU D 983 57.71 19.24 -21.63
N ALA D 984 57.56 19.30 -22.95
CA ALA D 984 56.74 20.32 -23.55
C ALA D 984 55.26 20.08 -23.36
N ARG D 985 54.87 18.88 -22.93
CA ARG D 985 53.48 18.48 -23.03
C ARG D 985 52.63 19.14 -21.95
N ASP D 986 53.15 19.23 -20.73
CA ASP D 986 52.36 19.74 -19.62
C ASP D 986 52.82 21.12 -19.15
N VAL D 987 53.90 21.64 -19.70
CA VAL D 987 54.43 22.95 -19.32
C VAL D 987 54.22 23.91 -20.49
N PRO D 988 53.51 25.00 -20.30
CA PRO D 988 53.39 26.01 -21.36
C PRO D 988 54.64 26.85 -21.53
N LEU D 989 55.55 26.40 -22.41
CA LEU D 989 56.82 27.06 -22.67
C LEU D 989 56.60 28.49 -23.17
N VAL D 990 56.98 29.46 -22.36
CA VAL D 990 56.95 30.87 -22.69
C VAL D 990 58.39 31.37 -22.62
N PRO D 991 58.87 32.10 -23.63
CA PRO D 991 60.22 32.69 -23.54
C PRO D 991 60.23 33.84 -22.54
N PRO D 992 61.39 34.15 -21.97
CA PRO D 992 61.46 35.27 -21.02
C PRO D 992 61.46 36.62 -21.68
N ALA D 993 61.46 36.65 -23.02
CA ALA D 993 61.18 37.89 -23.71
C ALA D 993 59.72 38.31 -23.54
N LEU D 994 58.85 37.37 -23.23
CA LEU D 994 57.43 37.64 -23.04
C LEU D 994 56.99 37.45 -21.59
N GLY D 995 57.92 37.22 -20.68
CA GLY D 995 57.60 37.16 -19.26
C GLY D 995 57.72 35.74 -18.71
N ALA D 996 58.23 35.68 -17.49
CA ALA D 996 58.34 34.44 -16.73
C ALA D 996 57.07 34.27 -15.91
N ASN D 997 57.00 33.15 -15.18
CA ASN D 997 55.79 32.86 -14.43
C ASN D 997 55.62 33.78 -13.23
N TYR D 998 56.65 33.86 -12.37
CA TYR D 998 56.49 34.51 -11.08
C TYR D 998 56.39 36.02 -11.17
N PHE D 999 56.65 36.60 -12.33
CA PHE D 999 56.68 38.04 -12.46
C PHE D 999 55.65 38.58 -13.43
N SER D 1000 54.76 37.73 -13.93
CA SER D 1000 53.64 38.20 -14.70
C SER D 1000 52.43 38.37 -13.79
N SER D 1001 51.37 38.95 -14.35
CA SER D 1001 50.19 39.20 -13.54
C SER D 1001 49.42 37.93 -13.24
N ILE D 1002 49.03 37.20 -14.28
CA ILE D 1002 48.19 36.02 -14.15
C ILE D 1002 49.07 34.81 -14.32
N ARG D 1003 48.96 33.85 -13.42
CA ARG D 1003 49.92 32.76 -13.38
C ARG D 1003 49.25 31.43 -13.64
N GLN D 1004 50.11 30.41 -13.67
CA GLN D 1004 49.70 29.00 -13.78
C GLN D 1004 48.56 28.56 -12.86
N PRO D 1005 48.43 29.01 -11.59
CA PRO D 1005 47.24 28.61 -10.82
C PRO D 1005 45.93 29.23 -11.30
N VAL D 1006 45.94 30.01 -12.38
CA VAL D 1006 44.70 30.29 -13.08
C VAL D 1006 44.65 29.50 -14.38
N VAL D 1007 45.82 29.28 -14.99
CA VAL D 1007 45.89 28.62 -16.28
C VAL D 1007 45.47 27.16 -16.17
N GLN D 1008 45.86 26.52 -15.07
CA GLN D 1008 45.49 25.13 -14.85
C GLN D 1008 44.00 24.98 -14.62
N HIS D 1009 43.38 26.01 -14.04
CA HIS D 1009 41.93 26.02 -13.81
C HIS D 1009 41.18 25.97 -15.13
N ALA D 1010 41.72 26.62 -16.17
CA ALA D 1010 41.05 26.69 -17.46
C ALA D 1010 41.00 25.32 -18.14
N ARG D 1011 42.02 24.50 -17.91
CA ARG D 1011 42.09 23.24 -18.63
C ARG D 1011 41.73 22.04 -17.77
N GLU D 1012 41.52 22.23 -16.45
CA GLU D 1012 41.23 21.07 -15.61
C GLU D 1012 39.78 21.06 -15.15
N SER D 1013 39.18 22.24 -14.98
CA SER D 1013 37.85 22.34 -14.39
C SER D 1013 36.77 21.75 -15.28
N ALA D 1014 35.80 21.10 -14.66
CA ALA D 1014 34.78 20.34 -15.35
C ALA D 1014 33.43 21.04 -15.41
N ALA D 1015 33.33 22.25 -14.86
CA ALA D 1015 32.04 22.91 -14.77
C ALA D 1015 31.61 23.43 -16.14
N GLY D 1016 30.34 23.83 -16.22
CA GLY D 1016 29.78 24.34 -17.45
C GLY D 1016 30.37 25.68 -17.83
N GLU D 1017 30.12 26.07 -19.09
CA GLU D 1017 30.79 27.22 -19.67
C GLU D 1017 30.34 28.53 -19.06
N ASN D 1018 29.04 28.76 -18.89
CA ASN D 1018 28.61 29.95 -18.17
C ASN D 1018 28.96 29.83 -16.70
N ALA D 1019 29.00 28.60 -16.18
CA ALA D 1019 29.47 28.39 -14.83
C ALA D 1019 30.95 28.72 -14.72
N LEU D 1020 31.76 28.25 -15.67
CA LEU D 1020 33.19 28.50 -15.61
C LEU D 1020 33.55 29.94 -15.93
N THR D 1021 32.68 30.63 -16.69
CA THR D 1021 32.95 32.01 -17.07
C THR D 1021 32.95 32.93 -15.85
N TYR D 1022 31.89 32.86 -15.04
CA TYR D 1022 31.84 33.64 -13.82
C TYR D 1022 32.86 33.16 -12.80
N ALA D 1023 33.19 31.86 -12.84
CA ALA D 1023 34.14 31.33 -11.88
C ALA D 1023 35.54 31.83 -12.14
N LEU D 1024 35.96 31.83 -13.41
CA LEU D 1024 37.29 32.33 -13.71
C LEU D 1024 37.30 33.85 -13.68
N MET D 1025 36.12 34.47 -13.80
CA MET D 1025 35.98 35.89 -13.52
C MET D 1025 36.28 36.21 -12.07
N ALA D 1026 35.84 35.34 -11.15
CA ALA D 1026 36.05 35.55 -9.72
C ALA D 1026 37.51 35.49 -9.33
N GLY D 1027 38.33 34.79 -10.10
CA GLY D 1027 39.74 34.77 -9.84
C GLY D 1027 40.51 36.01 -10.24
N TYR D 1028 39.86 37.13 -10.54
CA TYR D 1028 40.52 38.31 -11.04
C TYR D 1028 40.44 39.50 -10.09
N PHE D 1029 40.12 39.25 -8.83
CA PHE D 1029 40.04 40.34 -7.87
C PHE D 1029 41.37 40.53 -7.17
N LYS D 1030 41.80 41.78 -7.06
CA LYS D 1030 43.10 42.10 -6.49
C LYS D 1030 43.14 41.78 -5.00
N MET D 1031 44.35 41.74 -4.47
CA MET D 1031 44.59 41.38 -3.08
C MET D 1031 45.24 42.49 -2.26
N SER D 1032 44.83 43.75 -2.44
CA SER D 1032 45.33 44.79 -1.57
C SER D 1032 44.41 44.92 -0.36
N PRO D 1033 44.90 45.50 0.75
CA PRO D 1033 43.97 45.91 1.81
C PRO D 1033 42.93 46.92 1.34
N VAL D 1034 43.22 47.72 0.31
CA VAL D 1034 42.18 48.52 -0.30
C VAL D 1034 41.20 47.63 -1.05
N ALA D 1035 41.71 46.59 -1.73
CA ALA D 1035 40.86 45.71 -2.51
C ALA D 1035 39.96 44.88 -1.62
N LEU D 1036 40.51 44.31 -0.56
CA LEU D 1036 39.70 43.48 0.34
C LEU D 1036 38.71 44.31 1.14
N TYR D 1037 38.92 45.63 1.21
CA TYR D 1037 37.91 46.48 1.82
C TYR D 1037 36.62 46.47 1.03
N HIS D 1038 36.71 46.59 -0.29
CA HIS D 1038 35.49 46.64 -1.09
C HIS D 1038 34.83 45.28 -1.15
N GLN D 1039 35.62 44.20 -1.19
CA GLN D 1039 35.05 42.88 -1.40
C GLN D 1039 34.30 42.41 -0.17
N LEU D 1040 34.91 42.54 1.01
CA LEU D 1040 34.31 41.98 2.21
C LEU D 1040 33.13 42.81 2.68
N LYS D 1041 33.12 44.10 2.34
CA LYS D 1041 31.94 44.89 2.66
C LYS D 1041 30.82 44.69 1.66
N THR D 1042 31.11 44.09 0.51
CA THR D 1042 30.06 43.82 -0.45
C THR D 1042 29.48 42.42 -0.30
N GLY D 1043 30.27 41.46 0.20
CA GLY D 1043 29.78 40.11 0.37
C GLY D 1043 30.42 39.08 -0.52
N LEU D 1044 31.72 39.18 -0.77
CA LEU D 1044 32.42 38.22 -1.61
C LEU D 1044 33.52 37.54 -0.81
N HIS D 1045 33.60 36.21 -0.93
CA HIS D 1045 34.66 35.46 -0.28
C HIS D 1045 35.91 35.61 -1.14
N PRO D 1046 36.99 36.12 -0.63
CA PRO D 1046 38.19 36.36 -1.45
C PRO D 1046 39.12 35.15 -1.56
N GLY D 1047 38.53 33.97 -1.73
CA GLY D 1047 39.31 32.77 -1.95
C GLY D 1047 40.01 32.19 -0.74
N PHE D 1048 40.11 32.90 0.38
CA PHE D 1048 40.78 32.39 1.57
C PHE D 1048 39.96 32.76 2.79
N GLY D 1049 40.27 32.14 3.92
CA GLY D 1049 39.44 32.27 5.10
C GLY D 1049 40.24 32.61 6.35
N PHE D 1050 39.58 32.47 7.48
CA PHE D 1050 40.13 32.88 8.76
C PHE D 1050 39.72 31.94 9.88
N THR D 1051 40.25 32.21 11.06
CA THR D 1051 39.90 31.51 12.28
C THR D 1051 39.77 32.50 13.44
N VAL D 1052 38.80 32.25 14.31
CA VAL D 1052 38.50 33.15 15.42
C VAL D 1052 39.22 32.62 16.65
N VAL D 1053 39.86 33.51 17.39
CA VAL D 1053 40.43 33.20 18.70
C VAL D 1053 39.89 34.22 19.68
N ARG D 1054 39.27 33.75 20.76
CA ARG D 1054 38.83 34.63 21.83
C ARG D 1054 39.35 34.17 23.17
N GLN D 1055 39.17 35.03 24.17
CA GLN D 1055 39.50 34.75 25.54
C GLN D 1055 38.22 34.75 26.36
N ASP D 1056 38.09 33.81 27.28
CA ASP D 1056 36.91 33.75 28.11
C ASP D 1056 37.30 33.90 29.57
N ARG D 1057 36.36 34.32 30.41
CA ARG D 1057 36.60 34.41 31.84
C ARG D 1057 35.35 34.05 32.61
N PHE D 1058 35.52 33.15 33.57
CA PHE D 1058 34.38 32.68 34.35
C PHE D 1058 34.56 33.06 35.80
N VAL D 1059 33.54 32.74 36.60
CA VAL D 1059 33.62 32.75 38.05
C VAL D 1059 33.46 31.32 38.52
N THR D 1060 34.47 30.78 39.17
CA THR D 1060 34.47 29.38 39.52
C THR D 1060 34.33 29.21 41.04
N GLU D 1061 34.08 27.98 41.45
CA GLU D 1061 33.95 27.62 42.86
C GLU D 1061 34.75 26.36 43.12
N ASN D 1062 35.61 26.40 44.14
CA ASN D 1062 36.62 25.38 44.33
C ASN D 1062 36.68 24.95 45.79
N VAL D 1063 37.11 23.70 46.00
CA VAL D 1063 37.23 23.14 47.33
C VAL D 1063 38.69 22.83 47.60
N LEU D 1064 39.04 22.75 48.87
CA LEU D 1064 40.43 22.71 49.30
C LEU D 1064 40.62 21.72 50.43
N PHE D 1065 41.11 20.53 50.10
CA PHE D 1065 41.43 19.52 51.10
C PHE D 1065 42.89 19.66 51.48
N SER D 1066 43.19 19.35 52.73
CA SER D 1066 44.55 19.43 53.23
C SER D 1066 44.84 18.23 54.12
N GLU D 1067 46.12 18.05 54.45
CA GLU D 1067 46.51 17.04 55.41
C GLU D 1067 46.57 17.67 56.80
N ARG D 1068 47.16 16.93 57.75
CA ARG D 1068 47.19 17.44 59.10
C ARG D 1068 48.21 18.55 59.28
N ALA D 1069 49.49 18.24 59.17
CA ALA D 1069 50.54 19.16 59.55
C ALA D 1069 51.34 19.52 58.31
N SER D 1070 50.87 20.55 57.61
CA SER D 1070 51.46 20.95 56.35
C SER D 1070 52.40 22.13 56.50
N GLU D 1071 52.32 22.87 57.60
CA GLU D 1071 52.89 24.20 57.62
C GLU D 1071 53.31 24.55 59.03
N ALA D 1072 54.58 24.87 59.20
CA ALA D 1072 55.14 25.36 60.46
C ALA D 1072 55.19 26.88 60.47
N TYR D 1073 54.12 27.50 60.00
CA TYR D 1073 53.95 28.95 59.87
C TYR D 1073 54.35 29.70 61.13
N PHE D 1074 55.40 30.51 61.02
CA PHE D 1074 55.95 31.24 62.14
C PHE D 1074 55.37 32.65 62.20
N LEU D 1075 55.42 33.22 63.39
CA LEU D 1075 54.92 34.56 63.61
C LEU D 1075 55.97 35.39 64.31
N GLY D 1076 55.99 36.69 64.02
CA GLY D 1076 56.86 37.62 64.67
C GLY D 1076 56.11 38.64 65.52
N GLN D 1077 56.84 39.64 65.96
CA GLN D 1077 56.27 40.71 66.78
C GLN D 1077 55.68 41.81 65.89
N LEU D 1078 55.41 42.95 66.51
CA LEU D 1078 54.74 44.03 65.82
C LEU D 1078 55.69 45.19 65.56
N GLN D 1079 55.32 46.03 64.61
CA GLN D 1079 56.06 47.26 64.36
C GLN D 1079 55.08 48.38 64.14
N VAL D 1080 55.46 49.58 64.58
CA VAL D 1080 54.62 50.75 64.46
C VAL D 1080 55.35 51.80 63.63
N ALA D 1081 54.71 52.27 62.56
CA ALA D 1081 55.24 53.36 61.74
C ALA D 1081 54.16 54.42 61.62
N ARG D 1082 54.56 55.64 61.25
CA ARG D 1082 53.66 56.77 61.43
C ARG D 1082 53.28 57.45 60.11
N HIS D 1083 54.29 57.94 59.34
CA HIS D 1083 54.22 58.68 58.07
C HIS D 1083 53.65 60.11 58.27
N GLU D 1084 53.25 60.35 59.51
CA GLU D 1084 52.55 61.44 60.16
C GLU D 1084 51.17 61.58 59.52
N THR D 1085 51.06 61.85 58.22
CA THR D 1085 50.24 61.37 57.10
C THR D 1085 50.17 62.65 56.28
N GLY D 1086 49.49 62.68 55.14
CA GLY D 1086 49.09 63.98 54.64
C GLY D 1086 47.90 64.61 55.37
N GLY D 1087 48.03 64.99 56.65
CA GLY D 1087 46.94 65.69 57.32
C GLY D 1087 46.28 65.12 58.57
N GLY D 1088 47.01 64.46 59.45
CA GLY D 1088 46.44 63.79 60.62
C GLY D 1088 47.48 62.99 61.37
N VAL D 1089 47.08 61.86 61.99
CA VAL D 1089 47.99 60.84 62.51
C VAL D 1089 47.39 59.49 62.17
N ASN D 1090 48.14 58.66 61.42
CA ASN D 1090 47.68 57.34 61.01
C ASN D 1090 48.79 56.33 61.20
N PHE D 1091 48.72 55.55 62.28
CA PHE D 1091 49.72 54.52 62.53
C PHE D 1091 49.39 53.30 61.68
N THR D 1092 50.41 52.77 61.00
CA THR D 1092 50.30 51.48 60.35
C THR D 1092 50.97 50.42 61.21
N LEU D 1093 50.55 49.18 61.06
CA LEU D 1093 50.93 48.11 61.96
C LEU D 1093 51.24 46.87 61.14
N THR D 1094 52.30 46.15 61.49
CA THR D 1094 52.68 45.00 60.68
C THR D 1094 53.37 43.91 61.48
N GLN D 1095 53.64 42.78 60.81
CA GLN D 1095 54.20 41.62 61.48
C GLN D 1095 54.96 40.72 60.53
N PRO D 1096 56.24 40.45 60.77
CA PRO D 1096 56.98 39.55 59.90
C PRO D 1096 56.64 38.10 60.15
N ARG D 1097 56.46 37.36 59.06
CA ARG D 1097 55.81 36.07 59.08
C ARG D 1097 56.60 35.08 58.22
N GLY D 1098 56.96 33.96 58.84
CA GLY D 1098 57.71 32.94 58.14
C GLY D 1098 56.86 31.71 57.96
N ASN D 1099 57.06 31.04 56.82
CA ASN D 1099 56.17 29.96 56.44
C ASN D 1099 56.87 29.02 55.48
N VAL D 1100 56.70 27.71 55.72
CA VAL D 1100 57.34 26.66 54.96
C VAL D 1100 56.36 25.49 54.84
N ASP D 1101 56.16 25.05 53.60
CA ASP D 1101 55.45 23.82 53.31
C ASP D 1101 56.24 22.63 53.85
N LEU D 1102 55.60 21.82 54.70
CA LEU D 1102 56.27 20.67 55.29
C LEU D 1102 56.10 19.42 54.43
N GLY D 1103 55.57 19.58 53.23
CA GLY D 1103 55.22 18.41 52.44
C GLY D 1103 56.44 17.78 51.81
N VAL D 1104 56.55 16.46 51.96
CA VAL D 1104 57.55 15.72 51.20
C VAL D 1104 57.25 15.82 49.71
N GLY D 1105 56.02 15.53 49.32
CA GLY D 1105 55.58 15.79 47.97
C GLY D 1105 54.08 15.82 47.86
N TYR D 1106 53.56 16.92 47.28
CA TYR D 1106 52.15 17.08 46.93
C TYR D 1106 51.23 16.95 48.14
N THR D 1107 51.27 17.97 48.96
CA THR D 1107 50.40 18.22 50.10
C THR D 1107 49.03 18.64 49.56
N ALA D 1108 48.31 19.47 50.33
CA ALA D 1108 46.94 19.94 50.13
C ALA D 1108 46.51 20.19 48.69
N VAL D 1109 45.28 19.86 48.36
CA VAL D 1109 44.85 19.71 46.96
C VAL D 1109 43.67 20.63 46.69
N ALA D 1110 43.52 21.08 45.44
CA ALA D 1110 42.37 21.88 45.03
C ALA D 1110 41.66 21.15 43.90
N ALA D 1111 40.37 21.43 43.76
CA ALA D 1111 39.53 20.85 42.71
C ALA D 1111 38.59 21.93 42.20
N THR D 1112 37.52 21.51 41.53
CA THR D 1112 36.53 22.43 41.00
C THR D 1112 35.12 21.98 41.33
N GLY D 1113 34.20 22.94 41.33
CA GLY D 1113 32.78 22.70 41.42
C GLY D 1113 32.10 23.77 40.59
N THR D 1114 30.78 23.91 40.75
CA THR D 1114 29.89 24.57 39.79
C THR D 1114 30.28 25.99 39.43
N VAL D 1115 29.99 26.39 38.19
CA VAL D 1115 30.40 27.69 37.68
C VAL D 1115 29.27 28.67 37.94
N ARG D 1116 29.65 29.84 38.47
CA ARG D 1116 28.66 30.83 38.91
C ARG D 1116 28.05 31.52 37.70
N ASN D 1117 28.88 32.27 36.96
CA ASN D 1117 28.41 33.07 35.84
C ASN D 1117 29.60 33.51 35.02
N PRO D 1118 29.49 33.52 33.70
CA PRO D 1118 30.59 34.02 32.88
C PRO D 1118 30.69 35.53 32.88
N VAL D 1119 31.82 36.10 33.25
CA VAL D 1119 31.98 37.55 33.29
C VAL D 1119 31.95 38.10 31.88
N THR D 1120 32.66 37.45 30.98
CA THR D 1120 32.81 37.98 29.64
C THR D 1120 31.53 37.72 28.86
N ASP D 1121 31.27 38.61 27.91
CA ASP D 1121 30.02 38.60 27.15
C ASP D 1121 29.87 37.39 26.25
N MET D 1122 31.00 36.80 25.82
CA MET D 1122 31.12 35.95 24.64
C MET D 1122 30.55 36.66 23.43
N GLY D 1123 31.18 37.76 23.04
CA GLY D 1123 30.59 38.65 22.05
C GLY D 1123 31.19 38.62 20.66
N ASN D 1124 31.07 39.76 19.96
CA ASN D 1124 31.46 39.81 18.55
C ASN D 1124 32.44 40.93 18.28
N LEU D 1125 33.32 41.21 19.22
CA LEU D 1125 34.22 42.33 19.05
C LEU D 1125 35.32 42.00 18.04
N PRO D 1126 35.53 42.82 17.03
CA PRO D 1126 36.65 42.60 16.12
C PRO D 1126 37.97 42.95 16.78
N GLN D 1127 39.05 42.88 16.01
CA GLN D 1127 40.34 43.36 16.44
C GLN D 1127 40.81 44.44 15.48
N ASN D 1128 40.64 45.69 15.88
CA ASN D 1128 41.10 46.81 15.09
C ASN D 1128 42.61 46.93 15.26
N PHE D 1129 43.33 47.03 14.15
CA PHE D 1129 44.78 47.19 14.20
C PHE D 1129 45.24 48.63 14.14
N TYR D 1130 44.33 49.60 14.08
CA TYR D 1130 44.76 50.99 14.05
C TYR D 1130 45.06 51.55 15.42
N LEU D 1131 44.89 50.74 16.48
CA LEU D 1131 45.22 51.19 17.83
C LEU D 1131 46.72 51.26 18.05
N GLY D 1132 47.52 50.64 17.18
CA GLY D 1132 48.95 50.58 17.37
C GLY D 1132 49.73 51.22 16.25
N ARG D 1133 51.04 51.34 16.50
CA ARG D 1133 51.99 51.82 15.51
C ARG D 1133 53.10 50.77 15.38
N GLY D 1134 52.94 49.84 14.45
CA GLY D 1134 53.94 48.83 14.24
C GLY D 1134 54.36 48.68 12.79
N ALA D 1135 53.52 49.13 11.86
CA ALA D 1135 53.74 48.89 10.44
C ALA D 1135 53.89 50.23 9.72
N PRO D 1136 54.71 50.30 8.67
CA PRO D 1136 54.79 51.51 7.88
C PRO D 1136 53.50 51.77 7.14
N PRO D 1137 53.11 53.03 6.96
CA PRO D 1137 51.80 53.35 6.42
C PRO D 1137 51.79 53.19 4.90
N LEU D 1138 50.66 53.55 4.32
CA LEU D 1138 50.53 53.58 2.88
C LEU D 1138 51.35 54.75 2.30
N LEU D 1139 52.14 54.44 1.27
CA LEU D 1139 52.93 55.49 0.62
C LEU D 1139 52.09 56.48 -0.15
N ASP D 1140 50.89 56.11 -0.57
CA ASP D 1140 49.90 57.11 -0.93
C ASP D 1140 49.32 57.68 0.36
N ASN D 1141 49.60 58.96 0.62
CA ASN D 1141 49.15 59.53 1.88
C ASN D 1141 47.68 59.95 1.80
N ALA D 1142 47.12 60.02 0.59
CA ALA D 1142 45.68 60.21 0.46
C ALA D 1142 44.94 58.90 0.70
N ALA D 1143 45.64 57.77 0.56
CA ALA D 1143 45.03 56.50 0.84
C ALA D 1143 44.95 56.23 2.34
N ALA D 1144 46.01 56.60 3.06
CA ALA D 1144 46.12 56.24 4.47
C ALA D 1144 45.11 57.02 5.30
N VAL D 1145 44.71 58.20 4.84
CA VAL D 1145 43.60 58.87 5.49
C VAL D 1145 42.28 58.24 5.05
N TYR D 1146 42.21 57.80 3.80
CA TYR D 1146 40.95 57.26 3.28
C TYR D 1146 40.71 55.85 3.77
N LEU D 1147 41.77 55.06 3.91
CA LEU D 1147 41.60 53.71 4.42
C LEU D 1147 41.22 53.73 5.88
N ARG D 1148 41.74 54.70 6.63
CA ARG D 1148 41.55 54.71 8.07
C ARG D 1148 40.11 55.04 8.43
N ASN D 1149 39.57 56.12 7.88
CA ASN D 1149 38.21 56.49 8.24
C ASN D 1149 37.17 55.62 7.54
N ALA D 1150 37.61 54.84 6.56
CA ALA D 1150 36.72 53.81 6.01
C ALA D 1150 36.51 52.69 7.02
N VAL D 1151 37.50 52.45 7.86
CA VAL D 1151 37.41 51.32 8.77
C VAL D 1151 37.11 51.80 10.18
N VAL D 1152 37.93 52.72 10.70
CA VAL D 1152 37.93 53.10 12.11
C VAL D 1152 36.65 53.78 12.57
N ALA D 1153 36.03 54.60 11.70
CA ALA D 1153 34.99 55.61 11.98
C ALA D 1153 33.92 55.21 12.99
N GLY D 1154 33.51 53.94 12.99
CA GLY D 1154 32.63 53.49 14.03
C GLY D 1154 32.93 52.12 14.60
N ASN D 1155 34.19 51.71 14.64
CA ASN D 1155 34.54 50.52 15.41
C ASN D 1155 34.29 50.77 16.88
N ARG D 1156 33.91 49.70 17.59
CA ARG D 1156 33.87 49.78 19.04
C ARG D 1156 35.25 49.94 19.63
N LEU D 1157 36.29 49.45 18.95
CA LEU D 1157 37.67 49.71 19.34
C LEU D 1157 38.24 50.91 18.61
N GLY D 1158 37.41 51.64 17.86
CA GLY D 1158 37.88 52.70 17.00
C GLY D 1158 38.32 53.93 17.77
N PRO D 1159 39.61 54.26 17.68
CA PRO D 1159 40.11 55.39 18.45
C PRO D 1159 39.67 56.73 17.86
N ALA D 1160 38.83 57.42 18.60
CA ALA D 1160 38.55 58.81 18.28
C ALA D 1160 39.76 59.64 18.67
N GLN D 1161 39.86 60.87 18.12
CA GLN D 1161 40.86 61.92 18.38
C GLN D 1161 42.28 61.34 18.38
N PRO D 1162 42.85 61.10 17.20
CA PRO D 1162 43.80 60.00 17.00
C PRO D 1162 45.13 60.18 17.72
N LEU D 1163 45.95 59.14 17.59
CA LEU D 1163 47.02 58.80 18.51
C LEU D 1163 48.15 59.81 18.53
N PRO D 1164 48.67 60.17 19.70
CA PRO D 1164 49.83 61.06 19.77
C PRO D 1164 51.13 60.28 19.73
N VAL D 1165 52.22 61.02 19.86
CA VAL D 1165 53.55 60.46 20.04
C VAL D 1165 53.57 59.69 21.36
N PHE D 1166 53.35 60.41 22.45
CA PHE D 1166 53.24 59.82 23.77
C PHE D 1166 51.82 60.00 24.28
N GLY D 1167 51.20 58.89 24.68
CA GLY D 1167 49.81 58.91 25.08
C GLY D 1167 49.24 57.50 25.02
N CYS D 1168 47.91 57.42 25.06
CA CYS D 1168 47.19 56.17 25.12
C CYS D 1168 46.11 56.13 24.05
N ALA D 1169 45.22 55.14 24.19
CA ALA D 1169 44.20 54.89 23.18
C ALA D 1169 43.01 55.82 23.28
N GLN D 1170 42.43 55.97 24.47
CA GLN D 1170 41.02 56.34 24.67
C GLN D 1170 40.12 55.53 23.74
N VAL D 1171 40.11 54.23 24.02
CA VAL D 1171 39.01 53.36 23.57
C VAL D 1171 37.70 53.98 24.01
N PRO D 1172 36.80 54.32 23.11
CA PRO D 1172 35.59 55.05 23.50
C PRO D 1172 34.64 54.16 24.27
N ARG D 1173 34.40 54.56 25.52
CA ARG D 1173 33.44 53.90 26.37
C ARG D 1173 32.05 54.14 25.84
N ARG D 1174 31.17 53.18 26.07
CA ARG D 1174 29.77 53.32 25.71
C ARG D 1174 28.92 53.32 26.97
N ALA D 1175 27.78 54.00 26.90
CA ALA D 1175 27.05 54.37 28.09
C ALA D 1175 26.37 53.18 28.76
N GLY D 1176 26.21 52.08 28.04
CA GLY D 1176 25.56 50.93 28.63
C GLY D 1176 26.32 49.65 28.31
N MET D 1177 26.10 48.65 29.15
CA MET D 1177 26.60 47.32 28.91
C MET D 1177 25.66 46.34 29.57
N ASP D 1178 25.39 45.24 28.87
CA ASP D 1178 24.46 44.24 29.40
C ASP D 1178 25.09 42.90 29.68
N HIS D 1179 25.68 42.31 28.64
CA HIS D 1179 26.00 40.90 28.69
C HIS D 1179 27.22 40.65 29.56
N GLY D 1180 28.13 41.60 29.63
CA GLY D 1180 29.28 41.47 30.49
C GLY D 1180 30.49 42.14 29.86
N GLN D 1181 31.66 41.64 30.26
CA GLN D 1181 32.91 42.17 29.74
C GLN D 1181 33.05 41.77 28.28
N ASP D 1182 33.51 42.70 27.46
CA ASP D 1182 33.63 42.43 26.03
C ASP D 1182 34.82 41.51 25.79
N ALA D 1183 34.57 40.38 25.14
CA ALA D 1183 35.66 39.52 24.71
C ALA D 1183 36.32 40.12 23.46
N VAL D 1184 37.39 39.50 23.00
CA VAL D 1184 38.11 39.99 21.83
C VAL D 1184 38.27 38.85 20.84
N CYS D 1185 37.68 38.99 19.67
CA CYS D 1185 37.82 38.00 18.62
C CYS D 1185 38.91 38.44 17.65
N GLU D 1186 39.89 37.56 17.42
CA GLU D 1186 41.03 37.88 16.57
C GLU D 1186 41.19 36.82 15.49
N PHE D 1187 41.86 37.22 14.41
CA PHE D 1187 41.77 36.54 13.13
C PHE D 1187 43.15 36.16 12.61
N ILE D 1188 43.23 34.96 12.06
CA ILE D 1188 44.46 34.44 11.47
C ILE D 1188 44.10 33.87 10.11
N ALA D 1189 44.85 34.27 9.08
CA ALA D 1189 44.57 33.85 7.71
C ALA D 1189 44.86 32.37 7.54
N THR D 1190 43.84 31.60 7.22
CA THR D 1190 43.92 30.18 6.94
C THR D 1190 43.50 29.90 5.52
N PRO D 1191 44.06 28.89 4.89
CA PRO D 1191 43.56 28.46 3.57
C PRO D 1191 42.19 27.81 3.69
N VAL D 1192 41.47 27.81 2.58
CA VAL D 1192 40.10 27.31 2.56
C VAL D 1192 40.02 25.80 2.73
N ALA D 1193 40.96 25.05 2.18
CA ALA D 1193 40.93 23.60 2.31
C ALA D 1193 41.86 23.21 3.45
N THR D 1194 41.58 23.76 4.62
CA THR D 1194 42.15 23.25 5.84
C THR D 1194 41.02 22.53 6.55
N ASP D 1195 41.22 21.24 6.78
CA ASP D 1195 40.13 20.29 6.89
C ASP D 1195 39.25 20.54 8.11
N ILE D 1196 37.98 20.15 7.98
CA ILE D 1196 37.02 20.42 9.03
C ILE D 1196 36.90 19.21 9.95
N ASN D 1197 37.71 18.17 9.71
CA ASN D 1197 37.95 17.20 10.77
C ASN D 1197 38.79 17.81 11.87
N TYR D 1198 39.71 18.70 11.49
CA TYR D 1198 40.33 19.61 12.42
C TYR D 1198 39.25 20.55 12.92
N PHE D 1199 39.45 21.11 14.12
CA PHE D 1199 38.55 21.96 14.92
C PHE D 1199 37.38 21.17 15.53
N ARG D 1200 37.25 19.87 15.20
CA ARG D 1200 36.26 19.04 15.89
C ARG D 1200 36.75 18.62 17.26
N ARG D 1201 38.04 18.79 17.51
CA ARG D 1201 38.67 18.46 18.76
C ARG D 1201 39.43 19.64 19.28
N PRO D 1202 39.81 19.63 20.57
CA PRO D 1202 40.76 20.61 21.08
C PRO D 1202 42.07 20.57 20.31
N CYS D 1203 42.32 21.64 19.57
CA CYS D 1203 43.38 21.69 18.59
C CYS D 1203 44.05 23.06 18.66
N ASN D 1204 44.98 23.28 17.75
CA ASN D 1204 45.79 24.48 17.86
C ASN D 1204 45.27 25.55 16.92
N PRO D 1205 45.39 26.83 17.29
CA PRO D 1205 45.11 27.91 16.34
C PRO D 1205 46.13 27.98 15.23
N ARG D 1206 47.39 27.70 15.51
CA ARG D 1206 48.42 27.70 14.49
C ARG D 1206 48.59 26.37 13.79
N GLY D 1207 47.79 25.36 14.13
CA GLY D 1207 47.80 24.10 13.43
C GLY D 1207 48.91 23.16 13.84
N ARG D 1208 49.95 23.66 14.48
CA ARG D 1208 51.07 22.85 14.92
C ARG D 1208 51.21 23.01 16.41
N ALA D 1209 51.50 21.91 17.09
CA ALA D 1209 51.78 21.95 18.52
C ALA D 1209 53.13 22.63 18.74
N ALA D 1210 53.28 23.32 19.86
CA ALA D 1210 54.52 24.01 20.16
C ALA D 1210 54.91 23.95 21.62
N GLY D 1211 54.05 23.43 22.49
CA GLY D 1211 54.26 23.56 23.92
C GLY D 1211 55.39 22.70 24.43
N GLY D 1212 56.14 23.26 25.39
CA GLY D 1212 57.31 22.61 25.94
C GLY D 1212 57.05 21.37 26.75
N VAL D 1213 55.78 21.08 27.03
CA VAL D 1213 55.38 19.79 27.55
C VAL D 1213 55.72 18.69 26.56
N TYR D 1214 55.49 18.96 25.28
CA TYR D 1214 55.64 17.97 24.22
C TYR D 1214 57.09 17.63 23.90
N ALA D 1215 58.03 18.53 24.20
CA ALA D 1215 59.42 18.29 23.85
C ALA D 1215 60.03 17.24 24.77
N GLY D 1216 61.21 16.75 24.38
CA GLY D 1216 61.73 15.52 24.98
C GLY D 1216 63.13 15.52 25.55
N ASP D 1217 63.51 16.59 26.27
CA ASP D 1217 64.79 16.70 27.00
C ASP D 1217 66.01 16.61 26.08
N LYS D 1218 65.88 17.01 24.83
CA LYS D 1218 67.03 17.14 23.94
C LYS D 1218 67.56 18.56 24.10
N GLU D 1219 68.64 18.89 23.40
CA GLU D 1219 69.21 20.23 23.43
C GLU D 1219 68.22 21.16 22.71
N GLY D 1220 67.82 20.85 21.49
CA GLY D 1220 66.89 21.70 20.78
C GLY D 1220 65.58 20.99 20.50
N ASP D 1221 65.04 20.29 21.50
CA ASP D 1221 63.68 19.78 21.39
C ASP D 1221 62.66 20.90 21.54
N VAL D 1222 63.10 22.00 22.15
CA VAL D 1222 62.44 23.31 22.06
C VAL D 1222 62.73 23.88 20.66
N ILE D 1223 62.48 25.18 20.44
CA ILE D 1223 61.96 25.86 19.25
C ILE D 1223 61.90 25.09 17.93
N ALA D 1224 62.92 24.27 17.64
CA ALA D 1224 62.92 23.37 16.49
C ALA D 1224 61.71 22.45 16.43
N LEU D 1225 61.01 22.21 17.54
CA LEU D 1225 59.71 21.56 17.49
C LEU D 1225 58.72 22.49 16.79
N MET D 1226 58.78 23.78 17.09
CA MET D 1226 57.75 24.68 16.59
C MET D 1226 58.05 25.14 15.17
N TYR D 1227 59.29 25.52 14.90
CA TYR D 1227 59.58 26.26 13.68
C TYR D 1227 60.15 25.41 12.55
N ASP D 1228 60.74 24.27 12.85
CA ASP D 1228 61.14 23.37 11.78
C ASP D 1228 59.90 22.62 11.26
N HIS D 1229 59.94 22.26 10.00
CA HIS D 1229 58.86 21.47 9.41
C HIS D 1229 59.37 20.33 8.57
N GLY D 1230 60.64 19.96 8.71
CA GLY D 1230 61.07 18.65 8.26
C GLY D 1230 60.40 17.55 9.07
N GLN D 1231 60.26 17.76 10.38
CA GLN D 1231 59.53 16.83 11.21
C GLN D 1231 58.03 17.09 11.09
N SER D 1232 57.25 16.23 11.73
CA SER D 1232 55.80 16.30 11.63
C SER D 1232 55.23 17.13 12.79
N ASP D 1233 53.91 17.04 12.97
CA ASP D 1233 53.17 17.59 14.09
C ASP D 1233 53.02 16.54 15.18
N PRO D 1234 53.32 16.85 16.44
CA PRO D 1234 53.02 15.89 17.51
C PRO D 1234 51.54 15.60 17.66
N ALA D 1235 50.68 16.57 17.37
CA ALA D 1235 49.25 16.29 17.36
C ALA D 1235 48.81 15.57 16.10
N ARG D 1236 49.39 15.94 14.95
CA ARG D 1236 48.95 15.41 13.66
C ARG D 1236 50.13 14.75 12.98
N PRO D 1237 50.41 13.49 13.33
CA PRO D 1237 51.71 12.89 12.96
C PRO D 1237 51.85 12.55 11.50
N PHE D 1238 50.76 12.65 10.73
CA PHE D 1238 50.81 12.29 9.32
C PHE D 1238 51.30 13.44 8.46
N ALA D 1239 51.00 14.67 8.82
CA ALA D 1239 51.36 15.82 8.01
C ALA D 1239 52.19 16.80 8.85
N ALA D 1240 52.70 17.83 8.18
CA ALA D 1240 53.56 18.77 8.88
C ALA D 1240 52.75 19.71 9.76
N THR D 1241 51.92 20.55 9.14
CA THR D 1241 50.93 21.32 9.87
C THR D 1241 49.59 21.15 9.20
N ALA D 1242 48.64 21.95 9.67
CA ALA D 1242 47.42 22.20 8.94
C ALA D 1242 47.39 23.60 8.36
N ASN D 1243 48.29 24.47 8.80
CA ASN D 1243 48.29 25.82 8.27
C ASN D 1243 49.71 26.26 8.03
N PRO D 1244 50.09 26.45 6.76
CA PRO D 1244 51.41 27.04 6.47
C PRO D 1244 51.44 28.53 6.65
N TRP D 1245 50.30 29.21 6.62
CA TRP D 1245 50.28 30.65 6.87
C TRP D 1245 50.45 30.99 8.33
N ALA D 1246 50.32 30.02 9.23
CA ALA D 1246 50.36 30.31 10.65
C ALA D 1246 51.69 29.94 11.27
N SER D 1247 52.15 28.72 11.02
CA SER D 1247 53.15 28.09 11.87
C SER D 1247 54.54 28.67 11.69
N GLN D 1248 54.95 28.87 10.44
CA GLN D 1248 56.36 28.97 10.09
C GLN D 1248 56.96 30.28 10.58
N ARG D 1249 58.29 30.32 10.61
CA ARG D 1249 58.97 31.56 10.93
C ARG D 1249 58.77 32.53 9.78
N PHE D 1250 58.39 33.76 10.13
CA PHE D 1250 57.96 34.85 9.24
C PHE D 1250 56.71 34.50 8.45
N SER D 1251 55.96 33.50 8.88
CA SER D 1251 54.65 33.26 8.27
C SER D 1251 53.67 34.30 8.81
N TYR D 1252 52.47 34.29 8.24
CA TYR D 1252 51.55 35.39 8.53
C TYR D 1252 50.95 35.23 9.93
N GLY D 1253 50.98 34.02 10.48
CA GLY D 1253 50.74 33.87 11.90
C GLY D 1253 51.83 34.53 12.74
N ASP D 1254 53.07 34.42 12.30
CA ASP D 1254 54.20 34.96 13.06
C ASP D 1254 54.23 36.48 12.95
N LEU D 1255 53.83 37.02 11.80
CA LEU D 1255 54.00 38.44 11.53
C LEU D 1255 53.09 39.30 12.38
N LEU D 1256 51.89 38.81 12.67
CA LEU D 1256 50.93 39.67 13.36
C LEU D 1256 51.17 39.68 14.86
N TYR D 1257 51.06 38.53 15.51
CA TYR D 1257 50.81 38.52 16.93
C TYR D 1257 52.01 38.15 17.78
N ASN D 1258 53.10 37.69 17.19
CA ASN D 1258 54.31 37.52 17.96
C ASN D 1258 54.86 38.89 18.33
N GLY D 1259 54.70 39.25 19.60
CA GLY D 1259 54.97 40.59 20.09
C GLY D 1259 56.42 41.02 20.06
N ALA D 1260 57.34 40.14 19.66
CA ALA D 1260 58.70 40.58 19.34
C ALA D 1260 58.68 41.57 18.19
N TYR D 1261 57.75 41.40 17.25
CA TYR D 1261 57.58 42.35 16.17
C TYR D 1261 56.56 43.43 16.48
N HIS D 1262 55.95 43.37 17.68
CA HIS D 1262 55.18 44.41 18.36
C HIS D 1262 54.30 45.32 17.51
N LEU D 1263 53.51 44.75 16.60
CA LEU D 1263 52.40 45.48 16.01
C LEU D 1263 51.38 45.84 17.07
N ASN D 1264 50.98 44.84 17.84
CA ASN D 1264 49.94 45.00 18.85
C ASN D 1264 50.61 45.31 20.19
N GLY D 1265 51.48 46.31 20.15
CA GLY D 1265 52.28 46.66 21.31
C GLY D 1265 51.91 48.00 21.92
N ALA D 1266 51.21 48.83 21.16
CA ALA D 1266 50.75 50.13 21.64
C ALA D 1266 49.26 50.11 21.96
N SER D 1267 48.64 48.94 21.95
CA SER D 1267 47.21 48.82 22.17
C SER D 1267 46.96 48.22 23.54
N PRO D 1268 46.10 48.85 24.35
CA PRO D 1268 45.83 48.31 25.69
C PRO D 1268 44.96 47.09 25.67
N VAL D 1269 44.29 46.82 24.57
CA VAL D 1269 43.32 45.74 24.46
C VAL D 1269 44.04 44.40 24.47
N LEU D 1270 43.44 43.44 25.18
CA LEU D 1270 43.99 42.09 25.26
C LEU D 1270 44.06 41.42 23.90
N SER D 1271 45.19 40.78 23.63
CA SER D 1271 45.37 39.97 22.45
C SER D 1271 45.42 38.51 22.85
N PRO D 1272 44.38 37.72 22.63
CA PRO D 1272 44.43 36.30 23.01
C PRO D 1272 45.42 35.50 22.20
N CYS D 1273 45.77 35.97 21.01
CA CYS D 1273 46.75 35.29 20.18
C CYS D 1273 48.17 35.46 20.68
N PHE D 1274 48.41 36.37 21.62
CA PHE D 1274 49.75 36.60 22.12
C PHE D 1274 50.23 35.42 22.96
N LYS D 1275 49.32 34.69 23.58
CA LYS D 1275 49.70 33.55 24.40
C LYS D 1275 50.24 32.43 23.53
N PHE D 1276 49.73 32.30 22.31
CA PHE D 1276 50.17 31.22 21.45
C PHE D 1276 51.45 31.58 20.71
N PHE D 1277 51.51 32.76 20.12
CA PHE D 1277 52.50 33.01 19.08
C PHE D 1277 53.83 33.54 19.60
N THR D 1278 54.01 33.70 20.89
CA THR D 1278 55.26 34.23 21.43
C THR D 1278 56.08 33.06 21.98
N ALA D 1279 56.99 32.55 21.16
CA ALA D 1279 57.69 31.31 21.51
C ALA D 1279 58.72 31.55 22.61
N ALA D 1280 59.13 32.81 22.80
CA ALA D 1280 60.14 33.17 23.78
C ALA D 1280 59.67 32.88 25.19
N ASP D 1281 58.37 33.01 25.43
CA ASP D 1281 57.82 32.66 26.73
C ASP D 1281 57.71 31.16 26.90
N ILE D 1282 57.35 30.45 25.82
CA ILE D 1282 57.36 28.99 25.83
C ILE D 1282 58.76 28.46 26.06
N THR D 1283 59.76 29.12 25.48
CA THR D 1283 61.14 28.70 25.67
C THR D 1283 61.62 28.96 27.08
N ALA D 1284 60.98 29.89 27.79
CA ALA D 1284 61.43 30.23 29.14
C ALA D 1284 60.97 29.21 30.17
N LYS D 1285 59.92 28.45 29.89
CA LYS D 1285 59.47 27.44 30.84
C LYS D 1285 60.43 26.27 30.90
N HIS D 1286 60.39 25.55 32.00
CA HIS D 1286 61.03 24.24 32.06
C HIS D 1286 60.03 23.19 31.61
N ARG D 1287 60.44 21.94 31.72
CA ARG D 1287 59.66 20.85 31.17
C ARG D 1287 59.41 19.71 32.16
N CYS D 1288 60.04 19.72 33.33
CA CYS D 1288 59.83 18.62 34.27
C CYS D 1288 58.52 18.83 34.99
N LEU D 1289 57.73 17.76 35.10
CA LEU D 1289 56.36 17.89 35.58
C LEU D 1289 56.22 17.80 37.09
N GLU D 1290 57.33 17.76 37.82
CA GLU D 1290 57.26 17.86 39.27
C GLU D 1290 56.76 19.23 39.69
N ARG D 1291 57.10 20.26 38.92
CA ARG D 1291 56.74 21.62 39.29
C ARG D 1291 55.57 22.13 38.47
N LEU D 1292 55.41 21.64 37.23
CA LEU D 1292 54.57 22.32 36.24
C LEU D 1292 53.09 22.30 36.56
N ILE D 1293 52.62 21.33 37.34
CA ILE D 1293 51.21 21.34 37.67
C ILE D 1293 50.88 22.34 38.76
N VAL D 1294 51.82 22.67 39.63
CA VAL D 1294 51.43 23.47 40.79
C VAL D 1294 51.35 24.96 40.45
N GLU D 1295 51.96 25.39 39.36
CA GLU D 1295 51.76 26.78 38.99
C GLU D 1295 50.56 26.96 38.07
N THR D 1296 49.85 25.88 37.77
CA THR D 1296 48.67 26.00 36.92
C THR D 1296 47.55 26.71 37.67
N GLY D 1297 47.40 26.41 38.96
CA GLY D 1297 46.26 26.91 39.71
C GLY D 1297 46.28 28.41 39.92
N SER D 1298 47.41 28.94 40.33
CA SER D 1298 47.56 30.38 40.52
C SER D 1298 48.53 30.87 39.46
N ALA D 1299 48.00 31.11 38.26
CA ALA D 1299 48.80 31.56 37.14
C ALA D 1299 48.38 32.97 36.76
N VAL D 1300 49.35 33.82 36.49
CA VAL D 1300 49.05 35.19 36.13
C VAL D 1300 48.52 35.25 34.71
N SER D 1301 47.28 35.69 34.56
CA SER D 1301 46.72 35.91 33.24
C SER D 1301 47.26 37.22 32.69
N THR D 1302 47.18 37.36 31.37
CA THR D 1302 47.41 38.66 30.76
C THR D 1302 46.14 39.47 30.67
N ALA D 1303 45.04 38.98 31.23
CA ALA D 1303 43.71 39.51 31.03
C ALA D 1303 43.34 40.50 32.12
N THR D 1304 42.28 41.25 31.86
CA THR D 1304 41.68 42.16 32.81
C THR D 1304 40.28 41.71 33.13
N ALA D 1305 39.70 42.32 34.15
CA ALA D 1305 38.30 42.09 34.47
C ALA D 1305 37.55 43.38 34.73
N ALA D 1306 38.24 44.52 34.81
CA ALA D 1306 37.62 45.74 35.30
C ALA D 1306 37.16 46.69 34.21
N SER D 1307 37.53 46.45 32.96
CA SER D 1307 37.13 47.32 31.87
C SER D 1307 36.00 46.67 31.07
N ASP D 1308 35.36 47.49 30.24
CA ASP D 1308 34.31 46.99 29.35
C ASP D 1308 34.89 46.02 28.34
N VAL D 1309 35.84 46.48 27.56
CA VAL D 1309 36.64 45.66 26.67
C VAL D 1309 37.75 45.05 27.50
N GLN D 1310 38.01 43.76 27.29
CA GLN D 1310 39.07 43.10 28.05
C GLN D 1310 40.43 43.62 27.58
N PHE D 1311 41.14 44.27 28.50
CA PHE D 1311 42.41 44.89 28.19
C PHE D 1311 43.55 43.94 28.48
N LYS D 1312 44.74 44.33 28.05
CA LYS D 1312 45.97 43.74 28.54
C LYS D 1312 46.09 44.06 30.01
N ARG D 1313 46.55 43.10 30.80
CA ARG D 1313 46.61 43.28 32.25
C ARG D 1313 47.62 44.37 32.60
N PRO D 1314 47.20 45.41 33.33
CA PRO D 1314 48.13 46.45 33.72
C PRO D 1314 49.02 45.95 34.83
N PRO D 1315 50.08 46.69 35.17
CA PRO D 1315 50.93 46.25 36.30
C PRO D 1315 50.38 46.61 37.67
N GLY D 1316 49.08 46.87 37.79
CA GLY D 1316 48.50 47.15 39.10
C GLY D 1316 48.57 45.97 40.06
N CYS D 1317 47.82 44.91 39.77
CA CYS D 1317 47.83 43.72 40.61
C CYS D 1317 47.75 42.48 39.73
N ARG D 1318 47.40 41.36 40.35
CA ARG D 1318 47.33 40.08 39.68
C ARG D 1318 45.95 39.46 39.86
N GLU D 1319 45.75 38.30 39.23
CA GLU D 1319 44.41 37.73 39.15
C GLU D 1319 44.36 36.34 39.79
N LEU D 1320 45.49 35.61 39.75
CA LEU D 1320 45.63 34.26 40.31
C LEU D 1320 44.64 33.28 39.69
N VAL D 1321 44.56 33.28 38.36
CA VAL D 1321 43.60 32.42 37.67
C VAL D 1321 44.27 31.10 37.30
N GLU D 1322 43.45 30.12 36.95
CA GLU D 1322 43.94 28.85 36.43
C GLU D 1322 43.44 28.62 35.00
N ASP D 1323 44.33 28.14 34.13
CA ASP D 1323 43.97 27.84 32.75
C ASP D 1323 44.77 26.66 32.21
N PRO D 1324 44.22 25.90 31.27
CA PRO D 1324 45.04 24.90 30.56
C PRO D 1324 45.72 25.46 29.34
N CYS D 1325 45.39 26.68 28.95
CA CYS D 1325 45.96 27.29 27.75
C CYS D 1325 47.44 27.57 27.93
N GLY D 1326 47.88 27.81 29.15
CA GLY D 1326 49.29 27.96 29.43
C GLY D 1326 50.03 26.65 29.56
N LEU D 1327 49.31 25.55 29.71
CA LEU D 1327 50.02 24.30 29.95
C LEU D 1327 49.81 23.30 28.82
N PHE D 1328 48.57 23.12 28.36
CA PHE D 1328 48.37 22.25 27.21
C PHE D 1328 48.73 22.94 25.90
N GLN D 1329 48.77 24.28 25.91
CA GLN D 1329 48.96 25.12 24.73
C GLN D 1329 47.92 24.77 23.67
N GLU D 1330 46.66 25.00 24.01
CA GLU D 1330 45.54 24.46 23.25
C GLU D 1330 44.37 25.42 23.25
N ALA D 1331 43.20 24.87 22.94
CA ALA D 1331 41.95 25.61 22.97
C ALA D 1331 40.79 24.63 23.07
N TYR D 1332 39.60 25.17 23.17
CA TYR D 1332 38.48 24.25 23.05
C TYR D 1332 37.48 24.75 22.03
N PRO D 1333 36.84 23.85 21.28
CA PRO D 1333 35.78 24.28 20.37
C PRO D 1333 34.41 24.18 21.01
N ILE D 1334 33.51 25.07 20.58
CA ILE D 1334 32.15 25.13 21.08
C ILE D 1334 31.18 24.80 19.95
N THR D 1335 29.90 24.79 20.29
CA THR D 1335 28.89 24.54 19.29
C THR D 1335 28.76 25.74 18.37
N CYS D 1336 29.05 25.54 17.08
CA CYS D 1336 28.94 26.60 16.12
C CYS D 1336 28.60 26.01 14.76
N ALA D 1337 27.87 26.76 13.96
CA ALA D 1337 27.42 26.28 12.67
C ALA D 1337 27.25 27.47 11.72
N SER D 1338 27.59 27.24 10.46
CA SER D 1338 27.47 28.25 9.44
C SER D 1338 26.03 28.55 9.08
N ASP D 1339 25.13 27.58 9.21
CA ASP D 1339 23.73 27.84 9.00
C ASP D 1339 23.01 27.94 10.33
N PRO D 1340 22.05 28.85 10.46
CA PRO D 1340 21.09 28.72 11.55
C PRO D 1340 20.24 27.50 11.35
N ALA D 1341 19.99 27.14 10.09
CA ALA D 1341 19.30 25.91 9.74
C ALA D 1341 19.99 24.67 10.29
N LEU D 1342 21.32 24.61 10.21
CA LEU D 1342 22.00 23.49 10.83
C LEU D 1342 22.08 23.67 12.34
N LEU D 1343 22.05 24.92 12.80
CA LEU D 1343 22.30 25.19 14.21
C LEU D 1343 21.12 24.76 15.06
N ARG D 1344 19.93 24.71 14.48
CA ARG D 1344 18.75 24.37 15.26
C ARG D 1344 18.67 22.89 15.55
N SER D 1345 19.44 22.06 14.86
CA SER D 1345 19.49 20.66 15.25
C SER D 1345 20.44 20.47 16.42
N ALA D 1346 21.25 21.49 16.71
CA ALA D 1346 22.14 21.46 17.87
C ALA D 1346 21.40 22.01 19.08
N ARG D 1347 20.20 21.50 19.27
CA ARG D 1347 19.37 21.78 20.43
C ARG D 1347 19.12 20.46 21.11
N ASP D 1348 19.53 20.37 22.38
CA ASP D 1348 19.55 19.13 23.17
C ASP D 1348 20.37 18.04 22.46
N GLY D 1349 21.67 18.29 22.37
CA GLY D 1349 22.61 17.25 22.02
C GLY D 1349 22.71 17.04 20.53
N GLU D 1350 23.75 16.31 20.12
CA GLU D 1350 23.92 15.87 18.74
C GLU D 1350 23.43 14.44 18.52
N ALA D 1351 22.40 14.03 19.26
CA ALA D 1351 21.77 12.72 19.12
C ALA D 1351 21.25 12.51 17.71
N HIS D 1352 20.44 13.44 17.23
CA HIS D 1352 19.91 13.40 15.87
C HIS D 1352 20.33 14.61 15.04
N ALA D 1353 21.36 15.33 15.45
CA ALA D 1353 21.73 16.58 14.80
C ALA D 1353 22.46 16.33 13.49
N ARG D 1354 22.35 17.29 12.58
CA ARG D 1354 23.06 17.23 11.32
C ARG D 1354 24.52 17.61 11.58
N GLU D 1355 25.41 17.14 10.72
CA GLU D 1355 26.81 17.45 10.89
C GLU D 1355 27.41 18.08 9.64
N THR D 1356 26.77 17.91 8.50
CA THR D 1356 27.23 18.56 7.28
C THR D 1356 26.05 18.89 6.39
N HIS D 1357 26.29 19.73 5.39
CA HIS D 1357 25.29 20.06 4.38
C HIS D 1357 26.07 20.59 3.19
N PHE D 1358 25.35 21.10 2.15
CA PHE D 1358 25.72 21.23 0.71
C PHE D 1358 27.17 21.71 0.59
N THR D 1359 27.49 22.92 1.02
CA THR D 1359 28.86 23.32 1.28
C THR D 1359 29.02 23.85 2.69
N GLN D 1360 27.94 23.86 3.44
CA GLN D 1360 27.94 24.33 4.81
C GLN D 1360 28.52 23.26 5.72
N TYR D 1361 28.60 23.57 7.02
CA TYR D 1361 29.20 22.65 7.97
C TYR D 1361 28.71 22.96 9.37
N LEU D 1362 29.18 22.17 10.33
CA LEU D 1362 28.81 22.33 11.72
C LEU D 1362 29.91 21.75 12.60
N ILE D 1363 30.16 22.43 13.72
CA ILE D 1363 31.05 21.92 14.76
C ILE D 1363 30.27 21.88 16.06
N TYR D 1364 30.21 20.71 16.67
CA TYR D 1364 29.60 20.54 17.97
C TYR D 1364 30.57 21.01 19.05
N ASP D 1365 30.08 21.16 20.27
CA ASP D 1365 30.90 21.57 21.40
C ASP D 1365 31.95 20.51 21.71
N ALA D 1366 33.10 20.97 22.21
CA ALA D 1366 34.15 20.09 22.72
C ALA D 1366 34.96 20.88 23.75
N SER D 1367 34.66 20.67 25.02
CA SER D 1367 35.14 21.56 26.07
C SER D 1367 34.97 20.88 27.41
N PRO D 1368 35.52 21.43 28.49
CA PRO D 1368 34.95 21.15 29.81
C PRO D 1368 33.58 21.75 29.98
N LEU D 1369 33.26 22.79 29.23
CA LEU D 1369 31.98 23.47 29.30
C LEU D 1369 30.79 22.63 28.86
N LYS D 1370 31.02 21.58 28.08
CA LYS D 1370 29.90 20.78 27.58
C LYS D 1370 29.25 20.03 28.73
N GLY D 1371 27.95 19.81 28.61
CA GLY D 1371 27.19 19.16 29.65
C GLY D 1371 26.99 19.98 30.91
N LEU D 1372 27.34 21.27 30.90
CA LEU D 1372 27.08 22.12 32.04
C LEU D 1372 25.75 22.81 31.84
N SER D 1373 25.34 23.56 32.87
CA SER D 1373 24.01 24.16 32.86
C SER D 1373 23.96 25.35 31.91
N LEU D 1374 24.87 26.31 32.10
CA LEU D 1374 24.95 27.43 31.18
C LEU D 1374 25.61 27.00 29.89
N ARG E 6 88.93 37.73 47.07
CA ARG E 6 88.35 36.42 47.33
C ARG E 6 87.30 36.49 48.45
N ASP E 7 87.04 37.73 48.90
CA ASP E 7 86.11 38.02 49.97
C ASP E 7 86.38 37.26 51.27
N PRO E 8 87.37 37.67 52.06
CA PRO E 8 87.55 37.11 53.41
C PRO E 8 86.34 37.39 54.28
N PRO E 9 86.05 36.54 55.28
CA PRO E 9 84.75 36.63 55.96
C PRO E 9 84.60 37.84 56.88
N GLY E 10 85.64 38.20 57.64
CA GLY E 10 85.60 39.37 58.48
C GLY E 10 85.76 39.03 59.94
N TYR E 11 86.12 40.04 60.71
CA TYR E 11 86.39 39.88 62.13
C TYR E 11 85.09 39.73 62.89
N ARG E 12 85.11 38.88 63.90
CA ARG E 12 83.92 38.54 64.67
C ARG E 12 83.70 39.61 65.72
N TYR E 13 82.55 40.27 65.67
CA TYR E 13 82.15 41.16 66.75
C TYR E 13 81.75 40.34 67.98
N ALA E 14 81.71 41.04 69.11
CA ALA E 14 81.19 40.62 70.41
C ALA E 14 82.02 39.53 71.07
N ALA E 15 83.03 38.98 70.41
CA ALA E 15 84.03 38.17 71.08
C ALA E 15 85.14 39.04 71.66
N ALA E 16 85.17 40.32 71.30
CA ALA E 16 86.12 41.28 71.82
C ALA E 16 85.49 42.16 72.89
N ILE E 17 84.23 41.88 73.23
CA ILE E 17 83.63 42.43 74.44
C ILE E 17 84.14 41.70 75.67
N LEU E 18 84.60 40.47 75.51
CA LEU E 18 85.40 39.79 76.51
C LEU E 18 86.71 39.43 75.83
N PRO E 19 87.72 40.30 75.86
CA PRO E 19 89.02 39.94 75.29
C PRO E 19 89.74 38.93 76.16
N THR E 20 90.65 38.21 75.53
CA THR E 20 91.50 37.29 76.27
C THR E 20 92.93 37.77 76.39
N GLY E 21 93.28 38.87 75.74
CA GLY E 21 94.66 39.33 75.76
C GLY E 21 94.73 40.80 75.44
N SER E 22 95.91 41.35 75.71
CA SER E 22 96.12 42.79 75.65
C SER E 22 96.64 43.19 74.28
N ILE E 23 95.94 44.14 73.65
CA ILE E 23 96.54 44.90 72.57
C ILE E 23 97.68 45.72 73.16
N LEU E 24 98.92 45.31 72.85
CA LEU E 24 100.06 45.74 73.65
C LEU E 24 100.89 46.86 73.04
N SER E 25 101.47 46.65 71.85
CA SER E 25 102.35 47.65 71.26
C SER E 25 101.55 48.56 70.34
N THR E 26 102.06 49.77 70.15
CA THR E 26 101.31 50.83 69.46
C THR E 26 102.15 51.40 68.33
N ILE E 27 101.88 50.97 67.10
CA ILE E 27 102.40 51.62 65.91
C ILE E 27 101.23 51.87 64.97
N GLU E 28 101.52 52.42 63.80
CA GLU E 28 100.48 52.62 62.80
C GLU E 28 100.09 51.28 62.18
N VAL E 29 98.89 50.81 62.49
CA VAL E 29 98.38 49.54 61.98
C VAL E 29 97.95 49.66 60.52
N ALA E 30 97.78 50.89 60.02
CA ALA E 30 97.43 51.06 58.61
C ALA E 30 98.65 50.82 57.72
N SER E 31 99.85 50.88 58.29
CA SER E 31 101.05 50.70 57.49
C SER E 31 101.32 49.23 57.20
N HIS E 32 100.53 48.33 57.77
CA HIS E 32 100.72 46.90 57.55
C HIS E 32 99.42 46.18 57.23
N ARG E 33 98.57 46.76 56.40
CA ARG E 33 97.33 46.11 55.99
C ARG E 33 97.65 44.96 55.04
N ARG E 34 98.83 45.05 54.41
CA ARG E 34 99.45 44.00 53.61
C ARG E 34 99.59 42.68 54.36
N LEU E 35 99.76 42.71 55.68
CA LEU E 35 100.12 41.49 56.40
C LEU E 35 98.89 40.74 56.86
N PHE E 36 97.85 41.46 57.27
CA PHE E 36 96.74 40.85 58.00
C PHE E 36 95.85 39.99 57.14
N ASP E 37 94.99 39.23 57.82
CA ASP E 37 93.84 38.58 57.20
C ASP E 37 92.75 39.59 56.86
N PHE E 38 92.25 40.31 57.86
CA PHE E 38 91.18 41.27 57.69
C PHE E 38 91.39 42.46 58.61
N PHE E 39 91.06 43.65 58.10
CA PHE E 39 90.91 44.86 58.89
C PHE E 39 90.16 45.88 58.07
N ALA E 40 89.30 46.65 58.74
CA ALA E 40 88.70 47.83 58.14
C ALA E 40 89.03 49.02 59.02
N ALA E 41 89.31 50.15 58.40
CA ALA E 41 89.69 51.37 59.09
C ALA E 41 88.42 52.16 59.39
N VAL E 42 87.85 51.95 60.57
CA VAL E 42 86.51 52.42 60.89
C VAL E 42 86.61 53.63 61.82
N ARG E 43 85.86 54.68 61.49
CA ARG E 43 85.72 55.84 62.37
C ARG E 43 84.60 55.50 63.35
N SER E 44 84.65 56.12 64.54
CA SER E 44 84.28 55.63 65.89
C SER E 44 83.06 54.69 65.84
N ASP E 45 81.98 55.05 65.15
CA ASP E 45 80.84 54.15 64.99
C ASP E 45 80.01 54.64 63.81
N GLU E 46 79.83 53.79 62.80
CA GLU E 46 78.88 54.13 61.75
C GLU E 46 78.00 52.93 61.41
N ASN E 47 76.99 52.67 62.24
CA ASN E 47 75.77 51.91 61.94
C ASN E 47 75.95 50.51 61.38
N SER E 48 77.19 49.99 61.35
CA SER E 48 77.44 48.65 60.85
C SER E 48 78.07 47.78 61.92
N LEU E 49 78.34 48.36 63.09
CA LEU E 49 78.97 47.61 64.16
C LEU E 49 77.96 46.77 64.91
N TYR E 50 76.69 47.14 64.87
CA TYR E 50 75.66 46.59 65.73
C TYR E 50 74.75 45.60 65.02
N ASP E 51 75.30 44.75 64.15
CA ASP E 51 74.52 43.83 63.33
C ASP E 51 74.56 42.42 63.93
N VAL E 52 73.42 41.73 63.91
CA VAL E 52 73.34 40.30 64.20
C VAL E 52 72.54 39.61 63.11
N GLU E 53 73.12 38.56 62.52
CA GLU E 53 72.46 37.79 61.49
C GLU E 53 72.88 36.34 61.66
N PHE E 54 71.90 35.49 61.93
CA PHE E 54 72.16 34.11 62.27
C PHE E 54 71.26 33.22 61.43
N ASP E 55 71.61 31.94 61.37
CA ASP E 55 70.84 30.97 60.60
C ASP E 55 70.30 29.91 61.54
N ALA E 56 69.09 29.43 61.24
CA ALA E 56 68.33 28.64 62.19
C ALA E 56 67.90 27.31 61.60
N LEU E 57 68.40 26.23 62.20
CA LEU E 57 67.95 24.90 61.86
C LEU E 57 66.71 24.62 62.70
N LEU E 58 65.54 24.94 62.16
CA LEU E 58 64.31 25.01 62.94
C LEU E 58 63.72 23.66 63.28
N GLY E 59 64.33 22.58 62.84
CA GLY E 59 63.79 21.26 63.14
C GLY E 59 64.38 20.21 62.23
N SER E 60 64.30 18.97 62.68
CA SER E 60 64.78 17.85 61.89
C SER E 60 63.77 16.73 62.00
N TYR E 61 63.51 16.08 60.88
CA TYR E 61 62.50 15.04 60.81
C TYR E 61 63.07 13.80 60.15
N CYS E 62 62.51 12.65 60.52
CA CYS E 62 62.97 11.41 59.96
C CYS E 62 61.76 10.51 59.78
N ASN E 63 61.92 9.49 58.96
CA ASN E 63 60.94 8.42 58.88
C ASN E 63 61.56 7.14 59.41
N THR E 64 60.83 6.05 59.33
CA THR E 64 61.35 4.75 59.73
C THR E 64 61.07 3.76 58.62
N LEU E 65 62.05 2.91 58.34
CA LEU E 65 61.84 1.82 57.39
C LEU E 65 60.85 0.84 57.98
N SER E 66 59.63 0.85 57.48
CA SER E 66 58.61 -0.05 57.99
C SER E 66 58.93 -1.47 57.56
N LEU E 67 59.54 -2.22 58.47
CA LEU E 67 60.02 -3.57 58.19
C LEU E 67 58.83 -4.51 58.23
N VAL E 68 58.27 -4.78 57.05
CA VAL E 68 57.13 -5.67 56.90
C VAL E 68 57.60 -7.08 57.19
N ARG E 69 56.74 -7.86 57.83
CA ARG E 69 57.09 -9.25 58.07
C ARG E 69 56.18 -10.12 57.22
N PHE E 70 56.79 -11.06 56.47
CA PHE E 70 56.08 -11.78 55.41
C PHE E 70 55.01 -12.70 55.98
N LEU E 71 55.16 -13.14 57.22
CA LEU E 71 54.11 -13.93 57.85
C LEU E 71 53.00 -13.02 58.38
N GLU E 72 53.30 -11.75 58.57
CA GLU E 72 52.30 -10.76 58.98
C GLU E 72 51.77 -10.10 57.71
N LEU E 73 51.09 -10.90 56.89
CA LEU E 73 50.78 -10.52 55.52
C LEU E 73 49.75 -11.50 54.99
N GLY E 74 48.79 -10.98 54.24
CA GLY E 74 47.67 -11.76 53.75
C GLY E 74 48.02 -12.84 52.74
N LEU E 75 49.22 -12.78 52.18
CA LEU E 75 49.62 -13.73 51.16
C LEU E 75 50.15 -15.03 51.76
N SER E 76 50.25 -15.10 53.09
CA SER E 76 51.04 -16.17 53.72
C SER E 76 50.42 -17.55 53.56
N VAL E 77 49.09 -17.65 53.41
CA VAL E 77 48.50 -18.92 53.04
C VAL E 77 48.42 -18.93 51.50
N ALA E 78 49.57 -19.18 50.89
CA ALA E 78 49.65 -19.58 49.50
C ALA E 78 50.83 -20.52 49.39
N CYS E 79 51.49 -20.75 50.51
CA CYS E 79 52.86 -21.24 50.49
C CYS E 79 53.25 -21.77 51.85
N VAL E 80 53.69 -23.02 51.87
CA VAL E 80 54.39 -23.55 53.02
C VAL E 80 55.83 -23.10 52.92
N CYS E 81 56.16 -22.00 53.60
CA CYS E 81 57.51 -21.47 53.62
C CYS E 81 58.31 -22.28 54.64
N THR E 82 59.30 -23.02 54.16
CA THR E 82 60.06 -23.94 55.00
C THR E 82 61.48 -23.45 55.17
N LYS E 83 61.96 -23.50 56.41
CA LYS E 83 63.31 -23.06 56.76
C LYS E 83 64.23 -24.27 56.68
N PHE E 84 64.90 -24.42 55.55
CA PHE E 84 65.78 -25.56 55.30
C PHE E 84 67.17 -25.03 55.04
N PRO E 85 68.06 -25.02 56.03
CA PRO E 85 69.34 -24.33 55.86
C PRO E 85 70.37 -25.10 55.03
N GLU E 86 69.98 -26.11 54.27
CA GLU E 86 70.95 -27.05 53.73
C GLU E 86 70.81 -27.19 52.22
N LEU E 87 70.36 -26.13 51.55
CA LEU E 87 70.23 -26.19 50.11
C LEU E 87 71.59 -26.10 49.43
N ALA E 88 72.57 -25.55 50.13
CA ALA E 88 73.87 -25.31 49.52
C ALA E 88 74.60 -26.61 49.20
N TYR E 89 74.59 -27.55 50.14
CA TYR E 89 75.20 -28.84 49.89
C TYR E 89 74.28 -29.79 49.14
N MET E 90 73.10 -29.34 48.79
CA MET E 90 72.11 -30.19 48.13
C MET E 90 72.34 -30.17 46.64
N ASN E 91 72.09 -31.30 46.00
CA ASN E 91 72.19 -31.39 44.55
C ASN E 91 70.81 -31.11 43.95
N GLU E 92 69.80 -31.86 44.39
CA GLU E 92 68.48 -31.85 43.79
C GLU E 92 67.49 -32.52 44.73
N GLY E 93 66.25 -32.06 44.73
CA GLY E 93 65.16 -32.77 45.35
C GLY E 93 64.09 -33.18 44.35
N ARG E 94 63.29 -34.16 44.74
CA ARG E 94 62.15 -34.59 43.95
C ARG E 94 60.97 -34.74 44.88
N VAL E 95 59.76 -34.66 44.33
CA VAL E 95 58.53 -35.00 45.02
C VAL E 95 57.68 -35.87 44.11
N GLN E 96 57.33 -37.06 44.58
CA GLN E 96 56.42 -37.94 43.87
C GLN E 96 55.01 -37.76 44.39
N PHE E 97 54.03 -38.12 43.56
CA PHE E 97 52.61 -37.91 43.82
C PHE E 97 51.79 -39.13 43.46
N GLU E 98 50.95 -39.57 44.39
CA GLU E 98 50.18 -40.79 44.24
C GLU E 98 48.70 -40.47 44.31
N VAL E 99 48.10 -40.15 43.16
CA VAL E 99 46.66 -39.90 43.09
C VAL E 99 45.99 -41.09 42.43
N HIS E 100 44.84 -41.48 42.99
CA HIS E 100 44.20 -42.74 42.65
C HIS E 100 42.77 -42.48 42.23
N GLN E 101 42.37 -43.04 41.11
CA GLN E 101 41.07 -42.68 40.57
C GLN E 101 40.04 -43.76 40.80
N PRO E 102 38.81 -43.40 41.11
CA PRO E 102 37.73 -44.39 41.20
C PRO E 102 37.18 -44.70 39.82
N LEU E 103 36.20 -45.60 39.78
CA LEU E 103 35.52 -45.92 38.53
C LEU E 103 34.08 -46.32 38.81
N ILE E 104 33.30 -46.43 37.73
CA ILE E 104 31.87 -46.71 37.78
C ILE E 104 31.59 -47.86 36.82
N ALA E 105 30.99 -48.93 37.34
CA ALA E 105 30.78 -50.12 36.51
C ALA E 105 29.57 -49.96 35.62
N ARG E 106 29.81 -49.84 34.33
CA ARG E 106 28.75 -49.77 33.35
C ARG E 106 28.35 -51.18 32.95
N ASP E 107 27.58 -51.28 31.87
CA ASP E 107 27.12 -52.58 31.42
C ASP E 107 26.97 -52.59 29.91
N GLY E 108 27.07 -53.77 29.32
CA GLY E 108 26.69 -53.98 27.95
C GLY E 108 27.77 -53.58 26.96
N PRO E 109 27.38 -52.74 25.99
CA PRO E 109 28.24 -52.50 24.84
C PRO E 109 29.45 -51.64 25.16
N HIS E 110 29.36 -50.80 26.18
CA HIS E 110 30.52 -50.06 26.61
C HIS E 110 31.48 -51.01 27.33
N PRO E 111 32.78 -50.85 27.14
CA PRO E 111 33.72 -51.84 27.67
C PRO E 111 33.81 -51.78 29.18
N VAL E 112 34.23 -52.89 29.77
CA VAL E 112 34.42 -52.96 31.22
C VAL E 112 35.64 -52.12 31.58
N GLU E 113 35.65 -51.58 32.78
CA GLU E 113 36.74 -50.73 33.23
C GLU E 113 37.58 -51.45 34.27
N GLN E 114 38.72 -50.85 34.59
CA GLN E 114 39.63 -51.38 35.59
C GLN E 114 40.35 -50.21 36.23
N PRO E 115 40.70 -50.30 37.52
CA PRO E 115 41.23 -49.13 38.23
C PRO E 115 42.60 -48.73 37.72
N VAL E 116 42.91 -47.45 37.85
CA VAL E 116 44.16 -46.88 37.35
C VAL E 116 44.93 -46.30 38.52
N HIS E 117 46.20 -46.03 38.28
CA HIS E 117 47.06 -45.36 39.23
C HIS E 117 47.97 -44.42 38.44
N ASN E 118 48.57 -43.46 39.13
CA ASN E 118 49.19 -42.34 38.42
C ASN E 118 50.70 -42.23 38.60
N TYR E 119 51.17 -42.05 39.84
CA TYR E 119 52.60 -42.03 40.19
C TYR E 119 53.43 -41.00 39.43
N MET E 120 53.14 -39.71 39.54
CA MET E 120 53.96 -38.73 38.84
C MET E 120 55.00 -38.17 39.81
N THR E 121 56.06 -37.60 39.23
CA THR E 121 57.21 -37.12 39.97
C THR E 121 57.62 -35.74 39.44
N LYS E 122 57.86 -34.82 40.38
CA LYS E 122 58.17 -33.43 40.05
C LYS E 122 59.46 -32.99 40.73
N VAL E 123 60.04 -31.94 40.16
CA VAL E 123 61.44 -31.57 40.40
C VAL E 123 61.49 -30.16 41.00
N ILE E 124 62.29 -30.01 42.06
CA ILE E 124 62.62 -28.69 42.59
C ILE E 124 63.30 -27.85 41.53
N ASP E 125 62.90 -26.60 41.41
CA ASP E 125 63.73 -25.61 40.76
C ASP E 125 64.28 -24.64 41.80
N ARG E 126 65.51 -24.21 41.59
CA ARG E 126 66.20 -23.43 42.61
C ARG E 126 66.36 -21.99 42.14
N ARG E 127 65.67 -21.08 42.81
CA ARG E 127 65.89 -19.66 42.64
C ARG E 127 66.85 -19.15 43.72
N ALA E 128 67.53 -18.05 43.39
CA ALA E 128 68.41 -17.40 44.34
C ALA E 128 68.32 -15.91 44.14
N LEU E 129 67.77 -15.20 45.11
CA LEU E 129 67.54 -13.77 44.99
C LEU E 129 68.56 -13.02 45.80
N ASN E 130 68.79 -11.76 45.42
CA ASN E 130 70.01 -11.06 45.79
C ASN E 130 69.72 -9.70 46.39
N ALA E 131 70.53 -9.34 47.37
CA ALA E 131 70.60 -7.99 47.88
C ALA E 131 72.07 -7.61 48.00
N ALA E 132 72.33 -6.31 47.96
CA ALA E 132 73.70 -5.84 48.09
C ALA E 132 73.68 -4.43 48.68
N PHE E 133 74.80 -4.05 49.28
CA PHE E 133 74.91 -2.73 49.87
C PHE E 133 76.37 -2.33 49.89
N SER E 134 76.62 -1.11 50.35
CA SER E 134 77.92 -0.49 50.24
C SER E 134 78.32 0.14 51.56
N LEU E 135 79.63 0.23 51.78
CA LEU E 135 80.20 1.11 52.78
C LEU E 135 81.25 1.97 52.10
N ALA E 136 81.16 3.27 52.30
CA ALA E 136 82.14 4.18 51.74
C ALA E 136 83.49 4.01 52.43
N THR E 137 84.55 4.46 51.75
CA THR E 137 85.93 4.18 52.15
C THR E 137 86.27 4.83 53.48
N GLU E 138 85.61 5.94 53.80
CA GLU E 138 85.88 6.67 55.03
C GLU E 138 85.41 5.92 56.27
N ALA E 139 84.58 4.89 56.12
CA ALA E 139 83.90 4.34 57.27
C ALA E 139 84.63 3.11 57.83
N ILE E 140 85.48 2.47 57.04
CA ILE E 140 86.02 1.16 57.44
C ILE E 140 87.05 1.32 58.54
N ALA E 141 88.05 2.17 58.31
CA ALA E 141 89.03 2.47 59.36
C ALA E 141 88.39 3.14 60.57
N LEU E 142 87.30 3.86 60.37
CA LEU E 142 86.47 4.30 61.48
C LEU E 142 85.90 3.12 62.24
N LEU E 143 85.44 2.09 61.53
CA LEU E 143 84.93 0.91 62.20
C LEU E 143 86.06 0.01 62.67
N THR E 144 87.23 0.14 62.06
CA THR E 144 88.36 -0.70 62.48
C THR E 144 88.95 -0.18 63.78
N GLY E 145 88.83 1.12 64.02
CA GLY E 145 89.55 1.74 65.11
C GLY E 145 90.85 2.37 64.71
N GLU E 146 91.14 2.43 63.40
CA GLU E 146 92.39 3.01 62.95
C GLU E 146 92.43 4.52 63.16
N ALA E 147 91.50 5.25 62.55
CA ALA E 147 91.50 6.70 62.61
C ALA E 147 90.91 7.14 63.94
N LEU E 148 91.67 6.93 65.01
CA LEU E 148 91.24 7.38 66.33
C LEU E 148 92.38 8.14 66.98
N ASP E 149 92.03 9.16 67.75
CA ASP E 149 92.99 9.87 68.57
C ASP E 149 92.57 9.92 70.03
N GLY E 150 91.34 9.57 70.34
CA GLY E 150 90.82 9.66 71.69
C GLY E 150 89.86 10.81 71.93
N THR E 151 89.91 11.86 71.11
CA THR E 151 89.04 13.00 71.31
C THR E 151 87.59 12.64 70.96
N GLY E 152 86.68 13.55 71.29
CA GLY E 152 85.28 13.36 71.00
C GLY E 152 84.96 13.36 69.51
N ILE E 153 85.86 13.97 68.72
CA ILE E 153 85.73 13.95 67.26
C ILE E 153 85.78 12.52 66.73
N SER E 154 86.77 11.76 67.17
CA SER E 154 86.87 10.37 66.74
C SER E 154 85.76 9.52 67.32
N LEU E 155 85.24 9.93 68.49
CA LEU E 155 84.06 9.27 69.02
C LEU E 155 82.85 9.55 68.15
N HIS E 156 82.61 10.83 67.83
CA HIS E 156 81.41 11.22 67.10
C HIS E 156 81.42 10.69 65.68
N ARG E 157 82.60 10.59 65.06
CA ARG E 157 82.68 10.04 63.72
C ARG E 157 82.48 8.53 63.73
N GLN E 158 82.87 7.86 64.81
CA GLN E 158 82.60 6.44 64.90
C GLN E 158 81.14 6.19 65.21
N LEU E 159 80.46 7.18 65.78
CA LEU E 159 79.02 7.07 65.97
C LEU E 159 78.27 7.14 64.66
N ARG E 160 78.65 8.08 63.77
CA ARG E 160 77.87 8.37 62.57
C ARG E 160 77.78 7.17 61.65
N ALA E 161 78.86 6.40 61.55
CA ALA E 161 78.83 5.23 60.69
C ALA E 161 78.06 4.10 61.34
N ILE E 162 78.08 4.02 62.68
CA ILE E 162 77.26 3.02 63.36
C ILE E 162 75.80 3.39 63.26
N GLN E 163 75.51 4.68 63.24
CA GLN E 163 74.19 5.15 62.81
C GLN E 163 73.93 4.76 61.36
N GLN E 164 74.94 4.90 60.51
CA GLN E 164 74.80 4.56 59.11
C GLN E 164 74.73 3.05 58.90
N LEU E 165 75.42 2.28 59.74
CA LEU E 165 75.39 0.84 59.60
C LEU E 165 74.04 0.27 60.00
N ALA E 166 73.48 0.77 61.11
CA ALA E 166 72.25 0.22 61.67
C ALA E 166 71.07 0.46 60.76
N ARG E 167 71.14 1.50 59.93
CA ARG E 167 70.16 1.67 58.87
C ARG E 167 70.32 0.58 57.82
N ASN E 168 71.53 0.40 57.30
CA ASN E 168 71.71 -0.43 56.12
C ASN E 168 71.64 -1.91 56.46
N VAL E 169 71.86 -2.28 57.72
CA VAL E 169 71.74 -3.68 58.11
C VAL E 169 70.29 -4.12 58.00
N GLN E 170 69.38 -3.30 58.51
CA GLN E 170 67.97 -3.63 58.35
C GLN E 170 67.48 -3.36 56.94
N ALA E 171 68.19 -2.49 56.21
CA ALA E 171 67.72 -2.10 54.89
C ALA E 171 67.94 -3.19 53.87
N VAL E 172 68.86 -4.12 54.15
CA VAL E 172 68.98 -5.24 53.24
C VAL E 172 68.12 -6.41 53.69
N LEU E 173 67.91 -6.56 55.00
CA LEU E 173 67.12 -7.70 55.47
C LEU E 173 65.64 -7.41 55.36
N GLY E 174 65.26 -6.14 55.24
CA GLY E 174 63.90 -5.84 54.85
C GLY E 174 63.60 -6.20 53.42
N ALA E 175 64.63 -6.25 52.57
CA ALA E 175 64.41 -6.54 51.17
C ALA E 175 64.06 -7.99 50.93
N PHE E 176 64.46 -8.88 51.85
CA PHE E 176 64.15 -10.29 51.66
C PHE E 176 62.72 -10.62 52.00
N GLU E 177 62.12 -9.93 52.95
CA GLU E 177 60.69 -10.10 53.19
C GLU E 177 59.88 -9.53 52.03
N ARG E 178 60.28 -8.37 51.53
CA ARG E 178 59.67 -7.82 50.32
C ARG E 178 59.94 -8.69 49.12
N GLY E 179 61.19 -9.11 48.93
CA GLY E 179 61.56 -9.92 47.79
C GLY E 179 60.98 -11.31 47.82
N THR E 180 60.56 -11.78 49.00
CA THR E 180 59.84 -13.04 49.06
C THR E 180 58.49 -12.91 48.38
N ALA E 181 57.73 -11.87 48.72
CA ALA E 181 56.42 -11.69 48.10
C ALA E 181 56.56 -11.26 46.65
N ASP E 182 57.68 -10.62 46.30
CA ASP E 182 57.92 -10.26 44.91
C ASP E 182 58.09 -11.50 44.04
N GLN E 183 58.79 -12.50 44.54
CA GLN E 183 59.00 -13.70 43.74
C GLN E 183 57.75 -14.56 43.74
N MET E 184 57.02 -14.57 44.85
CA MET E 184 55.79 -15.33 44.92
C MET E 184 54.74 -14.77 44.00
N LEU E 185 54.74 -13.45 43.83
CA LEU E 185 53.77 -12.86 42.91
C LEU E 185 54.14 -13.14 41.46
N HIS E 186 55.43 -13.25 41.15
CA HIS E 186 55.79 -13.58 39.78
C HIS E 186 55.56 -15.04 39.44
N VAL E 187 55.75 -15.95 40.40
CA VAL E 187 55.61 -17.35 40.05
C VAL E 187 54.15 -17.78 40.00
N LEU E 188 53.22 -16.95 40.46
CA LEU E 188 51.83 -17.31 40.26
C LEU E 188 51.38 -17.01 38.85
N LEU E 189 51.79 -15.86 38.31
CA LEU E 189 51.44 -15.49 36.94
C LEU E 189 52.08 -16.41 35.91
N GLU E 190 53.23 -17.01 36.24
CA GLU E 190 53.87 -17.92 35.30
C GLU E 190 53.11 -19.24 35.24
N LYS E 191 52.33 -19.57 36.26
CA LYS E 191 51.43 -20.70 36.20
C LYS E 191 49.96 -20.29 36.27
N ALA E 192 49.65 -19.05 35.96
CA ALA E 192 48.27 -18.64 35.92
C ALA E 192 47.73 -18.85 34.51
N PRO E 193 46.49 -19.29 34.38
CA PRO E 193 45.80 -19.16 33.12
C PRO E 193 45.03 -17.86 33.08
N PRO E 194 44.76 -17.34 31.91
CA PRO E 194 43.72 -16.31 31.79
C PRO E 194 42.36 -16.91 32.07
N LEU E 195 41.44 -16.13 32.62
CA LEU E 195 40.19 -16.71 33.13
C LEU E 195 39.25 -17.13 32.02
N ALA E 196 39.08 -16.27 31.01
CA ALA E 196 38.11 -16.51 29.95
C ALA E 196 38.46 -17.75 29.15
N LEU E 197 39.73 -18.14 29.17
CA LEU E 197 40.06 -19.50 28.76
C LEU E 197 39.43 -20.51 29.69
N LEU E 198 39.65 -20.38 31.00
CA LEU E 198 39.53 -21.52 31.91
C LEU E 198 38.09 -21.95 32.11
N LEU E 199 37.17 -20.99 32.22
CA LEU E 199 35.78 -21.29 32.60
C LEU E 199 35.04 -22.16 31.60
N PRO E 200 35.23 -22.06 30.28
CA PRO E 200 34.81 -23.20 29.45
C PRO E 200 35.79 -24.34 29.45
N MET E 201 37.10 -24.05 29.57
CA MET E 201 38.14 -25.09 29.49
C MET E 201 37.99 -26.09 30.62
N GLN E 202 37.50 -25.63 31.77
CA GLN E 202 37.29 -26.54 32.88
C GLN E 202 36.11 -27.47 32.61
N ARG E 203 35.14 -27.02 31.81
CA ARG E 203 33.95 -27.82 31.59
C ARG E 203 34.23 -29.04 30.71
N TYR E 204 35.19 -28.94 29.81
CA TYR E 204 35.60 -30.10 29.01
C TYR E 204 36.57 -31.01 29.73
N LEU E 205 37.16 -30.56 30.84
CA LEU E 205 38.03 -31.46 31.61
C LEU E 205 37.22 -32.42 32.45
N ASP E 206 35.93 -32.13 32.63
CA ASP E 206 34.98 -33.09 33.16
C ASP E 206 34.57 -34.00 32.01
N ASN E 207 33.83 -35.05 32.34
CA ASN E 207 33.32 -36.12 31.47
C ASN E 207 34.38 -36.82 30.62
N GLY E 208 35.65 -36.76 31.04
CA GLY E 208 36.71 -37.34 30.26
C GLY E 208 37.56 -36.30 29.55
N THR E 212 37.36 -37.56 19.89
CA THR E 212 37.63 -36.37 20.67
C THR E 212 38.11 -35.22 19.80
N ARG E 213 38.19 -35.46 18.49
CA ARG E 213 38.57 -34.38 17.61
C ARG E 213 37.45 -33.36 17.47
N VAL E 214 36.20 -33.82 17.46
CA VAL E 214 35.08 -32.90 17.40
C VAL E 214 35.00 -32.11 18.68
N ALA E 215 35.29 -32.75 19.82
CA ALA E 215 35.37 -32.01 21.08
C ALA E 215 36.52 -31.02 21.06
N ARG E 216 37.58 -31.31 20.30
CA ARG E 216 38.66 -30.35 20.18
C ARG E 216 38.23 -29.13 19.38
N ALA E 217 37.56 -29.33 18.25
CA ALA E 217 37.19 -28.19 17.42
C ALA E 217 36.09 -27.35 18.06
N THR E 218 35.08 -28.01 18.64
CA THR E 218 33.99 -27.30 19.30
C THR E 218 34.43 -26.52 20.51
N LEU E 219 35.57 -26.88 21.10
CA LEU E 219 36.18 -26.02 22.09
C LEU E 219 36.58 -24.68 21.49
N VAL E 220 37.36 -24.71 20.41
CA VAL E 220 38.22 -23.58 20.09
C VAL E 220 37.40 -22.43 19.50
N ALA E 221 36.39 -22.74 18.70
CA ALA E 221 35.53 -21.68 18.18
C ALA E 221 34.70 -21.05 19.28
N GLU E 222 34.17 -21.88 20.17
CA GLU E 222 33.55 -21.42 21.40
C GLU E 222 34.51 -20.62 22.26
N LEU E 223 35.79 -20.95 22.25
CA LEU E 223 36.73 -20.30 23.12
C LEU E 223 37.07 -18.90 22.66
N LYS E 224 37.33 -18.73 21.37
CA LYS E 224 37.76 -17.45 20.81
C LYS E 224 36.63 -16.42 20.75
N ARG E 225 35.38 -16.87 20.79
CA ARG E 225 34.30 -15.91 20.88
C ARG E 225 34.05 -15.54 22.33
N SER E 226 34.26 -16.50 23.24
CA SER E 226 34.18 -16.23 24.66
C SER E 226 35.30 -15.33 25.13
N PHE E 227 36.47 -15.46 24.52
CA PHE E 227 37.56 -14.54 24.83
C PHE E 227 37.22 -13.14 24.36
N CYS E 228 36.59 -13.03 23.19
CA CYS E 228 36.19 -11.73 22.67
C CYS E 228 35.07 -11.13 23.49
N ASP E 229 34.32 -11.97 24.19
CA ASP E 229 33.23 -11.48 25.01
C ASP E 229 33.64 -11.22 26.46
N THR E 230 34.07 -12.24 27.18
CA THR E 230 34.18 -12.19 28.63
C THR E 230 35.61 -11.86 29.05
N SER E 231 36.08 -10.68 28.66
CA SER E 231 37.38 -10.20 29.09
C SER E 231 37.27 -8.70 29.23
N PHE E 232 38.18 -8.13 30.03
CA PHE E 232 38.06 -6.77 30.56
C PHE E 232 36.71 -6.58 31.23
N PHE E 233 36.37 -7.52 32.09
CA PHE E 233 34.98 -7.68 32.49
C PHE E 233 34.51 -6.61 33.45
N LEU E 234 35.41 -5.99 34.20
CA LEU E 234 34.96 -4.98 35.15
C LEU E 234 34.59 -3.69 34.45
N GLY E 235 35.38 -3.30 33.45
CA GLY E 235 35.03 -2.13 32.69
C GLY E 235 33.86 -2.31 31.76
N LYS E 236 33.56 -3.54 31.36
CA LYS E 236 32.45 -3.83 30.48
C LYS E 236 31.23 -4.16 31.33
N ALA E 237 30.21 -3.31 31.25
CA ALA E 237 28.95 -3.46 31.98
C ALA E 237 29.18 -3.59 33.48
N GLY E 238 30.06 -2.75 34.01
CA GLY E 238 30.30 -2.68 35.43
C GLY E 238 29.15 -2.06 36.20
N HIS E 239 28.22 -1.44 35.47
CA HIS E 239 26.99 -0.95 36.06
C HIS E 239 26.13 -2.09 36.59
N ARG E 240 26.20 -3.26 35.95
CA ARG E 240 25.41 -4.40 36.40
C ARG E 240 26.00 -4.89 37.70
N ARG E 241 25.31 -4.58 38.79
CA ARG E 241 25.71 -5.09 40.10
C ARG E 241 25.60 -6.60 40.15
N GLU E 242 24.65 -7.15 39.42
CA GLU E 242 24.40 -8.59 39.48
C GLU E 242 25.48 -9.37 38.75
N ALA E 243 25.99 -8.82 37.66
CA ALA E 243 26.92 -9.55 36.79
C ALA E 243 28.27 -9.76 37.48
N ILE E 244 28.68 -8.80 38.29
CA ILE E 244 29.99 -8.88 38.93
C ILE E 244 29.99 -9.98 39.99
N GLU E 245 28.82 -10.18 40.62
CA GLU E 245 28.71 -11.12 41.74
C GLU E 245 28.96 -12.55 41.28
N ALA E 246 28.24 -13.00 40.27
CA ALA E 246 28.48 -14.34 39.73
C ALA E 246 29.81 -14.43 39.01
N TRP E 247 30.34 -13.31 38.51
CA TRP E 247 31.67 -13.36 37.95
C TRP E 247 32.71 -13.55 39.04
N LEU E 248 32.43 -13.04 40.24
CA LEU E 248 33.35 -13.22 41.36
C LEU E 248 33.36 -14.66 41.86
N VAL E 249 32.22 -15.35 41.77
CA VAL E 249 32.20 -16.72 42.30
C VAL E 249 32.90 -17.69 41.36
N ASP E 250 32.95 -17.39 40.06
CA ASP E 250 33.76 -18.22 39.18
C ASP E 250 35.24 -17.93 39.34
N LEU E 251 35.59 -16.73 39.77
CA LEU E 251 36.94 -16.47 40.24
C LEU E 251 37.20 -17.27 41.51
N THR E 252 36.15 -17.55 42.26
CA THR E 252 36.29 -18.16 43.56
C THR E 252 36.32 -19.69 43.47
N THR E 253 35.67 -20.25 42.46
CA THR E 253 35.35 -21.68 42.44
C THR E 253 35.89 -22.42 41.22
N ALA E 254 36.76 -21.81 40.41
CA ALA E 254 37.20 -22.50 39.20
C ALA E 254 38.42 -23.38 39.41
N THR E 255 39.30 -23.06 40.35
CA THR E 255 40.55 -23.79 40.47
C THR E 255 40.38 -25.04 41.33
N GLN E 256 41.39 -25.89 41.28
CA GLN E 256 41.38 -27.19 41.92
C GLN E 256 42.13 -27.13 43.24
N PRO E 257 41.46 -27.44 44.35
CA PRO E 257 42.15 -27.49 45.63
C PRO E 257 43.11 -28.68 45.70
N SER E 258 44.36 -28.38 45.99
CA SER E 258 45.40 -29.40 46.13
C SER E 258 45.26 -30.05 47.50
N VAL E 259 46.20 -30.95 47.82
CA VAL E 259 46.14 -31.69 49.07
C VAL E 259 46.42 -30.72 50.22
N ALA E 260 45.47 -30.64 51.14
CA ALA E 260 45.49 -29.67 52.23
C ALA E 260 46.63 -29.99 53.17
N VAL E 261 47.20 -28.95 53.77
CA VAL E 261 48.31 -29.08 54.70
C VAL E 261 47.76 -28.83 56.10
N PRO E 262 48.00 -29.73 57.06
CA PRO E 262 47.40 -29.53 58.39
C PRO E 262 48.14 -28.52 59.24
N ARG E 263 49.40 -28.22 58.91
CA ARG E 263 50.28 -27.60 59.88
C ARG E 263 49.94 -26.13 60.09
N LEU E 264 50.04 -25.32 59.04
CA LEU E 264 49.85 -23.88 59.19
C LEU E 264 48.37 -23.62 59.43
N THR E 265 48.05 -23.28 60.66
CA THR E 265 46.67 -23.05 61.08
C THR E 265 46.40 -21.59 60.81
N HIS E 266 46.22 -21.29 59.54
CA HIS E 266 46.13 -19.90 59.09
C HIS E 266 44.73 -19.32 59.27
N ALA E 267 43.87 -20.03 60.02
CA ALA E 267 42.52 -19.58 60.26
C ALA E 267 42.49 -18.28 61.04
N ASP E 268 41.39 -17.57 60.94
CA ASP E 268 41.22 -16.35 61.72
C ASP E 268 39.75 -16.20 62.05
N THR E 269 39.45 -15.16 62.82
CA THR E 269 38.10 -14.69 63.15
C THR E 269 37.29 -15.81 63.80
N ARG E 270 37.73 -16.17 65.01
CA ARG E 270 37.04 -17.06 65.97
C ARG E 270 36.72 -18.44 65.40
N GLY E 271 37.43 -18.85 64.35
CA GLY E 271 37.47 -20.27 64.06
C GLY E 271 37.00 -20.74 62.70
N ARG E 272 36.83 -19.85 61.72
CA ARG E 272 36.55 -20.35 60.37
C ARG E 272 37.79 -20.21 59.50
N PRO E 273 38.23 -21.27 58.83
CA PRO E 273 39.53 -21.24 58.16
C PRO E 273 39.51 -20.40 56.90
N VAL E 274 40.69 -20.15 56.37
CA VAL E 274 40.88 -19.24 55.24
C VAL E 274 41.27 -20.05 54.02
N ASP E 275 40.54 -19.89 52.92
CA ASP E 275 40.71 -20.75 51.76
C ASP E 275 41.03 -20.01 50.48
N GLY E 276 41.43 -18.75 50.55
CA GLY E 276 41.74 -18.03 49.33
C GLY E 276 42.70 -16.88 49.54
N VAL E 277 43.12 -16.21 48.47
CA VAL E 277 44.08 -15.14 48.61
C VAL E 277 43.57 -13.83 48.04
N LEU E 278 43.34 -13.79 46.73
CA LEU E 278 42.80 -12.64 45.99
C LEU E 278 43.62 -11.37 46.21
N VAL E 279 44.85 -11.40 45.73
CA VAL E 279 45.65 -10.19 45.63
C VAL E 279 45.27 -9.46 44.35
N THR E 280 44.89 -8.19 44.50
CA THR E 280 44.50 -7.34 43.38
C THR E 280 45.41 -6.13 43.38
N THR E 281 45.00 -5.09 42.66
CA THR E 281 45.65 -3.80 42.81
C THR E 281 44.85 -2.90 43.75
N ALA E 282 45.25 -1.63 43.78
CA ALA E 282 44.70 -0.70 44.75
C ALA E 282 43.27 -0.31 44.43
N ALA E 283 43.05 0.35 43.29
CA ALA E 283 41.78 1.00 43.01
C ALA E 283 40.65 0.00 42.83
N ILE E 284 41.00 -1.20 42.38
CA ILE E 284 39.99 -2.24 42.19
C ILE E 284 39.45 -2.73 43.52
N LYS E 285 40.35 -2.99 44.49
CA LYS E 285 39.92 -3.48 45.79
C LYS E 285 39.08 -2.45 46.53
N GLN E 286 39.43 -1.18 46.40
CA GLN E 286 38.57 -0.12 46.91
C GLN E 286 37.21 -0.12 46.23
N ARG E 287 37.20 -0.27 44.91
CA ARG E 287 35.92 -0.29 44.19
C ARG E 287 35.17 -1.57 44.48
N LEU E 288 35.90 -2.67 44.69
CA LEU E 288 35.26 -3.89 45.16
C LEU E 288 34.75 -3.73 46.58
N LEU E 289 35.49 -3.00 47.40
CA LEU E 289 35.01 -2.66 48.74
C LEU E 289 33.79 -1.75 48.70
N GLN E 290 33.80 -0.75 47.81
CA GLN E 290 32.86 0.36 47.89
C GLN E 290 31.43 -0.06 47.60
N SER E 291 31.20 -0.78 46.51
CA SER E 291 29.84 -1.08 46.13
C SER E 291 29.53 -2.57 46.01
N PHE E 292 30.40 -3.32 45.32
CA PHE E 292 30.02 -4.66 44.90
C PHE E 292 30.06 -5.64 46.07
N LEU E 293 31.19 -5.72 46.75
CA LEU E 293 31.27 -6.49 47.98
C LEU E 293 31.67 -5.56 49.11
N LYS E 294 30.64 -5.04 49.81
CA LYS E 294 30.84 -4.39 51.09
C LYS E 294 30.57 -5.44 52.17
N VAL E 295 31.23 -6.59 52.01
CA VAL E 295 30.93 -7.79 52.76
C VAL E 295 32.18 -8.11 53.58
N GLU E 296 32.15 -7.77 54.85
CA GLU E 296 33.36 -7.88 55.67
C GLU E 296 33.13 -8.81 56.84
N ASP E 297 33.93 -9.87 56.91
CA ASP E 297 33.97 -10.66 58.13
C ASP E 297 34.53 -9.85 59.28
N THR E 298 35.82 -9.52 59.24
CA THR E 298 36.44 -8.58 60.17
C THR E 298 37.49 -7.80 59.40
N GLU E 299 38.36 -7.15 60.16
CA GLU E 299 39.72 -6.87 59.73
C GLU E 299 40.65 -7.35 60.84
N ALA E 300 40.89 -8.65 60.87
CA ALA E 300 41.64 -9.29 61.95
C ALA E 300 42.05 -10.68 61.49
N ASP E 301 43.31 -11.00 61.71
CA ASP E 301 43.88 -12.21 61.12
C ASP E 301 44.77 -12.89 62.16
N VAL E 302 44.76 -14.22 62.14
CA VAL E 302 45.59 -15.03 63.04
C VAL E 302 46.52 -15.90 62.19
N PRO E 303 47.66 -15.39 61.73
CA PRO E 303 48.59 -16.28 61.03
C PRO E 303 49.43 -17.10 61.98
N VAL E 304 50.41 -17.80 61.42
CA VAL E 304 51.29 -18.65 62.20
C VAL E 304 52.73 -18.19 61.98
N THR E 305 53.68 -18.87 62.61
CA THR E 305 55.11 -18.59 62.48
C THR E 305 55.70 -19.71 61.62
N TYR E 306 57.02 -19.68 61.38
CA TYR E 306 57.64 -20.56 60.39
C TYR E 306 57.60 -22.01 60.79
N GLY E 307 57.85 -22.87 59.78
CA GLY E 307 58.25 -24.24 60.02
C GLY E 307 59.65 -24.48 59.49
N GLU E 308 60.18 -25.66 59.79
CA GLU E 308 61.57 -25.95 59.45
C GLU E 308 61.84 -27.43 59.46
N MET E 309 62.96 -27.81 58.86
CA MET E 309 63.57 -29.12 59.03
C MET E 309 65.08 -29.00 58.85
N VAL E 310 65.83 -29.50 59.83
CA VAL E 310 67.29 -29.44 59.83
C VAL E 310 67.81 -30.87 59.92
N LEU E 311 68.91 -31.13 59.21
CA LEU E 311 69.48 -32.47 59.09
C LEU E 311 70.07 -32.87 60.45
N ASN E 312 69.31 -33.60 61.25
CA ASN E 312 69.78 -33.86 62.61
C ASN E 312 70.02 -35.33 62.92
N GLY E 313 68.96 -36.14 62.84
CA GLY E 313 69.02 -37.47 63.42
C GLY E 313 69.78 -38.50 62.62
N ALA E 314 69.23 -38.89 61.48
CA ALA E 314 69.89 -39.80 60.57
C ALA E 314 69.99 -39.24 59.18
N ASN E 315 69.36 -38.08 58.94
CA ASN E 315 69.42 -37.39 57.66
C ASN E 315 70.84 -37.04 57.28
N LEU E 316 71.69 -36.75 58.28
CA LEU E 316 73.11 -36.55 58.10
C LEU E 316 73.75 -37.77 57.46
N VAL E 317 73.55 -38.93 58.09
CA VAL E 317 74.18 -40.18 57.70
C VAL E 317 73.68 -40.60 56.32
N THR E 318 72.43 -40.27 56.01
CA THR E 318 71.90 -40.60 54.70
C THR E 318 72.34 -39.60 53.63
N ALA E 319 73.05 -38.55 54.02
CA ALA E 319 73.49 -37.57 53.03
C ALA E 319 74.99 -37.65 52.80
N LEU E 320 75.75 -37.89 53.85
CA LEU E 320 77.20 -37.93 53.70
C LEU E 320 77.73 -39.34 53.53
N VAL E 321 76.88 -40.36 53.63
CA VAL E 321 77.28 -41.72 53.29
C VAL E 321 76.39 -42.22 52.17
N MET E 322 75.08 -42.12 52.36
CA MET E 322 74.17 -42.37 51.28
C MET E 322 73.94 -41.08 50.51
N GLY E 323 73.17 -41.17 49.44
CA GLY E 323 72.85 -39.97 48.68
C GLY E 323 71.47 -39.44 48.98
N LYS E 324 70.51 -40.34 49.19
CA LYS E 324 69.11 -39.95 49.35
C LYS E 324 68.88 -39.50 50.78
N ALA E 325 68.31 -38.30 50.92
CA ALA E 325 68.01 -37.78 52.24
C ALA E 325 66.52 -37.52 52.40
N VAL E 326 65.81 -38.42 53.06
CA VAL E 326 64.35 -38.34 53.18
C VAL E 326 63.94 -37.24 54.14
N ARG E 327 63.13 -36.30 53.66
CA ARG E 327 62.44 -35.36 54.53
C ARG E 327 61.51 -36.11 55.48
N SER E 328 61.64 -35.81 56.78
CA SER E 328 60.93 -36.48 57.88
C SER E 328 61.17 -37.99 57.84
N LEU E 329 62.45 -38.34 57.86
CA LEU E 329 62.91 -39.73 57.71
C LEU E 329 62.44 -40.62 58.85
N ASP E 330 62.62 -40.14 60.09
CA ASP E 330 62.52 -41.04 61.24
C ASP E 330 61.07 -41.42 61.52
N ASP E 331 60.14 -40.54 61.18
CA ASP E 331 58.74 -40.93 61.28
C ASP E 331 58.37 -41.93 60.19
N VAL E 332 59.04 -41.85 59.04
CA VAL E 332 58.85 -42.86 58.02
C VAL E 332 59.65 -44.10 58.35
N GLY E 333 60.87 -43.90 58.86
CA GLY E 333 61.78 -45.02 59.08
C GLY E 333 61.30 -45.96 60.16
N ARG E 334 60.65 -45.42 61.20
CA ARG E 334 60.02 -46.28 62.18
C ARG E 334 58.85 -47.03 61.56
N HIS E 335 58.04 -46.32 60.79
CA HIS E 335 56.82 -46.93 60.27
C HIS E 335 57.13 -47.91 59.16
N LEU E 336 58.31 -47.81 58.55
CA LEU E 336 58.79 -48.87 57.69
C LEU E 336 59.22 -50.09 58.48
N LEU E 337 59.50 -49.91 59.77
CA LEU E 337 59.71 -51.07 60.62
C LEU E 337 58.45 -51.46 61.36
N ASP E 338 57.34 -50.76 61.11
CA ASP E 338 56.08 -51.04 61.77
C ASP E 338 55.08 -51.76 60.89
N MET E 339 55.07 -51.49 59.58
CA MET E 339 54.04 -52.05 58.71
C MET E 339 54.18 -53.55 58.51
N GLN E 340 55.39 -54.09 58.55
CA GLN E 340 55.58 -55.51 58.24
C GLN E 340 55.09 -56.43 59.35
N GLU E 341 54.81 -55.91 60.55
CA GLU E 341 54.09 -56.69 61.55
C GLU E 341 52.65 -56.22 61.71
N GLU E 342 52.27 -55.12 61.08
CA GLU E 342 50.90 -54.59 61.00
C GLU E 342 50.22 -54.39 62.36
N PRO E 358 52.36 -24.53 65.78
CA PRO E 358 51.99 -23.17 65.41
C PRO E 358 52.07 -22.22 66.61
N GLN E 359 52.32 -20.94 66.35
CA GLN E 359 52.25 -19.94 67.40
C GLN E 359 51.68 -18.66 66.80
N THR E 360 50.58 -18.20 67.37
CA THR E 360 49.66 -17.29 66.74
C THR E 360 50.13 -15.85 66.90
N THR E 361 49.48 -14.96 66.14
CA THR E 361 49.69 -13.52 66.22
C THR E 361 48.44 -12.87 65.65
N ARG E 362 47.91 -11.87 66.35
CA ARG E 362 46.73 -11.15 65.90
C ARG E 362 47.20 -9.98 65.06
N VAL E 363 46.71 -9.91 63.83
CA VAL E 363 47.13 -8.87 62.90
C VAL E 363 45.91 -8.49 62.06
N ARG E 364 45.97 -7.32 61.42
CA ARG E 364 44.84 -6.86 60.63
C ARG E 364 45.03 -7.20 59.15
N ALA E 365 44.03 -7.85 58.58
CA ALA E 365 43.94 -8.05 57.14
C ALA E 365 42.46 -8.21 56.80
N ASP E 366 42.12 -7.91 55.57
CA ASP E 366 40.72 -7.73 55.20
C ASP E 366 40.20 -9.06 54.66
N LEU E 367 39.25 -9.66 55.35
CA LEU E 367 38.69 -10.95 54.98
C LEU E 367 37.25 -10.79 54.49
N VAL E 368 36.97 -11.32 53.30
CA VAL E 368 35.60 -11.30 52.77
C VAL E 368 35.15 -12.72 52.50
N ALA E 369 33.90 -12.88 52.10
CA ALA E 369 33.32 -14.18 51.81
C ALA E 369 32.50 -14.08 50.53
N ILE E 370 32.80 -14.92 49.56
CA ILE E 370 32.13 -14.92 48.26
C ILE E 370 31.51 -16.30 48.04
N GLY E 371 30.20 -16.30 47.82
CA GLY E 371 29.42 -17.51 47.62
C GLY E 371 29.21 -18.12 48.99
N ASP E 372 30.20 -18.88 49.44
CA ASP E 372 30.73 -18.88 50.79
C ASP E 372 32.13 -19.50 50.79
N ARG E 373 33.16 -18.67 50.66
CA ARG E 373 34.56 -19.05 50.77
C ARG E 373 35.30 -17.85 51.33
N LEU E 374 36.02 -18.07 52.42
CA LEU E 374 36.52 -16.97 53.27
C LEU E 374 37.89 -16.55 52.79
N VAL E 375 37.97 -15.42 52.08
CA VAL E 375 39.16 -15.09 51.32
C VAL E 375 39.73 -13.77 51.82
N PHE E 376 41.07 -13.67 51.82
CA PHE E 376 41.77 -12.41 52.05
C PHE E 376 41.50 -11.43 50.92
N LEU E 377 41.80 -10.16 51.15
CA LEU E 377 41.96 -9.18 50.09
C LEU E 377 43.10 -8.26 50.49
N GLU E 378 44.10 -8.15 49.63
CA GLU E 378 45.30 -7.40 49.94
C GLU E 378 45.73 -6.60 48.72
N ALA E 379 45.48 -5.30 48.76
CA ALA E 379 45.92 -4.38 47.70
C ALA E 379 47.34 -3.99 48.02
N LEU E 380 48.29 -4.70 47.45
CA LEU E 380 49.68 -4.62 47.88
C LEU E 380 50.48 -3.72 46.96
N GLU E 381 50.25 -2.42 47.03
CA GLU E 381 51.13 -1.48 46.35
C GLU E 381 51.81 -0.57 47.35
N ARG E 382 51.00 0.13 48.14
CA ARG E 382 51.54 1.03 49.13
C ARG E 382 52.10 0.28 50.32
N ARG E 383 51.78 -1.02 50.43
CA ARG E 383 52.33 -1.80 51.52
C ARG E 383 53.80 -2.09 51.30
N ILE E 384 54.13 -2.85 50.26
CA ILE E 384 55.48 -3.39 50.17
C ILE E 384 56.15 -2.98 48.87
N TYR E 385 55.37 -2.68 47.84
CA TYR E 385 55.98 -2.14 46.62
C TYR E 385 56.08 -0.63 46.63
N ALA E 386 55.95 0.03 47.78
CA ALA E 386 55.64 1.45 47.97
C ALA E 386 56.41 2.43 47.08
N ALA E 387 57.73 2.45 47.18
CA ALA E 387 58.51 3.36 46.35
C ALA E 387 59.82 2.77 45.89
N THR E 388 59.83 1.49 45.53
CA THR E 388 61.09 0.81 45.28
C THR E 388 61.57 0.91 43.85
N ASN E 389 60.85 1.64 42.99
CA ASN E 389 61.05 1.82 41.55
C ASN E 389 60.88 0.56 40.72
N VAL E 390 60.61 -0.58 41.34
CA VAL E 390 60.21 -1.77 40.60
C VAL E 390 58.78 -1.53 40.18
N PRO E 391 58.44 -1.68 38.90
CA PRO E 391 57.05 -1.56 38.49
C PRO E 391 56.21 -2.67 39.11
N TYR E 392 54.99 -2.29 39.46
CA TYR E 392 54.10 -3.19 40.17
C TYR E 392 53.71 -4.35 39.26
N PRO E 393 53.67 -5.59 39.76
CA PRO E 393 53.51 -6.72 38.83
C PRO E 393 52.10 -6.94 38.32
N LEU E 394 51.06 -6.74 39.12
CA LEU E 394 49.72 -7.07 38.67
C LEU E 394 49.14 -6.07 37.69
N VAL E 395 49.78 -4.93 37.48
CA VAL E 395 49.42 -4.04 36.39
C VAL E 395 50.20 -4.51 35.16
N GLY E 396 49.48 -4.97 34.15
CA GLY E 396 50.07 -5.85 33.16
C GLY E 396 50.24 -5.32 31.76
N ALA E 397 49.89 -6.13 30.77
CA ALA E 397 50.17 -5.81 29.37
C ALA E 397 49.30 -6.69 28.48
N MET E 398 49.00 -6.19 27.29
CA MET E 398 48.33 -6.98 26.26
C MET E 398 48.55 -6.34 24.90
N ASP E 399 48.73 -7.19 23.88
CA ASP E 399 48.83 -6.73 22.50
C ASP E 399 47.72 -7.34 21.67
N LEU E 400 47.29 -6.60 20.65
CA LEU E 400 46.29 -7.08 19.71
C LEU E 400 46.75 -6.78 18.30
N THR E 401 46.27 -7.57 17.35
CA THR E 401 46.58 -7.33 15.95
C THR E 401 45.30 -6.99 15.20
N PHE E 402 45.43 -6.21 14.16
CA PHE E 402 44.25 -5.64 13.54
C PHE E 402 44.27 -5.80 12.02
N VAL E 403 43.07 -5.85 11.46
CA VAL E 403 42.85 -5.99 10.03
C VAL E 403 42.00 -4.84 9.56
N LEU E 404 42.47 -4.12 8.54
CA LEU E 404 41.73 -3.03 7.92
C LEU E 404 41.78 -3.16 6.40
N PRO E 405 40.64 -3.04 5.72
CA PRO E 405 40.65 -3.14 4.25
C PRO E 405 40.76 -1.80 3.55
N LEU E 406 41.56 -1.77 2.49
CA LEU E 406 41.58 -0.66 1.57
C LEU E 406 41.19 -1.14 0.18
N GLY E 407 40.58 -0.23 -0.57
CA GLY E 407 40.40 -0.39 -2.00
C GLY E 407 39.53 -1.53 -2.46
N LEU E 408 38.83 -2.21 -1.57
CA LEU E 408 38.09 -3.37 -2.00
C LEU E 408 36.78 -2.90 -2.64
N PHE E 409 36.09 -3.82 -3.28
CA PHE E 409 34.86 -3.45 -3.96
C PHE E 409 33.74 -4.37 -3.50
N ASN E 410 32.61 -3.78 -3.16
CA ASN E 410 31.52 -4.55 -2.60
C ASN E 410 30.90 -5.43 -3.68
N PRO E 411 30.49 -6.64 -3.34
CA PRO E 411 29.85 -7.52 -4.33
C PRO E 411 28.53 -6.96 -4.82
N ALA E 412 28.09 -7.49 -5.96
CA ALA E 412 27.07 -6.81 -6.76
C ALA E 412 25.69 -6.87 -6.10
N MET E 413 25.45 -7.92 -5.31
CA MET E 413 24.22 -8.00 -4.56
C MET E 413 24.18 -6.98 -3.43
N GLU E 414 25.33 -6.50 -2.98
CA GLU E 414 25.40 -5.58 -1.85
C GLU E 414 25.73 -4.15 -2.25
N ARG E 415 25.55 -3.79 -3.51
CA ARG E 415 25.84 -2.43 -3.94
C ARG E 415 24.65 -1.50 -3.75
N PHE E 416 23.58 -1.98 -3.14
CA PHE E 416 22.34 -1.24 -2.97
C PHE E 416 22.54 -0.07 -2.01
N ALA E 417 21.56 0.81 -1.96
CA ALA E 417 21.41 1.75 -0.87
C ALA E 417 20.17 1.36 -0.09
N ALA E 418 20.14 1.73 1.18
CA ALA E 418 18.98 1.39 2.00
C ALA E 418 17.78 2.24 1.64
N HIS E 419 18.01 3.50 1.29
CA HIS E 419 16.93 4.36 0.86
C HIS E 419 17.39 5.04 -0.42
N ALA E 420 16.43 5.54 -1.20
CA ALA E 420 16.81 6.19 -2.44
C ALA E 420 17.36 7.58 -2.20
N GLY E 421 16.61 8.42 -1.51
CA GLY E 421 17.04 9.80 -1.41
C GLY E 421 17.87 10.07 -0.18
N ASP E 422 19.20 9.98 -0.35
CA ASP E 422 20.20 10.09 0.70
C ASP E 422 21.59 10.08 0.07
N LEU E 423 22.52 10.75 0.74
CA LEU E 423 23.90 10.95 0.28
C LEU E 423 23.95 11.61 -1.10
N VAL E 424 23.07 12.59 -1.31
CA VAL E 424 22.96 13.30 -2.58
C VAL E 424 23.73 14.61 -2.47
N PRO E 425 24.50 15.00 -3.46
CA PRO E 425 25.18 16.30 -3.40
C PRO E 425 24.27 17.42 -3.83
N ALA E 426 24.87 18.60 -3.96
CA ALA E 426 24.25 19.74 -4.63
C ALA E 426 23.90 19.34 -6.06
N PRO E 427 22.80 19.87 -6.63
CA PRO E 427 22.23 19.28 -7.85
C PRO E 427 23.10 19.33 -9.11
N GLY E 428 24.21 20.05 -9.09
CA GLY E 428 25.16 20.03 -10.19
C GLY E 428 26.47 19.31 -9.91
N HIS E 429 26.45 18.15 -9.26
CA HIS E 429 27.67 17.57 -8.72
C HIS E 429 27.69 16.05 -8.89
N PRO E 430 28.88 15.44 -8.99
CA PRO E 430 29.00 14.19 -9.75
C PRO E 430 28.61 12.90 -9.02
N GLU E 431 28.24 12.94 -7.72
CA GLU E 431 27.94 11.73 -6.92
C GLU E 431 29.17 10.81 -6.90
N PRO E 432 30.19 11.15 -6.10
CA PRO E 432 31.43 10.36 -6.12
C PRO E 432 31.36 9.11 -5.27
N ARG E 433 30.19 8.84 -4.71
CA ARG E 433 30.00 7.68 -3.86
C ARG E 433 29.94 6.38 -4.64
N ALA E 434 29.70 6.44 -5.94
CA ALA E 434 29.69 5.25 -6.78
C ALA E 434 31.06 4.91 -7.34
N PHE E 435 32.10 5.48 -6.80
CA PHE E 435 33.47 5.27 -7.26
C PHE E 435 34.14 4.18 -6.46
N PRO E 436 35.27 3.65 -6.93
CA PRO E 436 36.08 2.77 -6.10
C PRO E 436 36.59 3.50 -4.87
N PRO E 437 36.32 2.97 -3.68
CA PRO E 437 36.80 3.60 -2.45
C PRO E 437 38.31 3.45 -2.36
N ARG E 438 39.00 4.54 -2.04
CA ARG E 438 40.44 4.52 -1.89
C ARG E 438 40.91 4.88 -0.50
N GLN E 439 39.99 5.10 0.43
CA GLN E 439 40.35 5.55 1.77
C GLN E 439 39.76 4.61 2.82
N LEU E 440 40.19 4.80 4.05
CA LEU E 440 39.58 4.12 5.18
C LEU E 440 39.80 4.95 6.43
N PHE E 441 38.72 5.22 7.15
CA PHE E 441 38.74 6.11 8.31
C PHE E 441 38.36 5.34 9.56
N PHE E 442 38.84 5.84 10.69
CA PHE E 442 38.75 5.15 11.97
C PHE E 442 39.14 6.15 13.05
N TRP E 443 39.21 5.66 14.30
CA TRP E 443 39.39 6.53 15.46
C TRP E 443 40.63 6.14 16.25
N GLY E 444 41.46 7.12 16.56
CA GLY E 444 42.70 6.92 17.31
C GLY E 444 42.47 6.91 18.80
N LYS E 445 43.41 7.52 19.53
CA LYS E 445 43.40 7.44 20.98
C LYS E 445 42.60 8.61 21.58
N ASP E 446 41.50 8.96 20.93
CA ASP E 446 40.74 10.16 21.23
C ASP E 446 39.41 10.09 20.53
N HIS E 447 38.75 11.23 20.41
CA HIS E 447 37.77 11.44 19.35
C HIS E 447 38.42 11.80 18.02
N GLN E 448 39.72 11.55 17.88
CA GLN E 448 40.44 11.73 16.63
C GLN E 448 39.87 10.86 15.52
N VAL E 449 39.99 11.35 14.30
CA VAL E 449 39.81 10.55 13.10
C VAL E 449 41.06 10.71 12.26
N LEU E 450 41.52 9.62 11.64
CA LEU E 450 42.75 9.62 10.89
C LEU E 450 42.46 9.37 9.42
N ARG E 451 43.51 9.13 8.65
CA ARG E 451 43.35 8.89 7.22
C ARG E 451 44.39 7.90 6.73
N LEU E 452 43.93 6.91 5.97
CA LEU E 452 44.81 5.89 5.40
C LEU E 452 44.60 5.80 3.90
N SER E 453 44.54 6.94 3.21
CA SER E 453 44.36 6.99 1.76
C SER E 453 45.50 6.29 1.04
N MET E 454 45.22 5.63 -0.07
CA MET E 454 46.14 4.67 -0.66
C MET E 454 47.38 5.26 -1.30
N GLU E 455 47.67 6.55 -1.12
CA GLU E 455 49.03 7.03 -1.27
C GLU E 455 49.89 6.66 -0.07
N ASN E 456 49.30 6.02 0.94
CA ASN E 456 50.02 5.40 2.02
C ASN E 456 50.88 4.23 1.53
N ALA E 457 50.50 3.59 0.43
CA ALA E 457 51.16 2.37 -0.04
C ALA E 457 52.52 2.59 -0.65
N VAL E 458 53.00 3.83 -0.71
CA VAL E 458 54.21 4.17 -1.43
C VAL E 458 55.45 3.58 -0.77
N GLY E 459 55.47 3.49 0.55
CA GLY E 459 56.62 2.89 1.18
C GLY E 459 56.60 1.40 1.21
N THR E 460 55.43 0.79 1.04
CA THR E 460 55.36 -0.64 1.22
C THR E 460 55.74 -1.35 -0.06
N VAL E 461 55.04 -1.06 -1.16
CA VAL E 461 55.19 -1.92 -2.33
C VAL E 461 56.21 -1.38 -3.32
N CYS E 462 56.38 -0.06 -3.44
CA CYS E 462 57.18 0.53 -4.49
C CYS E 462 58.68 0.29 -4.32
N HIS E 463 59.11 -0.17 -3.17
CA HIS E 463 60.46 -0.66 -2.97
C HIS E 463 60.75 -1.81 -3.93
N PRO E 464 61.92 -1.81 -4.56
CA PRO E 464 62.15 -2.72 -5.69
C PRO E 464 62.37 -4.18 -5.31
N SER E 465 61.47 -4.74 -4.51
CA SER E 465 61.44 -6.15 -4.23
C SER E 465 60.19 -6.82 -4.78
N LEU E 466 59.31 -6.03 -5.38
CA LEU E 466 58.06 -6.55 -5.94
C LEU E 466 58.31 -7.47 -7.12
N MET E 467 59.34 -7.18 -7.90
CA MET E 467 59.71 -8.00 -9.04
C MET E 467 60.56 -9.20 -8.62
N ASN E 468 61.08 -9.19 -7.42
CA ASN E 468 62.08 -10.16 -6.96
C ASN E 468 61.39 -11.50 -6.72
N ILE E 469 61.26 -12.30 -7.77
CA ILE E 469 60.51 -13.55 -7.68
C ILE E 469 61.37 -14.75 -8.07
N ASP E 470 62.69 -14.59 -7.97
CA ASP E 470 63.63 -15.62 -8.41
C ASP E 470 63.53 -16.90 -7.58
N ALA E 471 63.24 -16.78 -6.29
CA ALA E 471 63.17 -17.98 -5.46
C ALA E 471 61.84 -18.69 -5.64
N ALA E 472 60.81 -17.96 -6.06
CA ALA E 472 59.48 -18.52 -6.25
C ALA E 472 59.47 -19.50 -7.40
N VAL E 473 60.05 -19.09 -8.53
CA VAL E 473 60.25 -20.03 -9.63
C VAL E 473 61.29 -21.07 -9.24
N GLY E 474 62.22 -20.71 -8.36
CA GLY E 474 63.15 -21.70 -7.85
C GLY E 474 62.50 -22.63 -6.84
N GLY E 475 61.35 -22.22 -6.30
CA GLY E 475 60.68 -23.05 -5.33
C GLY E 475 59.63 -23.96 -5.95
N VAL E 476 59.20 -23.63 -7.17
CA VAL E 476 58.12 -24.37 -7.79
C VAL E 476 58.61 -25.30 -8.88
N ASN E 477 59.83 -25.12 -9.38
CA ASN E 477 60.21 -25.78 -10.62
C ASN E 477 60.61 -27.23 -10.37
N HIS E 478 60.91 -27.58 -9.12
CA HIS E 478 61.05 -28.98 -8.78
C HIS E 478 59.67 -29.60 -8.66
N ASP E 479 59.65 -30.94 -8.60
CA ASP E 479 58.48 -31.79 -8.75
C ASP E 479 57.76 -31.38 -10.03
N PRO E 480 58.33 -31.68 -11.20
CA PRO E 480 57.98 -30.94 -12.42
C PRO E 480 56.60 -31.28 -12.93
N VAL E 481 56.04 -30.33 -13.66
CA VAL E 481 54.66 -30.38 -14.11
C VAL E 481 54.60 -31.31 -15.31
N GLU E 482 53.41 -31.84 -15.58
CA GLU E 482 53.17 -32.49 -16.85
C GLU E 482 53.01 -31.45 -17.95
N ALA E 483 53.08 -31.89 -19.20
CA ALA E 483 52.88 -31.00 -20.33
C ALA E 483 51.41 -30.59 -20.39
N ALA E 484 51.17 -29.30 -20.62
CA ALA E 484 49.85 -28.70 -20.52
C ALA E 484 49.43 -27.99 -21.79
N ASN E 485 49.44 -28.69 -22.94
CA ASN E 485 49.07 -28.35 -24.32
C ASN E 485 49.35 -26.90 -24.71
N PRO E 486 50.61 -26.47 -24.74
CA PRO E 486 50.92 -25.05 -24.83
C PRO E 486 50.63 -24.41 -26.18
N TYR E 487 49.37 -24.04 -26.40
CA TYR E 487 49.05 -23.13 -27.48
C TYR E 487 49.72 -21.77 -27.30
N GLY E 488 49.32 -21.03 -26.26
CA GLY E 488 49.76 -19.67 -26.08
C GLY E 488 50.98 -19.49 -25.22
N ALA E 489 51.69 -20.56 -24.88
CA ALA E 489 52.91 -20.46 -24.12
C ALA E 489 54.14 -20.44 -24.99
N TYR E 490 53.99 -20.66 -26.29
CA TYR E 490 55.12 -20.88 -27.17
C TYR E 490 55.15 -19.84 -28.26
N VAL E 491 56.32 -19.25 -28.46
CA VAL E 491 56.52 -18.25 -29.51
C VAL E 491 57.09 -18.97 -30.72
N ALA E 492 56.63 -18.61 -31.90
CA ALA E 492 57.16 -19.13 -33.14
C ALA E 492 58.01 -18.07 -33.84
N ALA E 493 59.08 -18.52 -34.47
CA ALA E 493 59.74 -17.63 -35.43
C ALA E 493 58.96 -17.70 -36.75
N PRO E 494 58.68 -16.56 -37.37
CA PRO E 494 57.91 -16.61 -38.63
C PRO E 494 58.75 -17.15 -39.77
N ALA E 495 58.12 -18.02 -40.56
CA ALA E 495 58.75 -18.61 -41.74
C ALA E 495 57.68 -18.88 -42.78
N GLY E 496 58.09 -18.96 -44.04
CA GLY E 496 57.15 -19.02 -45.13
C GLY E 496 56.61 -17.65 -45.48
N PRO E 497 55.79 -17.56 -46.52
CA PRO E 497 55.27 -16.26 -46.93
C PRO E 497 54.15 -15.80 -46.01
N GLY E 498 53.68 -14.57 -46.28
CA GLY E 498 52.68 -13.97 -45.42
C GLY E 498 51.28 -14.51 -45.62
N ALA E 499 50.95 -15.01 -46.82
CA ALA E 499 49.58 -15.37 -47.12
C ALA E 499 49.16 -16.64 -46.40
N ASP E 500 49.93 -17.70 -46.56
CA ASP E 500 49.54 -19.03 -46.16
C ASP E 500 49.64 -19.28 -44.66
N MET E 501 50.17 -18.32 -43.90
CA MET E 501 50.79 -18.62 -42.61
C MET E 501 49.79 -19.05 -41.55
N GLN E 502 48.59 -18.45 -41.56
CA GLN E 502 47.51 -18.92 -40.71
C GLN E 502 47.03 -20.29 -41.14
N GLN E 503 46.83 -20.48 -42.44
CA GLN E 503 46.48 -21.78 -42.99
C GLN E 503 47.60 -22.79 -42.74
N ARG E 504 48.84 -22.31 -42.82
CA ARG E 504 49.98 -23.14 -42.46
C ARG E 504 49.95 -23.52 -40.99
N PHE E 505 49.50 -22.61 -40.15
CA PHE E 505 49.35 -22.92 -38.73
C PHE E 505 48.23 -23.93 -38.50
N LEU E 506 47.12 -23.80 -39.23
CA LEU E 506 45.97 -24.67 -39.02
C LEU E 506 46.27 -26.11 -39.41
N ASN E 507 46.93 -26.30 -40.56
CA ASN E 507 47.22 -27.66 -41.00
C ASN E 507 48.42 -28.23 -40.26
N ALA E 508 49.17 -27.38 -39.55
CA ALA E 508 50.17 -27.89 -38.63
C ALA E 508 49.54 -28.21 -37.28
N TRP E 509 48.78 -27.27 -36.74
CA TRP E 509 48.25 -27.36 -35.38
C TRP E 509 46.80 -27.80 -35.45
N ARG E 510 46.57 -29.08 -35.16
CA ARG E 510 45.23 -29.58 -35.05
C ARG E 510 45.07 -30.59 -33.92
N GLN E 511 46.15 -31.27 -33.53
CA GLN E 511 46.07 -32.39 -32.62
C GLN E 511 45.96 -31.94 -31.17
N ARG E 512 46.94 -31.22 -30.65
CA ARG E 512 46.89 -30.79 -29.25
C ARG E 512 46.11 -29.51 -29.06
N LEU E 513 45.81 -28.79 -30.13
CA LEU E 513 45.01 -27.57 -30.01
C LEU E 513 43.54 -27.91 -29.82
N ALA E 514 43.14 -29.11 -30.22
CA ALA E 514 41.74 -29.49 -30.13
C ALA E 514 41.46 -30.35 -28.91
N HIS E 515 42.20 -31.47 -28.78
CA HIS E 515 41.88 -32.58 -27.87
C HIS E 515 41.88 -32.17 -26.40
N GLY E 516 42.88 -31.42 -25.98
CA GLY E 516 42.88 -30.87 -24.64
C GLY E 516 42.36 -29.46 -24.59
N ARG E 517 42.06 -29.01 -23.39
CA ARG E 517 41.65 -27.63 -23.14
C ARG E 517 42.90 -26.81 -22.87
N VAL E 518 42.88 -25.55 -23.30
CA VAL E 518 43.94 -24.63 -22.89
C VAL E 518 43.73 -24.25 -21.44
N ARG E 519 44.78 -23.72 -20.80
CA ARG E 519 44.72 -23.44 -19.38
C ARG E 519 43.77 -22.28 -19.07
N TRP E 520 43.97 -21.14 -19.70
CA TRP E 520 43.09 -20.00 -19.46
C TRP E 520 41.76 -20.30 -20.13
N VAL E 521 40.75 -20.42 -19.28
CA VAL E 521 39.36 -20.37 -19.72
C VAL E 521 38.49 -19.57 -18.75
N ALA E 522 39.09 -18.99 -17.72
CA ALA E 522 38.38 -18.48 -16.55
C ALA E 522 37.54 -17.23 -16.79
N GLU E 523 37.41 -16.81 -18.05
CA GLU E 523 36.49 -15.74 -18.38
C GLU E 523 35.04 -16.16 -18.12
N CYS E 524 34.74 -17.43 -18.34
CA CYS E 524 33.45 -17.95 -17.94
C CYS E 524 33.34 -18.13 -16.43
N GLN E 525 34.46 -18.26 -15.73
CA GLN E 525 34.44 -18.50 -14.30
C GLN E 525 34.00 -17.27 -13.53
N MET E 526 33.19 -17.48 -12.50
CA MET E 526 32.81 -16.41 -11.61
C MET E 526 33.75 -16.36 -10.41
N THR E 527 33.67 -15.28 -9.67
CA THR E 527 34.40 -15.15 -8.42
C THR E 527 33.76 -16.10 -7.40
N ALA E 528 34.59 -16.54 -6.44
CA ALA E 528 34.33 -17.57 -5.43
C ALA E 528 34.16 -18.94 -6.06
N GLU E 529 34.52 -19.05 -7.33
CA GLU E 529 34.79 -20.33 -7.97
C GLU E 529 36.28 -20.56 -8.13
N GLN E 530 37.02 -19.51 -8.51
CA GLN E 530 38.47 -19.57 -8.45
C GLN E 530 38.97 -19.77 -7.03
N PHE E 531 38.43 -19.05 -6.06
CA PHE E 531 38.95 -19.04 -4.70
C PHE E 531 38.83 -20.37 -3.98
N MET E 532 37.97 -21.26 -4.47
CA MET E 532 37.69 -22.50 -3.78
C MET E 532 38.51 -23.64 -4.35
N GLN E 533 38.89 -24.55 -3.45
CA GLN E 533 39.74 -25.68 -3.80
C GLN E 533 39.21 -26.63 -4.89
N PRO E 534 37.92 -26.96 -5.00
CA PRO E 534 37.50 -27.73 -6.18
C PRO E 534 37.63 -26.92 -7.45
N ASP E 535 37.93 -27.60 -8.56
CA ASP E 535 37.88 -27.05 -9.91
C ASP E 535 38.84 -25.87 -10.11
N ASN E 536 39.88 -25.80 -9.28
CA ASN E 536 40.86 -24.77 -9.43
C ASN E 536 42.25 -25.35 -9.25
N ALA E 537 42.63 -26.27 -10.14
CA ALA E 537 44.04 -26.60 -10.28
C ALA E 537 44.91 -25.40 -10.68
N ASN E 538 44.34 -24.32 -11.19
CA ASN E 538 45.07 -23.08 -11.44
C ASN E 538 45.35 -22.27 -10.18
N LEU E 539 44.81 -22.70 -9.03
CA LEU E 539 44.98 -21.94 -7.80
C LEU E 539 46.43 -21.94 -7.35
N ALA E 540 47.08 -23.10 -7.41
CA ALA E 540 48.48 -23.20 -7.04
C ALA E 540 49.41 -22.62 -8.10
N LEU E 541 48.86 -22.15 -9.22
CA LEU E 541 49.65 -21.58 -10.28
C LEU E 541 49.34 -20.11 -10.53
N GLU E 542 48.67 -19.45 -9.59
CA GLU E 542 48.59 -17.99 -9.57
C GLU E 542 49.13 -17.49 -8.23
N LEU E 543 50.19 -16.69 -8.30
CA LEU E 543 50.93 -16.31 -7.10
C LEU E 543 51.09 -14.80 -6.97
N HIS E 544 51.13 -14.07 -8.07
CA HIS E 544 51.60 -12.72 -7.87
C HIS E 544 50.89 -11.74 -8.79
N PRO E 545 50.63 -10.51 -8.33
CA PRO E 545 49.87 -9.55 -9.15
C PRO E 545 50.56 -9.09 -10.41
N ALA E 546 51.89 -9.07 -10.43
CA ALA E 546 52.64 -8.51 -11.54
C ALA E 546 53.22 -9.56 -12.47
N PHE E 547 52.89 -10.83 -12.28
CA PHE E 547 53.49 -11.90 -13.05
C PHE E 547 52.47 -13.00 -13.28
N ASP E 548 52.84 -13.97 -14.11
CA ASP E 548 52.00 -15.12 -14.40
C ASP E 548 52.83 -16.38 -14.26
N PHE E 549 52.16 -17.51 -14.03
CA PHE E 549 52.83 -18.79 -13.82
C PHE E 549 52.04 -19.86 -14.55
N PHE E 550 52.64 -20.40 -15.60
CA PHE E 550 51.94 -21.27 -16.52
C PHE E 550 52.87 -22.38 -16.97
N ALA E 551 52.31 -23.58 -17.08
CA ALA E 551 53.08 -24.78 -17.39
C ALA E 551 53.42 -24.77 -18.87
N GLY E 552 54.65 -24.36 -19.17
CA GLY E 552 55.10 -24.27 -20.53
C GLY E 552 56.05 -25.40 -20.89
N VAL E 553 56.79 -25.18 -21.97
CA VAL E 553 57.71 -26.18 -22.47
C VAL E 553 58.94 -26.24 -21.57
N ALA E 554 59.77 -27.24 -21.82
CA ALA E 554 60.90 -27.49 -20.92
C ALA E 554 62.04 -26.50 -21.14
N ASP E 555 62.63 -26.51 -22.33
CA ASP E 555 63.91 -25.86 -22.52
C ASP E 555 63.95 -24.93 -23.72
N VAL E 556 62.88 -24.83 -24.49
CA VAL E 556 62.96 -24.28 -25.84
C VAL E 556 63.07 -22.76 -25.77
N GLU E 557 64.10 -22.22 -26.40
CA GLU E 557 64.24 -20.78 -26.54
C GLU E 557 63.14 -20.22 -27.45
N LEU E 558 62.52 -19.16 -26.97
CA LEU E 558 61.25 -18.62 -27.46
C LEU E 558 61.22 -18.20 -28.94
N PRO E 559 62.15 -17.36 -29.49
CA PRO E 559 61.91 -16.89 -30.85
C PRO E 559 62.31 -17.89 -31.92
N GLY E 560 61.73 -19.09 -31.91
CA GLY E 560 62.15 -20.12 -32.85
C GLY E 560 61.20 -21.29 -32.98
N GLY E 561 61.09 -21.82 -34.20
CA GLY E 561 60.37 -23.04 -34.44
C GLY E 561 58.93 -22.83 -34.82
N GLU E 562 58.25 -23.93 -35.12
CA GLU E 562 56.83 -23.93 -35.45
C GLU E 562 56.02 -24.70 -34.41
N VAL E 563 56.48 -25.89 -34.05
CA VAL E 563 55.85 -26.72 -33.03
C VAL E 563 56.90 -26.99 -31.96
N PRO E 564 56.60 -26.83 -30.67
CA PRO E 564 57.58 -27.14 -29.64
C PRO E 564 57.77 -28.64 -29.52
N PRO E 565 59.00 -29.09 -29.31
CA PRO E 565 59.26 -30.52 -29.08
C PRO E 565 58.79 -30.95 -27.71
N ALA E 566 57.54 -31.38 -27.62
CA ALA E 566 56.89 -31.62 -26.34
C ALA E 566 57.53 -32.80 -25.61
N GLY E 567 58.40 -32.48 -24.66
CA GLY E 567 59.04 -33.47 -23.82
C GLY E 567 58.54 -33.36 -22.39
N PRO E 568 59.45 -33.05 -21.46
CA PRO E 568 59.03 -32.86 -20.07
C PRO E 568 58.37 -31.50 -19.90
N GLY E 569 57.58 -31.37 -18.85
CA GLY E 569 56.98 -30.08 -18.54
C GLY E 569 57.75 -29.37 -17.45
N ALA E 570 58.34 -28.24 -17.82
CA ALA E 570 58.97 -27.35 -16.86
C ALA E 570 58.22 -26.03 -16.86
N ILE E 571 57.79 -25.60 -15.68
CA ILE E 571 56.93 -24.44 -15.54
C ILE E 571 57.83 -23.21 -15.56
N GLN E 572 57.31 -22.10 -16.09
CA GLN E 572 58.06 -20.86 -16.11
C GLN E 572 57.11 -19.69 -15.92
N ALA E 573 57.68 -18.49 -15.87
CA ALA E 573 56.95 -17.29 -15.55
C ALA E 573 57.06 -16.27 -16.68
N THR E 574 56.35 -15.17 -16.52
CA THR E 574 56.43 -14.05 -17.43
C THR E 574 55.99 -12.80 -16.69
N TRP E 575 56.24 -11.64 -17.28
CA TRP E 575 55.87 -10.39 -16.65
C TRP E 575 54.48 -9.97 -17.10
N ARG E 576 53.62 -9.67 -16.14
CA ARG E 576 52.39 -8.98 -16.51
C ARG E 576 52.71 -7.54 -16.80
N VAL E 577 52.19 -7.03 -17.90
CA VAL E 577 52.57 -5.70 -18.33
C VAL E 577 51.71 -4.67 -17.62
N VAL E 578 50.40 -4.78 -17.75
CA VAL E 578 49.53 -3.73 -17.25
C VAL E 578 48.65 -4.28 -16.14
N ASN E 579 47.92 -3.35 -15.52
CA ASN E 579 46.84 -3.68 -14.60
C ASN E 579 45.74 -4.53 -15.21
N GLY E 580 45.53 -4.45 -16.53
CA GLY E 580 44.49 -5.26 -17.15
C GLY E 580 44.84 -6.73 -17.24
N ASN E 581 46.11 -7.08 -17.03
CA ASN E 581 46.52 -8.48 -17.18
C ASN E 581 46.04 -9.38 -16.07
N LEU E 582 45.43 -8.86 -15.02
CA LEU E 582 44.97 -9.72 -13.95
C LEU E 582 43.67 -10.39 -14.35
N PRO E 583 43.40 -11.60 -13.87
CA PRO E 583 42.21 -12.34 -14.34
C PRO E 583 40.91 -11.74 -13.84
N LEU E 584 39.85 -11.95 -14.62
CA LEU E 584 38.58 -11.29 -14.37
C LEU E 584 37.74 -11.97 -13.31
N ALA E 585 38.23 -13.03 -12.68
CA ALA E 585 37.61 -13.44 -11.42
C ALA E 585 38.17 -12.61 -10.28
N LEU E 586 39.30 -11.94 -10.50
CA LEU E 586 39.86 -11.02 -9.53
C LEU E 586 39.58 -9.57 -9.87
N CYS E 587 38.72 -9.32 -10.85
CA CYS E 587 38.20 -7.97 -11.12
C CYS E 587 36.87 -8.11 -11.85
N PRO E 588 35.79 -7.62 -11.25
CA PRO E 588 34.53 -7.55 -11.96
C PRO E 588 34.63 -6.61 -13.14
N VAL E 589 33.85 -6.90 -14.17
CA VAL E 589 33.84 -6.04 -15.34
C VAL E 589 33.24 -4.69 -14.97
N ALA E 590 32.17 -4.71 -14.17
CA ALA E 590 31.56 -3.48 -13.71
C ALA E 590 32.47 -2.68 -12.79
N PHE E 591 33.26 -3.36 -11.96
CA PHE E 591 34.26 -2.65 -11.17
C PHE E 591 35.33 -2.05 -12.05
N ARG E 592 35.77 -2.81 -13.04
CA ARG E 592 36.63 -2.30 -14.08
C ARG E 592 35.93 -1.21 -14.89
N ASP E 593 34.60 -1.25 -14.94
CA ASP E 593 33.86 -0.14 -15.52
C ASP E 593 33.54 0.95 -14.52
N ALA E 594 33.54 0.64 -13.22
CA ALA E 594 33.30 1.67 -12.21
C ALA E 594 34.38 2.72 -12.25
N ARG E 595 35.64 2.29 -12.27
CA ARG E 595 36.78 3.15 -12.53
C ARG E 595 36.68 3.85 -13.88
N GLY E 596 35.98 3.25 -14.84
CA GLY E 596 35.65 3.96 -16.06
C GLY E 596 34.68 5.11 -15.86
N LEU E 597 33.76 4.98 -14.91
CA LEU E 597 32.90 6.13 -14.63
C LEU E 597 33.66 7.27 -13.99
N GLU E 598 34.72 6.98 -13.25
CA GLU E 598 35.45 8.04 -12.57
C GLU E 598 36.40 8.74 -13.52
N LEU E 599 36.92 8.02 -14.49
CA LEU E 599 37.66 8.71 -15.53
C LEU E 599 36.72 9.26 -16.58
N GLY E 600 35.47 8.80 -16.59
CA GLY E 600 34.54 9.24 -17.61
C GLY E 600 34.03 10.64 -17.39
N VAL E 601 33.79 11.00 -16.12
CA VAL E 601 33.31 12.34 -15.83
C VAL E 601 34.47 13.32 -15.96
N GLY E 602 34.14 14.59 -16.08
CA GLY E 602 35.14 15.63 -16.03
C GLY E 602 35.98 15.79 -17.27
N ARG E 603 35.72 15.00 -18.30
CA ARG E 603 36.49 15.05 -19.53
C ARG E 603 35.54 15.00 -20.70
N HIS E 604 36.09 14.77 -21.89
CA HIS E 604 35.27 14.76 -23.08
C HIS E 604 34.51 13.43 -23.20
N ALA E 605 33.29 13.52 -23.74
CA ALA E 605 32.51 12.36 -24.13
C ALA E 605 31.91 12.66 -25.49
N MET E 606 31.31 11.66 -26.11
CA MET E 606 30.78 11.85 -27.45
C MET E 606 29.26 11.84 -27.45
N ALA E 607 28.69 12.41 -28.52
CA ALA E 607 27.25 12.39 -28.72
C ALA E 607 26.76 10.97 -28.99
N PRO E 608 25.49 10.67 -28.73
CA PRO E 608 24.99 9.33 -29.07
C PRO E 608 24.87 9.09 -30.56
N ALA E 609 24.72 10.15 -31.35
CA ALA E 609 24.69 9.98 -32.81
C ALA E 609 26.05 9.58 -33.35
N THR E 610 27.11 10.25 -32.93
CA THR E 610 28.44 9.94 -33.42
C THR E 610 28.96 8.61 -32.89
N ILE E 611 28.37 8.08 -31.83
CA ILE E 611 28.65 6.69 -31.49
C ILE E 611 27.91 5.77 -32.46
N ALA E 612 26.70 6.16 -32.85
CA ALA E 612 25.81 5.24 -33.56
C ALA E 612 26.27 4.96 -34.98
N ALA E 613 26.70 5.98 -35.71
CA ALA E 613 27.07 5.81 -37.12
C ALA E 613 28.36 5.02 -37.25
N VAL E 614 29.29 5.22 -36.32
CA VAL E 614 30.49 4.41 -36.28
C VAL E 614 30.14 2.97 -35.89
N ARG E 615 29.21 2.82 -34.96
CA ARG E 615 28.75 1.48 -34.59
C ARG E 615 27.97 0.85 -35.73
N GLY E 616 27.30 1.68 -36.54
CA GLY E 616 26.64 1.16 -37.73
C GLY E 616 27.60 0.67 -38.80
N ALA E 617 28.82 1.19 -38.82
CA ALA E 617 29.78 0.76 -39.83
C ALA E 617 30.32 -0.62 -39.52
N PHE E 618 30.69 -0.86 -38.26
CA PHE E 618 31.32 -2.13 -37.90
C PHE E 618 30.34 -3.30 -37.90
N GLU E 619 29.05 -3.03 -37.99
CA GLU E 619 28.06 -4.09 -38.08
C GLU E 619 27.54 -4.29 -39.50
N ASP E 620 28.04 -3.54 -40.47
CA ASP E 620 27.48 -3.55 -41.82
C ASP E 620 28.03 -4.74 -42.60
N ARG E 621 27.23 -5.80 -42.73
CA ARG E 621 27.56 -6.88 -43.64
C ARG E 621 27.46 -6.46 -45.09
N SER E 622 26.71 -5.40 -45.38
CA SER E 622 26.61 -4.81 -46.70
C SER E 622 27.54 -3.62 -46.87
N TYR E 623 28.66 -3.61 -46.18
CA TYR E 623 29.65 -2.56 -46.33
C TYR E 623 30.18 -2.55 -47.76
N PRO E 624 30.35 -1.40 -48.38
CA PRO E 624 30.78 -1.36 -49.77
C PRO E 624 32.23 -1.78 -49.95
N ALA E 625 32.43 -2.72 -50.87
CA ALA E 625 33.66 -3.48 -50.98
C ALA E 625 34.74 -2.77 -51.77
N VAL E 626 34.49 -1.55 -52.23
CA VAL E 626 35.58 -0.74 -52.79
C VAL E 626 36.51 -0.26 -51.69
N PHE E 627 35.97 -0.03 -50.50
CA PHE E 627 36.63 0.83 -49.53
C PHE E 627 37.86 0.22 -48.89
N TYR E 628 37.91 -1.11 -48.74
CA TYR E 628 39.13 -1.72 -48.25
C TYR E 628 40.21 -1.69 -49.32
N LEU E 629 39.82 -1.82 -50.59
CA LEU E 629 40.77 -1.66 -51.67
C LEU E 629 41.23 -0.22 -51.78
N LEU E 630 40.33 0.72 -51.50
CA LEU E 630 40.70 2.12 -51.50
C LEU E 630 41.65 2.42 -50.35
N GLN E 631 41.53 1.70 -49.24
CA GLN E 631 42.48 1.85 -48.15
C GLN E 631 43.85 1.33 -48.55
N ALA E 632 43.88 0.20 -49.25
CA ALA E 632 45.15 -0.27 -49.80
C ALA E 632 45.64 0.62 -50.92
N ALA E 633 44.73 1.35 -51.58
CA ALA E 633 45.15 2.31 -52.60
C ALA E 633 45.82 3.51 -51.98
N ILE E 634 45.24 4.04 -50.90
CA ILE E 634 45.84 5.18 -50.22
C ILE E 634 47.11 4.74 -49.50
N HIS E 635 47.08 3.55 -48.91
CA HIS E 635 48.18 2.85 -48.21
C HIS E 635 48.93 3.75 -47.23
N GLY E 636 48.17 4.63 -46.58
CA GLY E 636 48.71 5.57 -45.62
C GLY E 636 49.40 6.78 -46.23
N ASN E 637 49.63 6.77 -47.53
CA ASN E 637 50.39 7.83 -48.18
C ASN E 637 49.52 9.06 -48.34
N GLU E 638 49.97 10.16 -47.74
CA GLU E 638 49.22 11.41 -47.75
C GLU E 638 49.18 12.04 -49.13
N HIS E 639 50.19 11.75 -49.96
CA HIS E 639 50.19 12.31 -51.31
C HIS E 639 49.18 11.59 -52.19
N VAL E 640 48.85 10.34 -51.85
CA VAL E 640 47.80 9.65 -52.57
C VAL E 640 46.45 10.23 -52.20
N PHE E 641 46.33 10.74 -50.97
CA PHE E 641 45.03 11.12 -50.43
C PHE E 641 44.48 12.37 -51.11
N CYS E 642 45.36 13.31 -51.48
CA CYS E 642 44.88 14.57 -52.03
C CYS E 642 44.36 14.40 -53.45
N ALA E 643 45.03 13.57 -54.26
CA ALA E 643 44.58 13.32 -55.63
C ALA E 643 43.26 12.55 -55.63
N LEU E 644 43.06 11.69 -54.64
CA LEU E 644 41.85 10.91 -54.52
C LEU E 644 40.77 11.59 -53.69
N ALA E 645 40.83 12.92 -53.53
CA ALA E 645 39.98 13.56 -52.55
C ALA E 645 38.52 13.62 -53.01
N ARG E 646 38.30 13.94 -54.28
CA ARG E 646 36.92 14.04 -54.75
C ARG E 646 36.29 12.66 -54.88
N LEU E 647 37.10 11.64 -55.18
CA LEU E 647 36.69 10.25 -55.04
C LEU E 647 36.10 9.99 -53.67
N VAL E 648 36.86 10.31 -52.62
CA VAL E 648 36.44 10.01 -51.25
C VAL E 648 35.23 10.86 -50.86
N THR E 649 35.20 12.13 -51.28
CA THR E 649 34.06 12.95 -50.93
C THR E 649 32.85 12.62 -51.80
N GLN E 650 33.03 11.87 -52.88
CA GLN E 650 31.89 11.26 -53.53
C GLN E 650 31.71 9.81 -53.11
N CYS E 651 32.74 9.22 -52.49
CA CYS E 651 32.53 7.94 -51.83
C CYS E 651 31.67 8.09 -50.59
N ILE E 652 32.01 9.05 -49.74
CA ILE E 652 31.35 9.15 -48.44
C ILE E 652 29.95 9.73 -48.58
N THR E 653 29.83 10.81 -49.35
CA THR E 653 28.55 11.52 -49.50
C THR E 653 27.50 10.62 -50.13
N SER E 654 27.94 9.75 -51.04
CA SER E 654 27.08 8.68 -51.50
C SER E 654 26.74 7.72 -50.36
N TYR E 655 27.77 7.26 -49.64
CA TYR E 655 27.54 6.23 -48.63
C TYR E 655 26.79 6.78 -47.42
N TRP E 656 27.04 8.04 -47.06
CA TRP E 656 26.32 8.65 -45.94
C TRP E 656 24.85 8.84 -46.25
N ASN E 657 24.50 9.00 -47.52
CA ASN E 657 23.09 9.10 -47.87
C ASN E 657 22.42 7.74 -47.89
N ASN E 658 23.16 6.70 -48.28
CA ASN E 658 22.62 5.35 -48.21
C ASN E 658 22.35 4.94 -46.77
N THR E 659 23.40 4.79 -45.98
CA THR E 659 23.27 4.47 -44.58
C THR E 659 23.85 5.61 -43.77
N ARG E 660 23.33 5.79 -42.57
CA ARG E 660 23.95 6.72 -41.62
C ARG E 660 25.10 5.98 -40.95
N CYS E 661 26.17 5.77 -41.70
CA CYS E 661 27.32 5.04 -41.20
C CYS E 661 28.56 5.73 -41.74
N ALA E 662 29.61 5.76 -40.93
CA ALA E 662 30.87 6.32 -41.39
C ALA E 662 31.54 5.36 -42.37
N ALA E 663 32.54 5.86 -43.09
CA ALA E 663 33.15 5.11 -44.18
C ALA E 663 34.45 4.43 -43.78
N PHE E 664 35.46 5.21 -43.39
CA PHE E 664 36.80 4.68 -43.25
C PHE E 664 37.30 4.65 -41.81
N VAL E 665 36.46 4.28 -40.86
CA VAL E 665 36.85 4.25 -39.46
C VAL E 665 37.62 2.97 -39.13
N ASN E 666 37.80 2.10 -40.11
CA ASN E 666 38.74 1.01 -39.95
C ASN E 666 40.19 1.48 -39.89
N ASP E 667 40.49 2.70 -40.33
CA ASP E 667 41.86 3.20 -40.33
C ASP E 667 41.86 4.64 -39.86
N TYR E 668 42.51 4.89 -38.72
CA TYR E 668 42.58 6.22 -38.14
C TYR E 668 43.35 7.19 -39.02
N SER E 669 44.37 6.68 -39.71
CA SER E 669 45.23 7.52 -40.55
C SER E 669 44.46 8.09 -41.73
N LEU E 670 43.45 7.35 -42.19
CA LEU E 670 42.51 7.91 -43.14
C LEU E 670 41.71 9.03 -42.49
N VAL E 671 41.13 8.74 -41.32
CA VAL E 671 40.22 9.65 -40.61
C VAL E 671 40.92 10.95 -40.26
N SER E 672 42.20 10.86 -39.93
CA SER E 672 43.03 12.04 -39.71
C SER E 672 43.11 12.91 -40.95
N TYR E 673 43.10 12.29 -42.13
CA TYR E 673 43.18 13.08 -43.35
C TYR E 673 41.82 13.62 -43.76
N ILE E 674 40.74 12.88 -43.43
CA ILE E 674 39.38 13.38 -43.67
C ILE E 674 39.10 14.66 -42.91
N VAL E 675 39.59 14.77 -41.68
CA VAL E 675 39.25 15.91 -40.83
C VAL E 675 39.90 17.19 -41.33
N THR E 676 41.17 17.13 -41.74
CA THR E 676 41.83 18.36 -42.18
C THR E 676 41.51 18.67 -43.64
N TYR E 677 41.63 17.67 -44.52
CA TYR E 677 41.58 17.95 -45.94
C TYR E 677 40.16 18.11 -46.46
N LEU E 678 39.24 17.29 -45.99
CA LEU E 678 37.89 17.25 -46.56
C LEU E 678 36.90 18.09 -45.78
N GLY E 679 37.30 19.27 -45.30
CA GLY E 679 36.49 19.99 -44.33
C GLY E 679 35.16 20.48 -44.85
N GLY E 680 35.16 21.18 -45.98
CA GLY E 680 33.95 21.84 -46.43
C GLY E 680 32.87 20.94 -46.99
N ASP E 681 33.20 20.20 -48.03
CA ASP E 681 32.22 19.53 -48.90
C ASP E 681 31.77 18.21 -48.30
N LEU E 682 31.36 18.24 -47.04
CA LEU E 682 30.60 17.17 -46.43
C LEU E 682 29.41 17.83 -45.74
N PRO E 683 28.28 17.15 -45.66
CA PRO E 683 27.22 17.64 -44.77
C PRO E 683 27.67 17.53 -43.33
N GLU E 684 27.14 18.42 -42.49
CA GLU E 684 27.61 18.49 -41.12
C GLU E 684 27.11 17.32 -40.29
N GLU E 685 26.17 16.54 -40.83
CA GLU E 685 25.72 15.33 -40.18
C GLU E 685 26.83 14.28 -40.12
N CYS E 686 27.65 14.18 -41.17
CA CYS E 686 28.71 13.19 -41.17
C CYS E 686 30.05 13.79 -40.76
N MET E 687 30.21 15.10 -40.92
CA MET E 687 31.52 15.72 -40.71
C MET E 687 31.86 15.77 -39.23
N ALA E 688 30.86 16.03 -38.38
CA ALA E 688 31.09 16.08 -36.94
C ALA E 688 31.38 14.71 -36.36
N VAL E 689 30.99 13.65 -37.07
CA VAL E 689 31.26 12.30 -36.60
C VAL E 689 32.75 12.00 -36.66
N TYR E 690 33.38 12.33 -37.79
CA TYR E 690 34.82 12.21 -37.88
C TYR E 690 35.51 13.27 -37.04
N ARG E 691 34.87 14.42 -36.85
CA ARG E 691 35.50 15.50 -36.10
C ARG E 691 35.58 15.17 -34.62
N ASP E 692 34.46 14.75 -34.03
CA ASP E 692 34.41 14.45 -32.61
C ASP E 692 35.21 13.21 -32.27
N LEU E 693 35.38 12.31 -33.25
CA LEU E 693 36.12 11.09 -33.02
C LEU E 693 37.59 11.37 -32.77
N VAL E 694 38.12 12.43 -33.36
CA VAL E 694 39.51 12.78 -33.12
C VAL E 694 39.69 13.40 -31.74
N ALA E 695 38.85 14.38 -31.39
CA ALA E 695 39.00 15.10 -30.13
C ALA E 695 38.78 14.21 -28.92
N HIS E 696 37.93 13.19 -29.03
CA HIS E 696 37.73 12.23 -27.96
C HIS E 696 38.94 11.32 -27.76
N VAL E 697 39.78 11.17 -28.79
CA VAL E 697 41.03 10.46 -28.59
C VAL E 697 42.03 11.31 -27.84
N GLU E 698 42.09 12.61 -28.15
CA GLU E 698 43.12 13.47 -27.57
C GLU E 698 42.90 13.71 -26.09
N ALA E 699 41.65 13.56 -25.61
CA ALA E 699 41.41 13.58 -24.19
C ALA E 699 42.07 12.38 -23.51
N LEU E 700 42.11 11.25 -24.21
CA LEU E 700 42.86 10.12 -23.68
C LEU E 700 44.35 10.31 -23.88
N ALA E 701 44.74 11.18 -24.82
CA ALA E 701 46.16 11.44 -24.99
C ALA E 701 46.72 12.24 -23.82
N GLN E 702 45.96 13.21 -23.31
CA GLN E 702 46.43 14.02 -22.20
C GLN E 702 46.07 13.44 -20.84
N LEU E 703 45.35 12.31 -20.82
CA LEU E 703 44.94 11.72 -19.54
C LEU E 703 46.13 11.12 -18.80
N VAL E 704 47.20 10.77 -19.52
CA VAL E 704 48.41 10.27 -18.90
C VAL E 704 49.10 11.38 -18.11
N ASP E 705 48.91 12.63 -18.53
CA ASP E 705 49.54 13.76 -17.86
C ASP E 705 48.95 14.01 -16.48
N ASP E 706 47.65 13.74 -16.32
CA ASP E 706 47.00 14.02 -15.05
C ASP E 706 47.44 13.03 -13.98
N PHE E 707 47.66 11.79 -14.37
CA PHE E 707 48.05 10.75 -13.43
C PHE E 707 49.53 10.44 -13.45
N THR E 708 50.39 11.43 -13.67
CA THR E 708 51.84 11.21 -13.64
C THR E 708 52.54 12.47 -13.16
N LEU E 709 53.50 12.30 -12.26
CA LEU E 709 54.40 13.31 -11.74
C LEU E 709 55.51 13.59 -12.75
N PRO E 710 56.02 14.81 -12.77
CA PRO E 710 57.17 15.12 -13.65
C PRO E 710 58.46 14.49 -13.12
N GLY E 711 59.44 14.42 -14.01
CA GLY E 711 60.74 13.89 -13.66
C GLY E 711 61.66 13.69 -14.87
N PRO E 712 62.85 13.14 -14.63
CA PRO E 712 63.82 12.93 -15.73
C PRO E 712 63.62 11.65 -16.52
N GLU E 713 64.51 11.38 -17.48
CA GLU E 713 64.42 10.16 -18.28
C GLU E 713 65.09 9.00 -17.55
N LEU E 714 64.67 7.79 -17.88
CA LEU E 714 65.22 6.57 -17.32
C LEU E 714 65.37 5.55 -18.44
N GLY E 715 66.61 5.17 -18.72
CA GLY E 715 66.88 4.16 -19.74
C GLY E 715 66.46 4.55 -21.13
N GLY E 716 66.58 5.85 -21.47
CA GLY E 716 66.10 6.35 -22.74
C GLY E 716 64.61 6.60 -22.81
N GLN E 717 63.88 6.38 -21.72
CA GLN E 717 62.43 6.47 -21.73
C GLN E 717 61.96 7.53 -20.74
N ALA E 718 60.80 8.11 -21.02
CA ALA E 718 60.28 9.21 -20.23
C ALA E 718 59.43 8.70 -19.06
N GLN E 719 59.04 9.63 -18.18
CA GLN E 719 58.22 9.31 -17.03
C GLN E 719 56.88 8.76 -17.43
N ALA E 720 56.20 9.44 -18.35
CA ALA E 720 54.97 8.89 -18.91
C ALA E 720 55.23 7.64 -19.72
N GLU E 721 56.43 7.53 -20.30
CA GLU E 721 56.78 6.36 -21.08
C GLU E 721 57.19 5.19 -20.19
N LEU E 722 57.21 5.38 -18.88
CA LEU E 722 57.32 4.25 -17.97
C LEU E 722 56.01 3.97 -17.27
N ASN E 723 55.01 4.83 -17.44
CA ASN E 723 53.81 4.77 -16.63
C ASN E 723 52.67 4.06 -17.36
N HIS E 724 52.34 4.54 -18.55
CA HIS E 724 51.24 3.99 -19.32
C HIS E 724 51.81 3.40 -20.60
N LEU E 725 51.16 2.35 -21.09
CA LEU E 725 51.68 1.59 -22.22
C LEU E 725 51.65 2.42 -23.51
N MET E 726 50.74 3.37 -23.60
CA MET E 726 50.59 4.12 -24.83
C MET E 726 51.74 5.08 -25.08
N ARG E 727 52.29 5.66 -24.03
CA ARG E 727 53.47 6.50 -24.21
C ARG E 727 54.70 5.69 -24.54
N ASP E 728 54.78 4.47 -24.05
CA ASP E 728 55.99 3.68 -24.19
C ASP E 728 56.15 3.17 -25.62
N PRO E 729 57.35 3.25 -26.20
CA PRO E 729 57.48 2.94 -27.63
C PRO E 729 57.53 1.46 -27.94
N ALA E 730 57.59 0.58 -26.94
CA ALA E 730 57.78 -0.84 -27.20
C ALA E 730 56.57 -1.44 -27.90
N LEU E 731 55.39 -1.10 -27.43
CA LEU E 731 54.20 -1.39 -28.23
C LEU E 731 54.21 -0.48 -29.44
N LEU E 732 53.75 -1.01 -30.56
CA LEU E 732 53.53 -0.30 -31.80
C LEU E 732 52.25 -0.82 -32.45
N PRO E 733 51.53 0.00 -33.22
CA PRO E 733 50.18 -0.40 -33.64
C PRO E 733 50.23 -1.48 -34.70
N PRO E 734 49.16 -2.26 -34.87
CA PRO E 734 49.24 -3.42 -35.78
C PRO E 734 49.27 -3.07 -37.26
N LEU E 735 49.00 -1.81 -37.64
CA LEU E 735 48.94 -1.43 -39.03
C LEU E 735 49.80 -0.19 -39.25
N VAL E 736 51.07 -0.39 -39.61
CA VAL E 736 52.00 0.71 -39.79
C VAL E 736 52.57 0.61 -41.20
N TRP E 737 52.07 1.47 -42.10
CA TRP E 737 52.53 1.46 -43.49
C TRP E 737 54.00 1.84 -43.59
N ASP E 738 54.38 2.93 -42.94
CA ASP E 738 55.72 3.47 -42.86
C ASP E 738 56.53 2.73 -41.80
N CYS E 739 57.67 3.29 -41.45
CA CYS E 739 58.47 2.81 -40.34
C CYS E 739 58.78 3.90 -39.31
N ASP E 740 57.84 4.80 -39.04
CA ASP E 740 58.07 5.88 -38.07
C ASP E 740 58.28 5.31 -36.67
N GLY E 741 57.54 4.26 -36.33
CA GLY E 741 57.71 3.66 -35.01
C GLY E 741 58.95 2.79 -34.92
N LEU E 742 59.34 2.17 -36.04
CA LEU E 742 60.47 1.25 -36.05
C LEU E 742 61.79 1.96 -35.87
N MET E 743 61.86 3.25 -36.19
CA MET E 743 63.07 4.01 -35.94
C MET E 743 63.28 4.17 -34.44
N ARG E 744 62.19 4.44 -33.73
CA ARG E 744 62.28 4.90 -32.35
C ARG E 744 62.62 3.77 -31.40
N HIS E 745 61.85 2.68 -31.43
CA HIS E 745 62.01 1.63 -30.44
C HIS E 745 63.22 0.77 -30.72
N ALA E 746 63.79 0.85 -31.92
CA ALA E 746 65.07 0.21 -32.20
C ALA E 746 66.19 0.82 -31.38
N ALA E 747 66.07 2.09 -31.02
CA ALA E 747 67.09 2.81 -30.26
C ALA E 747 66.81 2.67 -28.77
N LEU E 748 66.75 1.43 -28.29
CA LEU E 748 66.52 1.14 -26.88
C LEU E 748 67.49 0.06 -26.44
N ASP E 749 67.82 0.08 -25.14
CA ASP E 749 68.53 -1.05 -24.57
C ASP E 749 67.62 -2.24 -24.31
N ARG E 750 66.31 -2.00 -24.28
CA ARG E 750 65.33 -3.07 -24.17
C ARG E 750 65.10 -3.75 -25.50
N HIS E 751 65.64 -3.19 -26.57
CA HIS E 751 65.23 -3.57 -27.91
C HIS E 751 65.94 -4.83 -28.37
N ARG E 752 65.16 -5.86 -28.67
CA ARG E 752 65.74 -7.15 -29.03
C ARG E 752 65.25 -7.59 -30.40
N ASP E 753 66.19 -7.56 -31.35
CA ASP E 753 66.27 -8.29 -32.61
C ASP E 753 65.34 -7.82 -33.71
N CYS E 754 64.25 -7.14 -33.35
CA CYS E 754 63.18 -6.60 -34.19
C CYS E 754 62.87 -7.46 -35.42
N ARG E 755 62.73 -8.76 -35.19
CA ARG E 755 62.92 -9.76 -36.24
C ARG E 755 61.76 -9.69 -37.21
N ILE E 756 61.95 -8.92 -38.28
CA ILE E 756 61.20 -9.09 -39.50
C ILE E 756 61.57 -10.48 -39.99
N ASP E 757 60.58 -11.30 -40.31
CA ASP E 757 60.91 -12.69 -40.63
C ASP E 757 60.03 -13.20 -41.75
N ALA E 758 60.44 -12.91 -42.98
CA ALA E 758 60.10 -13.73 -44.13
C ALA E 758 61.41 -13.97 -44.87
N GLY E 759 62.33 -13.01 -44.76
CA GLY E 759 63.70 -13.14 -45.23
C GLY E 759 64.75 -13.02 -44.15
N GLY E 760 65.58 -11.98 -44.21
CA GLY E 760 66.65 -11.79 -43.24
C GLY E 760 66.14 -11.29 -41.89
N HIS E 761 67.07 -11.19 -40.95
CA HIS E 761 66.69 -10.98 -39.55
C HIS E 761 66.45 -9.51 -39.21
N GLU E 762 67.50 -8.67 -39.31
CA GLU E 762 67.46 -7.28 -38.84
C GLU E 762 66.55 -6.42 -39.71
N PRO E 763 65.91 -5.40 -39.14
CA PRO E 763 65.01 -4.56 -39.92
C PRO E 763 65.77 -3.65 -40.87
N VAL E 764 65.55 -3.90 -42.16
CA VAL E 764 66.15 -3.11 -43.23
C VAL E 764 65.02 -2.37 -43.93
N TYR E 765 65.22 -1.07 -44.11
CA TYR E 765 64.13 -0.14 -44.39
C TYR E 765 64.16 0.25 -45.86
N ALA E 766 63.04 0.81 -46.32
CA ALA E 766 62.89 1.27 -47.69
C ALA E 766 62.41 2.71 -47.64
N ALA E 767 62.70 3.47 -48.69
CA ALA E 767 62.32 4.88 -48.69
C ALA E 767 60.86 5.06 -49.09
N ALA E 768 60.52 4.67 -50.32
CA ALA E 768 59.18 4.88 -50.85
C ALA E 768 58.84 3.68 -51.73
N CYS E 769 57.79 3.84 -52.54
CA CYS E 769 57.34 2.76 -53.40
C CYS E 769 56.78 3.35 -54.68
N ASN E 770 57.01 2.64 -55.78
CA ASN E 770 56.69 3.08 -57.13
C ASN E 770 56.15 1.88 -57.88
N VAL E 771 56.02 1.99 -59.21
CA VAL E 771 55.71 0.82 -60.03
C VAL E 771 56.95 -0.05 -60.20
N ALA E 772 58.12 0.53 -59.99
CA ALA E 772 59.37 -0.22 -60.03
C ALA E 772 59.80 -0.72 -58.66
N THR E 773 59.45 -0.01 -57.58
CA THR E 773 59.85 -0.42 -56.24
C THR E 773 58.96 -1.53 -55.70
N ALA E 774 57.70 -1.60 -56.13
CA ALA E 774 56.74 -2.57 -55.62
C ALA E 774 57.14 -3.96 -56.10
N ASP E 775 57.87 -4.68 -55.24
CA ASP E 775 58.35 -6.03 -55.51
C ASP E 775 57.32 -6.96 -54.87
N PHE E 776 56.39 -7.46 -55.69
CA PHE E 776 55.12 -8.01 -55.22
C PHE E 776 55.25 -9.26 -54.36
N ASN E 777 55.92 -10.28 -54.86
CA ASN E 777 56.09 -11.55 -54.16
C ASN E 777 57.56 -11.66 -53.78
N ARG E 778 57.87 -11.28 -52.53
CA ARG E 778 59.24 -11.23 -52.05
C ARG E 778 59.28 -11.72 -50.61
N ASN E 779 60.49 -12.07 -50.14
CA ASN E 779 60.77 -12.28 -48.73
C ASN E 779 62.25 -11.99 -48.48
N ASP E 780 62.57 -10.73 -48.25
CA ASP E 780 63.92 -10.34 -47.89
C ASP E 780 64.00 -9.26 -46.84
N GLY E 781 62.90 -8.56 -46.57
CA GLY E 781 62.88 -7.56 -45.53
C GLY E 781 63.24 -6.15 -45.96
N ARG E 782 62.54 -5.60 -46.95
CA ARG E 782 62.60 -4.17 -47.24
C ARG E 782 61.31 -3.49 -46.77
N LEU E 783 61.47 -2.46 -45.94
CA LEU E 783 60.34 -1.94 -45.18
C LEU E 783 60.11 -0.47 -45.51
N LEU E 784 58.91 -0.20 -46.02
CA LEU E 784 58.53 1.09 -46.57
C LEU E 784 58.45 2.13 -45.47
N HIS E 785 58.77 3.38 -45.82
CA HIS E 785 58.67 4.50 -44.88
C HIS E 785 57.77 5.61 -45.41
N ASN E 786 57.06 5.38 -46.53
CA ASN E 786 56.42 6.46 -47.26
C ASN E 786 54.98 6.72 -46.80
N THR E 787 54.86 7.50 -45.71
CA THR E 787 53.61 8.17 -45.36
C THR E 787 53.83 9.67 -45.16
N GLN E 788 54.90 10.20 -45.73
CA GLN E 788 55.17 11.64 -45.69
C GLN E 788 54.22 12.40 -46.61
N ALA E 789 53.90 13.63 -46.21
CA ALA E 789 53.24 14.55 -47.12
C ALA E 789 54.17 14.92 -48.27
N ARG E 790 55.44 15.16 -47.95
CA ARG E 790 56.43 15.62 -48.92
C ARG E 790 57.27 14.44 -49.40
N ALA E 791 56.97 13.98 -50.63
CA ALA E 791 57.78 12.97 -51.29
C ALA E 791 59.18 13.47 -51.62
N ALA E 792 59.37 14.78 -51.73
CA ALA E 792 60.69 15.38 -51.87
C ALA E 792 61.52 15.15 -50.61
N ASP E 793 60.87 15.22 -49.45
CA ASP E 793 61.48 14.89 -48.17
C ASP E 793 61.49 13.38 -48.02
N ALA E 794 62.51 12.72 -48.56
CA ALA E 794 62.61 11.27 -48.54
C ALA E 794 63.40 10.83 -47.30
N ALA E 795 63.13 9.60 -46.86
CA ALA E 795 63.73 9.08 -45.65
C ALA E 795 63.75 7.57 -45.67
N ASP E 796 64.90 7.00 -45.32
CA ASP E 796 65.04 5.58 -45.04
C ASP E 796 65.19 5.35 -43.54
N ASP E 797 65.50 6.41 -42.79
CA ASP E 797 65.77 6.31 -41.36
C ASP E 797 65.10 7.43 -40.55
N ARG E 798 64.53 8.43 -41.22
CA ARG E 798 64.00 9.60 -40.52
C ARG E 798 62.47 9.56 -40.43
N PRO E 799 61.88 10.00 -39.31
CA PRO E 799 60.42 10.11 -39.24
C PRO E 799 59.90 11.40 -39.88
N HIS E 800 58.60 11.39 -40.20
CA HIS E 800 57.98 12.53 -40.89
C HIS E 800 56.92 13.19 -40.02
N ARG E 801 56.41 12.46 -39.05
CA ARG E 801 55.36 12.95 -38.16
C ARG E 801 55.92 13.29 -36.79
N PRO E 802 55.20 14.09 -36.00
CA PRO E 802 55.41 14.03 -34.54
C PRO E 802 54.94 12.68 -34.02
N ALA E 803 55.50 12.22 -32.91
CA ALA E 803 55.23 10.85 -32.46
C ALA E 803 53.81 10.64 -31.94
N ASP E 804 53.03 11.72 -31.80
CA ASP E 804 51.63 11.60 -31.44
C ASP E 804 50.83 10.86 -32.49
N TRP E 805 51.33 10.87 -33.74
CA TRP E 805 50.86 9.97 -34.79
C TRP E 805 50.90 8.52 -34.34
N THR E 806 52.02 8.11 -33.77
CA THR E 806 52.10 6.77 -33.21
C THR E 806 51.26 6.66 -31.96
N VAL E 807 51.15 7.73 -31.19
CA VAL E 807 50.42 7.68 -29.94
C VAL E 807 48.93 7.58 -30.17
N HIS E 808 48.38 8.42 -31.05
CA HIS E 808 46.94 8.42 -31.30
C HIS E 808 46.46 7.11 -31.91
N HIS E 809 47.23 6.53 -32.84
CA HIS E 809 46.85 5.25 -33.43
C HIS E 809 46.86 4.13 -32.42
N LYS E 810 47.87 4.09 -31.55
CA LYS E 810 47.92 3.09 -30.50
C LYS E 810 46.77 3.28 -29.52
N ILE E 811 46.44 4.54 -29.21
CA ILE E 811 45.25 4.80 -28.42
C ILE E 811 44.01 4.48 -29.24
N TYR E 812 44.06 4.66 -30.55
CA TYR E 812 42.89 4.30 -31.34
C TYR E 812 42.74 2.78 -31.46
N TYR E 813 43.74 2.11 -32.02
CA TYR E 813 43.53 0.72 -32.41
C TYR E 813 43.51 -0.21 -31.22
N TYR E 814 44.36 0.02 -30.23
CA TYR E 814 44.35 -0.88 -29.09
C TYR E 814 43.24 -0.59 -28.10
N VAL E 815 42.44 0.45 -28.30
CA VAL E 815 41.34 0.76 -27.39
C VAL E 815 40.00 0.87 -28.12
N LEU E 816 39.89 1.79 -29.07
CA LEU E 816 38.57 2.14 -29.61
C LEU E 816 38.03 1.03 -30.50
N VAL E 817 38.94 0.36 -31.23
CA VAL E 817 38.49 -0.68 -32.15
C VAL E 817 37.87 -1.86 -31.43
N PRO E 818 38.40 -2.38 -30.30
CA PRO E 818 37.59 -3.35 -29.55
C PRO E 818 36.40 -2.72 -28.87
N ALA E 819 36.41 -1.41 -28.66
CA ALA E 819 35.30 -0.75 -27.98
C ALA E 819 34.10 -0.62 -28.90
N PHE E 820 34.34 -0.29 -30.17
CA PHE E 820 33.21 -0.16 -31.09
C PHE E 820 32.77 -1.51 -31.63
N SER E 821 33.71 -2.34 -32.03
CA SER E 821 33.39 -3.59 -32.71
C SER E 821 32.81 -4.64 -31.79
N ARG E 822 32.94 -4.45 -30.47
CA ARG E 822 32.74 -5.49 -29.46
C ARG E 822 33.56 -6.72 -29.78
N GLY E 823 34.80 -6.53 -30.20
CA GLY E 823 35.73 -7.61 -30.46
C GLY E 823 35.58 -8.29 -31.81
N ARG E 824 34.40 -8.23 -32.43
CA ARG E 824 34.11 -9.00 -33.64
C ARG E 824 34.69 -8.28 -34.85
N CYS E 825 35.95 -8.58 -35.16
CA CYS E 825 36.70 -7.98 -36.26
C CYS E 825 37.98 -8.80 -36.45
N CYS E 826 38.61 -8.63 -37.60
CA CYS E 826 39.83 -9.37 -37.90
C CYS E 826 40.67 -8.61 -38.92
N THR E 827 41.99 -8.68 -38.74
CA THR E 827 42.90 -8.02 -39.66
C THR E 827 43.14 -8.89 -40.89
N ALA E 828 43.95 -8.38 -41.82
CA ALA E 828 44.22 -9.09 -43.06
C ALA E 828 45.54 -8.64 -43.68
N GLY E 829 45.99 -9.43 -44.66
CA GLY E 829 47.15 -9.07 -45.47
C GLY E 829 46.80 -9.08 -46.95
N VAL E 830 47.47 -8.20 -47.70
CA VAL E 830 46.98 -7.75 -49.00
C VAL E 830 47.76 -8.39 -50.13
N ARG E 831 47.04 -9.01 -51.06
CA ARG E 831 47.58 -9.33 -52.38
C ARG E 831 47.48 -8.08 -53.24
N PHE E 832 48.49 -7.20 -53.13
CA PHE E 832 48.49 -5.92 -53.84
C PHE E 832 48.50 -6.08 -55.35
N ASP E 833 49.13 -7.16 -55.84
CA ASP E 833 49.10 -7.51 -57.25
C ASP E 833 47.67 -7.73 -57.72
N ARG E 834 46.88 -8.39 -56.91
CA ARG E 834 45.48 -8.60 -57.23
C ARG E 834 44.69 -7.31 -57.06
N VAL E 835 45.06 -6.51 -56.07
CA VAL E 835 44.33 -5.27 -55.77
C VAL E 835 44.58 -4.24 -56.85
N TYR E 836 45.85 -3.97 -57.17
CA TYR E 836 46.20 -2.96 -58.16
C TYR E 836 45.76 -3.33 -59.55
N ALA E 837 45.48 -4.62 -59.77
CA ALA E 837 44.93 -5.08 -61.03
C ALA E 837 43.56 -4.46 -61.28
N THR E 838 42.61 -4.74 -60.39
CA THR E 838 41.23 -4.38 -60.64
C THR E 838 40.87 -2.97 -60.22
N LEU E 839 41.72 -2.27 -59.46
CA LEU E 839 41.50 -0.85 -59.19
C LEU E 839 41.55 -0.05 -60.47
N GLN E 840 42.70 -0.09 -61.15
CA GLN E 840 42.86 0.50 -62.46
C GLN E 840 42.62 -0.59 -63.52
N ASN E 841 41.50 -1.28 -63.35
CA ASN E 841 40.83 -1.97 -64.45
C ASN E 841 39.45 -1.33 -64.50
N MET E 842 39.34 -0.22 -65.22
CA MET E 842 38.15 0.62 -65.15
C MET E 842 37.50 0.68 -66.52
N VAL E 843 36.20 0.93 -66.50
CA VAL E 843 35.48 1.26 -67.72
C VAL E 843 35.09 2.72 -67.59
N VAL E 844 35.97 3.60 -68.07
CA VAL E 844 35.73 5.03 -68.22
C VAL E 844 35.71 5.33 -69.71
N PRO E 845 34.54 5.36 -70.33
CA PRO E 845 34.47 5.78 -71.74
C PRO E 845 34.79 7.26 -71.88
N GLU E 846 35.33 7.62 -73.04
CA GLU E 846 35.74 8.99 -73.29
C GLU E 846 34.51 9.87 -73.43
N ILE E 847 34.55 11.04 -72.81
CA ILE E 847 33.41 11.95 -72.82
C ILE E 847 33.39 12.70 -74.15
N ALA E 848 32.20 13.12 -74.59
CA ALA E 848 32.06 13.74 -75.89
C ALA E 848 32.57 15.18 -75.85
N PRO E 849 33.10 15.70 -76.97
CA PRO E 849 33.51 17.11 -77.00
C PRO E 849 32.32 18.05 -76.93
N GLY E 850 32.21 18.76 -75.81
CA GLY E 850 31.10 19.65 -75.56
C GLY E 850 30.03 19.10 -74.65
N GLU E 851 30.08 17.82 -74.32
CA GLU E 851 29.10 17.21 -73.42
C GLU E 851 29.60 17.34 -71.98
N GLU E 852 28.68 17.24 -71.04
CA GLU E 852 29.02 17.44 -69.64
C GLU E 852 29.33 16.12 -68.94
N CYS E 853 29.69 16.23 -67.67
CA CYS E 853 30.03 15.07 -66.87
C CYS E 853 28.76 14.34 -66.44
N PRO E 854 28.78 13.01 -66.36
CA PRO E 854 27.62 12.29 -65.82
C PRO E 854 27.58 12.40 -64.31
N SER E 855 26.51 13.02 -63.81
CA SER E 855 26.33 13.19 -62.37
C SER E 855 25.47 12.08 -61.75
N ASP E 856 24.66 11.41 -62.57
CA ASP E 856 23.79 10.35 -62.11
C ASP E 856 24.10 9.08 -62.87
N PRO E 857 24.33 7.95 -62.19
CA PRO E 857 24.60 6.70 -62.93
C PRO E 857 23.38 6.11 -63.63
N VAL E 858 22.17 6.33 -63.13
CA VAL E 858 20.98 5.79 -63.78
C VAL E 858 20.64 6.61 -65.03
N THR E 859 20.91 7.91 -64.99
CA THR E 859 20.56 8.79 -66.10
C THR E 859 21.49 8.62 -67.29
N ASP E 860 22.77 8.87 -67.09
CA ASP E 860 23.69 9.00 -68.20
C ASP E 860 24.48 7.71 -68.40
N PRO E 861 24.42 7.07 -69.57
CA PRO E 861 25.20 5.84 -69.78
C PRO E 861 26.70 6.07 -69.97
N ALA E 862 27.18 7.31 -69.98
CA ALA E 862 28.61 7.58 -69.96
C ALA E 862 29.19 7.59 -68.55
N HIS E 863 28.33 7.51 -67.53
CA HIS E 863 28.78 7.26 -66.18
C HIS E 863 29.42 5.87 -66.12
N PRO E 864 30.49 5.69 -65.36
CA PRO E 864 31.09 4.35 -65.26
C PRO E 864 30.18 3.33 -64.58
N LEU E 865 29.28 3.77 -63.73
CA LEU E 865 28.40 2.88 -62.97
C LEU E 865 27.06 2.63 -63.65
N HIS E 866 26.86 3.11 -64.86
CA HIS E 866 25.65 2.76 -65.58
C HIS E 866 25.80 1.35 -66.16
N PRO E 867 24.68 0.58 -66.26
CA PRO E 867 24.76 -0.78 -66.84
C PRO E 867 25.19 -0.90 -68.29
N ALA E 868 25.37 0.24 -68.98
CA ALA E 868 26.08 0.23 -70.24
C ALA E 868 27.55 -0.14 -70.06
N ASN E 869 28.13 0.18 -68.90
CA ASN E 869 29.54 -0.01 -68.64
C ASN E 869 29.84 -1.02 -67.55
N LEU E 870 28.82 -1.70 -67.03
CA LEU E 870 29.00 -2.67 -65.95
C LEU E 870 29.22 -4.05 -66.54
N VAL E 871 30.48 -4.45 -66.65
CA VAL E 871 30.85 -5.78 -67.07
C VAL E 871 31.29 -6.52 -65.81
N ALA E 872 31.46 -7.82 -65.90
CA ALA E 872 32.06 -8.59 -64.81
C ALA E 872 33.51 -8.15 -64.62
N ASN E 873 33.87 -7.88 -63.36
CA ASN E 873 35.20 -7.72 -62.79
C ASN E 873 35.85 -6.36 -63.08
N THR E 874 35.11 -5.32 -63.42
CA THR E 874 35.68 -3.98 -63.51
C THR E 874 35.37 -3.17 -62.23
N VAL E 875 36.06 -2.05 -62.06
CA VAL E 875 36.05 -1.37 -60.76
C VAL E 875 34.74 -0.62 -60.52
N LYS E 876 34.14 -0.05 -61.56
CA LYS E 876 32.84 0.57 -61.42
C LYS E 876 31.74 -0.46 -61.18
N ARG E 877 31.94 -1.68 -61.67
CA ARG E 877 31.10 -2.79 -61.26
C ARG E 877 31.35 -3.18 -59.81
N MET E 878 32.57 -2.94 -59.31
CA MET E 878 32.81 -3.09 -57.88
C MET E 878 32.32 -1.85 -57.13
N PHE E 879 32.29 -0.68 -57.80
CA PHE E 879 31.49 0.44 -57.29
C PHE E 879 30.00 0.18 -57.44
N HIS E 880 29.63 -0.86 -58.17
CA HIS E 880 28.23 -1.27 -58.25
C HIS E 880 27.94 -2.40 -57.26
N ASN E 881 28.97 -3.16 -56.88
CA ASN E 881 28.77 -4.23 -55.91
C ASN E 881 28.47 -3.68 -54.52
N GLY E 882 29.27 -2.71 -54.07
CA GLY E 882 28.87 -1.91 -52.94
C GLY E 882 28.40 -0.57 -53.45
N ARG E 883 27.27 -0.07 -52.95
CA ARG E 883 26.64 1.10 -53.55
C ARG E 883 27.39 2.38 -53.17
N VAL E 884 28.27 2.81 -54.08
CA VAL E 884 29.08 4.03 -53.94
C VAL E 884 29.06 4.77 -55.27
N VAL E 885 28.45 5.95 -55.29
CA VAL E 885 28.28 6.73 -56.51
C VAL E 885 29.57 7.50 -56.76
N VAL E 886 30.29 7.11 -57.81
CA VAL E 886 31.55 7.72 -58.22
C VAL E 886 31.52 7.91 -59.73
N ASP E 887 31.72 9.14 -60.19
CA ASP E 887 31.61 9.44 -61.60
C ASP E 887 32.87 9.03 -62.36
N GLY E 888 32.94 9.49 -63.61
CA GLY E 888 34.10 9.34 -64.45
C GLY E 888 35.41 9.89 -63.93
N PRO E 889 35.52 11.22 -63.77
CA PRO E 889 36.85 11.81 -63.54
C PRO E 889 37.48 11.52 -62.18
N ALA E 890 36.77 10.91 -61.24
CA ALA E 890 37.39 10.56 -59.96
C ALA E 890 38.34 9.37 -60.14
N MET E 891 37.82 8.27 -60.69
CA MET E 891 38.66 7.11 -60.97
C MET E 891 39.54 7.30 -62.19
N LEU E 892 39.29 8.32 -63.00
CA LEU E 892 40.12 8.60 -64.16
C LEU E 892 41.51 9.09 -63.78
N THR E 893 41.64 9.80 -62.65
CA THR E 893 42.92 10.31 -62.18
C THR E 893 43.70 9.28 -61.36
N LEU E 894 43.41 7.99 -61.51
CA LEU E 894 44.07 6.94 -60.73
C LEU E 894 45.47 6.63 -61.26
N GLN E 895 45.96 7.40 -62.23
CA GLN E 895 47.34 7.40 -62.71
C GLN E 895 48.36 7.72 -61.63
N VAL E 896 47.94 8.31 -60.50
CA VAL E 896 48.84 8.67 -59.43
C VAL E 896 49.19 7.44 -58.58
N LEU E 897 48.55 6.29 -58.84
CA LEU E 897 49.00 5.02 -58.28
C LEU E 897 50.43 4.67 -58.68
N ALA E 898 50.88 5.13 -59.85
CA ALA E 898 52.25 4.93 -60.27
C ALA E 898 53.24 5.63 -59.36
N HIS E 899 52.80 6.74 -58.74
CA HIS E 899 53.68 7.51 -57.88
C HIS E 899 53.93 6.83 -56.56
N ASN E 900 52.90 6.20 -55.97
CA ASN E 900 53.03 5.50 -54.70
C ASN E 900 52.06 4.34 -54.68
N MET E 901 52.56 3.17 -54.26
CA MET E 901 51.75 1.99 -54.05
C MET E 901 52.39 1.20 -52.93
N ALA E 902 52.09 -0.10 -52.84
CA ALA E 902 52.73 -0.95 -51.85
C ALA E 902 52.94 -2.35 -52.41
N GLU E 903 54.06 -2.97 -52.06
CA GLU E 903 54.37 -4.28 -52.63
C GLU E 903 53.60 -5.41 -51.96
N ARG E 904 53.82 -5.66 -50.68
CA ARG E 904 53.17 -6.73 -49.95
C ARG E 904 53.29 -6.40 -48.47
N THR E 905 52.88 -7.34 -47.62
CA THR E 905 53.02 -7.18 -46.18
C THR E 905 53.75 -8.37 -45.55
N THR E 906 54.44 -8.09 -44.45
CA THR E 906 55.38 -9.03 -43.83
C THR E 906 55.12 -9.03 -42.34
N ALA E 907 55.28 -10.19 -41.71
CA ALA E 907 55.12 -10.31 -40.26
C ALA E 907 56.27 -9.61 -39.53
N LEU E 908 55.93 -8.56 -38.80
CA LEU E 908 56.90 -7.74 -38.08
C LEU E 908 56.87 -8.14 -36.62
N LEU E 909 57.87 -8.90 -36.19
CA LEU E 909 57.94 -9.42 -34.83
C LEU E 909 59.11 -8.75 -34.12
N CYS E 910 58.83 -7.70 -33.36
CA CYS E 910 59.87 -7.00 -32.64
C CYS E 910 59.68 -7.22 -31.15
N SER E 911 60.73 -7.72 -30.52
CA SER E 911 60.69 -8.18 -29.14
C SER E 911 61.27 -7.09 -28.24
N ALA E 912 60.99 -7.19 -26.95
CA ALA E 912 61.35 -6.12 -26.03
C ALA E 912 61.56 -6.70 -24.64
N ALA E 913 62.26 -5.92 -23.82
CA ALA E 913 62.59 -6.28 -22.44
C ALA E 913 61.63 -5.59 -21.49
N PRO E 914 61.60 -5.98 -20.21
CA PRO E 914 60.93 -5.16 -19.21
C PRO E 914 61.59 -3.80 -19.09
N ASP E 915 60.83 -2.82 -18.61
CA ASP E 915 61.34 -1.46 -18.61
C ASP E 915 62.34 -1.25 -17.46
N ALA E 916 63.25 -0.30 -17.70
CA ALA E 916 64.08 0.19 -16.63
C ALA E 916 63.19 0.89 -15.60
N GLY E 917 63.07 0.25 -14.45
CA GLY E 917 62.05 0.60 -13.49
C GLY E 917 61.18 -0.55 -13.09
N ALA E 918 61.26 -1.67 -13.81
CA ALA E 918 60.84 -2.94 -13.25
C ALA E 918 61.88 -4.02 -13.56
N ASN E 919 63.04 -3.61 -14.05
CA ASN E 919 64.06 -4.53 -14.55
C ASN E 919 64.94 -4.91 -13.38
N THR E 920 64.94 -6.19 -13.02
CA THR E 920 65.70 -6.67 -11.87
C THR E 920 66.57 -7.86 -12.24
N ALA E 921 67.09 -8.51 -11.20
CA ALA E 921 67.98 -9.64 -11.40
C ALA E 921 67.26 -10.82 -12.05
N SER E 922 65.99 -11.04 -11.69
CA SER E 922 65.26 -12.17 -12.27
C SER E 922 64.40 -11.74 -13.43
N THR E 923 64.32 -10.44 -13.70
CA THR E 923 63.50 -9.96 -14.80
C THR E 923 64.32 -9.39 -15.94
N ALA E 924 65.63 -9.60 -15.94
CA ALA E 924 66.43 -9.18 -17.09
C ALA E 924 66.14 -10.07 -18.29
N ASN E 925 65.78 -11.32 -18.05
CA ASN E 925 65.67 -12.31 -19.12
C ASN E 925 64.26 -12.51 -19.62
N MET E 926 63.26 -11.85 -19.03
CA MET E 926 61.94 -11.95 -19.62
C MET E 926 61.87 -11.14 -20.90
N ARG E 927 60.94 -11.52 -21.77
CA ARG E 927 60.80 -10.90 -23.07
C ARG E 927 59.39 -10.39 -23.26
N ILE E 928 59.26 -9.35 -24.07
CA ILE E 928 57.96 -8.82 -24.46
C ILE E 928 57.93 -8.77 -25.97
N PHE E 929 57.23 -9.71 -26.59
CA PHE E 929 57.05 -9.77 -28.03
C PHE E 929 55.83 -8.93 -28.42
N ASP E 930 56.01 -8.03 -29.38
CA ASP E 930 54.93 -7.16 -29.84
C ASP E 930 54.80 -7.27 -31.35
N GLY E 931 53.65 -7.78 -31.82
CA GLY E 931 53.48 -8.07 -33.22
C GLY E 931 52.67 -7.04 -33.98
N ALA E 932 52.76 -7.12 -35.31
CA ALA E 932 52.06 -6.24 -36.23
C ALA E 932 52.13 -6.83 -37.63
N LEU E 933 51.53 -6.12 -38.59
CA LEU E 933 51.76 -6.34 -40.01
C LEU E 933 52.13 -5.02 -40.67
N HIS E 934 52.88 -5.12 -41.77
CA HIS E 934 53.45 -3.90 -42.34
C HIS E 934 52.45 -3.18 -43.22
N ALA E 935 51.98 -3.82 -44.29
CA ALA E 935 51.04 -3.18 -45.20
C ALA E 935 49.74 -3.95 -45.17
N GLY E 936 48.91 -3.69 -44.16
CA GLY E 936 47.74 -4.49 -43.91
C GLY E 936 46.45 -3.69 -43.92
N VAL E 937 45.39 -4.35 -43.47
CA VAL E 937 44.05 -3.77 -43.43
C VAL E 937 43.25 -4.52 -42.38
N LEU E 938 42.27 -3.84 -41.82
CA LEU E 938 41.36 -4.41 -40.85
C LEU E 938 40.01 -4.67 -41.50
N LEU E 939 39.53 -5.91 -41.42
CA LEU E 939 38.14 -6.18 -41.77
C LEU E 939 37.24 -5.80 -40.62
N MET E 940 36.16 -5.09 -40.94
CA MET E 940 35.19 -4.70 -39.95
C MET E 940 34.03 -5.68 -39.91
N ALA E 941 33.81 -6.38 -41.01
CA ALA E 941 32.63 -7.24 -41.04
C ALA E 941 32.98 -8.62 -41.58
N PRO E 942 32.51 -9.68 -40.95
CA PRO E 942 32.62 -11.00 -41.57
C PRO E 942 31.49 -11.24 -42.55
N GLN E 943 31.83 -11.16 -43.84
CA GLN E 943 30.85 -11.14 -44.92
C GLN E 943 31.16 -12.25 -45.93
N HIS E 944 31.30 -13.46 -45.41
CA HIS E 944 31.52 -14.62 -46.26
C HIS E 944 30.22 -15.20 -46.81
N LEU E 945 29.09 -14.52 -46.59
CA LEU E 945 27.76 -15.10 -46.76
C LEU E 945 27.29 -14.89 -48.20
N ASP E 946 28.24 -14.75 -49.13
CA ASP E 946 27.93 -14.35 -50.48
C ASP E 946 29.06 -14.70 -51.44
N HIS E 947 28.80 -14.57 -52.73
CA HIS E 947 29.86 -14.62 -53.73
C HIS E 947 29.85 -13.27 -54.44
N THR E 948 30.45 -12.26 -53.82
CA THR E 948 30.80 -11.03 -54.50
C THR E 948 32.30 -10.79 -54.32
N ILE E 949 32.73 -10.73 -53.07
CA ILE E 949 34.11 -11.04 -52.72
C ILE E 949 34.15 -12.48 -52.25
N GLN E 950 34.91 -13.30 -52.97
CA GLN E 950 35.09 -14.68 -52.56
C GLN E 950 35.89 -14.75 -51.27
N ASN E 951 35.56 -15.75 -50.45
CA ASN E 951 36.39 -16.09 -49.32
C ASN E 951 37.82 -16.39 -49.78
N GLY E 952 38.76 -15.59 -49.29
CA GLY E 952 40.14 -15.74 -49.72
C GLY E 952 40.42 -15.23 -51.12
N GLU E 953 39.71 -14.21 -51.56
CA GLU E 953 39.95 -13.67 -52.90
C GLU E 953 41.12 -12.70 -52.90
N TYR E 954 40.95 -11.54 -52.28
CA TYR E 954 42.01 -10.52 -52.26
C TYR E 954 42.86 -10.62 -51.00
N PHE E 955 42.24 -10.38 -49.86
CA PHE E 955 42.94 -10.27 -48.60
C PHE E 955 42.79 -11.60 -47.89
N TYR E 956 43.90 -12.29 -47.73
CA TYR E 956 43.95 -13.44 -46.83
C TYR E 956 43.80 -12.86 -45.42
N VAL E 957 42.93 -13.49 -44.62
CA VAL E 957 42.83 -13.07 -43.24
C VAL E 957 44.08 -13.53 -42.50
N LEU E 958 44.46 -12.75 -41.49
CA LEU E 958 45.65 -13.04 -40.70
C LEU E 958 45.49 -12.34 -39.36
N PRO E 959 45.38 -13.08 -38.26
CA PRO E 959 45.21 -12.43 -36.95
C PRO E 959 46.52 -11.84 -36.47
N VAL E 960 46.55 -10.54 -36.22
CA VAL E 960 47.78 -9.94 -35.73
C VAL E 960 47.96 -10.26 -34.26
N HIS E 961 46.85 -10.52 -33.56
CA HIS E 961 46.82 -10.49 -32.11
C HIS E 961 45.51 -11.06 -31.61
N ALA E 962 45.49 -11.40 -30.32
CA ALA E 962 44.28 -11.85 -29.64
C ALA E 962 43.22 -10.77 -29.54
N LEU E 963 43.59 -9.50 -29.71
CA LEU E 963 42.59 -8.46 -29.90
C LEU E 963 41.84 -8.65 -31.21
N PHE E 964 42.51 -9.15 -32.24
CA PHE E 964 41.90 -9.20 -33.55
C PHE E 964 41.96 -10.64 -34.06
N ALA E 965 40.98 -11.43 -33.65
CA ALA E 965 40.79 -12.76 -34.21
C ALA E 965 39.30 -12.92 -34.40
N GLY E 966 38.80 -12.50 -35.57
CA GLY E 966 37.41 -12.69 -35.89
C GLY E 966 37.11 -14.16 -36.06
N ALA E 967 36.37 -14.72 -35.10
CA ALA E 967 35.99 -16.13 -35.17
C ALA E 967 35.10 -16.40 -36.38
N ASP E 968 34.28 -15.43 -36.76
CA ASP E 968 33.54 -15.48 -38.01
C ASP E 968 34.38 -15.06 -39.20
N HIS E 969 35.65 -14.75 -39.00
CA HIS E 969 36.57 -14.67 -40.13
C HIS E 969 37.44 -15.91 -40.19
N VAL E 970 37.91 -16.38 -39.04
CA VAL E 970 38.85 -17.49 -39.01
C VAL E 970 38.16 -18.81 -39.32
N ALA E 971 37.01 -19.08 -38.71
CA ALA E 971 36.27 -20.30 -39.03
C ALA E 971 35.66 -20.25 -40.42
N ASN E 972 35.52 -19.05 -40.98
CA ASN E 972 35.12 -18.87 -42.36
C ASN E 972 36.31 -18.76 -43.29
N ALA E 973 37.40 -19.44 -42.97
CA ALA E 973 38.51 -19.55 -43.91
C ALA E 973 38.09 -20.38 -45.12
N PRO E 974 38.72 -20.17 -46.29
CA PRO E 974 38.43 -21.06 -47.44
C PRO E 974 38.82 -22.50 -47.20
N ASN E 975 39.77 -22.74 -46.29
CA ASN E 975 40.17 -24.08 -45.89
C ASN E 975 40.11 -24.11 -44.37
N PHE E 976 38.92 -24.36 -43.83
CA PHE E 976 38.78 -24.47 -42.38
C PHE E 976 38.31 -25.88 -42.05
N PRO E 977 39.05 -26.63 -41.24
CA PRO E 977 38.66 -28.01 -40.93
C PRO E 977 37.43 -28.05 -40.04
N PRO E 978 36.51 -28.98 -40.31
CA PRO E 978 35.29 -29.05 -39.51
C PRO E 978 35.52 -29.65 -38.13
N ALA E 979 36.70 -30.18 -37.87
CA ALA E 979 37.04 -30.65 -36.53
C ALA E 979 37.22 -29.51 -35.55
N LEU E 980 37.37 -28.28 -36.03
CA LEU E 980 37.62 -27.13 -35.20
C LEU E 980 36.50 -26.10 -35.24
N ARG E 981 35.24 -26.51 -35.43
CA ARG E 981 34.18 -25.51 -35.57
C ARG E 981 33.80 -24.89 -34.23
N ASP E 982 33.53 -25.74 -33.23
CA ASP E 982 33.00 -25.22 -31.97
C ASP E 982 34.10 -24.56 -31.15
N LEU E 983 35.32 -25.11 -31.18
CA LEU E 983 36.42 -24.57 -30.39
C LEU E 983 36.85 -23.21 -30.92
N ALA E 984 36.68 -22.98 -32.22
CA ALA E 984 37.04 -21.69 -32.79
C ALA E 984 36.09 -20.59 -32.39
N ARG E 985 34.94 -20.91 -31.80
CA ARG E 985 33.97 -19.89 -31.50
C ARG E 985 34.43 -19.02 -30.33
N ASP E 986 35.03 -19.63 -29.32
CA ASP E 986 35.36 -18.92 -28.09
C ASP E 986 36.83 -18.93 -27.76
N VAL E 987 37.69 -19.31 -28.71
CA VAL E 987 39.14 -19.28 -28.52
C VAL E 987 39.73 -18.38 -29.59
N PRO E 988 40.47 -17.36 -29.22
CA PRO E 988 41.11 -16.50 -30.23
C PRO E 988 42.29 -17.16 -30.92
N LEU E 989 42.02 -17.88 -32.01
CA LEU E 989 43.05 -18.46 -32.87
C LEU E 989 43.97 -17.37 -33.40
N VAL E 990 45.25 -17.44 -33.04
CA VAL E 990 46.26 -16.45 -33.39
C VAL E 990 47.51 -17.22 -33.80
N PRO E 991 48.20 -16.84 -34.87
CA PRO E 991 49.49 -17.46 -35.19
C PRO E 991 50.53 -17.13 -34.13
N PRO E 992 51.29 -18.12 -33.68
CA PRO E 992 52.29 -17.86 -32.63
C PRO E 992 53.50 -17.13 -33.14
N ALA E 993 53.63 -17.01 -34.47
CA ALA E 993 54.71 -16.22 -35.04
C ALA E 993 54.47 -14.73 -34.85
N LEU E 994 53.21 -14.31 -34.81
CA LEU E 994 52.87 -12.92 -34.52
C LEU E 994 52.70 -12.66 -33.04
N GLY E 995 52.64 -13.69 -32.23
CA GLY E 995 52.47 -13.56 -30.79
C GLY E 995 51.66 -14.70 -30.21
N ALA E 996 52.02 -15.04 -28.98
CA ALA E 996 51.26 -15.95 -28.16
C ALA E 996 50.72 -15.18 -26.97
N ASN E 997 49.81 -15.81 -26.23
CA ASN E 997 48.99 -15.10 -25.25
C ASN E 997 49.82 -14.60 -24.08
N TYR E 998 50.52 -15.53 -23.42
CA TYR E 998 51.19 -15.19 -22.17
C TYR E 998 52.43 -14.33 -22.37
N PHE E 999 52.89 -14.14 -23.60
CA PHE E 999 54.01 -13.26 -23.85
C PHE E 999 53.63 -12.04 -24.67
N SER E 1000 52.44 -11.51 -24.48
CA SER E 1000 52.00 -10.34 -25.20
C SER E 1000 51.85 -9.15 -24.26
N SER E 1001 51.80 -7.96 -24.85
CA SER E 1001 51.59 -6.75 -24.07
C SER E 1001 50.19 -6.72 -23.49
N ILE E 1002 49.22 -7.20 -24.25
CA ILE E 1002 47.83 -7.29 -23.82
C ILE E 1002 47.48 -8.76 -23.88
N ARG E 1003 46.75 -9.24 -22.89
CA ARG E 1003 46.43 -10.66 -22.85
C ARG E 1003 44.93 -10.85 -22.97
N GLN E 1004 44.48 -12.07 -22.69
CA GLN E 1004 43.07 -12.43 -22.81
C GLN E 1004 42.06 -11.53 -22.08
N PRO E 1005 42.17 -11.23 -20.77
CA PRO E 1005 41.01 -10.65 -20.09
C PRO E 1005 40.65 -9.25 -20.52
N VAL E 1006 41.59 -8.54 -21.11
CA VAL E 1006 41.30 -7.19 -21.60
C VAL E 1006 40.44 -7.27 -22.85
N VAL E 1007 40.60 -8.34 -23.63
CA VAL E 1007 39.70 -8.59 -24.75
C VAL E 1007 38.31 -8.93 -24.23
N GLN E 1008 38.26 -9.61 -23.09
CA GLN E 1008 36.98 -9.92 -22.45
C GLN E 1008 36.34 -8.67 -21.87
N HIS E 1009 37.14 -7.65 -21.55
CA HIS E 1009 36.60 -6.38 -21.06
C HIS E 1009 35.73 -5.71 -22.13
N ALA E 1010 36.04 -5.91 -23.40
CA ALA E 1010 35.22 -5.31 -24.45
C ALA E 1010 33.92 -6.09 -24.65
N ARG E 1011 34.04 -7.41 -24.80
CA ARG E 1011 32.93 -8.22 -25.27
C ARG E 1011 31.87 -8.48 -24.21
N GLU E 1012 32.14 -8.13 -22.96
CA GLU E 1012 31.22 -8.45 -21.89
C GLU E 1012 30.60 -7.21 -21.26
N SER E 1013 31.29 -6.07 -21.32
CA SER E 1013 30.85 -4.87 -20.60
C SER E 1013 29.58 -4.30 -21.21
N ALA E 1014 28.56 -4.17 -20.36
CA ALA E 1014 27.29 -3.61 -20.77
C ALA E 1014 27.28 -2.09 -20.76
N ALA E 1015 28.41 -1.47 -20.46
CA ALA E 1015 28.46 -0.02 -20.31
C ALA E 1015 28.38 0.68 -21.66
N GLY E 1016 28.31 2.00 -21.62
CA GLY E 1016 28.30 2.79 -22.82
C GLY E 1016 29.65 2.83 -23.49
N GLU E 1017 29.63 3.28 -24.74
CA GLU E 1017 30.86 3.32 -25.52
C GLU E 1017 31.79 4.44 -25.08
N ASN E 1018 31.24 5.55 -24.56
CA ASN E 1018 32.11 6.49 -23.86
C ASN E 1018 32.55 5.90 -22.54
N ALA E 1019 31.70 5.09 -21.92
CA ALA E 1019 32.03 4.50 -20.64
C ALA E 1019 33.10 3.42 -20.75
N LEU E 1020 32.99 2.52 -21.72
CA LEU E 1020 34.01 1.49 -21.89
C LEU E 1020 35.34 2.08 -22.33
N THR E 1021 35.31 3.21 -23.04
CA THR E 1021 36.51 3.81 -23.62
C THR E 1021 37.51 4.21 -22.55
N TYR E 1022 37.06 4.98 -21.56
CA TYR E 1022 37.91 5.33 -20.43
C TYR E 1022 38.31 4.13 -19.61
N ALA E 1023 37.42 3.13 -19.51
CA ALA E 1023 37.66 2.00 -18.62
C ALA E 1023 38.76 1.11 -19.17
N LEU E 1024 38.72 0.81 -20.45
CA LEU E 1024 39.77 0.00 -21.05
C LEU E 1024 41.05 0.82 -21.17
N MET E 1025 40.90 2.14 -21.26
CA MET E 1025 42.07 3.02 -21.21
C MET E 1025 42.75 2.91 -19.88
N ALA E 1026 41.97 2.83 -18.80
CA ALA E 1026 42.50 2.56 -17.47
C ALA E 1026 43.13 1.18 -17.37
N GLY E 1027 42.73 0.24 -18.22
CA GLY E 1027 43.32 -1.07 -18.22
C GLY E 1027 44.70 -1.18 -18.84
N TYR E 1028 45.32 -0.07 -19.25
CA TYR E 1028 46.62 -0.10 -19.88
C TYR E 1028 47.70 0.64 -19.12
N PHE E 1029 47.44 0.97 -17.86
CA PHE E 1029 48.49 1.49 -17.00
C PHE E 1029 49.43 0.37 -16.59
N LYS E 1030 50.74 0.60 -16.78
CA LYS E 1030 51.74 -0.41 -16.48
C LYS E 1030 51.78 -0.71 -15.00
N MET E 1031 52.23 -1.93 -14.67
CA MET E 1031 52.39 -2.34 -13.28
C MET E 1031 53.85 -2.37 -12.84
N SER E 1032 54.68 -1.50 -13.38
CA SER E 1032 56.02 -1.37 -12.86
C SER E 1032 55.97 -0.57 -11.55
N PRO E 1033 56.90 -0.82 -10.62
CA PRO E 1033 56.87 -0.06 -9.35
C PRO E 1033 57.15 1.43 -9.52
N VAL E 1034 57.77 1.83 -10.62
CA VAL E 1034 57.83 3.25 -10.94
C VAL E 1034 56.44 3.77 -11.28
N ALA E 1035 55.68 2.99 -12.06
CA ALA E 1035 54.30 3.38 -12.38
C ALA E 1035 53.42 3.29 -11.14
N LEU E 1036 53.81 2.47 -10.17
CA LEU E 1036 53.08 2.42 -8.92
C LEU E 1036 53.21 3.68 -8.09
N TYR E 1037 54.15 4.57 -8.40
CA TYR E 1037 54.02 5.93 -7.88
C TYR E 1037 52.77 6.59 -8.45
N HIS E 1038 52.79 6.84 -9.76
CA HIS E 1038 51.97 7.87 -10.35
C HIS E 1038 50.50 7.54 -10.33
N GLN E 1039 50.18 6.26 -10.36
CA GLN E 1039 48.82 5.77 -10.16
C GLN E 1039 48.37 6.04 -8.73
N LEU E 1040 49.29 5.91 -7.78
CA LEU E 1040 48.92 6.05 -6.39
C LEU E 1040 49.31 7.42 -5.85
N LYS E 1041 50.25 8.09 -6.51
CA LYS E 1041 50.55 9.45 -6.11
C LYS E 1041 49.55 10.45 -6.65
N THR E 1042 48.64 10.00 -7.51
CA THR E 1042 47.54 10.86 -7.96
C THR E 1042 46.21 10.39 -7.42
N GLY E 1043 46.03 9.10 -7.24
CA GLY E 1043 44.77 8.59 -6.75
C GLY E 1043 43.98 7.75 -7.74
N LEU E 1044 44.68 7.00 -8.59
CA LEU E 1044 44.02 6.02 -9.44
C LEU E 1044 44.10 4.66 -8.78
N HIS E 1045 43.00 3.92 -8.83
CA HIS E 1045 42.94 2.65 -8.15
C HIS E 1045 43.74 1.64 -8.94
N PRO E 1046 44.77 1.05 -8.37
CA PRO E 1046 45.75 0.30 -9.15
C PRO E 1046 45.38 -1.15 -9.39
N GLY E 1047 44.12 -1.38 -9.76
CA GLY E 1047 43.68 -2.70 -10.19
C GLY E 1047 43.53 -3.76 -9.12
N PHE E 1048 44.14 -3.61 -7.95
CA PHE E 1048 43.99 -4.59 -6.88
C PHE E 1048 43.95 -3.85 -5.55
N GLY E 1049 43.61 -4.60 -4.50
CA GLY E 1049 43.38 -4.00 -3.19
C GLY E 1049 44.42 -4.40 -2.17
N PHE E 1050 44.17 -4.02 -0.94
CA PHE E 1050 45.08 -4.30 0.16
C PHE E 1050 44.35 -4.63 1.43
N THR E 1051 45.12 -5.10 2.40
CA THR E 1051 44.68 -5.25 3.79
C THR E 1051 45.77 -4.65 4.67
N VAL E 1052 45.38 -4.18 5.86
CA VAL E 1052 46.27 -3.41 6.72
C VAL E 1052 46.45 -4.17 8.01
N VAL E 1053 47.70 -4.30 8.45
CA VAL E 1053 48.02 -4.94 9.72
C VAL E 1053 48.81 -3.97 10.58
N ARG E 1054 48.30 -3.69 11.78
CA ARG E 1054 49.03 -2.94 12.79
C ARG E 1054 49.15 -3.79 14.04
N GLN E 1055 50.11 -3.43 14.87
CA GLN E 1055 50.27 -4.00 16.20
C GLN E 1055 49.86 -2.90 17.16
N ASP E 1056 49.39 -3.29 18.34
CA ASP E 1056 48.98 -2.33 19.35
C ASP E 1056 49.37 -2.86 20.73
N ARG E 1057 49.31 -2.01 21.75
CA ARG E 1057 49.69 -2.42 23.08
C ARG E 1057 48.81 -1.74 24.12
N PHE E 1058 48.38 -2.53 25.10
CA PHE E 1058 47.69 -1.98 26.25
C PHE E 1058 48.43 -2.39 27.51
N VAL E 1059 48.14 -1.70 28.61
CA VAL E 1059 48.65 -2.03 29.93
C VAL E 1059 47.45 -2.29 30.83
N THR E 1060 47.23 -3.54 31.16
CA THR E 1060 45.98 -3.96 31.78
C THR E 1060 46.07 -3.88 33.29
N GLU E 1061 44.99 -4.31 33.94
CA GLU E 1061 44.98 -4.55 35.38
C GLU E 1061 44.51 -5.97 35.60
N ASN E 1062 45.14 -6.68 36.52
CA ASN E 1062 44.97 -8.11 36.62
C ASN E 1062 44.76 -8.57 38.05
N VAL E 1063 43.58 -9.11 38.32
CA VAL E 1063 43.25 -9.70 39.61
C VAL E 1063 43.69 -11.15 39.61
N LEU E 1064 43.90 -11.71 40.80
CA LEU E 1064 44.60 -12.97 40.93
C LEU E 1064 44.11 -13.74 42.15
N PHE E 1065 43.30 -14.76 41.92
CA PHE E 1065 42.85 -15.71 42.93
C PHE E 1065 43.96 -16.73 43.16
N SER E 1066 43.85 -17.49 44.25
CA SER E 1066 44.69 -18.67 44.44
C SER E 1066 43.98 -19.69 45.30
N GLU E 1067 44.52 -20.91 45.30
CA GLU E 1067 44.11 -21.95 46.23
C GLU E 1067 44.93 -21.83 47.51
N ARG E 1068 44.79 -22.80 48.42
CA ARG E 1068 45.50 -22.73 49.68
C ARG E 1068 46.96 -23.13 49.53
N ALA E 1069 47.20 -24.39 49.19
CA ALA E 1069 48.54 -24.93 49.11
C ALA E 1069 49.02 -24.72 47.68
N SER E 1070 49.24 -23.46 47.33
CA SER E 1070 49.56 -23.10 45.97
C SER E 1070 51.03 -23.24 45.64
N GLU E 1071 51.88 -23.22 46.66
CA GLU E 1071 53.31 -23.42 46.53
C GLU E 1071 53.82 -24.11 47.78
N ALA E 1072 55.06 -24.58 47.72
CA ALA E 1072 55.80 -25.01 48.89
C ALA E 1072 57.18 -24.38 48.82
N TYR E 1073 57.48 -23.50 49.79
CA TYR E 1073 58.54 -22.52 49.64
C TYR E 1073 59.70 -22.90 50.57
N PHE E 1074 60.92 -22.77 50.06
CA PHE E 1074 62.12 -23.20 50.77
C PHE E 1074 63.01 -22.00 51.10
N LEU E 1075 63.29 -21.79 52.37
CA LEU E 1075 64.27 -20.79 52.77
C LEU E 1075 65.58 -21.49 53.11
N GLY E 1076 66.61 -21.14 52.35
CA GLY E 1076 67.92 -21.71 52.49
C GLY E 1076 68.77 -20.99 53.52
N GLN E 1077 69.97 -20.61 53.11
CA GLN E 1077 70.96 -20.08 54.01
C GLN E 1077 71.66 -18.88 53.39
N LEU E 1078 71.72 -17.79 54.15
CA LEU E 1078 72.38 -16.58 53.68
C LEU E 1078 73.89 -16.77 53.67
N GLN E 1079 74.55 -16.05 52.76
CA GLN E 1079 76.00 -16.05 52.70
C GLN E 1079 76.45 -14.73 52.12
N VAL E 1080 77.71 -14.38 52.38
CA VAL E 1080 78.23 -13.04 52.14
C VAL E 1080 79.45 -13.13 51.25
N ALA E 1081 79.45 -12.37 50.17
CA ALA E 1081 80.63 -12.20 49.33
C ALA E 1081 81.17 -10.79 49.54
N ARG E 1082 82.41 -10.58 49.09
CA ARG E 1082 83.07 -9.27 49.16
C ARG E 1082 83.58 -8.91 47.78
N HIS E 1083 83.59 -7.62 47.45
CA HIS E 1083 83.91 -7.16 46.11
C HIS E 1083 85.11 -6.23 46.06
N GLU E 1084 85.21 -5.28 47.00
CA GLU E 1084 86.39 -4.44 47.23
C GLU E 1084 86.76 -3.59 46.01
N THR E 1085 85.89 -2.63 45.73
CA THR E 1085 86.13 -1.70 44.65
C THR E 1085 87.27 -0.74 44.99
N GLY E 1086 87.66 0.05 44.00
CA GLY E 1086 88.51 1.20 44.23
C GLY E 1086 87.74 2.31 44.92
N GLY E 1087 86.41 2.26 44.83
CA GLY E 1087 85.56 3.24 45.48
C GLY E 1087 85.15 2.86 46.89
N GLY E 1088 85.36 1.61 47.25
CA GLY E 1088 85.00 1.18 48.60
C GLY E 1088 84.75 -0.31 48.65
N VAL E 1089 84.30 -0.77 49.80
CA VAL E 1089 84.11 -2.19 50.04
C VAL E 1089 82.62 -2.50 49.93
N ASN E 1090 82.32 -3.69 49.43
CA ASN E 1090 80.95 -4.11 49.21
C ASN E 1090 80.69 -5.47 49.85
N PHE E 1091 79.45 -5.67 50.24
CA PHE E 1091 79.03 -6.90 50.91
C PHE E 1091 77.68 -7.30 50.35
N THR E 1092 77.69 -8.20 49.39
CA THR E 1092 76.46 -8.68 48.78
C THR E 1092 76.02 -9.98 49.44
N LEU E 1093 74.71 -10.18 49.51
CA LEU E 1093 74.15 -11.35 50.16
C LEU E 1093 73.17 -12.05 49.24
N THR E 1094 73.30 -13.36 49.15
CA THR E 1094 72.41 -14.19 48.36
C THR E 1094 71.88 -15.34 49.20
N GLN E 1095 70.96 -16.11 48.63
CA GLN E 1095 70.31 -17.21 49.35
C GLN E 1095 69.68 -18.19 48.38
N PRO E 1096 69.99 -19.48 48.49
CA PRO E 1096 69.29 -20.48 47.69
C PRO E 1096 67.87 -20.69 48.19
N ARG E 1097 66.94 -20.88 47.25
CA ARG E 1097 65.52 -20.98 47.57
C ARG E 1097 64.85 -21.96 46.63
N GLY E 1098 63.76 -22.56 47.11
CA GLY E 1098 63.03 -23.52 46.31
C GLY E 1098 61.54 -23.29 46.41
N ASN E 1099 60.86 -23.59 45.30
CA ASN E 1099 59.42 -23.53 45.19
C ASN E 1099 58.95 -24.67 44.31
N VAL E 1100 57.69 -25.06 44.47
CA VAL E 1100 57.11 -26.20 43.77
C VAL E 1100 55.69 -25.86 43.39
N ASP E 1101 55.34 -26.08 42.12
CA ASP E 1101 53.92 -26.08 41.76
C ASP E 1101 53.27 -27.35 42.31
N LEU E 1102 52.98 -27.34 43.61
CA LEU E 1102 52.54 -28.49 44.36
C LEU E 1102 51.17 -28.96 43.94
N GLY E 1103 50.32 -28.07 43.45
CA GLY E 1103 49.00 -28.46 42.98
C GLY E 1103 49.09 -29.26 41.70
N VAL E 1104 48.30 -30.32 41.63
CA VAL E 1104 48.35 -31.18 40.46
C VAL E 1104 47.72 -30.52 39.25
N GLY E 1105 46.76 -29.61 39.43
CA GLY E 1105 46.21 -28.95 38.27
C GLY E 1105 45.57 -27.60 38.50
N TYR E 1106 46.04 -26.61 37.73
CA TYR E 1106 45.48 -25.26 37.56
C TYR E 1106 45.09 -24.56 38.85
N THR E 1107 46.10 -24.24 39.65
CA THR E 1107 45.97 -23.35 40.77
C THR E 1107 46.06 -21.91 40.26
N ALA E 1108 45.35 -21.00 40.92
CA ALA E 1108 45.54 -19.56 40.79
C ALA E 1108 45.31 -18.98 39.41
N VAL E 1109 44.06 -18.96 38.97
CA VAL E 1109 43.72 -18.28 37.73
C VAL E 1109 43.80 -16.76 37.93
N ALA E 1110 43.94 -16.04 36.83
CA ALA E 1110 43.90 -14.59 36.80
C ALA E 1110 42.93 -14.12 35.72
N ALA E 1111 42.63 -12.83 35.73
CA ALA E 1111 41.69 -12.25 34.77
C ALA E 1111 42.00 -10.77 34.56
N THR E 1112 41.58 -10.24 33.43
CA THR E 1112 41.81 -8.84 33.10
C THR E 1112 40.64 -8.02 33.63
N GLY E 1113 40.94 -6.84 34.16
CA GLY E 1113 39.86 -6.00 34.69
C GLY E 1113 39.58 -4.80 33.80
N THR E 1114 40.58 -3.95 33.58
CA THR E 1114 40.37 -2.67 32.91
C THR E 1114 41.51 -2.35 31.95
N VAL E 1115 41.40 -1.20 31.30
CA VAL E 1115 42.27 -0.89 30.18
C VAL E 1115 43.32 0.12 30.56
N ARG E 1116 42.89 1.24 31.15
CA ARG E 1116 43.69 2.19 31.91
C ARG E 1116 44.66 3.04 31.09
N ASN E 1117 45.00 2.60 29.88
CA ASN E 1117 45.85 3.35 28.94
C ASN E 1117 45.87 2.62 27.60
N PRO E 1118 45.61 3.33 26.52
CA PRO E 1118 45.86 2.76 25.18
C PRO E 1118 47.24 3.13 24.63
N VAL E 1119 48.29 2.47 25.11
CA VAL E 1119 49.71 2.84 24.95
C VAL E 1119 50.13 3.19 23.51
N THR E 1120 49.71 2.40 22.54
CA THR E 1120 50.06 2.65 21.16
C THR E 1120 48.93 3.45 20.53
N ASP E 1121 49.25 4.32 19.57
CA ASP E 1121 48.28 5.29 19.07
C ASP E 1121 47.41 4.78 17.93
N MET E 1122 47.52 3.49 17.59
CA MET E 1122 46.74 2.82 16.56
C MET E 1122 46.86 3.41 15.15
N GLY E 1123 48.04 3.37 14.55
CA GLY E 1123 48.13 3.43 13.10
C GLY E 1123 48.60 4.77 12.55
N ASN E 1124 48.39 4.93 11.24
CA ASN E 1124 48.71 6.08 10.38
C ASN E 1124 50.21 6.26 10.24
N LEU E 1125 50.95 5.18 10.31
CA LEU E 1125 52.35 5.18 9.92
C LEU E 1125 52.54 4.17 8.81
N PRO E 1126 53.19 4.53 7.70
CA PRO E 1126 53.48 3.53 6.66
C PRO E 1126 54.51 2.52 7.12
N GLN E 1127 54.65 1.43 6.40
CA GLN E 1127 55.84 0.61 6.49
C GLN E 1127 56.79 1.04 5.38
N ASN E 1128 58.08 1.10 5.70
CA ASN E 1128 59.08 1.57 4.76
C ASN E 1128 60.11 0.47 4.59
N PHE E 1129 60.12 -0.17 3.41
CA PHE E 1129 61.00 -1.31 3.19
C PHE E 1129 62.45 -0.94 2.96
N TYR E 1130 62.77 0.35 2.78
CA TYR E 1130 64.15 0.72 2.49
C TYR E 1130 65.07 0.63 3.70
N LEU E 1131 64.55 0.30 4.87
CA LEU E 1131 65.38 0.15 6.06
C LEU E 1131 66.35 -1.01 5.90
N GLY E 1132 65.83 -2.23 5.82
CA GLY E 1132 66.65 -3.40 5.66
C GLY E 1132 67.15 -3.51 4.24
N ARG E 1133 68.19 -4.31 4.04
CA ARG E 1133 68.70 -4.63 2.70
C ARG E 1133 68.44 -6.13 2.50
N GLY E 1134 67.59 -6.43 1.52
CA GLY E 1134 67.29 -7.82 1.26
C GLY E 1134 67.10 -8.17 -0.20
N ALA E 1135 67.16 -7.18 -1.07
CA ALA E 1135 66.67 -7.38 -2.42
C ALA E 1135 67.61 -6.74 -3.44
N PRO E 1136 67.64 -7.25 -4.66
CA PRO E 1136 68.42 -6.58 -5.70
C PRO E 1136 67.77 -5.27 -6.10
N PRO E 1137 68.56 -4.24 -6.32
CA PRO E 1137 68.00 -2.96 -6.75
C PRO E 1137 67.62 -2.97 -8.22
N LEU E 1138 67.18 -1.82 -8.71
CA LEU E 1138 66.89 -1.68 -10.13
C LEU E 1138 68.18 -1.79 -10.92
N LEU E 1139 68.08 -2.33 -12.14
CA LEU E 1139 69.30 -2.57 -12.89
C LEU E 1139 69.88 -1.28 -13.41
N ASP E 1140 69.04 -0.27 -13.64
CA ASP E 1140 69.52 1.04 -14.02
C ASP E 1140 69.84 1.82 -12.76
N ASN E 1141 71.07 2.35 -12.69
CA ASN E 1141 71.54 2.95 -11.45
C ASN E 1141 70.92 4.32 -11.22
N ALA E 1142 70.73 5.10 -12.29
CA ALA E 1142 70.07 6.39 -12.15
C ALA E 1142 68.59 6.22 -11.81
N ALA E 1143 68.03 5.07 -12.17
CA ALA E 1143 66.64 4.78 -11.83
C ALA E 1143 66.45 4.55 -10.35
N ALA E 1144 67.37 3.80 -9.73
CA ALA E 1144 67.15 3.30 -8.39
C ALA E 1144 67.22 4.41 -7.35
N VAL E 1145 68.08 5.41 -7.58
CA VAL E 1145 68.14 6.53 -6.65
C VAL E 1145 66.93 7.43 -6.82
N TYR E 1146 66.32 7.41 -8.00
CA TYR E 1146 65.12 8.20 -8.23
C TYR E 1146 63.93 7.61 -7.51
N LEU E 1147 63.84 6.29 -7.48
CA LEU E 1147 62.74 5.63 -6.80
C LEU E 1147 62.94 5.66 -5.29
N ARG E 1148 64.20 5.72 -4.85
CA ARG E 1148 64.49 5.57 -3.43
C ARG E 1148 64.16 6.85 -2.68
N ASN E 1149 64.68 7.98 -3.15
CA ASN E 1149 64.44 9.22 -2.43
C ASN E 1149 63.01 9.73 -2.57
N ALA E 1150 62.30 9.33 -3.62
CA ALA E 1150 60.94 9.80 -3.81
C ALA E 1150 59.99 9.16 -2.81
N VAL E 1151 60.35 7.99 -2.29
CA VAL E 1151 59.62 7.45 -1.15
C VAL E 1151 60.05 8.17 0.12
N VAL E 1152 61.36 8.15 0.41
CA VAL E 1152 61.90 8.47 1.72
C VAL E 1152 61.70 9.93 2.11
N ALA E 1153 61.64 10.84 1.13
CA ALA E 1153 61.97 12.26 1.18
C ALA E 1153 61.64 13.01 2.46
N GLY E 1154 60.50 12.69 3.09
CA GLY E 1154 60.20 13.30 4.36
C GLY E 1154 59.52 12.39 5.37
N ASN E 1155 59.66 11.07 5.21
CA ASN E 1155 59.00 10.16 6.14
C ASN E 1155 59.63 10.19 7.52
N ARG E 1156 58.77 9.99 8.51
CA ARG E 1156 59.20 9.78 9.89
C ARG E 1156 60.10 8.56 10.00
N LEU E 1157 59.83 7.53 9.21
CA LEU E 1157 60.71 6.37 9.18
C LEU E 1157 61.83 6.54 8.16
N GLY E 1158 61.81 7.64 7.42
CA GLY E 1158 62.72 7.83 6.31
C GLY E 1158 64.16 7.99 6.76
N PRO E 1159 65.05 7.10 6.30
CA PRO E 1159 66.43 7.15 6.76
C PRO E 1159 67.20 8.31 6.17
N ALA E 1160 67.62 9.22 7.03
CA ALA E 1160 68.77 10.06 6.73
C ALA E 1160 70.01 9.27 7.08
N GLN E 1161 71.21 9.81 6.74
CA GLN E 1161 72.54 9.21 6.88
C GLN E 1161 72.56 7.75 6.43
N PRO E 1162 72.61 7.51 5.11
CA PRO E 1162 72.26 6.19 4.56
C PRO E 1162 73.19 5.04 4.98
N LEU E 1163 72.83 3.86 4.47
CA LEU E 1163 73.03 2.58 5.14
C LEU E 1163 74.48 2.30 5.52
N PRO E 1164 74.76 1.98 6.79
CA PRO E 1164 76.06 1.40 7.14
C PRO E 1164 76.10 -0.09 6.82
N VAL E 1165 77.32 -0.63 6.83
CA VAL E 1165 77.58 -2.01 6.42
C VAL E 1165 77.01 -2.99 7.44
N PHE E 1166 77.50 -2.94 8.66
CA PHE E 1166 77.04 -3.80 9.74
C PHE E 1166 76.34 -2.95 10.79
N GLY E 1167 75.08 -3.29 11.05
CA GLY E 1167 74.28 -2.51 11.97
C GLY E 1167 72.89 -2.27 11.41
N CYS E 1168 72.30 -1.16 11.83
CA CYS E 1168 70.90 -0.86 11.62
C CYS E 1168 70.72 0.37 10.74
N ALA E 1169 69.45 0.70 10.47
CA ALA E 1169 69.11 1.74 9.51
C ALA E 1169 69.19 3.14 10.09
N GLN E 1170 69.24 3.27 11.43
CA GLN E 1170 69.40 4.53 12.15
C GLN E 1170 68.24 5.50 11.86
N VAL E 1171 67.07 5.12 12.37
CA VAL E 1171 65.83 5.87 12.15
C VAL E 1171 65.94 7.25 12.78
N PRO E 1172 65.67 8.33 12.05
CA PRO E 1172 65.64 9.66 12.68
C PRO E 1172 64.46 9.80 13.62
N ARG E 1173 64.66 10.63 14.65
CA ARG E 1173 63.67 10.88 15.69
C ARG E 1173 63.03 12.23 15.45
N ARG E 1174 61.80 12.41 15.94
CA ARG E 1174 61.22 13.74 15.88
C ARG E 1174 61.09 14.33 17.28
N ALA E 1175 61.02 15.67 17.33
CA ALA E 1175 61.18 16.38 18.59
C ALA E 1175 59.94 16.41 19.45
N GLY E 1176 58.83 15.80 19.03
CA GLY E 1176 57.64 15.87 19.85
C GLY E 1176 56.64 14.76 19.61
N MET E 1177 56.14 14.18 20.69
CA MET E 1177 55.18 13.09 20.58
C MET E 1177 54.11 13.24 21.64
N ASP E 1178 52.86 13.03 21.22
CA ASP E 1178 51.70 13.34 22.03
C ASP E 1178 50.92 12.13 22.47
N HIS E 1179 50.44 11.36 21.51
CA HIS E 1179 49.49 10.29 21.83
C HIS E 1179 50.19 9.10 22.44
N GLY E 1180 51.46 8.93 22.17
CA GLY E 1180 52.18 7.79 22.67
C GLY E 1180 52.97 7.16 21.55
N GLN E 1181 53.24 5.88 21.72
CA GLN E 1181 54.09 5.18 20.78
C GLN E 1181 53.31 4.91 19.49
N ASP E 1182 54.05 4.82 18.40
CA ASP E 1182 53.44 4.70 17.08
C ASP E 1182 53.21 3.24 16.75
N ALA E 1183 52.12 2.95 16.04
CA ALA E 1183 51.97 1.65 15.44
C ALA E 1183 52.58 1.67 14.04
N VAL E 1184 52.70 0.50 13.43
CA VAL E 1184 53.28 0.38 12.10
C VAL E 1184 52.31 -0.39 11.22
N CYS E 1185 51.80 0.26 10.19
CA CYS E 1185 50.87 -0.40 9.27
C CYS E 1185 51.65 -1.04 8.14
N GLU E 1186 51.42 -2.34 7.94
CA GLU E 1186 51.97 -3.03 6.78
C GLU E 1186 50.86 -3.43 5.83
N PHE E 1187 51.20 -3.55 4.56
CA PHE E 1187 50.25 -3.76 3.49
C PHE E 1187 50.51 -5.11 2.84
N ILE E 1188 49.45 -5.75 2.37
CA ILE E 1188 49.51 -7.04 1.71
C ILE E 1188 48.59 -6.98 0.50
N ALA E 1189 49.12 -7.36 -0.66
CA ALA E 1189 48.36 -7.35 -1.90
C ALA E 1189 47.24 -8.39 -1.85
N THR E 1190 46.01 -7.92 -1.92
CA THR E 1190 44.80 -8.73 -1.93
C THR E 1190 43.94 -8.39 -3.14
N PRO E 1191 43.15 -9.33 -3.61
CA PRO E 1191 42.24 -9.03 -4.73
C PRO E 1191 41.05 -8.22 -4.28
N VAL E 1192 40.57 -7.37 -5.21
CA VAL E 1192 39.49 -6.45 -4.89
C VAL E 1192 38.17 -7.16 -4.66
N ALA E 1193 37.93 -8.28 -5.34
CA ALA E 1193 36.70 -9.03 -5.11
C ALA E 1193 36.93 -10.18 -4.14
N THR E 1194 37.55 -9.85 -3.02
CA THR E 1194 37.53 -10.72 -1.85
C THR E 1194 36.62 -10.07 -0.84
N ASP E 1195 35.54 -10.75 -0.49
CA ASP E 1195 34.36 -10.13 0.07
C ASP E 1195 34.58 -9.55 1.46
N ILE E 1196 33.86 -8.45 1.72
CA ILE E 1196 33.83 -7.83 3.03
C ILE E 1196 33.25 -8.75 4.09
N ASN E 1197 32.45 -9.74 3.68
CA ASN E 1197 31.91 -10.72 4.63
C ASN E 1197 33.00 -11.54 5.28
N TYR E 1198 34.15 -11.71 4.62
CA TYR E 1198 35.29 -12.31 5.30
C TYR E 1198 35.83 -11.40 6.39
N PHE E 1199 35.71 -10.10 6.20
CA PHE E 1199 36.05 -9.19 7.29
C PHE E 1199 34.81 -9.02 8.15
N ARG E 1200 34.78 -7.97 8.98
CA ARG E 1200 33.90 -7.77 10.14
C ARG E 1200 33.76 -9.04 10.96
N ARG E 1201 34.87 -9.74 11.22
CA ARG E 1201 34.92 -11.05 11.82
C ARG E 1201 36.38 -11.30 12.15
N PRO E 1202 36.68 -11.90 13.29
CA PRO E 1202 38.09 -12.21 13.62
C PRO E 1202 38.68 -13.23 12.65
N CYS E 1203 39.71 -12.84 11.92
CA CYS E 1203 40.25 -13.63 10.83
C CYS E 1203 41.76 -13.46 10.73
N ASN E 1204 42.40 -14.35 9.97
CA ASN E 1204 43.78 -14.14 9.61
C ASN E 1204 43.89 -13.01 8.60
N PRO E 1205 45.04 -12.35 8.50
CA PRO E 1205 45.28 -11.47 7.36
C PRO E 1205 45.58 -12.23 6.08
N ARG E 1206 45.90 -13.52 6.17
CA ARG E 1206 46.28 -14.24 4.96
C ARG E 1206 45.09 -14.83 4.20
N GLY E 1207 43.92 -14.95 4.84
CA GLY E 1207 42.75 -15.48 4.19
C GLY E 1207 42.49 -16.94 4.46
N ARG E 1208 43.44 -17.64 5.08
CA ARG E 1208 43.29 -19.03 5.43
C ARG E 1208 43.69 -19.19 6.88
N ALA E 1209 42.99 -20.06 7.59
CA ALA E 1209 43.39 -20.41 8.94
C ALA E 1209 44.74 -21.10 8.92
N ALA E 1210 45.54 -20.87 9.94
CA ALA E 1210 46.90 -21.37 9.97
C ALA E 1210 47.30 -21.89 11.34
N GLY E 1211 46.35 -21.97 12.27
CA GLY E 1211 46.69 -22.29 13.64
C GLY E 1211 47.05 -23.75 13.81
N GLY E 1212 48.17 -23.98 14.50
CA GLY E 1212 48.54 -25.33 14.85
C GLY E 1212 47.65 -25.97 15.87
N VAL E 1213 46.87 -25.17 16.61
CA VAL E 1213 45.93 -25.72 17.57
C VAL E 1213 44.73 -26.31 16.84
N TYR E 1214 44.48 -25.86 15.62
CA TYR E 1214 43.41 -26.41 14.80
C TYR E 1214 43.68 -27.85 14.35
N ALA E 1215 44.92 -28.31 14.42
CA ALA E 1215 45.28 -29.63 13.93
C ALA E 1215 44.85 -30.72 14.90
N GLY E 1216 45.18 -31.96 14.54
CA GLY E 1216 44.79 -33.11 15.34
C GLY E 1216 45.87 -34.15 15.56
N ASP E 1217 47.14 -33.72 15.55
CA ASP E 1217 48.32 -34.57 15.81
C ASP E 1217 48.45 -35.73 14.82
N LYS E 1218 48.74 -35.42 13.57
CA LYS E 1218 48.93 -36.42 12.52
C LYS E 1218 50.34 -36.39 11.94
N GLU E 1219 51.19 -35.47 12.41
CA GLU E 1219 52.58 -35.20 11.98
C GLU E 1219 52.69 -34.63 10.57
N GLY E 1220 51.57 -34.46 9.89
CA GLY E 1220 51.46 -33.77 8.63
C GLY E 1220 50.40 -32.71 8.63
N ASP E 1221 49.74 -32.53 9.77
CA ASP E 1221 48.74 -31.47 9.92
C ASP E 1221 49.40 -30.16 10.37
N VAL E 1222 50.71 -30.20 10.56
CA VAL E 1222 51.58 -29.03 10.43
C VAL E 1222 51.75 -28.76 8.93
N ILE E 1223 52.60 -27.80 8.54
CA ILE E 1223 52.50 -26.79 7.47
C ILE E 1223 51.53 -27.09 6.32
N ALA E 1224 51.34 -28.37 5.96
CA ALA E 1224 50.26 -28.75 5.05
C ALA E 1224 48.86 -28.43 5.53
N LEU E 1225 48.68 -27.93 6.75
CA LEU E 1225 47.46 -27.19 7.01
C LEU E 1225 47.52 -25.81 6.37
N MET E 1226 48.67 -25.15 6.48
CA MET E 1226 48.77 -23.76 6.10
C MET E 1226 48.82 -23.59 4.58
N TYR E 1227 49.43 -24.53 3.88
CA TYR E 1227 49.83 -24.32 2.50
C TYR E 1227 49.22 -25.31 1.51
N ASP E 1228 48.64 -26.41 1.97
CA ASP E 1228 48.04 -27.36 1.05
C ASP E 1228 46.65 -26.86 0.69
N HIS E 1229 46.51 -26.39 -0.55
CA HIS E 1229 45.24 -25.88 -1.02
C HIS E 1229 44.37 -26.97 -1.61
N GLY E 1230 44.83 -28.22 -1.52
CA GLY E 1230 43.99 -29.35 -1.86
C GLY E 1230 42.96 -29.51 -0.78
N GLN E 1231 43.33 -29.16 0.45
CA GLN E 1231 42.37 -29.07 1.53
C GLN E 1231 41.93 -27.61 1.64
N SER E 1232 40.69 -27.39 2.07
CA SER E 1232 40.14 -26.05 2.06
C SER E 1232 40.56 -25.31 3.33
N ASP E 1233 40.00 -24.12 3.54
CA ASP E 1233 40.24 -23.35 4.75
C ASP E 1233 39.47 -23.98 5.90
N PRO E 1234 40.11 -24.22 7.04
CA PRO E 1234 39.34 -24.63 8.22
C PRO E 1234 38.39 -23.56 8.72
N ALA E 1235 38.74 -22.29 8.51
CA ALA E 1235 37.84 -21.22 8.90
C ALA E 1235 36.62 -21.17 8.00
N ARG E 1236 36.79 -21.32 6.70
CA ARG E 1236 35.69 -21.28 5.75
C ARG E 1236 35.83 -22.49 4.84
N PRO E 1237 35.11 -23.58 5.15
CA PRO E 1237 35.34 -24.84 4.44
C PRO E 1237 34.91 -24.81 3.01
N PHE E 1238 34.02 -23.91 2.64
CA PHE E 1238 33.55 -23.75 1.27
C PHE E 1238 34.52 -22.98 0.40
N ALA E 1239 35.73 -22.69 0.86
CA ALA E 1239 36.73 -22.04 0.04
C ALA E 1239 38.10 -22.53 0.46
N ALA E 1240 39.03 -22.52 -0.50
CA ALA E 1240 40.39 -22.93 -0.18
C ALA E 1240 41.06 -21.89 0.71
N THR E 1241 41.22 -20.67 0.22
CA THR E 1241 41.57 -19.55 1.06
C THR E 1241 40.58 -18.44 0.81
N ALA E 1242 40.88 -17.28 1.36
CA ALA E 1242 40.20 -16.06 0.94
C ALA E 1242 41.12 -15.12 0.18
N ASN E 1243 42.41 -15.42 0.14
CA ASN E 1243 43.40 -14.67 -0.63
C ASN E 1243 44.32 -15.67 -1.29
N PRO E 1244 44.48 -15.64 -2.60
CA PRO E 1244 45.53 -16.45 -3.22
C PRO E 1244 46.90 -15.81 -3.22
N TRP E 1245 46.98 -14.48 -3.15
CA TRP E 1245 48.24 -13.79 -3.33
C TRP E 1245 49.17 -13.86 -2.12
N ALA E 1246 48.68 -14.16 -0.94
CA ALA E 1246 49.57 -14.15 0.21
C ALA E 1246 49.61 -15.52 0.85
N SER E 1247 48.47 -16.20 0.81
CA SER E 1247 48.31 -17.41 1.61
C SER E 1247 49.04 -18.60 1.01
N GLN E 1248 49.45 -18.51 -0.25
CA GLN E 1248 50.07 -19.67 -0.86
C GLN E 1248 51.57 -19.69 -0.56
N ARG E 1249 52.15 -20.88 -0.67
CA ARG E 1249 53.59 -20.96 -0.52
C ARG E 1249 54.26 -20.36 -1.74
N PHE E 1250 55.32 -19.59 -1.49
CA PHE E 1250 56.06 -18.79 -2.47
C PHE E 1250 55.23 -17.67 -3.09
N SER E 1251 54.03 -17.44 -2.58
CA SER E 1251 53.21 -16.32 -3.00
C SER E 1251 53.77 -15.05 -2.36
N TYR E 1252 53.30 -13.91 -2.83
CA TYR E 1252 53.90 -12.61 -2.52
C TYR E 1252 53.85 -12.26 -1.05
N GLY E 1253 52.84 -12.74 -0.34
CA GLY E 1253 52.83 -12.58 1.10
C GLY E 1253 53.97 -13.33 1.76
N ASP E 1254 54.17 -14.59 1.39
CA ASP E 1254 55.20 -15.40 2.01
C ASP E 1254 56.59 -14.97 1.58
N LEU E 1255 56.69 -14.36 0.40
CA LEU E 1255 57.98 -13.84 -0.04
C LEU E 1255 58.41 -12.67 0.81
N LEU E 1256 57.49 -11.78 1.15
CA LEU E 1256 57.86 -10.61 1.94
C LEU E 1256 58.08 -10.95 3.40
N TYR E 1257 57.10 -11.58 4.03
CA TYR E 1257 56.95 -11.48 5.47
C TYR E 1257 57.40 -12.71 6.24
N ASN E 1258 57.62 -13.83 5.58
CA ASN E 1258 58.20 -14.97 6.27
C ASN E 1258 59.66 -14.68 6.58
N GLY E 1259 60.07 -15.10 7.76
CA GLY E 1259 61.43 -14.84 8.20
C GLY E 1259 62.47 -15.75 7.64
N ALA E 1260 62.07 -16.74 6.84
CA ALA E 1260 63.05 -17.59 6.18
C ALA E 1260 63.83 -16.81 5.14
N TYR E 1261 63.21 -15.79 4.56
CA TYR E 1261 63.94 -14.97 3.61
C TYR E 1261 64.53 -13.74 4.26
N HIS E 1262 63.81 -13.19 5.26
CA HIS E 1262 64.06 -11.91 5.91
C HIS E 1262 64.54 -10.83 4.94
N LEU E 1263 63.69 -10.54 3.94
CA LEU E 1263 63.87 -9.36 3.09
C LEU E 1263 63.99 -8.12 3.93
N ASN E 1264 63.17 -8.02 4.96
CA ASN E 1264 63.39 -7.01 5.96
C ASN E 1264 64.01 -7.66 7.20
N GLY E 1265 64.68 -6.82 7.96
CA GLY E 1265 65.32 -7.18 9.21
C GLY E 1265 66.81 -7.21 9.10
N ALA E 1266 67.37 -6.03 9.31
CA ALA E 1266 68.64 -5.75 9.96
C ALA E 1266 68.30 -4.47 10.70
N SER E 1267 67.02 -4.11 10.61
CA SER E 1267 66.26 -2.90 10.83
C SER E 1267 65.51 -2.96 12.15
N PRO E 1268 65.37 -1.83 12.83
CA PRO E 1268 64.72 -1.86 14.15
C PRO E 1268 63.23 -2.00 14.08
N VAL E 1269 62.59 -1.49 13.02
CA VAL E 1269 61.14 -1.34 12.97
C VAL E 1269 60.47 -2.70 12.89
N LEU E 1270 59.62 -2.97 13.87
CA LEU E 1270 58.91 -4.23 13.95
C LEU E 1270 57.95 -4.41 12.80
N SER E 1271 58.14 -5.49 12.07
CA SER E 1271 57.13 -5.97 11.14
C SER E 1271 56.03 -6.62 11.96
N PRO E 1272 54.80 -6.14 11.91
CA PRO E 1272 53.74 -6.80 12.68
C PRO E 1272 53.37 -8.15 12.11
N CYS E 1273 53.57 -8.33 10.81
CA CYS E 1273 53.15 -9.55 10.14
C CYS E 1273 54.11 -10.70 10.31
N PHE E 1274 55.15 -10.55 11.12
CA PHE E 1274 56.12 -11.62 11.28
C PHE E 1274 55.50 -12.80 12.01
N LYS E 1275 54.54 -12.54 12.89
CA LYS E 1275 53.95 -13.62 13.67
C LYS E 1275 52.96 -14.42 12.83
N PHE E 1276 52.44 -13.83 11.78
CA PHE E 1276 51.38 -14.45 11.00
C PHE E 1276 51.98 -15.35 9.91
N PHE E 1277 53.07 -14.90 9.30
CA PHE E 1277 53.46 -15.48 8.02
C PHE E 1277 54.73 -16.31 8.08
N THR E 1278 55.22 -16.60 9.26
CA THR E 1278 56.31 -17.54 9.40
C THR E 1278 55.74 -18.86 9.85
N ALA E 1279 55.72 -19.83 8.94
CA ALA E 1279 55.20 -21.15 9.27
C ALA E 1279 56.08 -21.86 10.28
N ALA E 1280 57.37 -21.49 10.32
CA ALA E 1280 58.25 -22.00 11.36
C ALA E 1280 57.81 -21.52 12.74
N ASP E 1281 57.21 -20.34 12.81
CA ASP E 1281 56.65 -19.87 14.06
C ASP E 1281 55.34 -20.59 14.40
N ILE E 1282 54.77 -21.30 13.44
CA ILE E 1282 53.73 -22.26 13.75
C ILE E 1282 54.34 -23.63 14.04
N THR E 1283 55.35 -24.02 13.24
CA THR E 1283 55.89 -25.37 13.28
C THR E 1283 56.60 -25.67 14.60
N ALA E 1284 57.17 -24.64 15.23
CA ALA E 1284 57.94 -24.87 16.45
C ALA E 1284 57.05 -25.08 17.67
N LYS E 1285 55.73 -24.95 17.51
CA LYS E 1285 54.85 -24.97 18.67
C LYS E 1285 54.08 -26.28 18.75
N HIS E 1286 53.81 -26.70 19.98
CA HIS E 1286 53.07 -27.93 20.25
C HIS E 1286 51.61 -27.60 20.54
N ARG E 1287 50.85 -28.62 20.90
CA ARG E 1287 49.42 -28.58 20.74
C ARG E 1287 48.60 -29.09 21.92
N CYS E 1288 49.24 -29.62 22.97
CA CYS E 1288 48.46 -30.15 24.08
C CYS E 1288 47.97 -29.01 24.98
N LEU E 1289 46.66 -28.96 25.21
CA LEU E 1289 46.07 -27.80 25.87
C LEU E 1289 46.23 -27.82 27.38
N GLU E 1290 46.78 -28.90 27.95
CA GLU E 1290 47.26 -28.86 29.33
C GLU E 1290 48.33 -27.79 29.51
N ARG E 1291 49.21 -27.66 28.52
CA ARG E 1291 50.37 -26.79 28.67
C ARG E 1291 50.18 -25.46 27.95
N LEU E 1292 49.27 -25.41 26.98
CA LEU E 1292 49.21 -24.25 26.09
C LEU E 1292 48.65 -22.99 26.73
N ILE E 1293 47.63 -23.12 27.59
CA ILE E 1293 46.87 -21.93 27.95
C ILE E 1293 47.60 -21.08 28.98
N VAL E 1294 48.65 -21.61 29.59
CA VAL E 1294 49.31 -20.83 30.63
C VAL E 1294 50.34 -19.88 30.04
N GLU E 1295 50.85 -20.14 28.84
CA GLU E 1295 51.71 -19.14 28.23
C GLU E 1295 50.93 -17.98 27.66
N THR E 1296 49.61 -18.10 27.56
CA THR E 1296 48.78 -16.97 27.18
C THR E 1296 48.79 -15.90 28.26
N GLY E 1297 49.06 -16.28 29.50
CA GLY E 1297 49.29 -15.28 30.53
C GLY E 1297 50.62 -14.57 30.32
N SER E 1298 51.69 -15.34 30.14
CA SER E 1298 53.04 -14.79 30.06
C SER E 1298 53.72 -15.32 28.80
N ALA E 1299 53.75 -14.49 27.77
CA ALA E 1299 54.46 -14.76 26.54
C ALA E 1299 55.32 -13.57 26.20
N VAL E 1300 56.14 -13.70 25.16
CA VAL E 1300 57.04 -12.62 24.77
C VAL E 1300 56.41 -11.84 23.63
N SER E 1301 56.19 -10.55 23.84
CA SER E 1301 55.80 -9.70 22.73
C SER E 1301 56.98 -9.47 21.82
N THR E 1302 56.70 -9.37 20.52
CA THR E 1302 57.74 -8.94 19.61
C THR E 1302 57.97 -7.45 19.65
N ALA E 1303 57.07 -6.70 20.29
CA ALA E 1303 57.15 -5.26 20.42
C ALA E 1303 57.59 -4.89 21.82
N THR E 1304 58.22 -3.73 21.94
CA THR E 1304 58.64 -3.18 23.21
C THR E 1304 58.14 -1.75 23.30
N ALA E 1305 57.70 -1.35 24.49
CA ALA E 1305 57.21 0.01 24.66
C ALA E 1305 58.32 1.01 24.93
N ALA E 1306 59.56 0.56 25.01
CA ALA E 1306 60.65 1.41 25.50
C ALA E 1306 61.30 2.27 24.43
N SER E 1307 60.71 2.39 23.24
CA SER E 1307 61.24 3.25 22.21
C SER E 1307 60.12 4.08 21.59
N ASP E 1308 60.53 5.13 20.88
CA ASP E 1308 59.57 6.15 20.44
C ASP E 1308 58.71 5.65 19.29
N VAL E 1309 59.33 5.16 18.24
CA VAL E 1309 58.65 4.32 17.27
C VAL E 1309 58.95 2.88 17.66
N GLN E 1310 57.90 2.06 17.70
CA GLN E 1310 57.99 0.71 18.25
C GLN E 1310 58.95 -0.15 17.43
N PHE E 1311 59.67 -1.03 18.11
CA PHE E 1311 60.75 -1.73 17.48
C PHE E 1311 60.57 -3.23 17.52
N LYS E 1312 61.31 -3.90 16.65
CA LYS E 1312 61.56 -5.32 16.82
C LYS E 1312 62.29 -5.50 18.13
N ARG E 1313 61.91 -6.53 18.87
CA ARG E 1313 62.30 -6.67 20.26
C ARG E 1313 63.81 -6.87 20.43
N PRO E 1314 64.49 -5.99 21.14
CA PRO E 1314 65.93 -6.17 21.38
C PRO E 1314 66.15 -7.30 22.37
N PRO E 1315 67.41 -7.69 22.59
CA PRO E 1315 67.69 -8.63 23.69
C PRO E 1315 67.58 -8.03 25.08
N GLY E 1316 67.13 -6.79 25.22
CA GLY E 1316 66.62 -6.30 26.49
C GLY E 1316 65.51 -7.21 26.96
N CYS E 1317 65.72 -7.87 28.09
CA CYS E 1317 65.51 -9.30 28.29
C CYS E 1317 64.13 -9.77 27.84
N ARG E 1318 63.03 -9.36 28.49
CA ARG E 1318 61.74 -10.00 28.27
C ARG E 1318 60.64 -8.95 28.42
N GLU E 1319 59.41 -9.40 28.16
CA GLU E 1319 58.25 -8.52 28.30
C GLU E 1319 57.23 -9.06 29.29
N LEU E 1320 56.90 -10.35 29.16
CA LEU E 1320 55.80 -11.04 29.84
C LEU E 1320 54.47 -10.32 29.57
N VAL E 1321 54.17 -10.25 28.28
CA VAL E 1321 52.92 -9.69 27.78
C VAL E 1321 51.87 -10.79 27.87
N GLU E 1322 50.61 -10.45 27.65
CA GLU E 1322 49.56 -11.44 27.58
C GLU E 1322 49.42 -11.99 26.17
N ASP E 1323 49.03 -11.17 25.19
CA ASP E 1323 49.03 -11.44 23.74
C ASP E 1323 48.32 -12.71 23.30
N PRO E 1324 46.99 -12.70 23.18
CA PRO E 1324 46.29 -13.90 22.67
C PRO E 1324 46.46 -14.13 21.18
N CYS E 1325 47.13 -13.23 20.45
CA CYS E 1325 47.12 -13.30 19.00
C CYS E 1325 47.95 -14.46 18.45
N GLY E 1326 48.99 -14.88 19.16
CA GLY E 1326 49.76 -16.01 18.68
C GLY E 1326 49.06 -17.34 18.85
N LEU E 1327 48.44 -17.56 20.01
CA LEU E 1327 47.86 -18.86 20.33
C LEU E 1327 46.60 -19.12 19.50
N PHE E 1328 45.89 -18.06 19.13
CA PHE E 1328 44.72 -18.26 18.30
C PHE E 1328 44.97 -18.01 16.81
N GLN E 1329 46.09 -17.35 16.47
CA GLN E 1329 46.42 -16.95 15.10
C GLN E 1329 45.28 -16.12 14.50
N GLU E 1330 45.03 -14.96 15.13
CA GLU E 1330 43.86 -14.17 14.80
C GLU E 1330 44.20 -12.69 14.79
N ALA E 1331 43.20 -11.87 14.48
CA ALA E 1331 43.32 -10.43 14.47
C ALA E 1331 41.93 -9.83 14.64
N TYR E 1332 41.89 -8.55 14.97
CA TYR E 1332 40.54 -8.08 15.24
C TYR E 1332 40.17 -6.92 14.34
N PRO E 1333 38.95 -6.88 13.83
CA PRO E 1333 38.49 -5.72 13.09
C PRO E 1333 37.95 -4.67 14.03
N ILE E 1334 38.19 -3.40 13.68
CA ILE E 1334 37.74 -2.28 14.48
C ILE E 1334 36.65 -1.52 13.75
N THR E 1335 36.11 -0.52 14.42
CA THR E 1335 35.17 0.37 13.79
C THR E 1335 35.86 1.18 12.71
N CYS E 1336 35.62 0.81 11.47
CA CYS E 1336 36.16 1.55 10.34
C CYS E 1336 35.11 1.57 9.23
N ALA E 1337 35.20 2.57 8.38
CA ALA E 1337 34.28 2.71 7.28
C ALA E 1337 34.95 3.48 6.16
N SER E 1338 34.48 3.25 4.94
CA SER E 1338 35.08 3.84 3.76
C SER E 1338 34.88 5.33 3.69
N ASP E 1339 33.79 5.86 4.23
CA ASP E 1339 33.53 7.28 4.23
C ASP E 1339 33.19 7.75 5.63
N PRO E 1340 33.35 9.05 5.93
CA PRO E 1340 32.83 9.58 7.20
C PRO E 1340 31.33 9.51 7.27
N ALA E 1341 30.66 9.57 6.12
CA ALA E 1341 29.21 9.47 6.04
C ALA E 1341 28.68 8.14 6.58
N LEU E 1342 29.50 7.11 6.59
CA LEU E 1342 29.09 5.92 7.30
C LEU E 1342 29.51 6.00 8.77
N LEU E 1343 30.59 6.72 9.04
CA LEU E 1343 31.16 6.71 10.38
C LEU E 1343 30.32 7.54 11.34
N ARG E 1344 29.59 8.51 10.83
CA ARG E 1344 28.63 9.22 11.68
C ARG E 1344 27.50 8.31 12.11
N SER E 1345 27.04 7.45 11.19
CA SER E 1345 26.02 6.48 11.55
C SER E 1345 26.58 5.37 12.41
N ALA E 1346 27.91 5.26 12.49
CA ALA E 1346 28.51 4.20 13.28
C ALA E 1346 28.46 4.49 14.77
N ARG E 1347 28.13 5.74 15.14
CA ARG E 1347 28.02 6.08 16.54
C ARG E 1347 26.79 5.44 17.16
N ASP E 1348 26.80 5.34 18.49
CA ASP E 1348 25.79 4.69 19.32
C ASP E 1348 25.57 3.24 18.93
N GLY E 1349 26.64 2.55 18.55
CA GLY E 1349 26.56 1.13 18.41
C GLY E 1349 26.25 0.66 17.01
N GLU E 1350 25.96 -0.63 16.93
CA GLU E 1350 25.56 -1.30 15.70
C GLU E 1350 24.06 -1.45 15.58
N ALA E 1351 23.31 -0.59 16.27
CA ALA E 1351 21.85 -0.62 16.21
C ALA E 1351 21.34 -0.21 14.84
N HIS E 1352 21.87 0.89 14.32
CA HIS E 1352 21.32 1.51 13.13
C HIS E 1352 22.38 2.02 12.17
N ALA E 1353 23.61 1.52 12.26
CA ALA E 1353 24.67 1.95 11.36
C ALA E 1353 24.46 1.39 9.96
N ARG E 1354 24.64 2.25 8.95
CA ARG E 1354 24.54 1.84 7.55
C ARG E 1354 25.75 0.96 7.23
N GLU E 1355 25.54 -0.35 7.18
CA GLU E 1355 26.63 -1.28 6.91
C GLU E 1355 27.22 -1.11 5.51
N THR E 1356 26.42 -0.74 4.53
CA THR E 1356 26.95 -0.48 3.21
C THR E 1356 26.16 0.62 2.52
N HIS E 1357 26.61 0.98 1.32
CA HIS E 1357 25.90 1.94 0.47
C HIS E 1357 26.24 1.54 -0.96
N PHE E 1358 26.17 2.50 -1.88
CA PHE E 1358 26.45 2.37 -3.34
C PHE E 1358 27.71 1.54 -3.56
N THR E 1359 28.89 2.03 -3.20
CA THR E 1359 30.10 1.25 -3.16
C THR E 1359 30.78 1.37 -1.81
N GLN E 1360 30.17 2.10 -0.90
CA GLN E 1360 30.79 2.50 0.33
C GLN E 1360 30.35 1.55 1.43
N TYR E 1361 31.29 1.24 2.31
CA TYR E 1361 31.14 0.08 3.17
C TYR E 1361 31.73 0.37 4.54
N LEU E 1362 31.12 -0.23 5.55
CA LEU E 1362 31.51 -0.03 6.94
C LEU E 1362 31.86 -1.38 7.56
N ILE E 1363 32.85 -1.36 8.45
CA ILE E 1363 33.10 -2.51 9.31
C ILE E 1363 32.93 -2.06 10.74
N TYR E 1364 31.91 -2.61 11.40
CA TYR E 1364 31.70 -2.36 12.80
C TYR E 1364 32.75 -3.15 13.60
N ASP E 1365 33.00 -2.70 14.82
CA ASP E 1365 33.99 -3.31 15.71
C ASP E 1365 33.61 -4.74 16.04
N ALA E 1366 34.62 -5.57 16.31
CA ALA E 1366 34.48 -6.89 16.89
C ALA E 1366 35.81 -7.19 17.56
N SER E 1367 35.81 -7.16 18.88
CA SER E 1367 37.05 -7.06 19.64
C SER E 1367 36.78 -7.36 21.10
N PRO E 1368 37.81 -7.62 21.91
CA PRO E 1368 37.63 -7.45 23.36
C PRO E 1368 37.30 -6.03 23.74
N LEU E 1369 37.65 -5.05 22.92
CA LEU E 1369 37.39 -3.65 23.21
C LEU E 1369 35.93 -3.25 23.04
N LYS E 1370 35.05 -4.15 22.58
CA LYS E 1370 33.67 -3.75 22.39
C LYS E 1370 32.99 -3.55 23.73
N GLY E 1371 32.09 -2.57 23.77
CA GLY E 1371 31.52 -2.12 25.01
C GLY E 1371 32.31 -1.06 25.74
N LEU E 1372 33.62 -0.95 25.48
CA LEU E 1372 34.45 -0.03 26.23
C LEU E 1372 34.47 1.33 25.55
N SER E 1373 35.04 2.31 26.25
CA SER E 1373 34.90 3.72 25.85
C SER E 1373 35.96 4.12 24.82
N LEU E 1374 37.22 3.93 25.16
CA LEU E 1374 38.33 4.37 24.31
C LEU E 1374 38.43 3.63 22.98
N GLY F 10 86.14 -46.70 50.27
CA GLY F 10 87.19 -45.80 49.85
C GLY F 10 86.68 -44.70 48.95
N TYR F 11 85.75 -45.07 48.05
CA TYR F 11 85.14 -44.12 47.14
C TYR F 11 84.32 -43.08 47.90
N ARG F 12 83.45 -43.55 48.78
CA ARG F 12 82.75 -42.69 49.72
C ARG F 12 83.70 -42.49 50.91
N TYR F 13 84.29 -41.29 51.01
CA TYR F 13 85.37 -41.08 51.96
C TYR F 13 84.89 -41.05 53.40
N ALA F 14 83.68 -40.54 53.65
CA ALA F 14 83.14 -40.52 54.99
C ALA F 14 82.82 -41.93 55.50
N ALA F 15 82.66 -42.91 54.60
CA ALA F 15 82.58 -44.29 55.03
C ALA F 15 83.91 -44.80 55.55
N ALA F 16 85.02 -44.37 54.97
CA ALA F 16 86.34 -44.81 55.40
C ALA F 16 86.85 -44.09 56.64
N ILE F 17 86.06 -43.18 57.22
CA ILE F 17 86.40 -42.61 58.51
C ILE F 17 86.34 -43.66 59.60
N LEU F 18 85.48 -44.65 59.45
CA LEU F 18 85.66 -45.91 60.17
C LEU F 18 86.33 -46.89 59.20
N PRO F 19 87.56 -47.32 59.48
CA PRO F 19 88.21 -48.30 58.58
C PRO F 19 87.67 -49.71 58.71
N THR F 20 87.12 -50.07 59.89
CA THR F 20 86.55 -51.36 60.30
C THR F 20 87.25 -52.61 59.74
N GLY F 21 88.57 -52.63 59.81
CA GLY F 21 89.34 -53.73 59.27
C GLY F 21 90.82 -53.40 59.21
N SER F 22 91.63 -54.42 58.96
CA SER F 22 93.08 -54.31 59.06
C SER F 22 93.68 -53.89 57.72
N ILE F 23 94.12 -52.63 57.64
CA ILE F 23 95.11 -52.25 56.65
C ILE F 23 96.42 -52.92 57.01
N LEU F 24 96.75 -54.02 56.33
CA LEU F 24 97.66 -55.00 56.92
C LEU F 24 98.84 -55.40 56.04
N SER F 25 98.72 -55.36 54.71
CA SER F 25 99.78 -55.89 53.86
C SER F 25 100.99 -54.98 53.79
N THR F 26 100.76 -53.69 53.54
CA THR F 26 101.75 -52.62 53.39
C THR F 26 102.77 -52.95 52.29
N ILE F 27 102.23 -53.15 51.08
CA ILE F 27 103.05 -53.42 49.91
C ILE F 27 102.74 -52.30 48.92
N GLU F 28 103.56 -52.15 47.89
CA GLU F 28 103.48 -51.03 46.94
C GLU F 28 102.21 -51.16 46.11
N VAL F 29 101.18 -50.42 46.53
CA VAL F 29 99.89 -50.45 45.85
C VAL F 29 100.01 -49.82 44.47
N ALA F 30 99.26 -50.37 43.51
CA ALA F 30 99.05 -49.92 42.13
C ALA F 30 100.27 -50.10 41.24
N SER F 31 101.41 -50.48 41.82
CA SER F 31 102.45 -51.12 41.03
C SER F 31 102.15 -52.59 40.84
N HIS F 32 101.19 -53.11 41.61
CA HIS F 32 100.58 -54.39 41.33
C HIS F 32 99.55 -54.21 40.22
N ARG F 33 98.70 -55.24 40.06
CA ARG F 33 97.93 -55.53 38.85
C ARG F 33 96.97 -54.43 38.40
N ARG F 34 96.79 -53.35 39.17
CA ARG F 34 95.81 -52.30 38.95
C ARG F 34 94.42 -52.86 38.69
N LEU F 35 94.04 -53.89 39.44
CA LEU F 35 92.81 -54.65 39.21
C LEU F 35 91.62 -53.93 39.81
N PHE F 36 91.88 -52.79 40.44
CA PHE F 36 90.87 -52.08 41.18
C PHE F 36 89.91 -51.39 40.23
N ASP F 37 88.62 -51.43 40.55
CA ASP F 37 87.66 -50.68 39.76
C ASP F 37 87.80 -49.18 39.97
N PHE F 38 88.25 -48.76 41.15
CA PHE F 38 88.53 -47.37 41.37
C PHE F 38 89.60 -47.24 42.44
N PHE F 39 90.59 -46.40 42.16
CA PHE F 39 91.71 -46.17 43.07
C PHE F 39 92.29 -44.82 42.72
N ALA F 40 92.77 -44.11 43.73
CA ALA F 40 93.30 -42.77 43.50
C ALA F 40 94.63 -42.64 44.23
N ALA F 41 95.70 -42.44 43.48
CA ALA F 41 97.03 -42.29 44.04
C ALA F 41 97.21 -40.83 44.40
N VAL F 42 97.01 -40.50 45.66
CA VAL F 42 96.90 -39.13 46.08
C VAL F 42 98.12 -38.77 46.92
N ARG F 43 98.60 -37.54 46.72
CA ARG F 43 99.57 -36.89 47.60
C ARG F 43 98.89 -36.41 48.87
N SER F 44 99.51 -35.44 49.56
CA SER F 44 99.06 -35.04 50.90
C SER F 44 97.61 -34.54 50.92
N ASP F 45 97.17 -33.86 49.86
CA ASP F 45 95.80 -33.39 49.83
C ASP F 45 95.30 -33.26 48.39
N GLU F 46 93.98 -33.24 48.26
CA GLU F 46 93.28 -32.97 47.01
C GLU F 46 91.88 -32.47 47.34
N ASN F 47 91.39 -31.51 46.55
CA ASN F 47 90.16 -30.79 46.85
C ASN F 47 88.93 -31.68 46.82
N SER F 48 88.98 -32.81 46.10
CA SER F 48 87.82 -33.66 45.98
C SER F 48 87.55 -34.44 47.25
N LEU F 49 88.52 -34.44 48.18
CA LEU F 49 88.36 -35.09 49.47
C LEU F 49 87.31 -34.44 50.35
N TYR F 50 86.95 -33.19 50.07
CA TYR F 50 86.16 -32.41 50.99
C TYR F 50 84.77 -32.11 50.43
N ASP F 51 84.48 -32.60 49.24
CA ASP F 51 83.21 -32.36 48.57
C ASP F 51 82.08 -33.10 49.28
N VAL F 52 80.96 -32.41 49.51
CA VAL F 52 79.81 -33.02 50.15
C VAL F 52 78.60 -32.82 49.24
N GLU F 53 77.96 -33.91 48.85
CA GLU F 53 76.84 -33.85 47.95
C GLU F 53 75.78 -34.85 48.35
N PHE F 54 74.52 -34.52 48.08
CA PHE F 54 73.42 -35.44 48.29
C PHE F 54 72.26 -35.03 47.40
N ASP F 55 71.61 -36.01 46.80
CA ASP F 55 70.35 -35.79 46.09
C ASP F 55 69.23 -36.35 46.95
N ALA F 56 68.38 -35.47 47.45
CA ALA F 56 67.49 -35.80 48.55
C ALA F 56 66.07 -36.03 48.06
N LEU F 57 65.31 -36.76 48.87
CA LEU F 57 63.92 -37.08 48.59
C LEU F 57 63.08 -36.28 49.59
N LEU F 58 62.06 -35.58 49.11
CA LEU F 58 61.39 -34.60 49.96
C LEU F 58 59.89 -34.76 50.08
N GLY F 59 59.24 -35.50 49.18
CA GLY F 59 57.80 -35.47 49.23
C GLY F 59 57.05 -36.61 48.57
N SER F 60 56.00 -37.06 49.25
CA SER F 60 55.12 -38.10 48.75
C SER F 60 53.75 -37.87 49.36
N TYR F 61 52.72 -37.84 48.53
CA TYR F 61 51.38 -37.52 49.01
C TYR F 61 50.37 -38.43 48.35
N CYS F 62 49.39 -38.87 49.14
CA CYS F 62 48.33 -39.73 48.65
C CYS F 62 47.01 -39.00 48.84
N ASN F 63 46.09 -39.20 47.92
CA ASN F 63 44.75 -38.65 48.06
C ASN F 63 43.83 -39.69 48.68
N THR F 64 42.77 -39.23 49.31
CA THR F 64 41.79 -40.12 49.91
C THR F 64 40.93 -40.68 48.80
N LEU F 65 40.70 -41.99 48.81
CA LEU F 65 39.73 -42.56 47.89
C LEU F 65 38.38 -42.68 48.60
N SER F 66 37.45 -41.79 48.25
CA SER F 66 36.20 -41.66 49.01
C SER F 66 35.25 -42.79 48.66
N LEU F 67 35.05 -43.70 49.61
CA LEU F 67 34.10 -44.78 49.46
C LEU F 67 32.71 -44.26 49.82
N VAL F 68 31.92 -43.93 48.82
CA VAL F 68 30.63 -43.29 49.01
C VAL F 68 29.50 -44.30 48.80
N ARG F 69 28.74 -44.52 49.86
CA ARG F 69 27.68 -45.50 49.83
C ARG F 69 26.51 -44.96 49.03
N PHE F 70 25.68 -45.88 48.57
CA PHE F 70 24.51 -45.51 47.78
C PHE F 70 23.37 -44.99 48.64
N LEU F 71 23.31 -45.36 49.91
CA LEU F 71 22.27 -44.87 50.81
C LEU F 71 22.79 -43.64 51.55
N GLU F 72 23.36 -42.72 50.79
CA GLU F 72 23.74 -41.43 51.36
C GLU F 72 23.09 -40.31 50.56
N LEU F 73 23.22 -40.39 49.23
CA LEU F 73 22.84 -39.31 48.34
C LEU F 73 21.34 -39.11 48.26
N GLY F 74 20.91 -37.98 47.71
CA GLY F 74 19.50 -37.64 47.65
C GLY F 74 18.70 -38.53 46.72
N LEU F 75 19.35 -39.17 45.76
CA LEU F 75 18.64 -40.05 44.84
C LEU F 75 18.45 -41.45 45.40
N SER F 76 18.75 -41.67 46.68
CA SER F 76 18.31 -42.88 47.35
C SER F 76 16.83 -42.87 47.65
N VAL F 77 16.19 -41.70 47.58
CA VAL F 77 14.80 -41.57 47.99
C VAL F 77 13.88 -42.23 46.98
N ALA F 78 14.14 -42.03 45.69
CA ALA F 78 13.24 -42.54 44.68
C ALA F 78 13.28 -44.05 44.53
N CYS F 79 14.26 -44.72 45.13
CA CYS F 79 14.41 -46.15 44.90
C CYS F 79 14.24 -46.88 46.23
N VAL F 80 13.63 -48.05 46.15
CA VAL F 80 13.57 -48.97 47.26
C VAL F 80 14.29 -50.23 46.83
N CYS F 81 15.59 -50.28 47.10
CA CYS F 81 16.43 -51.42 46.73
C CYS F 81 16.19 -52.52 47.77
N THR F 82 16.14 -53.76 47.33
CA THR F 82 15.96 -54.87 48.26
C THR F 82 16.66 -56.14 47.77
N LYS F 83 17.09 -56.95 48.74
CA LYS F 83 17.88 -58.13 48.44
C LYS F 83 17.03 -59.25 47.89
N PHE F 84 17.44 -59.76 46.74
CA PHE F 84 16.88 -60.98 46.16
C PHE F 84 17.98 -61.69 45.40
N PRO F 85 18.53 -62.76 45.97
CA PRO F 85 19.45 -63.60 45.20
C PRO F 85 18.69 -64.41 44.16
N GLU F 86 19.48 -65.05 43.28
CA GLU F 86 19.02 -65.97 42.24
C GLU F 86 18.08 -65.33 41.24
N LEU F 87 18.23 -64.03 41.01
CA LEU F 87 17.43 -63.35 39.98
C LEU F 87 17.96 -63.71 38.61
N ALA F 88 19.18 -64.24 38.56
CA ALA F 88 19.69 -64.85 37.34
C ALA F 88 18.94 -66.11 36.96
N TYR F 89 18.22 -66.75 37.89
CA TYR F 89 17.60 -68.02 37.58
C TYR F 89 16.20 -67.86 37.00
N MET F 90 15.63 -66.67 37.09
CA MET F 90 14.28 -66.50 36.60
C MET F 90 14.28 -66.05 35.15
N ASN F 91 13.26 -66.50 34.41
CA ASN F 91 12.89 -65.82 33.17
C ASN F 91 11.77 -64.83 33.43
N GLU F 92 11.12 -64.95 34.59
CA GLU F 92 10.08 -64.02 35.02
C GLU F 92 9.95 -64.11 36.53
N GLY F 93 10.03 -62.96 37.20
CA GLY F 93 9.66 -62.86 38.60
C GLY F 93 8.79 -61.65 38.75
N ARG F 94 8.09 -61.35 37.67
CA ARG F 94 7.66 -59.99 37.39
C ARG F 94 6.35 -59.65 38.10
N VAL F 95 6.11 -58.35 38.28
CA VAL F 95 5.22 -57.84 39.31
C VAL F 95 3.85 -57.54 38.72
N GLN F 96 2.79 -57.92 39.45
CA GLN F 96 1.41 -57.68 39.02
C GLN F 96 0.65 -56.92 40.09
N PHE F 97 -0.09 -55.89 39.69
CA PHE F 97 -0.72 -54.95 40.61
C PHE F 97 -2.13 -54.57 40.17
N GLU F 98 -3.01 -54.34 41.14
CA GLU F 98 -4.39 -53.89 40.88
C GLU F 98 -4.44 -52.38 40.82
N VAL F 99 -5.61 -51.86 40.45
CA VAL F 99 -6.01 -50.50 40.72
C VAL F 99 -7.53 -50.44 40.78
N HIS F 100 -8.05 -49.85 41.85
CA HIS F 100 -9.48 -49.74 42.03
C HIS F 100 -9.88 -48.29 41.78
N GLN F 101 -10.11 -47.96 40.51
CA GLN F 101 -10.31 -46.58 40.11
C GLN F 101 -11.68 -46.10 40.57
N PRO F 102 -11.87 -44.81 40.83
CA PRO F 102 -13.18 -44.37 41.35
C PRO F 102 -14.27 -44.40 40.30
N LEU F 103 -15.50 -44.18 40.74
CA LEU F 103 -16.66 -44.09 39.86
C LEU F 103 -17.46 -42.86 40.26
N ILE F 104 -17.94 -42.12 39.28
CA ILE F 104 -18.69 -40.90 39.55
C ILE F 104 -20.09 -41.15 39.03
N ALA F 105 -20.59 -42.37 39.29
CA ALA F 105 -21.77 -43.01 38.71
C ALA F 105 -22.94 -42.08 38.47
N ARG F 106 -23.46 -42.11 37.26
CA ARG F 106 -24.08 -40.94 36.66
C ARG F 106 -25.58 -40.96 36.82
N ASP F 107 -26.17 -39.77 36.79
CA ASP F 107 -27.59 -39.67 36.58
C ASP F 107 -27.89 -39.66 35.08
N GLY F 108 -29.17 -39.76 34.75
CA GLY F 108 -29.57 -39.73 33.38
C GLY F 108 -29.53 -41.10 32.74
N PRO F 109 -30.13 -41.24 31.56
CA PRO F 109 -30.23 -42.57 30.94
C PRO F 109 -29.01 -42.97 30.16
N HIS F 110 -27.90 -42.22 30.24
CA HIS F 110 -26.63 -42.70 29.72
C HIS F 110 -26.25 -43.95 30.51
N PRO F 111 -25.75 -44.99 29.85
CA PRO F 111 -25.67 -46.30 30.51
C PRO F 111 -24.62 -46.38 31.62
N VAL F 112 -24.58 -47.52 32.30
CA VAL F 112 -24.05 -47.61 33.65
C VAL F 112 -22.52 -47.73 33.62
N GLU F 113 -21.87 -47.12 34.60
CA GLU F 113 -20.44 -47.29 34.84
C GLU F 113 -20.13 -48.69 35.34
N GLN F 114 -18.89 -49.15 35.15
CA GLN F 114 -18.53 -50.53 35.40
C GLN F 114 -17.10 -50.61 35.92
N PRO F 115 -16.87 -51.00 37.17
CA PRO F 115 -15.51 -50.95 37.73
C PRO F 115 -14.61 -52.05 37.22
N VAL F 116 -13.68 -51.73 36.33
CA VAL F 116 -12.67 -52.70 35.92
C VAL F 116 -11.47 -52.61 36.88
N HIS F 117 -11.47 -53.46 37.89
CA HIS F 117 -10.41 -53.51 38.88
C HIS F 117 -9.38 -54.50 38.38
N ASN F 118 -8.72 -54.13 37.29
CA ASN F 118 -7.85 -55.00 36.53
C ASN F 118 -6.51 -55.16 37.24
N TYR F 119 -5.91 -56.30 37.03
CA TYR F 119 -4.53 -56.54 37.44
C TYR F 119 -3.67 -56.29 36.22
N MET F 120 -2.86 -55.24 36.26
CA MET F 120 -1.87 -55.05 35.21
C MET F 120 -0.52 -55.56 35.68
N THR F 121 0.24 -56.14 34.77
CA THR F 121 1.56 -56.65 35.10
C THR F 121 2.65 -55.72 34.59
N LYS F 122 3.87 -55.99 35.05
CA LYS F 122 5.05 -55.36 34.48
C LYS F 122 6.06 -56.47 34.22
N VAL F 123 7.26 -56.07 33.81
CA VAL F 123 8.32 -56.97 33.39
C VAL F 123 9.63 -56.46 33.97
N ILE F 124 10.37 -57.32 34.66
CA ILE F 124 11.67 -56.94 35.22
C ILE F 124 12.72 -57.08 34.13
N ASP F 125 13.67 -56.16 34.08
CA ASP F 125 14.81 -56.25 33.18
C ASP F 125 15.93 -57.04 33.83
N ARG F 126 17.04 -57.19 33.10
CA ARG F 126 18.24 -57.80 33.65
C ARG F 126 19.43 -56.95 33.23
N ARG F 127 20.32 -56.67 34.17
CA ARG F 127 21.46 -55.81 33.90
C ARG F 127 22.76 -56.49 34.35
N ALA F 128 23.86 -56.04 33.75
CA ALA F 128 25.16 -56.68 33.94
C ALA F 128 25.97 -56.06 35.07
N LEU F 129 26.33 -54.78 34.93
CA LEU F 129 27.16 -54.02 35.87
C LEU F 129 28.50 -54.68 36.14
N ASN F 130 29.35 -54.82 35.12
CA ASN F 130 30.57 -55.56 35.27
C ASN F 130 31.76 -54.68 35.61
N ALA F 131 32.68 -55.23 36.40
CA ALA F 131 33.88 -54.53 36.82
C ALA F 131 35.02 -55.54 36.93
N ALA F 132 36.25 -55.04 36.80
CA ALA F 132 37.40 -55.92 36.79
C ALA F 132 38.62 -55.16 37.29
N PHE F 133 39.68 -55.90 37.60
CA PHE F 133 40.91 -55.27 38.05
C PHE F 133 42.08 -56.20 37.71
N SER F 134 43.22 -55.57 37.48
CA SER F 134 44.40 -56.27 37.02
C SER F 134 45.08 -56.99 38.19
N LEU F 135 46.08 -57.80 37.84
CA LEU F 135 47.01 -58.40 38.79
C LEU F 135 48.23 -58.81 37.98
N ALA F 136 49.41 -58.37 38.42
CA ALA F 136 50.60 -58.45 37.58
C ALA F 136 51.18 -59.86 37.54
N THR F 137 52.30 -60.01 36.84
CA THR F 137 52.94 -61.33 36.72
C THR F 137 53.65 -61.73 38.00
N GLU F 138 54.21 -60.78 38.73
CA GLU F 138 54.57 -61.04 40.10
C GLU F 138 53.32 -60.91 40.97
N ALA F 139 53.54 -61.01 42.28
CA ALA F 139 52.49 -61.03 43.31
C ALA F 139 51.50 -62.16 43.06
N ILE F 140 51.97 -63.24 42.44
CA ILE F 140 51.17 -64.43 42.24
C ILE F 140 51.83 -65.50 43.10
N ALA F 141 53.14 -65.61 42.96
CA ALA F 141 53.92 -66.31 43.98
C ALA F 141 53.78 -65.62 45.32
N LEU F 142 53.84 -64.29 45.33
CA LEU F 142 53.48 -63.50 46.50
C LEU F 142 51.95 -63.52 46.61
N LEU F 143 51.46 -63.16 47.80
CA LEU F 143 50.07 -63.25 48.25
C LEU F 143 49.56 -64.70 48.30
N THR F 144 50.46 -65.66 48.10
CA THR F 144 50.13 -67.08 48.25
C THR F 144 51.11 -67.75 49.19
N GLY F 145 52.38 -67.39 49.09
CA GLY F 145 53.42 -67.96 49.93
C GLY F 145 54.52 -68.69 49.20
N GLU F 146 54.71 -68.43 47.91
CA GLU F 146 55.73 -69.17 47.17
C GLU F 146 57.09 -68.49 47.28
N ALA F 147 57.20 -67.25 46.82
CA ALA F 147 58.48 -66.57 46.69
C ALA F 147 58.71 -65.71 47.92
N LEU F 148 59.16 -66.34 49.00
CA LEU F 148 59.53 -65.62 50.20
C LEU F 148 60.94 -66.05 50.59
N ASP F 149 61.45 -65.41 51.64
CA ASP F 149 62.75 -65.74 52.21
C ASP F 149 62.75 -65.22 53.64
N GLY F 150 63.85 -65.47 54.34
CA GLY F 150 64.01 -64.92 55.66
C GLY F 150 64.35 -63.46 55.69
N THR F 151 64.61 -62.86 54.53
CA THR F 151 64.83 -61.42 54.46
C THR F 151 63.53 -60.70 54.75
N GLY F 152 63.64 -59.60 55.50
CA GLY F 152 62.51 -58.71 55.66
C GLY F 152 62.10 -58.06 54.37
N ILE F 153 63.05 -57.94 53.42
CA ILE F 153 62.76 -57.47 52.07
C ILE F 153 61.73 -58.35 51.40
N SER F 154 61.84 -59.67 51.61
CA SER F 154 60.82 -60.59 51.13
C SER F 154 59.49 -60.29 51.80
N LEU F 155 59.51 -59.99 53.09
CA LEU F 155 58.29 -59.57 53.75
C LEU F 155 57.90 -58.15 53.35
N HIS F 156 58.89 -57.30 53.06
CA HIS F 156 58.56 -55.92 52.71
C HIS F 156 57.94 -55.80 51.33
N ARG F 157 58.41 -56.58 50.35
CA ARG F 157 57.68 -56.53 49.10
C ARG F 157 56.42 -57.38 49.15
N GLN F 158 56.28 -58.24 50.16
CA GLN F 158 55.00 -58.87 50.37
C GLN F 158 53.99 -57.87 50.91
N LEU F 159 54.47 -56.87 51.64
CA LEU F 159 53.62 -55.76 52.04
C LEU F 159 53.11 -55.00 50.83
N ARG F 160 53.99 -54.68 49.87
CA ARG F 160 53.60 -53.80 48.78
C ARG F 160 52.74 -54.49 47.73
N ALA F 161 52.41 -55.76 47.91
CA ALA F 161 51.31 -56.35 47.15
C ALA F 161 50.01 -56.24 47.92
N ILE F 162 50.09 -56.36 49.25
CA ILE F 162 48.91 -56.18 50.10
C ILE F 162 48.41 -54.76 50.01
N GLN F 163 49.32 -53.79 50.04
CA GLN F 163 48.92 -52.41 49.84
C GLN F 163 48.66 -52.09 48.38
N GLN F 164 48.75 -53.08 47.50
CA GLN F 164 48.18 -52.90 46.18
C GLN F 164 46.75 -53.41 46.11
N LEU F 165 46.47 -54.58 46.67
CA LEU F 165 45.09 -55.07 46.69
C LEU F 165 44.20 -54.24 47.58
N ALA F 166 44.72 -53.76 48.71
CA ALA F 166 43.91 -53.04 49.68
C ALA F 166 43.41 -51.71 49.13
N ARG F 167 44.05 -51.19 48.08
CA ARG F 167 43.48 -50.06 47.38
C ARG F 167 42.55 -50.53 46.26
N ASN F 168 42.81 -51.71 45.71
CA ASN F 168 42.01 -52.18 44.57
C ASN F 168 40.66 -52.75 44.99
N VAL F 169 40.60 -53.44 46.14
CA VAL F 169 39.35 -54.06 46.56
C VAL F 169 38.31 -52.99 46.88
N GLN F 170 38.73 -51.89 47.49
CA GLN F 170 37.83 -50.77 47.72
C GLN F 170 37.45 -50.10 46.42
N ALA F 171 38.34 -50.17 45.42
CA ALA F 171 38.04 -49.57 44.13
C ALA F 171 36.93 -50.30 43.40
N VAL F 172 36.95 -51.63 43.40
CA VAL F 172 35.87 -52.33 42.72
C VAL F 172 34.62 -52.39 43.58
N LEU F 173 34.76 -52.49 44.90
CA LEU F 173 33.57 -52.46 45.75
C LEU F 173 32.96 -51.08 45.79
N GLY F 174 33.79 -50.04 45.63
CA GLY F 174 33.26 -48.73 45.39
C GLY F 174 32.52 -48.62 44.09
N ALA F 175 33.00 -49.31 43.05
CA ALA F 175 32.50 -49.10 41.70
C ALA F 175 31.07 -49.61 41.54
N PHE F 176 30.63 -50.51 42.41
CA PHE F 176 29.23 -50.89 42.38
C PHE F 176 28.33 -49.81 42.95
N GLU F 177 28.71 -49.22 44.08
CA GLU F 177 27.88 -48.17 44.66
C GLU F 177 27.87 -46.94 43.78
N ARG F 178 28.99 -46.65 43.13
CA ARG F 178 29.01 -45.68 42.05
C ARG F 178 28.15 -46.16 40.89
N GLY F 179 28.25 -47.44 40.57
CA GLY F 179 27.44 -47.98 39.49
C GLY F 179 25.98 -48.12 39.83
N THR F 180 25.64 -48.14 41.11
CA THR F 180 24.24 -48.26 41.50
C THR F 180 23.47 -47.01 41.13
N ALA F 181 24.07 -45.85 41.37
CA ALA F 181 23.42 -44.60 41.03
C ALA F 181 23.33 -44.41 39.52
N ASP F 182 24.33 -44.91 38.79
CA ASP F 182 24.36 -44.69 37.34
C ASP F 182 23.26 -45.47 36.64
N GLN F 183 22.86 -46.61 37.21
CA GLN F 183 21.70 -47.29 36.66
C GLN F 183 20.44 -46.50 36.87
N MET F 184 20.31 -45.85 38.03
CA MET F 184 19.09 -45.10 38.32
C MET F 184 18.96 -43.90 37.40
N LEU F 185 20.08 -43.35 36.97
CA LEU F 185 20.02 -42.28 35.99
C LEU F 185 19.67 -42.80 34.60
N HIS F 186 19.94 -44.07 34.34
CA HIS F 186 19.46 -44.63 33.07
C HIS F 186 17.98 -44.98 33.16
N VAL F 187 17.58 -45.68 34.22
CA VAL F 187 16.21 -46.19 34.27
C VAL F 187 15.21 -45.11 34.61
N LEU F 188 15.63 -43.97 35.13
CA LEU F 188 14.72 -42.85 35.18
C LEU F 188 14.58 -42.19 33.81
N LEU F 189 15.71 -41.90 33.17
CA LEU F 189 15.66 -41.24 31.88
C LEU F 189 15.12 -42.13 30.78
N GLU F 190 15.13 -43.45 30.97
CA GLU F 190 14.48 -44.31 29.99
C GLU F 190 12.96 -44.20 30.08
N LYS F 191 12.43 -43.97 31.28
CA LYS F 191 10.99 -43.79 31.44
C LYS F 191 10.59 -42.33 31.62
N ALA F 192 11.48 -41.40 31.31
CA ALA F 192 11.19 -39.99 31.47
C ALA F 192 10.70 -39.42 30.14
N PRO F 193 9.46 -38.97 30.03
CA PRO F 193 9.09 -38.21 28.85
C PRO F 193 9.57 -36.78 28.97
N PRO F 194 9.81 -36.10 27.85
CA PRO F 194 10.30 -34.73 27.93
C PRO F 194 9.18 -33.77 28.34
N LEU F 195 9.42 -33.02 29.41
CA LEU F 195 8.42 -32.14 29.97
C LEU F 195 8.45 -30.82 29.21
N ALA F 196 7.93 -30.86 28.00
CA ALA F 196 7.37 -29.70 27.33
C ALA F 196 6.08 -30.26 26.74
N LEU F 197 5.93 -31.57 26.90
CA LEU F 197 4.87 -32.32 26.23
C LEU F 197 3.89 -32.91 27.20
N LEU F 198 4.27 -33.11 28.47
CA LEU F 198 3.33 -33.78 29.35
C LEU F 198 2.39 -32.81 30.03
N LEU F 199 2.78 -31.55 30.16
CA LEU F 199 1.87 -30.51 30.65
C LEU F 199 0.60 -30.32 29.81
N PRO F 200 0.57 -30.62 28.51
CA PRO F 200 -0.73 -30.83 27.87
C PRO F 200 -1.25 -32.25 27.94
N MET F 201 -0.39 -33.23 28.21
CA MET F 201 -0.83 -34.62 28.18
C MET F 201 -1.76 -34.93 29.35
N GLN F 202 -1.47 -34.38 30.53
CA GLN F 202 -2.35 -34.57 31.67
C GLN F 202 -3.67 -33.85 31.46
N ARG F 203 -3.62 -32.62 30.95
CA ARG F 203 -4.89 -31.92 30.77
C ARG F 203 -5.64 -32.38 29.55
N TYR F 204 -5.07 -33.26 28.73
CA TYR F 204 -5.91 -34.05 27.87
C TYR F 204 -6.67 -35.10 28.67
N LEU F 205 -5.97 -35.78 29.58
CA LEU F 205 -6.61 -36.79 30.41
C LEU F 205 -7.47 -36.19 31.51
N ASP F 206 -7.44 -34.86 31.70
CA ASP F 206 -8.32 -34.19 32.63
C ASP F 206 -9.70 -33.94 32.02
N ASN F 207 -10.29 -35.02 31.52
CA ASN F 207 -11.63 -35.03 30.98
C ASN F 207 -12.20 -36.40 31.29
N GLY F 208 -13.23 -36.78 30.56
CA GLY F 208 -13.70 -38.14 30.69
C GLY F 208 -12.70 -39.12 30.12
N ARG F 209 -12.63 -39.20 28.79
CA ARG F 209 -11.56 -39.60 27.88
C ARG F 209 -12.17 -39.42 26.50
N LEU F 210 -11.34 -39.28 25.48
CA LEU F 210 -11.88 -39.17 24.12
C LEU F 210 -10.96 -39.91 23.17
N ALA F 211 -11.53 -40.78 22.36
CA ALA F 211 -10.83 -41.34 21.22
C ALA F 211 -11.56 -41.07 19.92
N THR F 212 -12.39 -40.04 19.89
CA THR F 212 -13.30 -39.81 18.77
C THR F 212 -12.64 -39.16 17.58
N ARG F 213 -11.31 -39.19 17.50
CA ARG F 213 -10.45 -38.75 16.40
C ARG F 213 -10.40 -37.22 16.29
N VAL F 214 -11.27 -36.51 16.98
CA VAL F 214 -11.24 -35.07 16.99
C VAL F 214 -10.33 -34.54 18.09
N ALA F 215 -10.48 -35.12 19.28
CA ALA F 215 -9.61 -34.73 20.39
C ALA F 215 -8.20 -35.22 20.16
N ARG F 216 -8.04 -36.32 19.42
CA ARG F 216 -6.71 -36.78 19.08
C ARG F 216 -5.99 -35.77 18.20
N ALA F 217 -6.71 -35.13 17.30
CA ALA F 217 -6.11 -34.09 16.46
C ALA F 217 -5.78 -32.86 17.29
N THR F 218 -6.75 -32.39 18.09
CA THR F 218 -6.53 -31.20 18.88
C THR F 218 -5.56 -31.42 20.03
N LEU F 219 -5.31 -32.67 20.40
CA LEU F 219 -4.19 -32.93 21.26
C LEU F 219 -2.88 -32.63 20.56
N VAL F 220 -2.73 -33.12 19.33
CA VAL F 220 -1.46 -33.01 18.62
C VAL F 220 -1.19 -31.57 18.22
N ALA F 221 -2.23 -30.87 17.78
CA ALA F 221 -2.04 -29.53 17.24
C ALA F 221 -1.76 -28.51 18.35
N GLU F 222 -2.05 -28.86 19.60
CA GLU F 222 -1.56 -28.05 20.69
C GLU F 222 -0.23 -28.54 21.19
N LEU F 223 0.03 -29.84 21.07
CA LEU F 223 1.28 -30.42 21.57
C LEU F 223 2.48 -29.91 20.79
N LYS F 224 2.34 -29.78 19.49
CA LYS F 224 3.40 -29.23 18.68
C LYS F 224 3.64 -27.76 18.91
N ARG F 225 2.62 -27.02 19.36
CA ARG F 225 2.80 -25.60 19.63
C ARG F 225 3.54 -25.38 20.94
N SER F 226 3.27 -26.22 21.95
CA SER F 226 3.97 -26.09 23.22
C SER F 226 5.43 -26.47 23.10
N PHE F 227 5.77 -27.30 22.13
CA PHE F 227 7.16 -27.66 21.95
C PHE F 227 7.88 -26.66 21.05
N CYS F 228 7.17 -26.17 20.03
CA CYS F 228 7.73 -25.13 19.16
C CYS F 228 7.95 -23.83 19.87
N ASP F 229 7.26 -23.58 20.99
CA ASP F 229 7.34 -22.28 21.63
C ASP F 229 8.09 -22.31 22.95
N THR F 230 7.66 -23.14 23.89
CA THR F 230 8.27 -23.16 25.21
C THR F 230 8.89 -24.52 25.47
N SER F 231 10.15 -24.67 25.07
CA SER F 231 10.84 -25.93 25.33
C SER F 231 12.03 -25.65 26.23
N PHE F 232 12.80 -24.62 25.88
CA PHE F 232 14.01 -24.28 26.58
C PHE F 232 13.83 -23.09 27.50
N PHE F 233 12.72 -23.04 28.25
CA PHE F 233 12.18 -21.84 28.89
C PHE F 233 13.15 -21.14 29.82
N LEU F 234 13.81 -21.90 30.69
CA LEU F 234 14.91 -21.35 31.47
C LEU F 234 16.07 -21.09 30.51
N GLY F 235 16.57 -19.87 30.51
CA GLY F 235 17.45 -19.42 29.47
C GLY F 235 16.74 -18.75 28.32
N LYS F 236 15.52 -19.19 27.99
CA LYS F 236 14.72 -18.48 27.01
C LYS F 236 14.19 -17.22 27.70
N ALA F 237 13.72 -17.36 28.93
CA ALA F 237 13.37 -16.22 29.76
C ALA F 237 14.06 -16.38 31.10
N GLY F 238 15.31 -15.92 31.19
CA GLY F 238 16.02 -15.91 32.45
C GLY F 238 16.09 -14.52 33.00
N HIS F 239 15.78 -13.56 32.12
CA HIS F 239 15.62 -12.16 32.52
C HIS F 239 14.39 -11.97 33.40
N ARG F 240 13.39 -12.82 33.26
CA ARG F 240 12.16 -12.69 34.03
C ARG F 240 12.35 -13.31 35.41
N ARG F 241 11.24 -13.41 36.12
CA ARG F 241 11.07 -13.92 37.47
C ARG F 241 9.57 -13.97 37.65
N GLU F 242 9.11 -14.80 38.60
CA GLU F 242 7.70 -15.09 38.86
C GLU F 242 7.01 -15.72 37.67
N ALA F 243 7.80 -16.31 36.77
CA ALA F 243 7.30 -17.29 35.82
C ALA F 243 8.09 -18.58 36.01
N ILE F 244 9.38 -18.43 36.33
CA ILE F 244 10.19 -19.57 36.72
C ILE F 244 9.69 -20.11 38.05
N GLU F 245 9.14 -19.21 38.86
CA GLU F 245 8.32 -19.61 40.00
C GLU F 245 7.16 -20.49 39.55
N ALA F 246 6.44 -20.07 38.52
CA ALA F 246 5.33 -20.88 38.04
C ALA F 246 5.79 -22.06 37.18
N TRP F 247 7.01 -22.00 36.65
CA TRP F 247 7.48 -23.08 35.79
C TRP F 247 7.80 -24.33 36.59
N LEU F 248 8.38 -24.16 37.78
CA LEU F 248 8.75 -25.31 38.59
C LEU F 248 7.53 -25.99 39.18
N VAL F 249 6.53 -25.21 39.59
CA VAL F 249 5.48 -25.76 40.45
C VAL F 249 4.60 -26.73 39.68
N ASP F 250 4.45 -26.54 38.38
CA ASP F 250 3.80 -27.56 37.58
C ASP F 250 4.74 -28.72 37.32
N LEU F 251 6.01 -28.41 37.08
CA LEU F 251 7.04 -29.43 36.97
C LEU F 251 7.23 -30.18 38.28
N THR F 252 6.88 -29.52 39.39
CA THR F 252 6.86 -30.20 40.67
C THR F 252 5.73 -31.22 40.74
N THR F 253 4.63 -31.01 40.03
CA THR F 253 3.54 -31.95 40.11
C THR F 253 2.89 -32.23 38.75
N ALA F 254 3.69 -32.35 37.71
CA ALA F 254 3.20 -32.89 36.46
C ALA F 254 3.01 -34.39 36.51
N THR F 255 3.79 -35.08 37.32
CA THR F 255 3.70 -36.53 37.45
C THR F 255 2.65 -36.88 38.48
N GLN F 256 2.47 -38.15 38.70
CA GLN F 256 1.50 -38.53 39.72
C GLN F 256 2.13 -39.48 40.72
N PRO F 257 1.67 -39.47 41.97
CA PRO F 257 2.28 -40.34 42.99
C PRO F 257 2.10 -41.81 42.67
N SER F 258 3.15 -42.58 42.91
CA SER F 258 3.18 -43.99 42.58
C SER F 258 2.42 -44.80 43.62
N VAL F 259 2.29 -46.08 43.36
CA VAL F 259 1.60 -47.00 44.24
C VAL F 259 2.64 -47.41 45.27
N ALA F 260 2.85 -46.55 46.27
CA ALA F 260 4.05 -46.71 47.07
C ALA F 260 3.90 -45.94 48.38
N VAL F 261 4.04 -46.67 49.48
CA VAL F 261 4.36 -46.09 50.78
C VAL F 261 5.67 -46.74 51.21
N PRO F 262 6.70 -45.98 51.52
CA PRO F 262 8.03 -46.56 51.72
C PRO F 262 8.19 -47.35 53.01
N ARG F 263 7.53 -46.90 54.09
CA ARG F 263 7.56 -47.35 55.50
C ARG F 263 8.87 -46.89 56.17
N LEU F 264 9.82 -46.35 55.42
CA LEU F 264 11.05 -45.80 55.97
C LEU F 264 11.27 -44.46 55.29
N THR F 265 10.97 -43.38 56.00
CA THR F 265 10.85 -42.07 55.37
C THR F 265 12.08 -41.23 55.66
N HIS F 266 12.34 -40.31 54.73
CA HIS F 266 13.42 -39.36 54.92
C HIS F 266 12.87 -38.07 55.51
N ALA F 267 13.37 -37.70 56.69
CA ALA F 267 12.75 -36.64 57.45
C ALA F 267 13.14 -35.26 56.94
N ASP F 268 12.75 -34.23 57.69
CA ASP F 268 13.09 -32.86 57.34
C ASP F 268 13.58 -32.10 58.55
N THR F 269 13.94 -32.87 59.60
CA THR F 269 14.36 -32.49 60.95
C THR F 269 13.21 -31.95 61.79
N ARG F 270 12.05 -31.66 61.19
CA ARG F 270 10.91 -31.36 62.04
C ARG F 270 10.02 -32.57 62.15
N GLY F 271 9.28 -32.88 61.09
CA GLY F 271 8.66 -34.17 60.92
C GLY F 271 8.49 -34.54 59.47
N ARG F 272 8.78 -33.60 58.58
CA ARG F 272 8.17 -33.59 57.27
C ARG F 272 8.73 -34.65 56.33
N PRO F 273 7.88 -35.53 55.80
CA PRO F 273 8.33 -36.54 54.83
C PRO F 273 8.62 -35.95 53.46
N VAL F 274 9.59 -36.52 52.76
CA VAL F 274 10.05 -35.99 51.48
C VAL F 274 9.40 -36.76 50.35
N ASP F 275 8.86 -36.06 49.35
CA ASP F 275 8.12 -36.73 48.28
C ASP F 275 8.67 -36.53 46.88
N GLY F 276 9.94 -36.14 46.74
CA GLY F 276 10.50 -35.98 45.42
C GLY F 276 12.01 -35.90 45.47
N VAL F 277 12.64 -35.97 44.30
CA VAL F 277 14.09 -36.01 44.27
C VAL F 277 14.69 -34.81 43.55
N LEU F 278 14.34 -34.63 42.27
CA LEU F 278 14.78 -33.50 41.43
C LEU F 278 16.31 -33.46 41.30
N VAL F 279 16.84 -34.45 40.59
CA VAL F 279 18.25 -34.50 40.21
C VAL F 279 18.53 -33.46 39.14
N THR F 280 19.56 -32.64 39.34
CA THR F 280 19.92 -31.62 38.39
C THR F 280 21.43 -31.68 38.22
N THR F 281 21.97 -30.99 37.23
CA THR F 281 23.41 -30.91 37.03
C THR F 281 24.02 -29.95 38.03
N ALA F 282 25.35 -29.89 38.03
CA ALA F 282 26.04 -28.96 38.92
C ALA F 282 25.90 -27.52 38.44
N ALA F 283 25.91 -27.32 37.12
CA ALA F 283 25.94 -25.96 36.59
C ALA F 283 24.58 -25.29 36.76
N ILE F 284 23.50 -26.04 36.58
CA ILE F 284 22.18 -25.46 36.69
C ILE F 284 21.84 -25.16 38.13
N LYS F 285 22.29 -26.02 39.06
CA LYS F 285 21.90 -25.90 40.46
C LYS F 285 22.46 -24.63 41.10
N GLN F 286 23.61 -24.17 40.61
CA GLN F 286 24.19 -22.92 41.07
C GLN F 286 23.28 -21.71 40.86
N ARG F 287 22.95 -21.39 39.61
CA ARG F 287 22.18 -20.18 39.37
C ARG F 287 20.71 -20.37 39.72
N LEU F 288 20.28 -21.59 39.97
CA LEU F 288 18.91 -21.80 40.39
C LEU F 288 18.71 -21.44 41.85
N LEU F 289 19.66 -21.81 42.72
CA LEU F 289 19.43 -21.65 44.15
C LEU F 289 19.50 -20.21 44.60
N GLN F 290 20.47 -19.46 44.09
CA GLN F 290 20.73 -18.14 44.63
C GLN F 290 19.65 -17.14 44.23
N SER F 291 18.84 -17.47 43.23
CA SER F 291 17.79 -16.58 42.79
C SER F 291 16.40 -17.09 43.11
N PHE F 292 16.27 -18.34 43.55
CA PHE F 292 14.96 -18.93 43.79
C PHE F 292 15.03 -19.71 45.10
N LEU F 293 14.67 -18.99 46.16
CA LEU F 293 15.00 -19.23 47.54
C LEU F 293 14.28 -20.45 48.11
N LYS F 294 14.65 -21.05 49.26
CA LYS F 294 15.95 -21.55 49.85
C LYS F 294 15.47 -22.05 51.20
N VAL F 295 16.23 -22.92 51.86
CA VAL F 295 15.69 -23.73 52.96
C VAL F 295 16.69 -24.07 54.05
N GLU F 296 16.19 -24.74 55.08
CA GLU F 296 16.99 -25.54 55.99
C GLU F 296 17.49 -26.79 55.28
N ASP F 297 18.80 -27.04 55.34
CA ASP F 297 19.42 -28.10 54.55
C ASP F 297 20.12 -29.11 55.47
N THR F 298 19.35 -30.06 55.98
CA THR F 298 19.88 -31.22 56.68
C THR F 298 18.84 -32.34 56.63
N GLU F 299 19.21 -33.51 56.11
CA GLU F 299 18.32 -34.66 56.09
C GLU F 299 18.49 -35.39 57.42
N ALA F 300 17.44 -35.35 58.23
CA ALA F 300 17.50 -36.04 59.52
C ALA F 300 17.50 -37.55 59.36
N ASP F 301 16.79 -38.07 58.37
CA ASP F 301 16.65 -39.50 58.27
C ASP F 301 17.01 -39.95 56.88
N VAL F 302 17.84 -40.99 56.83
CA VAL F 302 18.05 -41.83 55.66
C VAL F 302 18.51 -43.19 56.17
N PRO F 303 17.64 -44.17 56.21
CA PRO F 303 17.98 -45.41 56.89
C PRO F 303 18.83 -46.33 56.05
N VAL F 304 19.74 -47.05 56.70
CA VAL F 304 20.42 -48.13 56.01
C VAL F 304 19.59 -49.40 56.15
N THR F 305 18.62 -49.53 55.26
CA THR F 305 17.78 -50.71 55.20
C THR F 305 18.47 -51.84 54.44
N TYR F 306 17.72 -52.87 54.07
CA TYR F 306 18.22 -53.91 53.20
C TYR F 306 18.25 -53.41 51.77
N GLY F 307 19.19 -52.52 51.46
CA GLY F 307 19.25 -51.95 50.12
C GLY F 307 20.62 -52.14 49.49
N GLU F 308 21.68 -51.95 50.26
CA GLU F 308 23.01 -52.19 49.73
C GLU F 308 23.64 -53.36 50.46
N MET F 309 23.76 -53.24 51.79
CA MET F 309 24.07 -54.33 52.71
C MET F 309 25.38 -55.05 52.39
N VAL F 310 26.52 -54.38 52.60
CA VAL F 310 27.84 -54.91 52.24
C VAL F 310 28.25 -56.16 53.01
N LEU F 311 27.42 -56.68 53.92
CA LEU F 311 27.69 -57.94 54.58
C LEU F 311 27.57 -59.12 53.61
N ASN F 312 26.72 -58.96 52.59
CA ASN F 312 26.67 -59.95 51.51
C ASN F 312 27.79 -59.72 50.50
N GLY F 313 28.34 -58.51 50.47
CA GLY F 313 29.39 -58.17 49.52
C GLY F 313 30.76 -58.67 49.97
N ALA F 314 30.84 -59.18 51.18
CA ALA F 314 32.13 -59.54 51.76
C ALA F 314 32.61 -60.90 51.26
N ASN F 315 31.76 -61.61 50.52
CA ASN F 315 32.10 -62.93 50.01
C ASN F 315 33.22 -62.84 48.98
N LEU F 316 33.07 -61.96 47.98
CA LEU F 316 34.07 -61.84 46.92
C LEU F 316 35.36 -61.19 47.41
N VAL F 317 35.33 -60.62 48.61
CA VAL F 317 36.57 -60.26 49.28
C VAL F 317 37.37 -61.51 49.67
N THR F 318 36.66 -62.60 49.98
CA THR F 318 37.34 -63.80 50.44
C THR F 318 37.31 -64.90 49.38
N ALA F 319 36.20 -65.02 48.65
CA ALA F 319 36.00 -66.16 47.74
C ALA F 319 36.82 -66.02 46.46
N LEU F 320 37.00 -64.78 45.98
CA LEU F 320 37.88 -64.53 44.85
C LEU F 320 39.32 -64.87 45.22
N VAL F 321 39.71 -64.53 46.44
CA VAL F 321 40.99 -65.00 46.97
C VAL F 321 40.96 -66.50 47.21
N MET F 322 39.77 -67.05 47.47
CA MET F 322 39.65 -68.49 47.65
C MET F 322 39.58 -69.21 46.31
N GLY F 323 39.18 -68.50 45.26
CA GLY F 323 39.07 -69.11 43.94
C GLY F 323 40.47 -69.39 43.38
N LYS F 324 41.44 -68.58 43.77
CA LYS F 324 42.81 -68.79 43.34
C LYS F 324 43.56 -69.77 44.23
N ALA F 325 43.71 -69.43 45.51
CA ALA F 325 44.69 -70.08 46.38
C ALA F 325 44.39 -69.82 47.85
N VAL F 326 45.40 -70.01 48.71
CA VAL F 326 45.24 -69.77 50.16
C VAL F 326 45.24 -68.29 50.54
N ARG F 327 44.99 -67.38 49.59
CA ARG F 327 44.85 -65.96 49.86
C ARG F 327 43.56 -65.64 50.63
N SER F 328 42.64 -66.60 50.70
CA SER F 328 41.37 -66.47 51.40
C SER F 328 41.52 -66.23 52.90
N LEU F 329 42.50 -66.86 53.51
CA LEU F 329 42.75 -66.65 54.93
C LEU F 329 43.33 -65.26 55.14
N ASP F 330 44.07 -64.76 54.14
CA ASP F 330 44.70 -63.45 54.26
C ASP F 330 43.73 -62.32 53.96
N ASP F 331 43.10 -62.34 52.76
CA ASP F 331 42.39 -61.21 52.16
C ASP F 331 41.21 -60.70 52.98
N VAL F 332 40.65 -61.53 53.87
CA VAL F 332 39.67 -61.03 54.81
C VAL F 332 40.32 -60.50 56.09
N GLY F 333 41.41 -61.13 56.52
CA GLY F 333 42.09 -60.71 57.74
C GLY F 333 42.90 -59.45 57.51
N ARG F 334 43.39 -59.25 56.29
CA ARG F 334 44.18 -58.07 55.97
C ARG F 334 43.32 -56.82 55.98
N HIS F 335 42.03 -56.95 55.61
CA HIS F 335 41.08 -55.85 55.57
C HIS F 335 40.85 -55.25 56.95
N LEU F 336 41.07 -56.04 58.00
CA LEU F 336 41.06 -55.55 59.37
C LEU F 336 42.19 -54.56 59.61
N LEU F 337 43.43 -54.96 59.27
CA LEU F 337 44.57 -54.08 59.48
C LEU F 337 44.75 -53.08 58.33
N ASP F 338 43.88 -53.15 57.32
CA ASP F 338 43.98 -52.21 56.21
C ASP F 338 43.24 -50.91 56.48
N MET F 339 42.41 -50.86 57.52
CA MET F 339 41.56 -49.70 57.82
C MET F 339 42.39 -48.49 58.19
N GLN F 340 43.54 -48.71 58.84
CA GLN F 340 44.47 -47.61 59.11
C GLN F 340 45.68 -47.65 58.19
N GLU F 341 45.75 -48.66 57.32
CA GLU F 341 46.89 -48.79 56.42
C GLU F 341 46.68 -48.02 55.13
N GLU F 342 45.48 -48.15 54.54
CA GLU F 342 45.23 -47.49 53.26
C GLU F 342 44.73 -46.06 53.46
N GLN F 343 44.09 -45.79 54.59
CA GLN F 343 43.36 -44.55 54.77
C GLN F 343 44.27 -43.36 55.07
N LEU F 344 45.00 -43.42 56.19
CA LEU F 344 45.79 -42.28 56.61
C LEU F 344 46.99 -42.70 57.45
N GLU F 345 47.95 -41.79 57.60
CA GLU F 345 49.15 -42.04 58.39
C GLU F 345 49.75 -40.71 58.88
N THR F 360 19.47 -45.57 59.93
CA THR F 360 18.63 -44.53 60.51
C THR F 360 19.51 -43.40 61.04
N THR F 361 19.92 -42.49 60.15
CA THR F 361 20.92 -41.51 60.53
C THR F 361 20.74 -40.23 59.72
N ARG F 362 21.57 -39.25 60.05
CA ARG F 362 21.59 -37.96 59.37
C ARG F 362 22.67 -37.94 58.31
N VAL F 363 22.32 -37.44 57.13
CA VAL F 363 23.26 -37.20 56.05
C VAL F 363 22.98 -35.81 55.50
N ARG F 364 24.03 -35.05 55.24
CA ARG F 364 23.89 -33.73 54.66
C ARG F 364 23.29 -33.80 53.26
N ALA F 365 22.33 -32.94 52.99
CA ALA F 365 21.73 -32.75 51.67
C ALA F 365 21.02 -31.39 51.68
N ASP F 366 20.29 -31.11 50.61
CA ASP F 366 19.69 -29.81 50.38
C ASP F 366 18.22 -30.00 50.02
N LEU F 367 17.33 -29.45 50.83
CA LEU F 367 15.93 -29.87 50.80
C LEU F 367 14.99 -28.69 50.56
N VAL F 368 14.82 -28.31 49.29
CA VAL F 368 13.97 -27.17 48.99
C VAL F 368 12.52 -27.59 49.01
N ALA F 369 11.69 -26.74 49.60
CA ALA F 369 10.27 -26.99 49.77
C ALA F 369 9.49 -26.01 48.89
N ILE F 370 8.67 -26.53 48.00
CA ILE F 370 7.97 -25.73 47.01
C ILE F 370 6.52 -26.19 47.02
N GLY F 371 5.58 -25.23 46.97
CA GLY F 371 4.17 -25.52 47.03
C GLY F 371 3.82 -25.95 48.44
N ASP F 372 3.35 -27.18 48.60
CA ASP F 372 3.41 -27.86 49.88
C ASP F 372 3.98 -29.25 49.62
N ARG F 373 5.30 -29.29 49.41
CA ARG F 373 6.05 -30.49 49.04
C ARG F 373 7.48 -30.27 49.50
N LEU F 374 8.34 -31.24 49.22
CA LEU F 374 9.73 -31.21 49.66
C LEU F 374 10.56 -32.16 48.80
N VAL F 375 11.68 -31.68 48.26
CA VAL F 375 12.52 -32.49 47.37
C VAL F 375 13.98 -32.42 47.79
N PHE F 376 14.72 -33.49 47.50
CA PHE F 376 16.15 -33.57 47.77
C PHE F 376 16.93 -33.00 46.60
N LEU F 377 16.87 -31.69 46.41
CA LEU F 377 17.55 -31.05 45.29
C LEU F 377 19.06 -31.17 45.45
N GLU F 378 19.64 -32.10 44.71
CA GLU F 378 21.05 -32.45 44.83
C GLU F 378 21.63 -32.66 43.44
N ALA F 379 22.85 -32.21 43.25
CA ALA F 379 23.52 -32.28 41.96
C ALA F 379 24.64 -33.30 42.05
N LEU F 380 24.86 -34.02 40.96
CA LEU F 380 25.99 -34.92 40.88
C LEU F 380 27.14 -34.29 40.11
N GLU F 381 28.11 -35.13 39.79
CA GLU F 381 29.32 -35.01 38.96
C GLU F 381 30.42 -34.21 39.62
N ARG F 382 30.16 -33.48 40.70
CA ARG F 382 31.23 -32.92 41.51
C ARG F 382 31.67 -33.93 42.55
N ARG F 383 30.88 -34.98 42.70
CA ARG F 383 31.12 -35.93 43.76
C ARG F 383 31.42 -37.31 43.21
N ILE F 384 30.52 -37.86 42.39
CA ILE F 384 30.51 -39.28 42.09
C ILE F 384 30.54 -39.58 40.61
N TYR F 385 30.73 -38.59 39.73
CA TYR F 385 31.04 -38.83 38.34
C TYR F 385 32.37 -38.25 37.90
N ALA F 386 33.00 -37.40 38.72
CA ALA F 386 34.19 -36.70 38.29
C ALA F 386 35.37 -37.64 38.10
N ALA F 387 36.19 -37.32 37.10
CA ALA F 387 37.49 -37.91 36.80
C ALA F 387 37.43 -39.38 36.39
N THR F 388 36.26 -39.96 36.17
CA THR F 388 36.17 -41.36 35.83
C THR F 388 35.99 -41.61 34.35
N ASN F 389 36.15 -40.57 33.51
CA ASN F 389 35.97 -40.62 32.05
C ASN F 389 34.57 -41.08 31.68
N VAL F 390 33.59 -40.65 32.45
CA VAL F 390 32.19 -41.01 32.21
C VAL F 390 31.44 -39.75 31.81
N PRO F 391 30.74 -39.74 30.68
CA PRO F 391 29.84 -38.64 30.38
C PRO F 391 28.71 -38.58 31.39
N TYR F 392 28.50 -37.38 31.92
CA TYR F 392 27.50 -37.16 32.95
C TYR F 392 26.11 -37.27 32.34
N PRO F 393 25.26 -38.17 32.81
CA PRO F 393 24.08 -38.56 32.03
C PRO F 393 22.99 -37.52 31.92
N LEU F 394 23.04 -36.43 32.68
CA LEU F 394 22.07 -35.35 32.49
C LEU F 394 22.66 -34.31 31.55
N VAL F 395 23.16 -34.77 30.41
CA VAL F 395 23.49 -33.90 29.29
C VAL F 395 23.15 -34.78 28.10
N GLY F 396 22.91 -34.19 26.93
CA GLY F 396 22.48 -35.01 25.82
C GLY F 396 22.21 -34.19 24.59
N ALA F 397 21.51 -34.82 23.65
CA ALA F 397 21.39 -34.31 22.31
C ALA F 397 19.94 -34.19 21.89
N MET F 398 19.58 -33.00 21.40
CA MET F 398 18.34 -32.77 20.69
C MET F 398 18.69 -32.62 19.21
N ASP F 399 18.20 -33.54 18.38
CA ASP F 399 18.51 -33.50 16.97
C ASP F 399 17.30 -32.98 16.20
N LEU F 400 17.49 -31.84 15.54
CA LEU F 400 16.40 -31.17 14.82
C LEU F 400 16.81 -30.98 13.38
N THR F 401 16.05 -31.54 12.46
CA THR F 401 16.32 -31.34 11.05
C THR F 401 15.77 -29.99 10.61
N PHE F 402 16.44 -29.37 9.65
CA PHE F 402 16.03 -28.04 9.20
C PHE F 402 15.73 -28.05 7.71
N VAL F 403 14.82 -27.16 7.30
CA VAL F 403 14.34 -27.07 5.94
C VAL F 403 14.61 -25.67 5.42
N LEU F 404 15.34 -25.59 4.31
CA LEU F 404 15.50 -24.31 3.65
C LEU F 404 15.06 -24.40 2.19
N PRO F 405 13.99 -23.71 1.81
CA PRO F 405 13.70 -23.55 0.39
C PRO F 405 14.75 -22.70 -0.30
N LEU F 406 15.24 -23.20 -1.42
CA LEU F 406 16.36 -22.62 -2.13
C LEU F 406 15.97 -22.36 -3.57
N GLY F 407 16.20 -21.13 -4.02
CA GLY F 407 15.97 -20.77 -5.40
C GLY F 407 14.54 -20.79 -5.86
N LEU F 408 13.58 -20.69 -4.94
CA LEU F 408 12.18 -20.65 -5.34
C LEU F 408 11.82 -19.26 -5.84
N PHE F 409 10.54 -18.99 -5.98
CA PHE F 409 10.14 -17.75 -6.62
C PHE F 409 8.95 -17.14 -5.91
N ASN F 410 8.96 -15.81 -5.86
CA ASN F 410 7.92 -15.00 -5.24
C ASN F 410 6.58 -15.26 -5.92
N PRO F 411 5.51 -15.53 -5.19
CA PRO F 411 4.20 -15.64 -5.82
C PRO F 411 3.68 -14.31 -6.37
N ALA F 412 2.50 -14.37 -6.97
CA ALA F 412 2.02 -13.29 -7.82
C ALA F 412 1.52 -12.09 -7.02
N MET F 413 1.34 -12.25 -5.71
CA MET F 413 0.80 -11.15 -4.93
C MET F 413 1.86 -10.32 -4.25
N GLU F 414 2.99 -10.91 -3.88
CA GLU F 414 3.91 -10.32 -2.94
C GLU F 414 5.10 -9.64 -3.61
N ARG F 415 4.91 -8.99 -4.75
CA ARG F 415 6.04 -8.46 -5.48
C ARG F 415 6.27 -6.98 -5.22
N PHE F 416 5.85 -6.47 -4.08
CA PHE F 416 5.86 -5.05 -3.81
C PHE F 416 7.18 -4.64 -3.16
N ALA F 417 7.23 -3.39 -2.70
CA ALA F 417 8.45 -2.83 -2.14
C ALA F 417 8.28 -2.20 -0.77
N ALA F 418 7.05 -1.99 -0.33
CA ALA F 418 6.60 -1.46 0.96
C ALA F 418 6.92 0.03 1.11
N HIS F 419 7.65 0.63 0.19
CA HIS F 419 7.90 2.06 0.11
C HIS F 419 8.47 2.29 -1.29
N ALA F 420 8.38 3.54 -1.76
CA ALA F 420 8.93 3.90 -3.06
C ALA F 420 10.44 3.74 -3.10
N GLY F 421 11.16 4.58 -2.37
CA GLY F 421 12.59 4.57 -2.51
C GLY F 421 13.34 3.80 -1.46
N ASP F 422 13.70 2.56 -1.80
CA ASP F 422 14.34 1.61 -0.91
C ASP F 422 14.83 0.43 -1.73
N LEU F 423 16.01 -0.07 -1.34
CA LEU F 423 16.78 -1.07 -2.09
C LEU F 423 17.00 -0.60 -3.53
N VAL F 424 17.61 0.56 -3.67
CA VAL F 424 17.79 1.23 -4.96
C VAL F 424 19.27 1.17 -5.31
N PRO F 425 19.65 0.87 -6.55
CA PRO F 425 21.06 0.80 -6.89
C PRO F 425 21.59 2.17 -7.26
N ALA F 426 22.89 2.21 -7.52
CA ALA F 426 23.50 3.35 -8.18
C ALA F 426 22.88 3.49 -9.58
N PRO F 427 22.77 4.71 -10.12
CA PRO F 427 21.86 4.94 -11.26
C PRO F 427 22.25 4.26 -12.58
N GLY F 428 23.47 3.74 -12.71
CA GLY F 428 23.82 3.00 -13.90
C GLY F 428 23.92 1.51 -13.65
N HIS F 429 22.99 0.95 -12.89
CA HIS F 429 23.08 -0.43 -12.43
C HIS F 429 21.72 -1.11 -12.51
N PRO F 430 21.70 -2.44 -12.73
CA PRO F 430 20.46 -3.08 -13.16
C PRO F 430 19.42 -3.31 -12.07
N GLU F 431 19.72 -3.07 -10.79
CA GLU F 431 18.91 -3.51 -9.65
C GLU F 431 18.67 -5.02 -9.73
N PRO F 432 19.64 -5.81 -9.28
CA PRO F 432 19.56 -7.27 -9.46
C PRO F 432 18.48 -7.95 -8.63
N ARG F 433 17.69 -7.23 -7.86
CA ARG F 433 16.65 -7.89 -7.08
C ARG F 433 15.42 -8.19 -7.90
N ALA F 434 15.43 -7.86 -9.19
CA ALA F 434 14.26 -8.06 -10.04
C ALA F 434 14.25 -9.40 -10.74
N PHE F 435 15.29 -10.20 -10.63
CA PHE F 435 15.31 -11.50 -11.28
C PHE F 435 15.18 -12.60 -10.23
N PRO F 436 14.84 -13.83 -10.62
CA PRO F 436 14.71 -14.93 -9.65
C PRO F 436 15.99 -15.21 -8.90
N PRO F 437 15.90 -15.30 -7.57
CA PRO F 437 17.10 -15.46 -6.76
C PRO F 437 17.57 -16.91 -6.74
N ARG F 438 18.88 -17.08 -6.77
CA ARG F 438 19.51 -18.38 -6.60
C ARG F 438 20.38 -18.43 -5.36
N GLN F 439 20.83 -17.28 -4.89
CA GLN F 439 21.65 -17.19 -3.71
C GLN F 439 20.80 -17.49 -2.48
N LEU F 440 21.47 -17.78 -1.37
CA LEU F 440 20.77 -17.94 -0.11
C LEU F 440 21.76 -17.63 1.01
N PHE F 441 21.25 -17.06 2.10
CA PHE F 441 22.08 -16.52 3.15
C PHE F 441 21.53 -16.95 4.51
N PHE F 442 22.43 -17.36 5.40
CA PHE F 442 22.02 -17.78 6.73
C PHE F 442 23.22 -17.73 7.66
N TRP F 443 22.95 -17.84 8.96
CA TRP F 443 23.96 -17.61 9.99
C TRP F 443 24.59 -18.90 10.45
N GLY F 444 25.92 -18.90 10.56
CA GLY F 444 26.65 -20.02 11.11
C GLY F 444 26.70 -19.98 12.62
N LYS F 445 27.70 -20.67 13.17
CA LYS F 445 27.82 -20.76 14.61
C LYS F 445 28.78 -19.68 15.10
N ASP F 446 28.63 -18.49 14.52
CA ASP F 446 29.39 -17.24 14.74
C ASP F 446 28.50 -16.15 14.16
N HIS F 447 29.03 -14.96 13.88
CA HIS F 447 28.31 -13.97 13.05
C HIS F 447 28.04 -14.59 11.69
N GLN F 448 29.11 -14.92 10.96
CA GLN F 448 29.20 -16.01 10.01
C GLN F 448 28.08 -16.11 8.96
N VAL F 449 28.04 -15.15 8.04
CA VAL F 449 27.11 -15.27 6.92
C VAL F 449 27.58 -16.38 5.99
N LEU F 450 26.68 -17.29 5.65
CA LEU F 450 27.02 -18.40 4.79
C LEU F 450 26.21 -18.33 3.51
N ARG F 451 26.81 -18.82 2.43
CA ARG F 451 26.22 -18.70 1.11
C ARG F 451 25.94 -20.09 0.55
N LEU F 452 24.70 -20.30 0.10
CA LEU F 452 24.36 -21.57 -0.52
C LEU F 452 24.50 -21.50 -2.03
N SER F 453 23.72 -20.64 -2.69
CA SER F 453 23.96 -20.24 -4.09
C SER F 453 23.93 -21.39 -5.08
N MET F 454 22.73 -21.77 -5.56
CA MET F 454 22.28 -23.11 -5.98
C MET F 454 23.35 -24.00 -6.63
N GLU F 455 24.38 -23.41 -7.25
CA GLU F 455 25.52 -24.18 -7.79
C GLU F 455 26.23 -25.06 -6.75
N ASN F 456 25.94 -24.86 -5.46
CA ASN F 456 26.10 -25.90 -4.45
C ASN F 456 25.49 -27.22 -4.88
N ALA F 457 24.33 -27.22 -5.52
CA ALA F 457 23.59 -28.48 -5.66
C ALA F 457 24.07 -29.36 -6.80
N VAL F 458 25.26 -29.11 -7.34
CA VAL F 458 25.75 -29.91 -8.45
C VAL F 458 26.07 -31.33 -8.00
N GLY F 459 26.36 -31.50 -6.71
CA GLY F 459 26.74 -32.81 -6.23
C GLY F 459 25.59 -33.78 -6.10
N THR F 460 24.36 -33.30 -6.17
CA THR F 460 23.21 -34.17 -6.00
C THR F 460 22.49 -34.40 -7.32
N VAL F 461 22.23 -33.31 -8.04
CA VAL F 461 21.30 -33.39 -9.15
C VAL F 461 21.99 -33.72 -10.47
N CYS F 462 23.31 -33.54 -10.56
CA CYS F 462 24.00 -33.79 -11.81
C CYS F 462 24.55 -35.20 -11.92
N HIS F 463 24.12 -36.10 -11.06
CA HIS F 463 24.54 -37.48 -11.17
C HIS F 463 23.60 -38.26 -12.08
N PRO F 464 24.10 -39.23 -12.85
CA PRO F 464 23.18 -40.03 -13.69
C PRO F 464 22.37 -41.06 -12.93
N SER F 465 21.77 -40.65 -11.83
CA SER F 465 20.65 -41.30 -11.21
C SER F 465 19.36 -40.54 -11.48
N LEU F 466 19.49 -39.37 -12.12
CA LEU F 466 18.32 -38.61 -12.53
C LEU F 466 17.51 -39.36 -13.56
N MET F 467 18.16 -40.17 -14.39
CA MET F 467 17.50 -40.77 -15.53
C MET F 467 17.00 -42.18 -15.25
N ASN F 468 16.89 -42.57 -13.99
CA ASN F 468 16.41 -43.90 -13.63
C ASN F 468 14.92 -43.80 -13.32
N ILE F 469 14.09 -44.18 -14.29
CA ILE F 469 12.64 -44.17 -14.09
C ILE F 469 12.07 -45.50 -14.54
N ASP F 470 12.96 -46.48 -14.74
CA ASP F 470 12.53 -47.79 -15.21
C ASP F 470 11.69 -48.52 -14.18
N ALA F 471 12.02 -48.38 -12.90
CA ALA F 471 11.16 -48.96 -11.89
C ALA F 471 9.88 -48.16 -11.75
N ALA F 472 9.91 -46.88 -12.13
CA ALA F 472 8.77 -46.01 -11.93
C ALA F 472 7.63 -46.34 -12.89
N VAL F 473 7.98 -46.66 -14.14
CA VAL F 473 6.95 -47.04 -15.09
C VAL F 473 6.39 -48.41 -14.74
N GLY F 474 7.21 -49.28 -14.15
CA GLY F 474 6.72 -50.57 -13.71
C GLY F 474 5.86 -50.47 -12.48
N GLY F 475 6.09 -49.45 -11.66
CA GLY F 475 5.31 -49.26 -10.46
C GLY F 475 4.00 -48.53 -10.72
N VAL F 476 3.77 -48.14 -11.97
CA VAL F 476 2.53 -47.46 -12.29
C VAL F 476 1.73 -48.21 -13.35
N ASN F 477 2.33 -49.19 -14.04
CA ASN F 477 1.63 -49.80 -15.16
C ASN F 477 0.69 -50.90 -14.71
N HIS F 478 0.90 -51.44 -13.50
CA HIS F 478 0.01 -52.44 -12.92
C HIS F 478 -1.38 -51.87 -12.70
N ASP F 479 -2.39 -52.75 -12.89
CA ASP F 479 -3.82 -52.42 -12.96
C ASP F 479 -4.02 -51.27 -13.93
N PRO F 480 -3.83 -51.51 -15.24
CA PRO F 480 -3.57 -50.39 -16.16
C PRO F 480 -4.82 -49.59 -16.44
N VAL F 481 -4.60 -48.28 -16.63
CA VAL F 481 -5.67 -47.35 -16.93
C VAL F 481 -6.04 -47.55 -18.40
N GLU F 482 -7.31 -47.30 -18.70
CA GLU F 482 -7.81 -47.35 -20.07
C GLU F 482 -7.15 -46.25 -20.89
N ALA F 483 -7.08 -46.46 -22.20
CA ALA F 483 -6.55 -45.45 -23.09
C ALA F 483 -7.46 -44.24 -23.11
N ALA F 484 -6.86 -43.06 -22.99
CA ALA F 484 -7.60 -41.81 -23.02
C ALA F 484 -7.28 -41.09 -24.32
N ASN F 485 -8.29 -41.03 -25.21
CA ASN F 485 -8.32 -40.25 -26.44
C ASN F 485 -7.01 -39.95 -27.17
N PRO F 486 -6.26 -40.98 -27.55
CA PRO F 486 -4.82 -40.84 -27.81
C PRO F 486 -4.49 -40.05 -29.07
N TYR F 487 -4.80 -38.76 -29.05
CA TYR F 487 -4.35 -37.88 -30.11
C TYR F 487 -2.91 -37.45 -29.90
N GLY F 488 -2.61 -36.90 -28.73
CA GLY F 488 -1.27 -36.46 -28.47
C GLY F 488 -0.31 -37.54 -28.05
N ALA F 489 -0.75 -38.79 -28.01
CA ALA F 489 0.07 -39.88 -27.52
C ALA F 489 0.46 -40.87 -28.59
N TYR F 490 0.49 -40.47 -29.85
CA TYR F 490 0.65 -41.43 -30.94
C TYR F 490 1.23 -40.76 -32.16
N VAL F 491 2.09 -41.48 -32.87
CA VAL F 491 2.64 -41.06 -34.14
C VAL F 491 2.10 -41.97 -35.22
N ALA F 492 1.66 -41.38 -36.33
CA ALA F 492 1.27 -42.15 -37.50
C ALA F 492 2.44 -42.25 -38.47
N ALA F 493 2.38 -43.27 -39.31
CA ALA F 493 3.38 -43.42 -40.37
C ALA F 493 3.13 -42.37 -41.45
N PRO F 494 4.16 -41.90 -42.14
CA PRO F 494 3.93 -40.93 -43.22
C PRO F 494 3.26 -41.60 -44.42
N ALA F 495 1.98 -41.30 -44.61
CA ALA F 495 1.18 -42.00 -45.59
C ALA F 495 0.77 -41.07 -46.71
N GLY F 496 0.80 -41.60 -47.94
CA GLY F 496 0.35 -40.89 -49.11
C GLY F 496 1.19 -39.68 -49.46
N PRO F 497 0.69 -38.86 -50.36
CA PRO F 497 1.37 -37.58 -50.64
C PRO F 497 1.01 -36.53 -49.62
N GLY F 498 1.71 -35.40 -49.66
CA GLY F 498 1.54 -34.38 -48.65
C GLY F 498 0.33 -33.50 -48.85
N ALA F 499 -0.31 -33.60 -50.01
CA ALA F 499 -1.38 -32.67 -50.34
C ALA F 499 -2.62 -32.92 -49.51
N ASP F 500 -2.87 -34.17 -49.13
CA ASP F 500 -4.17 -34.55 -48.61
C ASP F 500 -4.12 -35.19 -47.22
N MET F 501 -2.93 -35.29 -46.63
CA MET F 501 -2.76 -36.08 -45.41
C MET F 501 -3.42 -35.44 -44.21
N GLN F 502 -3.50 -34.11 -44.20
CA GLN F 502 -4.33 -33.45 -43.20
C GLN F 502 -5.81 -33.62 -43.53
N GLN F 503 -6.15 -33.56 -44.81
CA GLN F 503 -7.55 -33.65 -45.17
C GLN F 503 -8.04 -35.08 -45.03
N ARG F 504 -7.14 -36.05 -45.16
CA ARG F 504 -7.56 -37.41 -44.81
C ARG F 504 -7.61 -37.61 -43.30
N PHE F 505 -6.89 -36.77 -42.55
CA PHE F 505 -6.83 -36.87 -41.08
C PHE F 505 -8.12 -36.42 -40.41
N LEU F 506 -8.71 -35.33 -40.91
CA LEU F 506 -9.89 -34.78 -40.26
C LEU F 506 -11.10 -35.66 -40.50
N ASN F 507 -11.12 -36.38 -41.62
CA ASN F 507 -12.15 -37.40 -41.78
C ASN F 507 -11.86 -38.59 -40.88
N ALA F 508 -10.58 -38.93 -40.70
CA ALA F 508 -10.23 -40.14 -39.98
C ALA F 508 -10.45 -39.97 -38.48
N TRP F 509 -9.93 -38.88 -37.91
CA TRP F 509 -9.93 -38.67 -36.48
C TRP F 509 -11.07 -37.77 -36.02
N ARG F 510 -12.18 -37.75 -36.76
CA ARG F 510 -13.31 -36.93 -36.35
C ARG F 510 -14.03 -37.50 -35.15
N GLN F 511 -14.00 -38.83 -34.99
CA GLN F 511 -14.80 -39.49 -33.98
C GLN F 511 -14.27 -39.27 -32.57
N ARG F 512 -13.05 -39.73 -32.29
CA ARG F 512 -12.53 -39.80 -30.94
C ARG F 512 -11.96 -38.49 -30.44
N LEU F 513 -11.60 -37.57 -31.34
CA LEU F 513 -10.96 -36.35 -30.89
C LEU F 513 -11.97 -35.40 -30.28
N ALA F 514 -13.25 -35.57 -30.62
CA ALA F 514 -14.31 -34.82 -29.98
C ALA F 514 -14.90 -35.55 -28.78
N HIS F 515 -14.57 -36.84 -28.62
CA HIS F 515 -15.14 -37.68 -27.58
C HIS F 515 -14.79 -37.19 -26.19
N GLY F 516 -13.50 -37.19 -25.84
CA GLY F 516 -13.04 -36.63 -24.60
C GLY F 516 -12.10 -35.46 -24.84
N ARG F 517 -12.02 -34.59 -23.84
CA ARG F 517 -11.06 -33.50 -23.88
C ARG F 517 -9.69 -34.07 -23.55
N VAL F 518 -8.67 -33.63 -24.28
CA VAL F 518 -7.36 -34.25 -24.14
C VAL F 518 -6.69 -33.78 -22.86
N ARG F 519 -5.65 -34.51 -22.45
CA ARG F 519 -5.00 -34.29 -21.16
C ARG F 519 -4.32 -32.93 -21.11
N TRP F 520 -3.64 -32.58 -22.18
CA TRP F 520 -2.65 -31.51 -22.11
C TRP F 520 -3.22 -30.14 -22.40
N VAL F 521 -4.54 -29.99 -22.50
CA VAL F 521 -5.11 -28.65 -22.41
C VAL F 521 -5.54 -28.37 -20.97
N ALA F 522 -4.57 -28.01 -20.14
CA ALA F 522 -4.82 -27.58 -18.78
C ALA F 522 -4.17 -26.24 -18.50
N GLU F 523 -4.01 -25.42 -19.54
CA GLU F 523 -3.26 -24.18 -19.40
C GLU F 523 -4.05 -23.13 -18.64
N CYS F 524 -5.35 -23.34 -18.52
CA CYS F 524 -6.14 -22.46 -17.69
C CYS F 524 -6.05 -22.85 -16.21
N GLN F 525 -5.48 -24.00 -15.88
CA GLN F 525 -5.30 -24.35 -14.48
C GLN F 525 -4.23 -23.48 -13.86
N MET F 526 -4.48 -23.03 -12.63
CA MET F 526 -3.48 -22.26 -11.91
C MET F 526 -2.84 -23.11 -10.83
N THR F 527 -1.83 -22.53 -10.20
CA THR F 527 -1.15 -23.14 -9.07
C THR F 527 -2.12 -23.16 -7.91
N ALA F 528 -2.13 -24.28 -7.17
CA ALA F 528 -2.95 -24.65 -6.01
C ALA F 528 -4.38 -24.97 -6.42
N GLU F 529 -4.71 -24.73 -7.69
CA GLU F 529 -5.78 -25.47 -8.32
C GLU F 529 -5.25 -26.83 -8.76
N GLN F 530 -3.96 -26.87 -9.09
CA GLN F 530 -3.37 -28.13 -9.49
C GLN F 530 -3.10 -29.03 -8.30
N PHE F 531 -2.44 -28.52 -7.27
CA PHE F 531 -1.93 -29.37 -6.20
C PHE F 531 -3.04 -29.89 -5.29
N MET F 532 -4.24 -29.31 -5.37
CA MET F 532 -5.40 -29.86 -4.70
C MET F 532 -5.91 -31.04 -5.53
N GLN F 533 -6.41 -32.05 -4.82
CA GLN F 533 -6.77 -33.32 -5.49
C GLN F 533 -7.89 -33.19 -6.51
N PRO F 534 -8.98 -32.45 -6.28
CA PRO F 534 -9.88 -32.16 -7.40
C PRO F 534 -9.26 -31.23 -8.42
N ASP F 535 -9.85 -31.26 -9.63
CA ASP F 535 -9.49 -30.41 -10.78
C ASP F 535 -8.08 -30.72 -11.32
N ASN F 536 -7.40 -31.70 -10.73
CA ASN F 536 -6.26 -32.34 -11.35
C ASN F 536 -6.35 -33.82 -11.09
N ALA F 537 -7.36 -34.49 -11.63
CA ALA F 537 -7.33 -35.96 -11.73
C ALA F 537 -6.03 -36.51 -12.29
N ASN F 538 -5.29 -35.75 -13.11
CA ASN F 538 -3.96 -36.09 -13.57
C ASN F 538 -2.86 -35.72 -12.57
N LEU F 539 -3.18 -35.51 -11.29
CA LEU F 539 -2.12 -35.22 -10.32
C LEU F 539 -1.28 -36.45 -10.04
N ALA F 540 -1.82 -37.64 -10.30
CA ALA F 540 -1.05 -38.84 -10.12
C ALA F 540 -0.16 -39.18 -11.31
N LEU F 541 0.04 -38.25 -12.24
CA LEU F 541 0.77 -38.54 -13.46
C LEU F 541 2.01 -37.68 -13.64
N GLU F 542 2.07 -36.53 -13.00
CA GLU F 542 3.28 -35.70 -13.00
C GLU F 542 4.11 -36.17 -11.82
N LEU F 543 5.05 -37.08 -12.08
CA LEU F 543 5.80 -37.65 -10.97
C LEU F 543 7.23 -37.16 -10.89
N HIS F 544 7.67 -36.38 -11.86
CA HIS F 544 9.09 -36.26 -12.01
C HIS F 544 9.51 -35.01 -12.77
N PRO F 545 10.59 -34.36 -12.33
CA PRO F 545 11.02 -33.12 -13.01
C PRO F 545 11.61 -33.35 -14.38
N ALA F 546 12.53 -34.31 -14.51
CA ALA F 546 13.26 -34.52 -15.74
C ALA F 546 12.55 -35.44 -16.72
N PHE F 547 11.26 -35.71 -16.53
CA PHE F 547 10.50 -36.52 -17.46
C PHE F 547 9.04 -36.10 -17.49
N ASP F 548 8.28 -36.80 -18.33
CA ASP F 548 6.83 -36.71 -18.38
C ASP F 548 6.28 -38.12 -18.28
N PHE F 549 4.99 -38.24 -18.01
CA PHE F 549 4.31 -39.52 -17.98
C PHE F 549 2.89 -39.32 -18.49
N PHE F 550 2.44 -40.24 -19.34
CA PHE F 550 1.10 -40.20 -19.91
C PHE F 550 0.67 -41.61 -20.27
N ALA F 551 -0.62 -41.77 -20.51
CA ALA F 551 -1.20 -43.03 -20.91
C ALA F 551 -1.35 -43.04 -22.42
N GLY F 552 -1.03 -44.18 -23.04
CA GLY F 552 -1.16 -44.35 -24.48
C GLY F 552 -1.63 -45.74 -24.85
N VAL F 553 -1.37 -46.10 -26.11
CA VAL F 553 -1.79 -47.39 -26.64
C VAL F 553 -0.94 -48.50 -26.05
N ALA F 554 -1.35 -49.74 -26.33
CA ALA F 554 -0.77 -50.90 -25.66
C ALA F 554 0.65 -51.19 -26.13
N ASP F 555 0.81 -51.56 -27.40
CA ASP F 555 2.06 -52.16 -27.86
C ASP F 555 2.55 -51.64 -29.20
N VAL F 556 1.79 -50.76 -29.85
CA VAL F 556 2.08 -50.40 -31.24
C VAL F 556 3.27 -49.46 -31.28
N GLU F 557 4.26 -49.78 -32.11
CA GLU F 557 5.38 -48.89 -32.29
C GLU F 557 4.97 -47.65 -33.06
N LEU F 558 5.56 -46.52 -32.68
CA LEU F 558 5.17 -45.22 -33.21
C LEU F 558 5.40 -45.05 -34.71
N PRO F 559 6.49 -45.56 -35.35
CA PRO F 559 6.49 -45.52 -36.81
C PRO F 559 5.52 -46.53 -37.41
N GLY F 560 4.23 -46.20 -37.42
CA GLY F 560 3.25 -47.08 -38.00
C GLY F 560 1.83 -46.56 -37.85
N GLY F 561 0.95 -47.10 -38.70
CA GLY F 561 -0.49 -46.94 -38.62
C GLY F 561 -0.96 -45.53 -38.91
N GLU F 562 -2.28 -45.36 -38.91
CA GLU F 562 -2.88 -44.04 -39.00
C GLU F 562 -3.92 -43.81 -37.91
N VAL F 563 -4.66 -44.85 -37.56
CA VAL F 563 -5.52 -44.88 -36.37
C VAL F 563 -5.08 -46.08 -35.53
N PRO F 564 -4.63 -45.88 -34.31
CA PRO F 564 -4.11 -46.99 -33.53
C PRO F 564 -5.25 -47.81 -32.96
N PRO F 565 -5.23 -49.13 -33.19
CA PRO F 565 -6.22 -50.00 -32.57
C PRO F 565 -5.97 -50.15 -31.07
N ALA F 566 -6.32 -49.11 -30.32
CA ALA F 566 -6.00 -49.07 -28.91
C ALA F 566 -6.87 -50.05 -28.14
N GLY F 567 -6.25 -51.09 -27.59
CA GLY F 567 -6.95 -52.00 -26.73
C GLY F 567 -6.99 -51.46 -25.31
N PRO F 568 -6.47 -52.23 -24.36
CA PRO F 568 -6.26 -51.67 -23.02
C PRO F 568 -5.11 -50.68 -23.05
N GLY F 569 -5.32 -49.52 -22.44
CA GLY F 569 -4.34 -48.46 -22.50
C GLY F 569 -3.11 -48.78 -21.67
N ALA F 570 -2.00 -48.16 -22.04
CA ALA F 570 -0.75 -48.37 -21.34
C ALA F 570 -0.09 -47.02 -21.06
N ILE F 571 0.73 -46.99 -20.02
CA ILE F 571 1.39 -45.77 -19.58
C ILE F 571 2.86 -45.87 -19.92
N GLN F 572 3.42 -44.78 -20.43
CA GLN F 572 4.75 -44.81 -20.99
C GLN F 572 5.45 -43.49 -20.75
N ALA F 573 6.72 -43.45 -21.12
CA ALA F 573 7.61 -42.37 -20.71
C ALA F 573 8.26 -41.70 -21.92
N THR F 574 8.42 -40.38 -21.81
CA THR F 574 9.14 -39.59 -22.77
C THR F 574 10.18 -38.73 -22.06
N TRP F 575 11.34 -38.59 -22.68
CA TRP F 575 12.38 -37.73 -22.16
C TRP F 575 12.01 -36.29 -22.46
N ARG F 576 11.80 -35.50 -21.41
CA ARG F 576 11.71 -34.06 -21.58
C ARG F 576 13.02 -33.54 -22.13
N VAL F 577 12.93 -32.69 -23.14
CA VAL F 577 14.15 -32.24 -23.78
C VAL F 577 14.76 -31.08 -23.02
N VAL F 578 14.03 -29.98 -22.92
CA VAL F 578 14.58 -28.76 -22.35
C VAL F 578 13.72 -28.28 -21.19
N ASN F 579 14.10 -27.14 -20.63
CA ASN F 579 13.40 -26.53 -19.50
C ASN F 579 12.00 -26.05 -19.84
N GLY F 580 11.66 -25.91 -21.12
CA GLY F 580 10.30 -25.57 -21.48
C GLY F 580 9.33 -26.72 -21.53
N ASN F 581 9.81 -27.93 -21.28
CA ASN F 581 8.97 -29.12 -21.32
C ASN F 581 8.18 -29.35 -20.04
N LEU F 582 8.16 -28.41 -19.14
CA LEU F 582 7.33 -28.60 -17.98
C LEU F 582 6.17 -27.60 -18.01
N PRO F 583 5.00 -27.98 -17.50
CA PRO F 583 3.79 -27.16 -17.74
C PRO F 583 3.80 -25.84 -16.99
N LEU F 584 3.06 -24.89 -17.55
CA LEU F 584 3.19 -23.49 -17.13
C LEU F 584 2.52 -23.22 -15.79
N ALA F 585 1.75 -24.18 -15.28
CA ALA F 585 1.23 -24.04 -13.92
C ALA F 585 2.35 -24.20 -12.90
N LEU F 586 3.43 -24.86 -13.28
CA LEU F 586 4.56 -25.03 -12.37
C LEU F 586 5.61 -23.96 -12.59
N CYS F 587 5.81 -23.56 -13.84
CA CYS F 587 6.69 -22.45 -14.20
C CYS F 587 5.79 -21.35 -14.73
N PRO F 588 5.41 -20.39 -13.90
CA PRO F 588 4.40 -19.42 -14.32
C PRO F 588 4.92 -18.46 -15.39
N VAL F 589 3.97 -17.67 -15.92
CA VAL F 589 4.19 -16.88 -17.12
C VAL F 589 5.21 -15.79 -16.85
N ALA F 590 5.01 -15.04 -15.76
CA ALA F 590 5.89 -13.93 -15.44
C ALA F 590 7.27 -14.42 -15.05
N PHE F 591 7.34 -15.56 -14.36
CA PHE F 591 8.62 -16.15 -13.98
C PHE F 591 9.44 -16.53 -15.19
N ARG F 592 8.78 -17.08 -16.21
CA ARG F 592 9.49 -17.41 -17.44
C ARG F 592 9.90 -16.13 -18.16
N ASP F 593 9.13 -15.06 -17.99
CA ASP F 593 9.55 -13.75 -18.47
C ASP F 593 10.50 -13.06 -17.50
N ALA F 594 10.59 -13.51 -16.25
CA ALA F 594 11.41 -12.80 -15.28
C ALA F 594 12.90 -12.92 -15.58
N ARG F 595 13.40 -14.14 -15.74
CA ARG F 595 14.81 -14.33 -16.01
C ARG F 595 15.22 -13.84 -17.39
N GLY F 596 14.26 -13.64 -18.29
CA GLY F 596 14.53 -12.86 -19.48
C GLY F 596 14.96 -11.46 -19.14
N LEU F 597 14.30 -10.83 -18.17
CA LEU F 597 14.70 -9.49 -17.76
C LEU F 597 16.04 -9.49 -17.03
N GLU F 598 16.53 -10.63 -16.55
CA GLU F 598 17.93 -10.67 -16.18
C GLU F 598 18.80 -10.68 -17.42
N LEU F 599 18.50 -11.56 -18.36
CA LEU F 599 19.35 -11.68 -19.52
C LEU F 599 19.11 -10.57 -20.53
N GLY F 600 18.10 -9.75 -20.30
CA GLY F 600 17.76 -8.69 -21.23
C GLY F 600 18.80 -7.59 -21.28
N VAL F 601 19.57 -7.42 -20.22
CA VAL F 601 20.61 -6.42 -20.18
C VAL F 601 21.81 -6.97 -20.95
N GLY F 602 22.73 -6.08 -21.30
CA GLY F 602 24.02 -6.46 -21.82
C GLY F 602 24.05 -6.93 -23.25
N ARG F 603 22.96 -7.46 -23.77
CA ARG F 603 22.94 -7.99 -25.11
C ARG F 603 22.13 -7.07 -26.02
N HIS F 604 22.04 -7.44 -27.29
CA HIS F 604 21.37 -6.56 -28.24
C HIS F 604 19.86 -6.60 -28.05
N ALA F 605 19.27 -5.42 -28.01
CA ALA F 605 17.82 -5.27 -28.01
C ALA F 605 17.44 -4.66 -29.34
N MET F 606 16.28 -5.05 -29.86
CA MET F 606 15.84 -4.53 -31.14
C MET F 606 15.38 -3.09 -31.00
N ALA F 607 15.44 -2.36 -32.12
CA ALA F 607 14.97 -0.99 -32.20
C ALA F 607 13.46 -0.93 -31.99
N PRO F 608 12.91 0.22 -31.58
CA PRO F 608 11.46 0.31 -31.47
C PRO F 608 10.75 0.31 -32.81
N ALA F 609 11.38 0.82 -33.87
CA ALA F 609 10.76 0.85 -35.19
C ALA F 609 10.60 -0.53 -35.79
N THR F 610 11.59 -1.40 -35.57
CA THR F 610 11.49 -2.76 -36.12
C THR F 610 10.54 -3.64 -35.32
N ILE F 611 10.02 -3.17 -34.19
CA ILE F 611 9.03 -3.96 -33.48
C ILE F 611 7.70 -3.94 -34.22
N ALA F 612 7.13 -2.77 -34.44
CA ALA F 612 5.79 -2.68 -34.97
C ALA F 612 5.74 -2.97 -36.46
N ALA F 613 6.85 -2.72 -37.17
CA ALA F 613 6.87 -2.94 -38.61
C ALA F 613 6.79 -4.42 -38.95
N VAL F 614 7.56 -5.25 -38.21
CA VAL F 614 7.48 -6.69 -38.40
C VAL F 614 6.14 -7.21 -37.93
N ARG F 615 5.66 -6.73 -36.77
CA ARG F 615 4.45 -7.29 -36.18
C ARG F 615 3.21 -6.92 -36.96
N GLY F 616 3.16 -5.71 -37.52
CA GLY F 616 2.05 -5.35 -38.38
C GLY F 616 2.05 -6.11 -39.69
N ALA F 617 3.23 -6.57 -40.13
CA ALA F 617 3.31 -7.31 -41.36
C ALA F 617 2.74 -8.72 -41.21
N PHE F 618 3.02 -9.35 -40.07
CA PHE F 618 2.35 -10.60 -39.71
C PHE F 618 0.84 -10.43 -39.64
N GLU F 619 0.37 -9.37 -39.00
CA GLU F 619 -1.05 -9.12 -38.85
C GLU F 619 -1.65 -8.35 -40.02
N ASP F 620 -0.95 -8.28 -41.14
CA ASP F 620 -1.52 -7.69 -42.36
C ASP F 620 -2.39 -8.77 -43.01
N ARG F 621 -3.70 -8.63 -42.85
CA ARG F 621 -4.63 -9.48 -43.58
C ARG F 621 -4.59 -9.20 -45.07
N SER F 622 -4.20 -8.00 -45.47
CA SER F 622 -4.07 -7.63 -46.87
C SER F 622 -2.67 -7.84 -47.39
N TYR F 623 -1.96 -8.83 -46.89
CA TYR F 623 -0.58 -9.08 -47.31
C TYR F 623 -0.56 -9.62 -48.72
N PRO F 624 0.13 -8.96 -49.66
CA PRO F 624 0.04 -9.34 -51.07
C PRO F 624 0.76 -10.64 -51.37
N ALA F 625 0.04 -11.54 -52.03
CA ALA F 625 0.46 -12.92 -52.17
C ALA F 625 1.41 -13.16 -53.33
N VAL F 626 1.87 -12.10 -53.99
CA VAL F 626 2.97 -12.25 -54.93
C VAL F 626 4.25 -12.57 -54.17
N PHE F 627 4.31 -12.18 -52.90
CA PHE F 627 5.52 -12.35 -52.10
C PHE F 627 5.71 -13.80 -51.69
N TYR F 628 4.62 -14.54 -51.54
CA TYR F 628 4.72 -15.95 -51.17
C TYR F 628 5.30 -16.78 -52.31
N LEU F 629 4.97 -16.44 -53.56
CA LEU F 629 5.41 -17.26 -54.67
C LEU F 629 6.84 -16.96 -55.05
N LEU F 630 7.29 -15.71 -54.82
CA LEU F 630 8.70 -15.39 -55.03
C LEU F 630 9.57 -16.12 -54.02
N GLN F 631 9.05 -16.27 -52.79
CA GLN F 631 9.74 -16.99 -51.74
C GLN F 631 9.88 -18.46 -52.10
N ALA F 632 8.92 -19.00 -52.85
CA ALA F 632 9.04 -20.34 -53.41
C ALA F 632 9.79 -20.33 -54.73
N ALA F 633 9.85 -19.19 -55.41
CA ALA F 633 10.64 -19.11 -56.63
C ALA F 633 12.12 -19.11 -56.32
N ILE F 634 12.52 -18.32 -55.33
CA ILE F 634 13.93 -18.22 -55.00
C ILE F 634 14.40 -19.49 -54.32
N HIS F 635 13.53 -20.09 -53.51
CA HIS F 635 13.61 -21.47 -52.97
C HIS F 635 14.97 -21.81 -52.37
N GLY F 636 15.57 -20.81 -51.73
CA GLY F 636 16.89 -21.00 -51.15
C GLY F 636 18.03 -20.83 -52.12
N ASN F 637 17.77 -20.85 -53.43
CA ASN F 637 18.82 -20.64 -54.41
C ASN F 637 19.19 -19.17 -54.41
N GLU F 638 20.42 -18.89 -54.00
CA GLU F 638 21.04 -17.58 -54.13
C GLU F 638 21.13 -17.14 -55.58
N HIS F 639 21.17 -18.11 -56.51
CA HIS F 639 21.28 -17.79 -57.93
C HIS F 639 20.05 -17.05 -58.41
N VAL F 640 18.88 -17.38 -57.84
CA VAL F 640 17.66 -16.73 -58.25
C VAL F 640 17.60 -15.29 -57.74
N PHE F 641 18.22 -15.03 -56.57
CA PHE F 641 18.06 -13.73 -55.93
C PHE F 641 18.82 -12.64 -56.68
N CYS F 642 20.06 -12.91 -57.06
CA CYS F 642 20.79 -11.93 -57.85
C CYS F 642 20.24 -11.83 -59.25
N ALA F 643 19.58 -12.89 -59.73
CA ALA F 643 18.87 -12.79 -60.99
C ALA F 643 17.66 -11.88 -60.88
N LEU F 644 16.92 -12.00 -59.78
CA LEU F 644 15.68 -11.28 -59.60
C LEU F 644 15.84 -10.06 -58.70
N ALA F 645 17.05 -9.50 -58.62
CA ALA F 645 17.32 -8.47 -57.64
C ALA F 645 16.62 -7.17 -57.96
N ARG F 646 16.41 -6.86 -59.24
CA ARG F 646 15.61 -5.70 -59.60
C ARG F 646 14.16 -5.86 -59.20
N LEU F 647 13.63 -7.07 -59.32
CA LEU F 647 12.28 -7.35 -58.84
C LEU F 647 12.18 -7.15 -57.34
N VAL F 648 13.18 -7.61 -56.59
CA VAL F 648 13.13 -7.55 -55.13
C VAL F 648 13.25 -6.11 -54.65
N THR F 649 14.14 -5.34 -55.28
CA THR F 649 14.31 -3.96 -54.85
C THR F 649 13.17 -3.05 -55.25
N GLN F 650 12.29 -3.49 -56.16
CA GLN F 650 11.07 -2.75 -56.44
C GLN F 650 9.94 -3.14 -55.51
N CYS F 651 9.77 -4.44 -55.27
CA CYS F 651 8.71 -4.94 -54.40
C CYS F 651 8.87 -4.44 -52.97
N ILE F 652 10.11 -4.35 -52.50
CA ILE F 652 10.37 -3.76 -51.20
C ILE F 652 10.02 -2.28 -51.21
N THR F 653 10.47 -1.57 -52.25
CA THR F 653 10.33 -0.12 -52.30
C THR F 653 8.88 0.29 -52.45
N SER F 654 8.13 -0.46 -53.27
CA SER F 654 6.74 -0.12 -53.51
C SER F 654 5.88 -0.42 -52.29
N TYR F 655 6.18 -1.52 -51.61
CA TYR F 655 5.37 -1.90 -50.45
C TYR F 655 5.67 -1.00 -49.25
N TRP F 656 6.87 -0.41 -49.24
CA TRP F 656 7.22 0.44 -48.10
C TRP F 656 6.53 1.78 -48.19
N ASN F 657 6.17 2.21 -49.40
CA ASN F 657 5.43 3.46 -49.53
C ASN F 657 3.95 3.26 -49.26
N ASN F 658 3.49 2.01 -49.23
CA ASN F 658 2.09 1.75 -48.90
C ASN F 658 1.92 1.47 -47.42
N THR F 659 2.78 0.61 -46.86
CA THR F 659 2.72 0.28 -45.45
C THR F 659 4.09 0.53 -44.83
N ARG F 660 4.10 0.81 -43.54
CA ARG F 660 5.33 0.72 -42.77
C ARG F 660 5.41 -0.70 -42.24
N CYS F 661 5.56 -1.66 -43.15
CA CYS F 661 5.68 -3.07 -42.78
C CYS F 661 6.79 -3.67 -43.63
N ALA F 662 7.47 -4.65 -43.05
CA ALA F 662 8.56 -5.34 -43.75
C ALA F 662 8.02 -6.60 -44.41
N ALA F 663 8.27 -6.75 -45.70
CA ALA F 663 7.53 -7.70 -46.52
C ALA F 663 7.91 -9.16 -46.30
N PHE F 664 9.18 -9.50 -46.46
CA PHE F 664 9.60 -10.90 -46.58
C PHE F 664 10.12 -11.47 -45.27
N VAL F 665 9.56 -11.07 -44.13
CA VAL F 665 10.07 -11.54 -42.84
C VAL F 665 9.57 -12.94 -42.52
N ASN F 666 8.80 -13.55 -43.41
CA ASN F 666 8.42 -14.95 -43.25
C ASN F 666 9.53 -15.92 -43.66
N ASP F 667 10.70 -15.42 -44.04
CA ASP F 667 11.89 -16.25 -44.21
C ASP F 667 13.10 -15.50 -43.68
N TYR F 668 13.94 -16.23 -42.95
CA TYR F 668 15.26 -15.74 -42.57
C TYR F 668 16.17 -15.60 -43.79
N SER F 669 16.09 -16.55 -44.71
CA SER F 669 17.12 -16.66 -45.73
C SER F 669 16.99 -15.56 -46.76
N LEU F 670 15.76 -15.12 -47.02
CA LEU F 670 15.53 -13.97 -47.90
C LEU F 670 16.16 -12.73 -47.32
N VAL F 671 15.81 -12.40 -46.07
CA VAL F 671 16.31 -11.24 -45.35
C VAL F 671 17.82 -11.25 -45.26
N SER F 672 18.41 -12.44 -45.07
CA SER F 672 19.86 -12.59 -45.08
C SER F 672 20.46 -12.21 -46.43
N TYR F 673 19.81 -12.56 -47.54
CA TYR F 673 20.30 -12.04 -48.81
C TYR F 673 19.93 -10.58 -48.98
N ILE F 674 18.80 -10.15 -48.41
CA ILE F 674 18.40 -8.75 -48.46
C ILE F 674 19.41 -7.87 -47.76
N VAL F 675 19.86 -8.29 -46.58
CA VAL F 675 20.91 -7.55 -45.90
C VAL F 675 22.22 -7.65 -46.67
N THR F 676 22.50 -8.80 -47.27
CA THR F 676 23.80 -9.01 -47.91
C THR F 676 23.92 -8.20 -49.20
N TYR F 677 22.88 -8.23 -50.04
CA TYR F 677 23.06 -7.72 -51.38
C TYR F 677 22.47 -6.33 -51.57
N LEU F 678 21.52 -5.93 -50.75
CA LEU F 678 20.73 -4.75 -51.05
C LEU F 678 21.13 -3.54 -50.21
N GLY F 679 22.43 -3.33 -50.01
CA GLY F 679 22.87 -2.38 -48.99
C GLY F 679 22.54 -0.94 -49.29
N GLY F 680 22.30 -0.60 -50.55
CA GLY F 680 22.07 0.78 -50.90
C GLY F 680 20.69 1.12 -51.41
N ASP F 681 20.05 0.17 -52.09
CA ASP F 681 18.85 0.44 -52.89
C ASP F 681 17.59 0.36 -52.01
N LEU F 682 17.63 1.03 -50.88
CA LEU F 682 16.48 1.16 -49.98
C LEU F 682 16.56 2.53 -49.33
N PRO F 683 15.43 3.11 -48.93
CA PRO F 683 15.48 4.13 -47.89
C PRO F 683 15.94 3.48 -46.60
N GLU F 684 16.74 4.21 -45.81
CA GLU F 684 17.43 3.57 -44.71
C GLU F 684 16.52 3.29 -43.53
N GLU F 685 15.28 3.81 -43.57
CA GLU F 685 14.26 3.43 -42.60
C GLU F 685 14.03 1.92 -42.60
N CYS F 686 13.52 1.40 -43.70
CA CYS F 686 13.29 -0.04 -43.82
C CYS F 686 14.58 -0.84 -43.96
N MET F 687 15.70 -0.19 -44.30
CA MET F 687 16.95 -0.92 -44.37
C MET F 687 17.43 -1.36 -42.99
N ALA F 688 17.37 -0.47 -42.00
CA ALA F 688 17.77 -0.84 -40.65
C ALA F 688 16.81 -1.81 -40.01
N VAL F 689 15.58 -1.91 -40.53
CA VAL F 689 14.63 -2.90 -40.06
C VAL F 689 15.13 -4.31 -40.34
N TYR F 690 15.52 -4.57 -41.59
CA TYR F 690 16.06 -5.89 -41.92
C TYR F 690 17.45 -6.07 -41.33
N ARG F 691 18.17 -4.97 -41.13
CA ARG F 691 19.52 -5.06 -40.57
C ARG F 691 19.48 -5.48 -39.12
N ASP F 692 18.52 -4.94 -38.35
CA ASP F 692 18.50 -5.16 -36.91
C ASP F 692 18.10 -6.59 -36.58
N LEU F 693 17.27 -7.20 -37.43
CA LEU F 693 16.82 -8.56 -37.18
C LEU F 693 17.95 -9.57 -37.34
N VAL F 694 18.86 -9.31 -38.26
CA VAL F 694 19.97 -10.23 -38.51
C VAL F 694 20.97 -10.20 -37.36
N ALA F 695 21.34 -8.99 -36.91
CA ALA F 695 22.34 -8.90 -35.85
C ALA F 695 21.79 -9.37 -34.50
N HIS F 696 20.49 -9.22 -34.29
CA HIS F 696 19.87 -9.70 -33.06
C HIS F 696 19.86 -11.22 -33.00
N VAL F 697 19.88 -11.89 -34.15
CA VAL F 697 20.07 -13.33 -34.18
C VAL F 697 21.43 -13.71 -33.62
N GLU F 698 22.46 -12.92 -33.94
CA GLU F 698 23.82 -13.22 -33.52
C GLU F 698 24.00 -13.17 -32.01
N ALA F 699 23.30 -12.27 -31.33
CA ALA F 699 23.38 -12.23 -29.87
C ALA F 699 22.73 -13.46 -29.27
N LEU F 700 21.68 -13.96 -29.92
CA LEU F 700 21.03 -15.17 -29.43
C LEU F 700 21.90 -16.40 -29.66
N ALA F 701 22.77 -16.34 -30.65
CA ALA F 701 23.71 -17.44 -30.87
C ALA F 701 24.77 -17.47 -29.80
N GLN F 702 25.45 -16.35 -29.57
CA GLN F 702 26.55 -16.28 -28.63
C GLN F 702 26.09 -16.24 -27.18
N LEU F 703 24.78 -16.16 -26.93
CA LEU F 703 24.26 -16.29 -25.59
C LEU F 703 24.56 -17.65 -24.98
N VAL F 704 24.57 -18.70 -25.79
CA VAL F 704 24.86 -20.03 -25.28
C VAL F 704 26.33 -20.14 -24.89
N ASP F 705 27.21 -19.40 -25.57
CA ASP F 705 28.64 -19.49 -25.32
C ASP F 705 29.01 -18.96 -23.94
N ASP F 706 28.23 -18.01 -23.42
CA ASP F 706 28.47 -17.49 -22.09
C ASP F 706 28.13 -18.54 -21.04
N PHE F 707 27.20 -19.44 -21.33
CA PHE F 707 26.66 -20.32 -20.31
C PHE F 707 27.07 -21.77 -20.45
N THR F 708 28.26 -22.03 -20.97
CA THR F 708 28.77 -23.40 -21.08
C THR F 708 30.29 -23.40 -21.01
N LEU F 709 30.83 -24.17 -20.08
CA LEU F 709 32.27 -24.41 -20.06
C LEU F 709 32.65 -25.38 -21.15
N PRO F 710 33.79 -25.20 -21.81
CA PRO F 710 34.18 -26.13 -22.87
C PRO F 710 34.79 -27.40 -22.31
N GLY F 711 35.00 -28.36 -23.20
CA GLY F 711 35.45 -29.69 -22.86
C GLY F 711 35.51 -30.59 -24.08
N PRO F 712 35.71 -31.89 -23.85
CA PRO F 712 35.87 -32.82 -24.98
C PRO F 712 34.59 -33.07 -25.76
N GLU F 713 34.71 -33.49 -27.01
CA GLU F 713 33.56 -33.96 -27.79
C GLU F 713 33.08 -35.29 -27.23
N LEU F 714 31.77 -35.48 -27.20
CA LEU F 714 31.16 -36.65 -26.58
C LEU F 714 30.05 -37.20 -27.47
N GLY F 715 30.09 -38.51 -27.72
CA GLY F 715 29.07 -39.19 -28.49
C GLY F 715 28.99 -38.78 -29.94
N GLY F 716 30.08 -38.30 -30.52
CA GLY F 716 30.08 -37.65 -31.81
C GLY F 716 29.70 -36.19 -31.76
N GLN F 717 29.22 -35.72 -30.61
CA GLN F 717 28.73 -34.37 -30.45
C GLN F 717 29.69 -33.55 -29.62
N ALA F 718 29.61 -32.24 -29.80
CA ALA F 718 30.44 -31.32 -29.02
C ALA F 718 29.75 -30.99 -27.71
N GLN F 719 30.35 -30.06 -26.96
CA GLN F 719 29.84 -29.68 -25.65
C GLN F 719 28.51 -28.95 -25.73
N ALA F 720 28.48 -27.81 -26.41
CA ALA F 720 27.31 -26.94 -26.42
C ALA F 720 26.11 -27.58 -27.09
N GLU F 721 26.33 -28.58 -27.94
CA GLU F 721 25.25 -29.38 -28.49
C GLU F 721 24.54 -30.16 -27.40
N LEU F 722 25.29 -30.69 -26.43
CA LEU F 722 24.68 -31.40 -25.31
C LEU F 722 23.92 -30.48 -24.38
N ASN F 723 24.14 -29.17 -24.48
CA ASN F 723 23.63 -28.23 -23.48
C ASN F 723 22.41 -27.47 -24.01
N HIS F 724 22.56 -26.82 -25.15
CA HIS F 724 21.46 -26.11 -25.77
C HIS F 724 20.98 -26.91 -26.98
N LEU F 725 19.71 -26.72 -27.32
CA LEU F 725 19.14 -27.55 -28.37
C LEU F 725 19.43 -26.99 -29.76
N MET F 726 19.56 -25.67 -29.89
CA MET F 726 19.77 -25.08 -31.21
C MET F 726 21.12 -25.45 -31.80
N ARG F 727 22.12 -25.72 -30.95
CA ARG F 727 23.41 -26.16 -31.45
C ARG F 727 23.40 -27.63 -31.84
N ASP F 728 22.56 -28.44 -31.23
CA ASP F 728 22.61 -29.88 -31.46
C ASP F 728 22.00 -30.21 -32.81
N PRO F 729 22.59 -31.12 -33.58
CA PRO F 729 22.10 -31.35 -34.94
C PRO F 729 20.80 -32.13 -35.01
N ALA F 730 20.34 -32.72 -33.90
CA ALA F 730 19.16 -33.57 -33.91
C ALA F 730 17.91 -32.80 -34.31
N LEU F 731 17.75 -31.60 -33.77
CA LEU F 731 16.70 -30.76 -34.28
C LEU F 731 17.19 -30.01 -35.50
N LEU F 732 16.43 -30.11 -36.58
CA LEU F 732 16.57 -29.42 -37.84
C LEU F 732 15.40 -28.45 -38.03
N PRO F 733 15.65 -27.29 -38.62
CA PRO F 733 14.60 -26.27 -38.73
C PRO F 733 13.51 -26.71 -39.67
N PRO F 734 12.31 -26.13 -39.57
CA PRO F 734 11.14 -26.70 -40.27
C PRO F 734 11.15 -26.59 -41.79
N LEU F 735 11.77 -25.57 -42.38
CA LEU F 735 11.69 -25.37 -43.83
C LEU F 735 13.10 -25.31 -44.40
N VAL F 736 13.60 -26.44 -44.89
CA VAL F 736 14.97 -26.53 -45.39
C VAL F 736 14.90 -26.93 -46.86
N TRP F 737 15.20 -25.99 -47.75
CA TRP F 737 15.12 -26.23 -49.19
C TRP F 737 16.12 -27.26 -49.67
N ASP F 738 17.34 -27.25 -49.13
CA ASP F 738 18.36 -28.22 -49.51
C ASP F 738 18.37 -29.37 -48.53
N CYS F 739 19.37 -30.23 -48.67
CA CYS F 739 19.48 -31.43 -47.88
C CYS F 739 20.61 -31.34 -46.87
N ASP F 740 21.20 -30.15 -46.71
CA ASP F 740 22.33 -29.96 -45.80
C ASP F 740 21.93 -30.18 -44.35
N GLY F 741 20.64 -30.06 -44.04
CA GLY F 741 20.17 -30.39 -42.71
C GLY F 741 20.35 -31.86 -42.37
N LEU F 742 20.03 -32.74 -43.30
CA LEU F 742 20.08 -34.16 -42.97
C LEU F 742 21.51 -34.69 -42.93
N MET F 743 22.46 -33.98 -43.57
CA MET F 743 23.82 -34.47 -43.80
C MET F 743 24.53 -34.80 -42.49
N ARG F 744 24.63 -33.82 -41.60
CA ARG F 744 25.16 -34.11 -40.29
C ARG F 744 24.12 -34.81 -39.43
N HIS F 745 22.84 -34.66 -39.77
CA HIS F 745 21.80 -35.31 -38.98
C HIS F 745 21.77 -36.81 -39.22
N ALA F 746 22.18 -37.25 -40.40
CA ALA F 746 22.39 -38.67 -40.59
C ALA F 746 23.60 -39.17 -39.81
N ALA F 747 24.53 -38.28 -39.48
CA ALA F 747 25.78 -38.66 -38.83
C ALA F 747 25.57 -38.73 -37.33
N LEU F 748 24.81 -39.73 -36.89
CA LEU F 748 24.63 -40.00 -35.47
C LEU F 748 24.36 -41.48 -35.26
N ASP F 749 24.70 -41.94 -34.07
CA ASP F 749 24.09 -43.14 -33.53
C ASP F 749 22.75 -42.83 -32.88
N ARG F 750 22.55 -41.58 -32.45
CA ARG F 750 21.26 -41.14 -31.94
C ARG F 750 20.21 -41.15 -33.03
N HIS F 751 20.61 -40.82 -34.25
CA HIS F 751 19.75 -40.92 -35.42
C HIS F 751 19.44 -42.40 -35.66
N ARG F 752 18.26 -42.83 -35.25
CA ARG F 752 17.95 -44.25 -35.16
C ARG F 752 17.10 -44.64 -36.35
N ASP F 753 16.70 -43.62 -37.13
CA ASP F 753 15.92 -43.78 -38.36
C ASP F 753 15.76 -42.45 -39.09
N CYS F 754 15.44 -42.52 -40.38
CA CYS F 754 14.90 -41.38 -41.11
C CYS F 754 13.91 -41.89 -42.13
N ARG F 755 12.67 -41.46 -42.01
CA ARG F 755 11.56 -42.01 -42.79
C ARG F 755 10.96 -40.86 -43.60
N ILE F 756 11.37 -40.77 -44.87
CA ILE F 756 10.85 -39.75 -45.76
C ILE F 756 9.40 -40.09 -46.13
N ASP F 757 8.62 -39.06 -46.45
CA ASP F 757 7.17 -39.22 -46.50
C ASP F 757 6.72 -39.97 -47.75
N ALA F 758 6.87 -39.38 -48.92
CA ALA F 758 6.25 -39.89 -50.13
C ALA F 758 7.26 -40.66 -50.98
N GLY F 759 6.98 -41.94 -51.21
CA GLY F 759 7.74 -42.73 -52.16
C GLY F 759 8.83 -43.65 -51.66
N GLY F 760 9.75 -43.14 -50.84
CA GLY F 760 10.91 -43.91 -50.42
C GLY F 760 10.97 -44.08 -48.91
N HIS F 761 12.06 -44.71 -48.44
CA HIS F 761 12.29 -44.83 -47.01
C HIS F 761 13.34 -43.83 -46.54
N GLU F 762 14.57 -43.94 -47.04
CA GLU F 762 15.65 -43.02 -46.73
C GLU F 762 16.10 -42.31 -48.01
N PRO F 763 16.45 -41.01 -47.92
CA PRO F 763 16.53 -40.20 -49.14
C PRO F 763 17.86 -40.26 -49.87
N VAL F 764 17.80 -40.21 -51.21
CA VAL F 764 18.95 -39.85 -52.03
C VAL F 764 18.61 -38.51 -52.65
N TYR F 765 19.63 -37.78 -53.09
CA TYR F 765 19.50 -36.34 -53.33
C TYR F 765 19.73 -36.05 -54.81
N ALA F 766 19.18 -34.92 -55.26
CA ALA F 766 19.20 -34.58 -56.68
C ALA F 766 20.39 -33.67 -56.95
N ALA F 767 20.93 -33.80 -58.16
CA ALA F 767 22.04 -32.95 -58.60
C ALA F 767 21.61 -31.50 -58.70
N ALA F 768 20.44 -31.24 -59.28
CA ALA F 768 19.92 -29.89 -59.45
C ALA F 768 18.41 -29.99 -59.70
N CYS F 769 17.86 -28.90 -60.23
CA CYS F 769 16.49 -28.89 -60.71
C CYS F 769 16.34 -27.84 -61.80
N ASN F 770 16.33 -28.29 -63.05
CA ASN F 770 16.16 -27.44 -64.23
C ASN F 770 14.73 -27.61 -64.72
N VAL F 771 14.41 -27.11 -65.92
CA VAL F 771 13.12 -27.45 -66.54
C VAL F 771 13.08 -28.93 -66.88
N ALA F 772 14.22 -29.51 -67.24
CA ALA F 772 14.29 -30.93 -67.54
C ALA F 772 14.17 -31.80 -66.31
N THR F 773 14.74 -31.38 -65.17
CA THR F 773 14.79 -32.20 -63.97
C THR F 773 13.43 -32.26 -63.25
N ALA F 774 12.66 -31.18 -63.30
CA ALA F 774 11.54 -31.00 -62.39
C ALA F 774 10.36 -31.89 -62.73
N ASP F 775 9.94 -32.68 -61.75
CA ASP F 775 8.69 -33.43 -61.78
C ASP F 775 7.84 -32.98 -60.60
N PHE F 776 6.87 -32.12 -60.88
CA PHE F 776 6.23 -31.30 -59.86
C PHE F 776 5.40 -32.10 -58.85
N ASN F 777 5.11 -33.38 -59.13
CA ASN F 777 4.50 -34.31 -58.18
C ASN F 777 5.23 -35.64 -58.28
N ARG F 778 6.25 -35.83 -57.44
CA ARG F 778 7.05 -37.05 -57.47
C ARG F 778 6.94 -37.75 -56.12
N ASN F 779 7.13 -39.05 -56.11
CA ASN F 779 7.17 -39.83 -54.87
C ASN F 779 8.37 -40.76 -54.95
N ASP F 780 9.54 -40.26 -54.56
CA ASP F 780 10.72 -41.10 -54.50
C ASP F 780 11.66 -40.79 -53.35
N GLY F 781 11.27 -39.91 -52.43
CA GLY F 781 12.18 -39.44 -51.41
C GLY F 781 13.30 -38.58 -51.94
N ARG F 782 13.15 -38.00 -53.12
CA ARG F 782 14.18 -37.19 -53.71
C ARG F 782 14.12 -35.76 -53.17
N LEU F 783 15.23 -35.32 -52.59
CA LEU F 783 15.34 -34.00 -52.01
C LEU F 783 16.35 -33.20 -52.81
N LEU F 784 15.93 -32.01 -53.25
CA LEU F 784 16.78 -31.13 -54.04
C LEU F 784 17.87 -30.53 -53.16
N HIS F 785 19.09 -30.55 -53.67
CA HIS F 785 20.20 -29.92 -52.95
C HIS F 785 20.71 -28.67 -53.67
N ASN F 786 19.93 -28.10 -54.60
CA ASN F 786 20.39 -26.93 -55.36
C ASN F 786 19.93 -25.62 -54.72
N THR F 787 20.58 -25.26 -53.62
CA THR F 787 20.41 -23.91 -53.10
C THR F 787 21.64 -23.05 -53.31
N GLN F 788 22.66 -23.57 -53.99
CA GLN F 788 23.86 -22.81 -54.27
C GLN F 788 23.59 -21.77 -55.36
N ALA F 789 24.51 -20.83 -55.51
CA ALA F 789 24.37 -19.77 -56.48
C ALA F 789 24.96 -20.12 -57.83
N ARG F 790 25.62 -21.28 -57.95
CA ARG F 790 26.43 -21.60 -59.11
C ARG F 790 25.78 -22.73 -59.90
N ALA F 791 25.35 -22.43 -61.12
CA ALA F 791 24.89 -23.47 -62.03
C ALA F 791 26.05 -24.20 -62.69
N ALA F 792 27.27 -23.67 -62.58
CA ALA F 792 28.44 -24.35 -63.11
C ALA F 792 29.13 -25.17 -62.04
N ASP F 793 29.08 -24.71 -60.80
CA ASP F 793 29.64 -25.43 -59.66
C ASP F 793 28.47 -25.94 -58.82
N ALA F 794 28.08 -27.18 -59.06
CA ALA F 794 26.87 -27.74 -58.47
C ALA F 794 27.16 -28.34 -57.10
N ALA F 795 26.11 -28.75 -56.40
CA ALA F 795 26.23 -29.37 -55.09
C ALA F 795 25.08 -30.35 -54.90
N ASP F 796 25.42 -31.64 -54.87
CA ASP F 796 24.49 -32.70 -54.49
C ASP F 796 24.61 -32.98 -53.00
N ASP F 797 25.80 -32.76 -52.44
CA ASP F 797 26.06 -33.00 -51.02
C ASP F 797 26.74 -31.83 -50.34
N ARG F 798 27.53 -31.05 -51.06
CA ARG F 798 28.48 -30.15 -50.41
C ARG F 798 27.79 -28.87 -49.95
N PRO F 799 27.99 -28.43 -48.71
CA PRO F 799 27.50 -27.12 -48.30
C PRO F 799 28.50 -26.02 -48.64
N HIS F 800 27.95 -24.84 -48.94
CA HIS F 800 28.72 -23.64 -49.27
C HIS F 800 28.70 -22.68 -48.09
N ARG F 801 27.64 -22.73 -47.29
CA ARG F 801 27.34 -21.86 -46.16
C ARG F 801 27.89 -22.46 -44.88
N PRO F 802 28.01 -21.69 -43.75
CA PRO F 802 28.61 -22.29 -42.55
C PRO F 802 27.66 -23.22 -41.83
N ALA F 803 28.18 -23.93 -40.82
CA ALA F 803 27.40 -24.92 -40.10
C ALA F 803 26.27 -24.29 -39.30
N ASP F 804 26.42 -23.04 -38.92
CA ASP F 804 25.37 -22.38 -38.15
C ASP F 804 24.28 -21.77 -39.02
N TRP F 805 24.38 -21.90 -40.34
CA TRP F 805 23.30 -21.46 -41.21
C TRP F 805 22.01 -22.21 -40.92
N THR F 806 22.12 -23.50 -40.67
CA THR F 806 21.01 -24.26 -40.13
C THR F 806 20.58 -23.76 -38.77
N VAL F 807 21.54 -23.32 -37.95
CA VAL F 807 21.24 -22.95 -36.58
C VAL F 807 20.60 -21.57 -36.53
N HIS F 808 21.04 -20.67 -37.41
CA HIS F 808 20.45 -19.34 -37.51
C HIS F 808 18.96 -19.38 -37.83
N HIS F 809 18.54 -20.28 -38.74
CA HIS F 809 17.12 -20.48 -38.98
C HIS F 809 16.42 -21.05 -37.75
N LYS F 810 17.10 -21.91 -37.00
CA LYS F 810 16.52 -22.43 -35.78
C LYS F 810 16.39 -21.34 -34.73
N ILE F 811 17.36 -20.43 -34.69
CA ILE F 811 17.19 -19.19 -33.96
C ILE F 811 16.08 -18.34 -34.57
N TYR F 812 15.92 -18.37 -35.88
CA TYR F 812 14.88 -17.57 -36.50
C TYR F 812 13.50 -18.21 -36.32
N TYR F 813 13.33 -19.46 -36.78
CA TYR F 813 12.00 -20.04 -36.86
C TYR F 813 11.44 -20.36 -35.47
N TYR F 814 12.17 -21.15 -34.69
CA TYR F 814 11.63 -21.64 -33.42
C TYR F 814 11.55 -20.55 -32.36
N VAL F 815 12.32 -19.48 -32.50
CA VAL F 815 12.40 -18.52 -31.42
C VAL F 815 11.74 -17.20 -31.78
N LEU F 816 12.16 -16.57 -32.87
CA LEU F 816 11.67 -15.22 -33.17
C LEU F 816 10.24 -15.26 -33.65
N VAL F 817 9.96 -16.10 -34.65
CA VAL F 817 8.70 -16.15 -35.39
C VAL F 817 7.45 -16.28 -34.53
N PRO F 818 7.32 -17.23 -33.57
CA PRO F 818 6.03 -17.31 -32.84
C PRO F 818 5.80 -16.11 -31.95
N ALA F 819 6.89 -15.52 -31.45
CA ALA F 819 6.79 -14.32 -30.63
C ALA F 819 6.25 -13.15 -31.45
N PHE F 820 6.73 -12.99 -32.67
CA PHE F 820 6.12 -12.00 -33.55
C PHE F 820 4.73 -12.45 -34.00
N SER F 821 4.51 -13.77 -34.07
CA SER F 821 3.24 -14.26 -34.56
C SER F 821 2.14 -14.09 -33.52
N ARG F 822 2.51 -14.21 -32.24
CA ARG F 822 1.59 -14.53 -31.15
C ARG F 822 0.75 -15.75 -31.54
N GLY F 823 1.41 -16.76 -32.09
CA GLY F 823 0.81 -18.03 -32.41
C GLY F 823 0.09 -18.12 -33.75
N ARG F 824 -0.34 -17.00 -34.30
CA ARG F 824 -1.27 -16.99 -35.44
C ARG F 824 -0.51 -17.07 -36.76
N CYS F 825 0.17 -18.19 -36.99
CA CYS F 825 0.80 -18.45 -38.26
C CYS F 825 0.90 -19.96 -38.49
N CYS F 826 1.18 -20.37 -39.71
CA CYS F 826 1.32 -21.78 -40.02
C CYS F 826 2.14 -21.97 -41.27
N THR F 827 2.52 -23.22 -41.53
CA THR F 827 3.27 -23.54 -42.73
C THR F 827 2.33 -23.68 -43.92
N ALA F 828 2.89 -24.14 -45.03
CA ALA F 828 2.13 -24.38 -46.25
C ALA F 828 2.87 -25.37 -47.12
N GLY F 829 2.11 -26.23 -47.77
CA GLY F 829 2.64 -27.09 -48.80
C GLY F 829 2.25 -26.61 -50.19
N VAL F 830 3.26 -26.52 -51.04
CA VAL F 830 3.20 -25.72 -52.26
C VAL F 830 2.86 -26.61 -53.44
N ARG F 831 1.88 -26.18 -54.21
CA ARG F 831 1.64 -26.68 -55.57
C ARG F 831 2.49 -25.84 -56.52
N PHE F 832 3.77 -26.21 -56.67
CA PHE F 832 4.67 -25.52 -57.60
C PHE F 832 4.19 -25.61 -59.04
N ASP F 833 3.54 -26.70 -59.39
CA ASP F 833 2.90 -26.81 -60.69
C ASP F 833 1.83 -25.74 -60.87
N ARG F 834 1.05 -25.48 -59.82
CA ARG F 834 0.18 -24.32 -59.87
C ARG F 834 0.96 -23.03 -59.77
N VAL F 835 2.05 -23.01 -59.00
CA VAL F 835 2.85 -21.80 -58.86
C VAL F 835 3.55 -21.46 -60.17
N TYR F 836 4.27 -22.42 -60.74
CA TYR F 836 4.99 -22.14 -61.97
C TYR F 836 4.06 -22.02 -63.17
N ALA F 837 2.78 -22.28 -63.00
CA ALA F 837 1.81 -21.89 -64.00
C ALA F 837 1.73 -20.37 -64.12
N THR F 838 1.23 -19.70 -63.09
CA THR F 838 0.90 -18.29 -63.22
C THR F 838 2.07 -17.37 -62.94
N LEU F 839 3.26 -17.89 -62.66
CA LEU F 839 4.45 -17.04 -62.61
C LEU F 839 4.79 -16.53 -64.00
N GLN F 840 5.07 -17.46 -64.90
CA GLN F 840 5.59 -17.17 -66.23
C GLN F 840 4.43 -17.01 -67.21
N ASN F 841 3.45 -16.21 -66.78
CA ASN F 841 2.26 -15.91 -67.55
C ASN F 841 2.12 -14.39 -67.52
N MET F 842 2.82 -13.71 -68.43
CA MET F 842 2.96 -12.28 -68.29
C MET F 842 2.40 -11.56 -69.51
N VAL F 843 1.76 -10.43 -69.27
CA VAL F 843 1.43 -9.47 -70.31
C VAL F 843 2.53 -8.42 -70.25
N VAL F 844 3.64 -8.69 -70.93
CA VAL F 844 4.73 -7.73 -71.06
C VAL F 844 4.84 -7.37 -72.53
N PRO F 845 4.32 -6.22 -72.95
CA PRO F 845 4.39 -5.83 -74.37
C PRO F 845 5.81 -5.51 -74.77
N GLU F 846 6.13 -5.79 -76.04
CA GLU F 846 7.44 -5.44 -76.57
C GLU F 846 7.58 -3.93 -76.67
N ILE F 847 8.67 -3.42 -76.13
CA ILE F 847 8.92 -1.98 -76.10
C ILE F 847 9.18 -1.48 -77.52
N ALA F 848 8.64 -0.31 -77.83
CA ALA F 848 8.91 0.31 -79.12
C ALA F 848 10.19 1.14 -79.03
N PRO F 849 10.98 1.20 -80.10
CA PRO F 849 12.14 2.10 -80.10
C PRO F 849 11.71 3.55 -80.08
N GLY F 850 12.42 4.35 -79.28
CA GLY F 850 12.07 5.74 -79.06
C GLY F 850 11.39 6.00 -77.74
N GLU F 851 10.91 4.97 -77.06
CA GLU F 851 10.21 5.14 -75.80
C GLU F 851 10.99 4.48 -74.67
N GLU F 852 10.86 5.05 -73.48
CA GLU F 852 11.52 4.50 -72.31
C GLU F 852 10.64 3.43 -71.64
N CYS F 853 11.13 2.94 -70.51
CA CYS F 853 10.36 2.01 -69.71
C CYS F 853 9.24 2.73 -68.99
N PRO F 854 8.02 2.21 -68.99
CA PRO F 854 6.97 2.76 -68.12
C PRO F 854 7.28 2.44 -66.66
N SER F 855 7.25 3.47 -65.83
CA SER F 855 7.53 3.28 -64.41
C SER F 855 6.25 3.25 -63.57
N ASP F 856 5.36 4.22 -63.82
CA ASP F 856 4.12 4.32 -63.07
C ASP F 856 3.15 3.24 -63.53
N PRO F 857 2.52 2.48 -62.63
CA PRO F 857 1.54 1.47 -63.06
C PRO F 857 0.14 2.02 -63.34
N VAL F 858 -0.02 3.33 -63.45
CA VAL F 858 -1.37 3.88 -63.54
C VAL F 858 -1.73 4.34 -64.94
N THR F 859 -0.93 5.19 -65.58
CA THR F 859 -1.29 5.81 -66.85
C THR F 859 -0.65 5.08 -68.03
N ASP F 860 0.65 4.81 -67.97
CA ASP F 860 1.42 4.36 -69.14
C ASP F 860 1.09 2.90 -69.45
N PRO F 861 0.42 2.60 -70.57
CA PRO F 861 -0.20 1.27 -70.73
C PRO F 861 0.78 0.15 -71.02
N ALA F 862 2.01 0.45 -71.42
CA ALA F 862 3.00 -0.60 -71.61
C ALA F 862 3.61 -1.06 -70.28
N HIS F 863 3.32 -0.37 -69.19
CA HIS F 863 3.53 -0.95 -67.88
C HIS F 863 2.60 -2.15 -67.73
N PRO F 864 3.07 -3.26 -67.18
CA PRO F 864 2.23 -4.46 -67.12
C PRO F 864 1.06 -4.37 -66.14
N LEU F 865 1.11 -3.45 -65.17
CA LEU F 865 0.03 -3.30 -64.21
C LEU F 865 -0.94 -2.18 -64.57
N HIS F 866 -0.78 -1.53 -65.71
CA HIS F 866 -1.86 -0.69 -66.22
C HIS F 866 -3.01 -1.60 -66.66
N PRO F 867 -4.28 -1.16 -66.47
CA PRO F 867 -5.43 -2.04 -66.77
C PRO F 867 -5.62 -2.47 -68.22
N ALA F 868 -4.88 -1.87 -69.15
CA ALA F 868 -4.87 -2.40 -70.51
C ALA F 868 -4.13 -3.73 -70.57
N ASN F 869 -3.01 -3.84 -69.86
CA ASN F 869 -2.27 -5.08 -69.76
C ASN F 869 -2.81 -6.01 -68.68
N LEU F 870 -3.75 -5.55 -67.87
CA LEU F 870 -4.41 -6.45 -66.93
C LEU F 870 -5.50 -7.21 -67.66
N VAL F 871 -5.27 -8.50 -67.88
CA VAL F 871 -6.26 -9.43 -68.39
C VAL F 871 -6.58 -10.34 -67.21
N ALA F 872 -7.58 -11.21 -67.39
CA ALA F 872 -7.82 -12.24 -66.40
C ALA F 872 -6.66 -13.24 -66.37
N ASN F 873 -6.23 -13.59 -65.16
CA ASN F 873 -5.33 -14.71 -64.88
C ASN F 873 -3.94 -14.57 -65.51
N THR F 874 -3.26 -13.47 -65.21
CA THR F 874 -1.86 -13.24 -65.58
C THR F 874 -1.10 -12.64 -64.39
N VAL F 875 0.23 -12.61 -64.48
CA VAL F 875 1.05 -12.42 -63.28
C VAL F 875 1.03 -10.97 -62.81
N LYS F 876 1.01 -10.01 -63.75
CA LYS F 876 0.83 -8.62 -63.40
C LYS F 876 -0.56 -8.32 -62.88
N ARG F 877 -1.56 -9.13 -63.24
CA ARG F 877 -2.87 -9.00 -62.61
C ARG F 877 -2.81 -9.44 -61.16
N MET F 878 -2.00 -10.44 -60.84
CA MET F 878 -1.82 -10.80 -59.44
C MET F 878 -0.87 -9.84 -58.74
N PHE F 879 0.04 -9.20 -59.50
CA PHE F 879 0.72 -8.00 -59.00
C PHE F 879 -0.23 -6.85 -58.68
N HIS F 880 -1.46 -6.85 -59.21
CA HIS F 880 -2.28 -5.65 -59.16
C HIS F 880 -3.32 -5.67 -58.05
N ASN F 881 -3.60 -6.85 -57.49
CA ASN F 881 -4.49 -6.94 -56.32
C ASN F 881 -3.90 -6.19 -55.14
N GLY F 882 -2.74 -6.65 -54.66
CA GLY F 882 -1.91 -5.83 -53.81
C GLY F 882 -0.91 -5.09 -54.67
N ARG F 883 -1.12 -3.79 -54.88
CA ARG F 883 -0.48 -3.01 -55.93
C ARG F 883 1.01 -2.87 -55.66
N VAL F 884 1.80 -3.64 -56.40
CA VAL F 884 3.25 -3.60 -56.29
C VAL F 884 3.82 -3.03 -57.59
N VAL F 885 4.45 -1.87 -57.50
CA VAL F 885 4.96 -1.16 -58.67
C VAL F 885 6.16 -1.94 -59.17
N VAL F 886 5.94 -2.78 -60.19
CA VAL F 886 6.98 -3.56 -60.82
C VAL F 886 6.78 -3.44 -62.33
N ASP F 887 7.80 -2.90 -63.00
CA ASP F 887 7.70 -2.54 -64.41
C ASP F 887 7.91 -3.76 -65.31
N GLY F 888 8.08 -3.48 -66.60
CA GLY F 888 8.33 -4.48 -67.62
C GLY F 888 9.60 -5.28 -67.46
N PRO F 889 10.78 -4.66 -67.62
CA PRO F 889 12.04 -5.43 -67.62
C PRO F 889 12.41 -6.09 -66.31
N ALA F 890 11.70 -5.82 -65.21
CA ALA F 890 11.86 -6.64 -64.02
C ALA F 890 11.23 -8.01 -64.23
N MET F 891 9.93 -8.05 -64.49
CA MET F 891 9.27 -9.32 -64.74
C MET F 891 9.55 -9.86 -66.14
N LEU F 892 10.18 -9.08 -67.00
CA LEU F 892 10.70 -9.65 -68.23
C LEU F 892 11.89 -10.55 -67.95
N THR F 893 12.69 -10.18 -66.93
CA THR F 893 13.80 -11.03 -66.50
C THR F 893 13.35 -12.18 -65.61
N LEU F 894 12.06 -12.48 -65.57
CA LEU F 894 11.54 -13.75 -65.07
C LEU F 894 11.83 -14.90 -66.03
N GLN F 895 12.47 -14.60 -67.17
CA GLN F 895 13.11 -15.56 -68.06
C GLN F 895 14.05 -16.55 -67.37
N VAL F 896 14.59 -16.22 -66.20
CA VAL F 896 15.58 -17.06 -65.55
C VAL F 896 14.90 -18.15 -64.71
N LEU F 897 13.55 -18.27 -64.79
CA LEU F 897 12.84 -19.35 -64.12
C LEU F 897 13.25 -20.73 -64.64
N ALA F 898 13.76 -20.79 -65.86
CA ALA F 898 14.13 -22.08 -66.45
C ALA F 898 15.34 -22.72 -65.77
N HIS F 899 16.12 -21.94 -65.01
CA HIS F 899 17.36 -22.48 -64.49
C HIS F 899 17.16 -23.31 -63.24
N ASN F 900 16.71 -22.70 -62.14
CA ASN F 900 16.47 -23.45 -60.90
C ASN F 900 15.01 -23.37 -60.55
N MET F 901 14.49 -24.45 -59.96
CA MET F 901 13.13 -24.46 -59.44
C MET F 901 13.01 -25.55 -58.37
N ALA F 902 11.78 -25.73 -57.88
CA ALA F 902 11.47 -26.75 -56.89
C ALA F 902 10.20 -27.45 -57.30
N GLU F 903 10.19 -28.78 -57.16
CA GLU F 903 9.07 -29.57 -57.67
C GLU F 903 7.87 -29.60 -56.72
N ARG F 904 8.09 -29.95 -55.47
CA ARG F 904 7.02 -30.15 -54.50
C ARG F 904 7.66 -30.19 -53.12
N THR F 905 6.83 -30.20 -52.10
CA THR F 905 7.32 -30.29 -50.74
C THR F 905 7.24 -31.72 -50.23
N THR F 906 8.07 -32.02 -49.23
CA THR F 906 8.20 -33.38 -48.73
C THR F 906 8.41 -33.34 -47.22
N ALA F 907 7.58 -34.07 -46.48
CA ALA F 907 7.71 -34.14 -45.03
C ALA F 907 8.91 -34.99 -44.66
N LEU F 908 9.83 -34.38 -43.90
CA LEU F 908 11.06 -35.06 -43.47
C LEU F 908 10.85 -35.51 -42.03
N LEU F 909 11.05 -36.79 -41.78
CA LEU F 909 10.94 -37.35 -40.44
C LEU F 909 12.17 -38.20 -40.21
N CYS F 910 13.09 -37.72 -39.37
CA CYS F 910 14.26 -38.49 -38.99
C CYS F 910 14.48 -38.33 -37.50
N SER F 911 14.09 -39.33 -36.72
CA SER F 911 14.00 -39.17 -35.28
C SER F 911 15.37 -39.25 -34.63
N ALA F 912 15.37 -39.26 -33.30
CA ALA F 912 16.62 -39.16 -32.56
C ALA F 912 16.49 -39.93 -31.25
N ALA F 913 17.61 -40.05 -30.56
CA ALA F 913 17.72 -40.71 -29.28
C ALA F 913 18.14 -39.68 -28.22
N PRO F 914 18.08 -40.00 -26.93
CA PRO F 914 18.79 -39.18 -25.95
C PRO F 914 20.30 -39.20 -26.20
N ASP F 915 20.96 -38.16 -25.70
CA ASP F 915 22.35 -37.96 -26.02
C ASP F 915 23.25 -38.89 -25.23
N ALA F 916 24.51 -38.96 -25.65
CA ALA F 916 25.56 -39.32 -24.72
C ALA F 916 25.57 -38.29 -23.62
N GLY F 917 25.10 -38.68 -22.45
CA GLY F 917 24.88 -37.77 -21.36
C GLY F 917 23.56 -37.96 -20.65
N ALA F 918 22.55 -38.51 -21.33
CA ALA F 918 21.32 -38.88 -20.66
C ALA F 918 20.89 -40.29 -21.06
N ASN F 919 21.64 -40.93 -21.95
CA ASN F 919 21.29 -42.25 -22.43
C ASN F 919 21.62 -43.26 -21.35
N THR F 920 20.60 -43.69 -20.62
CA THR F 920 20.74 -44.77 -19.67
C THR F 920 19.89 -45.95 -20.10
N ALA F 921 19.77 -46.96 -19.25
CA ALA F 921 19.06 -48.18 -19.61
C ALA F 921 17.57 -47.93 -19.84
N SER F 922 16.94 -47.09 -19.04
CA SER F 922 15.53 -46.80 -19.27
C SER F 922 15.35 -45.87 -20.44
N THR F 923 16.34 -45.02 -20.71
CA THR F 923 16.23 -44.04 -21.76
C THR F 923 16.73 -44.56 -23.09
N ALA F 924 17.20 -45.80 -23.15
CA ALA F 924 17.68 -46.36 -24.41
C ALA F 924 16.54 -46.66 -25.36
N ASN F 925 15.38 -47.00 -24.82
CA ASN F 925 14.20 -47.21 -25.62
C ASN F 925 13.54 -45.92 -26.04
N MET F 926 14.05 -44.77 -25.61
CA MET F 926 13.38 -43.52 -25.88
C MET F 926 13.78 -42.97 -27.25
N ARG F 927 12.77 -42.52 -27.98
CA ARG F 927 12.97 -41.87 -29.26
C ARG F 927 12.17 -40.58 -29.27
N ILE F 928 12.62 -39.61 -30.06
CA ILE F 928 11.92 -38.35 -30.22
C ILE F 928 11.83 -38.06 -31.71
N PHE F 929 10.62 -38.03 -32.24
CA PHE F 929 10.37 -37.79 -33.65
C PHE F 929 10.30 -36.29 -33.91
N ASP F 930 10.82 -35.85 -35.05
CA ASP F 930 10.80 -34.46 -35.46
C ASP F 930 10.32 -34.38 -36.91
N GLY F 931 9.30 -33.57 -37.15
CA GLY F 931 8.74 -33.45 -38.49
C GLY F 931 8.94 -32.06 -39.11
N ALA F 932 9.21 -32.06 -40.41
CA ALA F 932 9.51 -30.83 -41.14
C ALA F 932 9.29 -31.06 -42.63
N LEU F 933 8.81 -30.02 -43.31
CA LEU F 933 8.61 -30.09 -44.75
C LEU F 933 9.86 -29.63 -45.49
N HIS F 934 10.05 -30.17 -46.70
CA HIS F 934 11.27 -29.87 -47.43
C HIS F 934 11.15 -28.53 -48.17
N ALA F 935 10.20 -28.43 -49.08
CA ALA F 935 10.01 -27.21 -49.85
C ALA F 935 8.78 -26.49 -49.34
N GLY F 936 8.80 -26.08 -48.08
CA GLY F 936 7.68 -25.41 -47.47
C GLY F 936 7.89 -23.92 -47.32
N VAL F 937 6.80 -23.23 -46.97
CA VAL F 937 6.81 -21.78 -46.91
C VAL F 937 5.97 -21.35 -45.72
N LEU F 938 6.47 -20.39 -44.96
CA LEU F 938 5.81 -19.88 -43.77
C LEU F 938 4.74 -18.88 -44.16
N LEU F 939 3.49 -19.22 -43.89
CA LEU F 939 2.37 -18.29 -44.04
C LEU F 939 2.17 -17.54 -42.74
N MET F 940 2.29 -16.23 -42.81
CA MET F 940 2.08 -15.37 -41.66
C MET F 940 0.60 -15.21 -41.35
N ALA F 941 -0.15 -14.62 -42.28
CA ALA F 941 -1.52 -14.26 -41.99
C ALA F 941 -2.48 -15.24 -42.66
N PRO F 942 -3.26 -15.98 -41.88
CA PRO F 942 -4.36 -16.74 -42.47
C PRO F 942 -5.44 -15.82 -43.00
N GLN F 943 -5.47 -15.69 -44.30
CA GLN F 943 -6.44 -14.85 -44.98
C GLN F 943 -7.51 -15.76 -45.58
N HIS F 944 -8.63 -15.87 -44.88
CA HIS F 944 -9.81 -16.56 -45.37
C HIS F 944 -10.96 -15.61 -45.63
N LEU F 945 -10.76 -14.31 -45.41
CA LEU F 945 -11.79 -13.29 -45.63
C LEU F 945 -11.63 -12.78 -47.04
N ASP F 946 -11.51 -13.70 -47.99
CA ASP F 946 -11.16 -13.39 -49.37
C ASP F 946 -11.38 -14.61 -50.25
N HIS F 947 -12.20 -14.46 -51.28
CA HIS F 947 -12.24 -15.47 -52.33
C HIS F 947 -11.74 -14.76 -53.59
N THR F 948 -10.42 -14.63 -53.71
CA THR F 948 -9.76 -14.12 -54.91
C THR F 948 -8.79 -15.18 -55.40
N ILE F 949 -7.86 -15.58 -54.55
CA ILE F 949 -7.23 -16.89 -54.61
C ILE F 949 -8.19 -17.82 -53.90
N GLN F 950 -8.37 -19.03 -54.45
CA GLN F 950 -9.11 -20.04 -53.72
C GLN F 950 -8.36 -20.39 -52.44
N ASN F 951 -9.12 -20.54 -51.36
CA ASN F 951 -8.55 -20.63 -50.02
C ASN F 951 -7.73 -21.92 -49.88
N GLY F 952 -6.43 -21.81 -50.09
CA GLY F 952 -5.60 -22.98 -50.27
C GLY F 952 -5.51 -23.51 -51.69
N GLU F 953 -5.50 -22.62 -52.69
CA GLU F 953 -5.34 -23.05 -54.08
C GLU F 953 -3.91 -23.47 -54.37
N TYR F 954 -2.98 -22.51 -54.26
CA TYR F 954 -1.57 -22.78 -54.45
C TYR F 954 -0.99 -23.58 -53.30
N PHE F 955 -1.50 -23.35 -52.11
CA PHE F 955 -0.84 -23.78 -50.90
C PHE F 955 -1.81 -24.51 -50.01
N TYR F 956 -1.76 -25.84 -50.02
CA TYR F 956 -2.44 -26.59 -48.99
C TYR F 956 -1.73 -26.33 -47.65
N VAL F 957 -2.52 -26.26 -46.59
CA VAL F 957 -2.08 -25.64 -45.34
C VAL F 957 -1.08 -26.52 -44.56
N LEU F 958 -1.49 -27.73 -44.15
CA LEU F 958 -0.65 -28.80 -43.61
C LEU F 958 0.22 -28.37 -42.42
N PRO F 959 -0.34 -28.26 -41.21
CA PRO F 959 0.47 -27.86 -40.06
C PRO F 959 1.49 -28.92 -39.70
N VAL F 960 2.71 -28.47 -39.38
CA VAL F 960 3.82 -29.38 -39.19
C VAL F 960 4.16 -29.50 -37.72
N HIS F 961 3.69 -28.57 -36.90
CA HIS F 961 3.94 -28.55 -35.46
C HIS F 961 2.99 -27.60 -34.77
N ALA F 962 2.85 -27.77 -33.45
CA ALA F 962 1.97 -26.93 -32.65
C ALA F 962 2.47 -25.49 -32.54
N LEU F 963 3.71 -25.22 -32.95
CA LEU F 963 4.14 -23.84 -33.09
C LEU F 963 3.45 -23.15 -34.25
N PHE F 964 3.03 -23.92 -35.24
CA PHE F 964 2.53 -23.36 -36.48
C PHE F 964 1.14 -23.92 -36.73
N ALA F 965 0.15 -23.28 -36.13
CA ALA F 965 -1.23 -23.66 -36.37
C ALA F 965 -2.08 -22.41 -36.28
N GLY F 966 -2.26 -21.74 -37.42
CA GLY F 966 -3.12 -20.59 -37.48
C GLY F 966 -4.57 -21.01 -37.32
N ALA F 967 -5.25 -20.37 -36.35
CA ALA F 967 -6.61 -20.74 -36.01
C ALA F 967 -7.58 -20.40 -37.13
N ASP F 968 -7.17 -19.51 -38.02
CA ASP F 968 -7.97 -19.24 -39.21
C ASP F 968 -7.45 -19.95 -40.45
N HIS F 969 -6.25 -20.54 -40.39
CA HIS F 969 -5.87 -21.45 -41.47
C HIS F 969 -6.71 -22.71 -41.43
N VAL F 970 -6.71 -23.40 -40.29
CA VAL F 970 -7.23 -24.75 -40.21
C VAL F 970 -8.74 -24.75 -40.21
N ALA F 971 -9.35 -23.91 -39.37
CA ALA F 971 -10.80 -23.94 -39.20
C ALA F 971 -11.53 -23.41 -40.43
N ASN F 972 -10.89 -22.55 -41.21
CA ASN F 972 -11.50 -21.98 -42.40
C ASN F 972 -10.91 -22.52 -43.69
N ALA F 973 -10.47 -23.78 -43.68
CA ALA F 973 -10.16 -24.56 -44.87
C ALA F 973 -11.49 -24.95 -45.50
N PRO F 974 -11.54 -25.19 -46.82
CA PRO F 974 -12.84 -25.47 -47.45
C PRO F 974 -13.49 -26.77 -47.00
N ASN F 975 -12.71 -27.80 -46.71
CA ASN F 975 -13.27 -29.05 -46.23
C ASN F 975 -12.88 -29.20 -44.77
N PHE F 976 -13.67 -28.58 -43.90
CA PHE F 976 -13.47 -28.63 -42.47
C PHE F 976 -14.79 -29.03 -41.82
N PRO F 977 -14.78 -29.95 -40.87
CA PRO F 977 -16.02 -30.34 -40.21
C PRO F 977 -16.56 -29.23 -39.34
N PRO F 978 -17.79 -28.78 -39.57
CA PRO F 978 -18.37 -27.74 -38.71
C PRO F 978 -18.79 -28.26 -37.35
N ALA F 979 -18.65 -29.56 -37.08
CA ALA F 979 -18.84 -30.06 -35.73
C ALA F 979 -17.58 -29.88 -34.89
N LEU F 980 -16.46 -29.55 -35.50
CA LEU F 980 -15.20 -29.40 -34.78
C LEU F 980 -14.66 -27.99 -34.85
N ARG F 981 -15.50 -26.98 -34.63
CA ARG F 981 -15.06 -25.61 -34.81
C ARG F 981 -14.30 -25.09 -33.59
N ASP F 982 -14.96 -25.06 -32.42
CA ASP F 982 -14.37 -24.39 -31.26
C ASP F 982 -13.23 -25.20 -30.68
N LEU F 983 -13.31 -26.53 -30.77
CA LEU F 983 -12.24 -27.36 -30.25
C LEU F 983 -11.00 -27.23 -31.11
N ALA F 984 -11.18 -26.80 -32.36
CA ALA F 984 -10.03 -26.45 -33.17
C ALA F 984 -9.37 -25.16 -32.72
N ARG F 985 -10.06 -24.30 -31.97
CA ARG F 985 -9.53 -22.96 -31.75
C ARG F 985 -8.38 -22.96 -30.75
N ASP F 986 -8.50 -23.71 -29.66
CA ASP F 986 -7.42 -23.75 -28.69
C ASP F 986 -6.72 -25.10 -28.63
N VAL F 987 -6.74 -25.87 -29.71
CA VAL F 987 -5.97 -27.10 -29.83
C VAL F 987 -5.25 -27.09 -31.17
N PRO F 988 -3.94 -27.26 -31.21
CA PRO F 988 -3.22 -27.31 -32.49
C PRO F 988 -3.37 -28.62 -33.23
N LEU F 989 -4.39 -28.73 -34.07
CA LEU F 989 -4.68 -29.95 -34.81
C LEU F 989 -3.55 -30.26 -35.80
N VAL F 990 -2.86 -31.37 -35.56
CA VAL F 990 -1.78 -31.84 -36.41
C VAL F 990 -2.02 -33.32 -36.65
N PRO F 991 -2.07 -33.78 -37.88
CA PRO F 991 -2.13 -35.23 -38.16
C PRO F 991 -0.90 -35.94 -37.64
N PRO F 992 -1.07 -37.11 -37.02
CA PRO F 992 0.06 -37.72 -36.30
C PRO F 992 1.14 -38.31 -37.18
N ALA F 993 1.11 -38.10 -38.48
CA ALA F 993 2.26 -38.50 -39.29
C ALA F 993 3.40 -37.51 -39.16
N LEU F 994 3.13 -36.33 -38.63
CA LEU F 994 4.13 -35.28 -38.50
C LEU F 994 4.64 -35.13 -37.09
N GLY F 995 4.01 -35.78 -36.13
CA GLY F 995 4.38 -35.65 -34.75
C GLY F 995 3.20 -35.22 -33.89
N ALA F 996 3.08 -35.87 -32.74
CA ALA F 996 2.12 -35.53 -31.71
C ALA F 996 2.76 -34.57 -30.73
N ASN F 997 2.05 -34.29 -29.64
CA ASN F 997 2.56 -33.36 -28.65
C ASN F 997 3.71 -33.98 -27.86
N TYR F 998 3.52 -35.21 -27.41
CA TYR F 998 4.40 -35.71 -26.35
C TYR F 998 5.72 -36.23 -26.88
N PHE F 999 5.79 -36.56 -28.16
CA PHE F 999 7.04 -37.00 -28.76
C PHE F 999 7.68 -35.92 -29.61
N SER F 1000 7.17 -34.70 -29.55
CA SER F 1000 7.90 -33.60 -30.11
C SER F 1000 8.99 -33.16 -29.15
N SER F 1001 10.02 -32.51 -29.70
CA SER F 1001 11.05 -31.93 -28.85
C SER F 1001 10.55 -30.70 -28.12
N ILE F 1002 9.54 -30.03 -28.66
CA ILE F 1002 8.93 -28.87 -28.04
C ILE F 1002 7.48 -29.24 -27.73
N ARG F 1003 7.09 -29.14 -26.48
CA ARG F 1003 5.74 -29.49 -26.12
C ARG F 1003 4.88 -28.23 -26.06
N GLN F 1004 3.62 -28.41 -25.75
CA GLN F 1004 2.64 -27.33 -25.54
C GLN F 1004 3.04 -26.16 -24.64
N PRO F 1005 3.77 -26.33 -23.50
CA PRO F 1005 4.07 -25.15 -22.67
C PRO F 1005 4.92 -24.08 -23.31
N VAL F 1006 5.82 -24.44 -24.21
CA VAL F 1006 6.59 -23.40 -24.90
C VAL F 1006 5.71 -22.66 -25.88
N VAL F 1007 4.75 -23.38 -26.48
CA VAL F 1007 3.77 -22.74 -27.34
C VAL F 1007 2.90 -21.78 -26.55
N GLN F 1008 2.45 -22.22 -25.37
CA GLN F 1008 1.46 -21.46 -24.62
C GLN F 1008 2.07 -20.22 -23.99
N HIS F 1009 3.37 -20.25 -23.67
CA HIS F 1009 4.08 -19.04 -23.27
C HIS F 1009 4.01 -17.95 -24.32
N ALA F 1010 4.13 -18.32 -25.59
CA ALA F 1010 4.29 -17.34 -26.64
C ALA F 1010 3.01 -16.55 -26.87
N ARG F 1011 1.88 -17.24 -26.99
CA ARG F 1011 0.62 -16.59 -27.31
C ARG F 1011 0.03 -15.82 -26.13
N GLU F 1012 0.51 -16.05 -24.91
CA GLU F 1012 -0.23 -15.60 -23.75
C GLU F 1012 0.54 -14.58 -22.92
N SER F 1013 1.86 -14.56 -23.01
CA SER F 1013 2.66 -13.68 -22.16
C SER F 1013 2.49 -12.23 -22.57
N ALA F 1014 2.58 -11.35 -21.60
CA ALA F 1014 2.27 -9.94 -21.79
C ALA F 1014 3.42 -9.13 -22.33
N ALA F 1015 4.65 -9.64 -22.21
CA ALA F 1015 5.83 -8.81 -22.40
C ALA F 1015 6.02 -8.47 -23.87
N GLY F 1016 6.71 -7.36 -24.12
CA GLY F 1016 7.14 -7.01 -25.45
C GLY F 1016 8.19 -8.00 -25.95
N GLU F 1017 8.38 -7.97 -27.27
CA GLU F 1017 9.12 -9.02 -27.98
C GLU F 1017 10.58 -9.10 -27.57
N ASN F 1018 11.16 -7.99 -27.09
CA ASN F 1018 12.55 -7.98 -26.66
C ASN F 1018 12.76 -8.88 -25.46
N ALA F 1019 11.99 -8.64 -24.41
CA ALA F 1019 12.00 -9.54 -23.26
C ALA F 1019 11.47 -10.91 -23.65
N LEU F 1020 10.47 -10.94 -24.52
CA LEU F 1020 9.87 -12.19 -24.96
C LEU F 1020 10.82 -13.03 -25.77
N THR F 1021 11.82 -12.40 -26.40
CA THR F 1021 12.82 -13.13 -27.14
C THR F 1021 13.64 -14.01 -26.22
N TYR F 1022 14.32 -13.41 -25.24
CA TYR F 1022 15.18 -14.15 -24.34
C TYR F 1022 14.39 -15.08 -23.44
N ALA F 1023 13.14 -14.71 -23.15
CA ALA F 1023 12.32 -15.50 -22.24
C ALA F 1023 11.96 -16.85 -22.85
N LEU F 1024 11.88 -16.90 -24.18
CA LEU F 1024 11.67 -18.21 -24.77
C LEU F 1024 12.98 -18.76 -25.29
N MET F 1025 13.99 -17.90 -25.49
CA MET F 1025 15.32 -18.36 -25.85
C MET F 1025 15.94 -19.17 -24.72
N ALA F 1026 15.70 -18.75 -23.48
CA ALA F 1026 16.08 -19.56 -22.34
C ALA F 1026 15.27 -20.84 -22.23
N GLY F 1027 14.16 -20.95 -22.95
CA GLY F 1027 13.41 -22.18 -23.01
C GLY F 1027 13.98 -23.25 -23.92
N TYR F 1028 15.29 -23.29 -24.12
CA TYR F 1028 15.90 -24.36 -24.88
C TYR F 1028 17.20 -24.86 -24.28
N PHE F 1029 17.28 -24.99 -22.97
CA PHE F 1029 18.46 -25.58 -22.35
C PHE F 1029 18.13 -26.97 -21.83
N LYS F 1030 18.94 -27.96 -22.22
CA LYS F 1030 18.58 -29.37 -22.10
C LYS F 1030 18.54 -29.83 -20.65
N MET F 1031 18.11 -31.06 -20.46
CA MET F 1031 17.78 -31.57 -19.13
C MET F 1031 18.72 -32.70 -18.72
N SER F 1032 19.80 -32.92 -19.45
CA SER F 1032 20.73 -33.98 -19.09
C SER F 1032 21.53 -33.56 -17.86
N PRO F 1033 22.05 -34.53 -17.09
CA PRO F 1033 23.04 -34.19 -16.07
C PRO F 1033 24.32 -33.62 -16.66
N VAL F 1034 24.61 -33.89 -17.92
CA VAL F 1034 25.61 -33.11 -18.63
C VAL F 1034 25.13 -31.68 -18.82
N ALA F 1035 23.87 -31.48 -19.18
CA ALA F 1035 23.37 -30.12 -19.38
C ALA F 1035 23.23 -29.37 -18.06
N LEU F 1036 22.67 -30.01 -17.03
CA LEU F 1036 22.56 -29.37 -15.73
C LEU F 1036 23.89 -29.12 -15.06
N TYR F 1037 24.98 -29.71 -15.57
CA TYR F 1037 26.30 -29.33 -15.08
C TYR F 1037 26.59 -27.88 -15.40
N HIS F 1038 26.54 -27.49 -16.68
CA HIS F 1038 27.01 -26.17 -17.05
C HIS F 1038 26.04 -25.07 -16.66
N GLN F 1039 24.73 -25.33 -16.74
CA GLN F 1039 23.69 -24.34 -16.48
C GLN F 1039 23.74 -23.83 -15.04
N LEU F 1040 24.15 -24.70 -14.12
CA LEU F 1040 24.26 -24.30 -12.73
C LEU F 1040 25.62 -23.68 -12.43
N LYS F 1041 26.68 -24.27 -12.96
CA LYS F 1041 28.02 -23.77 -12.63
C LYS F 1041 28.34 -22.48 -13.37
N THR F 1042 27.52 -22.09 -14.34
CA THR F 1042 27.54 -20.72 -14.82
C THR F 1042 26.50 -19.88 -14.10
N GLY F 1043 25.50 -20.52 -13.52
CA GLY F 1043 24.54 -19.78 -12.73
C GLY F 1043 23.35 -19.29 -13.50
N LEU F 1044 22.83 -20.09 -14.42
CA LEU F 1044 21.54 -19.81 -15.01
C LEU F 1044 20.51 -20.71 -14.35
N HIS F 1045 19.48 -20.08 -13.80
CA HIS F 1045 18.47 -20.79 -13.04
C HIS F 1045 17.60 -21.59 -13.99
N PRO F 1046 17.59 -22.89 -13.90
CA PRO F 1046 16.87 -23.72 -14.87
C PRO F 1046 15.41 -23.95 -14.52
N GLY F 1047 14.75 -22.91 -14.01
CA GLY F 1047 13.32 -22.93 -13.80
C GLY F 1047 12.81 -23.86 -12.72
N PHE F 1048 13.67 -24.43 -11.88
CA PHE F 1048 13.21 -25.22 -10.75
C PHE F 1048 14.22 -25.07 -9.62
N GLY F 1049 13.76 -25.33 -8.39
CA GLY F 1049 14.57 -25.07 -7.22
C GLY F 1049 14.57 -26.23 -6.26
N PHE F 1050 15.02 -25.97 -5.04
CA PHE F 1050 15.31 -27.04 -4.10
C PHE F 1050 14.90 -26.71 -2.69
N THR F 1051 14.48 -27.74 -1.96
CA THR F 1051 14.30 -27.66 -0.53
C THR F 1051 15.48 -28.34 0.17
N VAL F 1052 16.30 -27.53 0.82
CA VAL F 1052 17.51 -28.01 1.47
C VAL F 1052 17.13 -28.58 2.82
N VAL F 1053 17.40 -29.86 3.02
CA VAL F 1053 17.15 -30.51 4.29
C VAL F 1053 18.49 -30.78 4.92
N ARG F 1054 18.61 -30.51 6.22
CA ARG F 1054 19.86 -30.59 6.94
C ARG F 1054 19.58 -30.81 8.42
N GLN F 1055 20.38 -31.67 9.05
CA GLN F 1055 20.19 -32.01 10.45
C GLN F 1055 21.36 -31.46 11.25
N ASP F 1056 21.11 -31.13 12.52
CA ASP F 1056 22.12 -30.64 13.44
C ASP F 1056 22.09 -31.44 14.72
N ARG F 1057 22.82 -30.95 15.72
CA ARG F 1057 22.94 -31.65 16.99
C ARG F 1057 23.26 -30.64 18.08
N PHE F 1058 22.48 -30.67 19.16
CA PHE F 1058 22.54 -29.65 20.19
C PHE F 1058 22.80 -30.27 21.55
N VAL F 1059 23.72 -29.68 22.29
CA VAL F 1059 24.03 -30.14 23.65
C VAL F 1059 22.94 -29.65 24.58
N THR F 1060 22.14 -30.57 25.10
CA THR F 1060 21.00 -30.22 25.93
C THR F 1060 21.44 -30.01 27.37
N GLU F 1061 20.58 -29.37 28.16
CA GLU F 1061 20.70 -29.39 29.61
C GLU F 1061 19.36 -29.76 30.22
N ASN F 1062 19.40 -30.73 31.12
CA ASN F 1062 18.22 -31.49 31.44
C ASN F 1062 18.03 -31.54 32.94
N VAL F 1063 16.80 -31.29 33.36
CA VAL F 1063 16.44 -31.35 34.76
C VAL F 1063 15.53 -32.52 34.97
N LEU F 1064 15.98 -33.48 35.77
CA LEU F 1064 15.18 -34.66 36.04
C LEU F 1064 14.43 -34.38 37.34
N PHE F 1065 13.21 -34.90 37.42
CA PHE F 1065 12.40 -34.88 38.63
C PHE F 1065 11.87 -36.29 38.81
N SER F 1066 11.34 -36.60 40.00
CA SER F 1066 10.64 -37.85 40.24
C SER F 1066 9.71 -37.68 41.42
N GLU F 1067 8.91 -38.70 41.67
CA GLU F 1067 8.06 -38.75 42.85
C GLU F 1067 8.84 -39.34 44.03
N ARG F 1068 8.09 -39.70 45.08
CA ARG F 1068 8.68 -40.12 46.33
C ARG F 1068 9.46 -41.42 46.18
N ALA F 1069 8.88 -42.41 45.51
CA ALA F 1069 9.58 -43.65 45.21
C ALA F 1069 8.95 -44.23 43.96
N SER F 1070 9.59 -44.04 42.83
CA SER F 1070 9.09 -44.57 41.58
C SER F 1070 9.46 -46.01 41.35
N GLU F 1071 10.75 -46.29 41.19
CA GLU F 1071 11.19 -47.59 40.72
C GLU F 1071 11.76 -48.42 41.85
N ALA F 1072 11.56 -49.73 41.73
CA ALA F 1072 12.12 -50.69 42.66
C ALA F 1072 13.37 -51.27 42.04
N TYR F 1073 14.09 -52.08 42.81
CA TYR F 1073 15.46 -52.35 42.42
C TYR F 1073 15.94 -53.58 43.17
N PHE F 1074 16.60 -54.50 42.46
CA PHE F 1074 17.03 -55.77 43.03
C PHE F 1074 18.54 -55.87 43.03
N LEU F 1075 19.08 -56.83 43.80
CA LEU F 1075 20.52 -56.85 44.05
C LEU F 1075 21.21 -58.12 43.57
N GLY F 1076 20.85 -59.30 44.08
CA GLY F 1076 21.52 -60.52 43.68
C GLY F 1076 22.96 -60.62 44.17
N GLN F 1077 23.67 -61.65 43.69
CA GLN F 1077 24.99 -61.99 44.18
C GLN F 1077 26.09 -61.55 43.19
N LEU F 1078 27.34 -61.95 43.47
CA LEU F 1078 28.50 -61.25 42.93
C LEU F 1078 29.24 -61.99 41.83
N GLN F 1079 29.14 -63.32 41.76
CA GLN F 1079 29.64 -64.21 40.69
C GLN F 1079 31.05 -63.90 40.17
N VAL F 1080 32.05 -64.20 41.01
CA VAL F 1080 33.45 -64.00 40.66
C VAL F 1080 33.83 -64.74 39.38
N ALA F 1081 34.18 -63.99 38.34
CA ALA F 1081 34.46 -64.57 37.04
C ALA F 1081 35.90 -64.29 36.65
N ARG F 1082 36.66 -65.37 36.55
CA ARG F 1082 38.10 -65.30 36.34
C ARG F 1082 38.36 -65.45 34.86
N HIS F 1083 39.52 -65.00 34.40
CA HIS F 1083 40.01 -65.32 33.07
C HIS F 1083 41.50 -65.07 33.07
N GLU F 1084 42.26 -66.09 32.69
CA GLU F 1084 43.70 -66.02 32.71
C GLU F 1084 44.22 -65.62 31.34
N THR F 1085 44.99 -64.53 31.30
CA THR F 1085 45.53 -63.99 30.07
C THR F 1085 47.05 -63.86 30.22
N GLY F 1086 47.65 -63.17 29.26
CA GLY F 1086 49.06 -62.86 29.38
C GLY F 1086 49.31 -61.91 30.55
N GLY F 1087 50.52 -61.99 31.11
CA GLY F 1087 50.83 -61.29 32.33
C GLY F 1087 50.46 -62.13 33.54
N GLY F 1088 49.28 -61.86 34.09
CA GLY F 1088 48.78 -62.61 35.22
C GLY F 1088 47.30 -62.92 35.08
N VAL F 1089 46.70 -63.29 36.21
CA VAL F 1089 45.27 -63.55 36.23
C VAL F 1089 44.52 -62.23 36.23
N ASN F 1090 43.28 -62.25 35.78
CA ASN F 1090 42.47 -61.06 35.59
C ASN F 1090 41.05 -61.34 36.04
N PHE F 1091 40.73 -60.92 37.26
CA PHE F 1091 39.40 -61.17 37.82
C PHE F 1091 38.41 -60.16 37.28
N THR F 1092 37.26 -60.64 36.81
CA THR F 1092 36.14 -59.80 36.43
C THR F 1092 34.95 -60.05 37.37
N LEU F 1093 34.27 -58.98 37.74
CA LEU F 1093 33.21 -59.08 38.73
C LEU F 1093 31.98 -58.38 38.18
N THR F 1094 30.83 -59.04 38.27
CA THR F 1094 29.59 -58.44 37.79
C THR F 1094 28.45 -58.83 38.71
N GLN F 1095 27.51 -57.91 38.90
CA GLN F 1095 26.38 -58.22 39.77
C GLN F 1095 25.09 -58.10 38.98
N PRO F 1096 24.37 -59.18 38.75
CA PRO F 1096 23.13 -59.11 37.98
C PRO F 1096 22.02 -58.46 38.80
N ARG F 1097 21.25 -57.58 38.14
CA ARG F 1097 20.17 -56.89 38.80
C ARG F 1097 19.18 -56.39 37.77
N GLY F 1098 18.01 -55.97 38.25
CA GLY F 1098 16.96 -55.46 37.39
C GLY F 1098 16.20 -54.32 38.03
N ASN F 1099 15.12 -53.91 37.36
CA ASN F 1099 14.29 -52.82 37.82
C ASN F 1099 12.84 -53.09 37.47
N VAL F 1100 12.02 -52.04 37.62
CA VAL F 1100 10.61 -52.03 37.27
C VAL F 1100 10.17 -50.58 37.27
N ASP F 1101 9.03 -50.29 36.62
CA ASP F 1101 8.49 -48.94 36.68
C ASP F 1101 7.83 -48.68 38.02
N LEU F 1102 6.94 -49.58 38.44
CA LEU F 1102 6.22 -49.53 39.73
C LEU F 1102 5.43 -48.23 39.88
N GLY F 1103 4.83 -47.78 38.78
CA GLY F 1103 3.94 -46.65 38.84
C GLY F 1103 2.90 -46.78 37.75
N VAL F 1104 1.64 -46.72 38.18
CA VAL F 1104 0.53 -47.02 37.30
C VAL F 1104 0.35 -45.87 36.32
N GLY F 1105 0.64 -44.65 36.77
CA GLY F 1105 0.62 -43.48 35.95
C GLY F 1105 2.01 -43.01 35.61
N TYR F 1106 2.09 -41.84 35.01
CA TYR F 1106 3.38 -41.25 34.68
C TYR F 1106 4.12 -40.85 35.94
N THR F 1107 5.43 -41.01 35.90
CA THR F 1107 6.31 -40.59 36.96
C THR F 1107 7.55 -40.04 36.28
N ALA F 1108 8.22 -39.11 36.97
CA ALA F 1108 9.54 -38.61 36.61
C ALA F 1108 9.66 -37.96 35.24
N VAL F 1109 9.05 -36.78 35.04
CA VAL F 1109 9.26 -36.05 33.81
C VAL F 1109 10.62 -35.40 33.81
N ALA F 1110 11.05 -34.90 32.65
CA ALA F 1110 12.38 -34.32 32.50
C ALA F 1110 12.31 -33.17 31.51
N ALA F 1111 12.47 -31.95 32.00
CA ALA F 1111 12.49 -30.78 31.14
C ALA F 1111 13.88 -30.57 30.56
N THR F 1112 13.97 -29.66 29.61
CA THR F 1112 15.20 -29.41 28.88
C THR F 1112 15.32 -27.92 28.64
N GLY F 1113 15.99 -27.21 29.54
CA GLY F 1113 16.14 -25.78 29.37
C GLY F 1113 17.50 -25.29 29.87
N THR F 1114 18.52 -25.38 29.00
CA THR F 1114 19.70 -24.54 28.85
C THR F 1114 20.42 -25.17 27.66
N VAL F 1115 21.19 -24.42 26.88
CA VAL F 1115 22.02 -25.00 25.82
C VAL F 1115 23.47 -24.59 26.03
N ARG F 1116 24.37 -25.56 25.91
CA ARG F 1116 25.79 -25.25 25.91
C ARG F 1116 26.23 -24.68 24.57
N ASN F 1117 26.14 -25.49 23.51
CA ASN F 1117 26.53 -25.11 22.17
C ASN F 1117 25.99 -26.09 21.14
N PRO F 1118 25.85 -25.67 19.90
CA PRO F 1118 25.63 -26.62 18.81
C PRO F 1118 26.82 -27.56 18.63
N VAL F 1119 26.54 -28.81 18.26
CA VAL F 1119 27.62 -29.73 17.96
C VAL F 1119 28.14 -29.49 16.56
N THR F 1120 27.24 -29.28 15.61
CA THR F 1120 27.63 -28.97 14.24
C THR F 1120 27.69 -27.47 14.05
N ASP F 1121 28.33 -27.05 12.96
CA ASP F 1121 28.37 -25.63 12.64
C ASP F 1121 27.21 -25.19 11.75
N MET F 1122 26.16 -26.01 11.66
CA MET F 1122 24.94 -25.76 10.89
C MET F 1122 25.19 -25.56 9.40
N GLY F 1123 26.06 -26.36 8.79
CA GLY F 1123 25.88 -26.61 7.38
C GLY F 1123 26.90 -26.18 6.34
N ASN F 1124 26.38 -25.91 5.14
CA ASN F 1124 27.10 -25.62 3.91
C ASN F 1124 28.03 -26.75 3.50
N LEU F 1125 27.48 -27.94 3.27
CA LEU F 1125 28.20 -29.08 2.71
C LEU F 1125 27.36 -29.74 1.63
N PRO F 1126 27.87 -29.88 0.43
CA PRO F 1126 27.16 -30.61 -0.63
C PRO F 1126 27.00 -32.08 -0.24
N GLN F 1127 25.98 -32.70 -0.80
CA GLN F 1127 25.86 -34.14 -0.78
C GLN F 1127 26.39 -34.68 -2.09
N ASN F 1128 27.14 -35.77 -2.01
CA ASN F 1128 27.78 -36.39 -3.18
C ASN F 1128 27.19 -37.78 -3.38
N PHE F 1129 26.45 -37.97 -4.47
CA PHE F 1129 25.91 -39.29 -4.76
C PHE F 1129 26.94 -40.23 -5.35
N TYR F 1130 28.12 -39.73 -5.72
CA TYR F 1130 29.20 -40.61 -6.13
C TYR F 1130 29.83 -41.34 -4.95
N LEU F 1131 29.52 -40.93 -3.73
CA LEU F 1131 29.84 -41.74 -2.57
C LEU F 1131 29.14 -43.08 -2.63
N GLY F 1132 27.87 -43.07 -3.00
CA GLY F 1132 27.14 -44.29 -3.28
C GLY F 1132 27.45 -44.75 -4.70
N ARG F 1133 27.03 -45.97 -5.01
CA ARG F 1133 27.32 -46.54 -6.32
C ARG F 1133 26.18 -47.42 -6.84
N GLY F 1134 25.01 -47.36 -6.22
CA GLY F 1134 23.94 -48.27 -6.60
C GLY F 1134 23.30 -47.90 -7.92
N ALA F 1135 23.46 -46.65 -8.33
CA ALA F 1135 22.80 -46.18 -9.54
C ALA F 1135 23.48 -46.74 -10.79
N PRO F 1136 22.69 -47.18 -11.77
CA PRO F 1136 23.25 -47.58 -13.04
C PRO F 1136 23.80 -46.39 -13.80
N PRO F 1137 25.05 -46.43 -14.22
CA PRO F 1137 25.69 -45.23 -14.78
C PRO F 1137 25.28 -44.93 -16.21
N LEU F 1138 25.93 -43.93 -16.79
CA LEU F 1138 25.78 -43.64 -18.21
C LEU F 1138 26.33 -44.78 -19.04
N LEU F 1139 25.80 -44.92 -20.25
CA LEU F 1139 26.27 -46.01 -21.11
C LEU F 1139 27.45 -45.56 -21.96
N ASP F 1140 27.43 -44.32 -22.43
CA ASP F 1140 28.59 -43.79 -23.14
C ASP F 1140 29.72 -43.52 -22.15
N ASN F 1141 30.89 -44.09 -22.42
CA ASN F 1141 32.00 -43.94 -21.47
C ASN F 1141 32.55 -42.52 -21.50
N ALA F 1142 32.47 -41.86 -22.65
CA ALA F 1142 32.95 -40.49 -22.78
C ALA F 1142 32.15 -39.52 -21.92
N ALA F 1143 30.91 -39.85 -21.60
CA ALA F 1143 30.17 -39.07 -20.63
C ALA F 1143 30.31 -39.66 -19.23
N ALA F 1144 30.76 -40.91 -19.13
CA ALA F 1144 30.76 -41.60 -17.85
C ALA F 1144 31.83 -41.05 -16.92
N VAL F 1145 33.10 -41.14 -17.31
CA VAL F 1145 34.17 -40.61 -16.49
C VAL F 1145 34.52 -39.18 -16.86
N TYR F 1146 33.67 -38.49 -17.59
CA TYR F 1146 33.78 -37.04 -17.67
C TYR F 1146 32.92 -36.38 -16.61
N LEU F 1147 31.69 -36.86 -16.45
CA LEU F 1147 30.79 -36.24 -15.48
C LEU F 1147 31.09 -36.74 -14.08
N ARG F 1148 31.74 -37.91 -13.97
CA ARG F 1148 32.12 -38.43 -12.67
C ARG F 1148 33.18 -37.55 -12.02
N ASN F 1149 34.27 -37.31 -12.71
CA ASN F 1149 35.33 -36.50 -12.12
C ASN F 1149 35.08 -35.01 -12.25
N ALA F 1150 34.01 -34.59 -12.93
CA ALA F 1150 33.72 -33.16 -12.99
C ALA F 1150 33.20 -32.68 -11.65
N VAL F 1151 32.54 -33.54 -10.89
CA VAL F 1151 32.00 -33.12 -9.60
C VAL F 1151 32.96 -33.48 -8.49
N VAL F 1152 33.45 -34.72 -8.48
CA VAL F 1152 34.24 -35.31 -7.40
C VAL F 1152 35.55 -34.57 -7.18
N ALA F 1153 36.04 -33.90 -8.23
CA ALA F 1153 37.34 -33.26 -8.41
C ALA F 1153 37.96 -32.62 -7.17
N GLY F 1154 37.17 -31.91 -6.36
CA GLY F 1154 37.69 -31.36 -5.13
C GLY F 1154 36.76 -31.30 -3.93
N ASN F 1155 35.66 -32.06 -3.92
CA ASN F 1155 34.64 -31.93 -2.87
C ASN F 1155 35.17 -32.29 -1.50
N ARG F 1156 34.64 -31.59 -0.49
CA ARG F 1156 34.92 -31.90 0.89
C ARG F 1156 34.46 -33.30 1.22
N LEU F 1157 33.34 -33.72 0.65
CA LEU F 1157 32.99 -35.13 0.54
C LEU F 1157 33.26 -35.56 -0.90
N GLY F 1158 34.51 -35.91 -1.20
CA GLY F 1158 34.87 -36.36 -2.53
C GLY F 1158 35.77 -37.58 -2.54
N PRO F 1159 35.28 -38.68 -3.11
CA PRO F 1159 35.99 -39.96 -2.95
C PRO F 1159 37.26 -40.00 -3.78
N ALA F 1160 38.39 -39.82 -3.10
CA ALA F 1160 39.69 -40.04 -3.73
C ALA F 1160 40.10 -41.48 -3.49
N GLN F 1161 41.06 -41.99 -4.31
CA GLN F 1161 41.52 -43.38 -4.46
C GLN F 1161 40.29 -44.29 -4.46
N PRO F 1162 39.59 -44.34 -5.60
CA PRO F 1162 38.12 -44.41 -5.59
C PRO F 1162 37.56 -45.75 -5.16
N LEU F 1163 36.23 -45.83 -5.22
CA LEU F 1163 35.39 -46.77 -4.49
C LEU F 1163 35.80 -48.22 -4.68
N PRO F 1164 36.36 -48.87 -3.68
CA PRO F 1164 36.69 -50.28 -3.80
C PRO F 1164 35.43 -51.12 -3.79
N VAL F 1165 35.54 -52.32 -4.33
CA VAL F 1165 34.42 -53.24 -4.34
C VAL F 1165 34.22 -53.73 -2.92
N PHE F 1166 35.31 -54.04 -2.24
CA PHE F 1166 35.30 -54.30 -0.81
C PHE F 1166 36.15 -53.24 -0.11
N GLY F 1167 35.54 -52.53 0.83
CA GLY F 1167 36.21 -51.46 1.54
C GLY F 1167 35.28 -50.31 1.80
N CYS F 1168 35.87 -49.15 2.05
CA CYS F 1168 35.12 -47.94 2.39
C CYS F 1168 35.43 -46.84 1.39
N ALA F 1169 34.59 -45.80 1.39
CA ALA F 1169 34.72 -44.72 0.42
C ALA F 1169 35.91 -43.82 0.70
N GLN F 1170 36.45 -43.83 1.93
CA GLN F 1170 37.62 -43.06 2.35
C GLN F 1170 37.40 -41.56 2.14
N VAL F 1171 36.49 -41.02 2.94
CA VAL F 1171 36.21 -39.59 3.03
C VAL F 1171 37.50 -38.81 3.30
N PRO F 1172 37.79 -37.74 2.57
CA PRO F 1172 39.06 -37.03 2.79
C PRO F 1172 39.03 -36.26 4.09
N ARG F 1173 39.75 -36.74 5.08
CA ARG F 1173 39.90 -35.96 6.30
C ARG F 1173 40.90 -34.85 6.03
N ARG F 1174 40.48 -33.63 6.30
CA ARG F 1174 41.38 -32.51 6.14
C ARG F 1174 42.23 -32.37 7.39
N ALA F 1175 43.23 -31.49 7.31
CA ALA F 1175 44.22 -31.41 8.38
C ALA F 1175 43.63 -30.78 9.63
N GLY F 1176 43.07 -29.59 9.52
CA GLY F 1176 42.51 -28.93 10.69
C GLY F 1176 41.05 -28.62 10.48
N MET F 1177 40.30 -28.73 11.57
CA MET F 1177 38.87 -28.41 11.55
C MET F 1177 38.59 -27.48 12.72
N ASP F 1178 37.75 -26.47 12.46
CA ASP F 1178 37.61 -25.35 13.38
C ASP F 1178 36.26 -25.33 14.09
N HIS F 1179 35.17 -25.24 13.37
CA HIS F 1179 33.92 -24.87 14.01
C HIS F 1179 33.25 -26.07 14.68
N GLY F 1180 33.64 -27.28 14.33
CA GLY F 1180 33.08 -28.46 14.94
C GLY F 1180 32.81 -29.51 13.89
N GLN F 1181 31.86 -30.37 14.20
CA GLN F 1181 31.41 -31.36 13.25
C GLN F 1181 30.67 -30.66 12.12
N ASP F 1182 30.58 -31.32 10.97
CA ASP F 1182 29.94 -30.73 9.80
C ASP F 1182 28.51 -31.24 9.67
N ALA F 1183 27.61 -30.37 9.23
CA ALA F 1183 26.31 -30.84 8.80
C ALA F 1183 26.34 -31.12 7.32
N VAL F 1184 25.38 -31.91 6.85
CA VAL F 1184 25.31 -32.37 5.46
C VAL F 1184 24.03 -31.80 4.87
N CYS F 1185 24.13 -31.18 3.70
CA CYS F 1185 22.95 -30.62 3.05
C CYS F 1185 22.55 -31.49 1.86
N GLU F 1186 21.27 -31.87 1.83
CA GLU F 1186 20.72 -32.64 0.72
C GLU F 1186 19.57 -31.90 0.08
N PHE F 1187 19.17 -32.35 -1.10
CA PHE F 1187 18.44 -31.54 -2.06
C PHE F 1187 17.25 -32.33 -2.60
N ILE F 1188 16.14 -31.65 -2.85
CA ILE F 1188 14.96 -32.21 -3.50
C ILE F 1188 14.44 -31.16 -4.46
N ALA F 1189 14.24 -31.54 -5.71
CA ALA F 1189 13.75 -30.62 -6.73
C ALA F 1189 12.32 -30.21 -6.40
N THR F 1190 12.02 -28.94 -6.58
CA THR F 1190 10.71 -28.35 -6.39
C THR F 1190 10.34 -27.46 -7.56
N PRO F 1191 9.06 -27.37 -7.87
CA PRO F 1191 8.61 -26.32 -8.79
C PRO F 1191 8.75 -24.96 -8.14
N VAL F 1192 8.92 -23.94 -8.99
CA VAL F 1192 9.26 -22.62 -8.49
C VAL F 1192 8.06 -21.96 -7.81
N ALA F 1193 6.86 -22.25 -8.26
CA ALA F 1193 5.67 -21.72 -7.61
C ALA F 1193 5.09 -22.81 -6.72
N THR F 1194 5.80 -23.14 -5.66
CA THR F 1194 5.21 -23.84 -4.54
C THR F 1194 5.37 -22.90 -3.37
N ASP F 1195 4.30 -22.19 -3.06
CA ASP F 1195 4.39 -20.86 -2.46
C ASP F 1195 5.00 -20.88 -1.06
N ILE F 1196 5.70 -19.80 -0.75
CA ILE F 1196 6.56 -19.70 0.41
C ILE F 1196 5.77 -19.66 1.70
N ASN F 1197 4.48 -19.36 1.62
CA ASN F 1197 3.61 -19.39 2.78
C ASN F 1197 3.43 -20.79 3.36
N TYR F 1198 3.66 -21.83 2.56
CA TYR F 1198 3.76 -23.17 3.11
C TYR F 1198 4.96 -23.29 4.03
N PHE F 1199 6.03 -22.57 3.72
CA PHE F 1199 7.15 -22.44 4.64
C PHE F 1199 6.83 -21.35 5.66
N ARG F 1200 7.86 -20.86 6.36
CA ARG F 1200 7.75 -19.98 7.51
C ARG F 1200 6.87 -20.59 8.59
N ARG F 1201 7.12 -21.86 8.89
CA ARG F 1201 6.16 -22.76 9.50
C ARG F 1201 6.86 -24.09 9.74
N PRO F 1202 6.39 -24.90 10.68
CA PRO F 1202 7.02 -26.23 10.90
C PRO F 1202 6.81 -27.29 9.82
N CYS F 1203 6.48 -26.88 8.60
CA CYS F 1203 6.07 -27.75 7.50
C CYS F 1203 7.08 -28.84 7.17
N ASN F 1204 6.62 -29.83 6.41
CA ASN F 1204 7.36 -31.06 6.20
C ASN F 1204 8.04 -31.04 4.83
N PRO F 1205 9.10 -31.83 4.62
CA PRO F 1205 9.76 -31.82 3.31
C PRO F 1205 8.92 -32.40 2.20
N ARG F 1206 8.34 -33.57 2.38
CA ARG F 1206 7.72 -34.27 1.27
C ARG F 1206 6.31 -33.79 0.96
N GLY F 1207 5.95 -32.57 1.37
CA GLY F 1207 4.74 -31.92 0.94
C GLY F 1207 3.46 -32.53 1.51
N ARG F 1208 3.59 -33.46 2.43
CA ARG F 1208 2.46 -34.19 2.95
C ARG F 1208 2.71 -34.48 4.41
N ALA F 1209 1.66 -34.38 5.21
CA ALA F 1209 1.70 -34.80 6.61
C ALA F 1209 1.96 -36.29 6.64
N ALA F 1210 3.17 -36.68 7.03
CA ALA F 1210 3.66 -38.01 6.71
C ALA F 1210 3.75 -38.92 7.91
N GLY F 1211 3.47 -38.44 9.11
CA GLY F 1211 3.66 -39.25 10.29
C GLY F 1211 2.59 -40.30 10.45
N GLY F 1212 2.93 -41.35 11.18
CA GLY F 1212 2.00 -42.38 11.54
C GLY F 1212 1.12 -42.04 12.72
N VAL F 1213 1.34 -40.88 13.32
CA VAL F 1213 0.49 -40.43 14.41
C VAL F 1213 -0.83 -39.91 13.87
N TYR F 1214 -0.79 -39.24 12.73
CA TYR F 1214 -1.90 -38.42 12.27
C TYR F 1214 -3.06 -39.22 11.73
N ALA F 1215 -2.91 -40.52 11.51
CA ALA F 1215 -3.91 -41.27 10.79
C ALA F 1215 -5.14 -41.53 11.66
N GLY F 1216 -6.14 -42.15 11.05
CA GLY F 1216 -7.38 -42.39 11.75
C GLY F 1216 -7.63 -43.83 12.19
N ASP F 1217 -6.55 -44.57 12.46
CA ASP F 1217 -6.57 -45.91 13.04
C ASP F 1217 -7.35 -46.92 12.20
N LYS F 1218 -6.88 -47.21 10.99
CA LYS F 1218 -7.53 -48.16 10.09
C LYS F 1218 -6.62 -49.33 9.75
N GLU F 1219 -5.30 -49.17 10.00
CA GLU F 1219 -4.23 -50.15 9.86
C GLU F 1219 -3.95 -50.56 8.42
N GLY F 1220 -4.57 -49.87 7.48
CA GLY F 1220 -4.14 -49.88 6.10
C GLY F 1220 -4.07 -48.43 5.70
N ASP F 1221 -4.31 -47.60 6.72
CA ASP F 1221 -4.43 -46.16 6.54
C ASP F 1221 -3.10 -45.53 6.17
N VAL F 1222 -2.03 -45.91 6.88
CA VAL F 1222 -0.77 -45.24 6.57
C VAL F 1222 -0.05 -46.02 5.49
N ILE F 1223 -0.64 -46.02 4.30
CA ILE F 1223 0.03 -45.97 3.01
C ILE F 1223 -0.80 -44.93 2.28
N ALA F 1224 -2.07 -44.85 2.68
CA ALA F 1224 -2.99 -43.90 2.07
C ALA F 1224 -2.82 -42.54 2.70
N LEU F 1225 -2.35 -42.51 3.94
CA LEU F 1225 -2.03 -41.24 4.56
C LEU F 1225 -0.76 -40.66 3.95
N MET F 1226 0.06 -41.51 3.33
CA MET F 1226 1.33 -41.06 2.79
C MET F 1226 1.29 -40.93 1.27
N TYR F 1227 0.34 -41.59 0.60
CA TYR F 1227 0.36 -41.63 -0.85
C TYR F 1227 -0.96 -41.38 -1.55
N ASP F 1228 -2.10 -41.58 -0.90
CA ASP F 1228 -3.40 -41.53 -1.59
C ASP F 1228 -3.70 -40.07 -1.93
N HIS F 1229 -3.21 -39.66 -3.09
CA HIS F 1229 -3.36 -38.27 -3.46
C HIS F 1229 -4.63 -38.00 -4.27
N GLY F 1230 -5.60 -38.91 -4.22
CA GLY F 1230 -6.97 -38.50 -4.44
C GLY F 1230 -7.57 -37.81 -3.23
N GLN F 1231 -6.97 -38.03 -2.06
CA GLN F 1231 -7.35 -37.35 -0.83
C GLN F 1231 -6.57 -36.05 -0.69
N SER F 1232 -6.61 -35.48 0.50
CA SER F 1232 -5.94 -34.19 0.73
C SER F 1232 -4.68 -34.40 1.56
N ASP F 1233 -4.03 -33.29 1.93
CA ASP F 1233 -2.96 -33.27 2.90
C ASP F 1233 -3.52 -32.87 4.24
N PRO F 1234 -3.33 -33.66 5.30
CA PRO F 1234 -3.76 -33.21 6.63
C PRO F 1234 -2.99 -32.00 7.12
N ALA F 1235 -1.75 -31.82 6.65
CA ALA F 1235 -1.01 -30.63 7.03
C ALA F 1235 -1.57 -29.39 6.36
N ARG F 1236 -1.72 -29.40 5.04
CA ARG F 1236 -2.25 -28.25 4.35
C ARG F 1236 -3.59 -28.66 3.78
N PRO F 1237 -4.69 -28.31 4.45
CA PRO F 1237 -5.93 -29.11 4.30
C PRO F 1237 -6.70 -28.86 3.04
N PHE F 1238 -6.43 -27.79 2.33
CA PHE F 1238 -7.15 -27.50 1.12
C PHE F 1238 -6.54 -28.14 -0.10
N ALA F 1239 -5.52 -28.97 0.06
CA ALA F 1239 -4.83 -29.53 -1.10
C ALA F 1239 -4.26 -30.89 -0.77
N ALA F 1240 -3.75 -31.55 -1.81
CA ALA F 1240 -3.24 -32.91 -1.66
C ALA F 1240 -1.77 -32.91 -1.26
N THR F 1241 -0.94 -32.15 -1.98
CA THR F 1241 0.47 -32.08 -1.63
C THR F 1241 0.88 -30.62 -1.51
N ALA F 1242 2.16 -30.42 -1.27
CA ALA F 1242 2.82 -29.15 -1.57
C ALA F 1242 3.82 -29.29 -2.69
N ASN F 1243 4.34 -30.51 -2.88
CA ASN F 1243 5.27 -30.81 -3.94
C ASN F 1243 4.84 -32.15 -4.54
N PRO F 1244 4.41 -32.19 -5.80
CA PRO F 1244 4.20 -33.47 -6.48
C PRO F 1244 5.49 -34.20 -6.78
N TRP F 1245 6.59 -33.47 -6.89
CA TRP F 1245 7.91 -34.03 -7.08
C TRP F 1245 8.55 -34.45 -5.78
N ALA F 1246 7.79 -34.52 -4.70
CA ALA F 1246 8.29 -35.12 -3.48
C ALA F 1246 7.36 -36.22 -2.99
N SER F 1247 6.06 -35.96 -3.09
CA SER F 1247 5.09 -36.62 -2.22
C SER F 1247 4.82 -38.06 -2.61
N GLN F 1248 4.47 -38.28 -3.88
CA GLN F 1248 3.82 -39.50 -4.30
C GLN F 1248 4.76 -40.70 -4.30
N ARG F 1249 4.23 -41.83 -4.74
CA ARG F 1249 5.10 -42.97 -4.94
C ARG F 1249 5.80 -42.80 -6.27
N PHE F 1250 7.10 -43.12 -6.30
CA PHE F 1250 8.01 -42.86 -7.41
C PHE F 1250 8.06 -41.39 -7.78
N SER F 1251 7.94 -40.53 -6.78
CA SER F 1251 7.97 -39.10 -6.99
C SER F 1251 9.36 -38.52 -6.81
N TYR F 1252 10.40 -39.31 -7.08
CA TYR F 1252 11.81 -38.95 -7.23
C TYR F 1252 12.49 -38.65 -5.90
N GLY F 1253 11.74 -38.45 -4.83
CA GLY F 1253 12.33 -38.53 -3.52
C GLY F 1253 12.18 -39.98 -3.15
N ASP F 1254 11.10 -40.55 -3.65
CA ASP F 1254 10.80 -41.96 -3.46
C ASP F 1254 11.82 -42.86 -4.13
N LEU F 1255 12.45 -42.42 -5.21
CA LEU F 1255 13.53 -43.22 -5.75
C LEU F 1255 14.85 -42.92 -5.09
N LEU F 1256 15.16 -41.65 -4.87
CA LEU F 1256 16.47 -41.31 -4.33
C LEU F 1256 16.55 -41.58 -2.84
N TYR F 1257 15.53 -41.17 -2.09
CA TYR F 1257 15.67 -41.12 -0.65
C TYR F 1257 14.89 -42.21 0.06
N ASN F 1258 14.54 -43.29 -0.61
CA ASN F 1258 13.91 -44.39 0.10
C ASN F 1258 14.88 -45.56 0.15
N GLY F 1259 15.25 -45.95 1.37
CA GLY F 1259 16.25 -46.98 1.59
C GLY F 1259 15.89 -48.36 1.11
N ALA F 1260 14.64 -48.58 0.73
CA ALA F 1260 14.25 -49.85 0.13
C ALA F 1260 14.79 -49.99 -1.29
N TYR F 1261 15.00 -48.86 -1.97
CA TYR F 1261 15.59 -48.94 -3.30
C TYR F 1261 17.10 -48.80 -3.20
N HIS F 1262 17.54 -47.90 -2.32
CA HIS F 1262 18.92 -47.61 -1.92
C HIS F 1262 19.92 -47.59 -3.07
N LEU F 1263 19.73 -46.68 -4.02
CA LEU F 1263 20.82 -46.33 -4.91
C LEU F 1263 21.96 -45.70 -4.13
N ASN F 1264 21.61 -44.93 -3.10
CA ASN F 1264 22.58 -44.50 -2.10
C ASN F 1264 22.60 -45.53 -0.98
N GLY F 1265 23.21 -45.22 0.15
CA GLY F 1265 23.23 -46.17 1.24
C GLY F 1265 24.39 -47.14 1.21
N ALA F 1266 25.13 -47.20 0.11
CA ALA F 1266 26.45 -47.77 0.13
C ALA F 1266 27.47 -46.79 0.69
N SER F 1267 27.06 -45.55 0.94
CA SER F 1267 27.88 -44.47 1.42
C SER F 1267 27.90 -44.44 2.94
N PRO F 1268 29.03 -44.11 3.55
CA PRO F 1268 29.05 -44.00 5.01
C PRO F 1268 28.47 -42.69 5.50
N VAL F 1269 28.24 -41.73 4.61
CA VAL F 1269 27.69 -40.44 5.02
C VAL F 1269 26.22 -40.60 5.38
N LEU F 1270 25.86 -40.11 6.56
CA LEU F 1270 24.46 -40.08 6.97
C LEU F 1270 23.66 -39.12 6.10
N SER F 1271 22.67 -39.66 5.43
CA SER F 1271 21.69 -38.84 4.76
C SER F 1271 20.80 -38.20 5.81
N PRO F 1272 20.59 -36.89 5.79
CA PRO F 1272 19.59 -36.30 6.69
C PRO F 1272 18.17 -36.65 6.32
N CYS F 1273 17.92 -37.05 5.08
CA CYS F 1273 16.57 -37.20 4.59
C CYS F 1273 15.98 -38.58 4.77
N PHE F 1274 16.68 -39.51 5.43
CA PHE F 1274 16.16 -40.87 5.50
C PHE F 1274 15.00 -41.01 6.47
N LYS F 1275 14.87 -40.07 7.42
CA LYS F 1275 13.73 -40.07 8.32
C LYS F 1275 12.44 -39.84 7.56
N PHE F 1276 12.48 -38.96 6.58
CA PHE F 1276 11.39 -38.83 5.64
C PHE F 1276 11.63 -39.80 4.49
N PHE F 1277 10.70 -39.82 3.54
CA PHE F 1277 10.76 -40.60 2.30
C PHE F 1277 10.94 -42.09 2.54
N THR F 1278 10.50 -42.61 3.69
CA THR F 1278 10.69 -44.01 4.02
C THR F 1278 9.34 -44.58 4.41
N ALA F 1279 8.65 -45.15 3.43
CA ALA F 1279 7.36 -45.76 3.70
C ALA F 1279 7.49 -47.01 4.56
N ALA F 1280 8.65 -47.65 4.52
CA ALA F 1280 8.85 -48.86 5.30
C ALA F 1280 8.97 -48.57 6.80
N ASP F 1281 9.73 -47.54 7.17
CA ASP F 1281 9.91 -47.25 8.59
C ASP F 1281 8.68 -46.59 9.18
N ILE F 1282 7.94 -45.84 8.37
CA ILE F 1282 6.69 -45.25 8.85
C ILE F 1282 5.52 -46.17 8.49
N THR F 1283 5.82 -47.43 8.15
CA THR F 1283 4.72 -48.37 8.05
C THR F 1283 4.24 -48.72 9.46
N ALA F 1284 3.38 -47.83 9.96
CA ALA F 1284 2.64 -47.83 11.22
C ALA F 1284 3.52 -47.65 12.46
N LYS F 1285 4.79 -48.07 12.42
CA LYS F 1285 5.94 -47.53 13.18
C LYS F 1285 5.82 -47.61 14.70
N HIS F 1286 4.66 -47.32 15.29
CA HIS F 1286 4.01 -47.56 16.57
C HIS F 1286 2.84 -46.59 16.55
N ARG F 1287 1.80 -46.84 17.32
CA ARG F 1287 0.70 -45.91 17.27
C ARG F 1287 0.11 -45.57 18.63
N CYS F 1288 0.36 -46.39 19.64
CA CYS F 1288 -0.09 -46.06 20.99
C CYS F 1288 0.65 -44.83 21.51
N LEU F 1289 -0.06 -43.70 21.53
CA LEU F 1289 0.54 -42.39 21.74
C LEU F 1289 1.10 -42.21 23.14
N GLU F 1290 0.53 -42.89 24.12
CA GLU F 1290 0.92 -42.71 25.51
C GLU F 1290 2.32 -43.27 25.75
N ARG F 1291 2.59 -44.44 25.21
CA ARG F 1291 3.93 -45.01 25.21
C ARG F 1291 4.87 -44.26 24.28
N LEU F 1292 4.32 -43.54 23.31
CA LEU F 1292 5.14 -42.93 22.26
C LEU F 1292 6.03 -41.81 22.76
N ILE F 1293 5.55 -40.96 23.66
CA ILE F 1293 6.37 -39.82 24.05
C ILE F 1293 7.47 -40.19 25.03
N VAL F 1294 7.40 -41.35 25.70
CA VAL F 1294 8.48 -41.69 26.61
C VAL F 1294 9.67 -42.23 25.84
N GLU F 1295 9.49 -42.55 24.57
CA GLU F 1295 10.55 -43.02 23.72
C GLU F 1295 11.29 -41.87 23.08
N THR F 1296 10.90 -40.64 23.39
CA THR F 1296 11.57 -39.46 22.89
C THR F 1296 12.61 -38.95 23.88
N GLY F 1297 12.99 -39.79 24.83
CA GLY F 1297 14.20 -39.63 25.61
C GLY F 1297 15.02 -40.85 25.33
N SER F 1298 14.85 -41.37 24.12
CA SER F 1298 15.31 -42.69 23.69
C SER F 1298 15.44 -42.64 22.17
N ALA F 1299 15.42 -43.82 21.54
CA ALA F 1299 15.50 -43.98 20.08
C ALA F 1299 16.81 -43.44 19.55
N VAL F 1300 17.89 -44.21 19.78
CA VAL F 1300 19.26 -43.89 19.38
C VAL F 1300 19.32 -43.35 17.95
N SER F 1301 19.99 -42.21 17.79
CA SER F 1301 19.84 -41.35 16.63
C SER F 1301 20.38 -42.00 15.37
N THR F 1302 20.08 -41.37 14.23
CA THR F 1302 20.72 -41.75 12.99
C THR F 1302 22.15 -41.23 12.91
N ALA F 1303 22.52 -40.31 13.79
CA ALA F 1303 23.77 -39.58 13.67
C ALA F 1303 24.76 -40.04 14.74
N THR F 1304 26.02 -39.76 14.47
CA THR F 1304 27.11 -39.95 15.42
C THR F 1304 27.99 -38.73 15.42
N ALA F 1305 28.27 -38.21 16.60
CA ALA F 1305 29.08 -37.02 16.75
C ALA F 1305 30.57 -37.28 16.70
N ALA F 1306 30.98 -38.52 16.41
CA ALA F 1306 32.37 -38.93 16.56
C ALA F 1306 33.21 -38.76 15.32
N SER F 1307 32.63 -38.31 14.21
CA SER F 1307 33.40 -38.17 12.98
C SER F 1307 33.51 -36.71 12.59
N ASP F 1308 34.40 -36.47 11.63
CA ASP F 1308 34.62 -35.11 11.16
C ASP F 1308 33.44 -34.62 10.34
N VAL F 1309 33.10 -35.36 9.30
CA VAL F 1309 31.82 -35.25 8.64
C VAL F 1309 30.97 -36.39 9.16
N GLN F 1310 29.75 -36.08 9.57
CA GLN F 1310 28.87 -36.98 10.30
C GLN F 1310 28.53 -38.23 9.49
N PHE F 1311 28.55 -39.38 10.15
CA PHE F 1311 28.30 -40.64 9.48
C PHE F 1311 27.01 -41.25 9.95
N LYS F 1312 26.50 -42.20 9.15
CA LYS F 1312 25.45 -43.05 9.68
C LYS F 1312 26.03 -43.95 10.76
N ARG F 1313 25.18 -44.30 11.70
CA ARG F 1313 25.59 -44.85 12.98
C ARG F 1313 26.18 -46.24 12.90
N PRO F 1314 27.41 -46.44 13.37
CA PRO F 1314 27.92 -47.79 13.56
C PRO F 1314 27.19 -48.47 14.71
N PRO F 1315 26.99 -49.79 14.63
CA PRO F 1315 26.12 -50.47 15.60
C PRO F 1315 26.63 -50.48 17.03
N GLY F 1316 27.90 -50.20 17.26
CA GLY F 1316 28.39 -50.06 18.61
C GLY F 1316 28.27 -48.64 19.10
N CYS F 1317 28.41 -48.45 20.42
CA CYS F 1317 28.37 -47.15 21.10
C CYS F 1317 27.07 -46.39 20.86
N ARG F 1318 25.97 -46.89 21.43
CA ARG F 1318 24.68 -46.20 21.44
C ARG F 1318 24.79 -44.87 22.15
N GLU F 1319 23.88 -43.97 21.79
CA GLU F 1319 23.75 -42.67 22.43
C GLU F 1319 22.28 -42.47 22.74
N LEU F 1320 21.99 -42.00 23.94
CA LEU F 1320 20.59 -41.89 24.37
C LEU F 1320 20.13 -40.48 24.01
N VAL F 1321 19.68 -40.33 22.77
CA VAL F 1321 19.42 -39.04 22.16
C VAL F 1321 17.96 -38.69 22.44
N GLU F 1322 17.59 -37.41 22.32
CA GLU F 1322 16.23 -36.99 22.58
C GLU F 1322 15.37 -37.00 21.31
N ASP F 1323 15.70 -36.17 20.29
CA ASP F 1323 15.27 -36.32 18.90
C ASP F 1323 13.75 -36.32 18.68
N PRO F 1324 13.07 -35.16 18.73
CA PRO F 1324 11.61 -35.16 18.57
C PRO F 1324 11.15 -35.34 17.15
N CYS F 1325 11.99 -35.06 16.16
CA CYS F 1325 11.50 -34.94 14.79
C CYS F 1325 11.14 -36.27 14.17
N GLY F 1326 11.48 -37.37 14.80
CA GLY F 1326 10.95 -38.64 14.37
C GLY F 1326 9.56 -38.94 14.88
N LEU F 1327 8.99 -38.07 15.71
CA LEU F 1327 7.66 -38.27 16.25
C LEU F 1327 6.64 -37.43 15.51
N PHE F 1328 6.90 -36.14 15.36
CA PHE F 1328 6.01 -35.28 14.60
C PHE F 1328 6.11 -35.49 13.10
N GLN F 1329 7.20 -36.14 12.65
CA GLN F 1329 7.63 -36.22 11.27
C GLN F 1329 7.73 -34.80 10.73
N GLU F 1330 8.39 -33.92 11.49
CA GLU F 1330 8.39 -32.50 11.17
C GLU F 1330 9.81 -31.97 11.23
N ALA F 1331 9.95 -30.72 10.81
CA ALA F 1331 11.21 -30.00 10.77
C ALA F 1331 10.93 -28.51 10.94
N TYR F 1332 11.98 -27.72 11.03
CA TYR F 1332 11.78 -26.32 11.33
C TYR F 1332 12.61 -25.46 10.39
N PRO F 1333 12.19 -24.22 10.13
CA PRO F 1333 13.06 -23.31 9.39
C PRO F 1333 14.07 -22.67 10.33
N ILE F 1334 14.88 -21.77 9.76
CA ILE F 1334 15.71 -20.84 10.52
C ILE F 1334 15.63 -19.47 9.87
N THR F 1335 16.37 -18.53 10.43
CA THR F 1335 16.48 -17.21 9.84
C THR F 1335 17.30 -17.29 8.57
N CYS F 1336 16.65 -17.08 7.44
CA CYS F 1336 17.33 -17.18 6.16
C CYS F 1336 16.61 -16.31 5.16
N ALA F 1337 17.34 -15.88 4.14
CA ALA F 1337 16.80 -14.99 3.13
C ALA F 1337 17.62 -15.07 1.86
N SER F 1338 17.17 -14.34 0.86
CA SER F 1338 17.80 -14.35 -0.44
C SER F 1338 18.80 -13.22 -0.62
N ASP F 1339 18.89 -12.29 0.31
CA ASP F 1339 19.76 -11.14 0.15
C ASP F 1339 20.46 -10.81 1.44
N PRO F 1340 21.66 -10.23 1.39
CA PRO F 1340 22.21 -9.65 2.60
C PRO F 1340 21.46 -8.42 3.04
N ALA F 1341 20.86 -7.70 2.08
CA ALA F 1341 19.98 -6.59 2.40
C ALA F 1341 18.79 -7.03 3.23
N LEU F 1342 18.29 -8.22 2.96
CA LEU F 1342 17.19 -8.72 3.77
C LEU F 1342 17.71 -9.26 5.10
N LEU F 1343 18.93 -9.79 5.11
CA LEU F 1343 19.48 -10.33 6.34
C LEU F 1343 19.81 -9.22 7.33
N ARG F 1344 20.18 -8.04 6.82
CA ARG F 1344 20.52 -6.93 7.70
C ARG F 1344 19.31 -6.39 8.43
N SER F 1345 18.23 -6.13 7.71
CA SER F 1345 17.08 -5.49 8.35
C SER F 1345 16.26 -6.49 9.15
N ALA F 1346 16.51 -7.79 9.00
CA ALA F 1346 15.92 -8.80 9.86
C ALA F 1346 16.91 -9.14 10.96
N ARG F 1347 17.39 -8.11 11.64
CA ARG F 1347 18.35 -8.29 12.72
C ARG F 1347 17.97 -7.32 13.81
N ASP F 1348 17.92 -7.85 15.04
CA ASP F 1348 17.21 -7.51 16.29
C ASP F 1348 15.81 -8.10 16.37
N GLY F 1349 15.41 -8.96 15.43
CA GLY F 1349 14.11 -9.58 15.47
C GLY F 1349 13.19 -9.04 14.39
N GLU F 1350 11.99 -9.61 14.35
CA GLU F 1350 11.06 -9.36 13.26
C GLU F 1350 10.10 -8.21 13.53
N ALA F 1351 10.49 -7.23 14.36
CA ALA F 1351 9.66 -6.07 14.63
C ALA F 1351 9.50 -5.23 13.37
N HIS F 1352 10.54 -5.23 12.53
CA HIS F 1352 10.49 -4.66 11.20
C HIS F 1352 11.08 -5.59 10.14
N ALA F 1353 10.67 -6.85 10.14
CA ALA F 1353 11.23 -7.81 9.18
C ALA F 1353 10.78 -7.51 7.77
N ARG F 1354 11.75 -7.25 6.90
CA ARG F 1354 11.47 -7.14 5.48
C ARG F 1354 11.22 -8.52 4.92
N GLU F 1355 9.98 -8.98 5.03
CA GLU F 1355 9.66 -10.38 4.72
C GLU F 1355 9.67 -10.64 3.23
N THR F 1356 9.26 -9.69 2.40
CA THR F 1356 9.27 -9.92 0.97
C THR F 1356 9.65 -8.64 0.24
N HIS F 1357 10.17 -8.82 -0.97
CA HIS F 1357 10.61 -7.71 -1.82
C HIS F 1357 10.65 -8.29 -3.23
N PHE F 1358 10.83 -7.42 -4.26
CA PHE F 1358 10.36 -7.50 -5.67
C PHE F 1358 10.29 -8.94 -6.15
N THR F 1359 11.36 -9.71 -6.10
CA THR F 1359 11.30 -11.14 -6.28
C THR F 1359 11.77 -11.87 -5.05
N GLN F 1360 12.39 -11.15 -4.14
CA GLN F 1360 13.12 -11.71 -3.04
C GLN F 1360 12.16 -12.19 -1.97
N TYR F 1361 12.70 -12.84 -0.96
CA TYR F 1361 11.87 -13.28 0.15
C TYR F 1361 12.73 -13.48 1.38
N LEU F 1362 12.07 -13.74 2.49
CA LEU F 1362 12.74 -13.93 3.77
C LEU F 1362 11.93 -14.89 4.61
N ILE F 1363 12.61 -15.68 5.41
CA ILE F 1363 11.97 -16.54 6.38
C ILE F 1363 12.49 -16.17 7.76
N TYR F 1364 11.61 -15.66 8.60
CA TYR F 1364 11.98 -15.54 9.99
C TYR F 1364 11.93 -16.91 10.65
N ASP F 1365 12.82 -17.10 11.62
CA ASP F 1365 12.96 -18.39 12.29
C ASP F 1365 11.74 -18.68 13.15
N ALA F 1366 11.08 -19.79 12.86
CA ALA F 1366 10.01 -20.29 13.73
C ALA F 1366 10.45 -21.67 14.20
N SER F 1367 10.70 -21.79 15.48
CA SER F 1367 11.45 -22.94 15.97
C SER F 1367 11.31 -23.06 17.48
N PRO F 1368 11.55 -24.23 18.06
CA PRO F 1368 11.87 -24.28 19.49
C PRO F 1368 13.14 -23.53 19.83
N LEU F 1369 14.03 -23.30 18.88
CA LEU F 1369 15.26 -22.54 19.11
C LEU F 1369 15.10 -21.05 18.92
N LYS F 1370 13.92 -20.53 18.59
CA LYS F 1370 13.79 -19.09 18.47
C LYS F 1370 13.81 -18.48 19.85
N GLY F 1371 14.25 -17.23 19.92
CA GLY F 1371 14.41 -16.55 21.19
C GLY F 1371 15.71 -16.81 21.89
N LEU F 1372 16.47 -17.83 21.48
CA LEU F 1372 17.75 -18.10 22.11
C LEU F 1372 18.88 -17.51 21.31
N SER F 1373 20.07 -17.51 21.90
CA SER F 1373 21.21 -16.77 21.38
C SER F 1373 21.85 -17.50 20.22
N LEU F 1374 22.36 -18.68 20.48
CA LEU F 1374 23.15 -19.43 19.53
C LEU F 1374 22.32 -20.09 18.43
N MET G 1 -41.80 -48.56 -25.85
CA MET G 1 -41.59 -49.98 -26.03
C MET G 1 -42.76 -50.76 -25.44
N ASN G 2 -42.90 -50.68 -24.12
CA ASN G 2 -43.88 -51.50 -23.42
C ASN G 2 -45.28 -50.90 -23.52
N ALA G 3 -45.38 -49.61 -23.80
CA ALA G 3 -46.69 -49.03 -24.06
C ALA G 3 -47.27 -49.52 -25.37
N HIS G 4 -46.40 -49.85 -26.33
CA HIS G 4 -46.83 -50.61 -27.50
C HIS G 4 -47.16 -52.05 -27.10
N PHE G 5 -46.60 -52.53 -26.00
CA PHE G 5 -46.76 -53.94 -25.66
C PHE G 5 -47.97 -54.15 -24.75
N ALA G 6 -48.19 -53.22 -23.82
CA ALA G 6 -49.27 -53.38 -22.84
C ALA G 6 -50.63 -53.10 -23.45
N ASN G 7 -50.66 -52.29 -24.52
CA ASN G 7 -51.92 -52.09 -25.25
C ASN G 7 -52.30 -53.34 -26.03
N GLU G 8 -51.31 -54.18 -26.37
CA GLU G 8 -51.60 -55.47 -26.97
C GLU G 8 -52.24 -56.43 -25.98
N VAL G 9 -52.02 -56.21 -24.67
CA VAL G 9 -52.73 -56.99 -23.67
C VAL G 9 -54.20 -56.58 -23.62
N GLN G 10 -54.46 -55.31 -23.92
CA GLN G 10 -55.84 -54.89 -24.14
C GLN G 10 -56.35 -55.35 -25.50
N TYR G 11 -55.44 -55.71 -26.39
CA TYR G 11 -55.85 -56.37 -27.63
C TYR G 11 -55.98 -57.87 -27.41
N ASP G 12 -55.49 -58.36 -26.25
CA ASP G 12 -55.71 -59.75 -25.87
C ASP G 12 -57.07 -59.94 -25.21
N LEU G 13 -57.86 -58.86 -25.19
CA LEU G 13 -59.21 -58.84 -24.57
C LEU G 13 -60.04 -60.04 -25.05
N THR G 14 -60.36 -60.10 -26.34
CA THR G 14 -61.18 -61.20 -26.92
C THR G 14 -62.52 -61.27 -26.19
N ARG G 15 -62.89 -62.48 -25.71
CA ARG G 15 -64.16 -62.72 -24.97
C ARG G 15 -65.37 -62.31 -25.83
N ASP G 16 -66.28 -61.51 -25.26
CA ASP G 16 -67.69 -61.47 -25.70
C ASP G 16 -67.77 -60.97 -27.15
N PRO G 17 -68.65 -61.54 -28.00
CA PRO G 17 -68.60 -61.30 -29.45
C PRO G 17 -68.96 -59.85 -29.83
N SER G 18 -68.14 -59.25 -30.71
CA SER G 18 -68.36 -57.87 -31.20
C SER G 18 -67.59 -57.67 -32.52
N SER G 19 -67.89 -56.60 -33.26
CA SER G 19 -67.16 -56.31 -34.52
C SER G 19 -65.66 -56.33 -34.21
N PRO G 20 -64.77 -57.33 -34.90
CA PRO G 20 -63.36 -57.75 -34.85
C PRO G 20 -62.40 -56.65 -35.27
N ALA G 21 -61.25 -56.55 -34.59
CA ALA G 21 -60.42 -55.36 -34.71
C ALA G 21 -58.95 -55.66 -34.98
N SER G 22 -58.15 -54.60 -35.07
CA SER G 22 -56.72 -54.67 -35.28
C SER G 22 -56.05 -53.67 -34.33
N LEU G 23 -54.77 -53.41 -34.56
CA LEU G 23 -54.00 -52.50 -33.72
C LEU G 23 -52.79 -52.01 -34.51
N ILE G 24 -52.60 -50.70 -34.58
CA ILE G 24 -51.50 -50.11 -35.33
C ILE G 24 -50.63 -49.29 -34.39
N HIS G 25 -49.33 -49.59 -34.35
CA HIS G 25 -48.38 -48.78 -33.62
C HIS G 25 -48.12 -47.49 -34.40
N VAL G 26 -48.29 -46.33 -33.75
CA VAL G 26 -48.12 -45.03 -34.38
C VAL G 26 -47.24 -44.16 -33.49
N ILE G 27 -46.07 -43.77 -33.98
CA ILE G 27 -45.13 -42.96 -33.22
C ILE G 27 -45.18 -41.54 -33.76
N ILE G 28 -45.82 -40.65 -33.01
CA ILE G 28 -45.77 -39.21 -33.28
C ILE G 28 -44.45 -38.67 -32.72
N SER G 29 -43.76 -37.88 -33.51
CA SER G 29 -42.52 -37.25 -33.06
C SER G 29 -42.81 -35.88 -32.44
N SER G 30 -41.74 -35.07 -32.33
CA SER G 30 -41.81 -33.84 -31.56
C SER G 30 -42.62 -32.75 -32.26
N GLU G 31 -42.25 -32.41 -33.50
CA GLU G 31 -42.91 -31.30 -34.18
C GLU G 31 -44.33 -31.61 -34.62
N CYS G 32 -44.70 -32.89 -34.72
CA CYS G 32 -46.09 -33.20 -35.00
C CYS G 32 -46.97 -32.96 -33.78
N LEU G 33 -46.38 -33.04 -32.59
CA LEU G 33 -47.06 -32.55 -31.40
C LEU G 33 -46.99 -31.03 -31.29
N ALA G 34 -45.82 -30.47 -31.61
CA ALA G 34 -45.60 -29.04 -31.40
C ALA G 34 -46.42 -28.19 -32.35
N ALA G 35 -46.50 -28.58 -33.62
CA ALA G 35 -47.37 -27.89 -34.56
C ALA G 35 -48.84 -28.16 -34.30
N ALA G 36 -49.15 -29.21 -33.56
CA ALA G 36 -50.54 -29.47 -33.21
C ALA G 36 -51.05 -28.53 -32.13
N GLY G 37 -50.21 -28.18 -31.17
CA GLY G 37 -50.65 -27.39 -30.03
C GLY G 37 -50.45 -28.14 -28.74
N VAL G 38 -49.48 -29.05 -28.72
CA VAL G 38 -49.16 -29.85 -27.55
C VAL G 38 -47.91 -29.26 -26.91
N PRO G 39 -47.96 -28.81 -25.66
CA PRO G 39 -46.74 -28.35 -24.99
C PRO G 39 -45.85 -29.54 -24.62
N LEU G 40 -44.65 -29.56 -25.19
CA LEU G 40 -43.76 -30.71 -25.04
C LEU G 40 -43.12 -30.73 -23.66
N SER G 41 -43.08 -29.59 -22.99
CA SER G 41 -42.51 -29.54 -21.65
C SER G 41 -43.41 -30.23 -20.63
N ALA G 42 -44.72 -30.14 -20.83
CA ALA G 42 -45.66 -30.61 -19.82
C ALA G 42 -45.83 -32.13 -19.86
N LEU G 43 -45.57 -32.74 -21.02
CA LEU G 43 -45.58 -34.21 -21.08
C LEU G 43 -44.19 -34.78 -20.83
N MET G 44 -43.16 -33.94 -20.89
CA MET G 44 -41.83 -34.41 -20.52
C MET G 44 -41.71 -34.55 -19.01
N ARG G 45 -42.47 -33.77 -18.25
CA ARG G 45 -42.52 -33.84 -16.79
C ARG G 45 -43.03 -35.19 -16.29
N ALA G 54 -43.35 -43.43 -17.24
CA ALA G 54 -43.55 -43.12 -18.65
C ALA G 54 -44.97 -43.45 -19.07
N ASN G 55 -45.65 -44.28 -18.28
CA ASN G 55 -47.03 -44.65 -18.53
C ASN G 55 -47.94 -43.44 -18.35
N PHE G 56 -48.71 -43.15 -19.40
CA PHE G 56 -49.57 -41.96 -19.38
C PHE G 56 -50.89 -42.31 -20.03
N ARG G 57 -51.98 -41.77 -19.51
CA ARG G 57 -53.31 -42.10 -19.99
C ARG G 57 -53.62 -41.33 -21.25
N VAL G 58 -54.24 -42.00 -22.23
CA VAL G 58 -54.76 -41.36 -23.42
C VAL G 58 -56.22 -41.78 -23.58
N GLU G 59 -57.11 -40.79 -23.66
CA GLU G 59 -58.51 -41.04 -23.92
C GLU G 59 -58.74 -40.99 -25.44
N THR G 60 -59.22 -42.11 -26.00
CA THR G 60 -59.39 -42.23 -27.45
C THR G 60 -60.84 -42.54 -27.76
N GLN G 61 -61.31 -42.04 -28.90
CA GLN G 61 -62.59 -42.46 -29.45
C GLN G 61 -62.53 -42.40 -30.97
N THR G 62 -63.32 -43.25 -31.61
CA THR G 62 -63.29 -43.41 -33.06
C THR G 62 -64.60 -42.95 -33.67
N ARG G 63 -64.49 -42.37 -34.87
CA ARG G 63 -65.58 -41.65 -35.52
C ARG G 63 -65.66 -42.09 -36.98
N ALA G 64 -66.87 -42.37 -37.44
CA ALA G 64 -67.07 -42.65 -38.86
C ALA G 64 -67.05 -41.36 -39.66
N HIS G 65 -66.86 -41.48 -40.97
CA HIS G 65 -66.83 -40.31 -41.82
C HIS G 65 -68.21 -39.91 -42.29
N ALA G 66 -68.99 -40.87 -42.77
CA ALA G 66 -70.22 -40.55 -43.47
C ALA G 66 -71.33 -40.12 -42.52
N THR G 67 -71.74 -41.03 -41.64
CA THR G 67 -72.85 -40.83 -40.72
C THR G 67 -72.53 -41.51 -39.40
N GLY G 68 -73.55 -41.58 -38.55
CA GLY G 68 -73.47 -42.44 -37.40
C GLY G 68 -72.88 -41.78 -36.17
N ASP G 69 -72.52 -42.61 -35.20
CA ASP G 69 -72.19 -42.16 -33.86
C ASP G 69 -70.68 -42.23 -33.71
N CYS G 70 -70.23 -42.17 -32.46
CA CYS G 70 -68.83 -42.35 -32.15
C CYS G 70 -68.64 -43.37 -31.02
N THR G 71 -67.38 -43.75 -30.83
CA THR G 71 -67.00 -44.59 -29.70
C THR G 71 -67.02 -43.75 -28.42
N PRO G 72 -67.31 -44.33 -27.26
CA PRO G 72 -66.99 -43.63 -26.01
C PRO G 72 -65.49 -43.57 -25.78
N TRP G 73 -65.09 -42.73 -24.83
CA TRP G 73 -63.67 -42.46 -24.62
C TRP G 73 -62.99 -43.65 -23.96
N ARG G 74 -62.00 -44.21 -24.66
CA ARG G 74 -61.28 -45.39 -24.21
C ARG G 74 -59.96 -44.97 -23.58
N SER G 75 -59.73 -45.43 -22.35
CA SER G 75 -58.50 -45.16 -21.64
C SER G 75 -57.39 -46.03 -22.23
N ALA G 76 -56.37 -45.40 -22.78
CA ALA G 76 -55.24 -46.09 -23.38
C ALA G 76 -53.96 -45.73 -22.65
N PHE G 77 -52.83 -46.15 -23.21
CA PHE G 77 -51.51 -45.95 -22.63
C PHE G 77 -50.67 -45.05 -23.52
N ALA G 78 -49.51 -44.67 -23.00
CA ALA G 78 -48.57 -43.83 -23.73
C ALA G 78 -47.17 -44.03 -23.17
N ALA G 79 -46.18 -43.69 -23.98
CA ALA G 79 -44.81 -43.60 -23.50
C ALA G 79 -44.14 -42.43 -24.21
N TYR G 80 -44.15 -41.27 -23.57
CA TYR G 80 -43.54 -40.07 -24.15
C TYR G 80 -42.09 -39.96 -23.70
N VAL G 81 -41.18 -40.31 -24.59
CA VAL G 81 -39.76 -40.34 -24.24
C VAL G 81 -38.97 -39.43 -25.19
N PRO G 82 -38.37 -38.36 -24.69
CA PRO G 82 -37.51 -37.54 -25.55
C PRO G 82 -36.17 -38.21 -25.84
N ALA G 83 -36.04 -38.70 -27.07
CA ALA G 83 -34.90 -39.49 -27.49
C ALA G 83 -34.89 -39.58 -29.02
N ASP G 84 -34.05 -40.45 -29.56
CA ASP G 84 -34.29 -40.94 -30.91
C ASP G 84 -35.30 -42.09 -30.83
N ALA G 85 -36.58 -41.75 -31.02
CA ALA G 85 -37.67 -42.68 -30.78
C ALA G 85 -37.66 -43.84 -31.77
N VAL G 86 -37.14 -43.59 -32.97
CA VAL G 86 -36.84 -44.68 -33.88
C VAL G 86 -35.57 -45.41 -33.44
N GLY G 87 -34.57 -44.66 -32.98
CA GLY G 87 -33.31 -45.27 -32.61
C GLY G 87 -33.31 -45.96 -31.26
N ALA G 88 -34.28 -45.65 -30.40
CA ALA G 88 -34.30 -46.28 -29.08
C ALA G 88 -34.79 -47.72 -29.14
N LEU G 89 -35.73 -48.01 -30.05
CA LEU G 89 -36.12 -49.40 -30.30
C LEU G 89 -34.97 -50.16 -30.94
N ILE G 90 -34.25 -49.51 -31.84
CA ILE G 90 -33.23 -50.15 -32.66
C ILE G 90 -31.92 -50.31 -31.86
N ALA G 91 -31.54 -49.27 -31.12
CA ALA G 91 -30.35 -49.33 -30.27
C ALA G 91 -30.75 -49.06 -28.82
N PRO G 92 -31.24 -50.07 -28.11
CA PRO G 92 -31.67 -49.86 -26.72
C PRO G 92 -30.48 -49.73 -25.79
N VAL G 93 -30.79 -49.35 -24.55
CA VAL G 93 -29.80 -48.94 -23.56
C VAL G 93 -29.86 -49.89 -22.37
N VAL G 94 -28.83 -50.72 -22.22
CA VAL G 94 -28.59 -51.47 -20.98
C VAL G 94 -28.09 -50.50 -19.92
N PRO G 95 -28.55 -50.61 -18.65
CA PRO G 95 -28.05 -49.68 -17.62
C PRO G 95 -26.55 -49.78 -17.37
N ALA G 96 -25.99 -50.98 -17.37
CA ALA G 96 -24.55 -51.12 -17.24
C ALA G 96 -23.84 -50.80 -18.56
N HIS G 97 -24.49 -51.11 -19.68
CA HIS G 97 -23.83 -51.01 -20.98
C HIS G 97 -24.64 -50.12 -21.93
N PRO G 98 -24.61 -48.78 -21.76
CA PRO G 98 -25.33 -47.93 -22.72
C PRO G 98 -24.66 -47.83 -24.08
N ASP G 99 -23.37 -48.16 -24.17
CA ASP G 99 -22.65 -48.19 -25.44
C ASP G 99 -22.61 -49.58 -26.05
N LEU G 100 -23.66 -50.38 -25.82
CA LEU G 100 -23.82 -51.66 -26.49
C LEU G 100 -24.06 -51.44 -27.98
N LEU G 101 -24.76 -50.37 -28.33
CA LEU G 101 -25.04 -49.98 -29.71
C LEU G 101 -24.99 -48.47 -29.88
N PRO G 102 -23.85 -47.90 -30.25
CA PRO G 102 -23.82 -46.46 -30.55
C PRO G 102 -24.51 -46.17 -31.88
N ARG G 103 -25.24 -45.07 -31.92
CA ARG G 103 -26.19 -44.80 -32.99
C ARG G 103 -26.13 -43.34 -33.42
N VAL G 104 -27.06 -42.99 -34.30
CA VAL G 104 -27.23 -41.61 -34.76
C VAL G 104 -28.54 -41.09 -34.15
N PRO G 105 -28.54 -39.91 -33.54
CA PRO G 105 -29.76 -39.42 -32.87
C PRO G 105 -30.83 -38.96 -33.84
N SER G 106 -32.02 -38.70 -33.28
CA SER G 106 -33.21 -38.35 -34.05
C SER G 106 -34.20 -37.62 -33.15
N ALA G 107 -35.37 -37.32 -33.72
CA ALA G 107 -36.46 -36.73 -32.96
C ALA G 107 -37.20 -37.79 -32.16
N GLY G 108 -38.09 -37.34 -31.29
CA GLY G 108 -38.80 -38.25 -30.41
C GLY G 108 -40.19 -37.79 -30.02
N GLY G 109 -40.99 -38.70 -29.49
CA GLY G 109 -42.30 -38.37 -28.98
C GLY G 109 -42.95 -39.54 -28.25
N LEU G 110 -44.28 -39.53 -28.27
CA LEU G 110 -45.08 -40.50 -27.53
C LEU G 110 -45.21 -41.82 -28.29
N PHE G 111 -45.14 -42.91 -27.54
CA PHE G 111 -45.34 -44.26 -28.05
C PHE G 111 -46.77 -44.70 -27.74
N VAL G 112 -47.64 -44.67 -28.75
CA VAL G 112 -49.03 -45.08 -28.59
C VAL G 112 -49.44 -45.93 -29.77
N SER G 113 -49.83 -47.18 -29.52
CA SER G 113 -50.48 -47.98 -30.54
C SER G 113 -51.99 -47.78 -30.47
N LEU G 114 -52.65 -47.83 -31.62
CA LEU G 114 -54.06 -47.45 -31.72
C LEU G 114 -54.88 -48.53 -32.42
N PRO G 115 -56.06 -48.87 -31.90
CA PRO G 115 -56.86 -49.94 -32.50
C PRO G 115 -57.59 -49.49 -33.76
N VAL G 116 -58.08 -50.47 -34.50
CA VAL G 116 -58.61 -50.27 -35.85
C VAL G 116 -59.97 -50.95 -35.97
N ALA G 117 -60.98 -50.19 -36.39
CA ALA G 117 -62.28 -50.76 -36.71
C ALA G 117 -62.22 -51.50 -38.05
N CYS G 118 -62.73 -52.72 -38.07
CA CYS G 118 -62.70 -53.58 -39.25
C CYS G 118 -64.09 -54.16 -39.52
N ASP G 119 -64.13 -55.16 -40.41
CA ASP G 119 -65.34 -55.93 -40.69
C ASP G 119 -65.05 -57.41 -40.46
N ALA G 120 -66.11 -58.21 -40.56
CA ALA G 120 -65.91 -59.63 -40.80
C ALA G 120 -65.35 -59.80 -42.20
N GLN G 121 -64.17 -60.41 -42.29
CA GLN G 121 -63.25 -60.28 -43.44
C GLN G 121 -62.99 -58.80 -43.72
N GLY G 122 -62.26 -58.21 -42.77
CA GLY G 122 -62.06 -56.78 -42.64
C GLY G 122 -61.66 -55.96 -43.85
N VAL G 123 -62.55 -55.07 -44.26
CA VAL G 123 -62.26 -54.05 -45.25
C VAL G 123 -62.34 -52.72 -44.52
N TYR G 124 -61.19 -52.11 -44.26
CA TYR G 124 -61.15 -50.89 -43.45
C TYR G 124 -61.75 -49.72 -44.21
N ASP G 125 -62.34 -48.81 -43.47
CA ASP G 125 -63.05 -47.70 -44.06
C ASP G 125 -62.18 -46.45 -43.97
N PRO G 126 -61.61 -45.97 -45.08
CA PRO G 126 -60.84 -44.71 -45.03
C PRO G 126 -61.76 -43.52 -44.83
N TYR G 127 -61.13 -42.36 -44.61
CA TYR G 127 -61.73 -41.06 -44.24
C TYR G 127 -62.35 -41.07 -42.84
N THR G 128 -62.40 -42.22 -42.17
CA THR G 128 -63.04 -42.40 -40.88
C THR G 128 -61.98 -42.30 -39.79
N VAL G 129 -62.29 -41.53 -38.74
CA VAL G 129 -61.26 -40.91 -37.91
C VAL G 129 -61.29 -41.49 -36.51
N ALA G 130 -60.12 -41.88 -36.01
CA ALA G 130 -59.90 -42.14 -34.60
C ALA G 130 -59.34 -40.87 -33.96
N ALA G 131 -59.95 -40.45 -32.85
CA ALA G 131 -59.62 -39.18 -32.21
C ALA G 131 -58.85 -39.41 -30.92
N LEU G 132 -57.63 -38.88 -30.86
CA LEU G 132 -56.82 -38.91 -29.65
C LEU G 132 -57.21 -37.77 -28.72
N ARG G 133 -56.86 -37.90 -27.45
CA ARG G 133 -56.97 -36.80 -26.51
C ARG G 133 -55.93 -37.00 -25.43
N LEU G 134 -55.01 -36.03 -25.31
CA LEU G 134 -54.05 -36.02 -24.21
C LEU G 134 -54.61 -35.16 -23.08
N ALA G 135 -54.66 -35.73 -21.88
CA ALA G 135 -55.20 -35.04 -20.72
C ALA G 135 -54.04 -34.78 -19.77
N TRP G 136 -53.54 -33.53 -19.79
CA TRP G 136 -52.50 -33.11 -18.85
C TRP G 136 -53.04 -33.15 -17.43
N GLY G 137 -54.29 -32.75 -17.24
CA GLY G 137 -54.96 -32.85 -15.98
C GLY G 137 -56.44 -33.05 -16.21
N PRO G 138 -57.26 -32.49 -15.32
CA PRO G 138 -58.71 -32.60 -15.54
C PRO G 138 -59.24 -31.66 -16.62
N TRP G 139 -58.76 -30.43 -16.67
CA TRP G 139 -59.47 -29.33 -17.33
C TRP G 139 -59.43 -29.45 -18.84
N ALA G 140 -60.38 -28.77 -19.50
CA ALA G 140 -60.38 -28.71 -20.96
C ALA G 140 -59.22 -27.88 -21.47
N THR G 141 -58.74 -26.90 -20.69
CA THR G 141 -57.49 -26.21 -21.02
C THR G 141 -56.30 -27.15 -20.97
N CYS G 142 -56.37 -28.18 -20.13
CA CYS G 142 -55.40 -29.27 -20.12
C CYS G 142 -55.86 -30.40 -21.03
N ALA G 143 -56.14 -30.08 -22.30
CA ALA G 143 -56.62 -31.06 -23.27
C ALA G 143 -56.36 -30.57 -24.68
N ARG G 144 -55.96 -31.51 -25.55
CA ARG G 144 -55.95 -31.31 -26.99
C ARG G 144 -56.59 -32.52 -27.66
N VAL G 145 -57.00 -32.34 -28.91
CA VAL G 145 -57.68 -33.38 -29.69
C VAL G 145 -56.92 -33.55 -31.00
N LEU G 146 -56.67 -34.81 -31.40
CA LEU G 146 -55.90 -35.12 -32.60
C LEU G 146 -56.75 -35.94 -33.58
N LEU G 147 -56.50 -35.74 -34.87
CA LEU G 147 -57.26 -36.33 -35.97
C LEU G 147 -56.39 -37.26 -36.80
N PHE G 148 -56.92 -38.45 -37.09
CA PHE G 148 -56.19 -39.49 -37.82
C PHE G 148 -57.17 -40.33 -38.62
N SER G 149 -57.03 -40.32 -39.95
CA SER G 149 -57.82 -41.22 -40.79
C SER G 149 -57.00 -42.45 -41.13
N TYR G 150 -57.69 -43.49 -41.61
CA TYR G 150 -56.97 -44.72 -41.94
C TYR G 150 -56.17 -44.61 -43.23
N ASP G 151 -56.50 -43.65 -44.09
CA ASP G 151 -55.63 -43.32 -45.21
C ASP G 151 -54.30 -42.78 -44.72
N GLU G 152 -54.34 -42.00 -43.65
CA GLU G 152 -53.13 -41.48 -43.01
C GLU G 152 -52.35 -42.59 -42.33
N LEU G 153 -53.04 -43.58 -41.77
CA LEU G 153 -52.42 -44.47 -40.79
C LEU G 153 -51.96 -45.79 -41.41
N VAL G 154 -52.68 -46.32 -42.39
CA VAL G 154 -52.50 -47.68 -42.89
C VAL G 154 -51.64 -47.63 -44.15
N PRO G 155 -50.41 -48.15 -44.13
CA PRO G 155 -49.73 -48.45 -45.38
C PRO G 155 -50.20 -49.80 -45.90
N PRO G 156 -50.09 -50.05 -47.20
CA PRO G 156 -50.41 -51.39 -47.70
C PRO G 156 -49.47 -52.47 -47.16
N ASN G 157 -48.17 -52.18 -47.10
CA ASN G 157 -47.19 -53.13 -46.62
C ASN G 157 -46.11 -52.40 -45.83
N THR G 158 -45.32 -53.16 -45.08
CA THR G 158 -44.27 -52.62 -44.22
C THR G 158 -42.91 -52.73 -44.93
N ARG G 159 -41.84 -52.48 -44.16
CA ARG G 159 -40.49 -52.47 -44.72
C ARG G 159 -39.49 -53.23 -43.84
N TYR G 160 -39.81 -54.51 -43.55
CA TYR G 160 -38.87 -55.41 -42.87
C TYR G 160 -37.61 -55.73 -43.68
N ALA G 161 -37.48 -55.23 -44.92
CA ALA G 161 -36.21 -55.30 -45.63
C ALA G 161 -35.12 -54.47 -44.94
N ALA G 162 -35.50 -53.38 -44.26
CA ALA G 162 -34.56 -52.61 -43.46
C ALA G 162 -34.14 -53.34 -42.20
N ASP G 163 -34.87 -54.37 -41.80
CA ASP G 163 -34.52 -55.19 -40.65
C ASP G 163 -33.39 -56.16 -40.98
N GLY G 164 -33.06 -56.34 -42.26
CA GLY G 164 -32.02 -57.29 -42.61
C GLY G 164 -30.62 -56.79 -42.33
N ALA G 165 -30.36 -55.52 -42.59
CA ALA G 165 -29.06 -54.93 -42.28
C ALA G 165 -28.84 -54.73 -40.79
N ARG G 166 -29.90 -54.51 -40.02
CA ARG G 166 -29.85 -54.22 -38.59
C ARG G 166 -29.37 -55.41 -37.77
N LEU G 167 -29.84 -56.62 -38.10
CA LEU G 167 -29.64 -57.78 -37.23
C LEU G 167 -28.21 -58.30 -37.27
N MET G 168 -27.54 -58.15 -38.41
CA MET G 168 -26.16 -58.64 -38.49
C MET G 168 -25.18 -57.61 -37.95
N ARG G 169 -25.56 -56.33 -37.94
CA ARG G 169 -24.81 -55.32 -37.21
C ARG G 169 -24.88 -55.56 -35.70
N LEU G 170 -25.99 -56.13 -35.23
CA LEU G 170 -26.12 -56.52 -33.82
C LEU G 170 -25.10 -57.57 -33.45
N CYS G 171 -24.92 -58.55 -34.33
CA CYS G 171 -23.96 -59.61 -34.07
C CYS G 171 -22.54 -59.08 -34.19
N ARG G 172 -22.29 -58.11 -35.07
CA ARG G 172 -20.97 -57.51 -35.13
C ARG G 172 -20.72 -56.60 -33.94
N HIS G 173 -21.76 -55.99 -33.37
CA HIS G 173 -21.54 -55.16 -32.20
C HIS G 173 -21.45 -55.95 -30.91
N PHE G 174 -21.92 -57.20 -30.91
CA PHE G 174 -21.48 -58.12 -29.87
C PHE G 174 -20.05 -58.60 -30.15
N CYS G 175 -19.64 -58.60 -31.42
CA CYS G 175 -18.24 -58.84 -31.74
C CYS G 175 -17.39 -57.61 -31.52
N ARG G 176 -18.03 -56.45 -31.32
CA ARG G 176 -17.27 -55.21 -31.15
C ARG G 176 -17.11 -54.86 -29.68
N TYR G 177 -18.07 -55.27 -28.83
CA TYR G 177 -18.08 -54.80 -27.45
C TYR G 177 -17.12 -55.60 -26.59
N VAL G 178 -17.01 -56.91 -26.83
CA VAL G 178 -16.16 -57.76 -26.01
C VAL G 178 -14.68 -57.55 -26.36
N ALA G 179 -14.40 -57.29 -27.65
CA ALA G 179 -13.03 -57.05 -28.08
C ALA G 179 -12.48 -55.72 -27.57
N ARG G 180 -13.33 -54.70 -27.46
CA ARG G 180 -12.89 -53.44 -26.86
C ARG G 180 -12.72 -53.56 -25.35
N LEU G 181 -13.70 -54.13 -24.66
CA LEU G 181 -13.69 -54.13 -23.20
C LEU G 181 -12.74 -55.17 -22.65
N GLY G 182 -12.70 -56.35 -23.26
CA GLY G 182 -11.80 -57.40 -22.83
C GLY G 182 -12.33 -58.30 -21.73
N ALA G 183 -11.48 -58.60 -20.74
CA ALA G 183 -11.79 -59.58 -19.71
C ALA G 183 -12.78 -59.09 -18.68
N ALA G 184 -13.18 -57.81 -18.74
CA ALA G 184 -14.21 -57.28 -17.87
C ALA G 184 -15.60 -57.84 -18.18
N ALA G 185 -15.79 -58.46 -19.35
CA ALA G 185 -17.04 -59.15 -19.63
C ALA G 185 -17.10 -60.46 -18.85
N PRO G 186 -18.26 -60.81 -18.30
CA PRO G 186 -18.36 -62.04 -17.51
C PRO G 186 -18.35 -63.30 -18.38
N ALA G 187 -18.49 -64.46 -17.72
CA ALA G 187 -18.26 -65.75 -18.36
C ALA G 187 -19.32 -66.10 -19.40
N ALA G 188 -20.53 -65.54 -19.29
CA ALA G 188 -21.54 -65.84 -20.30
C ALA G 188 -21.44 -64.89 -21.49
N ALA G 189 -20.81 -63.73 -21.30
CA ALA G 189 -20.66 -62.76 -22.39
C ALA G 189 -19.41 -63.02 -23.23
N THR G 190 -18.36 -63.61 -22.65
CA THR G 190 -17.14 -63.87 -23.42
C THR G 190 -17.30 -65.06 -24.36
N GLU G 191 -18.42 -65.78 -24.24
CA GLU G 191 -18.71 -66.87 -25.16
C GLU G 191 -19.45 -66.38 -26.39
N ALA G 192 -20.56 -65.65 -26.19
CA ALA G 192 -21.51 -65.38 -27.27
C ALA G 192 -21.00 -64.34 -28.27
N ALA G 193 -19.85 -63.73 -28.01
CA ALA G 193 -19.28 -62.81 -28.99
C ALA G 193 -18.70 -63.54 -30.20
N ALA G 194 -17.76 -64.45 -29.97
CA ALA G 194 -17.08 -65.14 -31.07
C ALA G 194 -17.99 -66.16 -31.76
N HIS G 195 -19.12 -66.50 -31.14
CA HIS G 195 -20.13 -67.31 -31.83
C HIS G 195 -20.96 -66.46 -32.78
N LEU G 196 -20.72 -65.15 -32.85
CA LEU G 196 -21.37 -64.31 -33.86
C LEU G 196 -20.38 -63.86 -34.92
N SER G 197 -19.08 -64.11 -34.72
CA SER G 197 -18.09 -63.80 -35.74
C SER G 197 -17.92 -64.94 -36.74
N MET G 198 -18.34 -66.15 -36.35
CA MET G 198 -18.26 -67.29 -37.26
C MET G 198 -19.54 -67.45 -38.06
N GLY G 199 -20.41 -66.43 -38.06
CA GLY G 199 -21.68 -66.49 -38.76
C GLY G 199 -21.87 -65.53 -39.91
N LEU G 200 -20.93 -64.61 -40.15
CA LEU G 200 -21.03 -63.69 -41.29
C LEU G 200 -20.67 -64.43 -42.57
N PRO G 227 -18.86 -48.78 -38.08
CA PRO G 227 -19.84 -47.73 -38.42
C PRO G 227 -21.05 -47.74 -37.48
N PRO G 228 -21.62 -46.56 -37.22
CA PRO G 228 -22.80 -46.50 -36.37
C PRO G 228 -24.04 -47.04 -37.07
N ILE G 229 -25.06 -47.33 -36.27
CA ILE G 229 -26.36 -47.69 -36.82
C ILE G 229 -27.21 -46.43 -36.91
N SER G 230 -27.51 -46.00 -38.13
CA SER G 230 -28.38 -44.85 -38.34
C SER G 230 -29.81 -45.33 -38.49
N PRO G 231 -30.71 -45.00 -37.55
CA PRO G 231 -32.10 -45.48 -37.65
C PRO G 231 -32.92 -44.76 -38.71
N GLU G 232 -32.49 -43.57 -39.15
CA GLU G 232 -33.22 -42.79 -40.13
C GLU G 232 -33.03 -43.31 -41.55
N GLU G 233 -31.95 -44.04 -41.79
CA GLU G 233 -31.73 -44.66 -43.10
C GLU G 233 -32.70 -45.81 -43.35
N GLN G 234 -33.30 -46.36 -42.30
CA GLN G 234 -34.30 -47.41 -42.49
C GLN G 234 -35.62 -46.83 -42.97
N LEU G 235 -35.79 -45.51 -42.87
CA LEU G 235 -36.93 -44.84 -43.48
C LEU G 235 -36.64 -44.40 -44.90
N THR G 236 -35.40 -43.99 -45.17
CA THR G 236 -35.07 -43.27 -46.40
C THR G 236 -34.38 -44.14 -47.44
N ALA G 237 -34.10 -45.40 -47.13
CA ALA G 237 -33.65 -46.33 -48.16
C ALA G 237 -34.86 -46.97 -48.82
N PRO G 238 -35.05 -46.79 -50.14
CA PRO G 238 -36.27 -47.29 -50.81
C PRO G 238 -36.35 -48.81 -50.95
N GLY G 239 -36.81 -49.45 -49.87
CA GLY G 239 -37.02 -50.89 -49.84
C GLY G 239 -38.13 -51.25 -48.88
N GLY G 240 -38.91 -52.28 -49.20
CA GLY G 240 -40.06 -52.65 -48.39
C GLY G 240 -40.31 -54.14 -48.41
N ASP G 241 -41.59 -54.49 -48.31
CA ASP G 241 -42.00 -55.89 -48.36
C ASP G 241 -42.36 -56.30 -49.78
N THR G 242 -42.19 -57.59 -50.06
CA THR G 242 -42.55 -58.21 -51.33
C THR G 242 -42.97 -59.65 -51.03
N ALA G 243 -43.90 -60.18 -51.83
CA ALA G 243 -44.28 -61.58 -51.68
C ALA G 243 -43.15 -62.52 -52.07
N THR G 244 -42.27 -62.06 -52.99
CA THR G 244 -41.00 -62.66 -53.43
C THR G 244 -41.13 -63.99 -54.15
N ALA G 245 -42.35 -64.53 -54.27
CA ALA G 245 -42.52 -65.73 -55.09
C ALA G 245 -42.34 -65.41 -56.56
N GLU G 246 -42.76 -64.21 -56.98
CA GLU G 246 -42.41 -63.72 -58.30
C GLU G 246 -40.95 -63.34 -58.39
N ASP G 247 -40.31 -63.04 -57.25
CA ASP G 247 -38.89 -62.73 -57.22
C ASP G 247 -38.00 -63.94 -56.98
N VAL G 248 -38.54 -65.15 -56.96
CA VAL G 248 -37.72 -66.35 -57.04
C VAL G 248 -37.68 -66.90 -58.45
N SER G 249 -38.83 -66.96 -59.12
CA SER G 249 -38.88 -67.37 -60.52
C SER G 249 -38.18 -66.37 -61.44
N ILE G 250 -38.13 -65.10 -61.05
CA ILE G 250 -37.39 -64.12 -61.84
C ILE G 250 -35.90 -64.25 -61.58
N THR G 251 -35.48 -64.96 -60.52
CA THR G 251 -34.07 -65.21 -60.28
C THR G 251 -33.68 -66.65 -60.63
N GLN G 252 -34.62 -67.60 -60.54
CA GLN G 252 -34.31 -68.96 -60.96
C GLN G 252 -34.15 -69.07 -62.46
N GLU G 253 -34.91 -68.28 -63.22
CA GLU G 253 -34.66 -68.22 -64.66
C GLU G 253 -33.60 -67.18 -65.00
N ASN G 254 -32.93 -66.60 -64.00
CA ASN G 254 -31.79 -65.72 -64.20
C ASN G 254 -30.45 -66.32 -63.81
N GLU G 255 -30.41 -67.22 -62.83
CA GLU G 255 -29.14 -67.82 -62.46
C GLU G 255 -29.00 -69.26 -62.92
N GLU G 256 -29.86 -69.67 -63.86
CA GLU G 256 -29.76 -71.00 -64.50
C GLU G 256 -29.07 -70.81 -65.86
N ILE G 257 -28.90 -69.56 -66.29
CA ILE G 257 -28.26 -69.23 -67.60
C ILE G 257 -26.74 -69.39 -67.47
N LEU G 258 -26.11 -68.50 -66.70
CA LEU G 258 -25.17 -68.83 -65.58
C LEU G 258 -24.84 -70.33 -65.53
N ALA G 259 -25.67 -71.11 -64.81
CA ALA G 259 -25.43 -72.55 -64.55
C ALA G 259 -25.38 -73.37 -65.84
N LEU G 260 -26.27 -73.11 -66.80
CA LEU G 260 -26.25 -73.89 -68.07
C LEU G 260 -24.91 -73.69 -68.77
N VAL G 261 -24.43 -72.43 -68.81
CA VAL G 261 -23.12 -72.09 -69.45
C VAL G 261 -22.01 -72.79 -68.66
N GLN G 262 -22.12 -72.78 -67.33
CA GLN G 262 -21.11 -73.43 -66.46
C GLN G 262 -21.15 -74.95 -66.70
N ARG G 263 -22.31 -75.57 -66.47
CA ARG G 263 -22.45 -77.01 -66.69
C ARG G 263 -23.85 -77.36 -67.21
N ARG G 352 -27.50 -74.60 -33.50
CA ARG G 352 -28.08 -73.38 -32.97
C ARG G 352 -27.77 -72.20 -33.90
N SER G 353 -28.70 -71.25 -33.99
CA SER G 353 -28.55 -70.12 -34.91
C SER G 353 -27.71 -69.02 -34.27
N LEU G 354 -27.79 -67.83 -34.86
CA LEU G 354 -27.11 -66.67 -34.30
C LEU G 354 -28.01 -65.91 -33.32
N VAL G 355 -29.31 -66.18 -33.32
CA VAL G 355 -30.24 -65.45 -32.46
C VAL G 355 -30.22 -66.02 -31.05
N GLU G 356 -29.97 -67.33 -30.92
CA GLU G 356 -29.85 -67.93 -29.59
C GLU G 356 -28.61 -67.44 -28.86
N TRP G 357 -27.56 -67.12 -29.62
CA TRP G 357 -26.40 -66.49 -29.01
C TRP G 357 -26.63 -65.00 -28.75
N LEU G 358 -27.72 -64.44 -29.29
CA LEU G 358 -28.06 -63.07 -28.92
C LEU G 358 -28.73 -63.01 -27.55
N ASP G 359 -29.45 -64.08 -27.15
CA ASP G 359 -30.07 -64.11 -25.81
C ASP G 359 -29.03 -64.06 -24.69
N ARG G 360 -28.01 -64.91 -24.76
CA ARG G 360 -26.89 -64.82 -23.84
C ARG G 360 -26.08 -63.54 -24.03
N GLY G 361 -26.18 -62.90 -25.20
CA GLY G 361 -25.66 -61.57 -25.37
C GLY G 361 -26.38 -60.55 -24.51
N TRP G 362 -27.69 -60.75 -24.32
CA TRP G 362 -28.43 -59.85 -23.44
C TRP G 362 -28.46 -60.36 -22.00
N GLU G 363 -28.61 -61.68 -21.81
CA GLU G 363 -28.73 -62.24 -20.47
C GLU G 363 -27.46 -62.14 -19.63
N ALA G 364 -26.31 -61.87 -20.25
CA ALA G 364 -25.08 -61.60 -19.52
C ALA G 364 -24.83 -60.11 -19.35
N LEU G 365 -25.15 -59.32 -20.36
CA LEU G 365 -24.88 -57.89 -20.26
C LEU G 365 -25.97 -57.18 -19.45
N ALA G 366 -27.21 -57.67 -19.51
CA ALA G 366 -28.25 -57.12 -18.66
C ALA G 366 -28.38 -57.90 -17.35
N GLY G 367 -28.49 -59.22 -17.43
CA GLY G 367 -28.65 -60.04 -16.25
C GLY G 367 -30.07 -60.55 -16.12
N GLY G 368 -30.87 -60.32 -17.15
CA GLY G 368 -32.27 -60.70 -17.11
C GLY G 368 -32.84 -60.81 -18.51
N ASP G 369 -34.13 -61.16 -18.56
CA ASP G 369 -34.77 -61.47 -19.83
C ASP G 369 -35.15 -60.19 -20.57
N ARG G 370 -35.92 -59.31 -19.90
CA ARG G 370 -36.47 -58.05 -20.43
C ARG G 370 -37.27 -58.28 -21.70
N PRO G 371 -38.55 -58.68 -21.59
CA PRO G 371 -39.40 -58.79 -22.79
C PRO G 371 -39.61 -57.48 -23.55
N ASP G 372 -39.22 -56.33 -22.97
CA ASP G 372 -39.12 -55.11 -23.75
C ASP G 372 -38.06 -55.24 -24.84
N TRP G 373 -36.92 -55.82 -24.51
CA TRP G 373 -35.84 -55.95 -25.46
C TRP G 373 -35.94 -57.21 -26.31
N LEU G 374 -36.92 -58.08 -26.04
CA LEU G 374 -37.01 -59.35 -26.74
C LEU G 374 -37.47 -59.14 -28.19
N TRP G 375 -38.25 -58.10 -28.45
CA TRP G 375 -38.65 -57.85 -29.83
C TRP G 375 -37.72 -56.86 -30.51
N SER G 376 -36.68 -56.39 -29.81
CA SER G 376 -35.61 -55.64 -30.48
C SER G 376 -34.61 -56.56 -31.16
N ARG G 377 -34.73 -57.87 -30.94
CA ARG G 377 -33.94 -58.88 -31.63
C ARG G 377 -34.67 -59.48 -32.83
N ARG G 378 -36.00 -59.39 -32.87
CA ARG G 378 -36.81 -60.01 -33.90
C ARG G 378 -37.08 -59.01 -35.01
N SER G 379 -37.99 -59.35 -35.92
CA SER G 379 -38.19 -58.56 -37.13
C SER G 379 -38.90 -57.24 -36.81
N ILE G 380 -38.28 -56.14 -37.20
CA ILE G 380 -38.78 -54.79 -36.92
C ILE G 380 -38.87 -54.03 -38.24
N SER G 381 -40.06 -53.57 -38.59
CA SER G 381 -40.24 -52.68 -39.72
C SER G 381 -40.55 -51.29 -39.20
N VAL G 382 -39.90 -50.29 -39.77
CA VAL G 382 -40.03 -48.90 -39.36
C VAL G 382 -40.40 -48.10 -40.61
N VAL G 383 -41.69 -47.78 -40.75
CA VAL G 383 -42.23 -47.16 -41.97
C VAL G 383 -42.53 -45.69 -41.68
N LEU G 384 -42.19 -44.81 -42.61
CA LEU G 384 -42.52 -43.40 -42.48
C LEU G 384 -43.80 -43.09 -43.25
N ARG G 385 -44.69 -42.31 -42.64
CA ARG G 385 -45.90 -41.80 -43.29
C ARG G 385 -46.04 -40.32 -42.95
N HIS G 386 -47.18 -39.74 -43.30
CA HIS G 386 -47.36 -38.31 -43.09
C HIS G 386 -48.79 -38.00 -42.64
N HIS G 387 -48.94 -36.80 -42.09
CA HIS G 387 -50.17 -36.35 -41.44
C HIS G 387 -50.89 -35.31 -42.28
N TYR G 388 -52.17 -35.56 -42.58
CA TYR G 388 -52.92 -34.71 -43.50
C TYR G 388 -53.42 -33.42 -42.87
N GLY G 389 -53.12 -33.19 -41.59
CA GLY G 389 -53.64 -32.00 -40.94
C GLY G 389 -52.66 -30.85 -40.92
N THR G 390 -51.41 -31.12 -40.60
CA THR G 390 -50.41 -30.07 -40.43
C THR G 390 -49.09 -30.37 -41.15
N LYS G 391 -49.14 -31.10 -42.27
CA LYS G 391 -48.01 -31.42 -43.16
C LYS G 391 -46.90 -32.23 -42.47
N GLN G 392 -47.22 -32.86 -41.34
CA GLN G 392 -46.19 -33.45 -40.50
C GLN G 392 -45.85 -34.87 -40.95
N ARG G 393 -44.81 -35.42 -40.32
CA ARG G 393 -44.43 -36.82 -40.48
C ARG G 393 -44.74 -37.60 -39.21
N PHE G 394 -44.89 -38.92 -39.36
CA PHE G 394 -44.92 -39.84 -38.24
C PHE G 394 -44.56 -41.23 -38.74
N VAL G 395 -44.57 -42.19 -37.81
CA VAL G 395 -43.98 -43.50 -38.01
C VAL G 395 -45.07 -44.56 -37.84
N VAL G 396 -45.08 -45.56 -38.73
CA VAL G 396 -45.92 -46.74 -38.60
C VAL G 396 -45.02 -47.93 -38.32
N VAL G 397 -45.28 -48.63 -37.22
CA VAL G 397 -44.39 -49.67 -36.70
C VAL G 397 -45.16 -50.99 -36.62
N SER G 398 -44.49 -52.08 -36.99
CA SER G 398 -44.97 -53.44 -36.74
C SER G 398 -43.80 -54.35 -36.43
N TYR G 399 -43.89 -55.12 -35.36
CA TYR G 399 -42.91 -56.12 -35.03
C TYR G 399 -43.26 -57.43 -35.73
N GLU G 400 -42.51 -58.48 -35.44
CA GLU G 400 -42.86 -59.81 -35.91
C GLU G 400 -43.87 -60.50 -35.01
N ASN G 401 -43.62 -60.50 -33.70
CA ASN G 401 -44.40 -61.29 -32.76
C ASN G 401 -45.61 -60.51 -32.24
N SER G 402 -45.95 -59.39 -32.88
CA SER G 402 -47.07 -58.56 -32.46
C SER G 402 -48.36 -59.16 -32.97
N VAL G 403 -49.38 -59.20 -32.09
CA VAL G 403 -50.73 -59.58 -32.50
C VAL G 403 -51.40 -58.39 -33.19
N ALA G 404 -50.77 -57.21 -33.08
CA ALA G 404 -51.15 -56.00 -33.78
C ALA G 404 -50.95 -56.15 -35.30
N TRP G 405 -51.34 -55.12 -36.05
CA TRP G 405 -51.25 -55.14 -37.51
C TRP G 405 -49.81 -55.16 -37.97
N GLY G 406 -49.55 -55.94 -39.03
CA GLY G 406 -48.22 -56.11 -39.57
C GLY G 406 -47.37 -57.12 -38.82
N GLY G 407 -47.88 -57.66 -37.72
CA GLY G 407 -47.17 -58.73 -37.05
C GLY G 407 -47.25 -60.02 -37.83
N ARG G 408 -46.24 -60.86 -37.63
CA ARG G 408 -46.23 -62.19 -38.25
C ARG G 408 -46.77 -63.26 -37.31
N ARG G 409 -47.41 -62.86 -36.22
CA ARG G 409 -48.28 -63.69 -35.40
C ARG G 409 -49.58 -62.92 -35.20
N ALA G 410 -50.50 -63.06 -36.16
CA ALA G 410 -51.74 -62.30 -36.12
C ALA G 410 -52.92 -63.14 -36.59
N ARG G 411 -54.06 -62.92 -35.94
CA ARG G 411 -55.32 -63.62 -36.17
C ARG G 411 -56.07 -62.98 -37.33
N PRO G 412 -56.54 -63.78 -38.29
CA PRO G 412 -57.48 -63.25 -39.28
C PRO G 412 -58.83 -62.99 -38.64
N PRO G 413 -59.63 -62.05 -39.19
CA PRO G 413 -59.47 -61.22 -40.41
C PRO G 413 -58.54 -60.03 -40.28
N ARG G 414 -57.88 -59.67 -41.37
CA ARG G 414 -57.01 -58.52 -41.44
C ARG G 414 -57.60 -57.48 -42.40
N LEU G 415 -56.82 -56.42 -42.65
CA LEU G 415 -57.31 -55.26 -43.41
C LEU G 415 -57.40 -55.57 -44.89
N SER G 416 -58.24 -54.81 -45.61
CA SER G 416 -58.32 -54.88 -47.06
C SER G 416 -58.34 -53.47 -47.65
N SER G 417 -57.37 -53.18 -48.51
CA SER G 417 -57.27 -51.88 -49.17
C SER G 417 -58.14 -51.86 -50.44
N GLU G 418 -59.45 -52.03 -50.23
CA GLU G 418 -60.39 -52.15 -51.34
C GLU G 418 -61.21 -50.89 -51.52
N LEU G 419 -61.69 -50.30 -50.43
CA LEU G 419 -62.38 -49.01 -50.50
C LEU G 419 -61.43 -47.91 -50.95
N ALA G 420 -60.14 -48.04 -50.60
CA ALA G 420 -59.12 -47.10 -51.05
C ALA G 420 -58.71 -47.34 -52.50
N THR G 421 -59.34 -48.29 -53.19
CA THR G 421 -59.05 -48.51 -54.59
C THR G 421 -60.34 -48.44 -55.42
N ALA G 422 -61.49 -48.72 -54.78
CA ALA G 422 -62.76 -48.71 -55.50
C ALA G 422 -63.22 -47.29 -55.82
N LEU G 423 -63.48 -46.48 -54.78
CA LEU G 423 -63.97 -45.12 -54.97
C LEU G 423 -62.95 -44.20 -55.60
N THR G 424 -61.67 -44.52 -55.50
CA THR G 424 -60.65 -43.77 -56.22
C THR G 424 -60.69 -44.07 -57.71
N GLU G 425 -60.50 -45.34 -58.11
CA GLU G 425 -60.35 -45.67 -59.52
C GLU G 425 -61.65 -45.55 -60.29
N ALA G 426 -62.81 -45.71 -59.62
CA ALA G 426 -64.06 -45.44 -60.30
C ALA G 426 -64.26 -43.94 -60.49
N CYS G 427 -63.55 -43.13 -59.73
CA CYS G 427 -63.54 -41.69 -59.93
C CYS G 427 -62.27 -41.21 -60.63
N ALA G 428 -61.24 -42.06 -60.74
CA ALA G 428 -60.01 -41.68 -61.44
C ALA G 428 -60.03 -42.08 -62.90
N ALA G 429 -60.52 -43.28 -63.21
CA ALA G 429 -60.67 -43.66 -64.61
C ALA G 429 -61.82 -42.92 -65.28
N GLU G 430 -62.85 -42.54 -64.52
CA GLU G 430 -63.93 -41.71 -65.02
C GLU G 430 -63.63 -40.23 -64.92
N ARG G 431 -62.50 -39.87 -64.27
CA ARG G 431 -62.08 -38.50 -64.00
C ARG G 431 -63.14 -37.70 -63.25
N VAL G 432 -63.87 -38.38 -62.37
CA VAL G 432 -64.87 -37.76 -61.52
C VAL G 432 -64.13 -37.13 -60.34
N VAL G 433 -64.09 -35.81 -60.31
CA VAL G 433 -63.26 -35.13 -59.31
C VAL G 433 -63.89 -35.22 -57.92
N ARG G 434 -65.22 -35.25 -57.83
CA ARG G 434 -65.94 -35.36 -56.57
C ARG G 434 -67.07 -36.37 -56.76
N PRO G 435 -67.13 -37.43 -55.95
CA PRO G 435 -68.07 -38.53 -56.24
C PRO G 435 -69.54 -38.24 -55.95
N HIS G 436 -69.93 -36.99 -55.71
CA HIS G 436 -71.32 -36.63 -55.92
C HIS G 436 -71.59 -36.27 -57.38
N GLN G 437 -70.52 -35.97 -58.15
CA GLN G 437 -70.61 -35.89 -59.59
C GLN G 437 -70.37 -37.23 -60.26
N LEU G 438 -70.46 -38.32 -59.51
CA LEU G 438 -70.32 -39.66 -60.05
C LEU G 438 -71.57 -40.03 -60.83
N SER G 439 -71.36 -40.80 -61.91
CA SER G 439 -72.45 -41.19 -62.80
C SER G 439 -73.41 -42.14 -62.08
N PRO G 440 -74.72 -42.10 -62.41
CA PRO G 440 -75.71 -42.89 -61.65
C PRO G 440 -75.52 -44.40 -61.74
N ALA G 441 -75.10 -44.92 -62.91
CA ALA G 441 -74.69 -46.30 -62.96
C ALA G 441 -73.35 -46.50 -62.26
N ALA G 442 -72.46 -45.51 -62.34
CA ALA G 442 -71.17 -45.62 -61.65
C ALA G 442 -71.32 -45.45 -60.15
N GLN G 443 -72.42 -44.86 -59.69
CA GLN G 443 -72.72 -44.88 -58.26
C GLN G 443 -73.15 -46.27 -57.82
N THR G 444 -74.21 -46.79 -58.42
CA THR G 444 -74.85 -47.99 -57.90
C THR G 444 -74.05 -49.27 -58.17
N ALA G 445 -73.20 -49.29 -59.20
CA ALA G 445 -72.35 -50.45 -59.42
C ALA G 445 -71.31 -50.58 -58.33
N LEU G 446 -70.81 -49.45 -57.82
CA LEU G 446 -70.00 -49.48 -56.60
C LEU G 446 -70.83 -49.89 -55.40
N LEU G 447 -72.12 -49.51 -55.38
CA LEU G 447 -73.01 -49.92 -54.30
C LEU G 447 -73.34 -51.41 -54.40
N ARG G 448 -73.28 -51.98 -55.61
CA ARG G 448 -73.43 -53.42 -55.76
C ARG G 448 -72.18 -54.16 -55.31
N ARG G 449 -71.04 -53.46 -55.28
CA ARG G 449 -69.80 -54.08 -54.82
C ARG G 449 -69.64 -53.93 -53.31
N PHE G 450 -69.63 -52.70 -52.81
CA PHE G 450 -69.38 -52.41 -51.40
C PHE G 450 -70.60 -51.72 -50.79
N PRO G 451 -71.33 -52.38 -49.89
CA PRO G 451 -72.66 -51.90 -49.50
C PRO G 451 -72.67 -50.89 -48.36
N ALA G 452 -71.54 -50.56 -47.75
CA ALA G 452 -71.54 -49.60 -46.65
C ALA G 452 -71.49 -48.15 -47.13
N LEU G 453 -71.50 -47.92 -48.45
CA LEU G 453 -71.39 -46.60 -49.04
C LEU G 453 -72.74 -45.98 -49.36
N GLU G 454 -73.83 -46.54 -48.85
CA GLU G 454 -75.15 -45.94 -49.04
C GLU G 454 -75.30 -44.69 -48.19
N GLY G 455 -74.60 -44.65 -47.06
CA GLY G 455 -74.46 -43.47 -46.24
C GLY G 455 -73.93 -42.25 -46.97
N PRO G 456 -72.66 -42.25 -47.41
CA PRO G 456 -72.09 -41.04 -48.01
C PRO G 456 -72.51 -40.77 -49.44
N LEU G 457 -73.48 -41.52 -49.99
CA LEU G 457 -73.98 -41.27 -51.33
C LEU G 457 -75.48 -41.07 -51.41
N ARG G 458 -76.26 -41.59 -50.46
CA ARG G 458 -77.71 -41.58 -50.57
C ARG G 458 -78.36 -41.16 -49.24
N HIS G 459 -77.84 -40.10 -48.63
CA HIS G 459 -78.52 -39.55 -47.47
C HIS G 459 -78.87 -38.10 -47.75
N PRO G 460 -80.12 -37.66 -47.42
CA PRO G 460 -80.56 -36.30 -47.79
C PRO G 460 -79.76 -35.17 -47.14
N ARG G 461 -79.67 -35.15 -45.81
CA ARG G 461 -78.81 -34.23 -45.09
C ARG G 461 -78.08 -35.01 -44.00
N PRO G 462 -76.95 -35.63 -44.34
CA PRO G 462 -76.15 -36.26 -43.30
C PRO G 462 -75.49 -35.20 -42.43
N VAL G 463 -75.47 -35.46 -41.12
CA VAL G 463 -74.95 -34.47 -40.18
C VAL G 463 -73.44 -34.37 -40.28
N LEU G 464 -72.80 -35.40 -40.85
CA LEU G 464 -71.41 -35.35 -41.27
C LEU G 464 -71.38 -35.23 -42.79
N GLN G 465 -70.47 -34.39 -43.29
CA GLN G 465 -70.44 -34.10 -44.71
C GLN G 465 -69.85 -35.27 -45.48
N PRO G 466 -70.49 -35.71 -46.56
CA PRO G 466 -69.94 -36.84 -47.33
C PRO G 466 -68.85 -36.42 -48.31
N PHE G 467 -67.77 -37.20 -48.30
CA PHE G 467 -66.59 -37.05 -49.14
C PHE G 467 -65.90 -35.69 -49.03
N ASP G 468 -65.44 -35.32 -47.84
CA ASP G 468 -64.54 -34.19 -47.65
C ASP G 468 -63.52 -34.52 -46.56
N ILE G 469 -62.36 -33.88 -46.67
CA ILE G 469 -61.26 -34.06 -45.75
C ILE G 469 -61.57 -33.45 -44.39
N ALA G 470 -62.07 -32.22 -44.40
CA ALA G 470 -62.44 -31.51 -43.18
C ALA G 470 -63.91 -31.74 -42.81
N ALA G 471 -64.45 -32.91 -43.13
CA ALA G 471 -65.84 -33.25 -42.81
C ALA G 471 -66.07 -33.30 -41.30
N GLU G 472 -65.04 -33.67 -40.52
CA GLU G 472 -65.16 -33.57 -39.08
C GLU G 472 -64.91 -32.13 -38.63
N VAL G 473 -64.09 -31.39 -39.37
CA VAL G 473 -63.83 -30.00 -39.02
C VAL G 473 -65.02 -29.12 -39.38
N ALA G 474 -65.64 -29.37 -40.54
CA ALA G 474 -66.87 -28.65 -40.90
C ALA G 474 -68.05 -29.06 -40.03
N PHE G 475 -67.96 -30.23 -39.37
CA PHE G 475 -68.93 -30.59 -38.35
C PHE G 475 -68.83 -29.66 -37.15
N VAL G 476 -67.61 -29.24 -36.81
CA VAL G 476 -67.39 -28.38 -35.65
C VAL G 476 -67.77 -26.93 -35.95
N ALA G 477 -67.37 -26.41 -37.11
CA ALA G 477 -67.51 -24.99 -37.41
C ALA G 477 -68.96 -24.53 -37.54
N ARG G 478 -69.88 -25.45 -37.88
CA ARG G 478 -71.31 -25.15 -37.83
C ARG G 478 -71.78 -24.82 -36.43
N ILE G 479 -71.32 -25.63 -35.46
CA ILE G 479 -71.67 -25.43 -34.05
C ILE G 479 -71.11 -24.12 -33.55
N GLN G 480 -69.92 -23.76 -34.04
CA GLN G 480 -69.36 -22.43 -33.78
C GLN G 480 -70.24 -21.35 -34.39
N ILE G 481 -70.79 -21.60 -35.59
CA ILE G 481 -71.66 -20.62 -36.21
C ILE G 481 -73.01 -20.56 -35.50
N ALA G 482 -73.65 -21.73 -35.33
CA ALA G 482 -75.05 -21.79 -34.92
C ALA G 482 -75.28 -21.28 -33.51
N CYS G 483 -74.27 -21.34 -32.65
CA CYS G 483 -74.36 -20.73 -31.33
C CYS G 483 -74.23 -19.22 -31.37
N LEU G 484 -73.43 -18.68 -32.30
CA LEU G 484 -73.22 -17.24 -32.35
C LEU G 484 -74.47 -16.51 -32.83
N ARG G 485 -75.21 -17.12 -33.76
CA ARG G 485 -76.52 -16.58 -34.10
C ARG G 485 -77.51 -16.75 -32.97
N ALA G 486 -77.43 -17.87 -32.24
CA ALA G 486 -78.21 -18.03 -31.02
C ALA G 486 -77.78 -17.04 -29.96
N LEU G 487 -76.50 -16.65 -29.97
CA LEU G 487 -76.07 -15.53 -29.16
C LEU G 487 -76.56 -14.21 -29.76
N GLY G 488 -76.26 -13.99 -31.05
CA GLY G 488 -76.40 -12.67 -31.64
C GLY G 488 -77.83 -12.22 -31.82
N HIS G 489 -78.76 -13.16 -32.01
CA HIS G 489 -80.15 -12.75 -32.07
C HIS G 489 -80.80 -12.76 -30.69
N SER G 490 -80.12 -13.29 -29.67
CA SER G 490 -80.60 -13.16 -28.30
C SER G 490 -80.11 -11.89 -27.63
N ILE G 491 -78.92 -11.39 -28.00
CA ILE G 491 -78.45 -10.11 -27.48
C ILE G 491 -79.37 -8.99 -27.95
N ARG G 492 -79.83 -9.05 -29.20
CA ARG G 492 -80.80 -8.08 -29.69
C ARG G 492 -82.14 -8.23 -28.99
N ALA G 493 -82.46 -9.42 -28.48
CA ALA G 493 -83.78 -9.67 -27.92
C ALA G 493 -83.99 -8.92 -26.60
N ALA G 494 -83.10 -9.08 -25.65
CA ALA G 494 -83.21 -8.34 -24.40
C ALA G 494 -82.87 -6.86 -24.56
N LEU G 495 -82.22 -6.49 -25.66
CA LEU G 495 -81.82 -5.12 -25.95
C LEU G 495 -82.51 -4.62 -27.21
N GLN G 496 -83.83 -4.80 -27.28
CA GLN G 496 -84.60 -4.42 -28.45
C GLN G 496 -84.62 -2.91 -28.60
N GLY G 497 -85.21 -2.23 -27.63
CA GLY G 497 -85.20 -0.78 -27.63
C GLY G 497 -84.33 -0.24 -26.50
N GLY G 498 -84.67 0.97 -26.05
CA GLY G 498 -84.05 1.57 -24.90
C GLY G 498 -84.40 0.80 -23.65
N PRO G 499 -83.39 0.22 -23.01
CA PRO G 499 -83.67 -0.74 -21.94
C PRO G 499 -83.81 -0.12 -20.57
N ARG G 500 -84.30 -0.92 -19.61
CA ARG G 500 -84.33 -0.56 -18.20
C ARG G 500 -83.74 -1.74 -17.42
N ILE G 501 -82.49 -1.59 -16.99
CA ILE G 501 -81.64 -2.73 -16.65
C ILE G 501 -81.41 -2.79 -15.15
N PHE G 502 -82.15 -1.97 -14.40
CA PHE G 502 -81.65 -1.02 -13.36
C PHE G 502 -80.42 -1.57 -12.66
N GLN G 503 -80.52 -2.67 -11.92
CA GLN G 503 -79.34 -3.40 -11.42
C GLN G 503 -79.79 -4.76 -10.91
N ARG G 504 -78.81 -5.62 -10.65
CA ARG G 504 -79.07 -6.93 -10.09
C ARG G 504 -78.15 -7.33 -8.96
N LEU G 505 -77.07 -6.60 -8.70
CA LEU G 505 -76.18 -6.96 -7.61
C LEU G 505 -76.08 -5.80 -6.61
N ARG G 506 -75.38 -6.05 -5.51
CA ARG G 506 -75.26 -5.09 -4.41
C ARG G 506 -73.80 -4.66 -4.28
N TYR G 507 -73.47 -3.51 -4.87
CA TYR G 507 -72.15 -2.92 -4.71
C TYR G 507 -72.33 -1.42 -4.45
N ASP G 508 -71.89 -0.98 -3.28
CA ASP G 508 -72.08 0.41 -2.88
C ASP G 508 -70.90 1.25 -3.34
N PHE G 509 -71.14 2.56 -3.45
CA PHE G 509 -70.19 3.48 -4.05
C PHE G 509 -69.55 4.38 -3.01
N GLY G 510 -68.35 4.88 -3.34
CA GLY G 510 -67.84 6.08 -2.77
C GLY G 510 -68.37 7.25 -3.60
N PRO G 511 -68.15 8.48 -3.14
CA PRO G 511 -68.84 9.61 -3.77
C PRO G 511 -68.25 10.01 -5.12
N HIS G 512 -66.93 9.90 -5.28
CA HIS G 512 -66.34 10.24 -6.57
C HIS G 512 -66.22 9.02 -7.47
N GLN G 513 -66.75 7.88 -7.02
CA GLN G 513 -66.65 6.66 -7.80
C GLN G 513 -67.70 6.62 -8.90
N SER G 514 -68.73 7.46 -8.78
CA SER G 514 -69.80 7.48 -9.78
C SER G 514 -69.33 8.09 -11.09
N GLU G 515 -68.30 8.94 -11.03
CA GLU G 515 -67.77 9.56 -12.24
C GLU G 515 -67.00 8.56 -13.07
N TRP G 516 -66.60 7.44 -12.46
CA TRP G 516 -66.07 6.32 -13.25
C TRP G 516 -67.15 5.73 -14.14
N LEU G 517 -68.38 5.65 -13.64
CA LEU G 517 -69.47 5.13 -14.44
C LEU G 517 -69.92 6.14 -15.47
N GLY G 518 -69.52 7.41 -15.30
CA GLY G 518 -69.71 8.42 -16.31
C GLY G 518 -68.98 8.08 -17.59
N GLU G 519 -67.84 7.42 -17.45
CA GLU G 519 -67.21 6.81 -18.61
C GLU G 519 -68.01 5.62 -19.12
N VAL G 520 -68.57 4.80 -18.22
CA VAL G 520 -69.22 3.54 -18.61
C VAL G 520 -70.51 3.80 -19.39
N THR G 521 -71.13 4.96 -19.17
CA THR G 521 -72.14 5.46 -20.11
C THR G 521 -71.53 5.62 -21.49
N ARG G 522 -70.43 6.34 -21.58
CA ARG G 522 -69.81 6.66 -22.86
C ARG G 522 -69.11 5.46 -23.46
N ARG G 523 -68.49 4.62 -22.63
CA ARG G 523 -67.70 3.48 -23.07
C ARG G 523 -68.55 2.37 -23.66
N PHE G 524 -69.84 2.29 -23.29
CA PHE G 524 -70.62 1.06 -23.37
C PHE G 524 -70.74 0.38 -24.73
N PRO G 525 -71.24 1.02 -25.81
CA PRO G 525 -71.72 0.21 -26.95
C PRO G 525 -70.60 -0.36 -27.81
N VAL G 526 -69.37 0.06 -27.60
CA VAL G 526 -68.28 -0.49 -28.40
C VAL G 526 -67.93 -1.90 -27.92
N LEU G 527 -68.27 -2.20 -26.66
CA LEU G 527 -67.94 -3.50 -26.07
C LEU G 527 -68.69 -4.64 -26.73
N LEU G 528 -70.02 -4.50 -26.85
CA LEU G 528 -70.89 -5.60 -27.27
C LEU G 528 -70.63 -6.01 -28.71
N GLU G 529 -70.12 -5.10 -29.54
CA GLU G 529 -69.54 -5.54 -30.81
C GLU G 529 -68.33 -6.41 -30.56
N ASN G 530 -67.37 -5.90 -29.80
CA ASN G 530 -66.06 -6.51 -29.68
C ASN G 530 -66.06 -7.77 -28.84
N LEU G 531 -67.08 -7.96 -28.00
CA LEU G 531 -67.28 -9.26 -27.36
C LEU G 531 -67.60 -10.31 -28.40
N MET G 532 -68.63 -10.04 -29.20
CA MET G 532 -69.03 -10.89 -30.31
C MET G 532 -67.97 -10.96 -31.40
N ARG G 533 -67.18 -9.90 -31.58
CA ARG G 533 -66.01 -9.99 -32.46
C ARG G 533 -64.99 -10.98 -31.92
N ALA G 534 -64.77 -10.95 -30.61
CA ALA G 534 -63.83 -11.89 -30.01
C ALA G 534 -64.40 -13.29 -29.98
N LEU G 535 -65.71 -13.44 -29.81
CA LEU G 535 -66.35 -14.74 -29.95
C LEU G 535 -66.20 -15.27 -31.37
N GLU G 536 -66.24 -14.38 -32.36
CA GLU G 536 -65.78 -14.74 -33.69
C GLU G 536 -64.28 -14.94 -33.70
N GLY G 537 -63.54 -14.10 -32.98
CA GLY G 537 -62.09 -14.06 -33.05
C GLY G 537 -61.38 -15.26 -32.49
N THR G 538 -62.02 -16.01 -31.59
CA THR G 538 -61.43 -17.25 -31.12
C THR G 538 -61.50 -18.31 -32.21
N ALA G 539 -60.58 -19.25 -32.13
CA ALA G 539 -60.77 -20.49 -32.85
C ALA G 539 -61.87 -21.30 -32.16
N PRO G 540 -62.64 -22.08 -32.92
CA PRO G 540 -63.63 -22.96 -32.28
C PRO G 540 -62.98 -24.06 -31.45
N ASP G 541 -61.77 -24.47 -31.81
CA ASP G 541 -61.01 -25.40 -30.98
C ASP G 541 -60.64 -24.75 -29.65
N ALA G 542 -60.42 -23.44 -29.65
CA ALA G 542 -60.21 -22.68 -28.43
C ALA G 542 -61.51 -22.17 -27.83
N PHE G 543 -62.64 -22.38 -28.50
CA PHE G 543 -63.91 -21.96 -27.93
C PHE G 543 -64.47 -23.01 -26.99
N PHE G 544 -64.17 -24.28 -27.24
CA PHE G 544 -64.72 -25.39 -26.46
C PHE G 544 -64.14 -25.50 -25.07
N HIS G 545 -63.12 -24.70 -24.75
CA HIS G 545 -62.57 -24.64 -23.41
C HIS G 545 -63.22 -23.56 -22.57
N THR G 546 -64.09 -22.74 -23.17
CA THR G 546 -64.76 -21.65 -22.47
C THR G 546 -66.09 -22.13 -21.90
N ALA G 547 -66.70 -21.24 -21.10
CA ALA G 547 -67.85 -21.63 -20.28
C ALA G 547 -69.13 -21.81 -21.08
N TYR G 548 -69.34 -21.00 -22.13
CA TYR G 548 -70.59 -21.11 -22.87
C TYR G 548 -70.61 -22.36 -23.72
N ALA G 549 -69.44 -22.84 -24.14
CA ALA G 549 -69.41 -24.04 -24.98
C ALA G 549 -69.64 -25.30 -24.15
N LEU G 550 -69.51 -25.20 -22.83
CA LEU G 550 -69.78 -26.35 -21.98
C LEU G 550 -71.11 -26.24 -21.24
N ALA G 551 -71.59 -25.02 -21.00
CA ALA G 551 -72.92 -24.82 -20.41
C ALA G 551 -74.03 -25.29 -21.35
N VAL G 552 -73.82 -25.17 -22.65
CA VAL G 552 -74.73 -25.75 -23.62
C VAL G 552 -74.65 -27.27 -23.57
N LEU G 553 -73.44 -27.81 -23.39
CA LEU G 553 -73.29 -29.26 -23.25
C LEU G 553 -73.87 -29.76 -21.94
N ALA G 554 -73.94 -28.91 -20.92
CA ALA G 554 -74.70 -29.24 -19.72
C ALA G 554 -76.20 -29.17 -19.95
N HIS G 555 -76.62 -28.54 -21.06
CA HIS G 555 -78.03 -28.44 -21.42
C HIS G 555 -78.40 -29.38 -22.56
N LEU G 556 -77.48 -29.62 -23.50
CA LEU G 556 -77.67 -30.67 -24.48
C LEU G 556 -77.59 -32.06 -23.88
N GLY G 557 -76.91 -32.21 -22.73
CA GLY G 557 -77.02 -33.44 -21.98
C GLY G 557 -78.32 -33.52 -21.20
N GLY G 558 -79.03 -32.40 -21.10
CA GLY G 558 -80.33 -32.30 -20.47
C GLY G 558 -81.51 -32.20 -21.40
N GLN G 559 -81.32 -32.43 -22.69
CA GLN G 559 -82.43 -32.45 -23.63
C GLN G 559 -82.86 -33.89 -23.92
N LEU G 568 -76.34 -36.48 -19.14
CA LEU G 568 -75.03 -36.86 -19.65
C LEU G 568 -73.96 -35.86 -19.22
N VAL G 569 -72.85 -36.36 -18.72
CA VAL G 569 -71.77 -35.54 -18.17
C VAL G 569 -70.84 -35.14 -19.31
N PRO G 570 -70.66 -33.84 -19.58
CA PRO G 570 -69.77 -33.42 -20.66
C PRO G 570 -68.30 -33.62 -20.30
N LEU G 571 -67.44 -33.39 -21.30
CA LEU G 571 -66.04 -33.76 -21.18
C LEU G 571 -65.27 -32.81 -20.27
N SER G 572 -64.13 -33.31 -19.77
CA SER G 572 -63.10 -32.70 -18.93
C SER G 572 -63.57 -32.44 -17.50
N ASP G 573 -64.85 -32.70 -17.19
CA ASP G 573 -65.44 -32.62 -15.85
C ASP G 573 -65.22 -31.26 -15.18
N ASP G 574 -65.26 -30.20 -16.00
CA ASP G 574 -65.10 -28.86 -15.46
C ASP G 574 -66.32 -28.43 -14.69
N ILE G 575 -67.47 -29.04 -15.01
CA ILE G 575 -68.74 -28.86 -14.32
C ILE G 575 -68.60 -29.39 -12.90
N PRO G 576 -68.95 -28.60 -11.89
CA PRO G 576 -68.88 -29.09 -10.51
C PRO G 576 -69.99 -30.09 -10.20
N ALA G 577 -69.92 -30.64 -8.99
CA ALA G 577 -70.92 -31.60 -8.57
C ALA G 577 -72.27 -30.95 -8.30
N ARG G 578 -72.31 -29.64 -8.11
CA ARG G 578 -73.52 -28.95 -7.71
C ARG G 578 -74.03 -27.99 -8.79
N PHE G 579 -73.46 -28.06 -9.99
CA PHE G 579 -74.01 -27.28 -11.10
C PHE G 579 -75.35 -27.84 -11.54
N ALA G 580 -75.55 -29.14 -11.41
CA ALA G 580 -76.77 -29.81 -11.86
C ALA G 580 -77.86 -29.83 -10.79
N ASP G 581 -77.69 -29.04 -9.72
CA ASP G 581 -78.67 -28.99 -8.64
C ASP G 581 -79.75 -27.95 -8.89
N SER G 582 -79.36 -26.69 -8.98
CA SER G 582 -80.33 -25.61 -9.14
C SER G 582 -80.14 -24.97 -10.52
N ASP G 583 -80.89 -23.91 -10.73
CA ASP G 583 -80.66 -22.98 -11.81
C ASP G 583 -79.90 -21.75 -11.34
N ALA G 584 -79.66 -21.64 -10.03
CA ALA G 584 -78.93 -20.54 -9.44
C ALA G 584 -77.42 -20.75 -9.49
N HIS G 585 -76.97 -21.94 -9.89
CA HIS G 585 -75.55 -22.18 -10.11
C HIS G 585 -75.17 -21.74 -11.52
N TYR G 586 -74.67 -20.53 -11.69
CA TYR G 586 -74.21 -20.10 -13.00
C TYR G 586 -72.73 -20.44 -13.17
N ALA G 587 -72.17 -20.05 -14.31
CA ALA G 587 -70.79 -20.36 -14.66
C ALA G 587 -70.26 -19.32 -15.63
N PHE G 588 -69.23 -18.58 -15.22
CA PHE G 588 -68.82 -17.34 -15.88
C PHE G 588 -67.61 -17.52 -16.79
N ASP G 589 -67.48 -16.58 -17.72
CA ASP G 589 -66.24 -16.21 -18.35
C ASP G 589 -65.98 -14.73 -18.07
N TYR G 590 -64.75 -14.31 -18.33
CA TYR G 590 -64.27 -12.98 -17.98
C TYR G 590 -63.53 -12.38 -19.15
N TYR G 591 -64.00 -11.25 -19.65
CA TYR G 591 -63.32 -10.54 -20.72
C TYR G 591 -62.82 -9.17 -20.23
N SER G 592 -61.72 -8.73 -20.84
CA SER G 592 -61.12 -7.45 -20.50
C SER G 592 -61.94 -6.31 -21.08
N THR G 593 -62.25 -5.33 -20.23
CA THR G 593 -63.10 -4.24 -20.68
C THR G 593 -62.30 -3.21 -21.48
N SER G 594 -61.21 -2.71 -20.92
CA SER G 594 -60.44 -1.66 -21.54
C SER G 594 -59.33 -2.27 -22.41
N GLY G 595 -58.57 -1.37 -23.05
CA GLY G 595 -57.44 -1.76 -23.88
C GLY G 595 -57.89 -2.60 -25.07
N ASP G 596 -57.41 -3.84 -25.08
CA ASP G 596 -57.95 -4.84 -25.99
C ASP G 596 -59.02 -5.65 -25.27
N THR G 597 -60.06 -6.04 -25.99
CA THR G 597 -61.16 -6.80 -25.40
C THR G 597 -60.82 -8.29 -25.42
N LEU G 598 -60.06 -8.74 -24.45
CA LEU G 598 -59.49 -10.09 -24.50
C LEU G 598 -59.96 -10.92 -23.30
N ARG G 599 -59.94 -12.24 -23.49
CA ARG G 599 -60.35 -13.18 -22.46
C ARG G 599 -59.31 -13.26 -21.37
N LEU G 600 -59.76 -13.29 -20.12
CA LEU G 600 -58.85 -13.21 -18.98
C LEU G 600 -59.02 -14.43 -18.09
N THR G 601 -59.30 -15.59 -18.68
CA THR G 601 -59.47 -16.81 -17.91
C THR G 601 -58.83 -18.00 -18.60
N ASN G 602 -58.62 -19.06 -17.83
CA ASN G 602 -58.60 -20.40 -18.37
C ASN G 602 -59.85 -21.15 -17.95
N ARG G 603 -60.27 -20.92 -16.72
CA ARG G 603 -61.29 -21.67 -16.02
C ARG G 603 -62.64 -20.99 -16.11
N PRO G 604 -63.70 -21.73 -16.39
CA PRO G 604 -65.04 -21.24 -16.11
C PRO G 604 -65.23 -21.11 -14.61
N ILE G 605 -65.52 -19.91 -14.16
CA ILE G 605 -65.58 -19.59 -12.74
C ILE G 605 -67.04 -19.54 -12.32
N ALA G 606 -67.49 -20.59 -11.66
CA ALA G 606 -68.91 -20.81 -11.39
C ALA G 606 -69.28 -20.13 -10.08
N VAL G 607 -70.03 -19.04 -10.17
CA VAL G 607 -70.36 -18.23 -9.00
C VAL G 607 -71.86 -18.34 -8.75
N VAL G 608 -72.21 -18.86 -7.56
CA VAL G 608 -73.60 -19.06 -7.18
C VAL G 608 -74.23 -17.72 -6.89
N ILE G 609 -75.35 -17.44 -7.53
CA ILE G 609 -76.04 -16.18 -7.37
C ILE G 609 -77.37 -16.44 -6.68
N ASP G 610 -77.69 -15.62 -5.69
CA ASP G 610 -78.93 -15.77 -4.94
C ASP G 610 -80.15 -15.50 -5.83
N GLU G 617 -85.40 -8.70 -7.42
CA GLU G 617 -84.74 -7.51 -6.92
C GLU G 617 -83.24 -7.70 -6.79
N GLN G 618 -82.72 -7.71 -5.57
CA GLN G 618 -81.29 -7.87 -5.36
C GLN G 618 -80.93 -9.30 -4.96
N SER G 619 -79.65 -9.60 -5.10
CA SER G 619 -79.08 -10.91 -4.82
C SER G 619 -77.57 -10.75 -4.73
N LYS G 620 -76.99 -11.16 -3.60
CA LYS G 620 -75.54 -11.04 -3.49
C LYS G 620 -74.87 -12.34 -3.94
N CYS G 621 -73.62 -12.23 -4.33
CA CYS G 621 -72.90 -13.31 -4.97
C CYS G 621 -72.21 -14.20 -3.95
N ARG G 622 -71.88 -15.41 -4.38
CA ARG G 622 -71.21 -16.39 -3.52
C ARG G 622 -70.47 -17.39 -4.40
N PHE G 623 -69.23 -17.71 -4.05
CA PHE G 623 -68.45 -18.65 -4.84
C PHE G 623 -68.88 -20.09 -4.55
N MET G 624 -68.17 -21.02 -5.18
CA MET G 624 -68.28 -22.44 -4.88
C MET G 624 -67.02 -22.91 -4.17
N GLU G 625 -66.89 -24.22 -3.95
CA GLU G 625 -65.71 -24.75 -3.33
C GLU G 625 -64.57 -24.89 -4.33
N GLY G 626 -63.42 -25.35 -3.84
CA GLY G 626 -62.26 -25.61 -4.68
C GLY G 626 -61.65 -26.97 -4.42
N PRO G 632 -50.97 -22.84 -13.06
CA PRO G 632 -51.68 -23.19 -11.82
C PRO G 632 -52.12 -21.97 -11.01
N HIS G 633 -51.73 -20.76 -11.42
CA HIS G 633 -52.25 -19.55 -10.80
C HIS G 633 -52.43 -18.48 -11.86
N ARG G 634 -53.68 -18.03 -12.03
CA ARG G 634 -54.08 -17.05 -13.02
C ARG G 634 -54.62 -15.83 -12.31
N VAL G 635 -54.35 -14.64 -12.86
CA VAL G 635 -54.45 -13.38 -12.12
C VAL G 635 -55.89 -13.03 -11.74
N CYS G 636 -56.80 -13.06 -12.72
CA CYS G 636 -58.11 -12.44 -12.52
C CYS G 636 -59.09 -13.32 -11.77
N GLU G 637 -58.72 -14.53 -11.39
CA GLU G 637 -59.69 -15.50 -10.89
C GLU G 637 -60.06 -15.31 -9.42
N GLN G 638 -59.84 -14.13 -8.83
CA GLN G 638 -60.00 -14.00 -7.39
C GLN G 638 -61.25 -13.22 -7.00
N TYR G 639 -61.93 -12.57 -7.95
CA TYR G 639 -62.96 -11.59 -7.66
C TYR G 639 -64.36 -12.13 -7.90
N LEU G 640 -65.36 -11.43 -7.36
CA LEU G 640 -66.75 -11.68 -7.68
C LEU G 640 -67.05 -11.15 -9.07
N PRO G 641 -68.09 -11.67 -9.72
CA PRO G 641 -68.48 -11.13 -11.04
C PRO G 641 -69.03 -9.72 -10.93
N GLY G 642 -68.55 -8.85 -11.81
CA GLY G 642 -68.97 -7.46 -11.80
C GLY G 642 -68.55 -6.68 -10.59
N GLU G 643 -67.55 -7.16 -9.86
CA GLU G 643 -67.18 -6.52 -8.60
C GLU G 643 -66.37 -5.25 -8.83
N SER G 644 -65.56 -5.20 -9.89
CA SER G 644 -64.64 -4.10 -10.07
C SER G 644 -64.57 -3.71 -11.52
N TYR G 645 -63.87 -2.60 -11.77
CA TYR G 645 -63.68 -2.06 -13.10
C TYR G 645 -62.78 -2.98 -13.92
N ALA G 646 -62.73 -2.71 -15.23
CA ALA G 646 -61.92 -3.44 -16.21
C ALA G 646 -62.21 -4.92 -16.22
N TYR G 647 -63.49 -5.28 -16.12
CA TYR G 647 -63.92 -6.67 -16.13
C TYR G 647 -65.31 -6.76 -16.76
N LEU G 648 -65.45 -7.61 -17.76
CA LEU G 648 -66.77 -7.98 -18.21
C LEU G 648 -67.04 -9.41 -17.79
N CYS G 649 -68.22 -9.62 -17.21
CA CYS G 649 -68.56 -10.90 -16.61
C CYS G 649 -69.73 -11.51 -17.38
N LEU G 650 -69.65 -12.82 -17.62
CA LEU G 650 -70.52 -13.46 -18.60
C LEU G 650 -70.80 -14.90 -18.17
N GLY G 651 -71.94 -15.13 -17.53
CA GLY G 651 -72.27 -16.42 -16.96
C GLY G 651 -73.41 -17.10 -17.69
N PHE G 652 -73.52 -18.43 -17.49
CA PHE G 652 -74.51 -19.25 -18.17
C PHE G 652 -74.93 -20.40 -17.26
N ASN G 653 -75.99 -21.12 -17.67
CA ASN G 653 -76.75 -22.02 -16.81
C ASN G 653 -76.96 -23.36 -17.50
N ARG G 654 -77.43 -24.35 -16.72
CA ARG G 654 -78.06 -25.53 -17.31
C ARG G 654 -79.40 -25.19 -17.94
N ARG G 655 -80.08 -24.17 -17.41
CA ARG G 655 -81.29 -23.64 -18.04
C ARG G 655 -80.94 -22.86 -19.31
N LEU G 656 -79.66 -22.44 -19.42
CA LEU G 656 -79.09 -21.74 -20.57
C LEU G 656 -79.71 -20.34 -20.70
N CYS G 657 -80.22 -19.84 -19.58
CA CYS G 657 -80.52 -18.43 -19.41
C CYS G 657 -79.28 -17.77 -18.81
N GLY G 658 -78.58 -16.99 -19.62
CA GLY G 658 -77.28 -16.47 -19.23
C GLY G 658 -77.34 -15.06 -18.66
N LEU G 659 -76.20 -14.65 -18.09
CA LEU G 659 -76.06 -13.29 -17.58
C LEU G 659 -74.92 -12.58 -18.28
N VAL G 660 -75.09 -11.28 -18.42
CA VAL G 660 -74.05 -10.36 -18.84
C VAL G 660 -73.90 -9.36 -17.70
N VAL G 661 -72.87 -9.53 -16.88
CA VAL G 661 -72.70 -8.74 -15.67
C VAL G 661 -71.65 -7.68 -15.91
N PHE G 662 -72.03 -6.43 -15.75
CA PHE G 662 -71.19 -5.25 -15.82
C PHE G 662 -70.83 -4.80 -14.41
N PRO G 663 -69.73 -4.04 -14.23
CA PRO G 663 -69.40 -3.55 -12.89
C PRO G 663 -70.40 -2.53 -12.39
N GLY G 664 -70.93 -2.79 -11.20
CA GLY G 664 -71.89 -1.91 -10.54
C GLY G 664 -73.27 -2.51 -10.35
N GLY G 665 -73.42 -3.83 -10.45
CA GLY G 665 -74.71 -4.45 -10.32
C GLY G 665 -75.55 -4.46 -11.57
N PHE G 666 -75.12 -3.72 -12.59
CA PHE G 666 -75.93 -3.50 -13.78
C PHE G 666 -75.88 -4.73 -14.67
N ALA G 667 -76.80 -5.66 -14.45
CA ALA G 667 -76.81 -6.92 -15.18
C ALA G 667 -78.25 -7.27 -15.53
N PHE G 668 -78.40 -8.29 -16.37
CA PHE G 668 -79.71 -8.67 -16.89
C PHE G 668 -79.63 -10.09 -17.45
N THR G 669 -80.72 -10.83 -17.28
CA THR G 669 -80.82 -12.16 -17.87
C THR G 669 -81.05 -12.06 -19.37
N ILE G 670 -80.69 -13.12 -20.07
CA ILE G 670 -80.97 -13.27 -21.50
C ILE G 670 -81.57 -14.64 -21.72
N ASN G 671 -82.70 -14.70 -22.42
CA ASN G 671 -83.28 -15.98 -22.82
C ASN G 671 -82.62 -16.42 -24.12
N THR G 672 -81.44 -17.04 -24.00
CA THR G 672 -80.83 -17.70 -25.15
C THR G 672 -81.49 -19.03 -25.45
N ALA G 673 -82.28 -19.55 -24.50
CA ALA G 673 -83.05 -20.77 -24.74
C ALA G 673 -84.15 -20.58 -25.78
N ALA G 674 -84.58 -19.34 -26.01
CA ALA G 674 -85.50 -19.03 -27.09
C ALA G 674 -84.81 -18.91 -28.44
N TYR G 675 -83.48 -18.99 -28.49
CA TYR G 675 -82.74 -18.85 -29.73
C TYR G 675 -81.82 -20.00 -30.06
N LEU G 676 -81.59 -20.93 -29.14
CA LEU G 676 -80.83 -22.12 -29.46
C LEU G 676 -81.68 -23.03 -30.35
N SER G 677 -81.32 -23.13 -31.62
CA SER G 677 -81.98 -24.01 -32.55
C SER G 677 -80.98 -25.10 -32.92
N LEU G 678 -80.90 -26.13 -32.09
CA LEU G 678 -80.05 -27.28 -32.34
C LEU G 678 -80.93 -28.49 -32.55
N ALA G 679 -80.94 -29.01 -33.78
CA ALA G 679 -81.68 -30.22 -34.07
C ALA G 679 -81.02 -31.41 -33.37
N ASP G 680 -81.84 -32.16 -32.63
CA ASP G 680 -81.40 -33.32 -31.85
C ASP G 680 -80.67 -34.41 -32.65
N PRO G 681 -81.09 -34.82 -33.86
CA PRO G 681 -80.23 -35.75 -34.61
C PRO G 681 -78.93 -35.12 -35.07
N VAL G 682 -78.90 -33.81 -35.28
CA VAL G 682 -77.61 -33.14 -35.46
C VAL G 682 -76.86 -33.08 -34.14
N ALA G 683 -77.59 -32.83 -33.05
CA ALA G 683 -76.94 -32.62 -31.76
C ALA G 683 -76.53 -33.94 -31.11
N ARG G 684 -77.09 -35.06 -31.58
CA ARG G 684 -76.73 -36.32 -30.94
C ARG G 684 -75.39 -36.86 -31.41
N ALA G 685 -74.90 -36.41 -32.56
CA ALA G 685 -73.51 -36.67 -32.88
C ALA G 685 -72.59 -35.65 -32.21
N VAL G 686 -73.15 -34.51 -31.81
CA VAL G 686 -72.40 -33.49 -31.10
C VAL G 686 -72.13 -33.91 -29.66
N GLY G 687 -73.15 -34.34 -28.93
CA GLY G 687 -73.00 -34.63 -27.52
C GLY G 687 -72.15 -35.85 -27.26
N LEU G 688 -72.35 -36.92 -28.04
CA LEU G 688 -71.61 -38.17 -27.85
C LEU G 688 -70.12 -38.01 -28.06
N ARG G 689 -69.71 -37.09 -28.93
CA ARG G 689 -68.29 -36.76 -29.06
C ARG G 689 -67.81 -35.84 -27.95
N PHE G 690 -68.74 -35.26 -27.18
CA PHE G 690 -68.40 -34.26 -26.16
C PHE G 690 -68.93 -34.62 -24.77
N CYS G 691 -69.51 -35.80 -24.60
CA CYS G 691 -69.93 -36.22 -23.27
C CYS G 691 -68.97 -37.28 -22.74
N ARG G 692 -69.07 -37.55 -21.44
CA ARG G 692 -68.33 -38.62 -20.81
C ARG G 692 -69.28 -39.40 -19.92
N GLY G 693 -69.33 -40.72 -20.13
CA GLY G 693 -70.15 -41.57 -19.29
C GLY G 693 -69.54 -41.67 -17.90
N ALA G 694 -70.19 -41.05 -16.92
CA ALA G 694 -69.71 -41.07 -15.55
C ALA G 694 -70.03 -42.42 -14.90
N ALA G 695 -69.07 -42.95 -14.16
CA ALA G 695 -69.23 -44.25 -13.51
C ALA G 695 -70.24 -44.20 -12.37
N MET H 1 -73.53 12.98 -18.51
CA MET H 1 -73.41 11.53 -18.43
C MET H 1 -73.13 11.07 -17.01
N ASP H 2 -74.17 11.06 -16.18
CA ASP H 2 -74.10 10.49 -14.84
C ASP H 2 -75.17 9.40 -14.70
N PRO H 3 -74.83 8.23 -14.15
CA PRO H 3 -75.84 7.17 -13.95
C PRO H 3 -76.80 7.55 -12.84
N TYR H 4 -78.04 7.06 -12.98
CA TYR H 4 -79.11 7.47 -12.09
C TYR H 4 -78.97 6.78 -10.72
N TYR H 5 -79.45 7.45 -9.67
CA TYR H 5 -79.41 6.93 -8.30
C TYR H 5 -80.72 7.27 -7.60
N PRO H 6 -81.29 6.34 -6.82
CA PRO H 6 -82.51 6.67 -6.08
C PRO H 6 -82.31 7.55 -4.85
N PHE H 7 -81.31 7.25 -4.02
CA PHE H 7 -81.08 8.00 -2.78
C PHE H 7 -79.82 8.85 -2.88
N ASP H 8 -79.70 9.82 -1.98
CA ASP H 8 -78.55 10.72 -2.01
C ASP H 8 -77.34 10.14 -1.28
N ALA H 9 -77.43 9.96 0.05
CA ALA H 9 -76.25 9.64 0.86
C ALA H 9 -76.66 9.20 2.26
N LEU H 10 -75.76 8.46 2.89
CA LEU H 10 -75.70 8.26 4.35
C LEU H 10 -74.24 8.18 4.79
N ASP H 11 -74.04 8.22 6.10
CA ASP H 11 -72.74 8.08 6.74
C ASP H 11 -72.89 7.11 7.90
N VAL H 12 -72.29 5.93 7.76
CA VAL H 12 -72.46 4.85 8.74
C VAL H 12 -71.11 4.59 9.39
N TRP H 13 -71.08 4.64 10.72
CA TRP H 13 -69.95 4.12 11.48
C TRP H 13 -70.07 2.61 11.54
N GLU H 14 -68.97 1.91 11.22
CA GLU H 14 -68.97 0.45 11.13
C GLU H 14 -67.94 -0.10 12.09
N HIS H 15 -68.40 -0.72 13.17
CA HIS H 15 -67.52 -1.42 14.08
C HIS H 15 -67.08 -2.73 13.45
N ARG H 16 -65.84 -3.14 13.74
CA ARG H 16 -65.24 -4.23 12.98
C ARG H 16 -65.71 -5.60 13.46
N ARG H 17 -65.97 -5.76 14.77
CA ARG H 17 -66.54 -7.01 15.25
C ARG H 17 -68.05 -7.04 15.06
N PHE H 18 -68.66 -5.87 14.88
CA PHE H 18 -70.12 -5.74 14.84
C PHE H 18 -70.66 -5.69 13.43
N ILE H 19 -70.12 -6.49 12.52
CA ILE H 19 -70.70 -6.60 11.20
C ILE H 19 -71.75 -7.71 11.22
N VAL H 20 -73.01 -7.33 11.02
CA VAL H 20 -74.12 -8.26 10.98
C VAL H 20 -74.98 -7.90 9.76
N ALA H 21 -75.46 -8.95 9.07
CA ALA H 21 -76.11 -8.86 7.75
C ALA H 21 -75.20 -8.17 6.74
N ASP H 22 -74.08 -8.85 6.45
CA ASP H 22 -72.91 -8.33 5.76
C ASP H 22 -73.16 -7.79 4.35
N SER H 23 -72.40 -6.77 3.96
CA SER H 23 -72.42 -6.18 2.62
C SER H 23 -71.00 -5.93 2.11
N ARG H 24 -70.90 -5.57 0.83
CA ARG H 24 -69.62 -5.34 0.18
C ARG H 24 -69.58 -3.97 -0.50
N SER H 25 -68.39 -3.63 -1.00
CA SER H 25 -68.16 -2.34 -1.66
C SER H 25 -67.78 -2.51 -3.12
N PHE H 26 -67.44 -1.40 -3.75
CA PHE H 26 -67.05 -1.36 -5.16
C PHE H 26 -65.65 -0.77 -5.27
N ILE H 27 -64.86 -1.27 -6.21
CA ILE H 27 -63.46 -0.85 -6.34
C ILE H 27 -63.28 -0.02 -7.60
N THR H 28 -62.74 1.18 -7.42
CA THR H 28 -62.31 2.07 -8.48
C THR H 28 -60.83 2.41 -8.28
N PRO H 29 -60.06 2.61 -9.36
CA PRO H 29 -58.61 2.68 -9.19
C PRO H 29 -58.08 4.02 -8.71
N GLU H 30 -56.75 4.12 -8.69
CA GLU H 30 -56.02 5.27 -8.17
C GLU H 30 -55.57 6.25 -9.23
N PHE H 31 -55.29 5.77 -10.43
CA PHE H 31 -54.86 6.67 -11.48
C PHE H 31 -56.04 7.48 -12.01
N PRO H 32 -55.79 8.66 -12.56
CA PRO H 32 -56.87 9.42 -13.21
C PRO H 32 -57.39 8.72 -14.46
N ARG H 33 -58.65 8.99 -14.75
CA ARG H 33 -59.43 8.21 -15.71
C ARG H 33 -59.02 8.41 -17.17
N ASP H 34 -58.03 9.27 -17.46
CA ASP H 34 -57.53 9.37 -18.81
C ASP H 34 -56.73 8.16 -19.24
N PHE H 35 -56.39 7.29 -18.29
CA PHE H 35 -55.49 6.18 -18.54
C PHE H 35 -56.23 4.88 -18.79
N TYR H 36 -57.43 4.74 -18.22
CA TYR H 36 -58.29 3.59 -18.45
C TYR H 36 -58.87 3.76 -19.85
N MET H 37 -58.14 3.27 -20.84
CA MET H 37 -58.35 3.66 -22.22
C MET H 37 -59.54 2.91 -22.83
N SER H 38 -59.83 3.27 -24.08
CA SER H 38 -61.04 2.85 -24.75
C SER H 38 -60.95 1.38 -25.15
N PRO H 39 -62.09 0.68 -25.20
CA PRO H 39 -62.08 -0.70 -25.69
C PRO H 39 -61.83 -0.72 -27.19
N VAL H 40 -60.73 -1.35 -27.61
CA VAL H 40 -60.29 -1.29 -28.99
C VAL H 40 -60.20 -2.71 -29.51
N PHE H 41 -60.99 -3.02 -30.54
CA PHE H 41 -60.79 -4.21 -31.37
C PHE H 41 -60.67 -3.75 -32.81
N ASN H 42 -59.45 -3.76 -33.33
CA ASN H 42 -59.22 -3.35 -34.71
C ASN H 42 -59.53 -4.50 -35.65
N ILE H 43 -59.96 -4.18 -36.86
CA ILE H 43 -60.09 -5.20 -37.91
C ILE H 43 -58.71 -5.63 -38.36
N PRO H 44 -58.41 -6.93 -38.43
CA PRO H 44 -57.11 -7.36 -38.92
C PRO H 44 -56.94 -7.10 -40.41
N ARG H 45 -55.69 -7.19 -40.86
CA ARG H 45 -55.37 -6.96 -42.27
C ARG H 45 -55.99 -8.01 -43.17
N GLU H 46 -55.88 -9.28 -42.80
CA GLU H 46 -56.56 -10.34 -43.54
C GLU H 46 -57.90 -10.66 -42.88
N THR H 47 -58.84 -11.09 -43.70
CA THR H 47 -60.21 -11.36 -43.29
C THR H 47 -60.50 -12.82 -43.61
N ALA H 48 -61.64 -13.33 -43.13
CA ALA H 48 -62.03 -14.70 -43.40
C ALA H 48 -62.34 -14.93 -44.87
N ALA H 49 -63.05 -14.01 -45.51
CA ALA H 49 -63.49 -14.22 -46.88
C ALA H 49 -62.36 -14.08 -47.88
N GLU H 50 -61.36 -13.25 -47.58
CA GLU H 50 -60.23 -13.05 -48.49
C GLU H 50 -59.32 -14.27 -48.53
N ARG H 51 -59.37 -15.12 -47.50
CA ARG H 51 -58.60 -16.36 -47.50
C ARG H 51 -59.14 -17.34 -48.54
N ALA H 52 -60.41 -17.21 -48.93
CA ALA H 52 -60.93 -18.03 -50.01
C ALA H 52 -60.32 -17.63 -51.35
N ALA H 53 -59.92 -16.37 -51.49
CA ALA H 53 -59.23 -15.95 -52.71
C ALA H 53 -57.79 -16.45 -52.72
N VAL H 54 -57.20 -16.67 -51.55
CA VAL H 54 -55.82 -17.10 -51.49
C VAL H 54 -55.71 -18.61 -51.70
N LEU H 55 -56.54 -19.37 -50.99
CA LEU H 55 -56.39 -20.83 -50.95
C LEU H 55 -56.87 -21.51 -52.23
N GLN H 56 -57.89 -20.95 -52.88
CA GLN H 56 -58.32 -21.51 -54.16
C GLN H 56 -57.31 -21.28 -55.26
N ALA H 57 -56.56 -20.17 -55.20
CA ALA H 57 -55.48 -19.97 -56.17
C ALA H 57 -54.30 -20.90 -55.89
N GLN H 58 -54.07 -21.22 -54.61
CA GLN H 58 -53.04 -22.19 -54.28
C GLN H 58 -53.46 -23.61 -54.59
N ARG H 59 -54.77 -23.90 -54.54
CA ARG H 59 -55.25 -25.22 -54.91
C ARG H 59 -55.15 -25.45 -56.42
N THR H 60 -55.73 -24.56 -57.21
CA THR H 60 -55.89 -24.80 -58.63
C THR H 60 -54.60 -24.66 -59.43
N ALA H 61 -53.66 -23.84 -58.98
CA ALA H 61 -52.39 -23.71 -59.69
C ALA H 61 -51.51 -24.94 -59.47
N ALA H 62 -51.57 -25.53 -58.27
CA ALA H 62 -50.89 -26.80 -58.06
C ALA H 62 -51.68 -27.95 -58.66
N ALA H 63 -52.99 -27.76 -58.87
CA ALA H 63 -53.81 -28.77 -59.52
C ALA H 63 -53.44 -28.98 -60.97
N ALA H 64 -52.98 -27.93 -61.66
CA ALA H 64 -52.37 -28.12 -62.97
C ALA H 64 -50.99 -28.75 -62.83
N ALA H 65 -50.27 -28.41 -61.76
CA ALA H 65 -49.00 -29.06 -61.48
C ALA H 65 -49.19 -30.51 -61.06
N LEU H 66 -50.31 -30.82 -60.39
CA LEU H 66 -50.69 -32.22 -60.19
C LEU H 66 -50.99 -32.89 -61.52
N GLU H 67 -51.57 -32.16 -62.47
CA GLU H 67 -51.77 -32.70 -63.80
C GLU H 67 -50.53 -32.60 -64.66
N ASN H 68 -49.63 -31.66 -64.36
CA ASN H 68 -48.33 -31.69 -65.03
C ASN H 68 -47.47 -32.80 -64.46
N ALA H 69 -47.79 -33.25 -63.25
CA ALA H 69 -47.23 -34.50 -62.76
C ALA H 69 -47.98 -35.71 -63.33
N ALA H 70 -49.30 -35.59 -63.52
CA ALA H 70 -50.08 -36.72 -64.01
C ALA H 70 -49.84 -36.95 -65.49
N LEU H 71 -49.61 -35.88 -66.26
CA LEU H 71 -49.20 -36.06 -67.65
C LEU H 71 -47.72 -36.40 -67.78
N GLN H 72 -46.97 -36.40 -66.68
CA GLN H 72 -45.62 -36.95 -66.71
C GLN H 72 -45.60 -38.37 -66.14
N ALA H 73 -46.47 -38.66 -65.19
CA ALA H 73 -46.55 -40.00 -64.61
C ALA H 73 -47.31 -40.99 -65.50
N ALA H 74 -48.23 -40.52 -66.34
CA ALA H 74 -48.85 -41.39 -67.33
C ALA H 74 -47.95 -41.62 -68.54
N GLU H 75 -46.86 -40.88 -68.65
CA GLU H 75 -45.83 -41.13 -69.64
C GLU H 75 -44.95 -42.30 -69.23
N LEU H 76 -45.00 -42.70 -67.96
CA LEU H 76 -44.19 -43.83 -67.50
C LEU H 76 -44.71 -45.21 -67.92
N PRO H 77 -46.02 -45.55 -67.89
CA PRO H 77 -46.42 -46.86 -68.45
C PRO H 77 -46.38 -46.92 -69.98
N VAL H 78 -46.06 -45.82 -70.66
CA VAL H 78 -45.87 -45.85 -72.09
C VAL H 78 -44.50 -46.47 -72.41
N ASP H 79 -43.59 -46.47 -71.43
CA ASP H 79 -42.17 -46.70 -71.69
C ASP H 79 -41.88 -48.15 -72.07
N ILE H 80 -42.07 -49.10 -71.14
CA ILE H 80 -41.65 -50.47 -71.39
C ILE H 80 -42.61 -51.16 -72.36
N GLU H 81 -43.81 -50.59 -72.52
CA GLU H 81 -44.73 -50.95 -73.59
C GLU H 81 -44.23 -50.50 -74.97
N ARG H 82 -43.14 -49.75 -75.02
CA ARG H 82 -42.39 -49.44 -76.23
C ARG H 82 -40.99 -50.07 -76.20
N ARG H 83 -40.50 -50.44 -75.02
CA ARG H 83 -39.14 -50.97 -74.91
C ARG H 83 -39.01 -52.43 -75.31
N ILE H 84 -39.74 -53.32 -74.63
CA ILE H 84 -39.51 -54.75 -74.81
C ILE H 84 -40.39 -55.33 -75.93
N ARG H 85 -41.35 -54.55 -76.45
CA ARG H 85 -42.11 -54.98 -77.63
C ARG H 85 -41.25 -55.23 -78.87
N PRO H 86 -40.10 -54.56 -79.07
CA PRO H 86 -39.12 -55.12 -80.01
C PRO H 86 -38.22 -56.21 -79.41
N ILE H 87 -38.13 -56.34 -78.09
CA ILE H 87 -37.25 -57.37 -77.52
C ILE H 87 -38.04 -58.67 -77.32
N GLU H 88 -39.36 -58.58 -77.37
CA GLU H 88 -40.22 -59.77 -77.34
C GLU H 88 -40.26 -60.44 -78.71
N GLN H 89 -39.61 -59.83 -79.71
CA GLN H 89 -39.53 -60.41 -81.05
C GLN H 89 -38.64 -61.64 -81.08
N GLN H 90 -37.64 -61.68 -80.21
CA GLN H 90 -36.54 -62.64 -80.37
C GLN H 90 -36.84 -63.97 -79.68
N VAL H 91 -38.07 -64.15 -79.18
CA VAL H 91 -38.33 -65.17 -78.16
C VAL H 91 -38.32 -66.57 -78.76
N HIS H 92 -39.27 -66.87 -79.65
CA HIS H 92 -39.40 -68.24 -80.13
C HIS H 92 -38.42 -68.51 -81.28
N HIS H 93 -37.95 -67.46 -81.94
CA HIS H 93 -37.08 -67.64 -83.09
C HIS H 93 -35.70 -68.15 -82.68
N ILE H 94 -35.03 -67.45 -81.78
CA ILE H 94 -33.72 -67.89 -81.32
C ILE H 94 -33.79 -68.24 -79.84
N TRP I 13 -62.04 0.90 13.64
CA TRP I 13 -63.06 1.57 12.84
C TRP I 13 -62.58 1.79 11.41
N GLU I 14 -63.48 2.27 10.56
CA GLU I 14 -63.16 2.62 9.18
C GLU I 14 -64.12 3.70 8.72
N HIS I 15 -63.63 4.63 7.90
CA HIS I 15 -64.37 5.83 7.57
C HIS I 15 -64.46 5.98 6.05
N ARG I 16 -65.68 5.93 5.53
CA ARG I 16 -65.96 6.09 4.11
C ARG I 16 -67.42 6.51 3.94
N ARG I 17 -67.73 6.99 2.74
CA ARG I 17 -69.08 7.40 2.39
C ARG I 17 -69.95 6.17 2.09
N PHE I 18 -71.25 6.40 1.97
CA PHE I 18 -72.20 5.28 1.93
C PHE I 18 -73.45 5.71 1.20
N ILE I 19 -73.92 4.86 0.27
CA ILE I 19 -75.19 5.05 -0.44
C ILE I 19 -75.96 3.75 -0.33
N VAL I 20 -77.26 3.84 0.00
CA VAL I 20 -78.11 2.67 0.19
C VAL I 20 -78.33 1.97 -1.15
N ALA I 21 -78.11 0.65 -1.17
CA ALA I 21 -78.22 -0.15 -2.39
C ALA I 21 -79.70 -0.45 -2.66
N ASP I 22 -80.19 0.07 -3.79
CA ASP I 22 -81.56 -0.17 -4.21
C ASP I 22 -81.58 -0.46 -5.72
N SER I 23 -82.64 -1.11 -6.17
CA SER I 23 -82.79 -1.44 -7.58
C SER I 23 -83.39 -0.32 -8.41
N ARG I 24 -83.29 0.92 -7.97
CA ARG I 24 -83.72 2.07 -8.76
C ARG I 24 -82.55 2.91 -9.24
N SER I 25 -81.37 2.32 -9.39
CA SER I 25 -80.17 3.01 -9.85
C SER I 25 -79.82 2.53 -11.25
N PHE I 26 -79.92 3.42 -12.24
CA PHE I 26 -79.78 3.00 -13.62
C PHE I 26 -78.64 3.73 -14.29
N ILE I 27 -77.82 2.99 -15.02
CA ILE I 27 -76.85 3.60 -15.89
C ILE I 27 -77.38 3.59 -17.33
N THR I 28 -77.27 4.73 -18.00
CA THR I 28 -77.96 4.97 -19.25
C THR I 28 -77.07 4.67 -20.45
N PRO I 29 -77.46 3.74 -21.32
CA PRO I 29 -76.75 3.55 -22.59
C PRO I 29 -77.39 4.31 -23.73
N GLU I 30 -76.62 4.61 -24.77
CA GLU I 30 -77.16 5.18 -26.00
C GLU I 30 -76.90 4.22 -27.15
N PHE I 31 -77.56 4.46 -28.29
CA PHE I 31 -77.29 3.65 -29.46
C PHE I 31 -77.13 4.52 -30.70
N PRO I 32 -76.28 4.11 -31.64
CA PRO I 32 -76.11 4.85 -32.91
C PRO I 32 -77.06 4.42 -34.03
N ARG I 33 -78.03 3.53 -33.75
CA ARG I 33 -79.10 2.98 -34.61
C ARG I 33 -78.60 1.98 -35.65
N ASP I 34 -77.31 1.88 -35.86
CA ASP I 34 -76.70 0.95 -36.80
C ASP I 34 -75.99 -0.17 -36.07
N PHE I 35 -76.14 -0.18 -34.75
CA PHE I 35 -75.45 -1.11 -33.88
C PHE I 35 -75.91 -2.55 -34.14
N TYR I 36 -77.18 -2.73 -34.50
CA TYR I 36 -77.66 -4.07 -34.80
C TYR I 36 -77.55 -4.39 -36.27
N MET I 37 -77.23 -3.38 -37.09
CA MET I 37 -76.87 -3.60 -38.49
C MET I 37 -75.35 -3.76 -38.60
N SER I 38 -74.81 -4.63 -37.75
CA SER I 38 -73.43 -5.00 -37.59
C SER I 38 -73.19 -6.35 -38.26
N PRO I 39 -71.95 -6.69 -38.63
CA PRO I 39 -71.74 -8.00 -39.26
C PRO I 39 -71.94 -9.19 -38.32
N VAL I 40 -71.92 -8.97 -37.00
CA VAL I 40 -72.02 -10.11 -36.11
C VAL I 40 -73.42 -10.24 -35.51
N PHE I 41 -74.15 -9.12 -35.39
CA PHE I 41 -75.56 -9.20 -35.04
C PHE I 41 -76.43 -9.82 -36.14
N ASN I 42 -75.96 -9.80 -37.38
CA ASN I 42 -76.73 -10.26 -38.52
C ASN I 42 -75.85 -11.27 -39.26
N ILE I 43 -75.87 -12.51 -38.79
CA ILE I 43 -75.03 -13.55 -39.36
C ILE I 43 -75.91 -14.53 -40.13
N PRO I 44 -75.56 -14.87 -41.38
CA PRO I 44 -76.31 -15.90 -42.10
C PRO I 44 -76.07 -17.29 -41.53
N ARG I 45 -76.68 -18.29 -42.18
CA ARG I 45 -76.61 -19.65 -41.67
C ARG I 45 -75.20 -20.23 -41.80
N GLU I 46 -74.45 -19.82 -42.81
CA GLU I 46 -73.07 -20.26 -42.99
C GLU I 46 -72.19 -19.03 -43.18
N THR I 47 -70.95 -19.10 -42.71
CA THR I 47 -70.00 -18.01 -42.85
C THR I 47 -69.06 -18.26 -44.02
N ALA I 48 -68.35 -17.20 -44.41
CA ALA I 48 -67.17 -17.36 -45.23
C ALA I 48 -65.99 -17.90 -44.43
N ALA I 49 -66.05 -17.79 -43.11
CA ALA I 49 -65.01 -18.37 -42.26
C ALA I 49 -65.09 -19.89 -42.24
N GLU I 50 -66.28 -20.44 -42.43
CA GLU I 50 -66.47 -21.89 -42.34
C GLU I 50 -65.80 -22.61 -43.50
N ARG I 51 -65.77 -21.98 -44.68
CA ARG I 51 -65.08 -22.56 -45.81
C ARG I 51 -63.57 -22.51 -45.62
N ALA I 52 -63.06 -21.45 -44.99
CA ALA I 52 -61.62 -21.19 -45.01
C ALA I 52 -60.85 -22.21 -44.18
N ALA I 53 -61.50 -22.79 -43.16
CA ALA I 53 -60.88 -23.89 -42.44
C ALA I 53 -60.86 -25.16 -43.27
N VAL I 54 -61.96 -25.43 -43.96
CA VAL I 54 -62.05 -26.62 -44.80
C VAL I 54 -61.15 -26.48 -46.02
N LEU I 55 -61.10 -25.27 -46.59
CA LEU I 55 -60.29 -25.04 -47.78
C LEU I 55 -58.80 -25.02 -47.43
N GLN I 56 -58.48 -24.82 -46.15
CA GLN I 56 -57.10 -25.01 -45.69
C GLN I 56 -56.81 -26.47 -45.37
N ALA I 57 -57.74 -27.15 -44.69
CA ALA I 57 -57.50 -28.52 -44.24
C ALA I 57 -57.40 -29.50 -45.39
N GLN I 58 -58.20 -29.28 -46.44
CA GLN I 58 -58.03 -30.04 -47.68
C GLN I 58 -56.71 -29.70 -48.35
N ARG I 59 -56.25 -28.46 -48.22
CA ARG I 59 -54.98 -28.06 -48.81
C ARG I 59 -53.81 -28.65 -48.04
N THR I 60 -53.91 -28.71 -46.71
CA THR I 60 -52.89 -29.40 -45.91
C THR I 60 -52.87 -30.89 -46.18
N ALA I 61 -54.03 -31.47 -46.50
CA ALA I 61 -54.07 -32.87 -46.89
C ALA I 61 -53.37 -33.09 -48.22
N ALA I 62 -53.65 -32.24 -49.20
CA ALA I 62 -53.00 -32.31 -50.50
C ALA I 62 -51.52 -31.97 -50.43
N ALA I 63 -51.10 -31.17 -49.45
CA ALA I 63 -49.68 -30.99 -49.22
C ALA I 63 -49.06 -32.24 -48.60
N ALA I 64 -49.79 -32.92 -47.73
CA ALA I 64 -49.30 -34.18 -47.17
C ALA I 64 -49.40 -35.32 -48.17
N ALA I 65 -50.39 -35.27 -49.07
CA ALA I 65 -50.55 -36.31 -50.08
C ALA I 65 -49.46 -36.26 -51.13
N LEU I 66 -48.68 -35.16 -51.20
CA LEU I 66 -47.46 -35.16 -51.99
C LEU I 66 -46.48 -36.20 -51.50
N GLU I 67 -46.01 -36.05 -50.25
CA GLU I 67 -45.01 -36.96 -49.71
C GLU I 67 -45.60 -38.30 -49.32
N ASN I 68 -46.93 -38.41 -49.24
CA ASN I 68 -47.56 -39.71 -49.25
C ASN I 68 -47.38 -40.40 -50.59
N ALA I 69 -47.38 -39.62 -51.68
CA ALA I 69 -47.22 -40.19 -53.00
C ALA I 69 -45.78 -40.16 -53.47
N ALA I 70 -44.99 -39.17 -53.02
CA ALA I 70 -43.59 -39.09 -53.41
C ALA I 70 -42.79 -40.24 -52.79
N LEU I 71 -43.05 -40.56 -51.52
CA LEU I 71 -42.45 -41.74 -50.92
C LEU I 71 -43.06 -43.03 -51.49
N GLN I 72 -44.26 -42.95 -52.05
CA GLN I 72 -44.80 -44.08 -52.80
C GLN I 72 -44.22 -44.14 -54.20
N ALA I 73 -43.87 -42.99 -54.78
CA ALA I 73 -43.13 -42.95 -56.03
C ALA I 73 -41.62 -42.98 -55.82
N ALA I 74 -41.16 -43.43 -54.66
CA ALA I 74 -39.74 -43.62 -54.42
C ALA I 74 -39.21 -44.96 -54.93
N GLU I 75 -40.02 -45.70 -55.69
CA GLU I 75 -39.58 -46.97 -56.29
C GLU I 75 -39.46 -46.90 -57.81
N LEU I 76 -39.89 -45.81 -58.43
CA LEU I 76 -39.83 -45.71 -59.89
C LEU I 76 -38.41 -45.65 -60.46
N PRO I 77 -37.40 -45.03 -59.81
CA PRO I 77 -36.02 -45.34 -60.22
C PRO I 77 -35.43 -46.54 -59.51
N VAL I 78 -36.24 -47.38 -58.86
CA VAL I 78 -35.70 -48.50 -58.10
C VAL I 78 -36.13 -49.83 -58.70
N ASP I 79 -37.38 -49.91 -59.19
CA ASP I 79 -37.95 -51.18 -59.65
C ASP I 79 -37.39 -51.66 -60.99
N ILE I 80 -36.38 -50.99 -61.55
CA ILE I 80 -35.91 -51.28 -62.89
C ILE I 80 -34.51 -51.90 -62.90
N GLU I 81 -33.70 -51.62 -61.87
CA GLU I 81 -32.31 -52.09 -61.84
C GLU I 81 -32.22 -53.60 -61.66
N ARG I 82 -33.07 -54.16 -60.81
CA ARG I 82 -33.04 -55.60 -60.57
C ARG I 82 -33.71 -56.41 -61.68
N ARG I 83 -34.43 -55.75 -62.59
CA ARG I 83 -35.07 -56.44 -63.70
C ARG I 83 -34.31 -56.28 -65.01
N ILE I 84 -33.13 -55.66 -64.98
CA ILE I 84 -32.32 -55.53 -66.19
C ILE I 84 -30.89 -56.00 -65.98
N ARG I 85 -30.22 -55.52 -64.92
CA ARG I 85 -28.77 -55.63 -64.80
C ARG I 85 -28.19 -57.04 -64.64
N PRO I 86 -28.72 -57.96 -63.82
CA PRO I 86 -28.13 -59.31 -63.80
C PRO I 86 -28.56 -60.20 -64.94
N ILE I 87 -29.21 -59.67 -65.97
CA ILE I 87 -29.75 -60.49 -67.05
C ILE I 87 -28.86 -60.33 -68.28
N GLU I 88 -28.12 -59.23 -68.35
CA GLU I 88 -27.31 -58.92 -69.52
C GLU I 88 -25.98 -59.67 -69.51
N GLN I 89 -25.46 -59.98 -68.32
CA GLN I 89 -24.21 -60.72 -68.26
C GLN I 89 -24.47 -62.21 -68.47
N GLN I 90 -25.73 -62.63 -68.37
CA GLN I 90 -26.14 -63.94 -68.84
C GLN I 90 -26.05 -64.01 -70.35
N VAL I 91 -26.45 -62.92 -71.01
CA VAL I 91 -26.34 -62.80 -72.46
C VAL I 91 -24.87 -62.82 -72.87
N HIS I 92 -24.01 -62.24 -72.03
CA HIS I 92 -22.56 -62.40 -72.17
C HIS I 92 -22.13 -63.84 -71.94
N ALA J 3 -31.26 63.52 -60.96
CA ALA J 3 -30.28 63.06 -59.99
C ALA J 3 -30.63 63.56 -58.58
N PRO J 4 -30.51 62.68 -57.59
CA PRO J 4 -30.84 63.07 -56.21
C PRO J 4 -29.75 63.95 -55.60
N GLN J 5 -30.19 64.81 -54.70
CA GLN J 5 -29.30 65.65 -53.90
C GLN J 5 -29.34 65.14 -52.47
N PHE J 6 -28.19 64.78 -51.93
CA PHE J 6 -28.12 64.12 -50.64
C PHE J 6 -27.95 65.08 -49.47
N HIS J 7 -27.99 66.38 -49.72
CA HIS J 7 -28.00 67.38 -48.66
C HIS J 7 -29.40 67.91 -48.36
N ARG J 8 -30.41 67.48 -49.13
CA ARG J 8 -31.79 67.91 -48.93
C ARG J 8 -32.62 66.71 -48.49
N PRO J 9 -33.48 66.85 -47.48
CA PRO J 9 -34.29 65.70 -47.04
C PRO J 9 -35.38 65.31 -48.01
N SER J 10 -36.03 66.28 -48.66
CA SER J 10 -37.21 66.02 -49.49
C SER J 10 -36.88 65.74 -50.95
N THR J 11 -35.68 65.22 -51.24
CA THR J 11 -35.27 64.94 -52.60
C THR J 11 -35.12 63.45 -52.89
N ILE J 12 -34.65 62.67 -51.91
CA ILE J 12 -34.31 61.27 -52.13
C ILE J 12 -35.59 60.45 -52.28
N THR J 13 -35.76 59.85 -53.46
CA THR J 13 -36.88 58.96 -53.74
C THR J 13 -36.34 57.57 -54.06
N ALA J 14 -37.24 56.67 -54.47
CA ALA J 14 -36.82 55.32 -54.84
C ALA J 14 -36.29 55.28 -56.25
N ASP J 15 -36.89 56.07 -57.16
CA ASP J 15 -36.47 56.07 -58.55
C ASP J 15 -35.17 56.81 -58.76
N ASN J 16 -34.79 57.71 -57.85
CA ASN J 16 -33.54 58.44 -57.98
C ASN J 16 -32.35 57.55 -57.62
N VAL J 17 -32.56 56.54 -56.78
CA VAL J 17 -31.47 55.69 -56.35
C VAL J 17 -31.33 54.49 -57.30
N ARG J 18 -32.45 53.96 -57.79
CA ARG J 18 -32.41 52.77 -58.63
C ARG J 18 -31.89 53.09 -60.03
N ALA J 19 -32.29 54.25 -60.59
CA ALA J 19 -31.81 54.63 -61.92
C ALA J 19 -30.34 54.99 -61.90
N LEU J 20 -29.84 55.51 -60.79
CA LEU J 20 -28.41 55.74 -60.64
C LEU J 20 -27.70 54.41 -60.40
N GLY J 21 -26.53 54.25 -61.01
CA GLY J 21 -25.81 53.00 -60.90
C GLY J 21 -25.18 52.82 -59.53
N MET J 22 -24.82 51.56 -59.24
CA MET J 22 -24.15 51.24 -57.98
C MET J 22 -22.75 51.84 -57.92
N ARG J 23 -22.04 51.86 -59.05
CA ARG J 23 -20.78 52.59 -59.13
C ARG J 23 -21.02 54.09 -59.04
N GLY J 24 -22.11 54.58 -59.62
CA GLY J 24 -22.44 55.99 -59.57
C GLY J 24 -23.04 56.42 -58.25
N LEU J 25 -23.49 55.46 -57.44
CA LEU J 25 -24.02 55.80 -56.12
C LEU J 25 -22.90 56.14 -55.15
N VAL J 26 -21.69 55.68 -55.44
CA VAL J 26 -20.54 55.93 -54.56
C VAL J 26 -20.13 57.39 -54.59
N LEU J 27 -19.80 57.90 -55.78
CA LEU J 27 -19.24 59.25 -55.88
C LEU J 27 -20.28 60.34 -55.82
N ALA J 28 -21.57 60.01 -55.99
CA ALA J 28 -22.62 61.01 -55.87
C ALA J 28 -22.85 61.39 -54.41
N THR J 29 -22.79 60.40 -53.51
CA THR J 29 -23.00 60.67 -52.09
C THR J 29 -21.74 61.24 -51.44
N ASN J 30 -20.56 60.90 -51.96
CA ASN J 30 -19.31 61.37 -51.41
C ASN J 30 -19.00 62.81 -51.79
N ASN J 31 -19.69 63.37 -52.77
CA ASN J 31 -19.43 64.72 -53.25
C ASN J 31 -20.58 65.68 -52.95
N ALA J 32 -21.33 65.43 -51.87
CA ALA J 32 -22.44 66.28 -51.49
C ALA J 32 -21.94 67.42 -50.61
N GLN J 33 -22.86 68.15 -49.97
CA GLN J 33 -22.55 69.31 -49.16
C GLN J 33 -22.68 68.98 -47.69
N PHE J 34 -21.77 69.54 -46.87
CA PHE J 34 -21.77 69.28 -45.44
C PHE J 34 -22.95 69.97 -44.74
N ILE J 35 -23.44 71.07 -45.30
CA ILE J 35 -24.51 71.84 -44.69
C ILE J 35 -25.84 71.15 -44.97
N MET J 36 -26.62 70.91 -43.92
CA MET J 36 -27.96 70.36 -44.03
C MET J 36 -28.98 71.48 -43.93
N ASP J 37 -29.95 71.49 -44.85
CA ASP J 37 -30.93 72.56 -44.95
C ASP J 37 -32.22 72.15 -44.23
N ASN J 38 -32.87 73.11 -43.57
CA ASN J 38 -33.98 72.80 -42.66
C ASN J 38 -35.17 73.76 -42.75
N SER J 39 -35.41 74.41 -43.89
CA SER J 39 -36.61 75.25 -44.01
C SER J 39 -37.72 74.57 -44.80
N TYR J 40 -37.39 73.58 -45.65
CA TYR J 40 -38.37 72.71 -46.29
C TYR J 40 -37.92 71.26 -46.05
N PRO J 41 -38.63 70.50 -45.22
CA PRO J 41 -38.19 69.15 -44.87
C PRO J 41 -38.82 68.07 -45.74
N HIS J 42 -38.38 66.84 -45.49
CA HIS J 42 -38.99 65.64 -46.10
C HIS J 42 -40.40 65.44 -45.53
N PRO J 43 -41.36 65.00 -46.36
CA PRO J 43 -42.75 64.90 -45.87
C PRO J 43 -42.97 63.85 -44.79
N HIS J 44 -42.20 62.76 -44.76
CA HIS J 44 -42.30 61.77 -43.72
C HIS J 44 -41.32 61.99 -42.59
N GLY J 45 -40.85 63.22 -42.40
CA GLY J 45 -39.92 63.55 -41.33
C GLY J 45 -38.48 63.30 -41.69
N THR J 46 -37.60 63.50 -40.71
CA THR J 46 -36.18 63.23 -40.91
C THR J 46 -35.89 61.73 -40.87
N GLN J 47 -36.67 60.97 -40.11
CA GLN J 47 -36.47 59.51 -40.05
C GLN J 47 -37.08 58.82 -41.27
N GLY J 48 -38.08 59.44 -41.89
CA GLY J 48 -38.77 58.79 -42.99
C GLY J 48 -38.00 58.83 -44.30
N ALA J 49 -37.10 59.80 -44.45
CA ALA J 49 -36.30 59.88 -45.68
C ALA J 49 -35.27 58.76 -45.75
N VAL J 50 -34.85 58.24 -44.60
CA VAL J 50 -33.90 57.13 -44.59
C VAL J 50 -34.61 55.83 -44.98
N ARG J 51 -35.93 55.76 -44.72
CA ARG J 51 -36.73 54.63 -45.18
C ARG J 51 -36.83 54.60 -46.71
N GLU J 52 -36.91 55.79 -47.34
CA GLU J 52 -37.08 55.85 -48.77
C GLU J 52 -35.77 55.61 -49.51
N PHE J 53 -34.65 56.01 -48.93
CA PHE J 53 -33.33 55.81 -49.52
C PHE J 53 -32.97 54.34 -49.65
N LEU J 54 -33.42 53.51 -48.71
CA LEU J 54 -33.06 52.10 -48.72
C LEU J 54 -33.93 51.28 -49.67
N ARG J 55 -34.97 51.88 -50.26
CA ARG J 55 -35.77 51.16 -51.24
C ARG J 55 -35.13 51.17 -52.63
N GLY J 56 -34.07 51.95 -52.82
CA GLY J 56 -33.37 51.97 -54.09
C GLY J 56 -32.18 51.04 -54.15
N GLN J 57 -31.51 50.83 -53.01
CA GLN J 57 -30.36 49.95 -52.98
C GLN J 57 -30.77 48.49 -53.00
N ALA J 58 -31.94 48.17 -52.43
CA ALA J 58 -32.42 46.80 -52.46
C ALA J 58 -32.87 46.39 -53.85
N ALA J 59 -33.35 47.33 -54.66
CA ALA J 59 -33.71 47.04 -56.04
C ALA J 59 -32.54 47.22 -56.99
N ALA J 60 -31.36 47.58 -56.47
CA ALA J 60 -30.19 47.78 -57.32
C ALA J 60 -29.34 46.53 -57.48
N LEU J 61 -29.33 45.65 -56.48
CA LEU J 61 -28.60 44.39 -56.62
C LEU J 61 -29.34 43.44 -57.55
N THR J 62 -30.67 43.54 -57.61
CA THR J 62 -31.43 42.77 -58.58
C THR J 62 -31.14 43.24 -60.00
N ASP J 63 -30.83 44.53 -60.17
CA ASP J 63 -30.34 45.01 -61.45
C ASP J 63 -28.87 44.65 -61.65
N LEU J 64 -28.12 44.51 -60.55
CA LEU J 64 -26.73 44.08 -60.64
C LEU J 64 -26.65 42.57 -60.90
N GLY J 65 -27.68 41.83 -60.47
CA GLY J 65 -27.72 40.41 -60.77
C GLY J 65 -27.96 40.11 -62.24
N VAL J 66 -28.65 41.01 -62.94
CA VAL J 66 -28.82 40.89 -64.39
C VAL J 66 -27.52 41.12 -65.14
N THR J 67 -26.72 42.10 -64.72
CA THR J 67 -25.41 42.33 -65.31
C THR J 67 -24.40 41.24 -65.00
N HIS J 68 -24.63 40.44 -63.94
CA HIS J 68 -23.81 39.29 -63.63
C HIS J 68 -24.55 37.97 -63.83
N ALA J 69 -25.67 37.99 -64.57
CA ALA J 69 -26.38 36.75 -64.89
C ALA J 69 -25.62 35.90 -65.89
N ASN J 70 -24.73 36.50 -66.68
CA ASN J 70 -23.84 35.77 -67.57
C ASN J 70 -22.56 35.33 -66.89
N ASN J 71 -22.49 35.46 -65.56
CA ASN J 71 -21.35 34.99 -64.78
C ASN J 71 -21.67 33.79 -63.92
N THR J 72 -22.84 33.71 -63.31
CA THR J 72 -23.22 32.59 -62.45
C THR J 72 -24.35 31.80 -63.10
N PHE J 73 -24.78 30.76 -62.41
CA PHE J 73 -25.76 29.81 -62.91
C PHE J 73 -27.16 30.18 -62.41
N ALA J 74 -28.06 29.21 -62.53
CA ALA J 74 -29.37 29.30 -61.87
C ALA J 74 -29.31 28.60 -60.51
N PRO J 75 -29.59 29.29 -59.41
CA PRO J 75 -29.39 28.69 -58.09
C PRO J 75 -30.49 27.71 -57.72
N GLN J 76 -30.15 26.43 -57.75
CA GLN J 76 -30.91 25.27 -57.30
C GLN J 76 -31.16 25.36 -55.80
N PRO J 77 -32.24 24.74 -55.28
CA PRO J 77 -32.67 25.05 -53.91
C PRO J 77 -31.70 24.58 -52.83
N MET J 78 -31.68 25.38 -51.76
CA MET J 78 -30.77 25.27 -50.63
C MET J 78 -31.27 24.35 -49.54
N PHE J 79 -32.56 24.12 -49.46
CA PHE J 79 -33.12 23.41 -48.34
C PHE J 79 -34.24 22.48 -48.77
N ALA J 80 -34.35 21.38 -48.02
CA ALA J 80 -35.31 20.34 -48.31
C ALA J 80 -36.73 20.78 -47.97
N GLY J 81 -37.69 19.96 -48.39
CA GLY J 81 -39.08 20.37 -48.44
C GLY J 81 -39.47 21.06 -49.73
N ASP J 82 -38.49 21.39 -50.58
CA ASP J 82 -38.71 22.03 -51.88
C ASP J 82 -38.39 21.01 -52.96
N ALA J 83 -39.43 20.34 -53.45
CA ALA J 83 -39.30 19.45 -54.60
C ALA J 83 -40.65 19.31 -55.25
N ALA J 84 -40.64 19.09 -56.56
CA ALA J 84 -41.87 18.67 -57.23
C ALA J 84 -42.20 17.23 -56.87
N ALA J 85 -41.28 16.31 -57.14
CA ALA J 85 -41.49 14.89 -56.85
C ALA J 85 -40.99 14.60 -55.44
N GLU J 86 -41.92 14.51 -54.49
CA GLU J 86 -41.60 14.19 -53.11
C GLU J 86 -42.00 12.79 -52.70
N TRP J 87 -42.34 11.93 -53.66
CA TRP J 87 -42.91 10.61 -53.37
C TRP J 87 -42.00 9.45 -53.76
N LEU J 88 -41.02 9.66 -54.63
CA LEU J 88 -40.07 8.63 -55.00
C LEU J 88 -38.65 8.97 -54.62
N ARG J 89 -38.37 10.23 -54.32
CA ARG J 89 -37.09 10.77 -53.92
C ARG J 89 -37.31 11.83 -52.85
N PRO J 90 -36.27 12.24 -52.10
CA PRO J 90 -36.45 13.42 -51.25
C PRO J 90 -36.18 14.69 -52.02
N SER J 91 -36.40 15.82 -51.37
CA SER J 91 -35.83 17.09 -51.77
C SER J 91 -34.43 17.16 -51.17
N PHE J 92 -33.43 17.45 -52.01
CA PHE J 92 -32.11 17.74 -51.47
C PHE J 92 -32.07 19.19 -51.01
N GLY J 93 -30.93 19.58 -50.47
CA GLY J 93 -30.71 20.95 -50.08
C GLY J 93 -29.26 21.29 -50.29
N LEU J 94 -29.02 22.34 -51.06
CA LEU J 94 -27.64 22.70 -51.37
C LEU J 94 -27.01 23.42 -50.20
N LYS J 95 -26.09 22.74 -49.54
CA LYS J 95 -25.07 23.42 -48.78
C LYS J 95 -24.12 24.04 -49.80
N ARG J 96 -24.40 25.28 -50.21
CA ARG J 96 -23.81 25.85 -51.42
C ARG J 96 -22.34 26.17 -51.19
N THR J 97 -21.52 25.12 -51.31
CA THR J 97 -20.08 25.26 -51.31
C THR J 97 -19.50 25.41 -52.70
N TYR J 98 -20.32 25.55 -53.73
CA TYR J 98 -19.82 25.55 -55.11
C TYR J 98 -19.25 26.92 -55.45
N SER J 99 -18.63 27.00 -56.63
CA SER J 99 -18.07 28.24 -57.17
C SER J 99 -18.95 28.62 -58.35
N PRO J 100 -19.92 29.51 -58.15
CA PRO J 100 -20.74 29.94 -59.29
C PRO J 100 -19.94 30.83 -60.23
N PHE J 101 -19.51 30.25 -61.35
CA PHE J 101 -18.63 30.96 -62.27
C PHE J 101 -18.74 30.32 -63.65
N VAL J 102 -18.95 31.16 -64.66
CA VAL J 102 -19.06 30.73 -66.05
C VAL J 102 -17.91 31.35 -66.83
N VAL J 103 -17.06 30.51 -67.40
CA VAL J 103 -15.91 30.98 -68.18
C VAL J 103 -16.36 31.52 -69.52
N ALA K 3 -43.64 11.32 -74.02
CA ALA K 3 -43.01 11.83 -72.81
C ALA K 3 -43.92 11.65 -71.60
N PRO K 4 -43.44 10.94 -70.58
CA PRO K 4 -44.27 10.70 -69.39
C PRO K 4 -44.43 11.96 -68.55
N GLN K 5 -45.69 12.20 -68.15
CA GLN K 5 -46.07 13.38 -67.38
C GLN K 5 -45.95 13.04 -65.91
N PHE K 6 -45.09 13.77 -65.20
CA PHE K 6 -44.71 13.43 -63.84
C PHE K 6 -45.72 13.90 -62.79
N HIS K 7 -46.81 14.56 -63.20
CA HIS K 7 -47.85 14.94 -62.27
C HIS K 7 -49.08 14.04 -62.34
N ARG K 8 -49.05 13.01 -63.18
CA ARG K 8 -50.06 11.95 -63.15
C ARG K 8 -49.35 10.62 -63.02
N PRO K 9 -49.65 9.82 -62.00
CA PRO K 9 -48.95 8.53 -61.85
C PRO K 9 -49.37 7.47 -62.86
N SER K 10 -50.37 7.73 -63.70
CA SER K 10 -50.88 6.77 -64.67
C SER K 10 -50.15 6.84 -66.01
N THR K 11 -48.89 7.26 -66.01
CA THR K 11 -48.14 7.47 -67.24
C THR K 11 -46.77 6.81 -67.20
N ILE K 12 -46.26 6.50 -66.01
CA ILE K 12 -44.91 5.94 -65.88
C ILE K 12 -44.91 4.47 -66.29
N THR K 13 -44.16 4.15 -67.35
CA THR K 13 -43.86 2.78 -67.75
C THR K 13 -42.35 2.63 -67.79
N ALA K 14 -41.88 1.40 -68.03
CA ALA K 14 -40.45 1.14 -68.05
C ALA K 14 -39.83 1.55 -69.38
N ASP K 15 -40.59 1.47 -70.48
CA ASP K 15 -40.10 1.89 -71.78
C ASP K 15 -39.94 3.40 -71.88
N ASN K 16 -40.75 4.15 -71.13
CA ASN K 16 -40.71 5.61 -71.24
C ASN K 16 -39.58 6.21 -70.41
N VAL K 17 -39.08 5.48 -69.42
CA VAL K 17 -38.04 5.99 -68.56
C VAL K 17 -36.66 5.49 -69.00
N ARG K 18 -36.59 4.25 -69.51
CA ARG K 18 -35.31 3.72 -69.98
C ARG K 18 -34.82 4.44 -71.23
N ALA K 19 -35.76 4.87 -72.09
CA ALA K 19 -35.38 5.69 -73.25
C ALA K 19 -34.90 7.07 -72.83
N LEU K 20 -35.26 7.52 -71.64
CA LEU K 20 -34.76 8.77 -71.08
C LEU K 20 -33.42 8.55 -70.38
N GLY K 21 -32.45 9.40 -70.71
CA GLY K 21 -31.17 9.32 -70.04
C GLY K 21 -31.22 9.84 -68.62
N MET K 22 -30.18 9.52 -67.84
CA MET K 22 -30.14 9.95 -66.45
C MET K 22 -29.63 11.39 -66.33
N ARG K 23 -28.93 11.87 -67.36
CA ARG K 23 -28.59 13.29 -67.44
C ARG K 23 -29.85 14.16 -67.46
N GLY K 24 -30.87 13.74 -68.20
CA GLY K 24 -32.11 14.51 -68.29
C GLY K 24 -33.13 14.24 -67.21
N LEU K 25 -32.95 13.17 -66.43
CA LEU K 25 -33.91 12.85 -65.39
C LEU K 25 -33.63 13.65 -64.12
N VAL K 26 -32.47 14.30 -64.06
CA VAL K 26 -32.19 15.23 -62.98
C VAL K 26 -33.10 16.45 -63.08
N LEU K 27 -33.19 17.04 -64.27
CA LEU K 27 -33.94 18.28 -64.48
C LEU K 27 -35.44 18.05 -64.52
N ALA K 28 -35.91 16.91 -65.02
CA ALA K 28 -37.33 16.70 -65.21
C ALA K 28 -38.05 16.46 -63.90
N THR K 29 -37.32 16.09 -62.85
CA THR K 29 -37.94 15.89 -61.55
C THR K 29 -38.09 17.19 -60.77
N ASN K 30 -37.15 18.12 -60.90
CA ASN K 30 -37.22 19.37 -60.15
C ASN K 30 -38.03 20.45 -60.84
N ASN K 31 -38.40 20.27 -62.12
CA ASN K 31 -39.05 21.30 -62.92
C ASN K 31 -40.51 20.96 -63.21
N ALA K 32 -41.09 20.02 -62.49
CA ALA K 32 -42.45 19.55 -62.75
C ALA K 32 -43.46 20.48 -62.08
N GLN K 33 -44.71 20.03 -61.99
CA GLN K 33 -45.78 20.75 -61.33
C GLN K 33 -45.96 20.17 -59.93
N PHE K 34 -46.03 21.06 -58.93
CA PHE K 34 -46.10 20.63 -57.54
C PHE K 34 -47.45 19.98 -57.22
N ILE K 35 -48.48 20.34 -57.96
CA ILE K 35 -49.83 19.85 -57.68
C ILE K 35 -49.94 18.41 -58.12
N MET K 36 -50.01 17.50 -57.14
CA MET K 36 -50.34 16.11 -57.39
C MET K 36 -51.80 16.02 -57.85
N ASP K 37 -52.05 15.26 -58.90
CA ASP K 37 -53.40 15.05 -59.38
C ASP K 37 -53.90 13.67 -58.97
N ASN K 38 -55.20 13.58 -58.71
CA ASN K 38 -55.82 12.33 -58.30
C ASN K 38 -57.16 12.06 -59.00
N SER K 39 -57.19 12.09 -60.33
CA SER K 39 -58.36 11.63 -61.05
C SER K 39 -58.06 10.43 -61.95
N TYR K 40 -56.79 10.02 -62.04
CA TYR K 40 -56.41 8.81 -62.77
C TYR K 40 -55.39 8.05 -61.91
N PRO K 41 -55.82 7.01 -61.23
CA PRO K 41 -54.90 6.24 -60.38
C PRO K 41 -54.08 5.23 -61.20
N HIS K 42 -53.33 4.40 -60.48
CA HIS K 42 -52.41 3.46 -61.12
C HIS K 42 -52.92 2.03 -60.95
N PRO K 43 -52.72 1.16 -61.95
CA PRO K 43 -53.23 -0.22 -61.85
C PRO K 43 -52.48 -1.12 -60.87
N HIS K 44 -51.18 -0.91 -60.68
CA HIS K 44 -50.41 -1.65 -59.68
C HIS K 44 -50.41 -0.96 -58.32
N GLY K 45 -51.33 -0.03 -58.11
CA GLY K 45 -51.30 0.82 -56.93
C GLY K 45 -50.30 1.96 -57.08
N THR K 46 -50.40 2.91 -56.17
CA THR K 46 -49.44 4.02 -56.16
C THR K 46 -48.07 3.57 -55.67
N GLN K 47 -48.02 2.50 -54.86
CA GLN K 47 -46.74 1.90 -54.52
C GLN K 47 -46.16 1.13 -55.70
N GLY K 48 -47.02 0.59 -56.57
CA GLY K 48 -46.53 -0.08 -57.76
C GLY K 48 -46.09 0.89 -58.84
N ALA K 49 -46.54 2.14 -58.76
CA ALA K 49 -46.06 3.16 -59.70
C ALA K 49 -44.62 3.56 -59.39
N VAL K 50 -44.24 3.52 -58.11
CA VAL K 50 -42.85 3.74 -57.73
C VAL K 50 -41.99 2.57 -58.19
N ARG K 51 -42.55 1.35 -58.13
CA ARG K 51 -41.86 0.16 -58.62
C ARG K 51 -41.61 0.24 -60.13
N GLU K 52 -42.61 0.72 -60.87
CA GLU K 52 -42.48 0.83 -62.33
C GLU K 52 -41.53 1.95 -62.71
N PHE K 53 -41.30 2.90 -61.81
CA PHE K 53 -40.37 3.99 -62.04
C PHE K 53 -38.92 3.53 -61.89
N LEU K 54 -38.66 2.55 -61.02
CA LEU K 54 -37.29 2.23 -60.64
C LEU K 54 -36.67 1.12 -61.46
N ARG K 55 -37.48 0.23 -62.03
CA ARG K 55 -36.99 -0.58 -63.14
C ARG K 55 -36.71 0.27 -64.36
N GLY K 56 -37.42 1.39 -64.52
CA GLY K 56 -37.16 2.34 -65.57
C GLY K 56 -35.85 3.07 -65.38
N GLN K 57 -35.43 3.25 -64.13
CA GLN K 57 -34.11 3.84 -63.89
C GLN K 57 -33.01 2.79 -63.94
N ALA K 58 -33.25 1.62 -63.35
CA ALA K 58 -32.20 0.60 -63.25
C ALA K 58 -31.84 0.02 -64.61
N ALA K 59 -32.83 -0.29 -65.45
CA ALA K 59 -32.53 -0.76 -66.79
C ALA K 59 -32.00 0.34 -67.70
N ALA K 60 -32.16 1.60 -67.32
CA ALA K 60 -31.54 2.69 -68.05
C ALA K 60 -30.07 2.87 -67.72
N LEU K 61 -29.56 2.16 -66.71
CA LEU K 61 -28.16 2.29 -66.34
C LEU K 61 -27.25 1.59 -67.34
N THR K 62 -27.79 0.63 -68.10
CA THR K 62 -27.04 0.11 -69.22
C THR K 62 -26.87 1.17 -70.31
N ASP K 63 -27.88 2.03 -70.49
CA ASP K 63 -27.82 3.06 -71.53
C ASP K 63 -26.78 4.12 -71.22
N LEU K 64 -26.69 4.56 -69.96
CA LEU K 64 -25.68 5.54 -69.60
C LEU K 64 -24.28 4.92 -69.59
N GLY K 65 -24.21 3.59 -69.49
CA GLY K 65 -22.92 2.92 -69.57
C GLY K 65 -22.47 2.62 -70.98
N VAL K 66 -23.41 2.29 -71.88
CA VAL K 66 -23.06 2.02 -73.28
C VAL K 66 -22.63 3.28 -74.01
N THR K 67 -23.13 4.46 -73.62
CA THR K 67 -22.58 5.70 -74.13
C THR K 67 -21.15 5.96 -73.65
N HIS K 68 -20.72 5.32 -72.56
CA HIS K 68 -19.35 5.38 -72.08
C HIS K 68 -18.60 4.07 -72.31
N ALA K 69 -18.85 3.39 -73.44
CA ALA K 69 -18.22 2.10 -73.69
C ALA K 69 -16.82 2.24 -74.27
N ASN K 70 -16.45 3.42 -74.77
CA ASN K 70 -15.08 3.71 -75.17
C ASN K 70 -14.23 4.22 -74.02
N ASN K 71 -14.72 4.13 -72.79
CA ASN K 71 -14.08 4.74 -71.64
C ASN K 71 -13.44 3.73 -70.69
N THR K 72 -14.18 2.77 -70.18
CA THR K 72 -13.69 1.85 -69.15
C THR K 72 -13.10 0.61 -69.81
N PHE K 73 -12.56 -0.26 -68.97
CA PHE K 73 -11.87 -1.47 -69.42
C PHE K 73 -12.83 -2.66 -69.41
N ALA K 74 -12.28 -3.83 -69.71
CA ALA K 74 -13.04 -5.07 -69.62
C ALA K 74 -13.33 -5.38 -68.16
N PRO K 75 -14.51 -5.91 -67.83
CA PRO K 75 -14.78 -6.27 -66.43
C PRO K 75 -13.98 -7.51 -66.03
N GLN K 76 -12.93 -7.29 -65.24
CA GLN K 76 -12.10 -8.36 -64.70
C GLN K 76 -12.91 -9.19 -63.72
N PRO K 77 -12.65 -10.50 -63.65
CA PRO K 77 -13.30 -11.31 -62.61
C PRO K 77 -12.83 -10.91 -61.23
N MET K 78 -13.78 -10.34 -60.47
CA MET K 78 -13.52 -9.75 -59.18
C MET K 78 -13.12 -10.77 -58.13
N PHE K 79 -13.57 -12.01 -58.31
CA PHE K 79 -13.45 -13.05 -57.29
C PHE K 79 -13.02 -14.35 -57.94
N ALA K 80 -12.67 -15.31 -57.10
CA ALA K 80 -12.35 -16.65 -57.56
C ALA K 80 -13.61 -17.36 -58.07
N GLY K 81 -13.40 -18.52 -58.69
CA GLY K 81 -14.50 -19.28 -59.24
C GLY K 81 -14.98 -18.82 -60.62
N ASP K 82 -14.48 -17.70 -61.13
CA ASP K 82 -14.92 -17.16 -62.41
C ASP K 82 -13.77 -17.24 -63.41
N ALA K 83 -13.57 -18.44 -63.97
CA ALA K 83 -12.57 -18.73 -64.99
C ALA K 83 -12.85 -20.12 -65.52
N ALA K 84 -12.40 -20.40 -66.74
CA ALA K 84 -12.72 -21.68 -67.38
C ALA K 84 -11.77 -22.78 -66.94
N ALA K 85 -10.47 -22.62 -67.24
CA ALA K 85 -9.47 -23.66 -66.99
C ALA K 85 -9.10 -23.62 -65.52
N GLU K 86 -9.47 -24.69 -64.79
CA GLU K 86 -9.26 -24.76 -63.36
C GLU K 86 -8.30 -25.85 -62.92
N TRP K 87 -7.86 -26.72 -63.84
CA TRP K 87 -7.21 -27.96 -63.44
C TRP K 87 -5.72 -27.82 -63.14
N LEU K 88 -5.06 -26.74 -63.54
CA LEU K 88 -3.66 -26.54 -63.19
C LEU K 88 -3.39 -25.22 -62.48
N ARG K 89 -4.07 -24.15 -62.86
CA ARG K 89 -3.97 -22.83 -62.25
C ARG K 89 -5.32 -22.43 -61.67
N PRO K 90 -5.36 -21.57 -60.62
CA PRO K 90 -6.66 -21.27 -60.01
C PRO K 90 -7.42 -20.22 -60.79
N SER K 91 -8.55 -19.80 -60.26
CA SER K 91 -9.30 -18.66 -60.78
C SER K 91 -8.97 -17.47 -59.92
N PHE K 92 -8.39 -16.44 -60.51
CA PHE K 92 -8.00 -15.26 -59.76
C PHE K 92 -9.22 -14.41 -59.45
N GLY K 93 -9.05 -13.46 -58.54
CA GLY K 93 -10.04 -12.45 -58.33
C GLY K 93 -9.39 -11.09 -58.31
N LEU K 94 -9.77 -10.23 -59.25
CA LEU K 94 -9.05 -8.98 -59.41
C LEU K 94 -9.76 -7.87 -58.67
N LYS K 95 -9.09 -7.34 -57.66
CA LYS K 95 -9.57 -6.18 -56.92
C LYS K 95 -9.61 -4.99 -57.87
N ARG K 96 -10.81 -4.50 -58.17
CA ARG K 96 -10.98 -3.51 -59.23
C ARG K 96 -10.80 -2.09 -58.69
N THR K 97 -9.70 -1.89 -57.96
CA THR K 97 -9.38 -0.58 -57.39
C THR K 97 -8.66 0.33 -58.38
N TYR K 98 -8.57 -0.05 -59.64
CA TYR K 98 -7.82 0.68 -60.64
C TYR K 98 -8.60 1.91 -61.11
N SER K 99 -8.12 2.53 -62.18
CA SER K 99 -8.78 3.66 -62.84
C SER K 99 -9.32 3.18 -64.17
N PRO K 100 -10.62 2.92 -64.27
CA PRO K 100 -11.18 2.61 -65.60
C PRO K 100 -11.29 3.85 -66.48
N PHE K 101 -10.33 4.01 -67.38
CA PHE K 101 -10.24 5.17 -68.25
C PHE K 101 -9.34 4.84 -69.44
N VAL K 102 -9.87 5.05 -70.64
CA VAL K 102 -9.13 4.88 -71.89
C VAL K 102 -9.16 6.20 -72.63
N VAL K 103 -7.97 6.75 -72.92
CA VAL K 103 -7.85 8.01 -73.63
C VAL K 103 -8.32 7.88 -75.08
N ALA L 3 -2.23 -24.10 -82.25
CA ALA L 3 -3.30 -23.52 -81.45
C ALA L 3 -4.17 -24.61 -80.84
N PRO L 4 -4.13 -24.75 -79.51
CA PRO L 4 -4.85 -25.84 -78.85
C PRO L 4 -6.28 -25.47 -78.47
N GLN L 5 -7.09 -26.52 -78.33
CA GLN L 5 -8.38 -26.43 -77.65
C GLN L 5 -8.15 -26.88 -76.21
N PHE L 6 -8.33 -25.96 -75.27
CA PHE L 6 -7.92 -26.13 -73.88
C PHE L 6 -8.85 -27.03 -73.08
N HIS L 7 -9.96 -27.47 -73.64
CA HIS L 7 -10.82 -28.46 -73.02
C HIS L 7 -10.41 -29.88 -73.36
N ARG L 8 -9.38 -30.07 -74.17
CA ARG L 8 -8.92 -31.39 -74.57
C ARG L 8 -7.51 -31.61 -74.06
N PRO L 9 -7.25 -32.62 -73.23
CA PRO L 9 -5.86 -32.92 -72.85
C PRO L 9 -5.08 -33.60 -73.96
N SER L 10 -5.74 -34.14 -74.98
CA SER L 10 -5.07 -34.83 -76.08
C SER L 10 -4.58 -33.88 -77.16
N THR L 11 -4.68 -32.57 -76.94
CA THR L 11 -4.24 -31.55 -77.89
C THR L 11 -2.94 -30.87 -77.46
N ILE L 12 -2.76 -30.66 -76.15
CA ILE L 12 -1.58 -30.01 -75.62
C ILE L 12 -0.40 -30.98 -75.66
N THR L 13 0.62 -30.66 -76.46
CA THR L 13 1.87 -31.39 -76.52
C THR L 13 3.03 -30.43 -76.33
N ALA L 14 4.25 -30.90 -76.60
CA ALA L 14 5.44 -30.09 -76.41
C ALA L 14 5.63 -29.08 -77.53
N ASP L 15 4.79 -29.15 -78.57
CA ASP L 15 4.98 -28.27 -79.73
C ASP L 15 3.86 -27.24 -79.87
N ASN L 16 2.67 -27.51 -79.33
CA ASN L 16 1.59 -26.54 -79.42
C ASN L 16 1.50 -25.66 -78.18
N VAL L 17 2.61 -25.53 -77.44
CA VAL L 17 2.69 -24.53 -76.38
C VAL L 17 3.69 -23.43 -76.76
N ARG L 18 4.83 -23.81 -77.34
CA ARG L 18 5.86 -22.83 -77.67
C ARG L 18 5.55 -22.12 -79.00
N ALA L 19 4.88 -22.81 -79.93
CA ALA L 19 4.48 -22.18 -81.19
C ALA L 19 3.46 -21.07 -80.96
N LEU L 20 2.66 -21.18 -79.91
CA LEU L 20 1.93 -20.04 -79.39
C LEU L 20 2.88 -19.15 -78.59
N GLY L 21 2.80 -17.84 -78.80
CA GLY L 21 3.69 -16.93 -78.13
C GLY L 21 3.31 -16.69 -76.68
N MET L 22 4.20 -15.99 -75.96
CA MET L 22 3.94 -15.62 -74.57
C MET L 22 2.75 -14.67 -74.45
N ARG L 23 2.62 -13.73 -75.39
CA ARG L 23 1.41 -12.91 -75.42
C ARG L 23 0.22 -13.73 -75.88
N GLY L 24 0.45 -14.69 -76.78
CA GLY L 24 -0.58 -15.63 -77.16
C GLY L 24 -0.89 -16.63 -76.06
N LEU L 25 0.05 -16.78 -75.12
CA LEU L 25 -0.21 -17.64 -73.95
C LEU L 25 -1.17 -16.96 -72.99
N VAL L 26 -1.32 -15.64 -73.09
CA VAL L 26 -2.23 -14.93 -72.19
C VAL L 26 -3.68 -15.12 -72.63
N LEU L 27 -4.01 -14.72 -73.86
CA LEU L 27 -5.40 -14.64 -74.27
C LEU L 27 -6.01 -16.00 -74.59
N ALA L 28 -5.19 -17.00 -74.90
CA ALA L 28 -5.74 -18.28 -75.32
C ALA L 28 -6.21 -19.11 -74.12
N THR L 29 -5.55 -18.95 -72.98
CA THR L 29 -5.83 -19.81 -71.83
C THR L 29 -7.10 -19.39 -71.08
N ASN L 30 -7.51 -18.13 -71.22
CA ASN L 30 -8.59 -17.63 -70.37
C ASN L 30 -9.95 -17.64 -71.05
N ASN L 31 -10.01 -17.79 -72.37
CA ASN L 31 -11.27 -17.82 -73.10
C ASN L 31 -11.69 -19.24 -73.45
N ALA L 32 -11.45 -20.19 -72.54
CA ALA L 32 -11.65 -21.60 -72.82
C ALA L 32 -13.06 -22.03 -72.41
N GLN L 33 -13.28 -23.34 -72.35
CA GLN L 33 -14.56 -23.94 -71.99
C GLN L 33 -14.45 -24.57 -70.60
N PHE L 34 -15.57 -24.58 -69.87
CA PHE L 34 -15.59 -25.17 -68.54
C PHE L 34 -15.58 -26.71 -68.61
N ILE L 35 -16.16 -27.27 -69.66
CA ILE L 35 -16.40 -28.72 -69.73
C ILE L 35 -15.11 -29.42 -70.13
N MET L 36 -14.73 -30.44 -69.36
CA MET L 36 -13.57 -31.29 -69.65
C MET L 36 -14.05 -32.60 -70.26
N ASP L 37 -13.24 -33.16 -71.18
CA ASP L 37 -13.57 -34.40 -71.86
C ASP L 37 -13.05 -35.61 -71.10
N ASN L 38 -13.86 -36.69 -71.09
CA ASN L 38 -13.47 -37.98 -70.53
C ASN L 38 -13.09 -38.99 -71.61
N SER L 39 -13.47 -38.74 -72.86
CA SER L 39 -13.47 -39.78 -73.89
C SER L 39 -12.09 -40.14 -74.42
N TYR L 40 -11.13 -39.22 -74.38
CA TYR L 40 -9.79 -39.48 -74.89
C TYR L 40 -8.79 -38.77 -73.98
N PRO L 41 -8.16 -39.49 -73.06
CA PRO L 41 -7.28 -38.85 -72.07
C PRO L 41 -5.89 -38.55 -72.65
N HIS L 42 -5.11 -37.84 -71.84
CA HIS L 42 -3.72 -37.59 -72.18
C HIS L 42 -2.92 -38.88 -71.99
N PRO L 43 -2.06 -39.25 -72.96
CA PRO L 43 -1.37 -40.55 -72.89
C PRO L 43 -0.36 -40.68 -71.76
N HIS L 44 0.24 -39.58 -71.30
CA HIS L 44 1.16 -39.62 -70.17
C HIS L 44 0.48 -39.33 -68.84
N GLY L 45 -0.83 -39.06 -68.85
CA GLY L 45 -1.59 -38.82 -67.65
C GLY L 45 -1.99 -37.37 -67.47
N THR L 46 -2.85 -37.14 -66.47
CA THR L 46 -3.23 -35.78 -66.09
C THR L 46 -2.05 -35.03 -65.47
N GLN L 47 -1.37 -35.65 -64.50
CA GLN L 47 -0.10 -35.11 -64.04
C GLN L 47 0.98 -35.20 -65.11
N GLY L 48 0.84 -36.15 -66.04
CA GLY L 48 1.70 -36.17 -67.21
C GLY L 48 1.30 -35.13 -68.24
N ALA L 49 0.10 -34.57 -68.13
CA ALA L 49 -0.23 -33.36 -68.86
C ALA L 49 0.24 -32.13 -68.11
N VAL L 50 0.34 -32.21 -66.79
CA VAL L 50 0.94 -31.15 -65.99
C VAL L 50 2.44 -31.03 -66.30
N ARG L 51 3.09 -32.19 -66.51
CA ARG L 51 4.47 -32.19 -67.03
C ARG L 51 4.57 -31.55 -68.41
N GLU L 52 3.51 -31.65 -69.22
CA GLU L 52 3.64 -31.35 -70.63
C GLU L 52 3.46 -29.86 -70.93
N PHE L 53 2.50 -29.21 -70.28
CA PHE L 53 2.18 -27.82 -70.57
C PHE L 53 3.10 -26.87 -69.83
N LEU L 54 3.64 -27.29 -68.67
CA LEU L 54 4.42 -26.38 -67.85
C LEU L 54 5.87 -26.28 -68.27
N ARG L 55 6.34 -27.10 -69.22
CA ARG L 55 7.69 -26.91 -69.72
C ARG L 55 7.74 -25.95 -70.90
N GLY L 56 6.58 -25.66 -71.50
CA GLY L 56 6.52 -24.73 -72.62
C GLY L 56 6.22 -23.31 -72.19
N GLN L 57 5.91 -23.12 -70.92
CA GLN L 57 5.80 -21.77 -70.39
C GLN L 57 7.17 -21.18 -70.08
N ALA L 58 8.09 -22.01 -69.58
CA ALA L 58 9.46 -21.55 -69.37
C ALA L 58 10.25 -21.56 -70.68
N ALA L 59 9.76 -22.28 -71.69
CA ALA L 59 10.39 -22.27 -73.01
C ALA L 59 10.20 -20.93 -73.72
N ALA L 60 9.06 -20.27 -73.51
CA ALA L 60 8.84 -18.95 -74.09
C ALA L 60 9.46 -17.84 -73.26
N LEU L 61 9.99 -18.17 -72.08
CA LEU L 61 10.55 -17.14 -71.21
C LEU L 61 11.86 -16.58 -71.75
N THR L 62 12.80 -17.45 -72.10
CA THR L 62 14.09 -16.95 -72.59
C THR L 62 13.99 -16.46 -74.03
N ASP L 63 13.00 -16.92 -74.78
CA ASP L 63 12.80 -16.38 -76.13
C ASP L 63 12.02 -15.07 -76.08
N LEU L 64 11.34 -14.78 -74.97
CA LEU L 64 10.84 -13.44 -74.75
C LEU L 64 11.98 -12.51 -74.35
N GLY L 65 13.07 -13.09 -73.85
CA GLY L 65 14.30 -12.34 -73.70
C GLY L 65 15.13 -12.28 -74.97
N VAL L 66 14.68 -12.95 -76.03
CA VAL L 66 15.23 -12.75 -77.36
C VAL L 66 14.54 -11.62 -78.11
N THR L 67 13.22 -11.53 -77.99
CA THR L 67 12.47 -10.37 -78.46
C THR L 67 12.90 -9.08 -77.79
N HIS L 68 13.32 -9.15 -76.52
CA HIS L 68 13.78 -8.02 -75.73
C HIS L 68 15.29 -8.02 -75.54
N ALA L 69 16.03 -8.68 -76.43
CA ALA L 69 17.47 -8.86 -76.21
C ALA L 69 18.25 -7.57 -76.39
N ASN L 70 17.75 -6.62 -77.17
CA ASN L 70 18.41 -5.33 -77.37
C ASN L 70 18.09 -4.33 -76.27
N ASN L 71 17.42 -4.75 -75.20
CA ASN L 71 17.12 -3.88 -74.08
C ASN L 71 17.81 -4.28 -72.79
N THR L 72 17.86 -5.55 -72.43
CA THR L 72 18.68 -6.04 -71.33
C THR L 72 20.05 -6.45 -71.89
N PHE L 73 21.09 -6.26 -71.09
CA PHE L 73 22.47 -6.35 -71.55
C PHE L 73 22.94 -7.80 -71.62
N ALA L 74 24.25 -7.95 -71.83
CA ALA L 74 24.89 -9.25 -71.78
C ALA L 74 24.86 -9.78 -70.35
N PRO L 75 24.28 -10.96 -70.11
CA PRO L 75 24.08 -11.41 -68.73
C PRO L 75 25.41 -11.78 -68.05
N GLN L 76 25.76 -11.00 -67.04
CA GLN L 76 27.02 -11.14 -66.31
C GLN L 76 26.91 -12.28 -65.29
N PRO L 77 28.05 -12.89 -64.94
CA PRO L 77 28.06 -13.74 -63.75
C PRO L 77 27.82 -12.92 -62.50
N MET L 78 26.82 -13.37 -61.75
CA MET L 78 26.37 -12.67 -60.57
C MET L 78 27.14 -13.08 -59.33
N PHE L 79 28.07 -14.03 -59.48
CA PHE L 79 28.70 -14.68 -58.35
C PHE L 79 30.17 -14.92 -58.66
N ALA L 80 30.96 -15.05 -57.59
CA ALA L 80 32.39 -15.32 -57.70
C ALA L 80 32.62 -16.75 -58.15
N GLY L 81 33.86 -17.02 -58.56
CA GLY L 81 34.21 -18.27 -59.17
C GLY L 81 34.02 -18.34 -60.66
N ASP L 82 33.77 -17.20 -61.30
CA ASP L 82 33.49 -17.12 -62.74
C ASP L 82 34.27 -15.93 -63.30
N ALA L 83 35.46 -16.22 -63.85
CA ALA L 83 36.24 -15.19 -64.51
C ALA L 83 37.05 -15.86 -65.60
N ALA L 84 37.36 -15.10 -66.65
CA ALA L 84 38.09 -15.66 -67.78
C ALA L 84 39.59 -15.69 -67.50
N ALA L 85 40.14 -14.58 -67.02
CA ALA L 85 41.51 -14.53 -66.53
C ALA L 85 41.41 -14.47 -65.01
N GLU L 86 41.95 -15.48 -64.34
CA GLU L 86 41.79 -15.62 -62.90
C GLU L 86 43.07 -15.43 -62.11
N TRP L 87 44.23 -15.56 -62.74
CA TRP L 87 45.51 -15.67 -62.03
C TRP L 87 46.12 -14.33 -61.66
N LEU L 88 45.87 -13.28 -62.43
CA LEU L 88 46.32 -11.94 -62.09
C LEU L 88 45.20 -11.08 -61.51
N ARG L 89 43.93 -11.41 -61.80
CA ARG L 89 42.80 -10.66 -61.32
C ARG L 89 41.60 -11.59 -61.10
N PRO L 90 40.81 -11.37 -60.06
CA PRO L 90 39.86 -12.41 -59.62
C PRO L 90 38.46 -12.28 -60.19
N SER L 91 37.55 -13.12 -59.71
CA SER L 91 36.14 -13.11 -60.08
C SER L 91 35.35 -12.34 -59.05
N PHE L 92 34.60 -11.32 -59.50
CA PHE L 92 33.63 -10.65 -58.66
C PHE L 92 32.28 -11.35 -58.80
N GLY L 93 31.24 -10.74 -58.25
CA GLY L 93 29.91 -11.24 -58.52
C GLY L 93 28.89 -10.14 -58.49
N LEU L 94 28.18 -9.97 -59.61
CA LEU L 94 27.40 -8.76 -59.80
C LEU L 94 25.98 -8.94 -59.31
N LYS L 95 25.66 -8.24 -58.22
CA LYS L 95 24.29 -8.07 -57.76
C LYS L 95 23.51 -7.36 -58.85
N ARG L 96 22.56 -8.03 -59.51
CA ARG L 96 21.85 -7.36 -60.61
C ARG L 96 20.67 -6.55 -60.07
N THR L 97 21.00 -5.61 -59.19
CA THR L 97 20.06 -4.60 -58.72
C THR L 97 19.99 -3.41 -59.66
N TYR L 98 20.72 -3.43 -60.76
CA TYR L 98 20.83 -2.29 -61.64
C TYR L 98 19.59 -2.17 -62.51
N SER L 99 19.69 -1.36 -63.56
CA SER L 99 18.63 -1.18 -64.54
C SER L 99 19.09 -1.82 -65.84
N PRO L 100 18.76 -3.09 -66.10
CA PRO L 100 18.97 -3.64 -67.44
C PRO L 100 17.97 -3.01 -68.40
N PHE L 101 18.45 -2.04 -69.17
CA PHE L 101 17.58 -1.13 -69.88
C PHE L 101 18.40 -0.39 -70.93
N VAL L 102 17.94 -0.47 -72.19
CA VAL L 102 18.58 0.22 -73.30
C VAL L 102 17.52 1.03 -74.04
N VAL L 103 17.73 2.34 -74.12
CA VAL L 103 16.85 3.22 -74.88
C VAL L 103 17.05 3.01 -76.38
N ALA M 3 52.00 -9.07 -79.58
CA ALA M 3 50.73 -9.73 -79.33
C ALA M 3 50.83 -10.71 -78.16
N PRO M 4 50.25 -10.37 -77.02
CA PRO M 4 50.22 -11.30 -75.90
C PRO M 4 49.05 -12.27 -76.00
N GLN M 5 49.22 -13.41 -75.34
CA GLN M 5 48.14 -14.38 -75.14
C GLN M 5 48.13 -14.77 -73.67
N PHE M 6 47.00 -14.56 -73.02
CA PHE M 6 46.89 -14.72 -71.57
C PHE M 6 46.93 -16.17 -71.12
N HIS M 7 46.59 -17.11 -71.99
CA HIS M 7 46.42 -18.51 -71.57
C HIS M 7 47.74 -19.26 -71.42
N ARG M 8 48.87 -18.61 -71.65
CA ARG M 8 50.19 -19.25 -71.51
C ARG M 8 51.05 -18.36 -70.62
N PRO M 9 52.03 -18.91 -69.89
CA PRO M 9 52.82 -18.07 -68.98
C PRO M 9 53.85 -17.18 -69.66
N SER M 10 54.53 -17.65 -70.70
CA SER M 10 55.72 -16.98 -71.21
C SER M 10 55.49 -16.21 -72.49
N THR M 11 54.37 -15.50 -72.60
CA THR M 11 54.12 -14.59 -73.72
C THR M 11 54.11 -13.13 -73.30
N ILE M 12 53.69 -12.84 -72.07
CA ILE M 12 53.51 -11.47 -71.60
C ILE M 12 54.87 -10.82 -71.35
N THR M 13 55.13 -9.69 -72.02
CA THR M 13 56.27 -8.83 -71.77
C THR M 13 55.76 -7.43 -71.45
N ALA M 14 56.70 -6.48 -71.30
CA ALA M 14 56.31 -5.12 -70.94
C ALA M 14 55.66 -4.40 -72.13
N ASP M 15 56.14 -4.69 -73.35
CA ASP M 15 55.56 -4.10 -74.55
C ASP M 15 54.19 -4.68 -74.87
N ASN M 16 53.88 -5.87 -74.38
CA ASN M 16 52.64 -6.55 -74.74
C ASN M 16 51.45 -6.01 -73.93
N VAL M 17 51.71 -5.42 -72.77
CA VAL M 17 50.62 -4.91 -71.94
C VAL M 17 50.24 -3.50 -72.39
N ARG M 18 51.24 -2.70 -72.76
CA ARG M 18 51.02 -1.28 -72.99
C ARG M 18 50.54 -1.02 -74.41
N ALA M 19 50.68 -2.02 -75.29
CA ALA M 19 50.16 -1.90 -76.65
C ALA M 19 48.65 -1.93 -76.68
N LEU M 20 48.01 -2.49 -75.66
CA LEU M 20 46.57 -2.39 -75.52
C LEU M 20 46.22 -1.40 -74.41
N GLY M 21 45.21 -0.58 -74.65
CA GLY M 21 44.85 0.47 -73.72
C GLY M 21 44.03 -0.02 -72.54
N MET M 22 43.41 0.93 -71.85
CA MET M 22 42.62 0.59 -70.66
C MET M 22 41.27 -0.02 -71.05
N ARG M 23 40.64 0.49 -72.11
CA ARG M 23 39.32 0.00 -72.48
C ARG M 23 39.37 -1.39 -73.11
N GLY M 24 40.37 -1.66 -73.95
CA GLY M 24 40.48 -2.95 -74.61
C GLY M 24 40.92 -4.06 -73.67
N LEU M 25 41.63 -3.69 -72.61
CA LEU M 25 42.10 -4.69 -71.65
C LEU M 25 40.98 -5.15 -70.73
N VAL M 26 39.90 -4.36 -70.65
CA VAL M 26 38.68 -4.82 -69.98
C VAL M 26 38.08 -6.01 -70.71
N LEU M 27 38.03 -5.94 -72.03
CA LEU M 27 37.30 -6.94 -72.81
C LEU M 27 38.09 -8.22 -73.04
N ALA M 28 39.39 -8.12 -73.33
CA ALA M 28 40.14 -9.31 -73.74
C ALA M 28 40.51 -10.18 -72.54
N THR M 29 40.59 -9.58 -71.35
CA THR M 29 40.81 -10.37 -70.13
C THR M 29 39.51 -10.95 -69.60
N ASN M 30 38.38 -10.32 -69.90
CA ASN M 30 37.09 -10.93 -69.58
C ASN M 30 36.65 -11.93 -70.64
N ASN M 31 37.34 -12.03 -71.77
CA ASN M 31 37.00 -12.96 -72.83
C ASN M 31 38.16 -13.90 -73.16
N ALA M 32 38.92 -14.33 -72.16
CA ALA M 32 40.08 -15.19 -72.36
C ALA M 32 39.73 -16.65 -72.05
N GLN M 33 40.74 -17.53 -72.11
CA GLN M 33 40.55 -18.97 -71.98
C GLN M 33 40.61 -19.39 -70.52
N PHE M 34 39.75 -20.34 -70.15
CA PHE M 34 39.73 -20.84 -68.77
C PHE M 34 40.92 -21.73 -68.47
N ILE M 35 41.30 -22.59 -69.43
CA ILE M 35 42.31 -23.62 -69.19
C ILE M 35 43.70 -23.02 -69.42
N MET M 36 44.55 -23.06 -68.39
CA MET M 36 45.90 -22.54 -68.47
C MET M 36 46.84 -23.61 -68.99
N ASP M 37 47.66 -23.24 -69.98
CA ASP M 37 48.69 -24.12 -70.51
C ASP M 37 49.94 -24.02 -69.65
N ASN M 38 50.68 -25.12 -69.56
CA ASN M 38 51.86 -25.20 -68.70
C ASN M 38 53.05 -25.90 -69.35
N SER M 39 53.07 -26.00 -70.69
CA SER M 39 54.13 -26.72 -71.37
C SER M 39 55.47 -25.98 -71.35
N TYR M 40 55.45 -24.65 -71.48
CA TYR M 40 56.67 -23.84 -71.40
C TYR M 40 56.36 -22.63 -70.54
N PRO M 41 56.66 -22.68 -69.24
CA PRO M 41 56.31 -21.57 -68.36
C PRO M 41 57.24 -20.37 -68.53
N HIS M 42 56.98 -19.36 -67.71
CA HIS M 42 57.78 -18.15 -67.72
C HIS M 42 59.16 -18.46 -67.12
N PRO M 43 60.25 -18.11 -67.83
CA PRO M 43 61.58 -18.54 -67.37
C PRO M 43 62.04 -17.91 -66.07
N HIS M 44 61.52 -16.74 -65.71
CA HIS M 44 61.71 -16.16 -64.38
C HIS M 44 60.63 -16.61 -63.41
N GLY M 45 60.04 -17.79 -63.62
CA GLY M 45 59.01 -18.30 -62.75
C GLY M 45 57.64 -17.75 -63.08
N THR M 46 56.62 -18.47 -62.61
CA THR M 46 55.25 -18.09 -62.92
C THR M 46 54.77 -16.89 -62.09
N GLN M 47 55.54 -16.49 -61.08
CA GLN M 47 55.24 -15.27 -60.35
C GLN M 47 56.06 -14.09 -60.85
N GLY M 48 57.05 -14.33 -61.72
CA GLY M 48 57.83 -13.23 -62.28
C GLY M 48 57.05 -12.39 -63.27
N ALA M 49 56.10 -13.00 -63.97
CA ALA M 49 55.29 -12.24 -64.94
C ALA M 49 54.21 -11.43 -64.26
N VAL M 50 53.96 -11.67 -62.97
CA VAL M 50 53.03 -10.85 -62.20
C VAL M 50 53.59 -9.44 -62.05
N ARG M 51 54.91 -9.32 -61.93
CA ARG M 51 55.56 -8.01 -61.97
C ARG M 51 55.51 -7.41 -63.38
N GLU M 52 55.38 -8.26 -64.39
CA GLU M 52 55.54 -7.82 -65.78
C GLU M 52 54.26 -7.18 -66.32
N PHE M 53 53.08 -7.70 -65.94
CA PHE M 53 51.81 -7.19 -66.45
C PHE M 53 51.44 -5.86 -65.81
N LEU M 54 51.45 -5.80 -64.48
CA LEU M 54 50.81 -4.72 -63.73
C LEU M 54 51.56 -3.40 -63.79
N ARG M 55 52.82 -3.41 -64.28
CA ARG M 55 53.49 -2.16 -64.61
C ARG M 55 52.83 -1.44 -65.76
N GLY M 56 52.13 -2.16 -66.63
CA GLY M 56 51.44 -1.57 -67.75
C GLY M 56 50.08 -0.99 -67.43
N GLN M 57 49.60 -1.17 -66.19
CA GLN M 57 48.28 -0.64 -65.82
C GLN M 57 48.38 0.79 -65.30
N ALA M 58 49.32 1.06 -64.39
CA ALA M 58 49.49 2.41 -63.87
C ALA M 58 50.06 3.34 -64.94
N ALA M 59 50.72 2.78 -65.96
CA ALA M 59 51.09 3.55 -67.14
C ALA M 59 49.94 3.67 -68.13
N ALA M 60 48.88 2.86 -67.98
CA ALA M 60 47.75 2.94 -68.90
C ALA M 60 46.78 4.05 -68.54
N LEU M 61 46.90 4.62 -67.34
CA LEU M 61 46.12 5.80 -67.03
C LEU M 61 46.92 7.07 -67.28
N THR M 62 48.24 6.94 -67.43
CA THR M 62 49.02 8.02 -68.02
C THR M 62 48.69 8.14 -69.51
N ASP M 63 48.29 7.04 -70.14
CA ASP M 63 47.64 7.14 -71.45
C ASP M 63 46.29 7.84 -71.34
N LEU M 64 45.48 7.48 -70.34
CA LEU M 64 44.17 8.10 -70.18
C LEU M 64 44.31 9.50 -69.60
N GLY M 65 45.46 9.79 -69.00
CA GLY M 65 45.77 11.17 -68.62
C GLY M 65 46.03 12.07 -69.81
N VAL M 66 46.55 11.51 -70.90
CA VAL M 66 46.79 12.29 -72.13
C VAL M 66 45.51 12.50 -72.94
N THR M 67 44.68 11.47 -73.08
CA THR M 67 43.37 11.63 -73.72
C THR M 67 42.43 12.51 -72.94
N HIS M 68 42.69 12.72 -71.64
CA HIS M 68 41.96 13.67 -70.82
C HIS M 68 42.84 14.81 -70.34
N ALA M 69 44.00 15.01 -70.99
CA ALA M 69 44.76 16.25 -70.78
C ALA M 69 44.03 17.46 -71.35
N ASN M 70 43.18 17.25 -72.34
CA ASN M 70 42.22 18.25 -72.80
C ASN M 70 40.93 18.23 -72.00
N ASN M 71 40.87 17.42 -70.94
CA ASN M 71 39.71 17.37 -70.04
C ASN M 71 40.07 17.64 -68.58
N THR M 72 41.20 17.13 -68.08
CA THR M 72 41.62 17.34 -66.70
C THR M 72 42.56 18.53 -66.62
N PHE M 73 43.11 18.76 -65.44
CA PHE M 73 44.01 19.88 -65.22
C PHE M 73 45.44 19.37 -65.04
N ALA M 74 46.37 20.32 -65.11
CA ALA M 74 47.77 20.03 -64.81
C ALA M 74 47.91 19.70 -63.34
N PRO M 75 48.73 18.72 -62.96
CA PRO M 75 48.86 18.38 -61.54
C PRO M 75 49.64 19.44 -60.78
N GLN M 76 48.91 20.27 -60.04
CA GLN M 76 49.52 21.22 -59.12
C GLN M 76 50.11 20.47 -57.93
N PRO M 77 51.15 21.00 -57.31
CA PRO M 77 51.66 20.39 -56.08
C PRO M 77 50.62 20.40 -54.97
N MET M 78 50.35 19.20 -54.46
CA MET M 78 49.30 19.00 -53.47
C MET M 78 49.69 19.52 -52.11
N PHE M 79 50.99 19.78 -51.92
CA PHE M 79 51.55 20.12 -50.63
C PHE M 79 52.50 21.29 -50.78
N ALA M 80 53.01 21.75 -49.64
CA ALA M 80 53.90 22.90 -49.60
C ALA M 80 55.31 22.49 -50.04
N GLY M 81 56.26 23.41 -49.82
CA GLY M 81 57.65 23.13 -50.09
C GLY M 81 58.04 23.13 -51.56
N ASP M 82 57.09 23.24 -52.48
CA ASP M 82 57.32 23.13 -53.91
C ASP M 82 56.94 24.46 -54.56
N ALA M 83 57.91 25.38 -54.58
CA ALA M 83 57.77 26.65 -55.26
C ALA M 83 59.16 27.13 -55.62
N ALA M 84 59.26 27.87 -56.73
CA ALA M 84 60.56 28.33 -57.21
C ALA M 84 61.15 29.39 -56.29
N ALA M 85 60.30 30.22 -55.70
CA ALA M 85 60.72 31.29 -54.80
C ALA M 85 60.20 30.99 -53.40
N GLU M 86 61.12 30.69 -52.48
CA GLU M 86 60.76 30.56 -51.07
C GLU M 86 61.40 31.59 -50.16
N TRP M 87 62.11 32.58 -50.70
CA TRP M 87 62.71 33.60 -49.85
C TRP M 87 61.89 34.88 -49.78
N LEU M 88 60.84 35.01 -50.59
CA LEU M 88 59.92 36.13 -50.50
C LEU M 88 58.46 35.72 -50.40
N ARG M 89 58.10 34.57 -50.95
CA ARG M 89 56.73 34.07 -50.92
C ARG M 89 56.71 32.61 -50.46
N PRO M 90 55.62 32.15 -49.82
CA PRO M 90 55.60 30.76 -49.33
C PRO M 90 55.13 29.83 -50.43
N SER M 91 54.96 28.56 -50.09
CA SER M 91 54.38 27.58 -50.99
C SER M 91 53.13 27.00 -50.35
N PHE M 92 52.02 27.05 -51.06
CA PHE M 92 50.82 26.33 -50.66
C PHE M 92 50.88 24.92 -51.22
N GLY M 93 49.77 24.20 -51.08
CA GLY M 93 49.58 22.97 -51.79
C GLY M 93 48.10 22.70 -51.94
N LEU M 94 47.66 22.40 -53.15
CA LEU M 94 46.23 22.33 -53.38
C LEU M 94 45.70 21.00 -52.89
N LYS M 95 44.77 21.05 -51.94
CA LYS M 95 44.00 19.89 -51.56
C LYS M 95 43.07 19.57 -52.74
N ARG M 96 43.41 18.54 -53.52
CA ARG M 96 42.74 18.34 -54.80
C ARG M 96 41.38 17.69 -54.60
N THR M 97 40.48 18.43 -53.96
CA THR M 97 39.08 18.06 -53.85
C THR M 97 38.28 18.47 -55.08
N TYR M 98 38.87 19.28 -55.95
CA TYR M 98 38.18 19.82 -57.11
C TYR M 98 37.99 18.73 -58.16
N SER M 99 37.06 18.96 -59.08
CA SER M 99 36.77 18.06 -60.19
C SER M 99 37.66 18.43 -61.38
N PRO M 100 38.56 17.55 -61.80
CA PRO M 100 39.33 17.84 -63.01
C PRO M 100 38.44 17.76 -64.24
N PHE M 101 38.07 18.93 -64.75
CA PHE M 101 36.94 19.06 -65.66
C PHE M 101 37.07 20.36 -66.45
N VAL M 102 37.32 20.22 -67.76
CA VAL M 102 37.44 21.36 -68.66
C VAL M 102 36.33 21.27 -69.69
N VAL M 103 35.54 22.33 -69.81
CA VAL M 103 34.41 22.37 -70.73
C VAL M 103 34.89 22.43 -72.18
N ALA N 3 61.85 43.75 -66.98
CA ALA N 3 61.45 42.44 -66.49
C ALA N 3 62.34 42.00 -65.33
N PRO N 4 61.76 41.90 -64.14
CA PRO N 4 62.55 41.49 -62.97
C PRO N 4 62.82 39.98 -62.97
N GLN N 5 63.95 39.62 -62.38
CA GLN N 5 64.35 38.23 -62.20
C GLN N 5 64.29 37.92 -60.71
N PHE N 6 63.45 36.96 -60.34
CA PHE N 6 63.15 36.70 -58.94
C PHE N 6 64.20 35.85 -58.23
N HIS N 7 65.22 35.40 -58.94
CA HIS N 7 66.33 34.69 -58.31
C HIS N 7 67.50 35.60 -57.97
N ARG N 8 67.35 36.91 -58.16
CA ARG N 8 68.40 37.88 -57.84
C ARG N 8 67.80 39.00 -57.00
N PRO N 9 68.32 39.26 -55.80
CA PRO N 9 67.75 40.34 -54.97
C PRO N 9 68.04 41.73 -55.49
N SER N 10 69.09 41.91 -56.27
CA SER N 10 69.50 43.22 -56.77
C SER N 10 68.83 43.58 -58.10
N THR N 11 67.71 42.95 -58.43
CA THR N 11 67.00 43.19 -59.69
C THR N 11 65.64 43.82 -59.48
N ILE N 12 64.92 43.42 -58.43
CA ILE N 12 63.54 43.85 -58.23
C ILE N 12 63.51 45.30 -57.77
N THR N 13 62.83 46.15 -58.53
CA THR N 13 62.53 47.52 -58.14
C THR N 13 61.01 47.67 -58.06
N ALA N 14 60.57 48.87 -57.67
CA ALA N 14 59.13 49.12 -57.56
C ALA N 14 58.48 49.25 -58.93
N ASP N 15 59.21 49.80 -59.90
CA ASP N 15 58.66 49.98 -61.24
C ASP N 15 58.62 48.69 -62.05
N ASN N 16 59.43 47.70 -61.68
CA ASN N 16 59.40 46.42 -62.40
C ASN N 16 58.19 45.59 -62.00
N VAL N 17 57.73 45.74 -60.77
CA VAL N 17 56.55 45.00 -60.31
C VAL N 17 55.27 45.70 -60.75
N ARG N 18 55.28 47.04 -60.75
CA ARG N 18 54.07 47.79 -61.08
C ARG N 18 53.75 47.73 -62.57
N ALA N 19 54.77 47.75 -63.43
CA ALA N 19 54.54 47.68 -64.87
C ALA N 19 54.06 46.30 -65.29
N LEU N 20 54.45 45.25 -64.56
CA LEU N 20 53.90 43.93 -64.78
C LEU N 20 52.49 43.86 -64.20
N GLY N 21 51.59 43.21 -64.92
CA GLY N 21 50.21 43.09 -64.46
C GLY N 21 50.08 42.14 -63.28
N MET N 22 48.91 42.23 -62.63
CA MET N 22 48.65 41.38 -61.47
C MET N 22 48.52 39.92 -61.85
N ARG N 23 47.90 39.64 -63.00
CA ARG N 23 47.83 38.27 -63.48
C ARG N 23 49.17 37.77 -63.98
N GLY N 24 49.96 38.65 -64.60
CA GLY N 24 51.29 38.29 -65.04
C GLY N 24 52.30 38.20 -63.92
N LEU N 25 51.94 38.72 -62.74
CA LEU N 25 52.81 38.62 -61.58
C LEU N 25 52.69 37.24 -60.93
N VAL N 26 51.61 36.52 -61.23
CA VAL N 26 51.40 35.20 -60.63
C VAL N 26 52.33 34.17 -61.25
N LEU N 27 52.33 34.06 -62.58
CA LEU N 27 53.12 33.02 -63.23
C LEU N 27 54.59 33.38 -63.34
N ALA N 28 54.94 34.66 -63.18
CA ALA N 28 56.35 35.05 -63.23
C ALA N 28 57.07 34.64 -61.96
N THR N 29 56.36 34.63 -60.83
CA THR N 29 56.97 34.19 -59.57
C THR N 29 57.00 32.67 -59.45
N ASN N 30 56.14 31.98 -60.20
CA ASN N 30 56.11 30.52 -60.15
C ASN N 30 57.06 29.86 -61.13
N ASN N 31 57.65 30.63 -62.05
CA ASN N 31 58.57 30.10 -63.06
C ASN N 31 60.01 30.55 -62.82
N ALA N 32 60.37 30.84 -61.58
CA ALA N 32 61.70 31.34 -61.24
C ALA N 32 62.68 30.17 -61.10
N GLN N 33 63.86 30.45 -60.55
CA GLN N 33 64.92 29.47 -60.38
C GLN N 33 65.01 29.05 -58.93
N PHE N 34 65.22 27.74 -58.71
CA PHE N 34 65.32 27.21 -57.35
C PHE N 34 66.65 27.59 -56.70
N ILE N 35 67.67 27.85 -57.50
CA ILE N 35 68.98 28.22 -56.98
C ILE N 35 68.99 29.73 -56.71
N MET N 36 69.25 30.11 -55.47
CA MET N 36 69.33 31.50 -55.07
C MET N 36 70.75 32.01 -55.25
N ASP N 37 70.90 33.05 -56.07
CA ASP N 37 72.23 33.60 -56.35
C ASP N 37 72.63 34.61 -55.28
N ASN N 38 73.90 34.55 -54.87
CA ASN N 38 74.44 35.45 -53.87
C ASN N 38 75.60 36.29 -54.40
N SER N 39 75.77 36.35 -55.72
CA SER N 39 76.87 37.11 -56.30
C SER N 39 76.63 38.62 -56.27
N TYR N 40 75.37 39.05 -56.31
CA TYR N 40 75.03 40.47 -56.27
C TYR N 40 73.79 40.64 -55.41
N PRO N 41 73.97 40.87 -54.10
CA PRO N 41 72.81 41.07 -53.22
C PRO N 41 72.23 42.48 -53.37
N HIS N 42 71.13 42.69 -52.66
CA HIS N 42 70.48 44.00 -52.68
C HIS N 42 71.30 44.98 -51.85
N PRO N 43 71.42 46.25 -52.29
CA PRO N 43 72.28 47.21 -51.57
C PRO N 43 71.77 47.60 -50.19
N HIS N 44 70.47 47.45 -49.92
CA HIS N 44 69.91 47.69 -48.59
C HIS N 44 69.80 46.42 -47.77
N GLY N 45 70.55 45.38 -48.12
CA GLY N 45 70.48 44.11 -47.43
C GLY N 45 69.40 43.20 -47.97
N THR N 46 69.41 41.96 -47.47
CA THR N 46 68.41 40.98 -47.87
C THR N 46 67.03 41.30 -47.29
N GLN N 47 67.00 42.01 -46.16
CA GLN N 47 65.73 42.46 -45.63
C GLN N 47 65.17 43.64 -46.41
N GLY N 48 66.04 44.40 -47.09
CA GLY N 48 65.58 45.52 -47.88
C GLY N 48 64.99 45.12 -49.22
N ALA N 49 65.38 43.96 -49.74
CA ALA N 49 64.81 43.48 -51.00
C ALA N 49 63.36 43.03 -50.82
N VAL N 50 63.02 42.59 -49.60
CA VAL N 50 61.62 42.30 -49.29
C VAL N 50 60.82 43.61 -49.20
N ARG N 51 61.49 44.68 -48.77
CA ARG N 51 60.82 45.98 -48.64
C ARG N 51 60.51 46.59 -50.01
N GLU N 52 61.34 46.29 -51.01
CA GLU N 52 61.18 46.94 -52.31
C GLU N 52 60.14 46.21 -53.17
N PHE N 53 60.08 44.88 -53.07
CA PHE N 53 59.22 44.06 -53.92
C PHE N 53 57.73 44.28 -53.64
N LEU N 54 57.34 44.31 -52.37
CA LEU N 54 55.92 44.33 -52.03
C LEU N 54 55.29 45.72 -52.12
N ARG N 55 56.09 46.78 -52.25
CA ARG N 55 55.50 48.09 -52.52
C ARG N 55 54.93 48.20 -53.92
N GLY N 56 55.39 47.36 -54.85
CA GLY N 56 54.88 47.37 -56.20
C GLY N 56 53.59 46.58 -56.37
N GLN N 57 53.29 45.70 -55.41
CA GLN N 57 52.06 44.93 -55.50
C GLN N 57 50.86 45.75 -55.03
N ALA N 58 51.04 46.55 -53.98
CA ALA N 58 49.94 47.37 -53.49
C ALA N 58 49.67 48.56 -54.40
N ALA N 59 50.69 49.01 -55.15
CA ALA N 59 50.46 50.00 -56.20
C ALA N 59 49.77 49.39 -57.41
N ALA N 60 49.87 48.09 -57.60
CA ALA N 60 49.16 47.40 -58.66
C ALA N 60 47.70 47.13 -58.32
N LEU N 61 47.34 47.15 -57.03
CA LEU N 61 45.93 47.06 -56.67
C LEU N 61 45.18 48.33 -57.02
N THR N 62 45.87 49.48 -57.00
CA THR N 62 45.27 50.71 -57.49
C THR N 62 45.08 50.67 -59.01
N ASP N 63 46.01 50.03 -59.72
CA ASP N 63 45.83 49.85 -61.16
C ASP N 63 44.72 48.84 -61.46
N LEU N 64 44.50 47.89 -60.56
CA LEU N 64 43.40 46.94 -60.74
C LEU N 64 42.06 47.62 -60.48
N GLY N 65 42.04 48.64 -59.61
CA GLY N 65 40.81 49.36 -59.37
C GLY N 65 40.40 50.25 -60.53
N VAL N 66 41.36 50.65 -61.36
CA VAL N 66 41.05 51.42 -62.57
C VAL N 66 40.33 50.57 -63.62
N THR N 67 40.79 49.34 -63.86
CA THR N 67 40.14 48.44 -64.80
C THR N 67 38.79 47.94 -64.29
N HIS N 68 38.54 48.00 -62.98
CA HIS N 68 37.25 47.63 -62.41
C HIS N 68 36.48 48.86 -61.92
N ALA N 69 36.80 50.04 -62.44
CA ALA N 69 36.04 51.23 -62.08
C ALA N 69 34.65 51.25 -62.72
N ASN N 70 34.46 50.54 -63.82
CA ASN N 70 33.16 50.35 -64.43
C ASN N 70 32.40 49.18 -63.83
N ASN N 71 32.91 48.59 -62.75
CA ASN N 71 32.24 47.50 -62.06
C ASN N 71 31.75 47.89 -60.66
N THR N 72 32.48 48.73 -59.93
CA THR N 72 32.03 49.25 -58.64
C THR N 72 31.69 50.72 -58.77
N PHE N 73 31.38 51.33 -57.64
CA PHE N 73 30.93 52.72 -57.58
C PHE N 73 31.96 53.58 -56.87
N ALA N 74 31.61 54.85 -56.68
CA ALA N 74 32.45 55.78 -55.95
C ALA N 74 32.38 55.45 -54.46
N PRO N 75 33.51 55.34 -53.76
CA PRO N 75 33.46 54.96 -52.34
C PRO N 75 33.00 56.11 -51.45
N GLN N 76 31.88 55.88 -50.78
CA GLN N 76 31.29 56.81 -49.83
C GLN N 76 32.13 56.87 -48.57
N PRO N 77 32.10 58.00 -47.83
CA PRO N 77 32.79 58.05 -46.55
C PRO N 77 32.13 57.14 -45.52
N MET N 78 32.96 56.41 -44.79
CA MET N 78 32.49 55.33 -43.95
C MET N 78 32.06 55.76 -42.56
N PHE N 79 32.66 56.82 -42.00
CA PHE N 79 32.50 57.09 -40.59
C PHE N 79 32.11 58.54 -40.35
N ALA N 80 32.03 58.88 -39.07
CA ALA N 80 31.55 60.17 -38.62
C ALA N 80 32.62 61.24 -38.77
N GLY N 81 32.17 62.50 -38.74
CA GLY N 81 33.07 63.63 -38.71
C GLY N 81 33.48 64.20 -40.05
N ASP N 82 33.05 63.60 -41.15
CA ASP N 82 33.46 64.04 -42.49
C ASP N 82 32.22 64.37 -43.31
N ALA N 83 31.86 65.66 -43.35
CA ALA N 83 30.78 66.14 -44.19
C ALA N 83 31.06 67.59 -44.55
N ALA N 84 30.51 68.03 -45.68
CA ALA N 84 30.73 69.40 -46.12
C ALA N 84 29.94 70.39 -45.27
N ALA N 85 28.63 70.20 -45.18
CA ALA N 85 27.77 71.04 -44.35
C ALA N 85 27.41 70.25 -43.09
N GLU N 86 28.10 70.56 -41.98
CA GLU N 86 27.88 69.86 -40.73
C GLU N 86 27.01 70.60 -39.74
N TRP N 87 26.69 71.87 -40.00
CA TRP N 87 25.89 72.66 -39.05
C TRP N 87 24.39 72.52 -39.28
N LEU N 88 23.95 71.75 -40.26
CA LEU N 88 22.54 71.51 -40.49
C LEU N 88 22.19 70.05 -40.69
N ARG N 89 23.15 69.23 -41.14
CA ARG N 89 22.99 67.79 -41.30
C ARG N 89 24.28 67.07 -40.90
N PRO N 90 24.19 65.85 -40.36
CA PRO N 90 25.40 65.18 -39.88
C PRO N 90 26.19 64.50 -40.98
N SER N 91 27.24 63.78 -40.60
CA SER N 91 28.06 63.02 -41.54
C SER N 91 27.61 61.57 -41.51
N PHE N 92 27.04 61.10 -42.61
CA PHE N 92 26.55 59.73 -42.69
C PHE N 92 27.71 58.78 -42.97
N GLY N 93 27.43 57.48 -42.95
CA GLY N 93 28.43 56.47 -43.20
C GLY N 93 27.80 55.11 -43.43
N LEU N 94 28.29 54.38 -44.43
CA LEU N 94 27.60 53.17 -44.86
C LEU N 94 28.16 51.94 -44.17
N LYS N 95 27.28 51.08 -43.68
CA LYS N 95 27.64 49.70 -43.40
C LYS N 95 27.78 48.97 -44.72
N ARG N 96 28.99 48.88 -45.25
CA ARG N 96 29.20 48.40 -46.62
C ARG N 96 29.01 46.88 -46.65
N THR N 97 27.74 46.48 -46.69
CA THR N 97 27.33 45.11 -46.87
C THR N 97 26.55 44.88 -48.15
N TYR N 98 26.50 45.88 -49.05
CA TYR N 98 25.71 45.79 -50.26
C TYR N 98 26.47 44.99 -51.32
N SER N 99 25.98 45.03 -52.55
CA SER N 99 26.61 44.36 -53.69
C SER N 99 27.14 45.43 -54.65
N PRO N 100 28.42 45.78 -54.57
CA PRO N 100 28.97 46.73 -55.54
C PRO N 100 29.10 46.11 -56.91
N PHE N 101 28.18 46.46 -57.80
CA PHE N 101 28.06 45.79 -59.09
C PHE N 101 27.34 46.71 -60.06
N VAL N 102 27.95 46.89 -61.24
CA VAL N 102 27.39 47.71 -62.30
C VAL N 102 27.00 46.80 -63.45
N VAL N 103 25.72 46.81 -63.80
CA VAL N 103 25.22 45.96 -64.88
C VAL N 103 25.63 46.52 -66.24
N ALA O 3 21.16 79.87 -57.28
CA ALA O 3 21.97 78.77 -56.79
C ALA O 3 22.61 79.13 -55.44
N PRO O 4 22.10 78.53 -54.36
CA PRO O 4 22.66 78.82 -53.04
C PRO O 4 23.99 78.11 -52.81
N GLN O 5 24.82 78.74 -51.99
CA GLN O 5 26.11 78.19 -51.60
C GLN O 5 26.05 77.85 -50.12
N PHE O 6 26.38 76.61 -49.78
CA PHE O 6 26.14 76.09 -48.44
C PHE O 6 27.26 76.40 -47.46
N HIS O 7 28.30 77.11 -47.90
CA HIS O 7 29.32 77.62 -46.99
C HIS O 7 29.05 79.06 -46.56
N ARG O 8 27.92 79.62 -46.93
CA ARG O 8 27.53 80.97 -46.51
C ARG O 8 26.12 80.94 -45.93
N PRO O 9 25.94 81.30 -44.65
CA PRO O 9 24.59 81.25 -44.07
C PRO O 9 23.66 82.34 -44.59
N SER O 10 24.19 83.43 -45.15
CA SER O 10 23.39 84.55 -45.62
C SER O 10 22.97 84.40 -47.07
N THR O 11 22.97 83.19 -47.61
CA THR O 11 22.62 82.94 -49.00
C THR O 11 21.33 82.15 -49.17
N ILE O 12 21.09 81.15 -48.31
CA ILE O 12 19.99 80.21 -48.50
C ILE O 12 18.67 80.90 -48.18
N THR O 13 17.76 80.90 -49.15
CA THR O 13 16.41 81.42 -48.99
C THR O 13 15.42 80.26 -49.13
N ALA O 14 14.12 80.59 -49.11
CA ALA O 14 13.10 79.57 -49.28
C ALA O 14 12.94 79.21 -50.76
N ASP O 15 13.14 80.18 -51.64
CA ASP O 15 12.99 79.92 -53.07
C ASP O 15 14.19 79.25 -53.70
N ASN O 16 15.38 79.38 -53.08
CA ASN O 16 16.57 78.74 -53.64
C ASN O 16 16.58 77.24 -53.38
N VAL O 17 15.85 76.80 -52.34
CA VAL O 17 15.78 75.38 -52.03
C VAL O 17 14.67 74.70 -52.83
N ARG O 18 13.54 75.39 -53.00
CA ARG O 18 12.39 74.78 -53.67
C ARG O 18 12.60 74.68 -55.17
N ALA O 19 13.22 75.70 -55.77
CA ALA O 19 13.48 75.68 -57.21
C ALA O 19 14.53 74.64 -57.58
N LEU O 20 15.48 74.38 -56.69
CA LEU O 20 16.41 73.28 -56.90
C LEU O 20 15.70 71.96 -56.65
N GLY O 21 15.96 70.97 -57.50
CA GLY O 21 15.24 69.72 -57.45
C GLY O 21 15.63 68.85 -56.27
N MET O 22 14.85 67.79 -56.06
CA MET O 22 15.12 66.85 -54.99
C MET O 22 16.39 66.05 -55.26
N ARG O 23 16.61 65.65 -56.52
CA ARG O 23 17.85 64.98 -56.88
C ARG O 23 19.02 65.95 -56.93
N GLY O 24 18.79 67.18 -57.37
CA GLY O 24 19.85 68.17 -57.49
C GLY O 24 20.32 68.72 -56.15
N LEU O 25 19.50 68.56 -55.12
CA LEU O 25 19.90 69.01 -53.78
C LEU O 25 20.82 68.00 -53.10
N VAL O 26 20.89 66.78 -53.65
CA VAL O 26 21.76 65.75 -53.10
C VAL O 26 23.23 66.10 -53.34
N LEU O 27 23.60 66.37 -54.60
CA LEU O 27 24.98 66.67 -54.94
C LEU O 27 25.36 68.11 -54.63
N ALA O 28 24.38 68.98 -54.37
CA ALA O 28 24.70 70.37 -54.06
C ALA O 28 25.21 70.51 -52.63
N THR O 29 24.61 69.76 -51.70
CA THR O 29 25.06 69.81 -50.31
C THR O 29 26.33 68.99 -50.09
N ASN O 30 26.51 67.92 -50.86
CA ASN O 30 27.64 67.01 -50.67
C ASN O 30 28.91 67.51 -51.31
N ASN O 31 28.84 68.49 -52.21
CA ASN O 31 30.02 69.05 -52.87
C ASN O 31 30.29 70.48 -52.41
N ALA O 32 29.91 70.81 -51.17
CA ALA O 32 30.12 72.14 -50.64
C ALA O 32 31.52 72.25 -50.03
N GLN O 33 31.78 73.33 -49.31
CA GLN O 33 33.10 73.62 -48.75
C GLN O 33 33.13 73.24 -47.27
N PHE O 34 34.23 72.61 -46.86
CA PHE O 34 34.40 72.24 -45.46
C PHE O 34 34.64 73.49 -44.60
N ILE O 35 35.29 74.50 -45.16
CA ILE O 35 35.58 75.73 -44.43
C ILE O 35 34.31 76.58 -44.41
N MET O 36 33.81 76.87 -43.21
CA MET O 36 32.62 77.69 -43.05
C MET O 36 33.03 79.15 -42.89
N ASP O 37 32.46 80.01 -43.74
CA ASP O 37 32.78 81.43 -43.70
C ASP O 37 31.95 82.15 -42.65
N ASN O 38 32.57 83.10 -41.95
CA ASN O 38 31.89 83.89 -40.93
C ASN O 38 31.88 85.37 -41.27
N SER O 39 32.14 85.74 -42.53
CA SER O 39 32.14 87.14 -42.92
C SER O 39 30.73 87.70 -43.07
N TYR O 40 29.75 86.87 -43.42
CA TYR O 40 28.37 87.31 -43.57
C TYR O 40 27.46 86.21 -43.06
N PRO O 41 27.13 86.21 -41.77
CA PRO O 41 26.20 85.20 -41.23
C PRO O 41 24.76 85.54 -41.58
N HIS O 42 23.86 84.64 -41.15
CA HIS O 42 22.45 84.82 -41.42
C HIS O 42 21.89 85.94 -40.55
N PRO O 43 20.99 86.78 -41.08
CA PRO O 43 20.50 87.94 -40.31
C PRO O 43 19.61 87.57 -39.13
N HIS O 44 18.89 86.45 -39.19
CA HIS O 44 18.05 86.01 -38.09
C HIS O 44 18.77 85.06 -37.14
N GLY O 45 20.10 85.10 -37.11
CA GLY O 45 20.88 84.21 -36.29
C GLY O 45 21.29 82.94 -37.03
N THR O 46 22.24 82.23 -36.43
CA THR O 46 22.70 80.97 -37.03
C THR O 46 21.67 79.87 -36.88
N GLN O 47 20.77 79.99 -35.91
CA GLN O 47 19.64 79.07 -35.81
C GLN O 47 18.53 79.46 -36.78
N GLY O 48 18.55 80.69 -37.29
CA GLY O 48 17.55 81.12 -38.24
C GLY O 48 17.82 80.62 -39.65
N ALA O 49 19.08 80.35 -39.98
CA ALA O 49 19.40 79.77 -41.28
C ALA O 49 18.95 78.32 -41.37
N VAL O 50 18.86 77.63 -40.24
CA VAL O 50 18.29 76.28 -40.21
C VAL O 50 16.79 76.36 -40.40
N ARG O 51 16.16 77.44 -39.94
CA ARG O 51 14.72 77.64 -40.17
C ARG O 51 14.43 77.90 -41.65
N GLU O 52 15.33 78.61 -42.33
CA GLU O 52 15.04 79.06 -43.70
C GLU O 52 15.32 77.97 -44.72
N PHE O 53 16.37 77.18 -44.50
CA PHE O 53 16.76 76.11 -45.41
C PHE O 53 15.73 74.98 -45.46
N LEU O 54 14.99 74.78 -44.37
CA LEU O 54 14.12 73.61 -44.27
C LEU O 54 12.67 73.90 -44.65
N ARG O 55 12.31 75.16 -44.90
CA ARG O 55 10.98 75.46 -45.42
C ARG O 55 10.87 75.12 -46.91
N GLY O 56 11.99 74.90 -47.59
CA GLY O 56 11.98 74.54 -49.00
C GLY O 56 11.97 73.05 -49.25
N GLN O 57 12.56 72.28 -48.35
CA GLN O 57 12.57 70.83 -48.51
C GLN O 57 11.20 70.23 -48.21
N ALA O 58 10.51 70.74 -47.20
CA ALA O 58 9.20 70.21 -46.84
C ALA O 58 8.14 70.58 -47.88
N ALA O 59 8.33 71.68 -48.59
CA ALA O 59 7.47 72.00 -49.73
C ALA O 59 7.90 71.29 -51.00
N ALA O 60 9.04 70.59 -50.98
CA ALA O 60 9.52 69.88 -52.16
C ALA O 60 8.96 68.46 -52.28
N LEU O 61 8.48 67.88 -51.18
CA LEU O 61 7.75 66.62 -51.29
C LEU O 61 6.38 66.83 -51.94
N THR O 62 5.81 68.02 -51.77
CA THR O 62 4.61 68.38 -52.53
C THR O 62 4.93 68.60 -54.00
N ASP O 63 6.17 69.02 -54.30
CA ASP O 63 6.62 69.05 -55.69
C ASP O 63 6.95 67.66 -56.19
N LEU O 64 7.44 66.78 -55.31
CA LEU O 64 7.72 65.40 -55.69
C LEU O 64 6.43 64.60 -55.82
N GLY O 65 5.39 65.01 -55.09
CA GLY O 65 4.10 64.33 -55.17
C GLY O 65 3.38 64.55 -56.48
N VAL O 66 3.58 65.71 -57.11
CA VAL O 66 3.04 65.97 -58.44
C VAL O 66 3.72 65.12 -59.50
N THR O 67 5.04 64.91 -59.38
CA THR O 67 5.77 64.05 -60.29
C THR O 67 5.41 62.57 -60.15
N HIS O 68 4.82 62.16 -59.01
CA HIS O 68 4.33 60.81 -58.81
C HIS O 68 2.82 60.75 -58.74
N ALA O 69 2.12 61.75 -59.31
CA ALA O 69 0.67 61.74 -59.32
C ALA O 69 0.10 60.72 -60.30
N ASN O 70 0.89 60.31 -61.29
CA ASN O 70 0.49 59.26 -62.23
C ASN O 70 0.88 57.87 -61.75
N ASN O 71 1.33 57.74 -60.50
CA ASN O 71 1.72 56.46 -59.93
C ASN O 71 0.83 56.00 -58.78
N THR O 72 0.33 56.91 -57.96
CA THR O 72 -0.53 56.56 -56.82
C THR O 72 -1.96 56.95 -57.10
N PHE O 73 -2.81 56.78 -56.09
CA PHE O 73 -4.24 57.01 -56.20
C PHE O 73 -4.64 58.29 -55.49
N ALA O 74 -5.95 58.53 -55.43
CA ALA O 74 -6.48 59.67 -54.70
C ALA O 74 -6.42 59.40 -53.21
N PRO O 75 -5.93 60.34 -52.39
CA PRO O 75 -5.83 60.08 -50.95
C PRO O 75 -7.20 60.12 -50.27
N GLN O 76 -7.64 58.95 -49.81
CA GLN O 76 -8.87 58.83 -49.05
C GLN O 76 -8.66 59.32 -47.62
N PRO O 77 -9.70 59.87 -46.98
CA PRO O 77 -9.57 60.26 -45.57
C PRO O 77 -9.42 59.06 -44.67
N MET O 78 -8.48 59.19 -43.72
CA MET O 78 -8.10 58.07 -42.86
C MET O 78 -9.05 57.84 -41.70
N PHE O 79 -9.87 58.83 -41.36
CA PHE O 79 -10.57 58.80 -40.09
C PHE O 79 -12.04 59.14 -40.27
N ALA O 80 -12.84 58.68 -39.31
CA ALA O 80 -14.27 58.89 -39.36
C ALA O 80 -14.63 60.31 -38.93
N GLY O 81 -15.86 60.71 -39.24
CA GLY O 81 -16.29 62.08 -39.10
C GLY O 81 -16.07 62.95 -40.30
N ASP O 82 -15.62 62.37 -41.42
CA ASP O 82 -15.35 63.10 -42.66
C ASP O 82 -16.21 62.52 -43.76
N ALA O 83 -17.45 63.02 -43.87
CA ALA O 83 -18.34 62.58 -44.92
C ALA O 83 -19.35 63.68 -45.18
N ALA O 84 -19.75 63.82 -46.45
CA ALA O 84 -20.77 64.80 -46.81
C ALA O 84 -22.13 64.37 -46.30
N ALA O 85 -22.41 63.07 -46.31
CA ALA O 85 -23.67 62.51 -45.82
C ALA O 85 -23.35 61.63 -44.61
N GLU O 86 -23.75 62.10 -43.43
CA GLU O 86 -23.46 61.39 -42.19
C GLU O 86 -24.70 60.88 -41.46
N TRP O 87 -25.88 61.47 -41.71
CA TRP O 87 -27.08 61.11 -40.97
C TRP O 87 -27.86 59.97 -41.59
N LEU O 88 -27.38 59.41 -42.70
CA LEU O 88 -27.98 58.21 -43.28
C LEU O 88 -26.96 57.10 -43.53
N ARG O 89 -25.72 57.46 -43.84
CA ARG O 89 -24.68 56.46 -44.06
C ARG O 89 -23.41 56.90 -43.32
N PRO O 90 -22.55 55.95 -42.90
CA PRO O 90 -21.46 56.33 -42.00
C PRO O 90 -20.28 56.98 -42.70
N SER O 91 -19.25 57.33 -41.92
CA SER O 91 -18.01 57.89 -42.44
C SER O 91 -16.89 56.90 -42.17
N PHE O 92 -16.21 56.47 -43.23
CA PHE O 92 -15.20 55.43 -43.11
C PHE O 92 -13.82 56.05 -42.88
N GLY O 93 -12.81 55.19 -42.99
CA GLY O 93 -11.42 55.56 -43.04
C GLY O 93 -10.62 54.32 -43.42
N LEU O 94 -9.74 54.43 -44.40
CA LEU O 94 -9.06 53.24 -44.92
C LEU O 94 -7.79 52.95 -44.14
N LYS O 95 -7.68 51.71 -43.65
CA LYS O 95 -6.44 51.24 -43.05
C LYS O 95 -5.42 51.01 -44.16
N ARG O 96 -4.59 52.03 -44.44
CA ARG O 96 -3.80 52.09 -45.67
C ARG O 96 -2.64 51.09 -45.62
N THR O 97 -3.00 49.81 -45.74
CA THR O 97 -2.03 48.73 -45.83
C THR O 97 -1.79 48.26 -47.26
N TYR O 98 -2.48 48.83 -48.24
CA TYR O 98 -2.32 48.44 -49.63
C TYR O 98 -1.05 49.06 -50.20
N SER O 99 -0.71 48.70 -51.43
CA SER O 99 0.41 49.29 -52.17
C SER O 99 -0.20 50.24 -53.20
N PRO O 100 -0.09 51.55 -52.99
CA PRO O 100 -0.64 52.50 -53.97
C PRO O 100 0.19 52.53 -55.25
N PHE O 101 -0.32 51.89 -56.30
CA PHE O 101 0.48 51.67 -57.50
C PHE O 101 -0.45 51.55 -58.70
N VAL O 102 -0.16 52.34 -59.73
CA VAL O 102 -0.92 52.34 -60.98
C VAL O 102 0.00 51.84 -62.08
N VAL O 103 -0.41 50.78 -62.77
CA VAL O 103 0.38 50.20 -63.83
C VAL O 103 0.28 51.03 -65.10
N ARG P 3075 -16.80 -77.30 -89.98
CA ARG P 3075 -16.92 -75.88 -90.26
C ARG P 3075 -18.38 -75.47 -90.45
N ARG P 3076 -18.83 -75.54 -91.71
CA ARG P 3076 -20.12 -75.01 -92.10
C ARG P 3076 -21.30 -75.85 -91.62
N THR P 3077 -21.06 -77.06 -91.11
CA THR P 3077 -22.16 -77.83 -90.53
C THR P 3077 -22.27 -77.58 -89.02
N GLY P 3078 -21.20 -77.05 -88.42
CA GLY P 3078 -21.21 -76.83 -86.98
C GLY P 3078 -21.18 -75.37 -86.56
N ARG P 3079 -20.76 -74.47 -87.46
CA ARG P 3079 -20.54 -73.08 -87.06
C ARG P 3079 -21.48 -72.11 -87.79
N SER P 3080 -22.12 -72.55 -88.88
CA SER P 3080 -23.04 -71.69 -89.62
C SER P 3080 -24.34 -71.41 -88.88
N ALA P 3081 -24.64 -72.20 -87.84
CA ALA P 3081 -25.80 -71.89 -87.00
C ALA P 3081 -25.38 -71.33 -85.65
N LEU P 3082 -24.07 -71.19 -85.40
CA LEU P 3082 -23.61 -70.55 -84.17
C LEU P 3082 -23.96 -69.06 -84.13
N ALA P 3083 -23.82 -68.35 -85.25
CA ALA P 3083 -24.06 -66.92 -85.28
C ALA P 3083 -25.53 -66.55 -85.12
N VAL P 3084 -26.43 -67.52 -85.28
CA VAL P 3084 -27.83 -67.29 -84.90
C VAL P 3084 -27.93 -67.17 -83.39
N LEU P 3085 -27.18 -68.00 -82.65
CA LEU P 3085 -27.10 -67.91 -81.20
C LEU P 3085 -26.06 -66.90 -80.71
N ILE P 3086 -25.12 -66.49 -81.56
CA ILE P 3086 -24.09 -65.55 -81.13
C ILE P 3086 -24.57 -64.11 -81.29
N ARG P 3087 -25.09 -63.76 -82.47
CA ARG P 3087 -25.61 -62.41 -82.67
C ARG P 3087 -26.89 -62.16 -81.89
N ALA P 3088 -27.60 -63.22 -81.48
CA ALA P 3088 -28.64 -63.02 -80.50
C ALA P 3088 -28.05 -62.73 -79.13
N CYS P 3089 -26.92 -63.37 -78.78
CA CYS P 3089 -26.37 -63.17 -77.45
C CYS P 3089 -25.34 -62.05 -77.41
N ARG P 3090 -25.31 -61.20 -78.44
CA ARG P 3090 -24.45 -60.01 -78.36
C ARG P 3090 -25.23 -58.73 -78.59
N ARG P 3091 -26.56 -58.82 -78.63
CA ARG P 3091 -27.42 -57.67 -78.85
C ARG P 3091 -28.37 -57.40 -77.69
N ILE P 3092 -28.67 -58.42 -76.88
CA ILE P 3092 -29.53 -58.20 -75.72
C ILE P 3092 -28.76 -57.44 -74.64
N GLN P 3093 -27.43 -57.48 -74.69
CA GLN P 3093 -26.61 -56.50 -73.99
C GLN P 3093 -26.94 -55.08 -74.41
N GLN P 3094 -27.14 -54.87 -75.72
CA GLN P 3094 -27.48 -53.55 -76.22
C GLN P 3094 -28.98 -53.28 -76.17
N GLN P 3095 -29.82 -54.29 -76.41
CA GLN P 3095 -31.27 -54.05 -76.40
C GLN P 3095 -31.81 -53.82 -75.00
N LEU P 3096 -31.09 -54.23 -73.95
CA LEU P 3096 -31.59 -53.98 -72.61
C LEU P 3096 -30.86 -52.85 -71.88
N GLN P 3097 -29.69 -52.43 -72.35
CA GLN P 3097 -29.08 -51.23 -71.80
C GLN P 3097 -29.70 -49.97 -72.39
N ARG P 3098 -30.26 -50.07 -73.60
CA ARG P 3098 -31.07 -48.97 -74.10
C ARG P 3098 -32.41 -48.88 -73.37
N THR P 3099 -32.85 -49.98 -72.73
CA THR P 3099 -33.99 -49.88 -71.85
C THR P 3099 -33.62 -49.38 -70.48
N ARG P 3100 -32.32 -49.33 -70.15
CA ARG P 3100 -31.95 -48.74 -68.86
C ARG P 3100 -32.16 -47.24 -68.85
N ARG P 3101 -31.42 -46.53 -69.69
CA ARG P 3101 -31.38 -45.08 -69.64
C ARG P 3101 -32.68 -44.47 -70.13
N ALA P 3102 -33.37 -45.13 -71.07
CA ALA P 3102 -34.69 -44.68 -71.47
C ALA P 3102 -35.75 -44.92 -70.39
N LEU P 3103 -35.42 -45.69 -69.36
CA LEU P 3103 -36.19 -45.75 -68.12
C LEU P 3103 -35.61 -44.89 -67.02
N PHE P 3104 -34.43 -44.32 -67.22
CA PHE P 3104 -33.89 -43.32 -66.31
C PHE P 3104 -33.74 -41.94 -66.93
N GLN P 3105 -34.12 -41.78 -68.21
CA GLN P 3105 -34.39 -40.46 -68.77
C GLN P 3105 -35.85 -40.09 -68.74
N ARG P 3106 -36.73 -41.00 -68.33
CA ARG P 3106 -38.17 -40.80 -68.42
C ARG P 3106 -38.90 -41.02 -67.10
N SER P 3107 -38.23 -41.60 -66.10
CA SER P 3107 -38.88 -41.76 -64.80
C SER P 3107 -38.45 -40.69 -63.81
N ASN P 3108 -37.28 -40.07 -64.01
CA ASN P 3108 -36.85 -38.98 -63.14
C ASN P 3108 -37.66 -37.71 -63.34
N ALA P 3109 -38.30 -37.55 -64.50
CA ALA P 3109 -39.05 -36.33 -64.76
C ALA P 3109 -40.34 -36.28 -63.97
N VAL P 3110 -40.82 -37.41 -63.46
CA VAL P 3110 -42.06 -37.43 -62.69
C VAL P 3110 -41.84 -36.82 -61.31
N LEU P 3111 -40.79 -37.26 -60.60
CA LEU P 3111 -40.49 -36.71 -59.29
C LEU P 3111 -39.99 -35.26 -59.38
N THR P 3112 -39.35 -34.89 -60.48
CA THR P 3112 -38.93 -33.50 -60.67
C THR P 3112 -40.14 -32.60 -60.87
N SER P 3113 -41.17 -33.11 -61.55
CA SER P 3113 -42.44 -32.39 -61.61
C SER P 3113 -43.13 -32.40 -60.24
N LEU P 3114 -42.87 -33.42 -59.42
CA LEU P 3114 -43.41 -33.45 -58.07
C LEU P 3114 -42.63 -32.51 -57.15
N HIS P 3115 -41.36 -32.25 -57.50
CA HIS P 3115 -40.60 -31.19 -56.83
C HIS P 3115 -41.20 -29.82 -57.10
N HIS P 3116 -41.80 -29.65 -58.28
CA HIS P 3116 -42.44 -28.39 -58.64
C HIS P 3116 -43.69 -28.12 -57.80
N VAL P 3117 -44.38 -29.17 -57.35
CA VAL P 3117 -45.61 -28.97 -56.60
C VAL P 3117 -45.29 -28.44 -55.19
N ARG P 3118 -44.15 -28.88 -54.63
CA ARG P 3118 -43.71 -28.40 -53.33
C ARG P 3118 -43.28 -26.95 -53.39
N MET P 3119 -42.89 -26.46 -54.57
CA MET P 3119 -42.60 -25.05 -54.74
C MET P 3119 -43.88 -24.22 -54.74
N LEU P 3120 -45.02 -24.84 -55.08
CA LEU P 3120 -46.29 -24.13 -55.05
C LEU P 3120 -47.07 -24.39 -53.76
N LEU P 3121 -46.98 -25.59 -53.20
CA LEU P 3121 -47.65 -25.87 -51.94
C LEU P 3121 -46.64 -25.88 -50.79
N ARG Q 3075 -21.89 -86.74 -81.79
CA ARG Q 3075 -23.14 -85.97 -81.80
C ARG Q 3075 -23.44 -85.46 -80.39
N ARG Q 3076 -23.07 -86.24 -79.38
CA ARG Q 3076 -23.27 -85.85 -77.99
C ARG Q 3076 -22.19 -84.93 -77.46
N THR Q 3077 -21.31 -84.41 -78.33
CA THR Q 3077 -20.41 -83.34 -77.93
C THR Q 3077 -20.73 -82.06 -78.68
N GLY Q 3078 -21.00 -82.17 -79.99
CA GLY Q 3078 -21.29 -81.00 -80.79
C GLY Q 3078 -22.67 -80.40 -80.55
N ARG Q 3079 -23.71 -81.24 -80.59
CA ARG Q 3079 -25.05 -80.77 -80.26
C ARG Q 3079 -25.21 -80.51 -78.78
N SER Q 3080 -24.53 -81.28 -77.93
CA SER Q 3080 -24.64 -81.10 -76.48
C SER Q 3080 -23.82 -79.94 -75.97
N ALA Q 3081 -23.01 -79.31 -76.82
CA ALA Q 3081 -22.51 -77.98 -76.50
C ALA Q 3081 -23.51 -76.91 -76.92
N LEU Q 3082 -24.58 -77.30 -77.61
CA LEU Q 3082 -25.55 -76.32 -78.11
C LEU Q 3082 -26.86 -76.34 -77.34
N ALA Q 3083 -27.25 -77.50 -76.76
CA ALA Q 3083 -28.40 -77.54 -75.85
C ALA Q 3083 -28.11 -76.75 -74.57
N VAL Q 3084 -26.83 -76.62 -74.21
CA VAL Q 3084 -26.38 -75.63 -73.25
C VAL Q 3084 -26.78 -74.23 -73.71
N LEU Q 3085 -26.56 -73.91 -74.99
CA LEU Q 3085 -26.64 -72.54 -75.45
C LEU Q 3085 -27.84 -72.25 -76.37
N ILE Q 3086 -28.81 -73.17 -76.46
CA ILE Q 3086 -30.12 -72.81 -77.00
C ILE Q 3086 -31.06 -72.40 -75.88
N ARG Q 3087 -31.09 -73.19 -74.79
CA ARG Q 3087 -31.89 -72.87 -73.62
C ARG Q 3087 -31.42 -71.61 -72.91
N ALA Q 3088 -30.14 -71.24 -73.06
CA ALA Q 3088 -29.59 -70.08 -72.37
C ALA Q 3088 -30.21 -68.78 -72.85
N CYS Q 3089 -30.40 -68.63 -74.15
CA CYS Q 3089 -31.02 -67.42 -74.68
C CYS Q 3089 -32.54 -67.47 -74.56
N ARG Q 3090 -33.12 -68.67 -74.55
CA ARG Q 3090 -34.58 -68.78 -74.59
C ARG Q 3090 -35.22 -68.75 -73.21
N ARG Q 3091 -34.48 -68.34 -72.18
CA ARG Q 3091 -35.04 -68.11 -70.85
C ARG Q 3091 -34.64 -66.75 -70.29
N ILE Q 3092 -33.66 -66.10 -70.92
CA ILE Q 3092 -33.46 -64.66 -70.76
C ILE Q 3092 -34.62 -63.90 -71.39
N GLN Q 3093 -35.06 -64.33 -72.57
CA GLN Q 3093 -36.08 -63.60 -73.32
C GLN Q 3093 -37.46 -63.78 -72.72
N GLN Q 3094 -37.65 -64.80 -71.87
CA GLN Q 3094 -38.96 -65.08 -71.32
C GLN Q 3094 -39.29 -64.23 -70.09
N GLN Q 3095 -38.28 -63.85 -69.29
CA GLN Q 3095 -38.53 -62.96 -68.16
C GLN Q 3095 -38.90 -61.57 -68.60
N LEU Q 3096 -38.41 -61.16 -69.78
CA LEU Q 3096 -38.66 -59.83 -70.32
C LEU Q 3096 -40.12 -59.62 -70.68
N GLN Q 3097 -40.88 -60.71 -70.88
CA GLN Q 3097 -42.33 -60.60 -70.94
C GLN Q 3097 -42.93 -60.33 -69.58
N ARG Q 3098 -42.29 -60.82 -68.51
CA ARG Q 3098 -42.89 -60.69 -67.18
C ARG Q 3098 -42.42 -59.43 -66.45
N THR Q 3099 -41.34 -58.80 -66.90
CA THR Q 3099 -40.94 -57.52 -66.30
C THR Q 3099 -41.75 -56.36 -66.84
N ARG Q 3100 -42.42 -56.53 -67.97
CA ARG Q 3100 -43.37 -55.52 -68.46
C ARG Q 3100 -44.61 -55.47 -67.58
N ARG Q 3101 -44.96 -56.62 -66.98
CA ARG Q 3101 -46.28 -56.75 -66.37
C ARG Q 3101 -46.23 -56.54 -64.85
N ALA Q 3102 -45.09 -56.87 -64.23
CA ALA Q 3102 -44.99 -56.75 -62.78
C ALA Q 3102 -44.38 -55.43 -62.33
N LEU Q 3103 -44.29 -54.42 -63.21
CA LEU Q 3103 -43.65 -53.16 -62.85
C LEU Q 3103 -44.53 -51.93 -63.09
N PHE Q 3104 -45.62 -52.05 -63.85
CA PHE Q 3104 -46.55 -50.95 -63.96
C PHE Q 3104 -47.84 -51.16 -63.20
N GLN Q 3105 -48.11 -52.37 -62.73
CA GLN Q 3105 -49.25 -52.61 -61.87
C GLN Q 3105 -48.93 -52.25 -60.42
N ARG Q 3106 -47.70 -51.80 -60.15
CA ARG Q 3106 -47.30 -51.07 -58.97
C ARG Q 3106 -47.34 -49.56 -59.19
N SER Q 3107 -47.17 -49.10 -60.44
CA SER Q 3107 -47.21 -47.67 -60.73
C SER Q 3107 -48.58 -47.24 -61.24
N ASN Q 3108 -49.44 -48.20 -61.62
CA ASN Q 3108 -50.84 -47.85 -61.83
C ASN Q 3108 -51.53 -47.49 -60.52
N ALA Q 3109 -51.10 -48.09 -59.40
CA ALA Q 3109 -51.53 -47.61 -58.09
C ALA Q 3109 -50.93 -46.24 -57.79
N VAL Q 3110 -49.76 -45.95 -58.35
CA VAL Q 3110 -49.21 -44.60 -58.26
C VAL Q 3110 -50.02 -43.66 -59.16
N LEU Q 3111 -50.44 -44.15 -60.33
CA LEU Q 3111 -51.33 -43.38 -61.19
C LEU Q 3111 -52.72 -43.20 -60.57
N THR Q 3112 -53.11 -44.12 -59.68
CA THR Q 3112 -54.36 -43.93 -58.94
C THR Q 3112 -54.22 -42.85 -57.88
N SER Q 3113 -53.14 -42.89 -57.10
CA SER Q 3113 -53.01 -41.97 -55.96
C SER Q 3113 -52.67 -40.55 -56.41
N LEU Q 3114 -51.86 -40.41 -57.47
CA LEU Q 3114 -51.47 -39.08 -57.93
C LEU Q 3114 -52.65 -38.31 -58.53
N HIS Q 3115 -53.56 -39.01 -59.21
CA HIS Q 3115 -54.82 -38.37 -59.59
C HIS Q 3115 -55.74 -38.24 -58.38
N HIS Q 3116 -55.53 -39.05 -57.33
CA HIS Q 3116 -56.40 -38.97 -56.17
C HIS Q 3116 -56.07 -37.76 -55.30
N VAL Q 3117 -54.89 -37.17 -55.47
CA VAL Q 3117 -54.53 -35.98 -54.72
C VAL Q 3117 -55.40 -34.79 -55.13
N ARG Q 3118 -55.66 -34.64 -56.43
CA ARG Q 3118 -56.61 -33.63 -56.86
C ARG Q 3118 -58.05 -34.10 -56.62
N MET Q 3119 -58.26 -35.40 -56.48
CA MET Q 3119 -59.59 -35.91 -56.12
C MET Q 3119 -59.92 -35.58 -54.67
N LEU Q 3120 -58.90 -35.43 -53.82
CA LEU Q 3120 -59.09 -34.77 -52.54
C LEU Q 3120 -59.55 -33.33 -52.73
N LEU Q 3121 -58.98 -32.63 -53.71
CA LEU Q 3121 -59.28 -31.23 -53.92
C LEU Q 3121 -60.53 -31.06 -54.79
N CYS R 5 -43.55 -76.44 32.47
CA CYS R 5 -44.07 -77.79 32.56
C CYS R 5 -45.51 -77.79 33.08
N PHE R 6 -45.67 -77.59 34.40
CA PHE R 6 -46.94 -77.59 35.11
C PHE R 6 -47.69 -78.92 34.90
N GLU R 7 -47.19 -79.98 35.53
CA GLU R 7 -47.73 -81.32 35.34
C GLU R 7 -49.19 -81.43 35.79
N ALA R 8 -50.00 -82.05 34.93
CA ALA R 8 -51.44 -82.19 35.12
C ALA R 8 -51.79 -83.65 35.34
N ASP R 9 -52.75 -83.90 36.21
CA ASP R 9 -53.10 -85.25 36.64
C ASP R 9 -54.41 -85.68 35.98
N ILE R 10 -54.40 -86.88 35.41
CA ILE R 10 -55.63 -87.49 34.91
C ILE R 10 -55.97 -88.69 35.79
N ALA R 11 -57.18 -88.69 36.34
CA ALA R 11 -57.59 -89.64 37.36
C ALA R 11 -57.93 -90.98 36.73
N ILE R 12 -57.35 -92.05 37.26
CA ILE R 12 -57.76 -93.40 36.86
C ILE R 12 -59.11 -93.72 37.49
N PRO R 13 -60.10 -94.15 36.72
CA PRO R 13 -61.39 -94.56 37.30
C PRO R 13 -61.32 -95.89 38.04
N SER R 14 -62.48 -96.39 38.43
CA SER R 14 -62.57 -97.57 39.29
C SER R 14 -62.20 -98.86 38.50
N GLY R 15 -62.46 -99.99 39.15
CA GLY R 15 -61.84 -101.29 38.92
C GLY R 15 -61.48 -101.74 37.52
N ILE R 16 -60.19 -101.82 37.26
CA ILE R 16 -59.65 -102.27 35.99
C ILE R 16 -58.88 -103.55 36.23
N SER R 17 -58.69 -104.31 35.15
CA SER R 17 -57.95 -105.55 35.24
C SER R 17 -56.45 -105.28 35.14
N ARG R 18 -55.67 -106.31 35.47
CA ARG R 18 -54.23 -106.25 35.23
C ARG R 18 -53.84 -106.09 33.75
N PRO R 19 -54.50 -106.74 32.77
CA PRO R 19 -54.22 -106.33 31.38
C PRO R 19 -54.69 -104.92 31.08
N ASP R 20 -55.78 -104.46 31.71
CA ASP R 20 -56.11 -103.05 31.64
C ASP R 20 -55.07 -102.21 32.37
N ALA R 21 -54.49 -102.75 33.44
CA ALA R 21 -53.34 -102.10 34.05
C ALA R 21 -52.11 -102.19 33.16
N ALA R 22 -51.91 -103.34 32.50
CA ALA R 22 -50.80 -103.47 31.56
C ALA R 22 -51.02 -102.69 30.28
N ALA R 23 -52.28 -102.43 29.91
CA ALA R 23 -52.56 -101.50 28.82
C ALA R 23 -52.11 -100.09 29.19
N LEU R 24 -52.16 -99.76 30.47
CA LEU R 24 -51.62 -98.49 30.95
C LEU R 24 -50.11 -98.56 31.08
N GLN R 25 -49.52 -99.75 30.92
CA GLN R 25 -48.07 -99.83 30.96
C GLN R 25 -47.46 -99.87 29.57
N ARG R 26 -48.29 -100.02 28.54
CA ARG R 26 -47.79 -99.94 27.17
C ARG R 26 -47.99 -98.56 26.55
N CYS R 27 -48.32 -97.54 27.35
CA CYS R 27 -48.60 -96.21 26.84
C CYS R 27 -47.77 -95.13 27.51
N GLU R 28 -46.71 -95.50 28.23
CA GLU R 28 -45.90 -94.51 28.91
C GLU R 28 -45.05 -93.74 27.91
N GLY R 29 -45.52 -92.54 27.54
CA GLY R 29 -44.84 -91.75 26.54
C GLY R 29 -45.61 -91.51 25.28
N ARG R 30 -46.94 -91.62 25.32
CA ARG R 30 -47.77 -91.37 24.16
C ARG R 30 -48.23 -89.92 24.15
N VAL R 31 -49.13 -89.61 23.22
CA VAL R 31 -49.69 -88.27 23.07
C VAL R 31 -51.18 -88.33 23.40
N VAL R 32 -51.64 -87.37 24.20
CA VAL R 32 -52.99 -87.33 24.73
C VAL R 32 -53.58 -85.95 24.51
N PHE R 33 -54.81 -85.91 24.05
CA PHE R 33 -55.56 -84.68 23.79
C PHE R 33 -56.59 -84.47 24.90
N LEU R 34 -56.75 -83.22 25.35
CA LEU R 34 -57.68 -82.91 26.44
C LEU R 34 -58.36 -81.56 26.24
N PRO R 35 -59.63 -81.42 26.63
CA PRO R 35 -60.33 -80.14 26.38
C PRO R 35 -59.88 -78.97 27.24
N THR R 36 -59.79 -79.14 28.56
CA THR R 36 -59.42 -78.03 29.43
C THR R 36 -58.23 -78.44 30.28
N ILE R 37 -57.69 -77.48 31.00
CA ILE R 37 -56.33 -77.56 31.50
C ILE R 37 -56.40 -77.56 33.02
N ARG R 38 -57.50 -78.12 33.55
CA ARG R 38 -57.69 -78.24 34.99
C ARG R 38 -56.63 -79.17 35.58
N ARG R 39 -56.10 -78.80 36.76
CA ARG R 39 -54.93 -79.47 37.30
C ARG R 39 -55.21 -80.90 37.70
N GLN R 40 -56.46 -81.22 38.00
CA GLN R 40 -56.93 -82.59 38.15
C GLN R 40 -57.93 -82.84 37.03
N LEU R 41 -57.71 -83.91 36.27
CA LEU R 41 -58.63 -84.29 35.21
C LEU R 41 -59.02 -85.75 35.36
N ALA R 42 -60.02 -86.15 34.60
CA ALA R 42 -60.47 -87.52 34.61
C ALA R 42 -60.22 -88.17 33.25
N LEU R 43 -60.47 -89.48 33.20
CA LEU R 43 -60.26 -90.21 31.95
C LEU R 43 -61.41 -89.97 30.97
N ALA R 44 -62.53 -89.42 31.48
CA ALA R 44 -63.69 -89.18 30.62
C ALA R 44 -63.44 -88.05 29.63
N ASP R 45 -62.44 -87.22 29.88
CA ASP R 45 -62.09 -86.17 28.94
C ASP R 45 -61.09 -86.64 27.89
N VAL R 46 -60.67 -87.90 27.97
CA VAL R 46 -59.53 -88.36 27.19
C VAL R 46 -59.96 -89.24 26.02
N ALA R 47 -60.93 -90.12 26.24
CA ALA R 47 -61.18 -91.25 25.36
C ALA R 47 -61.71 -90.82 24.01
N HIS R 48 -61.69 -91.76 23.06
CA HIS R 48 -62.26 -91.48 21.75
C HIS R 48 -63.76 -91.35 21.81
N GLU R 49 -64.40 -91.95 22.82
CA GLU R 49 -65.82 -91.74 23.07
C GLU R 49 -66.13 -90.32 23.51
N SER R 50 -65.13 -89.57 23.97
CA SER R 50 -65.28 -88.15 24.28
C SER R 50 -65.08 -87.27 23.06
N PHE R 51 -65.06 -87.84 21.86
CA PHE R 51 -64.91 -87.07 20.63
C PHE R 51 -66.21 -86.96 19.84
N VAL R 52 -67.33 -87.42 20.41
CA VAL R 52 -68.60 -87.35 19.72
C VAL R 52 -69.03 -85.89 19.59
N SER R 53 -69.43 -85.50 18.37
CA SER R 53 -69.74 -84.10 18.10
C SER R 53 -71.14 -83.91 17.53
N GLY R 54 -71.67 -84.91 16.85
CA GLY R 54 -73.01 -84.82 16.28
C GLY R 54 -73.87 -86.03 16.57
N GLY R 55 -73.49 -86.80 17.58
CA GLY R 55 -74.22 -88.01 17.92
C GLY R 55 -73.68 -89.27 17.26
N VAL R 56 -72.67 -89.16 16.40
CA VAL R 56 -72.07 -90.29 15.73
C VAL R 56 -70.57 -90.26 15.97
N SER R 57 -69.90 -91.31 15.53
CA SER R 57 -68.44 -91.38 15.65
C SER R 57 -67.79 -90.40 14.71
N PRO R 58 -66.75 -89.67 15.13
CA PRO R 58 -66.12 -88.70 14.24
C PRO R 58 -65.30 -89.38 13.16
N ASP R 59 -65.19 -88.69 12.03
CA ASP R 59 -64.35 -89.13 10.93
C ASP R 59 -62.97 -88.52 11.11
N THR R 60 -62.12 -88.66 10.09
CA THR R 60 -60.81 -88.01 10.14
C THR R 60 -60.93 -86.49 10.00
N LEU R 61 -62.01 -86.00 9.40
CA LEU R 61 -62.32 -84.58 9.52
C LEU R 61 -62.74 -84.23 10.94
N GLY R 62 -63.66 -85.02 11.50
CA GLY R 62 -64.19 -84.73 12.83
C GLY R 62 -63.14 -84.86 13.91
N LEU R 63 -62.10 -85.66 13.67
CA LEU R 63 -60.97 -85.69 14.58
C LEU R 63 -60.07 -84.47 14.35
N LEU R 64 -59.76 -84.16 13.10
CA LEU R 64 -58.84 -83.05 12.82
C LEU R 64 -59.43 -81.69 13.14
N LEU R 65 -60.75 -81.59 13.27
CA LEU R 65 -61.31 -80.41 13.91
C LEU R 65 -60.90 -80.34 15.37
N ALA R 66 -61.05 -81.44 16.10
CA ALA R 66 -60.66 -81.46 17.51
C ALA R 66 -59.16 -81.55 17.66
N TYR R 67 -58.48 -82.20 16.70
CA TYR R 67 -57.03 -82.31 16.79
C TYR R 67 -56.33 -80.98 16.58
N ARG R 68 -57.00 -80.02 15.96
CA ARG R 68 -56.55 -78.65 15.96
C ARG R 68 -57.20 -77.83 17.06
N ARG R 69 -58.21 -78.37 17.73
CA ARG R 69 -58.90 -77.63 18.78
C ARG R 69 -58.34 -77.88 20.17
N ARG R 70 -58.41 -79.10 20.68
CA ARG R 70 -58.04 -79.32 22.06
C ARG R 70 -56.54 -79.50 22.16
N PHE R 71 -56.08 -79.85 23.36
CA PHE R 71 -54.73 -79.52 23.78
C PHE R 71 -53.88 -80.77 23.94
N PRO R 72 -52.66 -80.79 23.42
CA PRO R 72 -51.81 -81.98 23.55
C PRO R 72 -51.20 -82.10 24.93
N ALA R 73 -51.08 -83.34 25.40
CA ALA R 73 -50.45 -83.65 26.67
C ALA R 73 -49.65 -84.93 26.50
N VAL R 74 -48.45 -84.96 27.07
CA VAL R 74 -47.59 -86.12 26.91
C VAL R 74 -47.29 -86.74 28.27
N ILE R 75 -47.63 -88.02 28.41
CA ILE R 75 -47.49 -88.72 29.67
C ILE R 75 -46.02 -89.07 29.90
N THR R 76 -45.42 -88.46 30.91
CA THR R 76 -44.05 -88.77 31.30
C THR R 76 -43.98 -90.05 32.11
N ARG R 77 -44.68 -90.09 33.24
CA ARG R 77 -44.69 -91.25 34.12
C ARG R 77 -46.12 -91.72 34.33
N VAL R 78 -46.36 -93.01 34.17
CA VAL R 78 -47.66 -93.61 34.38
C VAL R 78 -47.80 -93.94 35.85
N LEU R 79 -49.04 -93.96 36.34
CA LEU R 79 -49.27 -94.19 37.76
C LEU R 79 -50.51 -95.02 38.01
N PRO R 80 -50.57 -95.72 39.13
CA PRO R 80 -51.87 -96.11 39.67
C PRO R 80 -52.57 -94.86 40.22
N THR R 81 -53.90 -94.83 40.05
CA THR R 81 -54.83 -93.80 40.54
C THR R 81 -54.62 -92.42 39.94
N ARG R 82 -53.61 -92.22 39.09
CA ARG R 82 -53.31 -90.92 38.48
C ARG R 82 -52.66 -91.17 37.14
N ILE R 83 -52.63 -90.12 36.32
CA ILE R 83 -51.78 -90.08 35.13
C ILE R 83 -51.05 -88.75 35.10
N VAL R 84 -49.74 -88.79 35.23
CA VAL R 84 -48.90 -87.61 35.19
C VAL R 84 -48.52 -87.35 33.74
N ALA R 85 -48.89 -86.18 33.25
CA ALA R 85 -48.42 -85.69 31.95
C ALA R 85 -47.93 -84.27 32.13
N CYS R 86 -46.69 -84.02 31.70
CA CYS R 86 -46.18 -82.65 31.60
C CYS R 86 -46.61 -82.12 30.25
N PRO R 87 -47.59 -81.21 30.18
CA PRO R 87 -48.18 -80.86 28.88
C PRO R 87 -47.24 -79.99 28.07
N VAL R 88 -47.37 -80.11 26.74
CA VAL R 88 -46.51 -79.38 25.83
C VAL R 88 -46.84 -77.89 25.82
N ASP R 89 -48.10 -77.54 25.58
CA ASP R 89 -48.53 -76.18 25.27
C ASP R 89 -48.29 -75.16 26.38
N LEU R 90 -47.97 -75.60 27.60
CA LEU R 90 -47.57 -74.69 28.66
C LEU R 90 -46.06 -74.70 28.81
N GLY R 91 -45.51 -73.54 29.13
CA GLY R 91 -44.09 -73.37 29.32
C GLY R 91 -43.49 -72.49 28.25
N LEU R 92 -42.34 -71.91 28.61
CA LEU R 92 -41.64 -71.06 27.65
C LEU R 92 -40.92 -71.93 26.62
N THR R 93 -40.45 -71.26 25.57
CA THR R 93 -39.94 -71.94 24.39
C THR R 93 -38.64 -72.69 24.69
N HIS R 94 -38.57 -73.92 24.16
CA HIS R 94 -37.39 -74.78 24.18
C HIS R 94 -36.97 -75.11 25.60
N ALA R 95 -37.95 -75.49 26.43
CA ALA R 95 -37.71 -75.89 27.81
C ALA R 95 -38.63 -77.07 28.13
N GLY R 96 -38.30 -77.79 29.19
CA GLY R 96 -39.13 -78.90 29.61
C GLY R 96 -39.10 -80.08 28.66
N THR R 97 -37.95 -80.76 28.62
CA THR R 97 -37.73 -81.86 27.68
C THR R 97 -38.64 -83.05 28.00
N VAL R 98 -39.30 -83.57 26.97
CA VAL R 98 -40.29 -84.64 27.12
C VAL R 98 -39.92 -85.77 26.15
N ASN R 99 -40.56 -86.93 26.31
CA ASN R 99 -40.11 -88.12 25.61
C ASN R 99 -41.26 -88.85 24.91
N LEU R 100 -41.07 -89.16 23.63
CA LEU R 100 -42.14 -89.70 22.83
C LEU R 100 -41.84 -91.12 22.37
N ARG R 101 -42.87 -91.78 21.84
CA ARG R 101 -42.73 -93.09 21.20
C ARG R 101 -42.87 -92.92 19.71
N ASN R 102 -41.84 -93.33 18.98
CA ASN R 102 -41.81 -93.19 17.54
C ASN R 102 -42.79 -94.18 16.91
N THR R 103 -43.25 -93.87 15.70
CA THR R 103 -43.98 -94.80 14.86
C THR R 103 -43.26 -94.75 13.52
N SER R 104 -43.50 -95.76 12.65
CA SER R 104 -42.63 -96.37 11.64
C SER R 104 -41.60 -95.49 10.90
N PRO R 105 -41.87 -94.25 10.49
CA PRO R 105 -40.76 -93.41 10.01
C PRO R 105 -39.76 -93.03 11.10
N VAL R 106 -38.80 -92.19 10.71
CA VAL R 106 -37.61 -91.99 11.54
C VAL R 106 -37.86 -91.07 12.73
N ASP R 107 -38.37 -89.86 12.49
CA ASP R 107 -38.23 -88.69 13.39
C ASP R 107 -36.75 -88.38 13.61
N LEU R 108 -36.16 -87.76 12.60
CA LEU R 108 -34.75 -87.33 12.61
C LEU R 108 -34.50 -86.29 13.73
N CYS R 109 -33.23 -85.86 13.85
CA CYS R 109 -32.77 -84.92 14.87
C CYS R 109 -33.52 -83.60 14.86
N ASN R 110 -34.07 -83.19 13.72
CA ASN R 110 -35.05 -82.12 13.67
C ASN R 110 -36.26 -82.65 12.90
N GLY R 111 -37.19 -81.78 12.59
CA GLY R 111 -38.39 -82.15 11.86
C GLY R 111 -39.67 -81.57 12.41
N ASP R 112 -39.71 -81.21 13.71
CA ASP R 112 -40.83 -80.58 14.40
C ASP R 112 -42.11 -81.40 14.29
N PRO R 113 -42.20 -82.55 14.97
CA PRO R 113 -43.26 -83.52 14.67
C PRO R 113 -44.66 -83.04 15.01
N VAL R 114 -45.65 -83.58 14.29
CA VAL R 114 -47.03 -83.09 14.32
C VAL R 114 -47.94 -84.25 14.66
N SER R 115 -48.87 -84.03 15.58
CA SER R 115 -49.93 -84.97 15.92
C SER R 115 -50.97 -84.95 14.78
N LEU R 116 -51.42 -86.14 14.38
CA LEU R 116 -52.44 -86.29 13.34
C LEU R 116 -53.18 -87.61 13.49
N VAL R 117 -54.11 -87.87 12.57
CA VAL R 117 -55.09 -88.94 12.70
C VAL R 117 -54.48 -90.34 12.70
N PRO R 118 -55.09 -91.29 13.39
CA PRO R 118 -54.69 -92.70 13.28
C PRO R 118 -55.02 -93.36 11.94
N PRO R 119 -56.20 -93.18 11.30
CA PRO R 119 -56.49 -94.04 10.13
C PRO R 119 -55.72 -93.70 8.86
N VAL R 120 -54.74 -92.80 8.92
CA VAL R 120 -53.83 -92.60 7.80
C VAL R 120 -52.76 -93.68 7.90
N PHE R 121 -52.66 -94.29 9.08
CA PHE R 121 -51.94 -95.54 9.28
C PHE R 121 -52.94 -96.59 9.71
N GLU R 122 -52.44 -97.72 10.22
CA GLU R 122 -53.28 -98.83 10.66
C GLU R 122 -54.26 -98.42 11.73
N GLY R 123 -55.55 -98.53 11.41
CA GLY R 123 -56.63 -97.97 12.18
C GLY R 123 -56.83 -98.62 13.53
N GLN R 124 -56.70 -99.95 13.60
CA GLN R 124 -56.85 -100.62 14.89
C GLN R 124 -55.51 -100.89 15.56
N ALA R 125 -54.40 -100.44 14.96
CA ALA R 125 -53.21 -100.13 15.73
C ALA R 125 -53.44 -98.80 16.42
N THR R 126 -52.83 -98.63 17.61
CA THR R 126 -52.87 -97.49 18.54
C THR R 126 -54.29 -97.05 18.95
N ASP R 127 -55.30 -97.85 18.63
CA ASP R 127 -56.62 -97.65 19.20
C ASP R 127 -56.79 -98.48 20.46
N VAL R 128 -55.92 -98.25 21.45
CA VAL R 128 -55.82 -99.11 22.64
C VAL R 128 -57.07 -98.97 23.50
N ARG R 129 -57.71 -100.10 23.76
CA ARG R 129 -58.97 -100.12 24.47
C ARG R 129 -58.77 -100.60 25.90
N LEU R 130 -59.45 -99.94 26.83
CA LEU R 130 -59.57 -100.42 28.20
C LEU R 130 -60.73 -101.41 28.22
N GLU R 131 -60.50 -102.58 28.82
CA GLU R 131 -61.50 -103.63 28.76
C GLU R 131 -62.55 -103.52 29.86
N SER R 132 -62.16 -103.05 31.05
CA SER R 132 -63.10 -103.05 32.18
C SER R 132 -64.13 -101.94 32.05
N LEU R 133 -63.68 -100.69 32.05
CA LEU R 133 -64.59 -99.55 31.90
C LEU R 133 -64.94 -99.25 30.46
N ASP R 134 -64.36 -100.00 29.51
CA ASP R 134 -64.82 -100.10 28.13
C ASP R 134 -64.71 -98.77 27.37
N LEU R 135 -63.50 -98.21 27.34
CA LEU R 135 -63.26 -96.98 26.59
C LEU R 135 -62.04 -97.17 25.70
N THR R 136 -61.82 -96.20 24.81
CA THR R 136 -60.88 -96.36 23.72
C THR R 136 -60.00 -95.13 23.64
N LEU R 137 -58.69 -95.38 23.66
CA LEU R 137 -57.69 -94.31 23.60
C LEU R 137 -56.98 -94.40 22.26
N ARG R 138 -57.43 -93.62 21.29
CA ARG R 138 -56.86 -93.61 19.96
C ARG R 138 -55.80 -92.52 19.92
N PHE R 139 -54.58 -92.91 20.08
CA PHE R 139 -53.47 -91.99 20.21
C PHE R 139 -53.09 -91.44 18.84
N PRO R 140 -52.80 -90.16 18.72
CA PRO R 140 -52.45 -89.61 17.41
C PRO R 140 -51.03 -90.01 17.02
N VAL R 141 -50.71 -89.77 15.75
CA VAL R 141 -49.43 -90.20 15.21
C VAL R 141 -48.50 -88.99 15.08
N PRO R 142 -47.32 -89.03 15.68
CA PRO R 142 -46.40 -87.88 15.62
C PRO R 142 -45.54 -87.79 14.36
N LEU R 143 -46.05 -87.22 13.26
CA LEU R 143 -45.22 -87.22 12.05
C LEU R 143 -44.52 -85.89 11.83
N PRO R 144 -43.29 -85.90 11.30
CA PRO R 144 -42.57 -84.65 11.07
C PRO R 144 -43.14 -83.88 9.89
N THR R 145 -42.89 -82.58 9.89
CA THR R 145 -43.59 -81.64 9.00
C THR R 145 -43.51 -81.89 7.50
N PRO R 146 -42.40 -82.36 6.89
CA PRO R 146 -42.48 -82.62 5.44
C PRO R 146 -43.37 -83.79 5.08
N LEU R 147 -43.15 -84.94 5.71
CA LEU R 147 -43.94 -86.12 5.36
C LEU R 147 -45.38 -86.03 5.87
N ALA R 148 -45.60 -85.30 6.97
CA ALA R 148 -46.96 -85.12 7.46
C ALA R 148 -47.80 -84.29 6.49
N ARG R 149 -47.17 -83.31 5.85
CA ARG R 149 -47.88 -82.57 4.81
C ARG R 149 -47.94 -83.35 3.51
N GLU R 150 -47.11 -84.40 3.39
CA GLU R 150 -47.08 -85.17 2.16
C GLU R 150 -48.22 -86.18 2.12
N ILE R 151 -48.40 -86.95 3.19
CA ILE R 151 -49.30 -88.09 3.15
C ILE R 151 -50.75 -87.63 3.24
N VAL R 152 -50.97 -86.43 3.80
CA VAL R 152 -52.33 -85.92 3.96
C VAL R 152 -52.94 -85.56 2.61
N ALA R 153 -52.12 -85.21 1.61
CA ALA R 153 -52.65 -84.83 0.32
C ALA R 153 -52.66 -86.00 -0.66
N ARG R 154 -52.19 -87.16 -0.22
CA ARG R 154 -52.08 -88.28 -1.16
C ARG R 154 -53.32 -89.16 -1.10
N LEU R 155 -53.80 -89.46 0.11
CA LEU R 155 -54.96 -90.34 0.23
C LEU R 155 -56.23 -89.64 -0.23
N VAL R 156 -56.31 -88.33 -0.01
CA VAL R 156 -57.43 -87.58 -0.56
C VAL R 156 -57.30 -87.48 -2.08
N ALA R 157 -56.08 -87.53 -2.60
CA ALA R 157 -55.90 -87.72 -4.04
C ALA R 157 -56.22 -89.15 -4.43
N ARG R 158 -55.93 -90.11 -3.53
CA ARG R 158 -56.33 -91.48 -3.80
C ARG R 158 -57.83 -91.64 -3.62
N GLY R 159 -58.46 -90.79 -2.81
CA GLY R 159 -59.90 -90.82 -2.69
C GLY R 159 -60.61 -90.39 -3.96
N ILE R 160 -59.94 -89.60 -4.80
CA ILE R 160 -60.53 -89.18 -6.07
C ILE R 160 -60.62 -90.36 -7.03
N ARG R 161 -59.54 -91.11 -7.16
CA ARG R 161 -59.53 -92.26 -8.05
C ARG R 161 -60.38 -93.38 -7.48
N ASP R 162 -60.61 -93.36 -6.17
CA ASP R 162 -61.56 -94.28 -5.56
C ASP R 162 -62.99 -93.76 -5.64
N LEU R 163 -63.17 -92.48 -5.99
CA LEU R 163 -64.52 -91.92 -6.04
C LEU R 163 -65.25 -92.38 -7.29
N ASN R 164 -64.77 -91.97 -8.47
CA ASN R 164 -65.48 -92.22 -9.71
C ASN R 164 -64.49 -92.87 -10.66
N PRO R 165 -64.39 -94.20 -10.68
CA PRO R 165 -63.30 -94.84 -11.42
C PRO R 165 -63.61 -95.19 -12.88
N ASP R 166 -62.61 -95.74 -13.56
CA ASP R 166 -62.72 -96.15 -14.95
C ASP R 166 -62.07 -97.51 -15.14
N PRO R 174 -51.13 -93.09 -12.28
CA PRO R 174 -50.29 -94.16 -11.74
C PRO R 174 -50.75 -94.64 -10.37
N ASP R 175 -49.93 -95.41 -9.69
CA ASP R 175 -50.23 -95.83 -8.33
C ASP R 175 -49.61 -94.85 -7.33
N LEU R 176 -50.46 -94.23 -6.50
CA LEU R 176 -50.06 -93.08 -5.69
C LEU R 176 -49.37 -93.45 -4.40
N ASN R 177 -49.01 -94.72 -4.18
CA ASN R 177 -48.85 -95.21 -2.81
C ASN R 177 -47.43 -95.68 -2.48
N VAL R 178 -46.43 -95.28 -3.25
CA VAL R 178 -45.10 -95.83 -2.99
C VAL R 178 -44.37 -94.94 -1.99
N LEU R 179 -44.06 -93.70 -2.41
CA LEU R 179 -43.68 -92.59 -1.51
C LEU R 179 -42.44 -92.90 -0.66
N TYR R 180 -41.28 -92.93 -1.32
CA TYR R 180 -40.02 -93.22 -0.64
C TYR R 180 -39.70 -92.15 0.42
N TYR R 181 -39.01 -92.58 1.47
CA TYR R 181 -38.44 -91.67 2.46
C TYR R 181 -36.99 -91.46 2.03
N ASN R 182 -36.15 -90.91 2.90
CA ASN R 182 -34.74 -90.66 2.59
C ASN R 182 -34.06 -92.02 2.39
N GLY R 183 -34.16 -92.96 3.34
CA GLY R 183 -33.63 -94.28 3.10
C GLY R 183 -34.70 -95.30 2.75
N ALA R 184 -35.80 -95.31 3.50
CA ALA R 184 -36.70 -96.45 3.49
C ALA R 184 -37.78 -96.32 2.43
N ARG R 185 -38.41 -97.45 2.13
CA ARG R 185 -39.58 -97.51 1.24
C ARG R 185 -40.81 -97.67 2.13
N LEU R 186 -41.62 -96.63 2.21
CA LEU R 186 -42.72 -96.59 3.17
C LEU R 186 -44.00 -97.13 2.57
N SER R 187 -44.37 -98.35 2.96
CA SER R 187 -45.60 -98.96 2.48
C SER R 187 -46.82 -98.29 3.12
N LEU R 188 -47.40 -97.34 2.39
CA LEU R 188 -48.63 -96.66 2.77
C LEU R 188 -49.81 -97.62 2.81
N VAL R 189 -49.91 -98.49 1.80
CA VAL R 189 -51.01 -99.44 1.70
C VAL R 189 -50.84 -100.53 2.75
N ALA R 190 -51.75 -100.56 3.72
CA ALA R 190 -51.99 -101.74 4.53
C ALA R 190 -53.21 -102.51 4.04
N ASP R 191 -53.12 -103.13 2.85
CA ASP R 191 -54.23 -103.53 1.98
C ASP R 191 -55.40 -104.27 2.59
N VAL R 192 -55.11 -105.37 3.31
CA VAL R 192 -56.00 -106.52 3.50
C VAL R 192 -57.37 -106.17 4.10
N GLN R 193 -57.43 -105.19 5.00
CA GLN R 193 -58.71 -104.76 5.54
C GLN R 193 -58.80 -103.26 5.75
N GLN R 194 -57.74 -102.50 5.47
CA GLN R 194 -57.73 -101.11 5.89
C GLN R 194 -58.25 -100.18 4.80
N LEU R 195 -57.86 -100.43 3.55
CA LEU R 195 -58.10 -99.44 2.48
C LEU R 195 -59.57 -99.35 2.13
N ALA R 196 -60.32 -100.44 2.31
CA ALA R 196 -61.77 -100.35 2.15
C ALA R 196 -62.40 -99.55 3.29
N SER R 197 -61.75 -99.54 4.46
CA SER R 197 -62.20 -98.66 5.53
C SER R 197 -61.63 -97.26 5.39
N VAL R 198 -60.59 -97.09 4.57
CA VAL R 198 -59.98 -95.77 4.38
C VAL R 198 -60.94 -94.86 3.62
N ASN R 199 -61.47 -95.34 2.50
CA ASN R 199 -62.29 -94.49 1.64
C ASN R 199 -63.70 -94.31 2.17
N THR R 200 -64.01 -94.89 3.33
CA THR R 200 -65.25 -94.54 4.01
C THR R 200 -64.99 -93.80 5.32
N GLU R 201 -63.74 -93.71 5.76
CA GLU R 201 -63.44 -92.89 6.94
C GLU R 201 -62.74 -91.59 6.62
N LEU R 202 -62.25 -91.42 5.39
CA LEU R 202 -61.98 -90.08 4.91
C LEU R 202 -63.10 -89.59 4.00
N ARG R 203 -64.30 -90.14 4.20
CA ARG R 203 -65.39 -90.04 3.22
C ARG R 203 -65.91 -88.63 3.09
N SER R 204 -66.18 -87.98 4.21
CA SER R 204 -66.62 -86.60 4.20
C SER R 204 -65.50 -85.64 3.82
N LEU R 205 -64.25 -86.03 4.05
CA LEU R 205 -63.13 -85.12 3.91
C LEU R 205 -62.79 -84.86 2.45
N VAL R 206 -62.95 -85.88 1.60
CA VAL R 206 -62.67 -85.74 0.17
C VAL R 206 -63.63 -84.75 -0.47
N LEU R 207 -64.87 -84.72 0.02
CA LEU R 207 -65.87 -83.78 -0.47
C LEU R 207 -65.48 -82.34 -0.14
N ASN R 208 -64.72 -82.16 0.94
CA ASN R 208 -64.28 -80.83 1.33
C ASN R 208 -63.15 -80.32 0.47
N MET R 209 -62.26 -81.22 0.05
CA MET R 209 -61.17 -80.80 -0.80
C MET R 209 -61.67 -80.56 -2.22
N VAL R 210 -62.78 -81.21 -2.59
CA VAL R 210 -63.32 -81.07 -3.93
C VAL R 210 -64.17 -79.81 -4.04
N TYR R 211 -65.14 -79.64 -3.14
CA TYR R 211 -66.14 -78.60 -3.26
C TYR R 211 -65.52 -77.21 -3.14
N SER R 212 -64.42 -77.10 -2.42
CA SER R 212 -63.70 -75.83 -2.37
C SER R 212 -62.91 -75.57 -3.63
N ILE R 213 -62.74 -76.57 -4.50
CA ILE R 213 -62.07 -76.35 -5.78
C ILE R 213 -63.09 -76.09 -6.88
N THR R 214 -64.19 -76.85 -6.88
CA THR R 214 -65.22 -76.70 -7.90
C THR R 214 -65.95 -75.38 -7.76
N GLU R 215 -66.11 -74.89 -6.53
CA GLU R 215 -66.74 -73.60 -6.35
C GLU R 215 -65.87 -72.45 -6.82
N GLY R 216 -64.63 -72.37 -6.35
CA GLY R 216 -63.77 -71.23 -6.63
C GLY R 216 -63.33 -71.08 -8.07
N THR R 217 -62.99 -72.19 -8.72
CA THR R 217 -62.56 -72.13 -10.11
C THR R 217 -63.72 -71.78 -11.01
N THR R 218 -64.91 -72.28 -10.71
CA THR R 218 -66.09 -71.87 -11.45
C THR R 218 -66.62 -70.53 -10.96
N LEU R 219 -66.07 -70.01 -9.87
CA LEU R 219 -66.39 -68.65 -9.49
C LEU R 219 -65.41 -67.66 -10.12
N ILE R 220 -64.13 -68.02 -10.20
CA ILE R 220 -63.15 -67.09 -10.74
C ILE R 220 -63.34 -66.88 -12.23
N LEU R 221 -63.85 -67.89 -12.95
CA LEU R 221 -64.00 -67.74 -14.38
C LEU R 221 -65.27 -66.98 -14.75
N THR R 222 -66.09 -66.66 -13.75
CA THR R 222 -67.14 -65.66 -13.93
C THR R 222 -66.92 -64.48 -13.00
N LEU R 223 -65.75 -64.41 -12.35
CA LEU R 223 -65.38 -63.22 -11.60
C LEU R 223 -64.50 -62.28 -12.43
N ILE R 224 -63.36 -62.78 -12.88
CA ILE R 224 -62.38 -61.99 -13.63
C ILE R 224 -62.91 -61.53 -14.98
N PRO R 225 -63.64 -62.33 -15.78
CA PRO R 225 -64.33 -61.72 -16.93
C PRO R 225 -65.39 -60.69 -16.56
N ARG R 226 -66.00 -60.81 -15.37
CA ARG R 226 -66.89 -59.78 -14.86
C ARG R 226 -66.11 -58.64 -14.23
N LEU R 227 -64.80 -58.81 -14.06
CA LEU R 227 -63.94 -57.78 -13.51
C LEU R 227 -63.13 -57.23 -14.67
N LEU R 228 -62.32 -56.21 -14.39
CA LEU R 228 -61.41 -55.44 -15.26
C LEU R 228 -62.20 -54.49 -16.19
N ALA R 229 -63.50 -54.64 -16.31
CA ALA R 229 -64.36 -53.76 -17.10
C ALA R 229 -65.68 -53.49 -16.37
N LEU R 230 -65.64 -53.45 -15.05
CA LEU R 230 -66.83 -53.15 -14.29
C LEU R 230 -66.50 -52.19 -13.14
N GLY R 235 -57.41 -49.08 -12.64
CA GLY R 235 -57.01 -50.04 -13.64
C GLY R 235 -55.65 -50.66 -13.38
N TYR R 236 -55.10 -50.36 -12.21
CA TYR R 236 -53.81 -50.91 -11.82
C TYR R 236 -53.87 -52.42 -11.62
N VAL R 237 -55.00 -52.92 -11.11
CA VAL R 237 -55.17 -54.36 -10.94
C VAL R 237 -55.61 -54.99 -12.25
N ASN R 238 -56.06 -54.16 -13.20
CA ASN R 238 -56.58 -54.68 -14.46
C ASN R 238 -55.48 -55.25 -15.34
N ALA R 239 -54.52 -54.41 -15.72
CA ALA R 239 -53.45 -54.86 -16.60
C ALA R 239 -52.47 -55.77 -15.86
N LEU R 240 -52.39 -55.62 -14.53
CA LEU R 240 -51.47 -56.43 -13.75
C LEU R 240 -52.12 -57.73 -13.30
N LEU R 241 -53.35 -57.99 -13.75
CA LEU R 241 -53.99 -59.27 -13.51
C LEU R 241 -53.24 -60.37 -14.25
N GLN R 242 -53.10 -60.22 -15.56
CA GLN R 242 -52.36 -61.22 -16.34
C GLN R 242 -50.92 -60.81 -16.58
N MET R 243 -50.38 -59.84 -15.84
CA MET R 243 -48.98 -59.46 -16.04
C MET R 243 -48.05 -60.55 -15.54
N GLN R 244 -48.27 -61.01 -14.31
CA GLN R 244 -47.59 -62.20 -13.83
C GLN R 244 -48.33 -63.48 -14.20
N SER R 245 -49.48 -63.36 -14.87
CA SER R 245 -50.24 -64.51 -15.34
C SER R 245 -50.35 -64.56 -16.85
N VAL R 246 -49.37 -64.00 -17.57
CA VAL R 246 -49.35 -64.07 -19.03
C VAL R 246 -49.07 -65.50 -19.45
N THR R 247 -49.94 -66.02 -20.33
CA THR R 247 -49.97 -67.41 -20.78
C THR R 247 -50.12 -68.40 -19.63
N ARG R 248 -50.69 -67.97 -18.50
CA ARG R 248 -50.98 -68.87 -17.40
C ARG R 248 -52.47 -68.84 -17.11
N GLU R 249 -53.01 -67.64 -16.84
CA GLU R 249 -54.43 -67.54 -16.53
C GLU R 249 -55.25 -67.44 -17.81
N ALA R 250 -54.75 -66.70 -18.79
CA ALA R 250 -55.40 -66.67 -20.10
C ALA R 250 -55.28 -68.03 -20.79
N ALA R 251 -54.20 -68.76 -20.52
CA ALA R 251 -54.10 -70.14 -21.01
C ALA R 251 -55.05 -71.06 -20.24
N GLN R 252 -55.19 -70.81 -18.93
CA GLN R 252 -56.23 -71.53 -18.18
C GLN R 252 -57.61 -71.06 -18.57
N LEU R 253 -57.73 -69.82 -19.04
CA LEU R 253 -58.98 -69.38 -19.63
C LEU R 253 -59.19 -70.03 -21.00
N ILE R 254 -58.09 -70.40 -21.67
CA ILE R 254 -58.19 -71.08 -22.96
C ILE R 254 -58.50 -72.55 -22.76
N HIS R 255 -57.87 -73.18 -21.76
CA HIS R 255 -58.09 -74.61 -21.54
C HIS R 255 -59.38 -74.90 -20.81
N PRO R 256 -59.64 -74.35 -19.61
CA PRO R 256 -60.79 -74.81 -18.84
C PRO R 256 -62.13 -74.26 -19.31
N GLU R 257 -62.18 -72.99 -19.72
CA GLU R 257 -63.45 -72.37 -20.08
C GLU R 257 -64.03 -72.95 -21.37
N ALA R 258 -63.17 -73.45 -22.25
CA ALA R 258 -63.65 -74.17 -23.42
C ALA R 258 -64.29 -75.51 -23.04
N PRO R 259 -63.58 -76.43 -22.39
CA PRO R 259 -64.20 -77.71 -22.04
C PRO R 259 -64.93 -77.69 -20.70
N MET R 260 -65.72 -76.63 -20.46
CA MET R 260 -66.61 -76.54 -19.31
C MET R 260 -67.67 -75.50 -19.66
N LEU R 261 -68.61 -75.31 -18.74
CA LEU R 261 -69.70 -74.38 -18.96
C LEU R 261 -69.27 -72.96 -18.60
N MET R 262 -70.22 -72.04 -18.60
CA MET R 262 -69.92 -70.65 -18.30
C MET R 262 -69.95 -70.39 -16.79
N ARG R 267 -75.05 -62.20 -13.34
CA ARG R 267 -75.31 -63.01 -12.16
C ARG R 267 -74.59 -62.49 -10.92
N ARG R 268 -74.38 -61.17 -10.86
CA ARG R 268 -73.42 -60.60 -9.90
C ARG R 268 -73.90 -60.70 -8.45
N LEU R 269 -75.20 -60.52 -8.21
CA LEU R 269 -75.69 -60.45 -6.83
C LEU R 269 -75.67 -61.79 -6.10
N PRO R 270 -75.96 -62.95 -6.72
CA PRO R 270 -75.58 -64.20 -6.04
C PRO R 270 -74.10 -64.48 -6.09
N LEU R 271 -73.38 -63.92 -7.06
CA LEU R 271 -71.96 -64.22 -7.24
C LEU R 271 -71.13 -63.71 -6.07
N TYR R 272 -71.32 -62.44 -5.73
CA TYR R 272 -70.55 -61.85 -4.63
C TYR R 272 -71.04 -62.38 -3.30
N GLU R 273 -72.29 -62.86 -3.25
CA GLU R 273 -72.75 -63.66 -2.12
C GLU R 273 -72.05 -64.99 -2.03
N ALA R 274 -71.69 -65.59 -3.17
CA ALA R 274 -70.91 -66.82 -3.13
C ALA R 274 -69.43 -66.55 -2.89
N LEU R 275 -68.99 -65.30 -3.07
CA LEU R 275 -67.59 -64.94 -2.88
C LEU R 275 -67.17 -65.11 -1.43
N VAL R 276 -67.99 -64.63 -0.50
CA VAL R 276 -67.67 -64.77 0.91
C VAL R 276 -67.77 -66.22 1.35
N ALA R 277 -68.78 -66.93 0.85
CA ALA R 277 -69.12 -68.27 1.33
C ALA R 277 -68.04 -69.28 0.98
N TRP R 278 -67.49 -69.21 -0.23
CA TRP R 278 -66.37 -70.06 -0.59
C TRP R 278 -65.14 -69.72 0.25
N LEU R 279 -64.85 -68.42 0.36
CA LEU R 279 -63.66 -68.00 1.10
C LEU R 279 -63.86 -68.17 2.60
N ALA R 280 -65.11 -68.23 3.05
CA ALA R 280 -65.39 -68.69 4.41
C ALA R 280 -65.02 -70.16 4.56
N HIS R 281 -65.34 -70.97 3.56
CA HIS R 281 -64.97 -72.38 3.61
C HIS R 281 -63.46 -72.55 3.45
N ALA R 282 -62.82 -71.60 2.77
CA ALA R 282 -61.38 -71.66 2.57
C ALA R 282 -60.65 -71.42 3.89
N GLY R 283 -61.13 -70.47 4.69
CA GLY R 283 -60.55 -70.21 5.98
C GLY R 283 -60.77 -71.33 6.98
N GLN R 284 -61.82 -72.13 6.78
CA GLN R 284 -61.98 -73.36 7.55
C GLN R 284 -60.85 -74.33 7.25
N LEU R 285 -60.58 -74.58 5.96
CA LEU R 285 -59.70 -75.66 5.55
C LEU R 285 -58.24 -75.41 5.90
N GLY R 286 -57.83 -74.15 5.89
CA GLY R 286 -56.48 -73.81 6.31
C GLY R 286 -56.24 -74.12 7.77
N ASP R 287 -57.27 -73.93 8.60
CA ASP R 287 -57.19 -74.38 9.98
C ASP R 287 -57.32 -75.90 10.06
N ILE R 288 -58.04 -76.50 9.12
CA ILE R 288 -58.17 -77.96 9.08
C ILE R 288 -56.87 -78.59 8.61
N LEU R 289 -56.41 -78.18 7.43
CA LEU R 289 -55.30 -78.88 6.80
C LEU R 289 -53.97 -78.35 7.30
N ALA R 290 -52.92 -78.81 6.64
CA ALA R 290 -51.53 -78.35 6.65
C ALA R 290 -50.77 -78.71 7.92
N LEU R 291 -51.44 -79.18 9.00
CA LEU R 291 -50.82 -79.87 10.14
C LEU R 291 -49.66 -79.13 10.80
N ALA R 292 -49.94 -78.01 11.45
CA ALA R 292 -48.90 -77.12 11.94
C ALA R 292 -48.02 -77.80 12.99
N PRO R 293 -46.73 -77.49 13.06
CA PRO R 293 -45.87 -78.09 14.09
C PRO R 293 -46.20 -77.56 15.48
N ALA R 294 -46.15 -78.46 16.46
CA ALA R 294 -46.51 -78.09 17.82
C ALA R 294 -45.35 -78.32 18.78
N VAL R 295 -44.57 -79.39 18.57
CA VAL R 295 -43.47 -79.74 19.46
C VAL R 295 -42.24 -79.99 18.58
N ARG R 296 -41.04 -79.83 19.15
CA ARG R 296 -39.82 -80.06 18.39
C ARG R 296 -38.97 -81.19 18.95
N VAL R 297 -38.48 -82.02 18.05
CA VAL R 297 -37.30 -82.84 18.32
C VAL R 297 -36.09 -81.97 18.02
N CYS R 298 -35.33 -81.64 19.06
CA CYS R 298 -33.96 -81.18 18.91
C CYS R 298 -33.24 -81.63 20.17
N THR R 299 -32.66 -82.83 20.13
CA THR R 299 -32.25 -83.57 21.30
C THR R 299 -30.85 -83.14 21.74
N PHE R 300 -30.24 -83.95 22.59
CA PHE R 300 -28.83 -83.83 22.89
C PHE R 300 -28.17 -85.18 23.07
N ASP R 301 -26.98 -85.34 22.48
CA ASP R 301 -26.10 -86.50 22.65
C ASP R 301 -26.80 -87.79 22.25
N GLY R 302 -27.63 -87.70 21.20
CA GLY R 302 -28.30 -88.86 20.67
C GLY R 302 -27.60 -89.31 19.42
N ALA R 303 -28.17 -90.35 18.81
CA ALA R 303 -27.64 -90.82 17.53
C ALA R 303 -28.26 -90.04 16.36
N ALA R 304 -29.06 -89.02 16.66
CA ALA R 304 -29.76 -88.06 15.78
C ALA R 304 -30.88 -88.72 14.99
N VAL R 305 -31.07 -90.03 15.09
CA VAL R 305 -32.01 -90.79 14.29
C VAL R 305 -32.77 -91.71 15.22
N VAL R 306 -34.09 -91.58 15.25
CA VAL R 306 -34.95 -92.30 16.18
C VAL R 306 -35.53 -93.51 15.45
N GLN R 307 -35.73 -94.61 16.16
CA GLN R 307 -36.37 -95.77 15.57
C GLN R 307 -37.71 -96.06 16.24
N SER R 308 -38.52 -96.88 15.56
CA SER R 308 -39.87 -97.19 15.99
C SER R 308 -39.88 -97.97 17.29
N GLY R 309 -40.51 -97.40 18.31
CA GLY R 309 -40.55 -98.01 19.62
C GLY R 309 -39.53 -97.49 20.60
N ASP R 310 -38.65 -96.59 20.16
CA ASP R 310 -37.60 -96.02 21.00
C ASP R 310 -37.96 -94.61 21.40
N MET R 311 -37.49 -94.20 22.58
CA MET R 311 -37.79 -92.86 23.08
C MET R 311 -36.96 -91.81 22.36
N ALA R 312 -37.36 -90.54 22.52
CA ALA R 312 -36.65 -89.40 21.96
C ALA R 312 -36.87 -88.17 22.82
N PRO R 313 -35.81 -87.43 23.17
CA PRO R 313 -36.00 -86.18 23.90
C PRO R 313 -36.62 -85.11 23.01
N VAL R 314 -37.78 -84.61 23.43
CA VAL R 314 -38.57 -83.74 22.56
C VAL R 314 -38.81 -82.44 23.31
N ILE R 315 -38.54 -81.31 22.63
CA ILE R 315 -38.54 -80.00 23.28
C ILE R 315 -39.71 -79.17 22.76
N ARG R 316 -40.05 -78.13 23.52
CA ARG R 316 -41.44 -77.69 23.63
C ARG R 316 -41.96 -77.01 22.37
N TYR R 317 -41.31 -75.94 21.92
CA TYR R 317 -41.94 -75.05 20.95
C TYR R 317 -41.24 -75.11 19.60
N PRO R 318 -41.97 -74.99 18.47
CA PRO R 318 -41.34 -74.82 17.16
C PRO R 318 -40.56 -73.51 17.02
N CYS S 5 -40.74 -61.36 29.47
CA CYS S 5 -41.57 -60.40 28.77
C CYS S 5 -40.74 -59.58 27.81
N PHE S 6 -39.46 -59.42 28.12
CA PHE S 6 -38.54 -58.50 27.45
C PHE S 6 -39.15 -57.10 27.52
N GLU S 7 -39.17 -56.53 28.74
CA GLU S 7 -40.03 -55.42 29.13
C GLU S 7 -39.86 -54.18 28.25
N ALA S 8 -41.00 -53.63 27.83
CA ALA S 8 -41.06 -52.42 27.02
C ALA S 8 -42.03 -51.44 27.68
N ASP S 9 -41.58 -50.19 27.85
CA ASP S 9 -42.38 -49.20 28.55
C ASP S 9 -42.83 -48.08 27.61
N ILE S 10 -43.99 -47.51 27.93
CA ILE S 10 -44.45 -46.27 27.32
C ILE S 10 -44.87 -45.32 28.43
N ALA S 11 -44.18 -44.19 28.52
CA ALA S 11 -44.35 -43.26 29.63
C ALA S 11 -45.58 -42.41 29.41
N ILE S 12 -46.06 -41.80 30.50
CA ILE S 12 -47.10 -40.78 30.38
C ILE S 12 -46.44 -39.44 30.06
N PRO S 13 -46.50 -38.95 28.81
CA PRO S 13 -45.58 -37.89 28.39
C PRO S 13 -45.81 -36.53 29.00
N SER S 14 -47.03 -35.98 28.87
CA SER S 14 -47.26 -34.60 29.26
C SER S 14 -48.66 -34.39 29.81
N GLY S 15 -48.76 -34.21 31.12
CA GLY S 15 -50.02 -33.91 31.75
C GLY S 15 -51.09 -34.98 31.73
N ILE S 16 -52.16 -34.75 32.48
CA ILE S 16 -53.20 -35.73 32.77
C ILE S 16 -54.52 -35.00 32.98
N SER S 17 -55.56 -35.41 32.26
CA SER S 17 -56.91 -35.08 32.66
C SER S 17 -57.28 -36.08 33.75
N ARG S 18 -57.68 -35.56 34.91
CA ARG S 18 -57.75 -36.40 36.11
C ARG S 18 -58.77 -37.54 36.05
N PRO S 19 -59.95 -37.44 35.39
CA PRO S 19 -60.69 -38.67 35.12
C PRO S 19 -60.08 -39.55 34.03
N ASP S 20 -59.32 -38.95 33.11
CA ASP S 20 -58.79 -39.72 32.00
C ASP S 20 -57.61 -40.59 32.44
N ALA S 21 -57.00 -40.28 33.59
CA ALA S 21 -56.06 -41.22 34.19
C ALA S 21 -56.76 -42.50 34.61
N ALA S 22 -58.01 -42.40 35.07
CA ALA S 22 -58.81 -43.57 35.34
C ALA S 22 -59.28 -44.25 34.05
N ALA S 23 -59.34 -43.50 32.94
CA ALA S 23 -59.69 -44.12 31.66
C ALA S 23 -58.56 -45.04 31.19
N LEU S 24 -57.31 -44.73 31.54
CA LEU S 24 -56.22 -45.63 31.24
C LEU S 24 -56.18 -46.83 32.17
N GLN S 25 -56.91 -46.79 33.29
CA GLN S 25 -56.92 -47.93 34.19
C GLN S 25 -57.83 -49.03 33.66
N ARG S 26 -58.99 -48.67 33.11
CA ARG S 26 -59.93 -49.65 32.57
C ARG S 26 -59.59 -50.09 31.16
N CYS S 27 -58.42 -49.73 30.65
CA CYS S 27 -57.91 -50.28 29.41
C CYS S 27 -56.87 -51.37 29.64
N GLU S 28 -56.80 -51.89 30.85
CA GLU S 28 -55.88 -52.97 31.16
C GLU S 28 -56.33 -54.25 30.46
N GLY S 29 -55.39 -54.88 29.74
CA GLY S 29 -55.71 -56.02 28.92
C GLY S 29 -56.07 -55.68 27.49
N ARG S 30 -55.93 -54.43 27.06
CA ARG S 30 -56.19 -54.09 25.68
C ARG S 30 -54.91 -54.18 24.86
N VAL S 31 -54.96 -53.72 23.61
CA VAL S 31 -53.85 -53.88 22.69
C VAL S 31 -53.44 -52.51 22.14
N VAL S 32 -52.13 -52.23 22.20
CA VAL S 32 -51.52 -51.06 21.59
C VAL S 32 -50.68 -51.50 20.39
N PHE S 33 -50.92 -50.88 19.25
CA PHE S 33 -50.09 -51.06 18.06
C PHE S 33 -49.00 -50.00 18.10
N LEU S 34 -47.80 -50.41 18.47
CA LEU S 34 -46.61 -49.57 18.45
C LEU S 34 -45.64 -50.08 17.39
N PRO S 35 -45.21 -49.23 16.44
CA PRO S 35 -44.54 -49.73 15.24
C PRO S 35 -43.03 -49.93 15.41
N THR S 36 -42.63 -50.50 16.54
CA THR S 36 -41.23 -50.60 16.93
C THR S 36 -40.98 -51.71 17.96
N ILE S 37 -39.73 -51.82 18.40
CA ILE S 37 -39.34 -52.51 19.63
C ILE S 37 -38.47 -51.54 20.40
N ARG S 38 -39.01 -50.96 21.48
CA ARG S 38 -38.34 -49.91 22.23
C ARG S 38 -38.24 -50.29 23.70
N ARG S 39 -37.25 -49.74 24.37
CA ARG S 39 -37.21 -49.72 25.82
C ARG S 39 -37.97 -48.53 26.40
N GLN S 40 -38.18 -47.47 25.62
CA GLN S 40 -39.05 -46.35 25.97
C GLN S 40 -39.51 -45.70 24.67
N LEU S 41 -40.76 -45.22 24.66
CA LEU S 41 -41.32 -44.59 23.47
C LEU S 41 -42.42 -43.63 23.89
N ALA S 42 -42.56 -42.55 23.13
CA ALA S 42 -43.58 -41.54 23.34
C ALA S 42 -44.96 -42.10 23.00
N LEU S 43 -45.99 -41.38 23.43
CA LEU S 43 -47.36 -41.85 23.22
C LEU S 43 -47.92 -41.30 21.91
N ALA S 44 -47.11 -40.57 21.15
CA ALA S 44 -47.57 -39.96 19.90
C ALA S 44 -47.81 -40.96 18.79
N ASP S 45 -46.96 -41.99 18.66
CA ASP S 45 -47.16 -42.98 17.61
C ASP S 45 -48.21 -44.01 18.00
N VAL S 46 -48.70 -43.94 19.24
CA VAL S 46 -49.67 -44.91 19.73
C VAL S 46 -51.05 -44.72 19.09
N ALA S 47 -51.57 -43.49 19.10
CA ALA S 47 -52.98 -43.27 18.85
C ALA S 47 -53.33 -43.35 17.36
N HIS S 48 -54.61 -43.09 17.07
CA HIS S 48 -55.13 -43.23 15.71
C HIS S 48 -54.68 -42.10 14.80
N GLU S 49 -54.21 -40.98 15.36
CA GLU S 49 -53.60 -39.95 14.54
C GLU S 49 -52.31 -40.42 13.88
N SER S 50 -51.63 -41.39 14.48
CA SER S 50 -50.52 -42.05 13.81
C SER S 50 -51.01 -43.10 12.81
N PHE S 51 -52.17 -43.70 13.08
CA PHE S 51 -52.80 -44.60 12.11
C PHE S 51 -53.24 -43.86 10.85
N VAL S 52 -53.63 -42.60 10.98
CA VAL S 52 -53.94 -41.76 9.83
C VAL S 52 -52.65 -41.53 9.04
N SER S 53 -52.71 -41.82 7.75
CA SER S 53 -51.55 -41.65 6.86
C SER S 53 -51.44 -40.17 6.49
N GLY S 54 -50.68 -39.89 5.43
CA GLY S 54 -50.56 -38.53 4.94
C GLY S 54 -51.88 -37.97 4.43
N GLY S 55 -52.47 -37.06 5.20
CA GLY S 55 -53.69 -36.39 4.83
C GLY S 55 -54.98 -37.16 5.04
N VAL S 56 -54.97 -38.48 4.90
CA VAL S 56 -56.20 -39.27 4.86
C VAL S 56 -56.16 -40.37 5.91
N SER S 57 -57.32 -40.69 6.48
CA SER S 57 -57.45 -41.76 7.46
C SER S 57 -57.75 -43.08 6.75
N PRO S 58 -57.26 -44.21 7.25
CA PRO S 58 -57.55 -45.49 6.59
C PRO S 58 -58.97 -45.94 6.80
N ASP S 59 -59.47 -46.70 5.83
CA ASP S 59 -60.75 -47.40 5.97
C ASP S 59 -60.52 -48.67 6.78
N THR S 60 -61.59 -49.40 7.06
CA THR S 60 -61.51 -50.63 7.85
C THR S 60 -60.83 -51.76 7.10
N LEU S 61 -60.63 -51.62 5.80
CA LEU S 61 -59.69 -52.44 5.08
C LEU S 61 -58.29 -51.84 5.05
N GLY S 62 -58.18 -50.52 5.06
CA GLY S 62 -56.87 -49.90 5.16
C GLY S 62 -56.28 -50.03 6.55
N LEU S 63 -57.13 -50.05 7.56
CA LEU S 63 -56.65 -50.27 8.92
C LEU S 63 -56.15 -51.70 9.10
N LEU S 64 -56.71 -52.65 8.35
CA LEU S 64 -56.10 -53.96 8.24
C LEU S 64 -54.71 -53.85 7.66
N LEU S 65 -54.57 -53.05 6.60
CA LEU S 65 -53.27 -52.83 6.02
C LEU S 65 -52.42 -51.91 6.89
N ALA S 66 -53.06 -51.09 7.72
CA ALA S 66 -52.30 -50.31 8.70
C ALA S 66 -51.89 -51.17 9.88
N TYR S 67 -52.74 -52.12 10.27
CA TYR S 67 -52.34 -53.06 11.33
C TYR S 67 -51.42 -54.14 10.81
N ARG S 68 -51.23 -54.20 9.49
CA ARG S 68 -50.23 -55.09 8.92
C ARG S 68 -48.83 -54.71 9.40
N ARG S 69 -48.34 -53.54 9.01
CA ARG S 69 -46.97 -53.16 9.31
C ARG S 69 -46.85 -52.32 10.57
N ARG S 70 -47.47 -52.80 11.65
CA ARG S 70 -47.15 -52.34 13.01
C ARG S 70 -47.15 -53.53 13.96
N PHE S 71 -46.83 -53.30 15.23
CA PHE S 71 -46.61 -54.40 16.17
C PHE S 71 -47.62 -54.30 17.32
N PRO S 72 -48.45 -55.31 17.54
CA PRO S 72 -49.37 -55.27 18.69
C PRO S 72 -48.61 -55.44 20.01
N ALA S 73 -49.18 -54.89 21.08
CA ALA S 73 -48.57 -54.98 22.40
C ALA S 73 -49.66 -55.07 23.45
N VAL S 74 -49.40 -55.84 24.51
CA VAL S 74 -50.39 -56.11 25.56
C VAL S 74 -50.15 -55.14 26.72
N ILE S 75 -51.21 -54.45 27.15
CA ILE S 75 -51.12 -53.69 28.40
C ILE S 75 -50.97 -54.67 29.55
N THR S 76 -49.86 -54.54 30.28
CA THR S 76 -49.57 -55.43 31.40
C THR S 76 -49.89 -54.77 32.74
N ARG S 77 -49.28 -53.62 33.02
CA ARG S 77 -49.49 -52.92 34.26
C ARG S 77 -49.51 -51.43 33.98
N VAL S 78 -50.39 -50.71 34.68
CA VAL S 78 -50.65 -49.30 34.42
C VAL S 78 -50.13 -48.50 35.60
N LEU S 79 -49.09 -47.72 35.37
CA LEU S 79 -48.55 -46.76 36.32
C LEU S 79 -49.05 -45.36 35.99
N PRO S 80 -48.98 -44.42 36.94
CA PRO S 80 -49.21 -43.02 36.57
C PRO S 80 -48.03 -42.40 35.83
N THR S 81 -46.88 -43.07 35.83
CA THR S 81 -45.71 -42.61 35.09
C THR S 81 -45.56 -43.30 33.75
N ARG S 82 -45.73 -44.62 33.70
CA ARG S 82 -45.52 -45.36 32.47
C ARG S 82 -46.65 -46.36 32.26
N ILE S 83 -46.60 -47.04 31.11
CA ILE S 83 -47.44 -48.19 30.82
C ILE S 83 -46.54 -49.26 30.23
N VAL S 84 -46.44 -50.39 30.90
CA VAL S 84 -45.54 -51.47 30.52
C VAL S 84 -46.25 -52.37 29.52
N ALA S 85 -45.69 -52.49 28.33
CA ALA S 85 -46.31 -53.28 27.27
C ALA S 85 -45.38 -54.43 26.90
N CYS S 86 -45.97 -55.57 26.56
CA CYS S 86 -45.18 -56.76 26.30
C CYS S 86 -45.23 -57.05 24.82
N PRO S 87 -44.10 -57.14 24.13
CA PRO S 87 -44.08 -57.22 22.66
C PRO S 87 -44.51 -58.56 22.10
N VAL S 88 -45.81 -58.69 21.80
CA VAL S 88 -46.52 -59.86 21.27
C VAL S 88 -45.74 -60.65 20.22
N ASP S 89 -45.10 -59.93 19.29
CA ASP S 89 -44.34 -60.56 18.22
C ASP S 89 -43.13 -61.34 18.72
N LEU S 90 -42.49 -60.89 19.80
CA LEU S 90 -41.37 -61.63 20.38
C LEU S 90 -41.72 -62.19 21.76
N GLY S 91 -42.06 -61.29 22.68
CA GLY S 91 -42.13 -61.59 24.09
C GLY S 91 -43.43 -62.22 24.54
N LEU S 92 -43.87 -63.25 23.83
CA LEU S 92 -45.01 -64.05 24.21
C LEU S 92 -44.60 -65.25 25.05
N THR S 93 -43.32 -65.35 25.40
CA THR S 93 -42.80 -66.42 26.25
C THR S 93 -43.27 -66.16 27.68
N HIS S 94 -44.52 -66.54 27.93
CA HIS S 94 -45.18 -66.33 29.21
C HIS S 94 -45.88 -67.59 29.66
N ALA S 95 -45.22 -68.31 30.57
CA ALA S 95 -45.90 -69.39 31.28
C ALA S 95 -46.87 -68.82 32.32
N GLY S 96 -46.71 -67.54 32.65
CA GLY S 96 -47.67 -66.84 33.47
C GLY S 96 -48.89 -66.42 32.68
N THR S 97 -48.83 -66.55 31.34
CA THR S 97 -49.91 -66.30 30.39
C THR S 97 -50.51 -64.91 30.56
N VAL S 98 -49.72 -63.89 30.20
CA VAL S 98 -50.08 -62.49 30.38
C VAL S 98 -51.46 -62.19 29.78
N ASN S 99 -52.25 -61.43 30.54
CA ASN S 99 -53.69 -61.47 30.40
C ASN S 99 -54.19 -60.37 29.50
N LEU S 100 -55.33 -60.60 28.86
CA LEU S 100 -55.89 -59.70 27.86
C LEU S 100 -57.32 -59.37 28.27
N ARG S 101 -57.88 -58.32 27.68
CA ARG S 101 -59.27 -57.96 27.93
C ARG S 101 -60.09 -58.19 26.68
N ASN S 102 -61.14 -58.98 26.81
CA ASN S 102 -62.09 -59.24 25.72
C ASN S 102 -63.07 -58.08 25.64
N THR S 103 -63.02 -57.31 24.56
CA THR S 103 -63.95 -56.21 24.33
C THR S 103 -64.69 -56.56 23.05
N SER S 104 -65.74 -57.36 23.17
CA SER S 104 -66.40 -57.93 22.00
C SER S 104 -67.78 -58.43 22.38
N PRO S 105 -68.78 -58.31 21.49
CA PRO S 105 -70.12 -58.79 21.82
C PRO S 105 -70.26 -60.30 21.84
N VAL S 106 -69.29 -61.04 21.29
CA VAL S 106 -69.38 -62.49 21.22
C VAL S 106 -68.75 -63.13 22.45
N ASP S 107 -69.49 -63.99 23.13
CA ASP S 107 -68.97 -64.89 24.14
C ASP S 107 -68.29 -66.01 23.37
N LEU S 108 -67.01 -66.28 23.67
CA LEU S 108 -66.16 -66.84 22.61
C LEU S 108 -66.31 -68.35 22.50
N CYS S 109 -65.55 -69.08 23.31
CA CYS S 109 -65.41 -70.54 23.48
C CYS S 109 -64.22 -70.71 24.40
N ASN S 110 -63.86 -71.93 24.77
CA ASN S 110 -62.49 -72.22 25.19
C ASN S 110 -61.78 -72.83 24.00
N GLY S 111 -60.55 -72.40 23.75
CA GLY S 111 -59.72 -73.00 22.73
C GLY S 111 -59.74 -72.29 21.39
N ASP S 112 -60.37 -71.12 21.30
CA ASP S 112 -60.37 -70.38 20.04
C ASP S 112 -59.02 -69.75 19.80
N PRO S 113 -58.48 -69.81 18.58
CA PRO S 113 -57.50 -68.82 18.17
C PRO S 113 -58.17 -67.46 18.11
N VAL S 114 -57.43 -66.43 18.49
CA VAL S 114 -57.95 -65.07 18.57
C VAL S 114 -57.08 -64.17 17.72
N SER S 115 -57.69 -63.54 16.72
CA SER S 115 -57.02 -62.55 15.91
C SER S 115 -57.69 -61.20 16.09
N LEU S 116 -56.96 -60.14 15.79
CA LEU S 116 -57.41 -58.79 16.08
C LEU S 116 -57.99 -58.14 14.84
N VAL S 117 -59.10 -57.44 15.03
CA VAL S 117 -59.85 -56.79 13.96
C VAL S 117 -60.08 -55.35 14.40
N PRO S 118 -59.97 -54.36 13.50
CA PRO S 118 -60.31 -52.97 13.86
C PRO S 118 -61.76 -52.83 14.30
N PRO S 119 -62.07 -51.81 15.09
CA PRO S 119 -63.48 -51.58 15.47
C PRO S 119 -64.33 -51.19 14.28
N VAL S 120 -65.27 -52.07 13.93
CA VAL S 120 -66.09 -51.87 12.75
C VAL S 120 -67.54 -52.12 13.14
N PHE S 121 -67.75 -52.48 14.41
CA PHE S 121 -69.06 -52.82 14.94
C PHE S 121 -69.95 -51.58 15.01
N GLU S 122 -71.27 -51.82 15.07
CA GLU S 122 -72.21 -50.71 15.10
C GLU S 122 -72.29 -50.07 16.48
N GLY S 123 -71.99 -50.83 17.53
CA GLY S 123 -72.12 -50.29 18.87
C GLY S 123 -70.95 -50.49 19.80
N GLN S 124 -69.84 -51.06 19.32
CA GLN S 124 -68.67 -51.25 20.16
C GLN S 124 -67.47 -50.50 19.61
N ALA S 125 -67.66 -49.21 19.29
CA ALA S 125 -66.69 -48.29 18.64
C ALA S 125 -65.35 -48.29 19.38
N THR S 126 -65.31 -48.52 20.70
CA THR S 126 -64.15 -48.49 21.58
C THR S 126 -63.46 -47.13 21.52
N ASP S 127 -64.23 -46.08 21.36
CA ASP S 127 -63.71 -44.73 21.26
C ASP S 127 -63.57 -44.11 22.64
N VAL S 128 -62.31 -43.93 23.07
CA VAL S 128 -61.99 -43.18 24.27
C VAL S 128 -61.14 -41.98 23.86
N ARG S 129 -61.46 -40.81 24.42
CA ARG S 129 -60.89 -39.56 23.95
C ARG S 129 -60.06 -38.88 25.04
N LEU S 130 -58.89 -38.40 24.64
CA LEU S 130 -58.00 -37.64 25.51
C LEU S 130 -57.93 -36.23 24.94
N GLU S 131 -58.13 -35.23 25.80
CA GLU S 131 -58.17 -33.84 25.33
C GLU S 131 -56.96 -33.04 25.82
N SER S 132 -56.35 -33.44 26.94
CA SER S 132 -55.10 -32.81 27.35
C SER S 132 -53.97 -33.16 26.40
N LEU S 133 -53.82 -34.46 26.11
CA LEU S 133 -53.06 -34.94 24.97
C LEU S 133 -54.04 -35.24 23.86
N ASP S 134 -54.08 -34.39 22.83
CA ASP S 134 -55.15 -34.47 21.84
C ASP S 134 -54.98 -35.69 20.96
N LEU S 135 -55.59 -36.81 21.37
CA LEU S 135 -55.43 -38.09 20.69
C LEU S 135 -56.75 -38.83 20.69
N THR S 136 -56.94 -39.67 19.68
CA THR S 136 -58.10 -40.53 19.52
C THR S 136 -57.65 -41.98 19.56
N LEU S 137 -58.41 -42.82 20.26
CA LEU S 137 -57.98 -44.20 20.49
C LEU S 137 -59.04 -45.17 19.98
N ARG S 138 -58.66 -46.01 19.03
CA ARG S 138 -59.47 -47.12 18.58
C ARG S 138 -58.82 -48.42 19.03
N PHE S 139 -59.43 -49.10 19.98
CA PHE S 139 -58.85 -50.38 20.36
C PHE S 139 -59.32 -51.45 19.40
N PRO S 140 -58.47 -52.43 19.08
CA PRO S 140 -58.94 -53.52 18.23
C PRO S 140 -59.88 -54.42 19.01
N VAL S 141 -60.72 -55.13 18.26
CA VAL S 141 -61.72 -56.01 18.84
C VAL S 141 -61.20 -57.44 18.72
N PRO S 142 -60.79 -58.08 19.80
CA PRO S 142 -60.40 -59.49 19.71
C PRO S 142 -61.61 -60.38 19.51
N LEU S 143 -61.49 -61.28 18.53
CA LEU S 143 -62.59 -62.13 18.09
C LEU S 143 -62.09 -63.54 17.82
N PRO S 144 -62.96 -64.55 17.80
CA PRO S 144 -62.53 -65.87 17.33
C PRO S 144 -62.24 -65.84 15.83
N THR S 145 -61.29 -66.67 15.42
CA THR S 145 -60.74 -66.56 14.07
C THR S 145 -61.64 -67.03 12.92
N PRO S 146 -62.48 -68.08 13.01
CA PRO S 146 -63.45 -68.29 11.92
C PRO S 146 -64.46 -67.17 11.80
N LEU S 147 -64.90 -66.62 12.93
CA LEU S 147 -65.74 -65.44 12.88
C LEU S 147 -64.95 -64.24 12.37
N ALA S 148 -63.63 -64.22 12.63
CA ALA S 148 -62.80 -63.18 12.04
C ALA S 148 -62.65 -63.38 10.54
N ARG S 149 -62.55 -64.62 10.08
CA ARG S 149 -62.43 -64.86 8.65
C ARG S 149 -63.77 -64.73 7.94
N GLU S 150 -64.87 -64.67 8.68
CA GLU S 150 -66.16 -64.42 8.06
C GLU S 150 -66.39 -62.94 7.82
N ILE S 151 -65.56 -62.09 8.43
CA ILE S 151 -65.77 -60.64 8.36
C ILE S 151 -65.00 -60.04 7.20
N VAL S 152 -63.74 -60.44 7.03
CA VAL S 152 -62.84 -59.77 6.10
C VAL S 152 -63.26 -60.06 4.65
N ALA S 153 -63.86 -61.23 4.43
CA ALA S 153 -64.38 -61.55 3.10
C ALA S 153 -65.58 -60.67 2.76
N ARG S 154 -66.36 -60.29 3.77
CA ARG S 154 -67.50 -59.42 3.53
C ARG S 154 -67.05 -58.02 3.13
N LEU S 155 -66.08 -57.48 3.84
CA LEU S 155 -65.78 -56.05 3.71
C LEU S 155 -65.02 -55.76 2.43
N VAL S 156 -64.24 -56.71 1.94
CA VAL S 156 -63.57 -56.54 0.65
C VAL S 156 -64.58 -56.66 -0.48
N ALA S 157 -65.49 -57.64 -0.38
CA ALA S 157 -66.51 -57.83 -1.41
C ALA S 157 -67.53 -56.71 -1.41
N ARG S 158 -67.75 -56.09 -0.25
CA ARG S 158 -68.51 -54.86 -0.20
C ARG S 158 -67.78 -53.73 -0.92
N GLY S 159 -66.45 -53.73 -0.84
CA GLY S 159 -65.67 -52.80 -1.63
C GLY S 159 -65.45 -53.26 -3.06
N ILE S 160 -65.67 -54.55 -3.34
CA ILE S 160 -65.76 -55.00 -4.73
C ILE S 160 -67.00 -54.41 -5.37
N ARG S 161 -68.08 -54.28 -4.60
CA ARG S 161 -69.27 -53.60 -5.09
C ARG S 161 -69.10 -52.08 -5.06
N ASP S 162 -67.96 -51.58 -4.56
CA ASP S 162 -67.65 -50.17 -4.69
C ASP S 162 -66.99 -49.83 -6.03
N LEU S 163 -66.56 -50.84 -6.80
CA LEU S 163 -66.00 -50.60 -8.12
C LEU S 163 -67.09 -50.53 -9.19
N ASN S 164 -68.01 -51.48 -9.17
CA ASN S 164 -69.09 -51.53 -10.14
C ASN S 164 -70.43 -51.21 -9.49
N PRO S 165 -71.28 -50.37 -10.10
CA PRO S 165 -72.58 -50.05 -9.52
C PRO S 165 -73.58 -51.21 -9.67
N ARG S 168 -75.17 -50.50 -12.57
CA ARG S 168 -75.38 -51.86 -13.05
C ARG S 168 -76.60 -52.47 -12.39
N THR S 169 -76.38 -53.06 -11.22
CA THR S 169 -77.45 -53.70 -10.48
C THR S 169 -78.39 -52.65 -9.88
N PRO S 170 -79.64 -53.02 -9.56
CA PRO S 170 -80.51 -52.11 -8.81
C PRO S 170 -80.00 -51.91 -7.39
N GLY S 171 -80.43 -50.83 -6.74
CA GLY S 171 -79.93 -50.40 -5.45
C GLY S 171 -80.16 -51.34 -4.29
N GLU S 172 -81.10 -52.26 -4.40
CA GLU S 172 -81.33 -53.29 -3.39
C GLU S 172 -80.26 -54.37 -3.58
N LEU S 173 -79.14 -54.20 -2.91
CA LEU S 173 -78.09 -55.21 -2.95
C LEU S 173 -78.14 -56.01 -1.66
N PRO S 174 -77.66 -57.25 -1.64
CA PRO S 174 -77.41 -57.91 -0.36
C PRO S 174 -76.30 -57.20 0.39
N ASP S 175 -76.65 -56.76 1.60
CA ASP S 175 -75.93 -55.74 2.34
C ASP S 175 -74.53 -56.15 2.77
N LEU S 176 -74.31 -57.47 2.87
CA LEU S 176 -73.13 -58.09 3.49
C LEU S 176 -72.99 -57.58 4.91
N ASN S 177 -74.11 -57.36 5.60
CA ASN S 177 -74.14 -56.66 6.86
C ASN S 177 -75.07 -57.34 7.86
N VAL S 178 -75.29 -58.64 7.71
CA VAL S 178 -75.97 -59.47 8.69
C VAL S 178 -75.10 -60.69 8.95
N LEU S 179 -74.64 -60.85 10.19
CA LEU S 179 -73.73 -61.94 10.55
C LEU S 179 -74.45 -62.92 11.47
N TYR S 180 -73.91 -64.14 11.53
CA TYR S 180 -74.55 -65.28 12.18
C TYR S 180 -73.54 -66.04 13.03
N TYR S 181 -73.72 -66.00 14.35
CA TYR S 181 -73.04 -66.91 15.27
C TYR S 181 -74.07 -67.48 16.23
N ASN S 182 -74.68 -68.62 15.83
CA ASN S 182 -75.57 -69.48 16.64
C ASN S 182 -76.91 -68.76 16.84
N GLY S 183 -77.10 -67.56 16.31
CA GLY S 183 -78.20 -66.67 16.59
C GLY S 183 -77.63 -65.31 16.24
N ALA S 184 -77.82 -64.32 17.12
CA ALA S 184 -76.95 -63.15 17.25
C ALA S 184 -76.76 -62.34 15.97
N ARG S 185 -77.84 -61.73 15.47
CA ARG S 185 -77.78 -60.93 14.27
C ARG S 185 -76.90 -59.70 14.50
N LEU S 186 -75.82 -59.59 13.73
CA LEU S 186 -74.85 -58.52 13.87
C LEU S 186 -74.91 -57.62 12.64
N SER S 187 -74.98 -56.31 12.85
CA SER S 187 -74.89 -55.33 11.78
C SER S 187 -73.64 -54.48 12.01
N LEU S 188 -72.86 -54.29 10.95
CA LEU S 188 -71.62 -53.53 11.05
C LEU S 188 -71.77 -52.21 10.29
N VAL S 189 -70.67 -51.46 10.21
CA VAL S 189 -70.68 -50.11 9.67
C VAL S 189 -70.22 -50.13 8.23
N ALA S 190 -70.97 -49.48 7.34
CA ALA S 190 -70.58 -49.30 5.94
C ALA S 190 -70.65 -47.81 5.62
N ASP S 191 -69.54 -47.10 5.78
CA ASP S 191 -69.56 -45.65 5.65
C ASP S 191 -68.64 -45.16 4.54
N VAL S 192 -67.42 -45.69 4.46
CA VAL S 192 -66.45 -45.23 3.48
C VAL S 192 -65.60 -46.41 3.05
N GLN S 193 -65.33 -46.48 1.74
CA GLN S 193 -64.49 -47.51 1.15
C GLN S 193 -63.43 -46.86 0.29
N GLN S 194 -62.23 -46.69 0.86
CA GLN S 194 -61.08 -46.19 0.13
C GLN S 194 -60.66 -47.22 -0.90
N LEU S 195 -60.24 -46.74 -2.07
CA LEU S 195 -60.08 -47.60 -3.23
C LEU S 195 -58.80 -48.42 -3.18
N ALA S 196 -57.69 -47.79 -2.79
CA ALA S 196 -56.40 -48.48 -2.83
C ALA S 196 -56.32 -49.58 -1.78
N SER S 197 -57.03 -49.41 -0.66
CA SER S 197 -57.14 -50.48 0.32
C SER S 197 -57.99 -51.62 -0.21
N VAL S 198 -58.98 -51.30 -1.04
CA VAL S 198 -59.73 -52.33 -1.73
C VAL S 198 -58.91 -52.95 -2.85
N ASN S 199 -58.19 -52.12 -3.62
CA ASN S 199 -57.56 -52.58 -4.85
C ASN S 199 -56.39 -53.53 -4.56
N THR S 200 -55.53 -53.16 -3.61
CA THR S 200 -54.40 -54.04 -3.30
C THR S 200 -54.87 -55.31 -2.60
N GLU S 201 -55.98 -55.23 -1.87
CA GLU S 201 -56.55 -56.44 -1.29
C GLU S 201 -57.24 -57.27 -2.36
N LEU S 202 -57.76 -56.64 -3.40
CA LEU S 202 -58.42 -57.39 -4.45
C LEU S 202 -57.41 -58.12 -5.32
N ARG S 203 -56.25 -57.52 -5.53
CA ARG S 203 -55.26 -58.08 -6.46
C ARG S 203 -54.65 -59.35 -5.92
N SER S 204 -54.32 -59.37 -4.63
CA SER S 204 -53.81 -60.58 -4.00
C SER S 204 -54.88 -61.66 -3.92
N LEU S 205 -56.16 -61.26 -3.90
CA LEU S 205 -57.23 -62.23 -4.06
C LEU S 205 -57.28 -62.75 -5.49
N VAL S 206 -56.86 -61.92 -6.45
CA VAL S 206 -56.79 -62.41 -7.82
C VAL S 206 -55.53 -63.24 -8.03
N LEU S 207 -54.38 -62.69 -7.63
CA LEU S 207 -53.10 -63.25 -8.06
C LEU S 207 -52.79 -64.56 -7.35
N ASN S 208 -53.26 -64.72 -6.12
CA ASN S 208 -53.09 -66.01 -5.46
C ASN S 208 -54.00 -67.06 -6.07
N MET S 209 -55.23 -66.69 -6.44
CA MET S 209 -56.12 -67.64 -7.09
C MET S 209 -55.65 -68.00 -8.49
N VAL S 210 -54.73 -67.25 -9.07
CA VAL S 210 -54.07 -67.66 -10.30
C VAL S 210 -53.21 -68.88 -10.08
N TYR S 211 -52.24 -68.77 -9.15
CA TYR S 211 -51.28 -69.85 -8.94
C TYR S 211 -51.91 -71.09 -8.32
N SER S 212 -53.05 -70.95 -7.67
CA SER S 212 -53.70 -72.09 -7.05
C SER S 212 -54.37 -73.01 -8.05
N ILE S 213 -54.36 -72.70 -9.34
CA ILE S 213 -54.80 -73.62 -10.38
C ILE S 213 -53.53 -74.14 -11.05
N THR S 214 -53.49 -75.45 -11.32
CA THR S 214 -52.35 -76.08 -11.98
C THR S 214 -52.84 -76.98 -13.10
N GLU S 215 -51.93 -77.80 -13.61
CA GLU S 215 -52.23 -78.65 -14.76
C GLU S 215 -53.15 -79.81 -14.38
N GLY S 216 -52.79 -80.54 -13.31
CA GLY S 216 -53.61 -81.64 -12.86
C GLY S 216 -54.88 -81.22 -12.16
N THR S 217 -55.03 -79.92 -11.89
CA THR S 217 -56.26 -79.38 -11.32
C THR S 217 -57.44 -79.57 -12.27
N THR S 218 -57.17 -79.61 -13.58
CA THR S 218 -58.21 -79.54 -14.59
C THR S 218 -59.03 -80.83 -14.63
N LEU S 219 -58.45 -81.95 -14.21
CA LEU S 219 -59.17 -83.22 -14.20
C LEU S 219 -60.30 -83.22 -13.18
N ILE S 220 -60.16 -82.43 -12.12
CA ILE S 220 -61.18 -82.34 -11.08
C ILE S 220 -62.44 -81.67 -11.61
N LEU S 221 -62.27 -80.70 -12.52
CA LEU S 221 -63.36 -79.95 -13.12
C LEU S 221 -64.32 -80.84 -13.91
N THR S 222 -63.88 -82.03 -14.30
CA THR S 222 -64.75 -82.97 -14.99
C THR S 222 -65.84 -83.50 -14.06
N LEU S 223 -65.53 -83.63 -12.78
CA LEU S 223 -66.46 -84.25 -11.83
C LEU S 223 -67.47 -83.27 -11.25
N ILE S 224 -67.69 -82.12 -11.90
CA ILE S 224 -68.73 -81.19 -11.46
C ILE S 224 -70.14 -81.77 -11.64
N PRO S 225 -70.50 -82.45 -12.74
CA PRO S 225 -71.78 -83.18 -12.73
C PRO S 225 -71.80 -84.38 -11.80
N ARG S 226 -70.64 -84.85 -11.34
CA ARG S 226 -70.63 -85.96 -10.40
C ARG S 226 -71.05 -85.48 -9.01
N LEU S 227 -70.90 -84.18 -8.75
CA LEU S 227 -71.25 -83.62 -7.44
C LEU S 227 -72.75 -83.68 -7.19
N LEU S 228 -73.56 -83.35 -8.20
CA LEU S 228 -74.99 -83.33 -8.01
C LEU S 228 -75.60 -84.72 -8.05
N ALA S 229 -74.83 -85.74 -8.42
CA ALA S 229 -75.33 -87.11 -8.35
C ALA S 229 -75.43 -87.58 -6.92
N LEU S 230 -74.58 -87.04 -6.04
CA LEU S 230 -74.69 -87.29 -4.61
C LEU S 230 -75.73 -86.41 -3.94
N SER S 231 -76.34 -85.48 -4.68
CA SER S 231 -77.18 -84.47 -4.05
C SER S 231 -78.53 -85.03 -3.62
N ALA S 232 -79.14 -85.83 -4.46
CA ALA S 232 -80.48 -86.33 -4.17
C ALA S 232 -80.47 -87.71 -3.54
N GLN S 233 -79.36 -88.12 -2.92
CA GLN S 233 -79.28 -89.46 -2.37
C GLN S 233 -78.60 -89.52 -1.01
N ASP S 234 -78.37 -88.39 -0.35
CA ASP S 234 -77.77 -88.38 0.98
C ASP S 234 -78.15 -87.10 1.69
N GLY S 235 -77.66 -86.95 2.91
CA GLY S 235 -77.87 -85.72 3.64
C GLY S 235 -76.67 -84.79 3.60
N TYR S 236 -75.47 -85.36 3.70
CA TYR S 236 -74.27 -84.60 3.98
C TYR S 236 -73.88 -83.72 2.78
N VAL S 237 -74.01 -84.29 1.60
CA VAL S 237 -73.63 -83.62 0.36
C VAL S 237 -74.59 -82.49 0.05
N ASN S 238 -75.89 -82.78 0.15
CA ASN S 238 -76.95 -81.81 -0.10
C ASN S 238 -76.88 -80.62 0.84
N ALA S 239 -76.43 -80.85 2.07
CA ALA S 239 -76.18 -79.74 2.98
C ALA S 239 -74.86 -79.05 2.66
N LEU S 240 -73.88 -79.81 2.15
CA LEU S 240 -72.60 -79.22 1.75
C LEU S 240 -72.79 -78.33 0.51
N LEU S 241 -73.64 -78.75 -0.42
CA LEU S 241 -73.90 -77.97 -1.62
C LEU S 241 -74.80 -76.80 -1.28
N GLN S 242 -74.23 -75.60 -1.37
CA GLN S 242 -74.96 -74.39 -0.99
C GLN S 242 -75.97 -74.01 -2.06
N MET S 243 -77.06 -73.38 -1.61
CA MET S 243 -78.07 -72.90 -2.54
C MET S 243 -77.57 -71.68 -3.30
N GLN S 244 -76.93 -70.75 -2.59
CA GLN S 244 -76.37 -69.56 -3.22
C GLN S 244 -74.93 -69.89 -3.63
N SER S 245 -74.81 -70.83 -4.56
CA SER S 245 -73.53 -71.29 -5.05
C SER S 245 -73.57 -71.33 -6.58
N VAL S 246 -72.41 -71.21 -7.20
CA VAL S 246 -72.33 -71.30 -8.65
C VAL S 246 -72.27 -72.76 -9.09
N THR S 247 -72.03 -73.66 -8.13
CA THR S 247 -71.92 -75.09 -8.37
C THR S 247 -73.25 -75.66 -8.84
N ARG S 248 -74.36 -75.17 -8.28
CA ARG S 248 -75.68 -75.56 -8.78
C ARG S 248 -76.04 -74.79 -10.04
N GLU S 249 -75.31 -73.72 -10.34
CA GLU S 249 -75.60 -72.91 -11.52
C GLU S 249 -74.78 -73.33 -12.73
N ALA S 250 -73.58 -73.87 -12.53
CA ALA S 250 -72.68 -74.15 -13.64
C ALA S 250 -72.94 -75.49 -14.33
N ALA S 251 -73.77 -76.35 -13.75
CA ALA S 251 -74.05 -77.65 -14.34
C ALA S 251 -74.93 -77.57 -15.57
N GLN S 252 -75.66 -76.48 -15.75
CA GLN S 252 -76.51 -76.29 -16.91
C GLN S 252 -75.76 -75.53 -18.00
N ALA S 258 -63.08 -84.03 -22.49
CA ALA S 258 -62.92 -83.53 -21.13
C ALA S 258 -61.54 -83.74 -20.46
N PRO S 259 -60.81 -84.85 -20.70
CA PRO S 259 -59.41 -84.87 -20.23
C PRO S 259 -58.50 -83.90 -20.97
N MET S 260 -58.79 -83.61 -22.25
CA MET S 260 -58.01 -82.74 -23.12
C MET S 260 -56.55 -83.19 -23.23
N LEU S 261 -56.33 -84.36 -23.84
CA LEU S 261 -55.36 -85.41 -23.45
C LEU S 261 -53.99 -84.84 -23.09
N MET S 262 -53.22 -84.30 -24.05
CA MET S 262 -51.94 -83.59 -23.83
C MET S 262 -50.97 -84.31 -22.88
N GLN S 263 -51.00 -85.65 -22.91
CA GLN S 263 -50.37 -86.47 -21.90
C GLN S 263 -48.88 -86.63 -22.18
N ASP S 264 -48.05 -85.93 -21.40
CA ASP S 264 -46.60 -86.01 -21.53
C ASP S 264 -46.03 -86.75 -20.33
N GLY S 265 -45.50 -87.93 -20.58
CA GLY S 265 -44.75 -88.69 -19.60
C GLY S 265 -45.58 -89.48 -18.61
N GLU S 266 -46.63 -88.88 -18.04
CA GLU S 266 -47.62 -89.50 -17.14
C GLU S 266 -47.02 -90.16 -15.89
N ARG S 267 -45.80 -89.78 -15.50
CA ARG S 267 -45.23 -90.20 -14.21
C ARG S 267 -44.75 -88.91 -13.55
N ARG S 268 -45.72 -88.14 -13.04
CA ARG S 268 -45.43 -86.91 -12.33
C ARG S 268 -46.40 -86.74 -11.17
N LEU S 269 -47.35 -87.68 -11.06
CA LEU S 269 -48.50 -87.66 -10.15
C LEU S 269 -49.29 -86.37 -10.37
N PRO S 270 -50.04 -86.26 -11.48
CA PRO S 270 -50.66 -84.96 -11.79
C PRO S 270 -51.80 -84.57 -10.85
N LEU S 271 -52.53 -85.55 -10.29
CA LEU S 271 -53.62 -85.23 -9.39
C LEU S 271 -53.08 -84.86 -8.01
N TYR S 272 -52.00 -85.50 -7.58
CA TYR S 272 -51.41 -85.16 -6.29
C TYR S 272 -50.76 -83.79 -6.32
N GLU S 273 -50.20 -83.41 -7.47
CA GLU S 273 -49.55 -82.11 -7.56
C GLU S 273 -50.57 -80.98 -7.63
N ALA S 274 -51.82 -81.31 -7.96
CA ALA S 274 -52.86 -80.29 -8.02
C ALA S 274 -53.23 -79.78 -6.64
N LEU S 275 -53.32 -80.67 -5.65
CA LEU S 275 -53.79 -80.27 -4.32
C LEU S 275 -52.71 -79.55 -3.55
N VAL S 276 -51.47 -79.61 -4.04
CA VAL S 276 -50.37 -78.93 -3.38
C VAL S 276 -50.48 -77.43 -3.58
N ALA S 277 -50.39 -76.99 -4.84
CA ALA S 277 -50.26 -75.56 -5.12
C ALA S 277 -51.59 -74.85 -4.98
N TRP S 278 -52.69 -75.61 -5.04
CA TRP S 278 -53.98 -75.04 -4.68
C TRP S 278 -53.99 -74.65 -3.21
N LEU S 279 -53.46 -75.52 -2.36
CA LEU S 279 -53.36 -75.24 -0.93
C LEU S 279 -52.31 -74.17 -0.64
N ALA S 280 -51.38 -73.95 -1.56
CA ALA S 280 -50.33 -72.95 -1.39
C ALA S 280 -50.90 -71.54 -1.36
N HIS S 281 -51.90 -71.28 -2.19
CA HIS S 281 -52.41 -69.91 -2.33
C HIS S 281 -53.89 -69.80 -2.00
N ALA S 282 -54.72 -70.69 -2.54
CA ALA S 282 -56.12 -70.70 -2.13
C ALA S 282 -56.27 -71.27 -0.72
N GLY S 283 -55.31 -72.06 -0.27
CA GLY S 283 -55.32 -72.50 1.12
C GLY S 283 -54.92 -71.39 2.07
N GLN S 284 -54.17 -70.40 1.58
CA GLN S 284 -53.83 -69.22 2.38
C GLN S 284 -54.56 -68.00 1.83
N LEU S 285 -55.78 -67.80 2.30
CA LEU S 285 -56.55 -66.63 1.92
C LEU S 285 -57.04 -65.80 3.09
N GLY S 286 -57.11 -66.39 4.28
CA GLY S 286 -57.51 -65.60 5.43
C GLY S 286 -56.38 -64.77 5.99
N ASP S 287 -55.16 -65.29 5.92
CA ASP S 287 -54.04 -64.68 6.65
C ASP S 287 -53.29 -63.68 5.78
N ILE S 288 -53.38 -63.81 4.46
CA ILE S 288 -52.71 -62.84 3.61
C ILE S 288 -53.56 -61.58 3.46
N LEU S 289 -54.86 -61.69 3.73
CA LEU S 289 -55.72 -60.51 3.69
C LEU S 289 -55.78 -59.82 5.04
N ALA S 290 -55.79 -60.59 6.12
CA ALA S 290 -56.02 -60.07 7.46
C ALA S 290 -54.77 -60.28 8.30
N LEU S 291 -54.92 -60.05 9.60
CA LEU S 291 -53.80 -60.13 10.52
C LEU S 291 -53.56 -61.58 10.92
N ALA S 292 -52.34 -61.87 11.37
CA ALA S 292 -51.99 -63.22 11.76
C ALA S 292 -52.50 -63.51 13.18
N PRO S 293 -53.14 -64.66 13.37
CA PRO S 293 -53.55 -65.06 14.72
C PRO S 293 -52.37 -65.59 15.52
N ALA S 294 -52.19 -65.05 16.72
CA ALA S 294 -51.18 -65.54 17.65
C ALA S 294 -51.70 -65.67 19.06
N VAL S 295 -52.99 -65.46 19.27
CA VAL S 295 -53.59 -65.43 20.59
C VAL S 295 -54.60 -66.57 20.69
N ARG S 296 -54.48 -67.37 21.75
CA ARG S 296 -55.31 -68.56 21.87
C ARG S 296 -55.97 -68.60 23.24
N VAL S 297 -57.25 -68.99 23.25
CA VAL S 297 -58.02 -69.00 24.49
C VAL S 297 -57.59 -70.18 25.37
N CYS S 298 -57.21 -69.88 26.60
CA CYS S 298 -56.71 -70.90 27.52
C CYS S 298 -56.97 -70.48 28.96
N THR S 299 -58.06 -70.97 29.55
CA THR S 299 -58.40 -70.66 30.94
C THR S 299 -58.02 -71.86 31.80
N PHE S 300 -57.48 -71.57 32.98
CA PHE S 300 -56.96 -72.65 33.83
C PHE S 300 -58.05 -73.27 34.68
N ASP S 301 -59.09 -72.51 35.00
CA ASP S 301 -60.10 -72.96 35.96
C ASP S 301 -61.11 -73.92 35.35
N GLY S 302 -60.96 -74.28 34.08
CA GLY S 302 -61.93 -75.15 33.44
C GLY S 302 -63.15 -74.43 32.92
N ALA S 303 -63.18 -73.11 33.01
CA ALA S 303 -64.27 -72.33 32.44
C ALA S 303 -64.26 -72.50 30.92
N ALA S 304 -65.42 -72.86 30.38
CA ALA S 304 -65.53 -73.21 28.97
C ALA S 304 -65.74 -72.01 28.06
N VAL S 305 -66.20 -70.87 28.60
CA VAL S 305 -66.39 -69.64 27.84
C VAL S 305 -65.84 -68.48 28.66
N VAL S 306 -65.67 -67.34 28.00
CA VAL S 306 -65.09 -66.14 28.60
C VAL S 306 -66.01 -64.96 28.27
N GLN S 307 -66.56 -64.33 29.32
CA GLN S 307 -67.60 -63.32 29.20
C GLN S 307 -67.09 -62.05 28.52
N SER S 308 -68.03 -61.23 28.07
CA SER S 308 -67.70 -59.95 27.47
C SER S 308 -67.24 -58.97 28.54
N GLY S 309 -65.98 -58.57 28.46
CA GLY S 309 -65.38 -57.71 29.45
C GLY S 309 -64.43 -58.43 30.38
N ASP S 310 -64.26 -59.75 30.22
CA ASP S 310 -63.49 -60.52 31.16
C ASP S 310 -62.00 -60.42 30.86
N MET S 311 -61.19 -60.99 31.75
CA MET S 311 -59.75 -61.05 31.58
C MET S 311 -59.35 -62.51 31.34
N ALA S 312 -59.16 -62.86 30.08
CA ALA S 312 -58.88 -64.23 29.71
C ALA S 312 -57.38 -64.45 29.72
N PRO S 313 -56.89 -65.60 30.16
CA PRO S 313 -55.45 -65.88 30.05
C PRO S 313 -55.10 -66.22 28.61
N VAL S 314 -53.91 -65.81 28.19
CA VAL S 314 -53.52 -65.84 26.79
C VAL S 314 -52.25 -66.64 26.62
N ILE S 315 -52.30 -67.61 25.70
CA ILE S 315 -51.15 -68.42 25.35
C ILE S 315 -50.76 -68.13 23.90
N ARG S 316 -49.77 -68.87 23.44
CA ARG S 316 -48.95 -68.52 22.29
C ARG S 316 -49.66 -68.85 20.98
N TYR S 317 -48.94 -68.75 19.86
CA TYR S 317 -49.32 -69.00 18.47
C TYR S 317 -50.09 -70.30 18.28
N PRO S 318 -51.20 -70.29 17.53
CA PRO S 318 -51.97 -71.50 17.25
C PRO S 318 -51.37 -72.36 16.15
N PRO T 106 -34.70 -73.81 28.53
CA PRO T 106 -34.79 -72.95 29.70
C PRO T 106 -33.68 -71.92 29.70
N ARG T 107 -33.62 -71.12 28.62
CA ARG T 107 -32.59 -70.15 28.25
C ARG T 107 -31.16 -70.66 28.40
N TYR T 108 -30.96 -71.98 28.33
CA TYR T 108 -29.70 -72.66 28.12
C TYR T 108 -30.02 -74.08 27.68
N HIS T 109 -29.36 -74.51 26.60
CA HIS T 109 -29.67 -75.78 25.98
C HIS T 109 -28.37 -76.30 25.36
N LEU T 110 -28.34 -77.59 25.05
CA LEU T 110 -27.27 -78.17 24.24
C LEU T 110 -27.89 -79.16 23.26
N THR T 111 -27.37 -79.18 22.05
CA THR T 111 -27.76 -80.17 21.05
C THR T 111 -26.52 -80.86 20.53
N ARG T 112 -26.66 -82.08 20.04
CA ARG T 112 -25.51 -82.80 19.51
C ARG T 112 -25.94 -83.72 18.38
N GLN T 113 -25.14 -83.72 17.31
CA GLN T 113 -25.29 -84.61 16.17
C GLN T 113 -23.91 -85.08 15.76
N VAL T 114 -23.78 -86.38 15.55
CA VAL T 114 -22.51 -86.97 15.14
C VAL T 114 -22.54 -87.22 13.65
N THR T 115 -21.60 -86.59 12.92
CA THR T 115 -21.51 -86.68 11.47
C THR T 115 -20.06 -86.89 11.09
N LEU T 116 -19.76 -86.63 9.82
CA LEU T 116 -18.40 -86.64 9.32
C LEU T 116 -17.81 -85.22 9.36
N THR T 117 -16.50 -85.14 9.23
CA THR T 117 -15.84 -83.93 8.78
C THR T 117 -15.56 -83.96 7.29
N ASP T 118 -16.26 -84.83 6.56
CA ASP T 118 -16.31 -84.77 5.10
C ASP T 118 -17.00 -83.47 4.71
N LEU T 119 -18.04 -83.11 5.44
CA LEU T 119 -18.63 -81.80 5.41
C LEU T 119 -17.80 -80.85 6.29
N CYS T 120 -18.44 -79.82 6.84
CA CYS T 120 -17.94 -78.50 7.32
C CYS T 120 -16.48 -78.51 7.77
N GLN T 121 -16.02 -79.55 8.50
CA GLN T 121 -14.76 -79.60 9.24
C GLN T 121 -14.72 -78.40 10.19
N PRO T 122 -15.44 -78.46 11.32
CA PRO T 122 -15.51 -77.30 12.22
C PRO T 122 -14.18 -76.91 12.84
N ASN T 123 -13.21 -77.83 12.84
CA ASN T 123 -11.84 -77.47 13.17
C ASN T 123 -11.25 -76.52 12.14
N ALA T 124 -11.71 -76.60 10.89
CA ALA T 124 -11.26 -75.65 9.88
C ALA T 124 -12.19 -74.43 9.82
N GLU T 125 -13.34 -74.50 10.50
CA GLU T 125 -14.25 -73.36 10.57
C GLU T 125 -13.79 -72.40 11.65
N ARG T 126 -14.66 -71.45 11.99
CA ARG T 126 -14.39 -70.51 13.07
C ARG T 126 -15.14 -70.99 14.30
N ALA T 127 -15.01 -70.25 15.41
CA ALA T 127 -15.86 -70.51 16.56
C ALA T 127 -17.31 -70.14 16.26
N GLY T 128 -17.51 -69.10 15.45
CA GLY T 128 -18.84 -68.73 15.01
C GLY T 128 -19.10 -69.07 13.56
N ALA T 129 -19.97 -70.03 13.32
CA ALA T 129 -20.39 -70.38 11.98
C ALA T 129 -21.87 -70.73 12.03
N LEU T 130 -22.59 -70.39 10.98
CA LEU T 130 -24.03 -70.58 10.93
C LEU T 130 -24.33 -71.92 10.26
N LEU T 131 -24.19 -72.99 11.03
CA LEU T 131 -24.21 -74.35 10.52
C LEU T 131 -25.62 -74.71 10.07
N LEU T 132 -25.69 -75.46 8.97
CA LEU T 132 -26.91 -76.16 8.59
C LEU T 132 -26.73 -77.64 8.91
N ALA T 133 -27.84 -78.33 9.09
CA ALA T 133 -27.77 -79.78 9.10
C ALA T 133 -27.73 -80.29 7.66
N LEU T 134 -27.82 -81.60 7.51
CA LEU T 134 -28.21 -82.19 6.24
C LEU T 134 -29.31 -83.19 6.58
N ARG T 135 -30.51 -82.67 6.79
CA ARG T 135 -31.66 -83.53 6.97
C ARG T 135 -32.08 -84.08 5.63
N HIS T 136 -32.62 -85.30 5.66
CA HIS T 136 -32.78 -86.19 4.52
C HIS T 136 -31.47 -86.28 3.73
N PRO T 137 -30.38 -86.82 4.31
CA PRO T 137 -29.09 -86.74 3.61
C PRO T 137 -28.95 -87.71 2.44
N THR T 138 -29.37 -88.97 2.62
CA THR T 138 -29.25 -89.96 1.55
C THR T 138 -30.46 -89.92 0.63
N ASP T 139 -31.29 -88.90 0.77
CA ASP T 139 -32.47 -88.68 -0.04
C ASP T 139 -32.06 -88.16 -1.41
N LEU T 140 -33.07 -87.89 -2.24
CA LEU T 140 -33.10 -87.29 -3.58
C LEU T 140 -32.38 -88.07 -4.69
N PRO T 141 -32.56 -89.40 -4.79
CA PRO T 141 -32.87 -89.95 -6.12
C PRO T 141 -34.35 -89.95 -6.41
N HIS T 142 -35.17 -90.13 -5.37
CA HIS T 142 -36.60 -90.31 -5.57
C HIS T 142 -37.29 -89.00 -5.94
N LEU T 143 -37.02 -87.93 -5.18
CA LEU T 143 -37.75 -86.69 -5.40
C LEU T 143 -37.19 -85.94 -6.60
N ALA T 144 -36.04 -86.39 -7.12
CA ALA T 144 -35.64 -86.01 -8.48
C ALA T 144 -36.67 -86.46 -9.50
N ARG T 145 -37.23 -87.66 -9.32
CA ARG T 145 -38.23 -88.17 -10.26
C ARG T 145 -39.57 -87.48 -10.08
N HIS T 146 -39.95 -87.23 -8.83
CA HIS T 146 -41.27 -86.68 -8.50
C HIS T 146 -41.22 -85.16 -8.46
N ARG T 147 -42.40 -84.57 -8.25
CA ARG T 147 -42.69 -83.16 -7.99
C ARG T 147 -42.29 -82.21 -9.13
N ALA T 148 -41.87 -82.72 -10.29
CA ALA T 148 -41.44 -81.87 -11.37
C ALA T 148 -42.25 -82.17 -12.62
N PRO T 149 -42.53 -81.17 -13.46
CA PRO T 149 -43.08 -81.45 -14.78
C PRO T 149 -42.09 -82.24 -15.61
N PRO T 150 -42.58 -83.04 -16.57
CA PRO T 150 -41.70 -84.05 -17.19
C PRO T 150 -40.68 -83.48 -18.18
N GLY T 151 -40.67 -82.17 -18.42
CA GLY T 151 -39.67 -81.57 -19.28
C GLY T 151 -38.41 -81.16 -18.56
N ARG T 152 -38.03 -81.93 -17.53
CA ARG T 152 -36.87 -81.62 -16.70
C ARG T 152 -35.82 -82.71 -16.70
N GLN T 153 -36.13 -83.88 -17.28
CA GLN T 153 -35.19 -85.00 -17.49
C GLN T 153 -34.60 -85.49 -16.16
N THR T 154 -35.47 -86.14 -15.38
CA THR T 154 -35.27 -86.44 -13.96
C THR T 154 -34.09 -87.36 -13.64
N GLU T 155 -33.30 -87.81 -14.63
CA GLU T 155 -32.14 -88.64 -14.35
C GLU T 155 -30.88 -87.82 -14.05
N ARG T 156 -31.02 -86.57 -13.60
CA ARG T 156 -29.84 -85.74 -13.37
C ARG T 156 -29.38 -85.81 -11.90
N LEU T 157 -30.31 -85.63 -10.96
CA LEU T 157 -29.94 -85.64 -9.55
C LEU T 157 -29.66 -87.04 -9.03
N ALA T 158 -29.97 -88.06 -9.82
CA ALA T 158 -29.63 -89.44 -9.48
C ALA T 158 -28.12 -89.61 -9.47
N GLU T 159 -27.42 -88.84 -10.31
CA GLU T 159 -25.97 -88.90 -10.32
C GLU T 159 -25.36 -87.71 -9.59
N ALA T 160 -26.11 -86.62 -9.43
CA ALA T 160 -25.52 -85.34 -9.01
C ALA T 160 -25.09 -85.36 -7.55
N TRP T 161 -26.00 -85.74 -6.66
CA TRP T 161 -25.63 -85.97 -5.27
C TRP T 161 -24.71 -87.19 -5.14
N GLY T 162 -24.83 -88.14 -6.06
CA GLY T 162 -23.94 -89.30 -6.04
C GLY T 162 -22.51 -88.93 -6.36
N GLN T 163 -22.30 -87.81 -7.06
CA GLN T 163 -20.95 -87.29 -7.21
C GLN T 163 -20.54 -86.45 -6.00
N LEU T 164 -21.52 -85.95 -5.24
CA LEU T 164 -21.20 -85.16 -4.04
C LEU T 164 -20.53 -86.04 -2.99
N LEU T 165 -21.12 -87.19 -2.69
CA LEU T 165 -20.56 -88.04 -1.63
C LEU T 165 -19.34 -88.80 -2.11
N GLU T 166 -19.13 -88.86 -3.44
CA GLU T 166 -17.82 -89.19 -3.98
C GLU T 166 -16.74 -88.25 -3.44
N ALA T 167 -17.03 -86.94 -3.41
CA ALA T 167 -16.13 -86.01 -2.76
C ALA T 167 -16.41 -85.91 -1.27
N SER T 168 -17.67 -86.10 -0.89
CA SER T 168 -18.17 -86.12 0.50
C SER T 168 -17.84 -84.86 1.28
N GLU T 176 -20.20 -94.46 0.66
CA GLU T 176 -20.50 -95.22 1.86
C GLU T 176 -20.83 -94.30 3.04
N SER T 177 -22.05 -94.41 3.55
CA SER T 177 -22.47 -93.67 4.73
C SER T 177 -21.98 -94.29 6.03
N GLY T 178 -22.11 -95.61 6.18
CA GLY T 178 -21.68 -96.29 7.39
C GLY T 178 -22.59 -96.02 8.57
N CYS T 179 -22.01 -95.60 9.70
CA CYS T 179 -22.78 -95.22 10.87
C CYS T 179 -22.62 -93.74 11.22
N ALA T 180 -21.85 -93.00 10.43
CA ALA T 180 -21.69 -91.56 10.59
C ALA T 180 -22.28 -90.90 9.35
N ARG T 181 -23.53 -90.46 9.46
CA ARG T 181 -24.26 -89.92 8.31
C ARG T 181 -23.70 -88.57 7.90
N ALA T 182 -23.91 -88.23 6.63
CA ALA T 182 -23.41 -86.99 6.05
C ALA T 182 -24.28 -85.85 6.56
N GLY T 183 -23.67 -84.94 7.34
CA GLY T 183 -24.42 -83.81 7.85
C GLY T 183 -23.55 -82.70 8.40
N LEU T 184 -24.21 -81.77 9.12
CA LEU T 184 -23.59 -80.57 9.70
C LEU T 184 -22.93 -79.71 8.61
N VAL T 185 -23.78 -79.16 7.74
CA VAL T 185 -23.30 -78.35 6.62
C VAL T 185 -22.91 -76.96 7.13
N SER T 186 -21.75 -76.47 6.68
CA SER T 186 -21.29 -75.16 7.10
C SER T 186 -22.08 -74.05 6.42
N PHE T 187 -21.86 -72.83 6.94
CA PHE T 187 -22.39 -71.64 6.28
C PHE T 187 -21.53 -71.27 5.07
N ASN T 188 -20.26 -71.66 5.08
CA ASN T 188 -19.33 -71.32 4.01
C ASN T 188 -19.67 -72.09 2.73
N PHE T 189 -20.15 -73.33 2.91
CA PHE T 189 -20.28 -74.29 1.82
C PHE T 189 -21.35 -73.90 0.80
N LEU T 190 -22.27 -73.00 1.16
CA LEU T 190 -23.26 -72.52 0.21
C LEU T 190 -22.87 -71.20 -0.42
N VAL T 191 -22.13 -70.36 0.31
CA VAL T 191 -21.81 -69.03 -0.20
C VAL T 191 -20.82 -69.12 -1.35
N ALA T 192 -19.75 -69.91 -1.17
CA ALA T 192 -18.73 -70.02 -2.19
C ALA T 192 -19.20 -70.88 -3.35
N ALA T 193 -20.06 -71.85 -3.09
CA ALA T 193 -20.56 -72.70 -4.17
C ALA T 193 -21.59 -71.96 -5.01
N CYS T 194 -22.24 -70.95 -4.44
CA CYS T 194 -23.09 -70.04 -5.19
C CYS T 194 -22.39 -68.74 -5.53
N ALA T 195 -21.10 -68.60 -5.20
CA ALA T 195 -20.37 -67.37 -5.46
C ALA T 195 -20.26 -67.08 -6.95
N ALA T 196 -20.06 -68.13 -7.74
CA ALA T 196 -20.11 -67.99 -9.18
C ALA T 196 -21.55 -67.82 -9.68
N ALA T 197 -22.55 -68.16 -8.87
CA ALA T 197 -23.93 -68.07 -9.32
C ALA T 197 -24.49 -66.66 -9.19
N TYR T 198 -24.62 -66.14 -7.96
CA TYR T 198 -25.35 -64.89 -7.79
C TYR T 198 -24.51 -63.68 -8.16
N ASP T 199 -25.13 -62.50 -8.05
CA ASP T 199 -24.59 -61.25 -8.57
C ASP T 199 -23.55 -60.65 -7.62
N ALA T 200 -22.49 -61.42 -7.41
CA ALA T 200 -21.27 -60.96 -6.75
C ALA T 200 -20.14 -61.90 -7.14
N ARG T 201 -19.13 -61.35 -7.80
CA ARG T 201 -18.00 -62.13 -8.28
C ARG T 201 -16.72 -61.41 -7.86
N ASP T 202 -15.72 -62.20 -7.49
CA ASP T 202 -14.41 -61.85 -6.92
C ASP T 202 -14.52 -61.28 -5.51
N ALA T 203 -15.72 -61.10 -4.95
CA ALA T 203 -15.92 -60.78 -3.55
C ALA T 203 -16.64 -61.90 -2.82
N ALA T 204 -17.64 -62.49 -3.45
CA ALA T 204 -18.21 -63.74 -2.96
C ALA T 204 -17.24 -64.89 -3.21
N GLU T 205 -16.39 -64.76 -4.23
CA GLU T 205 -15.40 -65.79 -4.53
C GLU T 205 -14.25 -65.81 -3.53
N ALA T 206 -14.14 -64.78 -2.66
CA ALA T 206 -13.18 -64.82 -1.57
C ALA T 206 -13.58 -65.84 -0.52
N VAL T 207 -14.86 -66.21 -0.48
CA VAL T 207 -15.30 -67.31 0.37
C VAL T 207 -14.76 -68.64 -0.16
N ARG T 208 -14.53 -68.74 -1.48
CA ARG T 208 -13.92 -69.95 -2.02
C ARG T 208 -12.44 -70.03 -1.66
N ALA T 209 -11.77 -68.88 -1.61
CA ALA T 209 -10.41 -68.87 -1.09
C ALA T 209 -10.37 -69.13 0.41
N HIS T 210 -11.50 -68.97 1.10
CA HIS T 210 -11.57 -69.34 2.51
C HIS T 210 -11.74 -70.85 2.68
N ILE T 211 -12.58 -71.47 1.84
CA ILE T 211 -12.88 -72.89 2.00
C ILE T 211 -11.72 -73.77 1.55
N THR T 212 -11.25 -73.57 0.32
CA THR T 212 -10.36 -74.53 -0.33
C THR T 212 -8.99 -74.55 0.32
N THR T 213 -8.62 -73.48 1.02
CA THR T 213 -7.40 -73.40 1.79
C THR T 213 -7.55 -73.88 3.22
N ASN T 214 -8.77 -73.99 3.73
CA ASN T 214 -8.98 -74.44 5.09
C ASN T 214 -9.74 -75.76 5.16
N TYR T 215 -10.90 -75.85 4.50
CA TYR T 215 -11.68 -77.07 4.52
C TYR T 215 -10.97 -78.15 3.68
N ALA T 220 -11.94 -77.24 0.82
CA ALA T 220 -11.74 -78.07 -0.33
C ALA T 220 -12.82 -77.83 -1.38
N GLY T 221 -12.39 -77.44 -2.57
CA GLY T 221 -13.32 -77.21 -3.66
C GLY T 221 -13.75 -78.48 -4.36
N ALA T 222 -13.08 -79.60 -4.05
CA ALA T 222 -13.48 -80.90 -4.57
C ALA T 222 -14.89 -81.23 -4.16
N ARG T 223 -15.25 -80.87 -2.92
CA ARG T 223 -16.60 -81.09 -2.44
C ARG T 223 -17.51 -79.95 -2.89
N LEU T 224 -16.92 -78.79 -3.20
CA LEU T 224 -17.70 -77.68 -3.74
C LEU T 224 -18.08 -77.93 -5.19
N ASP T 225 -17.14 -78.45 -5.99
CA ASP T 225 -17.37 -78.59 -7.43
C ASP T 225 -18.42 -79.65 -7.72
N ARG T 226 -18.54 -80.65 -6.86
CA ARG T 226 -19.61 -81.62 -6.99
C ARG T 226 -20.94 -81.02 -6.53
N PHE T 227 -20.87 -80.05 -5.61
CA PHE T 227 -22.09 -79.50 -5.04
C PHE T 227 -22.58 -78.27 -5.80
N SER T 228 -21.66 -77.53 -6.44
CA SER T 228 -22.08 -76.46 -7.34
C SER T 228 -22.76 -77.03 -8.57
N GLU T 229 -22.39 -78.25 -8.96
CA GLU T 229 -23.18 -78.99 -9.94
C GLU T 229 -24.55 -79.35 -9.38
N CYS T 230 -24.62 -79.70 -8.09
CA CYS T 230 -25.91 -79.97 -7.46
C CYS T 230 -26.76 -78.72 -7.39
N LEU T 231 -26.13 -77.56 -7.20
CA LEU T 231 -26.87 -76.30 -7.11
C LEU T 231 -27.44 -75.88 -8.47
N ARG T 232 -26.94 -76.47 -9.55
CA ARG T 232 -27.60 -76.34 -10.84
C ARG T 232 -28.49 -77.54 -11.12
N ALA T 233 -28.33 -78.62 -10.34
CA ALA T 233 -29.10 -79.83 -10.60
C ALA T 233 -30.28 -79.99 -9.65
N MET T 234 -30.12 -79.60 -8.38
CA MET T 234 -31.25 -79.65 -7.45
C MET T 234 -32.36 -78.70 -7.90
N VAL T 235 -31.98 -77.48 -8.24
CA VAL T 235 -32.94 -76.47 -8.67
C VAL T 235 -33.46 -76.78 -10.08
N HIS T 236 -32.80 -77.70 -10.80
CA HIS T 236 -33.24 -78.06 -12.14
C HIS T 236 -34.57 -78.80 -12.13
N THR T 237 -34.65 -79.92 -11.40
CA THR T 237 -35.84 -80.74 -11.38
C THR T 237 -36.81 -80.33 -10.27
N HIS T 238 -36.86 -79.04 -9.95
CA HIS T 238 -37.74 -78.43 -8.94
C HIS T 238 -37.55 -79.01 -7.54
N VAL T 239 -36.37 -79.56 -7.25
CA VAL T 239 -36.03 -80.03 -5.92
C VAL T 239 -35.26 -78.89 -5.24
N PHE T 240 -36.00 -77.97 -4.67
CA PHE T 240 -35.41 -76.71 -4.25
C PHE T 240 -34.72 -76.88 -2.92
N PRO T 241 -33.58 -76.21 -2.71
CA PRO T 241 -32.77 -76.52 -1.53
C PRO T 241 -33.31 -75.98 -0.21
N HIS T 242 -34.49 -75.36 -0.19
CA HIS T 242 -35.13 -75.10 1.08
C HIS T 242 -35.78 -76.38 1.57
N GLU T 243 -35.97 -76.50 2.89
CA GLU T 243 -36.47 -77.67 3.62
C GLU T 243 -35.60 -78.91 3.47
N VAL T 244 -34.40 -78.75 2.89
CA VAL T 244 -33.29 -79.69 3.01
C VAL T 244 -32.19 -78.79 3.54
N MET T 245 -31.25 -79.35 4.32
CA MET T 245 -30.25 -78.60 5.08
C MET T 245 -30.93 -77.59 6.02
N ARG T 246 -31.66 -78.14 6.98
CA ARG T 246 -32.40 -77.37 7.96
C ARG T 246 -31.44 -76.79 9.00
N PHE T 247 -31.86 -75.69 9.62
CA PHE T 247 -31.01 -74.94 10.53
C PHE T 247 -30.66 -75.71 11.79
N PHE T 248 -29.39 -75.63 12.20
CA PHE T 248 -28.94 -76.34 13.39
C PHE T 248 -28.38 -75.41 14.46
N GLY T 249 -27.42 -74.53 14.14
CA GLY T 249 -27.00 -73.57 15.16
C GLY T 249 -25.61 -73.02 14.94
N GLY T 250 -25.05 -72.47 16.02
CA GLY T 250 -23.89 -71.60 15.93
C GLY T 250 -22.53 -72.14 16.34
N LEU T 251 -22.36 -73.47 16.31
CA LEU T 251 -21.10 -74.17 16.50
C LEU T 251 -20.47 -73.86 17.86
N VAL T 252 -21.09 -74.35 18.94
CA VAL T 252 -20.57 -74.08 20.27
C VAL T 252 -19.27 -74.83 20.51
N SER T 253 -19.32 -76.17 20.49
CA SER T 253 -18.10 -76.95 20.75
C SER T 253 -17.84 -77.93 19.61
N TRP T 254 -16.58 -78.33 19.49
CA TRP T 254 -16.10 -79.11 18.35
C TRP T 254 -15.32 -80.33 18.81
N VAL T 255 -15.94 -81.17 19.66
CA VAL T 255 -15.34 -82.30 20.37
C VAL T 255 -15.03 -83.47 19.41
N THR T 256 -15.13 -83.19 18.10
CA THR T 256 -14.74 -84.01 16.96
C THR T 256 -13.41 -84.73 17.14
N GLN T 257 -13.28 -85.88 16.48
CA GLN T 257 -12.02 -86.60 16.37
C GLN T 257 -11.22 -86.04 15.20
N ASP T 258 -10.25 -86.81 14.73
CA ASP T 258 -9.41 -86.43 13.59
C ASP T 258 -10.27 -86.38 12.32
N GLU T 259 -10.67 -87.52 11.75
CA GLU T 259 -11.40 -87.55 10.49
C GLU T 259 -12.90 -87.65 10.67
N LEU T 260 -13.36 -87.85 11.89
CA LEU T 260 -14.77 -87.94 12.21
C LEU T 260 -15.19 -86.67 12.94
N ALA T 261 -16.47 -86.61 13.30
CA ALA T 261 -17.00 -85.39 13.89
C ALA T 261 -17.93 -85.73 15.04
N SER T 262 -17.91 -84.87 16.05
CA SER T 262 -18.90 -84.83 17.12
C SER T 262 -19.00 -83.39 17.60
N VAL T 263 -20.07 -82.70 17.21
CA VAL T 263 -20.20 -81.26 17.38
C VAL T 263 -21.38 -81.01 18.29
N THR T 264 -21.24 -80.08 19.24
CA THR T 264 -22.40 -79.51 19.87
C THR T 264 -22.58 -78.07 19.41
N ALA T 265 -23.71 -77.84 18.74
CA ALA T 265 -23.92 -76.60 17.99
C ALA T 265 -25.33 -76.04 18.19
N VAL T 266 -25.72 -75.81 19.45
CA VAL T 266 -27.09 -75.74 19.95
C VAL T 266 -28.11 -74.93 19.12
N CYS T 267 -29.28 -75.56 18.89
CA CYS T 267 -30.50 -74.98 18.37
C CYS T 267 -31.22 -74.27 19.52
N SER T 268 -32.54 -74.23 19.48
CA SER T 268 -33.38 -74.09 20.67
C SER T 268 -33.41 -72.70 21.29
N GLY T 269 -33.45 -71.65 20.48
CA GLY T 269 -33.79 -70.35 21.01
C GLY T 269 -32.61 -69.45 21.31
N PRO T 270 -32.83 -68.45 22.19
CA PRO T 270 -31.89 -67.34 22.35
C PRO T 270 -30.56 -67.71 23.01
N GLN T 271 -30.55 -68.90 23.60
CA GLN T 271 -29.47 -69.34 24.46
C GLN T 271 -28.17 -69.62 23.72
N GLU T 272 -28.23 -69.82 22.40
CA GLU T 272 -27.02 -70.06 21.62
C GLU T 272 -26.14 -68.81 21.62
N ALA T 273 -26.76 -67.63 21.55
CA ALA T 273 -25.99 -66.40 21.51
C ALA T 273 -25.95 -65.69 22.86
N THR T 274 -26.46 -66.32 23.91
CA THR T 274 -26.19 -65.86 25.27
C THR T 274 -25.01 -66.63 25.81
N HIS T 275 -25.04 -67.95 25.62
CA HIS T 275 -23.98 -68.86 26.13
C HIS T 275 -22.66 -68.61 25.39
N THR T 276 -22.49 -67.44 24.78
CA THR T 276 -21.23 -67.11 24.07
C THR T 276 -20.33 -66.27 24.98
N GLY T 277 -20.91 -65.26 25.64
CA GLY T 277 -20.18 -64.37 26.56
C GLY T 277 -19.71 -65.04 27.85
N HIS T 278 -20.56 -65.89 28.44
CA HIS T 278 -20.30 -66.53 29.75
C HIS T 278 -19.07 -67.46 29.74
N PRO T 279 -18.85 -68.32 28.72
CA PRO T 279 -17.71 -69.25 28.73
C PRO T 279 -16.32 -68.59 28.74
N GLY T 280 -16.12 -67.53 27.95
CA GLY T 280 -14.79 -66.87 27.92
C GLY T 280 -14.85 -65.46 28.47
N ARG T 281 -14.07 -65.19 29.53
CA ARG T 281 -14.02 -63.84 30.14
C ARG T 281 -13.41 -62.82 29.16
N PRO T 282 -12.33 -63.16 28.43
CA PRO T 282 -11.70 -62.24 27.48
C PRO T 282 -12.47 -62.11 26.15
N CYS T 283 -12.67 -60.86 25.70
CA CYS T 283 -13.37 -60.56 24.42
C CYS T 283 -14.75 -61.24 24.38
N SER T 284 -15.06 -61.89 23.27
CA SER T 284 -16.36 -62.59 23.09
C SER T 284 -16.15 -63.85 22.25
N ALA T 285 -17.05 -64.85 22.40
CA ALA T 285 -16.96 -66.10 21.62
C ALA T 285 -18.03 -66.10 20.52
N VAL T 286 -17.85 -66.91 19.48
CA VAL T 286 -18.83 -66.97 18.36
C VAL T 286 -19.09 -65.55 17.82
N THR T 287 -19.91 -64.77 18.54
CA THR T 287 -20.26 -63.41 18.16
C THR T 287 -20.82 -63.34 16.73
N ILE T 288 -21.17 -64.51 16.19
CA ILE T 288 -22.07 -64.72 15.05
C ILE T 288 -21.64 -63.93 13.80
N PRO T 289 -20.65 -64.42 13.05
CA PRO T 289 -20.21 -63.75 11.82
C PRO T 289 -21.26 -63.83 10.73
N ALA T 290 -21.17 -62.92 9.75
CA ALA T 290 -22.01 -63.04 8.56
C ALA T 290 -21.26 -63.72 7.41
N CYS T 291 -19.95 -63.88 7.55
CA CYS T 291 -19.02 -64.61 6.68
C CYS T 291 -18.85 -64.02 5.28
N ALA T 292 -19.55 -62.94 4.93
CA ALA T 292 -19.35 -62.18 3.70
C ALA T 292 -20.00 -60.82 3.89
N PHE T 293 -19.30 -59.77 3.49
CA PHE T 293 -19.89 -58.44 3.49
C PHE T 293 -20.94 -58.28 2.41
N VAL T 294 -20.84 -59.02 1.31
CA VAL T 294 -21.93 -59.16 0.35
C VAL T 294 -23.15 -59.80 1.00
N ASP T 295 -22.93 -60.80 1.85
CA ASP T 295 -23.98 -61.34 2.70
C ASP T 295 -24.26 -60.35 3.83
N LEU T 296 -25.24 -60.68 4.68
CA LEU T 296 -25.95 -59.71 5.52
C LEU T 296 -26.42 -58.53 4.67
N ASP T 297 -27.39 -58.81 3.80
CA ASP T 297 -27.99 -57.83 2.91
C ASP T 297 -28.51 -56.64 3.71
N ALA T 298 -27.93 -55.47 3.46
CA ALA T 298 -28.25 -54.25 4.19
C ALA T 298 -29.59 -53.73 3.66
N GLU T 299 -30.68 -54.40 4.04
CA GLU T 299 -32.00 -53.94 3.70
C GLU T 299 -32.38 -52.95 4.79
N LEU T 300 -33.40 -52.12 4.55
CA LEU T 300 -33.75 -50.98 5.40
C LEU T 300 -32.57 -50.03 5.57
N CYS T 301 -32.21 -49.36 4.46
CA CYS T 301 -31.35 -48.17 4.56
C CYS T 301 -32.12 -46.98 5.14
N LEU T 302 -33.45 -47.08 5.17
CA LEU T 302 -34.33 -46.13 5.82
C LEU T 302 -34.19 -46.33 7.32
N GLY T 303 -33.16 -45.73 7.91
CA GLY T 303 -32.64 -46.21 9.18
C GLY T 303 -33.32 -45.63 10.39
N GLY T 304 -33.53 -46.48 11.40
CA GLY T 304 -34.10 -46.11 12.67
C GLY T 304 -33.68 -47.04 13.80
N PRO T 305 -34.01 -46.68 15.03
CA PRO T 305 -33.62 -47.52 16.18
C PRO T 305 -34.61 -48.64 16.45
N GLY T 306 -34.12 -49.74 17.01
CA GLY T 306 -34.97 -50.86 17.33
C GLY T 306 -34.18 -52.14 17.52
N ALA T 307 -34.79 -53.23 17.08
CA ALA T 307 -34.15 -54.54 17.13
C ALA T 307 -34.14 -55.20 15.74
N ALA T 308 -33.16 -56.07 15.50
CA ALA T 308 -33.01 -56.68 14.18
C ALA T 308 -33.66 -58.06 14.13
N PHE T 309 -34.25 -58.35 12.98
CA PHE T 309 -34.98 -59.59 12.73
C PHE T 309 -34.37 -60.30 11.53
N LEU T 310 -33.73 -61.44 11.78
CA LEU T 310 -32.86 -62.08 10.81
C LEU T 310 -33.56 -63.27 10.16
N TYR T 311 -33.33 -63.45 8.85
CA TYR T 311 -34.02 -64.43 8.04
C TYR T 311 -33.06 -65.05 7.04
N LEU T 312 -33.45 -66.20 6.49
CA LEU T 312 -32.60 -66.98 5.60
C LEU T 312 -33.33 -67.19 4.28
N VAL T 313 -33.01 -66.38 3.27
CA VAL T 313 -33.76 -66.37 2.02
C VAL T 313 -32.92 -67.02 0.93
N PHE T 314 -33.54 -67.92 0.16
CA PHE T 314 -32.94 -68.47 -1.05
C PHE T 314 -33.61 -67.85 -2.24
N THR T 315 -32.97 -66.89 -2.88
CA THR T 315 -33.56 -66.25 -4.05
C THR T 315 -33.16 -67.01 -5.29
N TYR T 316 -34.12 -67.28 -6.16
CA TYR T 316 -33.89 -68.13 -7.31
C TYR T 316 -34.02 -67.33 -8.59
N ARG T 317 -33.52 -67.93 -9.67
CA ARG T 317 -33.85 -67.52 -11.03
C ARG T 317 -33.92 -68.78 -11.87
N GLN T 318 -35.12 -69.14 -12.30
CA GLN T 318 -35.42 -70.44 -12.89
C GLN T 318 -35.45 -70.28 -14.41
N CYS T 319 -34.49 -70.90 -15.10
CA CYS T 319 -34.23 -70.95 -16.53
C CYS T 319 -33.81 -69.60 -17.12
N ARG T 320 -33.77 -68.52 -16.34
CA ARG T 320 -33.16 -67.28 -16.84
C ARG T 320 -31.65 -67.32 -16.67
N ASP T 321 -31.19 -67.46 -15.43
CA ASP T 321 -29.78 -67.68 -15.14
C ASP T 321 -29.48 -69.16 -14.98
N GLN T 322 -30.33 -70.01 -15.58
CA GLN T 322 -30.24 -71.47 -15.56
C GLN T 322 -30.17 -72.03 -14.14
N GLU T 323 -31.27 -71.88 -13.40
CA GLU T 323 -31.44 -72.40 -12.04
C GLU T 323 -30.40 -71.82 -11.06
N LEU T 324 -30.55 -70.52 -10.82
CA LEU T 324 -29.69 -69.78 -9.91
C LEU T 324 -29.84 -70.28 -8.47
N CYS T 325 -28.74 -70.22 -7.71
CA CYS T 325 -28.75 -70.49 -6.28
C CYS T 325 -28.20 -69.26 -5.55
N CYS T 326 -28.77 -68.95 -4.39
CA CYS T 326 -28.37 -67.78 -3.61
C CYS T 326 -28.57 -68.06 -2.13
N VAL T 327 -27.59 -67.66 -1.31
CA VAL T 327 -27.69 -67.72 0.14
C VAL T 327 -27.19 -66.40 0.71
N TYR T 328 -28.08 -65.66 1.37
CA TYR T 328 -27.69 -64.47 2.11
C TYR T 328 -28.74 -64.19 3.17
N VAL T 329 -28.37 -63.37 4.15
CA VAL T 329 -29.21 -63.03 5.29
C VAL T 329 -29.69 -61.60 5.12
N VAL T 330 -30.95 -61.34 5.46
CA VAL T 330 -31.54 -60.02 5.32
C VAL T 330 -31.39 -59.30 6.65
N LYS T 331 -31.61 -57.98 6.64
CA LYS T 331 -31.56 -57.17 7.84
C LYS T 331 -32.82 -56.30 7.85
N SER T 332 -33.69 -56.52 8.84
CA SER T 332 -34.95 -55.81 8.87
C SER T 332 -35.47 -55.72 10.29
N GLN T 333 -36.16 -54.63 10.58
CA GLN T 333 -37.09 -54.58 11.70
C GLN T 333 -38.49 -54.71 11.10
N LEU T 334 -38.84 -55.94 10.70
CA LEU T 334 -40.08 -56.23 9.98
C LEU T 334 -40.71 -57.54 10.45
N PRO T 335 -42.03 -57.62 10.50
CA PRO T 335 -42.70 -58.86 10.92
C PRO T 335 -42.73 -59.86 9.77
N PRO T 336 -43.13 -61.13 10.01
CA PRO T 336 -43.30 -62.08 8.88
C PRO T 336 -44.40 -61.68 7.90
N ARG T 337 -45.38 -60.92 8.38
CA ARG T 337 -46.40 -60.35 7.50
C ARG T 337 -45.92 -59.09 6.80
N GLY T 338 -44.86 -58.46 7.29
CA GLY T 338 -44.30 -57.30 6.64
C GLY T 338 -43.04 -57.69 5.90
N LEU T 339 -42.83 -59.00 5.73
CA LEU T 339 -41.64 -59.48 5.04
C LEU T 339 -41.99 -60.07 3.68
N GLU T 340 -43.22 -60.57 3.52
CA GLU T 340 -43.61 -61.19 2.26
C GLU T 340 -43.81 -60.16 1.17
N ALA T 341 -44.42 -59.02 1.49
CA ALA T 341 -44.47 -57.90 0.56
C ALA T 341 -43.08 -57.29 0.40
N ALA T 342 -42.27 -57.36 1.46
CA ALA T 342 -40.87 -57.03 1.34
C ALA T 342 -40.10 -58.06 0.51
N LEU T 343 -40.66 -59.26 0.34
CA LEU T 343 -40.08 -60.23 -0.58
C LEU T 343 -40.57 -60.03 -2.01
N GLU T 344 -41.71 -59.34 -2.20
CA GLU T 344 -42.15 -59.03 -3.55
C GLU T 344 -41.46 -57.77 -4.07
N ARG T 345 -41.22 -56.80 -3.20
CA ARG T 345 -40.47 -55.61 -3.57
C ARG T 345 -38.98 -55.90 -3.50
N LEU T 346 -38.19 -54.93 -4.00
CA LEU T 346 -36.72 -54.85 -3.93
C LEU T 346 -36.01 -55.91 -4.78
N PHE T 347 -36.77 -56.82 -5.42
CA PHE T 347 -36.20 -57.85 -6.28
C PHE T 347 -36.22 -57.43 -7.74
N GLY T 348 -35.19 -57.84 -8.46
CA GLY T 348 -35.11 -57.79 -9.91
C GLY T 348 -35.07 -59.16 -10.57
N ARG T 349 -35.27 -60.23 -9.81
CA ARG T 349 -35.27 -61.57 -10.34
C ARG T 349 -36.67 -62.14 -10.50
N LEU T 350 -37.66 -61.28 -10.78
CA LEU T 350 -39.03 -61.71 -11.03
C LEU T 350 -39.22 -62.34 -12.40
N ARG T 351 -38.25 -62.20 -13.30
CA ARG T 351 -38.46 -62.48 -14.71
C ARG T 351 -38.44 -63.99 -14.97
N ILE T 352 -39.47 -64.69 -14.51
CA ILE T 352 -39.47 -66.15 -14.57
C ILE T 352 -40.62 -66.65 -15.46
N THR T 353 -41.87 -66.45 -15.02
CA THR T 353 -43.07 -66.73 -15.80
C THR T 353 -44.09 -65.61 -15.65
N THR T 416 -40.11 -71.69 -13.36
CA THR T 416 -41.57 -71.72 -13.27
C THR T 416 -42.08 -70.80 -12.18
N CYS T 417 -42.08 -71.28 -10.94
CA CYS T 417 -42.65 -70.56 -9.82
C CYS T 417 -41.93 -70.95 -8.54
N THR T 418 -42.64 -70.74 -7.41
CA THR T 418 -42.24 -70.95 -6.01
C THR T 418 -40.79 -70.56 -5.70
N TYR T 419 -40.46 -69.32 -6.02
CA TYR T 419 -39.12 -68.77 -5.76
C TYR T 419 -39.15 -68.06 -4.42
N ALA T 420 -37.95 -67.78 -3.90
CA ALA T 420 -37.71 -66.91 -2.73
C ALA T 420 -38.38 -67.44 -1.46
N ALA T 421 -37.97 -68.63 -1.05
CA ALA T 421 -38.35 -69.17 0.25
C ALA T 421 -37.57 -68.48 1.35
N PHE T 422 -38.11 -68.54 2.58
CA PHE T 422 -37.46 -67.93 3.73
C PHE T 422 -38.02 -68.53 5.02
N ALA T 423 -37.13 -68.61 6.01
CA ALA T 423 -37.49 -68.95 7.38
C ALA T 423 -36.87 -67.92 8.31
N GLU T 424 -37.17 -68.04 9.60
CA GLU T 424 -36.68 -67.09 10.59
C GLU T 424 -35.35 -67.56 11.15
N LEU T 425 -34.32 -66.73 10.98
CA LEU T 425 -33.08 -66.96 11.71
C LEU T 425 -33.17 -66.40 13.12
N GLY T 426 -34.18 -65.59 13.37
CA GLY T 426 -34.48 -65.15 14.72
C GLY T 426 -34.18 -63.68 14.88
N VAL T 427 -34.20 -63.26 16.15
CA VAL T 427 -34.07 -61.85 16.46
C VAL T 427 -32.67 -61.55 16.96
N MET T 428 -32.06 -60.52 16.40
CA MET T 428 -30.93 -59.86 17.03
C MET T 428 -31.55 -58.68 17.75
N PRO T 429 -31.72 -58.75 19.07
CA PRO T 429 -32.50 -57.72 19.76
C PRO T 429 -31.73 -56.42 20.02
N ASP T 430 -30.94 -55.98 19.05
CA ASP T 430 -30.08 -54.81 19.04
C ASP T 430 -29.67 -54.53 17.60
N ASP T 431 -29.83 -53.29 17.12
CA ASP T 431 -29.25 -52.93 15.83
C ASP T 431 -27.90 -52.23 16.01
N SER T 432 -27.55 -51.89 17.26
CA SER T 432 -26.34 -51.17 17.61
C SER T 432 -25.06 -52.02 17.51
N PRO T 433 -25.16 -53.35 17.61
CA PRO T 433 -23.94 -54.17 17.70
C PRO T 433 -23.47 -54.79 16.38
N ARG T 434 -24.03 -54.41 15.25
CA ARG T 434 -23.53 -54.86 13.96
C ARG T 434 -22.18 -54.20 13.68
N CYS T 435 -21.37 -54.82 12.82
CA CYS T 435 -20.00 -54.36 12.57
C CYS T 435 -19.63 -54.49 11.09
N LEU T 436 -18.39 -54.14 10.78
CA LEU T 436 -17.84 -54.21 9.42
C LEU T 436 -16.35 -54.57 9.50
N HIS T 437 -16.02 -55.82 9.17
CA HIS T 437 -14.65 -56.28 9.31
C HIS T 437 -14.23 -57.04 8.05
N ARG T 438 -12.93 -57.37 7.99
CA ARG T 438 -12.38 -58.23 6.96
C ARG T 438 -11.36 -59.22 7.52
N THR T 439 -11.44 -59.50 8.82
CA THR T 439 -10.47 -60.35 9.50
C THR T 439 -11.17 -61.59 10.06
N GLU T 440 -10.68 -62.76 9.67
CA GLU T 440 -11.28 -64.03 10.10
C GLU T 440 -10.21 -65.10 10.09
N ARG T 441 -10.42 -66.11 10.93
CA ARG T 441 -9.57 -67.31 11.06
C ARG T 441 -8.09 -67.02 11.33
N VAL T 445 -6.33 -65.88 4.55
CA VAL T 445 -7.17 -65.35 3.47
C VAL T 445 -8.11 -64.29 4.02
N GLY T 446 -7.97 -63.07 3.52
CA GLY T 446 -8.76 -61.96 4.01
C GLY T 446 -10.16 -61.97 3.46
N VAL T 447 -11.11 -62.37 4.30
CA VAL T 447 -12.51 -62.49 3.90
C VAL T 447 -13.29 -61.45 4.69
N PRO T 448 -14.11 -60.64 4.01
CA PRO T 448 -14.94 -59.67 4.73
C PRO T 448 -16.01 -60.35 5.58
N VAL T 449 -16.31 -59.78 6.74
CA VAL T 449 -17.04 -60.47 7.79
C VAL T 449 -17.72 -59.44 8.69
N VAL T 450 -18.91 -59.76 9.20
CA VAL T 450 -19.68 -58.85 10.04
C VAL T 450 -19.95 -59.49 11.40
N ILE T 451 -19.48 -58.83 12.45
CA ILE T 451 -19.75 -59.22 13.83
C ILE T 451 -21.19 -58.87 14.19
N LEU T 452 -21.91 -59.82 14.78
CA LEU T 452 -23.29 -59.62 15.25
C LEU T 452 -23.43 -60.20 16.65
N GLU T 453 -23.38 -59.35 17.68
CA GLU T 453 -23.35 -59.81 19.06
C GLU T 453 -24.75 -59.79 19.69
N GLY T 454 -25.22 -60.97 20.10
CA GLY T 454 -26.42 -61.10 20.93
C GLY T 454 -27.68 -61.37 20.11
N VAL T 455 -28.16 -62.60 20.09
CA VAL T 455 -29.19 -63.00 19.12
C VAL T 455 -30.18 -63.94 19.81
N VAL T 456 -31.47 -63.61 19.71
CA VAL T 456 -32.55 -64.54 20.03
C VAL T 456 -32.75 -65.41 18.80
N TRP T 457 -32.28 -66.65 18.86
CA TRP T 457 -32.36 -67.54 17.71
C TRP T 457 -33.71 -68.24 17.65
N ARG T 458 -34.75 -67.50 17.26
CA ARG T 458 -36.06 -68.09 16.98
C ARG T 458 -35.95 -68.92 15.70
N PRO T 459 -36.14 -70.24 15.81
CA PRO T 459 -35.79 -71.13 14.68
C PRO T 459 -36.73 -71.00 13.49
N GLY T 460 -37.99 -70.63 13.72
CA GLY T 460 -38.88 -70.23 12.66
C GLY T 460 -39.36 -71.38 11.77
N GLY T 461 -40.04 -70.98 10.69
CA GLY T 461 -40.53 -71.91 9.69
C GLY T 461 -40.46 -71.36 8.27
N TRP T 462 -40.34 -72.31 7.34
CA TRP T 462 -40.16 -71.98 5.92
C TRP T 462 -41.50 -71.71 5.26
N ARG T 463 -41.46 -71.07 4.08
CA ARG T 463 -42.64 -70.79 3.28
C ARG T 463 -42.19 -70.59 1.84
N ALA T 464 -42.80 -71.32 0.90
CA ALA T 464 -42.44 -71.24 -0.52
C ALA T 464 -43.65 -71.59 -1.35
N CYS T 465 -44.27 -70.58 -1.95
CA CYS T 465 -45.46 -70.79 -2.74
C CYS T 465 -45.45 -70.04 -4.08
N ALA T 466 -44.77 -68.91 -4.18
CA ALA T 466 -44.91 -68.02 -5.33
C ALA T 466 -43.59 -67.73 -6.03
#